data_8HEY
#
_entry.id   8HEY
#
loop_
_entity.id
_entity.type
_entity.pdbx_description
1 polymer 'Small capsomere-interacting protein'
2 polymer 'Major capsid protein'
3 polymer 'Triplex capsid protein 2'
4 polymer 'Triplex capsid protein 1'
5 polymer 'Capsid vertex component 1'
6 polymer 'Capsid vertex component 2'
#
loop_
_entity_poly.entity_id
_entity_poly.type
_entity_poly.pdbx_seq_one_letter_code
_entity_poly.pdbx_strand_id
1 'polypeptide(L)' MSNTAPGPTVANKRDEKHRHVVNVVLELPTEISEATHPVLATMLSKYTRMSSLFNDKCAFKLDLLRMVAVSRTRR T,i,j,Q,R,S
2 'polypeptide(L)'
;MENWSALELLPKVGIPTDFLTHVKTSAGEEMFEALRIYYGDDPERYNIHFEAIFGTFCNRLEWVYFLTSGLAAAAHAIKF
HDLNKLTTGKMLFHVQVPRVASGAGLPTSRQTTIMVTKYSEKSPITIPFELSAACLTYLRETFEGTILDKILNVEAMHTV
LRALKNTADAMERGLIHSFLQTLLRKAPPYFVVQTLVENATLARQALNRIQRSNILQSFKAKMLATLFLLNRTRDRDYVL
KFLTRLAEAATDSILDNPTTYTTSSGAKISGVMVSTANVMQIIMSLLSSHITKETVSAPATYGNFVLSPENAVTAISYHS
ILADFNSYKAHLTSGQPHLPNDSLSQAGAHSLTPLSMDVIRLGEKTVIMENLRRVYKNTDTKDPLERNVDLTFFFPVGLY
LPEDRGYTTVESKVKLNDTVRNALPTTAYLLNRDRAVQKIDFVDALKTLCHPVLHEPAPCLQTFTERGPPSEPAMQRLLE
CRFQQEPMGGAARRIPHFYRVRREVPRTVNEMKQDFVVTDFYKVGNITLYTELHPFFDFTHCQENSETVALCTPRIVIGN
LPDGLAPGPFHELRTWEIMEHMRLRPPPDYEETLRLFKTTVTSPNYPELCYLVDVLVHGNVDAFLLIRTFVARCIVNMFH
TRQLLVFAHSYALVTLIAEHLADGALPPQLLFHYRNLVAVLRLVTRISALPGLNNGQLAEEPLSAYVNALHDHRLWPPFV
THLPRNMEGVQVVADRQPLNPANIEARHHGVSDVPRLGAMDADEPLFVDDYRATDDEWTLQKVFYLCLMPAMTNNRACGL
GLNLKTLLVDLFYRPAFLLMPAATAVSTSGTTSKESTSGVTPEDSIAAQRQAVGEMLTELVEDVATDAHTPLLQACRELF
LAVQFVGEHVKVLEVRAPLDHAQRQGLPDFISRQHVLYNGCCVVTAPKTLIEYSLPVPFHRFYSNPTICAALSDDIKRYV
TEFPHYHRHDGGFPLPTAFAHEYHNWLRSPFSRYSATCPNVLHSVMTLAAMLYKISPVSLVLQTKAHIHPGFALTAVRTD
TFEVDMLLYSGKSCTSVIINNPIVTKEERDISTTYHVTQNINTVDMGLGYTSNTCVAYVNRVRTDMGVRVQDLFRVFPMN
VYRHDEVDRWIRHAAGVERPQLLDTETISMLTFGSMSERNAAATVHGQKAACELILTPVTMDVNYFKIPNNPRGRASCML
AVDPYDTEAATKAIYDHREADAQTFAATHNPWASQAGCLSDVLYNTRHRERLGYNSKFYSPCAQYFNTEEIIAANKTLFK
TIDEYLLRAKDCIRGDTDTQYVCVEGTEQLIENPCRLTQEALPILSTTTLALMETKLKGGAGAFATSETHFGNYVVGEII
PLQQSMLFNS
;
a,D,Y,Z,A,B,C
3 'polypeptide(L)'
;MAAMEANIFCTFDHKLSIADVGKLTKLVAAVVPIPQRLHLIKHYQLGLHQFVDHTRGYVRLRGLLRNMTLTLMRRVEGNQ
ILLHVPTHGLLYTVLNTGPVTWEKGDALCVLPPLFHGPLARENLLTLGQWELVLPWIVPMPLALEINQRLLIMGLFSLDR
SYEEVKAAVQQLQTITFRDATFTIPDPVIDQHLLIDMKTACLSMSMVANLASELTMTYVRKLALEDSSMLLVKCQELLMR
LDRERSVGEPRTPARPQHVSPDDEIARLSALFVMLRQLDDLIREQVVFTVCDVSPDNKSATCIFKG
;
h,I,n,o
4 'polypeptide(L)'
;MDARAVAKRPRDPADEDNELVTALKAKREVNTISVRYLYHADHQALTARFFVPEGLVEFEAQPGALLIRMETGCDSPRHL
YISLYLLGIRASNVSASTRCLLESVYTASAARAALQWLDLGPHLLHRRLETLGCVKTVSLGITSLLTCVMRGYLYNTLKT
EVFALMIPKDMYLTWEETRGRLQYVYLIIVYDYDGPETRPGIYVLTSSIAHWQTLVDVARGKFARERCSFVNRRITRPRQ
IPLCTGVIQKLGWCLADDIHTSFLVHKELKLSVVRLDNFSVELGDFREFV
;
g,m
5 'polypeptide(L)'
;METHLYSDLAFEARFADDEQLPLHLVLDQEVLSNEEAETLRYVYYRNVDSAGRSTGRAPGGDEDDAPASDDAEDAVGGDR
AFDRERRTWQRACFRVLPRPLELLDYLRQSGLTVTLEKEQRVRMFYAVFTTLGLRCPDNRLSGAQTLHLRLVWPDGSYRD
WEFLARDLLREEMEANKRDRQHQLATTTNHRRRGGLRNNLDNGSDRRLPEAAVASLETAVSTPFFEIPNGAGTSSANGDG
RFSNLEQRVARLLRGDEEFIYHAGPLEPPSKIRGHELVQLRLDVNPDLMYATDPHDRDEVARTDEWKGAGVSRLREVWDV
QHRVRLRVLWYVNSFWRSRELSYDDHEVELYRALDAYRARIAVEYVLIRAVRDEIYAVLRRDGGALPQRFACHVSRNMSW
RVVWELCRHALALWMDWADVRSCIIKALTPRLSRGAAAAAQRARRQRERSAPKPQELLFGPRNESGPPAEQTWYADVVRC
VRAQVDLGVEVRAARCPRTGLWIVRDRRGRLRRWLSQPEVCVLYVTPDLDFYWVLPGGFAVSSRVTLHGLAQRALRDRFQ
NFEAVLARGMHVEAGRQEPETPRVSGRRLPFDDL
;
M
6 'polypeptide(L)'
;MSLLHTFWRLPVAVFFEPHEENVLRCPERVLRRLLEDAAVTMRGGGWREDVLMDRVRKRYLRQELRDLGHRVQTYCEDLE
GRVSEAEALLNQQCELDEGPSPRTLLQPPCRPRSSSPGTGVAGASAVPHGLYSRHDAITGPAAAPSDVVAPSDAVAASAA
AGASSTWLAQCAERPLPGNVPSYFGITQNDPFIRFHTDFRGEVVNTMFENASTWTFSFGIWYYRLKRGLYTQPRWKRVYH
LAQMDNFSISQELLLGVVNALENVTVYPTYDCVLSDLEAAACLLAAYGHALWEGRDPPDSVATVLGELPQLLPRLADDVS
REIAAWEGPVAAGNNYYAYRDSPDLRYYMPLSGGRHYHPGTFDRHVLVRLFHKRGVIQHLPGYGTITEELVQERLSGQVR
DDVLSLWSRRLLVGKLGRDVPVFVHEQQYLRSGLTCLAGLLLLWKVTNADSVFAPRTGKFTLADLLGSDAVAGGGLPGGR
AGGEEEGYGGRHGRVRNFEFLVRYYIGPWYARDPAVTLSQLFPGLALLAVTESVRSGWDPSRREDSAGGGDGGGAVLMQL
SKSNPVADYMFAQSSKQYGDLRRLEVHDALLFHYEHGLGRLLSVTLPRHRVSTLGSSLFNVNDIYELLYFLVLGFLPSVA
VL
;
N,O
#
# COMPACT_ATOMS: atom_id res chain seq x y z
N LEU A 53 -50.39 -39.38 -94.60
CA LEU A 53 -49.89 -38.04 -94.90
C LEU A 53 -50.91 -37.02 -94.39
N PHE A 54 -52.10 -37.53 -94.03
CA PHE A 54 -53.13 -36.72 -93.38
C PHE A 54 -52.77 -36.35 -91.95
N ASN A 55 -51.72 -36.96 -91.39
CA ASN A 55 -51.22 -36.56 -90.08
C ASN A 55 -50.64 -35.15 -90.11
N ASP A 56 -49.96 -34.80 -91.20
CA ASP A 56 -49.42 -33.47 -91.40
C ASP A 56 -50.44 -32.71 -92.23
N LYS A 57 -51.47 -32.19 -91.56
CA LYS A 57 -52.48 -31.38 -92.24
C LYS A 57 -51.93 -30.07 -92.77
N CYS A 58 -50.90 -29.51 -92.13
CA CYS A 58 -50.32 -28.26 -92.57
C CYS A 58 -49.54 -28.42 -93.86
N ALA A 59 -49.12 -29.65 -94.19
CA ALA A 59 -48.56 -29.91 -95.51
C ALA A 59 -49.58 -29.67 -96.61
N PHE A 60 -50.81 -30.15 -96.42
CA PHE A 60 -51.85 -29.86 -97.40
C PHE A 60 -52.31 -28.42 -97.33
N LYS A 61 -52.21 -27.79 -96.16
CA LYS A 61 -52.50 -26.36 -96.05
C LYS A 61 -51.54 -25.54 -96.90
N LEU A 62 -50.23 -25.77 -96.73
CA LEU A 62 -49.24 -25.07 -97.54
C LEU A 62 -49.31 -25.47 -99.01
N ASP A 63 -49.74 -26.71 -99.28
CA ASP A 63 -49.95 -27.14 -100.66
C ASP A 63 -51.06 -26.35 -101.34
N LEU A 64 -52.21 -26.19 -100.67
CA LEU A 64 -53.29 -25.41 -101.28
C LEU A 64 -52.95 -23.93 -101.33
N LEU A 65 -52.15 -23.46 -100.37
CA LEU A 65 -51.71 -22.06 -100.38
C LEU A 65 -50.81 -21.79 -101.57
N ARG A 66 -49.85 -22.68 -101.85
CA ARG A 66 -49.01 -22.46 -103.01
C ARG A 66 -49.76 -22.78 -104.30
N MET A 67 -50.82 -23.58 -104.24
CA MET A 67 -51.67 -23.79 -105.41
C MET A 67 -52.41 -22.52 -105.81
N VAL A 68 -53.04 -21.86 -104.83
CA VAL A 68 -53.76 -20.62 -105.17
C VAL A 68 -52.76 -19.50 -105.47
N ALA A 69 -51.56 -19.56 -104.88
CA ALA A 69 -50.53 -18.58 -105.21
C ALA A 69 -49.99 -18.78 -106.63
N VAL A 70 -49.91 -20.02 -107.11
CA VAL A 70 -49.40 -20.21 -108.46
C VAL A 70 -50.51 -20.00 -109.48
N SER A 71 -51.77 -20.19 -109.11
CA SER A 71 -52.83 -19.88 -110.06
C SER A 71 -53.14 -18.40 -110.11
N ARG A 72 -52.78 -17.63 -109.09
CA ARG A 72 -53.14 -16.21 -109.09
C ARG A 72 -51.96 -15.34 -109.50
N THR A 73 -51.18 -15.81 -110.47
CA THR A 73 -50.04 -15.07 -110.99
C THR A 73 -50.46 -14.22 -112.18
N ARG A 74 -49.60 -13.28 -112.57
CA ARG A 74 -49.87 -12.43 -113.73
C ARG A 74 -49.59 -13.17 -115.04
N ARG A 75 -48.48 -13.88 -115.12
CA ARG A 75 -48.09 -14.57 -116.34
C ARG A 75 -49.02 -15.74 -116.65
N HIS B 20 -75.03 -69.86 43.84
CA HIS B 20 -73.66 -70.34 43.77
C HIS B 20 -72.68 -69.19 44.00
N VAL B 21 -72.94 -68.08 43.33
CA VAL B 21 -72.11 -66.89 43.53
C VAL B 21 -72.39 -66.20 44.86
N VAL B 22 -73.56 -66.42 45.46
CA VAL B 22 -73.93 -65.74 46.69
C VAL B 22 -73.90 -66.64 47.91
N ASN B 23 -73.84 -67.96 47.73
CA ASN B 23 -73.79 -68.89 48.85
C ASN B 23 -72.48 -69.67 48.88
N VAL B 24 -72.07 -70.24 47.76
CA VAL B 24 -70.80 -70.95 47.71
C VAL B 24 -69.63 -69.98 47.60
N VAL B 25 -69.77 -68.93 46.80
CA VAL B 25 -68.68 -67.97 46.62
C VAL B 25 -68.69 -66.87 47.68
N LEU B 26 -69.83 -66.25 47.93
CA LEU B 26 -69.89 -65.10 48.83
C LEU B 26 -70.12 -65.45 50.28
N GLU B 27 -70.84 -66.56 50.55
CA GLU B 27 -71.22 -67.00 51.90
C GLU B 27 -72.03 -65.93 52.64
N LEU B 28 -73.00 -65.36 51.93
CA LEU B 28 -73.82 -64.31 52.51
C LEU B 28 -74.82 -64.92 53.51
N PRO B 29 -75.11 -64.22 54.60
CA PRO B 29 -76.16 -64.69 55.52
C PRO B 29 -77.54 -64.52 54.92
N THR B 30 -78.51 -65.18 55.56
CA THR B 30 -79.87 -65.21 55.03
C THR B 30 -80.65 -63.93 55.32
N GLU B 31 -80.14 -63.06 56.20
CA GLU B 31 -80.83 -61.82 56.50
C GLU B 31 -80.74 -60.82 55.35
N ILE B 32 -79.82 -61.01 54.41
CA ILE B 32 -79.80 -60.27 53.15
C ILE B 32 -80.24 -61.22 52.05
N SER B 33 -81.22 -60.81 51.25
CA SER B 33 -81.63 -61.53 50.07
C SER B 33 -81.07 -60.85 48.82
N GLU B 34 -81.51 -61.32 47.66
CA GLU B 34 -81.11 -60.71 46.39
C GLU B 34 -81.72 -59.33 46.19
N ALA B 35 -82.97 -59.15 46.60
CA ALA B 35 -83.70 -57.94 46.27
C ALA B 35 -83.31 -56.74 47.15
N THR B 36 -83.10 -56.97 48.45
CA THR B 36 -82.86 -55.88 49.38
C THR B 36 -81.49 -55.23 49.23
N HIS B 37 -80.58 -55.83 48.46
CA HIS B 37 -79.28 -55.23 48.23
C HIS B 37 -79.16 -54.88 46.75
N PRO B 38 -79.34 -53.61 46.36
CA PRO B 38 -79.35 -53.25 44.94
C PRO B 38 -77.97 -53.29 44.29
N VAL B 39 -76.92 -52.94 45.04
CA VAL B 39 -75.57 -52.93 44.48
C VAL B 39 -75.07 -54.35 44.27
N LEU B 40 -75.46 -55.28 45.13
CA LEU B 40 -75.12 -56.68 44.93
C LEU B 40 -75.85 -57.24 43.73
N ALA B 41 -77.12 -56.86 43.55
CA ALA B 41 -77.88 -57.30 42.38
C ALA B 41 -77.36 -56.67 41.10
N THR B 42 -76.71 -55.51 41.19
CA THR B 42 -76.10 -54.92 40.01
C THR B 42 -74.79 -55.62 39.67
N MET B 43 -73.89 -55.77 40.64
CA MET B 43 -72.57 -56.36 40.38
C MET B 43 -72.63 -57.88 40.22
N LEU B 44 -73.74 -58.53 40.58
CA LEU B 44 -73.84 -59.97 40.44
C LEU B 44 -73.92 -60.41 39.00
N SER B 45 -74.31 -59.50 38.10
CA SER B 45 -74.26 -59.79 36.67
C SER B 45 -72.83 -60.04 36.21
N LYS B 46 -71.91 -59.12 36.54
CA LYS B 46 -70.50 -59.33 36.22
C LYS B 46 -69.88 -60.46 37.03
N TYR B 47 -70.41 -60.72 38.23
CA TYR B 47 -69.89 -61.83 39.02
C TYR B 47 -70.30 -63.18 38.46
N THR B 48 -71.47 -63.25 37.82
CA THR B 48 -71.91 -64.46 37.16
C THR B 48 -71.38 -64.60 35.75
N ARG B 49 -70.92 -63.50 35.14
CA ARG B 49 -70.38 -63.56 33.78
C ARG B 49 -68.97 -64.12 33.72
N MET B 50 -68.34 -64.41 34.86
CA MET B 50 -67.03 -65.04 34.90
C MET B 50 -67.17 -66.46 35.43
N SER B 51 -66.61 -67.42 34.69
CA SER B 51 -66.79 -68.83 35.03
C SER B 51 -65.68 -69.33 35.96
N SER B 52 -64.46 -68.82 35.78
CA SER B 52 -63.31 -69.32 36.52
C SER B 52 -63.27 -68.66 37.90
N LEU B 53 -62.19 -68.97 38.64
CA LEU B 53 -61.82 -68.34 39.92
C LEU B 53 -62.88 -68.51 41.00
N PHE B 54 -63.70 -69.56 40.93
CA PHE B 54 -64.71 -69.78 41.95
C PHE B 54 -64.15 -70.40 43.22
N ASN B 55 -62.90 -70.85 43.21
CA ASN B 55 -62.21 -71.26 44.42
C ASN B 55 -61.54 -70.09 45.13
N ASP B 56 -61.39 -68.96 44.44
CA ASP B 56 -60.81 -67.76 45.05
C ASP B 56 -61.97 -66.88 45.53
N LYS B 57 -62.64 -67.39 46.56
CA LYS B 57 -63.80 -66.70 47.12
C LYS B 57 -63.40 -65.43 47.85
N CYS B 58 -62.16 -65.38 48.36
CA CYS B 58 -61.67 -64.20 49.05
C CYS B 58 -61.58 -63.00 48.11
N ALA B 59 -61.15 -63.22 46.86
CA ALA B 59 -61.06 -62.12 45.91
C ALA B 59 -62.43 -61.58 45.52
N PHE B 60 -63.44 -62.46 45.43
CA PHE B 60 -64.79 -62.00 45.17
C PHE B 60 -65.34 -61.23 46.36
N LYS B 61 -64.98 -61.67 47.58
CA LYS B 61 -65.37 -60.93 48.78
C LYS B 61 -64.72 -59.55 48.82
N LEU B 62 -63.44 -59.45 48.47
CA LEU B 62 -62.77 -58.15 48.48
C LEU B 62 -63.30 -57.24 47.38
N ASP B 63 -63.66 -57.80 46.22
CA ASP B 63 -64.22 -56.96 45.18
C ASP B 63 -65.63 -56.49 45.54
N LEU B 64 -66.42 -57.31 46.23
CA LEU B 64 -67.73 -56.83 46.67
C LEU B 64 -67.59 -55.80 47.79
N LEU B 65 -66.55 -55.95 48.63
CA LEU B 65 -66.25 -54.94 49.64
C LEU B 65 -65.88 -53.60 49.02
N ARG B 66 -65.00 -53.62 48.01
CA ARG B 66 -64.64 -52.37 47.37
C ARG B 66 -65.79 -51.83 46.51
N MET B 67 -66.69 -52.70 46.05
CA MET B 67 -67.85 -52.22 45.29
C MET B 67 -68.84 -51.51 46.21
N VAL B 68 -69.10 -52.06 47.41
CA VAL B 68 -69.98 -51.36 48.33
C VAL B 68 -69.29 -50.13 48.91
N ALA B 69 -67.95 -50.12 48.95
CA ALA B 69 -67.25 -48.91 49.38
C ALA B 69 -67.35 -47.79 48.35
N VAL B 70 -67.18 -48.13 47.06
CA VAL B 70 -67.27 -47.10 46.02
C VAL B 70 -68.74 -46.72 45.79
N SER B 71 -69.65 -47.59 46.22
CA SER B 71 -71.05 -47.18 46.29
C SER B 71 -71.29 -46.17 47.41
N ARG B 72 -70.68 -46.38 48.58
CA ARG B 72 -70.98 -45.54 49.73
C ARG B 72 -70.34 -44.17 49.68
N THR B 73 -69.32 -43.97 48.87
CA THR B 73 -68.66 -42.67 48.84
C THR B 73 -69.47 -41.67 48.02
N ARG B 74 -68.97 -40.43 47.98
CA ARG B 74 -69.63 -39.36 47.25
C ARG B 74 -68.75 -38.68 46.21
N ARG B 75 -67.46 -38.51 46.49
CA ARG B 75 -66.54 -37.83 45.56
C ARG B 75 -66.25 -38.71 44.35
N HIS C 18 -83.05 -3.64 25.13
CA HIS C 18 -83.80 -3.83 26.35
C HIS C 18 -83.98 -5.32 26.64
N ARG C 19 -84.95 -5.93 25.94
CA ARG C 19 -85.13 -7.38 26.02
C ARG C 19 -84.00 -8.12 25.31
N HIS C 20 -83.44 -7.51 24.26
CA HIS C 20 -82.36 -8.12 23.50
C HIS C 20 -81.10 -8.22 24.34
N VAL C 21 -80.69 -7.12 24.97
CA VAL C 21 -79.45 -7.08 25.76
C VAL C 21 -79.57 -7.94 27.02
N VAL C 22 -80.78 -8.18 27.51
CA VAL C 22 -80.98 -9.11 28.62
C VAL C 22 -80.91 -10.55 28.12
N ASN C 23 -81.61 -10.87 27.02
CA ASN C 23 -81.81 -12.27 26.69
C ASN C 23 -80.64 -12.89 25.93
N VAL C 24 -80.06 -12.22 24.93
CA VAL C 24 -79.01 -12.82 24.12
C VAL C 24 -77.62 -12.34 24.55
N VAL C 25 -77.53 -11.16 25.15
CA VAL C 25 -76.23 -10.63 25.55
C VAL C 25 -75.92 -10.99 27.00
N LEU C 26 -76.78 -10.59 27.93
CA LEU C 26 -76.48 -10.77 29.35
C LEU C 26 -76.78 -12.18 29.83
N GLU C 27 -77.79 -12.83 29.25
CA GLU C 27 -78.25 -14.18 29.59
C GLU C 27 -78.65 -14.26 31.08
N LEU C 28 -79.68 -13.50 31.41
CA LEU C 28 -80.21 -13.46 32.76
C LEU C 28 -81.40 -14.41 32.89
N PRO C 29 -81.59 -14.99 34.08
CA PRO C 29 -82.76 -15.85 34.28
C PRO C 29 -84.05 -15.05 34.33
N THR C 30 -85.16 -15.75 34.09
CA THR C 30 -86.47 -15.13 33.97
C THR C 30 -87.10 -14.79 35.30
N GLU C 31 -86.53 -15.26 36.42
CA GLU C 31 -87.08 -14.93 37.74
C GLU C 31 -86.84 -13.47 38.11
N ILE C 32 -85.86 -12.82 37.49
CA ILE C 32 -85.59 -11.41 37.70
C ILE C 32 -85.92 -10.67 36.40
N SER C 33 -86.61 -9.55 36.51
CA SER C 33 -86.98 -8.76 35.34
C SER C 33 -86.65 -7.30 35.64
N GLU C 34 -87.02 -6.41 34.72
CA GLU C 34 -86.70 -4.99 34.83
C GLU C 34 -87.53 -4.26 35.89
N ALA C 35 -88.62 -4.87 36.36
CA ALA C 35 -89.47 -4.24 37.37
C ALA C 35 -88.92 -4.43 38.78
N THR C 36 -88.45 -5.63 39.10
CA THR C 36 -87.91 -5.89 40.43
C THR C 36 -86.51 -5.33 40.62
N HIS C 37 -85.82 -4.98 39.53
CA HIS C 37 -84.47 -4.42 39.59
C HIS C 37 -84.46 -3.09 38.84
N PRO C 38 -84.41 -1.95 39.56
CA PRO C 38 -84.46 -0.66 38.86
C PRO C 38 -83.12 -0.24 38.26
N VAL C 39 -82.01 -0.75 38.80
CA VAL C 39 -80.69 -0.35 38.31
C VAL C 39 -80.46 -0.90 36.91
N LEU C 40 -80.91 -2.13 36.66
CA LEU C 40 -80.88 -2.71 35.32
C LEU C 40 -81.77 -1.92 34.37
N ALA C 41 -82.92 -1.44 34.87
CA ALA C 41 -83.83 -0.66 34.04
C ALA C 41 -83.22 0.69 33.67
N THR C 42 -82.41 1.27 34.55
CA THR C 42 -81.67 2.47 34.17
C THR C 42 -80.55 2.11 33.20
N MET C 43 -79.96 0.93 33.34
CA MET C 43 -78.83 0.53 32.54
C MET C 43 -79.22 0.01 31.15
N LEU C 44 -80.51 -0.25 30.90
CA LEU C 44 -80.93 -0.62 29.55
C LEU C 44 -80.66 0.49 28.55
N SER C 45 -80.99 1.73 28.91
CA SER C 45 -80.78 2.85 28.00
C SER C 45 -79.30 3.19 27.86
N LYS C 46 -78.49 2.83 28.83
CA LYS C 46 -77.05 3.03 28.72
C LYS C 46 -76.37 1.89 27.97
N TYR C 47 -77.01 0.72 27.94
CA TYR C 47 -76.49 -0.39 27.15
C TYR C 47 -76.85 -0.24 25.68
N THR C 48 -78.09 0.18 25.38
CA THR C 48 -78.59 0.17 24.02
C THR C 48 -77.93 1.22 23.14
N ARG C 49 -77.37 2.28 23.73
CA ARG C 49 -76.69 3.28 22.93
C ARG C 49 -75.35 2.79 22.39
N MET C 50 -74.80 1.73 22.97
CA MET C 50 -73.58 1.09 22.46
C MET C 50 -74.00 -0.23 21.81
N SER C 51 -74.38 -0.16 20.53
CA SER C 51 -74.78 -1.36 19.80
C SER C 51 -73.59 -2.25 19.51
N SER C 52 -72.40 -1.66 19.40
CA SER C 52 -71.19 -2.44 19.18
C SER C 52 -70.82 -3.20 20.45
N LEU C 53 -69.88 -4.14 20.29
CA LEU C 53 -69.35 -5.00 21.36
C LEU C 53 -70.44 -5.83 22.02
N PHE C 54 -71.53 -6.10 21.29
CA PHE C 54 -72.57 -7.01 21.78
C PHE C 54 -72.20 -8.47 21.57
N ASN C 55 -71.15 -8.75 20.79
CA ASN C 55 -70.57 -10.08 20.81
C ASN C 55 -69.87 -10.34 22.13
N ASP C 56 -69.26 -9.31 22.72
CA ASP C 56 -68.72 -9.40 24.06
C ASP C 56 -69.89 -9.47 25.03
N LYS C 57 -69.88 -10.46 25.90
CA LYS C 57 -70.91 -10.63 26.91
C LYS C 57 -70.38 -10.58 28.33
N CYS C 58 -69.08 -10.81 28.52
CA CYS C 58 -68.53 -10.87 29.88
C CYS C 58 -68.36 -9.48 30.47
N ALA C 59 -67.94 -8.51 29.65
CA ALA C 59 -67.73 -7.16 30.14
C ALA C 59 -69.03 -6.50 30.56
N PHE C 60 -70.13 -6.82 29.88
CA PHE C 60 -71.44 -6.34 30.32
C PHE C 60 -71.85 -6.97 31.64
N LYS C 61 -71.50 -8.25 31.83
CA LYS C 61 -71.78 -8.91 33.10
C LYS C 61 -71.01 -8.29 34.24
N LEU C 62 -69.73 -7.94 34.02
CA LEU C 62 -68.97 -7.25 35.05
C LEU C 62 -69.47 -5.83 35.27
N ASP C 63 -70.01 -5.19 34.22
CA ASP C 63 -70.64 -3.89 34.38
C ASP C 63 -71.86 -3.97 35.28
N LEU C 64 -72.71 -4.98 35.07
CA LEU C 64 -73.87 -5.16 35.92
C LEU C 64 -73.46 -5.53 37.34
N LEU C 65 -72.38 -6.34 37.46
CA LEU C 65 -71.90 -6.76 38.77
C LEU C 65 -71.34 -5.58 39.57
N ARG C 66 -70.57 -4.70 38.92
CA ARG C 66 -70.05 -3.55 39.62
C ARG C 66 -71.13 -2.52 39.90
N MET C 67 -72.18 -2.44 39.07
CA MET C 67 -73.26 -1.51 39.38
C MET C 67 -74.10 -1.99 40.56
N VAL C 68 -74.41 -3.29 40.61
CA VAL C 68 -75.20 -3.81 41.72
C VAL C 68 -74.34 -3.88 42.98
N ALA C 69 -73.02 -3.94 42.85
CA ALA C 69 -72.17 -3.85 44.03
C ALA C 69 -72.07 -2.43 44.55
N VAL C 70 -71.91 -1.45 43.65
CA VAL C 70 -71.77 -0.07 44.09
C VAL C 70 -73.10 0.52 44.55
N SER C 71 -74.23 -0.09 44.17
CA SER C 71 -75.51 0.42 44.64
C SER C 71 -75.78 0.00 46.08
N ARG C 72 -75.35 -1.20 46.46
CA ARG C 72 -75.65 -1.73 47.78
C ARG C 72 -74.60 -1.34 48.81
N THR C 73 -74.32 -0.05 48.91
CA THR C 73 -73.49 0.50 49.99
C THR C 73 -74.34 1.41 50.86
N ARG C 74 -73.82 1.71 52.05
CA ARG C 74 -74.57 2.52 53.01
C ARG C 74 -74.32 4.01 52.87
N ARG C 75 -73.67 4.45 51.79
CA ARG C 75 -73.44 5.87 51.57
C ARG C 75 -74.06 6.33 50.25
N GLY D 55 41.67 48.42 45.01
CA GLY D 55 41.25 47.04 44.91
C GLY D 55 42.39 46.11 44.55
N THR D 56 42.14 44.80 44.60
CA THR D 56 43.14 43.80 44.28
C THR D 56 42.47 42.49 43.88
N PHE D 57 43.31 41.49 43.60
CA PHE D 57 42.84 40.19 43.13
C PHE D 57 43.65 39.04 43.74
N CYS D 58 43.33 37.81 43.37
CA CYS D 58 43.99 36.64 43.92
C CYS D 58 43.97 35.53 42.88
N ASN D 59 45.06 34.79 42.76
CA ASN D 59 45.21 33.78 41.72
C ASN D 59 45.62 32.45 42.33
N ARG D 60 44.94 32.06 43.41
CA ARG D 60 45.22 30.81 44.11
C ARG D 60 44.39 29.71 43.45
N LEU D 61 45.07 28.73 42.86
CA LEU D 61 44.40 27.61 42.21
C LEU D 61 45.08 26.30 42.55
N GLU D 62 44.49 25.21 42.07
CA GLU D 62 45.00 23.86 42.26
C GLU D 62 45.30 23.26 40.89
N TRP D 63 46.57 23.27 40.50
CA TRP D 63 46.93 22.87 39.15
C TRP D 63 46.87 21.36 39.02
N VAL D 64 45.82 20.87 38.39
CA VAL D 64 45.60 19.44 38.21
C VAL D 64 45.81 19.11 36.74
N TYR D 65 46.51 18.00 36.50
CA TYR D 65 46.77 17.53 35.16
C TYR D 65 46.15 16.16 34.99
N PHE D 66 46.12 15.70 33.74
CA PHE D 66 45.60 14.37 33.46
C PHE D 66 46.55 13.29 33.98
N LEU D 67 47.85 13.50 33.85
CA LEU D 67 48.81 12.45 34.15
C LEU D 67 49.15 12.35 35.61
N THR D 68 49.15 13.46 36.35
CA THR D 68 49.43 13.39 37.78
C THR D 68 48.25 12.85 38.56
N SER D 69 47.07 12.87 37.97
CA SER D 69 45.92 12.21 38.59
C SER D 69 46.05 10.71 38.48
N GLY D 70 45.29 10.00 39.32
CA GLY D 70 45.28 8.55 39.25
C GLY D 70 44.52 7.99 38.07
N LEU D 71 43.75 8.80 37.36
CA LEU D 71 42.97 8.33 36.23
C LEU D 71 43.83 8.00 35.01
N ALA D 72 45.10 8.39 35.01
CA ALA D 72 45.95 8.02 33.89
C ALA D 72 46.38 6.56 33.95
N ALA D 73 46.10 5.87 35.05
CA ALA D 73 46.32 4.43 35.10
C ALA D 73 45.36 3.69 34.20
N ALA D 74 44.14 4.18 34.04
CA ALA D 74 43.20 3.57 33.11
C ALA D 74 43.45 3.95 31.68
N ALA D 75 44.25 4.98 31.44
CA ALA D 75 44.44 5.53 30.12
C ALA D 75 45.85 5.26 29.62
N HIS D 76 46.01 5.41 28.31
CA HIS D 76 47.30 5.32 27.64
C HIS D 76 47.39 6.61 26.82
N ALA D 77 47.85 7.68 27.46
CA ALA D 77 47.66 9.02 26.93
C ALA D 77 48.56 9.26 25.73
N ILE D 78 47.95 9.66 24.62
CA ILE D 78 48.62 9.72 23.32
C ILE D 78 48.20 11.00 22.63
N LYS D 79 49.18 11.78 22.18
CA LYS D 79 48.91 12.97 21.40
C LYS D 79 49.06 12.63 19.92
N PHE D 80 48.04 12.93 19.14
CA PHE D 80 48.04 12.77 17.69
C PHE D 80 47.27 13.96 17.15
N HIS D 81 47.98 14.86 16.46
CA HIS D 81 47.50 16.22 16.26
C HIS D 81 46.42 16.35 15.21
N ASP D 82 46.02 15.28 14.54
CA ASP D 82 45.13 15.41 13.39
C ASP D 82 43.74 14.85 13.67
N LEU D 83 43.24 15.02 14.90
CA LEU D 83 41.95 14.46 15.23
C LEU D 83 40.79 15.25 14.64
N ASN D 84 41.04 16.46 14.17
CA ASN D 84 40.00 17.16 13.42
C ASN D 84 39.79 16.51 12.06
N LYS D 85 40.82 15.86 11.52
CA LYS D 85 40.74 15.18 10.25
C LYS D 85 40.37 13.71 10.37
N LEU D 86 39.73 13.32 11.47
CA LEU D 86 39.36 11.94 11.71
C LEU D 86 37.87 11.85 12.00
N THR D 87 37.21 10.83 11.43
CA THR D 87 35.80 10.61 11.73
C THR D 87 35.64 9.52 12.79
N THR D 88 36.14 8.32 12.50
CA THR D 88 36.02 7.21 13.43
C THR D 88 37.20 6.27 13.22
N GLY D 89 37.59 5.61 14.30
CA GLY D 89 38.68 4.67 14.22
C GLY D 89 38.29 3.29 14.70
N LYS D 90 38.47 2.29 13.85
CA LYS D 90 38.15 0.92 14.21
C LYS D 90 39.40 0.16 14.63
N MET D 91 39.21 -0.88 15.44
CA MET D 91 40.29 -1.75 15.90
C MET D 91 39.80 -3.18 15.75
N LEU D 92 39.97 -3.74 14.57
CA LEU D 92 39.32 -5.00 14.26
C LEU D 92 40.20 -6.19 14.65
N PHE D 93 39.58 -7.19 15.24
CA PHE D 93 40.29 -8.36 15.77
C PHE D 93 39.96 -9.59 14.94
N HIS D 94 40.79 -10.60 15.12
CA HIS D 94 40.62 -11.89 14.45
C HIS D 94 40.90 -12.98 15.47
N VAL D 95 40.00 -13.95 15.58
CA VAL D 95 40.17 -15.02 16.55
C VAL D 95 39.58 -16.31 15.98
N GLN D 96 40.39 -17.35 15.95
CA GLN D 96 39.93 -18.71 15.71
C GLN D 96 39.63 -19.34 17.06
N VAL D 97 38.64 -20.22 17.10
CA VAL D 97 38.27 -20.80 18.39
C VAL D 97 39.03 -22.11 18.55
N PRO D 98 39.47 -22.44 19.77
CA PRO D 98 40.20 -23.71 19.96
C PRO D 98 39.21 -24.84 20.20
N ARG D 99 39.37 -25.93 19.45
CA ARG D 99 38.46 -27.05 19.58
C ARG D 99 39.03 -28.09 20.55
N VAL D 100 38.15 -28.99 20.96
CA VAL D 100 38.52 -30.17 21.74
C VAL D 100 37.97 -31.39 21.01
N ALA D 101 38.79 -32.43 20.91
CA ALA D 101 38.43 -33.62 20.14
C ALA D 101 37.26 -34.35 20.78
N SER D 102 36.28 -34.70 19.95
CA SER D 102 35.16 -35.49 20.42
C SER D 102 35.56 -36.94 20.61
N GLY D 103 34.74 -37.67 21.35
CA GLY D 103 34.96 -39.07 21.60
C GLY D 103 34.25 -39.94 20.58
N ALA D 104 33.59 -40.97 21.11
CA ALA D 104 32.94 -41.98 20.29
C ALA D 104 31.50 -41.58 20.03
N GLY D 105 31.16 -41.33 18.76
CA GLY D 105 29.78 -41.17 18.35
C GLY D 105 29.18 -39.80 18.53
N LEU D 106 29.85 -38.91 19.23
CA LEU D 106 29.24 -37.60 19.40
C LEU D 106 29.40 -36.75 18.14
N PRO D 107 28.44 -35.89 17.85
CA PRO D 107 28.63 -34.92 16.76
C PRO D 107 29.69 -33.91 17.14
N THR D 108 30.82 -33.98 16.44
CA THR D 108 32.01 -33.24 16.81
C THR D 108 31.90 -31.78 16.37
N SER D 109 32.81 -30.97 16.89
CA SER D 109 32.98 -29.61 16.39
C SER D 109 33.83 -29.64 15.13
N ARG D 110 33.84 -28.52 14.40
CA ARG D 110 34.72 -28.37 13.26
C ARG D 110 35.34 -26.99 13.32
N GLN D 111 36.32 -26.74 12.46
CA GLN D 111 37.19 -25.57 12.58
C GLN D 111 36.41 -24.30 12.28
N THR D 112 36.57 -23.30 13.14
CA THR D 112 35.71 -22.13 13.19
C THR D 112 36.56 -20.93 13.57
N THR D 113 36.38 -19.83 12.85
CA THR D 113 37.00 -18.56 13.21
C THR D 113 35.94 -17.48 13.35
N ILE D 114 36.25 -16.46 14.13
CA ILE D 114 35.34 -15.36 14.43
C ILE D 114 36.07 -14.06 14.15
N MET D 115 35.46 -13.19 13.36
CA MET D 115 36.07 -11.91 13.00
C MET D 115 35.19 -10.80 13.55
N VAL D 116 35.78 -9.93 14.37
CA VAL D 116 35.04 -8.89 15.06
C VAL D 116 35.71 -7.54 14.81
N THR D 117 35.02 -6.48 15.22
CA THR D 117 35.45 -5.11 14.98
C THR D 117 34.88 -4.22 16.06
N LYS D 118 35.74 -3.40 16.69
CA LYS D 118 35.28 -2.42 17.66
C LYS D 118 35.13 -1.07 16.98
N TYR D 119 34.80 -0.04 17.75
CA TYR D 119 34.73 1.31 17.21
C TYR D 119 35.27 2.27 18.26
N SER D 120 35.25 3.55 17.91
CA SER D 120 35.68 4.60 18.82
C SER D 120 34.75 5.80 18.70
N GLU D 121 34.48 6.43 19.83
CA GLU D 121 33.55 7.55 19.90
C GLU D 121 34.35 8.84 20.03
N LYS D 122 33.94 9.86 19.29
CA LYS D 122 34.59 11.16 19.37
C LYS D 122 34.03 11.95 20.54
N SER D 123 34.81 12.90 21.01
CA SER D 123 34.42 13.73 22.14
C SER D 123 35.06 15.11 22.03
N PRO D 124 34.30 16.14 21.67
CA PRO D 124 34.86 17.50 21.73
C PRO D 124 34.54 18.19 23.04
N ILE D 125 35.49 19.00 23.51
CA ILE D 125 35.26 19.83 24.69
C ILE D 125 35.69 21.26 24.39
N THR D 126 34.87 22.21 24.80
CA THR D 126 35.13 23.62 24.57
C THR D 126 35.00 24.37 25.88
N ILE D 127 35.47 25.61 25.87
CA ILE D 127 35.26 26.58 26.95
C ILE D 127 35.49 27.97 26.36
N PRO D 128 34.58 28.92 26.57
CA PRO D 128 34.83 30.28 26.11
C PRO D 128 35.47 31.16 27.17
N PHE D 129 36.27 32.11 26.71
CA PHE D 129 36.90 33.07 27.59
C PHE D 129 37.04 34.39 26.85
N GLU D 130 36.86 35.48 27.58
CA GLU D 130 36.69 36.80 26.99
C GLU D 130 37.87 37.69 27.30
N LEU D 131 38.22 38.53 26.32
CA LEU D 131 39.30 39.49 26.44
C LEU D 131 38.77 40.87 26.08
N SER D 132 39.07 41.85 26.93
CA SER D 132 38.58 43.19 26.71
C SER D 132 39.35 43.87 25.58
N ALA D 133 38.67 44.79 24.90
CA ALA D 133 39.33 45.54 23.82
C ALA D 133 40.32 46.55 24.39
N ALA D 134 40.15 46.94 25.65
CA ALA D 134 41.13 47.80 26.28
C ALA D 134 42.43 47.05 26.56
N CYS D 135 42.33 45.80 27.01
CA CYS D 135 43.51 44.96 27.16
C CYS D 135 44.15 44.65 25.81
N LEU D 136 43.33 44.51 24.76
CA LEU D 136 43.85 44.30 23.42
C LEU D 136 44.60 45.54 22.93
N THR D 137 44.05 46.72 23.21
CA THR D 137 44.70 47.97 22.84
C THR D 137 46.00 48.21 23.59
N TYR D 138 46.03 47.91 24.88
CA TYR D 138 47.27 48.03 25.65
C TYR D 138 48.29 46.95 25.29
N LEU D 139 47.85 45.80 24.80
CA LEU D 139 48.79 44.73 24.50
C LEU D 139 49.29 44.78 23.06
N ARG D 140 48.44 45.18 22.10
CA ARG D 140 48.88 45.29 20.72
C ARG D 140 49.85 46.44 20.52
N GLU D 141 49.77 47.48 21.34
CA GLU D 141 50.72 48.58 21.29
C GLU D 141 50.88 49.16 22.69
N THR D 142 52.09 49.57 23.00
CA THR D 142 52.40 50.24 24.25
C THR D 142 52.08 51.72 24.13
N PHE D 143 52.40 52.47 25.18
CA PHE D 143 52.19 53.90 25.19
C PHE D 143 53.28 54.58 26.01
N GLU D 144 53.25 55.90 26.01
CA GLU D 144 54.27 56.72 26.65
C GLU D 144 53.64 57.67 27.65
N GLY D 145 54.40 58.00 28.70
CA GLY D 145 53.96 59.01 29.64
C GLY D 145 54.16 58.70 31.09
N THR D 146 53.07 58.73 31.86
CA THR D 146 53.11 58.69 33.32
C THR D 146 53.33 57.29 33.86
N ILE D 147 53.13 57.12 35.17
CA ILE D 147 53.12 55.78 35.75
C ILE D 147 51.79 55.08 35.51
N LEU D 148 50.73 55.84 35.17
CA LEU D 148 49.39 55.28 35.12
C LEU D 148 49.20 54.38 33.91
N ASP D 149 49.58 54.86 32.73
CA ASP D 149 49.37 54.07 31.52
C ASP D 149 50.29 52.85 31.48
N LYS D 150 51.52 52.97 31.97
CA LYS D 150 52.39 51.81 32.00
C LYS D 150 51.95 50.80 33.05
N ILE D 151 51.40 51.26 34.17
CA ILE D 151 50.93 50.30 35.16
C ILE D 151 49.62 49.65 34.70
N LEU D 152 48.85 50.35 33.86
CA LEU D 152 47.68 49.71 33.25
C LEU D 152 48.09 48.71 32.18
N ASN D 153 49.20 48.99 31.49
CA ASN D 153 49.76 48.01 30.56
C ASN D 153 50.20 46.74 31.27
N VAL D 154 50.89 46.88 32.40
CA VAL D 154 51.33 45.70 33.14
C VAL D 154 50.14 44.95 33.73
N GLU D 155 49.10 45.68 34.16
CA GLU D 155 47.92 45.01 34.68
C GLU D 155 47.13 44.29 33.59
N ALA D 156 47.10 44.84 32.38
CA ALA D 156 46.43 44.15 31.28
C ALA D 156 47.20 42.90 30.84
N MET D 157 48.53 42.98 30.85
CA MET D 157 49.34 41.80 30.56
C MET D 157 49.13 40.71 31.61
N HIS D 158 49.06 41.11 32.88
CA HIS D 158 48.77 40.17 33.96
C HIS D 158 47.38 39.56 33.81
N THR D 159 46.42 40.34 33.34
CA THR D 159 45.05 39.86 33.15
C THR D 159 44.97 38.83 32.02
N VAL D 160 45.65 39.09 30.91
CA VAL D 160 45.58 38.12 29.82
C VAL D 160 46.37 36.87 30.17
N LEU D 161 47.40 36.99 31.01
CA LEU D 161 48.13 35.81 31.47
C LEU D 161 47.26 34.95 32.37
N ARG D 162 46.53 35.57 33.31
CA ARG D 162 45.67 34.79 34.20
C ARG D 162 44.49 34.19 33.45
N ALA D 163 44.02 34.85 32.38
CA ALA D 163 42.92 34.31 31.61
C ALA D 163 43.36 33.07 30.83
N LEU D 164 44.53 33.13 30.20
CA LEU D 164 45.03 31.96 29.49
C LEU D 164 45.34 30.81 30.44
N LYS D 165 45.86 31.13 31.63
CA LYS D 165 46.19 30.10 32.61
C LYS D 165 44.95 29.40 33.13
N ASN D 166 43.91 30.17 33.48
CA ASN D 166 42.66 29.57 33.94
C ASN D 166 41.95 28.82 32.82
N THR D 167 42.08 29.28 31.58
CA THR D 167 41.48 28.57 30.45
C THR D 167 42.13 27.21 30.24
N ALA D 168 43.47 27.15 30.34
CA ALA D 168 44.16 25.88 30.18
C ALA D 168 43.83 24.92 31.31
N ASP D 169 43.73 25.44 32.55
CA ASP D 169 43.36 24.56 33.66
C ASP D 169 41.93 24.05 33.53
N ALA D 170 41.01 24.89 33.07
CA ALA D 170 39.64 24.43 32.86
C ALA D 170 39.56 23.43 31.71
N MET D 171 40.45 23.57 30.72
CA MET D 171 40.51 22.58 29.65
C MET D 171 40.97 21.23 30.17
N GLU D 172 41.96 21.23 31.07
CA GLU D 172 42.42 19.95 31.63
C GLU D 172 41.39 19.33 32.56
N ARG D 173 40.67 20.17 33.31
CA ARG D 173 39.58 19.65 34.14
C ARG D 173 38.46 19.06 33.29
N GLY D 174 38.14 19.71 32.17
CA GLY D 174 37.17 19.16 31.26
C GLY D 174 37.63 17.88 30.59
N LEU D 175 38.94 17.74 30.38
CA LEU D 175 39.48 16.49 29.86
C LEU D 175 39.31 15.35 30.87
N ILE D 176 39.63 15.62 32.14
CA ILE D 176 39.38 14.65 33.22
C ILE D 176 37.90 14.27 33.26
N HIS D 177 37.03 15.27 33.14
CA HIS D 177 35.59 15.06 33.25
C HIS D 177 35.06 14.26 32.09
N SER D 178 35.54 14.53 30.87
CA SER D 178 35.03 13.80 29.71
C SER D 178 35.58 12.38 29.66
N PHE D 179 36.81 12.18 30.15
CA PHE D 179 37.32 10.81 30.21
C PHE D 179 36.57 9.99 31.26
N LEU D 180 36.25 10.60 32.40
CA LEU D 180 35.45 9.88 33.39
C LEU D 180 34.02 9.68 32.89
N GLN D 181 33.51 10.59 32.06
CA GLN D 181 32.22 10.40 31.43
C GLN D 181 32.23 9.21 30.49
N THR D 182 33.29 9.06 29.71
CA THR D 182 33.40 7.91 28.80
C THR D 182 33.53 6.61 29.58
N LEU D 183 34.35 6.59 30.64
CA LEU D 183 34.51 5.39 31.44
C LEU D 183 33.23 5.02 32.18
N LEU D 184 32.45 6.02 32.60
CA LEU D 184 31.18 5.75 33.25
C LEU D 184 30.12 5.30 32.27
N ARG D 185 30.19 5.75 31.03
CA ARG D 185 29.30 5.23 30.00
C ARG D 185 29.63 3.78 29.68
N LYS D 186 30.91 3.44 29.62
CA LYS D 186 31.32 2.14 29.13
C LYS D 186 31.05 1.02 30.14
N ALA D 187 30.96 1.35 31.42
CA ALA D 187 30.91 0.31 32.45
C ALA D 187 29.48 -0.14 32.70
N PRO D 188 29.19 -1.43 32.57
CA PRO D 188 27.93 -1.97 33.03
C PRO D 188 27.97 -2.20 34.54
N PRO D 189 26.82 -2.43 35.20
CA PRO D 189 26.84 -2.61 36.66
C PRO D 189 27.53 -3.86 37.17
N TYR D 190 27.46 -4.09 38.49
CA TYR D 190 28.17 -5.21 39.07
C TYR D 190 27.43 -6.51 38.86
N PHE D 191 26.09 -6.49 38.87
CA PHE D 191 25.36 -7.74 38.82
C PHE D 191 25.46 -8.39 37.44
N VAL D 192 25.54 -7.59 36.39
CA VAL D 192 25.63 -8.17 35.04
C VAL D 192 26.98 -8.85 34.84
N VAL D 193 28.08 -8.23 35.31
CA VAL D 193 29.39 -8.84 35.11
C VAL D 193 29.58 -10.01 36.08
N GLN D 194 28.94 -9.96 37.25
CA GLN D 194 29.03 -11.09 38.18
C GLN D 194 28.24 -12.29 37.67
N THR D 195 27.11 -12.05 37.01
CA THR D 195 26.37 -13.16 36.40
C THR D 195 27.14 -13.72 35.21
N LEU D 196 27.71 -12.85 34.38
CA LEU D 196 28.43 -13.34 33.21
C LEU D 196 29.75 -14.00 33.56
N VAL D 197 30.31 -13.73 34.74
CA VAL D 197 31.45 -14.51 35.20
C VAL D 197 31.00 -15.73 35.99
N GLU D 198 29.76 -15.75 36.48
CA GLU D 198 29.24 -16.97 37.09
C GLU D 198 28.65 -17.90 36.06
N ASN D 199 28.38 -17.40 34.86
CA ASN D 199 27.85 -18.22 33.77
C ASN D 199 28.83 -18.33 32.62
N ALA D 200 30.11 -18.02 32.83
CA ALA D 200 31.09 -18.12 31.78
C ALA D 200 31.42 -19.56 31.41
N THR D 201 31.14 -20.51 32.29
CA THR D 201 31.45 -21.90 32.03
C THR D 201 30.22 -22.75 31.75
N LEU D 202 29.10 -22.15 31.38
CA LEU D 202 27.89 -22.90 31.06
C LEU D 202 27.57 -22.93 29.57
N ALA D 203 27.43 -21.77 28.93
CA ALA D 203 26.88 -21.73 27.59
C ALA D 203 27.99 -21.85 26.55
N ARG D 204 27.62 -22.35 25.37
CA ARG D 204 28.60 -22.54 24.30
C ARG D 204 28.10 -22.11 22.92
N GLN D 205 26.89 -21.57 22.81
CA GLN D 205 26.32 -21.15 21.54
C GLN D 205 25.37 -20.00 21.83
N ALA D 206 24.46 -19.73 20.89
CA ALA D 206 23.35 -18.83 21.16
C ALA D 206 22.49 -19.38 22.30
N LEU D 207 22.00 -18.47 23.14
CA LEU D 207 21.39 -18.87 24.40
C LEU D 207 20.00 -19.46 24.19
N ASN D 208 19.67 -20.44 25.04
CA ASN D 208 18.39 -21.12 24.98
C ASN D 208 17.36 -20.36 25.80
N ARG D 209 16.22 -20.99 26.08
CA ARG D 209 15.27 -20.40 27.01
C ARG D 209 15.75 -20.51 28.44
N ILE D 210 16.40 -21.62 28.78
CA ILE D 210 16.70 -21.90 30.18
C ILE D 210 17.90 -21.10 30.65
N GLN D 211 18.91 -20.91 29.79
CA GLN D 211 20.07 -20.10 30.17
C GLN D 211 19.69 -18.65 30.38
N ARG D 212 18.87 -18.09 29.48
CA ARG D 212 18.41 -16.70 29.68
C ARG D 212 17.45 -16.60 30.85
N SER D 213 16.72 -17.68 31.15
CA SER D 213 15.85 -17.70 32.32
C SER D 213 16.67 -17.61 33.60
N ASN D 214 17.73 -18.42 33.70
CA ASN D 214 18.61 -18.39 34.86
C ASN D 214 19.38 -17.09 34.96
N ILE D 215 19.77 -16.51 33.82
CA ILE D 215 20.47 -15.23 33.82
C ILE D 215 19.56 -14.11 34.32
N LEU D 216 18.30 -14.12 33.89
CA LEU D 216 17.32 -13.14 34.38
C LEU D 216 17.08 -13.29 35.87
N GLN D 217 16.95 -14.53 36.34
CA GLN D 217 16.68 -14.77 37.75
C GLN D 217 17.87 -14.35 38.61
N SER D 218 19.09 -14.57 38.12
CA SER D 218 20.23 -14.18 38.92
C SER D 218 20.50 -12.68 38.84
N PHE D 219 20.07 -12.04 37.74
CA PHE D 219 20.01 -10.56 37.70
C PHE D 219 19.15 -10.03 38.82
N LYS D 220 17.90 -10.51 38.90
CA LYS D 220 16.98 -10.00 39.91
C LYS D 220 17.41 -10.40 41.31
N ALA D 221 18.15 -11.50 41.46
CA ALA D 221 18.67 -11.87 42.77
C ALA D 221 19.80 -10.94 43.20
N LYS D 222 20.79 -10.75 42.32
CA LYS D 222 21.96 -9.98 42.68
C LYS D 222 21.69 -8.48 42.78
N MET D 223 20.67 -7.97 42.11
CA MET D 223 20.37 -6.54 42.26
C MET D 223 19.82 -6.24 43.66
N LEU D 224 18.95 -7.11 44.17
CA LEU D 224 18.47 -6.92 45.54
C LEU D 224 19.50 -7.37 46.56
N ALA D 225 20.44 -8.22 46.16
CA ALA D 225 21.52 -8.58 47.08
C ALA D 225 22.52 -7.45 47.21
N THR D 226 22.75 -6.71 46.14
CA THR D 226 23.85 -5.77 46.04
C THR D 226 23.31 -4.42 45.53
N LEU D 227 22.23 -3.97 46.15
CA LEU D 227 21.68 -2.66 45.78
C LEU D 227 22.56 -1.54 46.31
N PHE D 228 22.64 -1.39 47.63
CA PHE D 228 23.49 -0.41 48.29
C PHE D 228 24.28 -1.14 49.36
N LEU D 229 25.55 -1.43 49.12
CA LEU D 229 26.29 -2.18 50.13
C LEU D 229 26.78 -1.28 51.25
N LEU D 230 27.34 -0.13 50.92
CA LEU D 230 28.02 0.67 51.92
C LEU D 230 27.07 1.38 52.87
N ASN D 231 25.78 1.38 52.59
CA ASN D 231 24.80 1.83 53.56
C ASN D 231 24.15 0.69 54.32
N ARG D 232 24.58 -0.56 54.09
CA ARG D 232 23.98 -1.71 54.72
C ARG D 232 24.91 -2.41 55.71
N THR D 233 26.08 -2.85 55.24
CA THR D 233 27.00 -3.60 56.08
C THR D 233 28.32 -2.87 56.19
N ARG D 234 29.01 -3.07 57.31
CA ARG D 234 30.31 -2.44 57.54
C ARG D 234 31.26 -3.40 58.23
N ASP D 235 31.29 -4.64 57.77
CA ASP D 235 32.28 -5.62 58.19
C ASP D 235 33.37 -5.69 57.15
N ARG D 236 34.61 -5.93 57.62
CA ARG D 236 35.76 -5.93 56.72
C ARG D 236 35.72 -7.11 55.76
N ASP D 237 35.21 -8.26 56.23
CA ASP D 237 35.30 -9.48 55.44
C ASP D 237 34.37 -9.43 54.23
N TYR D 238 33.14 -8.96 54.40
CA TYR D 238 32.22 -8.95 53.28
C TYR D 238 32.56 -7.86 52.27
N VAL D 239 32.98 -6.68 52.74
CA VAL D 239 33.32 -5.63 51.78
C VAL D 239 34.65 -5.96 51.09
N LEU D 240 35.53 -6.71 51.75
CA LEU D 240 36.76 -7.13 51.09
C LEU D 240 36.49 -8.22 50.08
N LYS D 241 35.58 -9.14 50.40
CA LYS D 241 35.16 -10.15 49.44
C LYS D 241 34.45 -9.53 48.25
N PHE D 242 33.69 -8.46 48.50
CA PHE D 242 33.02 -7.77 47.40
C PHE D 242 34.00 -7.04 46.50
N LEU D 243 34.99 -6.36 47.09
CA LEU D 243 35.95 -5.64 46.26
C LEU D 243 36.88 -6.61 45.53
N THR D 244 37.15 -7.77 46.12
CA THR D 244 37.94 -8.77 45.42
C THR D 244 37.14 -9.39 44.27
N ARG D 245 35.86 -9.66 44.50
CA ARG D 245 35.01 -10.19 43.45
C ARG D 245 34.76 -9.17 42.35
N LEU D 246 34.82 -7.88 42.70
CA LEU D 246 34.73 -6.83 41.71
C LEU D 246 36.02 -6.74 40.91
N ALA D 247 37.16 -6.91 41.58
CA ALA D 247 38.45 -6.77 40.92
C ALA D 247 38.79 -7.97 40.04
N GLU D 248 38.33 -9.16 40.39
CA GLU D 248 38.64 -10.35 39.61
C GLU D 248 37.62 -10.62 38.53
N ALA D 249 36.58 -9.80 38.42
CA ALA D 249 35.59 -9.97 37.37
C ALA D 249 35.96 -9.23 36.10
N ALA D 250 36.74 -8.17 36.21
CA ALA D 250 37.15 -7.42 35.02
C ALA D 250 38.29 -8.14 34.32
N THR D 251 38.15 -8.31 33.01
CA THR D 251 39.21 -8.88 32.22
C THR D 251 40.35 -7.88 32.04
N ASP D 252 41.53 -8.40 31.73
CA ASP D 252 42.67 -7.53 31.49
C ASP D 252 42.55 -6.90 30.10
N SER D 253 43.45 -5.95 29.83
CA SER D 253 43.39 -5.17 28.60
C SER D 253 44.14 -5.89 27.47
N ILE D 254 44.39 -5.15 26.39
CA ILE D 254 45.03 -5.67 25.20
C ILE D 254 46.46 -5.15 25.04
N LEU D 255 46.67 -3.85 25.22
CA LEU D 255 47.98 -3.27 25.03
C LEU D 255 48.94 -3.70 26.12
N ASP D 256 49.93 -4.51 25.75
CA ASP D 256 50.96 -4.97 26.66
C ASP D 256 51.83 -3.78 27.06
N ASN D 257 51.72 -3.37 28.32
CA ASN D 257 52.43 -2.21 28.83
C ASN D 257 53.04 -2.57 30.19
N PRO D 258 54.16 -3.30 30.20
CA PRO D 258 54.68 -3.82 31.47
C PRO D 258 55.50 -2.81 32.24
N THR D 259 56.08 -1.84 31.55
CA THR D 259 56.96 -0.86 32.18
C THR D 259 56.21 0.28 32.86
N THR D 260 55.19 0.82 32.19
CA THR D 260 54.48 1.97 32.74
C THR D 260 53.57 1.56 33.88
N TYR D 261 53.43 2.48 34.84
CA TYR D 261 52.66 2.30 36.08
C TYR D 261 53.13 1.08 36.85
N THR D 262 54.43 1.05 37.12
CA THR D 262 55.06 0.02 37.93
C THR D 262 55.42 0.62 39.27
N THR D 263 55.13 -0.12 40.34
CA THR D 263 55.55 0.29 41.67
C THR D 263 56.99 -0.13 41.93
N SER D 264 57.43 0.08 43.16
CA SER D 264 58.70 -0.49 43.58
C SER D 264 58.56 -2.00 43.73
N SER D 265 59.69 -2.69 43.51
CA SER D 265 59.83 -4.16 43.58
C SER D 265 58.93 -4.88 42.58
N GLY D 266 58.56 -4.22 41.49
CA GLY D 266 57.89 -4.88 40.38
C GLY D 266 56.45 -5.27 40.60
N ALA D 267 55.83 -4.85 41.70
CA ALA D 267 54.41 -5.13 41.93
C ALA D 267 53.60 -4.25 41.00
N LYS D 268 53.13 -4.82 39.89
CA LYS D 268 52.46 -4.05 38.85
C LYS D 268 51.07 -3.63 39.31
N ILE D 269 50.56 -2.60 38.64
CA ILE D 269 49.26 -2.02 38.95
C ILE D 269 48.21 -2.71 38.09
N SER D 270 47.23 -3.34 38.74
CA SER D 270 46.26 -4.13 37.99
C SER D 270 45.03 -3.32 37.61
N GLY D 271 44.73 -2.27 38.36
CA GLY D 271 43.55 -1.48 38.08
C GLY D 271 43.53 -0.09 38.68
N VAL D 272 42.36 0.54 38.70
CA VAL D 272 42.17 1.82 39.36
C VAL D 272 40.72 1.90 39.85
N MET D 273 40.55 2.30 41.10
CA MET D 273 39.23 2.52 41.69
C MET D 273 39.06 4.00 41.97
N VAL D 274 37.99 4.59 41.45
CA VAL D 274 37.63 5.97 41.74
C VAL D 274 36.22 6.01 42.30
N SER D 275 35.98 6.99 43.17
CA SER D 275 34.66 7.35 43.66
C SER D 275 34.76 8.74 44.28
N THR D 276 33.68 9.16 44.92
CA THR D 276 33.72 10.42 45.64
C THR D 276 34.52 10.26 46.93
N ALA D 277 34.83 11.40 47.57
CA ALA D 277 35.58 11.37 48.81
C ALA D 277 34.76 10.80 49.96
N ASN D 278 33.43 10.89 49.87
CA ASN D 278 32.60 10.41 50.97
C ASN D 278 32.58 8.89 51.04
N VAL D 279 32.87 8.20 49.94
CA VAL D 279 32.98 6.76 49.98
C VAL D 279 34.40 6.35 50.37
N MET D 280 35.38 7.16 50.00
CA MET D 280 36.77 6.87 50.37
C MET D 280 36.98 7.04 51.86
N GLN D 281 36.30 7.99 52.49
CA GLN D 281 36.37 8.12 53.94
C GLN D 281 35.73 6.96 54.68
N ILE D 282 34.86 6.18 54.02
CA ILE D 282 34.34 4.95 54.58
C ILE D 282 35.29 3.79 54.32
N ILE D 283 35.84 3.69 53.11
CA ILE D 283 36.63 2.53 52.73
C ILE D 283 37.99 2.54 53.43
N MET D 284 38.71 3.67 53.34
CA MET D 284 40.05 3.75 53.93
C MET D 284 40.01 3.70 55.45
N SER D 285 38.93 4.16 56.07
CA SER D 285 38.79 4.02 57.51
C SER D 285 38.30 2.63 57.89
N LEU D 286 37.61 1.93 56.98
CA LEU D 286 37.16 0.58 57.23
C LEU D 286 38.23 -0.45 56.90
N LEU D 287 39.09 -0.15 55.95
CA LEU D 287 40.16 -1.05 55.53
C LEU D 287 41.47 -0.39 55.91
N SER D 288 41.90 -0.61 57.15
CA SER D 288 43.13 -0.02 57.66
C SER D 288 44.32 -0.95 57.51
N SER D 289 44.10 -2.20 57.13
CA SER D 289 45.18 -3.16 57.00
C SER D 289 45.54 -3.46 55.55
N HIS D 290 45.07 -2.65 54.60
CA HIS D 290 45.38 -2.87 53.20
C HIS D 290 45.72 -1.58 52.45
N ILE D 291 46.18 -0.55 53.15
CA ILE D 291 46.42 0.75 52.55
C ILE D 291 47.85 1.19 52.85
N THR D 292 48.63 1.43 51.80
CA THR D 292 49.97 2.00 51.92
C THR D 292 50.10 3.18 50.98
N LYS D 293 50.97 4.13 51.35
CA LYS D 293 51.24 5.30 50.52
C LYS D 293 52.53 5.07 49.72
N GLU D 294 52.40 4.25 48.70
CA GLU D 294 53.53 3.88 47.85
C GLU D 294 53.52 4.73 46.58
N THR D 295 54.71 4.92 46.00
CA THR D 295 54.87 5.77 44.83
C THR D 295 55.03 4.94 43.56
N VAL D 296 54.37 5.37 42.50
CA VAL D 296 54.33 4.64 41.25
C VAL D 296 55.02 5.50 40.18
N SER D 297 55.71 4.84 39.26
CA SER D 297 56.48 5.50 38.22
C SER D 297 55.58 5.71 37.00
N ALA D 298 54.79 6.77 37.05
CA ALA D 298 53.87 7.16 35.98
C ALA D 298 54.65 7.75 34.80
N PRO D 299 54.09 7.71 33.59
CA PRO D 299 54.72 8.41 32.46
C PRO D 299 54.63 9.91 32.62
N ALA D 300 55.63 10.62 32.12
CA ALA D 300 55.68 12.07 32.27
C ALA D 300 55.17 12.82 31.06
N THR D 301 55.27 12.25 29.87
CA THR D 301 54.90 12.93 28.64
C THR D 301 53.78 12.18 27.94
N TYR D 302 53.11 12.87 27.04
CA TYR D 302 52.09 12.23 26.24
C TYR D 302 52.72 11.37 25.14
N GLY D 303 51.94 10.45 24.61
CA GLY D 303 52.40 9.54 23.59
C GLY D 303 52.34 10.10 22.18
N ASN D 304 53.33 10.92 21.82
CA ASN D 304 53.31 11.58 20.51
C ASN D 304 53.45 10.56 19.38
N PHE D 305 52.39 10.45 18.58
CA PHE D 305 52.31 9.47 17.51
C PHE D 305 52.25 10.22 16.20
N VAL D 306 53.24 9.99 15.34
CA VAL D 306 53.41 10.74 14.11
C VAL D 306 52.72 9.97 12.98
N LEU D 307 52.36 10.70 11.92
CA LEU D 307 51.72 10.13 10.74
C LEU D 307 52.74 9.94 9.64
N SER D 308 52.75 8.75 9.05
CA SER D 308 53.62 8.45 7.93
C SER D 308 53.14 9.20 6.68
N PRO D 309 54.04 9.49 5.74
CA PRO D 309 53.61 10.22 4.53
C PRO D 309 52.70 9.41 3.61
N GLU D 310 52.99 8.11 3.43
CA GLU D 310 52.10 7.30 2.60
C GLU D 310 50.76 7.06 3.26
N ASN D 311 50.70 7.15 4.59
CA ASN D 311 49.42 7.21 5.27
C ASN D 311 48.63 8.45 4.85
N ALA D 312 49.30 9.58 4.69
CA ALA D 312 48.61 10.78 4.24
C ALA D 312 48.17 10.67 2.78
N VAL D 313 48.97 10.01 1.95
CA VAL D 313 48.59 9.84 0.55
C VAL D 313 47.37 8.93 0.43
N THR D 314 47.36 7.80 1.13
CA THR D 314 46.18 6.95 1.09
C THR D 314 45.02 7.54 1.87
N ALA D 315 45.27 8.51 2.76
CA ALA D 315 44.20 9.22 3.43
C ALA D 315 43.48 10.17 2.49
N ILE D 316 44.24 10.89 1.67
CA ILE D 316 43.64 11.75 0.66
C ILE D 316 42.91 10.90 -0.38
N SER D 317 43.54 9.81 -0.80
CA SER D 317 42.99 9.04 -1.90
C SER D 317 41.80 8.17 -1.51
N TYR D 318 41.91 7.32 -0.49
CA TYR D 318 40.85 6.36 -0.20
C TYR D 318 40.13 6.61 1.11
N HIS D 319 40.29 7.81 1.70
CA HIS D 319 39.58 8.24 2.91
C HIS D 319 39.85 7.33 4.11
N SER D 320 41.04 6.77 4.19
CA SER D 320 41.33 5.87 5.30
C SER D 320 42.80 5.89 5.67
N ILE D 321 43.07 5.47 6.90
CA ILE D 321 44.41 5.42 7.47
C ILE D 321 44.66 3.99 7.91
N LEU D 322 45.78 3.42 7.48
CA LEU D 322 46.25 2.17 8.05
C LEU D 322 47.50 2.48 8.86
N ALA D 323 47.41 2.32 10.18
CA ALA D 323 48.45 2.82 11.06
C ALA D 323 49.68 1.92 11.01
N ASP D 324 50.86 2.56 11.04
CA ASP D 324 52.17 1.96 10.79
C ASP D 324 52.17 1.19 9.46
N PHE D 325 52.00 1.95 8.38
CA PHE D 325 51.96 1.37 7.05
C PHE D 325 53.31 0.79 6.63
N ASN D 326 54.41 1.29 7.22
CA ASN D 326 55.74 0.81 6.86
C ASN D 326 55.97 -0.61 7.36
N SER D 327 55.60 -0.89 8.60
CA SER D 327 55.77 -2.24 9.14
C SER D 327 54.84 -3.23 8.47
N TYR D 328 53.62 -2.80 8.15
CA TYR D 328 52.69 -3.63 7.38
C TYR D 328 53.26 -3.96 6.01
N LYS D 329 53.81 -2.95 5.32
CA LYS D 329 54.37 -3.13 4.00
C LYS D 329 55.60 -4.03 4.01
N ALA D 330 56.43 -3.91 5.04
CA ALA D 330 57.62 -4.76 5.11
C ALA D 330 57.24 -6.20 5.47
N HIS D 331 56.40 -6.38 6.49
CA HIS D 331 56.08 -7.72 6.97
C HIS D 331 55.13 -8.46 6.04
N LEU D 332 54.43 -7.75 5.15
CA LEU D 332 53.58 -8.46 4.20
C LEU D 332 54.42 -9.10 3.11
N THR D 333 55.24 -8.30 2.42
CA THR D 333 56.06 -8.82 1.34
C THR D 333 57.24 -9.64 1.83
N SER D 334 57.63 -9.49 3.11
CA SER D 334 58.73 -10.29 3.64
C SER D 334 58.32 -11.74 3.84
N GLY D 335 57.21 -11.96 4.56
CA GLY D 335 56.70 -13.29 4.73
C GLY D 335 56.17 -13.59 6.11
N GLN D 336 56.68 -12.93 7.14
CA GLN D 336 56.22 -13.25 8.48
C GLN D 336 54.86 -12.59 8.74
N PRO D 337 53.87 -13.33 9.23
CA PRO D 337 52.51 -12.78 9.38
C PRO D 337 52.18 -12.27 10.78
N HIS D 338 53.14 -12.19 11.69
CA HIS D 338 52.89 -11.73 13.04
C HIS D 338 53.80 -10.54 13.35
N LEU D 339 53.19 -9.39 13.58
CA LEU D 339 53.91 -8.16 13.87
C LEU D 339 54.53 -8.20 15.26
N PRO D 340 55.58 -7.42 15.50
CA PRO D 340 56.08 -7.25 16.87
C PRO D 340 55.09 -6.53 17.76
N ASN D 341 54.61 -5.36 17.34
CA ASN D 341 53.74 -4.55 18.17
C ASN D 341 52.75 -3.82 17.26
N ASP D 342 51.72 -3.27 17.89
CA ASP D 342 50.76 -2.43 17.18
C ASP D 342 51.32 -1.01 17.06
N SER D 343 50.47 -0.06 16.68
CA SER D 343 50.88 1.31 16.45
C SER D 343 50.84 2.14 17.72
N LEU D 344 50.20 1.65 18.77
CA LEU D 344 50.01 2.41 19.99
C LEU D 344 50.93 2.01 21.12
N SER D 345 51.56 0.83 21.04
CA SER D 345 52.54 0.46 22.04
C SER D 345 53.91 1.08 21.77
N GLN D 346 54.18 1.50 20.54
CA GLN D 346 55.43 2.19 20.24
C GLN D 346 55.26 3.71 20.33
N ALA D 347 54.61 4.15 21.41
CA ALA D 347 54.33 5.57 21.66
C ALA D 347 53.88 5.68 23.11
N GLY D 348 54.51 6.56 23.88
CA GLY D 348 54.06 6.77 25.24
C GLY D 348 54.96 6.15 26.29
N ALA D 349 56.27 6.24 26.07
CA ALA D 349 57.23 5.66 26.98
C ALA D 349 58.42 6.62 27.11
N HIS D 350 59.51 6.09 27.66
CA HIS D 350 60.82 6.76 27.76
C HIS D 350 60.74 8.05 28.58
N SER D 351 59.85 8.08 29.57
CA SER D 351 59.74 9.16 30.53
C SER D 351 59.10 8.61 31.78
N LEU D 352 59.81 8.65 32.90
CA LEU D 352 59.30 8.09 34.15
C LEU D 352 59.47 9.11 35.26
N THR D 353 58.40 9.36 36.02
CA THR D 353 58.40 10.31 37.12
C THR D 353 57.53 9.77 38.25
N PRO D 354 58.06 9.69 39.46
CA PRO D 354 57.28 9.12 40.57
C PRO D 354 56.26 10.11 41.10
N LEU D 355 55.18 9.58 41.64
CA LEU D 355 54.17 10.37 42.33
C LEU D 355 53.53 9.52 43.41
N SER D 356 53.17 10.16 44.52
CA SER D 356 52.72 9.45 45.71
C SER D 356 51.19 9.37 45.71
N MET D 357 50.66 8.26 45.20
CA MET D 357 49.24 7.99 45.26
C MET D 357 49.02 6.61 45.87
N ASP D 358 48.07 6.52 46.79
CA ASP D 358 47.90 5.33 47.60
C ASP D 358 47.33 4.17 46.79
N VAL D 359 47.72 2.96 47.19
CA VAL D 359 47.30 1.74 46.53
C VAL D 359 46.51 0.90 47.52
N ILE D 360 45.95 -0.18 47.00
CA ILE D 360 45.30 -1.21 47.80
C ILE D 360 45.76 -2.55 47.27
N ARG D 361 45.64 -3.58 48.12
CA ARG D 361 46.10 -4.93 47.77
C ARG D 361 44.98 -5.91 48.01
N LEU D 362 44.51 -6.56 46.94
CA LEU D 362 43.43 -7.54 47.02
C LEU D 362 43.88 -8.80 46.30
N GLY D 363 44.61 -9.67 47.01
CA GLY D 363 44.99 -10.99 46.53
C GLY D 363 45.72 -11.02 45.20
N GLU D 364 46.96 -10.48 45.20
CA GLU D 364 47.91 -10.34 44.09
C GLU D 364 47.48 -9.24 43.12
N LYS D 365 46.28 -8.73 43.28
CA LYS D 365 45.82 -7.59 42.49
C LYS D 365 46.08 -6.32 43.29
N THR D 366 46.59 -5.31 42.60
CA THR D 366 46.93 -4.05 43.24
C THR D 366 46.20 -2.93 42.50
N VAL D 367 45.30 -2.27 43.22
CA VAL D 367 44.41 -1.29 42.62
C VAL D 367 44.71 0.08 43.20
N ILE D 368 44.89 1.07 42.32
CA ILE D 368 45.15 2.45 42.72
C ILE D 368 43.83 3.06 43.16
N MET D 369 43.77 3.52 44.40
CA MET D 369 42.58 4.18 44.90
C MET D 369 42.71 5.69 44.72
N GLU D 370 41.61 6.34 44.37
CA GLU D 370 41.68 7.73 43.92
C GLU D 370 40.35 8.43 44.23
N ASN D 371 40.39 9.38 45.16
CA ASN D 371 39.26 10.27 45.34
C ASN D 371 39.35 11.44 44.37
N LEU D 372 38.20 11.84 43.85
CA LEU D 372 38.20 12.87 42.81
C LEU D 372 37.49 14.12 43.29
N ARG D 373 37.79 14.54 44.52
CA ARG D 373 37.22 15.77 45.04
C ARG D 373 37.96 16.99 44.51
N ARG D 374 39.28 16.88 44.31
CA ARG D 374 40.10 18.05 44.03
C ARG D 374 39.89 18.61 42.63
N VAL D 375 39.14 17.94 41.76
CA VAL D 375 38.82 18.49 40.46
C VAL D 375 37.48 19.23 40.49
N TYR D 376 36.66 19.03 41.52
CA TYR D 376 35.27 19.51 41.49
C TYR D 376 34.91 20.43 42.65
N LYS D 377 35.82 20.69 43.58
CA LYS D 377 35.53 21.66 44.63
C LYS D 377 35.64 23.06 44.06
N ASN D 378 34.69 23.92 44.46
CA ASN D 378 34.49 25.26 43.91
C ASN D 378 34.35 25.24 42.40
N THR D 379 33.45 24.40 41.91
CA THR D 379 33.23 24.20 40.49
C THR D 379 31.74 24.14 40.23
N ASP D 380 31.30 24.76 39.14
CA ASP D 380 29.87 24.85 38.83
C ASP D 380 29.26 23.52 38.42
N THR D 381 30.02 22.62 37.83
CA THR D 381 29.48 21.36 37.36
C THR D 381 29.45 20.34 38.49
N LYS D 382 28.38 19.54 38.52
CA LYS D 382 28.28 18.48 39.50
C LYS D 382 29.15 17.31 39.07
N ASP D 383 29.40 16.41 40.00
CA ASP D 383 30.20 15.23 39.73
C ASP D 383 29.40 14.25 38.88
N PRO D 384 29.99 13.68 37.83
CA PRO D 384 29.36 12.54 37.16
C PRO D 384 29.24 11.31 38.04
N LEU D 385 30.06 11.17 39.07
CA LEU D 385 30.01 10.03 39.96
C LEU D 385 28.86 10.10 40.95
N GLU D 386 28.16 11.23 41.04
CA GLU D 386 26.93 11.35 41.82
C GLU D 386 25.77 11.09 40.86
N ARG D 387 25.70 9.85 40.37
CA ARG D 387 24.67 9.45 39.43
C ARG D 387 23.32 9.34 40.12
N ASN D 388 22.28 9.76 39.43
CA ASN D 388 20.93 9.71 39.95
C ASN D 388 20.29 8.40 39.52
N VAL D 389 19.70 7.70 40.48
CA VAL D 389 19.03 6.43 40.22
C VAL D 389 17.65 6.47 40.85
N ASP D 390 16.62 6.20 40.04
CA ASP D 390 15.28 6.13 40.57
C ASP D 390 14.88 4.67 40.76
N LEU D 391 14.06 4.43 41.76
CA LEU D 391 13.46 3.12 41.98
C LEU D 391 11.95 3.29 41.92
N THR D 392 11.28 2.21 41.54
CA THR D 392 9.83 2.23 41.38
C THR D 392 9.20 1.45 42.51
N PHE D 393 8.62 2.16 43.47
CA PHE D 393 7.93 1.50 44.57
C PHE D 393 6.46 1.36 44.25
N PHE D 394 5.84 0.34 44.84
CA PHE D 394 4.43 0.09 44.63
C PHE D 394 3.85 -0.64 45.84
N PHE D 395 2.58 -0.40 46.10
CA PHE D 395 1.93 -0.92 47.30
C PHE D 395 0.44 -0.92 47.06
N PRO D 396 -0.30 -1.84 47.67
CA PRO D 396 -1.76 -1.83 47.54
C PRO D 396 -2.42 -1.08 48.67
N VAL D 397 -3.64 -0.57 48.44
CA VAL D 397 -4.47 -0.04 49.51
C VAL D 397 -5.80 -0.76 49.45
N GLY D 398 -6.52 -0.78 50.58
CA GLY D 398 -7.91 -1.17 50.60
C GLY D 398 -8.24 -2.58 50.18
N LEU D 399 -7.34 -3.54 50.41
CA LEU D 399 -7.51 -4.89 49.88
C LEU D 399 -8.52 -5.67 50.70
N TYR D 400 -8.63 -6.96 50.44
CA TYR D 400 -9.57 -7.81 51.15
C TYR D 400 -9.01 -9.23 51.23
N LEU D 401 -8.41 -9.56 52.36
CA LEU D 401 -8.01 -10.93 52.59
C LEU D 401 -9.24 -11.77 52.88
N PRO D 402 -9.27 -13.04 52.45
CA PRO D 402 -10.45 -13.87 52.67
C PRO D 402 -10.64 -14.24 54.13
N GLU D 403 -11.85 -14.69 54.45
CA GLU D 403 -12.18 -15.05 55.83
C GLU D 403 -12.04 -16.53 56.10
N ASP D 404 -12.23 -17.39 55.09
CA ASP D 404 -12.02 -18.82 55.27
C ASP D 404 -10.54 -19.19 55.39
N ARG D 405 -9.64 -18.28 55.05
CA ARG D 405 -8.20 -18.48 55.28
C ARG D 405 -7.63 -17.39 56.16
N GLY D 406 -8.48 -16.65 56.88
CA GLY D 406 -7.99 -15.60 57.73
C GLY D 406 -7.28 -16.13 58.96
N TYR D 407 -6.36 -15.33 59.48
CA TYR D 407 -5.52 -15.74 60.59
C TYR D 407 -4.87 -14.52 61.21
N THR D 408 -4.15 -14.75 62.30
CA THR D 408 -3.37 -13.71 62.95
C THR D 408 -2.04 -14.30 63.38
N THR D 409 -0.98 -13.89 62.69
CA THR D 409 0.36 -14.27 63.09
C THR D 409 0.92 -13.37 64.18
N VAL D 410 0.18 -12.34 64.57
CA VAL D 410 0.57 -11.44 65.65
C VAL D 410 -0.58 -11.31 66.63
N GLU D 411 -0.59 -12.17 67.65
CA GLU D 411 -1.60 -12.11 68.69
C GLU D 411 -1.10 -11.45 69.96
N SER D 412 0.12 -11.77 70.39
CA SER D 412 0.64 -11.19 71.62
C SER D 412 1.05 -9.74 71.44
N LYS D 413 1.35 -9.32 70.20
CA LYS D 413 1.88 -7.98 69.99
C LYS D 413 0.77 -6.93 70.06
N VAL D 414 -0.20 -7.01 69.17
CA VAL D 414 -1.24 -6.00 69.09
C VAL D 414 -2.57 -6.61 69.51
N LYS D 415 -3.50 -5.75 69.89
CA LYS D 415 -4.87 -6.16 70.15
C LYS D 415 -5.78 -5.00 69.79
N LEU D 416 -6.63 -5.20 68.80
CA LEU D 416 -7.57 -4.19 68.35
C LEU D 416 -8.91 -4.42 69.02
N ASN D 417 -9.60 -3.33 69.33
CA ASN D 417 -11.00 -3.43 69.71
C ASN D 417 -11.82 -3.90 68.51
N ASP D 418 -12.92 -4.58 68.80
CA ASP D 418 -13.62 -5.40 67.82
C ASP D 418 -14.58 -4.62 66.94
N THR D 419 -14.36 -3.32 66.76
CA THR D 419 -15.18 -2.55 65.85
C THR D 419 -14.91 -2.93 64.40
N VAL D 420 -15.90 -2.66 63.55
CA VAL D 420 -15.82 -3.03 62.14
C VAL D 420 -14.82 -2.15 61.40
N ARG D 421 -14.65 -0.90 61.86
CA ARG D 421 -13.71 0.02 61.22
C ARG D 421 -12.26 -0.41 61.37
N ASN D 422 -11.95 -1.30 62.32
CA ASN D 422 -10.60 -1.81 62.49
C ASN D 422 -10.45 -3.26 62.03
N ALA D 423 -11.48 -3.86 61.45
CA ALA D 423 -11.39 -5.21 60.92
C ALA D 423 -11.63 -5.26 59.42
N LEU D 424 -11.66 -4.12 58.75
CA LEU D 424 -11.76 -4.07 57.30
C LEU D 424 -10.95 -2.88 56.80
N PRO D 425 -9.94 -3.12 55.96
CA PRO D 425 -9.02 -2.03 55.59
C PRO D 425 -9.63 -1.07 54.58
N THR D 426 -9.39 0.22 54.80
CA THR D 426 -9.69 1.21 53.78
C THR D 426 -8.59 2.24 53.64
N THR D 427 -7.57 2.20 54.49
CA THR D 427 -6.46 3.15 54.44
C THR D 427 -5.16 2.38 54.28
N ALA D 428 -4.06 3.13 54.22
CA ALA D 428 -2.73 2.55 54.14
C ALA D 428 -1.73 3.58 54.64
N TYR D 429 -0.86 3.19 55.55
CA TYR D 429 0.11 4.08 56.15
C TYR D 429 1.48 3.81 55.56
N LEU D 430 2.24 4.86 55.28
CA LEU D 430 3.54 4.80 54.65
C LEU D 430 4.59 5.52 55.50
N LEU D 431 5.78 5.67 54.92
CA LEU D 431 6.90 6.38 55.55
C LEU D 431 7.36 7.50 54.66
N ASN D 432 7.73 8.63 55.26
CA ASN D 432 8.28 9.76 54.54
C ASN D 432 9.80 9.66 54.46
N ARG D 433 10.46 10.76 54.09
CA ARG D 433 11.91 10.83 54.22
C ARG D 433 12.34 10.63 55.65
N ASP D 434 11.91 11.53 56.53
CA ASP D 434 12.01 11.27 57.95
C ASP D 434 11.01 10.18 58.34
N ARG D 435 11.32 9.46 59.42
CA ARG D 435 10.47 8.37 59.86
C ARG D 435 9.20 8.88 60.51
N ALA D 436 8.28 9.42 59.70
CA ALA D 436 7.01 9.95 60.16
C ALA D 436 5.91 9.21 59.43
N VAL D 437 4.97 8.66 60.17
CA VAL D 437 3.94 7.84 59.54
C VAL D 437 2.86 8.72 58.91
N GLN D 438 2.88 8.80 57.59
CA GLN D 438 1.81 9.47 56.87
C GLN D 438 0.69 8.48 56.61
N LYS D 439 -0.31 8.92 55.84
CA LYS D 439 -1.48 8.09 55.61
C LYS D 439 -2.03 8.39 54.23
N ILE D 440 -2.25 7.34 53.44
CA ILE D 440 -3.06 7.45 52.24
C ILE D 440 -4.38 6.74 52.51
N ASP D 441 -5.43 7.26 51.91
CA ASP D 441 -6.75 6.66 51.96
C ASP D 441 -7.40 6.91 50.61
N PHE D 442 -8.70 6.70 50.55
CA PHE D 442 -9.39 6.88 49.29
C PHE D 442 -9.67 8.34 48.98
N VAL D 443 -9.79 9.19 50.02
CA VAL D 443 -10.21 10.56 49.82
C VAL D 443 -9.11 11.38 49.13
N ASP D 444 -7.86 11.07 49.45
CA ASP D 444 -6.76 11.81 48.84
C ASP D 444 -6.55 11.49 47.37
N ALA D 445 -7.11 10.39 46.87
CA ALA D 445 -6.99 10.00 45.47
C ALA D 445 -8.07 10.60 44.59
N LEU D 446 -8.75 11.65 45.06
CA LEU D 446 -9.85 12.21 44.30
C LEU D 446 -9.40 13.07 43.14
N LYS D 447 -8.12 13.45 43.07
CA LYS D 447 -7.65 14.12 41.88
C LYS D 447 -7.41 13.15 40.73
N THR D 448 -7.59 11.86 40.96
CA THR D 448 -7.60 10.81 39.95
C THR D 448 -8.95 10.15 39.78
N LEU D 449 -9.62 9.81 40.88
CA LEU D 449 -10.75 8.88 40.81
C LEU D 449 -11.99 9.44 40.17
N CYS D 450 -12.08 10.76 39.98
CA CYS D 450 -13.27 11.26 39.30
C CYS D 450 -12.91 11.91 37.97
N HIS D 451 -11.91 11.39 37.32
CA HIS D 451 -11.66 11.95 36.00
C HIS D 451 -12.58 11.29 34.97
N PRO D 452 -13.01 12.05 33.95
CA PRO D 452 -13.84 11.45 32.89
C PRO D 452 -13.15 10.39 32.04
N VAL D 453 -11.82 10.34 32.02
CA VAL D 453 -11.16 9.30 31.22
C VAL D 453 -11.24 7.95 31.94
N LEU D 454 -11.47 7.95 33.25
CA LEU D 454 -11.67 6.69 33.96
C LEU D 454 -13.03 6.08 33.65
N HIS D 455 -13.97 6.89 33.17
CA HIS D 455 -15.30 6.40 32.80
C HIS D 455 -15.55 6.39 31.30
N GLU D 456 -14.51 6.48 30.49
CA GLU D 456 -14.70 6.55 29.04
C GLU D 456 -14.18 5.29 28.38
N PRO D 457 -15.03 4.34 28.00
CA PRO D 457 -14.57 3.08 27.42
C PRO D 457 -14.42 3.06 25.91
N ALA D 458 -14.34 4.22 25.24
CA ALA D 458 -14.33 4.22 23.77
C ALA D 458 -13.06 3.59 23.17
N PRO D 459 -11.83 3.91 23.61
CA PRO D 459 -10.70 3.12 23.07
C PRO D 459 -10.69 1.69 23.57
N CYS D 460 -11.29 1.42 24.73
CA CYS D 460 -11.42 0.06 25.22
C CYS D 460 -12.30 -0.78 24.30
N LEU D 461 -13.45 -0.25 23.92
CA LEU D 461 -14.32 -0.92 22.96
C LEU D 461 -13.67 -0.99 21.57
N GLN D 462 -12.94 0.07 21.19
CA GLN D 462 -12.29 0.12 19.88
C GLN D 462 -11.22 -0.95 19.75
N THR D 463 -10.49 -1.24 20.82
CA THR D 463 -9.50 -2.30 20.77
C THR D 463 -10.08 -3.66 21.09
N PHE D 464 -11.25 -3.73 21.74
CA PHE D 464 -11.87 -5.02 21.96
C PHE D 464 -12.49 -5.56 20.68
N THR D 465 -13.09 -4.70 19.86
CA THR D 465 -13.67 -5.18 18.61
C THR D 465 -12.62 -5.53 17.57
N GLU D 466 -11.39 -5.02 17.70
CA GLU D 466 -10.35 -5.35 16.75
C GLU D 466 -9.84 -6.78 16.96
N ARG D 467 -9.81 -7.23 18.23
CA ARG D 467 -9.53 -8.64 18.49
C ARG D 467 -10.69 -9.53 18.03
N GLY D 468 -11.92 -9.09 18.25
CA GLY D 468 -13.08 -9.85 17.88
C GLY D 468 -13.28 -11.05 18.79
N PRO D 469 -14.10 -12.00 18.35
CA PRO D 469 -14.29 -13.22 19.14
C PRO D 469 -13.17 -14.21 18.90
N PRO D 470 -12.88 -15.10 19.87
CA PRO D 470 -11.87 -16.13 19.68
C PRO D 470 -12.40 -17.33 18.89
N PRO D 487 -41.65 -6.79 20.91
CA PRO D 487 -43.08 -6.48 20.98
C PRO D 487 -43.68 -6.85 22.33
N MET D 488 -43.80 -5.86 23.23
CA MET D 488 -44.24 -6.16 24.59
C MET D 488 -45.75 -6.27 24.67
N GLY D 489 -46.46 -5.96 23.58
CA GLY D 489 -47.91 -6.07 23.60
C GLY D 489 -48.39 -7.50 23.61
N GLY D 490 -47.82 -8.35 22.75
CA GLY D 490 -48.26 -9.73 22.68
C GLY D 490 -47.54 -10.64 23.66
N ALA D 491 -46.66 -10.05 24.48
CA ALA D 491 -45.80 -10.85 25.34
C ALA D 491 -46.57 -11.52 26.47
N ALA D 492 -47.59 -10.84 27.00
CA ALA D 492 -48.35 -11.35 28.14
C ALA D 492 -49.15 -12.59 27.76
N ARG D 493 -49.46 -12.75 26.48
CA ARG D 493 -50.11 -13.96 25.98
C ARG D 493 -49.08 -14.95 25.44
N ARG D 494 -47.93 -14.46 24.97
CA ARG D 494 -46.93 -15.32 24.34
C ARG D 494 -45.87 -15.83 25.30
N ILE D 495 -46.04 -15.59 26.61
CA ILE D 495 -45.19 -16.26 27.60
C ILE D 495 -45.26 -17.78 27.53
N PRO D 496 -46.43 -18.44 27.47
CA PRO D 496 -46.37 -19.90 27.27
C PRO D 496 -46.02 -20.30 25.85
N HIS D 497 -46.10 -19.36 24.91
CA HIS D 497 -45.68 -19.64 23.54
C HIS D 497 -44.17 -19.77 23.44
N PHE D 498 -43.45 -19.19 24.40
CA PHE D 498 -42.00 -19.33 24.45
C PHE D 498 -41.60 -20.75 24.84
N TYR D 499 -42.44 -21.44 25.59
CA TYR D 499 -42.06 -22.72 26.16
C TYR D 499 -42.64 -23.92 25.42
N ARG D 500 -43.36 -23.70 24.32
CA ARG D 500 -43.80 -24.84 23.51
C ARG D 500 -42.61 -25.52 22.85
N VAL D 501 -41.66 -24.74 22.36
CA VAL D 501 -40.41 -25.28 21.86
C VAL D 501 -39.60 -25.87 23.01
N ARG D 502 -39.07 -27.07 22.76
CA ARG D 502 -38.34 -27.84 23.76
C ARG D 502 -36.84 -27.64 23.69
N ARG D 503 -36.37 -26.48 23.26
CA ARG D 503 -34.94 -26.23 23.22
C ARG D 503 -34.49 -25.46 24.45
N GLU D 504 -33.21 -25.61 24.78
CA GLU D 504 -32.62 -24.87 25.88
C GLU D 504 -31.97 -23.60 25.36
N VAL D 505 -31.81 -22.65 26.26
CA VAL D 505 -31.17 -21.37 25.95
C VAL D 505 -29.70 -21.50 26.35
N PRO D 506 -28.76 -21.04 25.53
CA PRO D 506 -27.35 -21.13 25.92
C PRO D 506 -27.00 -20.18 27.04
N ARG D 507 -26.09 -20.63 27.89
CA ARG D 507 -25.68 -19.90 29.07
C ARG D 507 -24.87 -18.67 28.68
N THR D 508 -25.33 -17.50 29.13
CA THR D 508 -24.71 -16.24 28.74
C THR D 508 -23.38 -16.06 29.46
N VAL D 509 -22.68 -14.98 29.10
CA VAL D 509 -21.30 -14.83 29.55
C VAL D 509 -21.25 -14.32 30.98
N ASN D 510 -22.16 -13.40 31.35
CA ASN D 510 -22.16 -12.87 32.70
C ASN D 510 -22.57 -13.90 33.74
N GLU D 511 -23.45 -14.84 33.39
CA GLU D 511 -23.75 -15.94 34.30
C GLU D 511 -22.57 -16.89 34.40
N MET D 512 -21.75 -16.99 33.34
CA MET D 512 -20.58 -17.83 33.39
C MET D 512 -19.45 -17.22 34.20
N LYS D 513 -19.62 -16.01 34.71
CA LYS D 513 -18.63 -15.38 35.58
C LYS D 513 -18.89 -15.66 37.05
N GLN D 514 -19.88 -16.49 37.38
CA GLN D 514 -20.27 -16.66 38.78
C GLN D 514 -20.02 -18.06 39.31
N ASP D 515 -19.68 -19.02 38.46
CA ASP D 515 -19.36 -20.36 38.90
C ASP D 515 -17.87 -20.56 39.13
N PHE D 516 -17.17 -19.51 39.53
CA PHE D 516 -15.75 -19.59 39.84
C PHE D 516 -15.53 -19.08 41.26
N VAL D 517 -14.66 -19.76 41.98
CA VAL D 517 -14.38 -19.45 43.38
C VAL D 517 -13.42 -18.26 43.36
N VAL D 518 -13.25 -17.58 44.50
CA VAL D 518 -12.53 -16.32 44.53
C VAL D 518 -11.03 -16.50 44.36
N THR D 519 -10.54 -17.74 44.42
CA THR D 519 -9.11 -18.00 44.38
C THR D 519 -8.65 -18.59 43.07
N ASP D 520 -9.58 -19.05 42.23
CA ASP D 520 -9.21 -19.59 40.93
C ASP D 520 -9.78 -18.79 39.77
N PHE D 521 -10.37 -17.63 40.04
CA PHE D 521 -10.89 -16.79 38.97
C PHE D 521 -9.77 -16.19 38.14
N TYR D 522 -8.58 -16.09 38.70
CA TYR D 522 -7.43 -15.58 37.96
C TYR D 522 -6.68 -16.66 37.21
N LYS D 523 -7.08 -17.92 37.34
CA LYS D 523 -6.31 -19.00 36.72
C LYS D 523 -6.60 -19.08 35.22
N VAL D 524 -5.79 -19.87 34.53
CA VAL D 524 -5.94 -20.04 33.09
C VAL D 524 -7.09 -20.98 32.74
N GLY D 525 -7.58 -21.75 33.71
CA GLY D 525 -8.74 -22.59 33.49
C GLY D 525 -10.03 -21.82 33.27
N ASN D 526 -10.07 -20.56 33.70
CA ASN D 526 -11.18 -19.69 33.38
C ASN D 526 -11.19 -19.37 31.89
N ILE D 527 -12.39 -19.22 31.35
CA ILE D 527 -12.55 -18.81 29.97
C ILE D 527 -12.87 -17.32 29.83
N THR D 528 -13.76 -16.80 30.66
CA THR D 528 -14.36 -15.48 30.43
C THR D 528 -13.49 -14.32 30.90
N LEU D 529 -12.20 -14.53 31.11
CA LEU D 529 -11.34 -13.40 31.48
C LEU D 529 -11.11 -12.44 30.32
N TYR D 530 -11.25 -12.90 29.08
CA TYR D 530 -11.08 -12.02 27.93
C TYR D 530 -12.26 -11.08 27.72
N THR D 531 -13.31 -11.21 28.53
CA THR D 531 -14.40 -10.26 28.54
C THR D 531 -14.41 -9.41 29.79
N GLU D 532 -13.45 -9.60 30.68
CA GLU D 532 -13.33 -8.80 31.89
C GLU D 532 -12.28 -7.72 31.63
N LEU D 533 -12.73 -6.52 31.26
CA LEU D 533 -11.82 -5.48 30.83
C LEU D 533 -11.93 -4.19 31.63
N HIS D 534 -13.03 -3.94 32.31
CA HIS D 534 -13.16 -2.66 33.00
C HIS D 534 -14.08 -2.84 34.19
N PRO D 535 -13.74 -2.25 35.35
CA PRO D 535 -14.59 -2.42 36.54
C PRO D 535 -15.93 -1.71 36.45
N PHE D 536 -16.11 -0.80 35.50
CA PHE D 536 -17.32 -0.01 35.42
C PHE D 536 -18.25 -0.46 34.31
N PHE D 537 -17.83 -1.42 33.49
CA PHE D 537 -18.63 -1.85 32.36
C PHE D 537 -18.61 -3.37 32.25
N ASP D 538 -19.48 -3.90 31.42
CA ASP D 538 -19.53 -5.33 31.09
C ASP D 538 -19.34 -5.47 29.60
N PHE D 539 -18.08 -5.55 29.18
CA PHE D 539 -17.78 -5.86 27.79
C PHE D 539 -18.13 -7.30 27.51
N THR D 540 -18.90 -7.53 26.44
CA THR D 540 -19.29 -8.89 26.11
C THR D 540 -19.57 -9.00 24.63
N HIS D 541 -19.48 -10.23 24.13
CA HIS D 541 -19.94 -10.58 22.80
C HIS D 541 -21.39 -11.05 22.87
N CYS D 542 -22.15 -10.68 21.86
CA CYS D 542 -23.54 -11.13 21.78
C CYS D 542 -23.85 -11.38 20.30
N GLN D 543 -25.10 -11.74 20.01
CA GLN D 543 -25.48 -12.10 18.65
C GLN D 543 -26.41 -11.02 18.11
N GLU D 544 -26.02 -10.43 16.98
CA GLU D 544 -26.85 -9.44 16.29
C GLU D 544 -26.60 -9.56 14.80
N ASN D 545 -27.69 -9.80 14.06
CA ASN D 545 -27.68 -10.08 12.62
C ASN D 545 -26.78 -11.26 12.29
N SER D 546 -26.89 -12.31 13.13
CA SER D 546 -26.06 -13.54 13.10
C SER D 546 -24.56 -13.23 13.02
N GLU D 547 -24.15 -12.21 13.77
CA GLU D 547 -22.76 -11.79 13.76
C GLU D 547 -22.37 -11.37 15.16
N THR D 548 -21.24 -11.88 15.64
CA THR D 548 -20.75 -11.57 16.97
C THR D 548 -20.30 -10.12 17.03
N VAL D 549 -20.96 -9.33 17.88
CA VAL D 549 -20.65 -7.91 18.01
C VAL D 549 -20.19 -7.63 19.43
N ALA D 550 -19.33 -6.64 19.57
CA ALA D 550 -18.84 -6.22 20.87
C ALA D 550 -19.85 -5.27 21.51
N LEU D 551 -20.60 -5.80 22.46
CA LEU D 551 -21.69 -5.06 23.11
C LEU D 551 -21.14 -4.44 24.39
N CYS D 552 -20.79 -3.17 24.32
CA CYS D 552 -20.18 -2.46 25.43
C CYS D 552 -21.28 -1.90 26.31
N THR D 553 -21.55 -2.58 27.42
CA THR D 553 -22.62 -2.18 28.32
C THR D 553 -22.06 -1.83 29.70
N PRO D 554 -22.62 -0.82 30.36
CA PRO D 554 -22.10 -0.44 31.68
C PRO D 554 -22.78 -1.18 32.82
N ARG D 555 -22.02 -1.36 33.89
CA ARG D 555 -22.61 -1.76 35.16
C ARG D 555 -23.16 -0.51 35.81
N ILE D 556 -24.28 -0.64 36.52
CA ILE D 556 -24.87 0.54 37.14
C ILE D 556 -24.56 0.57 38.62
N VAL D 557 -24.77 -0.56 39.31
CA VAL D 557 -24.44 -0.65 40.72
C VAL D 557 -23.26 -1.58 40.90
N ILE D 558 -22.63 -1.54 42.08
CA ILE D 558 -21.47 -2.39 42.34
C ILE D 558 -21.83 -3.82 42.64
N GLY D 559 -23.12 -4.12 42.75
CA GLY D 559 -23.53 -5.51 42.91
C GLY D 559 -23.37 -6.33 41.66
N ASN D 560 -23.26 -5.69 40.50
CA ASN D 560 -23.08 -6.41 39.25
C ASN D 560 -21.64 -6.89 39.04
N LEU D 561 -20.74 -6.60 39.96
CA LEU D 561 -19.40 -7.15 39.88
C LEU D 561 -19.44 -8.65 40.12
N PRO D 562 -18.57 -9.42 39.48
CA PRO D 562 -18.63 -10.88 39.61
C PRO D 562 -18.17 -11.34 40.98
N ASP D 563 -18.40 -12.64 41.22
CA ASP D 563 -18.15 -13.22 42.53
C ASP D 563 -16.65 -13.29 42.82
N GLY D 564 -15.85 -13.69 41.84
CA GLY D 564 -14.42 -13.80 42.06
C GLY D 564 -13.73 -12.47 42.21
N LEU D 565 -14.37 -11.38 41.78
CA LEU D 565 -13.81 -10.05 41.94
C LEU D 565 -14.38 -9.31 43.13
N ALA D 566 -15.54 -9.71 43.64
CA ALA D 566 -16.11 -9.16 44.87
C ALA D 566 -17.04 -10.20 45.43
N PRO D 567 -16.60 -10.98 46.42
CA PRO D 567 -17.44 -12.05 46.96
C PRO D 567 -18.57 -11.51 47.82
N GLY D 568 -19.50 -12.41 48.11
CA GLY D 568 -20.61 -12.16 49.02
C GLY D 568 -20.24 -11.66 50.40
N PRO D 569 -19.36 -12.39 51.12
CA PRO D 569 -18.91 -11.90 52.43
C PRO D 569 -18.20 -10.56 52.40
N PHE D 570 -17.61 -10.18 51.27
CA PHE D 570 -17.07 -8.82 51.14
C PHE D 570 -18.19 -7.79 51.19
N HIS D 571 -19.32 -8.07 50.53
CA HIS D 571 -20.45 -7.15 50.61
C HIS D 571 -21.09 -7.18 51.98
N GLU D 572 -21.05 -8.32 52.66
CA GLU D 572 -21.52 -8.38 54.04
C GLU D 572 -20.66 -7.52 54.96
N LEU D 573 -19.34 -7.55 54.77
CA LEU D 573 -18.48 -6.71 55.58
C LEU D 573 -18.62 -5.24 55.22
N ARG D 574 -18.92 -4.96 53.94
CA ARG D 574 -19.16 -3.58 53.52
C ARG D 574 -20.42 -3.01 54.15
N THR D 575 -21.50 -3.80 54.17
CA THR D 575 -22.71 -3.29 54.80
C THR D 575 -22.58 -3.29 56.32
N TRP D 576 -21.67 -4.09 56.88
CA TRP D 576 -21.37 -3.95 58.30
C TRP D 576 -20.68 -2.63 58.58
N GLU D 577 -19.76 -2.21 57.70
CA GLU D 577 -19.12 -0.91 57.87
C GLU D 577 -20.13 0.23 57.70
N ILE D 578 -21.07 0.08 56.77
CA ILE D 578 -22.08 1.11 56.57
C ILE D 578 -23.00 1.20 57.78
N MET D 579 -23.35 0.05 58.37
CA MET D 579 -24.15 0.05 59.59
C MET D 579 -23.38 0.64 60.76
N GLU D 580 -22.05 0.47 60.77
CA GLU D 580 -21.23 1.12 61.79
C GLU D 580 -21.19 2.63 61.61
N HIS D 581 -21.23 3.10 60.36
CA HIS D 581 -21.03 4.54 60.11
C HIS D 581 -22.21 5.36 60.60
N MET D 582 -23.40 4.77 60.68
CA MET D 582 -24.59 5.49 61.10
C MET D 582 -24.95 5.25 62.56
N ARG D 583 -24.02 4.74 63.36
CA ARG D 583 -24.22 4.36 64.76
C ARG D 583 -25.40 3.41 64.92
N LEU D 584 -25.28 2.25 64.29
CA LEU D 584 -26.34 1.25 64.36
C LEU D 584 -25.76 -0.15 64.50
N ARG D 585 -24.50 -0.27 64.95
CA ARG D 585 -23.78 -1.55 64.99
C ARG D 585 -24.45 -2.57 65.94
N PRO D 586 -25.08 -2.17 67.05
CA PRO D 586 -26.15 -3.00 67.58
C PRO D 586 -27.46 -2.69 66.86
N PRO D 587 -27.97 -3.62 66.07
CA PRO D 587 -29.23 -3.37 65.38
C PRO D 587 -30.39 -3.54 66.34
N PRO D 588 -31.50 -2.84 66.11
CA PRO D 588 -32.69 -3.06 66.94
C PRO D 588 -33.29 -4.44 66.67
N ASP D 589 -33.99 -4.95 67.67
CA ASP D 589 -34.45 -6.33 67.68
C ASP D 589 -35.67 -6.47 66.78
N TYR D 590 -35.50 -7.12 65.63
CA TYR D 590 -36.58 -7.43 64.70
C TYR D 590 -36.57 -8.90 64.31
N GLU D 591 -36.09 -9.76 65.20
CA GLU D 591 -35.84 -11.16 64.84
C GLU D 591 -37.15 -11.95 64.82
N GLU D 592 -38.09 -11.60 65.70
CA GLU D 592 -39.35 -12.33 65.74
C GLU D 592 -40.22 -12.00 64.54
N THR D 593 -40.20 -10.75 64.07
CA THR D 593 -40.98 -10.37 62.91
C THR D 593 -40.41 -10.98 61.63
N LEU D 594 -39.08 -10.98 61.51
CA LEU D 594 -38.46 -11.62 60.36
C LEU D 594 -38.60 -13.14 60.40
N ARG D 595 -38.66 -13.73 61.59
CA ARG D 595 -38.89 -15.17 61.67
C ARG D 595 -40.32 -15.51 61.28
N LEU D 596 -41.28 -14.68 61.69
CA LEU D 596 -42.66 -14.85 61.25
C LEU D 596 -42.78 -14.65 59.74
N PHE D 597 -42.02 -13.72 59.18
CA PHE D 597 -42.03 -13.49 57.74
C PHE D 597 -41.46 -14.70 56.99
N LYS D 598 -40.36 -15.27 57.49
CA LYS D 598 -39.78 -16.46 56.88
C LYS D 598 -40.73 -17.64 56.95
N THR D 599 -41.39 -17.84 58.09
CA THR D 599 -42.31 -18.96 58.18
C THR D 599 -43.66 -18.68 57.52
N THR D 600 -43.94 -17.45 57.10
CA THR D 600 -45.18 -17.20 56.38
C THR D 600 -45.00 -17.06 54.87
N VAL D 601 -43.78 -16.90 54.39
CA VAL D 601 -43.58 -16.78 52.94
C VAL D 601 -43.23 -18.13 52.33
N THR D 602 -42.26 -18.84 52.91
CA THR D 602 -41.81 -20.09 52.32
C THR D 602 -42.81 -21.22 52.53
N SER D 603 -43.76 -21.04 53.44
CA SER D 603 -44.72 -22.08 53.79
C SER D 603 -45.67 -22.36 52.63
N PRO D 604 -45.98 -23.63 52.35
CA PRO D 604 -46.82 -23.94 51.19
C PRO D 604 -48.31 -23.96 51.51
N ASN D 605 -48.70 -23.42 52.65
CA ASN D 605 -50.12 -23.39 52.98
C ASN D 605 -50.62 -21.95 53.08
N TYR D 606 -50.20 -21.12 52.14
CA TYR D 606 -50.72 -19.76 52.08
C TYR D 606 -52.17 -19.77 51.60
N PRO D 607 -53.03 -18.95 52.19
CA PRO D 607 -54.45 -18.94 51.78
C PRO D 607 -54.60 -18.28 50.41
N GLU D 608 -55.45 -18.88 49.57
CA GLU D 608 -55.48 -18.54 48.15
C GLU D 608 -56.15 -17.19 47.88
N LEU D 609 -57.03 -16.73 48.77
CA LEU D 609 -57.73 -15.48 48.53
C LEU D 609 -56.84 -14.27 48.74
N CYS D 610 -55.67 -14.46 49.36
CA CYS D 610 -54.69 -13.40 49.53
C CYS D 610 -54.22 -12.83 48.19
N TYR D 611 -53.97 -13.70 47.21
CA TYR D 611 -53.58 -13.22 45.88
C TYR D 611 -54.75 -12.57 45.16
N LEU D 612 -55.96 -13.02 45.48
CA LEU D 612 -57.16 -12.44 44.87
C LEU D 612 -57.39 -11.01 45.37
N VAL D 613 -57.20 -10.78 46.66
CA VAL D 613 -57.66 -9.53 47.25
C VAL D 613 -56.75 -8.36 46.88
N ASP D 614 -55.47 -8.60 46.56
CA ASP D 614 -54.61 -7.48 46.20
C ASP D 614 -54.89 -6.96 44.80
N VAL D 615 -55.07 -7.87 43.83
CA VAL D 615 -55.49 -7.46 42.50
C VAL D 615 -56.95 -7.03 42.50
N LEU D 616 -57.70 -7.39 43.54
CA LEU D 616 -59.04 -6.85 43.72
C LEU D 616 -59.02 -5.42 44.25
N VAL D 617 -58.07 -5.06 45.11
CA VAL D 617 -58.14 -3.79 45.81
C VAL D 617 -57.17 -2.75 45.26
N HIS D 618 -56.05 -3.15 44.65
CA HIS D 618 -55.03 -2.30 44.03
C HIS D 618 -54.44 -1.26 44.99
N GLY D 619 -54.54 -1.46 46.29
CA GLY D 619 -54.04 -0.49 47.24
C GLY D 619 -54.77 0.83 47.30
N ASN D 620 -56.00 0.90 46.80
CA ASN D 620 -56.76 2.14 46.92
C ASN D 620 -57.32 2.25 48.33
N VAL D 621 -57.18 3.44 48.92
CA VAL D 621 -57.47 3.65 50.34
C VAL D 621 -58.96 3.52 50.62
N ASP D 622 -59.78 4.25 49.85
CA ASP D 622 -61.23 4.15 49.97
C ASP D 622 -61.76 2.78 49.58
N ALA D 623 -61.04 2.04 48.73
CA ALA D 623 -61.39 0.65 48.48
C ALA D 623 -61.11 -0.21 49.71
N PHE D 624 -60.02 0.09 50.41
CA PHE D 624 -59.62 -0.76 51.53
C PHE D 624 -60.43 -0.46 52.78
N LEU D 625 -60.98 0.75 52.88
CA LEU D 625 -61.80 1.07 54.04
C LEU D 625 -63.17 0.39 53.99
N LEU D 626 -63.54 -0.17 52.84
CA LEU D 626 -64.73 -1.00 52.76
C LEU D 626 -64.50 -2.39 53.31
N ILE D 627 -63.27 -2.89 53.27
CA ILE D 627 -62.96 -4.27 53.60
C ILE D 627 -62.22 -4.35 54.93
N ARG D 628 -62.39 -3.33 55.78
CA ARG D 628 -61.56 -3.18 56.97
C ARG D 628 -61.86 -4.27 58.01
N THR D 629 -63.13 -4.48 58.31
CA THR D 629 -63.50 -5.54 59.25
C THR D 629 -63.25 -6.93 58.67
N PHE D 630 -63.39 -7.09 57.36
CA PHE D 630 -63.11 -8.36 56.72
C PHE D 630 -61.63 -8.71 56.82
N VAL D 631 -60.75 -7.75 56.55
CA VAL D 631 -59.32 -7.94 56.72
C VAL D 631 -58.96 -8.15 58.18
N ALA D 632 -59.66 -7.51 59.11
CA ALA D 632 -59.41 -7.72 60.55
C ALA D 632 -59.70 -9.16 60.95
N ARG D 633 -60.86 -9.69 60.55
CA ARG D 633 -61.17 -11.09 60.85
C ARG D 633 -60.27 -12.04 60.09
N CYS D 634 -59.89 -11.68 58.86
CA CYS D 634 -59.01 -12.52 58.06
C CYS D 634 -57.60 -12.59 58.64
N ILE D 635 -57.16 -11.53 59.32
CA ILE D 635 -55.92 -11.60 60.09
C ILE D 635 -56.11 -12.50 61.29
N VAL D 636 -57.09 -12.19 62.14
CA VAL D 636 -57.05 -12.75 63.49
C VAL D 636 -57.48 -14.22 63.50
N ASN D 637 -58.46 -14.62 62.69
CA ASN D 637 -58.94 -16.00 62.73
C ASN D 637 -57.95 -16.95 62.08
N MET D 638 -57.42 -16.55 60.93
CA MET D 638 -56.39 -17.34 60.25
C MET D 638 -55.11 -17.40 61.07
N PHE D 639 -54.78 -16.33 61.80
CA PHE D 639 -53.58 -16.36 62.63
C PHE D 639 -53.77 -17.26 63.84
N HIS D 640 -54.96 -17.28 64.42
CA HIS D 640 -55.21 -18.19 65.52
C HIS D 640 -55.33 -19.64 65.10
N THR D 641 -55.72 -19.92 63.85
CA THR D 641 -55.77 -21.32 63.44
C THR D 641 -54.49 -21.77 62.74
N ARG D 642 -53.68 -20.83 62.26
CA ARG D 642 -52.42 -21.13 61.58
C ARG D 642 -51.43 -20.03 61.94
N GLN D 643 -50.26 -20.42 62.46
CA GLN D 643 -49.36 -19.45 63.06
C GLN D 643 -48.68 -18.51 62.07
N LEU D 644 -48.87 -18.71 60.76
CA LEU D 644 -48.26 -17.81 59.80
C LEU D 644 -49.07 -16.53 59.65
N LEU D 645 -48.41 -15.49 59.17
CA LEU D 645 -48.97 -14.16 58.98
C LEU D 645 -49.60 -14.06 57.59
N VAL D 646 -50.56 -13.14 57.47
CA VAL D 646 -51.36 -12.99 56.27
C VAL D 646 -50.97 -11.67 55.61
N PHE D 647 -51.06 -11.65 54.27
CA PHE D 647 -50.85 -10.47 53.41
C PHE D 647 -49.42 -9.96 53.46
N ALA D 648 -48.47 -10.83 53.76
CA ALA D 648 -47.07 -10.44 53.71
C ALA D 648 -46.54 -10.34 52.28
N HIS D 649 -47.19 -11.01 51.33
CA HIS D 649 -46.61 -11.14 50.00
C HIS D 649 -46.78 -9.89 49.16
N SER D 650 -47.84 -9.12 49.38
CA SER D 650 -48.10 -7.92 48.59
C SER D 650 -47.74 -6.70 49.42
N TYR D 651 -47.19 -5.69 48.76
CA TYR D 651 -46.73 -4.51 49.49
C TYR D 651 -47.89 -3.65 49.96
N ALA D 652 -48.89 -3.46 49.10
CA ALA D 652 -49.97 -2.51 49.38
C ALA D 652 -50.85 -2.97 50.53
N LEU D 653 -50.94 -4.27 50.79
CA LEU D 653 -51.74 -4.78 51.88
C LEU D 653 -51.03 -4.65 53.23
N VAL D 654 -49.73 -4.36 53.23
CA VAL D 654 -48.97 -4.23 54.47
C VAL D 654 -49.08 -2.82 55.04
N THR D 655 -48.80 -1.80 54.23
CA THR D 655 -48.89 -0.42 54.70
C THR D 655 -50.33 -0.01 54.96
N LEU D 656 -51.29 -0.60 54.23
CA LEU D 656 -52.69 -0.30 54.47
C LEU D 656 -53.15 -0.86 55.80
N ILE D 657 -52.70 -2.06 56.15
CA ILE D 657 -52.97 -2.63 57.46
C ILE D 657 -52.28 -1.82 58.54
N ALA D 658 -51.02 -1.44 58.33
CA ALA D 658 -50.26 -0.74 59.37
C ALA D 658 -50.72 0.70 59.56
N GLU D 659 -51.47 1.26 58.61
CA GLU D 659 -52.01 2.60 58.77
C GLU D 659 -53.47 2.58 59.21
N HIS D 660 -54.36 1.92 58.46
CA HIS D 660 -55.79 2.09 58.69
C HIS D 660 -56.43 0.95 59.46
N LEU D 661 -55.64 0.11 60.12
CA LEU D 661 -56.15 -0.80 61.14
C LEU D 661 -55.61 -0.46 62.51
N ALA D 662 -55.18 0.78 62.71
CA ALA D 662 -54.58 1.24 63.95
C ALA D 662 -55.62 1.55 65.03
N ASP D 663 -56.89 1.29 64.77
CA ASP D 663 -57.98 1.57 65.70
C ASP D 663 -58.25 0.43 66.66
N GLY D 664 -57.27 -0.44 66.89
CA GLY D 664 -57.46 -1.56 67.79
C GLY D 664 -58.34 -2.66 67.24
N ALA D 665 -58.39 -2.81 65.91
CA ALA D 665 -59.24 -3.86 65.33
C ALA D 665 -58.61 -5.24 65.52
N LEU D 666 -57.33 -5.29 65.76
CA LEU D 666 -56.51 -6.48 65.92
C LEU D 666 -55.95 -6.57 67.33
N PRO D 667 -55.49 -7.75 67.75
CA PRO D 667 -54.66 -7.82 68.95
C PRO D 667 -53.38 -7.03 68.77
N PRO D 668 -52.78 -6.54 69.86
CA PRO D 668 -51.66 -5.60 69.72
C PRO D 668 -50.38 -6.22 69.18
N GLN D 669 -50.17 -7.54 69.34
CA GLN D 669 -48.94 -8.14 68.85
C GLN D 669 -48.91 -8.24 67.32
N LEU D 670 -50.07 -8.40 66.70
CA LEU D 670 -50.13 -8.45 65.24
C LEU D 670 -49.83 -7.09 64.62
N LEU D 671 -50.43 -6.04 65.19
CA LEU D 671 -50.13 -4.70 64.70
C LEU D 671 -48.71 -4.29 65.08
N PHE D 672 -48.17 -4.86 66.17
CA PHE D 672 -46.75 -4.67 66.47
C PHE D 672 -45.88 -5.32 65.41
N HIS D 673 -46.28 -6.48 64.90
CA HIS D 673 -45.54 -7.12 63.81
C HIS D 673 -45.57 -6.27 62.54
N TYR D 674 -46.74 -5.72 62.21
CA TYR D 674 -46.83 -4.92 60.99
C TYR D 674 -46.10 -3.58 61.14
N ARG D 675 -46.20 -2.96 62.32
CA ARG D 675 -45.45 -1.74 62.59
C ARG D 675 -43.95 -1.99 62.58
N ASN D 676 -43.51 -3.14 63.09
CA ASN D 676 -42.08 -3.47 63.07
C ASN D 676 -41.60 -3.76 61.66
N LEU D 677 -42.46 -4.32 60.82
CA LEU D 677 -42.09 -4.56 59.43
C LEU D 677 -41.90 -3.25 58.67
N VAL D 678 -42.83 -2.31 58.84
CA VAL D 678 -42.66 -1.01 58.19
C VAL D 678 -41.51 -0.22 58.82
N ALA D 679 -41.22 -0.44 60.11
CA ALA D 679 -40.04 0.17 60.72
C ALA D 679 -38.75 -0.43 60.18
N VAL D 680 -38.76 -1.72 59.83
CA VAL D 680 -37.62 -2.33 59.13
C VAL D 680 -37.43 -1.69 57.77
N LEU D 681 -38.54 -1.39 57.07
CA LEU D 681 -38.44 -0.72 55.78
C LEU D 681 -37.86 0.69 55.91
N ARG D 682 -38.28 1.43 56.94
CA ARG D 682 -37.74 2.76 57.15
C ARG D 682 -36.29 2.71 57.63
N LEU D 683 -35.94 1.66 58.37
CA LEU D 683 -34.56 1.49 58.82
C LEU D 683 -33.63 1.20 57.66
N VAL D 684 -34.08 0.39 56.70
CA VAL D 684 -33.23 0.06 55.57
C VAL D 684 -33.27 1.12 54.49
N THR D 685 -34.26 2.01 54.47
CA THR D 685 -34.12 3.19 53.63
C THR D 685 -33.36 4.32 54.32
N ARG D 686 -33.14 4.22 55.64
CA ARG D 686 -32.22 5.13 56.29
C ARG D 686 -30.78 4.82 55.89
N ILE D 687 -30.48 3.54 55.68
CA ILE D 687 -29.11 3.08 55.42
C ILE D 687 -28.70 3.22 53.96
N SER D 688 -29.65 3.05 53.03
CA SER D 688 -29.33 3.00 51.61
C SER D 688 -28.78 4.33 51.10
N ALA D 689 -29.45 5.42 51.42
CA ALA D 689 -28.93 6.75 51.13
C ALA D 689 -27.91 7.13 52.20
N LEU D 690 -27.23 8.24 51.98
CA LEU D 690 -26.29 8.77 52.96
C LEU D 690 -26.91 10.01 53.61
N PRO D 691 -27.50 9.88 54.80
CA PRO D 691 -28.16 11.04 55.42
C PRO D 691 -27.19 12.05 55.97
N GLY D 692 -25.93 11.68 56.21
CA GLY D 692 -24.95 12.66 56.66
C GLY D 692 -24.51 13.62 55.59
N LEU D 693 -24.72 13.28 54.31
CA LEU D 693 -24.18 14.07 53.23
C LEU D 693 -25.19 14.43 52.15
N ASN D 694 -26.48 14.49 52.47
CA ASN D 694 -27.50 14.79 51.48
C ASN D 694 -28.19 16.10 51.82
N ASN D 695 -27.91 17.13 51.02
CA ASN D 695 -28.67 18.37 51.07
C ASN D 695 -28.58 19.05 49.71
N GLY D 696 -29.72 19.46 49.18
CA GLY D 696 -29.76 20.18 47.93
C GLY D 696 -29.75 19.26 46.72
N GLN D 697 -30.26 19.78 45.61
CA GLN D 697 -30.40 19.00 44.41
C GLN D 697 -29.21 19.23 43.48
N LEU D 698 -29.17 18.48 42.38
CA LEU D 698 -28.07 18.57 41.42
C LEU D 698 -28.63 18.13 40.07
N ALA D 699 -28.80 19.09 39.16
CA ALA D 699 -29.38 18.91 37.82
C ALA D 699 -30.75 18.25 37.88
N GLU D 700 -31.61 18.82 38.74
CA GLU D 700 -33.03 18.50 38.97
C GLU D 700 -33.19 17.19 39.75
N GLU D 701 -32.13 16.46 39.94
CA GLU D 701 -32.28 15.26 40.75
C GLU D 701 -31.74 15.53 42.15
N PRO D 702 -32.25 14.82 43.16
CA PRO D 702 -31.67 14.94 44.49
C PRO D 702 -30.28 14.33 44.54
N LEU D 703 -29.51 14.77 45.54
CA LEU D 703 -28.15 14.27 45.71
C LEU D 703 -28.13 12.80 46.10
N SER D 704 -29.14 12.35 46.83
CA SER D 704 -29.26 10.94 47.17
C SER D 704 -29.58 10.06 45.97
N ALA D 705 -30.12 10.64 44.89
CA ALA D 705 -30.49 9.85 43.72
C ALA D 705 -29.29 9.40 42.90
N TYR D 706 -28.08 9.85 43.21
CA TYR D 706 -26.90 9.37 42.53
C TYR D 706 -26.08 8.39 43.34
N VAL D 707 -26.09 8.50 44.66
CA VAL D 707 -25.23 7.65 45.48
C VAL D 707 -25.75 6.22 45.50
N ASN D 708 -27.06 6.06 45.36
CA ASN D 708 -27.67 4.73 45.43
C ASN D 708 -28.82 4.66 44.45
N ALA D 709 -28.93 3.53 43.75
CA ALA D 709 -30.00 3.36 42.79
C ALA D 709 -31.35 3.08 43.45
N LEU D 710 -31.36 2.78 44.74
CA LEU D 710 -32.60 2.47 45.42
C LEU D 710 -33.44 3.71 45.68
N HIS D 711 -32.85 4.89 45.56
CA HIS D 711 -33.62 6.12 45.64
C HIS D 711 -33.86 6.75 44.29
N ASP D 712 -33.26 6.22 43.23
CA ASP D 712 -33.37 6.86 41.93
C ASP D 712 -34.69 6.48 41.27
N HIS D 713 -35.35 7.46 40.65
CA HIS D 713 -36.69 7.22 40.15
C HIS D 713 -36.70 6.51 38.80
N ARG D 714 -35.55 6.28 38.19
CA ARG D 714 -35.55 5.49 36.97
C ARG D 714 -35.71 4.00 37.26
N LEU D 715 -35.39 3.59 38.48
CA LEU D 715 -35.57 2.20 38.85
C LEU D 715 -37.02 1.94 39.16
N TRP D 716 -37.55 0.83 38.66
CA TRP D 716 -38.95 0.54 38.88
C TRP D 716 -39.10 -0.83 39.54
N PRO D 717 -39.95 -0.95 40.56
CA PRO D 717 -40.12 -2.22 41.25
C PRO D 717 -40.88 -3.21 40.38
N PRO D 718 -40.66 -4.52 40.56
CA PRO D 718 -41.25 -5.50 39.64
C PRO D 718 -42.76 -5.66 39.73
N PHE D 719 -43.39 -5.20 40.79
CA PHE D 719 -44.85 -5.29 40.93
C PHE D 719 -45.35 -3.91 41.34
N VAL D 720 -45.65 -3.10 40.35
CA VAL D 720 -45.96 -1.69 40.57
C VAL D 720 -47.47 -1.53 40.59
N THR D 721 -47.97 -0.74 41.55
CA THR D 721 -49.40 -0.53 41.73
C THR D 721 -49.86 0.76 41.06
N HIS D 722 -49.36 1.90 41.52
CA HIS D 722 -49.72 3.19 40.98
C HIS D 722 -48.66 3.61 39.95
N LEU D 723 -48.68 4.85 39.52
CA LEU D 723 -47.61 5.36 38.68
C LEU D 723 -46.81 6.40 39.43
N PRO D 724 -45.49 6.42 39.27
CA PRO D 724 -44.66 7.31 40.08
C PRO D 724 -44.77 8.76 39.63
N ARG D 725 -44.54 9.67 40.57
CA ARG D 725 -44.69 11.09 40.29
C ARG D 725 -43.55 11.62 39.43
N ASN D 726 -42.39 10.96 39.47
CA ASN D 726 -41.21 11.39 38.73
C ASN D 726 -41.03 10.50 37.50
N MET D 727 -41.47 10.98 36.35
CA MET D 727 -41.28 10.28 35.08
C MET D 727 -40.73 11.24 34.04
N GLU D 728 -39.68 11.97 34.39
CA GLU D 728 -39.12 12.99 33.52
C GLU D 728 -38.27 12.37 32.41
N GLY D 729 -37.39 11.44 32.75
CA GLY D 729 -36.57 10.80 31.75
C GLY D 729 -37.17 9.53 31.21
N VAL D 730 -37.75 8.73 32.10
CA VAL D 730 -38.13 7.36 31.78
C VAL D 730 -39.36 7.34 30.87
N GLN D 731 -39.32 6.44 29.88
CA GLN D 731 -40.43 6.19 28.98
C GLN D 731 -40.98 4.80 29.24
N VAL D 732 -42.29 4.64 29.07
CA VAL D 732 -42.96 3.36 29.26
C VAL D 732 -43.46 2.88 27.91
N VAL D 733 -43.00 1.70 27.50
CA VAL D 733 -43.38 1.09 26.23
C VAL D 733 -44.38 -0.01 26.52
N ALA D 734 -45.55 0.08 25.88
CA ALA D 734 -46.59 -0.93 26.03
C ALA D 734 -46.52 -2.02 24.97
N ASP D 735 -46.65 -1.65 23.69
CA ASP D 735 -46.52 -2.63 22.62
C ASP D 735 -45.36 -2.33 21.67
N ARG D 736 -45.36 -1.18 21.00
CA ARG D 736 -44.29 -0.83 20.08
C ARG D 736 -43.66 0.51 20.43
N GLN D 737 -44.49 1.51 20.67
CA GLN D 737 -44.01 2.87 20.87
C GLN D 737 -44.13 3.27 22.34
N PRO D 738 -43.24 4.14 22.82
CA PRO D 738 -43.37 4.64 24.19
C PRO D 738 -44.61 5.51 24.35
N LEU D 739 -45.24 5.40 25.52
CA LEU D 739 -46.44 6.18 25.81
C LEU D 739 -46.12 7.49 26.50
N ASN D 740 -45.17 8.24 25.96
CA ASN D 740 -44.94 9.61 26.42
C ASN D 740 -46.09 10.59 26.11
N PRO D 741 -47.02 10.36 25.09
CA PRO D 741 -48.28 11.11 25.16
C PRO D 741 -49.05 10.78 26.43
N ALA D 742 -49.47 11.81 27.15
CA ALA D 742 -50.07 11.64 28.47
C ALA D 742 -51.58 11.46 28.42
N ASN D 743 -52.12 10.98 27.29
CA ASN D 743 -53.57 10.90 27.10
C ASN D 743 -54.03 9.48 26.86
N ILE D 744 -53.21 8.48 27.19
CA ILE D 744 -53.61 7.09 27.02
C ILE D 744 -53.65 6.49 28.43
N GLU D 745 -54.08 7.31 29.41
CA GLU D 745 -54.32 6.82 30.76
C GLU D 745 -55.45 7.61 31.40
N ALA D 746 -56.54 6.91 31.72
CA ALA D 746 -57.68 7.45 32.45
C ALA D 746 -58.51 6.29 32.95
N ARG D 747 -59.13 6.46 34.13
CA ARG D 747 -59.99 5.43 34.68
C ARG D 747 -60.98 6.09 35.63
N HIS D 748 -62.19 5.55 35.70
CA HIS D 748 -63.21 6.08 36.58
C HIS D 748 -63.90 4.94 37.31
N HIS D 749 -64.17 5.14 38.58
CA HIS D 749 -64.86 4.16 39.42
C HIS D 749 -66.25 4.68 39.77
N GLY D 750 -67.25 3.83 39.59
CA GLY D 750 -68.63 4.21 39.84
C GLY D 750 -69.45 4.53 38.62
N VAL D 751 -68.85 5.09 37.58
CA VAL D 751 -69.59 5.39 36.36
C VAL D 751 -69.71 4.16 35.47
N SER D 752 -68.96 3.10 35.77
CA SER D 752 -69.05 1.78 35.14
C SER D 752 -68.80 1.86 33.63
N ASP D 753 -67.57 2.22 33.29
CA ASP D 753 -67.14 2.43 31.90
C ASP D 753 -66.85 1.09 31.25
N VAL D 754 -67.78 0.61 30.43
CA VAL D 754 -67.62 -0.67 29.72
C VAL D 754 -66.56 -0.73 28.62
N PRO D 755 -66.11 0.33 27.90
CA PRO D 755 -65.08 0.08 26.88
C PRO D 755 -63.71 -0.30 27.43
N ARG D 756 -63.38 0.09 28.66
CA ARG D 756 -62.14 -0.40 29.25
C ARG D 756 -62.29 -1.84 29.71
N LEU D 757 -63.53 -2.28 29.97
CA LEU D 757 -63.75 -3.67 30.33
C LEU D 757 -63.75 -4.57 29.10
N GLY D 758 -64.21 -4.05 27.97
CA GLY D 758 -64.23 -4.84 26.75
C GLY D 758 -62.86 -5.05 26.14
N ALA D 759 -62.06 -3.98 26.08
CA ALA D 759 -60.70 -4.06 25.56
C ALA D 759 -59.68 -4.08 26.70
N MET D 760 -60.01 -4.80 27.77
CA MET D 760 -59.13 -4.91 28.92
C MET D 760 -57.85 -5.64 28.56
N ASP D 761 -57.93 -6.67 27.73
CA ASP D 761 -56.74 -7.39 27.30
C ASP D 761 -56.03 -6.70 26.15
N ALA D 762 -56.63 -5.66 25.56
CA ALA D 762 -55.93 -4.86 24.58
C ALA D 762 -54.89 -3.98 25.27
N ASP D 763 -53.73 -3.86 24.64
CA ASP D 763 -52.54 -3.40 25.34
C ASP D 763 -52.15 -1.97 25.09
N GLU D 764 -52.59 -1.35 24.00
CA GLU D 764 -52.21 0.03 23.76
C GLU D 764 -52.94 0.99 24.71
N PRO D 765 -54.23 0.84 25.00
CA PRO D 765 -54.73 1.60 26.16
C PRO D 765 -54.43 0.87 27.46
N LEU D 766 -54.01 1.65 28.46
CA LEU D 766 -53.93 1.20 29.83
C LEU D 766 -54.50 2.29 30.72
N PHE D 767 -54.92 1.91 31.92
CA PHE D 767 -55.74 2.79 32.76
C PHE D 767 -55.15 2.85 34.16
N VAL D 768 -54.58 4.01 34.50
CA VAL D 768 -54.08 4.22 35.84
C VAL D 768 -55.19 4.80 36.71
N ASP D 769 -55.00 4.72 38.03
CA ASP D 769 -55.99 5.27 38.94
C ASP D 769 -55.75 6.74 39.25
N ASP D 770 -54.93 7.42 38.43
CA ASP D 770 -54.75 8.87 38.40
C ASP D 770 -54.16 9.44 39.68
N TYR D 771 -53.64 8.59 40.54
CA TYR D 771 -52.93 9.02 41.74
C TYR D 771 -51.45 8.77 41.52
N ARG D 772 -50.68 9.84 41.38
CA ARG D 772 -49.25 9.70 41.21
C ARG D 772 -48.60 9.27 42.52
N ALA D 773 -47.61 8.39 42.39
CA ALA D 773 -46.91 7.84 43.54
C ALA D 773 -45.72 8.72 43.86
N THR D 774 -45.73 9.33 45.04
CA THR D 774 -44.62 10.18 45.43
C THR D 774 -43.43 9.33 45.87
N ASP D 775 -42.33 10.02 46.16
CA ASP D 775 -41.02 9.38 46.13
C ASP D 775 -40.77 8.47 47.33
N ASP D 776 -41.35 8.78 48.48
CA ASP D 776 -41.04 7.99 49.68
C ASP D 776 -41.69 6.61 49.62
N GLU D 777 -42.97 6.56 49.24
CA GLU D 777 -43.61 5.26 49.09
C GLU D 777 -43.11 4.52 47.86
N TRP D 778 -42.62 5.27 46.86
CA TRP D 778 -41.93 4.66 45.72
C TRP D 778 -40.66 3.96 46.16
N THR D 779 -39.86 4.62 46.99
CA THR D 779 -38.66 4.03 47.54
C THR D 779 -38.99 2.82 48.41
N LEU D 780 -40.01 2.94 49.25
CA LEU D 780 -40.41 1.83 50.13
C LEU D 780 -40.92 0.63 49.34
N GLN D 781 -41.66 0.87 48.27
CA GLN D 781 -42.13 -0.22 47.42
C GLN D 781 -40.98 -0.90 46.70
N LYS D 782 -40.00 -0.09 46.23
CA LYS D 782 -38.83 -0.65 45.58
C LYS D 782 -38.02 -1.51 46.53
N VAL D 783 -37.91 -1.08 47.79
CA VAL D 783 -37.23 -1.89 48.78
C VAL D 783 -37.99 -3.17 49.05
N PHE D 784 -39.31 -3.08 49.22
CA PHE D 784 -40.07 -4.26 49.62
C PHE D 784 -40.16 -5.28 48.48
N TYR D 785 -39.94 -4.85 47.24
CA TYR D 785 -39.94 -5.82 46.16
C TYR D 785 -38.56 -6.09 45.57
N LEU D 786 -37.50 -5.48 46.10
CA LEU D 786 -36.14 -5.80 45.64
C LEU D 786 -35.21 -6.31 46.72
N CYS D 787 -35.49 -6.06 48.00
CA CYS D 787 -34.60 -6.46 49.08
C CYS D 787 -35.28 -7.38 50.08
N LEU D 788 -36.44 -6.99 50.63
CA LEU D 788 -36.99 -7.74 51.75
C LEU D 788 -37.67 -9.02 51.30
N MET D 789 -38.26 -9.00 50.11
CA MET D 789 -38.80 -10.24 49.57
C MET D 789 -37.73 -11.24 49.13
N PRO D 790 -36.80 -10.93 48.20
CA PRO D 790 -35.95 -12.01 47.69
C PRO D 790 -34.87 -12.47 48.65
N ALA D 791 -34.57 -11.70 49.68
CA ALA D 791 -33.70 -12.21 50.73
C ALA D 791 -34.42 -13.15 51.67
N MET D 792 -35.73 -13.01 51.80
CA MET D 792 -36.50 -13.84 52.71
C MET D 792 -37.24 -14.97 52.01
N THR D 793 -37.21 -15.02 50.68
CA THR D 793 -37.79 -16.14 49.97
C THR D 793 -36.77 -17.01 49.25
N ASN D 794 -35.53 -16.54 49.10
CA ASN D 794 -34.46 -17.22 48.36
C ASN D 794 -34.89 -17.57 46.94
N ASN D 795 -35.63 -16.64 46.33
CA ASN D 795 -36.25 -16.76 45.00
C ASN D 795 -37.18 -17.96 44.88
N ARG D 796 -37.80 -18.40 45.97
CA ARG D 796 -38.87 -19.37 45.86
C ARG D 796 -40.16 -18.74 45.36
N ALA D 797 -40.30 -17.43 45.48
CA ALA D 797 -41.49 -16.72 45.05
C ALA D 797 -41.57 -16.67 43.53
N CYS D 798 -42.74 -16.29 43.04
CA CYS D 798 -42.96 -16.16 41.61
C CYS D 798 -44.05 -15.13 41.39
N GLY D 799 -44.22 -14.74 40.13
CA GLY D 799 -45.31 -13.88 39.77
C GLY D 799 -46.30 -14.60 38.88
N LEU D 800 -47.58 -14.54 39.22
CA LEU D 800 -48.62 -15.05 38.35
C LEU D 800 -49.56 -13.92 37.99
N GLY D 801 -50.43 -14.20 37.02
CA GLY D 801 -51.43 -13.26 36.57
C GLY D 801 -52.82 -13.88 36.58
N LEU D 802 -53.70 -13.29 37.37
CA LEU D 802 -55.05 -13.80 37.57
C LEU D 802 -55.95 -13.27 36.46
N ASN D 803 -56.52 -14.17 35.67
CA ASN D 803 -57.47 -13.80 34.63
C ASN D 803 -58.79 -13.46 35.32
N LEU D 804 -58.85 -12.22 35.79
CA LEU D 804 -59.91 -11.77 36.69
C LEU D 804 -61.26 -11.60 35.99
N LYS D 805 -61.26 -11.19 34.72
CA LYS D 805 -62.51 -10.93 34.00
C LYS D 805 -63.29 -12.22 33.78
N THR D 806 -62.59 -13.29 33.41
CA THR D 806 -63.22 -14.61 33.32
C THR D 806 -63.52 -15.17 34.69
N LEU D 807 -62.75 -14.82 35.73
CA LEU D 807 -62.97 -15.38 37.05
C LEU D 807 -64.25 -14.85 37.69
N LEU D 808 -64.64 -13.61 37.38
CA LEU D 808 -65.78 -13.02 38.07
C LEU D 808 -67.12 -13.49 37.50
N VAL D 809 -67.15 -13.90 36.23
CA VAL D 809 -68.43 -14.26 35.60
C VAL D 809 -68.98 -15.59 36.07
N ASP D 810 -68.23 -16.35 36.86
CA ASP D 810 -68.74 -17.59 37.44
C ASP D 810 -68.51 -17.67 38.93
N LEU D 811 -67.90 -16.65 39.53
CA LEU D 811 -67.74 -16.61 40.98
C LEU D 811 -68.83 -15.83 41.67
N PHE D 812 -69.08 -14.59 41.24
CA PHE D 812 -70.05 -13.73 41.90
C PHE D 812 -71.31 -13.59 41.07
N TYR D 813 -71.56 -14.57 40.19
CA TYR D 813 -72.70 -14.54 39.31
C TYR D 813 -73.88 -15.33 39.86
N ARG D 814 -73.74 -15.85 41.08
CA ARG D 814 -74.88 -16.43 41.76
C ARG D 814 -75.82 -15.31 42.20
N PRO D 815 -77.14 -15.55 42.19
CA PRO D 815 -78.08 -14.51 42.60
C PRO D 815 -78.07 -14.21 44.10
N ALA D 816 -77.36 -15.00 44.90
CA ALA D 816 -77.26 -14.72 46.33
C ALA D 816 -76.49 -13.45 46.61
N PHE D 817 -75.61 -13.03 45.70
CA PHE D 817 -75.01 -11.70 45.74
C PHE D 817 -75.82 -10.68 44.95
N LEU D 818 -76.55 -11.13 43.92
CA LEU D 818 -77.34 -10.20 43.12
C LEU D 818 -78.59 -9.75 43.87
N LEU D 819 -79.31 -10.70 44.47
CA LEU D 819 -80.54 -10.40 45.19
C LEU D 819 -80.20 -10.26 46.68
N MET D 820 -79.86 -9.05 47.08
CA MET D 820 -79.40 -8.79 48.43
C MET D 820 -80.15 -7.60 49.02
N PRO D 821 -80.48 -7.65 50.31
CA PRO D 821 -81.01 -6.45 50.99
C PRO D 821 -79.87 -5.49 51.31
N ALA D 822 -80.05 -4.23 50.91
CA ALA D 822 -79.03 -3.22 51.14
C ALA D 822 -79.08 -2.70 52.57
N PRO D 842 -80.87 -16.52 54.49
CA PRO D 842 -81.74 -17.64 54.83
C PRO D 842 -81.34 -18.32 56.14
N GLU D 843 -80.21 -19.04 56.10
CA GLU D 843 -79.56 -19.64 57.28
C GLU D 843 -80.45 -20.67 57.97
N ASP D 844 -80.97 -21.62 57.18
CA ASP D 844 -81.59 -22.80 57.77
C ASP D 844 -80.54 -23.86 58.07
N SER D 845 -79.65 -24.10 57.11
CA SER D 845 -78.52 -25.00 57.28
C SER D 845 -77.30 -24.37 56.64
N ILE D 846 -76.14 -25.00 56.86
CA ILE D 846 -74.92 -24.53 56.22
C ILE D 846 -74.94 -24.83 54.74
N ALA D 847 -75.54 -25.97 54.35
CA ALA D 847 -75.59 -26.37 52.95
C ALA D 847 -76.50 -25.46 52.12
N ALA D 848 -77.45 -24.76 52.76
CA ALA D 848 -78.22 -23.75 52.05
C ALA D 848 -77.33 -22.60 51.59
N GLN D 849 -76.48 -22.09 52.48
CA GLN D 849 -75.53 -21.06 52.09
C GLN D 849 -74.50 -21.59 51.10
N ARG D 850 -74.11 -22.86 51.23
CA ARG D 850 -73.15 -23.44 50.31
C ARG D 850 -73.75 -23.58 48.91
N GLN D 851 -75.04 -23.92 48.83
CA GLN D 851 -75.72 -23.98 47.55
C GLN D 851 -75.94 -22.57 46.98
N ALA D 852 -76.11 -21.58 47.86
CA ALA D 852 -76.38 -20.23 47.38
C ALA D 852 -75.13 -19.56 46.82
N VAL D 853 -74.02 -19.62 47.57
CA VAL D 853 -72.81 -18.90 47.15
C VAL D 853 -71.97 -19.68 46.17
N GLY D 854 -72.30 -20.94 45.89
CA GLY D 854 -71.52 -21.76 45.00
C GLY D 854 -70.38 -22.47 45.72
N GLU D 855 -69.88 -23.51 45.07
CA GLU D 855 -68.89 -24.39 45.67
C GLU D 855 -67.51 -23.75 45.78
N MET D 856 -67.20 -22.73 44.97
CA MET D 856 -65.86 -22.16 44.94
C MET D 856 -65.55 -21.38 46.20
N LEU D 857 -66.47 -20.51 46.63
CA LEU D 857 -66.21 -19.68 47.80
C LEU D 857 -66.29 -20.50 49.08
N THR D 858 -66.95 -21.65 49.03
CA THR D 858 -67.07 -22.49 50.23
C THR D 858 -65.76 -23.19 50.56
N GLU D 859 -64.99 -23.60 49.56
CA GLU D 859 -63.66 -24.13 49.84
C GLU D 859 -62.61 -23.05 49.81
N LEU D 860 -62.97 -21.86 49.29
CA LEU D 860 -62.02 -20.76 49.22
C LEU D 860 -62.04 -19.89 50.48
N VAL D 861 -63.22 -19.68 51.07
CA VAL D 861 -63.37 -18.80 52.22
C VAL D 861 -63.86 -19.68 53.38
N GLU D 862 -63.34 -20.91 53.45
CA GLU D 862 -63.85 -21.90 54.39
C GLU D 862 -63.56 -21.51 55.84
N ASP D 863 -62.33 -21.14 56.15
CA ASP D 863 -61.96 -20.75 57.50
C ASP D 863 -61.42 -19.34 57.63
N VAL D 864 -61.03 -18.70 56.52
CA VAL D 864 -60.31 -17.43 56.59
C VAL D 864 -61.21 -16.28 56.99
N ALA D 865 -62.52 -16.41 56.79
CA ALA D 865 -63.43 -15.35 57.21
C ALA D 865 -64.68 -15.86 57.89
N THR D 866 -64.79 -17.15 58.16
CA THR D 866 -65.97 -17.70 58.84
C THR D 866 -65.70 -17.69 60.34
N ASP D 867 -66.48 -16.91 61.07
CA ASP D 867 -66.37 -16.82 62.52
C ASP D 867 -67.65 -17.30 63.18
N ALA D 868 -67.69 -17.16 64.51
CA ALA D 868 -68.91 -17.44 65.24
C ALA D 868 -69.91 -16.29 65.13
N HIS D 869 -69.40 -15.06 65.04
CA HIS D 869 -70.28 -13.90 64.96
C HIS D 869 -70.70 -13.60 63.53
N THR D 870 -69.80 -13.85 62.57
CA THR D 870 -70.10 -13.58 61.17
C THR D 870 -70.28 -14.90 60.41
N PRO D 871 -71.36 -15.06 59.66
CA PRO D 871 -71.54 -16.30 58.88
C PRO D 871 -70.72 -16.29 57.59
N LEU D 872 -70.95 -17.31 56.75
CA LEU D 872 -70.26 -17.40 55.47
C LEU D 872 -70.80 -16.38 54.48
N LEU D 873 -72.13 -16.32 54.34
CA LEU D 873 -72.73 -15.53 53.27
C LEU D 873 -72.61 -14.03 53.53
N GLN D 874 -72.68 -13.63 54.81
CA GLN D 874 -72.46 -12.23 55.15
C GLN D 874 -71.02 -11.80 54.85
N ALA D 875 -70.05 -12.67 55.13
CA ALA D 875 -68.67 -12.36 54.80
C ALA D 875 -68.45 -12.36 53.30
N CYS D 876 -69.19 -13.20 52.57
CA CYS D 876 -69.11 -13.19 51.12
C CYS D 876 -69.67 -11.90 50.54
N ARG D 877 -70.74 -11.37 51.14
CA ARG D 877 -71.25 -10.05 50.74
C ARG D 877 -70.25 -8.95 51.10
N GLU D 878 -69.55 -9.12 52.23
CA GLU D 878 -68.54 -8.17 52.64
C GLU D 878 -67.37 -8.12 51.67
N LEU D 879 -67.01 -9.27 51.10
CA LEU D 879 -66.00 -9.25 50.04
C LEU D 879 -66.58 -8.73 48.73
N PHE D 880 -67.86 -9.01 48.47
CA PHE D 880 -68.52 -8.56 47.24
C PHE D 880 -68.72 -7.05 47.24
N LEU D 881 -68.64 -6.41 48.40
CA LEU D 881 -68.80 -4.96 48.56
C LEU D 881 -67.84 -4.13 47.69
N ALA D 882 -66.67 -4.63 47.32
CA ALA D 882 -65.67 -3.81 46.63
C ALA D 882 -65.20 -4.48 45.35
N VAL D 883 -66.13 -4.89 44.49
CA VAL D 883 -65.73 -5.40 43.19
C VAL D 883 -65.65 -4.26 42.17
N GLN D 884 -66.23 -3.11 42.50
CA GLN D 884 -66.29 -1.96 41.58
C GLN D 884 -64.93 -1.35 41.27
N PHE D 885 -63.92 -1.64 42.07
CA PHE D 885 -62.54 -1.25 41.75
C PHE D 885 -61.86 -2.45 41.08
N VAL D 886 -62.25 -2.70 39.84
CA VAL D 886 -61.94 -3.97 39.19
C VAL D 886 -60.52 -4.02 38.63
N GLY D 887 -59.99 -2.93 38.08
CA GLY D 887 -58.68 -2.98 37.46
C GLY D 887 -58.68 -3.63 36.10
N GLU D 888 -57.56 -4.24 35.72
CA GLU D 888 -57.39 -4.77 34.37
C GLU D 888 -56.76 -6.15 34.44
N HIS D 889 -56.43 -6.71 33.28
CA HIS D 889 -55.58 -7.88 33.21
C HIS D 889 -54.15 -7.50 33.50
N VAL D 890 -53.32 -8.53 33.73
CA VAL D 890 -51.91 -8.32 33.94
C VAL D 890 -51.24 -7.99 32.61
N LYS D 891 -50.38 -6.97 32.62
CA LYS D 891 -49.64 -6.57 31.44
C LYS D 891 -48.21 -6.27 31.86
N VAL D 892 -47.28 -7.00 31.28
CA VAL D 892 -45.88 -6.77 31.58
C VAL D 892 -45.40 -5.53 30.85
N LEU D 893 -44.71 -4.66 31.58
CA LEU D 893 -44.30 -3.36 31.07
C LEU D 893 -42.79 -3.29 30.97
N GLU D 894 -42.29 -2.89 29.81
CA GLU D 894 -40.88 -2.62 29.62
C GLU D 894 -40.68 -1.12 29.64
N VAL D 895 -39.92 -0.65 30.62
CA VAL D 895 -39.62 0.78 30.72
C VAL D 895 -38.32 0.97 29.96
N ARG D 896 -38.10 2.19 29.47
CA ARG D 896 -36.86 2.53 28.79
C ARG D 896 -36.34 3.84 29.36
N ALA D 897 -35.27 3.76 30.14
CA ALA D 897 -34.75 4.92 30.86
C ALA D 897 -33.26 5.05 30.60
N PRO D 898 -32.82 6.11 29.92
CA PRO D 898 -31.41 6.45 29.94
C PRO D 898 -30.99 6.88 31.32
N LEU D 899 -29.70 6.77 31.60
CA LEU D 899 -29.20 7.00 32.94
C LEU D 899 -29.17 8.50 33.25
N ASP D 900 -28.81 8.80 34.50
CA ASP D 900 -28.66 10.19 34.91
C ASP D 900 -27.42 10.81 34.30
N HIS D 901 -27.32 12.14 34.45
CA HIS D 901 -26.25 12.89 33.79
C HIS D 901 -24.88 12.64 34.39
N ALA D 902 -24.80 12.02 35.57
CA ALA D 902 -23.50 11.60 36.07
C ALA D 902 -23.04 10.34 35.36
N GLN D 903 -23.92 9.36 35.20
CA GLN D 903 -23.58 8.10 34.56
C GLN D 903 -23.61 8.16 33.04
N ARG D 904 -24.10 9.25 32.47
CA ARG D 904 -24.21 9.38 31.02
C ARG D 904 -22.93 9.83 30.35
N GLN D 905 -21.79 9.70 31.03
CA GLN D 905 -20.54 10.20 30.46
C GLN D 905 -20.00 9.26 29.40
N GLY D 906 -19.85 7.99 29.75
CA GLY D 906 -19.47 6.96 28.80
C GLY D 906 -20.71 6.20 28.37
N LEU D 907 -20.73 5.81 27.10
CA LEU D 907 -21.86 5.20 26.40
C LEU D 907 -23.12 6.04 26.57
N PRO D 908 -23.20 7.22 25.93
CA PRO D 908 -24.36 8.08 26.16
C PRO D 908 -25.62 7.58 25.51
N ASP D 909 -25.52 6.72 24.50
CA ASP D 909 -26.69 6.19 23.83
C ASP D 909 -27.18 4.89 24.42
N PHE D 910 -26.70 4.50 25.60
CA PHE D 910 -27.13 3.25 26.20
C PHE D 910 -28.47 3.43 26.88
N ILE D 911 -29.50 2.78 26.36
CA ILE D 911 -30.80 2.72 26.99
C ILE D 911 -30.83 1.50 27.89
N SER D 912 -31.77 1.51 28.83
CA SER D 912 -31.88 0.44 29.81
C SER D 912 -33.21 -0.26 29.68
N ARG D 913 -33.19 -1.54 29.32
CA ARG D 913 -34.37 -2.37 29.42
C ARG D 913 -34.59 -2.79 30.86
N GLN D 914 -35.85 -2.75 31.31
CA GLN D 914 -36.20 -3.10 32.68
C GLN D 914 -37.67 -3.49 32.71
N HIS D 915 -37.94 -4.78 32.81
CA HIS D 915 -39.30 -5.31 32.69
C HIS D 915 -39.98 -5.34 34.04
N VAL D 916 -41.07 -4.61 34.18
CA VAL D 916 -41.89 -4.66 35.38
C VAL D 916 -43.28 -5.13 35.02
N LEU D 917 -44.13 -5.31 36.02
CA LEU D 917 -45.45 -5.87 35.80
C LEU D 917 -46.51 -4.94 36.38
N TYR D 918 -47.64 -4.84 35.68
CA TYR D 918 -48.72 -3.96 36.07
C TYR D 918 -49.94 -4.79 36.44
N ASN D 919 -50.64 -4.34 37.49
CA ASN D 919 -51.91 -4.92 37.96
C ASN D 919 -51.78 -6.40 38.33
N GLY D 920 -50.70 -6.76 39.01
CA GLY D 920 -50.47 -8.16 39.30
C GLY D 920 -50.20 -8.48 40.75
N CYS D 921 -49.69 -9.70 40.99
CA CYS D 921 -49.50 -10.20 42.34
C CYS D 921 -48.19 -10.96 42.42
N CYS D 922 -47.43 -10.69 43.46
CA CYS D 922 -46.18 -11.42 43.74
C CYS D 922 -46.53 -12.54 44.71
N VAL D 923 -46.59 -13.76 44.19
CA VAL D 923 -47.08 -14.87 45.01
C VAL D 923 -45.93 -15.68 45.57
N VAL D 924 -46.21 -16.46 46.61
CA VAL D 924 -45.18 -17.21 47.30
C VAL D 924 -45.31 -18.72 47.14
N THR D 925 -46.49 -19.23 46.80
CA THR D 925 -46.66 -20.64 46.51
C THR D 925 -47.64 -20.80 45.36
N ALA D 926 -47.86 -22.04 44.97
CA ALA D 926 -48.84 -22.31 43.93
C ALA D 926 -50.23 -22.31 44.55
N PRO D 927 -51.17 -21.50 44.04
CA PRO D 927 -52.56 -21.61 44.49
C PRO D 927 -53.16 -22.93 44.03
N LYS D 928 -53.90 -23.59 44.91
CA LYS D 928 -54.39 -24.93 44.62
C LYS D 928 -55.65 -24.94 43.75
N THR D 929 -56.55 -23.98 43.94
CA THR D 929 -57.83 -24.00 43.24
C THR D 929 -58.03 -22.85 42.26
N LEU D 930 -57.06 -21.96 42.09
CA LEU D 930 -57.19 -20.85 41.14
C LEU D 930 -56.43 -21.16 39.85
N ILE D 931 -56.19 -22.44 39.59
CA ILE D 931 -55.34 -22.84 38.47
C ILE D 931 -56.08 -22.70 37.15
N GLU D 932 -57.40 -22.57 37.18
CA GLU D 932 -58.16 -22.43 35.94
C GLU D 932 -58.20 -21.00 35.43
N TYR D 933 -57.95 -20.01 36.28
CA TYR D 933 -57.99 -18.61 35.89
C TYR D 933 -56.69 -17.87 36.22
N SER D 934 -55.55 -18.52 36.08
CA SER D 934 -54.27 -17.91 36.41
C SER D 934 -53.29 -18.12 35.27
N LEU D 935 -52.53 -17.07 34.98
CA LEU D 935 -51.51 -17.13 33.93
C LEU D 935 -50.14 -16.85 34.55
N PRO D 936 -49.19 -17.76 34.44
CA PRO D 936 -47.90 -17.55 35.09
C PRO D 936 -47.00 -16.63 34.28
N VAL D 937 -46.32 -15.76 35.00
CA VAL D 937 -45.47 -14.75 34.35
C VAL D 937 -44.08 -14.68 34.98
N PRO D 938 -43.15 -15.54 34.57
CA PRO D 938 -41.74 -15.30 34.90
C PRO D 938 -41.19 -14.18 34.03
N PHE D 939 -40.91 -13.04 34.65
CA PHE D 939 -40.48 -11.86 33.91
C PHE D 939 -39.19 -11.24 34.41
N HIS D 940 -38.93 -11.25 35.70
CA HIS D 940 -37.70 -10.72 36.28
C HIS D 940 -36.81 -11.89 36.63
N ARG D 941 -35.56 -11.60 36.97
CA ARG D 941 -34.73 -12.70 37.45
C ARG D 941 -35.14 -13.09 38.86
N PHE D 942 -35.64 -12.13 39.63
CA PHE D 942 -36.40 -12.47 40.81
C PHE D 942 -37.78 -12.94 40.38
N TYR D 943 -38.44 -13.68 41.29
CA TYR D 943 -39.80 -14.19 41.11
C TYR D 943 -39.95 -15.05 39.87
N SER D 944 -38.92 -15.83 39.54
CA SER D 944 -39.00 -16.78 38.43
C SER D 944 -38.56 -18.12 38.99
N ASN D 945 -39.50 -18.82 39.61
CA ASN D 945 -39.24 -20.11 40.23
C ASN D 945 -40.00 -21.17 39.46
N PRO D 946 -39.31 -22.14 38.86
CA PRO D 946 -40.00 -23.13 38.02
C PRO D 946 -40.86 -24.11 38.80
N THR D 947 -40.75 -24.15 40.13
CA THR D 947 -41.67 -24.98 40.90
C THR D 947 -43.09 -24.42 40.81
N ILE D 948 -43.22 -23.11 40.97
CA ILE D 948 -44.53 -22.48 40.94
C ILE D 948 -45.09 -22.45 39.52
N CYS D 949 -44.24 -22.15 38.55
CA CYS D 949 -44.68 -22.14 37.15
C CYS D 949 -45.02 -23.55 36.67
N ALA D 950 -44.30 -24.56 37.15
CA ALA D 950 -44.58 -25.92 36.76
C ALA D 950 -45.84 -26.45 37.43
N ALA D 951 -46.09 -26.03 38.67
CA ALA D 951 -47.34 -26.41 39.30
C ALA D 951 -48.52 -25.64 38.75
N LEU D 952 -48.27 -24.47 38.15
CA LEU D 952 -49.38 -23.67 37.62
C LEU D 952 -49.68 -24.07 36.18
N SER D 953 -48.71 -23.88 35.30
CA SER D 953 -48.91 -24.22 33.90
C SER D 953 -48.65 -25.70 33.66
N ASP D 954 -48.89 -26.13 32.43
CA ASP D 954 -48.61 -27.50 32.00
C ASP D 954 -47.44 -27.57 31.04
N ASP D 955 -47.26 -26.54 30.21
CA ASP D 955 -46.18 -26.53 29.24
C ASP D 955 -44.84 -26.20 29.88
N ILE D 956 -44.82 -25.34 30.90
CA ILE D 956 -43.59 -25.08 31.62
C ILE D 956 -43.18 -26.30 32.43
N LYS D 957 -44.16 -27.04 32.96
CA LYS D 957 -43.88 -28.30 33.63
C LYS D 957 -43.33 -29.32 32.66
N ARG D 958 -43.82 -29.31 31.41
CA ARG D 958 -43.26 -30.18 30.39
C ARG D 958 -41.83 -29.77 30.05
N TYR D 959 -41.57 -28.47 29.98
CA TYR D 959 -40.23 -27.94 29.73
C TYR D 959 -39.26 -28.34 30.83
N VAL D 960 -39.72 -28.33 32.08
CA VAL D 960 -38.89 -28.73 33.20
C VAL D 960 -38.68 -30.24 33.26
N THR D 961 -39.72 -31.04 33.00
CA THR D 961 -39.53 -32.48 32.96
C THR D 961 -38.80 -32.95 31.72
N GLU D 962 -38.58 -32.09 30.74
CA GLU D 962 -37.68 -32.42 29.65
C GLU D 962 -36.23 -32.03 29.97
N PHE D 963 -36.02 -30.86 30.56
CA PHE D 963 -34.70 -30.40 30.98
C PHE D 963 -34.70 -30.23 32.49
N PRO D 964 -34.39 -31.28 33.24
CA PRO D 964 -34.58 -31.25 34.70
C PRO D 964 -33.60 -30.35 35.44
N HIS D 965 -32.48 -29.99 34.83
CA HIS D 965 -31.51 -29.14 35.49
C HIS D 965 -31.96 -27.69 35.55
N TYR D 966 -32.99 -27.32 34.82
CA TYR D 966 -33.50 -25.96 34.83
C TYR D 966 -34.44 -25.69 36.00
N HIS D 967 -34.46 -26.57 37.00
CA HIS D 967 -35.28 -26.43 38.20
C HIS D 967 -34.63 -25.56 39.27
N ARG D 968 -33.62 -24.77 38.92
CA ARG D 968 -32.85 -24.07 39.93
C ARG D 968 -33.56 -22.79 40.37
N HIS D 969 -32.84 -21.99 41.14
CA HIS D 969 -33.38 -20.78 41.75
C HIS D 969 -32.52 -19.55 41.55
N ASP D 970 -31.26 -19.72 41.17
CA ASP D 970 -30.30 -18.62 41.15
C ASP D 970 -30.29 -17.86 39.83
N GLY D 971 -31.47 -17.51 39.32
CA GLY D 971 -31.59 -16.79 38.06
C GLY D 971 -31.25 -17.57 36.81
N GLY D 972 -30.66 -18.77 36.93
CA GLY D 972 -30.28 -19.57 35.78
C GLY D 972 -31.44 -20.21 35.04
N PHE D 973 -32.65 -20.10 35.58
CA PHE D 973 -33.82 -20.56 34.86
C PHE D 973 -34.03 -19.70 33.63
N PRO D 974 -34.17 -20.28 32.43
CA PRO D 974 -34.35 -19.48 31.23
C PRO D 974 -35.62 -18.65 31.20
N LEU D 975 -35.44 -17.34 31.20
CA LEU D 975 -36.52 -16.40 30.99
C LEU D 975 -36.92 -16.41 29.52
N PRO D 976 -38.10 -15.91 29.17
CA PRO D 976 -38.42 -15.73 27.76
C PRO D 976 -37.56 -14.64 27.13
N THR D 977 -37.42 -14.74 25.80
CA THR D 977 -36.50 -13.86 25.08
C THR D 977 -37.00 -12.43 24.97
N ALA D 978 -38.25 -12.16 25.37
CA ALA D 978 -38.66 -10.79 25.57
C ALA D 978 -38.10 -10.20 26.85
N PHE D 979 -37.47 -11.01 27.70
CA PHE D 979 -36.99 -10.55 28.99
C PHE D 979 -35.54 -10.89 29.29
N ALA D 980 -34.81 -11.50 28.34
CA ALA D 980 -33.47 -12.00 28.60
C ALA D 980 -32.37 -11.00 28.29
N HIS D 981 -32.66 -9.70 28.39
CA HIS D 981 -31.66 -8.67 28.12
C HIS D 981 -30.76 -8.52 29.35
N GLU D 982 -29.86 -9.50 29.54
CA GLU D 982 -29.07 -9.54 30.77
C GLU D 982 -28.03 -8.44 30.80
N TYR D 983 -27.61 -7.95 29.63
CA TYR D 983 -26.74 -6.79 29.56
C TYR D 983 -27.51 -5.50 29.32
N HIS D 984 -28.76 -5.46 29.76
CA HIS D 984 -29.53 -4.23 29.73
C HIS D 984 -30.32 -4.01 31.02
N ASN D 985 -30.44 -5.02 31.86
CA ASN D 985 -31.17 -4.87 33.12
C ASN D 985 -30.38 -4.05 34.11
N TRP D 986 -31.03 -3.66 35.21
CA TRP D 986 -30.34 -3.02 36.31
C TRP D 986 -29.83 -4.00 37.33
N LEU D 987 -30.31 -5.23 37.30
CA LEU D 987 -30.00 -6.24 38.31
C LEU D 987 -29.40 -7.44 37.57
N ARG D 988 -28.09 -7.50 37.50
CA ARG D 988 -27.43 -8.55 36.74
C ARG D 988 -27.43 -9.86 37.53
N SER D 989 -26.83 -10.89 36.95
CA SER D 989 -26.84 -12.22 37.55
C SER D 989 -26.16 -12.39 38.92
N PRO D 990 -25.18 -11.58 39.34
CA PRO D 990 -24.72 -11.70 40.73
C PRO D 990 -25.77 -11.39 41.79
N PHE D 991 -26.82 -10.63 41.50
CA PHE D 991 -27.88 -10.43 42.48
C PHE D 991 -28.65 -11.72 42.74
N SER D 992 -29.01 -12.43 41.67
CA SER D 992 -29.64 -13.73 41.83
C SER D 992 -28.70 -14.75 42.45
N ARG D 993 -27.42 -14.67 42.10
CA ARG D 993 -26.43 -15.60 42.65
C ARG D 993 -26.23 -15.36 44.14
N TYR D 994 -26.35 -14.12 44.60
CA TYR D 994 -26.28 -13.86 46.03
C TYR D 994 -27.59 -14.22 46.72
N SER D 995 -28.72 -13.97 46.07
CA SER D 995 -30.01 -14.25 46.69
C SER D 995 -30.31 -15.74 46.73
N ALA D 996 -29.57 -16.57 46.02
CA ALA D 996 -29.71 -18.00 46.19
C ALA D 996 -29.22 -18.44 47.57
N THR D 997 -27.95 -18.19 47.87
CA THR D 997 -27.33 -18.70 49.08
C THR D 997 -27.30 -17.67 50.20
N CYS D 998 -28.31 -16.84 50.31
CA CYS D 998 -28.28 -15.88 51.39
C CYS D 998 -28.97 -16.44 52.62
N PRO D 999 -28.48 -16.12 53.81
CA PRO D 999 -29.19 -16.50 55.04
C PRO D 999 -30.41 -15.62 55.25
N ASN D 1000 -31.30 -16.10 56.11
CA ASN D 1000 -32.55 -15.40 56.39
C ASN D 1000 -32.43 -14.47 57.59
N VAL D 1001 -31.57 -13.47 57.44
CA VAL D 1001 -31.23 -12.54 58.50
C VAL D 1001 -31.44 -11.13 57.95
N LEU D 1002 -31.83 -10.20 58.83
CA LEU D 1002 -31.98 -8.78 58.50
C LEU D 1002 -30.76 -8.20 57.78
N HIS D 1003 -29.55 -8.64 58.12
CA HIS D 1003 -28.35 -8.15 57.45
C HIS D 1003 -28.27 -8.60 56.00
N SER D 1004 -28.97 -9.67 55.62
CA SER D 1004 -29.03 -10.02 54.21
C SER D 1004 -29.87 -9.00 53.45
N VAL D 1005 -30.95 -8.51 54.05
CA VAL D 1005 -31.71 -7.42 53.45
C VAL D 1005 -30.88 -6.15 53.43
N MET D 1006 -30.05 -5.96 54.47
CA MET D 1006 -29.18 -4.79 54.52
C MET D 1006 -28.12 -4.83 53.44
N THR D 1007 -27.56 -5.99 53.14
CA THR D 1007 -26.58 -6.05 52.06
C THR D 1007 -27.24 -6.07 50.69
N LEU D 1008 -28.50 -6.50 50.58
CA LEU D 1008 -29.22 -6.27 49.34
C LEU D 1008 -29.48 -4.79 49.11
N ALA D 1009 -29.62 -4.02 50.19
CA ALA D 1009 -29.67 -2.57 50.03
C ALA D 1009 -28.30 -2.02 49.63
N ALA D 1010 -27.25 -2.44 50.34
CA ALA D 1010 -25.94 -1.84 50.16
C ALA D 1010 -25.20 -2.35 48.93
N MET D 1011 -25.70 -3.36 48.24
CA MET D 1011 -25.17 -3.74 46.94
C MET D 1011 -25.76 -2.93 45.80
N LEU D 1012 -26.52 -1.88 46.11
CA LEU D 1012 -27.15 -1.06 45.09
C LEU D 1012 -26.57 0.34 45.05
N TYR D 1013 -25.36 0.51 45.59
CA TYR D 1013 -24.68 1.79 45.44
C TYR D 1013 -24.21 1.95 44.01
N LYS D 1014 -24.53 3.09 43.40
CA LYS D 1014 -24.21 3.32 42.01
C LYS D 1014 -22.71 3.54 41.83
N ILE D 1015 -22.25 3.40 40.60
CA ILE D 1015 -20.84 3.57 40.28
C ILE D 1015 -20.61 4.86 39.50
N SER D 1016 -21.45 5.87 39.71
CA SER D 1016 -21.22 7.17 39.11
C SER D 1016 -20.00 7.82 39.75
N PRO D 1017 -19.38 8.79 39.07
CA PRO D 1017 -18.30 9.56 39.71
C PRO D 1017 -18.73 10.29 40.97
N VAL D 1018 -19.92 10.87 40.99
CA VAL D 1018 -20.32 11.59 42.19
C VAL D 1018 -20.74 10.60 43.28
N SER D 1019 -21.13 9.38 42.91
CA SER D 1019 -21.37 8.37 43.94
C SER D 1019 -20.07 7.90 44.55
N LEU D 1020 -19.01 7.84 43.74
CA LEU D 1020 -17.67 7.60 44.26
C LEU D 1020 -17.27 8.69 45.25
N VAL D 1021 -17.50 9.96 44.89
CA VAL D 1021 -17.14 11.09 45.75
C VAL D 1021 -17.92 11.06 47.05
N LEU D 1022 -19.22 10.80 46.96
CA LEU D 1022 -20.07 10.72 48.15
C LEU D 1022 -19.67 9.58 49.06
N GLN D 1023 -19.60 8.35 48.52
CA GLN D 1023 -19.35 7.21 49.37
C GLN D 1023 -17.89 7.09 49.78
N THR D 1024 -16.98 7.88 49.22
CA THR D 1024 -15.68 7.94 49.87
C THR D 1024 -15.62 9.08 50.88
N LYS D 1025 -16.49 10.09 50.75
CA LYS D 1025 -16.41 11.20 51.69
C LYS D 1025 -17.07 10.87 53.02
N ALA D 1026 -17.70 9.71 53.14
CA ALA D 1026 -18.08 9.16 54.43
C ALA D 1026 -17.10 8.12 54.93
N HIS D 1027 -15.93 8.02 54.29
CA HIS D 1027 -14.87 7.04 54.60
C HIS D 1027 -15.40 5.62 54.55
N ILE D 1028 -16.19 5.33 53.52
CA ILE D 1028 -16.77 4.02 53.29
C ILE D 1028 -16.04 3.38 52.12
N HIS D 1029 -15.69 2.12 52.27
CA HIS D 1029 -14.91 1.42 51.27
C HIS D 1029 -15.76 1.14 50.02
N PRO D 1030 -15.31 1.56 48.84
CA PRO D 1030 -16.05 1.24 47.61
C PRO D 1030 -15.64 -0.15 47.11
N GLY D 1031 -16.13 -0.47 45.92
CA GLY D 1031 -16.03 -1.83 45.41
C GLY D 1031 -14.83 -2.15 44.54
N PHE D 1032 -13.67 -1.56 44.85
CA PHE D 1032 -12.41 -1.98 44.25
C PHE D 1032 -11.28 -1.61 45.20
N ALA D 1033 -10.05 -1.80 44.76
CA ALA D 1033 -8.89 -1.56 45.63
C ALA D 1033 -7.72 -1.18 44.74
N LEU D 1034 -7.39 0.10 44.70
CA LEU D 1034 -6.30 0.55 43.86
C LEU D 1034 -4.95 0.20 44.47
N THR D 1035 -3.99 -0.11 43.61
CA THR D 1035 -2.59 -0.12 44.02
C THR D 1035 -1.95 1.13 43.45
N ALA D 1036 -0.96 1.65 44.13
CA ALA D 1036 -0.25 2.83 43.67
C ALA D 1036 1.12 2.43 43.16
N VAL D 1037 1.68 3.27 42.30
CA VAL D 1037 3.07 3.19 41.90
C VAL D 1037 3.68 4.58 42.02
N ARG D 1038 4.99 4.62 42.21
CA ARG D 1038 5.70 5.90 42.28
C ARG D 1038 7.16 5.67 41.97
N THR D 1039 7.82 6.73 41.51
CA THR D 1039 9.26 6.73 41.28
C THR D 1039 9.93 7.65 42.27
N ASP D 1040 11.00 7.16 42.90
CA ASP D 1040 11.75 7.92 43.90
C ASP D 1040 13.19 8.02 43.42
N THR D 1041 13.60 9.20 42.95
CA THR D 1041 14.95 9.39 42.43
C THR D 1041 15.91 9.51 43.61
N PHE D 1042 17.00 8.73 43.58
CA PHE D 1042 17.96 8.79 44.66
C PHE D 1042 19.27 9.42 44.18
N GLU D 1043 20.00 9.99 45.13
CA GLU D 1043 21.35 10.47 44.92
C GLU D 1043 22.28 9.38 45.44
N VAL D 1044 23.01 8.72 44.56
CA VAL D 1044 23.96 7.71 44.99
C VAL D 1044 25.37 8.18 44.65
N ASP D 1045 26.34 7.55 45.27
CA ASP D 1045 27.75 7.73 44.93
C ASP D 1045 28.29 6.37 44.49
N MET D 1046 28.46 6.20 43.19
CA MET D 1046 28.83 4.90 42.63
C MET D 1046 30.33 4.85 42.42
N LEU D 1047 30.96 3.81 42.93
CA LEU D 1047 32.39 3.61 42.75
C LEU D 1047 32.62 2.86 41.44
N LEU D 1048 33.75 3.16 40.80
CA LEU D 1048 34.03 2.67 39.46
C LEU D 1048 35.40 2.02 39.47
N TYR D 1049 35.53 0.88 38.79
CA TYR D 1049 36.78 0.16 38.69
C TYR D 1049 37.05 -0.23 37.24
N SER D 1050 38.31 -0.12 36.84
CA SER D 1050 38.69 -0.45 35.46
C SER D 1050 40.11 -1.01 35.48
N GLY D 1051 40.41 -1.90 34.56
CA GLY D 1051 41.74 -2.45 34.43
C GLY D 1051 42.71 -1.45 33.84
N LYS D 1052 43.99 -1.82 33.88
CA LYS D 1052 45.06 -0.94 33.42
C LYS D 1052 45.07 -0.90 31.90
N SER D 1053 45.13 0.31 31.34
CA SER D 1053 45.11 0.58 29.89
C SER D 1053 43.87 -0.03 29.23
N CYS D 1054 42.74 0.10 29.93
CA CYS D 1054 41.48 -0.40 29.41
C CYS D 1054 40.99 0.43 28.24
N THR D 1055 41.48 1.66 28.12
CA THR D 1055 41.11 2.57 27.06
C THR D 1055 42.33 3.41 26.74
N SER D 1056 42.56 3.67 25.45
CA SER D 1056 43.59 4.62 25.05
C SER D 1056 42.91 5.92 24.67
N VAL D 1057 43.36 7.02 25.25
CA VAL D 1057 42.84 8.33 24.91
C VAL D 1057 43.76 8.98 23.89
N ILE D 1058 43.16 9.63 22.90
CA ILE D 1058 43.90 10.39 21.90
C ILE D 1058 43.42 11.81 21.98
N ILE D 1059 44.33 12.75 22.22
CA ILE D 1059 43.97 14.16 22.28
C ILE D 1059 44.78 14.91 21.24
N ASN D 1060 44.57 16.22 21.14
CA ASN D 1060 45.33 17.03 20.21
C ASN D 1060 45.56 18.39 20.85
N ASN D 1061 46.31 19.24 20.17
CA ASN D 1061 46.53 20.60 20.62
C ASN D 1061 45.24 21.40 20.54
N PRO D 1062 45.05 22.35 21.45
CA PRO D 1062 43.82 23.15 21.43
C PRO D 1062 43.76 24.05 20.22
N ILE D 1063 42.54 24.23 19.70
CA ILE D 1063 42.27 24.98 18.48
C ILE D 1063 41.50 26.22 18.85
N VAL D 1064 41.93 27.38 18.36
CA VAL D 1064 41.37 28.66 18.76
C VAL D 1064 40.57 29.26 17.61
N THR D 1065 39.30 29.57 17.89
CA THR D 1065 38.46 30.31 16.97
C THR D 1065 38.12 31.64 17.63
N LYS D 1066 37.95 32.68 16.82
CA LYS D 1066 37.78 34.03 17.33
C LYS D 1066 36.40 34.55 16.97
N GLU D 1067 35.52 34.65 17.97
CA GLU D 1067 34.23 35.31 17.81
C GLU D 1067 34.37 36.74 18.32
N GLU D 1068 33.68 37.66 17.65
CA GLU D 1068 33.84 39.09 17.90
C GLU D 1068 32.55 39.68 18.45
N ARG D 1069 32.68 40.55 19.43
CA ARG D 1069 31.59 41.34 19.99
C ARG D 1069 31.96 42.82 19.88
N ASP D 1070 31.16 43.67 20.51
CA ASP D 1070 31.39 45.12 20.44
C ASP D 1070 32.60 45.53 21.27
N ILE D 1071 32.65 45.17 22.55
CA ILE D 1071 33.74 45.53 23.45
C ILE D 1071 34.53 44.29 23.87
N SER D 1072 33.86 43.16 24.02
CA SER D 1072 34.52 41.91 24.36
C SER D 1072 34.89 41.16 23.09
N THR D 1073 35.64 40.08 23.26
CA THR D 1073 36.03 39.19 22.16
C THR D 1073 36.05 37.77 22.73
N THR D 1074 34.96 37.05 22.51
CA THR D 1074 34.84 35.70 23.03
C THR D 1074 35.66 34.77 22.15
N TYR D 1075 36.69 34.16 22.72
CA TYR D 1075 37.46 33.14 22.01
C TYR D 1075 36.96 31.77 22.42
N HIS D 1076 36.65 30.94 21.43
CA HIS D 1076 36.18 29.58 21.66
C HIS D 1076 37.35 28.64 21.41
N VAL D 1077 37.97 28.18 22.48
CA VAL D 1077 39.05 27.22 22.35
C VAL D 1077 38.47 25.80 22.37
N THR D 1078 38.91 24.99 21.43
CA THR D 1078 38.38 23.64 21.27
C THR D 1078 39.53 22.64 21.24
N GLN D 1079 39.40 21.59 22.04
CA GLN D 1079 40.36 20.49 22.04
C GLN D 1079 39.57 19.21 21.85
N ASN D 1080 39.99 18.39 20.91
CA ASN D 1080 39.22 17.22 20.50
C ASN D 1080 39.79 15.96 21.14
N ILE D 1081 38.90 15.07 21.57
CA ILE D 1081 39.28 13.83 22.25
C ILE D 1081 38.66 12.66 21.51
N ASN D 1082 39.48 11.70 21.13
CA ASN D 1082 39.01 10.42 20.63
C ASN D 1082 39.44 9.35 21.62
N THR D 1083 38.45 8.64 22.17
CA THR D 1083 38.68 7.64 23.19
C THR D 1083 38.41 6.24 22.65
N VAL D 1084 39.46 5.58 22.15
CA VAL D 1084 39.32 4.27 21.51
C VAL D 1084 39.26 3.21 22.60
N ASP D 1085 38.24 2.35 22.52
CA ASP D 1085 38.14 1.25 23.45
C ASP D 1085 39.19 0.20 23.10
N MET D 1086 39.63 -0.56 24.11
CA MET D 1086 40.70 -1.52 23.92
C MET D 1086 40.28 -2.97 24.11
N GLY D 1087 39.67 -3.31 25.25
CA GLY D 1087 39.44 -4.69 25.57
C GLY D 1087 38.32 -5.32 24.78
N LEU D 1088 38.17 -6.63 24.97
CA LEU D 1088 37.17 -7.38 24.22
C LEU D 1088 35.77 -7.09 24.74
N GLY D 1089 35.50 -7.40 25.99
CA GLY D 1089 34.22 -7.19 26.60
C GLY D 1089 34.21 -6.03 27.56
N TYR D 1090 33.40 -6.14 28.59
CA TYR D 1090 33.32 -5.11 29.61
C TYR D 1090 34.54 -5.17 30.52
N THR D 1091 35.60 -4.44 30.14
CA THR D 1091 36.80 -4.38 30.95
C THR D 1091 36.65 -3.51 32.20
N SER D 1092 35.58 -2.73 32.29
CA SER D 1092 35.35 -1.82 33.38
C SER D 1092 33.94 -2.00 33.91
N ASN D 1093 33.79 -1.90 35.23
CA ASN D 1093 32.48 -2.14 35.83
C ASN D 1093 32.34 -1.27 37.07
N THR D 1094 31.10 -1.10 37.50
CA THR D 1094 30.78 -0.26 38.63
C THR D 1094 29.70 -0.92 39.46
N CYS D 1095 29.43 -0.33 40.63
CA CYS D 1095 28.36 -0.79 41.49
C CYS D 1095 27.82 0.41 42.24
N VAL D 1096 26.51 0.45 42.41
CA VAL D 1096 25.86 1.50 43.18
C VAL D 1096 26.19 1.26 44.64
N ALA D 1097 26.88 2.20 45.28
CA ALA D 1097 27.52 1.94 46.55
C ALA D 1097 26.87 2.63 47.73
N TYR D 1098 26.77 3.96 47.70
CA TYR D 1098 26.48 4.73 48.90
C TYR D 1098 25.42 5.78 48.60
N VAL D 1099 24.20 5.58 49.10
CA VAL D 1099 23.22 6.64 49.02
C VAL D 1099 23.47 7.64 50.14
N ASN D 1100 23.01 8.87 49.94
CA ASN D 1100 23.12 9.88 50.98
C ASN D 1100 21.86 10.69 51.18
N ARG D 1101 20.96 10.78 50.21
CA ARG D 1101 19.67 11.42 50.38
C ARG D 1101 18.73 10.91 49.31
N VAL D 1102 17.46 11.29 49.44
CA VAL D 1102 16.47 11.09 48.40
C VAL D 1102 16.04 12.46 47.89
N ARG D 1103 15.43 12.50 46.72
CA ARG D 1103 14.98 13.79 46.21
C ARG D 1103 13.48 13.95 46.30
N THR D 1104 12.73 12.90 45.98
CA THR D 1104 11.29 12.95 46.12
C THR D 1104 10.89 12.87 47.59
N ASP D 1105 9.64 13.22 47.87
CA ASP D 1105 9.18 13.23 49.24
C ASP D 1105 8.86 11.85 49.76
N MET D 1106 8.82 10.83 48.88
CA MET D 1106 8.39 9.47 49.19
C MET D 1106 6.99 9.45 49.78
N GLY D 1107 6.14 10.33 49.27
CA GLY D 1107 4.85 10.61 49.87
C GLY D 1107 3.71 9.91 49.16
N VAL D 1108 2.50 10.43 49.41
CA VAL D 1108 1.26 9.83 48.91
C VAL D 1108 0.46 10.85 48.11
N ARG D 1109 1.10 11.93 47.69
CA ARG D 1109 0.40 12.96 46.93
C ARG D 1109 0.11 12.46 45.53
N VAL D 1110 -1.16 12.21 45.25
CA VAL D 1110 -1.60 11.48 44.06
C VAL D 1110 -1.41 12.36 42.83
N GLN D 1111 -1.20 11.71 41.68
CA GLN D 1111 -0.97 12.42 40.43
C GLN D 1111 -2.20 13.20 40.00
N ASP D 1112 -1.99 14.45 39.60
CA ASP D 1112 -3.08 15.31 39.14
C ASP D 1112 -3.52 14.84 37.76
N LEU D 1113 -4.57 14.01 37.73
CA LEU D 1113 -5.10 13.54 36.47
C LEU D 1113 -5.82 14.61 35.68
N PHE D 1114 -6.22 15.70 36.32
CA PHE D 1114 -6.91 16.79 35.63
C PHE D 1114 -5.96 17.77 34.96
N ARG D 1115 -4.68 17.43 34.85
CA ARG D 1115 -3.78 18.19 34.01
C ARG D 1115 -3.03 17.32 33.00
N VAL D 1116 -3.02 16.00 33.17
CA VAL D 1116 -2.49 15.15 32.12
C VAL D 1116 -3.51 14.93 31.01
N PHE D 1117 -4.79 15.19 31.28
CA PHE D 1117 -5.83 15.19 30.26
C PHE D 1117 -6.67 16.44 30.47
N PRO D 1118 -6.20 17.60 30.01
CA PRO D 1118 -6.91 18.84 30.26
C PRO D 1118 -8.12 19.07 29.38
N MET D 1119 -8.40 18.19 28.42
CA MET D 1119 -9.51 18.35 27.50
C MET D 1119 -10.78 17.68 27.97
N ASN D 1120 -10.67 16.52 28.61
CA ASN D 1120 -11.82 15.71 28.97
C ASN D 1120 -12.64 16.38 30.06
N VAL D 1121 -13.78 16.93 29.69
CA VAL D 1121 -14.75 17.44 30.64
C VAL D 1121 -15.97 16.53 30.59
N TYR D 1122 -16.80 16.64 31.63
CA TYR D 1122 -18.02 15.86 31.65
C TYR D 1122 -19.03 16.43 30.66
N ARG D 1123 -20.02 15.62 30.31
CA ARG D 1123 -20.96 16.01 29.27
C ARG D 1123 -21.91 17.09 29.77
N HIS D 1124 -22.56 16.84 30.91
CA HIS D 1124 -23.30 17.93 31.54
C HIS D 1124 -22.33 18.90 32.20
N ASP D 1125 -22.61 20.19 32.03
CA ASP D 1125 -21.73 21.21 32.57
C ASP D 1125 -21.81 21.29 34.09
N GLU D 1126 -23.01 21.12 34.65
CA GLU D 1126 -23.20 21.38 36.08
C GLU D 1126 -22.60 20.28 36.93
N VAL D 1127 -22.73 19.02 36.51
CA VAL D 1127 -22.09 17.93 37.27
C VAL D 1127 -20.58 18.01 37.11
N ASP D 1128 -20.09 18.57 36.00
CA ASP D 1128 -18.66 18.81 35.85
C ASP D 1128 -18.19 19.86 36.83
N ARG D 1129 -18.95 20.95 36.99
CA ARG D 1129 -18.59 21.99 37.95
C ARG D 1129 -18.66 21.45 39.38
N TRP D 1130 -19.62 20.57 39.66
CA TRP D 1130 -19.73 19.97 40.98
C TRP D 1130 -18.56 19.04 41.25
N ILE D 1131 -18.07 18.33 40.22
CA ILE D 1131 -16.90 17.48 40.40
C ILE D 1131 -15.65 18.32 40.63
N ARG D 1132 -15.51 19.43 39.88
CA ARG D 1132 -14.37 20.32 40.08
C ARG D 1132 -14.38 20.94 41.47
N HIS D 1133 -15.55 21.28 42.01
CA HIS D 1133 -15.61 21.76 43.38
C HIS D 1133 -15.37 20.66 44.40
N ALA D 1134 -15.78 19.43 44.11
CA ALA D 1134 -15.50 18.33 45.02
C ALA D 1134 -14.02 17.93 44.99
N ALA D 1135 -13.39 18.08 43.83
CA ALA D 1135 -11.97 17.81 43.70
C ALA D 1135 -11.18 19.09 43.94
N GLY D 1136 -9.90 19.07 43.60
CA GLY D 1136 -9.05 20.22 43.84
C GLY D 1136 -8.83 21.09 42.62
N VAL D 1137 -9.02 20.53 41.43
CA VAL D 1137 -8.85 21.28 40.20
C VAL D 1137 -9.97 22.32 40.07
N GLU D 1138 -9.63 23.49 39.52
CA GLU D 1138 -10.54 24.61 39.47
C GLU D 1138 -11.29 24.75 38.15
N ARG D 1139 -10.62 24.63 37.00
CA ARG D 1139 -11.23 24.90 35.71
C ARG D 1139 -10.54 24.06 34.66
N PRO D 1140 -11.23 23.71 33.58
CA PRO D 1140 -10.56 23.04 32.47
C PRO D 1140 -9.84 24.03 31.56
N GLN D 1141 -8.64 23.64 31.15
CA GLN D 1141 -7.82 24.45 30.28
C GLN D 1141 -7.81 23.87 28.87
N LEU D 1142 -7.72 24.74 27.89
CA LEU D 1142 -7.67 24.32 26.49
C LEU D 1142 -6.28 23.80 26.17
N LEU D 1143 -6.23 22.67 25.46
CA LEU D 1143 -4.96 22.12 25.04
C LEU D 1143 -4.37 22.94 23.90
N ASP D 1144 -3.06 22.90 23.79
CA ASP D 1144 -2.35 23.64 22.75
C ASP D 1144 -2.47 22.92 21.40
N THR D 1145 -2.48 23.70 20.33
CA THR D 1145 -2.55 23.15 18.99
C THR D 1145 -1.17 22.68 18.55
N GLU D 1146 -1.04 22.25 17.29
CA GLU D 1146 0.16 21.56 16.84
C GLU D 1146 1.36 22.49 16.73
N THR D 1147 1.13 23.70 16.20
CA THR D 1147 2.23 24.65 15.98
C THR D 1147 2.81 25.15 17.30
N ILE D 1148 1.94 25.47 18.26
CA ILE D 1148 2.42 25.98 19.54
C ILE D 1148 2.96 24.85 20.42
N SER D 1149 2.47 23.63 20.27
CA SER D 1149 3.10 22.49 20.94
C SER D 1149 4.39 22.05 20.26
N MET D 1150 4.63 22.51 19.03
CA MET D 1150 5.95 22.37 18.45
C MET D 1150 6.89 23.44 19.00
N LEU D 1151 6.48 24.70 18.96
CA LEU D 1151 7.36 25.81 19.29
C LEU D 1151 7.54 25.98 20.79
N THR D 1152 6.65 25.40 21.61
CA THR D 1152 6.88 25.21 23.02
C THR D 1152 6.86 23.72 23.28
N PHE D 1153 7.93 23.20 23.89
CA PHE D 1153 8.18 21.76 23.90
C PHE D 1153 7.18 21.00 24.76
N GLY D 1154 6.62 21.63 25.78
CA GLY D 1154 5.66 20.98 26.64
C GLY D 1154 4.62 21.95 27.14
N SER D 1155 3.98 21.65 28.27
CA SER D 1155 2.98 22.54 28.84
C SER D 1155 3.42 23.13 30.17
N MET D 1156 3.79 22.27 31.12
CA MET D 1156 4.04 22.61 32.53
C MET D 1156 2.86 23.39 33.11
N SER D 1157 1.68 22.79 33.01
CA SER D 1157 0.46 23.48 33.38
C SER D 1157 0.28 23.57 34.88
N GLU D 1158 0.82 22.61 35.64
CA GLU D 1158 0.69 22.64 37.08
C GLU D 1158 1.57 23.73 37.67
N ARG D 1159 1.04 24.40 38.69
CA ARG D 1159 1.73 25.51 39.33
C ARG D 1159 2.58 24.99 40.47
N ASN D 1160 3.84 25.44 40.51
CA ASN D 1160 4.77 25.04 41.56
C ASN D 1160 4.30 25.54 42.92
N ALA D 1161 4.39 24.67 43.92
CA ALA D 1161 3.84 24.98 45.23
C ALA D 1161 4.68 26.04 45.94
N ALA D 1162 4.06 26.68 46.94
CA ALA D 1162 4.74 27.76 47.65
C ALA D 1162 5.81 27.22 48.57
N ALA D 1163 5.43 26.38 49.52
CA ALA D 1163 6.35 25.82 50.51
C ALA D 1163 6.60 24.36 50.17
N THR D 1164 7.84 24.04 49.80
CA THR D 1164 8.25 22.67 49.53
C THR D 1164 9.33 22.32 50.55
N VAL D 1165 8.92 21.57 51.57
CA VAL D 1165 9.85 21.19 52.63
C VAL D 1165 10.34 19.76 52.46
N HIS D 1166 9.69 18.97 51.60
CA HIS D 1166 10.03 17.56 51.44
C HIS D 1166 10.53 17.18 50.06
N GLY D 1167 10.34 18.00 49.04
CA GLY D 1167 10.81 17.72 47.71
C GLY D 1167 9.67 17.52 46.73
N GLN D 1168 10.01 16.98 45.56
CA GLN D 1168 9.01 16.74 44.53
C GLN D 1168 8.23 15.45 44.83
N LYS D 1169 7.29 15.10 43.96
CA LYS D 1169 6.33 14.06 44.28
C LYS D 1169 5.76 13.48 43.01
N ALA D 1170 5.31 12.22 43.11
CA ALA D 1170 4.55 11.55 42.07
C ALA D 1170 3.86 10.33 42.67
N ALA D 1171 2.59 10.11 42.28
CA ALA D 1171 1.87 8.91 42.68
C ALA D 1171 0.74 8.66 41.69
N CYS D 1172 0.94 7.75 40.74
CA CYS D 1172 -0.12 7.25 39.89
C CYS D 1172 -0.67 5.97 40.48
N GLU D 1173 -1.70 5.42 39.85
CA GLU D 1173 -2.32 4.22 40.39
C GLU D 1173 -3.02 3.39 39.32
N LEU D 1174 -3.34 2.16 39.72
CA LEU D 1174 -4.04 1.19 38.89
C LEU D 1174 -5.23 0.68 39.67
N ILE D 1175 -6.41 0.75 39.07
CA ILE D 1175 -7.62 0.22 39.70
C ILE D 1175 -7.54 -1.31 39.63
N LEU D 1176 -7.55 -1.96 40.79
CA LEU D 1176 -7.47 -3.41 40.83
C LEU D 1176 -8.72 -3.98 41.48
N THR D 1177 -8.84 -5.26 41.37
CA THR D 1177 -9.89 -5.97 42.06
C THR D 1177 -9.48 -6.22 43.51
N PRO D 1178 -10.41 -6.12 44.46
CA PRO D 1178 -10.04 -6.28 45.88
C PRO D 1178 -9.77 -7.71 46.30
N VAL D 1179 -9.78 -8.67 45.38
CA VAL D 1179 -9.41 -10.04 45.68
C VAL D 1179 -8.03 -10.35 45.07
N THR D 1180 -7.21 -9.32 44.89
CA THR D 1180 -5.83 -9.53 44.44
C THR D 1180 -5.05 -10.18 45.56
N MET D 1181 -4.60 -11.41 45.32
CA MET D 1181 -3.95 -12.21 46.36
C MET D 1181 -2.57 -11.63 46.63
N ASP D 1182 -2.46 -10.86 47.71
CA ASP D 1182 -1.26 -10.08 47.95
C ASP D 1182 -0.07 -10.92 48.37
N VAL D 1183 -0.30 -12.16 48.80
CA VAL D 1183 0.74 -12.94 49.46
C VAL D 1183 1.83 -13.36 48.49
N ASN D 1184 1.52 -13.55 47.22
CA ASN D 1184 2.54 -13.83 46.22
C ASN D 1184 2.72 -12.70 45.23
N TYR D 1185 1.94 -11.62 45.35
CA TYR D 1185 2.01 -10.54 44.39
C TYR D 1185 2.46 -9.22 44.99
N PHE D 1186 2.46 -9.08 46.31
CA PHE D 1186 2.82 -7.79 46.88
C PHE D 1186 3.97 -7.83 47.87
N LYS D 1187 4.27 -8.98 48.47
CA LYS D 1187 5.42 -9.05 49.36
C LYS D 1187 6.73 -9.22 48.61
N ILE D 1188 6.70 -9.78 47.42
CA ILE D 1188 7.90 -9.98 46.60
C ILE D 1188 7.91 -8.90 45.52
N PRO D 1189 9.05 -8.58 44.91
CA PRO D 1189 9.03 -7.67 43.76
C PRO D 1189 8.31 -8.26 42.57
N ASN D 1190 7.46 -7.46 41.93
CA ASN D 1190 6.60 -7.96 40.88
C ASN D 1190 6.28 -6.85 39.90
N ASN D 1191 5.77 -7.25 38.74
CA ASN D 1191 5.28 -6.31 37.75
C ASN D 1191 3.87 -5.89 38.14
N PRO D 1192 3.58 -4.60 38.28
CA PRO D 1192 2.24 -4.18 38.69
C PRO D 1192 1.16 -4.35 37.63
N ARG D 1193 1.47 -4.88 36.44
CA ARG D 1193 0.44 -5.16 35.46
C ARG D 1193 -0.39 -6.38 35.83
N GLY D 1194 0.24 -7.41 36.37
CA GLY D 1194 -0.42 -8.69 36.53
C GLY D 1194 0.35 -9.79 35.82
N ARG D 1195 0.89 -9.46 34.65
CA ARG D 1195 1.67 -10.40 33.86
C ARG D 1195 3.13 -9.98 33.87
N ALA D 1196 4.00 -10.96 34.11
CA ALA D 1196 5.44 -10.70 34.13
C ALA D 1196 5.90 -10.42 32.71
N SER D 1197 6.10 -9.15 32.39
CA SER D 1197 6.42 -8.72 31.04
C SER D 1197 7.89 -8.39 30.86
N CYS D 1198 8.79 -9.11 31.52
CA CYS D 1198 10.21 -8.88 31.28
C CYS D 1198 10.58 -9.42 29.91
N MET D 1199 11.32 -8.63 29.15
CA MET D 1199 11.48 -8.91 27.73
C MET D 1199 12.66 -9.85 27.47
N LEU D 1200 13.53 -10.06 28.45
CA LEU D 1200 14.58 -11.06 28.32
C LEU D 1200 14.03 -12.48 28.28
N ALA D 1201 12.84 -12.70 28.83
CA ALA D 1201 12.29 -14.04 28.94
C ALA D 1201 11.94 -14.65 27.59
N VAL D 1202 11.52 -13.83 26.62
CA VAL D 1202 11.16 -14.37 25.33
C VAL D 1202 12.41 -14.66 24.53
N ASP D 1203 12.23 -15.37 23.42
CA ASP D 1203 13.31 -15.53 22.47
C ASP D 1203 13.57 -14.20 21.78
N PRO D 1204 14.83 -13.83 21.57
CA PRO D 1204 15.13 -12.55 20.95
C PRO D 1204 14.72 -12.50 19.48
N TYR D 1205 14.34 -11.29 19.06
CA TYR D 1205 13.88 -10.97 17.71
C TYR D 1205 12.66 -11.79 17.30
N ASP D 1206 11.68 -11.88 18.19
CA ASP D 1206 10.41 -12.53 17.92
C ASP D 1206 9.29 -11.56 18.29
N THR D 1207 8.40 -11.29 17.34
CA THR D 1207 7.31 -10.35 17.56
C THR D 1207 6.03 -11.00 18.02
N GLU D 1208 5.68 -12.16 17.46
CA GLU D 1208 4.46 -12.84 17.86
C GLU D 1208 4.59 -13.42 19.27
N ALA D 1209 5.79 -13.85 19.63
CA ALA D 1209 5.97 -14.54 20.91
C ALA D 1209 5.84 -13.59 22.10
N ALA D 1210 6.41 -12.39 22.01
CA ALA D 1210 6.32 -11.45 23.12
C ALA D 1210 4.90 -10.92 23.29
N THR D 1211 4.22 -10.68 22.17
CA THR D 1211 2.82 -10.27 22.25
C THR D 1211 1.93 -11.38 22.78
N LYS D 1212 2.24 -12.63 22.46
CA LYS D 1212 1.51 -13.74 23.08
C LYS D 1212 1.82 -13.82 24.57
N ALA D 1213 3.03 -13.48 24.98
CA ALA D 1213 3.41 -13.56 26.38
C ALA D 1213 2.84 -12.46 27.25
N ILE D 1214 2.62 -11.25 26.71
CA ILE D 1214 2.21 -10.13 27.53
C ILE D 1214 0.79 -9.64 27.26
N TYR D 1215 0.11 -10.19 26.26
CA TYR D 1215 -1.29 -9.83 26.01
C TYR D 1215 -2.26 -10.99 26.13
N ASP D 1216 -1.88 -12.19 25.66
CA ASP D 1216 -2.85 -13.28 25.54
C ASP D 1216 -3.17 -13.84 26.92
N HIS D 1217 -4.19 -14.69 26.97
CA HIS D 1217 -4.61 -15.27 28.23
C HIS D 1217 -4.94 -16.76 28.14
N ARG D 1218 -4.85 -17.37 26.97
CA ARG D 1218 -5.02 -18.81 26.86
C ARG D 1218 -3.68 -19.53 26.97
N GLU D 1219 -2.92 -19.17 27.99
CA GLU D 1219 -1.58 -19.67 28.24
C GLU D 1219 -1.20 -19.26 29.65
N ALA D 1220 -0.14 -19.86 30.16
CA ALA D 1220 0.30 -19.57 31.51
C ALA D 1220 1.09 -18.27 31.56
N ASP D 1221 1.75 -18.05 32.69
CA ASP D 1221 2.47 -16.80 32.90
C ASP D 1221 3.84 -17.08 33.52
N ALA D 1222 4.72 -16.11 33.36
CA ALA D 1222 5.98 -16.12 34.08
C ALA D 1222 5.76 -15.54 35.48
N GLN D 1223 6.54 -16.05 36.44
CA GLN D 1223 6.67 -15.57 37.83
C GLN D 1223 5.40 -15.77 38.66
N THR D 1224 4.33 -16.24 38.03
CA THR D 1224 3.12 -16.69 38.71
C THR D 1224 2.47 -17.68 37.78
N PHE D 1225 1.79 -18.66 38.32
CA PHE D 1225 1.34 -19.76 37.47
C PHE D 1225 -0.14 -19.68 37.20
N ALA D 1226 -0.75 -18.55 37.52
CA ALA D 1226 -2.12 -18.26 37.08
C ALA D 1226 -2.05 -17.51 35.76
N ALA D 1227 -3.20 -17.19 35.19
CA ALA D 1227 -3.21 -16.47 33.92
C ALA D 1227 -2.83 -15.01 34.09
N THR D 1228 -3.55 -14.30 34.94
CA THR D 1228 -3.22 -12.93 35.26
C THR D 1228 -3.31 -12.78 36.78
N HIS D 1229 -3.11 -11.55 37.25
CA HIS D 1229 -3.41 -11.22 38.63
C HIS D 1229 -4.29 -10.00 38.77
N ASN D 1230 -4.27 -9.07 37.81
CA ASN D 1230 -5.17 -7.92 37.80
C ASN D 1230 -5.86 -7.91 36.45
N PRO D 1231 -7.06 -8.48 36.33
CA PRO D 1231 -7.71 -8.58 35.02
C PRO D 1231 -8.18 -7.25 34.46
N TRP D 1232 -8.24 -6.20 35.27
CA TRP D 1232 -8.46 -4.86 34.77
C TRP D 1232 -7.16 -4.13 34.48
N ALA D 1233 -6.05 -4.85 34.42
CA ALA D 1233 -4.78 -4.20 34.16
C ALA D 1233 -3.85 -4.94 33.21
N SER D 1234 -4.13 -6.19 32.85
CA SER D 1234 -3.14 -6.95 32.09
C SER D 1234 -3.30 -6.77 30.58
N GLN D 1235 -4.44 -7.15 30.03
CA GLN D 1235 -4.58 -7.28 28.59
C GLN D 1235 -4.79 -5.91 27.94
N ALA D 1236 -5.00 -5.92 26.63
CA ALA D 1236 -5.36 -4.69 25.93
C ALA D 1236 -6.78 -4.32 26.25
N GLY D 1237 -7.12 -3.05 26.09
CA GLY D 1237 -8.47 -2.61 26.34
C GLY D 1237 -8.87 -2.55 27.80
N CYS D 1238 -7.94 -2.61 28.73
CA CYS D 1238 -8.28 -2.28 30.10
C CYS D 1238 -8.24 -0.77 30.29
N LEU D 1239 -8.57 -0.33 31.50
CA LEU D 1239 -8.38 1.09 31.79
C LEU D 1239 -6.91 1.45 31.87
N SER D 1240 -6.06 0.47 32.20
CA SER D 1240 -4.64 0.71 32.21
C SER D 1240 -4.09 0.98 30.81
N ASP D 1241 -4.51 0.17 29.84
CA ASP D 1241 -3.91 0.25 28.52
C ASP D 1241 -4.45 1.44 27.73
N VAL D 1242 -5.56 2.03 28.18
CA VAL D 1242 -5.99 3.29 27.61
C VAL D 1242 -5.65 4.47 28.50
N LEU D 1243 -5.17 4.22 29.72
CA LEU D 1243 -4.89 5.28 30.67
C LEU D 1243 -3.41 5.63 30.73
N TYR D 1244 -2.50 4.69 30.46
CA TYR D 1244 -1.10 4.97 30.58
C TYR D 1244 -0.26 4.64 29.35
N ASN D 1245 -0.76 3.82 28.44
CA ASN D 1245 -0.03 3.58 27.20
C ASN D 1245 -0.09 4.81 26.30
N THR D 1246 1.07 5.19 25.76
CA THR D 1246 1.15 6.44 25.02
C THR D 1246 0.49 6.38 23.65
N ARG D 1247 0.24 5.18 23.12
CA ARG D 1247 -0.44 5.11 21.84
C ARG D 1247 -1.91 5.50 21.95
N HIS D 1248 -2.64 4.87 22.87
CA HIS D 1248 -4.04 5.24 23.07
C HIS D 1248 -4.18 6.57 23.76
N ARG D 1249 -3.17 7.00 24.51
CA ARG D 1249 -3.16 8.38 24.98
C ARG D 1249 -3.00 9.34 23.82
N GLU D 1250 -2.21 8.98 22.81
CA GLU D 1250 -2.04 9.83 21.65
C GLU D 1250 -3.28 9.85 20.77
N ARG D 1251 -4.05 8.76 20.76
CA ARG D 1251 -5.31 8.78 20.02
C ARG D 1251 -6.29 9.76 20.64
N LEU D 1252 -6.29 9.87 21.96
CA LEU D 1252 -7.03 10.93 22.61
C LEU D 1252 -6.09 12.12 22.82
N GLY D 1253 -6.49 13.09 23.63
CA GLY D 1253 -5.64 14.23 23.90
C GLY D 1253 -5.00 14.17 25.26
N TYR D 1254 -3.67 14.26 25.33
CA TYR D 1254 -2.98 14.24 26.61
C TYR D 1254 -1.86 15.26 26.63
N ASN D 1255 -1.25 15.39 27.79
CA ASN D 1255 -0.12 16.28 28.02
C ASN D 1255 1.17 15.47 28.01
N SER D 1256 2.04 15.76 27.05
CA SER D 1256 3.27 14.98 26.91
C SER D 1256 4.36 15.40 27.88
N LYS D 1257 4.14 16.44 28.69
CA LYS D 1257 5.20 16.94 29.54
C LYS D 1257 5.22 16.22 30.88
N PHE D 1258 4.06 15.90 31.44
CA PHE D 1258 3.99 15.26 32.75
C PHE D 1258 4.52 13.84 32.69
N TYR D 1259 5.38 13.51 33.66
CA TYR D 1259 5.95 12.18 33.76
C TYR D 1259 5.00 11.28 34.53
N SER D 1260 4.87 10.04 34.08
CA SER D 1260 4.10 9.05 34.80
C SER D 1260 5.01 7.90 35.20
N PRO D 1261 4.80 7.28 36.36
CA PRO D 1261 5.55 6.07 36.69
C PRO D 1261 5.13 4.87 35.88
N CYS D 1262 3.91 4.86 35.35
CA CYS D 1262 3.43 3.70 34.61
C CYS D 1262 3.95 3.66 33.17
N ALA D 1263 4.63 4.71 32.71
CA ALA D 1263 5.04 4.78 31.33
C ALA D 1263 6.13 3.77 30.98
N GLN D 1264 6.89 3.30 31.96
CA GLN D 1264 7.87 2.26 31.70
C GLN D 1264 7.26 0.88 31.65
N TYR D 1265 6.08 0.69 32.24
CA TYR D 1265 5.44 -0.61 32.29
C TYR D 1265 4.37 -0.80 31.23
N PHE D 1266 3.65 0.24 30.85
CA PHE D 1266 2.52 0.10 29.96
C PHE D 1266 2.79 0.56 28.53
N ASN D 1267 3.94 1.17 28.25
CA ASN D 1267 4.27 1.44 26.87
C ASN D 1267 4.71 0.14 26.22
N THR D 1268 3.74 -0.61 25.68
CA THR D 1268 3.99 -1.97 25.22
C THR D 1268 4.92 -2.00 24.01
N GLU D 1269 4.69 -1.10 23.06
CA GLU D 1269 5.42 -1.12 21.79
C GLU D 1269 6.89 -0.78 21.94
N GLU D 1270 7.25 0.03 22.94
CA GLU D 1270 8.65 0.28 23.23
C GLU D 1270 9.32 -0.97 23.77
N ILE D 1271 8.58 -1.78 24.52
CA ILE D 1271 9.16 -3.00 25.09
C ILE D 1271 9.25 -4.09 24.02
N ILE D 1272 8.28 -4.12 23.10
CA ILE D 1272 8.38 -5.05 21.97
C ILE D 1272 9.51 -4.62 21.04
N ALA D 1273 9.74 -3.31 20.92
CA ALA D 1273 10.91 -2.83 20.20
C ALA D 1273 12.20 -3.13 20.93
N ALA D 1274 12.15 -3.38 22.23
CA ALA D 1274 13.34 -3.63 23.03
C ALA D 1274 13.74 -5.10 23.07
N ASN D 1275 13.04 -5.96 22.32
CA ASN D 1275 13.34 -7.38 22.31
C ASN D 1275 14.55 -7.61 21.42
N LYS D 1276 15.71 -7.75 22.05
CA LYS D 1276 16.93 -8.02 21.33
C LYS D 1276 17.69 -9.14 22.01
N THR D 1277 18.88 -9.45 21.52
CA THR D 1277 19.81 -10.27 22.28
C THR D 1277 20.30 -9.47 23.49
N LEU D 1278 20.72 -10.19 24.54
CA LEU D 1278 20.78 -9.56 25.85
C LEU D 1278 21.96 -8.61 26.00
N PHE D 1279 23.04 -8.81 25.23
CA PHE D 1279 24.12 -7.83 25.26
C PHE D 1279 23.65 -6.52 24.62
N LYS D 1280 22.81 -6.62 23.60
CA LYS D 1280 22.27 -5.41 22.98
C LYS D 1280 21.27 -4.72 23.91
N THR D 1281 20.52 -5.46 24.71
CA THR D 1281 19.62 -4.76 25.63
C THR D 1281 20.39 -4.23 26.83
N ILE D 1282 21.57 -4.77 27.12
CA ILE D 1282 22.46 -4.14 28.09
C ILE D 1282 22.97 -2.81 27.57
N ASP D 1283 23.36 -2.77 26.29
CA ASP D 1283 23.80 -1.51 25.70
C ASP D 1283 22.66 -0.50 25.61
N GLU D 1284 21.45 -0.97 25.30
CA GLU D 1284 20.28 -0.09 25.27
C GLU D 1284 19.94 0.43 26.66
N TYR D 1285 20.10 -0.39 27.69
CA TYR D 1285 19.92 0.05 29.06
C TYR D 1285 20.91 1.12 29.45
N LEU D 1286 22.22 0.83 29.32
CA LEU D 1286 23.18 1.79 29.85
C LEU D 1286 23.43 2.97 28.92
N LEU D 1287 22.88 2.97 27.71
CA LEU D 1287 23.08 4.14 26.84
C LEU D 1287 21.79 4.84 26.49
N ARG D 1288 20.81 4.14 25.94
CA ARG D 1288 19.64 4.80 25.36
C ARG D 1288 18.40 4.78 26.23
N ALA D 1289 18.28 3.84 27.17
CA ALA D 1289 17.08 3.77 28.01
C ALA D 1289 17.22 4.56 29.30
N LYS D 1290 18.11 5.54 29.34
CA LYS D 1290 18.27 6.39 30.51
C LYS D 1290 17.16 7.42 30.54
N ASP D 1291 16.23 7.25 31.48
CA ASP D 1291 15.13 8.19 31.64
C ASP D 1291 15.65 9.49 32.24
N CYS D 1292 14.88 10.56 32.17
CA CYS D 1292 15.30 11.81 32.77
C CYS D 1292 14.09 12.50 33.36
N ILE D 1293 14.28 13.18 34.50
CA ILE D 1293 13.29 14.01 35.13
C ILE D 1293 13.95 15.36 35.40
N ARG D 1294 13.21 16.44 35.20
CA ARG D 1294 13.71 17.74 35.62
C ARG D 1294 13.65 17.84 37.14
N GLY D 1295 14.66 18.49 37.71
CA GLY D 1295 14.83 18.47 39.15
C GLY D 1295 14.70 19.81 39.84
N ASP D 1296 14.59 20.88 39.06
CA ASP D 1296 14.44 22.21 39.63
C ASP D 1296 13.00 22.65 39.79
N THR D 1297 12.04 21.80 39.45
CA THR D 1297 10.64 22.15 39.62
C THR D 1297 10.00 21.28 40.69
N ASP D 1298 8.87 21.76 41.21
CA ASP D 1298 8.20 21.09 42.32
C ASP D 1298 7.50 19.80 41.91
N THR D 1299 7.13 19.66 40.65
CA THR D 1299 6.56 18.40 40.17
C THR D 1299 7.57 17.69 39.28
N GLN D 1300 7.15 16.56 38.71
CA GLN D 1300 8.04 15.68 37.97
C GLN D 1300 7.78 15.87 36.48
N TYR D 1301 8.60 16.70 35.84
CA TYR D 1301 8.45 16.96 34.43
C TYR D 1301 9.45 16.14 33.61
N VAL D 1302 9.10 15.86 32.37
CA VAL D 1302 9.98 15.21 31.42
C VAL D 1302 10.82 16.30 30.76
N CYS D 1303 12.12 16.03 30.65
CA CYS D 1303 13.04 17.03 30.11
C CYS D 1303 12.79 17.30 28.64
N VAL D 1304 13.40 18.35 28.13
CA VAL D 1304 13.44 18.62 26.70
C VAL D 1304 14.88 18.37 26.26
N GLU D 1305 15.11 17.14 25.76
CA GLU D 1305 16.42 16.61 25.39
C GLU D 1305 17.41 16.73 26.57
N GLY D 1306 17.12 15.93 27.60
CA GLY D 1306 17.87 16.01 28.83
C GLY D 1306 19.33 15.67 28.68
N THR D 1307 20.14 16.73 28.75
CA THR D 1307 21.58 16.60 28.77
C THR D 1307 22.17 17.05 30.11
N GLU D 1308 21.34 17.53 31.04
CA GLU D 1308 21.83 17.98 32.33
C GLU D 1308 22.10 16.79 33.25
N GLN D 1309 21.06 16.02 33.55
CA GLN D 1309 21.24 14.81 34.34
C GLN D 1309 20.43 13.69 33.72
N LEU D 1310 21.09 12.56 33.49
CA LEU D 1310 20.44 11.36 32.99
C LEU D 1310 20.28 10.42 34.17
N ILE D 1311 19.04 10.19 34.58
CA ILE D 1311 18.77 9.35 35.75
C ILE D 1311 18.77 7.90 35.31
N GLU D 1312 19.69 7.12 35.87
CA GLU D 1312 19.78 5.70 35.56
C GLU D 1312 18.56 4.97 36.09
N ASN D 1313 17.83 4.32 35.19
CA ASN D 1313 16.57 3.66 35.54
C ASN D 1313 16.74 2.16 35.42
N PRO D 1314 17.10 1.46 36.50
CA PRO D 1314 17.36 0.03 36.42
C PRO D 1314 16.10 -0.82 36.31
N CYS D 1315 14.94 -0.29 36.65
CA CYS D 1315 13.74 -1.12 36.67
C CYS D 1315 13.18 -1.32 35.28
N ARG D 1316 13.62 -0.52 34.30
CA ARG D 1316 13.15 -0.71 32.94
C ARG D 1316 13.72 -1.99 32.33
N LEU D 1317 14.91 -2.41 32.76
CA LEU D 1317 15.49 -3.65 32.26
C LEU D 1317 14.73 -4.87 32.76
N THR D 1318 14.15 -4.79 33.96
CA THR D 1318 13.49 -5.94 34.56
C THR D 1318 11.98 -5.95 34.40
N GLN D 1319 11.36 -4.77 34.19
CA GLN D 1319 9.91 -4.60 34.10
C GLN D 1319 9.20 -5.10 35.36
N GLU D 1320 9.81 -4.85 36.52
CA GLU D 1320 9.13 -5.07 37.79
C GLU D 1320 9.28 -3.82 38.64
N ALA D 1321 8.89 -3.94 39.91
CA ALA D 1321 8.93 -2.84 40.84
C ALA D 1321 9.21 -3.38 42.24
N LEU D 1322 9.53 -2.48 43.14
CA LEU D 1322 9.91 -2.97 44.47
C LEU D 1322 8.79 -2.72 45.47
N PRO D 1323 8.57 -3.66 46.39
CA PRO D 1323 7.53 -3.44 47.42
C PRO D 1323 8.03 -2.53 48.53
N ILE D 1324 7.18 -1.57 48.90
CA ILE D 1324 7.50 -0.56 49.90
C ILE D 1324 6.61 -0.83 51.11
N LEU D 1325 7.13 -0.52 52.30
CA LEU D 1325 6.45 -0.75 53.56
C LEU D 1325 5.11 -0.04 53.66
N SER D 1326 4.02 -0.80 53.65
CA SER D 1326 2.68 -0.24 53.77
C SER D 1326 1.93 -0.99 54.85
N THR D 1327 1.29 -0.25 55.72
CA THR D 1327 0.66 -0.85 56.89
C THR D 1327 -0.79 -0.46 56.93
N THR D 1328 -1.66 -1.45 57.17
CA THR D 1328 -3.10 -1.18 57.21
C THR D 1328 -3.47 -0.35 58.43
N THR D 1329 -3.01 -0.74 59.61
CA THR D 1329 -3.39 -0.06 60.84
C THR D 1329 -2.17 0.59 61.49
N LEU D 1330 -2.46 1.52 62.39
CA LEU D 1330 -1.39 2.25 63.07
C LEU D 1330 -0.73 1.40 64.14
N ALA D 1331 -1.44 0.40 64.67
CA ALA D 1331 -0.87 -0.44 65.72
C ALA D 1331 0.24 -1.33 65.19
N LEU D 1332 0.06 -1.88 63.99
CA LEU D 1332 1.10 -2.70 63.40
C LEU D 1332 2.27 -1.85 62.93
N MET D 1333 1.99 -0.62 62.49
CA MET D 1333 3.06 0.33 62.21
C MET D 1333 3.87 0.66 63.46
N GLU D 1334 3.19 0.77 64.60
CA GLU D 1334 3.87 1.08 65.86
C GLU D 1334 4.71 -0.11 66.32
N THR D 1335 4.20 -1.32 66.17
CA THR D 1335 5.02 -2.48 66.54
C THR D 1335 6.12 -2.76 65.52
N LYS D 1336 6.03 -2.19 64.31
CA LYS D 1336 7.16 -2.23 63.39
C LYS D 1336 8.21 -1.21 63.80
N LEU D 1337 7.78 -0.04 64.27
CA LEU D 1337 8.72 0.99 64.68
C LEU D 1337 9.39 0.64 66.01
N LYS D 1338 8.72 -0.13 66.86
CA LYS D 1338 9.28 -0.42 68.18
C LYS D 1338 10.43 -1.42 68.12
N GLY D 1339 10.42 -2.32 67.15
CA GLY D 1339 11.44 -3.34 67.07
C GLY D 1339 12.77 -2.79 66.60
N GLY D 1340 13.79 -3.66 66.62
CA GLY D 1340 15.14 -3.30 66.24
C GLY D 1340 15.39 -3.43 64.75
N ALA D 1341 16.61 -3.79 64.41
CA ALA D 1341 16.98 -3.96 63.01
C ALA D 1341 16.42 -5.27 62.48
N GLY D 1342 16.16 -5.32 61.18
CA GLY D 1342 15.59 -6.48 60.55
C GLY D 1342 14.10 -6.63 60.71
N ALA D 1343 13.42 -5.65 61.33
CA ALA D 1343 11.99 -5.77 61.54
C ALA D 1343 11.21 -5.39 60.29
N PHE D 1344 11.75 -4.51 59.45
CA PHE D 1344 11.05 -4.09 58.25
C PHE D 1344 11.03 -5.17 57.17
N ALA D 1345 11.93 -6.15 57.26
CA ALA D 1345 11.95 -7.22 56.27
C ALA D 1345 10.85 -8.24 56.49
N THR D 1346 10.31 -8.32 57.71
CA THR D 1346 9.26 -9.29 58.01
C THR D 1346 7.93 -8.77 57.47
N SER D 1347 6.92 -9.65 57.45
CA SER D 1347 5.61 -9.27 56.93
C SER D 1347 4.54 -9.92 57.80
N GLU D 1348 4.10 -9.20 58.82
CA GLU D 1348 3.05 -9.67 59.72
C GLU D 1348 1.70 -9.36 59.12
N THR D 1349 0.73 -10.26 59.31
CA THR D 1349 -0.64 -10.01 58.86
C THR D 1349 -1.59 -10.35 60.00
N HIS D 1350 -2.51 -9.43 60.29
CA HIS D 1350 -3.59 -9.65 61.24
C HIS D 1350 -4.77 -10.28 60.50
N PHE D 1351 -5.96 -10.23 61.10
CA PHE D 1351 -7.17 -10.82 60.53
C PHE D 1351 -7.49 -10.22 59.16
N GLY D 1352 -7.80 -8.93 59.12
CA GLY D 1352 -8.04 -8.26 57.88
C GLY D 1352 -6.95 -7.25 57.61
N ASN D 1353 -6.14 -6.99 58.61
CA ASN D 1353 -5.03 -6.07 58.50
C ASN D 1353 -3.76 -6.83 58.14
N TYR D 1354 -2.80 -6.12 57.56
CA TYR D 1354 -1.62 -6.76 57.02
C TYR D 1354 -0.51 -5.74 56.84
N VAL D 1355 0.72 -6.20 57.06
CA VAL D 1355 1.91 -5.39 56.84
C VAL D 1355 2.70 -6.06 55.74
N VAL D 1356 2.85 -5.39 54.61
CA VAL D 1356 3.80 -5.86 53.61
C VAL D 1356 5.15 -5.19 53.85
N GLY D 1357 6.17 -6.02 54.05
CA GLY D 1357 7.50 -5.52 54.34
C GLY D 1357 8.34 -5.37 53.09
N GLU D 1358 9.24 -4.40 53.13
CA GLU D 1358 10.08 -4.11 51.98
C GLU D 1358 11.11 -5.21 51.77
N ILE D 1359 11.43 -5.46 50.50
CA ILE D 1359 12.38 -6.52 50.19
C ILE D 1359 13.81 -6.10 50.53
N ILE D 1360 14.13 -4.82 50.42
CA ILE D 1360 15.47 -4.35 50.76
C ILE D 1360 15.33 -3.27 51.82
N PRO D 1361 16.07 -3.33 52.92
CA PRO D 1361 15.89 -2.33 53.97
C PRO D 1361 16.53 -0.99 53.62
N LEU D 1362 15.81 -0.18 52.86
CA LEU D 1362 16.24 1.19 52.62
C LEU D 1362 15.41 2.21 53.41
N GLN D 1363 14.54 1.74 54.29
CA GLN D 1363 13.95 2.59 55.31
C GLN D 1363 14.51 2.32 56.69
N GLN D 1364 15.20 1.20 56.88
CA GLN D 1364 15.76 0.88 58.19
C GLN D 1364 17.00 1.71 58.46
N SER D 1365 17.99 1.63 57.56
CA SER D 1365 19.29 2.23 57.77
C SER D 1365 19.77 3.00 56.54
N MET D 1366 18.89 3.82 55.96
CA MET D 1366 19.35 4.84 55.02
C MET D 1366 19.42 6.19 55.71
N LEU D 1367 18.32 6.62 56.32
CA LEU D 1367 18.31 7.86 57.07
C LEU D 1367 19.01 7.73 58.41
N PHE D 1368 19.20 6.50 58.91
CA PHE D 1368 20.02 6.30 60.09
C PHE D 1368 21.47 6.68 59.83
N ASN D 1369 22.02 6.26 58.70
CA ASN D 1369 23.34 6.69 58.26
C ASN D 1369 23.31 7.96 57.45
N SER D 1370 22.12 8.56 57.28
CA SER D 1370 21.87 9.77 56.47
C SER D 1370 22.35 9.64 55.04
N PHE E 50 74.24 -15.91 -124.65
CA PHE E 50 74.25 -16.89 -123.56
C PHE E 50 73.57 -16.31 -122.33
N GLU E 51 73.37 -17.16 -121.33
CA GLU E 51 72.83 -16.73 -120.04
C GLU E 51 73.74 -17.19 -118.93
N ALA E 52 73.81 -16.37 -117.88
CA ALA E 52 74.80 -16.54 -116.82
C ALA E 52 74.12 -16.86 -115.51
N ILE E 53 74.71 -17.78 -114.75
CA ILE E 53 74.28 -18.09 -113.39
C ILE E 53 75.20 -17.36 -112.43
N PHE E 54 74.63 -16.54 -111.56
CA PHE E 54 75.40 -15.71 -110.65
C PHE E 54 75.51 -16.31 -109.26
N GLY E 55 75.39 -17.62 -109.13
CA GLY E 55 75.64 -18.30 -107.88
C GLY E 55 74.36 -18.84 -107.25
N THR E 56 74.55 -19.87 -106.44
CA THR E 56 73.46 -20.53 -105.73
C THR E 56 73.36 -19.95 -104.33
N PHE E 57 72.15 -19.88 -103.80
CA PHE E 57 71.88 -19.28 -102.51
C PHE E 57 70.97 -20.19 -101.70
N CYS E 58 71.53 -20.82 -100.67
CA CYS E 58 70.74 -21.60 -99.73
C CYS E 58 70.27 -20.69 -98.60
N ASN E 59 69.11 -21.03 -98.03
CA ASN E 59 68.54 -20.24 -96.97
C ASN E 59 69.32 -20.45 -95.68
N ARG E 60 69.74 -19.35 -95.07
CA ARG E 60 70.47 -19.37 -93.81
C ARG E 60 69.44 -19.57 -92.71
N LEU E 61 69.40 -20.77 -92.15
CA LEU E 61 68.36 -21.12 -91.20
C LEU E 61 68.86 -20.90 -89.77
N GLU E 62 68.25 -19.94 -89.08
CA GLU E 62 68.60 -19.67 -87.69
C GLU E 62 68.09 -20.77 -86.78
N TRP E 63 68.92 -21.15 -85.81
CA TRP E 63 68.60 -22.19 -84.86
C TRP E 63 68.05 -21.56 -83.60
N VAL E 64 66.96 -22.12 -83.07
CA VAL E 64 66.34 -21.65 -81.84
C VAL E 64 66.16 -22.84 -80.90
N TYR E 65 66.70 -22.71 -79.69
CA TYR E 65 66.57 -23.74 -78.68
C TYR E 65 65.47 -23.37 -77.69
N PHE E 66 65.21 -24.30 -76.77
CA PHE E 66 64.27 -24.03 -75.68
C PHE E 66 64.83 -22.99 -74.72
N LEU E 67 65.95 -23.30 -74.06
CA LEU E 67 66.47 -22.48 -73.00
C LEU E 67 67.20 -21.24 -73.47
N THR E 68 67.49 -21.13 -74.76
CA THR E 68 68.05 -19.89 -75.30
C THR E 68 66.99 -18.84 -75.56
N SER E 69 65.73 -19.14 -75.28
CA SER E 69 64.65 -18.18 -75.30
C SER E 69 64.15 -17.95 -73.88
N GLY E 70 63.60 -16.76 -73.64
CA GLY E 70 63.10 -16.41 -72.32
C GLY E 70 61.76 -17.00 -71.97
N LEU E 71 61.18 -17.82 -72.85
CA LEU E 71 59.94 -18.53 -72.54
C LEU E 71 60.15 -19.63 -71.53
N ALA E 72 61.39 -20.05 -71.31
CA ALA E 72 61.70 -21.07 -70.32
C ALA E 72 61.69 -20.53 -68.89
N ALA E 73 61.33 -19.26 -68.67
CA ALA E 73 61.14 -18.76 -67.33
C ALA E 73 59.95 -19.43 -66.65
N ALA E 74 58.90 -19.70 -67.40
CA ALA E 74 57.76 -20.44 -66.88
C ALA E 74 58.01 -21.93 -66.81
N ALA E 75 59.05 -22.42 -67.47
CA ALA E 75 59.29 -23.85 -67.55
C ALA E 75 60.38 -24.27 -66.60
N HIS E 76 60.37 -25.54 -66.24
CA HIS E 76 61.42 -26.15 -65.42
C HIS E 76 61.61 -27.55 -65.99
N ALA E 77 62.52 -27.67 -66.96
CA ALA E 77 62.64 -28.90 -67.75
C ALA E 77 63.63 -29.85 -67.11
N ILE E 78 63.17 -31.05 -66.80
CA ILE E 78 63.97 -32.08 -66.15
C ILE E 78 63.90 -33.33 -67.00
N LYS E 79 65.06 -33.82 -67.44
CA LYS E 79 65.06 -35.12 -68.11
C LYS E 79 64.77 -36.21 -67.10
N PHE E 80 64.08 -37.24 -67.54
CA PHE E 80 63.71 -38.31 -66.63
C PHE E 80 64.05 -39.70 -67.14
N HIS E 81 64.08 -39.89 -68.47
CA HIS E 81 64.45 -41.11 -69.19
C HIS E 81 63.49 -42.29 -68.97
N ASP E 82 62.43 -42.12 -68.20
CA ASP E 82 61.47 -43.21 -67.98
C ASP E 82 60.04 -42.69 -67.95
N LEU E 83 59.70 -41.80 -68.89
CA LEU E 83 58.32 -41.38 -69.04
C LEU E 83 57.42 -42.49 -69.55
N ASN E 84 58.01 -43.52 -70.16
CA ASN E 84 57.23 -44.65 -70.66
C ASN E 84 56.66 -45.48 -69.53
N LYS E 85 57.22 -45.39 -68.32
CA LYS E 85 56.89 -46.30 -67.23
C LYS E 85 56.14 -45.64 -66.09
N LEU E 86 55.68 -44.41 -66.24
CA LEU E 86 54.87 -43.78 -65.21
C LEU E 86 53.49 -43.46 -65.77
N THR E 87 52.46 -43.79 -65.01
CA THR E 87 51.10 -43.47 -65.42
C THR E 87 50.79 -42.01 -65.14
N THR E 88 51.14 -41.52 -63.95
CA THR E 88 50.83 -40.16 -63.56
C THR E 88 51.83 -39.68 -62.52
N GLY E 89 51.86 -38.37 -62.33
CA GLY E 89 52.65 -37.73 -61.29
C GLY E 89 51.73 -36.91 -60.41
N LYS E 90 52.13 -36.74 -59.15
CA LYS E 90 51.31 -35.99 -58.20
C LYS E 90 52.19 -35.28 -57.19
N MET E 91 51.69 -34.17 -56.66
CA MET E 91 52.35 -33.42 -55.60
C MET E 91 51.38 -33.27 -54.45
N LEU E 92 51.73 -33.80 -53.29
CA LEU E 92 50.89 -33.62 -52.12
C LEU E 92 51.12 -32.25 -51.50
N PHE E 93 50.08 -31.70 -50.89
CA PHE E 93 50.13 -30.40 -50.26
C PHE E 93 49.53 -30.50 -48.88
N HIS E 94 50.00 -29.66 -47.95
CA HIS E 94 49.42 -29.59 -46.62
C HIS E 94 49.36 -28.12 -46.22
N VAL E 95 48.26 -27.46 -46.57
CA VAL E 95 48.05 -26.07 -46.18
C VAL E 95 47.13 -26.08 -44.97
N GLN E 96 47.50 -25.30 -43.96
CA GLN E 96 46.67 -25.09 -42.80
C GLN E 96 46.41 -23.60 -42.64
N VAL E 97 45.15 -23.25 -42.41
CA VAL E 97 44.80 -21.83 -42.41
C VAL E 97 45.15 -21.24 -41.05
N PRO E 98 45.46 -19.97 -40.98
CA PRO E 98 45.49 -19.29 -39.69
C PRO E 98 44.09 -18.82 -39.33
N ARG E 99 44.00 -18.12 -38.20
CA ARG E 99 42.74 -17.57 -37.75
C ARG E 99 43.01 -16.39 -36.85
N VAL E 100 41.94 -15.72 -36.42
CA VAL E 100 42.04 -14.65 -35.44
C VAL E 100 41.21 -15.04 -34.23
N ALA E 101 41.50 -14.37 -33.12
CA ALA E 101 40.80 -14.61 -31.86
C ALA E 101 39.55 -13.74 -31.85
N SER E 102 38.39 -14.39 -31.86
CA SER E 102 37.13 -13.69 -31.74
C SER E 102 36.89 -13.29 -30.29
N GLY E 103 35.91 -12.41 -30.09
CA GLY E 103 35.52 -11.99 -28.77
C GLY E 103 34.78 -13.08 -28.02
N ALA E 104 34.49 -12.79 -26.75
CA ALA E 104 33.77 -13.74 -25.92
C ALA E 104 32.31 -13.80 -26.33
N GLY E 105 31.80 -15.02 -26.52
CA GLY E 105 30.44 -15.22 -26.99
C GLY E 105 30.28 -15.28 -28.50
N LEU E 106 31.26 -14.75 -29.24
CA LEU E 106 31.21 -14.77 -30.69
C LEU E 106 31.49 -16.20 -31.19
N PRO E 107 31.13 -16.51 -32.44
CA PRO E 107 31.49 -17.81 -33.01
C PRO E 107 32.99 -17.98 -33.12
N THR E 108 33.47 -19.15 -32.70
CA THR E 108 34.89 -19.43 -32.60
C THR E 108 35.39 -20.17 -33.83
N SER E 109 36.69 -20.05 -34.09
CA SER E 109 37.32 -20.66 -35.24
C SER E 109 37.99 -21.97 -34.84
N ARG E 110 37.76 -23.01 -35.63
CA ARG E 110 38.28 -24.34 -35.34
C ARG E 110 39.53 -24.61 -36.16
N GLN E 111 40.30 -25.59 -35.70
CA GLN E 111 41.53 -25.99 -36.37
C GLN E 111 41.20 -26.82 -37.61
N THR E 112 41.70 -26.37 -38.77
CA THR E 112 41.42 -27.03 -40.03
C THR E 112 42.72 -27.35 -40.75
N THR E 113 42.72 -28.47 -41.47
CA THR E 113 43.81 -28.87 -42.35
C THR E 113 43.22 -29.10 -43.73
N ILE E 114 43.93 -28.69 -44.76
CA ILE E 114 43.48 -28.84 -46.15
C ILE E 114 44.61 -29.49 -46.94
N MET E 115 44.31 -30.62 -47.57
CA MET E 115 45.32 -31.41 -48.28
C MET E 115 44.91 -31.57 -49.74
N VAL E 116 45.27 -30.61 -50.58
CA VAL E 116 44.97 -30.68 -52.00
C VAL E 116 46.07 -31.48 -52.68
N THR E 117 45.80 -31.90 -53.92
CA THR E 117 46.74 -32.76 -54.66
C THR E 117 46.72 -32.36 -56.12
N LYS E 118 47.81 -31.75 -56.59
CA LYS E 118 47.94 -31.49 -58.01
C LYS E 118 48.26 -32.77 -58.75
N TYR E 119 47.83 -32.83 -60.00
CA TYR E 119 48.02 -34.01 -60.83
C TYR E 119 48.91 -33.64 -62.02
N SER E 120 49.12 -34.61 -62.90
CA SER E 120 50.03 -34.41 -64.02
C SER E 120 49.35 -34.80 -65.31
N GLU E 121 49.45 -33.92 -66.31
CA GLU E 121 48.88 -34.18 -67.62
C GLU E 121 50.01 -34.54 -68.60
N LYS E 122 49.66 -34.77 -69.86
CA LYS E 122 50.62 -35.29 -70.81
C LYS E 122 50.28 -34.80 -72.20
N SER E 123 51.31 -34.67 -73.04
CA SER E 123 51.16 -34.25 -74.43
C SER E 123 52.36 -34.64 -75.27
N PRO E 124 52.46 -35.88 -75.72
CA PRO E 124 53.60 -36.28 -76.55
C PRO E 124 53.53 -35.66 -77.94
N ILE E 125 54.69 -35.21 -78.41
CA ILE E 125 54.81 -34.52 -79.68
C ILE E 125 55.56 -35.40 -80.66
N THR E 126 55.36 -35.12 -81.95
CA THR E 126 55.92 -35.96 -83.00
C THR E 126 56.05 -35.15 -84.28
N ILE E 127 57.26 -35.13 -84.85
CA ILE E 127 57.48 -34.54 -86.16
C ILE E 127 58.12 -35.59 -87.05
N PRO E 128 57.42 -36.12 -88.04
CA PRO E 128 58.02 -37.10 -88.95
C PRO E 128 58.87 -36.41 -90.00
N PHE E 129 59.59 -37.23 -90.77
CA PHE E 129 60.36 -36.72 -91.90
C PHE E 129 60.54 -37.82 -92.93
N GLU E 130 60.62 -37.41 -94.18
CA GLU E 130 60.91 -38.32 -95.28
C GLU E 130 62.42 -38.44 -95.47
N LEU E 131 62.82 -39.48 -96.19
CA LEU E 131 64.16 -39.63 -96.72
C LEU E 131 64.06 -40.36 -98.05
N SER E 132 64.61 -39.78 -99.10
CA SER E 132 64.61 -40.44 -100.40
C SER E 132 65.52 -41.65 -100.38
N ALA E 133 65.07 -42.73 -101.04
CA ALA E 133 65.83 -43.97 -101.05
C ALA E 133 67.10 -43.85 -101.87
N ALA E 134 67.11 -42.96 -102.86
CA ALA E 134 68.32 -42.70 -103.63
C ALA E 134 69.40 -42.06 -102.77
N CYS E 135 69.00 -41.20 -101.81
CA CYS E 135 69.96 -40.58 -100.92
C CYS E 135 70.56 -41.61 -99.96
N LEU E 136 69.74 -42.53 -99.46
CA LEU E 136 70.25 -43.61 -98.61
C LEU E 136 71.16 -44.56 -99.37
N THR E 137 70.83 -44.85 -100.64
CA THR E 137 71.66 -45.73 -101.45
C THR E 137 72.99 -45.08 -101.79
N TYR E 138 72.98 -43.79 -102.13
CA TYR E 138 74.20 -43.06 -102.42
C TYR E 138 75.01 -42.73 -101.17
N LEU E 139 74.39 -42.79 -99.99
CA LEU E 139 75.09 -42.48 -98.73
C LEU E 139 75.74 -43.73 -98.11
N ARG E 140 74.95 -44.76 -97.86
CA ARG E 140 75.41 -45.87 -97.02
C ARG E 140 76.05 -47.01 -97.80
N GLU E 141 76.35 -46.83 -99.08
CA GLU E 141 77.09 -47.82 -99.85
C GLU E 141 78.27 -47.17 -100.55
N THR E 142 79.34 -47.94 -100.72
CA THR E 142 80.55 -47.46 -101.37
C THR E 142 80.50 -47.77 -102.86
N PHE E 143 80.81 -46.75 -103.67
CA PHE E 143 80.72 -46.82 -105.13
C PHE E 143 82.12 -46.60 -105.70
N GLU E 144 82.21 -46.43 -107.01
CA GLU E 144 83.47 -46.18 -107.67
C GLU E 144 84.01 -44.78 -107.32
N GLY E 145 85.34 -44.66 -107.34
CA GLY E 145 86.04 -43.47 -106.92
C GLY E 145 86.22 -42.36 -107.94
N THR E 146 85.18 -41.55 -108.16
CA THR E 146 85.23 -40.45 -109.09
C THR E 146 85.01 -39.14 -108.33
N ILE E 147 85.39 -38.01 -108.93
CA ILE E 147 85.20 -36.71 -108.28
C ILE E 147 83.73 -36.33 -108.26
N LEU E 148 82.99 -36.72 -109.31
CA LEU E 148 81.53 -36.57 -109.30
C LEU E 148 80.90 -37.43 -108.22
N ASP E 149 81.51 -38.58 -107.94
CA ASP E 149 81.07 -39.41 -106.82
C ASP E 149 81.37 -38.74 -105.49
N LYS E 150 82.49 -38.01 -105.39
CA LYS E 150 82.77 -37.23 -104.19
C LYS E 150 81.71 -36.16 -103.96
N ILE E 151 81.35 -35.43 -105.03
CA ILE E 151 80.30 -34.42 -104.94
C ILE E 151 78.94 -35.03 -104.59
N LEU E 152 78.61 -36.19 -105.14
CA LEU E 152 77.35 -36.85 -104.81
C LEU E 152 77.34 -37.39 -103.38
N ASN E 153 78.51 -37.81 -102.88
CA ASN E 153 78.58 -38.32 -101.51
C ASN E 153 78.42 -37.17 -100.52
N VAL E 154 79.06 -36.04 -100.80
CA VAL E 154 78.85 -34.81 -100.02
C VAL E 154 77.38 -34.39 -100.08
N GLU E 155 76.74 -34.55 -101.25
CA GLU E 155 75.34 -34.16 -101.37
C GLU E 155 74.43 -35.06 -100.56
N ALA E 156 74.64 -36.38 -100.61
CA ALA E 156 73.80 -37.30 -99.86
C ALA E 156 73.99 -37.16 -98.36
N MET E 157 75.25 -37.07 -97.92
CA MET E 157 75.55 -36.88 -96.51
C MET E 157 75.02 -35.55 -96.01
N HIS E 158 75.09 -34.50 -96.82
CA HIS E 158 74.61 -33.20 -96.36
C HIS E 158 73.10 -33.12 -96.40
N THR E 159 72.43 -33.89 -97.27
CA THR E 159 70.98 -33.95 -97.19
C THR E 159 70.53 -34.70 -95.94
N VAL E 160 71.22 -35.77 -95.59
CA VAL E 160 70.87 -36.49 -94.35
C VAL E 160 71.16 -35.64 -93.13
N LEU E 161 72.28 -34.91 -93.15
CA LEU E 161 72.63 -34.05 -92.01
C LEU E 161 71.69 -32.86 -91.92
N ARG E 162 71.28 -32.31 -93.07
CA ARG E 162 70.32 -31.21 -93.08
C ARG E 162 68.96 -31.66 -92.58
N ALA E 163 68.55 -32.88 -92.94
CA ALA E 163 67.28 -33.39 -92.45
C ALA E 163 67.33 -33.67 -90.95
N LEU E 164 68.47 -34.14 -90.45
CA LEU E 164 68.58 -34.41 -89.02
C LEU E 164 68.60 -33.12 -88.22
N LYS E 165 69.36 -32.12 -88.67
CA LYS E 165 69.36 -30.83 -87.99
C LYS E 165 68.00 -30.14 -88.10
N ASN E 166 67.31 -30.33 -89.23
CA ASN E 166 65.99 -29.76 -89.41
C ASN E 166 64.98 -30.40 -88.46
N THR E 167 65.06 -31.73 -88.29
CA THR E 167 64.17 -32.38 -87.35
C THR E 167 64.53 -32.11 -85.90
N ALA E 168 65.79 -31.82 -85.59
CA ALA E 168 66.13 -31.39 -84.24
C ALA E 168 65.56 -30.02 -83.94
N ASP E 169 65.65 -29.11 -84.91
CA ASP E 169 65.02 -27.80 -84.79
C ASP E 169 63.50 -27.94 -84.70
N ALA E 170 62.92 -28.88 -85.45
CA ALA E 170 61.49 -29.10 -85.40
C ALA E 170 61.05 -29.69 -84.07
N MET E 171 61.88 -30.55 -83.48
CA MET E 171 61.58 -31.08 -82.15
C MET E 171 61.63 -29.98 -81.11
N GLU E 172 62.61 -29.07 -81.22
CA GLU E 172 62.70 -27.93 -80.31
C GLU E 172 61.51 -26.99 -80.45
N ARG E 173 61.13 -26.68 -81.70
CA ARG E 173 60.01 -25.78 -81.92
C ARG E 173 58.69 -26.42 -81.53
N GLY E 174 58.57 -27.74 -81.72
CA GLY E 174 57.38 -28.43 -81.25
C GLY E 174 57.29 -28.50 -79.74
N LEU E 175 58.44 -28.59 -79.07
CA LEU E 175 58.44 -28.54 -77.61
C LEU E 175 58.03 -27.17 -77.11
N ILE E 176 58.51 -26.11 -77.77
CA ILE E 176 58.08 -24.74 -77.44
C ILE E 176 56.59 -24.56 -77.69
N HIS E 177 56.11 -25.11 -78.80
CA HIS E 177 54.70 -24.98 -79.18
C HIS E 177 53.80 -25.75 -78.23
N SER E 178 54.19 -26.96 -77.83
CA SER E 178 53.38 -27.72 -76.90
C SER E 178 53.42 -27.14 -75.50
N PHE E 179 54.55 -26.53 -75.12
CA PHE E 179 54.59 -25.82 -73.84
C PHE E 179 53.66 -24.61 -73.86
N LEU E 180 53.59 -23.90 -74.99
CA LEU E 180 52.68 -22.77 -75.07
C LEU E 180 51.22 -23.24 -75.14
N GLN E 181 50.96 -24.39 -75.76
CA GLN E 181 49.62 -24.95 -75.77
C GLN E 181 49.17 -25.34 -74.37
N THR E 182 50.07 -25.99 -73.61
CA THR E 182 49.71 -26.35 -72.24
C THR E 182 49.66 -25.16 -71.31
N LEU E 183 50.34 -24.06 -71.64
CA LEU E 183 50.14 -22.84 -70.87
C LEU E 183 48.81 -22.19 -71.20
N LEU E 184 48.43 -22.19 -72.48
CA LEU E 184 47.16 -21.60 -72.89
C LEU E 184 45.97 -22.43 -72.45
N ARG E 185 46.15 -23.72 -72.22
CA ARG E 185 45.04 -24.55 -71.76
C ARG E 185 44.71 -24.27 -70.31
N LYS E 186 45.65 -23.75 -69.54
CA LYS E 186 45.44 -23.50 -68.12
C LYS E 186 45.40 -22.02 -67.78
N ALA E 187 45.42 -21.13 -68.78
CA ALA E 187 45.43 -19.71 -68.53
C ALA E 187 44.04 -19.13 -68.76
N PRO E 188 43.35 -18.69 -67.72
CA PRO E 188 42.04 -18.06 -67.91
C PRO E 188 42.21 -16.63 -68.38
N PRO E 189 41.20 -16.06 -69.04
CA PRO E 189 41.33 -14.67 -69.52
C PRO E 189 41.35 -13.63 -68.42
N TYR E 190 41.42 -12.35 -68.81
CA TYR E 190 41.74 -11.29 -67.87
C TYR E 190 40.60 -11.02 -66.91
N PHE E 191 39.36 -11.05 -67.40
CA PHE E 191 38.23 -10.67 -66.55
C PHE E 191 37.99 -11.68 -65.44
N VAL E 192 38.31 -12.96 -65.68
CA VAL E 192 38.15 -13.99 -64.65
C VAL E 192 39.10 -13.73 -63.48
N VAL E 193 40.39 -13.54 -63.77
CA VAL E 193 41.35 -13.33 -62.70
C VAL E 193 41.19 -11.94 -62.10
N GLN E 194 40.60 -11.00 -62.83
CA GLN E 194 40.40 -9.67 -62.26
C GLN E 194 39.22 -9.66 -61.29
N THR E 195 38.16 -10.40 -61.61
CA THR E 195 37.10 -10.62 -60.63
C THR E 195 37.60 -11.39 -59.43
N LEU E 196 38.47 -12.37 -59.65
CA LEU E 196 38.99 -13.16 -58.55
C LEU E 196 39.90 -12.37 -57.64
N VAL E 197 40.73 -11.48 -58.18
CA VAL E 197 41.55 -10.65 -57.32
C VAL E 197 40.73 -9.52 -56.72
N GLU E 198 39.61 -9.16 -57.35
CA GLU E 198 38.75 -8.14 -56.77
C GLU E 198 37.97 -8.68 -55.58
N ASN E 199 37.43 -9.89 -55.69
CA ASN E 199 36.62 -10.49 -54.64
C ASN E 199 37.40 -11.56 -53.88
N ALA E 200 38.70 -11.36 -53.70
CA ALA E 200 39.49 -12.28 -52.89
C ALA E 200 39.33 -12.00 -51.40
N THR E 201 38.65 -10.93 -51.03
CA THR E 201 38.44 -10.55 -49.63
C THR E 201 37.08 -10.97 -49.10
N LEU E 202 36.34 -11.73 -49.87
CA LEU E 202 35.01 -12.21 -49.47
C LEU E 202 34.95 -13.72 -49.39
N ALA E 203 35.78 -14.43 -50.15
CA ALA E 203 35.75 -15.89 -50.19
C ALA E 203 36.45 -16.48 -48.97
N ARG E 204 35.68 -16.56 -47.89
CA ARG E 204 36.13 -17.27 -46.68
C ARG E 204 35.24 -18.46 -46.35
N GLN E 205 34.38 -18.87 -47.29
CA GLN E 205 33.55 -20.06 -47.16
C GLN E 205 33.36 -20.64 -48.54
N ALA E 206 32.37 -21.51 -48.69
CA ALA E 206 31.90 -21.90 -50.01
C ALA E 206 31.06 -20.79 -50.59
N LEU E 207 31.06 -20.68 -51.92
CA LEU E 207 30.41 -19.57 -52.58
C LEU E 207 28.90 -19.76 -52.60
N ASN E 208 28.18 -18.79 -52.05
CA ASN E 208 26.73 -18.81 -51.94
C ASN E 208 26.11 -18.24 -53.22
N ARG E 209 24.83 -17.91 -53.17
CA ARG E 209 24.16 -17.35 -54.34
C ARG E 209 24.62 -15.94 -54.66
N ILE E 210 24.77 -15.09 -53.63
CA ILE E 210 24.87 -13.66 -53.86
C ILE E 210 26.27 -13.28 -54.31
N GLN E 211 27.30 -13.84 -53.67
CA GLN E 211 28.68 -13.55 -54.08
C GLN E 211 28.96 -14.09 -55.48
N ARG E 212 28.43 -15.27 -55.80
CA ARG E 212 28.55 -15.83 -57.14
C ARG E 212 27.80 -14.98 -58.16
N SER E 213 26.66 -14.41 -57.75
CA SER E 213 25.91 -13.53 -58.64
C SER E 213 26.67 -12.25 -58.92
N ASN E 214 27.36 -11.72 -57.91
CA ASN E 214 28.20 -10.53 -58.14
C ASN E 214 29.42 -10.87 -58.97
N ILE E 215 29.92 -12.10 -58.87
CA ILE E 215 31.03 -12.53 -59.73
C ILE E 215 30.60 -12.59 -61.18
N LEU E 216 29.39 -13.12 -61.44
CA LEU E 216 28.86 -13.10 -62.80
C LEU E 216 28.58 -11.68 -63.28
N GLN E 217 28.15 -10.80 -62.36
CA GLN E 217 27.91 -9.41 -62.71
C GLN E 217 29.19 -8.72 -63.15
N SER E 218 30.27 -8.93 -62.40
CA SER E 218 31.50 -8.27 -62.78
C SER E 218 32.18 -8.97 -63.96
N PHE E 219 31.86 -10.23 -64.23
CA PHE E 219 32.20 -10.86 -65.51
C PHE E 219 31.59 -10.08 -66.66
N LYS E 220 30.27 -9.87 -66.60
CA LYS E 220 29.58 -9.17 -67.68
C LYS E 220 29.98 -7.71 -67.76
N ALA E 221 30.45 -7.14 -66.65
CA ALA E 221 30.92 -5.76 -66.70
C ALA E 221 32.32 -5.63 -67.25
N LYS E 222 33.21 -6.57 -66.96
CA LYS E 222 34.59 -6.46 -67.41
C LYS E 222 34.83 -7.08 -68.78
N MET E 223 33.89 -7.87 -69.30
CA MET E 223 34.06 -8.33 -70.67
C MET E 223 33.84 -7.22 -71.68
N LEU E 224 33.01 -6.23 -71.35
CA LEU E 224 32.64 -5.21 -72.32
C LEU E 224 33.43 -3.92 -72.17
N ALA E 225 34.20 -3.77 -71.10
CA ALA E 225 35.01 -2.57 -70.93
C ALA E 225 36.42 -2.76 -71.45
N THR E 226 37.04 -3.91 -71.18
CA THR E 226 38.40 -4.18 -71.63
C THR E 226 38.45 -5.30 -72.65
N LEU E 227 37.55 -5.31 -73.63
CA LEU E 227 37.52 -6.39 -74.60
C LEU E 227 38.69 -6.30 -75.57
N PHE E 228 38.77 -5.22 -76.33
CA PHE E 228 39.86 -4.99 -77.26
C PHE E 228 40.57 -3.72 -76.80
N LEU E 229 41.59 -3.91 -75.96
CA LEU E 229 42.15 -2.77 -75.22
C LEU E 229 42.97 -1.88 -76.13
N LEU E 230 43.83 -2.46 -76.96
CA LEU E 230 44.79 -1.71 -77.75
C LEU E 230 44.16 -0.91 -78.88
N ASN E 231 42.88 -1.12 -79.18
CA ASN E 231 42.20 -0.29 -80.17
C ASN E 231 41.37 0.81 -79.54
N ARG E 232 40.86 0.59 -78.33
CA ARG E 232 40.07 1.61 -77.65
C ARG E 232 40.97 2.67 -77.03
N THR E 233 41.97 2.24 -76.28
CA THR E 233 42.82 3.14 -75.52
C THR E 233 44.27 2.91 -75.92
N ARG E 234 44.98 3.99 -76.23
CA ARG E 234 46.41 3.95 -76.47
C ARG E 234 47.17 4.92 -75.57
N ASP E 235 46.59 5.26 -74.42
CA ASP E 235 47.28 6.07 -73.43
C ASP E 235 48.41 5.29 -72.81
N ARG E 236 49.47 6.01 -72.42
CA ARG E 236 50.61 5.36 -71.79
C ARG E 236 50.26 4.83 -70.40
N ASP E 237 49.61 5.67 -69.59
CA ASP E 237 49.34 5.31 -68.21
C ASP E 237 48.32 4.19 -68.11
N TYR E 238 47.35 4.16 -69.02
CA TYR E 238 46.35 3.10 -68.97
C TYR E 238 46.93 1.75 -69.35
N VAL E 239 47.81 1.73 -70.35
CA VAL E 239 48.47 0.48 -70.74
C VAL E 239 49.41 0.00 -69.64
N LEU E 240 50.14 0.93 -69.02
CA LEU E 240 51.04 0.58 -67.92
C LEU E 240 50.27 0.06 -66.71
N LYS E 241 49.13 0.68 -66.40
CA LYS E 241 48.30 0.24 -65.29
C LYS E 241 47.68 -1.12 -65.58
N PHE E 242 47.30 -1.35 -66.83
CA PHE E 242 46.75 -2.65 -67.20
C PHE E 242 47.80 -3.75 -67.10
N LEU E 243 49.02 -3.45 -67.50
CA LEU E 243 50.07 -4.47 -67.43
C LEU E 243 50.49 -4.76 -66.00
N THR E 244 50.54 -3.73 -65.14
CA THR E 244 50.88 -4.05 -63.75
C THR E 244 49.71 -4.68 -63.01
N ARG E 245 48.47 -4.46 -63.48
CA ARG E 245 47.35 -5.20 -62.92
C ARG E 245 47.38 -6.65 -63.37
N LEU E 246 47.86 -6.90 -64.59
CA LEU E 246 48.08 -8.28 -65.03
C LEU E 246 49.21 -8.93 -64.25
N ALA E 247 50.22 -8.16 -63.87
CA ALA E 247 51.31 -8.70 -63.07
C ALA E 247 50.84 -9.07 -61.67
N GLU E 248 50.14 -8.16 -61.00
CA GLU E 248 49.64 -8.43 -59.66
C GLU E 248 48.49 -9.44 -59.66
N ALA E 249 47.83 -9.64 -60.80
CA ALA E 249 46.65 -10.50 -60.85
C ALA E 249 46.96 -11.98 -60.64
N ALA E 250 48.01 -12.50 -61.27
CA ALA E 250 48.35 -13.91 -61.09
C ALA E 250 48.97 -14.14 -59.72
N THR E 251 48.80 -15.37 -59.23
CA THR E 251 49.44 -15.77 -57.99
C THR E 251 50.88 -16.20 -58.27
N ASP E 252 51.55 -16.71 -57.26
CA ASP E 252 52.96 -17.06 -57.39
C ASP E 252 53.14 -18.57 -57.48
N SER E 253 54.20 -18.98 -58.17
CA SER E 253 54.53 -20.39 -58.27
C SER E 253 55.06 -20.90 -56.93
N ILE E 254 55.02 -22.22 -56.76
CA ILE E 254 55.31 -22.79 -55.46
C ILE E 254 56.80 -22.88 -55.16
N LEU E 255 57.66 -22.83 -56.18
CA LEU E 255 59.09 -22.96 -55.96
C LEU E 255 59.84 -21.89 -56.74
N ASP E 256 60.93 -21.41 -56.16
CA ASP E 256 61.73 -20.34 -56.76
C ASP E 256 63.19 -20.72 -56.64
N ASN E 257 63.92 -20.68 -57.75
CA ASN E 257 65.36 -20.81 -57.72
C ASN E 257 65.95 -19.41 -57.70
N PRO E 258 66.47 -18.94 -56.55
CA PRO E 258 66.96 -17.56 -56.48
C PRO E 258 68.28 -17.36 -57.21
N THR E 259 68.95 -18.42 -57.64
CA THR E 259 70.18 -18.26 -58.39
C THR E 259 69.91 -18.14 -59.88
N THR E 260 69.01 -18.96 -60.41
CA THR E 260 68.71 -18.92 -61.84
C THR E 260 67.64 -17.88 -62.13
N TYR E 261 67.66 -17.39 -63.37
CA TYR E 261 66.71 -16.40 -63.91
C TYR E 261 66.70 -15.12 -63.09
N THR E 262 67.90 -14.60 -62.85
CA THR E 262 68.09 -13.26 -62.33
C THR E 262 69.02 -12.52 -63.26
N THR E 263 69.00 -11.21 -63.17
CA THR E 263 69.85 -10.39 -64.02
C THR E 263 70.96 -9.77 -63.18
N SER E 264 71.73 -8.88 -63.81
CA SER E 264 72.81 -8.19 -63.12
C SER E 264 72.25 -7.20 -62.11
N SER E 265 73.12 -6.78 -61.20
CA SER E 265 72.85 -5.88 -60.06
C SER E 265 71.72 -6.38 -59.16
N GLY E 266 71.48 -7.69 -59.13
CA GLY E 266 70.54 -8.30 -58.19
C GLY E 266 69.10 -7.90 -58.32
N ALA E 267 68.48 -8.21 -59.47
CA ALA E 267 67.07 -7.91 -59.70
C ALA E 267 66.36 -9.19 -60.13
N LYS E 268 65.36 -9.59 -59.36
CA LYS E 268 64.64 -10.82 -59.63
C LYS E 268 63.74 -10.67 -60.86
N ILE E 269 63.35 -11.78 -61.43
CA ILE E 269 62.40 -11.82 -62.55
C ILE E 269 61.18 -12.59 -62.08
N SER E 270 60.03 -11.91 -62.06
CA SER E 270 58.80 -12.48 -61.52
C SER E 270 57.82 -12.88 -62.63
N GLY E 271 58.31 -13.38 -63.76
CA GLY E 271 57.42 -13.82 -64.81
C GLY E 271 57.85 -13.49 -66.21
N VAL E 272 57.11 -14.03 -67.18
CA VAL E 272 57.42 -13.86 -68.60
C VAL E 272 56.14 -13.39 -69.30
N MET E 273 56.30 -12.48 -70.26
CA MET E 273 55.17 -11.93 -70.99
C MET E 273 55.44 -12.11 -72.47
N VAL E 274 54.47 -12.66 -73.20
CA VAL E 274 54.64 -12.97 -74.60
C VAL E 274 53.44 -12.47 -75.39
N SER E 275 53.71 -11.90 -76.56
CA SER E 275 52.66 -11.55 -77.51
C SER E 275 53.26 -11.65 -78.91
N THR E 276 52.52 -11.16 -79.90
CA THR E 276 52.97 -11.23 -81.28
C THR E 276 53.96 -10.10 -81.57
N ALA E 277 54.27 -9.91 -82.85
CA ALA E 277 55.27 -8.92 -83.24
C ALA E 277 54.78 -7.49 -83.05
N ASN E 278 53.70 -7.11 -83.73
CA ASN E 278 53.30 -5.71 -83.77
C ASN E 278 52.68 -5.23 -82.46
N VAL E 279 52.06 -6.14 -81.68
CA VAL E 279 51.60 -5.76 -80.36
C VAL E 279 52.78 -5.45 -79.45
N MET E 280 53.84 -6.27 -79.54
CA MET E 280 55.07 -6.02 -78.78
C MET E 280 55.73 -4.72 -79.23
N GLN E 281 55.67 -4.43 -80.54
CA GLN E 281 56.24 -3.18 -81.04
C GLN E 281 55.45 -1.97 -80.55
N ILE E 282 54.13 -2.10 -80.47
CA ILE E 282 53.28 -1.02 -79.96
C ILE E 282 53.57 -0.77 -78.49
N ILE E 283 53.71 -1.84 -77.70
CA ILE E 283 53.96 -1.67 -76.27
C ILE E 283 55.37 -1.15 -76.02
N MET E 284 56.35 -1.60 -76.83
CA MET E 284 57.72 -1.10 -76.71
C MET E 284 57.82 0.36 -77.09
N SER E 285 57.12 0.79 -78.15
CA SER E 285 57.15 2.19 -78.54
C SER E 285 56.38 3.07 -77.57
N LEU E 286 55.36 2.54 -76.91
CA LEU E 286 54.67 3.31 -75.87
C LEU E 286 55.53 3.43 -74.63
N LEU E 287 55.88 2.30 -74.02
CA LEU E 287 56.59 2.31 -72.75
C LEU E 287 58.09 2.16 -72.99
N SER E 288 58.66 3.19 -73.63
CA SER E 288 60.09 3.20 -73.83
C SER E 288 60.84 3.63 -72.58
N SER E 289 60.13 4.12 -71.56
CA SER E 289 60.78 4.52 -70.32
C SER E 289 61.18 3.31 -69.49
N HIS E 290 60.21 2.44 -69.17
CA HIS E 290 60.47 1.34 -68.26
C HIS E 290 61.15 0.15 -68.92
N ILE E 291 61.33 0.16 -70.24
CA ILE E 291 61.89 -0.99 -70.94
C ILE E 291 63.38 -0.75 -71.11
N THR E 292 64.19 -1.58 -70.47
CA THR E 292 65.62 -1.68 -70.69
C THR E 292 65.94 -3.14 -71.02
N LYS E 293 67.08 -3.37 -71.66
CA LYS E 293 67.46 -4.74 -71.94
C LYS E 293 68.80 -5.02 -71.27
N GLU E 294 68.97 -6.26 -70.85
CA GLU E 294 70.12 -6.68 -70.06
C GLU E 294 70.25 -8.19 -70.17
N THR E 295 71.20 -8.76 -69.43
CA THR E 295 71.46 -10.18 -69.51
C THR E 295 70.87 -10.92 -68.32
N VAL E 296 70.31 -12.10 -68.58
CA VAL E 296 69.65 -12.90 -67.57
C VAL E 296 70.49 -14.16 -67.34
N SER E 297 70.27 -14.82 -66.21
CA SER E 297 71.03 -16.01 -65.85
C SER E 297 70.13 -17.24 -66.03
N ALA E 298 70.08 -17.74 -67.25
CA ALA E 298 69.25 -18.89 -67.57
C ALA E 298 69.92 -20.18 -67.12
N PRO E 299 69.15 -21.25 -66.91
CA PRO E 299 69.76 -22.56 -66.71
C PRO E 299 70.37 -23.07 -68.01
N ALA E 300 71.44 -23.85 -67.87
CA ALA E 300 72.18 -24.28 -69.05
C ALA E 300 71.51 -25.46 -69.73
N THR E 301 71.45 -26.60 -69.06
CA THR E 301 70.85 -27.80 -69.62
C THR E 301 69.68 -28.20 -68.73
N TYR E 302 69.09 -29.36 -69.01
CA TYR E 302 67.98 -29.88 -68.24
C TYR E 302 68.52 -30.61 -67.02
N GLY E 303 67.69 -30.72 -65.99
CA GLY E 303 68.04 -31.57 -64.87
C GLY E 303 67.91 -33.03 -65.21
N ASN E 304 68.80 -33.84 -64.65
CA ASN E 304 68.81 -35.28 -64.88
C ASN E 304 68.20 -35.96 -63.67
N PHE E 305 66.92 -36.33 -63.77
CA PHE E 305 66.33 -37.16 -62.74
C PHE E 305 66.88 -38.57 -62.87
N VAL E 306 67.36 -39.12 -61.77
CA VAL E 306 67.83 -40.50 -61.76
C VAL E 306 66.92 -41.26 -60.80
N LEU E 307 66.75 -42.55 -61.05
CA LEU E 307 66.02 -43.42 -60.12
C LEU E 307 67.03 -44.05 -59.18
N SER E 308 66.88 -43.80 -57.89
CA SER E 308 67.67 -44.47 -56.88
C SER E 308 67.31 -45.96 -56.87
N PRO E 309 68.26 -46.84 -56.51
CA PRO E 309 67.95 -48.27 -56.46
C PRO E 309 66.97 -48.66 -55.39
N GLU E 310 66.75 -47.81 -54.38
CA GLU E 310 65.72 -48.08 -53.40
C GLU E 310 64.33 -47.84 -53.98
N ASN E 311 64.23 -46.97 -54.99
CA ASN E 311 62.97 -46.81 -55.71
C ASN E 311 62.67 -48.02 -56.58
N ALA E 312 63.71 -48.73 -57.00
CA ALA E 312 63.55 -49.88 -57.89
C ALA E 312 62.93 -51.09 -57.20
N VAL E 313 62.82 -51.08 -55.88
CA VAL E 313 62.15 -52.19 -55.20
C VAL E 313 60.75 -51.72 -54.79
N THR E 314 60.59 -50.41 -54.57
CA THR E 314 59.26 -49.91 -54.24
C THR E 314 58.41 -49.70 -55.49
N ALA E 315 59.00 -49.84 -56.68
CA ALA E 315 58.19 -49.86 -57.89
C ALA E 315 57.33 -51.11 -57.96
N ILE E 316 57.78 -52.21 -57.36
CA ILE E 316 57.02 -53.45 -57.40
C ILE E 316 56.55 -53.86 -56.01
N SER E 317 56.94 -53.12 -54.97
CA SER E 317 56.30 -53.29 -53.65
C SER E 317 54.82 -52.94 -53.73
N TYR E 318 54.53 -51.69 -54.01
CA TYR E 318 53.21 -51.23 -54.38
C TYR E 318 53.41 -50.17 -55.46
N HIS E 319 52.48 -50.10 -56.41
CA HIS E 319 52.77 -49.41 -57.66
C HIS E 319 52.86 -47.91 -57.51
N SER E 320 53.94 -47.44 -56.88
CA SER E 320 54.16 -46.02 -56.67
C SER E 320 55.66 -45.79 -56.49
N ILE E 321 56.08 -44.56 -56.76
CA ILE E 321 57.46 -44.15 -56.60
C ILE E 321 57.50 -42.90 -55.73
N LEU E 322 58.22 -42.99 -54.62
CA LEU E 322 58.44 -41.84 -53.77
C LEU E 322 59.81 -41.25 -54.06
N ALA E 323 59.82 -40.03 -54.59
CA ALA E 323 61.06 -39.34 -54.89
C ALA E 323 61.76 -38.94 -53.59
N ASP E 324 63.09 -38.85 -53.66
CA ASP E 324 63.97 -38.58 -52.51
C ASP E 324 63.74 -39.58 -51.38
N PHE E 325 64.02 -40.84 -51.67
CA PHE E 325 63.80 -41.89 -50.68
C PHE E 325 64.83 -41.85 -49.56
N ASN E 326 66.09 -41.54 -49.90
CA ASN E 326 67.13 -41.49 -48.88
C ASN E 326 66.94 -40.30 -47.95
N SER E 327 66.50 -39.16 -48.49
CA SER E 327 66.25 -38.00 -47.66
C SER E 327 65.06 -38.20 -46.74
N TYR E 328 63.99 -38.84 -47.25
CA TYR E 328 62.86 -39.21 -46.41
C TYR E 328 63.26 -40.19 -45.32
N LYS E 329 64.11 -41.17 -45.66
CA LYS E 329 64.55 -42.17 -44.70
C LYS E 329 65.38 -41.54 -43.59
N ALA E 330 66.35 -40.70 -43.95
CA ALA E 330 67.21 -40.07 -42.96
C ALA E 330 66.43 -39.07 -42.10
N HIS E 331 65.56 -38.26 -42.72
CA HIS E 331 64.81 -37.28 -41.96
C HIS E 331 63.68 -37.91 -41.15
N LEU E 332 63.30 -39.16 -41.44
CA LEU E 332 62.30 -39.81 -40.61
C LEU E 332 62.95 -40.60 -39.49
N THR E 333 64.15 -41.12 -39.70
CA THR E 333 64.88 -41.72 -38.58
C THR E 333 65.40 -40.68 -37.61
N SER E 334 65.80 -39.50 -38.08
CA SER E 334 66.31 -38.47 -37.18
C SER E 334 65.21 -37.80 -36.39
N GLY E 335 64.23 -37.20 -37.06
CA GLY E 335 63.16 -36.49 -36.40
C GLY E 335 62.88 -35.10 -36.94
N GLN E 336 63.72 -34.59 -37.82
CA GLN E 336 63.44 -33.30 -38.45
C GLN E 336 62.29 -33.46 -39.43
N PRO E 337 61.23 -32.67 -39.32
CA PRO E 337 60.12 -32.81 -40.27
C PRO E 337 60.33 -32.04 -41.56
N HIS E 338 61.16 -30.99 -41.51
CA HIS E 338 61.37 -30.13 -42.65
C HIS E 338 62.52 -30.64 -43.51
N LEU E 339 62.32 -30.56 -44.82
CA LEU E 339 63.31 -30.95 -45.81
C LEU E 339 63.99 -29.71 -46.34
N PRO E 340 65.25 -29.82 -46.78
CA PRO E 340 65.89 -28.66 -47.42
C PRO E 340 65.30 -28.32 -48.77
N ASN E 341 65.13 -29.31 -49.64
CA ASN E 341 64.59 -29.13 -50.97
C ASN E 341 63.92 -30.42 -51.41
N ASP E 342 63.06 -30.31 -52.42
CA ASP E 342 62.40 -31.49 -52.97
C ASP E 342 63.30 -32.10 -54.05
N SER E 343 62.76 -33.07 -54.79
CA SER E 343 63.50 -33.67 -55.89
C SER E 343 63.56 -32.78 -57.12
N LEU E 344 62.46 -32.09 -57.42
CA LEU E 344 62.38 -31.27 -58.62
C LEU E 344 63.15 -29.97 -58.50
N SER E 345 63.66 -29.64 -57.33
CA SER E 345 64.48 -28.44 -57.15
C SER E 345 65.98 -28.74 -57.10
N GLN E 346 66.38 -29.90 -56.59
CA GLN E 346 67.78 -30.28 -56.62
C GLN E 346 68.22 -30.57 -58.05
N ALA E 347 67.62 -31.58 -58.68
CA ALA E 347 67.75 -31.74 -60.11
C ALA E 347 66.89 -30.69 -60.82
N GLY E 348 67.49 -30.04 -61.81
CA GLY E 348 66.79 -28.99 -62.52
C GLY E 348 67.66 -27.79 -62.84
N ALA E 349 68.71 -27.59 -62.06
CA ALA E 349 69.64 -26.50 -62.28
C ALA E 349 71.06 -27.01 -62.03
N HIS E 350 71.89 -26.96 -63.06
CA HIS E 350 73.26 -27.43 -62.96
C HIS E 350 74.29 -26.33 -63.24
N SER E 351 74.00 -25.43 -64.17
CA SER E 351 74.92 -24.34 -64.47
C SER E 351 74.12 -23.13 -64.94
N LEU E 352 74.83 -22.02 -65.11
CA LEU E 352 74.24 -20.77 -65.57
C LEU E 352 74.89 -20.34 -66.88
N THR E 353 74.08 -19.80 -67.78
CA THR E 353 74.54 -19.22 -69.03
C THR E 353 73.92 -17.85 -69.18
N PRO E 354 74.73 -16.80 -69.25
CA PRO E 354 74.18 -15.46 -69.47
C PRO E 354 73.91 -15.17 -70.93
N LEU E 355 72.80 -14.48 -71.16
CA LEU E 355 72.35 -14.11 -72.49
C LEU E 355 71.35 -12.97 -72.36
N SER E 356 71.26 -12.16 -73.42
CA SER E 356 70.51 -10.92 -73.38
C SER E 356 69.02 -11.19 -73.57
N MET E 357 68.20 -10.50 -72.78
CA MET E 357 66.76 -10.48 -72.92
C MET E 357 66.26 -9.06 -72.63
N ASP E 358 64.95 -8.88 -72.70
CA ASP E 358 64.35 -7.55 -72.58
C ASP E 358 63.38 -7.53 -71.41
N VAL E 359 63.61 -6.63 -70.46
CA VAL E 359 62.87 -6.58 -69.21
C VAL E 359 62.07 -5.29 -69.18
N ILE E 360 60.86 -5.36 -68.62
CA ILE E 360 60.05 -4.18 -68.38
C ILE E 360 59.68 -4.16 -66.89
N ARG E 361 59.85 -3.01 -66.26
CA ARG E 361 59.63 -2.86 -64.82
C ARG E 361 58.22 -2.32 -64.58
N LEU E 362 57.42 -3.09 -63.83
CA LEU E 362 56.02 -2.74 -63.55
C LEU E 362 55.78 -2.83 -62.05
N GLY E 363 56.14 -1.77 -61.32
CA GLY E 363 55.94 -1.72 -59.89
C GLY E 363 56.60 -2.85 -59.12
N GLU E 364 57.95 -2.85 -59.11
CA GLU E 364 58.83 -3.83 -58.46
C GLU E 364 58.53 -5.29 -58.84
N LYS E 365 57.91 -5.51 -60.01
CA LYS E 365 57.64 -6.85 -60.53
C LYS E 365 58.13 -6.87 -61.96
N THR E 366 59.41 -7.19 -62.13
CA THR E 366 60.01 -7.24 -63.46
C THR E 366 59.51 -8.45 -64.22
N VAL E 367 59.37 -8.29 -65.53
CA VAL E 367 58.83 -9.35 -66.39
C VAL E 367 59.50 -9.24 -67.75
N ILE E 368 59.82 -10.38 -68.34
CA ILE E 368 60.55 -10.41 -69.61
C ILE E 368 59.56 -10.29 -70.76
N MET E 369 59.84 -9.39 -71.68
CA MET E 369 59.07 -9.38 -72.91
C MET E 369 59.54 -10.52 -73.81
N GLU E 370 58.62 -11.01 -74.63
CA GLU E 370 58.92 -12.11 -75.54
C GLU E 370 58.20 -11.90 -76.85
N ASN E 371 58.90 -12.21 -77.93
CA ASN E 371 58.31 -12.30 -79.24
C ASN E 371 58.51 -13.71 -79.75
N LEU E 372 57.51 -14.23 -80.47
CA LEU E 372 57.64 -15.57 -81.02
C LEU E 372 57.52 -15.57 -82.54
N ARG E 373 57.67 -14.41 -83.18
CA ARG E 373 57.70 -14.40 -84.63
C ARG E 373 58.99 -15.02 -85.16
N ARG E 374 60.05 -15.04 -84.33
CA ARG E 374 61.29 -15.70 -84.71
C ARG E 374 61.09 -17.21 -84.83
N VAL E 375 60.36 -17.81 -83.90
CA VAL E 375 60.26 -19.25 -83.86
C VAL E 375 59.21 -19.80 -84.82
N TYR E 376 58.37 -18.95 -85.40
CA TYR E 376 57.25 -19.43 -86.19
C TYR E 376 57.21 -18.93 -87.63
N LYS E 377 58.11 -18.03 -88.03
CA LYS E 377 58.06 -17.54 -89.39
C LYS E 377 58.55 -18.61 -90.36
N ASN E 378 57.92 -18.63 -91.54
CA ASN E 378 58.17 -19.60 -92.61
C ASN E 378 57.98 -21.03 -92.12
N THR E 379 56.92 -21.26 -91.36
CA THR E 379 56.57 -22.57 -90.85
C THR E 379 55.16 -22.92 -91.29
N ASP E 380 54.87 -24.21 -91.42
CA ASP E 380 53.53 -24.62 -91.81
C ASP E 380 52.54 -24.46 -90.67
N THR E 381 53.02 -24.61 -89.43
CA THR E 381 52.15 -24.46 -88.27
C THR E 381 51.85 -22.98 -88.04
N LYS E 382 50.62 -22.69 -87.64
CA LYS E 382 50.25 -21.30 -87.41
C LYS E 382 50.43 -20.95 -85.93
N ASP E 383 50.51 -19.66 -85.66
CA ASP E 383 50.84 -19.17 -84.34
C ASP E 383 49.69 -19.42 -83.37
N PRO E 384 49.97 -19.95 -82.18
CA PRO E 384 48.92 -20.09 -81.16
C PRO E 384 48.58 -18.80 -80.44
N LEU E 385 49.21 -17.69 -80.76
CA LEU E 385 48.86 -16.40 -80.19
C LEU E 385 47.98 -15.56 -81.09
N GLU E 386 47.93 -15.85 -82.38
CA GLU E 386 47.05 -15.14 -83.31
C GLU E 386 45.72 -15.87 -83.44
N ARG E 387 45.03 -16.06 -82.32
CA ARG E 387 43.79 -16.81 -82.30
C ARG E 387 42.64 -15.95 -82.84
N ASN E 388 41.46 -16.56 -82.96
CA ASN E 388 40.30 -15.84 -83.43
C ASN E 388 39.18 -15.99 -82.42
N VAL E 389 38.43 -14.90 -82.21
CA VAL E 389 37.35 -14.87 -81.25
C VAL E 389 36.03 -14.82 -81.99
N ASP E 390 34.99 -15.34 -81.34
CA ASP E 390 33.64 -15.32 -81.86
C ASP E 390 32.73 -14.50 -80.97
N LEU E 391 32.05 -13.53 -81.58
CA LEU E 391 31.09 -12.71 -80.88
C LEU E 391 29.76 -12.87 -81.60
N THR E 392 28.79 -13.50 -80.93
CA THR E 392 27.46 -13.66 -81.50
C THR E 392 26.71 -12.35 -81.38
N PHE E 393 25.98 -12.01 -82.43
CA PHE E 393 25.28 -10.74 -82.52
C PHE E 393 23.81 -10.98 -82.80
N PHE E 394 22.98 -10.01 -82.43
CA PHE E 394 21.55 -10.15 -82.60
C PHE E 394 20.91 -8.78 -82.73
N PHE E 395 19.93 -8.69 -83.62
CA PHE E 395 19.21 -7.45 -83.86
C PHE E 395 17.81 -7.82 -84.31
N PRO E 396 16.80 -7.04 -83.95
CA PRO E 396 15.43 -7.38 -84.38
C PRO E 396 15.03 -6.68 -85.67
N VAL E 397 14.10 -7.27 -86.40
CA VAL E 397 13.51 -6.65 -87.58
C VAL E 397 12.01 -6.91 -87.53
N GLY E 398 11.23 -5.97 -88.05
CA GLY E 398 9.79 -6.10 -88.08
C GLY E 398 9.10 -6.00 -86.75
N LEU E 399 9.59 -5.18 -85.83
CA LEU E 399 8.96 -5.04 -84.53
C LEU E 399 7.78 -4.09 -84.62
N TYR E 400 7.20 -3.76 -83.46
CA TYR E 400 6.10 -2.81 -83.40
C TYR E 400 6.11 -2.20 -82.01
N LEU E 401 6.17 -0.90 -81.94
CA LEU E 401 6.13 -0.26 -80.64
C LEU E 401 4.68 -0.04 -80.21
N PRO E 402 4.43 -0.04 -78.90
CA PRO E 402 3.08 0.31 -78.43
C PRO E 402 2.80 1.78 -78.65
N GLU E 403 1.86 2.07 -79.55
CA GLU E 403 1.64 3.43 -80.00
C GLU E 403 0.90 4.28 -78.97
N ASP E 404 0.30 3.65 -77.96
CA ASP E 404 -0.37 4.41 -76.91
C ASP E 404 0.63 5.20 -76.08
N ARG E 405 1.79 4.62 -75.79
CA ARG E 405 2.87 5.32 -75.11
C ARG E 405 4.01 5.69 -76.06
N GLY E 406 3.71 5.82 -77.35
CA GLY E 406 4.74 6.19 -78.30
C GLY E 406 5.17 7.62 -78.15
N TYR E 407 6.35 7.93 -78.70
CA TYR E 407 6.98 9.22 -78.51
C TYR E 407 8.05 9.38 -79.59
N THR E 408 8.78 10.49 -79.52
CA THR E 408 9.83 10.79 -80.48
C THR E 408 10.80 11.77 -79.83
N THR E 409 12.09 11.43 -79.81
CA THR E 409 13.11 12.26 -79.20
C THR E 409 14.06 12.88 -80.22
N VAL E 410 13.82 12.66 -81.51
CA VAL E 410 14.72 13.16 -82.55
C VAL E 410 13.94 13.96 -83.57
N GLU E 411 12.85 14.59 -83.14
CA GLU E 411 12.03 15.37 -84.05
C GLU E 411 12.72 16.67 -84.47
N SER E 412 13.69 17.13 -83.68
CA SER E 412 14.39 18.36 -84.04
C SER E 412 15.41 18.11 -85.14
N LYS E 413 15.97 16.90 -85.20
CA LYS E 413 17.00 16.62 -86.19
C LYS E 413 16.37 16.16 -87.51
N VAL E 414 15.61 15.08 -87.48
CA VAL E 414 15.10 14.46 -88.70
C VAL E 414 13.59 14.61 -88.75
N LYS E 415 13.05 14.67 -89.96
CA LYS E 415 11.61 14.71 -90.17
C LYS E 415 11.28 13.71 -91.26
N LEU E 416 10.29 12.86 -90.99
CA LEU E 416 9.92 11.82 -91.92
C LEU E 416 8.68 12.25 -92.70
N ASN E 417 8.30 11.45 -93.69
CA ASN E 417 7.15 11.74 -94.53
C ASN E 417 5.93 11.03 -93.98
N ASP E 418 4.79 11.71 -94.00
CA ASP E 418 3.57 11.23 -93.37
C ASP E 418 2.92 10.14 -94.22
N THR E 419 3.40 8.92 -94.05
CA THR E 419 2.79 7.74 -94.63
C THR E 419 3.05 6.55 -93.72
N VAL E 420 2.33 5.46 -93.95
CA VAL E 420 2.38 4.36 -92.99
C VAL E 420 3.50 3.38 -93.33
N ARG E 421 4.00 3.39 -94.56
CA ARG E 421 5.21 2.61 -94.84
C ARG E 421 6.43 3.25 -94.22
N ASN E 422 6.37 4.54 -93.93
CA ASN E 422 7.34 5.16 -93.05
C ASN E 422 7.04 4.90 -91.59
N ALA E 423 5.77 4.77 -91.21
CA ALA E 423 5.39 4.60 -89.82
C ALA E 423 5.44 3.17 -89.33
N LEU E 424 5.18 2.19 -90.18
CA LEU E 424 5.27 0.80 -89.78
C LEU E 424 6.62 0.25 -90.19
N PRO E 425 7.45 -0.21 -89.27
CA PRO E 425 8.77 -0.73 -89.65
C PRO E 425 8.67 -2.08 -90.34
N THR E 426 9.30 -2.18 -91.47
CA THR E 426 9.35 -3.44 -92.21
C THR E 426 10.78 -3.92 -92.43
N THR E 427 11.69 -3.02 -92.71
CA THR E 427 13.08 -3.35 -92.98
C THR E 427 13.95 -2.89 -91.82
N ALA E 428 15.23 -3.24 -91.91
CA ALA E 428 16.22 -2.67 -91.00
C ALA E 428 17.48 -2.41 -91.80
N TYR E 429 18.33 -1.54 -91.26
CA TYR E 429 19.54 -1.12 -91.94
C TYR E 429 20.74 -1.41 -91.05
N LEU E 430 21.77 -2.01 -91.63
CA LEU E 430 22.91 -2.48 -90.87
C LEU E 430 24.19 -1.81 -91.36
N LEU E 431 25.31 -2.29 -90.85
CA LEU E 431 26.62 -1.92 -91.35
C LEU E 431 27.42 -3.18 -91.62
N ASN E 432 28.26 -3.13 -92.64
CA ASN E 432 29.02 -4.30 -93.07
C ASN E 432 30.36 -4.35 -92.36
N ARG E 433 31.26 -5.20 -92.86
CA ARG E 433 32.64 -5.21 -92.42
C ARG E 433 33.30 -3.85 -92.64
N ASP E 434 33.00 -3.24 -93.78
CA ASP E 434 33.30 -1.84 -94.02
C ASP E 434 32.05 -1.00 -93.73
N ARG E 435 32.27 0.31 -93.62
CA ARG E 435 31.17 1.22 -93.33
C ARG E 435 30.27 1.40 -94.54
N ALA E 436 29.17 0.65 -94.59
CA ALA E 436 28.23 0.73 -95.70
C ALA E 436 26.87 0.29 -95.21
N VAL E 437 25.82 1.00 -95.61
CA VAL E 437 24.47 0.62 -95.21
C VAL E 437 24.03 -0.60 -96.00
N GLN E 438 23.27 -1.47 -95.34
CA GLN E 438 22.80 -2.72 -95.92
C GLN E 438 21.38 -2.97 -95.47
N LYS E 439 20.49 -3.23 -96.42
CA LYS E 439 19.07 -3.37 -96.16
C LYS E 439 18.70 -4.84 -95.99
N ILE E 440 18.00 -5.16 -94.90
CA ILE E 440 17.49 -6.50 -94.66
C ILE E 440 15.97 -6.46 -94.66
N ASP E 441 15.37 -7.34 -95.45
CA ASP E 441 13.92 -7.39 -95.67
C ASP E 441 13.37 -8.72 -95.22
N PHE E 442 12.04 -8.79 -95.14
CA PHE E 442 11.38 -10.09 -95.12
C PHE E 442 11.49 -10.79 -96.48
N VAL E 443 11.72 -10.03 -97.55
CA VAL E 443 11.93 -10.60 -98.88
C VAL E 443 13.22 -11.42 -98.91
N ASP E 444 14.22 -11.01 -98.13
CA ASP E 444 15.43 -11.80 -98.02
C ASP E 444 15.24 -13.03 -97.14
N ALA E 445 14.17 -13.08 -96.35
CA ALA E 445 13.93 -14.17 -95.42
C ALA E 445 13.15 -15.33 -96.01
N LEU E 446 13.00 -15.43 -97.33
CA LEU E 446 12.26 -16.54 -97.91
C LEU E 446 13.08 -17.82 -97.95
N LYS E 447 14.39 -17.72 -97.77
CA LYS E 447 15.21 -18.92 -97.70
C LYS E 447 15.15 -19.59 -96.33
N THR E 448 14.44 -18.99 -95.38
CA THR E 448 14.19 -19.61 -94.10
C THR E 448 12.72 -19.63 -93.69
N LEU E 449 11.86 -18.75 -94.20
CA LEU E 449 10.48 -18.68 -93.79
C LEU E 449 9.56 -19.60 -94.59
N CYS E 450 10.11 -20.46 -95.44
CA CYS E 450 9.29 -21.31 -96.29
C CYS E 450 9.69 -22.77 -96.16
N HIS E 451 10.49 -23.07 -95.19
CA HIS E 451 10.84 -24.48 -95.04
C HIS E 451 9.71 -25.21 -94.31
N PRO E 452 9.45 -26.46 -94.70
CA PRO E 452 8.33 -27.20 -94.09
C PRO E 452 8.46 -27.45 -92.59
N VAL E 453 9.69 -27.54 -92.05
CA VAL E 453 9.83 -27.87 -90.63
C VAL E 453 9.45 -26.73 -89.70
N LEU E 454 9.24 -25.52 -90.22
CA LEU E 454 8.59 -24.49 -89.43
C LEU E 454 7.10 -24.77 -89.23
N HIS E 455 6.51 -25.62 -90.06
CA HIS E 455 5.08 -25.88 -90.04
C HIS E 455 4.83 -27.34 -89.69
N GLU E 456 5.55 -27.86 -88.71
CA GLU E 456 5.38 -29.24 -88.25
C GLU E 456 5.28 -29.28 -86.73
N PRO E 457 4.16 -29.73 -86.19
CA PRO E 457 4.04 -29.93 -84.74
C PRO E 457 4.34 -31.34 -84.26
N ALA E 458 4.66 -32.26 -85.16
CA ALA E 458 4.92 -33.65 -84.77
C ALA E 458 6.18 -33.82 -83.92
N PRO E 459 7.36 -33.25 -84.25
CA PRO E 459 8.45 -33.32 -83.26
C PRO E 459 8.20 -32.43 -82.05
N CYS E 460 7.40 -31.38 -82.22
CA CYS E 460 7.04 -30.51 -81.10
C CYS E 460 6.22 -31.27 -80.07
N LEU E 461 5.18 -31.97 -80.52
CA LEU E 461 4.40 -32.79 -79.59
C LEU E 461 5.18 -34.03 -79.15
N GLN E 462 6.16 -34.46 -79.96
CA GLN E 462 7.03 -35.56 -79.56
C GLN E 462 7.88 -35.19 -78.35
N THR E 463 8.51 -34.03 -78.37
CA THR E 463 9.32 -33.60 -77.24
C THR E 463 8.51 -32.92 -76.14
N PHE E 464 7.24 -32.59 -76.40
CA PHE E 464 6.39 -32.15 -75.32
C PHE E 464 5.84 -33.32 -74.53
N THR E 465 5.54 -34.43 -75.23
CA THR E 465 4.97 -35.59 -74.55
C THR E 465 6.05 -36.48 -73.94
N GLU E 466 7.32 -36.19 -74.20
CA GLU E 466 8.39 -37.01 -73.64
C GLU E 466 8.58 -36.72 -72.15
N PRO E 487 -24.24 -36.12 -83.18
CA PRO E 487 -25.39 -36.02 -84.08
C PRO E 487 -25.85 -34.58 -84.28
N MET E 488 -26.13 -34.20 -85.52
CA MET E 488 -26.54 -32.84 -85.84
C MET E 488 -27.93 -32.74 -86.42
N GLY E 489 -28.77 -33.75 -86.23
CA GLY E 489 -30.09 -33.75 -86.81
C GLY E 489 -31.05 -32.76 -86.19
N GLY E 490 -31.41 -32.97 -84.93
CA GLY E 490 -32.36 -32.10 -84.26
C GLY E 490 -31.72 -31.18 -83.25
N ALA E 491 -30.52 -30.68 -83.55
CA ALA E 491 -29.84 -29.79 -82.62
C ALA E 491 -30.48 -28.42 -82.59
N ALA E 492 -31.12 -28.01 -83.70
CA ALA E 492 -31.80 -26.72 -83.77
C ALA E 492 -32.99 -26.63 -82.83
N ARG E 493 -33.60 -27.76 -82.48
CA ARG E 493 -34.58 -27.80 -81.41
C ARG E 493 -33.99 -28.32 -80.11
N ARG E 494 -32.73 -28.75 -80.11
CA ARG E 494 -32.04 -29.18 -78.89
C ARG E 494 -31.23 -28.06 -78.25
N ILE E 495 -31.22 -26.86 -78.84
CA ILE E 495 -30.68 -25.70 -78.13
C ILE E 495 -31.38 -25.44 -76.79
N PRO E 496 -32.72 -25.46 -76.66
CA PRO E 496 -33.29 -25.32 -75.31
C PRO E 496 -33.13 -26.55 -74.44
N HIS E 497 -32.75 -27.70 -75.00
CA HIS E 497 -32.50 -28.86 -74.16
C HIS E 497 -31.21 -28.73 -73.37
N PHE E 498 -30.23 -28.02 -73.92
CA PHE E 498 -28.98 -27.83 -73.19
C PHE E 498 -29.13 -26.78 -72.10
N TYR E 499 -29.79 -25.67 -72.39
CA TYR E 499 -29.91 -24.59 -71.42
C TYR E 499 -30.90 -24.87 -70.31
N ARG E 500 -31.69 -25.95 -70.42
CA ARG E 500 -32.48 -26.39 -69.27
C ARG E 500 -31.57 -26.89 -68.15
N VAL E 501 -30.40 -27.41 -68.50
CA VAL E 501 -29.38 -27.70 -67.51
C VAL E 501 -28.75 -26.39 -67.07
N ARG E 502 -28.79 -26.12 -65.77
CA ARG E 502 -28.52 -24.79 -65.23
C ARG E 502 -27.14 -24.68 -64.59
N ARG E 503 -26.14 -25.37 -65.11
CA ARG E 503 -24.80 -25.31 -64.54
C ARG E 503 -23.91 -24.40 -65.38
N GLU E 504 -22.68 -24.21 -64.91
CA GLU E 504 -21.75 -23.26 -65.53
C GLU E 504 -20.76 -23.99 -66.42
N VAL E 505 -20.65 -23.53 -67.67
CA VAL E 505 -19.61 -24.00 -68.57
C VAL E 505 -18.33 -23.25 -68.23
N PRO E 506 -17.24 -23.94 -67.90
CA PRO E 506 -16.02 -23.26 -67.49
C PRO E 506 -15.32 -22.60 -68.68
N ARG E 507 -14.38 -21.72 -68.34
CA ARG E 507 -13.67 -20.94 -69.34
C ARG E 507 -12.51 -21.73 -69.92
N THR E 508 -12.48 -21.79 -71.25
CA THR E 508 -11.42 -22.47 -71.97
C THR E 508 -10.16 -21.63 -71.93
N VAL E 509 -9.03 -22.24 -72.31
CA VAL E 509 -7.75 -21.56 -72.17
C VAL E 509 -7.49 -20.58 -73.30
N ASN E 510 -8.25 -20.67 -74.40
CA ASN E 510 -8.07 -19.71 -75.49
C ASN E 510 -8.59 -18.34 -75.11
N GLU E 511 -9.74 -18.28 -74.42
CA GLU E 511 -10.27 -16.99 -74.01
C GLU E 511 -9.60 -16.46 -72.76
N MET E 512 -8.99 -17.32 -71.95
CA MET E 512 -8.19 -16.85 -70.83
C MET E 512 -6.85 -16.30 -71.27
N LYS E 513 -6.43 -16.59 -72.51
CA LYS E 513 -5.28 -15.97 -73.15
C LYS E 513 -5.56 -14.56 -73.64
N GLN E 514 -6.80 -14.09 -73.53
CA GLN E 514 -7.25 -12.96 -74.33
C GLN E 514 -7.44 -11.68 -73.53
N ASP E 515 -7.48 -11.74 -72.21
CA ASP E 515 -7.78 -10.54 -71.44
C ASP E 515 -6.55 -9.80 -70.96
N PHE E 516 -5.37 -10.09 -71.50
CA PHE E 516 -4.15 -9.45 -71.04
C PHE E 516 -3.68 -8.41 -72.05
N VAL E 517 -3.27 -7.26 -71.54
CA VAL E 517 -2.69 -6.21 -72.37
C VAL E 517 -1.25 -6.58 -72.70
N VAL E 518 -0.64 -5.80 -73.59
CA VAL E 518 0.66 -6.16 -74.16
C VAL E 518 1.77 -6.06 -73.10
N THR E 519 1.61 -5.18 -72.12
CA THR E 519 2.60 -5.02 -71.08
C THR E 519 2.45 -6.03 -69.94
N ASP E 520 1.49 -6.95 -70.06
CA ASP E 520 1.24 -7.93 -69.02
C ASP E 520 1.35 -9.36 -69.50
N PHE E 521 1.23 -9.60 -70.82
CA PHE E 521 1.20 -10.96 -71.34
C PHE E 521 2.55 -11.64 -71.24
N TYR E 522 3.63 -10.86 -71.15
CA TYR E 522 4.95 -11.41 -70.98
C TYR E 522 5.28 -11.74 -69.53
N LYS E 523 4.38 -11.42 -68.60
CA LYS E 523 4.67 -11.57 -67.19
C LYS E 523 4.21 -12.92 -66.66
N VAL E 524 4.61 -13.20 -65.42
CA VAL E 524 4.34 -14.49 -64.79
C VAL E 524 2.92 -14.58 -64.26
N GLY E 525 2.15 -13.50 -64.32
CA GLY E 525 0.81 -13.48 -63.78
C GLY E 525 -0.17 -14.38 -64.50
N ASN E 526 0.03 -14.63 -65.78
CA ASN E 526 -0.93 -15.46 -66.50
C ASN E 526 -0.69 -16.93 -66.21
N ILE E 527 -1.72 -17.72 -66.46
CA ILE E 527 -1.62 -19.17 -66.39
C ILE E 527 -1.77 -19.75 -67.79
N THR E 528 -1.55 -18.92 -68.81
CA THR E 528 -1.74 -19.35 -70.19
C THR E 528 -0.45 -19.34 -70.99
N LEU E 529 0.67 -18.93 -70.39
CA LEU E 529 1.94 -18.89 -71.13
C LEU E 529 2.46 -20.28 -71.46
N TYR E 530 2.13 -21.28 -70.65
CA TYR E 530 2.60 -22.63 -70.96
C TYR E 530 1.83 -23.26 -72.12
N THR E 531 0.72 -22.66 -72.55
CA THR E 531 -0.04 -23.15 -73.69
C THR E 531 0.35 -22.49 -74.99
N GLU E 532 1.00 -21.33 -74.94
CA GLU E 532 1.42 -20.63 -76.15
C GLU E 532 2.80 -21.13 -76.58
N LEU E 533 2.85 -22.05 -77.54
CA LEU E 533 4.11 -22.67 -77.93
C LEU E 533 4.53 -22.22 -79.33
N HIS E 534 3.69 -22.44 -80.34
CA HIS E 534 4.06 -22.16 -81.71
C HIS E 534 3.25 -20.99 -82.24
N PRO E 535 3.83 -20.18 -83.14
CA PRO E 535 3.06 -19.09 -83.76
C PRO E 535 1.98 -19.58 -84.71
N PHE E 536 2.32 -20.56 -85.54
CA PHE E 536 1.38 -21.03 -86.54
C PHE E 536 0.33 -21.96 -85.99
N PHE E 537 0.59 -22.60 -84.85
CA PHE E 537 -0.34 -23.57 -84.29
C PHE E 537 -0.97 -23.02 -83.03
N ASP E 538 -1.73 -23.88 -82.37
CA ASP E 538 -2.34 -23.58 -81.09
C ASP E 538 -2.47 -24.86 -80.29
N PHE E 539 -2.12 -24.80 -79.02
CA PHE E 539 -2.10 -25.96 -78.16
C PHE E 539 -3.02 -25.74 -76.98
N THR E 540 -3.58 -26.84 -76.47
CA THR E 540 -4.43 -26.80 -75.28
C THR E 540 -4.42 -28.17 -74.64
N HIS E 541 -4.65 -28.23 -73.33
CA HIS E 541 -4.81 -29.49 -72.64
C HIS E 541 -6.29 -29.84 -72.54
N CYS E 542 -6.75 -30.75 -73.37
CA CYS E 542 -8.16 -31.04 -73.55
C CYS E 542 -8.63 -32.04 -72.50
N GLN E 543 -9.91 -32.36 -72.55
CA GLN E 543 -10.52 -33.26 -71.58
C GLN E 543 -11.38 -34.32 -72.27
N LEU E 551 -3.04 -31.73 -77.30
CA LEU E 551 -3.90 -31.35 -78.41
C LEU E 551 -3.34 -30.17 -79.18
N CYS E 552 -2.91 -30.42 -80.41
CA CYS E 552 -2.45 -29.37 -81.31
C CYS E 552 -3.50 -29.07 -82.36
N THR E 553 -3.68 -27.78 -82.65
CA THR E 553 -4.54 -27.29 -83.72
C THR E 553 -3.80 -26.17 -84.43
N PRO E 554 -3.95 -26.04 -85.74
CA PRO E 554 -3.26 -24.95 -86.44
C PRO E 554 -4.07 -23.67 -86.43
N ARG E 555 -3.41 -22.56 -86.11
CA ARG E 555 -4.02 -21.25 -86.30
C ARG E 555 -4.15 -20.99 -87.80
N ILE E 556 -5.36 -20.77 -88.26
CA ILE E 556 -5.58 -20.65 -89.69
C ILE E 556 -5.21 -19.26 -90.19
N VAL E 557 -5.77 -18.23 -89.56
CA VAL E 557 -5.62 -16.86 -90.04
C VAL E 557 -4.78 -16.08 -89.05
N ILE E 558 -4.41 -14.86 -89.45
CA ILE E 558 -3.56 -14.02 -88.62
C ILE E 558 -4.33 -13.40 -87.46
N GLY E 559 -5.66 -13.40 -87.52
CA GLY E 559 -6.42 -12.88 -86.40
C GLY E 559 -6.45 -13.82 -85.21
N ASN E 560 -6.13 -15.09 -85.42
CA ASN E 560 -6.19 -16.06 -84.33
C ASN E 560 -5.01 -15.96 -83.38
N LEU E 561 -4.02 -15.13 -83.69
CA LEU E 561 -2.97 -14.84 -82.72
C LEU E 561 -3.57 -14.03 -81.57
N PRO E 562 -3.11 -14.26 -80.33
CA PRO E 562 -3.71 -13.59 -79.18
C PRO E 562 -3.42 -12.10 -79.16
N ASP E 563 -4.24 -11.39 -78.39
CA ASP E 563 -4.18 -9.93 -78.38
C ASP E 563 -2.93 -9.42 -77.69
N GLY E 564 -2.35 -10.22 -76.80
CA GLY E 564 -1.09 -9.87 -76.19
C GLY E 564 0.11 -9.97 -77.12
N LEU E 565 -0.03 -10.71 -78.22
CA LEU E 565 1.04 -10.80 -79.20
C LEU E 565 0.80 -9.97 -80.45
N ALA E 566 -0.42 -9.54 -80.69
CA ALA E 566 -0.74 -8.62 -81.78
C ALA E 566 -2.03 -7.88 -81.42
N PRO E 567 -1.93 -6.66 -80.92
CA PRO E 567 -3.12 -5.94 -80.49
C PRO E 567 -3.88 -5.34 -81.67
N GLY E 568 -4.97 -4.68 -81.34
CA GLY E 568 -5.84 -4.03 -82.30
C GLY E 568 -5.22 -2.96 -83.17
N PRO E 569 -4.60 -1.94 -82.54
CA PRO E 569 -3.91 -0.90 -83.33
C PRO E 569 -2.81 -1.40 -84.25
N PHE E 570 -2.16 -2.52 -83.93
CA PHE E 570 -1.21 -3.11 -84.85
C PHE E 570 -1.90 -3.61 -86.11
N HIS E 571 -3.07 -4.23 -85.96
CA HIS E 571 -3.86 -4.63 -87.12
C HIS E 571 -4.37 -3.42 -87.89
N GLU E 572 -4.66 -2.32 -87.17
CA GLU E 572 -5.08 -1.10 -87.84
C GLU E 572 -3.96 -0.51 -88.69
N LEU E 573 -2.73 -0.52 -88.16
CA LEU E 573 -1.59 -0.04 -88.95
C LEU E 573 -1.31 -0.96 -90.14
N ARG E 574 -1.49 -2.26 -89.95
CA ARG E 574 -1.32 -3.21 -91.05
C ARG E 574 -2.34 -2.96 -92.16
N THR E 575 -3.58 -2.70 -91.79
CA THR E 575 -4.59 -2.38 -92.79
C THR E 575 -4.36 -1.03 -93.43
N TRP E 576 -3.76 -0.07 -92.70
CA TRP E 576 -3.40 1.18 -93.32
C TRP E 576 -2.31 1.00 -94.37
N GLU E 577 -1.36 0.09 -94.10
CA GLU E 577 -0.32 -0.21 -95.07
C GLU E 577 -0.91 -0.88 -96.31
N ILE E 578 -1.86 -1.79 -96.12
CA ILE E 578 -2.49 -2.41 -97.28
C ILE E 578 -3.38 -1.42 -98.03
N MET E 579 -4.02 -0.50 -97.31
CA MET E 579 -4.86 0.51 -97.94
C MET E 579 -4.04 1.46 -98.80
N GLU E 580 -2.85 1.85 -98.33
CA GLU E 580 -2.01 2.70 -99.16
C GLU E 580 -1.39 1.91 -100.30
N HIS E 581 -1.19 0.60 -100.12
CA HIS E 581 -0.54 -0.18 -101.16
C HIS E 581 -1.41 -0.34 -102.40
N MET E 582 -2.72 -0.33 -102.23
CA MET E 582 -3.65 -0.41 -103.35
C MET E 582 -4.04 0.97 -103.88
N ARG E 583 -3.28 2.00 -103.47
CA ARG E 583 -3.57 3.41 -103.76
C ARG E 583 -4.99 3.79 -103.34
N LEU E 584 -5.29 3.61 -102.07
CA LEU E 584 -6.58 3.95 -101.48
C LEU E 584 -6.39 4.64 -100.15
N ARG E 585 -5.22 5.26 -99.98
CA ARG E 585 -4.84 5.92 -98.73
C ARG E 585 -5.76 7.13 -98.46
N PRO E 586 -6.26 7.84 -99.47
CA PRO E 586 -7.57 8.47 -99.32
C PRO E 586 -8.67 7.47 -99.62
N PRO E 587 -9.43 7.02 -98.61
CA PRO E 587 -10.57 6.16 -98.88
C PRO E 587 -11.71 6.99 -99.45
N PRO E 588 -12.63 6.37 -100.18
CA PRO E 588 -13.77 7.12 -100.71
C PRO E 588 -14.72 7.55 -99.60
N ASP E 589 -15.45 8.63 -99.86
CA ASP E 589 -16.40 9.17 -98.89
C ASP E 589 -17.66 8.31 -98.91
N TYR E 590 -17.55 7.14 -98.30
CA TYR E 590 -18.67 6.22 -98.17
C TYR E 590 -19.16 6.25 -96.74
N GLU E 591 -18.97 7.39 -96.08
CA GLU E 591 -19.15 7.50 -94.65
C GLU E 591 -20.60 7.72 -94.26
N GLU E 592 -21.38 8.44 -95.08
CA GLU E 592 -22.79 8.64 -94.76
C GLU E 592 -23.60 7.37 -94.92
N THR E 593 -23.24 6.53 -95.90
CA THR E 593 -23.90 5.25 -96.09
C THR E 593 -23.65 4.33 -94.89
N LEU E 594 -22.44 4.37 -94.34
CA LEU E 594 -22.17 3.54 -93.17
C LEU E 594 -22.82 4.11 -91.92
N ARG E 595 -23.02 5.44 -91.86
CA ARG E 595 -23.76 5.99 -90.74
C ARG E 595 -25.22 5.59 -90.79
N LEU E 596 -25.80 5.56 -92.00
CA LEU E 596 -27.18 5.10 -92.11
C LEU E 596 -27.30 3.60 -91.86
N PHE E 597 -26.28 2.82 -92.25
CA PHE E 597 -26.26 1.40 -91.92
C PHE E 597 -26.16 1.19 -90.41
N LYS E 598 -25.35 2.01 -89.75
CA LYS E 598 -25.20 1.93 -88.30
C LYS E 598 -26.51 2.25 -87.59
N THR E 599 -27.19 3.30 -88.02
CA THR E 599 -28.44 3.61 -87.34
C THR E 599 -29.60 2.73 -87.77
N THR E 600 -29.50 2.00 -88.89
CA THR E 600 -30.58 1.10 -89.25
C THR E 600 -30.36 -0.30 -88.73
N VAL E 601 -29.17 -0.63 -88.25
CA VAL E 601 -28.93 -1.95 -87.68
C VAL E 601 -29.24 -1.98 -86.20
N THR E 602 -28.58 -1.16 -85.39
CA THR E 602 -28.76 -1.32 -83.96
C THR E 602 -29.92 -0.52 -83.38
N SER E 603 -30.85 -0.07 -84.21
CA SER E 603 -32.06 0.50 -83.67
C SER E 603 -33.10 -0.61 -83.45
N PRO E 604 -33.86 -0.57 -82.35
CA PRO E 604 -34.80 -1.65 -82.06
C PRO E 604 -36.09 -1.60 -82.85
N ASN E 605 -36.28 -0.60 -83.71
CA ASN E 605 -37.50 -0.45 -84.49
C ASN E 605 -37.38 -1.06 -85.88
N TYR E 606 -36.58 -2.11 -86.03
CA TYR E 606 -36.49 -2.83 -87.29
C TYR E 606 -37.81 -3.55 -87.55
N PRO E 607 -38.46 -3.32 -88.70
CA PRO E 607 -39.79 -3.90 -88.92
C PRO E 607 -39.70 -5.39 -89.20
N GLU E 608 -40.63 -6.14 -88.61
CA GLU E 608 -40.60 -7.59 -88.63
C GLU E 608 -41.03 -8.21 -89.95
N LEU E 609 -41.48 -7.39 -90.91
CA LEU E 609 -41.81 -7.90 -92.23
C LEU E 609 -40.55 -8.31 -93.00
N CYS E 610 -39.41 -7.70 -92.67
CA CYS E 610 -38.18 -7.95 -93.42
C CYS E 610 -37.69 -9.38 -93.21
N TYR E 611 -37.82 -9.91 -92.00
CA TYR E 611 -37.43 -11.29 -91.77
C TYR E 611 -38.37 -12.25 -92.47
N LEU E 612 -39.66 -11.89 -92.55
CA LEU E 612 -40.63 -12.71 -93.25
C LEU E 612 -40.32 -12.80 -94.73
N VAL E 613 -40.11 -11.66 -95.38
CA VAL E 613 -39.79 -11.67 -96.80
C VAL E 613 -38.39 -12.22 -97.04
N ASP E 614 -37.51 -12.12 -96.04
CA ASP E 614 -36.16 -12.63 -96.14
C ASP E 614 -36.13 -14.15 -96.21
N VAL E 615 -36.84 -14.79 -95.28
CA VAL E 615 -36.99 -16.24 -95.34
C VAL E 615 -37.83 -16.64 -96.54
N LEU E 616 -38.84 -15.83 -96.86
CA LEU E 616 -39.84 -16.16 -97.87
C LEU E 616 -39.30 -16.08 -99.29
N VAL E 617 -38.23 -15.32 -99.53
CA VAL E 617 -37.72 -15.13 -100.88
C VAL E 617 -36.51 -16.01 -101.18
N HIS E 618 -35.64 -16.29 -100.18
CA HIS E 618 -34.38 -17.05 -100.28
C HIS E 618 -33.37 -16.37 -101.21
N GLY E 619 -33.56 -15.09 -101.49
CA GLY E 619 -32.79 -14.44 -102.53
C GLY E 619 -33.04 -14.97 -103.93
N ASN E 620 -34.18 -15.59 -104.18
CA ASN E 620 -34.50 -16.04 -105.53
C ASN E 620 -34.85 -14.85 -106.40
N VAL E 621 -34.41 -14.92 -107.66
CA VAL E 621 -34.61 -13.80 -108.58
C VAL E 621 -36.07 -13.67 -108.98
N ASP E 622 -36.75 -14.79 -109.24
CA ASP E 622 -38.10 -14.75 -109.77
C ASP E 622 -39.09 -14.28 -108.70
N ALA E 623 -38.91 -14.74 -107.46
CA ALA E 623 -39.72 -14.27 -106.35
C ALA E 623 -39.48 -12.79 -106.08
N PHE E 624 -38.24 -12.33 -106.27
CA PHE E 624 -37.95 -10.91 -106.07
C PHE E 624 -38.59 -10.05 -107.14
N LEU E 625 -38.64 -10.57 -108.38
CA LEU E 625 -39.34 -9.84 -109.43
C LEU E 625 -40.85 -9.84 -109.20
N LEU E 626 -41.37 -10.90 -108.57
CA LEU E 626 -42.81 -10.97 -108.35
C LEU E 626 -43.23 -10.17 -107.12
N ILE E 627 -42.27 -9.60 -106.39
CA ILE E 627 -42.56 -8.93 -105.13
C ILE E 627 -42.16 -7.46 -105.18
N ARG E 628 -41.72 -6.97 -106.35
CA ARG E 628 -40.82 -5.82 -106.44
C ARG E 628 -41.50 -4.52 -106.02
N THR E 629 -42.72 -4.28 -106.48
CA THR E 629 -43.38 -3.01 -106.19
C THR E 629 -43.78 -2.91 -104.72
N PHE E 630 -44.08 -4.05 -104.10
CA PHE E 630 -44.42 -4.06 -102.68
C PHE E 630 -43.22 -3.71 -101.80
N VAL E 631 -42.06 -4.31 -102.08
CA VAL E 631 -40.90 -3.98 -101.27
C VAL E 631 -40.40 -2.57 -101.60
N ALA E 632 -40.65 -2.09 -102.81
CA ALA E 632 -40.32 -0.70 -103.15
C ALA E 632 -41.18 0.28 -102.35
N ARG E 633 -42.49 0.00 -102.27
CA ARG E 633 -43.39 0.78 -101.43
C ARG E 633 -42.97 0.73 -99.97
N CYS E 634 -42.52 -0.44 -99.51
CA CYS E 634 -42.09 -0.60 -98.13
C CYS E 634 -40.87 0.25 -97.82
N ILE E 635 -39.87 0.25 -98.71
CA ILE E 635 -38.66 1.00 -98.39
C ILE E 635 -38.88 2.49 -98.55
N VAL E 636 -39.76 2.94 -99.47
CA VAL E 636 -39.97 4.38 -99.55
C VAL E 636 -40.83 4.86 -98.39
N ASN E 637 -41.79 4.05 -97.93
CA ASN E 637 -42.61 4.42 -96.79
C ASN E 637 -41.80 4.42 -95.51
N MET E 638 -40.82 3.52 -95.39
CA MET E 638 -40.05 3.49 -94.16
C MET E 638 -38.93 4.50 -94.17
N PHE E 639 -38.40 4.86 -95.34
CA PHE E 639 -37.42 5.94 -95.37
C PHE E 639 -38.06 7.31 -95.24
N HIS E 640 -39.34 7.44 -95.56
CA HIS E 640 -39.98 8.74 -95.34
C HIS E 640 -40.62 8.84 -93.96
N THR E 641 -41.19 7.74 -93.45
CA THR E 641 -41.85 7.77 -92.15
C THR E 641 -40.81 7.76 -91.03
N ARG E 642 -40.06 6.68 -90.94
CA ARG E 642 -38.86 6.64 -90.12
C ARG E 642 -37.68 7.06 -90.99
N GLN E 643 -36.46 6.84 -90.51
CA GLN E 643 -35.27 7.20 -91.28
C GLN E 643 -34.23 6.09 -91.21
N LEU E 644 -34.65 4.86 -91.43
CA LEU E 644 -33.72 3.75 -91.40
C LEU E 644 -33.89 2.90 -92.65
N LEU E 645 -32.79 2.33 -93.11
CA LEU E 645 -32.81 1.42 -94.26
C LEU E 645 -33.52 0.12 -93.91
N VAL E 646 -34.01 -0.54 -94.95
CA VAL E 646 -34.87 -1.72 -94.83
C VAL E 646 -34.33 -2.79 -95.75
N PHE E 647 -34.38 -4.05 -95.29
CA PHE E 647 -33.84 -5.24 -95.97
C PHE E 647 -32.32 -5.14 -96.13
N ALA E 648 -31.69 -4.40 -95.24
CA ALA E 648 -30.25 -4.22 -95.25
C ALA E 648 -29.58 -5.14 -94.23
N HIS E 649 -30.22 -6.28 -93.96
CA HIS E 649 -29.69 -7.26 -93.05
C HIS E 649 -29.37 -8.60 -93.69
N SER E 650 -29.66 -8.77 -94.98
CA SER E 650 -29.28 -9.96 -95.70
C SER E 650 -28.54 -9.58 -96.98
N TYR E 651 -27.50 -10.36 -97.30
CA TYR E 651 -26.70 -10.10 -98.49
C TYR E 651 -27.52 -10.28 -99.76
N ALA E 652 -28.37 -11.30 -99.78
CA ALA E 652 -29.14 -11.60 -100.99
C ALA E 652 -30.16 -10.52 -101.27
N LEU E 653 -30.75 -9.95 -100.22
CA LEU E 653 -31.76 -8.92 -100.43
C LEU E 653 -31.14 -7.62 -100.92
N VAL E 654 -29.97 -7.25 -100.40
CA VAL E 654 -29.26 -6.07 -100.91
C VAL E 654 -28.77 -6.32 -102.33
N THR E 655 -28.30 -7.53 -102.61
CA THR E 655 -27.80 -7.88 -103.93
C THR E 655 -28.93 -8.00 -104.94
N LEU E 656 -30.17 -8.15 -104.50
CA LEU E 656 -31.28 -8.12 -105.42
C LEU E 656 -31.88 -6.73 -105.57
N ILE E 657 -31.86 -5.92 -104.49
CA ILE E 657 -32.32 -4.54 -104.58
C ILE E 657 -31.42 -3.73 -105.49
N ALA E 658 -30.10 -3.87 -105.34
CA ALA E 658 -29.17 -3.05 -106.10
C ALA E 658 -29.14 -3.41 -107.58
N GLU E 659 -29.63 -4.58 -107.97
CA GLU E 659 -29.56 -5.03 -109.34
C GLU E 659 -30.90 -5.14 -110.06
N HIS E 660 -32.02 -5.25 -109.33
CA HIS E 660 -33.31 -5.39 -110.00
C HIS E 660 -34.34 -4.36 -109.60
N LEU E 661 -34.01 -3.42 -108.72
CA LEU E 661 -34.80 -2.21 -108.54
C LEU E 661 -34.19 -1.04 -109.29
N ALA E 662 -33.60 -1.31 -110.46
CA ALA E 662 -32.80 -0.30 -111.14
C ALA E 662 -33.64 0.54 -112.09
N ASP E 663 -34.83 0.07 -112.45
CA ASP E 663 -35.69 0.80 -113.38
C ASP E 663 -36.21 2.11 -112.82
N GLY E 664 -36.36 2.20 -111.51
CA GLY E 664 -36.97 3.34 -110.89
C GLY E 664 -37.69 2.92 -109.63
N ALA E 665 -38.95 3.36 -109.51
CA ALA E 665 -39.84 3.07 -108.39
C ALA E 665 -39.28 3.52 -107.04
N LEU E 666 -38.36 4.47 -107.08
CA LEU E 666 -37.63 4.95 -105.91
C LEU E 666 -37.06 6.32 -106.24
N PRO E 667 -36.81 7.15 -105.25
CA PRO E 667 -35.85 8.23 -105.43
C PRO E 667 -34.47 7.64 -105.66
N PRO E 668 -33.59 8.34 -106.38
CA PRO E 668 -32.26 7.79 -106.66
C PRO E 668 -31.35 7.72 -105.44
N GLN E 669 -31.72 8.37 -104.34
CA GLN E 669 -30.86 8.38 -103.15
C GLN E 669 -30.78 7.00 -102.50
N LEU E 670 -31.91 6.28 -102.44
CA LEU E 670 -31.90 4.98 -101.79
C LEU E 670 -31.20 3.94 -102.64
N LEU E 671 -31.43 3.95 -103.96
CA LEU E 671 -30.71 3.05 -104.86
C LEU E 671 -29.22 3.39 -104.87
N PHE E 672 -28.88 4.67 -104.71
CA PHE E 672 -27.47 5.03 -104.55
C PHE E 672 -26.92 4.54 -103.24
N HIS E 673 -27.73 4.47 -102.19
CA HIS E 673 -27.26 3.92 -100.91
C HIS E 673 -26.98 2.43 -101.02
N TYR E 674 -27.84 1.69 -101.71
CA TYR E 674 -27.60 0.25 -101.85
C TYR E 674 -26.43 -0.03 -102.79
N ARG E 675 -26.27 0.78 -103.84
CA ARG E 675 -25.10 0.65 -104.70
C ARG E 675 -23.84 1.07 -103.97
N ASN E 676 -23.95 2.00 -103.02
CA ASN E 676 -22.81 2.38 -102.19
C ASN E 676 -22.43 1.24 -101.26
N LEU E 677 -23.41 0.50 -100.76
CA LEU E 677 -23.11 -0.65 -99.92
C LEU E 677 -22.43 -1.76 -100.71
N VAL E 678 -22.91 -2.04 -101.93
CA VAL E 678 -22.25 -3.08 -102.71
C VAL E 678 -20.90 -2.60 -103.23
N ALA E 679 -20.70 -1.28 -103.36
CA ALA E 679 -19.38 -0.77 -103.69
C ALA E 679 -18.42 -0.89 -102.51
N VAL E 680 -18.92 -0.74 -101.28
CA VAL E 680 -18.12 -1.01 -100.10
C VAL E 680 -17.70 -2.48 -100.08
N LEU E 681 -18.63 -3.38 -100.44
CA LEU E 681 -18.29 -4.80 -100.51
C LEU E 681 -17.27 -5.08 -101.61
N ARG E 682 -17.35 -4.36 -102.73
CA ARG E 682 -16.36 -4.52 -103.79
C ARG E 682 -15.00 -4.02 -103.36
N LEU E 683 -14.96 -2.95 -102.56
CA LEU E 683 -13.70 -2.46 -102.02
C LEU E 683 -13.08 -3.45 -101.05
N VAL E 684 -13.91 -4.10 -100.23
CA VAL E 684 -13.39 -5.05 -99.26
C VAL E 684 -12.89 -6.31 -99.95
N THR E 685 -13.60 -6.79 -100.98
CA THR E 685 -13.05 -7.93 -101.69
C THR E 685 -11.91 -7.55 -102.62
N ARG E 686 -11.72 -6.27 -102.91
CA ARG E 686 -10.51 -5.83 -103.60
C ARG E 686 -9.31 -5.88 -102.66
N ILE E 687 -9.48 -5.42 -101.43
CA ILE E 687 -8.33 -5.28 -100.52
C ILE E 687 -7.85 -6.63 -99.99
N SER E 688 -8.65 -7.69 -100.14
CA SER E 688 -8.30 -8.98 -99.56
C SER E 688 -7.96 -10.03 -100.62
N ALA E 689 -7.36 -9.62 -101.73
CA ALA E 689 -6.98 -10.55 -102.79
C ALA E 689 -5.58 -10.34 -103.33
N LEU E 690 -4.93 -9.21 -103.06
CA LEU E 690 -3.66 -8.76 -103.63
C LEU E 690 -3.67 -8.82 -105.15
N PRO E 691 -4.41 -7.94 -105.84
CA PRO E 691 -4.53 -8.07 -107.30
C PRO E 691 -3.23 -7.80 -108.06
N GLY E 692 -2.21 -7.26 -107.41
CA GLY E 692 -0.93 -7.13 -108.09
C GLY E 692 -0.21 -8.47 -108.23
N LEU E 693 -0.52 -9.42 -107.35
CA LEU E 693 0.28 -10.63 -107.25
C LEU E 693 -0.51 -11.93 -107.30
N ASN E 694 -1.82 -11.88 -107.48
CA ASN E 694 -2.59 -13.13 -107.57
C ASN E 694 -2.74 -13.60 -109.01
N ASN E 695 -1.63 -13.72 -109.70
CA ASN E 695 -1.63 -14.07 -111.12
C ASN E 695 -1.34 -15.55 -111.28
N GLY E 696 -2.20 -16.23 -112.01
CA GLY E 696 -2.08 -17.67 -112.14
C GLY E 696 -2.71 -18.40 -110.96
N GLN E 697 -2.31 -19.66 -110.82
CA GLN E 697 -2.91 -20.52 -109.81
C GLN E 697 -1.97 -21.69 -109.53
N LEU E 698 -2.26 -22.38 -108.44
CA LEU E 698 -1.63 -23.65 -108.08
C LEU E 698 -2.40 -24.78 -108.76
N ALA E 699 -2.23 -26.01 -108.26
CA ALA E 699 -2.79 -27.20 -108.91
C ALA E 699 -4.32 -27.14 -109.00
N GLU E 700 -4.98 -26.79 -107.92
CA GLU E 700 -6.43 -26.66 -108.02
C GLU E 700 -6.93 -25.26 -107.71
N GLU E 701 -6.50 -24.68 -106.62
CA GLU E 701 -7.07 -23.43 -106.17
C GLU E 701 -6.45 -22.26 -106.92
N PRO E 702 -7.15 -21.13 -107.00
CA PRO E 702 -6.52 -19.90 -107.48
C PRO E 702 -5.46 -19.41 -106.51
N LEU E 703 -4.59 -18.54 -107.02
CA LEU E 703 -3.48 -18.03 -106.21
C LEU E 703 -3.98 -17.16 -105.07
N SER E 704 -5.09 -16.46 -105.25
CA SER E 704 -5.65 -15.64 -104.18
C SER E 704 -6.34 -16.47 -103.11
N ALA E 705 -6.53 -17.77 -103.32
CA ALA E 705 -7.20 -18.58 -102.31
C ALA E 705 -6.30 -18.88 -101.13
N TYR E 706 -5.01 -19.13 -101.39
CA TYR E 706 -4.09 -19.41 -100.31
C TYR E 706 -3.68 -18.16 -99.54
N VAL E 707 -3.87 -16.97 -100.11
CA VAL E 707 -3.41 -15.76 -99.46
C VAL E 707 -4.32 -15.40 -98.29
N ASN E 708 -5.58 -15.14 -98.59
CA ASN E 708 -6.56 -14.86 -97.57
C ASN E 708 -7.61 -15.95 -97.58
N ALA E 709 -8.21 -16.20 -96.42
CA ALA E 709 -9.24 -17.21 -96.30
C ALA E 709 -10.59 -16.74 -96.82
N LEU E 710 -10.67 -15.51 -97.31
CA LEU E 710 -11.94 -14.97 -97.78
C LEU E 710 -12.28 -15.42 -99.19
N HIS E 711 -11.40 -16.14 -99.87
CA HIS E 711 -11.58 -16.43 -101.28
C HIS E 711 -11.67 -17.91 -101.62
N ASP E 712 -11.07 -18.78 -100.83
CA ASP E 712 -11.22 -20.21 -101.07
C ASP E 712 -12.60 -20.66 -100.61
N HIS E 713 -13.09 -21.73 -101.22
CA HIS E 713 -14.45 -22.19 -100.94
C HIS E 713 -14.59 -22.91 -99.61
N ARG E 714 -13.49 -23.11 -98.87
CA ARG E 714 -13.56 -23.90 -97.66
C ARG E 714 -14.20 -23.12 -96.50
N LEU E 715 -13.96 -21.82 -96.42
CA LEU E 715 -14.62 -21.00 -95.42
C LEU E 715 -16.02 -20.65 -95.90
N TRP E 716 -17.01 -20.89 -95.05
CA TRP E 716 -18.40 -20.64 -95.41
C TRP E 716 -18.95 -19.49 -94.58
N PRO E 717 -19.79 -18.62 -95.16
CA PRO E 717 -20.40 -17.56 -94.38
C PRO E 717 -21.45 -18.14 -93.45
N PRO E 718 -21.80 -17.47 -92.36
CA PRO E 718 -22.70 -18.10 -91.39
C PRO E 718 -24.15 -18.15 -91.82
N PHE E 719 -24.51 -17.52 -92.93
CA PHE E 719 -25.89 -17.55 -93.43
C PHE E 719 -25.87 -17.90 -94.91
N VAL E 720 -25.87 -19.19 -95.19
CA VAL E 720 -25.91 -19.66 -96.57
C VAL E 720 -27.32 -19.51 -97.09
N THR E 721 -27.46 -19.17 -98.37
CA THR E 721 -28.74 -19.19 -99.06
C THR E 721 -28.77 -20.21 -100.18
N HIS E 722 -27.81 -20.18 -101.08
CA HIS E 722 -27.61 -21.23 -102.07
C HIS E 722 -26.26 -21.89 -101.84
N LEU E 723 -26.15 -23.15 -102.21
CA LEU E 723 -24.88 -23.86 -102.11
C LEU E 723 -23.89 -23.29 -103.13
N PRO E 724 -22.60 -23.27 -102.82
CA PRO E 724 -21.60 -22.76 -103.76
C PRO E 724 -21.41 -23.71 -104.94
N ARG E 725 -20.66 -23.23 -105.92
CA ARG E 725 -20.47 -23.97 -107.18
C ARG E 725 -19.65 -25.22 -106.94
N ASN E 726 -18.44 -25.08 -106.42
CA ASN E 726 -17.52 -26.19 -106.23
C ASN E 726 -17.62 -26.70 -104.79
N MET E 727 -17.60 -28.01 -104.64
CA MET E 727 -17.60 -28.66 -103.34
C MET E 727 -16.49 -29.69 -103.29
N GLU E 728 -15.37 -29.38 -103.95
CA GLU E 728 -14.23 -30.28 -104.03
C GLU E 728 -13.42 -30.22 -102.75
N GLY E 729 -13.23 -31.38 -102.14
CA GLY E 729 -12.48 -31.47 -100.91
C GLY E 729 -13.19 -30.99 -99.68
N VAL E 730 -14.49 -30.71 -99.76
CA VAL E 730 -15.28 -30.28 -98.61
C VAL E 730 -16.56 -31.08 -98.58
N GLN E 731 -17.07 -31.35 -97.38
CA GLN E 731 -18.32 -32.08 -97.22
C GLN E 731 -19.16 -31.40 -96.15
N VAL E 732 -20.47 -31.45 -96.33
CA VAL E 732 -21.43 -30.83 -95.42
C VAL E 732 -22.29 -31.93 -94.81
N VAL E 733 -22.52 -31.83 -93.51
CA VAL E 733 -23.32 -32.84 -92.81
C VAL E 733 -24.53 -32.19 -92.19
N ALA E 734 -25.57 -32.99 -91.98
CA ALA E 734 -26.75 -32.63 -91.22
C ALA E 734 -27.15 -33.67 -90.21
N ASP E 735 -26.49 -34.83 -90.23
CA ASP E 735 -26.63 -35.92 -89.27
C ASP E 735 -25.23 -36.35 -88.83
N ARG E 736 -25.14 -37.49 -88.16
CA ARG E 736 -23.84 -38.12 -87.99
C ARG E 736 -23.30 -38.65 -89.31
N GLN E 737 -24.20 -39.02 -90.23
CA GLN E 737 -23.78 -39.46 -91.55
C GLN E 737 -23.44 -38.26 -92.42
N PRO E 738 -22.36 -38.34 -93.20
CA PRO E 738 -22.06 -37.29 -94.18
C PRO E 738 -22.97 -37.41 -95.40
N LEU E 739 -23.10 -36.29 -96.11
CA LEU E 739 -24.04 -36.11 -97.21
C LEU E 739 -23.30 -35.88 -98.51
N ASN E 740 -22.32 -36.75 -98.78
CA ASN E 740 -21.40 -36.54 -99.90
C ASN E 740 -22.00 -36.60 -101.31
N PRO E 741 -22.81 -37.59 -101.72
CA PRO E 741 -23.27 -37.59 -103.12
C PRO E 741 -24.42 -36.61 -103.32
N ALA E 742 -24.86 -36.51 -104.57
CA ALA E 742 -25.95 -35.62 -104.94
C ALA E 742 -27.30 -36.32 -105.00
N ASN E 743 -27.44 -37.54 -104.46
CA ASN E 743 -28.73 -38.20 -104.38
C ASN E 743 -29.55 -37.74 -103.18
N ILE E 744 -28.99 -36.87 -102.35
CA ILE E 744 -29.65 -36.39 -101.15
C ILE E 744 -30.47 -35.13 -101.42
N GLU E 745 -29.85 -34.11 -102.00
CA GLU E 745 -30.53 -32.84 -102.25
C GLU E 745 -31.03 -32.80 -103.69
N ALA E 746 -32.34 -32.59 -103.85
CA ALA E 746 -32.96 -32.31 -105.14
C ALA E 746 -34.29 -31.64 -104.89
N ARG E 747 -34.36 -30.33 -105.11
CA ARG E 747 -35.59 -29.57 -104.85
C ARG E 747 -36.28 -29.25 -106.15
N HIS E 748 -37.50 -29.76 -106.31
CA HIS E 748 -38.36 -29.45 -107.43
C HIS E 748 -39.22 -28.25 -107.01
N HIS E 749 -39.22 -27.22 -107.83
CA HIS E 749 -39.92 -25.99 -107.50
C HIS E 749 -41.07 -25.75 -108.48
N GLY E 750 -41.89 -24.77 -108.15
CA GLY E 750 -43.05 -24.42 -108.96
C GLY E 750 -44.32 -25.18 -108.64
N VAL E 751 -44.35 -26.46 -109.00
CA VAL E 751 -45.52 -27.31 -108.78
C VAL E 751 -45.56 -27.68 -107.30
N SER E 752 -46.73 -28.10 -106.84
CA SER E 752 -46.90 -28.44 -105.42
C SER E 752 -46.17 -29.73 -105.10
N ASP E 753 -45.33 -29.68 -104.06
CA ASP E 753 -44.58 -30.85 -103.59
C ASP E 753 -45.00 -31.12 -102.15
N VAL E 754 -46.09 -31.86 -101.98
CA VAL E 754 -46.52 -32.26 -100.63
C VAL E 754 -45.58 -33.24 -99.93
N PRO E 755 -44.76 -34.11 -100.57
CA PRO E 755 -43.76 -34.82 -99.74
C PRO E 755 -42.63 -33.93 -99.28
N ARG E 756 -42.27 -32.91 -100.08
CA ARG E 756 -41.27 -31.95 -99.65
C ARG E 756 -41.81 -31.05 -98.54
N LEU E 757 -43.04 -30.59 -98.67
CA LEU E 757 -43.63 -29.74 -97.63
C LEU E 757 -43.96 -30.54 -96.37
N GLY E 758 -44.17 -31.84 -96.50
CA GLY E 758 -44.33 -32.69 -95.34
C GLY E 758 -43.04 -33.25 -94.79
N ALA E 759 -41.94 -33.09 -95.53
CA ALA E 759 -40.64 -33.59 -95.12
C ALA E 759 -39.81 -32.53 -94.40
N MET E 760 -40.36 -31.33 -94.19
CA MET E 760 -39.67 -30.34 -93.40
C MET E 760 -39.76 -30.71 -91.92
N ASP E 761 -38.84 -30.12 -91.13
CA ASP E 761 -38.43 -30.41 -89.74
C ASP E 761 -37.60 -31.69 -89.66
N ALA E 762 -37.49 -32.45 -90.74
CA ALA E 762 -36.60 -33.60 -90.76
C ALA E 762 -35.19 -33.16 -91.08
N ASP E 763 -34.27 -34.11 -91.06
CA ASP E 763 -32.84 -33.84 -91.22
C ASP E 763 -32.23 -34.58 -92.39
N GLU E 764 -32.94 -35.52 -93.01
CA GLU E 764 -32.42 -36.31 -94.10
C GLU E 764 -32.36 -35.60 -95.46
N PRO E 765 -33.49 -35.09 -96.07
CA PRO E 765 -33.40 -34.74 -97.50
C PRO E 765 -32.64 -33.46 -97.83
N LEU E 766 -32.88 -32.37 -97.09
CA LEU E 766 -32.23 -31.06 -97.27
C LEU E 766 -32.40 -30.56 -98.71
N PHE E 767 -33.66 -30.26 -99.04
CA PHE E 767 -33.98 -29.87 -100.41
C PHE E 767 -33.44 -28.49 -100.75
N VAL E 768 -32.55 -28.42 -101.74
CA VAL E 768 -31.81 -27.20 -102.07
C VAL E 768 -32.03 -26.91 -103.56
N ASP E 769 -32.12 -25.62 -103.90
CA ASP E 769 -32.31 -25.14 -105.26
C ASP E 769 -31.11 -25.44 -106.15
N ASP E 770 -31.20 -24.98 -107.40
CA ASP E 770 -30.05 -25.03 -108.29
C ASP E 770 -28.97 -24.06 -107.83
N TYR E 771 -27.72 -24.53 -107.88
CA TYR E 771 -26.59 -23.80 -107.30
C TYR E 771 -26.29 -22.59 -108.19
N ARG E 772 -26.95 -21.48 -107.88
CA ARG E 772 -26.70 -20.25 -108.61
C ARG E 772 -25.62 -19.40 -107.98
N ALA E 773 -24.71 -19.99 -107.21
CA ALA E 773 -23.69 -19.25 -106.49
C ALA E 773 -22.31 -19.61 -107.03
N THR E 774 -21.68 -18.65 -107.70
CA THR E 774 -20.28 -18.80 -108.08
C THR E 774 -19.39 -18.15 -107.01
N ASP E 775 -18.07 -18.29 -107.20
CA ASP E 775 -17.12 -17.91 -106.17
C ASP E 775 -17.05 -16.40 -105.95
N ASP E 776 -17.49 -15.60 -106.92
CA ASP E 776 -17.48 -14.15 -106.73
C ASP E 776 -18.55 -13.71 -105.75
N GLU E 777 -19.79 -14.14 -105.95
CA GLU E 777 -20.84 -13.78 -105.00
C GLU E 777 -20.72 -14.60 -103.72
N TRP E 778 -20.05 -15.76 -103.78
CA TRP E 778 -19.68 -16.48 -102.57
C TRP E 778 -18.71 -15.65 -101.73
N THR E 779 -17.71 -15.05 -102.39
CA THR E 779 -16.77 -14.17 -101.71
C THR E 779 -17.49 -12.94 -101.14
N LEU E 780 -18.41 -12.38 -101.91
CA LEU E 780 -19.15 -11.21 -101.43
C LEU E 780 -20.07 -11.56 -100.26
N GLN E 781 -20.65 -12.76 -100.26
CA GLN E 781 -21.51 -13.17 -99.17
C GLN E 781 -20.69 -13.42 -97.91
N LYS E 782 -19.52 -14.04 -98.06
CA LYS E 782 -18.58 -14.18 -96.95
C LYS E 782 -18.15 -12.83 -96.41
N VAL E 783 -17.97 -11.84 -97.29
CA VAL E 783 -17.61 -10.49 -96.85
C VAL E 783 -18.74 -9.89 -96.03
N PHE E 784 -19.97 -9.94 -96.57
CA PHE E 784 -21.11 -9.30 -95.92
C PHE E 784 -21.46 -9.94 -94.59
N TYR E 785 -21.20 -11.23 -94.43
CA TYR E 785 -21.56 -11.88 -93.18
C TYR E 785 -20.39 -12.08 -92.23
N LEU E 786 -19.15 -11.87 -92.66
CA LEU E 786 -18.01 -12.00 -91.77
C LEU E 786 -17.42 -10.68 -91.33
N CYS E 787 -17.41 -9.64 -92.18
CA CYS E 787 -16.67 -8.45 -91.82
C CYS E 787 -17.45 -7.15 -91.92
N LEU E 788 -18.51 -7.07 -92.72
CA LEU E 788 -19.23 -5.81 -92.78
C LEU E 788 -20.17 -5.65 -91.60
N MET E 789 -21.15 -6.53 -91.48
CA MET E 789 -22.17 -6.37 -90.47
C MET E 789 -21.68 -6.57 -89.02
N PRO E 790 -20.92 -7.62 -88.66
CA PRO E 790 -20.49 -7.71 -87.24
C PRO E 790 -19.50 -6.64 -86.82
N ALA E 791 -18.88 -5.92 -87.76
CA ALA E 791 -18.17 -4.70 -87.38
C ALA E 791 -19.10 -3.52 -87.18
N MET E 792 -20.35 -3.63 -87.60
CA MET E 792 -21.34 -2.58 -87.39
C MET E 792 -22.32 -2.91 -86.29
N THR E 793 -22.69 -4.18 -86.13
CA THR E 793 -23.54 -4.56 -85.01
C THR E 793 -22.81 -4.49 -83.67
N ASN E 794 -21.49 -4.72 -83.67
CA ASN E 794 -20.71 -5.03 -82.48
C ASN E 794 -21.36 -6.19 -81.71
N ASN E 795 -21.77 -7.21 -82.47
CA ASN E 795 -22.34 -8.45 -81.97
C ASN E 795 -23.60 -8.24 -81.15
N ARG E 796 -24.40 -7.25 -81.51
CA ARG E 796 -25.79 -7.24 -81.10
C ARG E 796 -26.63 -8.19 -81.93
N ALA E 797 -26.10 -8.65 -83.05
CA ALA E 797 -26.81 -9.49 -83.99
C ALA E 797 -26.98 -10.90 -83.45
N CYS E 798 -27.97 -11.60 -84.00
CA CYS E 798 -28.18 -13.00 -83.67
C CYS E 798 -28.79 -13.71 -84.87
N GLY E 799 -29.00 -15.00 -84.72
CA GLY E 799 -29.64 -15.80 -85.74
C GLY E 799 -30.87 -16.46 -85.14
N LEU E 800 -31.96 -16.47 -85.92
CA LEU E 800 -33.20 -17.06 -85.47
C LEU E 800 -33.70 -18.04 -86.52
N GLY E 801 -34.51 -18.99 -86.06
CA GLY E 801 -35.16 -19.92 -86.96
C GLY E 801 -36.66 -19.75 -86.89
N LEU E 802 -37.30 -19.54 -88.04
CA LEU E 802 -38.74 -19.38 -88.08
C LEU E 802 -39.40 -20.75 -88.19
N ASN E 803 -40.35 -21.03 -87.31
CA ASN E 803 -41.16 -22.25 -87.40
C ASN E 803 -42.11 -22.09 -88.59
N LEU E 804 -41.58 -22.41 -89.77
CA LEU E 804 -42.06 -21.83 -91.02
C LEU E 804 -43.45 -22.33 -91.40
N LYS E 805 -43.72 -23.62 -91.19
CA LYS E 805 -44.94 -24.23 -91.67
C LYS E 805 -46.16 -23.73 -90.92
N THR E 806 -46.14 -23.84 -89.59
CA THR E 806 -47.27 -23.39 -88.79
C THR E 806 -47.42 -21.87 -88.80
N LEU E 807 -46.30 -21.15 -88.99
CA LEU E 807 -46.37 -19.71 -89.13
C LEU E 807 -47.11 -19.31 -90.40
N LEU E 808 -46.74 -19.91 -91.53
CA LEU E 808 -47.45 -19.60 -92.77
C LEU E 808 -48.86 -20.15 -92.80
N VAL E 809 -49.17 -21.17 -91.99
CA VAL E 809 -50.56 -21.57 -91.86
C VAL E 809 -51.35 -20.56 -91.03
N ASP E 810 -50.74 -20.01 -89.98
CA ASP E 810 -51.50 -19.25 -88.99
C ASP E 810 -51.84 -17.85 -89.48
N LEU E 811 -50.86 -17.13 -90.04
CA LEU E 811 -51.14 -15.78 -90.50
C LEU E 811 -51.94 -15.78 -91.80
N PHE E 812 -51.69 -16.76 -92.65
CA PHE E 812 -52.46 -16.97 -93.88
C PHE E 812 -53.60 -17.95 -93.58
N TYR E 813 -54.17 -18.54 -94.64
CA TYR E 813 -55.36 -19.39 -94.63
C TYR E 813 -56.59 -18.64 -94.15
N ARG E 814 -56.62 -17.33 -94.33
CA ARG E 814 -57.87 -16.62 -94.29
C ARG E 814 -58.65 -16.92 -95.56
N PRO E 815 -59.98 -17.00 -95.48
CA PRO E 815 -60.78 -17.33 -96.68
C PRO E 815 -60.76 -16.23 -97.74
N ALA E 816 -60.31 -15.02 -97.41
CA ALA E 816 -60.16 -13.98 -98.41
C ALA E 816 -59.07 -14.31 -99.41
N PHE E 817 -57.96 -14.91 -98.96
CA PHE E 817 -56.89 -15.27 -99.86
C PHE E 817 -57.24 -16.46 -100.75
N LEU E 818 -58.09 -17.38 -100.25
CA LEU E 818 -58.43 -18.57 -101.02
C LEU E 818 -59.38 -18.24 -102.16
N LEU E 819 -60.42 -17.47 -101.88
CA LEU E 819 -61.34 -16.97 -102.90
C LEU E 819 -60.84 -15.61 -103.35
N MET E 820 -59.95 -15.59 -104.33
CA MET E 820 -59.32 -14.35 -104.76
C MET E 820 -59.67 -14.05 -106.22
N PRO E 821 -60.05 -12.81 -106.54
CA PRO E 821 -60.28 -12.41 -107.93
C PRO E 821 -58.99 -12.35 -108.75
N ILE E 846 -61.26 0.44 -95.69
CA ILE E 846 -62.14 0.42 -94.52
C ILE E 846 -61.45 -0.30 -93.37
N ALA E 847 -62.11 -0.34 -92.22
CA ALA E 847 -61.61 -1.04 -91.05
C ALA E 847 -62.18 -2.44 -90.93
N ALA E 848 -63.18 -2.79 -91.74
CA ALA E 848 -63.83 -4.09 -91.68
C ALA E 848 -62.97 -5.20 -92.26
N GLN E 849 -61.96 -4.85 -93.04
CA GLN E 849 -61.02 -5.82 -93.60
C GLN E 849 -60.02 -6.34 -92.57
N ARG E 850 -59.89 -5.68 -91.42
CA ARG E 850 -58.96 -6.14 -90.40
C ARG E 850 -59.42 -7.44 -89.75
N GLN E 851 -60.73 -7.67 -89.70
CA GLN E 851 -61.23 -8.98 -89.30
C GLN E 851 -60.93 -10.02 -90.37
N ALA E 852 -60.92 -9.62 -91.65
CA ALA E 852 -60.73 -10.56 -92.74
C ALA E 852 -59.28 -11.01 -92.86
N VAL E 853 -58.34 -10.07 -92.74
CA VAL E 853 -56.94 -10.38 -92.98
C VAL E 853 -56.34 -11.13 -91.80
N GLY E 854 -56.91 -10.96 -90.61
CA GLY E 854 -56.41 -11.61 -89.42
C GLY E 854 -55.86 -10.57 -88.48
N GLU E 855 -55.18 -11.04 -87.43
CA GLU E 855 -54.59 -10.15 -86.45
C GLU E 855 -53.07 -10.19 -86.46
N MET E 856 -52.47 -11.34 -86.77
CA MET E 856 -51.01 -11.39 -86.84
C MET E 856 -50.48 -10.67 -88.07
N LEU E 857 -51.26 -10.64 -89.16
CA LEU E 857 -50.80 -10.00 -90.38
C LEU E 857 -51.02 -8.49 -90.37
N THR E 858 -52.08 -8.03 -89.71
CA THR E 858 -52.42 -6.61 -89.78
C THR E 858 -51.52 -5.73 -88.93
N GLU E 859 -50.69 -6.31 -88.06
CA GLU E 859 -49.81 -5.50 -87.25
C GLU E 859 -48.49 -5.18 -87.95
N LEU E 860 -48.09 -6.00 -88.92
CA LEU E 860 -46.82 -5.81 -89.61
C LEU E 860 -46.98 -5.20 -90.99
N VAL E 861 -48.17 -4.69 -91.33
CA VAL E 861 -48.38 -4.08 -92.63
C VAL E 861 -49.02 -2.70 -92.54
N GLU E 862 -49.75 -2.38 -91.48
CA GLU E 862 -50.56 -1.16 -91.47
C GLU E 862 -49.70 0.08 -91.21
N ASP E 863 -48.51 -0.12 -90.64
CA ASP E 863 -47.54 0.95 -90.45
C ASP E 863 -46.28 0.73 -91.28
N VAL E 864 -46.28 -0.31 -92.11
CA VAL E 864 -45.05 -0.77 -92.77
C VAL E 864 -45.20 -0.61 -94.27
N ALA E 865 -46.24 -1.23 -94.84
CA ALA E 865 -46.36 -1.35 -96.29
C ALA E 865 -47.77 -0.98 -96.73
N THR E 866 -48.26 0.16 -96.25
CA THR E 866 -49.53 0.69 -96.67
C THR E 866 -49.37 2.14 -97.08
N ASP E 867 -50.23 2.57 -97.99
CA ASP E 867 -50.25 3.92 -98.52
C ASP E 867 -51.69 4.41 -98.54
N ALA E 868 -51.87 5.71 -98.73
CA ALA E 868 -53.21 6.23 -98.96
C ALA E 868 -53.75 5.79 -100.31
N HIS E 869 -52.88 5.53 -101.28
CA HIS E 869 -53.30 5.08 -102.59
C HIS E 869 -53.76 3.64 -102.61
N THR E 870 -52.89 2.71 -102.21
CA THR E 870 -53.28 1.32 -102.21
C THR E 870 -53.92 0.93 -100.88
N PRO E 871 -55.02 0.18 -100.91
CA PRO E 871 -55.63 -0.31 -99.67
C PRO E 871 -54.75 -1.38 -99.02
N LEU E 872 -54.99 -1.60 -97.73
CA LEU E 872 -54.23 -2.57 -96.96
C LEU E 872 -54.48 -3.98 -97.45
N LEU E 873 -55.70 -4.27 -97.90
CA LEU E 873 -56.03 -5.61 -98.37
C LEU E 873 -55.29 -5.95 -99.66
N GLN E 874 -55.01 -4.95 -100.48
CA GLN E 874 -54.34 -5.21 -101.76
C GLN E 874 -52.88 -5.61 -101.57
N ALA E 875 -52.19 -4.98 -100.61
CA ALA E 875 -50.78 -5.29 -100.39
C ALA E 875 -50.57 -6.67 -99.78
N CYS E 876 -51.47 -7.08 -98.87
CA CYS E 876 -51.40 -8.43 -98.33
C CYS E 876 -51.77 -9.48 -99.37
N ARG E 877 -52.58 -9.11 -100.37
CA ARG E 877 -52.77 -9.99 -101.51
C ARG E 877 -51.57 -10.02 -102.43
N GLU E 878 -50.75 -8.96 -102.43
CA GLU E 878 -49.56 -8.96 -103.27
C GLU E 878 -48.49 -9.89 -102.69
N LEU E 879 -48.22 -9.78 -101.38
CA LEU E 879 -47.17 -10.57 -100.76
C LEU E 879 -47.55 -12.03 -100.60
N PHE E 880 -48.81 -12.37 -100.90
CA PHE E 880 -49.22 -13.76 -101.02
C PHE E 880 -48.59 -14.45 -102.22
N LEU E 881 -48.08 -13.70 -103.19
CA LEU E 881 -47.56 -14.28 -104.42
C LEU E 881 -46.14 -14.83 -104.28
N ALA E 882 -45.63 -15.00 -103.07
CA ALA E 882 -44.31 -15.57 -102.85
C ALA E 882 -44.35 -16.84 -102.02
N VAL E 883 -45.54 -17.32 -101.66
CA VAL E 883 -45.66 -18.46 -100.76
C VAL E 883 -45.25 -19.76 -101.46
N GLN E 884 -45.32 -19.79 -102.78
CA GLN E 884 -44.80 -20.95 -103.51
C GLN E 884 -43.28 -21.03 -103.49
N PHE E 885 -42.59 -19.95 -103.12
CA PHE E 885 -41.15 -19.96 -102.91
C PHE E 885 -40.82 -20.24 -101.45
N VAL E 886 -41.41 -21.29 -100.90
CA VAL E 886 -41.23 -21.58 -99.49
C VAL E 886 -40.11 -22.61 -99.33
N GLY E 887 -39.35 -22.48 -98.25
CA GLY E 887 -38.30 -23.42 -97.95
C GLY E 887 -38.74 -24.46 -96.94
N GLU E 888 -37.85 -24.82 -96.04
CA GLU E 888 -38.14 -25.80 -95.01
C GLU E 888 -37.83 -25.19 -93.64
N HIS E 889 -37.86 -26.01 -92.60
CA HIS E 889 -37.37 -25.56 -91.31
C HIS E 889 -35.85 -25.40 -91.36
N VAL E 890 -35.35 -24.56 -90.48
CA VAL E 890 -33.92 -24.25 -90.45
C VAL E 890 -33.16 -25.44 -89.87
N LYS E 891 -31.87 -25.51 -90.20
CA LYS E 891 -31.01 -26.55 -89.68
C LYS E 891 -29.57 -26.05 -89.75
N VAL E 892 -28.81 -26.29 -88.69
CA VAL E 892 -27.44 -25.82 -88.59
C VAL E 892 -26.54 -26.93 -89.11
N LEU E 893 -25.94 -26.71 -90.27
CA LEU E 893 -25.05 -27.70 -90.86
C LEU E 893 -23.63 -27.50 -90.37
N GLU E 894 -22.89 -28.60 -90.28
CA GLU E 894 -21.48 -28.57 -89.98
C GLU E 894 -20.71 -28.88 -91.26
N VAL E 895 -19.76 -28.02 -91.61
CA VAL E 895 -18.98 -28.18 -92.83
C VAL E 895 -17.65 -28.79 -92.40
N ARG E 896 -17.57 -30.11 -92.47
CA ARG E 896 -16.34 -30.84 -92.14
C ARG E 896 -15.37 -30.63 -93.30
N ALA E 897 -14.33 -29.83 -93.07
CA ALA E 897 -13.45 -29.47 -94.14
C ALA E 897 -11.99 -29.60 -93.72
N PRO E 898 -11.18 -30.30 -94.50
CA PRO E 898 -9.72 -30.21 -94.34
C PRO E 898 -9.24 -28.88 -94.91
N LEU E 899 -7.98 -28.56 -94.65
CA LEU E 899 -7.43 -27.31 -95.12
C LEU E 899 -7.01 -27.44 -96.58
N ASP E 900 -6.43 -26.38 -97.13
CA ASP E 900 -5.87 -26.46 -98.46
C ASP E 900 -4.54 -27.20 -98.40
N HIS E 901 -3.99 -27.50 -99.58
CA HIS E 901 -2.78 -28.31 -99.68
C HIS E 901 -1.51 -27.58 -99.27
N ALA E 902 -1.60 -26.31 -98.88
CA ALA E 902 -0.47 -25.58 -98.33
C ALA E 902 -0.31 -25.78 -96.84
N GLN E 903 -1.40 -26.05 -96.12
CA GLN E 903 -1.37 -26.23 -94.68
C GLN E 903 -1.71 -27.67 -94.27
N ARG E 904 -1.68 -28.59 -95.23
CA ARG E 904 -1.83 -30.01 -94.92
C ARG E 904 -0.56 -30.62 -94.35
N GLN E 905 0.55 -29.87 -94.34
CA GLN E 905 1.83 -30.41 -93.89
C GLN E 905 1.81 -30.69 -92.40
N GLY E 906 1.61 -29.66 -91.60
CA GLY E 906 1.30 -29.87 -90.19
C GLY E 906 -0.11 -30.38 -90.07
N LEU E 907 -0.30 -31.40 -89.25
CA LEU E 907 -1.58 -32.02 -88.90
C LEU E 907 -2.35 -32.51 -90.13
N PRO E 908 -1.92 -33.59 -90.77
CA PRO E 908 -2.59 -34.02 -92.00
C PRO E 908 -3.88 -34.80 -91.78
N ASP E 909 -4.43 -34.81 -90.57
CA ASP E 909 -5.73 -35.39 -90.31
C ASP E 909 -6.72 -34.41 -89.72
N PHE E 910 -6.33 -33.14 -89.56
CA PHE E 910 -7.19 -32.16 -88.92
C PHE E 910 -8.29 -31.73 -89.87
N ILE E 911 -9.54 -31.93 -89.46
CA ILE E 911 -10.70 -31.51 -90.23
C ILE E 911 -11.43 -30.43 -89.43
N SER E 912 -11.65 -29.29 -90.08
CA SER E 912 -12.27 -28.16 -89.41
C SER E 912 -13.77 -28.36 -89.36
N ARG E 913 -14.38 -28.05 -88.23
CA ARG E 913 -15.83 -28.14 -88.06
C ARG E 913 -16.38 -26.72 -88.08
N GLN E 914 -16.80 -26.28 -89.26
CA GLN E 914 -17.35 -24.95 -89.47
C GLN E 914 -18.86 -25.02 -89.42
N HIS E 915 -19.48 -24.17 -88.62
CA HIS E 915 -20.93 -24.13 -88.47
C HIS E 915 -21.51 -23.13 -89.46
N VAL E 916 -22.74 -23.40 -89.88
CA VAL E 916 -23.43 -22.56 -90.87
C VAL E 916 -24.92 -22.74 -90.65
N LEU E 917 -25.67 -21.64 -90.80
CA LEU E 917 -27.12 -21.67 -90.65
C LEU E 917 -27.71 -21.71 -92.04
N TYR E 918 -28.60 -22.66 -92.29
CA TYR E 918 -29.24 -22.77 -93.59
C TYR E 918 -30.70 -22.34 -93.49
N ASN E 919 -31.14 -21.59 -94.50
CA ASN E 919 -32.53 -21.16 -94.71
C ASN E 919 -33.04 -20.31 -93.55
N GLY E 920 -32.23 -19.34 -93.12
CA GLY E 920 -32.62 -18.41 -92.08
C GLY E 920 -32.21 -17.00 -92.44
N CYS E 921 -32.20 -16.16 -91.40
CA CYS E 921 -31.83 -14.76 -91.58
C CYS E 921 -31.22 -14.26 -90.29
N CYS E 922 -30.28 -13.33 -90.42
CA CYS E 922 -29.69 -12.70 -89.25
C CYS E 922 -30.68 -11.70 -88.66
N VAL E 923 -30.78 -11.70 -87.33
CA VAL E 923 -31.75 -10.85 -86.65
C VAL E 923 -30.98 -9.90 -85.74
N VAL E 924 -31.52 -8.70 -85.58
CA VAL E 924 -30.83 -7.68 -84.79
C VAL E 924 -31.69 -7.12 -83.65
N THR E 925 -33.02 -7.19 -83.72
CA THR E 925 -33.84 -6.84 -82.57
C THR E 925 -34.89 -7.93 -82.41
N ALA E 926 -35.49 -7.97 -81.22
CA ALA E 926 -36.42 -9.04 -80.90
C ALA E 926 -37.72 -8.87 -81.69
N PRO E 927 -38.09 -9.84 -82.53
CA PRO E 927 -39.36 -9.73 -83.25
C PRO E 927 -40.53 -9.98 -82.30
N LYS E 928 -40.97 -8.91 -81.63
CA LYS E 928 -41.89 -8.98 -80.50
C LYS E 928 -43.26 -9.54 -80.84
N THR E 929 -43.61 -9.65 -82.12
CA THR E 929 -44.88 -10.20 -82.53
C THR E 929 -44.80 -11.59 -83.12
N LEU E 930 -43.60 -12.18 -83.20
CA LEU E 930 -43.40 -13.52 -83.73
C LEU E 930 -42.86 -14.46 -82.68
N ILE E 931 -43.38 -14.37 -81.45
CA ILE E 931 -42.78 -15.08 -80.32
C ILE E 931 -43.03 -16.57 -80.41
N GLU E 932 -44.23 -16.97 -80.87
CA GLU E 932 -44.56 -18.38 -80.81
C GLU E 932 -44.08 -19.13 -82.04
N TYR E 933 -43.40 -18.45 -82.96
CA TYR E 933 -42.97 -19.09 -84.20
C TYR E 933 -41.52 -18.81 -84.56
N SER E 934 -40.76 -18.18 -83.67
CA SER E 934 -39.35 -17.94 -83.91
C SER E 934 -38.50 -18.71 -82.92
N LEU E 935 -37.79 -19.71 -83.42
CA LEU E 935 -36.81 -20.28 -82.49
C LEU E 935 -35.50 -19.51 -82.60
N PRO E 936 -34.92 -19.07 -81.48
CA PRO E 936 -33.62 -18.41 -81.54
C PRO E 936 -32.52 -19.47 -81.69
N VAL E 937 -31.44 -19.10 -82.36
CA VAL E 937 -30.34 -20.05 -82.55
C VAL E 937 -29.02 -19.30 -82.55
N PRO E 938 -28.33 -19.25 -81.41
CA PRO E 938 -26.92 -18.87 -81.43
C PRO E 938 -26.09 -20.05 -81.91
N PHE E 939 -25.25 -19.83 -82.92
CA PHE E 939 -24.55 -20.95 -83.53
C PHE E 939 -23.07 -20.66 -83.79
N HIS E 940 -22.73 -19.40 -83.99
CA HIS E 940 -21.40 -19.03 -84.48
C HIS E 940 -20.65 -18.27 -83.40
N ARG E 941 -19.39 -17.91 -83.71
CA ARG E 941 -18.65 -16.99 -82.88
C ARG E 941 -19.32 -15.61 -82.89
N PHE E 942 -19.75 -15.15 -84.05
CA PHE E 942 -20.64 -14.01 -84.11
C PHE E 942 -22.07 -14.48 -83.92
N TYR E 943 -23.01 -13.53 -83.98
CA TYR E 943 -24.45 -13.78 -84.02
C TYR E 943 -24.97 -14.54 -82.81
N SER E 944 -24.37 -14.32 -81.65
CA SER E 944 -24.81 -14.94 -80.39
C SER E 944 -24.96 -13.81 -79.38
N ASN E 945 -26.14 -13.20 -79.37
CA ASN E 945 -26.42 -12.06 -78.52
C ASN E 945 -27.33 -12.50 -77.39
N PRO E 946 -26.92 -12.34 -76.13
CA PRO E 946 -27.76 -12.82 -75.02
C PRO E 946 -28.99 -11.99 -74.78
N THR E 947 -28.99 -10.71 -75.12
CA THR E 947 -30.21 -9.93 -74.92
C THR E 947 -31.26 -10.21 -76.01
N ILE E 948 -30.86 -10.87 -77.10
CA ILE E 948 -31.84 -11.34 -78.07
C ILE E 948 -32.33 -12.73 -77.69
N CYS E 949 -31.38 -13.63 -77.36
CA CYS E 949 -31.72 -15.04 -77.13
C CYS E 949 -32.57 -15.21 -75.87
N ALA E 950 -32.41 -14.32 -74.89
CA ALA E 950 -33.28 -14.36 -73.72
C ALA E 950 -34.68 -13.85 -74.04
N ALA E 951 -34.80 -12.85 -74.92
CA ALA E 951 -36.10 -12.30 -75.24
C ALA E 951 -36.93 -13.18 -76.17
N LEU E 952 -36.35 -14.24 -76.71
CA LEU E 952 -37.06 -15.12 -77.63
C LEU E 952 -37.43 -16.46 -77.04
N SER E 953 -36.68 -16.95 -76.05
CA SER E 953 -36.91 -18.25 -75.46
C SER E 953 -37.05 -18.11 -73.95
N ASP E 954 -37.38 -19.23 -73.31
CA ASP E 954 -37.53 -19.29 -71.86
C ASP E 954 -36.30 -19.88 -71.19
N ASP E 955 -35.73 -20.94 -71.78
CA ASP E 955 -34.58 -21.61 -71.18
C ASP E 955 -33.33 -20.74 -71.22
N ILE E 956 -33.24 -19.83 -72.18
CA ILE E 956 -32.15 -18.87 -72.18
C ILE E 956 -32.42 -17.75 -71.19
N LYS E 957 -33.67 -17.27 -71.14
CA LYS E 957 -34.03 -16.18 -70.23
C LYS E 957 -33.92 -16.60 -68.78
N ARG E 958 -34.20 -17.86 -68.47
CA ARG E 958 -33.88 -18.35 -67.14
C ARG E 958 -32.37 -18.50 -66.93
N TYR E 959 -31.62 -18.78 -67.99
CA TYR E 959 -30.18 -19.00 -67.87
C TYR E 959 -29.39 -17.71 -67.75
N VAL E 960 -29.84 -16.62 -68.35
CA VAL E 960 -29.12 -15.36 -68.19
C VAL E 960 -29.37 -14.78 -66.81
N THR E 961 -30.59 -14.92 -66.30
CA THR E 961 -30.91 -14.37 -64.99
C THR E 961 -30.33 -15.16 -63.83
N GLU E 962 -29.81 -16.36 -64.07
CA GLU E 962 -29.08 -17.04 -62.99
C GLU E 962 -27.58 -16.82 -63.11
N PHE E 963 -27.07 -16.61 -64.33
CA PHE E 963 -25.66 -16.34 -64.58
C PHE E 963 -25.55 -15.01 -65.30
N PRO E 964 -25.53 -13.88 -64.58
CA PRO E 964 -25.55 -12.58 -65.26
C PRO E 964 -24.22 -12.21 -65.89
N HIS E 965 -23.13 -12.89 -65.56
CA HIS E 965 -21.86 -12.58 -66.20
C HIS E 965 -21.78 -13.08 -67.63
N TYR E 966 -22.69 -13.95 -68.05
CA TYR E 966 -22.75 -14.43 -69.41
C TYR E 966 -23.50 -13.49 -70.35
N HIS E 967 -23.91 -12.32 -69.86
CA HIS E 967 -24.72 -11.40 -70.64
C HIS E 967 -23.92 -10.67 -71.72
N ARG E 968 -22.59 -10.76 -71.68
CA ARG E 968 -21.76 -9.84 -72.45
C ARG E 968 -21.54 -10.32 -73.88
N HIS E 969 -21.35 -9.36 -74.79
CA HIS E 969 -21.22 -9.59 -76.21
C HIS E 969 -19.80 -9.92 -76.63
N ASP E 970 -18.84 -9.89 -75.70
CA ASP E 970 -17.44 -9.83 -76.05
C ASP E 970 -16.84 -11.16 -76.48
N GLY E 971 -17.62 -12.23 -76.51
CA GLY E 971 -17.01 -13.53 -76.67
C GLY E 971 -17.83 -14.67 -76.10
N GLY E 972 -17.24 -15.43 -75.19
CA GLY E 972 -17.78 -16.71 -74.78
C GLY E 972 -19.07 -16.70 -73.98
N PHE E 973 -20.12 -16.11 -74.52
CA PHE E 973 -21.46 -16.43 -74.08
C PHE E 973 -21.71 -17.87 -74.50
N PRO E 974 -21.85 -18.80 -73.56
CA PRO E 974 -21.56 -20.22 -73.85
C PRO E 974 -22.53 -20.90 -74.79
N LEU E 975 -22.00 -21.33 -75.93
CA LEU E 975 -22.74 -22.12 -76.88
C LEU E 975 -22.94 -23.52 -76.31
N PRO E 976 -23.92 -24.28 -76.84
CA PRO E 976 -24.02 -25.69 -76.47
C PRO E 976 -22.84 -26.50 -76.98
N THR E 977 -22.74 -27.73 -76.47
CA THR E 977 -21.57 -28.57 -76.72
C THR E 977 -21.43 -29.01 -78.17
N ALA E 978 -22.52 -28.94 -78.95
CA ALA E 978 -22.41 -29.16 -80.38
C ALA E 978 -21.76 -28.00 -81.11
N PHE E 979 -21.61 -26.84 -80.45
CA PHE E 979 -21.04 -25.66 -81.08
C PHE E 979 -19.78 -25.14 -80.39
N ALA E 980 -19.36 -25.75 -79.29
CA ALA E 980 -18.16 -25.32 -78.58
C ALA E 980 -16.95 -26.03 -79.20
N HIS E 981 -16.56 -25.55 -80.38
CA HIS E 981 -15.45 -26.11 -81.12
C HIS E 981 -14.54 -25.01 -81.62
N GLU E 982 -14.14 -24.13 -80.70
CA GLU E 982 -13.29 -22.99 -81.06
C GLU E 982 -11.89 -23.42 -81.49
N TYR E 983 -11.46 -24.63 -81.10
CA TYR E 983 -10.26 -25.19 -81.68
C TYR E 983 -10.55 -26.01 -82.93
N HIS E 984 -11.72 -25.83 -83.54
CA HIS E 984 -12.04 -26.44 -84.81
C HIS E 984 -12.77 -25.50 -85.75
N ASN E 985 -12.95 -24.25 -85.35
CA ASN E 985 -13.60 -23.26 -86.21
C ASN E 985 -12.55 -22.66 -87.14
N TRP E 986 -12.93 -21.65 -87.91
CA TRP E 986 -11.96 -20.82 -88.60
C TRP E 986 -11.86 -19.44 -88.00
N LEU E 987 -12.69 -19.11 -87.03
CA LEU E 987 -12.64 -17.83 -86.34
C LEU E 987 -12.57 -18.11 -84.85
N ARG E 988 -11.42 -17.86 -84.26
CA ARG E 988 -11.23 -18.13 -82.84
C ARG E 988 -11.78 -16.96 -82.02
N SER E 989 -11.73 -17.10 -80.70
CA SER E 989 -12.19 -16.05 -79.80
C SER E 989 -11.48 -14.70 -79.89
N PRO E 990 -10.23 -14.55 -80.35
CA PRO E 990 -9.70 -13.21 -80.63
C PRO E 990 -10.50 -12.38 -81.61
N PHE E 991 -11.29 -12.97 -82.51
CA PHE E 991 -12.11 -12.17 -83.41
C PHE E 991 -13.27 -11.47 -82.72
N SER E 992 -14.08 -12.21 -81.96
CA SER E 992 -15.18 -11.59 -81.24
C SER E 992 -14.69 -10.72 -80.10
N ARG E 993 -13.52 -11.02 -79.55
CA ARG E 993 -12.89 -10.10 -78.59
C ARG E 993 -12.49 -8.81 -79.29
N TYR E 994 -12.13 -8.88 -80.56
CA TYR E 994 -11.91 -7.64 -81.30
C TYR E 994 -13.22 -7.01 -81.75
N SER E 995 -14.20 -7.83 -82.15
CA SER E 995 -15.40 -7.29 -82.76
C SER E 995 -16.36 -6.68 -81.75
N ALA E 996 -16.06 -6.77 -80.46
CA ALA E 996 -16.91 -6.13 -79.46
C ALA E 996 -16.66 -4.63 -79.39
N THR E 997 -15.40 -4.22 -79.40
CA THR E 997 -15.04 -2.82 -79.23
C THR E 997 -14.53 -2.18 -80.51
N CYS E 998 -14.85 -2.75 -81.67
CA CYS E 998 -14.38 -2.13 -82.89
C CYS E 998 -15.21 -0.89 -83.21
N PRO E 999 -14.59 0.20 -83.63
CA PRO E 999 -15.35 1.39 -83.98
C PRO E 999 -16.08 1.20 -85.30
N ASN E 1000 -17.16 1.95 -85.47
CA ASN E 1000 -18.04 1.77 -86.61
C ASN E 1000 -17.66 2.74 -87.73
N VAL E 1001 -16.56 2.39 -88.40
CA VAL E 1001 -16.03 3.20 -89.49
C VAL E 1001 -15.69 2.24 -90.64
N LEU E 1002 -15.49 2.81 -91.82
CA LEU E 1002 -15.20 2.02 -93.02
C LEU E 1002 -13.86 1.31 -92.90
N HIS E 1003 -12.87 1.97 -92.30
CA HIS E 1003 -11.54 1.38 -92.21
C HIS E 1003 -11.53 0.20 -91.23
N SER E 1004 -12.39 0.22 -90.23
CA SER E 1004 -12.47 -0.90 -89.30
C SER E 1004 -13.28 -2.07 -89.86
N VAL E 1005 -13.88 -1.91 -91.03
CA VAL E 1005 -14.42 -3.08 -91.72
C VAL E 1005 -13.30 -3.91 -92.31
N MET E 1006 -12.31 -3.24 -92.92
CA MET E 1006 -11.21 -3.93 -93.59
C MET E 1006 -10.30 -4.65 -92.61
N THR E 1007 -10.27 -4.22 -91.34
CA THR E 1007 -9.47 -4.94 -90.38
C THR E 1007 -10.16 -6.18 -89.85
N LEU E 1008 -11.45 -6.36 -90.13
CA LEU E 1008 -12.08 -7.66 -89.99
C LEU E 1008 -11.92 -8.49 -91.26
N ALA E 1009 -11.47 -7.88 -92.34
CA ALA E 1009 -11.11 -8.61 -93.55
C ALA E 1009 -9.65 -9.00 -93.58
N ALA E 1010 -8.75 -8.07 -93.26
CA ALA E 1010 -7.33 -8.34 -93.27
C ALA E 1010 -6.85 -9.03 -92.00
N MET E 1011 -7.72 -9.29 -91.04
CA MET E 1011 -7.38 -10.22 -89.99
C MET E 1011 -7.58 -11.67 -90.42
N LEU E 1012 -8.08 -11.90 -91.64
CA LEU E 1012 -8.30 -13.24 -92.16
C LEU E 1012 -7.18 -13.70 -93.08
N TYR E 1013 -6.00 -13.10 -93.00
CA TYR E 1013 -4.90 -13.50 -93.87
C TYR E 1013 -4.32 -14.83 -93.40
N LYS E 1014 -4.16 -15.76 -94.34
CA LYS E 1014 -3.70 -17.10 -94.02
C LYS E 1014 -2.22 -17.10 -93.65
N ILE E 1015 -1.80 -18.14 -92.93
CA ILE E 1015 -0.41 -18.26 -92.50
C ILE E 1015 0.17 -19.49 -93.18
N SER E 1016 -0.26 -19.75 -94.41
CA SER E 1016 0.38 -20.78 -95.18
C SER E 1016 1.78 -20.34 -95.60
N PRO E 1017 2.67 -21.29 -95.90
CA PRO E 1017 3.93 -20.92 -96.55
C PRO E 1017 3.73 -20.27 -97.91
N VAL E 1018 2.66 -20.62 -98.61
CA VAL E 1018 2.31 -19.94 -99.85
C VAL E 1018 1.83 -18.52 -99.56
N SER E 1019 1.15 -18.31 -98.44
CA SER E 1019 0.77 -16.95 -98.08
C SER E 1019 1.96 -16.13 -97.63
N LEU E 1020 2.95 -16.79 -97.01
CA LEU E 1020 4.08 -16.07 -96.43
C LEU E 1020 5.18 -15.80 -97.45
N VAL E 1021 4.94 -16.10 -98.73
CA VAL E 1021 5.87 -15.67 -99.76
C VAL E 1021 5.26 -14.54 -100.59
N LEU E 1022 3.94 -14.41 -100.61
CA LEU E 1022 3.26 -13.45 -101.45
C LEU E 1022 2.98 -12.12 -100.76
N GLN E 1023 2.57 -12.14 -99.49
CA GLN E 1023 2.31 -10.89 -98.80
C GLN E 1023 3.61 -10.18 -98.46
N THR E 1024 4.72 -10.90 -98.38
CA THR E 1024 6.00 -10.25 -98.23
C THR E 1024 6.55 -9.78 -99.57
N LYS E 1025 6.03 -10.32 -100.68
CA LYS E 1025 6.53 -9.94 -101.99
C LYS E 1025 6.11 -8.51 -102.33
N ALA E 1026 4.93 -8.10 -101.89
CA ALA E 1026 4.53 -6.71 -101.97
C ALA E 1026 4.74 -5.97 -100.66
N HIS E 1027 5.60 -6.48 -99.79
CA HIS E 1027 6.11 -5.83 -98.58
C HIS E 1027 5.03 -5.53 -97.55
N ILE E 1028 3.93 -6.30 -97.53
CA ILE E 1028 2.99 -6.21 -96.43
C ILE E 1028 3.61 -6.90 -95.23
N HIS E 1029 3.65 -6.21 -94.10
CA HIS E 1029 4.24 -6.76 -92.90
C HIS E 1029 3.37 -7.84 -92.30
N PRO E 1030 3.86 -9.06 -92.14
CA PRO E 1030 3.08 -10.11 -91.45
C PRO E 1030 3.24 -9.96 -89.95
N GLY E 1031 2.68 -10.92 -89.21
CA GLY E 1031 2.67 -10.84 -87.77
C GLY E 1031 3.84 -11.49 -87.09
N PHE E 1032 5.06 -11.23 -87.57
CA PHE E 1032 6.26 -11.81 -86.98
C PHE E 1032 7.34 -10.75 -86.87
N ALA E 1033 8.17 -10.90 -85.84
CA ALA E 1033 9.44 -10.20 -85.75
C ALA E 1033 10.56 -11.22 -85.74
N LEU E 1034 11.72 -10.83 -86.27
CA LEU E 1034 12.84 -11.74 -86.40
C LEU E 1034 14.03 -11.16 -85.63
N THR E 1035 14.40 -11.82 -84.53
CA THR E 1035 15.69 -11.56 -83.92
C THR E 1035 16.74 -12.31 -84.71
N ALA E 1036 17.37 -11.65 -85.65
CA ALA E 1036 18.36 -12.28 -86.51
C ALA E 1036 19.64 -12.47 -85.71
N VAL E 1037 20.04 -13.72 -85.51
CA VAL E 1037 21.22 -14.04 -84.74
C VAL E 1037 22.37 -14.32 -85.69
N ARG E 1038 23.49 -13.62 -85.49
CA ARG E 1038 24.64 -13.69 -86.37
C ARG E 1038 25.88 -13.88 -85.53
N THR E 1039 26.74 -14.81 -85.94
CA THR E 1039 28.04 -14.94 -85.29
C THR E 1039 29.08 -14.18 -86.10
N ASP E 1040 30.22 -13.90 -85.47
CA ASP E 1040 31.18 -13.00 -86.08
C ASP E 1040 32.57 -13.36 -85.59
N THR E 1041 33.47 -13.64 -86.53
CA THR E 1041 34.82 -14.08 -86.19
C THR E 1041 35.83 -12.97 -86.43
N PHE E 1042 36.55 -12.59 -85.38
CA PHE E 1042 37.62 -11.61 -85.47
C PHE E 1042 38.94 -12.30 -85.14
N GLU E 1043 39.88 -12.26 -86.07
CA GLU E 1043 41.24 -12.66 -85.75
C GLU E 1043 41.86 -11.60 -84.85
N VAL E 1044 42.65 -12.03 -83.86
CA VAL E 1044 43.07 -11.15 -82.77
C VAL E 1044 44.35 -11.72 -82.15
N ASP E 1045 45.06 -10.90 -81.39
CA ASP E 1045 46.37 -11.26 -80.86
C ASP E 1045 46.36 -11.16 -79.34
N MET E 1046 46.26 -12.30 -78.66
CA MET E 1046 46.30 -12.31 -77.21
C MET E 1046 47.72 -12.15 -76.70
N LEU E 1047 47.89 -11.34 -75.65
CA LEU E 1047 49.14 -11.28 -74.91
C LEU E 1047 48.98 -12.13 -73.66
N LEU E 1048 50.01 -12.91 -73.36
CA LEU E 1048 49.98 -13.88 -72.28
C LEU E 1048 50.98 -13.47 -71.22
N TYR E 1049 50.64 -13.74 -69.96
CA TYR E 1049 51.55 -13.50 -68.85
C TYR E 1049 51.48 -14.69 -67.89
N SER E 1050 52.64 -15.21 -67.53
CA SER E 1050 52.73 -16.37 -66.66
C SER E 1050 53.93 -16.22 -65.74
N GLY E 1051 53.78 -16.71 -64.51
CA GLY E 1051 54.82 -16.55 -63.52
C GLY E 1051 56.03 -17.43 -63.78
N LYS E 1052 57.12 -17.11 -63.10
CA LYS E 1052 58.36 -17.85 -63.24
C LYS E 1052 58.20 -19.26 -62.67
N SER E 1053 58.60 -20.26 -63.48
CA SER E 1053 58.44 -21.68 -63.18
C SER E 1053 56.98 -22.03 -62.90
N CYS E 1054 56.12 -21.74 -63.87
CA CYS E 1054 54.69 -22.03 -63.72
C CYS E 1054 54.42 -23.52 -63.70
N THR E 1055 55.05 -24.27 -64.60
CA THR E 1055 54.90 -25.71 -64.65
C THR E 1055 56.23 -26.34 -65.01
N SER E 1056 56.43 -27.57 -64.54
CA SER E 1056 57.69 -28.28 -64.73
C SER E 1056 57.47 -29.42 -65.71
N VAL E 1057 57.90 -29.21 -66.96
CA VAL E 1057 57.81 -30.28 -67.94
C VAL E 1057 58.90 -31.31 -67.66
N ILE E 1058 58.66 -32.55 -68.07
CA ILE E 1058 59.66 -33.59 -67.98
C ILE E 1058 59.70 -34.35 -69.30
N ILE E 1059 60.87 -34.42 -69.92
CA ILE E 1059 61.02 -35.07 -71.22
C ILE E 1059 61.85 -36.33 -71.05
N ASN E 1060 61.82 -37.18 -72.08
CA ASN E 1060 62.68 -38.36 -72.13
C ASN E 1060 63.49 -38.36 -73.42
N ASN E 1061 64.18 -39.46 -73.71
CA ASN E 1061 64.87 -39.57 -74.98
C ASN E 1061 63.87 -39.73 -76.12
N PRO E 1062 64.18 -39.21 -77.31
CA PRO E 1062 63.28 -39.40 -78.46
C PRO E 1062 63.24 -40.83 -78.95
N ILE E 1063 62.06 -41.34 -79.21
CA ILE E 1063 61.90 -42.72 -79.66
C ILE E 1063 61.74 -42.72 -81.18
N VAL E 1064 62.66 -43.39 -81.86
CA VAL E 1064 62.66 -43.42 -83.31
C VAL E 1064 61.97 -44.70 -83.79
N THR E 1065 60.99 -44.56 -84.67
CA THR E 1065 60.38 -45.69 -85.33
C THR E 1065 60.52 -45.54 -86.83
N LYS E 1066 60.48 -46.68 -87.53
CA LYS E 1066 60.97 -46.78 -88.90
C LYS E 1066 59.90 -47.45 -89.75
N GLU E 1067 59.20 -46.66 -90.56
CA GLU E 1067 58.19 -47.17 -91.47
C GLU E 1067 58.74 -47.27 -92.87
N GLU E 1068 58.20 -48.21 -93.65
CA GLU E 1068 58.64 -48.47 -95.01
C GLU E 1068 57.50 -48.15 -95.97
N ARG E 1069 57.49 -46.95 -96.52
CA ARG E 1069 56.63 -46.61 -97.64
C ARG E 1069 57.47 -46.64 -98.90
N ASP E 1070 56.95 -47.27 -99.95
CA ASP E 1070 57.73 -47.41 -101.19
C ASP E 1070 57.46 -46.24 -102.14
N ILE E 1071 57.50 -45.03 -101.60
CA ILE E 1071 57.62 -43.81 -102.40
C ILE E 1071 58.82 -43.06 -101.84
N SER E 1072 59.04 -43.21 -100.54
CA SER E 1072 60.16 -42.69 -99.74
C SER E 1072 60.05 -43.29 -98.33
N THR E 1073 61.19 -43.55 -97.71
CA THR E 1073 61.24 -44.12 -96.37
C THR E 1073 61.04 -42.99 -95.36
N THR E 1074 60.07 -43.17 -94.46
CA THR E 1074 59.76 -42.19 -93.43
C THR E 1074 60.18 -42.70 -92.06
N TYR E 1075 60.37 -41.76 -91.15
CA TYR E 1075 60.66 -42.05 -89.74
C TYR E 1075 59.83 -41.10 -88.90
N HIS E 1076 59.09 -41.64 -87.95
CA HIS E 1076 58.48 -40.81 -86.92
C HIS E 1076 59.38 -40.81 -85.71
N VAL E 1077 59.38 -39.69 -84.98
CA VAL E 1077 60.05 -39.61 -83.69
C VAL E 1077 59.08 -39.02 -82.68
N THR E 1078 58.85 -39.73 -81.59
CA THR E 1078 57.96 -39.29 -80.54
C THR E 1078 58.78 -38.69 -79.41
N GLN E 1079 58.11 -37.95 -78.55
CA GLN E 1079 58.77 -37.35 -77.39
C GLN E 1079 57.71 -37.25 -76.29
N ASN E 1080 57.67 -38.25 -75.42
CA ASN E 1080 56.70 -38.26 -74.33
C ASN E 1080 57.08 -37.19 -73.33
N ILE E 1081 56.33 -36.10 -73.29
CA ILE E 1081 56.52 -35.07 -72.28
C ILE E 1081 55.30 -35.04 -71.39
N ASN E 1082 55.56 -34.84 -70.10
CA ASN E 1082 54.51 -34.70 -69.11
C ASN E 1082 54.68 -33.36 -68.42
N THR E 1083 53.56 -32.74 -68.08
CA THR E 1083 53.59 -31.45 -67.39
C THR E 1083 53.10 -31.64 -65.97
N VAL E 1084 53.67 -30.87 -65.06
CA VAL E 1084 53.28 -30.87 -63.66
C VAL E 1084 52.85 -29.46 -63.32
N ASP E 1085 51.55 -29.28 -63.05
CA ASP E 1085 51.04 -27.97 -62.63
C ASP E 1085 51.55 -27.67 -61.23
N MET E 1086 52.49 -26.74 -61.13
CA MET E 1086 53.02 -26.31 -59.85
C MET E 1086 52.47 -24.91 -59.57
N GLY E 1087 51.31 -24.89 -58.93
CA GLY E 1087 50.69 -23.63 -58.56
C GLY E 1087 49.55 -23.83 -57.59
N LEU E 1088 49.46 -22.97 -56.58
CA LEU E 1088 48.34 -23.04 -55.66
C LEU E 1088 47.04 -22.60 -56.32
N GLY E 1089 47.08 -21.50 -57.08
CA GLY E 1089 45.90 -21.04 -57.79
C GLY E 1089 46.16 -20.91 -59.27
N TYR E 1090 45.56 -19.91 -59.90
CA TYR E 1090 45.82 -19.66 -61.31
C TYR E 1090 46.98 -18.69 -61.45
N THR E 1091 48.11 -19.18 -61.97
CA THR E 1091 49.34 -18.41 -62.02
C THR E 1091 49.74 -18.05 -63.44
N SER E 1092 48.81 -18.08 -64.38
CA SER E 1092 49.10 -17.72 -65.77
C SER E 1092 47.89 -17.02 -66.35
N ASN E 1093 48.08 -15.80 -66.82
CA ASN E 1093 46.98 -14.99 -67.31
C ASN E 1093 47.11 -14.72 -68.80
N THR E 1094 45.99 -14.35 -69.40
CA THR E 1094 45.95 -13.94 -70.80
C THR E 1094 44.91 -12.86 -70.94
N CYS E 1095 45.05 -12.03 -71.97
CA CYS E 1095 44.06 -11.02 -72.31
C CYS E 1095 43.98 -10.89 -73.81
N VAL E 1096 42.76 -10.82 -74.33
CA VAL E 1096 42.55 -10.51 -75.74
C VAL E 1096 42.84 -9.03 -75.94
N ALA E 1097 43.77 -8.72 -76.84
CA ALA E 1097 44.35 -7.38 -76.83
C ALA E 1097 44.03 -6.54 -78.05
N TYR E 1098 44.37 -6.99 -79.25
CA TYR E 1098 44.40 -6.07 -80.40
C TYR E 1098 43.88 -6.80 -81.63
N VAL E 1099 42.78 -6.32 -82.20
CA VAL E 1099 42.19 -6.92 -83.38
C VAL E 1099 42.99 -6.52 -84.61
N ASN E 1100 42.89 -7.32 -85.67
CA ASN E 1100 43.42 -6.93 -86.97
C ASN E 1100 42.33 -6.90 -88.03
N ARG E 1101 41.61 -7.99 -88.23
CA ARG E 1101 40.81 -8.21 -89.43
C ARG E 1101 39.47 -8.83 -89.03
N VAL E 1102 38.39 -8.18 -89.43
CA VAL E 1102 37.08 -8.81 -89.34
C VAL E 1102 36.98 -9.82 -90.45
N ARG E 1103 37.06 -11.10 -90.11
CA ARG E 1103 37.10 -12.13 -91.14
C ARG E 1103 35.76 -12.39 -91.79
N THR E 1104 34.66 -12.07 -91.12
CA THR E 1104 33.34 -12.21 -91.70
C THR E 1104 32.99 -10.86 -92.35
N ASP E 1105 31.73 -10.67 -92.75
CA ASP E 1105 31.31 -9.43 -93.37
C ASP E 1105 30.39 -8.60 -92.50
N MET E 1106 29.92 -9.16 -91.37
CA MET E 1106 28.81 -8.64 -90.58
C MET E 1106 27.59 -8.35 -91.46
N GLY E 1107 27.28 -9.31 -92.34
CA GLY E 1107 26.25 -9.15 -93.33
C GLY E 1107 24.93 -9.77 -92.91
N VAL E 1108 23.95 -9.63 -93.80
CA VAL E 1108 22.58 -10.04 -93.50
C VAL E 1108 22.14 -11.12 -94.48
N ARG E 1109 23.09 -11.83 -95.08
CA ARG E 1109 22.74 -12.98 -95.91
C ARG E 1109 22.24 -14.10 -95.01
N VAL E 1110 20.95 -14.40 -95.11
CA VAL E 1110 20.27 -15.30 -94.18
C VAL E 1110 20.69 -16.73 -94.44
N GLN E 1111 20.93 -17.48 -93.35
CA GLN E 1111 21.28 -18.89 -93.41
C GLN E 1111 20.16 -19.70 -94.02
N ASP E 1112 20.46 -20.38 -95.13
CA ASP E 1112 19.44 -21.07 -95.91
C ASP E 1112 19.01 -22.37 -95.24
N LEU E 1113 17.73 -22.46 -94.90
CA LEU E 1113 17.21 -23.71 -94.35
C LEU E 1113 17.11 -24.80 -95.40
N PHE E 1114 17.02 -24.45 -96.68
CA PHE E 1114 16.84 -25.44 -97.72
C PHE E 1114 18.12 -26.19 -98.04
N ARG E 1115 19.25 -25.78 -97.47
CA ARG E 1115 20.49 -26.53 -97.58
C ARG E 1115 21.00 -27.05 -96.25
N VAL E 1116 20.24 -26.89 -95.17
CA VAL E 1116 20.59 -27.50 -93.90
C VAL E 1116 19.58 -28.57 -93.47
N PHE E 1117 18.37 -28.57 -94.04
CA PHE E 1117 17.42 -29.67 -93.86
C PHE E 1117 17.00 -30.12 -95.26
N PRO E 1118 17.87 -30.79 -96.01
CA PRO E 1118 17.57 -31.04 -97.41
C PRO E 1118 16.69 -32.26 -97.64
N MET E 1119 16.32 -32.95 -96.57
CA MET E 1119 15.45 -34.12 -96.70
C MET E 1119 13.98 -33.77 -96.56
N ASN E 1120 13.66 -32.76 -95.77
CA ASN E 1120 12.26 -32.43 -95.49
C ASN E 1120 11.68 -31.60 -96.62
N VAL E 1121 10.79 -32.21 -97.38
CA VAL E 1121 10.10 -31.54 -98.49
C VAL E 1121 8.62 -31.48 -98.15
N TYR E 1122 7.84 -30.83 -99.00
CA TYR E 1122 6.40 -30.76 -98.78
C TYR E 1122 5.75 -32.07 -99.19
N ARG E 1123 4.56 -32.33 -98.64
CA ARG E 1123 3.83 -33.55 -98.96
C ARG E 1123 3.30 -33.51 -100.38
N HIS E 1124 2.43 -32.55 -100.67
CA HIS E 1124 1.99 -32.34 -102.04
C HIS E 1124 3.14 -31.73 -102.83
N ASP E 1125 3.44 -32.33 -103.99
CA ASP E 1125 4.58 -31.87 -104.77
C ASP E 1125 4.29 -30.54 -105.44
N GLU E 1126 3.02 -30.24 -105.67
CA GLU E 1126 2.66 -29.06 -106.47
C GLU E 1126 2.88 -27.78 -105.70
N VAL E 1127 2.93 -27.86 -104.36
CA VAL E 1127 3.33 -26.68 -103.59
C VAL E 1127 4.84 -26.66 -103.39
N ASP E 1128 5.53 -27.78 -103.59
CA ASP E 1128 6.98 -27.78 -103.43
C ASP E 1128 7.66 -27.28 -104.69
N ARG E 1129 7.05 -27.55 -105.84
CA ARG E 1129 7.60 -27.04 -107.09
C ARG E 1129 7.24 -25.58 -107.34
N TRP E 1130 6.47 -24.99 -106.44
CA TRP E 1130 6.10 -23.59 -106.53
C TRP E 1130 6.82 -22.73 -105.52
N ILE E 1131 7.05 -23.26 -104.32
CA ILE E 1131 7.63 -22.46 -103.24
C ILE E 1131 9.12 -22.26 -103.47
N ARG E 1132 9.83 -23.32 -103.83
CA ARG E 1132 11.26 -23.23 -104.11
C ARG E 1132 11.57 -22.35 -105.30
N HIS E 1133 10.71 -22.36 -106.33
CA HIS E 1133 10.89 -21.46 -107.46
C HIS E 1133 10.67 -20.01 -107.06
N ALA E 1134 9.72 -19.75 -106.18
CA ALA E 1134 9.44 -18.39 -105.72
C ALA E 1134 10.48 -17.89 -104.72
N ALA E 1135 11.12 -18.78 -103.97
CA ALA E 1135 12.15 -18.34 -103.05
C ALA E 1135 13.51 -18.22 -103.71
N GLY E 1136 13.68 -18.78 -104.91
CA GLY E 1136 14.89 -18.67 -105.67
C GLY E 1136 15.80 -19.88 -105.58
N VAL E 1137 15.65 -20.68 -104.53
CA VAL E 1137 16.52 -21.84 -104.35
C VAL E 1137 16.09 -22.96 -105.31
N GLU E 1138 17.07 -23.51 -106.02
CA GLU E 1138 16.82 -24.60 -106.95
C GLU E 1138 16.65 -25.91 -106.18
N ARG E 1139 15.74 -26.74 -106.63
CA ARG E 1139 15.65 -28.09 -106.10
C ARG E 1139 16.59 -29.00 -106.88
N PRO E 1140 17.15 -30.03 -106.24
CA PRO E 1140 17.95 -31.00 -106.98
C PRO E 1140 17.13 -31.86 -107.94
N GLN E 1141 16.77 -31.28 -109.08
CA GLN E 1141 15.98 -31.98 -110.09
C GLN E 1141 16.80 -32.99 -110.87
N LEU E 1142 18.12 -32.93 -110.77
CA LEU E 1142 19.00 -33.84 -111.47
C LEU E 1142 18.83 -35.26 -110.91
N LEU E 1143 19.18 -36.25 -111.74
CA LEU E 1143 19.22 -37.64 -111.32
C LEU E 1143 20.18 -37.82 -110.16
N ASP E 1144 19.71 -38.49 -109.11
CA ASP E 1144 20.42 -38.55 -107.83
C ASP E 1144 21.66 -39.43 -107.97
N THR E 1145 22.83 -38.77 -108.00
CA THR E 1145 24.10 -39.46 -108.12
C THR E 1145 24.57 -39.92 -106.74
N GLU E 1146 25.85 -40.30 -106.65
CA GLU E 1146 26.44 -40.77 -105.40
C GLU E 1146 26.43 -39.72 -104.30
N THR E 1147 26.57 -38.44 -104.66
CA THR E 1147 26.61 -37.36 -103.68
C THR E 1147 25.23 -36.81 -103.37
N ILE E 1148 24.29 -36.90 -104.32
CA ILE E 1148 22.94 -36.39 -104.09
C ILE E 1148 22.19 -37.27 -103.09
N SER E 1149 22.32 -38.59 -103.21
CA SER E 1149 21.75 -39.48 -102.21
C SER E 1149 22.53 -39.40 -100.89
N MET E 1150 23.80 -39.02 -100.96
CA MET E 1150 24.61 -38.81 -99.76
C MET E 1150 24.19 -37.55 -99.00
N LEU E 1151 23.53 -36.60 -99.68
CA LEU E 1151 23.27 -35.27 -99.12
C LEU E 1151 22.38 -35.28 -97.88
N THR E 1152 21.58 -36.33 -97.67
CA THR E 1152 20.84 -36.46 -96.43
C THR E 1152 21.71 -36.94 -95.27
N PHE E 1153 22.92 -37.41 -95.56
CA PHE E 1153 23.86 -37.85 -94.54
C PHE E 1153 25.22 -37.16 -94.66
N GLY E 1154 25.68 -36.89 -95.88
CA GLY E 1154 26.92 -36.17 -96.10
C GLY E 1154 26.77 -34.68 -95.90
N SER E 1155 27.50 -33.91 -96.70
CA SER E 1155 27.55 -32.46 -96.48
C SER E 1155 27.94 -31.76 -97.78
N MET E 1156 28.29 -30.47 -97.66
CA MET E 1156 28.87 -29.63 -98.71
C MET E 1156 27.95 -29.49 -99.92
N SER E 1157 26.78 -28.90 -99.68
CA SER E 1157 25.85 -28.61 -100.77
C SER E 1157 26.24 -27.31 -101.47
N GLU E 1158 26.23 -26.20 -100.74
CA GLU E 1158 26.50 -24.90 -101.32
C GLU E 1158 27.99 -24.73 -101.58
N ARG E 1159 28.33 -24.41 -102.82
CA ARG E 1159 29.72 -24.21 -103.21
C ARG E 1159 30.09 -22.74 -103.04
N ASN E 1160 31.25 -22.35 -103.56
CA ASN E 1160 31.63 -20.94 -103.54
C ASN E 1160 30.84 -20.15 -104.56
N ALA E 1161 30.76 -18.85 -104.34
CA ALA E 1161 30.20 -17.95 -105.34
C ALA E 1161 31.30 -17.55 -106.32
N ALA E 1162 31.00 -16.56 -107.17
CA ALA E 1162 32.00 -16.12 -108.13
C ALA E 1162 33.08 -15.26 -107.47
N ALA E 1163 32.70 -14.35 -106.58
CA ALA E 1163 33.68 -13.45 -105.98
C ALA E 1163 33.25 -13.15 -104.55
N THR E 1164 34.09 -13.54 -103.60
CA THR E 1164 33.87 -13.29 -102.18
C THR E 1164 34.62 -12.00 -101.82
N VAL E 1165 33.96 -10.88 -102.07
CA VAL E 1165 34.58 -9.58 -101.87
C VAL E 1165 34.61 -9.19 -100.39
N HIS E 1166 33.79 -9.82 -99.55
CA HIS E 1166 33.72 -9.47 -98.15
C HIS E 1166 34.07 -10.58 -97.19
N GLY E 1167 34.07 -11.84 -97.62
CA GLY E 1167 34.45 -12.92 -96.74
C GLY E 1167 33.33 -13.90 -96.47
N GLN E 1168 33.19 -14.33 -95.22
CA GLN E 1168 32.19 -15.31 -94.87
C GLN E 1168 30.82 -14.66 -94.71
N LYS E 1169 29.83 -15.47 -94.33
CA LYS E 1169 28.46 -15.01 -94.22
C LYS E 1169 27.70 -15.87 -93.22
N ALA E 1170 26.90 -15.23 -92.36
CA ALA E 1170 26.07 -15.95 -91.38
C ALA E 1170 24.97 -15.03 -90.89
N ALA E 1171 23.73 -15.51 -90.92
CA ALA E 1171 22.60 -14.82 -90.30
C ALA E 1171 21.50 -15.84 -90.06
N CYS E 1172 21.24 -16.19 -88.80
CA CYS E 1172 20.20 -17.15 -88.46
C CYS E 1172 19.05 -16.42 -87.79
N GLU E 1173 17.85 -16.98 -87.92
CA GLU E 1173 16.62 -16.29 -87.56
C GLU E 1173 15.89 -17.01 -86.43
N LEU E 1174 15.29 -16.22 -85.54
CA LEU E 1174 14.25 -16.69 -84.66
C LEU E 1174 12.95 -16.01 -85.05
N ILE E 1175 11.85 -16.43 -84.45
CA ILE E 1175 10.54 -15.80 -84.68
C ILE E 1175 10.15 -15.15 -83.37
N LEU E 1176 10.51 -13.88 -83.20
CA LEU E 1176 10.05 -13.09 -82.08
C LEU E 1176 8.55 -12.83 -82.20
N THR E 1177 7.92 -12.69 -81.06
CA THR E 1177 6.58 -12.11 -81.14
C THR E 1177 6.70 -10.62 -81.44
N PRO E 1178 5.87 -10.08 -82.32
CA PRO E 1178 6.10 -8.74 -82.88
C PRO E 1178 5.78 -7.59 -81.95
N VAL E 1179 5.59 -7.82 -80.65
CA VAL E 1179 5.31 -6.74 -79.71
C VAL E 1179 6.26 -6.80 -78.53
N THR E 1180 7.40 -7.46 -78.71
CA THR E 1180 8.41 -7.54 -77.65
C THR E 1180 9.06 -6.18 -77.42
N MET E 1181 9.12 -5.76 -76.16
CA MET E 1181 9.66 -4.46 -75.80
C MET E 1181 11.15 -4.42 -76.07
N ASP E 1182 11.57 -3.53 -76.96
CA ASP E 1182 12.97 -3.45 -77.33
C ASP E 1182 13.81 -2.70 -76.30
N VAL E 1183 13.19 -1.82 -75.53
CA VAL E 1183 13.93 -0.86 -74.72
C VAL E 1183 14.70 -1.53 -73.58
N ASN E 1184 14.25 -2.70 -73.12
CA ASN E 1184 14.99 -3.45 -72.12
C ASN E 1184 15.49 -4.78 -72.66
N TYR E 1185 15.42 -5.00 -73.97
CA TYR E 1185 15.83 -6.28 -74.53
C TYR E 1185 16.68 -6.18 -75.78
N PHE E 1186 16.98 -4.98 -76.28
CA PHE E 1186 17.86 -4.85 -77.42
C PHE E 1186 18.87 -3.73 -77.29
N LYS E 1187 18.71 -2.83 -76.35
CA LYS E 1187 19.73 -1.83 -76.11
C LYS E 1187 20.76 -2.29 -75.09
N ILE E 1188 20.49 -3.38 -74.40
CA ILE E 1188 21.44 -3.99 -73.47
C ILE E 1188 21.75 -5.38 -74.01
N PRO E 1189 22.89 -5.96 -73.65
CA PRO E 1189 23.16 -7.34 -74.04
C PRO E 1189 22.28 -8.30 -73.26
N ASN E 1190 21.75 -9.31 -73.95
CA ASN E 1190 20.87 -10.27 -73.32
C ASN E 1190 20.88 -11.56 -74.11
N ASN E 1191 20.11 -12.52 -73.63
CA ASN E 1191 19.99 -13.81 -74.31
C ASN E 1191 19.08 -13.68 -75.52
N PRO E 1192 19.38 -14.41 -76.61
CA PRO E 1192 18.46 -14.41 -77.76
C PRO E 1192 17.10 -14.97 -77.43
N ARG E 1193 17.04 -16.08 -76.71
CA ARG E 1193 15.76 -16.53 -76.19
C ARG E 1193 15.39 -15.70 -74.96
N GLY E 1194 14.17 -15.87 -74.48
CA GLY E 1194 13.70 -15.08 -73.37
C GLY E 1194 14.37 -15.40 -72.04
N ARG E 1195 14.37 -16.67 -71.67
CA ARG E 1195 14.93 -17.08 -70.39
C ARG E 1195 16.44 -17.00 -70.41
N ALA E 1196 16.98 -16.07 -69.63
CA ALA E 1196 18.42 -15.86 -69.55
C ALA E 1196 19.07 -17.06 -68.86
N SER E 1197 19.90 -17.78 -69.61
CA SER E 1197 20.32 -19.13 -69.23
C SER E 1197 21.79 -19.21 -68.87
N CYS E 1198 22.34 -18.19 -68.21
CA CYS E 1198 23.73 -18.29 -67.75
C CYS E 1198 23.76 -19.20 -66.54
N MET E 1199 24.25 -20.43 -66.73
CA MET E 1199 24.09 -21.49 -65.74
C MET E 1199 25.16 -21.46 -64.66
N LEU E 1200 25.92 -20.38 -64.56
CA LEU E 1200 26.83 -20.19 -63.44
C LEU E 1200 26.12 -19.64 -62.21
N ALA E 1201 24.96 -19.00 -62.41
CA ALA E 1201 24.24 -18.36 -61.31
C ALA E 1201 23.59 -19.37 -60.37
N VAL E 1202 23.27 -20.57 -60.84
CA VAL E 1202 22.61 -21.56 -60.00
C VAL E 1202 23.61 -22.14 -59.00
N ASP E 1203 23.09 -22.90 -58.05
CA ASP E 1203 23.95 -23.67 -57.18
C ASP E 1203 24.58 -24.83 -57.98
N PRO E 1204 25.83 -25.19 -57.68
CA PRO E 1204 26.47 -26.27 -58.43
C PRO E 1204 25.89 -27.64 -58.08
N TYR E 1205 25.74 -28.47 -59.11
CA TYR E 1205 25.31 -29.86 -59.02
C TYR E 1205 23.92 -30.01 -58.41
N ASP E 1206 22.98 -29.16 -58.81
CA ASP E 1206 21.58 -29.29 -58.43
C ASP E 1206 20.78 -29.20 -59.72
N THR E 1207 20.65 -30.34 -60.40
CA THR E 1207 20.06 -30.40 -61.73
C THR E 1207 18.54 -30.23 -61.73
N GLU E 1208 17.88 -30.47 -60.60
CA GLU E 1208 16.44 -30.30 -60.53
C GLU E 1208 16.02 -28.84 -60.48
N ALA E 1209 16.65 -28.04 -59.63
CA ALA E 1209 16.39 -26.61 -59.58
C ALA E 1209 17.18 -25.85 -60.63
N ALA E 1210 17.92 -26.55 -61.47
CA ALA E 1210 18.59 -25.97 -62.62
C ALA E 1210 17.66 -25.87 -63.82
N THR E 1211 16.90 -26.92 -64.12
CA THR E 1211 15.91 -26.84 -65.18
C THR E 1211 14.74 -25.94 -64.82
N LYS E 1212 14.51 -25.71 -63.53
CA LYS E 1212 13.47 -24.78 -63.12
C LYS E 1212 13.83 -23.34 -63.47
N ALA E 1213 15.11 -23.06 -63.63
CA ALA E 1213 15.57 -21.74 -64.06
C ALA E 1213 15.74 -21.63 -65.56
N ILE E 1214 15.31 -22.65 -66.32
CA ILE E 1214 15.53 -22.70 -67.76
C ILE E 1214 14.20 -22.82 -68.51
N TYR E 1215 13.33 -23.73 -68.08
CA TYR E 1215 12.13 -24.06 -68.82
C TYR E 1215 10.84 -23.61 -68.17
N ASP E 1216 10.74 -23.66 -66.84
CA ASP E 1216 9.48 -23.42 -66.18
C ASP E 1216 9.11 -21.94 -66.23
N HIS E 1217 7.84 -21.67 -66.52
CA HIS E 1217 7.34 -20.31 -66.66
C HIS E 1217 6.30 -20.01 -65.59
N ARG E 1218 6.49 -20.56 -64.41
CA ARG E 1218 5.81 -20.04 -63.23
C ARG E 1218 6.80 -19.36 -62.30
N GLU E 1219 8.07 -19.31 -62.67
CA GLU E 1219 9.08 -18.57 -61.94
C GLU E 1219 9.58 -17.44 -62.82
N ALA E 1220 9.86 -16.30 -62.20
CA ALA E 1220 10.36 -15.14 -62.93
C ALA E 1220 11.74 -15.40 -63.50
N ASP E 1221 12.06 -14.69 -64.57
CA ASP E 1221 13.40 -14.69 -65.13
C ASP E 1221 14.37 -14.06 -64.15
N ALA E 1222 15.64 -14.40 -64.32
CA ALA E 1222 16.67 -13.78 -63.48
C ALA E 1222 17.12 -12.43 -64.02
N GLN E 1223 17.11 -12.23 -65.34
CA GLN E 1223 17.67 -11.01 -65.91
C GLN E 1223 16.71 -9.85 -65.77
N THR E 1224 15.57 -9.91 -66.44
CA THR E 1224 14.48 -8.95 -66.26
C THR E 1224 13.30 -9.73 -65.73
N PHE E 1225 12.65 -9.21 -64.69
CA PHE E 1225 11.84 -10.06 -63.81
C PHE E 1225 10.46 -10.37 -64.37
N ALA E 1226 10.25 -10.28 -65.67
CA ALA E 1226 9.08 -10.84 -66.30
C ALA E 1226 9.25 -12.36 -66.48
N ALA E 1227 8.26 -13.00 -67.07
CA ALA E 1227 8.34 -14.45 -67.27
C ALA E 1227 9.26 -14.79 -68.43
N THR E 1228 9.18 -14.03 -69.51
CA THR E 1228 10.01 -14.25 -70.69
C THR E 1228 10.08 -12.97 -71.48
N HIS E 1229 10.66 -13.06 -72.67
CA HIS E 1229 10.57 -12.01 -73.66
C HIS E 1229 10.35 -12.56 -75.06
N ASN E 1230 10.14 -13.87 -75.19
CA ASN E 1230 9.83 -14.51 -76.45
C ASN E 1230 9.16 -15.85 -76.16
N PRO E 1231 7.84 -15.88 -76.01
CA PRO E 1231 7.15 -17.13 -75.68
C PRO E 1231 7.18 -18.18 -76.77
N TRP E 1232 7.63 -17.85 -77.98
CA TRP E 1232 7.86 -18.87 -78.98
C TRP E 1232 9.29 -19.39 -78.97
N ALA E 1233 10.10 -19.00 -77.98
CA ALA E 1233 11.52 -19.34 -78.03
C ALA E 1233 12.12 -19.73 -76.68
N SER E 1234 11.35 -19.73 -75.60
CA SER E 1234 11.93 -19.96 -74.28
C SER E 1234 11.10 -20.97 -73.50
N GLN E 1235 10.72 -22.06 -74.14
CA GLN E 1235 9.83 -23.03 -73.50
C GLN E 1235 10.20 -24.44 -73.90
N ALA E 1236 9.73 -25.39 -73.11
CA ALA E 1236 9.98 -26.81 -73.33
C ALA E 1236 9.13 -27.27 -74.51
N GLY E 1237 9.79 -27.39 -75.66
CA GLY E 1237 9.11 -27.87 -76.84
C GLY E 1237 8.41 -26.76 -77.59
N CYS E 1238 9.04 -25.60 -77.64
CA CYS E 1238 8.55 -24.51 -78.45
C CYS E 1238 9.03 -24.68 -79.90
N LEU E 1239 8.89 -23.62 -80.69
CA LEU E 1239 9.43 -23.65 -82.05
C LEU E 1239 10.95 -23.66 -82.05
N SER E 1240 11.57 -22.73 -81.33
CA SER E 1240 13.02 -22.61 -81.34
C SER E 1240 13.70 -23.73 -80.56
N ASP E 1241 12.95 -24.46 -79.73
CA ASP E 1241 13.49 -25.62 -79.03
C ASP E 1241 13.42 -26.88 -79.87
N VAL E 1242 12.97 -26.80 -81.12
CA VAL E 1242 13.01 -27.95 -82.02
C VAL E 1242 13.69 -27.61 -83.34
N LEU E 1243 13.84 -26.33 -83.66
CA LEU E 1243 14.54 -25.95 -84.89
C LEU E 1243 16.04 -25.94 -84.72
N TYR E 1244 16.54 -25.75 -83.50
CA TYR E 1244 17.97 -25.68 -83.27
C TYR E 1244 18.48 -26.62 -82.21
N ASN E 1245 17.62 -27.37 -81.53
CA ASN E 1245 18.07 -28.39 -80.61
C ASN E 1245 18.70 -29.53 -81.39
N THR E 1246 20.00 -29.74 -81.17
CA THR E 1246 20.75 -30.72 -81.97
C THR E 1246 20.33 -32.15 -81.67
N ARG E 1247 19.76 -32.43 -80.50
CA ARG E 1247 19.11 -33.71 -80.29
C ARG E 1247 17.84 -33.81 -81.13
N HIS E 1248 17.04 -32.74 -81.16
CA HIS E 1248 15.83 -32.73 -81.96
C HIS E 1248 16.10 -32.68 -83.45
N ARG E 1249 17.19 -32.04 -83.87
CA ARG E 1249 17.59 -32.08 -85.26
C ARG E 1249 18.14 -33.43 -85.68
N GLU E 1250 18.70 -34.19 -84.73
CA GLU E 1250 19.14 -35.56 -85.02
C GLU E 1250 17.96 -36.46 -85.37
N ARG E 1251 16.81 -36.23 -84.73
CA ARG E 1251 15.62 -36.99 -85.09
C ARG E 1251 15.07 -36.58 -86.44
N LEU E 1252 15.34 -35.34 -86.86
CA LEU E 1252 15.07 -34.96 -88.24
C LEU E 1252 16.26 -35.35 -89.11
N GLY E 1253 16.18 -35.06 -90.39
CA GLY E 1253 17.34 -35.26 -91.25
C GLY E 1253 18.04 -33.95 -91.49
N TYR E 1254 19.15 -33.70 -90.78
CA TYR E 1254 19.82 -32.42 -90.85
C TYR E 1254 21.26 -32.62 -91.25
N ASN E 1255 21.79 -31.68 -92.02
CA ASN E 1255 23.18 -31.70 -92.42
C ASN E 1255 24.03 -31.27 -91.23
N SER E 1256 24.98 -32.10 -90.85
CA SER E 1256 25.71 -31.87 -89.61
C SER E 1256 26.79 -30.80 -89.76
N LYS E 1257 27.26 -30.52 -90.98
CA LYS E 1257 28.39 -29.64 -91.17
C LYS E 1257 28.00 -28.21 -91.50
N PHE E 1258 26.89 -27.72 -90.96
CA PHE E 1258 26.56 -26.31 -91.03
C PHE E 1258 26.60 -25.75 -89.62
N TYR E 1259 27.29 -24.64 -89.44
CA TYR E 1259 27.39 -24.03 -88.13
C TYR E 1259 26.17 -23.17 -87.89
N SER E 1260 25.16 -23.72 -87.25
CA SER E 1260 24.05 -22.92 -86.79
C SER E 1260 24.51 -22.08 -85.61
N PRO E 1261 24.50 -20.75 -85.70
CA PRO E 1261 25.00 -19.93 -84.59
C PRO E 1261 24.04 -19.85 -83.42
N CYS E 1262 22.84 -20.41 -83.55
CA CYS E 1262 21.94 -20.53 -82.40
C CYS E 1262 22.10 -21.86 -81.68
N ALA E 1263 23.03 -22.71 -82.11
CA ALA E 1263 23.18 -24.02 -81.48
C ALA E 1263 23.82 -23.93 -80.10
N GLN E 1264 24.49 -22.84 -79.77
CA GLN E 1264 25.08 -22.67 -78.46
C GLN E 1264 24.09 -22.13 -77.44
N TYR E 1265 22.90 -21.72 -77.87
CA TYR E 1265 21.89 -21.17 -76.99
C TYR E 1265 20.78 -22.14 -76.67
N PHE E 1266 20.20 -22.79 -77.69
CA PHE E 1266 19.05 -23.66 -77.48
C PHE E 1266 19.45 -25.09 -77.17
N ASN E 1267 20.73 -25.41 -77.21
CA ASN E 1267 21.21 -26.64 -76.59
C ASN E 1267 21.04 -26.51 -75.08
N THR E 1268 20.37 -27.48 -74.47
CA THR E 1268 20.08 -27.37 -73.05
C THR E 1268 20.70 -28.49 -72.24
N GLU E 1269 20.60 -29.74 -72.68
CA GLU E 1269 21.12 -30.85 -71.91
C GLU E 1269 22.65 -30.84 -71.84
N GLU E 1270 23.30 -30.21 -72.82
CA GLU E 1270 24.74 -29.99 -72.79
C GLU E 1270 25.11 -28.72 -72.03
N ILE E 1271 24.12 -27.90 -71.69
CA ILE E 1271 24.34 -26.75 -70.82
C ILE E 1271 23.91 -27.05 -69.39
N ILE E 1272 22.83 -27.83 -69.23
CA ILE E 1272 22.37 -28.19 -67.90
C ILE E 1272 23.30 -29.19 -67.23
N ALA E 1273 24.20 -29.82 -67.99
CA ALA E 1273 25.24 -30.68 -67.46
C ALA E 1273 26.58 -29.95 -67.36
N ALA E 1274 26.56 -28.62 -67.41
CA ALA E 1274 27.75 -27.83 -67.22
C ALA E 1274 27.60 -26.87 -66.04
N ASN E 1275 26.69 -27.15 -65.12
CA ASN E 1275 26.46 -26.29 -63.94
C ASN E 1275 27.31 -26.79 -62.78
N LYS E 1276 28.60 -26.96 -63.06
CA LYS E 1276 29.53 -27.42 -62.05
C LYS E 1276 29.97 -26.23 -61.19
N THR E 1277 31.02 -26.41 -60.40
CA THR E 1277 31.52 -25.33 -59.56
C THR E 1277 32.18 -24.25 -60.41
N LEU E 1278 32.51 -23.14 -59.76
CA LEU E 1278 32.99 -21.95 -60.49
C LEU E 1278 34.34 -22.21 -61.13
N PHE E 1279 35.25 -22.85 -60.41
CA PHE E 1279 36.58 -23.08 -60.97
C PHE E 1279 36.62 -24.26 -61.91
N LYS E 1280 35.61 -25.13 -61.90
CA LYS E 1280 35.57 -26.24 -62.85
C LYS E 1280 34.95 -25.85 -64.17
N THR E 1281 34.00 -24.91 -64.18
CA THR E 1281 33.45 -24.43 -65.45
C THR E 1281 34.48 -23.63 -66.23
N ILE E 1282 35.38 -22.93 -65.53
CA ILE E 1282 36.46 -22.21 -66.20
C ILE E 1282 37.39 -23.19 -66.91
N ASP E 1283 37.74 -24.30 -66.25
CA ASP E 1283 38.50 -25.34 -66.93
C ASP E 1283 37.66 -26.03 -68.00
N GLU E 1284 36.35 -26.09 -67.80
CA GLU E 1284 35.47 -26.57 -68.86
C GLU E 1284 35.36 -25.56 -69.99
N TYR E 1285 35.50 -24.26 -69.67
CA TYR E 1285 35.42 -23.23 -70.69
C TYR E 1285 36.62 -23.26 -71.63
N LEU E 1286 37.80 -23.59 -71.11
CA LEU E 1286 39.02 -23.45 -71.89
C LEU E 1286 39.30 -24.63 -72.80
N LEU E 1287 39.09 -25.86 -72.33
CA LEU E 1287 39.45 -27.02 -73.14
C LEU E 1287 38.25 -27.71 -73.76
N ARG E 1288 37.04 -27.32 -73.41
CA ARG E 1288 35.87 -28.01 -73.95
C ARG E 1288 34.87 -27.08 -74.59
N ALA E 1289 34.78 -25.84 -74.15
CA ALA E 1289 33.80 -24.90 -74.67
C ALA E 1289 34.37 -24.00 -75.76
N LYS E 1290 35.31 -24.50 -76.55
CA LYS E 1290 35.83 -23.78 -77.70
C LYS E 1290 35.40 -24.53 -78.96
N ASP E 1291 34.76 -23.81 -79.88
CA ASP E 1291 34.24 -24.42 -81.10
C ASP E 1291 35.17 -24.12 -82.28
N CYS E 1292 34.81 -24.62 -83.45
CA CYS E 1292 35.70 -24.62 -84.60
C CYS E 1292 34.96 -24.26 -85.88
N ILE E 1293 35.50 -23.30 -86.62
CA ILE E 1293 34.93 -22.83 -87.88
C ILE E 1293 36.00 -23.00 -88.96
N ARG E 1294 35.57 -23.35 -90.17
CA ARG E 1294 36.50 -23.34 -91.30
C ARG E 1294 36.81 -21.91 -91.72
N GLY E 1295 37.84 -21.76 -92.54
CA GLY E 1295 38.24 -20.43 -92.95
C GLY E 1295 38.67 -20.31 -94.40
N ASP E 1296 38.48 -21.37 -95.18
CA ASP E 1296 38.87 -21.36 -96.57
C ASP E 1296 37.67 -21.36 -97.51
N THR E 1297 36.50 -21.72 -97.03
CA THR E 1297 35.29 -21.60 -97.82
C THR E 1297 34.49 -20.37 -97.39
N ASP E 1298 33.37 -20.15 -98.06
CA ASP E 1298 32.58 -18.96 -97.80
C ASP E 1298 31.57 -19.18 -96.67
N THR E 1299 30.70 -20.18 -96.80
CA THR E 1299 29.73 -20.44 -95.75
C THR E 1299 30.40 -21.15 -94.58
N GLN E 1300 29.91 -20.87 -93.38
CA GLN E 1300 30.56 -21.31 -92.15
C GLN E 1300 30.34 -22.81 -91.95
N TYR E 1301 31.12 -23.60 -92.66
CA TYR E 1301 31.16 -25.02 -92.39
C TYR E 1301 32.00 -25.28 -91.15
N VAL E 1302 31.65 -26.34 -90.43
CA VAL E 1302 32.47 -26.74 -89.28
C VAL E 1302 33.52 -27.75 -89.77
N CYS E 1303 34.77 -27.54 -89.36
CA CYS E 1303 35.82 -28.42 -89.80
C CYS E 1303 35.83 -29.73 -89.02
N VAL E 1304 36.51 -30.72 -89.58
CA VAL E 1304 36.85 -31.91 -88.82
C VAL E 1304 37.75 -31.51 -87.65
N GLU E 1305 37.48 -32.12 -86.50
CA GLU E 1305 38.03 -31.67 -85.23
C GLU E 1305 39.54 -31.90 -85.15
N GLY E 1306 40.25 -30.87 -84.68
CA GLY E 1306 41.67 -30.98 -84.39
C GLY E 1306 42.62 -30.48 -85.45
N THR E 1307 42.15 -30.28 -86.68
CA THR E 1307 43.07 -29.89 -87.75
C THR E 1307 43.48 -28.42 -87.65
N GLU E 1308 42.74 -27.62 -86.88
CA GLU E 1308 43.07 -26.23 -86.65
C GLU E 1308 43.21 -25.96 -85.15
N GLN E 1309 43.39 -24.67 -84.84
CA GLN E 1309 43.18 -24.23 -83.47
C GLN E 1309 41.70 -24.02 -83.22
N LEU E 1310 41.26 -24.33 -82.01
CA LEU E 1310 39.87 -24.11 -81.66
C LEU E 1310 39.61 -22.62 -81.52
N ILE E 1311 38.47 -22.18 -82.03
CA ILE E 1311 38.14 -20.77 -82.14
C ILE E 1311 37.30 -20.37 -80.94
N GLU E 1312 37.86 -19.51 -80.09
CA GLU E 1312 37.28 -19.19 -78.79
C GLU E 1312 36.01 -18.36 -78.94
N ASN E 1313 34.96 -18.78 -78.25
CA ASN E 1313 33.71 -18.02 -78.18
C ASN E 1313 33.35 -17.77 -76.73
N PRO E 1314 33.62 -16.58 -76.21
CA PRO E 1314 33.25 -16.28 -74.82
C PRO E 1314 31.76 -16.14 -74.60
N CYS E 1315 30.98 -15.85 -75.64
CA CYS E 1315 29.55 -15.69 -75.47
C CYS E 1315 28.82 -17.02 -75.29
N ARG E 1316 29.50 -18.14 -75.49
CA ARG E 1316 28.94 -19.41 -75.09
C ARG E 1316 28.89 -19.55 -73.58
N LEU E 1317 29.96 -19.11 -72.89
CA LEU E 1317 30.03 -19.24 -71.43
C LEU E 1317 29.02 -18.33 -70.75
N THR E 1318 28.91 -17.09 -71.22
CA THR E 1318 28.01 -16.15 -70.58
C THR E 1318 26.57 -16.35 -70.99
N GLN E 1319 26.32 -17.06 -72.11
CA GLN E 1319 25.00 -17.30 -72.68
C GLN E 1319 24.26 -16.00 -72.96
N GLU E 1320 25.01 -15.02 -73.47
CA GLU E 1320 24.47 -13.72 -73.84
C GLU E 1320 24.74 -13.49 -75.33
N ALA E 1321 24.32 -12.32 -75.79
CA ALA E 1321 24.67 -11.87 -77.13
C ALA E 1321 24.73 -10.35 -77.12
N LEU E 1322 25.55 -9.79 -77.99
CA LEU E 1322 25.75 -8.36 -78.01
C LEU E 1322 24.84 -7.72 -79.02
N PRO E 1323 24.30 -6.53 -78.75
CA PRO E 1323 23.50 -5.84 -79.76
C PRO E 1323 24.36 -5.20 -80.83
N ILE E 1324 23.75 -4.98 -81.99
CA ILE E 1324 24.39 -4.33 -83.11
C ILE E 1324 23.50 -3.19 -83.55
N LEU E 1325 24.13 -2.05 -83.89
CA LEU E 1325 23.42 -0.89 -84.41
C LEU E 1325 22.64 -1.24 -85.66
N SER E 1326 21.31 -1.26 -85.54
CA SER E 1326 20.41 -1.64 -86.62
C SER E 1326 19.22 -0.71 -86.52
N THR E 1327 19.16 0.25 -87.44
CA THR E 1327 18.13 1.27 -87.44
C THR E 1327 16.84 0.72 -88.06
N THR E 1328 15.90 1.63 -88.32
CA THR E 1328 14.70 1.30 -89.07
C THR E 1328 14.67 1.95 -90.44
N THR E 1329 14.83 3.27 -90.49
CA THR E 1329 14.84 3.99 -91.75
C THR E 1329 16.18 4.67 -91.96
N LEU E 1330 16.44 5.04 -93.21
CA LEU E 1330 17.70 5.69 -93.56
C LEU E 1330 17.80 7.07 -92.95
N ALA E 1331 16.68 7.77 -92.79
CA ALA E 1331 16.74 9.10 -92.19
C ALA E 1331 17.04 9.01 -90.70
N LEU E 1332 16.73 7.89 -90.07
CA LEU E 1332 17.23 7.63 -88.72
C LEU E 1332 18.59 6.95 -88.73
N MET E 1333 19.21 6.79 -89.90
CA MET E 1333 20.55 6.24 -90.02
C MET E 1333 21.59 7.30 -90.32
N GLU E 1334 21.24 8.34 -91.08
CA GLU E 1334 22.19 9.40 -91.38
C GLU E 1334 22.47 10.26 -90.16
N THR E 1335 21.62 10.20 -89.12
CA THR E 1335 21.96 10.81 -87.85
C THR E 1335 23.18 10.17 -87.23
N LYS E 1336 23.29 8.85 -87.31
CA LYS E 1336 24.41 8.15 -86.71
C LYS E 1336 25.68 8.27 -87.55
N LEU E 1337 25.54 8.44 -88.86
CA LEU E 1337 26.72 8.53 -89.71
C LEU E 1337 27.28 9.94 -89.77
N LYS E 1338 26.43 10.96 -89.60
CA LYS E 1338 26.90 12.34 -89.66
C LYS E 1338 27.60 12.77 -88.38
N GLY E 1339 27.36 12.08 -87.28
CA GLY E 1339 27.92 12.46 -86.00
C GLY E 1339 29.40 12.17 -85.89
N GLY E 1340 29.97 12.56 -84.76
CA GLY E 1340 31.39 12.38 -84.53
C GLY E 1340 31.72 11.08 -83.84
N ALA E 1341 32.40 11.17 -82.69
CA ALA E 1341 32.81 9.97 -81.97
C ALA E 1341 31.64 9.38 -81.19
N GLY E 1342 31.09 10.14 -80.25
CA GLY E 1342 29.99 9.66 -79.43
C GLY E 1342 28.65 9.70 -80.13
N ALA E 1343 28.50 8.90 -81.18
CA ALA E 1343 27.24 8.83 -81.91
C ALA E 1343 26.64 7.43 -81.93
N PHE E 1344 27.47 6.40 -82.10
CA PHE E 1344 26.97 5.04 -82.14
C PHE E 1344 26.60 4.51 -80.77
N ALA E 1345 27.02 5.16 -79.70
CA ALA E 1345 26.76 4.70 -78.34
C ALA E 1345 25.43 5.19 -77.80
N THR E 1346 24.61 5.81 -78.63
CA THR E 1346 23.29 6.27 -78.21
C THR E 1346 22.21 5.45 -78.90
N SER E 1347 20.99 5.55 -78.38
CA SER E 1347 19.86 4.78 -78.88
C SER E 1347 18.63 5.68 -78.89
N GLU E 1348 18.16 6.03 -80.09
CA GLU E 1348 17.00 6.89 -80.23
C GLU E 1348 15.82 6.10 -80.77
N THR E 1349 14.61 6.62 -80.50
CA THR E 1349 13.40 6.00 -81.03
C THR E 1349 12.55 7.09 -81.64
N HIS E 1350 11.95 6.81 -82.79
CA HIS E 1350 10.90 7.64 -83.35
C HIS E 1350 9.55 7.09 -82.89
N PHE E 1351 8.46 7.52 -83.53
CA PHE E 1351 7.10 7.07 -83.25
C PHE E 1351 6.98 5.56 -83.38
N GLY E 1352 7.18 5.04 -84.59
CA GLY E 1352 7.17 3.62 -84.81
C GLY E 1352 8.57 3.10 -85.10
N ASN E 1353 9.44 4.01 -85.51
CA ASN E 1353 10.81 3.63 -85.81
C ASN E 1353 11.68 3.74 -84.56
N TYR E 1354 12.86 3.14 -84.64
CA TYR E 1354 13.71 2.97 -83.47
C TYR E 1354 15.13 2.72 -83.93
N VAL E 1355 16.10 3.19 -83.15
CA VAL E 1355 17.51 2.98 -83.42
C VAL E 1355 18.13 2.34 -82.18
N VAL E 1356 18.66 1.15 -82.33
CA VAL E 1356 19.34 0.48 -81.24
C VAL E 1356 20.82 0.83 -81.30
N GLY E 1357 21.38 1.13 -80.14
CA GLY E 1357 22.78 1.47 -80.04
C GLY E 1357 23.55 0.35 -79.38
N GLU E 1358 24.65 -0.04 -80.03
CA GLU E 1358 25.48 -1.13 -79.54
C GLU E 1358 26.20 -0.72 -78.27
N ILE E 1359 26.73 -1.72 -77.54
CA ILE E 1359 27.31 -1.47 -76.23
C ILE E 1359 28.82 -1.22 -76.28
N ILE E 1360 29.49 -1.63 -77.36
CA ILE E 1360 30.93 -1.44 -77.46
C ILE E 1360 31.27 -1.02 -78.89
N PRO E 1361 32.07 0.05 -79.09
CA PRO E 1361 32.23 0.63 -80.44
C PRO E 1361 32.98 -0.24 -81.43
N LEU E 1362 32.29 -1.26 -81.96
CA LEU E 1362 32.84 -2.11 -83.00
C LEU E 1362 32.67 -1.52 -84.40
N GLN E 1363 31.75 -0.58 -84.58
CA GLN E 1363 31.54 0.08 -85.86
C GLN E 1363 32.19 1.44 -85.93
N GLN E 1364 32.81 1.88 -84.83
CA GLN E 1364 33.33 3.23 -84.70
C GLN E 1364 34.84 3.28 -84.63
N SER E 1365 35.47 2.27 -84.03
CA SER E 1365 36.90 2.31 -83.78
C SER E 1365 37.68 1.11 -84.28
N MET E 1366 37.14 -0.10 -84.21
CA MET E 1366 37.93 -1.32 -84.41
C MET E 1366 38.34 -1.56 -85.85
N LEU E 1367 37.75 -0.85 -86.80
CA LEU E 1367 38.29 -0.82 -88.15
C LEU E 1367 38.83 0.54 -88.54
N PHE E 1368 38.66 1.55 -87.69
CA PHE E 1368 39.18 2.89 -87.96
C PHE E 1368 40.53 3.13 -87.32
N ASN E 1369 41.27 2.08 -86.99
CA ASN E 1369 42.65 2.23 -86.54
C ASN E 1369 43.66 2.13 -87.67
N SER E 1370 43.20 2.28 -88.92
CA SER E 1370 43.99 2.16 -90.15
C SER E 1370 44.72 0.83 -90.24
N MET F 1 38.95 -74.50 15.86
CA MET F 1 39.54 -73.81 14.70
C MET F 1 41.03 -73.65 14.86
N GLU F 2 41.76 -73.80 13.75
CA GLU F 2 43.19 -73.55 13.76
C GLU F 2 43.48 -72.11 13.36
N ASN F 3 44.61 -71.60 13.82
CA ASN F 3 45.00 -70.22 13.56
C ASN F 3 45.60 -70.16 12.17
N TRP F 4 44.76 -69.95 11.17
CA TRP F 4 45.15 -70.05 9.77
C TRP F 4 46.02 -68.89 9.31
N SER F 5 46.04 -67.78 10.03
CA SER F 5 46.87 -66.66 9.63
C SER F 5 48.34 -66.86 9.97
N ALA F 6 48.63 -67.68 10.98
CA ALA F 6 50.00 -67.87 11.43
C ALA F 6 50.82 -68.70 10.46
N LEU F 7 50.24 -69.76 9.90
CA LEU F 7 50.97 -70.64 8.99
C LEU F 7 51.28 -69.97 7.66
N GLU F 8 50.54 -68.93 7.29
CA GLU F 8 50.74 -68.25 6.03
C GLU F 8 51.52 -66.95 6.20
N LEU F 9 52.17 -66.77 7.35
CA LEU F 9 52.93 -65.54 7.59
C LEU F 9 54.32 -65.87 8.10
N LEU F 10 54.47 -67.01 8.75
CA LEU F 10 55.77 -67.46 9.23
C LEU F 10 56.59 -68.00 8.07
N PRO F 11 57.93 -67.97 8.18
CA PRO F 11 58.76 -68.67 7.19
C PRO F 11 58.60 -70.17 7.34
N LYS F 12 58.44 -70.86 6.21
CA LYS F 12 58.12 -72.27 6.17
C LYS F 12 59.32 -73.05 5.63
N VAL F 13 59.14 -74.35 5.53
CA VAL F 13 60.19 -75.22 5.01
C VAL F 13 59.88 -75.59 3.57
N GLY F 14 60.93 -75.82 2.80
CA GLY F 14 60.77 -76.29 1.44
C GLY F 14 60.44 -77.77 1.43
N ILE F 15 59.55 -78.14 0.51
CA ILE F 15 59.01 -79.49 0.49
C ILE F 15 58.51 -79.81 -0.91
N PRO F 16 58.76 -81.02 -1.43
CA PRO F 16 58.14 -81.40 -2.70
C PRO F 16 56.66 -81.70 -2.52
N THR F 17 55.84 -80.98 -3.27
CA THR F 17 54.41 -81.22 -3.24
C THR F 17 54.08 -82.51 -3.97
N ASP F 18 53.45 -83.43 -3.27
CA ASP F 18 53.23 -84.78 -3.77
C ASP F 18 51.78 -85.19 -3.53
N PHE F 19 50.86 -84.34 -3.95
CA PHE F 19 49.46 -84.73 -3.95
C PHE F 19 49.19 -85.69 -5.10
N LEU F 20 48.08 -86.44 -4.99
CA LEU F 20 47.84 -87.51 -5.94
C LEU F 20 47.05 -87.03 -7.15
N THR F 21 45.92 -86.37 -6.93
CA THR F 21 45.14 -85.80 -8.01
C THR F 21 45.47 -84.31 -8.10
N HIS F 22 44.69 -83.55 -8.87
CA HIS F 22 44.79 -82.11 -8.77
C HIS F 22 44.30 -81.66 -7.39
N VAL F 23 44.88 -80.56 -6.91
CA VAL F 23 44.74 -80.21 -5.51
C VAL F 23 43.33 -79.68 -5.22
N LYS F 24 42.72 -79.01 -6.19
CA LYS F 24 41.35 -78.51 -6.02
C LYS F 24 40.36 -79.67 -5.91
N THR F 25 40.46 -80.64 -6.82
CA THR F 25 39.56 -81.79 -6.78
C THR F 25 40.03 -82.88 -5.82
N SER F 26 41.00 -82.59 -4.96
CA SER F 26 41.29 -83.46 -3.83
C SER F 26 40.87 -82.81 -2.53
N ALA F 27 41.37 -81.61 -2.27
CA ALA F 27 41.13 -80.93 -1.01
C ALA F 27 39.71 -80.42 -0.87
N GLY F 28 39.01 -80.22 -1.98
CA GLY F 28 37.60 -79.89 -1.91
C GLY F 28 36.69 -81.09 -1.80
N GLU F 29 37.25 -82.29 -1.81
CA GLU F 29 36.47 -83.53 -1.77
C GLU F 29 36.64 -84.29 -0.46
N GLU F 30 36.67 -83.56 0.66
CA GLU F 30 36.61 -84.03 2.06
C GLU F 30 37.67 -85.10 2.35
N MET F 31 38.90 -84.77 2.00
CA MET F 31 40.03 -85.68 2.19
C MET F 31 41.13 -85.13 3.09
N PHE F 32 40.83 -84.23 4.02
CA PHE F 32 41.87 -83.63 4.85
C PHE F 32 41.33 -83.29 6.24
N GLU F 33 42.23 -82.74 7.07
CA GLU F 33 41.87 -82.36 8.44
C GLU F 33 40.90 -81.19 8.44
N ALA F 34 41.30 -80.07 7.84
CA ALA F 34 40.53 -78.86 7.67
C ALA F 34 41.29 -78.01 6.66
N LEU F 35 40.56 -77.14 5.99
CA LEU F 35 41.19 -76.28 4.98
C LEU F 35 40.38 -75.01 4.82
N ARG F 36 41.09 -73.96 4.41
CA ARG F 36 40.45 -72.72 4.01
C ARG F 36 41.17 -72.24 2.75
N ILE F 37 40.46 -72.21 1.63
CA ILE F 37 41.05 -71.80 0.36
C ILE F 37 40.44 -70.47 -0.05
N TYR F 38 41.32 -69.51 -0.31
CA TYR F 38 40.88 -68.20 -0.74
C TYR F 38 41.33 -67.96 -2.17
N TYR F 39 41.07 -66.77 -2.70
CA TYR F 39 41.40 -66.59 -4.10
C TYR F 39 42.22 -65.34 -4.40
N GLY F 40 41.98 -64.24 -3.70
CA GLY F 40 42.72 -63.01 -3.90
C GLY F 40 43.76 -62.81 -2.82
N ASP F 41 44.31 -61.60 -2.80
CA ASP F 41 45.19 -61.17 -1.71
C ASP F 41 44.31 -60.89 -0.48
N ASP F 42 43.96 -61.97 0.22
CA ASP F 42 43.02 -61.86 1.32
C ASP F 42 43.67 -61.18 2.50
N PRO F 43 43.07 -60.14 3.06
CA PRO F 43 43.76 -59.33 4.07
C PRO F 43 43.61 -59.88 5.47
N GLU F 44 43.16 -61.13 5.62
CA GLU F 44 42.98 -61.70 6.94
C GLU F 44 44.31 -62.01 7.62
N ARG F 45 45.42 -62.04 6.87
CA ARG F 45 46.74 -62.18 7.47
C ARG F 45 47.63 -60.98 7.21
N TYR F 46 47.12 -59.92 6.56
CA TYR F 46 47.78 -58.62 6.66
C TYR F 46 47.72 -58.09 8.08
N ASN F 47 46.55 -58.17 8.70
CA ASN F 47 46.37 -57.62 10.04
C ASN F 47 46.79 -58.64 11.11
N ILE F 48 47.30 -58.11 12.21
CA ILE F 48 47.70 -58.94 13.34
C ILE F 48 47.02 -58.40 14.59
N HIS F 49 46.24 -59.24 15.25
CA HIS F 49 45.56 -58.85 16.47
C HIS F 49 45.97 -59.78 17.60
N PHE F 50 46.21 -59.22 18.77
CA PHE F 50 46.65 -59.99 19.93
C PHE F 50 46.06 -59.35 21.18
N GLU F 51 46.28 -59.99 22.32
CA GLU F 51 46.00 -59.40 23.61
C GLU F 51 47.22 -59.56 24.49
N ALA F 52 47.55 -58.51 25.23
CA ALA F 52 48.81 -58.47 25.96
C ALA F 52 48.60 -58.80 27.43
N ILE F 53 49.69 -59.13 28.09
CA ILE F 53 49.72 -59.28 29.54
C ILE F 53 50.79 -58.31 30.03
N PHE F 54 50.34 -57.16 30.55
CA PHE F 54 51.27 -56.10 30.94
C PHE F 54 52.10 -56.44 32.17
N GLY F 55 51.67 -57.39 32.97
CA GLY F 55 52.45 -57.79 34.12
C GLY F 55 51.62 -58.60 35.08
N THR F 56 52.31 -59.41 35.87
CA THR F 56 51.67 -60.25 36.88
C THR F 56 52.55 -60.28 38.13
N PHE F 57 52.27 -59.37 39.06
CA PHE F 57 53.06 -59.25 40.26
C PHE F 57 52.21 -59.59 41.48
N CYS F 58 52.79 -60.40 42.37
CA CYS F 58 52.06 -60.92 43.51
C CYS F 58 52.03 -59.87 44.63
N ASN F 59 51.46 -60.24 45.76
CA ASN F 59 51.31 -59.33 46.88
C ASN F 59 52.61 -59.20 47.65
N ARG F 60 52.93 -57.97 48.03
CA ARG F 60 54.02 -57.72 48.97
C ARG F 60 53.62 -58.27 50.32
N LEU F 61 54.34 -59.27 50.81
CA LEU F 61 54.05 -59.80 52.13
C LEU F 61 54.55 -58.83 53.20
N GLU F 62 53.75 -58.66 54.23
CA GLU F 62 54.11 -57.79 55.35
C GLU F 62 54.82 -58.62 56.42
N TRP F 63 55.69 -57.96 57.17
CA TRP F 63 56.40 -58.61 58.26
C TRP F 63 56.25 -57.75 59.52
N VAL F 64 55.88 -58.38 60.62
CA VAL F 64 55.83 -57.70 61.91
C VAL F 64 56.12 -58.71 63.02
N TYR F 65 57.17 -58.43 63.78
CA TYR F 65 57.60 -59.29 64.87
C TYR F 65 57.05 -58.74 66.18
N PHE F 66 57.15 -59.58 67.22
CA PHE F 66 56.65 -59.19 68.53
C PHE F 66 57.54 -58.12 69.15
N LEU F 67 58.86 -58.32 69.11
CA LEU F 67 59.77 -57.42 69.79
C LEU F 67 59.91 -56.07 69.08
N THR F 68 59.76 -56.04 67.77
CA THR F 68 59.82 -54.77 67.05
C THR F 68 58.54 -53.97 67.19
N SER F 69 57.46 -54.60 67.66
CA SER F 69 56.24 -53.88 67.94
C SER F 69 56.38 -53.16 69.27
N GLY F 70 55.44 -52.27 69.58
CA GLY F 70 55.48 -51.59 70.85
C GLY F 70 54.75 -52.36 71.92
N LEU F 71 54.02 -53.39 71.50
CA LEU F 71 53.29 -54.21 72.47
C LEU F 71 54.21 -55.06 73.32
N ALA F 72 55.46 -55.25 72.89
CA ALA F 72 56.45 -55.91 73.72
C ALA F 72 56.89 -55.06 74.90
N ALA F 73 56.58 -53.76 74.92
CA ALA F 73 56.93 -52.93 76.07
C ALA F 73 56.08 -53.23 77.27
N ALA F 74 54.89 -53.79 77.08
CA ALA F 74 54.08 -54.25 78.19
C ALA F 74 54.42 -55.67 78.60
N ALA F 75 55.40 -56.29 77.94
CA ALA F 75 55.74 -57.68 78.17
C ALA F 75 57.20 -57.82 78.56
N HIS F 76 57.51 -58.96 79.18
CA HIS F 76 58.89 -59.36 79.47
C HIS F 76 59.04 -60.77 78.91
N ALA F 77 59.36 -60.85 77.63
CA ALA F 77 59.32 -62.12 76.93
C ALA F 77 60.58 -62.93 77.21
N ILE F 78 60.40 -64.17 77.68
CA ILE F 78 61.50 -65.05 78.03
C ILE F 78 61.22 -66.41 77.40
N LYS F 79 62.12 -66.87 76.54
CA LYS F 79 62.02 -68.22 76.00
C LYS F 79 62.41 -69.24 77.05
N PHE F 80 61.78 -70.41 76.97
CA PHE F 80 61.98 -71.45 77.97
C PHE F 80 61.64 -72.78 77.33
N HIS F 81 62.66 -73.58 77.03
CA HIS F 81 62.47 -74.72 76.14
C HIS F 81 61.75 -75.89 76.81
N ASP F 82 61.73 -75.93 78.14
CA ASP F 82 61.02 -76.99 78.87
C ASP F 82 59.66 -76.53 79.37
N LEU F 83 58.97 -75.73 78.55
CA LEU F 83 57.72 -75.12 78.98
C LEU F 83 56.57 -76.12 79.00
N ASN F 84 56.63 -77.15 78.15
CA ASN F 84 55.54 -78.11 78.08
C ASN F 84 55.49 -79.05 79.27
N LYS F 85 56.48 -78.99 80.17
CA LYS F 85 56.48 -79.77 81.39
C LYS F 85 56.12 -78.93 82.60
N LEU F 86 55.56 -77.74 82.38
CA LEU F 86 55.30 -76.78 83.44
C LEU F 86 53.81 -76.66 83.66
N THR F 87 53.40 -76.70 84.93
CA THR F 87 51.99 -76.58 85.28
C THR F 87 51.63 -75.14 85.61
N THR F 88 52.29 -74.56 86.61
CA THR F 88 52.01 -73.19 87.02
C THR F 88 53.26 -72.60 87.67
N GLY F 89 53.37 -71.28 87.57
CA GLY F 89 54.43 -70.57 88.24
C GLY F 89 53.89 -69.50 89.17
N LYS F 90 54.05 -69.71 90.46
CA LYS F 90 53.58 -68.76 91.46
C LYS F 90 54.72 -67.87 91.91
N MET F 91 54.37 -66.77 92.56
CA MET F 91 55.36 -65.81 93.06
C MET F 91 54.90 -65.34 94.44
N LEU F 92 55.69 -65.64 95.45
CA LEU F 92 55.29 -65.37 96.81
C LEU F 92 55.76 -63.99 97.24
N PHE F 93 54.84 -63.19 97.76
CA PHE F 93 55.16 -61.87 98.26
C PHE F 93 55.06 -61.85 99.79
N HIS F 94 55.75 -60.91 100.40
CA HIS F 94 55.77 -60.81 101.85
C HIS F 94 55.99 -59.36 102.21
N VAL F 95 54.96 -58.73 102.76
CA VAL F 95 55.07 -57.37 103.25
C VAL F 95 54.31 -57.27 104.56
N GLN F 96 54.92 -56.61 105.54
CA GLN F 96 54.24 -56.30 106.79
C GLN F 96 53.91 -54.82 106.82
N VAL F 97 52.75 -54.52 107.41
CA VAL F 97 52.17 -53.18 107.31
C VAL F 97 52.90 -52.21 108.22
N PRO F 98 53.09 -50.98 107.82
CA PRO F 98 53.66 -49.96 108.71
C PRO F 98 52.58 -49.38 109.59
N ARG F 99 52.66 -49.66 110.89
CA ARG F 99 51.70 -49.13 111.84
C ARG F 99 52.22 -47.84 112.43
N VAL F 100 51.30 -47.00 112.90
CA VAL F 100 51.66 -45.73 113.51
C VAL F 100 51.41 -45.81 115.00
N ALA F 101 52.05 -44.90 115.73
CA ALA F 101 51.96 -44.92 117.18
C ALA F 101 50.60 -44.41 117.63
N SER F 102 49.96 -45.18 118.50
CA SER F 102 48.67 -44.79 119.04
C SER F 102 48.83 -43.66 120.05
N GLY F 103 47.77 -42.91 120.26
CA GLY F 103 47.80 -41.85 121.25
C GLY F 103 47.59 -42.37 122.66
N ALA F 104 46.87 -41.61 123.47
CA ALA F 104 46.56 -42.01 124.83
C ALA F 104 45.10 -42.40 124.91
N GLY F 105 44.83 -43.57 125.49
CA GLY F 105 43.47 -44.06 125.61
C GLY F 105 42.85 -44.43 124.29
N LEU F 106 43.44 -45.37 123.59
CA LEU F 106 42.99 -45.76 122.26
C LEU F 106 43.49 -47.16 122.00
N PRO F 107 42.70 -48.00 121.31
CA PRO F 107 43.14 -49.39 121.03
C PRO F 107 44.36 -49.42 120.13
N THR F 108 45.41 -50.10 120.61
CA THR F 108 46.68 -50.17 119.90
C THR F 108 46.56 -51.13 118.73
N SER F 109 47.58 -51.17 117.88
CA SER F 109 47.59 -52.00 116.69
C SER F 109 48.79 -52.92 116.72
N ARG F 110 48.54 -54.22 116.67
CA ARG F 110 49.63 -55.19 116.71
C ARG F 110 50.27 -55.29 115.33
N GLN F 111 51.45 -55.90 115.27
CA GLN F 111 52.10 -56.17 114.01
C GLN F 111 51.36 -57.31 113.30
N THR F 112 51.10 -57.13 112.01
CA THR F 112 50.42 -58.13 111.20
C THR F 112 51.14 -58.25 109.87
N THR F 113 51.45 -59.47 109.48
CA THR F 113 52.13 -59.76 108.22
C THR F 113 51.13 -60.21 107.18
N ILE F 114 51.42 -59.91 105.92
CA ILE F 114 50.54 -60.24 104.80
C ILE F 114 51.38 -60.94 103.74
N MET F 115 50.94 -62.12 103.32
CA MET F 115 51.64 -62.93 102.32
C MET F 115 50.66 -63.28 101.19
N VAL F 116 50.66 -62.46 100.14
CA VAL F 116 49.78 -62.69 99.01
C VAL F 116 50.56 -63.39 97.89
N THR F 117 49.91 -64.36 97.25
CA THR F 117 50.57 -65.22 96.26
C THR F 117 49.86 -65.03 94.92
N LYS F 118 50.63 -64.79 93.86
CA LYS F 118 50.04 -64.72 92.53
C LYS F 118 50.13 -66.08 91.84
N TYR F 119 49.62 -66.14 90.61
CA TYR F 119 49.55 -67.38 89.86
C TYR F 119 49.75 -67.08 88.38
N SER F 120 49.59 -68.11 87.56
CA SER F 120 49.85 -68.02 86.13
C SER F 120 48.65 -68.54 85.35
N GLU F 121 48.60 -68.19 84.07
CA GLU F 121 47.51 -68.56 83.18
C GLU F 121 48.06 -69.19 81.91
N LYS F 122 47.56 -70.38 81.59
CA LYS F 122 47.89 -71.04 80.34
C LYS F 122 47.00 -70.51 79.23
N SER F 123 47.58 -70.35 78.03
CA SER F 123 46.85 -69.89 76.86
C SER F 123 47.60 -70.25 75.58
N PRO F 124 47.63 -71.52 75.17
CA PRO F 124 48.39 -71.88 73.97
C PRO F 124 47.70 -71.41 72.70
N ILE F 125 48.47 -71.33 71.63
CA ILE F 125 47.98 -70.91 70.34
C ILE F 125 48.49 -71.85 69.25
N THR F 126 47.60 -72.20 68.33
CA THR F 126 47.92 -73.07 67.21
C THR F 126 47.54 -72.36 65.92
N ILE F 127 48.08 -72.87 64.82
CA ILE F 127 47.66 -72.52 63.47
C ILE F 127 47.99 -73.69 62.54
N PRO F 128 47.01 -74.24 61.84
CA PRO F 128 47.30 -75.30 60.88
C PRO F 128 47.51 -74.72 59.47
N PHE F 129 48.10 -75.56 58.62
CA PHE F 129 48.25 -75.20 57.21
C PHE F 129 48.30 -76.48 56.39
N GLU F 130 47.62 -76.43 55.25
CA GLU F 130 47.49 -77.56 54.35
C GLU F 130 48.74 -77.68 53.49
N LEU F 131 48.90 -78.85 52.87
CA LEU F 131 49.87 -79.05 51.81
C LEU F 131 49.28 -80.07 50.84
N SER F 132 49.15 -79.68 49.58
CA SER F 132 48.60 -80.54 48.56
C SER F 132 49.56 -81.68 48.25
N ALA F 133 48.99 -82.87 48.00
CA ALA F 133 49.80 -84.03 47.65
C ALA F 133 50.49 -83.86 46.31
N ALA F 134 49.93 -83.04 45.42
CA ALA F 134 50.59 -82.67 44.17
C ALA F 134 51.68 -81.63 44.37
N CYS F 135 51.96 -81.22 45.59
CA CYS F 135 53.17 -80.46 45.92
C CYS F 135 54.18 -81.30 46.68
N LEU F 136 53.73 -82.18 47.57
CA LEU F 136 54.65 -83.09 48.24
C LEU F 136 55.19 -84.14 47.28
N THR F 137 54.45 -84.44 46.21
CA THR F 137 54.94 -85.40 45.22
C THR F 137 56.09 -84.81 44.40
N TYR F 138 55.93 -83.59 43.93
CA TYR F 138 56.98 -82.93 43.17
C TYR F 138 57.96 -82.17 44.05
N LEU F 139 57.83 -82.26 45.37
CA LEU F 139 58.84 -81.69 46.24
C LEU F 139 60.06 -82.59 46.35
N ARG F 140 59.87 -83.83 46.80
CA ARG F 140 61.01 -84.69 47.08
C ARG F 140 61.58 -85.30 45.80
N GLU F 141 60.79 -86.10 45.10
CA GLU F 141 61.26 -86.72 43.87
C GLU F 141 61.02 -85.78 42.70
N THR F 142 61.88 -85.89 41.70
CA THR F 142 61.70 -85.18 40.44
C THR F 142 61.46 -86.18 39.32
N PHE F 143 60.84 -85.72 38.25
CA PHE F 143 60.57 -86.58 37.10
C PHE F 143 61.73 -86.53 36.12
N GLU F 144 61.48 -86.99 34.89
CA GLU F 144 62.50 -87.04 33.85
C GLU F 144 63.05 -85.65 33.53
N GLY F 145 64.28 -85.63 33.04
CA GLY F 145 64.98 -84.38 32.81
C GLY F 145 64.42 -83.57 31.66
N THR F 146 63.71 -82.50 31.99
CA THR F 146 63.12 -81.61 31.01
C THR F 146 62.89 -80.28 31.68
N ILE F 147 62.47 -79.29 30.87
CA ILE F 147 62.25 -77.96 31.40
C ILE F 147 60.99 -77.92 32.27
N LEU F 148 59.93 -78.62 31.84
CA LEU F 148 58.65 -78.53 32.51
C LEU F 148 58.66 -79.16 33.89
N ASP F 149 59.37 -80.29 34.06
CA ASP F 149 59.43 -80.88 35.39
C ASP F 149 60.32 -80.09 36.33
N LYS F 150 61.34 -79.40 35.80
CA LYS F 150 62.11 -78.50 36.64
C LYS F 150 61.28 -77.30 37.06
N ILE F 151 60.42 -76.82 36.15
CA ILE F 151 59.48 -75.75 36.46
C ILE F 151 58.52 -76.19 37.56
N LEU F 152 58.00 -77.41 37.45
CA LEU F 152 57.07 -77.92 38.47
C LEU F 152 57.78 -78.14 39.80
N ASN F 153 59.04 -78.57 39.76
CA ASN F 153 59.82 -78.75 40.97
C ASN F 153 60.06 -77.43 41.69
N VAL F 154 60.46 -76.40 40.96
CA VAL F 154 60.78 -75.14 41.63
C VAL F 154 59.49 -74.43 42.06
N GLU F 155 58.38 -74.67 41.35
CA GLU F 155 57.11 -74.08 41.78
C GLU F 155 56.58 -74.79 43.03
N ALA F 156 56.81 -76.10 43.15
CA ALA F 156 56.43 -76.81 44.37
C ALA F 156 57.28 -76.37 45.55
N MET F 157 58.59 -76.19 45.32
CA MET F 157 59.46 -75.72 46.39
C MET F 157 59.10 -74.31 46.84
N HIS F 158 58.74 -73.43 45.90
CA HIS F 158 58.36 -72.10 46.31
C HIS F 158 56.98 -72.06 46.94
N THR F 159 56.11 -73.02 46.58
CA THR F 159 54.83 -73.16 47.28
C THR F 159 55.04 -73.53 48.74
N VAL F 160 55.89 -74.53 49.01
CA VAL F 160 56.08 -74.92 50.40
C VAL F 160 56.88 -73.88 51.17
N LEU F 161 57.74 -73.10 50.48
CA LEU F 161 58.47 -72.06 51.19
C LEU F 161 57.56 -70.86 51.50
N ARG F 162 56.62 -70.56 50.60
CA ARG F 162 55.65 -69.52 50.89
C ARG F 162 54.72 -69.92 52.02
N ALA F 163 54.36 -71.21 52.08
CA ALA F 163 53.55 -71.69 53.20
C ALA F 163 54.32 -71.60 54.51
N LEU F 164 55.63 -71.89 54.47
CA LEU F 164 56.45 -71.77 55.68
C LEU F 164 56.54 -70.32 56.17
N LYS F 165 56.81 -69.39 55.25
CA LYS F 165 56.91 -67.98 55.61
C LYS F 165 55.58 -67.44 56.13
N ASN F 166 54.48 -67.84 55.48
CA ASN F 166 53.17 -67.35 55.90
C ASN F 166 52.76 -67.95 57.24
N THR F 167 53.19 -69.17 57.54
CA THR F 167 52.87 -69.74 58.85
C THR F 167 53.70 -69.09 59.95
N ALA F 168 54.95 -68.73 59.67
CA ALA F 168 55.73 -68.01 60.67
C ALA F 168 55.14 -66.64 60.95
N ASP F 169 54.66 -65.98 59.89
CA ASP F 169 53.98 -64.69 60.07
C ASP F 169 52.68 -64.85 60.84
N ALA F 170 51.95 -65.93 60.59
CA ALA F 170 50.72 -66.18 61.35
C ALA F 170 51.03 -66.52 62.80
N MET F 171 52.17 -67.15 63.07
CA MET F 171 52.54 -67.47 64.43
C MET F 171 52.87 -66.20 65.22
N GLU F 172 53.63 -65.28 64.64
CA GLU F 172 53.93 -64.06 65.37
C GLU F 172 52.71 -63.15 65.49
N ARG F 173 51.84 -63.13 64.47
CA ARG F 173 50.59 -62.40 64.58
C ARG F 173 49.69 -62.97 65.67
N GLY F 174 49.57 -64.30 65.75
CA GLY F 174 48.81 -64.90 66.81
C GLY F 174 49.44 -64.73 68.17
N LEU F 175 50.76 -64.55 68.22
CA LEU F 175 51.40 -64.18 69.48
C LEU F 175 50.95 -62.80 69.94
N ILE F 176 50.91 -61.83 69.02
CA ILE F 176 50.36 -60.50 69.33
C ILE F 176 48.92 -60.62 69.79
N HIS F 177 48.13 -61.45 69.10
CA HIS F 177 46.72 -61.61 69.41
C HIS F 177 46.51 -62.24 70.79
N SER F 178 47.30 -63.26 71.12
CA SER F 178 47.16 -63.91 72.40
C SER F 178 47.62 -63.03 73.55
N PHE F 179 48.68 -62.25 73.33
CA PHE F 179 49.09 -61.31 74.37
C PHE F 179 48.04 -60.24 74.60
N LEU F 180 47.38 -59.78 73.53
CA LEU F 180 46.34 -58.78 73.74
C LEU F 180 45.10 -59.39 74.39
N GLN F 181 44.81 -60.65 74.10
CA GLN F 181 43.68 -61.30 74.76
C GLN F 181 43.96 -61.52 76.24
N THR F 182 45.21 -61.84 76.58
CA THR F 182 45.58 -61.95 77.99
C THR F 182 45.52 -60.59 78.69
N LEU F 183 45.98 -59.53 78.01
CA LEU F 183 45.96 -58.21 78.61
C LEU F 183 44.54 -57.64 78.68
N LEU F 184 43.64 -58.14 77.85
CA LEU F 184 42.23 -57.75 77.95
C LEU F 184 41.50 -58.56 79.01
N ARG F 185 41.92 -59.80 79.26
CA ARG F 185 41.23 -60.63 80.24
C ARG F 185 41.47 -60.14 81.67
N LYS F 186 42.49 -59.34 81.90
CA LYS F 186 42.68 -58.66 83.18
C LYS F 186 42.60 -57.15 83.02
N ALA F 187 41.63 -56.68 82.23
CA ALA F 187 41.49 -55.26 81.96
C ALA F 187 40.19 -54.76 82.53
N PRO F 188 40.17 -54.22 83.75
CA PRO F 188 38.96 -53.59 84.25
C PRO F 188 38.72 -52.28 83.55
N PRO F 189 37.46 -51.85 83.46
CA PRO F 189 37.17 -50.58 82.76
C PRO F 189 37.62 -49.35 83.52
N TYR F 190 37.27 -48.18 83.00
CA TYR F 190 37.82 -46.94 83.55
C TYR F 190 37.20 -46.61 84.90
N PHE F 191 35.91 -46.87 85.06
CA PHE F 191 35.23 -46.37 86.24
C PHE F 191 35.63 -47.11 87.50
N VAL F 192 35.90 -48.40 87.41
CA VAL F 192 36.26 -49.17 88.60
C VAL F 192 37.64 -48.75 89.12
N VAL F 193 38.60 -48.57 88.23
CA VAL F 193 39.92 -48.15 88.69
C VAL F 193 39.92 -46.67 89.05
N GLN F 194 39.00 -45.88 88.48
CA GLN F 194 38.89 -44.48 88.87
C GLN F 194 38.35 -44.34 90.29
N THR F 195 37.37 -45.18 90.64
CA THR F 195 36.91 -45.23 92.02
C THR F 195 38.00 -45.76 92.94
N LEU F 196 38.72 -46.80 92.51
CA LEU F 196 39.67 -47.43 93.40
C LEU F 196 40.98 -46.65 93.47
N VAL F 197 41.13 -45.60 92.66
CA VAL F 197 42.20 -44.64 92.93
C VAL F 197 41.65 -43.46 93.70
N GLU F 198 40.37 -43.14 93.57
CA GLU F 198 39.83 -42.04 94.37
C GLU F 198 39.53 -42.46 95.80
N ASN F 199 38.90 -43.63 95.98
CA ASN F 199 38.57 -44.12 97.31
C ASN F 199 39.58 -45.13 97.83
N ALA F 200 40.85 -44.92 97.50
CA ALA F 200 41.93 -45.77 97.95
C ALA F 200 42.43 -45.39 99.34
N THR F 201 41.79 -44.43 100.00
CA THR F 201 42.29 -43.93 101.27
C THR F 201 41.31 -44.06 102.42
N LEU F 202 40.11 -44.58 102.18
CA LEU F 202 39.14 -44.77 103.26
C LEU F 202 39.09 -46.21 103.74
N ALA F 203 39.32 -47.18 102.86
CA ALA F 203 39.24 -48.59 103.22
C ALA F 203 40.55 -49.00 103.88
N ARG F 204 40.71 -48.67 105.16
CA ARG F 204 41.87 -49.08 105.93
C ARG F 204 41.68 -50.43 106.60
N GLN F 205 40.64 -51.16 106.22
CA GLN F 205 40.36 -52.50 106.73
C GLN F 205 39.54 -53.22 105.67
N ALA F 206 38.90 -54.31 106.06
CA ALA F 206 37.87 -54.91 105.21
C ALA F 206 36.72 -53.94 105.05
N LEU F 207 36.13 -53.90 103.86
CA LEU F 207 35.16 -52.87 103.53
C LEU F 207 33.85 -53.08 104.28
N ASN F 208 33.21 -51.97 104.63
CA ASN F 208 31.98 -51.98 105.39
C ASN F 208 30.78 -51.80 104.46
N ARG F 209 29.60 -51.70 105.04
CA ARG F 209 28.39 -51.56 104.24
C ARG F 209 28.29 -50.16 103.64
N ILE F 210 28.56 -49.14 104.45
CA ILE F 210 28.45 -47.76 103.97
C ILE F 210 29.57 -47.42 103.00
N GLN F 211 30.77 -47.95 103.24
CA GLN F 211 31.89 -47.71 102.34
C GLN F 211 31.66 -48.35 100.98
N ARG F 212 31.16 -49.59 100.97
CA ARG F 212 30.85 -50.20 99.68
C ARG F 212 29.62 -49.58 99.05
N SER F 213 28.74 -48.95 99.85
CA SER F 213 27.64 -48.20 99.26
C SER F 213 28.14 -46.96 98.55
N ASN F 214 29.14 -46.30 99.12
CA ASN F 214 29.84 -45.23 98.43
C ASN F 214 30.52 -45.71 97.15
N ILE F 215 31.08 -46.91 97.20
CA ILE F 215 31.69 -47.51 96.01
C ILE F 215 30.64 -47.72 94.92
N LEU F 216 29.45 -48.20 95.31
CA LEU F 216 28.38 -48.42 94.34
C LEU F 216 27.87 -47.13 93.74
N GLN F 217 27.68 -46.10 94.56
CA GLN F 217 27.21 -44.81 94.06
C GLN F 217 28.24 -44.20 93.12
N SER F 218 29.53 -44.35 93.43
CA SER F 218 30.52 -43.74 92.56
C SER F 218 30.74 -44.58 91.30
N PHE F 219 30.49 -45.90 91.36
CA PHE F 219 30.40 -46.71 90.14
C PHE F 219 29.33 -46.18 89.21
N LYS F 220 28.11 -46.07 89.71
CA LYS F 220 27.00 -45.65 88.84
C LYS F 220 27.09 -44.18 88.48
N ALA F 221 27.92 -43.39 89.16
CA ALA F 221 28.19 -42.03 88.70
C ALA F 221 29.22 -42.02 87.59
N LYS F 222 30.37 -42.65 87.81
CA LYS F 222 31.45 -42.58 86.82
C LYS F 222 31.18 -43.40 85.58
N MET F 223 30.28 -44.38 85.64
CA MET F 223 29.94 -45.11 84.42
C MET F 223 29.12 -44.25 83.48
N LEU F 224 28.01 -43.72 83.96
CA LEU F 224 27.16 -42.87 83.14
C LEU F 224 27.82 -41.54 82.80
N ALA F 225 28.74 -41.05 83.61
CA ALA F 225 29.37 -39.77 83.28
C ALA F 225 30.43 -39.93 82.20
N THR F 226 31.05 -41.10 82.12
CA THR F 226 32.14 -41.36 81.19
C THR F 226 31.92 -42.65 80.41
N LEU F 227 30.71 -42.83 79.87
CA LEU F 227 30.44 -44.04 79.11
C LEU F 227 30.93 -43.94 77.67
N PHE F 228 30.93 -42.76 77.09
CA PHE F 228 31.36 -42.59 75.70
C PHE F 228 32.12 -41.28 75.59
N LEU F 229 33.43 -41.35 75.76
CA LEU F 229 34.26 -40.18 75.49
C LEU F 229 34.51 -40.03 74.01
N LEU F 230 35.12 -38.91 73.64
CA LEU F 230 35.53 -38.54 72.27
C LEU F 230 34.35 -38.40 71.30
N ASN F 231 33.14 -38.47 71.82
CA ASN F 231 31.91 -38.27 71.08
C ASN F 231 30.99 -37.28 71.76
N ARG F 232 30.99 -37.30 73.08
CA ARG F 232 30.22 -36.34 73.88
C ARG F 232 30.93 -35.01 73.96
N THR F 233 32.26 -35.04 74.06
CA THR F 233 33.07 -33.84 74.20
C THR F 233 34.37 -34.00 73.43
N ARG F 234 34.93 -32.89 72.98
CA ARG F 234 36.21 -32.87 72.29
C ARG F 234 37.07 -31.69 72.74
N ASP F 235 37.12 -31.44 74.04
CA ASP F 235 38.00 -30.44 74.59
C ASP F 235 39.40 -31.02 74.79
N ARG F 236 40.42 -30.23 74.42
CA ARG F 236 41.81 -30.65 74.54
C ARG F 236 42.19 -30.89 75.99
N ASP F 237 41.85 -29.93 76.85
CA ASP F 237 42.07 -30.03 78.29
C ASP F 237 41.33 -31.22 78.87
N TYR F 238 40.10 -31.47 78.43
CA TYR F 238 39.30 -32.53 79.04
C TYR F 238 39.80 -33.91 78.62
N VAL F 239 40.12 -34.10 77.34
CA VAL F 239 40.57 -35.43 76.93
C VAL F 239 42.00 -35.66 77.39
N LEU F 240 42.80 -34.61 77.55
CA LEU F 240 44.13 -34.78 78.13
C LEU F 240 44.04 -35.09 79.61
N LYS F 241 43.07 -34.50 80.30
CA LYS F 241 42.83 -34.81 81.71
C LYS F 241 42.36 -36.24 81.87
N PHE F 242 41.50 -36.70 80.97
CA PHE F 242 41.04 -38.09 81.00
C PHE F 242 42.18 -39.05 80.74
N LEU F 243 43.06 -38.73 79.80
CA LEU F 243 44.17 -39.63 79.49
C LEU F 243 45.21 -39.64 80.61
N THR F 244 45.47 -38.49 81.25
CA THR F 244 46.43 -38.52 82.34
C THR F 244 45.85 -39.16 83.59
N ARG F 245 44.52 -39.11 83.80
CA ARG F 245 43.93 -39.86 84.89
C ARG F 245 43.96 -41.36 84.61
N LEU F 246 43.83 -41.73 83.33
CA LEU F 246 44.04 -43.12 82.94
C LEU F 246 45.46 -43.58 83.23
N ALA F 247 46.45 -42.75 82.88
CA ALA F 247 47.84 -43.15 83.07
C ALA F 247 48.23 -43.18 84.54
N GLU F 248 47.62 -42.31 85.35
CA GLU F 248 47.90 -42.35 86.78
C GLU F 248 47.12 -43.45 87.49
N ALA F 249 46.03 -43.94 86.89
CA ALA F 249 45.16 -44.87 87.59
C ALA F 249 45.83 -46.23 87.82
N ALA F 250 46.51 -46.75 86.80
CA ALA F 250 47.17 -48.04 86.97
C ALA F 250 48.46 -47.86 87.76
N THR F 251 48.85 -48.93 88.45
CA THR F 251 50.10 -48.97 89.19
C THR F 251 51.17 -49.63 88.35
N ASP F 252 52.43 -49.42 88.72
CA ASP F 252 53.53 -50.01 87.98
C ASP F 252 53.69 -51.49 88.32
N SER F 253 54.61 -52.13 87.61
CA SER F 253 54.91 -53.54 87.87
C SER F 253 55.95 -53.65 88.97
N ILE F 254 56.37 -54.87 89.28
CA ILE F 254 57.37 -55.07 90.33
C ILE F 254 58.75 -55.07 89.72
N LEU F 255 58.97 -55.90 88.70
CA LEU F 255 60.26 -55.91 88.04
C LEU F 255 60.42 -54.64 87.20
N ASP F 256 61.65 -54.15 87.14
CA ASP F 256 61.94 -52.89 86.47
C ASP F 256 63.32 -53.00 85.84
N ASN F 257 63.37 -52.90 84.51
CA ASN F 257 64.62 -52.87 83.77
C ASN F 257 64.82 -51.43 83.30
N PRO F 258 65.59 -50.63 84.05
CA PRO F 258 65.74 -49.22 83.69
C PRO F 258 66.60 -48.99 82.46
N THR F 259 67.39 -49.97 82.03
CA THR F 259 68.14 -49.84 80.80
C THR F 259 67.27 -50.04 79.56
N THR F 260 66.06 -50.56 79.72
CA THR F 260 65.20 -50.85 78.59
C THR F 260 64.15 -49.78 78.41
N TYR F 261 63.78 -49.56 77.14
CA TYR F 261 62.71 -48.65 76.71
C TYR F 261 62.98 -47.23 77.20
N THR F 262 64.23 -46.82 77.02
CA THR F 262 64.67 -45.47 77.35
C THR F 262 64.57 -44.61 76.10
N THR F 263 64.19 -43.35 76.30
CA THR F 263 64.14 -42.40 75.20
C THR F 263 65.56 -42.09 74.74
N SER F 264 65.70 -41.78 73.45
CA SER F 264 66.98 -41.33 72.91
C SER F 264 67.47 -40.05 73.58
N SER F 265 66.55 -39.19 73.98
CA SER F 265 66.92 -38.04 74.79
C SER F 265 67.29 -38.44 76.21
N GLY F 266 66.77 -39.57 76.70
CA GLY F 266 67.13 -40.03 78.03
C GLY F 266 66.01 -39.97 79.04
N ALA F 267 64.78 -40.22 78.61
CA ALA F 267 63.62 -40.21 79.49
C ALA F 267 63.05 -41.62 79.63
N LYS F 268 62.52 -41.91 80.81
CA LYS F 268 61.90 -43.20 81.06
C LYS F 268 60.53 -43.26 80.40
N ILE F 269 60.04 -44.48 80.19
CA ILE F 269 58.76 -44.72 79.55
C ILE F 269 57.91 -45.57 80.49
N SER F 270 56.74 -45.05 80.88
CA SER F 270 55.98 -45.66 81.95
C SER F 270 55.06 -46.77 81.45
N GLY F 271 54.43 -46.59 80.30
CA GLY F 271 53.52 -47.61 79.81
C GLY F 271 53.19 -47.49 78.34
N VAL F 272 52.22 -48.27 77.87
CA VAL F 272 51.78 -48.21 76.47
C VAL F 272 50.28 -48.01 76.45
N MET F 273 49.78 -47.33 75.43
CA MET F 273 48.36 -47.31 75.15
C MET F 273 48.13 -47.73 73.71
N VAL F 274 46.96 -48.28 73.44
CA VAL F 274 46.72 -48.93 72.16
C VAL F 274 45.22 -48.88 71.86
N SER F 275 44.90 -48.63 70.60
CA SER F 275 43.52 -48.45 70.16
C SER F 275 43.47 -48.73 68.66
N THR F 276 42.38 -48.35 68.01
CA THR F 276 42.30 -48.52 66.57
C THR F 276 42.86 -47.27 65.87
N ALA F 277 42.77 -47.22 64.55
CA ALA F 277 43.32 -46.09 63.81
C ALA F 277 42.46 -44.85 63.95
N ASN F 278 41.14 -45.02 64.10
CA ASN F 278 40.22 -43.89 64.04
C ASN F 278 40.33 -42.98 65.26
N VAL F 279 40.21 -43.56 66.45
CA VAL F 279 40.35 -42.80 67.68
C VAL F 279 41.78 -42.27 67.83
N MET F 280 42.76 -42.98 67.27
CA MET F 280 44.12 -42.48 67.27
C MET F 280 44.28 -41.26 66.36
N GLN F 281 43.60 -41.26 65.21
CA GLN F 281 43.60 -40.09 64.34
C GLN F 281 42.93 -38.91 65.02
N ILE F 282 41.84 -39.17 65.73
CA ILE F 282 41.13 -38.12 66.44
C ILE F 282 41.97 -37.54 67.56
N ILE F 283 42.70 -38.39 68.30
CA ILE F 283 43.58 -37.93 69.36
C ILE F 283 44.77 -37.16 68.79
N MET F 284 45.33 -37.65 67.68
CA MET F 284 46.50 -37.01 67.06
C MET F 284 46.14 -35.64 66.50
N SER F 285 44.96 -35.52 65.88
CA SER F 285 44.53 -34.22 65.40
C SER F 285 44.05 -33.33 66.53
N LEU F 286 43.65 -33.91 67.66
CA LEU F 286 43.18 -33.13 68.80
C LEU F 286 44.35 -32.72 69.70
N LEU F 287 45.20 -33.67 70.06
CA LEU F 287 46.44 -33.36 70.78
C LEU F 287 47.61 -33.39 69.81
N SER F 288 47.72 -32.32 69.04
CA SER F 288 48.75 -32.24 68.01
C SER F 288 50.12 -31.85 68.56
N SER F 289 50.18 -31.39 69.81
CA SER F 289 51.42 -30.87 70.37
C SER F 289 52.18 -31.91 71.18
N HIS F 290 51.50 -32.68 72.01
CA HIS F 290 52.15 -33.57 72.96
C HIS F 290 52.70 -34.83 72.33
N ILE F 291 52.40 -35.10 71.06
CA ILE F 291 52.86 -36.30 70.38
C ILE F 291 54.13 -35.98 69.63
N THR F 292 55.06 -36.95 69.63
CA THR F 292 56.33 -36.82 68.93
C THR F 292 56.89 -38.21 68.72
N LYS F 293 57.95 -38.28 67.93
CA LYS F 293 58.60 -39.53 67.59
C LYS F 293 60.03 -39.53 68.10
N GLU F 294 60.36 -40.52 68.93
CA GLU F 294 61.72 -40.72 69.39
C GLU F 294 62.11 -42.17 69.18
N THR F 295 63.41 -42.39 69.05
CA THR F 295 63.95 -43.73 68.87
C THR F 295 64.10 -44.36 70.24
N VAL F 296 63.48 -45.53 70.42
CA VAL F 296 63.40 -46.18 71.72
C VAL F 296 64.28 -47.43 71.72
N SER F 297 65.11 -47.56 72.73
CA SER F 297 66.02 -48.70 72.86
C SER F 297 65.22 -49.92 73.33
N ALA F 298 65.05 -50.89 72.45
CA ALA F 298 64.22 -52.04 72.79
C ALA F 298 65.02 -53.34 72.77
N PRO F 299 64.67 -54.29 73.63
CA PRO F 299 65.37 -55.59 73.59
C PRO F 299 64.88 -56.47 72.45
N ALA F 300 65.68 -56.64 71.41
CA ALA F 300 65.30 -57.44 70.26
C ALA F 300 65.69 -58.90 70.38
N THR F 301 65.87 -59.39 71.61
CA THR F 301 66.04 -60.82 71.82
C THR F 301 65.29 -61.18 73.08
N TYR F 302 64.60 -62.32 73.04
CA TYR F 302 63.91 -62.79 74.24
C TYR F 302 64.92 -63.22 75.30
N GLY F 303 64.45 -63.31 76.53
CA GLY F 303 65.24 -63.93 77.56
C GLY F 303 65.30 -65.43 77.34
N ASN F 304 66.37 -66.02 77.87
CA ASN F 304 66.48 -67.48 77.79
C ASN F 304 66.82 -67.97 79.20
N PHE F 305 65.79 -68.24 79.97
CA PHE F 305 65.93 -68.81 81.31
C PHE F 305 66.08 -70.32 81.14
N VAL F 306 67.20 -70.85 81.61
CA VAL F 306 67.48 -72.28 81.48
C VAL F 306 67.23 -72.92 82.85
N LEU F 307 66.88 -74.20 82.82
CA LEU F 307 66.65 -74.94 84.05
C LEU F 307 67.98 -75.30 84.69
N SER F 308 68.16 -74.92 85.95
CA SER F 308 69.33 -75.33 86.70
C SER F 308 69.22 -76.82 87.03
N PRO F 309 70.34 -77.52 87.25
CA PRO F 309 70.27 -78.97 87.48
C PRO F 309 69.56 -79.37 88.77
N GLU F 310 69.69 -78.59 89.85
CA GLU F 310 68.94 -78.92 91.06
C GLU F 310 67.45 -78.62 90.87
N ASN F 311 67.10 -77.66 90.00
CA ASN F 311 65.72 -77.48 89.60
C ASN F 311 65.20 -78.69 88.83
N ALA F 312 66.07 -79.34 88.04
CA ALA F 312 65.69 -80.55 87.34
C ALA F 312 65.47 -81.71 88.30
N VAL F 313 66.35 -81.87 89.30
CA VAL F 313 66.15 -83.00 90.22
C VAL F 313 64.98 -82.76 91.17
N THR F 314 64.65 -81.49 91.45
CA THR F 314 63.44 -81.24 92.22
C THR F 314 62.19 -81.32 91.35
N ALA F 315 62.35 -81.15 90.03
CA ALA F 315 61.24 -81.41 89.12
C ALA F 315 60.94 -82.91 89.03
N ILE F 316 61.98 -83.74 89.06
CA ILE F 316 61.77 -85.18 89.20
C ILE F 316 61.19 -85.53 90.57
N SER F 317 61.61 -84.84 91.63
CA SER F 317 61.09 -85.18 92.95
C SER F 317 59.69 -84.61 93.17
N TYR F 318 59.54 -83.28 93.18
CA TYR F 318 58.32 -82.65 93.67
C TYR F 318 57.73 -81.60 92.73
N HIS F 319 58.41 -81.24 91.62
CA HIS F 319 58.09 -80.08 90.77
C HIS F 319 58.01 -78.78 91.57
N SER F 320 58.90 -78.65 92.54
CA SER F 320 59.03 -77.44 93.33
C SER F 320 60.20 -76.65 92.74
N ILE F 321 59.93 -75.99 91.62
CA ILE F 321 60.97 -75.24 90.92
C ILE F 321 61.23 -73.95 91.69
N LEU F 322 62.27 -73.97 92.51
CA LEU F 322 62.75 -72.78 93.19
C LEU F 322 63.96 -72.34 92.35
N ALA F 323 63.70 -71.45 91.40
CA ALA F 323 64.71 -71.12 90.40
C ALA F 323 65.84 -70.30 91.01
N ASP F 324 67.05 -70.53 90.47
CA ASP F 324 68.32 -70.04 91.01
C ASP F 324 68.46 -70.46 92.47
N PHE F 325 68.42 -71.78 92.68
CA PHE F 325 68.52 -72.32 94.03
C PHE F 325 69.94 -72.21 94.57
N ASN F 326 70.93 -72.02 93.68
CA ASN F 326 72.32 -71.80 94.09
C ASN F 326 72.45 -70.55 94.94
N SER F 327 71.91 -69.42 94.45
CA SER F 327 71.90 -68.20 95.24
C SER F 327 71.05 -68.32 96.50
N TYR F 328 70.01 -69.15 96.45
CA TYR F 328 69.17 -69.35 97.62
C TYR F 328 69.93 -70.04 98.75
N LYS F 329 70.60 -71.15 98.43
CA LYS F 329 71.36 -71.81 99.49
C LYS F 329 72.61 -71.02 99.88
N ALA F 330 73.17 -70.24 98.94
CA ALA F 330 74.34 -69.43 99.26
C ALA F 330 73.97 -68.31 100.23
N HIS F 331 72.87 -67.61 99.98
CA HIS F 331 72.42 -66.58 100.90
C HIS F 331 71.81 -67.15 102.17
N LEU F 332 71.33 -68.40 102.15
CA LEU F 332 70.89 -69.03 103.37
C LEU F 332 72.05 -69.35 104.29
N THR F 333 73.10 -69.98 103.75
CA THR F 333 74.26 -70.32 104.56
C THR F 333 75.14 -69.10 104.84
N SER F 334 74.97 -68.01 104.10
CA SER F 334 75.70 -66.80 104.42
C SER F 334 74.95 -65.96 105.44
N GLY F 335 73.66 -66.23 105.64
CA GLY F 335 72.86 -65.46 106.55
C GLY F 335 72.25 -64.21 105.96
N GLN F 336 72.59 -63.86 104.73
CA GLN F 336 72.02 -62.68 104.08
C GLN F 336 70.59 -62.97 103.67
N PRO F 337 69.60 -62.24 104.16
CA PRO F 337 68.21 -62.54 103.82
C PRO F 337 67.70 -61.72 102.65
N HIS F 338 68.56 -60.93 102.02
CA HIS F 338 68.16 -60.09 100.91
C HIS F 338 68.93 -60.50 99.67
N LEU F 339 68.23 -61.00 98.67
CA LEU F 339 68.83 -61.38 97.41
C LEU F 339 69.27 -60.13 96.65
N PRO F 340 70.30 -60.24 95.80
CA PRO F 340 70.63 -59.12 94.92
C PRO F 340 69.64 -58.93 93.80
N ASN F 341 68.99 -60.01 93.35
CA ASN F 341 67.98 -59.95 92.31
C ASN F 341 67.10 -61.18 92.46
N ASP F 342 66.00 -61.24 91.72
CA ASP F 342 65.09 -62.36 91.81
C ASP F 342 65.48 -63.42 90.77
N SER F 343 64.59 -64.39 90.56
CA SER F 343 64.85 -65.52 89.68
C SER F 343 64.41 -65.28 88.24
N LEU F 344 63.82 -64.12 87.96
CA LEU F 344 63.28 -63.87 86.63
C LEU F 344 63.87 -62.65 85.93
N SER F 345 64.20 -61.59 86.64
CA SER F 345 64.69 -60.38 85.99
C SER F 345 66.17 -60.42 85.65
N GLN F 346 66.81 -61.60 85.75
CA GLN F 346 68.17 -61.78 85.27
C GLN F 346 68.23 -62.41 83.89
N ALA F 347 67.15 -63.04 83.44
CA ALA F 347 67.09 -63.64 82.11
C ALA F 347 66.41 -62.66 81.17
N GLY F 348 67.23 -61.99 80.36
CA GLY F 348 66.72 -61.09 79.36
C GLY F 348 67.48 -59.78 79.39
N ALA F 349 67.13 -58.92 78.43
CA ALA F 349 67.65 -57.55 78.27
C ALA F 349 69.17 -57.51 78.12
N HIS F 350 69.76 -58.56 77.56
CA HIS F 350 71.20 -58.58 77.36
C HIS F 350 71.63 -57.84 76.10
N SER F 351 70.68 -57.47 75.24
CA SER F 351 70.98 -56.72 74.03
C SER F 351 69.85 -55.73 73.79
N LEU F 352 70.21 -54.54 73.32
CA LEU F 352 69.24 -53.50 73.02
C LEU F 352 69.30 -53.16 71.54
N THR F 353 68.19 -52.61 71.03
CA THR F 353 68.09 -52.35 69.61
C THR F 353 67.23 -51.11 69.36
N PRO F 354 67.73 -50.14 68.61
CA PRO F 354 66.96 -48.92 68.38
C PRO F 354 65.83 -49.13 67.39
N LEU F 355 64.70 -48.48 67.66
CA LEU F 355 63.56 -48.45 66.76
C LEU F 355 62.71 -47.22 67.06
N SER F 356 62.06 -46.70 66.04
CA SER F 356 61.29 -45.46 66.18
C SER F 356 59.83 -45.79 66.49
N MET F 357 59.22 -44.99 67.35
CA MET F 357 57.82 -45.15 67.72
C MET F 357 57.21 -43.79 68.01
N ASP F 358 55.99 -43.80 68.53
CA ASP F 358 55.28 -42.58 68.88
C ASP F 358 55.02 -42.53 70.38
N VAL F 359 55.44 -41.44 71.02
CA VAL F 359 55.23 -41.23 72.44
C VAL F 359 54.34 -40.02 72.63
N ILE F 360 53.90 -39.79 73.86
CA ILE F 360 53.07 -38.66 74.22
C ILE F 360 53.26 -38.37 75.71
N ARG F 361 53.46 -37.10 76.05
CA ARG F 361 53.62 -36.69 77.44
C ARG F 361 52.26 -36.49 78.08
N LEU F 362 52.03 -37.16 79.21
CA LEU F 362 50.86 -36.90 80.06
C LEU F 362 51.35 -36.58 81.45
N GLY F 363 51.75 -35.33 81.67
CA GLY F 363 52.21 -34.85 82.96
C GLY F 363 53.34 -35.63 83.58
N GLU F 364 54.54 -35.53 82.99
CA GLU F 364 55.77 -36.21 83.43
C GLU F 364 55.56 -37.74 83.38
N LYS F 365 54.84 -38.17 82.35
CA LYS F 365 54.59 -39.60 82.10
C LYS F 365 54.55 -39.81 80.60
N THR F 366 55.60 -40.42 80.06
CA THR F 366 55.69 -40.66 78.62
C THR F 366 55.21 -42.07 78.32
N VAL F 367 54.17 -42.17 77.50
CA VAL F 367 53.59 -43.46 77.15
C VAL F 367 53.60 -43.64 75.65
N ILE F 368 53.74 -44.89 75.22
CA ILE F 368 53.77 -45.22 73.81
C ILE F 368 52.34 -45.20 73.26
N MET F 369 52.14 -44.47 72.19
CA MET F 369 50.87 -44.44 71.48
C MET F 369 51.05 -45.19 70.16
N GLU F 370 50.19 -46.19 69.93
CA GLU F 370 50.37 -47.04 68.77
C GLU F 370 49.04 -47.69 68.41
N ASN F 371 48.84 -47.87 67.11
CA ASN F 371 47.64 -48.48 66.56
C ASN F 371 47.86 -49.99 66.42
N LEU F 372 46.96 -50.66 65.71
CA LEU F 372 47.12 -52.08 65.46
C LEU F 372 46.73 -52.46 64.04
N ARG F 373 46.65 -51.48 63.13
CA ARG F 373 46.35 -51.78 61.74
C ARG F 373 47.45 -52.56 61.05
N ARG F 374 48.69 -52.43 61.52
CA ARG F 374 49.80 -53.14 60.89
C ARG F 374 49.84 -54.63 61.23
N VAL F 375 48.93 -55.11 62.08
CA VAL F 375 48.88 -56.52 62.44
C VAL F 375 47.66 -57.17 61.80
N TYR F 376 46.55 -56.44 61.76
CA TYR F 376 45.25 -57.04 61.47
C TYR F 376 44.68 -56.66 60.12
N LYS F 377 45.39 -55.88 59.30
CA LYS F 377 44.83 -55.51 58.00
C LYS F 377 44.86 -56.70 57.06
N ASN F 378 43.75 -56.88 56.33
CA ASN F 378 43.52 -57.98 55.39
C ASN F 378 43.63 -59.36 56.05
N THR F 379 43.40 -59.43 57.35
CA THR F 379 43.49 -60.71 58.05
C THR F 379 42.13 -61.37 58.11
N ASP F 380 42.01 -62.41 58.93
CA ASP F 380 40.78 -63.17 59.05
C ASP F 380 39.98 -62.86 60.30
N THR F 381 40.57 -62.95 61.48
CA THR F 381 39.79 -62.75 62.68
C THR F 381 39.63 -61.27 63.00
N LYS F 382 38.83 -61.00 64.03
CA LYS F 382 38.53 -59.65 64.44
C LYS F 382 39.70 -59.06 65.21
N ASP F 383 39.88 -57.75 65.08
CA ASP F 383 40.75 -57.04 66.00
C ASP F 383 40.09 -57.02 67.37
N PRO F 384 40.79 -57.36 68.44
CA PRO F 384 40.12 -57.48 69.74
C PRO F 384 39.94 -56.15 70.46
N LEU F 385 40.37 -55.05 69.84
CA LEU F 385 40.16 -53.73 70.43
C LEU F 385 38.94 -53.03 69.84
N GLU F 386 38.20 -53.71 68.97
CA GLU F 386 36.92 -53.19 68.50
C GLU F 386 35.86 -54.16 68.97
N ARG F 387 35.43 -53.97 70.21
CA ARG F 387 34.47 -54.88 70.83
C ARG F 387 33.06 -54.36 70.58
N ASN F 388 32.09 -54.97 71.25
CA ASN F 388 30.70 -54.56 71.14
C ASN F 388 30.10 -54.51 72.53
N VAL F 389 29.74 -53.30 72.97
CA VAL F 389 29.05 -53.09 74.24
C VAL F 389 27.58 -53.32 74.02
N ASP F 390 26.93 -53.93 74.99
CA ASP F 390 25.49 -54.14 74.98
C ASP F 390 24.86 -53.37 76.12
N LEU F 391 24.13 -52.32 75.80
CA LEU F 391 23.32 -51.61 76.77
C LEU F 391 21.91 -52.15 76.69
N THR F 392 21.17 -52.02 77.80
CA THR F 392 19.80 -52.51 77.87
C THR F 392 18.88 -51.37 78.23
N PHE F 393 18.00 -51.02 77.30
CA PHE F 393 17.06 -49.93 77.55
C PHE F 393 15.71 -50.49 78.01
N PHE F 394 14.88 -49.59 78.53
CA PHE F 394 13.54 -49.94 78.98
C PHE F 394 12.70 -48.69 79.01
N PHE F 395 11.38 -48.87 78.90
CA PHE F 395 10.45 -47.75 78.81
C PHE F 395 9.06 -48.24 79.14
N PRO F 396 8.25 -47.45 79.82
CA PRO F 396 6.86 -47.85 80.09
C PRO F 396 5.89 -47.36 79.03
N VAL F 397 4.75 -48.02 78.97
CA VAL F 397 3.67 -47.65 78.06
C VAL F 397 2.35 -48.02 78.71
N GLY F 398 1.41 -47.08 78.69
CA GLY F 398 0.07 -47.32 79.21
C GLY F 398 -0.10 -47.06 80.69
N LEU F 399 0.66 -46.15 81.27
CA LEU F 399 0.54 -45.85 82.69
C LEU F 399 -0.71 -45.01 82.94
N TYR F 400 -1.06 -44.89 84.22
CA TYR F 400 -2.13 -43.98 84.63
C TYR F 400 -1.56 -43.12 85.75
N LEU F 401 -1.28 -41.87 85.46
CA LEU F 401 -0.78 -40.95 86.45
C LEU F 401 -1.88 -40.62 87.46
N PRO F 402 -1.51 -40.20 88.67
CA PRO F 402 -2.51 -39.72 89.62
C PRO F 402 -3.19 -38.46 89.09
N GLU F 403 -4.47 -38.59 88.74
CA GLU F 403 -5.21 -37.47 88.18
C GLU F 403 -5.48 -36.40 89.22
N ASP F 404 -5.68 -36.78 90.48
CA ASP F 404 -5.99 -35.82 91.53
C ASP F 404 -4.81 -34.91 91.83
N ARG F 405 -3.58 -35.39 91.67
CA ARG F 405 -2.40 -34.55 91.74
C ARG F 405 -1.80 -34.29 90.36
N GLY F 406 -2.65 -34.33 89.33
CA GLY F 406 -2.17 -34.10 87.97
C GLY F 406 -1.78 -32.65 87.75
N TYR F 407 -0.73 -32.47 86.96
CA TYR F 407 -0.13 -31.15 86.81
C TYR F 407 0.59 -31.09 85.47
N THR F 408 0.34 -30.02 84.72
CA THR F 408 0.99 -29.80 83.43
C THR F 408 2.02 -28.70 83.63
N THR F 409 3.27 -29.01 83.35
CA THR F 409 4.37 -28.06 83.45
C THR F 409 4.93 -27.65 82.10
N VAL F 410 4.20 -27.93 81.03
CA VAL F 410 4.67 -27.65 79.68
C VAL F 410 3.54 -26.93 78.94
N GLU F 411 2.68 -26.27 79.72
CA GLU F 411 1.42 -25.72 79.20
C GLU F 411 1.66 -24.59 78.21
N SER F 412 2.77 -23.88 78.33
CA SER F 412 3.06 -22.79 77.41
C SER F 412 3.43 -23.27 76.01
N LYS F 413 4.04 -24.44 75.88
CA LYS F 413 4.57 -24.89 74.60
C LYS F 413 3.66 -25.85 73.86
N VAL F 414 2.57 -26.32 74.47
CA VAL F 414 1.80 -27.40 73.87
C VAL F 414 0.36 -27.26 74.32
N LYS F 415 -0.54 -27.87 73.55
CA LYS F 415 -1.93 -28.07 73.95
C LYS F 415 -2.43 -29.29 73.20
N LEU F 416 -3.44 -29.94 73.77
CA LEU F 416 -4.04 -31.11 73.16
C LEU F 416 -5.49 -30.81 72.81
N ASN F 417 -6.03 -31.56 71.85
CA ASN F 417 -7.43 -31.43 71.52
C ASN F 417 -8.28 -32.01 72.63
N ASP F 418 -9.53 -31.53 72.72
CA ASP F 418 -10.39 -31.85 73.86
C ASP F 418 -11.16 -33.14 73.56
N THR F 419 -10.40 -34.23 73.52
CA THR F 419 -10.96 -35.56 73.55
C THR F 419 -10.58 -36.19 74.88
N VAL F 420 -10.93 -37.47 75.05
CA VAL F 420 -10.43 -38.23 76.18
C VAL F 420 -9.26 -39.11 75.76
N ARG F 421 -9.03 -39.28 74.46
CA ARG F 421 -7.93 -40.13 74.01
C ARG F 421 -6.59 -39.42 74.13
N ASN F 422 -6.59 -38.11 74.34
CA ASN F 422 -5.36 -37.43 74.70
C ASN F 422 -5.09 -37.50 76.20
N ALA F 423 -6.12 -37.73 77.01
CA ALA F 423 -5.96 -37.83 78.45
C ALA F 423 -5.84 -39.27 78.94
N LEU F 424 -5.66 -40.23 78.03
CA LEU F 424 -5.38 -41.60 78.43
C LEU F 424 -4.28 -42.17 77.55
N PRO F 425 -3.11 -42.48 78.08
CA PRO F 425 -2.03 -43.00 77.24
C PRO F 425 -2.24 -44.48 76.95
N THR F 426 -2.12 -44.85 75.68
CA THR F 426 -2.14 -46.24 75.27
C THR F 426 -1.06 -46.59 74.27
N THR F 427 -0.37 -45.60 73.71
CA THR F 427 0.70 -45.81 72.76
C THR F 427 2.03 -45.38 73.38
N ALA F 428 3.10 -45.51 72.61
CA ALA F 428 4.41 -45.01 73.00
C ALA F 428 5.20 -44.75 71.74
N TYR F 429 5.95 -43.64 71.72
CA TYR F 429 6.67 -43.22 70.54
C TYR F 429 8.16 -43.21 70.83
N LEU F 430 8.94 -43.81 69.93
CA LEU F 430 10.37 -43.98 70.13
C LEU F 430 11.10 -43.47 68.90
N LEU F 431 12.39 -43.76 68.81
CA LEU F 431 13.19 -43.34 67.69
C LEU F 431 14.04 -44.50 67.19
N ASN F 432 14.31 -44.49 65.89
CA ASN F 432 15.15 -45.51 65.27
C ASN F 432 16.62 -45.07 65.35
N ARG F 433 17.51 -45.77 64.64
CA ARG F 433 18.90 -45.34 64.63
C ARG F 433 19.09 -44.08 63.79
N ASP F 434 18.19 -43.85 62.85
CA ASP F 434 17.95 -42.51 62.34
C ASP F 434 16.78 -41.90 63.10
N ARG F 435 16.86 -40.60 63.36
CA ARG F 435 15.91 -39.96 64.26
C ARG F 435 14.55 -39.78 63.61
N ALA F 436 13.76 -40.84 63.60
CA ALA F 436 12.41 -40.82 63.06
C ALA F 436 11.46 -41.42 64.09
N VAL F 437 10.19 -41.05 64.00
CA VAL F 437 9.19 -41.48 64.96
C VAL F 437 8.84 -42.95 64.70
N GLN F 438 8.67 -43.72 65.77
CA GLN F 438 8.33 -45.13 65.66
C GLN F 438 7.34 -45.47 66.77
N LYS F 439 6.14 -45.89 66.38
CA LYS F 439 5.03 -46.02 67.29
C LYS F 439 4.90 -47.46 67.80
N ILE F 440 4.75 -47.61 69.11
CA ILE F 440 4.34 -48.88 69.70
C ILE F 440 3.12 -48.64 70.58
N ASP F 441 2.08 -49.41 70.36
CA ASP F 441 0.91 -49.44 71.22
C ASP F 441 0.62 -50.88 71.64
N PHE F 442 -0.55 -51.10 72.23
CA PHE F 442 -0.89 -52.42 72.73
C PHE F 442 -1.17 -53.41 71.60
N VAL F 443 -1.35 -52.93 70.37
CA VAL F 443 -1.57 -53.84 69.24
C VAL F 443 -0.29 -54.59 68.91
N ASP F 444 0.86 -53.99 69.21
CA ASP F 444 2.12 -54.67 68.93
C ASP F 444 2.36 -55.82 69.89
N ALA F 445 1.79 -55.75 71.09
CA ALA F 445 2.03 -56.77 72.11
C ALA F 445 1.14 -58.01 71.95
N LEU F 446 0.55 -58.20 70.77
CA LEU F 446 -0.33 -59.34 70.54
C LEU F 446 0.40 -60.67 70.54
N LYS F 447 1.65 -60.71 70.08
CA LYS F 447 2.37 -61.96 70.00
C LYS F 447 2.96 -62.40 71.34
N THR F 448 2.75 -61.61 72.39
CA THR F 448 3.15 -61.98 73.75
C THR F 448 1.98 -62.06 74.71
N LEU F 449 0.96 -61.21 74.52
CA LEU F 449 -0.12 -61.11 75.51
C LEU F 449 -1.12 -62.26 75.36
N CYS F 450 -0.98 -63.07 74.31
CA CYS F 450 -1.95 -64.11 74.03
C CYS F 450 -1.35 -65.51 74.06
N HIS F 451 -0.11 -65.66 74.51
CA HIS F 451 0.43 -66.99 74.66
C HIS F 451 -0.21 -67.68 75.85
N PRO F 452 -0.41 -69.00 75.78
CA PRO F 452 -1.00 -69.71 76.92
C PRO F 452 -0.20 -69.67 78.21
N VAL F 453 1.12 -69.45 78.14
CA VAL F 453 1.92 -69.48 79.36
C VAL F 453 1.70 -68.26 80.24
N LEU F 454 1.06 -67.21 79.73
CA LEU F 454 0.60 -66.14 80.60
C LEU F 454 -0.61 -66.55 81.42
N HIS F 455 -1.25 -67.66 81.06
CA HIS F 455 -2.44 -68.13 81.76
C HIS F 455 -2.22 -69.48 82.42
N GLU F 456 -0.97 -69.88 82.65
CA GLU F 456 -0.68 -71.13 83.33
C GLU F 456 -0.04 -70.82 84.69
N PRO F 457 -0.80 -70.76 85.76
CA PRO F 457 -0.22 -70.46 87.06
C PRO F 457 0.11 -71.71 87.87
N ALA F 458 0.12 -72.87 87.21
CA ALA F 458 0.38 -74.11 87.94
C ALA F 458 1.84 -74.25 88.40
N PRO F 459 2.88 -73.85 87.63
CA PRO F 459 4.18 -73.69 88.28
C PRO F 459 4.20 -72.57 89.31
N CYS F 460 3.37 -71.55 89.14
CA CYS F 460 3.25 -70.52 90.17
C CYS F 460 2.56 -71.06 91.41
N LEU F 461 1.53 -71.90 91.23
CA LEU F 461 0.83 -72.47 92.38
C LEU F 461 1.69 -73.50 93.10
N GLN F 462 2.53 -74.24 92.36
CA GLN F 462 3.37 -75.22 93.03
C GLN F 462 4.51 -74.55 93.80
N THR F 463 5.00 -73.42 93.30
CA THR F 463 5.99 -72.65 94.04
C THR F 463 5.37 -71.93 95.22
N PHE F 464 4.12 -71.47 95.09
CA PHE F 464 3.43 -70.84 96.21
C PHE F 464 3.02 -71.85 97.27
N THR F 465 2.85 -73.12 96.90
CA THR F 465 2.65 -74.15 97.91
C THR F 465 3.96 -74.70 98.44
N GLU F 466 5.08 -74.43 97.77
CA GLU F 466 6.38 -74.76 98.34
C GLU F 466 6.69 -73.87 99.54
N ARG F 467 6.18 -72.64 99.55
CA ARG F 467 6.36 -71.74 100.69
C ARG F 467 5.09 -71.72 101.53
N GLY F 468 5.23 -71.90 102.82
CA GLY F 468 4.08 -71.95 103.71
C GLY F 468 3.57 -70.59 104.10
N PRO F 469 2.90 -70.52 105.26
CA PRO F 469 2.47 -69.22 105.77
C PRO F 469 3.66 -68.40 106.25
N PRO F 470 3.49 -67.08 106.38
CA PRO F 470 4.61 -66.26 106.90
C PRO F 470 4.90 -66.53 108.37
N SER F 471 6.11 -66.17 108.78
CA SER F 471 6.58 -66.47 110.12
C SER F 471 6.06 -65.49 111.16
N GLU F 472 5.78 -64.25 110.77
CA GLU F 472 5.38 -63.24 111.73
C GLU F 472 3.92 -63.44 112.14
N PRO F 473 3.60 -63.44 113.44
CA PRO F 473 2.20 -63.62 113.85
C PRO F 473 1.32 -62.41 113.60
N ALA F 474 1.91 -61.25 113.31
CA ALA F 474 1.13 -60.07 112.95
C ALA F 474 0.58 -60.14 111.53
N MET F 475 1.11 -61.03 110.69
CA MET F 475 0.62 -61.24 109.34
C MET F 475 -0.04 -62.62 109.20
N GLN F 476 -0.31 -63.28 110.32
CA GLN F 476 -1.05 -64.53 110.35
C GLN F 476 -2.55 -64.32 110.14
N ARG F 477 -3.02 -63.07 110.23
CA ARG F 477 -4.43 -62.72 110.04
C ARG F 477 -4.84 -62.70 108.56
N LEU F 478 -3.98 -63.12 107.65
CA LEU F 478 -4.33 -63.33 106.25
C LEU F 478 -4.36 -64.82 105.89
N LEU F 479 -4.71 -65.66 106.87
CA LEU F 479 -4.92 -67.09 106.64
C LEU F 479 -6.34 -67.55 106.93
N GLU F 480 -7.08 -66.87 107.80
CA GLU F 480 -8.38 -67.34 108.25
C GLU F 480 -9.45 -67.04 107.19
N CYS F 481 -9.52 -67.94 106.21
CA CYS F 481 -10.59 -67.96 105.22
C CYS F 481 -11.01 -69.40 105.04
N ARG F 482 -12.24 -69.72 105.46
CA ARG F 482 -12.72 -71.10 105.52
C ARG F 482 -13.84 -71.27 104.51
N PHE F 483 -13.60 -72.09 103.49
CA PHE F 483 -14.56 -72.31 102.41
C PHE F 483 -15.11 -73.72 102.51
N GLN F 484 -16.40 -73.83 102.88
CA GLN F 484 -17.06 -75.10 103.10
C GLN F 484 -18.24 -75.23 102.16
N GLN F 485 -18.72 -76.47 102.00
CA GLN F 485 -19.84 -76.79 101.12
C GLN F 485 -20.94 -77.44 101.96
N GLU F 486 -22.01 -76.65 102.26
CA GLU F 486 -23.18 -77.08 103.01
C GLU F 486 -24.32 -77.48 102.09
N PRO F 487 -25.14 -78.46 102.49
CA PRO F 487 -26.37 -78.72 101.73
C PRO F 487 -27.38 -77.61 101.94
N MET F 488 -27.98 -77.18 100.84
CA MET F 488 -28.86 -76.00 100.84
C MET F 488 -30.33 -76.38 100.71
N GLY F 489 -30.76 -77.46 101.36
CA GLY F 489 -32.18 -77.76 101.41
C GLY F 489 -32.94 -76.82 102.33
N GLY F 490 -32.25 -76.19 103.28
CA GLY F 490 -32.84 -75.18 104.13
C GLY F 490 -32.14 -73.84 103.99
N ALA F 491 -31.85 -73.46 102.75
CA ALA F 491 -31.04 -72.27 102.50
C ALA F 491 -31.76 -70.97 102.82
N ALA F 492 -33.10 -70.96 102.80
CA ALA F 492 -33.84 -69.73 103.05
C ALA F 492 -33.82 -69.35 104.52
N ARG F 493 -33.99 -70.30 105.43
CA ARG F 493 -34.11 -70.01 106.85
C ARG F 493 -32.79 -70.16 107.62
N ARG F 494 -31.70 -70.51 106.96
CA ARG F 494 -30.45 -70.72 107.69
C ARG F 494 -29.66 -69.44 107.91
N ILE F 495 -30.14 -68.30 107.41
CA ILE F 495 -29.51 -67.01 107.69
C ILE F 495 -29.74 -66.61 109.14
N PRO F 496 -30.93 -66.74 109.74
CA PRO F 496 -30.99 -66.64 111.21
C PRO F 496 -30.27 -67.75 111.93
N HIS F 497 -30.06 -68.90 111.28
CA HIS F 497 -29.26 -69.95 111.90
C HIS F 497 -27.77 -69.64 111.84
N PHE F 498 -27.34 -68.78 110.92
CA PHE F 498 -25.93 -68.40 110.91
C PHE F 498 -25.68 -67.16 111.75
N TYR F 499 -26.55 -66.16 111.67
CA TYR F 499 -26.32 -64.90 112.38
C TYR F 499 -26.62 -64.99 113.86
N ARG F 500 -27.05 -66.17 114.36
CA ARG F 500 -27.33 -66.30 115.77
C ARG F 500 -26.05 -66.34 116.60
N VAL F 501 -24.98 -66.87 116.03
CA VAL F 501 -23.72 -67.01 116.77
C VAL F 501 -23.10 -65.62 116.93
N ARG F 502 -22.52 -65.38 118.09
CA ARG F 502 -21.96 -64.08 118.45
C ARG F 502 -20.45 -64.04 118.22
N ARG F 503 -19.99 -64.72 117.17
CA ARG F 503 -18.58 -64.88 116.91
C ARG F 503 -18.07 -63.80 115.96
N GLU F 504 -16.92 -63.21 116.32
CA GLU F 504 -16.18 -62.35 115.41
C GLU F 504 -15.69 -63.15 114.22
N VAL F 505 -15.98 -62.65 113.02
CA VAL F 505 -15.59 -63.32 111.79
C VAL F 505 -14.31 -62.68 111.26
N PRO F 506 -13.31 -63.45 110.85
CA PRO F 506 -12.12 -62.85 110.23
C PRO F 506 -12.41 -62.46 108.78
N ARG F 507 -11.85 -61.34 108.38
CA ARG F 507 -12.08 -60.82 107.04
C ARG F 507 -11.25 -61.59 106.03
N THR F 508 -11.69 -61.55 104.78
CA THR F 508 -10.96 -62.15 103.68
C THR F 508 -9.71 -61.34 103.38
N VAL F 509 -8.74 -61.99 102.73
CA VAL F 509 -7.50 -61.31 102.41
C VAL F 509 -7.71 -60.32 101.29
N ASN F 510 -8.69 -60.54 100.42
CA ASN F 510 -9.00 -59.58 99.37
C ASN F 510 -9.57 -58.29 99.95
N GLU F 511 -10.41 -58.39 100.98
CA GLU F 511 -10.91 -57.19 101.63
C GLU F 511 -9.83 -56.52 102.47
N MET F 512 -8.89 -57.30 103.01
CA MET F 512 -7.71 -56.71 103.64
C MET F 512 -6.85 -55.98 102.64
N LYS F 513 -6.86 -56.42 101.38
CA LYS F 513 -6.15 -55.74 100.31
C LYS F 513 -6.91 -54.52 99.84
N GLN F 514 -8.24 -54.54 99.98
CA GLN F 514 -9.08 -53.63 99.22
C GLN F 514 -9.12 -52.23 99.80
N ASP F 515 -8.84 -52.06 101.09
CA ASP F 515 -9.02 -50.77 101.75
C ASP F 515 -7.81 -49.88 101.69
N PHE F 516 -6.80 -50.22 100.88
CA PHE F 516 -5.58 -49.43 100.82
C PHE F 516 -5.71 -48.30 99.81
N VAL F 517 -5.09 -47.17 100.13
CA VAL F 517 -4.92 -46.09 99.17
C VAL F 517 -3.74 -46.52 98.28
N VAL F 518 -3.63 -45.94 97.08
CA VAL F 518 -2.71 -46.48 96.08
C VAL F 518 -1.26 -46.16 96.43
N THR F 519 -1.04 -45.06 97.17
CA THR F 519 0.33 -44.71 97.55
C THR F 519 0.89 -45.60 98.64
N ASP F 520 0.02 -46.25 99.41
CA ASP F 520 0.45 -47.10 100.50
C ASP F 520 0.67 -48.54 100.06
N PHE F 521 0.22 -48.91 98.85
CA PHE F 521 0.28 -50.29 98.40
C PHE F 521 1.69 -50.80 98.17
N TYR F 522 2.66 -49.91 97.97
CA TYR F 522 4.04 -50.32 97.76
C TYR F 522 4.90 -50.13 99.00
N LYS F 523 4.29 -49.88 100.15
CA LYS F 523 5.06 -49.64 101.36
C LYS F 523 5.27 -50.94 102.13
N VAL F 524 6.13 -50.86 103.15
CA VAL F 524 6.35 -51.97 104.06
C VAL F 524 5.12 -52.24 104.91
N GLY F 525 4.35 -51.21 105.23
CA GLY F 525 3.14 -51.33 106.03
C GLY F 525 2.02 -52.10 105.37
N ASN F 526 2.11 -52.35 104.07
CA ASN F 526 1.21 -53.29 103.42
C ASN F 526 1.59 -54.71 103.80
N ILE F 527 0.58 -55.56 103.95
CA ILE F 527 0.80 -56.92 104.43
C ILE F 527 0.42 -57.98 103.41
N THR F 528 -0.33 -57.62 102.37
CA THR F 528 -0.88 -58.57 101.42
C THR F 528 -0.09 -58.59 100.11
N LEU F 529 1.15 -58.12 100.14
CA LEU F 529 1.95 -58.10 98.93
C LEU F 529 2.49 -59.49 98.59
N TYR F 530 2.71 -60.33 99.60
CA TYR F 530 3.07 -61.71 99.32
C TYR F 530 1.89 -62.48 98.75
N THR F 531 0.67 -62.03 99.04
CA THR F 531 -0.53 -62.69 98.53
C THR F 531 -0.69 -62.44 97.03
N GLU F 532 -0.55 -61.19 96.61
CA GLU F 532 -0.63 -60.82 95.21
C GLU F 532 0.58 -61.39 94.47
N LEU F 533 0.32 -62.11 93.39
CA LEU F 533 1.37 -62.79 92.66
C LEU F 533 1.26 -62.67 91.15
N HIS F 534 0.11 -62.25 90.63
CA HIS F 534 -0.21 -62.45 89.22
C HIS F 534 -1.38 -61.56 88.85
N PRO F 535 -1.30 -60.79 87.76
CA PRO F 535 -2.42 -59.93 87.37
C PRO F 535 -3.63 -60.67 86.86
N PHE F 536 -3.48 -61.94 86.47
CA PHE F 536 -4.55 -62.65 85.78
C PHE F 536 -5.21 -63.69 86.68
N PHE F 537 -4.74 -63.86 87.91
CA PHE F 537 -5.28 -64.85 88.82
C PHE F 537 -5.35 -64.24 90.21
N ASP F 538 -5.77 -65.04 91.18
CA ASP F 538 -5.90 -64.57 92.54
C ASP F 538 -5.52 -65.69 93.49
N PHE F 539 -4.75 -65.35 94.52
CA PHE F 539 -4.19 -66.33 95.43
C PHE F 539 -4.58 -65.99 96.86
N THR F 540 -4.53 -67.00 97.73
CA THR F 540 -4.79 -66.85 99.15
C THR F 540 -4.24 -68.07 99.87
N HIS F 541 -4.56 -68.19 101.15
CA HIS F 541 -4.27 -69.38 101.94
C HIS F 541 -5.56 -69.79 102.63
N CYS F 542 -6.28 -70.71 102.00
CA CYS F 542 -7.53 -71.22 102.55
C CYS F 542 -7.24 -72.08 103.78
N GLN F 543 -7.86 -71.73 104.89
CA GLN F 543 -7.72 -72.46 106.15
C GLN F 543 -8.81 -73.52 106.21
N GLU F 544 -8.43 -74.78 106.00
CA GLU F 544 -9.37 -75.89 106.13
C GLU F 544 -9.30 -76.43 107.57
N ASN F 545 -9.88 -77.60 107.79
CA ASN F 545 -9.91 -78.21 109.12
C ASN F 545 -8.51 -78.71 109.47
N SER F 546 -7.80 -77.93 110.29
CA SER F 546 -6.43 -78.21 110.75
C SER F 546 -5.46 -78.37 109.59
N GLU F 547 -5.62 -77.58 108.53
CA GLU F 547 -4.79 -77.66 107.35
C GLU F 547 -4.82 -76.31 106.64
N THR F 548 -3.66 -75.89 106.12
CA THR F 548 -3.53 -74.63 105.40
C THR F 548 -2.87 -74.93 104.05
N VAL F 549 -3.69 -75.20 103.05
CA VAL F 549 -3.21 -75.38 101.69
C VAL F 549 -3.69 -74.18 100.87
N ALA F 550 -2.86 -73.74 99.93
CA ALA F 550 -3.11 -72.53 99.16
C ALA F 550 -4.21 -72.75 98.14
N LEU F 551 -4.95 -71.68 97.86
CA LEU F 551 -6.05 -71.70 96.92
C LEU F 551 -5.79 -70.70 95.81
N CYS F 552 -5.78 -71.19 94.57
CA CYS F 552 -5.62 -70.34 93.41
C CYS F 552 -6.93 -70.24 92.66
N THR F 553 -7.30 -69.02 92.26
CA THR F 553 -8.53 -68.77 91.53
C THR F 553 -8.29 -67.69 90.49
N PRO F 554 -8.92 -67.77 89.32
CA PRO F 554 -8.69 -66.75 88.28
C PRO F 554 -9.52 -65.51 88.53
N ARG F 555 -8.89 -64.35 88.33
CA ARG F 555 -9.62 -63.09 88.27
C ARG F 555 -10.37 -63.03 86.95
N ILE F 556 -11.69 -63.08 87.02
CA ILE F 556 -12.49 -63.25 85.81
C ILE F 556 -12.61 -61.95 85.03
N VAL F 557 -12.81 -60.82 85.71
CA VAL F 557 -13.09 -59.55 85.05
C VAL F 557 -12.07 -58.51 85.51
N ILE F 558 -12.13 -57.34 84.86
CA ILE F 558 -11.27 -56.21 85.19
C ILE F 558 -11.50 -55.75 86.63
N GLY F 559 -12.76 -55.74 87.06
CA GLY F 559 -13.13 -55.25 88.38
C GLY F 559 -12.55 -56.05 89.54
N ASN F 560 -12.13 -57.29 89.29
CA ASN F 560 -11.54 -58.09 90.36
C ASN F 560 -10.13 -57.66 90.71
N LEU F 561 -9.50 -56.83 89.89
CA LEU F 561 -8.25 -56.20 90.31
C LEU F 561 -8.54 -55.21 91.42
N PRO F 562 -7.66 -55.10 92.42
CA PRO F 562 -7.96 -54.25 93.57
C PRO F 562 -7.81 -52.77 93.25
N ASP F 563 -8.25 -51.96 94.21
CA ASP F 563 -8.11 -50.51 94.15
C ASP F 563 -6.66 -50.05 94.06
N GLY F 564 -5.74 -50.77 94.71
CA GLY F 564 -4.35 -50.37 94.70
C GLY F 564 -3.64 -50.61 93.40
N LEU F 565 -4.21 -51.41 92.50
CA LEU F 565 -3.60 -51.69 91.21
C LEU F 565 -4.35 -51.10 90.03
N ALA F 566 -5.67 -50.97 90.11
CA ALA F 566 -6.45 -50.32 89.06
C ALA F 566 -7.59 -49.59 89.75
N PRO F 567 -7.42 -48.31 90.06
CA PRO F 567 -8.39 -47.62 90.92
C PRO F 567 -9.67 -47.21 90.21
N GLY F 568 -10.58 -46.63 90.99
CA GLY F 568 -11.85 -46.14 90.52
C GLY F 568 -11.80 -45.11 89.40
N PRO F 569 -11.11 -43.98 89.61
CA PRO F 569 -10.99 -42.99 88.52
C PRO F 569 -10.30 -43.50 87.28
N PHE F 570 -9.45 -44.53 87.39
CA PHE F 570 -8.93 -45.19 86.20
C PHE F 570 -10.05 -45.88 85.43
N HIS F 571 -10.97 -46.54 86.14
CA HIS F 571 -12.12 -47.14 85.47
C HIS F 571 -13.05 -46.09 84.90
N GLU F 572 -13.13 -44.93 85.54
CA GLU F 572 -13.95 -43.83 85.01
C GLU F 572 -13.35 -43.28 83.71
N LEU F 573 -12.03 -43.12 83.67
CA LEU F 573 -11.38 -42.69 82.44
C LEU F 573 -11.50 -43.76 81.34
N ARG F 574 -11.45 -45.03 81.72
CA ARG F 574 -11.55 -46.10 80.74
C ARG F 574 -12.95 -46.18 80.14
N THR F 575 -13.99 -46.03 80.97
CA THR F 575 -15.33 -46.04 80.40
C THR F 575 -15.64 -44.73 79.69
N TRP F 576 -14.93 -43.63 80.00
CA TRP F 576 -15.05 -42.46 79.15
C TRP F 576 -14.46 -42.69 77.78
N GLU F 577 -13.35 -43.44 77.71
CA GLU F 577 -12.80 -43.81 76.41
C GLU F 577 -13.74 -44.75 75.67
N ILE F 578 -14.42 -45.63 76.42
CA ILE F 578 -15.42 -46.51 75.83
C ILE F 578 -16.58 -45.70 75.24
N MET F 579 -17.10 -44.73 75.98
CA MET F 579 -18.19 -43.89 75.48
C MET F 579 -17.74 -42.99 74.34
N GLU F 580 -16.46 -42.62 74.29
CA GLU F 580 -15.99 -41.84 73.15
C GLU F 580 -15.72 -42.73 71.94
N HIS F 581 -15.57 -44.03 72.14
CA HIS F 581 -15.31 -44.90 71.00
C HIS F 581 -16.56 -45.11 70.15
N MET F 582 -17.73 -45.22 70.78
CA MET F 582 -18.98 -45.40 70.04
C MET F 582 -19.66 -44.06 69.72
N ARG F 583 -18.93 -42.95 69.86
CA ARG F 583 -19.43 -41.59 69.67
C ARG F 583 -20.67 -41.30 70.51
N LEU F 584 -20.56 -41.61 71.80
CA LEU F 584 -21.56 -41.21 72.79
C LEU F 584 -20.97 -40.26 73.82
N ARG F 585 -19.84 -39.61 73.50
CA ARG F 585 -19.11 -38.79 74.46
C ARG F 585 -19.88 -37.52 74.83
N PRO F 586 -20.68 -36.93 73.96
CA PRO F 586 -21.86 -36.21 74.46
C PRO F 586 -22.95 -37.20 74.80
N PRO F 587 -23.19 -37.45 76.08
CA PRO F 587 -24.09 -38.55 76.46
C PRO F 587 -25.54 -38.15 76.25
N PRO F 588 -26.42 -39.11 75.97
CA PRO F 588 -27.85 -38.80 75.89
C PRO F 588 -28.38 -38.46 77.27
N ASP F 589 -29.19 -37.40 77.33
CA ASP F 589 -29.63 -36.84 78.60
C ASP F 589 -30.63 -37.77 79.28
N TYR F 590 -30.19 -38.40 80.37
CA TYR F 590 -31.02 -39.31 81.17
C TYR F 590 -30.79 -39.04 82.64
N GLU F 591 -30.64 -37.76 82.99
CA GLU F 591 -30.34 -37.40 84.37
C GLU F 591 -31.61 -37.24 85.20
N GLU F 592 -32.72 -36.86 84.58
CA GLU F 592 -33.95 -36.65 85.33
C GLU F 592 -34.62 -37.97 85.70
N THR F 593 -34.54 -38.97 84.83
CA THR F 593 -35.16 -40.25 85.12
C THR F 593 -34.36 -41.01 86.17
N LEU F 594 -33.03 -40.92 86.09
CA LEU F 594 -32.21 -41.50 87.14
C LEU F 594 -32.23 -40.66 88.40
N ARG F 595 -32.55 -39.37 88.31
CA ARG F 595 -32.80 -38.59 89.52
C ARG F 595 -34.02 -39.09 90.26
N LEU F 596 -35.11 -39.33 89.52
CA LEU F 596 -36.30 -39.89 90.15
C LEU F 596 -36.07 -41.34 90.60
N PHE F 597 -35.21 -42.07 89.90
CA PHE F 597 -34.83 -43.40 90.36
C PHE F 597 -34.06 -43.33 91.68
N LYS F 598 -33.15 -42.36 91.80
CA LYS F 598 -32.43 -42.15 93.04
C LYS F 598 -33.36 -41.82 94.19
N THR F 599 -34.36 -40.96 93.92
CA THR F 599 -35.33 -40.63 94.96
C THR F 599 -36.18 -41.82 95.34
N THR F 600 -36.58 -42.65 94.38
CA THR F 600 -37.43 -43.77 94.74
C THR F 600 -36.65 -44.97 95.27
N VAL F 601 -35.33 -44.96 95.24
CA VAL F 601 -34.57 -45.98 95.94
C VAL F 601 -33.89 -45.45 97.19
N THR F 602 -34.02 -44.16 97.50
CA THR F 602 -33.58 -43.69 98.80
C THR F 602 -34.75 -43.49 99.74
N SER F 603 -35.97 -43.63 99.25
CA SER F 603 -37.13 -43.21 100.02
C SER F 603 -37.54 -44.30 101.02
N PRO F 604 -37.75 -43.94 102.29
CA PRO F 604 -38.25 -44.93 103.26
C PRO F 604 -39.75 -45.13 103.20
N ASN F 605 -40.50 -44.26 102.52
CA ASN F 605 -41.95 -44.40 102.41
C ASN F 605 -42.38 -45.15 101.16
N TYR F 606 -41.54 -46.06 100.68
CA TYR F 606 -41.88 -46.89 99.54
C TYR F 606 -42.99 -47.86 99.94
N PRO F 607 -43.99 -48.11 99.08
CA PRO F 607 -45.14 -48.90 99.49
C PRO F 607 -44.84 -50.39 99.68
N GLU F 608 -45.83 -51.15 100.13
CA GLU F 608 -45.60 -52.56 100.42
C GLU F 608 -46.51 -53.50 99.64
N LEU F 609 -47.52 -52.99 98.95
CA LEU F 609 -48.29 -53.87 98.08
C LEU F 609 -47.51 -54.22 96.83
N CYS F 610 -46.52 -53.38 96.48
CA CYS F 610 -45.75 -53.60 95.26
C CYS F 610 -44.89 -54.85 95.36
N TYR F 611 -44.41 -55.17 96.55
CA TYR F 611 -43.70 -56.44 96.74
C TYR F 611 -44.64 -57.62 96.56
N LEU F 612 -45.90 -57.47 96.98
CA LEU F 612 -46.87 -58.54 96.81
C LEU F 612 -47.20 -58.76 95.34
N VAL F 613 -47.37 -57.66 94.58
CA VAL F 613 -47.58 -57.78 93.15
C VAL F 613 -46.33 -58.33 92.46
N ASP F 614 -45.15 -57.99 92.99
CA ASP F 614 -43.89 -58.45 92.39
C ASP F 614 -43.70 -59.95 92.55
N VAL F 615 -44.01 -60.50 93.72
CA VAL F 615 -43.92 -61.95 93.88
C VAL F 615 -45.07 -62.64 93.14
N LEU F 616 -46.27 -62.05 93.18
CA LEU F 616 -47.42 -62.73 92.58
C LEU F 616 -47.51 -62.57 91.08
N VAL F 617 -46.65 -61.78 90.44
CA VAL F 617 -46.78 -61.61 89.00
C VAL F 617 -45.81 -62.51 88.24
N HIS F 618 -44.68 -62.88 88.86
CA HIS F 618 -43.59 -63.68 88.28
C HIS F 618 -43.04 -63.10 86.98
N GLY F 619 -43.22 -61.81 86.74
CA GLY F 619 -42.88 -61.19 85.47
C GLY F 619 -43.64 -61.75 84.28
N ASN F 620 -44.80 -62.35 84.50
CA ASN F 620 -45.50 -63.06 83.46
C ASN F 620 -46.44 -62.12 82.70
N VAL F 621 -46.68 -62.45 81.43
CA VAL F 621 -47.40 -61.54 80.55
C VAL F 621 -48.90 -61.52 80.84
N ASP F 622 -49.51 -62.69 81.08
CA ASP F 622 -50.94 -62.72 81.38
C ASP F 622 -51.19 -62.25 82.80
N ALA F 623 -50.26 -62.53 83.70
CA ALA F 623 -50.37 -62.06 85.08
C ALA F 623 -50.26 -60.54 85.16
N PHE F 624 -49.66 -59.91 84.15
CA PHE F 624 -49.70 -58.46 84.08
C PHE F 624 -50.93 -57.97 83.34
N LEU F 625 -51.39 -58.73 82.34
CA LEU F 625 -52.54 -58.31 81.55
C LEU F 625 -53.84 -58.34 82.36
N LEU F 626 -53.94 -59.22 83.35
CA LEU F 626 -55.13 -59.22 84.21
C LEU F 626 -55.16 -58.01 85.14
N ILE F 627 -53.99 -57.50 85.53
CA ILE F 627 -53.90 -56.51 86.58
C ILE F 627 -53.47 -55.15 86.02
N ARG F 628 -53.91 -54.82 84.79
CA ARG F 628 -53.41 -53.64 84.09
C ARG F 628 -53.88 -52.34 84.73
N THR F 629 -55.19 -52.17 84.85
CA THR F 629 -55.73 -50.90 85.33
C THR F 629 -55.44 -50.68 86.81
N PHE F 630 -55.25 -51.77 87.56
CA PHE F 630 -54.89 -51.65 88.98
C PHE F 630 -53.53 -51.00 89.15
N VAL F 631 -52.52 -51.52 88.46
CA VAL F 631 -51.18 -50.95 88.58
C VAL F 631 -51.09 -49.60 87.87
N ALA F 632 -51.95 -49.36 86.86
CA ALA F 632 -52.00 -48.05 86.22
C ALA F 632 -52.52 -46.98 87.17
N ARG F 633 -53.64 -47.27 87.84
CA ARG F 633 -54.17 -46.37 88.86
C ARG F 633 -53.20 -46.23 90.02
N CYS F 634 -52.47 -47.30 90.35
CA CYS F 634 -51.49 -47.23 91.43
C CYS F 634 -50.36 -46.27 91.10
N ILE F 635 -49.81 -46.35 89.89
CA ILE F 635 -48.69 -45.51 89.50
C ILE F 635 -49.13 -44.05 89.39
N VAL F 636 -50.29 -43.81 88.77
CA VAL F 636 -50.74 -42.44 88.58
C VAL F 636 -51.14 -41.80 89.92
N ASN F 637 -51.83 -42.55 90.79
CA ASN F 637 -52.22 -41.99 92.08
C ASN F 637 -51.01 -41.78 92.99
N MET F 638 -50.01 -42.66 92.90
CA MET F 638 -48.81 -42.50 93.72
C MET F 638 -47.99 -41.31 93.27
N PHE F 639 -47.84 -41.11 91.97
CA PHE F 639 -47.15 -39.92 91.50
C PHE F 639 -47.95 -38.66 91.75
N HIS F 640 -49.27 -38.78 91.90
CA HIS F 640 -50.07 -37.62 92.29
C HIS F 640 -49.96 -37.31 93.78
N THR F 641 -49.76 -38.32 94.63
CA THR F 641 -49.66 -38.04 96.06
C THR F 641 -48.23 -38.04 96.58
N ARG F 642 -47.27 -38.59 95.84
CA ARG F 642 -45.88 -38.60 96.27
C ARG F 642 -45.01 -38.10 95.14
N GLN F 643 -43.81 -37.65 95.49
CA GLN F 643 -42.87 -37.16 94.50
C GLN F 643 -42.15 -38.27 93.74
N LEU F 644 -42.27 -39.52 94.19
CA LEU F 644 -41.53 -40.62 93.61
C LEU F 644 -42.44 -41.43 92.69
N LEU F 645 -41.88 -42.50 92.13
CA LEU F 645 -42.59 -43.42 91.25
C LEU F 645 -42.28 -44.85 91.67
N VAL F 646 -43.24 -45.73 91.50
CA VAL F 646 -43.14 -47.07 92.10
C VAL F 646 -43.04 -48.16 91.05
N PHE F 647 -42.95 -49.41 91.54
CA PHE F 647 -42.75 -50.62 90.74
C PHE F 647 -41.47 -50.52 89.91
N ALA F 648 -40.46 -49.89 90.50
CA ALA F 648 -39.19 -49.65 89.82
C ALA F 648 -38.06 -50.49 90.41
N HIS F 649 -38.35 -51.46 91.26
CA HIS F 649 -37.31 -52.29 91.85
C HIS F 649 -37.21 -53.65 91.18
N SER F 650 -37.88 -53.85 90.05
CA SER F 650 -37.81 -55.13 89.37
C SER F 650 -37.83 -54.93 87.87
N TYR F 651 -36.86 -55.54 87.19
CA TYR F 651 -36.80 -55.54 85.73
C TYR F 651 -38.07 -56.15 85.13
N ALA F 652 -38.52 -57.26 85.71
CA ALA F 652 -39.63 -58.02 85.15
C ALA F 652 -40.96 -57.31 85.31
N LEU F 653 -41.00 -56.25 86.11
CA LEU F 653 -42.18 -55.40 86.13
C LEU F 653 -42.00 -54.13 85.30
N VAL F 654 -40.81 -53.54 85.27
CA VAL F 654 -40.59 -52.31 84.51
C VAL F 654 -40.74 -52.56 83.00
N THR F 655 -40.33 -53.74 82.52
CA THR F 655 -40.52 -54.01 81.10
C THR F 655 -41.98 -54.22 80.73
N LEU F 656 -42.75 -54.89 81.58
CA LEU F 656 -44.17 -55.07 81.30
C LEU F 656 -44.92 -53.76 81.43
N ILE F 657 -44.50 -52.90 82.35
CA ILE F 657 -45.07 -51.55 82.45
C ILE F 657 -44.78 -50.75 81.19
N ALA F 658 -43.53 -50.82 80.71
CA ALA F 658 -43.14 -50.00 79.58
C ALA F 658 -43.67 -50.54 78.26
N GLU F 659 -44.06 -51.81 78.22
CA GLU F 659 -44.57 -52.36 76.96
C GLU F 659 -46.08 -52.54 76.98
N HIS F 660 -46.59 -53.28 77.97
CA HIS F 660 -47.98 -53.72 77.93
C HIS F 660 -48.95 -52.70 78.51
N LEU F 661 -48.49 -51.81 79.38
CA LEU F 661 -49.33 -50.72 79.85
C LEU F 661 -49.20 -49.48 78.96
N ALA F 662 -48.41 -49.56 77.91
CA ALA F 662 -48.27 -48.47 76.95
C ALA F 662 -49.41 -48.47 75.94
N ASP F 663 -50.57 -47.98 76.36
CA ASP F 663 -51.73 -47.89 75.47
C ASP F 663 -52.42 -46.54 75.58
N GLY F 664 -51.89 -45.62 76.38
CA GLY F 664 -52.56 -44.38 76.68
C GLY F 664 -53.36 -44.39 77.97
N ALA F 665 -53.10 -45.33 78.87
CA ALA F 665 -53.79 -45.37 80.15
C ALA F 665 -53.15 -44.45 81.18
N LEU F 666 -52.04 -43.80 80.83
CA LEU F 666 -51.33 -42.90 81.70
C LEU F 666 -51.13 -41.56 81.02
N PRO F 667 -50.85 -40.50 81.77
CA PRO F 667 -50.24 -39.32 81.17
C PRO F 667 -48.88 -39.70 80.59
N PRO F 668 -48.49 -39.10 79.47
CA PRO F 668 -47.33 -39.61 78.72
C PRO F 668 -45.99 -39.39 79.40
N GLN F 669 -45.90 -38.45 80.34
CA GLN F 669 -44.64 -38.26 81.05
C GLN F 669 -44.33 -39.42 81.96
N LEU F 670 -45.35 -40.00 82.58
CA LEU F 670 -45.12 -41.15 83.44
C LEU F 670 -44.81 -42.41 82.64
N LEU F 671 -45.23 -42.47 81.37
CA LEU F 671 -44.77 -43.56 80.52
C LEU F 671 -43.34 -43.33 80.05
N PHE F 672 -42.98 -42.05 79.80
CA PHE F 672 -41.61 -41.74 79.43
C PHE F 672 -40.64 -42.00 80.56
N HIS F 673 -41.12 -41.93 81.81
CA HIS F 673 -40.28 -42.23 82.95
C HIS F 673 -40.15 -43.73 83.23
N TYR F 674 -40.48 -44.58 82.27
CA TYR F 674 -40.10 -45.99 82.28
C TYR F 674 -39.48 -46.33 80.93
N ARG F 675 -39.92 -45.60 79.90
CA ARG F 675 -39.29 -45.71 78.59
C ARG F 675 -37.84 -45.25 78.65
N ASN F 676 -37.55 -44.21 79.43
CA ASN F 676 -36.18 -43.77 79.59
C ASN F 676 -35.34 -44.77 80.36
N LEU F 677 -35.97 -45.49 81.30
CA LEU F 677 -35.24 -46.53 82.04
C LEU F 677 -34.87 -47.69 81.12
N VAL F 678 -35.81 -48.16 80.31
CA VAL F 678 -35.46 -49.24 79.39
C VAL F 678 -34.54 -48.74 78.28
N ALA F 679 -34.54 -47.44 77.97
CA ALA F 679 -33.61 -46.91 76.98
C ALA F 679 -32.20 -46.85 77.55
N VAL F 680 -32.05 -46.46 78.81
CA VAL F 680 -30.76 -46.51 79.50
C VAL F 680 -30.25 -47.93 79.54
N LEU F 681 -31.15 -48.88 79.82
CA LEU F 681 -30.75 -50.28 79.90
C LEU F 681 -30.28 -50.81 78.55
N ARG F 682 -31.01 -50.45 77.48
CA ARG F 682 -30.62 -50.86 76.12
C ARG F 682 -29.30 -50.21 75.70
N LEU F 683 -29.09 -48.95 76.10
CA LEU F 683 -27.86 -48.26 75.74
C LEU F 683 -26.64 -48.88 76.44
N VAL F 684 -26.79 -49.23 77.71
CA VAL F 684 -25.68 -49.82 78.44
C VAL F 684 -25.39 -51.24 77.93
N THR F 685 -26.43 -52.02 77.60
CA THR F 685 -26.13 -53.33 77.05
C THR F 685 -25.72 -53.27 75.58
N ARG F 686 -25.91 -52.14 74.91
CA ARG F 686 -25.38 -51.98 73.57
C ARG F 686 -23.93 -51.56 73.58
N ILE F 687 -23.53 -50.72 74.54
CA ILE F 687 -22.15 -50.29 74.68
C ILE F 687 -21.34 -51.32 75.47
N SER F 688 -22.00 -52.33 76.04
CA SER F 688 -21.32 -53.31 76.87
C SER F 688 -20.32 -54.14 76.08
N ALA F 689 -20.76 -54.71 74.96
CA ALA F 689 -19.84 -55.41 74.08
C ALA F 689 -19.19 -54.39 73.15
N LEU F 690 -18.48 -54.87 72.13
CA LEU F 690 -17.86 -54.00 71.13
C LEU F 690 -18.55 -54.28 69.80
N PRO F 691 -19.62 -53.56 69.49
CA PRO F 691 -20.34 -53.81 68.25
C PRO F 691 -19.54 -53.33 67.05
N GLY F 692 -19.76 -54.01 65.93
CA GLY F 692 -18.94 -53.85 64.76
C GLY F 692 -17.71 -54.73 64.73
N LEU F 693 -17.34 -55.31 65.87
CA LEU F 693 -16.17 -56.17 65.98
C LEU F 693 -16.51 -57.53 66.55
N ASN F 694 -17.69 -57.67 67.16
CA ASN F 694 -18.13 -58.94 67.74
C ASN F 694 -18.82 -59.78 66.67
N ASN F 695 -18.04 -60.18 65.67
CA ASN F 695 -18.58 -60.97 64.58
C ASN F 695 -18.02 -62.39 64.64
N GLY F 696 -18.76 -63.33 64.08
CA GLY F 696 -18.32 -64.71 64.15
C GLY F 696 -18.55 -65.29 65.54
N GLN F 697 -18.00 -66.48 65.74
CA GLN F 697 -18.21 -67.20 66.98
C GLN F 697 -17.13 -68.27 67.11
N LEU F 698 -16.88 -68.69 68.35
CA LEU F 698 -15.97 -69.79 68.61
C LEU F 698 -16.72 -71.11 68.71
N ALA F 699 -17.58 -71.37 67.72
CA ALA F 699 -18.27 -72.62 67.43
C ALA F 699 -19.29 -73.06 68.48
N GLU F 700 -19.37 -72.39 69.63
CA GLU F 700 -20.45 -72.64 70.58
C GLU F 700 -21.01 -71.38 71.21
N GLU F 701 -20.26 -70.28 71.28
CA GLU F 701 -20.65 -69.05 71.92
C GLU F 701 -20.33 -67.88 70.99
N PRO F 702 -21.16 -66.83 70.98
CA PRO F 702 -20.86 -65.68 70.13
C PRO F 702 -19.69 -64.88 70.67
N LEU F 703 -19.13 -64.04 69.80
CA LEU F 703 -17.96 -63.25 70.17
C LEU F 703 -18.30 -62.19 71.21
N SER F 704 -19.57 -61.79 71.28
CA SER F 704 -20.00 -60.89 72.34
C SER F 704 -20.04 -61.57 73.70
N ALA F 705 -20.12 -62.90 73.73
CA ALA F 705 -20.16 -63.65 74.97
C ALA F 705 -18.78 -64.02 75.49
N TYR F 706 -17.73 -63.47 74.89
CA TYR F 706 -16.38 -63.72 75.33
C TYR F 706 -15.70 -62.50 75.92
N VAL F 707 -16.30 -61.32 75.77
CA VAL F 707 -15.57 -60.07 75.93
C VAL F 707 -15.97 -59.32 77.19
N ASN F 708 -17.26 -59.27 77.55
CA ASN F 708 -17.66 -58.42 78.65
C ASN F 708 -18.36 -59.17 79.78
N ALA F 709 -18.41 -60.51 79.73
CA ALA F 709 -19.02 -61.37 80.75
C ALA F 709 -20.46 -61.00 81.06
N LEU F 710 -21.16 -60.43 80.10
CA LEU F 710 -22.50 -59.90 80.30
C LEU F 710 -23.47 -60.36 79.23
N HIS F 711 -22.94 -60.76 78.08
CA HIS F 711 -23.73 -61.37 77.02
C HIS F 711 -23.56 -62.88 76.98
N ASP F 712 -23.14 -63.46 78.09
CA ASP F 712 -22.94 -64.90 78.22
C ASP F 712 -24.10 -65.51 78.99
N HIS F 713 -24.20 -66.82 78.91
CA HIS F 713 -25.18 -67.58 79.67
C HIS F 713 -24.64 -68.03 81.02
N ARG F 714 -23.39 -67.69 81.34
CA ARG F 714 -22.75 -68.18 82.56
C ARG F 714 -22.95 -67.22 83.73
N LEU F 715 -23.25 -65.95 83.47
CA LEU F 715 -23.54 -65.03 84.56
C LEU F 715 -25.05 -64.91 84.74
N TRP F 716 -25.49 -65.02 85.96
CA TRP F 716 -26.92 -64.97 86.26
C TRP F 716 -27.24 -63.69 87.02
N PRO F 717 -28.28 -62.97 86.64
CA PRO F 717 -28.72 -61.83 87.44
C PRO F 717 -29.25 -62.30 88.77
N PRO F 718 -29.00 -61.56 89.86
CA PRO F 718 -29.27 -62.10 91.21
C PRO F 718 -30.75 -62.26 91.56
N PHE F 719 -31.69 -61.99 90.66
CA PHE F 719 -33.11 -62.24 90.91
C PHE F 719 -33.71 -62.91 89.67
N VAL F 720 -33.69 -64.23 89.65
CA VAL F 720 -34.25 -64.97 88.53
C VAL F 720 -35.77 -64.95 88.61
N THR F 721 -36.42 -64.66 87.50
CA THR F 721 -37.85 -64.88 87.38
C THR F 721 -38.15 -66.07 86.49
N HIS F 722 -37.42 -66.19 85.39
CA HIS F 722 -37.48 -67.35 84.50
C HIS F 722 -36.07 -67.81 84.25
N LEU F 723 -35.83 -69.10 84.39
CA LEU F 723 -34.49 -69.64 84.14
C LEU F 723 -34.22 -69.60 82.64
N PRO F 724 -32.99 -69.33 82.23
CA PRO F 724 -32.73 -68.99 80.82
C PRO F 724 -32.77 -70.24 79.93
N ARG F 725 -32.93 -70.00 78.64
CA ARG F 725 -33.01 -71.08 77.67
C ARG F 725 -31.66 -71.78 77.49
N ASN F 726 -30.60 -71.00 77.36
CA ASN F 726 -29.26 -71.52 77.09
C ASN F 726 -28.60 -71.95 78.38
N MET F 727 -28.76 -73.22 78.73
CA MET F 727 -28.08 -73.81 79.89
C MET F 727 -27.16 -74.90 79.35
N GLU F 728 -25.97 -74.50 78.94
CA GLU F 728 -25.00 -75.43 78.38
C GLU F 728 -24.19 -76.12 79.47
N GLY F 729 -23.43 -75.34 80.22
CA GLY F 729 -22.57 -75.92 81.23
C GLY F 729 -23.01 -75.57 82.64
N VAL F 730 -24.00 -74.71 82.77
CA VAL F 730 -24.46 -74.30 84.10
C VAL F 730 -25.34 -75.38 84.72
N GLN F 731 -24.87 -75.93 85.84
CA GLN F 731 -25.61 -76.92 86.60
C GLN F 731 -26.18 -76.23 87.83
N VAL F 732 -27.33 -75.57 87.64
CA VAL F 732 -27.98 -74.87 88.73
C VAL F 732 -28.64 -75.88 89.67
N VAL F 733 -28.21 -75.87 90.94
CA VAL F 733 -28.66 -76.87 91.88
C VAL F 733 -29.27 -76.19 93.10
N ALA F 734 -30.04 -76.99 93.85
CA ALA F 734 -30.43 -76.68 95.22
C ALA F 734 -30.13 -77.85 96.15
N ASP F 735 -29.69 -78.97 95.61
CA ASP F 735 -29.28 -80.16 96.35
C ASP F 735 -27.98 -80.65 95.73
N ARG F 736 -27.57 -81.87 96.07
CA ARG F 736 -26.31 -82.38 95.53
C ARG F 736 -26.45 -82.85 94.10
N GLN F 737 -27.65 -83.27 93.69
CA GLN F 737 -27.84 -83.73 92.32
C GLN F 737 -27.98 -82.54 91.37
N PRO F 738 -27.27 -82.56 90.24
CA PRO F 738 -27.41 -81.51 89.23
C PRO F 738 -28.78 -81.56 88.54
N LEU F 739 -29.05 -80.52 87.76
CA LEU F 739 -30.35 -80.38 87.10
C LEU F 739 -30.19 -80.36 85.59
N ASN F 740 -29.38 -81.29 85.05
CA ASN F 740 -29.25 -81.38 83.60
C ASN F 740 -30.49 -81.95 82.90
N PRO F 741 -31.17 -83.02 83.38
CA PRO F 741 -32.46 -83.35 82.78
C PRO F 741 -33.57 -82.43 83.25
N ALA F 742 -34.59 -82.28 82.40
CA ALA F 742 -35.73 -81.41 82.66
C ALA F 742 -37.04 -82.19 82.78
N ASN F 743 -37.02 -83.35 83.42
CA ASN F 743 -38.22 -84.15 83.63
C ASN F 743 -38.96 -83.76 84.91
N ILE F 744 -38.50 -82.73 85.61
CA ILE F 744 -39.18 -82.24 86.80
C ILE F 744 -39.58 -80.78 86.71
N GLU F 745 -39.17 -80.07 85.65
CA GLU F 745 -39.40 -78.62 85.51
C GLU F 745 -40.74 -78.41 84.83
N ALA F 746 -41.81 -78.61 85.61
CA ALA F 746 -43.19 -78.55 85.10
C ALA F 746 -43.98 -77.56 85.95
N ARG F 747 -44.60 -76.58 85.29
CA ARG F 747 -45.40 -75.56 85.97
C ARG F 747 -46.38 -74.96 84.98
N HIS F 748 -47.63 -74.80 85.42
CA HIS F 748 -48.70 -74.22 84.61
C HIS F 748 -49.31 -73.08 85.42
N HIS F 749 -50.22 -72.34 84.80
CA HIS F 749 -50.93 -71.26 85.46
C HIS F 749 -52.40 -71.32 85.12
N GLY F 750 -53.26 -71.30 86.14
CA GLY F 750 -54.68 -71.35 85.97
C GLY F 750 -55.32 -72.66 86.37
N VAL F 751 -54.57 -73.76 86.38
CA VAL F 751 -55.10 -75.09 86.69
C VAL F 751 -54.70 -75.43 88.13
N SER F 752 -55.51 -76.26 88.78
CA SER F 752 -55.25 -76.70 90.15
C SER F 752 -54.84 -78.16 90.16
N ASP F 753 -53.69 -78.45 90.75
CA ASP F 753 -53.19 -79.81 90.88
C ASP F 753 -52.80 -80.08 92.32
N VAL F 754 -53.24 -81.22 92.85
CA VAL F 754 -52.98 -81.59 94.24
C VAL F 754 -51.56 -82.07 94.57
N PRO F 755 -50.87 -82.96 93.83
CA PRO F 755 -49.68 -83.60 94.42
C PRO F 755 -48.39 -82.81 94.29
N ARG F 756 -48.45 -81.52 93.95
CA ARG F 756 -47.26 -80.71 93.74
C ARG F 756 -47.12 -79.56 94.73
N LEU F 757 -48.19 -79.18 95.43
CA LEU F 757 -48.16 -78.06 96.36
C LEU F 757 -47.40 -78.38 97.65
N GLY F 758 -47.30 -79.65 98.01
CA GLY F 758 -46.66 -80.05 99.25
C GLY F 758 -45.16 -79.97 99.28
N ALA F 759 -44.51 -79.60 98.19
CA ALA F 759 -43.07 -79.45 98.11
C ALA F 759 -42.67 -77.99 98.00
N MET F 760 -43.43 -77.11 98.67
CA MET F 760 -43.11 -75.68 98.64
C MET F 760 -41.94 -75.36 99.55
N ASP F 761 -41.88 -75.98 100.73
CA ASP F 761 -40.75 -75.81 101.63
C ASP F 761 -39.56 -76.68 101.25
N ALA F 762 -39.77 -77.70 100.42
CA ALA F 762 -38.69 -78.56 99.97
C ALA F 762 -38.05 -77.96 98.72
N ASP F 763 -36.71 -77.97 98.68
CA ASP F 763 -35.97 -77.37 97.58
C ASP F 763 -35.61 -78.37 96.49
N GLU F 764 -36.23 -79.56 96.49
CA GLU F 764 -35.95 -80.53 95.44
C GLU F 764 -36.58 -80.19 94.08
N PRO F 765 -37.84 -79.73 93.97
CA PRO F 765 -38.27 -79.25 92.65
C PRO F 765 -38.03 -77.75 92.47
N LEU F 766 -37.97 -77.34 91.20
CA LEU F 766 -37.78 -75.95 90.81
C LEU F 766 -38.93 -75.57 89.88
N PHE F 767 -39.97 -74.98 90.44
CA PHE F 767 -41.17 -74.63 89.69
C PHE F 767 -40.87 -73.44 88.79
N VAL F 768 -40.85 -73.69 87.48
CA VAL F 768 -40.47 -72.70 86.48
C VAL F 768 -41.42 -72.78 85.29
N ASP F 769 -41.77 -71.62 84.75
CA ASP F 769 -42.63 -71.55 83.59
C ASP F 769 -41.91 -72.04 82.33
N ASP F 770 -42.70 -72.47 81.34
CA ASP F 770 -42.12 -72.85 80.05
C ASP F 770 -41.58 -71.65 79.31
N TYR F 771 -42.07 -70.45 79.60
CA TYR F 771 -41.51 -69.24 79.02
C TYR F 771 -40.13 -69.02 79.65
N ARG F 772 -39.11 -69.53 78.98
CA ARG F 772 -37.74 -69.31 79.40
C ARG F 772 -37.19 -68.07 78.72
N ALA F 773 -36.42 -67.31 79.47
CA ALA F 773 -35.87 -66.06 78.95
C ALA F 773 -34.74 -66.35 77.97
N THR F 774 -34.78 -65.70 76.82
CA THR F 774 -33.73 -65.83 75.83
C THR F 774 -32.57 -64.92 76.19
N ASP F 775 -31.64 -64.78 75.25
CA ASP F 775 -30.33 -64.18 75.54
C ASP F 775 -30.42 -62.68 75.79
N ASP F 776 -31.22 -61.96 75.00
CA ASP F 776 -31.23 -60.50 75.07
C ASP F 776 -31.81 -60.00 76.38
N GLU F 777 -32.98 -60.50 76.77
CA GLU F 777 -33.54 -60.09 78.06
C GLU F 777 -32.76 -60.65 79.24
N TRP F 778 -31.97 -61.70 79.02
CA TRP F 778 -31.02 -62.16 80.03
C TRP F 778 -29.93 -61.13 80.27
N THR F 779 -29.37 -60.58 79.17
CA THR F 779 -28.40 -59.49 79.31
C THR F 779 -29.02 -58.26 79.94
N LEU F 780 -30.27 -57.97 79.58
CA LEU F 780 -30.96 -56.81 80.14
C LEU F 780 -31.21 -56.99 81.64
N GLN F 781 -31.56 -58.20 82.07
CA GLN F 781 -31.78 -58.43 83.49
C GLN F 781 -30.48 -58.43 84.27
N LYS F 782 -29.41 -58.97 83.68
CA LYS F 782 -28.09 -58.90 84.27
C LYS F 782 -27.65 -57.47 84.48
N VAL F 783 -27.77 -56.64 83.45
CA VAL F 783 -27.31 -55.27 83.57
C VAL F 783 -28.24 -54.45 84.46
N PHE F 784 -29.53 -54.81 84.56
CA PHE F 784 -30.41 -54.12 85.50
C PHE F 784 -30.03 -54.41 86.94
N TYR F 785 -29.96 -55.68 87.32
CA TYR F 785 -29.67 -55.99 88.71
C TYR F 785 -28.20 -55.88 89.07
N LEU F 786 -27.31 -55.60 88.11
CA LEU F 786 -25.90 -55.45 88.42
C LEU F 786 -25.31 -54.08 88.13
N CYS F 787 -25.97 -53.23 87.36
CA CYS F 787 -25.48 -51.89 87.10
C CYS F 787 -26.46 -50.82 87.57
N LEU F 788 -27.71 -50.90 87.12
CA LEU F 788 -28.65 -49.81 87.37
C LEU F 788 -29.28 -49.90 88.75
N MET F 789 -29.44 -51.09 89.30
CA MET F 789 -29.86 -51.17 90.68
C MET F 789 -28.76 -50.80 91.68
N PRO F 790 -27.58 -51.45 91.74
CA PRO F 790 -26.71 -51.20 92.89
C PRO F 790 -25.97 -49.88 92.84
N ALA F 791 -25.67 -49.34 91.66
CA ALA F 791 -25.00 -48.05 91.57
C ALA F 791 -25.96 -46.88 91.74
N MET F 792 -27.23 -47.14 91.94
CA MET F 792 -28.19 -46.09 92.27
C MET F 792 -28.69 -46.17 93.70
N THR F 793 -28.79 -47.36 94.27
CA THR F 793 -29.14 -47.49 95.68
C THR F 793 -27.94 -47.32 96.59
N ASN F 794 -26.72 -47.33 96.03
CA ASN F 794 -25.44 -47.33 96.77
C ASN F 794 -25.38 -48.48 97.77
N ASN F 795 -25.87 -49.63 97.31
CA ASN F 795 -26.00 -50.87 98.06
C ASN F 795 -26.81 -50.71 99.35
N ARG F 796 -27.83 -49.86 99.33
CA ARG F 796 -28.79 -49.81 100.42
C ARG F 796 -29.88 -50.85 100.27
N ALA F 797 -29.91 -51.55 99.14
CA ALA F 797 -30.97 -52.50 98.82
C ALA F 797 -30.63 -53.90 99.33
N CYS F 798 -31.66 -54.64 99.72
CA CYS F 798 -31.50 -56.01 100.18
C CYS F 798 -32.51 -56.92 99.49
N GLY F 799 -32.43 -58.22 99.75
CA GLY F 799 -33.35 -59.16 99.16
C GLY F 799 -34.07 -59.96 100.24
N LEU F 800 -35.39 -60.08 100.07
CA LEU F 800 -36.20 -60.90 100.95
C LEU F 800 -37.29 -61.56 100.13
N GLY F 801 -37.96 -62.52 100.74
CA GLY F 801 -39.08 -63.20 100.11
C GLY F 801 -40.23 -63.38 101.06
N LEU F 802 -41.44 -63.18 100.55
CA LEU F 802 -42.65 -63.33 101.34
C LEU F 802 -43.05 -64.80 101.42
N ASN F 803 -43.39 -65.25 102.61
CA ASN F 803 -43.91 -66.60 102.80
C ASN F 803 -45.40 -66.62 102.45
N LEU F 804 -45.70 -67.05 101.22
CA LEU F 804 -47.04 -66.89 100.68
C LEU F 804 -48.03 -67.91 101.21
N LYS F 805 -47.57 -69.04 101.77
CA LYS F 805 -48.48 -70.05 102.30
C LYS F 805 -49.26 -69.53 103.49
N THR F 806 -48.66 -68.66 104.29
CA THR F 806 -49.33 -68.01 105.40
C THR F 806 -49.93 -66.65 105.01
N LEU F 807 -49.29 -65.93 104.08
CA LEU F 807 -49.74 -64.59 103.72
C LEU F 807 -51.00 -64.64 102.87
N LEU F 808 -51.13 -65.62 101.96
CA LEU F 808 -52.29 -65.68 101.09
C LEU F 808 -53.57 -66.07 101.84
N VAL F 809 -53.47 -66.96 102.84
CA VAL F 809 -54.67 -67.39 103.58
C VAL F 809 -55.09 -66.40 104.65
N ASP F 810 -54.35 -65.30 104.82
CA ASP F 810 -54.82 -64.13 105.54
C ASP F 810 -55.19 -63.00 104.59
N LEU F 811 -54.63 -63.01 103.38
CA LEU F 811 -54.99 -62.04 102.35
C LEU F 811 -56.41 -62.24 101.87
N PHE F 812 -56.77 -63.47 101.48
CA PHE F 812 -57.99 -63.72 100.73
C PHE F 812 -58.77 -64.89 101.31
N TYR F 813 -58.99 -64.89 102.63
CA TYR F 813 -59.91 -65.82 103.26
C TYR F 813 -61.24 -65.15 103.62
N ARG F 814 -61.34 -63.84 103.49
CA ARG F 814 -62.53 -63.11 103.88
C ARG F 814 -63.66 -63.35 102.88
N PRO F 815 -64.91 -63.39 103.35
CA PRO F 815 -66.04 -63.65 102.44
C PRO F 815 -66.48 -62.48 101.59
N ALA F 816 -65.69 -61.41 101.50
CA ALA F 816 -65.99 -60.27 100.64
C ALA F 816 -65.39 -60.42 99.25
N PHE F 817 -65.08 -61.63 98.82
CA PHE F 817 -64.57 -61.89 97.48
C PHE F 817 -65.28 -63.04 96.78
N LEU F 818 -66.07 -63.85 97.51
CA LEU F 818 -66.60 -65.09 96.97
C LEU F 818 -67.97 -64.94 96.31
N LEU F 819 -68.78 -63.96 96.72
CA LEU F 819 -70.12 -63.79 96.14
C LEU F 819 -70.26 -62.35 95.64
N MET F 820 -69.71 -62.10 94.44
CA MET F 820 -69.83 -60.93 93.57
C MET F 820 -69.37 -61.36 92.18
N PRO F 821 -70.09 -60.98 91.11
CA PRO F 821 -69.66 -61.35 89.76
C PRO F 821 -68.40 -60.61 89.30
N SER F 845 -70.83 -47.21 103.12
CA SER F 845 -70.07 -46.90 101.91
C SER F 845 -68.60 -47.27 102.08
N ILE F 846 -67.80 -46.32 102.55
CA ILE F 846 -66.36 -46.58 102.69
C ILE F 846 -66.05 -47.25 104.03
N ALA F 847 -66.82 -46.93 105.07
CA ALA F 847 -66.61 -47.59 106.36
C ALA F 847 -67.23 -48.97 106.39
N ALA F 848 -68.16 -49.26 105.49
CA ALA F 848 -68.79 -50.58 105.47
C ALA F 848 -67.86 -51.64 104.91
N GLN F 849 -67.05 -51.28 103.91
CA GLN F 849 -66.19 -52.24 103.24
C GLN F 849 -64.77 -52.28 103.80
N ARG F 850 -64.45 -51.43 104.78
CA ARG F 850 -63.13 -51.51 105.41
C ARG F 850 -63.03 -52.72 106.32
N GLN F 851 -64.06 -52.97 107.12
CA GLN F 851 -64.10 -54.18 107.94
C GLN F 851 -64.38 -55.41 107.11
N ALA F 852 -65.03 -55.25 105.95
CA ALA F 852 -65.23 -56.37 105.05
C ALA F 852 -63.93 -56.79 104.38
N VAL F 853 -63.02 -55.85 104.16
CA VAL F 853 -61.73 -56.18 103.57
C VAL F 853 -60.66 -56.40 104.64
N GLY F 854 -60.97 -56.07 105.88
CA GLY F 854 -60.04 -56.33 106.96
C GLY F 854 -59.19 -55.12 107.30
N GLU F 855 -58.51 -55.20 108.45
CA GLU F 855 -57.68 -54.10 108.91
C GLU F 855 -56.29 -54.13 108.27
N MET F 856 -55.76 -55.33 107.99
CA MET F 856 -54.41 -55.45 107.48
C MET F 856 -54.30 -54.90 106.06
N LEU F 857 -55.24 -55.26 105.19
CA LEU F 857 -55.17 -54.81 103.81
C LEU F 857 -55.68 -53.39 103.64
N THR F 858 -56.14 -52.76 104.72
CA THR F 858 -56.59 -51.38 104.63
C THR F 858 -55.44 -50.43 104.34
N GLU F 859 -54.36 -50.48 105.12
CA GLU F 859 -53.26 -49.54 104.97
C GLU F 859 -52.36 -49.86 103.78
N LEU F 860 -52.71 -50.86 102.97
CA LEU F 860 -51.94 -51.20 101.78
C LEU F 860 -52.55 -50.70 100.48
N VAL F 861 -53.85 -50.39 100.44
CA VAL F 861 -54.52 -50.07 99.19
C VAL F 861 -55.31 -48.76 99.25
N GLU F 862 -55.51 -48.22 100.47
CA GLU F 862 -56.54 -47.19 100.65
C GLU F 862 -56.11 -45.85 100.08
N ASP F 863 -54.80 -45.60 100.01
CA ASP F 863 -54.33 -44.32 99.51
C ASP F 863 -53.54 -44.46 98.22
N VAL F 864 -53.27 -45.68 97.78
CA VAL F 864 -52.40 -45.88 96.64
C VAL F 864 -53.20 -46.32 95.43
N ALA F 865 -54.43 -46.82 95.66
CA ALA F 865 -55.18 -47.43 94.56
C ALA F 865 -56.67 -47.12 94.65
N THR F 866 -57.05 -45.99 95.24
CA THR F 866 -58.45 -45.61 95.34
C THR F 866 -58.67 -44.24 94.72
N ASP F 867 -59.87 -44.05 94.19
CA ASP F 867 -60.34 -42.77 93.68
C ASP F 867 -61.87 -42.79 93.75
N ALA F 868 -62.51 -41.67 93.43
CA ALA F 868 -63.95 -41.62 93.34
C ALA F 868 -64.50 -42.40 92.15
N HIS F 869 -63.66 -42.65 91.14
CA HIS F 869 -64.03 -43.52 90.04
C HIS F 869 -64.25 -44.96 90.48
N THR F 870 -63.44 -45.45 91.41
CA THR F 870 -63.55 -46.80 91.91
C THR F 870 -63.11 -46.82 93.37
N PRO F 871 -64.04 -46.99 94.31
CA PRO F 871 -63.65 -47.12 95.71
C PRO F 871 -63.03 -48.48 96.05
N LEU F 872 -62.87 -48.72 97.35
CA LEU F 872 -61.84 -49.64 97.84
C LEU F 872 -62.14 -51.10 97.50
N LEU F 873 -63.38 -51.55 97.71
CA LEU F 873 -63.66 -52.97 97.58
C LEU F 873 -63.66 -53.42 96.12
N GLN F 874 -64.11 -52.55 95.21
CA GLN F 874 -64.01 -52.86 93.79
C GLN F 874 -62.57 -52.80 93.31
N ALA F 875 -61.74 -51.98 93.96
CA ALA F 875 -60.33 -51.90 93.58
C ALA F 875 -59.56 -53.11 94.09
N CYS F 876 -59.88 -53.60 95.29
CA CYS F 876 -59.14 -54.70 95.87
C CYS F 876 -59.49 -56.03 95.22
N ARG F 877 -60.64 -56.12 94.55
CA ARG F 877 -61.01 -57.35 93.88
C ARG F 877 -60.19 -57.59 92.62
N GLU F 878 -59.64 -56.52 92.03
CA GLU F 878 -58.73 -56.70 90.90
C GLU F 878 -57.44 -57.38 91.32
N LEU F 879 -57.03 -57.19 92.58
CA LEU F 879 -55.89 -57.87 93.14
C LEU F 879 -56.14 -59.37 93.34
N PHE F 880 -57.41 -59.79 93.45
CA PHE F 880 -57.73 -61.20 93.64
C PHE F 880 -57.44 -62.03 92.40
N LEU F 881 -57.44 -61.42 91.22
CA LEU F 881 -57.32 -62.17 89.97
C LEU F 881 -55.89 -62.62 89.67
N ALA F 882 -54.90 -62.13 90.40
CA ALA F 882 -53.52 -62.56 90.21
C ALA F 882 -53.17 -63.81 91.01
N VAL F 883 -54.06 -64.23 91.91
CA VAL F 883 -53.75 -65.32 92.82
C VAL F 883 -53.78 -66.66 92.10
N GLN F 884 -54.47 -66.74 90.96
CA GLN F 884 -54.51 -67.98 90.18
C GLN F 884 -53.19 -68.25 89.47
N PHE F 885 -52.23 -67.34 89.53
CA PHE F 885 -50.86 -67.61 89.17
C PHE F 885 -50.11 -67.99 90.43
N VAL F 886 -49.50 -69.18 90.42
CA VAL F 886 -48.98 -69.79 91.63
C VAL F 886 -47.72 -69.06 92.08
N GLY F 887 -47.67 -68.70 93.36
CA GLY F 887 -46.52 -68.03 93.92
C GLY F 887 -45.76 -68.88 94.92
N GLU F 888 -44.48 -69.12 94.66
CA GLU F 888 -43.72 -70.05 95.49
C GLU F 888 -42.91 -69.33 96.55
N HIS F 889 -42.24 -70.12 97.38
CA HIS F 889 -41.41 -69.58 98.44
C HIS F 889 -40.09 -69.09 97.86
N VAL F 890 -39.41 -68.24 98.62
CA VAL F 890 -38.07 -67.82 98.24
C VAL F 890 -37.10 -68.97 98.45
N LYS F 891 -36.27 -69.23 97.45
CA LYS F 891 -35.30 -70.30 97.55
C LYS F 891 -34.01 -69.84 96.88
N VAL F 892 -32.88 -70.19 97.49
CA VAL F 892 -31.58 -69.83 96.94
C VAL F 892 -31.08 -70.98 96.10
N LEU F 893 -30.70 -70.66 94.86
CA LEU F 893 -30.20 -71.66 93.93
C LEU F 893 -28.69 -71.51 93.82
N GLU F 894 -27.95 -72.57 94.13
CA GLU F 894 -26.53 -72.59 93.86
C GLU F 894 -26.30 -72.75 92.36
N VAL F 895 -25.65 -71.78 91.75
CA VAL F 895 -25.38 -71.80 90.32
C VAL F 895 -23.92 -72.16 90.17
N ARG F 896 -23.68 -73.38 89.72
CA ARG F 896 -22.32 -73.85 89.44
C ARG F 896 -22.13 -73.89 87.93
N ALA F 897 -21.02 -73.34 87.48
CA ALA F 897 -20.71 -73.33 86.06
C ALA F 897 -19.20 -73.24 85.88
N PRO F 898 -18.59 -74.11 85.08
CA PRO F 898 -17.20 -73.89 84.69
C PRO F 898 -17.11 -72.71 83.73
N LEU F 899 -15.87 -72.31 83.47
CA LEU F 899 -15.63 -71.13 82.65
C LEU F 899 -15.79 -71.50 81.17
N ASP F 900 -15.55 -70.54 80.29
CA ASP F 900 -15.54 -70.84 78.87
C ASP F 900 -14.20 -71.48 78.51
N HIS F 901 -14.07 -71.94 77.27
CA HIS F 901 -12.87 -72.65 76.86
C HIS F 901 -11.65 -71.75 76.73
N ALA F 902 -11.85 -70.46 76.53
CA ALA F 902 -10.73 -69.53 76.49
C ALA F 902 -10.18 -69.22 77.86
N GLN F 903 -10.92 -69.48 78.93
CA GLN F 903 -10.46 -69.18 80.28
C GLN F 903 -10.26 -70.43 81.13
N ARG F 904 -10.55 -71.61 80.60
CA ARG F 904 -10.17 -72.85 81.27
C ARG F 904 -8.83 -73.37 80.77
N GLN F 905 -7.95 -72.48 80.32
CA GLN F 905 -6.58 -72.89 80.03
C GLN F 905 -5.79 -73.05 81.32
N GLY F 906 -6.03 -72.17 82.29
CA GLY F 906 -5.49 -72.31 83.62
C GLY F 906 -6.53 -72.81 84.60
N LEU F 907 -6.17 -73.85 85.34
CA LEU F 907 -7.00 -74.57 86.29
C LEU F 907 -8.30 -75.05 85.64
N PRO F 908 -8.26 -76.10 84.83
CA PRO F 908 -9.50 -76.62 84.23
C PRO F 908 -10.42 -77.30 85.23
N ASP F 909 -9.93 -77.62 86.42
CA ASP F 909 -10.74 -78.17 87.50
C ASP F 909 -11.42 -77.10 88.34
N PHE F 910 -11.27 -75.84 88.00
CA PHE F 910 -11.93 -74.76 88.73
C PHE F 910 -13.41 -74.74 88.41
N ILE F 911 -14.24 -74.61 89.44
CA ILE F 911 -15.68 -74.49 89.28
C ILE F 911 -16.18 -73.23 89.96
N SER F 912 -16.84 -72.36 89.21
CA SER F 912 -17.27 -71.08 89.72
C SER F 912 -18.59 -71.25 90.47
N ARG F 913 -18.59 -70.92 91.75
CA ARG F 913 -19.81 -70.96 92.55
C ARG F 913 -20.46 -69.59 92.54
N GLN F 914 -21.78 -69.58 92.48
CA GLN F 914 -22.52 -68.33 92.44
C GLN F 914 -23.89 -68.56 93.03
N HIS F 915 -24.26 -67.73 94.00
CA HIS F 915 -25.55 -67.84 94.68
C HIS F 915 -26.53 -66.88 94.04
N VAL F 916 -27.79 -67.28 93.97
CA VAL F 916 -28.80 -66.51 93.27
C VAL F 916 -30.15 -66.75 93.96
N LEU F 917 -31.05 -65.79 93.81
CA LEU F 917 -32.31 -65.78 94.54
C LEU F 917 -33.43 -66.11 93.55
N TYR F 918 -34.47 -66.78 94.05
CA TYR F 918 -35.64 -67.11 93.27
C TYR F 918 -36.90 -66.67 94.00
N ASN F 919 -37.78 -65.97 93.28
CA ASN F 919 -39.10 -65.54 93.75
C ASN F 919 -39.02 -64.63 94.98
N GLY F 920 -38.44 -63.45 94.77
CA GLY F 920 -38.42 -62.40 95.77
C GLY F 920 -38.28 -61.05 95.10
N CYS F 921 -37.98 -60.05 95.94
CA CYS F 921 -37.86 -58.68 95.44
C CYS F 921 -36.56 -58.05 95.93
N CYS F 922 -35.98 -57.22 95.09
CA CYS F 922 -34.86 -56.35 95.49
C CYS F 922 -35.44 -55.17 96.24
N VAL F 923 -35.70 -55.38 97.52
CA VAL F 923 -36.40 -54.38 98.32
C VAL F 923 -35.47 -53.21 98.64
N VAL F 924 -36.05 -52.12 99.09
CA VAL F 924 -35.34 -50.90 99.40
C VAL F 924 -35.54 -50.50 100.86
N THR F 925 -36.78 -50.50 101.32
CA THR F 925 -37.11 -50.28 102.72
C THR F 925 -37.72 -51.56 103.28
N ALA F 926 -37.43 -51.83 104.56
CA ALA F 926 -38.09 -52.93 105.24
C ALA F 926 -39.58 -52.64 105.35
N PRO F 927 -40.43 -53.63 105.08
CA PRO F 927 -41.88 -53.39 105.09
C PRO F 927 -42.44 -53.16 106.48
N LYS F 928 -42.87 -51.93 106.74
CA LYS F 928 -43.39 -51.55 108.05
C LYS F 928 -44.74 -52.20 108.36
N THR F 929 -45.53 -52.53 107.35
CA THR F 929 -46.86 -53.08 107.60
C THR F 929 -46.80 -54.57 107.88
N LEU F 930 -45.94 -55.30 107.17
CA LEU F 930 -45.81 -56.74 107.35
C LEU F 930 -44.36 -57.05 107.68
N ILE F 931 -44.11 -57.51 108.91
CA ILE F 931 -42.77 -57.87 109.33
C ILE F 931 -42.65 -59.36 109.61
N GLU F 932 -43.76 -60.02 110.00
CA GLU F 932 -43.74 -61.46 110.24
C GLU F 932 -44.14 -62.25 109.01
N TYR F 933 -44.64 -61.58 107.98
CA TYR F 933 -44.96 -62.20 106.70
C TYR F 933 -43.81 -62.06 105.72
N SER F 934 -42.58 -62.04 106.22
CA SER F 934 -41.42 -61.73 105.40
C SER F 934 -40.22 -62.54 105.88
N LEU F 935 -39.46 -63.06 104.93
CA LEU F 935 -38.28 -63.86 105.24
C LEU F 935 -37.06 -63.19 104.61
N PRO F 936 -36.14 -62.63 105.40
CA PRO F 936 -35.01 -61.91 104.81
C PRO F 936 -33.89 -62.86 104.39
N VAL F 937 -33.22 -62.50 103.30
CA VAL F 937 -32.11 -63.31 102.80
C VAL F 937 -31.02 -62.41 102.21
N PRO F 938 -30.02 -62.06 103.02
CA PRO F 938 -28.80 -61.47 102.46
C PRO F 938 -27.95 -62.54 101.81
N PHE F 939 -27.77 -62.44 100.50
CA PHE F 939 -27.21 -63.55 99.74
C PHE F 939 -26.09 -63.10 98.81
N HIS F 940 -26.12 -61.84 98.40
CA HIS F 940 -25.15 -61.33 97.45
C HIS F 940 -24.24 -60.29 98.08
N ARG F 941 -23.11 -60.09 97.40
CA ARG F 941 -22.18 -58.99 97.72
C ARG F 941 -22.88 -57.65 97.70
N PHE F 942 -23.77 -57.43 96.75
CA PHE F 942 -24.49 -56.17 96.66
C PHE F 942 -25.59 -56.06 97.70
N TYR F 943 -26.47 -57.05 97.77
CA TYR F 943 -27.73 -56.94 98.50
C TYR F 943 -27.62 -57.67 99.83
N SER F 944 -27.00 -57.02 100.81
CA SER F 944 -26.89 -57.64 102.12
C SER F 944 -27.16 -56.68 103.27
N ASN F 945 -27.04 -55.35 103.01
CA ASN F 945 -26.87 -54.25 103.98
C ASN F 945 -27.81 -54.30 105.17
N PRO F 946 -27.31 -54.05 106.39
CA PRO F 946 -28.10 -54.31 107.59
C PRO F 946 -28.96 -53.15 108.05
N THR F 947 -29.10 -52.09 107.27
CA THR F 947 -30.00 -51.01 107.63
C THR F 947 -31.46 -51.42 107.57
N ILE F 948 -31.79 -52.42 106.74
CA ILE F 948 -33.16 -52.87 106.57
C ILE F 948 -33.22 -54.37 106.81
N CYS F 949 -32.09 -55.04 106.65
CA CYS F 949 -32.05 -56.47 106.91
C CYS F 949 -32.17 -56.76 108.40
N ALA F 950 -31.47 -55.99 109.23
CA ALA F 950 -31.59 -56.17 110.67
C ALA F 950 -32.87 -55.57 111.21
N ALA F 951 -33.44 -54.57 110.54
CA ALA F 951 -34.70 -53.98 111.01
C ALA F 951 -35.87 -54.90 110.74
N LEU F 952 -35.71 -55.90 109.89
CA LEU F 952 -36.81 -56.81 109.58
C LEU F 952 -36.96 -57.89 110.64
N SER F 953 -35.94 -58.71 110.84
CA SER F 953 -36.00 -59.78 111.81
C SER F 953 -35.48 -59.33 113.16
N ASP F 954 -35.33 -60.28 114.07
CA ASP F 954 -34.82 -60.00 115.41
C ASP F 954 -33.42 -60.55 115.65
N ASP F 955 -32.95 -61.47 114.80
CA ASP F 955 -31.65 -62.09 115.04
C ASP F 955 -30.51 -61.26 114.47
N ILE F 956 -30.73 -60.61 113.34
CA ILE F 956 -29.67 -59.79 112.75
C ILE F 956 -29.48 -58.52 113.56
N LYS F 957 -30.57 -57.96 114.11
CA LYS F 957 -30.43 -56.79 114.96
C LYS F 957 -29.80 -57.12 116.30
N ARG F 958 -29.83 -58.38 116.71
CA ARG F 958 -29.02 -58.82 117.84
C ARG F 958 -27.62 -59.23 117.42
N TYR F 959 -27.21 -58.90 116.19
CA TYR F 959 -25.86 -59.18 115.74
C TYR F 959 -25.15 -57.90 115.31
N VAL F 960 -25.89 -56.95 114.74
CA VAL F 960 -25.28 -55.69 114.37
C VAL F 960 -25.15 -54.77 115.58
N THR F 961 -26.06 -54.87 116.55
CA THR F 961 -26.00 -53.99 117.70
C THR F 961 -24.97 -54.44 118.73
N GLU F 962 -24.58 -55.71 118.74
CA GLU F 962 -23.50 -56.13 119.63
C GLU F 962 -22.14 -55.91 118.98
N PHE F 963 -22.08 -55.94 117.65
CA PHE F 963 -20.87 -55.63 116.90
C PHE F 963 -21.14 -54.38 116.07
N PRO F 964 -21.06 -53.18 116.66
CA PRO F 964 -21.53 -51.98 115.97
C PRO F 964 -20.59 -51.50 114.89
N HIS F 965 -19.40 -52.06 114.78
CA HIS F 965 -18.52 -51.74 113.67
C HIS F 965 -18.82 -52.56 112.42
N TYR F 966 -19.99 -53.21 112.34
CA TYR F 966 -20.41 -53.95 111.17
C TYR F 966 -21.56 -53.30 110.41
N HIS F 967 -21.68 -51.97 110.46
CA HIS F 967 -22.72 -51.29 109.71
C HIS F 967 -22.28 -50.90 108.30
N ARG F 968 -21.16 -51.46 107.83
CA ARG F 968 -20.65 -51.11 106.52
C ARG F 968 -21.53 -51.70 105.43
N HIS F 969 -21.43 -51.13 104.23
CA HIS F 969 -22.18 -51.60 103.08
C HIS F 969 -21.22 -52.15 102.04
N ASP F 970 -20.04 -51.56 101.97
CA ASP F 970 -18.99 -52.02 101.08
C ASP F 970 -18.42 -53.33 101.61
N GLY F 971 -18.91 -54.46 101.08
CA GLY F 971 -18.58 -55.73 101.69
C GLY F 971 -19.27 -55.79 103.04
N GLY F 972 -18.49 -55.62 104.10
CA GLY F 972 -19.07 -55.28 105.38
C GLY F 972 -19.36 -56.47 106.25
N PHE F 973 -20.51 -56.46 106.91
CA PHE F 973 -20.90 -57.58 107.74
C PHE F 973 -21.20 -58.78 106.83
N PRO F 974 -20.80 -59.97 107.24
CA PRO F 974 -20.54 -61.02 106.26
C PRO F 974 -21.80 -61.67 105.73
N LEU F 975 -21.61 -62.52 104.74
CA LEU F 975 -22.62 -63.41 104.26
C LEU F 975 -22.61 -64.65 105.14
N PRO F 976 -23.59 -65.53 105.02
CA PRO F 976 -23.47 -66.85 105.66
C PRO F 976 -22.33 -67.68 105.10
N THR F 977 -22.05 -68.78 105.82
CA THR F 977 -20.81 -69.52 105.59
C THR F 977 -20.81 -70.24 104.25
N ALA F 978 -21.98 -70.58 103.73
CA ALA F 978 -22.09 -71.13 102.39
C ALA F 978 -22.45 -70.07 101.36
N PHE F 979 -22.64 -68.82 101.80
CA PHE F 979 -22.84 -67.70 100.90
C PHE F 979 -21.59 -66.87 100.67
N ALA F 980 -20.66 -66.87 101.63
CA ALA F 980 -19.48 -66.02 101.56
C ALA F 980 -18.30 -66.73 100.91
N HIS F 981 -18.53 -67.28 99.73
CA HIS F 981 -17.45 -67.83 98.93
C HIS F 981 -16.89 -66.69 98.10
N GLU F 982 -16.00 -65.92 98.73
CA GLU F 982 -15.43 -64.74 98.10
C GLU F 982 -14.55 -65.10 96.92
N TYR F 983 -13.72 -66.13 97.07
CA TYR F 983 -12.75 -66.45 96.04
C TYR F 983 -13.28 -67.41 94.99
N HIS F 984 -14.49 -67.94 95.19
CA HIS F 984 -15.14 -68.71 94.14
C HIS F 984 -16.20 -67.91 93.40
N ASN F 985 -16.29 -66.61 93.66
CA ASN F 985 -17.38 -65.79 93.16
C ASN F 985 -17.06 -65.22 91.79
N TRP F 986 -18.09 -64.70 91.12
CA TRP F 986 -17.91 -63.99 89.87
C TRP F 986 -17.64 -62.51 90.10
N LEU F 987 -18.28 -61.94 91.12
CA LEU F 987 -18.10 -60.55 91.49
C LEU F 987 -17.58 -60.49 92.92
N ARG F 988 -16.57 -59.68 93.14
CA ARG F 988 -15.81 -59.69 94.38
C ARG F 988 -15.91 -58.34 95.07
N SER F 989 -15.09 -58.17 96.11
CA SER F 989 -15.00 -56.96 96.93
C SER F 989 -14.81 -55.62 96.22
N PRO F 990 -14.04 -55.45 95.13
CA PRO F 990 -13.92 -54.09 94.59
C PRO F 990 -15.15 -53.64 93.83
N PHE F 991 -16.03 -54.56 93.46
CA PHE F 991 -17.32 -54.15 92.89
C PHE F 991 -18.22 -53.55 93.96
N SER F 992 -18.23 -54.16 95.14
CA SER F 992 -18.99 -53.59 96.25
C SER F 992 -18.40 -52.28 96.74
N ARG F 993 -17.08 -52.20 96.85
CA ARG F 993 -16.45 -51.00 97.38
C ARG F 993 -16.45 -49.84 96.40
N TYR F 994 -16.59 -50.12 95.10
CA TYR F 994 -16.79 -49.02 94.17
C TYR F 994 -18.21 -48.48 94.26
N SER F 995 -19.19 -49.35 94.50
CA SER F 995 -20.58 -48.94 94.53
C SER F 995 -20.98 -48.24 95.82
N ALA F 996 -20.08 -48.17 96.80
CA ALA F 996 -20.43 -47.47 98.03
C ALA F 996 -20.41 -45.96 97.85
N THR F 997 -19.41 -45.44 97.14
CA THR F 997 -19.19 -44.01 96.98
C THR F 997 -19.36 -43.59 95.52
N CYS F 998 -20.42 -44.07 94.88
CA CYS F 998 -20.48 -43.80 93.45
C CYS F 998 -21.33 -42.56 93.17
N PRO F 999 -20.87 -41.68 92.28
CA PRO F 999 -21.71 -40.54 91.86
C PRO F 999 -22.78 -41.03 90.89
N ASN F 1000 -24.03 -40.68 91.18
CA ASN F 1000 -25.17 -41.43 90.66
C ASN F 1000 -25.63 -40.99 89.27
N VAL F 1001 -25.01 -40.00 88.64
CA VAL F 1001 -25.57 -39.42 87.41
C VAL F 1001 -25.01 -40.23 86.24
N LEU F 1002 -25.63 -41.40 86.02
CA LEU F 1002 -25.61 -42.20 84.79
C LEU F 1002 -24.25 -42.82 84.45
N HIS F 1003 -23.17 -42.36 85.07
CA HIS F 1003 -21.85 -42.83 84.70
C HIS F 1003 -21.33 -43.91 85.61
N SER F 1004 -21.79 -43.93 86.87
CA SER F 1004 -21.54 -45.09 87.71
C SER F 1004 -22.25 -46.32 87.18
N VAL F 1005 -23.40 -46.13 86.54
CA VAL F 1005 -24.04 -47.20 85.81
C VAL F 1005 -23.18 -47.58 84.60
N MET F 1006 -22.51 -46.59 84.01
CA MET F 1006 -21.68 -46.87 82.86
C MET F 1006 -20.36 -47.53 83.24
N THR F 1007 -19.89 -47.35 84.47
CA THR F 1007 -18.62 -47.93 84.86
C THR F 1007 -18.72 -49.44 85.04
N LEU F 1008 -19.75 -49.89 85.76
CA LEU F 1008 -19.84 -51.30 86.14
C LEU F 1008 -20.15 -52.21 84.96
N ALA F 1009 -20.61 -51.64 83.84
CA ALA F 1009 -20.56 -52.39 82.59
C ALA F 1009 -19.12 -52.59 82.14
N ALA F 1010 -18.38 -51.50 81.98
CA ALA F 1010 -17.00 -51.53 81.52
C ALA F 1010 -16.03 -52.07 82.55
N MET F 1011 -16.46 -52.21 83.80
CA MET F 1011 -15.63 -52.87 84.81
C MET F 1011 -15.73 -54.38 84.75
N LEU F 1012 -16.45 -54.93 83.77
CA LEU F 1012 -16.73 -56.36 83.72
C LEU F 1012 -16.09 -57.04 82.52
N TYR F 1013 -15.12 -56.39 81.87
CA TYR F 1013 -14.47 -56.97 80.71
C TYR F 1013 -13.60 -58.14 81.14
N LYS F 1014 -13.68 -59.23 80.39
CA LYS F 1014 -13.06 -60.48 80.81
C LYS F 1014 -11.56 -60.43 80.61
N ILE F 1015 -10.87 -61.37 81.26
CA ILE F 1015 -9.42 -61.46 81.23
C ILE F 1015 -9.07 -62.70 80.42
N SER F 1016 -9.93 -63.04 79.48
CA SER F 1016 -9.62 -64.07 78.54
C SER F 1016 -8.56 -63.59 77.57
N PRO F 1017 -7.80 -64.51 76.97
CA PRO F 1017 -6.96 -64.11 75.84
C PRO F 1017 -7.76 -63.63 74.65
N VAL F 1018 -8.96 -64.19 74.41
CA VAL F 1018 -9.74 -63.73 73.25
C VAL F 1018 -10.44 -62.41 73.52
N SER F 1019 -10.48 -61.95 74.78
CA SER F 1019 -10.91 -60.59 75.03
C SER F 1019 -9.75 -59.61 74.89
N LEU F 1020 -8.52 -60.07 75.16
CA LEU F 1020 -7.38 -59.19 75.00
C LEU F 1020 -7.07 -58.91 73.54
N VAL F 1021 -7.49 -59.77 72.62
CA VAL F 1021 -7.24 -59.46 71.22
C VAL F 1021 -8.23 -58.44 70.70
N LEU F 1022 -9.35 -58.25 71.41
CA LEU F 1022 -10.40 -57.36 70.93
C LEU F 1022 -10.26 -55.94 71.49
N GLN F 1023 -9.92 -55.84 72.78
CA GLN F 1023 -9.92 -54.54 73.44
C GLN F 1023 -8.79 -53.65 72.92
N THR F 1024 -7.65 -54.23 72.59
CA THR F 1024 -6.64 -53.43 71.92
C THR F 1024 -6.90 -53.28 70.43
N LYS F 1025 -7.78 -54.10 69.85
CA LYS F 1025 -8.06 -53.96 68.43
C LYS F 1025 -8.84 -52.69 68.13
N ALA F 1026 -9.71 -52.28 69.05
CA ALA F 1026 -10.34 -50.96 69.00
C ALA F 1026 -9.71 -49.98 69.98
N HIS F 1027 -8.49 -50.31 70.43
CA HIS F 1027 -7.61 -49.40 71.18
C HIS F 1027 -8.19 -48.97 72.52
N ILE F 1028 -8.97 -49.83 73.15
CA ILE F 1028 -9.34 -49.65 74.56
C ILE F 1028 -8.14 -50.06 75.39
N HIS F 1029 -7.68 -49.16 76.25
CA HIS F 1029 -6.57 -49.48 77.12
C HIS F 1029 -7.01 -50.48 78.17
N PRO F 1030 -6.39 -51.63 78.29
CA PRO F 1030 -6.81 -52.64 79.28
C PRO F 1030 -6.34 -52.23 80.68
N GLY F 1031 -6.54 -53.16 81.62
CA GLY F 1031 -6.26 -52.86 83.01
C GLY F 1031 -4.85 -53.20 83.47
N PHE F 1032 -3.86 -52.96 82.64
CA PHE F 1032 -2.46 -53.13 83.01
C PHE F 1032 -1.58 -52.35 82.04
N ALA F 1033 -0.36 -52.08 82.45
CA ALA F 1033 0.62 -51.40 81.62
C ALA F 1033 1.80 -52.33 81.33
N LEU F 1034 2.58 -51.94 80.33
CA LEU F 1034 3.73 -52.73 79.89
C LEU F 1034 4.99 -51.91 80.05
N THR F 1035 6.08 -52.58 80.40
CA THR F 1035 7.41 -51.99 80.46
C THR F 1035 8.27 -52.84 79.53
N ALA F 1036 8.45 -52.37 78.31
CA ALA F 1036 9.20 -53.15 77.33
C ALA F 1036 10.69 -52.89 77.47
N VAL F 1037 11.41 -53.86 78.01
CA VAL F 1037 12.85 -53.81 78.07
C VAL F 1037 13.40 -54.20 76.70
N ARG F 1038 14.62 -53.76 76.41
CA ARG F 1038 15.20 -53.95 75.09
C ARG F 1038 16.70 -53.79 75.19
N THR F 1039 17.44 -54.75 74.65
CA THR F 1039 18.89 -54.60 74.61
C THR F 1039 19.32 -53.82 73.37
N ASP F 1040 20.55 -53.31 73.43
CA ASP F 1040 21.09 -52.42 72.40
C ASP F 1040 22.56 -52.76 72.22
N THR F 1041 22.90 -53.35 71.07
CA THR F 1041 24.26 -53.75 70.80
C THR F 1041 24.96 -52.65 70.00
N PHE F 1042 25.92 -51.97 70.62
CA PHE F 1042 26.69 -50.94 69.96
C PHE F 1042 28.02 -51.53 69.50
N GLU F 1043 28.83 -50.69 68.88
CA GLU F 1043 30.22 -51.02 68.54
C GLU F 1043 31.12 -49.95 69.14
N VAL F 1044 32.28 -50.37 69.62
CA VAL F 1044 33.13 -49.49 70.41
C VAL F 1044 34.58 -49.72 70.01
N ASP F 1045 35.30 -48.62 69.78
CA ASP F 1045 36.74 -48.65 69.63
C ASP F 1045 37.38 -48.40 70.99
N MET F 1046 37.58 -49.46 71.76
CA MET F 1046 38.18 -49.34 73.09
C MET F 1046 39.65 -48.97 72.98
N LEU F 1047 40.09 -48.02 73.80
CA LEU F 1047 41.51 -47.79 73.97
C LEU F 1047 41.94 -48.45 75.26
N LEU F 1048 42.99 -49.24 75.19
CA LEU F 1048 43.53 -49.97 76.33
C LEU F 1048 44.83 -49.31 76.72
N TYR F 1049 45.02 -49.10 78.01
CA TYR F 1049 46.28 -48.61 78.54
C TYR F 1049 46.89 -49.68 79.44
N SER F 1050 48.21 -49.86 79.36
CA SER F 1050 48.88 -50.82 80.21
C SER F 1050 50.17 -50.22 80.74
N GLY F 1051 50.74 -50.88 81.73
CA GLY F 1051 52.03 -50.47 82.24
C GLY F 1051 53.17 -51.23 81.58
N LYS F 1052 54.38 -50.68 81.71
CA LYS F 1052 55.55 -51.29 81.10
C LYS F 1052 55.92 -52.56 81.84
N SER F 1053 56.01 -53.66 81.09
CA SER F 1053 56.33 -55.00 81.59
C SER F 1053 55.34 -55.43 82.67
N CYS F 1054 54.06 -55.33 82.34
CA CYS F 1054 53.01 -55.69 83.27
C CYS F 1054 53.00 -57.18 83.55
N THR F 1055 53.05 -57.99 82.50
CA THR F 1055 53.19 -59.42 82.63
C THR F 1055 54.43 -59.88 81.87
N SER F 1056 54.92 -61.06 82.20
CA SER F 1056 56.04 -61.66 81.51
C SER F 1056 55.52 -62.86 80.72
N VAL F 1057 55.43 -62.71 79.41
CA VAL F 1057 54.99 -63.81 78.56
C VAL F 1057 56.15 -64.80 78.44
N ILE F 1058 55.85 -66.07 78.69
CA ILE F 1058 56.84 -67.13 78.57
C ILE F 1058 56.43 -68.00 77.38
N ILE F 1059 57.22 -68.00 76.33
CA ILE F 1059 56.96 -68.79 75.15
C ILE F 1059 58.02 -69.87 75.04
N ASN F 1060 57.78 -70.82 74.14
CA ASN F 1060 58.76 -71.87 73.87
C ASN F 1060 58.91 -71.95 72.35
N ASN F 1061 59.66 -72.93 71.90
CA ASN F 1061 59.78 -73.12 70.46
C ASN F 1061 58.50 -73.76 69.92
N PRO F 1062 58.06 -73.37 68.73
CA PRO F 1062 56.82 -73.95 68.19
C PRO F 1062 57.02 -75.38 67.73
N ILE F 1063 56.51 -76.34 68.49
CA ILE F 1063 56.51 -77.72 68.03
C ILE F 1063 55.47 -77.87 66.94
N VAL F 1064 55.64 -78.86 66.07
CA VAL F 1064 54.72 -79.09 64.98
C VAL F 1064 54.42 -80.59 64.88
N THR F 1065 53.14 -80.92 64.72
CA THR F 1065 52.70 -82.28 64.55
C THR F 1065 52.30 -82.51 63.11
N LYS F 1066 51.97 -83.76 62.79
CA LYS F 1066 51.66 -84.16 61.43
C LYS F 1066 50.45 -85.08 61.47
N GLU F 1067 49.26 -84.49 61.41
CA GLU F 1067 48.03 -85.25 61.32
C GLU F 1067 47.64 -85.38 59.86
N GLU F 1068 47.78 -86.59 59.33
CA GLU F 1068 47.89 -86.84 57.91
C GLU F 1068 46.53 -87.13 57.30
N ARG F 1069 46.23 -86.47 56.19
CA ARG F 1069 45.18 -86.88 55.28
C ARG F 1069 45.83 -87.16 53.92
N ASP F 1070 45.13 -87.95 53.10
CA ASP F 1070 45.75 -88.45 51.88
C ASP F 1070 45.75 -87.41 50.77
N ILE F 1071 44.66 -86.67 50.60
CA ILE F 1071 44.62 -85.64 49.56
C ILE F 1071 45.49 -84.46 49.96
N SER F 1072 45.34 -83.98 51.19
CA SER F 1072 46.06 -82.80 51.67
C SER F 1072 46.73 -83.12 52.98
N THR F 1073 48.04 -82.91 53.04
CA THR F 1073 48.82 -83.16 54.24
C THR F 1073 48.78 -81.89 55.10
N THR F 1074 47.96 -81.92 56.13
CA THR F 1074 47.86 -80.79 57.04
C THR F 1074 48.88 -80.94 58.17
N TYR F 1075 49.67 -79.90 58.40
CA TYR F 1075 50.55 -79.85 59.56
C TYR F 1075 49.97 -78.86 60.57
N HIS F 1076 49.95 -79.25 61.83
CA HIS F 1076 49.53 -78.37 62.91
C HIS F 1076 50.77 -77.93 63.67
N VAL F 1077 51.07 -76.64 63.65
CA VAL F 1077 52.15 -76.09 64.44
C VAL F 1077 51.54 -75.45 65.68
N THR F 1078 52.22 -75.59 66.81
CA THR F 1078 51.64 -75.27 68.11
C THR F 1078 52.67 -74.59 68.98
N GLN F 1079 52.31 -73.44 69.55
CA GLN F 1079 53.19 -72.69 70.44
C GLN F 1079 52.49 -72.48 71.77
N ASN F 1080 53.06 -73.03 72.83
CA ASN F 1080 52.50 -72.90 74.17
C ASN F 1080 53.09 -71.68 74.86
N ILE F 1081 52.27 -70.65 75.05
CA ILE F 1081 52.72 -69.47 75.77
C ILE F 1081 52.12 -69.50 77.17
N ASN F 1082 52.70 -68.72 78.05
CA ASN F 1082 52.34 -68.74 79.47
C ASN F 1082 52.68 -67.38 80.06
N THR F 1083 51.79 -66.86 80.90
CA THR F 1083 51.92 -65.51 81.41
C THR F 1083 51.72 -65.47 82.92
N VAL F 1084 52.21 -64.41 83.54
CA VAL F 1084 52.03 -64.16 84.97
C VAL F 1084 52.06 -62.66 85.23
N ASP F 1085 51.04 -62.14 85.90
CA ASP F 1085 50.96 -60.72 86.23
C ASP F 1085 51.87 -60.46 87.42
N MET F 1086 52.70 -59.42 87.31
CA MET F 1086 53.55 -58.97 88.40
C MET F 1086 53.20 -57.57 88.85
N GLY F 1087 51.93 -57.22 88.76
CA GLY F 1087 51.41 -55.99 89.33
C GLY F 1087 50.39 -56.33 90.41
N LEU F 1088 50.54 -55.68 91.57
CA LEU F 1088 49.63 -55.94 92.68
C LEU F 1088 48.25 -55.40 92.38
N GLY F 1089 48.16 -54.15 91.95
CA GLY F 1089 46.89 -53.58 91.55
C GLY F 1089 46.56 -53.93 90.12
N TYR F 1090 45.59 -53.22 89.53
CA TYR F 1090 45.22 -53.43 88.14
C TYR F 1090 46.20 -52.66 87.27
N THR F 1091 47.07 -53.39 86.60
CA THR F 1091 48.12 -52.80 85.77
C THR F 1091 47.67 -52.54 84.34
N SER F 1092 46.37 -52.59 84.07
CA SER F 1092 45.85 -52.40 82.72
C SER F 1092 44.48 -51.74 82.78
N ASN F 1093 44.33 -50.69 81.97
CA ASN F 1093 43.13 -49.87 82.01
C ASN F 1093 42.55 -49.76 80.61
N THR F 1094 41.24 -49.88 80.52
CA THR F 1094 40.52 -49.63 79.27
C THR F 1094 39.36 -48.69 79.53
N CYS F 1095 38.79 -48.19 78.44
CA CYS F 1095 37.58 -47.40 78.55
C CYS F 1095 36.77 -47.56 77.28
N VAL F 1096 35.45 -47.43 77.41
CA VAL F 1096 34.56 -47.39 76.27
C VAL F 1096 34.72 -45.99 75.69
N ALA F 1097 35.59 -45.84 74.70
CA ALA F 1097 36.14 -44.54 74.36
C ALA F 1097 35.68 -43.99 73.02
N TYR F 1098 34.88 -44.73 72.27
CA TYR F 1098 34.33 -44.25 71.01
C TYR F 1098 33.10 -45.10 70.68
N VAL F 1099 32.26 -44.57 69.79
CA VAL F 1099 31.15 -45.33 69.26
C VAL F 1099 30.92 -44.85 67.83
N ASN F 1100 30.69 -45.79 66.92
CA ASN F 1100 30.58 -45.43 65.51
C ASN F 1100 29.23 -45.79 64.90
N ARG F 1101 28.72 -46.99 65.11
CA ARG F 1101 27.42 -47.36 64.58
C ARG F 1101 26.67 -48.20 65.60
N VAL F 1102 25.34 -48.10 65.57
CA VAL F 1102 24.46 -48.91 66.39
C VAL F 1102 23.98 -50.07 65.54
N ARG F 1103 24.18 -51.29 66.03
CA ARG F 1103 23.84 -52.47 65.24
C ARG F 1103 22.33 -52.65 65.16
N THR F 1104 21.67 -52.75 66.31
CA THR F 1104 20.21 -52.84 66.33
C THR F 1104 19.60 -51.47 66.06
N ASP F 1105 18.28 -51.43 65.94
CA ASP F 1105 17.60 -50.23 65.47
C ASP F 1105 16.95 -49.43 66.58
N MET F 1106 17.05 -49.87 67.83
CA MET F 1106 16.13 -49.47 68.92
C MET F 1106 14.69 -49.63 68.47
N GLY F 1107 14.38 -50.79 67.90
CA GLY F 1107 13.06 -51.03 67.37
C GLY F 1107 12.03 -51.28 68.45
N VAL F 1108 10.81 -51.54 68.01
CA VAL F 1108 9.68 -51.72 68.90
C VAL F 1108 8.98 -53.05 68.70
N ARG F 1109 9.29 -53.81 67.65
CA ARG F 1109 8.55 -55.04 67.38
C ARG F 1109 8.96 -56.10 68.39
N VAL F 1110 7.97 -56.62 69.11
CA VAL F 1110 8.24 -57.41 70.28
C VAL F 1110 8.57 -58.86 69.88
N GLN F 1111 9.32 -59.54 70.73
CA GLN F 1111 9.74 -60.90 70.46
C GLN F 1111 8.55 -61.84 70.53
N ASP F 1112 8.45 -62.73 69.55
CA ASP F 1112 7.31 -63.64 69.41
C ASP F 1112 7.45 -64.72 70.47
N LEU F 1113 6.52 -64.76 71.42
CA LEU F 1113 6.52 -65.80 72.43
C LEU F 1113 6.09 -67.15 71.87
N PHE F 1114 5.41 -67.17 70.72
CA PHE F 1114 4.99 -68.44 70.14
C PHE F 1114 6.15 -69.19 69.53
N ARG F 1115 7.29 -68.53 69.33
CA ARG F 1115 8.50 -69.21 68.89
C ARG F 1115 9.43 -69.52 70.04
N VAL F 1116 9.39 -68.70 71.10
CA VAL F 1116 10.21 -68.98 72.28
C VAL F 1116 9.66 -70.19 73.02
N PHE F 1117 8.33 -70.33 73.06
CA PHE F 1117 7.67 -71.47 73.69
C PHE F 1117 6.79 -72.16 72.65
N PRO F 1118 7.40 -72.88 71.70
CA PRO F 1118 6.60 -73.46 70.62
C PRO F 1118 5.86 -74.73 71.01
N MET F 1119 6.18 -75.33 72.15
CA MET F 1119 5.54 -76.57 72.55
C MET F 1119 4.27 -76.35 73.35
N ASN F 1120 4.00 -75.10 73.74
CA ASN F 1120 2.83 -74.81 74.56
C ASN F 1120 1.72 -74.20 73.71
N VAL F 1121 0.55 -74.86 73.71
CA VAL F 1121 -0.61 -74.43 72.93
C VAL F 1121 -1.82 -74.44 73.85
N TYR F 1122 -2.96 -74.00 73.31
CA TYR F 1122 -4.19 -74.02 74.08
C TYR F 1122 -4.78 -75.42 74.11
N ARG F 1123 -5.60 -75.69 75.11
CA ARG F 1123 -6.13 -77.03 75.33
C ARG F 1123 -7.42 -77.29 74.55
N HIS F 1124 -7.85 -76.36 73.71
CA HIS F 1124 -8.99 -76.60 72.84
C HIS F 1124 -8.62 -76.14 71.43
N ASP F 1125 -8.72 -77.07 70.47
CA ASP F 1125 -8.20 -76.86 69.13
C ASP F 1125 -8.90 -75.75 68.36
N GLU F 1126 -10.18 -75.55 68.59
CA GLU F 1126 -10.90 -74.51 67.85
C GLU F 1126 -10.53 -73.11 68.31
N VAL F 1127 -10.41 -72.90 69.62
CA VAL F 1127 -9.96 -71.60 70.10
C VAL F 1127 -8.46 -71.43 69.89
N ASP F 1128 -7.72 -72.54 69.73
CA ASP F 1128 -6.31 -72.44 69.41
C ASP F 1128 -6.10 -71.95 67.98
N ARG F 1129 -7.00 -72.33 67.07
CA ARG F 1129 -6.93 -71.84 65.70
C ARG F 1129 -7.23 -70.36 65.62
N TRP F 1130 -8.13 -69.87 66.48
CA TRP F 1130 -8.56 -68.48 66.37
C TRP F 1130 -7.58 -67.52 67.03
N ILE F 1131 -6.79 -67.99 67.98
CA ILE F 1131 -5.78 -67.15 68.60
C ILE F 1131 -4.65 -66.85 67.62
N ARG F 1132 -4.12 -67.91 66.98
CA ARG F 1132 -2.98 -67.75 66.10
C ARG F 1132 -3.34 -67.00 64.82
N HIS F 1133 -4.60 -67.04 64.43
CA HIS F 1133 -5.05 -66.27 63.28
C HIS F 1133 -5.24 -64.81 63.64
N ALA F 1134 -5.39 -64.50 64.92
CA ALA F 1134 -5.66 -63.14 65.35
C ALA F 1134 -4.40 -62.36 65.72
N ALA F 1135 -3.28 -63.05 65.92
CA ALA F 1135 -2.02 -62.38 66.24
C ALA F 1135 -1.07 -62.30 65.06
N GLY F 1136 -1.33 -63.04 63.98
CA GLY F 1136 -0.45 -63.01 62.84
C GLY F 1136 0.68 -64.00 62.89
N VAL F 1137 0.50 -65.13 63.55
CA VAL F 1137 1.54 -66.15 63.65
C VAL F 1137 1.11 -67.40 62.91
N GLU F 1138 1.98 -68.40 62.88
CA GLU F 1138 1.75 -69.65 62.16
C GLU F 1138 1.57 -70.79 63.15
N ARG F 1139 0.85 -71.83 62.71
CA ARG F 1139 0.57 -72.99 63.54
C ARG F 1139 1.84 -73.75 63.90
N PRO F 1140 2.09 -74.04 65.17
CA PRO F 1140 3.37 -74.63 65.57
C PRO F 1140 3.38 -76.14 65.52
N GLN F 1141 2.45 -76.75 64.80
CA GLN F 1141 2.42 -78.20 64.69
C GLN F 1141 3.59 -78.71 63.86
N LEU F 1142 4.59 -79.28 64.52
CA LEU F 1142 5.82 -79.73 63.88
C LEU F 1142 6.06 -81.19 64.26
N LEU F 1143 7.24 -81.68 63.91
CA LEU F 1143 7.60 -83.08 64.13
C LEU F 1143 7.94 -83.30 65.60
N ASP F 1144 8.14 -84.56 65.98
CA ASP F 1144 8.55 -84.92 67.33
C ASP F 1144 10.06 -84.94 67.51
N THR F 1145 10.80 -85.36 66.50
CA THR F 1145 12.26 -85.39 66.60
C THR F 1145 12.85 -83.99 66.61
N GLU F 1146 12.11 -83.02 66.05
CA GLU F 1146 12.53 -81.62 66.17
C GLU F 1146 12.38 -81.12 67.59
N THR F 1147 11.33 -81.54 68.30
CA THR F 1147 11.10 -81.06 69.66
C THR F 1147 12.05 -81.75 70.64
N ILE F 1148 12.56 -82.93 70.29
CA ILE F 1148 13.62 -83.53 71.09
C ILE F 1148 14.89 -82.71 70.99
N SER F 1149 15.18 -82.19 69.79
CA SER F 1149 16.34 -81.32 69.64
C SER F 1149 16.06 -79.89 70.10
N MET F 1150 14.80 -79.58 70.43
CA MET F 1150 14.41 -78.23 70.81
C MET F 1150 14.44 -77.99 72.31
N LEU F 1151 14.70 -79.03 73.11
CA LEU F 1151 14.83 -78.88 74.55
C LEU F 1151 16.29 -78.82 75.00
N THR F 1152 17.10 -79.77 74.54
CA THR F 1152 18.52 -79.77 74.89
C THR F 1152 19.29 -78.77 74.04
N PHE F 1153 19.15 -78.85 72.73
CA PHE F 1153 19.75 -77.89 71.82
C PHE F 1153 18.73 -76.80 71.51
N GLY F 1154 19.09 -75.93 70.56
CA GLY F 1154 18.18 -74.89 70.08
C GLY F 1154 17.87 -75.09 68.62
N SER F 1155 16.85 -74.38 68.16
CA SER F 1155 16.42 -74.45 66.77
C SER F 1155 16.10 -73.06 66.26
N MET F 1156 16.81 -72.65 65.20
CA MET F 1156 16.57 -71.36 64.56
C MET F 1156 15.38 -71.53 63.61
N SER F 1157 14.19 -71.49 64.21
CA SER F 1157 12.98 -71.76 63.43
C SER F 1157 12.50 -70.54 62.66
N GLU F 1158 12.69 -69.33 63.18
CA GLU F 1158 12.18 -68.13 62.54
C GLU F 1158 13.01 -67.79 61.31
N ARG F 1159 12.35 -67.80 60.15
CA ARG F 1159 13.00 -67.37 58.92
C ARG F 1159 13.24 -65.87 58.95
N ASN F 1160 14.38 -65.45 58.41
CA ASN F 1160 14.70 -64.03 58.29
C ASN F 1160 13.73 -63.34 57.33
N ALA F 1161 13.60 -62.03 57.51
CA ALA F 1161 12.84 -61.23 56.56
C ALA F 1161 13.59 -61.14 55.24
N ALA F 1162 12.84 -60.79 54.18
CA ALA F 1162 13.43 -60.73 52.86
C ALA F 1162 14.39 -59.56 52.69
N ALA F 1163 14.23 -58.49 53.47
CA ALA F 1163 15.12 -57.34 53.38
C ALA F 1163 15.22 -56.72 54.76
N THR F 1164 16.36 -56.10 55.05
CA THR F 1164 16.65 -55.55 56.37
C THR F 1164 17.35 -54.20 56.18
N VAL F 1165 16.70 -53.13 56.61
CA VAL F 1165 17.28 -51.79 56.53
C VAL F 1165 17.62 -51.25 57.92
N HIS F 1166 17.18 -51.92 58.98
CA HIS F 1166 17.30 -51.36 60.31
C HIS F 1166 18.18 -52.17 61.25
N GLY F 1167 18.42 -53.45 60.97
CA GLY F 1167 19.35 -54.20 61.78
C GLY F 1167 18.75 -55.42 62.45
N GLN F 1168 18.78 -55.47 63.77
CA GLN F 1168 18.25 -56.61 64.51
C GLN F 1168 16.98 -56.17 65.23
N LYS F 1169 16.45 -57.08 66.05
CA LYS F 1169 15.21 -56.82 66.76
C LYS F 1169 15.22 -57.52 68.12
N ALA F 1170 14.75 -56.80 69.14
CA ALA F 1170 14.59 -57.37 70.47
C ALA F 1170 13.64 -56.50 71.28
N ALA F 1171 12.67 -57.14 71.93
CA ALA F 1171 11.81 -56.49 72.94
C ALA F 1171 11.10 -57.59 73.70
N CYS F 1172 11.14 -57.55 75.02
CA CYS F 1172 10.31 -58.43 75.84
C CYS F 1172 9.36 -57.62 76.70
N GLU F 1173 8.42 -58.31 77.31
CA GLU F 1173 7.32 -57.67 78.01
C GLU F 1173 7.34 -57.99 79.49
N LEU F 1174 6.94 -57.03 80.32
CA LEU F 1174 6.73 -57.25 81.74
C LEU F 1174 5.36 -56.67 82.07
N ILE F 1175 4.37 -57.55 82.23
CA ILE F 1175 2.99 -57.15 82.41
C ILE F 1175 2.86 -56.53 83.79
N LEU F 1176 2.73 -55.21 83.86
CA LEU F 1176 2.91 -54.52 85.12
C LEU F 1176 1.69 -53.66 85.42
N THR F 1177 1.72 -53.05 86.60
CA THR F 1177 0.57 -52.30 87.08
C THR F 1177 0.47 -50.97 86.36
N PRO F 1178 -0.75 -50.52 86.04
CA PRO F 1178 -0.90 -49.26 85.29
C PRO F 1178 -0.84 -48.04 86.17
N VAL F 1179 -0.62 -48.25 87.46
CA VAL F 1179 -0.70 -47.17 88.44
C VAL F 1179 0.60 -47.01 89.22
N THR F 1180 1.66 -47.74 88.84
CA THR F 1180 2.96 -47.56 89.47
C THR F 1180 3.50 -46.17 89.21
N MET F 1181 4.24 -45.66 90.19
CA MET F 1181 4.78 -44.33 90.08
C MET F 1181 5.99 -44.32 89.15
N ASP F 1182 6.22 -43.18 88.52
CA ASP F 1182 7.30 -43.04 87.55
C ASP F 1182 8.19 -41.85 87.79
N VAL F 1183 7.75 -40.86 88.57
CA VAL F 1183 8.44 -39.57 88.68
C VAL F 1183 9.80 -39.69 89.34
N ASN F 1184 9.96 -40.61 90.29
CA ASN F 1184 11.27 -40.94 90.83
C ASN F 1184 11.70 -42.35 90.48
N TYR F 1185 10.97 -43.02 89.57
CA TYR F 1185 11.30 -44.38 89.18
C TYR F 1185 11.72 -44.49 87.71
N PHE F 1186 10.89 -44.05 86.78
CA PHE F 1186 11.17 -44.32 85.38
C PHE F 1186 12.10 -43.30 84.74
N LYS F 1187 12.25 -42.13 85.33
CA LYS F 1187 13.16 -41.13 84.78
C LYS F 1187 14.62 -41.40 85.12
N ILE F 1188 14.89 -42.19 86.14
CA ILE F 1188 16.26 -42.50 86.55
C ILE F 1188 16.52 -43.96 86.22
N PRO F 1189 17.78 -44.38 86.04
CA PRO F 1189 18.04 -45.80 85.75
C PRO F 1189 17.83 -46.70 86.95
N ASN F 1190 16.72 -47.42 86.94
CA ASN F 1190 16.41 -48.40 87.97
C ASN F 1190 16.31 -49.78 87.33
N ASN F 1191 16.33 -50.79 88.19
CA ASN F 1191 16.10 -52.16 87.73
C ASN F 1191 14.66 -52.28 87.27
N PRO F 1192 14.40 -52.89 86.10
CA PRO F 1192 13.02 -52.99 85.62
C PRO F 1192 12.17 -53.99 86.36
N ARG F 1193 12.76 -54.84 87.19
CA ARG F 1193 11.95 -55.77 87.96
C ARG F 1193 11.25 -55.09 89.13
N GLY F 1194 11.88 -54.11 89.74
CA GLY F 1194 11.28 -53.39 90.85
C GLY F 1194 12.05 -53.53 92.14
N ARG F 1195 12.49 -54.74 92.45
CA ARG F 1195 13.35 -54.99 93.59
C ARG F 1195 14.79 -54.81 93.15
N ALA F 1196 15.40 -53.71 93.59
CA ALA F 1196 16.75 -53.37 93.15
C ALA F 1196 17.74 -54.34 93.79
N SER F 1197 18.29 -55.24 92.98
CA SER F 1197 19.13 -56.33 93.44
C SER F 1197 20.51 -56.17 92.84
N CYS F 1198 21.37 -55.43 93.52
CA CYS F 1198 22.78 -55.34 93.16
C CYS F 1198 23.56 -56.07 94.25
N MET F 1199 24.12 -57.21 93.89
CA MET F 1199 24.70 -58.10 94.90
C MET F 1199 26.05 -57.63 95.39
N LEU F 1200 26.66 -56.66 94.71
CA LEU F 1200 27.92 -56.14 95.22
C LEU F 1200 27.68 -55.24 96.42
N ALA F 1201 26.48 -54.67 96.53
CA ALA F 1201 26.14 -53.83 97.66
C ALA F 1201 25.75 -54.63 98.90
N VAL F 1202 25.25 -55.85 98.75
CA VAL F 1202 24.75 -56.62 99.89
C VAL F 1202 25.96 -57.25 100.58
N ASP F 1203 25.73 -57.85 101.75
CA ASP F 1203 26.74 -58.59 102.51
C ASP F 1203 27.41 -59.66 101.66
N PRO F 1204 28.71 -59.60 101.43
CA PRO F 1204 29.37 -60.58 100.56
C PRO F 1204 29.51 -61.93 101.25
N TYR F 1205 29.37 -62.98 100.43
CA TYR F 1205 29.41 -64.39 100.84
C TYR F 1205 28.40 -64.70 101.93
N ASP F 1206 27.16 -64.24 101.73
CA ASP F 1206 26.07 -64.49 102.66
C ASP F 1206 24.87 -64.93 101.82
N THR F 1207 24.49 -66.20 101.94
CA THR F 1207 23.47 -66.75 101.07
C THR F 1207 22.07 -66.34 101.53
N GLU F 1208 21.75 -66.58 102.79
CA GLU F 1208 20.40 -66.33 103.29
C GLU F 1208 20.14 -64.84 103.52
N ALA F 1209 21.15 -64.00 103.42
CA ALA F 1209 20.95 -62.55 103.43
C ALA F 1209 20.82 -61.97 102.03
N ALA F 1210 21.38 -62.66 101.03
CA ALA F 1210 21.24 -62.21 99.66
C ALA F 1210 19.85 -62.44 99.10
N THR F 1211 19.23 -63.57 99.43
CA THR F 1211 17.87 -63.82 98.98
C THR F 1211 16.84 -63.00 99.74
N LYS F 1212 17.23 -62.44 100.89
CA LYS F 1212 16.32 -61.58 101.63
C LYS F 1212 16.17 -60.23 100.97
N ALA F 1213 17.21 -59.74 100.31
CA ALA F 1213 17.19 -58.43 99.67
C ALA F 1213 16.68 -58.48 98.24
N ILE F 1214 16.18 -59.63 97.79
CA ILE F 1214 15.64 -59.76 96.45
C ILE F 1214 14.17 -60.14 96.54
N TYR F 1215 13.88 -61.18 97.31
CA TYR F 1215 12.56 -61.80 97.29
C TYR F 1215 11.65 -61.36 98.43
N ASP F 1216 12.20 -60.95 99.57
CA ASP F 1216 11.36 -60.61 100.70
C ASP F 1216 10.76 -59.21 100.53
N HIS F 1217 9.57 -59.01 101.11
CA HIS F 1217 8.87 -57.74 101.03
C HIS F 1217 8.45 -57.22 102.39
N ARG F 1218 8.91 -57.85 103.47
CA ARG F 1218 8.78 -57.29 104.80
C ARG F 1218 9.92 -56.33 105.09
N GLU F 1219 10.96 -56.37 104.27
CA GLU F 1219 12.12 -55.50 104.36
C GLU F 1219 12.11 -54.58 103.15
N ALA F 1220 12.76 -53.42 103.27
CA ALA F 1220 12.65 -52.36 102.29
C ALA F 1220 13.43 -52.68 101.01
N ASP F 1221 13.60 -51.68 100.16
CA ASP F 1221 14.20 -51.87 98.85
C ASP F 1221 15.44 -51.00 98.73
N ALA F 1222 16.38 -51.46 97.92
CA ALA F 1222 17.54 -50.66 97.55
C ALA F 1222 17.14 -49.56 96.57
N GLN F 1223 18.00 -48.55 96.46
CA GLN F 1223 17.88 -47.38 95.59
C GLN F 1223 16.63 -46.55 95.82
N THR F 1224 15.89 -46.80 96.90
CA THR F 1224 14.66 -46.09 97.28
C THR F 1224 14.41 -46.45 98.74
N PHE F 1225 13.23 -46.08 99.24
CA PHE F 1225 12.81 -46.52 100.56
C PHE F 1225 11.45 -47.20 100.56
N ALA F 1226 10.89 -47.52 99.40
CA ALA F 1226 9.65 -48.28 99.34
C ALA F 1226 9.93 -49.76 99.56
N ALA F 1227 8.87 -50.56 99.50
CA ALA F 1227 9.06 -52.00 99.65
C ALA F 1227 9.23 -52.68 98.30
N THR F 1228 8.26 -52.52 97.41
CA THR F 1228 8.26 -53.21 96.13
C THR F 1228 7.49 -52.38 95.13
N HIS F 1229 8.15 -51.96 94.05
CA HIS F 1229 7.52 -51.03 93.13
C HIS F 1229 6.47 -51.69 92.24
N ASN F 1230 6.70 -52.93 91.79
CA ASN F 1230 5.77 -53.60 90.89
C ASN F 1230 5.56 -55.02 91.36
N PRO F 1231 4.41 -55.32 91.95
CA PRO F 1231 4.23 -56.61 92.61
C PRO F 1231 3.92 -57.77 91.68
N TRP F 1232 3.94 -57.55 90.38
CA TRP F 1232 3.79 -58.64 89.43
C TRP F 1232 5.10 -59.03 88.77
N ALA F 1233 6.22 -58.46 89.22
CA ALA F 1233 7.50 -58.75 88.61
C ALA F 1233 8.55 -59.29 89.56
N SER F 1234 8.52 -58.91 90.82
CA SER F 1234 9.63 -59.20 91.71
C SER F 1234 9.20 -60.05 92.90
N GLN F 1235 8.44 -61.10 92.66
CA GLN F 1235 8.00 -61.97 93.74
C GLN F 1235 8.62 -63.35 93.57
N ALA F 1236 8.39 -64.22 94.56
CA ALA F 1236 8.95 -65.57 94.54
C ALA F 1236 8.03 -66.48 93.73
N GLY F 1237 8.15 -66.36 92.42
CA GLY F 1237 7.30 -67.14 91.54
C GLY F 1237 6.07 -66.37 91.11
N CYS F 1238 6.28 -65.15 90.63
CA CYS F 1238 5.22 -64.32 90.08
C CYS F 1238 5.01 -64.67 88.61
N LEU F 1239 4.29 -63.80 87.90
CA LEU F 1239 4.01 -64.03 86.48
C LEU F 1239 5.28 -63.93 85.65
N SER F 1240 6.00 -62.82 85.76
CA SER F 1240 7.21 -62.68 84.96
C SER F 1240 8.42 -63.33 85.60
N ASP F 1241 8.27 -63.94 86.78
CA ASP F 1241 9.30 -64.83 87.27
C ASP F 1241 9.36 -66.08 86.41
N VAL F 1242 8.27 -66.86 86.38
CA VAL F 1242 8.25 -68.10 85.61
C VAL F 1242 8.29 -67.87 84.11
N LEU F 1243 8.07 -66.65 83.65
CA LEU F 1243 8.21 -66.36 82.23
C LEU F 1243 9.66 -66.16 81.81
N TYR F 1244 10.52 -65.67 82.70
CA TYR F 1244 11.88 -65.35 82.31
C TYR F 1244 12.96 -65.98 83.17
N ASN F 1245 12.67 -66.44 84.39
CA ASN F 1245 13.64 -67.23 85.15
C ASN F 1245 13.80 -68.56 84.43
N THR F 1246 15.01 -68.82 83.93
CA THR F 1246 15.29 -70.03 83.18
C THR F 1246 15.18 -71.30 84.01
N ARG F 1247 15.25 -71.19 85.35
CA ARG F 1247 15.04 -72.36 86.19
C ARG F 1247 13.59 -72.82 86.15
N HIS F 1248 12.65 -71.89 86.24
CA HIS F 1248 11.25 -72.27 86.08
C HIS F 1248 10.84 -72.34 84.62
N ARG F 1249 11.66 -71.79 83.72
CA ARG F 1249 11.37 -71.89 82.29
C ARG F 1249 11.81 -73.22 81.70
N GLU F 1250 12.94 -73.76 82.15
CA GLU F 1250 13.39 -75.05 81.63
C GLU F 1250 12.54 -76.22 82.10
N ARG F 1251 11.75 -76.03 83.17
CA ARG F 1251 10.70 -76.96 83.52
C ARG F 1251 9.68 -77.10 82.38
N LEU F 1252 9.34 -76.00 81.74
CA LEU F 1252 8.56 -76.01 80.52
C LEU F 1252 9.49 -76.22 79.33
N GLY F 1253 8.91 -76.36 78.14
CA GLY F 1253 9.67 -76.43 76.92
C GLY F 1253 9.93 -75.03 76.40
N TYR F 1254 11.18 -74.75 76.06
CA TYR F 1254 11.52 -73.46 75.49
C TYR F 1254 12.66 -73.64 74.50
N ASN F 1255 12.64 -72.81 73.46
CA ASN F 1255 13.70 -72.82 72.46
C ASN F 1255 14.92 -72.11 73.05
N SER F 1256 15.99 -72.86 73.30
CA SER F 1256 17.16 -72.33 73.98
C SER F 1256 17.96 -71.38 73.12
N LYS F 1257 17.79 -71.40 71.80
CA LYS F 1257 18.59 -70.58 70.90
C LYS F 1257 18.06 -69.17 70.76
N PHE F 1258 16.96 -68.84 71.42
CA PHE F 1258 16.43 -67.48 71.39
C PHE F 1258 16.95 -66.71 72.59
N TYR F 1259 17.44 -65.51 72.33
CA TYR F 1259 17.99 -64.66 73.38
C TYR F 1259 16.90 -63.69 73.85
N SER F 1260 16.55 -63.77 75.12
CA SER F 1260 15.61 -62.82 75.70
C SER F 1260 16.37 -61.86 76.61
N PRO F 1261 16.45 -60.57 76.27
CA PRO F 1261 17.22 -59.63 77.10
C PRO F 1261 16.62 -59.34 78.47
N CYS F 1262 15.38 -59.74 78.72
CA CYS F 1262 14.82 -59.57 80.05
C CYS F 1262 15.44 -60.55 81.05
N ALA F 1263 15.97 -61.68 80.58
CA ALA F 1263 16.43 -62.75 81.46
C ALA F 1263 17.68 -62.39 82.24
N GLN F 1264 18.42 -61.36 81.83
CA GLN F 1264 19.62 -60.98 82.57
C GLN F 1264 19.29 -60.26 83.87
N TYR F 1265 18.05 -59.78 84.03
CA TYR F 1265 17.58 -59.24 85.29
C TYR F 1265 16.80 -60.26 86.09
N PHE F 1266 16.66 -61.46 85.56
CA PHE F 1266 16.06 -62.61 86.20
C PHE F 1266 17.15 -63.68 86.28
N ASN F 1267 16.74 -64.92 86.55
CA ASN F 1267 17.63 -66.04 86.91
C ASN F 1267 18.43 -65.69 88.17
N THR F 1268 17.67 -65.48 89.24
CA THR F 1268 18.24 -65.08 90.52
C THR F 1268 19.16 -66.14 91.10
N GLU F 1269 18.98 -67.41 90.74
CA GLU F 1269 19.93 -68.44 91.15
C GLU F 1269 21.29 -68.27 90.50
N GLU F 1270 21.37 -67.57 89.37
CA GLU F 1270 22.63 -67.13 88.81
C GLU F 1270 23.06 -65.77 89.34
N ILE F 1271 22.29 -65.18 90.25
CA ILE F 1271 22.57 -63.85 90.74
C ILE F 1271 22.99 -63.95 92.21
N ILE F 1272 22.36 -64.85 92.95
CA ILE F 1272 22.77 -65.10 94.33
C ILE F 1272 24.07 -65.89 94.37
N ALA F 1273 24.43 -66.54 93.27
CA ALA F 1273 25.66 -67.31 93.22
C ALA F 1273 26.86 -66.48 92.78
N ALA F 1274 26.75 -65.15 92.79
CA ALA F 1274 27.85 -64.28 92.39
C ALA F 1274 27.96 -63.04 93.28
N ASN F 1275 27.54 -63.14 94.54
CA ASN F 1275 27.59 -61.99 95.45
C ASN F 1275 28.92 -61.92 96.19
N LYS F 1276 30.02 -62.00 95.45
CA LYS F 1276 31.34 -62.10 96.06
C LYS F 1276 31.85 -60.72 96.46
N THR F 1277 33.09 -60.68 96.91
CA THR F 1277 33.71 -59.44 97.31
C THR F 1277 34.06 -58.59 96.09
N LEU F 1278 34.32 -57.30 96.34
CA LEU F 1278 34.63 -56.35 95.29
C LEU F 1278 35.92 -56.70 94.57
N PHE F 1279 36.90 -57.23 95.30
CA PHE F 1279 38.17 -57.63 94.71
C PHE F 1279 38.00 -58.83 93.76
N LYS F 1280 36.94 -59.62 93.95
CA LYS F 1280 36.73 -60.81 93.14
C LYS F 1280 35.55 -60.71 92.18
N THR F 1281 34.55 -59.87 92.48
CA THR F 1281 33.42 -59.73 91.56
C THR F 1281 33.85 -59.05 90.27
N ILE F 1282 34.78 -58.10 90.37
CA ILE F 1282 35.31 -57.45 89.19
C ILE F 1282 36.16 -58.39 88.35
N ASP F 1283 36.71 -59.45 88.96
CA ASP F 1283 37.46 -60.46 88.23
C ASP F 1283 36.56 -61.53 87.63
N GLU F 1284 35.41 -61.80 88.24
CA GLU F 1284 34.46 -62.72 87.65
C GLU F 1284 33.79 -62.09 86.42
N TYR F 1285 33.51 -60.78 86.49
CA TYR F 1285 32.78 -60.09 85.44
C TYR F 1285 33.56 -60.06 84.12
N LEU F 1286 34.88 -59.91 84.18
CA LEU F 1286 35.67 -59.74 82.98
C LEU F 1286 35.83 -61.02 82.18
N LEU F 1287 35.47 -62.17 82.72
CA LEU F 1287 35.62 -63.43 82.02
C LEU F 1287 34.30 -64.13 81.75
N ARG F 1288 33.48 -64.33 82.78
CA ARG F 1288 32.34 -65.21 82.68
C ARG F 1288 31.01 -64.48 82.54
N ALA F 1289 30.94 -63.19 82.88
CA ALA F 1289 29.70 -62.43 82.78
C ALA F 1289 29.51 -61.78 81.42
N LYS F 1290 30.21 -62.26 80.41
CA LYS F 1290 30.02 -61.78 79.04
C LYS F 1290 29.27 -62.82 78.23
N ASP F 1291 28.46 -62.33 77.30
CA ASP F 1291 27.66 -63.14 76.40
C ASP F 1291 28.11 -62.93 74.97
N CYS F 1292 27.48 -63.64 74.05
CA CYS F 1292 27.62 -63.31 72.63
C CYS F 1292 26.26 -63.45 71.98
N ILE F 1293 25.99 -62.55 71.03
CA ILE F 1293 24.76 -62.55 70.25
C ILE F 1293 25.14 -62.64 68.78
N ARG F 1294 24.50 -63.54 68.06
CA ARG F 1294 24.84 -63.80 66.66
C ARG F 1294 24.54 -62.58 65.80
N GLY F 1295 25.59 -61.98 65.26
CA GLY F 1295 25.45 -60.72 64.55
C GLY F 1295 25.33 -60.86 63.04
N ASP F 1296 24.78 -61.98 62.58
CA ASP F 1296 24.54 -62.19 61.15
C ASP F 1296 23.10 -62.53 60.83
N THR F 1297 22.26 -62.79 61.83
CA THR F 1297 20.87 -63.13 61.62
C THR F 1297 20.02 -61.93 61.97
N ASP F 1298 18.84 -61.84 61.35
CA ASP F 1298 17.95 -60.70 61.55
C ASP F 1298 17.35 -60.71 62.95
N THR F 1299 17.20 -61.88 63.55
CA THR F 1299 16.70 -62.01 64.91
C THR F 1299 17.85 -62.36 65.83
N GLN F 1300 17.81 -61.87 67.06
CA GLN F 1300 18.91 -62.08 67.98
C GLN F 1300 18.89 -63.50 68.51
N TYR F 1301 19.68 -64.38 67.89
CA TYR F 1301 19.85 -65.75 68.34
C TYR F 1301 21.07 -65.83 69.25
N VAL F 1302 21.02 -66.74 70.21
CA VAL F 1302 22.12 -66.86 71.15
C VAL F 1302 23.27 -67.58 70.44
N CYS F 1303 24.44 -67.48 71.02
CA CYS F 1303 25.70 -67.81 70.37
C CYS F 1303 26.44 -68.93 71.08
N VAL F 1304 26.99 -69.84 70.29
CA VAL F 1304 27.96 -70.82 70.78
C VAL F 1304 29.33 -70.17 70.76
N GLU F 1305 30.03 -70.27 71.88
CA GLU F 1305 31.21 -69.44 72.11
C GLU F 1305 32.39 -69.91 71.27
N GLY F 1306 33.21 -68.95 70.85
CA GLY F 1306 34.35 -69.20 69.99
C GLY F 1306 34.12 -68.78 68.55
N THR F 1307 32.87 -68.80 68.09
CA THR F 1307 32.58 -68.40 66.71
C THR F 1307 32.72 -66.89 66.55
N GLU F 1308 32.48 -66.14 67.61
CA GLU F 1308 32.69 -64.70 67.64
C GLU F 1308 33.25 -64.32 69.00
N GLN F 1309 33.45 -63.03 69.21
CA GLN F 1309 34.00 -62.57 70.48
C GLN F 1309 32.88 -62.39 71.50
N LEU F 1310 33.25 -62.50 72.77
CA LEU F 1310 32.28 -62.31 73.84
C LEU F 1310 32.00 -60.83 73.99
N ILE F 1311 30.81 -60.41 73.55
CA ILE F 1311 30.44 -59.01 73.65
C ILE F 1311 30.12 -58.68 75.11
N GLU F 1312 30.57 -57.52 75.56
CA GLU F 1312 30.51 -57.18 76.97
C GLU F 1312 29.18 -56.52 77.31
N ASN F 1313 28.86 -56.53 78.59
CA ASN F 1313 27.61 -55.97 79.09
C ASN F 1313 27.88 -55.36 80.46
N PRO F 1314 28.05 -54.05 80.53
CA PRO F 1314 28.25 -53.41 81.85
C PRO F 1314 26.98 -53.36 82.67
N CYS F 1315 25.81 -53.52 82.05
CA CYS F 1315 24.57 -53.51 82.81
C CYS F 1315 24.37 -54.78 83.62
N ARG F 1316 25.06 -55.86 83.28
CA ARG F 1316 24.98 -57.09 84.07
C ARG F 1316 25.63 -56.95 85.44
N LEU F 1317 26.54 -55.99 85.61
CA LEU F 1317 27.11 -55.75 86.93
C LEU F 1317 26.14 -54.95 87.80
N THR F 1318 25.76 -53.76 87.34
CA THR F 1318 24.98 -52.84 88.13
C THR F 1318 23.49 -53.16 88.13
N GLN F 1319 23.07 -54.14 87.31
CA GLN F 1319 21.75 -54.78 87.38
C GLN F 1319 20.61 -53.78 87.15
N GLU F 1320 20.87 -52.80 86.30
CA GLU F 1320 19.87 -51.80 85.99
C GLU F 1320 19.70 -51.71 84.49
N ALA F 1321 18.81 -50.83 84.07
CA ALA F 1321 18.54 -50.58 82.67
C ALA F 1321 18.38 -49.08 82.45
N LEU F 1322 18.66 -48.64 81.24
CA LEU F 1322 18.71 -47.19 81.13
C LEU F 1322 17.43 -46.66 80.51
N PRO F 1323 16.96 -45.49 80.96
CA PRO F 1323 15.75 -44.91 80.36
C PRO F 1323 16.04 -44.33 78.98
N ILE F 1324 15.05 -44.43 78.12
CA ILE F 1324 15.16 -43.99 76.74
C ILE F 1324 13.99 -43.05 76.46
N LEU F 1325 14.14 -42.21 75.44
CA LEU F 1325 13.20 -41.14 75.16
C LEU F 1325 11.90 -41.72 74.62
N SER F 1326 10.93 -41.95 75.50
CA SER F 1326 9.62 -42.40 75.08
C SER F 1326 8.58 -41.37 75.48
N THR F 1327 7.76 -40.96 74.52
CA THR F 1327 6.63 -40.10 74.79
C THR F 1327 5.37 -40.91 74.61
N THR F 1328 4.24 -40.34 75.01
CA THR F 1328 2.96 -40.99 74.81
C THR F 1328 2.11 -40.27 73.79
N THR F 1329 2.41 -39.01 73.51
CA THR F 1329 1.74 -38.31 72.42
C THR F 1329 2.78 -37.79 71.43
N LEU F 1330 2.32 -37.58 70.20
CA LEU F 1330 3.19 -37.01 69.18
C LEU F 1330 3.40 -35.53 69.40
N ALA F 1331 2.52 -34.89 70.18
CA ALA F 1331 2.69 -33.51 70.58
C ALA F 1331 3.98 -33.30 71.35
N LEU F 1332 4.18 -34.08 72.42
CA LEU F 1332 5.34 -33.94 73.26
C LEU F 1332 6.62 -34.43 72.60
N MET F 1333 6.50 -35.30 71.58
CA MET F 1333 7.66 -35.67 70.79
C MET F 1333 8.16 -34.51 69.95
N GLU F 1334 7.26 -33.80 69.28
CA GLU F 1334 7.66 -32.74 68.35
C GLU F 1334 8.23 -31.53 69.04
N THR F 1335 7.86 -31.23 70.27
CA THR F 1335 8.51 -30.15 70.99
C THR F 1335 9.86 -30.55 71.54
N LYS F 1336 10.15 -31.85 71.60
CA LYS F 1336 11.50 -32.32 71.88
C LYS F 1336 12.38 -32.34 70.64
N LEU F 1337 11.79 -32.52 69.47
CA LEU F 1337 12.56 -32.57 68.24
C LEU F 1337 12.76 -31.19 67.63
N LYS F 1338 11.78 -30.30 67.77
CA LYS F 1338 11.92 -28.95 67.23
C LYS F 1338 12.90 -28.11 68.03
N GLY F 1339 12.89 -28.28 69.36
CA GLY F 1339 13.69 -27.44 70.22
C GLY F 1339 15.18 -27.71 70.11
N GLY F 1340 15.96 -26.82 70.73
CA GLY F 1340 17.39 -26.84 70.56
C GLY F 1340 18.11 -27.94 71.32
N ALA F 1341 19.44 -27.86 71.32
CA ALA F 1341 20.25 -28.84 72.03
C ALA F 1341 20.10 -28.69 73.53
N GLY F 1342 20.04 -29.83 74.22
CA GLY F 1342 19.75 -29.86 75.63
C GLY F 1342 18.29 -30.11 75.95
N ALA F 1343 17.46 -30.38 74.94
CA ALA F 1343 16.05 -30.66 75.20
C ALA F 1343 15.83 -32.11 75.63
N PHE F 1344 16.73 -33.00 75.25
CA PHE F 1344 16.50 -34.42 75.48
C PHE F 1344 16.74 -34.83 76.92
N ALA F 1345 17.39 -33.98 77.72
CA ALA F 1345 17.69 -34.37 79.09
C ALA F 1345 16.54 -34.06 80.03
N THR F 1346 15.57 -33.24 79.60
CA THR F 1346 14.47 -32.88 80.47
C THR F 1346 13.38 -33.94 80.43
N SER F 1347 12.51 -33.91 81.44
CA SER F 1347 11.42 -34.88 81.56
C SER F 1347 10.19 -34.12 82.08
N GLU F 1348 9.39 -33.61 81.15
CA GLU F 1348 8.23 -32.79 81.49
C GLU F 1348 6.96 -33.60 81.24
N THR F 1349 6.00 -33.46 82.14
CA THR F 1349 4.79 -34.28 82.11
C THR F 1349 3.56 -33.40 81.90
N HIS F 1350 2.62 -33.89 81.11
CA HIS F 1350 1.32 -33.28 80.95
C HIS F 1350 0.37 -33.87 82.00
N PHE F 1351 -0.94 -33.66 81.84
CA PHE F 1351 -1.92 -34.26 82.73
C PHE F 1351 -1.89 -35.78 82.66
N GLY F 1352 -2.23 -36.32 81.51
CA GLY F 1352 -2.19 -37.77 81.33
C GLY F 1352 -0.92 -38.19 80.65
N ASN F 1353 -0.50 -37.41 79.66
CA ASN F 1353 0.72 -37.71 78.92
C ASN F 1353 1.95 -37.36 79.75
N TYR F 1354 3.08 -37.94 79.38
CA TYR F 1354 4.32 -37.73 80.09
C TYR F 1354 5.49 -38.03 79.15
N VAL F 1355 6.63 -37.43 79.48
CA VAL F 1355 7.88 -37.65 78.74
C VAL F 1355 8.92 -38.10 79.73
N VAL F 1356 9.56 -39.24 79.45
CA VAL F 1356 10.74 -39.61 80.22
C VAL F 1356 11.97 -39.18 79.40
N GLY F 1357 12.84 -38.42 80.04
CA GLY F 1357 14.07 -38.01 79.38
C GLY F 1357 15.15 -39.03 79.66
N GLU F 1358 15.99 -39.27 78.66
CA GLU F 1358 17.02 -40.29 78.79
C GLU F 1358 18.16 -39.78 79.67
N ILE F 1359 18.80 -40.71 80.37
CA ILE F 1359 19.85 -40.34 81.31
C ILE F 1359 21.16 -40.03 80.59
N ILE F 1360 21.37 -40.61 79.42
CA ILE F 1360 22.62 -40.44 78.70
C ILE F 1360 22.32 -39.76 77.37
N PRO F 1361 23.02 -38.68 77.01
CA PRO F 1361 22.71 -38.00 75.74
C PRO F 1361 23.18 -38.80 74.54
N LEU F 1362 22.46 -39.87 74.22
CA LEU F 1362 22.84 -40.77 73.14
C LEU F 1362 22.08 -40.50 71.85
N GLN F 1363 20.77 -40.28 71.93
CA GLN F 1363 19.97 -40.02 70.75
C GLN F 1363 20.22 -38.65 70.13
N GLN F 1364 20.92 -37.77 70.82
CA GLN F 1364 20.99 -36.36 70.45
C GLN F 1364 22.22 -36.03 69.62
N SER F 1365 23.40 -36.46 70.05
CA SER F 1365 24.64 -36.07 69.38
C SER F 1365 25.58 -37.23 69.12
N MET F 1366 25.23 -38.46 69.53
CA MET F 1366 26.08 -39.61 69.32
C MET F 1366 25.75 -40.35 68.02
N LEU F 1367 25.19 -39.64 67.05
CA LEU F 1367 25.05 -40.14 65.69
C LEU F 1367 25.47 -39.12 64.64
N PHE F 1368 25.50 -37.85 64.98
CA PHE F 1368 25.77 -36.77 64.03
C PHE F 1368 27.23 -36.67 63.62
N ASN F 1369 28.13 -37.35 64.31
CA ASN F 1369 29.55 -37.22 64.00
C ASN F 1369 29.92 -37.99 62.74
N SER F 1370 29.23 -39.10 62.47
CA SER F 1370 29.42 -39.99 61.32
C SER F 1370 30.86 -40.50 61.17
N MET G 1 30.23 6.67 -5.96
CA MET G 1 30.74 7.89 -6.57
C MET G 1 32.18 8.14 -6.16
N GLU G 2 32.97 8.68 -7.09
CA GLU G 2 34.41 8.82 -6.88
C GLU G 2 34.71 10.06 -6.04
N ASN G 3 36.00 10.36 -5.91
CA ASN G 3 36.48 11.40 -5.00
C ASN G 3 37.22 12.48 -5.78
N TRP G 4 36.56 13.61 -5.94
CA TRP G 4 37.17 14.76 -6.58
C TRP G 4 38.18 15.45 -5.69
N SER G 5 38.12 15.22 -4.38
CA SER G 5 39.12 15.77 -3.47
C SER G 5 40.48 15.14 -3.72
N ALA G 6 40.50 13.84 -4.07
CA ALA G 6 41.76 13.18 -4.40
C ALA G 6 42.33 13.73 -5.70
N LEU G 7 41.46 14.06 -6.65
CA LEU G 7 41.93 14.66 -7.89
C LEU G 7 42.44 16.08 -7.68
N GLU G 8 41.84 16.81 -6.75
CA GLU G 8 42.23 18.21 -6.59
C GLU G 8 43.48 18.36 -5.72
N LEU G 9 43.65 17.48 -4.73
CA LEU G 9 44.77 17.65 -3.82
C LEU G 9 46.07 17.03 -4.32
N LEU G 10 46.02 15.84 -4.92
CA LEU G 10 47.20 15.08 -5.31
C LEU G 10 47.90 15.75 -6.49
N PRO G 11 49.21 15.49 -6.67
CA PRO G 11 49.92 16.06 -7.82
C PRO G 11 49.41 15.50 -9.14
N LYS G 12 49.38 16.35 -10.15
CA LYS G 12 48.87 16.02 -11.47
C LYS G 12 49.96 16.25 -12.51
N VAL G 13 49.82 15.60 -13.66
CA VAL G 13 50.79 15.73 -14.75
C VAL G 13 50.37 16.90 -15.63
N GLY G 14 51.30 17.80 -15.92
CA GLY G 14 51.00 18.94 -16.77
C GLY G 14 50.95 18.54 -18.22
N ILE G 15 49.79 18.66 -18.85
CA ILE G 15 49.60 18.21 -20.22
C ILE G 15 48.93 19.31 -21.03
N PRO G 16 49.51 19.75 -22.14
CA PRO G 16 48.85 20.77 -22.98
C PRO G 16 47.71 20.23 -23.81
N THR G 17 46.52 20.17 -23.25
CA THR G 17 45.34 19.63 -23.94
C THR G 17 44.80 20.69 -24.89
N ASP G 18 44.64 20.33 -26.17
CA ASP G 18 43.96 21.17 -27.16
C ASP G 18 43.01 20.28 -27.96
N PHE G 19 41.78 20.15 -27.47
CA PHE G 19 40.81 19.31 -28.15
C PHE G 19 39.89 20.17 -29.01
N LEU G 20 38.90 19.54 -29.65
CA LEU G 20 38.26 20.12 -30.83
C LEU G 20 37.31 21.25 -30.47
N THR G 21 36.24 20.93 -29.76
CA THR G 21 35.17 21.88 -29.54
C THR G 21 35.49 22.73 -28.30
N HIS G 22 34.53 23.53 -27.87
CA HIS G 22 34.65 24.24 -26.62
C HIS G 22 34.55 23.27 -25.46
N VAL G 23 35.14 23.66 -24.34
CA VAL G 23 35.18 22.75 -23.20
C VAL G 23 33.83 22.71 -22.49
N LYS G 24 33.13 23.85 -22.44
CA LYS G 24 31.77 23.84 -21.91
C LYS G 24 30.81 23.12 -22.85
N THR G 25 31.08 23.19 -24.16
CA THR G 25 30.26 22.47 -25.14
C THR G 25 30.41 20.97 -24.96
N SER G 26 31.65 20.49 -24.90
CA SER G 26 31.90 19.08 -24.66
C SER G 26 31.50 18.64 -23.25
N ALA G 27 31.37 19.58 -22.31
CA ALA G 27 30.90 19.25 -20.99
C ALA G 27 29.39 19.06 -20.98
N GLY G 28 28.65 20.09 -21.38
CA GLY G 28 27.20 20.07 -21.34
C GLY G 28 26.54 19.13 -22.33
N GLU G 29 27.29 18.62 -23.30
CA GLU G 29 26.76 17.63 -24.22
C GLU G 29 27.22 16.22 -23.89
N GLU G 30 27.88 16.06 -22.73
CA GLU G 30 28.22 14.76 -22.13
C GLU G 30 29.15 13.94 -23.03
N MET G 31 30.18 14.60 -23.56
CA MET G 31 31.27 13.86 -24.19
C MET G 31 31.99 12.99 -23.18
N PHE G 32 32.29 13.53 -22.01
CA PHE G 32 32.93 12.80 -20.93
C PHE G 32 31.87 12.13 -20.08
N GLU G 33 32.27 11.04 -19.43
CA GLU G 33 31.30 10.17 -18.76
C GLU G 33 30.81 10.77 -17.46
N ALA G 34 31.72 10.99 -16.51
CA ALA G 34 31.37 11.54 -15.21
C ALA G 34 32.09 12.87 -15.04
N LEU G 35 31.33 13.95 -14.99
CA LEU G 35 31.88 15.29 -14.86
C LEU G 35 31.60 15.85 -13.48
N ARG G 36 32.40 16.83 -13.10
CA ARG G 36 32.17 17.57 -11.87
C ARG G 36 32.60 19.00 -12.15
N ILE G 37 31.63 19.90 -12.22
CA ILE G 37 31.87 21.28 -12.61
C ILE G 37 31.45 22.16 -11.46
N TYR G 38 32.43 22.65 -10.70
CA TYR G 38 32.15 23.62 -9.64
C TYR G 38 32.60 24.99 -10.11
N TYR G 39 31.74 25.99 -9.91
CA TYR G 39 32.00 27.33 -10.42
C TYR G 39 32.81 28.19 -9.46
N GLY G 40 32.58 28.04 -8.16
CA GLY G 40 33.35 28.83 -7.21
C GLY G 40 34.66 28.16 -6.87
N ASP G 41 34.99 28.13 -5.59
CA ASP G 41 36.07 27.29 -5.08
C ASP G 41 35.49 26.55 -3.88
N ASP G 42 35.03 25.32 -4.11
CA ASP G 42 34.36 24.59 -3.06
C ASP G 42 35.38 24.10 -2.03
N PRO G 43 35.03 24.13 -0.75
CA PRO G 43 35.93 23.58 0.28
C PRO G 43 35.84 22.06 0.44
N GLU G 44 35.26 21.34 -0.52
CA GLU G 44 35.19 19.89 -0.41
C GLU G 44 36.53 19.23 -0.65
N ARG G 45 37.52 19.97 -1.14
CA ARG G 45 38.89 19.48 -1.14
C ARG G 45 39.59 19.68 0.19
N TYR G 46 38.90 20.20 1.21
CA TYR G 46 39.57 20.51 2.46
C TYR G 46 39.08 19.67 3.63
N ASN G 47 37.84 19.21 3.60
CA ASN G 47 37.35 18.31 4.64
C ASN G 47 37.85 16.90 4.32
N ILE G 48 38.79 16.41 5.12
CA ILE G 48 39.43 15.12 4.89
C ILE G 48 38.95 14.13 5.94
N HIS G 49 38.57 12.94 5.49
CA HIS G 49 37.94 11.94 6.34
C HIS G 49 38.87 10.77 6.56
N PHE G 50 38.80 10.17 7.74
CA PHE G 50 39.59 9.00 8.09
C PHE G 50 38.68 7.82 8.40
N GLU G 51 39.24 6.63 8.24
CA GLU G 51 38.68 5.39 8.78
C GLU G 51 39.82 4.60 9.42
N ALA G 52 40.56 5.27 10.31
CA ALA G 52 41.84 4.81 10.82
C ALA G 52 41.80 3.45 11.52
N ILE G 53 42.56 2.50 11.00
CA ILE G 53 42.70 1.18 11.61
C ILE G 53 43.93 1.19 12.49
N PHE G 54 43.73 1.13 13.80
CA PHE G 54 44.81 1.25 14.76
C PHE G 54 45.48 -0.07 15.09
N GLY G 55 45.14 -1.14 14.39
CA GLY G 55 45.75 -2.41 14.66
C GLY G 55 44.92 -3.55 14.12
N THR G 56 45.55 -4.72 14.04
CA THR G 56 44.92 -5.92 13.53
C THR G 56 45.43 -7.09 14.36
N PHE G 57 44.53 -7.79 15.03
CA PHE G 57 44.90 -8.58 16.20
C PHE G 57 44.47 -10.03 16.00
N CYS G 58 45.43 -10.94 15.94
CA CYS G 58 45.12 -12.35 15.96
C CYS G 58 44.95 -12.83 17.40
N ASN G 59 44.86 -14.14 17.56
CA ASN G 59 44.79 -14.77 18.87
C ASN G 59 45.82 -15.89 18.91
N ARG G 60 46.78 -15.79 19.82
CA ARG G 60 47.64 -16.91 20.11
C ARG G 60 47.05 -17.71 21.26
N LEU G 61 47.09 -19.02 21.14
CA LEU G 61 46.44 -19.90 22.09
C LEU G 61 47.44 -20.38 23.14
N GLU G 62 46.88 -20.77 24.28
CA GLU G 62 47.66 -21.31 25.38
C GLU G 62 48.01 -22.73 25.00
N TRP G 63 49.27 -22.96 24.61
CA TRP G 63 49.70 -24.29 24.17
C TRP G 63 49.81 -25.19 25.39
N VAL G 64 48.66 -25.66 25.86
CA VAL G 64 48.61 -26.59 26.96
C VAL G 64 49.05 -27.96 26.46
N TYR G 65 49.71 -28.72 27.31
CA TYR G 65 50.15 -30.06 27.01
C TYR G 65 49.66 -31.00 28.09
N PHE G 66 49.88 -32.30 27.88
CA PHE G 66 49.53 -33.28 28.90
C PHE G 66 50.45 -33.15 30.10
N LEU G 67 51.75 -33.15 29.86
CA LEU G 67 52.70 -33.26 30.96
C LEU G 67 52.92 -31.93 31.65
N THR G 68 52.66 -30.81 30.97
CA THR G 68 52.75 -29.54 31.68
C THR G 68 51.52 -29.28 32.54
N SER G 69 50.46 -30.06 32.34
CA SER G 69 49.26 -29.90 33.14
C SER G 69 49.37 -30.72 34.41
N GLY G 70 48.56 -30.34 35.41
CA GLY G 70 48.56 -31.05 36.67
C GLY G 70 47.83 -32.37 36.65
N LEU G 71 46.96 -32.57 35.67
CA LEU G 71 46.18 -33.79 35.56
C LEU G 71 47.04 -35.02 35.29
N ALA G 72 48.21 -34.85 34.67
CA ALA G 72 49.05 -35.98 34.32
C ALA G 72 49.73 -36.61 35.53
N ALA G 73 49.59 -36.03 36.72
CA ALA G 73 50.06 -36.69 37.93
C ALA G 73 49.32 -37.99 38.20
N ALA G 74 48.05 -38.08 37.81
CA ALA G 74 47.32 -39.32 37.96
C ALA G 74 47.57 -40.28 36.81
N ALA G 75 48.32 -39.86 35.79
CA ALA G 75 48.56 -40.67 34.62
C ALA G 75 50.02 -41.08 34.57
N HIS G 76 50.29 -42.11 33.77
CA HIS G 76 51.64 -42.61 33.54
C HIS G 76 51.68 -43.01 32.06
N ALA G 77 52.12 -42.07 31.23
CA ALA G 77 51.86 -42.16 29.79
C ALA G 77 52.99 -42.86 29.06
N ILE G 78 52.63 -43.88 28.28
CA ILE G 78 53.58 -44.61 27.46
C ILE G 78 53.08 -44.62 26.03
N LYS G 79 53.85 -43.99 25.14
CA LYS G 79 53.53 -44.02 23.71
C LYS G 79 53.83 -45.42 23.19
N PHE G 80 52.79 -46.15 22.83
CA PHE G 80 52.96 -47.48 22.25
C PHE G 80 52.66 -47.44 20.76
N HIS G 81 53.67 -47.70 19.93
CA HIS G 81 53.55 -47.43 18.50
C HIS G 81 52.70 -48.45 17.75
N ASP G 82 52.30 -49.55 18.39
CA ASP G 82 51.52 -50.60 17.74
C ASP G 82 50.17 -50.76 18.42
N LEU G 83 49.55 -49.64 18.77
CA LEU G 83 48.37 -49.68 19.63
C LEU G 83 47.12 -50.17 18.91
N ASN G 84 47.01 -49.93 17.61
CA ASN G 84 45.85 -50.39 16.86
C ASN G 84 45.91 -51.87 16.50
N LYS G 85 46.86 -52.62 17.06
CA LYS G 85 46.94 -54.05 16.80
C LYS G 85 46.72 -54.91 18.03
N LEU G 86 46.40 -54.32 19.18
CA LEU G 86 45.99 -55.14 20.31
C LEU G 86 44.49 -55.03 20.54
N THR G 87 43.93 -56.03 21.21
CA THR G 87 42.53 -55.99 21.60
C THR G 87 42.38 -55.44 23.02
N THR G 88 43.08 -56.04 23.97
CA THR G 88 43.06 -55.56 25.35
C THR G 88 44.33 -56.00 26.05
N GLY G 89 44.72 -55.25 27.06
CA GLY G 89 45.82 -55.66 27.91
C GLY G 89 45.33 -55.95 29.31
N LYS G 90 45.28 -57.22 29.67
CA LYS G 90 44.85 -57.57 31.01
C LYS G 90 46.02 -57.50 31.97
N MET G 91 45.71 -57.56 33.27
CA MET G 91 46.73 -57.62 34.31
C MET G 91 46.24 -58.59 35.38
N LEU G 92 47.16 -59.35 35.94
CA LEU G 92 46.83 -60.41 36.88
C LEU G 92 47.50 -60.16 38.22
N PHE G 93 46.97 -60.78 39.26
CA PHE G 93 47.48 -60.60 40.62
C PHE G 93 47.45 -61.92 41.35
N HIS G 94 48.39 -62.08 42.29
CA HIS G 94 48.43 -63.25 43.15
C HIS G 94 48.56 -62.75 44.59
N VAL G 95 47.42 -62.55 45.23
CA VAL G 95 47.39 -62.09 46.61
C VAL G 95 46.90 -63.24 47.49
N GLN G 96 47.64 -63.51 48.54
CA GLN G 96 47.19 -64.39 49.62
C GLN G 96 47.21 -63.60 50.91
N VAL G 97 46.26 -63.89 51.78
CA VAL G 97 46.11 -63.08 52.98
C VAL G 97 46.84 -63.72 54.14
N PRO G 98 47.51 -62.93 54.97
CA PRO G 98 48.16 -63.49 56.17
C PRO G 98 47.14 -63.90 57.22
N ARG G 99 47.28 -65.11 57.70
CA ARG G 99 46.44 -65.60 58.77
C ARG G 99 46.98 -65.14 60.11
N VAL G 100 46.21 -65.40 61.17
CA VAL G 100 46.67 -65.24 62.54
C VAL G 100 46.42 -66.57 63.25
N ALA G 101 47.17 -66.80 64.32
CA ALA G 101 47.01 -68.02 65.10
C ALA G 101 45.97 -67.83 66.18
N SER G 102 44.94 -68.66 66.15
CA SER G 102 43.85 -68.52 67.10
C SER G 102 44.24 -69.14 68.43
N GLY G 103 43.37 -68.95 69.41
CA GLY G 103 43.55 -69.51 70.74
C GLY G 103 42.92 -70.87 70.87
N ALA G 104 42.52 -71.18 72.11
CA ALA G 104 41.91 -72.47 72.40
C ALA G 104 40.40 -72.39 72.20
N GLY G 105 39.87 -73.33 71.42
CA GLY G 105 38.44 -73.43 71.22
C GLY G 105 37.87 -72.39 70.27
N LEU G 106 38.57 -72.11 69.19
CA LEU G 106 38.10 -71.20 68.16
C LEU G 106 38.32 -71.85 66.80
N PRO G 107 37.49 -71.54 65.80
CA PRO G 107 37.73 -72.03 64.43
C PRO G 107 38.96 -71.37 63.84
N THR G 108 39.84 -72.18 63.27
CA THR G 108 41.08 -71.69 62.70
C THR G 108 40.90 -71.35 61.22
N SER G 109 41.76 -70.47 60.73
CA SER G 109 41.72 -70.07 59.33
C SER G 109 42.37 -71.15 58.47
N ARG G 110 42.34 -70.95 57.16
CA ARG G 110 42.90 -71.91 56.21
C ARG G 110 43.78 -71.18 55.19
N GLN G 111 44.51 -71.97 54.42
CA GLN G 111 45.32 -71.43 53.33
C GLN G 111 44.41 -70.92 52.21
N THR G 112 44.71 -69.73 51.72
CA THR G 112 43.84 -69.02 50.81
C THR G 112 44.61 -68.51 49.60
N THR G 113 43.89 -68.43 48.47
CA THR G 113 44.46 -67.92 47.22
C THR G 113 43.42 -67.02 46.58
N ILE G 114 43.79 -65.77 46.33
CA ILE G 114 42.92 -64.80 45.68
C ILE G 114 43.62 -64.28 44.44
N MET G 115 42.96 -64.41 43.29
CA MET G 115 43.52 -64.00 42.00
C MET G 115 42.51 -63.09 41.30
N VAL G 116 42.89 -61.84 41.09
CA VAL G 116 42.04 -60.83 40.47
C VAL G 116 42.62 -60.50 39.11
N THR G 117 41.75 -60.22 38.14
CA THR G 117 42.18 -59.89 36.79
C THR G 117 41.57 -58.57 36.35
N LYS G 118 42.43 -57.58 36.11
CA LYS G 118 42.02 -56.28 35.60
C LYS G 118 41.94 -56.34 34.09
N TYR G 119 41.52 -55.23 33.47
CA TYR G 119 41.49 -55.14 32.02
C TYR G 119 41.81 -53.73 31.55
N SER G 120 41.63 -53.47 30.26
CA SER G 120 41.89 -52.18 29.66
C SER G 120 40.58 -51.55 29.17
N GLU G 121 40.70 -50.41 28.49
CA GLU G 121 39.54 -49.71 27.94
C GLU G 121 39.91 -49.11 26.60
N LYS G 122 38.89 -48.79 25.81
CA LYS G 122 39.08 -48.24 24.47
C LYS G 122 38.34 -46.91 24.38
N SER G 123 39.05 -45.86 23.97
CA SER G 123 38.45 -44.53 23.90
C SER G 123 39.21 -43.63 22.93
N PRO G 124 38.92 -43.68 21.63
CA PRO G 124 39.63 -42.82 20.69
C PRO G 124 39.06 -41.42 20.66
N ILE G 125 39.79 -40.53 19.96
CA ILE G 125 39.38 -39.14 19.76
C ILE G 125 39.71 -38.74 18.33
N THR G 126 39.00 -37.73 17.84
CA THR G 126 39.08 -37.33 16.44
C THR G 126 38.78 -35.84 16.31
N ILE G 127 39.52 -35.17 15.42
CA ILE G 127 39.14 -33.85 14.95
C ILE G 127 39.09 -33.86 13.43
N PRO G 128 37.96 -33.56 12.82
CA PRO G 128 37.93 -33.48 11.35
C PRO G 128 38.20 -32.08 10.82
N PHE G 129 39.46 -31.64 10.87
CA PHE G 129 39.82 -30.35 10.33
C PHE G 129 39.97 -30.45 8.82
N GLU G 130 39.64 -29.37 8.11
CA GLU G 130 39.51 -29.42 6.66
C GLU G 130 40.21 -28.26 6.00
N LEU G 131 40.31 -28.35 4.67
CA LEU G 131 40.86 -27.31 3.82
C LEU G 131 40.04 -27.23 2.54
N SER G 132 39.72 -26.02 2.11
CA SER G 132 39.09 -25.88 0.81
C SER G 132 40.13 -26.07 -0.30
N ALA G 133 39.63 -26.33 -1.50
CA ALA G 133 40.53 -26.61 -2.62
C ALA G 133 41.29 -25.37 -3.07
N ALA G 134 40.81 -24.18 -2.70
CA ALA G 134 41.54 -22.97 -3.02
C ALA G 134 42.86 -22.89 -2.28
N CYS G 135 42.91 -23.39 -1.05
CA CYS G 135 44.17 -23.41 -0.31
C CYS G 135 45.15 -24.40 -0.92
N LEU G 136 44.66 -25.56 -1.37
CA LEU G 136 45.54 -26.50 -2.05
C LEU G 136 45.98 -25.99 -3.42
N THR G 137 45.18 -25.14 -4.05
CA THR G 137 45.59 -24.57 -5.33
C THR G 137 46.64 -23.50 -5.12
N TYR G 138 46.46 -22.64 -4.13
CA TYR G 138 47.43 -21.59 -3.88
C TYR G 138 48.63 -22.06 -3.08
N LEU G 139 48.63 -23.31 -2.59
CA LEU G 139 49.77 -23.80 -1.84
C LEU G 139 50.96 -24.10 -2.74
N ARG G 140 50.69 -24.69 -3.91
CA ARG G 140 51.75 -25.23 -4.75
C ARG G 140 51.84 -24.59 -6.12
N GLU G 141 51.07 -23.55 -6.40
CA GLU G 141 51.09 -22.89 -7.70
C GLU G 141 51.49 -21.44 -7.55
N THR G 142 52.58 -21.05 -8.21
CA THR G 142 52.99 -19.66 -8.32
C THR G 142 52.98 -19.31 -9.80
N PHE G 143 51.93 -18.61 -10.22
CA PHE G 143 51.73 -18.26 -11.62
C PHE G 143 51.80 -16.76 -11.78
N GLU G 144 52.69 -16.31 -12.68
CA GLU G 144 53.05 -14.90 -12.88
C GLU G 144 53.45 -14.27 -11.54
N GLY G 145 54.57 -14.76 -11.02
CA GLY G 145 54.91 -14.57 -9.63
C GLY G 145 55.31 -13.16 -9.24
N THR G 146 54.34 -12.25 -9.29
CA THR G 146 54.50 -10.90 -8.77
C THR G 146 54.23 -10.92 -7.27
N ILE G 147 54.01 -9.75 -6.70
CA ILE G 147 53.71 -9.66 -5.27
C ILE G 147 52.35 -10.26 -4.98
N LEU G 148 51.37 -9.99 -5.83
CA LEU G 148 49.99 -10.41 -5.58
C LEU G 148 49.76 -11.91 -5.77
N ASP G 149 50.78 -12.68 -6.11
CA ASP G 149 50.69 -14.13 -5.99
C ASP G 149 51.41 -14.63 -4.75
N LYS G 150 52.56 -14.04 -4.44
CA LYS G 150 53.35 -14.51 -3.30
C LYS G 150 52.67 -14.18 -1.98
N ILE G 151 51.86 -13.12 -1.93
CA ILE G 151 51.12 -12.80 -0.70
C ILE G 151 50.08 -13.88 -0.43
N LEU G 152 49.34 -14.29 -1.46
CA LEU G 152 48.39 -15.38 -1.30
C LEU G 152 49.09 -16.70 -1.03
N ASN G 153 50.30 -16.89 -1.57
CA ASN G 153 51.04 -18.13 -1.32
C ASN G 153 51.49 -18.22 0.13
N VAL G 154 52.03 -17.13 0.68
CA VAL G 154 52.51 -17.18 2.05
C VAL G 154 51.32 -17.21 3.01
N GLU G 155 50.18 -16.65 2.60
CA GLU G 155 48.98 -16.81 3.41
C GLU G 155 48.44 -18.23 3.36
N ALA G 156 48.61 -18.93 2.23
CA ALA G 156 48.16 -20.32 2.15
C ALA G 156 49.03 -21.22 3.02
N MET G 157 50.35 -20.99 3.00
CA MET G 157 51.24 -21.71 3.90
C MET G 157 50.89 -21.45 5.36
N HIS G 158 50.56 -20.19 5.69
CA HIS G 158 50.28 -19.90 7.08
C HIS G 158 48.92 -20.37 7.52
N THR G 159 47.92 -20.45 6.63
CA THR G 159 46.66 -21.04 7.06
C THR G 159 46.76 -22.56 7.16
N VAL G 160 47.65 -23.18 6.37
CA VAL G 160 47.88 -24.61 6.52
C VAL G 160 48.53 -24.90 7.86
N LEU G 161 49.61 -24.19 8.20
CA LEU G 161 50.26 -24.48 9.47
C LEU G 161 49.45 -23.99 10.65
N ARG G 162 48.56 -23.00 10.46
CA ARG G 162 47.67 -22.59 11.53
C ARG G 162 46.62 -23.66 11.79
N ALA G 163 46.09 -24.27 10.73
CA ALA G 163 45.18 -25.40 10.90
C ALA G 163 45.88 -26.59 11.55
N LEU G 164 47.17 -26.79 11.25
CA LEU G 164 47.89 -27.90 11.87
C LEU G 164 48.16 -27.64 13.35
N LYS G 165 48.55 -26.41 13.71
CA LYS G 165 48.74 -26.05 15.11
C LYS G 165 47.44 -26.18 15.89
N ASN G 166 46.33 -25.73 15.29
CA ASN G 166 45.03 -25.83 15.93
C ASN G 166 44.59 -27.27 16.09
N THR G 167 44.87 -28.12 15.11
CA THR G 167 44.48 -29.52 15.20
C THR G 167 45.33 -30.26 16.23
N ALA G 168 46.61 -29.92 16.34
CA ALA G 168 47.45 -30.55 17.34
C ALA G 168 47.05 -30.15 18.75
N ASP G 169 46.72 -28.86 18.95
CA ASP G 169 46.27 -28.44 20.26
C ASP G 169 44.88 -29.00 20.57
N ALA G 170 44.06 -29.19 19.54
CA ALA G 170 42.76 -29.83 19.75
C ALA G 170 42.91 -31.29 20.11
N MET G 171 43.91 -31.97 19.53
CA MET G 171 44.21 -33.35 19.91
C MET G 171 44.70 -33.42 21.34
N GLU G 172 45.48 -32.43 21.77
CA GLU G 172 45.94 -32.38 23.15
C GLU G 172 44.79 -32.18 24.13
N ARG G 173 43.92 -31.22 23.86
CA ARG G 173 42.78 -30.97 24.73
C ARG G 173 41.80 -32.15 24.70
N GLY G 174 41.70 -32.82 23.56
CA GLY G 174 40.89 -34.03 23.51
C GLY G 174 41.46 -35.17 24.31
N LEU G 175 42.79 -35.26 24.38
CA LEU G 175 43.40 -36.28 25.23
C LEU G 175 43.16 -35.99 26.70
N ILE G 176 43.24 -34.71 27.09
CA ILE G 176 42.90 -34.31 28.46
C ILE G 176 41.44 -34.62 28.76
N HIS G 177 40.55 -34.36 27.80
CA HIS G 177 39.13 -34.59 28.02
C HIS G 177 38.80 -36.07 28.11
N SER G 178 39.44 -36.90 27.29
CA SER G 178 39.17 -38.33 27.37
C SER G 178 39.78 -38.95 28.62
N PHE G 179 40.90 -38.42 29.09
CA PHE G 179 41.45 -38.94 30.34
C PHE G 179 40.59 -38.54 31.52
N LEU G 180 40.03 -37.34 31.49
CA LEU G 180 39.11 -36.93 32.54
C LEU G 180 37.80 -37.72 32.46
N GLN G 181 37.37 -38.08 31.25
CA GLN G 181 36.19 -38.92 31.11
C GLN G 181 36.46 -40.33 31.64
N THR G 182 37.67 -40.84 31.45
CA THR G 182 38.02 -42.14 32.00
C THR G 182 38.09 -42.11 33.52
N LEU G 183 38.57 -40.99 34.08
CA LEU G 183 38.58 -40.85 35.53
C LEU G 183 37.17 -40.74 36.10
N LEU G 184 36.29 -39.99 35.43
CA LEU G 184 34.97 -39.74 35.99
C LEU G 184 34.05 -40.95 35.90
N ARG G 185 34.34 -41.91 35.04
CA ARG G 185 33.62 -43.18 35.02
C ARG G 185 34.25 -44.20 35.94
N LYS G 186 35.11 -43.77 36.85
CA LYS G 186 35.79 -44.65 37.79
C LYS G 186 35.61 -44.26 39.25
N ALA G 187 35.50 -42.97 39.54
CA ALA G 187 35.46 -42.52 40.93
C ALA G 187 34.06 -42.65 41.49
N PRO G 188 33.87 -43.36 42.60
CA PRO G 188 32.61 -43.28 43.32
C PRO G 188 32.52 -41.96 44.06
N PRO G 189 31.31 -41.55 44.49
CA PRO G 189 31.20 -40.31 45.27
C PRO G 189 31.85 -40.38 46.64
N TYR G 190 31.75 -39.26 47.38
CA TYR G 190 32.47 -39.16 48.65
C TYR G 190 31.88 -40.07 49.72
N PHE G 191 30.55 -40.18 49.76
CA PHE G 191 29.94 -40.90 50.87
C PHE G 191 30.17 -42.39 50.77
N VAL G 192 30.24 -42.93 49.55
CA VAL G 192 30.52 -44.35 49.39
C VAL G 192 31.93 -44.70 49.85
N VAL G 193 32.92 -43.91 49.45
CA VAL G 193 34.29 -44.22 49.86
C VAL G 193 34.49 -43.88 51.33
N GLN G 194 33.67 -42.99 51.89
CA GLN G 194 33.80 -42.70 53.31
C GLN G 194 33.20 -43.82 54.16
N THR G 195 32.12 -44.44 53.68
CA THR G 195 31.60 -45.63 54.33
C THR G 195 32.59 -46.79 54.23
N LEU G 196 33.25 -46.92 53.10
CA LEU G 196 34.24 -47.97 52.96
C LEU G 196 35.48 -47.69 53.80
N VAL G 197 35.78 -46.42 54.08
CA VAL G 197 36.87 -46.11 54.99
C VAL G 197 36.47 -46.44 56.43
N GLU G 198 35.26 -46.06 56.83
CA GLU G 198 34.83 -46.31 58.21
C GLU G 198 34.59 -47.78 58.48
N ASN G 199 33.97 -48.50 57.53
CA ASN G 199 33.53 -49.87 57.76
C ASN G 199 34.38 -50.90 57.02
N ALA G 200 35.68 -50.62 56.88
CA ALA G 200 36.57 -51.60 56.28
C ALA G 200 36.94 -52.70 57.25
N THR G 201 37.12 -52.37 58.53
CA THR G 201 37.64 -53.33 59.49
C THR G 201 36.58 -54.31 59.96
N LEU G 202 35.33 -54.13 59.57
CA LEU G 202 34.27 -55.05 59.97
C LEU G 202 34.09 -56.21 59.00
N ALA G 203 34.37 -56.00 57.71
CA ALA G 203 34.11 -57.02 56.69
C ALA G 203 35.30 -57.96 56.56
N ARG G 204 35.27 -59.02 57.36
CA ARG G 204 36.28 -60.06 57.28
C ARG G 204 35.83 -61.24 56.43
N GLN G 205 34.57 -61.27 56.00
CA GLN G 205 34.03 -62.33 55.16
C GLN G 205 33.09 -61.70 54.14
N ALA G 206 32.25 -62.52 53.52
CA ALA G 206 31.16 -61.99 52.70
C ALA G 206 30.20 -61.18 53.57
N LEU G 207 29.59 -60.17 52.97
CA LEU G 207 28.81 -59.22 53.74
C LEU G 207 27.43 -59.79 54.07
N ASN G 208 27.14 -59.89 55.36
CA ASN G 208 25.84 -60.33 55.84
C ASN G 208 24.84 -59.18 55.73
N ARG G 209 23.58 -59.47 56.08
CA ARG G 209 22.52 -58.47 55.97
C ARG G 209 22.70 -57.34 56.98
N ILE G 210 23.31 -57.63 58.12
CA ILE G 210 23.46 -56.63 59.17
C ILE G 210 24.49 -55.59 58.77
N GLN G 211 25.68 -56.05 58.37
CA GLN G 211 26.74 -55.15 57.96
C GLN G 211 26.37 -54.36 56.71
N ARG G 212 25.69 -55.00 55.77
CA ARG G 212 25.21 -54.31 54.57
C ARG G 212 24.14 -53.28 54.91
N SER G 213 23.30 -53.58 55.91
CA SER G 213 22.32 -52.61 56.37
C SER G 213 22.96 -51.40 57.01
N ASN G 214 24.03 -51.62 57.77
CA ASN G 214 24.76 -50.47 58.33
C ASN G 214 25.47 -49.68 57.26
N ILE G 215 25.95 -50.35 56.20
CA ILE G 215 26.49 -49.67 55.04
C ILE G 215 25.43 -48.77 54.40
N LEU G 216 24.21 -49.29 54.26
CA LEU G 216 23.13 -48.51 53.66
C LEU G 216 22.69 -47.36 54.55
N GLN G 217 22.70 -47.56 55.87
CA GLN G 217 22.32 -46.49 56.78
C GLN G 217 23.36 -45.38 56.77
N SER G 218 24.64 -45.74 56.70
CA SER G 218 25.65 -44.70 56.64
C SER G 218 25.70 -44.03 55.26
N PHE G 219 25.29 -44.74 54.20
CA PHE G 219 25.00 -44.11 52.91
C PHE G 219 23.97 -43.01 53.06
N LYS G 220 22.80 -43.35 53.62
CA LYS G 220 21.72 -42.38 53.74
C LYS G 220 22.04 -41.29 54.75
N ALA G 221 22.99 -41.53 55.66
CA ALA G 221 23.42 -40.46 56.55
C ALA G 221 24.36 -39.49 55.85
N LYS G 222 25.45 -39.99 55.28
CA LYS G 222 26.46 -39.11 54.70
C LYS G 222 26.06 -38.53 53.36
N MET G 223 25.00 -39.03 52.71
CA MET G 223 24.49 -38.34 51.54
C MET G 223 23.81 -37.04 51.94
N LEU G 224 22.90 -37.11 52.91
CA LEU G 224 22.16 -35.93 53.33
C LEU G 224 22.92 -35.08 54.32
N ALA G 225 24.09 -35.52 54.77
CA ALA G 225 24.92 -34.67 55.61
C ALA G 225 25.80 -33.74 54.78
N THR G 226 26.37 -34.24 53.69
CA THR G 226 27.36 -33.49 52.93
C THR G 226 27.07 -33.57 51.42
N LEU G 227 25.82 -33.30 51.04
CA LEU G 227 25.50 -33.27 49.61
C LEU G 227 26.01 -32.00 48.96
N PHE G 228 25.77 -30.85 49.57
CA PHE G 228 26.35 -29.58 49.13
C PHE G 228 27.15 -29.03 50.29
N LEU G 229 28.45 -28.88 50.09
CA LEU G 229 29.33 -28.57 51.21
C LEU G 229 29.68 -27.09 51.26
N LEU G 230 30.16 -26.53 50.16
CA LEU G 230 30.64 -25.15 50.19
C LEU G 230 29.53 -24.13 50.25
N ASN G 231 28.27 -24.53 50.11
CA ASN G 231 27.18 -23.60 50.35
C ASN G 231 26.80 -23.53 51.83
N ARG G 232 26.97 -24.63 52.57
CA ARG G 232 26.57 -24.65 53.97
C ARG G 232 27.64 -24.09 54.89
N THR G 233 28.83 -24.70 54.86
CA THR G 233 29.89 -24.38 55.81
C THR G 233 30.94 -23.51 55.14
N ARG G 234 31.56 -22.64 55.95
CA ARG G 234 32.69 -21.83 55.50
C ARG G 234 33.77 -21.76 56.56
N ASP G 235 33.91 -22.79 57.37
CA ASP G 235 34.97 -22.82 58.36
C ASP G 235 36.20 -23.52 57.77
N ARG G 236 37.38 -23.02 58.15
CA ARG G 236 38.62 -23.62 57.67
C ARG G 236 38.79 -25.03 58.21
N ASP G 237 38.36 -25.26 59.46
CA ASP G 237 38.53 -26.56 60.11
C ASP G 237 37.71 -27.63 59.41
N TYR G 238 36.49 -27.29 59.00
CA TYR G 238 35.63 -28.32 58.42
C TYR G 238 36.03 -28.71 57.01
N VAL G 239 36.36 -27.74 56.15
CA VAL G 239 36.77 -28.11 54.80
C VAL G 239 38.17 -28.72 54.82
N LEU G 240 39.00 -28.36 55.80
CA LEU G 240 40.31 -28.99 55.90
C LEU G 240 40.19 -30.43 56.37
N LYS G 241 39.27 -30.69 57.31
CA LYS G 241 38.99 -32.05 57.73
C LYS G 241 38.40 -32.86 56.58
N PHE G 242 37.55 -32.23 55.77
CA PHE G 242 36.95 -32.91 54.63
C PHE G 242 37.98 -33.29 53.58
N LEU G 243 38.90 -32.37 53.27
CA LEU G 243 39.94 -32.69 52.31
C LEU G 243 40.93 -33.71 52.85
N THR G 244 41.14 -33.72 54.18
CA THR G 244 41.97 -34.78 54.76
C THR G 244 41.30 -36.15 54.65
N ARG G 245 39.98 -36.21 54.87
CA ARG G 245 39.23 -37.44 54.62
C ARG G 245 39.32 -37.88 53.17
N LEU G 246 39.17 -36.94 52.23
CA LEU G 246 39.25 -37.30 50.82
C LEU G 246 40.64 -37.75 50.43
N ALA G 247 41.67 -37.15 51.04
CA ALA G 247 43.04 -37.49 50.71
C ALA G 247 43.41 -38.88 51.23
N GLU G 248 43.10 -39.18 52.48
CA GLU G 248 43.43 -40.52 52.96
C GLU G 248 42.40 -41.56 52.57
N ALA G 249 41.30 -41.17 51.92
CA ALA G 249 40.25 -42.12 51.60
C ALA G 249 40.63 -43.00 50.43
N ALA G 250 41.28 -42.43 49.42
CA ALA G 250 41.60 -43.18 48.22
C ALA G 250 42.77 -44.13 48.47
N THR G 251 42.76 -45.23 47.74
CA THR G 251 43.85 -46.19 47.84
C THR G 251 45.03 -45.73 46.99
N ASP G 252 46.21 -46.24 47.31
CA ASP G 252 47.40 -45.91 46.56
C ASP G 252 47.58 -46.88 45.41
N SER G 253 48.34 -46.46 44.40
CA SER G 253 48.51 -47.26 43.20
C SER G 253 49.43 -48.45 43.46
N ILE G 254 49.55 -49.32 42.47
CA ILE G 254 50.40 -50.49 42.60
C ILE G 254 51.78 -50.28 42.01
N LEU G 255 52.00 -49.20 41.28
CA LEU G 255 53.32 -48.89 40.78
C LEU G 255 53.90 -47.71 41.55
N ASP G 256 55.16 -47.83 41.95
CA ASP G 256 55.86 -46.79 42.69
C ASP G 256 56.84 -46.11 41.75
N ASN G 257 56.75 -44.79 41.66
CA ASN G 257 57.66 -43.97 40.86
C ASN G 257 58.07 -42.78 41.69
N PRO G 258 59.05 -42.94 42.59
CA PRO G 258 59.42 -41.84 43.49
C PRO G 258 60.17 -40.71 42.82
N THR G 259 60.74 -40.94 41.64
CA THR G 259 61.57 -39.93 41.00
C THR G 259 60.72 -38.83 40.35
N THR G 260 59.52 -39.18 39.89
CA THR G 260 58.69 -38.21 39.21
C THR G 260 57.59 -37.69 40.13
N TYR G 261 57.13 -36.47 39.83
CA TYR G 261 56.13 -35.73 40.60
C TYR G 261 56.54 -35.60 42.07
N THR G 262 57.81 -35.33 42.29
CA THR G 262 58.32 -35.06 43.63
C THR G 262 58.47 -33.57 43.82
N THR G 263 58.17 -33.12 45.02
CA THR G 263 58.35 -31.73 45.38
C THR G 263 59.82 -31.51 45.70
N SER G 264 60.35 -30.34 45.31
CA SER G 264 61.72 -29.99 45.63
C SER G 264 61.91 -29.87 47.14
N SER G 265 63.17 -30.01 47.57
CA SER G 265 63.58 -30.13 48.98
C SER G 265 62.85 -31.29 49.68
N GLY G 266 62.73 -32.41 48.98
CA GLY G 266 62.36 -33.68 49.59
C GLY G 266 60.95 -33.83 50.09
N ALA G 267 59.97 -33.88 49.19
CA ALA G 267 58.59 -34.17 49.56
C ALA G 267 57.92 -34.86 48.39
N LYS G 268 57.03 -35.81 48.69
CA LYS G 268 56.35 -36.61 47.68
C LYS G 268 54.95 -36.08 47.48
N ILE G 269 54.47 -36.11 46.23
CA ILE G 269 53.09 -35.75 45.95
C ILE G 269 52.24 -37.01 45.90
N SER G 270 51.19 -37.06 46.72
CA SER G 270 50.37 -38.25 46.79
C SER G 270 49.36 -38.33 45.65
N GLY G 271 48.86 -37.20 45.16
CA GLY G 271 47.86 -37.26 44.11
C GLY G 271 47.53 -35.88 43.60
N VAL G 272 46.43 -35.81 42.86
CA VAL G 272 46.00 -34.57 42.22
C VAL G 272 44.54 -34.33 42.61
N MET G 273 44.22 -33.08 42.91
CA MET G 273 42.88 -32.68 43.33
C MET G 273 42.43 -31.52 42.47
N VAL G 274 41.42 -31.75 41.63
CA VAL G 274 40.97 -30.75 40.67
C VAL G 274 39.52 -30.40 40.95
N SER G 275 39.13 -29.24 40.41
CA SER G 275 37.76 -28.76 40.45
C SER G 275 37.60 -27.75 39.33
N THR G 276 36.53 -26.97 39.38
CA THR G 276 36.39 -25.86 38.46
C THR G 276 37.16 -24.64 38.97
N ALA G 277 37.05 -23.53 38.24
CA ALA G 277 37.76 -22.32 38.64
C ALA G 277 37.13 -21.67 39.87
N ASN G 278 35.81 -21.80 40.03
CA ASN G 278 35.12 -21.08 41.11
C ASN G 278 35.38 -21.74 42.46
N VAL G 279 35.30 -23.07 42.51
CA VAL G 279 35.61 -23.81 43.72
C VAL G 279 37.08 -23.66 44.08
N MET G 280 37.95 -23.60 43.06
CA MET G 280 39.36 -23.36 43.31
C MET G 280 39.60 -21.97 43.88
N GLN G 281 38.85 -20.97 43.41
CA GLN G 281 38.95 -19.62 43.97
C GLN G 281 38.50 -19.59 45.43
N ILE G 282 37.41 -20.30 45.74
CA ILE G 282 36.88 -20.32 47.10
C ILE G 282 37.86 -21.01 48.06
N ILE G 283 38.38 -22.17 47.68
CA ILE G 283 39.31 -22.90 48.54
C ILE G 283 40.65 -22.17 48.62
N MET G 284 41.02 -21.45 47.56
CA MET G 284 42.24 -20.67 47.55
C MET G 284 42.15 -19.51 48.53
N SER G 285 41.00 -18.82 48.54
CA SER G 285 40.82 -17.71 49.47
C SER G 285 40.61 -18.19 50.90
N LEU G 286 40.08 -19.39 51.09
CA LEU G 286 39.74 -19.85 52.43
C LEU G 286 40.94 -20.48 53.13
N LEU G 287 41.54 -21.49 52.52
CA LEU G 287 42.70 -22.17 53.09
C LEU G 287 44.00 -21.52 52.59
N SER G 288 44.21 -20.27 53.00
CA SER G 288 45.40 -19.53 52.61
C SER G 288 46.67 -20.03 53.30
N SER G 289 46.55 -20.67 54.45
CA SER G 289 47.70 -21.06 55.24
C SER G 289 48.39 -22.32 54.74
N HIS G 290 47.92 -22.92 53.65
CA HIS G 290 48.46 -24.19 53.21
C HIS G 290 48.90 -24.21 51.75
N ILE G 291 48.51 -23.22 50.94
CA ILE G 291 48.91 -23.17 49.54
C ILE G 291 50.39 -22.82 49.45
N THR G 292 51.06 -23.34 48.41
CA THR G 292 52.46 -23.05 48.14
C THR G 292 52.75 -23.41 46.69
N LYS G 293 53.21 -22.44 45.91
CA LYS G 293 53.59 -22.69 44.53
C LYS G 293 55.06 -23.12 44.47
N GLU G 294 55.26 -24.42 44.63
CA GLU G 294 56.60 -24.96 44.73
C GLU G 294 56.88 -25.90 43.55
N THR G 295 58.15 -25.95 43.14
CA THR G 295 58.57 -26.63 41.92
C THR G 295 58.35 -28.13 41.99
N VAL G 296 57.84 -28.69 40.89
CA VAL G 296 57.50 -30.10 40.77
C VAL G 296 58.32 -30.71 39.66
N SER G 297 58.98 -31.84 39.93
CA SER G 297 59.78 -32.54 38.94
C SER G 297 58.87 -33.46 38.13
N ALA G 298 58.63 -33.06 36.88
CA ALA G 298 57.73 -33.80 36.00
C ALA G 298 58.51 -34.59 34.97
N PRO G 299 57.92 -35.67 34.45
CA PRO G 299 58.56 -36.38 33.33
C PRO G 299 58.53 -35.56 32.05
N ALA G 300 59.59 -35.71 31.26
CA ALA G 300 59.79 -34.85 30.10
C ALA G 300 58.86 -35.23 28.97
N THR G 301 59.02 -36.44 28.44
CA THR G 301 58.15 -36.95 27.39
C THR G 301 57.46 -38.20 27.90
N TYR G 302 56.65 -38.81 27.04
CA TYR G 302 55.97 -40.03 27.41
C TYR G 302 56.95 -41.20 27.42
N GLY G 303 56.46 -42.34 27.90
CA GLY G 303 57.26 -43.56 27.92
C GLY G 303 57.37 -44.20 26.55
N ASN G 304 57.99 -45.38 26.51
CA ASN G 304 58.07 -46.13 25.27
C ASN G 304 58.00 -47.61 25.59
N PHE G 305 57.25 -48.34 24.77
CA PHE G 305 56.91 -49.74 25.02
C PHE G 305 57.19 -50.58 23.79
N VAL G 306 58.40 -50.49 23.25
CA VAL G 306 58.77 -51.32 22.10
C VAL G 306 58.80 -52.79 22.50
N LEU G 307 58.53 -53.64 21.52
CA LEU G 307 58.40 -55.07 21.74
C LEU G 307 59.74 -55.76 21.52
N SER G 308 59.73 -57.08 21.51
CA SER G 308 60.93 -57.89 21.38
C SER G 308 60.83 -58.73 20.11
N PRO G 309 61.96 -59.13 19.54
CA PRO G 309 61.91 -60.13 18.47
C PRO G 309 61.42 -61.50 18.93
N GLU G 310 61.48 -61.80 20.22
CA GLU G 310 60.87 -63.01 20.73
C GLU G 310 59.37 -62.86 20.97
N ASN G 311 58.87 -61.63 21.02
CA ASN G 311 57.44 -61.38 21.18
C ASN G 311 56.66 -61.57 19.89
N ALA G 312 57.32 -61.43 18.74
CA ALA G 312 56.61 -61.39 17.47
C ALA G 312 56.02 -62.75 17.11
N VAL G 313 56.73 -63.83 17.45
CA VAL G 313 56.22 -65.16 17.15
C VAL G 313 55.00 -65.49 18.01
N THR G 314 54.97 -65.02 19.26
CA THR G 314 53.78 -65.20 20.09
C THR G 314 52.64 -64.32 19.62
N ALA G 315 52.96 -63.13 19.09
CA ALA G 315 51.92 -62.26 18.56
C ALA G 315 51.30 -62.82 17.30
N ILE G 316 52.11 -63.46 16.46
CA ILE G 316 51.58 -64.04 15.23
C ILE G 316 50.81 -65.31 15.53
N SER G 317 51.45 -66.27 16.21
CA SER G 317 50.87 -67.60 16.34
C SER G 317 49.76 -67.65 17.38
N TYR G 318 50.08 -67.34 18.63
CA TYR G 318 49.18 -67.63 19.72
C TYR G 318 48.22 -66.49 20.05
N HIS G 319 48.25 -65.40 19.26
CA HIS G 319 47.40 -64.22 19.45
C HIS G 319 47.57 -63.58 20.83
N SER G 320 48.79 -63.67 21.38
CA SER G 320 49.02 -63.23 22.74
C SER G 320 50.40 -62.61 22.86
N ILE G 321 50.59 -61.84 23.92
CA ILE G 321 51.84 -61.17 24.21
C ILE G 321 52.14 -61.32 25.70
N LEU G 322 53.32 -61.85 26.01
CA LEU G 322 53.85 -61.85 27.36
C LEU G 322 55.04 -60.91 27.36
N ALA G 323 54.95 -59.84 28.14
CA ALA G 323 55.95 -58.79 28.09
C ALA G 323 57.24 -59.25 28.77
N ASP G 324 58.36 -58.88 28.15
CA ASP G 324 59.73 -59.23 28.57
C ASP G 324 59.90 -60.76 28.64
N PHE G 325 59.76 -61.38 27.47
CA PHE G 325 59.69 -62.84 27.42
C PHE G 325 61.04 -63.47 27.68
N ASN G 326 62.13 -62.80 27.30
CA ASN G 326 63.46 -63.33 27.60
C ASN G 326 63.75 -63.28 29.08
N SER G 327 63.25 -62.24 29.78
CA SER G 327 63.41 -62.19 31.23
C SER G 327 62.58 -63.27 31.91
N TYR G 328 61.40 -63.57 31.37
CA TYR G 328 60.60 -64.66 31.92
C TYR G 328 61.26 -66.01 31.69
N LYS G 329 61.87 -66.19 30.51
CA LYS G 329 62.62 -67.41 30.23
C LYS G 329 63.78 -67.60 31.20
N ALA G 330 64.56 -66.53 31.41
CA ALA G 330 65.71 -66.61 32.30
C ALA G 330 65.29 -66.81 33.75
N HIS G 331 64.23 -66.15 34.18
CA HIS G 331 63.78 -66.30 35.55
C HIS G 331 63.09 -67.62 35.81
N LEU G 332 62.50 -68.24 34.78
CA LEU G 332 61.88 -69.54 34.97
C LEU G 332 62.92 -70.65 34.97
N THR G 333 63.93 -70.55 34.09
CA THR G 333 64.95 -71.59 34.07
C THR G 333 65.86 -71.52 35.29
N SER G 334 66.12 -70.32 35.80
CA SER G 334 66.94 -70.20 36.99
C SER G 334 66.15 -70.45 38.27
N GLY G 335 64.83 -70.36 38.21
CA GLY G 335 64.01 -70.59 39.38
C GLY G 335 64.09 -69.48 40.41
N GLN G 336 63.73 -68.26 40.02
CA GLN G 336 63.64 -67.15 40.95
C GLN G 336 62.20 -66.65 40.97
N PRO G 337 61.65 -66.40 42.15
CA PRO G 337 60.20 -66.22 42.25
C PRO G 337 59.73 -64.80 41.96
N HIS G 338 60.56 -63.80 42.19
CA HIS G 338 60.14 -62.41 42.14
C HIS G 338 60.97 -61.66 41.09
N LEU G 339 60.28 -61.03 40.14
CA LEU G 339 60.95 -60.26 39.11
C LEU G 339 61.54 -58.99 39.72
N PRO G 340 62.59 -58.43 39.11
CA PRO G 340 63.11 -57.15 39.60
C PRO G 340 62.19 -55.98 39.34
N ASN G 341 61.53 -55.94 38.17
CA ASN G 341 60.73 -54.80 37.80
C ASN G 341 59.65 -55.20 36.82
N ASP G 342 58.50 -54.56 36.93
CA ASP G 342 57.42 -54.74 35.97
C ASP G 342 57.78 -54.06 34.64
N SER G 343 57.31 -54.68 33.55
CA SER G 343 57.54 -54.21 32.18
C SER G 343 57.06 -52.79 31.93
N LEU G 344 55.96 -52.37 32.54
CA LEU G 344 55.48 -51.00 32.34
C LEU G 344 56.26 -49.98 33.16
N SER G 345 56.67 -50.36 34.38
CA SER G 345 57.50 -49.47 35.17
C SER G 345 58.91 -49.37 34.59
N GLN G 346 59.37 -50.43 33.93
CA GLN G 346 60.58 -50.33 33.11
C GLN G 346 60.36 -49.39 31.94
N ALA G 347 59.14 -49.36 31.40
CA ALA G 347 58.79 -48.52 30.26
C ALA G 347 58.49 -47.08 30.66
N GLY G 348 58.94 -46.64 31.83
CA GLY G 348 58.74 -45.28 32.28
C GLY G 348 59.57 -44.28 31.49
N ALA G 349 59.43 -43.02 31.90
CA ALA G 349 59.94 -41.91 31.10
C ALA G 349 61.46 -41.82 31.16
N HIS G 350 62.04 -42.06 32.35
CA HIS G 350 63.48 -41.99 32.63
C HIS G 350 64.05 -40.61 32.32
N SER G 351 63.25 -39.57 32.54
CA SER G 351 63.66 -38.20 32.26
C SER G 351 62.97 -37.28 33.26
N LEU G 352 63.43 -36.03 33.32
CA LEU G 352 62.89 -35.05 34.26
C LEU G 352 62.63 -33.74 33.54
N THR G 353 61.82 -32.88 34.17
CA THR G 353 61.47 -31.53 33.73
C THR G 353 60.85 -30.77 34.89
N PRO G 354 61.34 -29.57 35.19
CA PRO G 354 60.74 -28.78 36.27
C PRO G 354 59.46 -28.12 35.81
N LEU G 355 58.58 -27.87 36.79
CA LEU G 355 57.28 -27.25 36.55
C LEU G 355 56.92 -26.41 37.75
N SER G 356 55.84 -25.66 37.64
CA SER G 356 55.38 -24.76 38.70
C SER G 356 53.90 -24.98 38.93
N MET G 357 53.55 -25.58 40.07
CA MET G 357 52.16 -25.83 40.45
C MET G 357 51.98 -25.49 41.91
N ASP G 358 50.73 -25.24 42.29
CA ASP G 358 50.43 -24.90 43.67
C ASP G 358 49.94 -26.13 44.42
N VAL G 359 50.59 -26.43 45.54
CA VAL G 359 50.24 -27.61 46.33
C VAL G 359 49.73 -27.15 47.69
N ILE G 360 48.94 -28.03 48.31
CA ILE G 360 48.56 -27.89 49.71
C ILE G 360 48.93 -29.19 50.41
N ARG G 361 48.93 -29.16 51.73
CA ARG G 361 49.23 -30.33 52.51
C ARG G 361 48.11 -30.63 53.49
N LEU G 362 47.72 -31.90 53.55
CA LEU G 362 46.61 -32.36 54.38
C LEU G 362 47.17 -33.48 55.26
N GLY G 363 47.73 -33.09 56.41
CA GLY G 363 48.30 -34.05 57.33
C GLY G 363 49.55 -34.73 56.81
N GLU G 364 50.53 -33.93 56.38
CA GLU G 364 51.81 -34.38 55.84
C GLU G 364 51.62 -35.31 54.63
N LYS G 365 50.73 -34.92 53.73
CA LYS G 365 50.42 -35.71 52.54
C LYS G 365 49.96 -34.73 51.48
N THR G 366 50.86 -34.35 50.59
CA THR G 366 50.64 -33.20 49.72
C THR G 366 50.08 -33.60 48.36
N VAL G 367 49.18 -32.76 47.85
CA VAL G 367 48.54 -32.96 46.55
C VAL G 367 48.53 -31.64 45.79
N ILE G 368 48.26 -31.74 44.50
CA ILE G 368 48.30 -30.60 43.58
C ILE G 368 46.90 -30.08 43.36
N MET G 369 46.70 -28.78 43.56
CA MET G 369 45.44 -28.15 43.19
C MET G 369 45.54 -27.62 41.77
N GLU G 370 44.46 -27.80 41.01
CA GLU G 370 44.47 -27.45 39.61
C GLU G 370 43.06 -27.13 39.14
N ASN G 371 42.92 -26.02 38.43
CA ASN G 371 41.66 -25.66 37.78
C ASN G 371 41.77 -25.95 36.28
N LEU G 372 40.72 -26.51 35.72
CA LEU G 372 40.69 -26.87 34.31
C LEU G 372 39.87 -25.89 33.48
N ARG G 373 39.90 -24.61 33.83
CA ARG G 373 39.21 -23.62 33.00
C ARG G 373 40.00 -23.31 31.75
N ARG G 374 41.32 -23.49 31.80
CA ARG G 374 42.14 -23.17 30.64
C ARG G 374 42.09 -24.25 29.57
N VAL G 375 41.66 -25.46 29.90
CA VAL G 375 41.53 -26.50 28.88
C VAL G 375 40.13 -26.53 28.27
N TYR G 376 39.22 -25.69 28.75
CA TYR G 376 37.88 -25.54 28.18
C TYR G 376 37.51 -24.07 28.08
N LYS G 377 38.43 -23.23 27.63
CA LYS G 377 38.23 -21.79 27.69
C LYS G 377 37.25 -21.33 26.62
N ASN G 378 37.52 -21.68 25.37
CA ASN G 378 36.68 -21.24 24.27
C ASN G 378 36.38 -22.41 23.34
N THR G 379 35.98 -23.52 23.92
CA THR G 379 35.68 -24.73 23.17
C THR G 379 34.20 -24.82 22.84
N ASP G 380 33.80 -25.97 22.32
CA ASP G 380 32.41 -26.28 22.03
C ASP G 380 31.90 -27.43 22.88
N THR G 381 32.76 -28.05 23.68
CA THR G 381 32.39 -29.14 24.56
C THR G 381 32.25 -28.65 25.99
N LYS G 382 31.46 -29.36 26.78
CA LYS G 382 31.19 -28.95 28.14
C LYS G 382 32.24 -29.51 29.08
N ASP G 383 32.57 -28.73 30.10
CA ASP G 383 33.46 -29.16 31.16
C ASP G 383 32.83 -30.32 31.93
N PRO G 384 33.37 -31.53 31.87
CA PRO G 384 32.73 -32.66 32.56
C PRO G 384 32.88 -32.62 34.06
N LEU G 385 33.79 -31.80 34.61
CA LEU G 385 33.79 -31.57 36.05
C LEU G 385 32.55 -30.82 36.49
N GLU G 386 32.01 -29.94 35.65
CA GLU G 386 30.69 -29.41 35.87
C GLU G 386 29.68 -30.52 35.63
N ARG G 387 28.58 -30.49 36.38
CA ARG G 387 27.67 -31.62 36.37
C ARG G 387 26.28 -31.14 36.72
N ASN G 388 25.28 -31.76 36.11
CA ASN G 388 23.90 -31.57 36.50
C ASN G 388 23.50 -32.76 37.34
N VAL G 389 22.94 -32.51 38.52
CA VAL G 389 22.55 -33.57 39.44
C VAL G 389 21.04 -33.50 39.59
N ASP G 390 20.43 -34.63 39.92
CA ASP G 390 18.98 -34.75 39.97
C ASP G 390 18.54 -35.11 41.38
N LEU G 391 17.65 -34.30 41.94
CA LEU G 391 17.04 -34.57 43.23
C LEU G 391 15.53 -34.51 43.06
N THR G 392 14.85 -35.61 43.37
CA THR G 392 13.41 -35.70 43.19
C THR G 392 12.72 -35.58 44.53
N PHE G 393 12.15 -34.42 44.80
CA PHE G 393 11.44 -34.17 46.04
C PHE G 393 10.04 -34.76 45.98
N PHE G 394 9.37 -34.71 47.13
CA PHE G 394 7.99 -35.17 47.21
C PHE G 394 7.32 -34.49 48.39
N PHE G 395 6.02 -34.22 48.25
CA PHE G 395 5.30 -33.53 49.30
C PHE G 395 3.83 -33.86 49.19
N PRO G 396 3.11 -34.00 50.31
CA PRO G 396 1.69 -34.32 50.25
C PRO G 396 0.81 -33.08 50.26
N VAL G 397 -0.43 -33.29 49.86
CA VAL G 397 -1.48 -32.28 49.97
C VAL G 397 -2.74 -32.97 50.48
N GLY G 398 -3.58 -32.22 51.19
CA GLY G 398 -4.94 -32.64 51.46
C GLY G 398 -5.12 -33.83 52.37
N LEU G 399 -4.20 -34.07 53.30
CA LEU G 399 -4.28 -35.23 54.17
C LEU G 399 -5.32 -35.02 55.25
N TYR G 400 -5.36 -35.92 56.22
CA TYR G 400 -6.30 -35.78 57.34
C TYR G 400 -5.57 -36.22 58.60
N LEU G 401 -5.06 -35.26 59.35
CA LEU G 401 -4.47 -35.59 60.64
C LEU G 401 -5.58 -35.94 61.62
N PRO G 402 -5.39 -37.01 62.41
CA PRO G 402 -6.48 -37.49 63.27
C PRO G 402 -6.82 -36.54 64.41
N GLU G 403 -8.07 -36.07 64.41
CA GLU G 403 -8.48 -35.08 65.40
C GLU G 403 -8.68 -35.70 66.77
N ASP G 404 -8.90 -37.01 66.87
CA ASP G 404 -9.06 -37.65 68.17
C ASP G 404 -7.74 -37.70 68.93
N ARG G 405 -6.63 -37.72 68.20
CA ARG G 405 -5.30 -37.53 68.77
C ARG G 405 -4.68 -36.21 68.33
N GLY G 406 -5.52 -35.22 68.03
CA GLY G 406 -5.01 -33.95 67.54
C GLY G 406 -4.39 -33.11 68.64
N TYR G 407 -3.54 -32.19 68.22
CA TYR G 407 -2.80 -31.35 69.16
C TYR G 407 -2.36 -30.08 68.45
N THR G 408 -1.62 -29.24 69.18
CA THR G 408 -1.16 -27.97 68.64
C THR G 408 0.11 -27.57 69.37
N THR G 409 1.17 -27.28 68.61
CA THR G 409 2.41 -26.81 69.22
C THR G 409 2.70 -25.35 68.94
N VAL G 410 1.89 -24.68 68.12
CA VAL G 410 2.11 -23.28 67.81
C VAL G 410 0.91 -22.47 68.28
N GLU G 411 0.30 -22.87 69.40
CA GLU G 411 -0.85 -22.17 69.93
C GLU G 411 -0.48 -20.77 70.43
N SER G 412 0.76 -20.59 70.86
CA SER G 412 1.23 -19.32 71.38
C SER G 412 1.70 -18.37 70.29
N LYS G 413 1.80 -18.84 69.07
CA LYS G 413 2.33 -18.00 68.00
C LYS G 413 1.28 -17.61 66.96
N VAL G 414 0.43 -18.55 66.55
CA VAL G 414 -0.45 -18.36 65.42
C VAL G 414 -1.87 -18.71 65.83
N LYS G 415 -2.78 -17.78 65.57
CA LYS G 415 -4.19 -18.00 65.88
C LYS G 415 -4.98 -18.10 64.59
N LEU G 416 -5.78 -19.14 64.49
CA LEU G 416 -6.66 -19.37 63.35
C LEU G 416 -8.10 -19.29 63.82
N ASN G 417 -8.90 -18.49 63.12
CA ASN G 417 -10.31 -18.35 63.45
C ASN G 417 -11.08 -19.59 63.05
N ASP G 418 -12.20 -19.84 63.73
CA ASP G 418 -12.91 -21.10 63.54
C ASP G 418 -13.65 -21.13 62.22
N THR G 419 -12.99 -21.64 61.19
CA THR G 419 -13.59 -21.91 59.91
C THR G 419 -13.19 -23.31 59.48
N VAL G 420 -14.12 -24.01 58.83
CA VAL G 420 -13.85 -25.39 58.44
C VAL G 420 -12.81 -25.43 57.33
N ARG G 421 -12.76 -24.41 56.48
CA ARG G 421 -11.70 -24.32 55.49
C ARG G 421 -10.35 -24.00 56.12
N ASN G 422 -10.32 -23.47 57.34
CA ASN G 422 -9.09 -23.41 58.10
C ASN G 422 -8.75 -24.70 58.82
N ALA G 423 -9.70 -25.63 58.92
CA ALA G 423 -9.48 -26.86 59.67
C ALA G 423 -9.50 -28.10 58.80
N LEU G 424 -9.77 -27.97 57.51
CA LEU G 424 -9.65 -29.08 56.58
C LEU G 424 -8.63 -28.72 55.52
N PRO G 425 -7.47 -29.37 55.50
CA PRO G 425 -6.43 -29.00 54.54
C PRO G 425 -6.81 -29.33 53.11
N THR G 426 -6.83 -28.32 52.27
CA THR G 426 -7.10 -28.49 50.84
C THR G 426 -5.93 -28.09 49.98
N THR G 427 -5.41 -26.89 50.13
CA THR G 427 -4.32 -26.39 49.31
C THR G 427 -2.98 -26.86 49.87
N ALA G 428 -1.92 -26.37 49.24
CA ALA G 428 -0.58 -26.43 49.82
C ALA G 428 0.19 -25.22 49.31
N TYR G 429 1.03 -24.68 50.18
CA TYR G 429 1.84 -23.52 49.84
C TYR G 429 3.29 -23.96 49.83
N LEU G 430 4.00 -23.59 48.77
CA LEU G 430 5.35 -24.06 48.51
C LEU G 430 6.30 -22.87 48.44
N LEU G 431 7.53 -23.13 48.00
CA LEU G 431 8.49 -22.09 47.68
C LEU G 431 9.04 -22.34 46.29
N ASN G 432 9.37 -21.25 45.60
CA ASN G 432 9.91 -21.34 44.26
C ASN G 432 11.43 -21.43 44.31
N ARG G 433 12.08 -21.29 43.15
CA ARG G 433 13.52 -21.10 43.16
C ARG G 433 13.89 -19.67 43.52
N ASP G 434 12.93 -18.77 43.54
CA ASP G 434 13.03 -17.54 44.31
C ASP G 434 12.18 -17.69 45.56
N ARG G 435 12.42 -16.82 46.53
CA ARG G 435 11.70 -16.87 47.80
C ARG G 435 10.29 -16.32 47.63
N ALA G 436 9.43 -17.14 47.04
CA ALA G 436 8.07 -16.76 46.74
C ALA G 436 7.14 -17.93 47.04
N VAL G 437 6.00 -17.63 47.64
CA VAL G 437 5.04 -18.65 48.02
C VAL G 437 4.12 -18.96 46.83
N GLN G 438 3.96 -20.25 46.53
CA GLN G 438 3.19 -20.69 45.38
C GLN G 438 2.08 -21.61 45.85
N LYS G 439 0.92 -21.53 45.21
CA LYS G 439 -0.25 -22.31 45.61
C LYS G 439 -0.34 -23.56 44.75
N ILE G 440 -0.75 -24.68 45.35
CA ILE G 440 -1.06 -25.90 44.62
C ILE G 440 -2.24 -26.58 45.30
N ASP G 441 -3.26 -26.92 44.51
CA ASP G 441 -4.42 -27.65 45.00
C ASP G 441 -4.98 -28.49 43.86
N PHE G 442 -6.23 -28.94 44.02
CA PHE G 442 -6.81 -29.84 43.05
C PHE G 442 -7.17 -29.14 41.74
N VAL G 443 -7.42 -27.83 41.77
CA VAL G 443 -7.84 -27.13 40.57
C VAL G 443 -6.71 -27.05 39.55
N ASP G 444 -5.49 -26.76 40.00
CA ASP G 444 -4.33 -26.92 39.14
C ASP G 444 -4.05 -28.37 38.80
N ALA G 445 -4.47 -29.30 39.67
CA ALA G 445 -4.30 -30.72 39.45
C ALA G 445 -5.43 -31.34 38.64
N LEU G 446 -6.16 -30.54 37.88
CA LEU G 446 -7.27 -31.06 37.11
C LEU G 446 -6.81 -31.87 35.91
N LYS G 447 -5.59 -31.63 35.43
CA LYS G 447 -5.13 -32.26 34.20
C LYS G 447 -4.65 -33.69 34.39
N THR G 448 -4.83 -34.29 35.57
CA THR G 448 -4.53 -35.69 35.80
C THR G 448 -5.73 -36.49 36.29
N LEU G 449 -6.67 -35.86 36.99
CA LEU G 449 -7.72 -36.59 37.67
C LEU G 449 -8.78 -37.11 36.71
N CYS G 450 -9.02 -36.40 35.61
CA CYS G 450 -10.07 -36.75 34.67
C CYS G 450 -9.55 -37.59 33.51
N HIS G 451 -8.54 -38.42 33.76
CA HIS G 451 -8.06 -39.15 32.61
C HIS G 451 -8.73 -40.52 32.52
N PRO G 452 -8.94 -41.03 31.31
CA PRO G 452 -9.52 -42.38 31.16
C PRO G 452 -8.66 -43.50 31.70
N VAL G 453 -7.33 -43.33 31.80
CA VAL G 453 -6.52 -44.40 32.37
C VAL G 453 -6.70 -44.47 33.87
N LEU G 454 -7.13 -43.37 34.49
CA LEU G 454 -7.36 -43.35 35.94
C LEU G 454 -8.67 -44.03 36.31
N HIS G 455 -9.50 -44.38 35.34
CA HIS G 455 -10.74 -45.10 35.56
C HIS G 455 -10.81 -46.36 34.71
N GLU G 456 -9.73 -47.14 34.71
CA GLU G 456 -9.71 -48.38 33.97
C GLU G 456 -9.18 -49.51 34.85
N PRO G 457 -9.97 -50.55 35.08
CA PRO G 457 -9.52 -51.68 35.91
C PRO G 457 -8.94 -52.85 35.13
N ALA G 458 -8.81 -52.74 33.80
CA ALA G 458 -8.50 -53.92 32.98
C ALA G 458 -7.10 -54.48 33.20
N PRO G 459 -6.00 -53.69 33.23
CA PRO G 459 -4.73 -54.33 33.61
C PRO G 459 -4.66 -54.68 35.09
N CYS G 460 -5.42 -53.96 35.92
CA CYS G 460 -5.55 -54.33 37.32
C CYS G 460 -6.22 -55.69 37.48
N LEU G 461 -7.29 -55.94 36.71
CA LEU G 461 -7.93 -57.25 36.75
C LEU G 461 -7.07 -58.30 36.07
N GLN G 462 -6.26 -57.92 35.08
CA GLN G 462 -5.32 -58.85 34.47
C GLN G 462 -4.28 -59.34 35.47
N THR G 463 -3.63 -58.42 36.19
CA THR G 463 -2.63 -58.83 37.15
C THR G 463 -3.25 -59.33 38.46
N PHE G 464 -4.56 -59.14 38.65
CA PHE G 464 -5.27 -59.71 39.79
C PHE G 464 -5.71 -61.14 39.52
N THR G 465 -6.02 -61.44 38.25
CA THR G 465 -6.33 -62.81 37.85
C THR G 465 -5.05 -63.61 37.61
N GLU G 466 -3.97 -62.93 37.20
CA GLU G 466 -2.69 -63.59 36.96
C GLU G 466 -2.08 -64.13 38.25
N ARG G 467 -2.38 -63.50 39.37
CA ARG G 467 -1.99 -64.03 40.67
C ARG G 467 -3.12 -64.88 41.24
N GLY G 468 -2.76 -65.71 42.21
CA GLY G 468 -3.71 -66.61 42.81
C GLY G 468 -4.34 -66.06 44.07
N PRO G 469 -5.58 -66.46 44.34
CA PRO G 469 -6.24 -66.08 45.59
C PRO G 469 -5.80 -66.96 46.73
N PRO G 470 -5.62 -66.41 47.92
CA PRO G 470 -5.38 -67.26 49.11
C PRO G 470 -6.68 -67.90 49.57
N SER G 471 -6.56 -68.66 50.67
CA SER G 471 -7.61 -69.54 51.14
C SER G 471 -8.08 -69.13 52.53
N GLU G 472 -8.27 -67.83 52.73
CA GLU G 472 -8.70 -67.31 54.03
C GLU G 472 -10.21 -67.05 54.04
N GLU G 486 -31.09 -66.91 40.39
CA GLU G 486 -32.35 -67.10 41.08
C GLU G 486 -33.43 -66.15 40.54
N PRO G 487 -34.52 -66.70 40.03
CA PRO G 487 -35.64 -65.86 39.63
C PRO G 487 -36.35 -65.28 40.84
N MET G 488 -36.70 -64.01 40.75
CA MET G 488 -37.21 -63.26 41.88
C MET G 488 -38.71 -63.36 42.05
N GLY G 489 -39.38 -64.25 41.31
CA GLY G 489 -40.82 -64.41 41.42
C GLY G 489 -41.27 -64.96 42.76
N GLY G 490 -40.80 -66.16 43.10
CA GLY G 490 -41.11 -66.77 44.37
C GLY G 490 -40.31 -66.27 45.55
N ALA G 491 -39.45 -65.26 45.34
CA ALA G 491 -38.58 -64.76 46.40
C ALA G 491 -39.31 -63.94 47.44
N ALA G 492 -40.57 -63.57 47.21
CA ALA G 492 -41.33 -62.83 48.21
C ALA G 492 -41.72 -63.69 49.40
N ARG G 493 -41.74 -65.01 49.25
CA ARG G 493 -42.05 -65.92 50.33
C ARG G 493 -41.00 -67.01 50.53
N ARG G 494 -39.85 -66.91 49.88
CA ARG G 494 -38.77 -67.86 50.05
C ARG G 494 -37.87 -67.52 51.23
N ILE G 495 -38.19 -66.48 51.98
CA ILE G 495 -37.41 -66.07 53.15
C ILE G 495 -37.52 -67.07 54.30
N PRO G 496 -38.70 -67.64 54.63
CA PRO G 496 -38.69 -68.78 55.56
C PRO G 496 -37.98 -70.02 55.04
N HIS G 497 -37.76 -70.16 53.74
CA HIS G 497 -36.99 -71.29 53.25
C HIS G 497 -35.50 -71.09 53.46
N PHE G 498 -35.00 -69.88 53.21
CA PHE G 498 -33.57 -69.65 53.40
C PHE G 498 -33.22 -69.52 54.88
N TYR G 499 -34.16 -69.04 55.69
CA TYR G 499 -33.89 -68.98 57.12
C TYR G 499 -34.34 -70.24 57.85
N ARG G 500 -34.55 -71.34 57.12
CA ARG G 500 -34.81 -72.61 57.74
C ARG G 500 -33.52 -73.39 57.95
N VAL G 501 -32.49 -73.11 57.15
CA VAL G 501 -31.24 -73.84 57.25
C VAL G 501 -30.46 -73.32 58.46
N ARG G 502 -29.52 -74.13 58.92
CA ARG G 502 -28.68 -73.81 60.08
C ARG G 502 -27.21 -73.69 59.71
N ARG G 503 -26.92 -73.03 58.59
CA ARG G 503 -25.56 -72.86 58.11
C ARG G 503 -25.15 -71.40 58.21
N GLU G 504 -23.95 -71.17 58.72
CA GLU G 504 -23.39 -69.83 58.76
C GLU G 504 -23.01 -69.37 57.37
N VAL G 505 -22.86 -68.06 57.21
CA VAL G 505 -22.47 -67.49 55.93
C VAL G 505 -21.03 -67.02 56.03
N PRO G 506 -20.24 -67.16 54.96
CA PRO G 506 -18.92 -66.50 54.95
C PRO G 506 -19.07 -65.01 54.76
N ARG G 507 -18.43 -64.25 55.64
CA ARG G 507 -18.48 -62.79 55.59
C ARG G 507 -17.66 -62.31 54.40
N THR G 508 -18.07 -61.18 53.82
CA THR G 508 -17.37 -60.66 52.67
C THR G 508 -16.06 -60.01 53.09
N VAL G 509 -15.17 -59.85 52.13
CA VAL G 509 -13.93 -59.10 52.34
C VAL G 509 -14.24 -57.63 52.59
N ASN G 510 -15.30 -57.11 51.96
CA ASN G 510 -15.79 -55.77 52.27
C ASN G 510 -16.31 -55.68 53.71
N GLU G 511 -16.93 -56.73 54.21
CA GLU G 511 -17.38 -56.71 55.60
C GLU G 511 -16.22 -56.93 56.56
N MET G 512 -15.28 -57.81 56.21
CA MET G 512 -14.11 -58.04 57.04
C MET G 512 -13.18 -56.84 57.07
N LYS G 513 -13.26 -55.97 56.07
CA LYS G 513 -12.34 -54.85 55.92
C LYS G 513 -12.65 -53.68 56.84
N GLN G 514 -13.87 -53.55 57.33
CA GLN G 514 -14.28 -52.29 57.94
C GLN G 514 -14.60 -52.43 59.42
N ASP G 515 -13.74 -53.13 60.16
CA ASP G 515 -13.82 -53.09 61.61
C ASP G 515 -12.54 -52.54 62.24
N PHE G 516 -11.50 -52.31 61.46
CA PHE G 516 -10.21 -51.87 61.96
C PHE G 516 -10.19 -50.36 62.18
N VAL G 517 -9.35 -49.94 63.13
CA VAL G 517 -9.12 -48.53 63.41
C VAL G 517 -8.18 -48.04 62.31
N VAL G 518 -8.22 -46.73 62.02
CA VAL G 518 -7.46 -46.18 60.90
C VAL G 518 -5.95 -46.26 61.16
N THR G 519 -5.54 -46.23 62.43
CA THR G 519 -4.14 -46.39 62.79
C THR G 519 -3.67 -47.83 62.67
N ASP G 520 -4.60 -48.78 62.59
CA ASP G 520 -4.29 -50.20 62.61
C ASP G 520 -4.40 -50.84 61.25
N PHE G 521 -4.85 -50.10 60.24
CA PHE G 521 -5.19 -50.69 58.95
C PHE G 521 -3.98 -51.12 58.16
N TYR G 522 -2.84 -50.44 58.32
CA TYR G 522 -1.65 -50.72 57.54
C TYR G 522 -0.71 -51.70 58.25
N LYS G 523 -1.22 -52.51 59.17
CA LYS G 523 -0.39 -53.47 59.86
C LYS G 523 -0.31 -54.76 59.06
N VAL G 524 0.70 -55.59 59.38
CA VAL G 524 0.82 -56.88 58.72
C VAL G 524 -0.23 -57.87 59.18
N GLY G 525 -0.91 -57.59 60.29
CA GLY G 525 -2.00 -58.44 60.74
C GLY G 525 -3.25 -58.36 59.89
N ASN G 526 -3.41 -57.30 59.12
CA ASN G 526 -4.54 -57.20 58.21
C ASN G 526 -4.40 -58.20 57.08
N ILE G 527 -5.46 -58.96 56.84
CA ILE G 527 -5.46 -60.00 55.82
C ILE G 527 -6.18 -59.54 54.55
N THR G 528 -6.89 -58.42 54.60
CA THR G 528 -7.69 -57.94 53.48
C THR G 528 -7.04 -56.78 52.74
N LEU G 529 -5.81 -56.42 53.07
CA LEU G 529 -5.19 -55.27 52.45
C LEU G 529 -4.70 -55.56 51.03
N TYR G 530 -4.40 -56.83 50.73
CA TYR G 530 -4.06 -57.19 49.36
C TYR G 530 -5.25 -57.07 48.42
N THR G 531 -6.48 -57.19 48.92
CA THR G 531 -7.65 -57.00 48.09
C THR G 531 -7.88 -55.53 47.78
N GLU G 532 -7.50 -54.64 48.71
CA GLU G 532 -7.61 -53.22 48.46
C GLU G 532 -6.54 -52.80 47.44
N LEU G 533 -6.93 -52.75 46.18
CA LEU G 533 -5.99 -52.64 45.08
C LEU G 533 -6.07 -51.31 44.36
N HIS G 534 -7.20 -50.63 44.44
CA HIS G 534 -7.45 -49.43 43.66
C HIS G 534 -8.54 -48.59 44.33
N PRO G 535 -8.42 -47.27 44.31
CA PRO G 535 -9.43 -46.45 44.99
C PRO G 535 -10.80 -46.47 44.36
N PHE G 536 -10.89 -46.21 43.05
CA PHE G 536 -12.16 -45.93 42.42
C PHE G 536 -12.96 -47.19 42.14
N PHE G 537 -12.32 -48.34 42.12
CA PHE G 537 -12.97 -49.63 41.92
C PHE G 537 -12.95 -50.40 43.23
N ASP G 538 -13.40 -51.65 43.17
CA ASP G 538 -13.41 -52.53 44.34
C ASP G 538 -13.21 -53.95 43.84
N PHE G 539 -12.57 -54.78 44.67
CA PHE G 539 -12.19 -56.12 44.25
C PHE G 539 -12.51 -57.10 45.36
N THR G 540 -12.49 -58.39 44.99
CA THR G 540 -12.80 -59.47 45.91
C THR G 540 -12.28 -60.77 45.32
N HIS G 541 -12.48 -61.84 46.07
CA HIS G 541 -12.17 -63.19 45.59
C HIS G 541 -13.29 -64.15 45.95
N CYS G 542 -14.53 -63.75 45.63
CA CYS G 542 -15.69 -64.60 45.89
C CYS G 542 -15.65 -65.84 44.99
N GLN G 543 -16.09 -66.96 45.55
CA GLN G 543 -15.94 -68.26 44.94
C GLN G 543 -17.19 -68.57 44.12
N GLU G 544 -17.01 -68.73 42.81
CA GLU G 544 -18.08 -69.19 41.94
C GLU G 544 -18.04 -70.71 41.87
N ASN G 545 -18.76 -71.31 40.92
CA ASN G 545 -18.88 -72.76 40.83
C ASN G 545 -17.58 -73.46 40.40
N SER G 546 -17.01 -74.22 41.34
CA SER G 546 -15.86 -75.12 41.14
C SER G 546 -14.60 -74.39 40.68
N GLU G 547 -14.51 -73.09 40.98
CA GLU G 547 -13.35 -72.28 40.65
C GLU G 547 -13.32 -71.05 41.55
N THR G 548 -12.20 -70.34 41.53
CA THR G 548 -11.98 -69.19 42.41
C THR G 548 -11.76 -67.92 41.58
N VAL G 549 -12.63 -67.73 40.59
CA VAL G 549 -12.52 -66.62 39.65
C VAL G 549 -12.77 -65.29 40.35
N ALA G 550 -11.99 -64.29 39.98
CA ALA G 550 -12.05 -63.00 40.65
C ALA G 550 -13.25 -62.20 40.16
N LEU G 551 -13.42 -61.02 40.76
CA LEU G 551 -14.53 -60.14 40.41
C LEU G 551 -14.10 -58.70 40.65
N CYS G 552 -14.36 -57.84 39.67
CA CYS G 552 -14.11 -56.41 39.80
C CYS G 552 -15.44 -55.67 39.78
N THR G 553 -15.48 -54.56 40.50
CA THR G 553 -16.68 -53.74 40.57
C THR G 553 -16.26 -52.31 40.90
N PRO G 554 -16.96 -51.32 40.36
CA PRO G 554 -16.61 -49.93 40.69
C PRO G 554 -17.24 -49.48 41.99
N ARG G 555 -16.45 -48.79 42.80
CA ARG G 555 -16.99 -48.07 43.94
C ARG G 555 -17.77 -46.89 43.43
N ILE G 556 -19.10 -46.95 43.55
CA ILE G 556 -19.96 -45.99 42.88
C ILE G 556 -19.87 -44.62 43.53
N VAL G 557 -19.98 -44.55 44.86
CA VAL G 557 -19.95 -43.26 45.53
C VAL G 557 -18.73 -43.19 46.44
N ILE G 558 -18.55 -42.06 47.11
CA ILE G 558 -17.39 -41.87 47.96
C ILE G 558 -17.52 -42.70 49.24
N GLY G 559 -18.75 -42.96 49.67
CA GLY G 559 -19.00 -43.73 50.87
C GLY G 559 -18.63 -45.19 50.77
N ASN G 560 -18.47 -45.73 49.56
CA ASN G 560 -18.07 -47.12 49.40
C ASN G 560 -16.61 -47.36 49.76
N LEU G 561 -15.82 -46.30 49.90
CA LEU G 561 -14.48 -46.43 50.44
C LEU G 561 -14.54 -46.88 51.89
N PRO G 562 -13.58 -47.67 52.35
CA PRO G 562 -13.67 -48.24 53.70
C PRO G 562 -13.37 -47.20 54.77
N ASP G 563 -13.62 -47.61 56.03
CA ASP G 563 -13.36 -46.77 57.18
C ASP G 563 -11.88 -46.55 57.41
N GLY G 564 -11.04 -47.48 56.99
CA GLY G 564 -9.61 -47.35 57.17
C GLY G 564 -8.98 -46.33 56.23
N LEU G 565 -9.67 -46.03 55.13
CA LEU G 565 -9.20 -45.06 54.16
C LEU G 565 -10.14 -43.87 54.00
N ALA G 566 -11.26 -43.87 54.71
CA ALA G 566 -12.20 -42.76 54.71
C ALA G 566 -12.98 -42.80 56.02
N PRO G 567 -12.43 -42.24 57.09
CA PRO G 567 -13.07 -42.38 58.40
C PRO G 567 -14.27 -41.47 58.55
N GLY G 568 -15.12 -41.83 59.51
CA GLY G 568 -16.33 -41.10 59.83
C GLY G 568 -16.19 -39.62 60.14
N PRO G 569 -15.32 -39.25 61.10
CA PRO G 569 -15.12 -37.82 61.38
C PRO G 569 -14.59 -37.01 60.20
N PHE G 570 -13.88 -37.64 59.27
CA PHE G 570 -13.53 -36.96 58.03
C PHE G 570 -14.77 -36.63 57.22
N HIS G 571 -15.76 -37.51 57.23
CA HIS G 571 -17.01 -37.21 56.55
C HIS G 571 -17.82 -36.14 57.27
N GLU G 572 -17.76 -36.12 58.60
CA GLU G 572 -18.39 -35.03 59.36
C GLU G 572 -17.76 -33.69 59.03
N LEU G 573 -16.43 -33.66 58.98
CA LEU G 573 -15.72 -32.44 58.63
C LEU G 573 -15.99 -32.03 57.18
N ARG G 574 -16.14 -33.01 56.30
CA ARG G 574 -16.46 -32.71 54.90
C ARG G 574 -17.84 -32.11 54.76
N THR G 575 -18.81 -32.64 55.51
CA THR G 575 -20.15 -32.06 55.49
C THR G 575 -20.17 -30.68 56.10
N TRP G 576 -19.34 -30.43 57.11
CA TRP G 576 -19.26 -29.08 57.65
C TRP G 576 -18.64 -28.12 56.64
N GLU G 577 -17.71 -28.61 55.82
CA GLU G 577 -17.15 -27.77 54.76
C GLU G 577 -18.20 -27.45 53.71
N ILE G 578 -19.02 -28.43 53.34
CA ILE G 578 -20.06 -28.19 52.33
C ILE G 578 -21.14 -27.27 52.90
N MET G 579 -21.44 -27.40 54.20
CA MET G 579 -22.35 -26.44 54.85
C MET G 579 -21.78 -25.04 54.84
N GLU G 580 -20.45 -24.92 55.01
CA GLU G 580 -19.82 -23.61 54.90
C GLU G 580 -19.85 -23.08 53.48
N HIS G 581 -19.83 -23.96 52.48
CA HIS G 581 -19.86 -23.49 51.10
C HIS G 581 -21.22 -22.89 50.74
N MET G 582 -22.31 -23.40 51.32
CA MET G 582 -23.64 -22.90 51.02
C MET G 582 -24.16 -21.92 52.06
N ARG G 583 -23.25 -21.36 52.88
CA ARG G 583 -23.56 -20.37 53.91
C ARG G 583 -24.60 -20.89 54.92
N LEU G 584 -24.23 -21.94 55.63
CA LEU G 584 -25.11 -22.58 56.62
C LEU G 584 -24.32 -22.95 57.87
N ARG G 585 -23.49 -22.02 58.36
CA ARG G 585 -22.67 -22.32 59.53
C ARG G 585 -23.52 -22.44 60.79
N PRO G 586 -24.56 -21.63 61.00
CA PRO G 586 -25.64 -22.11 61.85
C PRO G 586 -26.69 -22.80 61.00
N PRO G 587 -27.02 -24.04 61.31
CA PRO G 587 -28.17 -24.68 60.66
C PRO G 587 -29.46 -24.14 61.25
N PRO G 588 -30.57 -24.22 60.50
CA PRO G 588 -31.86 -23.78 61.06
C PRO G 588 -32.29 -24.65 62.22
N ASP G 589 -33.01 -24.05 63.17
CA ASP G 589 -33.36 -24.72 64.41
C ASP G 589 -34.41 -25.80 64.16
N TYR G 590 -33.95 -27.00 63.89
CA TYR G 590 -34.81 -28.18 63.76
C TYR G 590 -34.47 -29.22 64.82
N GLU G 591 -33.98 -28.75 65.97
CA GLU G 591 -33.53 -29.67 67.00
C GLU G 591 -34.70 -30.33 67.71
N GLU G 592 -35.74 -29.57 68.03
CA GLU G 592 -36.88 -30.14 68.73
C GLU G 592 -37.71 -31.04 67.82
N THR G 593 -37.76 -30.72 66.52
CA THR G 593 -38.52 -31.54 65.58
C THR G 593 -37.86 -32.90 65.40
N LEU G 594 -36.54 -32.91 65.27
CA LEU G 594 -35.83 -34.18 65.17
C LEU G 594 -35.73 -34.90 66.51
N ARG G 595 -35.82 -34.17 67.63
CA ARG G 595 -35.94 -34.80 68.93
C ARG G 595 -37.24 -35.57 69.04
N LEU G 596 -38.35 -34.93 68.64
CA LEU G 596 -39.64 -35.62 68.60
C LEU G 596 -39.64 -36.74 67.56
N PHE G 597 -38.86 -36.59 66.49
CA PHE G 597 -38.75 -37.64 65.49
C PHE G 597 -38.02 -38.86 66.05
N LYS G 598 -36.94 -38.64 66.80
CA LYS G 598 -36.23 -39.76 67.41
C LYS G 598 -37.06 -40.42 68.49
N THR G 599 -37.82 -39.63 69.26
CA THR G 599 -38.74 -40.22 70.22
C THR G 599 -39.89 -40.94 69.54
N THR G 600 -40.26 -40.52 68.33
CA THR G 600 -41.28 -41.20 67.55
C THR G 600 -40.80 -42.56 67.08
N VAL G 601 -39.72 -42.58 66.29
CA VAL G 601 -39.34 -43.78 65.56
C VAL G 601 -38.73 -44.83 66.45
N THR G 602 -38.10 -44.44 67.56
CA THR G 602 -37.53 -45.39 68.50
C THR G 602 -38.52 -45.75 69.61
N SER G 603 -39.81 -45.74 69.31
CA SER G 603 -40.80 -46.06 70.33
C SER G 603 -41.18 -47.54 70.23
N PRO G 604 -41.53 -48.17 71.34
CA PRO G 604 -42.10 -49.52 71.29
C PRO G 604 -43.62 -49.56 71.28
N ASN G 605 -44.28 -48.41 71.23
CA ASN G 605 -45.74 -48.33 71.30
C ASN G 605 -46.28 -47.52 70.12
N TYR G 606 -45.80 -47.82 68.93
CA TYR G 606 -46.32 -47.19 67.72
C TYR G 606 -47.49 -48.02 67.20
N PRO G 607 -48.66 -47.42 67.01
CA PRO G 607 -49.84 -48.22 66.66
C PRO G 607 -49.82 -48.72 65.23
N GLU G 608 -50.44 -49.88 65.03
CA GLU G 608 -50.42 -50.57 63.75
C GLU G 608 -51.33 -49.92 62.70
N LEU G 609 -52.20 -49.00 63.13
CA LEU G 609 -53.05 -48.27 62.20
C LEU G 609 -52.21 -47.43 61.25
N CYS G 610 -51.05 -46.96 61.71
CA CYS G 610 -50.09 -46.27 60.85
C CYS G 610 -49.67 -47.14 59.68
N TYR G 611 -49.30 -48.39 59.95
CA TYR G 611 -48.87 -49.28 58.88
C TYR G 611 -50.03 -49.69 58.00
N LEU G 612 -51.24 -49.77 58.57
CA LEU G 612 -52.41 -50.09 57.77
C LEU G 612 -52.74 -48.97 56.78
N VAL G 613 -52.71 -47.72 57.23
CA VAL G 613 -52.91 -46.58 56.34
C VAL G 613 -51.79 -46.47 55.32
N ASP G 614 -50.55 -46.80 55.70
CA ASP G 614 -49.43 -46.79 54.77
C ASP G 614 -49.63 -47.80 53.63
N VAL G 615 -50.08 -49.01 53.95
CA VAL G 615 -50.35 -49.97 52.87
C VAL G 615 -51.61 -49.58 52.11
N LEU G 616 -52.55 -48.90 52.78
CA LEU G 616 -53.85 -48.65 52.17
C LEU G 616 -53.82 -47.52 51.14
N VAL G 617 -53.16 -46.41 51.43
CA VAL G 617 -53.33 -45.23 50.57
C VAL G 617 -52.48 -45.33 49.30
N HIS G 618 -51.24 -45.82 49.43
CA HIS G 618 -50.19 -45.76 48.39
C HIS G 618 -49.93 -44.34 47.90
N GLY G 619 -50.12 -43.34 48.75
CA GLY G 619 -49.85 -41.97 48.36
C GLY G 619 -50.79 -41.40 47.30
N ASN G 620 -51.93 -42.04 47.06
CA ASN G 620 -52.86 -41.54 46.06
C ASN G 620 -53.57 -40.30 46.57
N VAL G 621 -53.50 -39.22 45.78
CA VAL G 621 -53.98 -37.93 46.24
C VAL G 621 -55.50 -37.88 46.26
N ASP G 622 -56.16 -38.75 45.50
CA ASP G 622 -57.61 -38.84 45.59
C ASP G 622 -58.04 -39.72 46.76
N ALA G 623 -57.20 -40.67 47.16
CA ALA G 623 -57.52 -41.52 48.30
C ALA G 623 -57.52 -40.74 49.61
N PHE G 624 -56.41 -40.04 49.89
CA PHE G 624 -56.19 -39.37 51.17
C PHE G 624 -57.22 -38.28 51.46
N LEU G 625 -57.87 -37.72 50.44
CA LEU G 625 -58.88 -36.71 50.65
C LEU G 625 -60.15 -37.27 51.30
N LEU G 626 -60.33 -38.57 51.31
CA LEU G 626 -61.51 -39.17 51.91
C LEU G 626 -61.31 -39.60 53.35
N ILE G 627 -60.07 -39.74 53.80
CA ILE G 627 -59.79 -40.19 55.16
C ILE G 627 -59.08 -39.04 55.86
N ARG G 628 -59.47 -37.81 55.54
CA ARG G 628 -58.82 -36.63 56.10
C ARG G 628 -59.11 -36.49 57.58
N THR G 629 -60.39 -36.50 57.96
CA THR G 629 -60.76 -36.22 59.35
C THR G 629 -60.39 -37.37 60.26
N PHE G 630 -60.31 -38.60 59.72
CA PHE G 630 -59.90 -39.74 60.52
C PHE G 630 -58.44 -39.62 60.93
N VAL G 631 -57.56 -39.34 59.97
CA VAL G 631 -56.14 -39.20 60.32
C VAL G 631 -55.89 -37.90 61.06
N ALA G 632 -56.77 -36.91 60.91
CA ALA G 632 -56.66 -35.69 61.71
C ALA G 632 -56.96 -35.98 63.18
N ARG G 633 -58.04 -36.72 63.44
CA ARG G 633 -58.35 -37.14 64.81
C ARG G 633 -57.27 -38.04 65.37
N CYS G 634 -56.71 -38.92 64.53
CA CYS G 634 -55.62 -39.81 64.94
C CYS G 634 -54.39 -39.02 65.36
N ILE G 635 -54.05 -37.99 64.59
CA ILE G 635 -52.85 -37.22 64.89
C ILE G 635 -53.03 -36.37 66.14
N VAL G 636 -54.18 -35.68 66.28
CA VAL G 636 -54.35 -34.83 67.45
C VAL G 636 -54.53 -35.67 68.71
N ASN G 637 -55.11 -36.87 68.58
CA ASN G 637 -55.23 -37.77 69.72
C ASN G 637 -53.87 -38.29 70.13
N MET G 638 -53.12 -38.88 69.19
CA MET G 638 -51.85 -39.49 69.50
C MET G 638 -50.78 -38.49 69.89
N PHE G 639 -50.93 -37.22 69.52
CA PHE G 639 -50.08 -36.21 70.12
C PHE G 639 -50.63 -35.71 71.45
N HIS G 640 -51.91 -35.96 71.75
CA HIS G 640 -52.39 -35.57 73.07
C HIS G 640 -52.21 -36.67 74.10
N THR G 641 -52.78 -37.86 73.86
CA THR G 641 -52.70 -38.92 74.86
C THR G 641 -51.33 -39.58 74.90
N ARG G 642 -50.53 -39.40 73.86
CA ARG G 642 -49.15 -39.86 73.85
C ARG G 642 -48.27 -38.69 73.43
N GLN G 643 -46.97 -38.81 73.68
CA GLN G 643 -46.06 -37.72 73.37
C GLN G 643 -45.22 -38.01 72.13
N LEU G 644 -45.80 -38.71 71.16
CA LEU G 644 -45.21 -38.88 69.86
C LEU G 644 -46.23 -38.56 68.79
N LEU G 645 -45.80 -38.62 67.54
CA LEU G 645 -46.69 -38.42 66.41
C LEU G 645 -46.73 -39.68 65.56
N VAL G 646 -47.73 -39.75 64.68
CA VAL G 646 -47.98 -40.92 63.84
C VAL G 646 -47.78 -40.45 62.40
N PHE G 647 -47.53 -41.42 61.50
CA PHE G 647 -47.15 -41.19 60.10
C PHE G 647 -45.87 -40.37 60.02
N ALA G 648 -44.79 -41.00 60.48
CA ALA G 648 -43.45 -40.47 60.32
C ALA G 648 -42.57 -41.53 59.66
N HIS G 649 -43.19 -42.61 59.20
CA HIS G 649 -42.46 -43.76 58.69
C HIS G 649 -42.63 -43.93 57.19
N SER G 650 -43.44 -43.10 56.55
CA SER G 650 -43.63 -43.20 55.11
C SER G 650 -43.68 -41.82 54.49
N TYR G 651 -42.92 -41.64 53.41
CA TYR G 651 -42.85 -40.32 52.78
C TYR G 651 -44.16 -39.96 52.10
N ALA G 652 -44.83 -40.96 51.50
CA ALA G 652 -46.06 -40.71 50.76
C ALA G 652 -47.20 -40.25 51.65
N LEU G 653 -47.12 -40.50 52.95
CA LEU G 653 -48.09 -39.97 53.89
C LEU G 653 -47.68 -38.64 54.51
N VAL G 654 -46.38 -38.41 54.74
CA VAL G 654 -45.98 -37.14 55.33
C VAL G 654 -46.13 -36.02 54.31
N THR G 655 -45.99 -36.32 53.01
CA THR G 655 -46.23 -35.27 52.02
C THR G 655 -47.70 -34.93 51.92
N LEU G 656 -48.57 -35.88 52.25
CA LEU G 656 -50.00 -35.68 52.14
C LEU G 656 -50.55 -34.99 53.38
N ILE G 657 -49.98 -35.27 54.55
CA ILE G 657 -50.30 -34.48 55.74
C ILE G 657 -49.76 -33.06 55.65
N ALA G 658 -48.49 -32.88 55.30
CA ALA G 658 -47.93 -31.54 55.22
C ALA G 658 -48.41 -30.76 54.01
N GLU G 659 -49.01 -31.43 53.03
CA GLU G 659 -49.53 -30.73 51.85
C GLU G 659 -50.99 -30.36 51.98
N HIS G 660 -51.88 -31.33 52.13
CA HIS G 660 -53.31 -31.08 52.05
C HIS G 660 -54.01 -30.95 53.39
N LEU G 661 -53.41 -31.46 54.47
CA LEU G 661 -54.07 -31.44 55.78
C LEU G 661 -53.67 -30.20 56.57
N ALA G 662 -53.40 -29.11 55.86
CA ALA G 662 -52.91 -27.89 56.48
C ALA G 662 -53.98 -26.84 56.67
N ASP G 663 -55.22 -27.11 56.24
CA ASP G 663 -56.28 -26.11 56.36
C ASP G 663 -56.75 -25.96 57.79
N GLY G 664 -57.07 -27.06 58.45
CA GLY G 664 -57.58 -27.02 59.80
C GLY G 664 -57.51 -28.36 60.49
N ALA G 665 -58.27 -28.49 61.59
CA ALA G 665 -58.36 -29.67 62.45
C ALA G 665 -57.03 -30.09 63.07
N LEU G 666 -56.03 -29.20 63.07
CA LEU G 666 -54.71 -29.50 63.60
C LEU G 666 -54.24 -28.31 64.43
N PRO G 667 -53.62 -28.53 65.58
CA PRO G 667 -52.86 -27.46 66.21
C PRO G 667 -51.69 -27.07 65.33
N PRO G 668 -51.34 -25.79 65.29
CA PRO G 668 -50.26 -25.36 64.40
C PRO G 668 -48.88 -25.84 64.84
N GLN G 669 -48.65 -25.94 66.15
CA GLN G 669 -47.40 -26.49 66.66
C GLN G 669 -47.24 -27.97 66.34
N LEU G 670 -48.36 -28.68 66.10
CA LEU G 670 -48.30 -30.08 65.72
C LEU G 670 -48.10 -30.23 64.22
N LEU G 671 -48.66 -29.32 63.43
CA LEU G 671 -48.44 -29.33 61.99
C LEU G 671 -47.02 -28.91 61.63
N PHE G 672 -46.42 -28.05 62.47
CA PHE G 672 -45.08 -27.56 62.21
C PHE G 672 -44.02 -28.64 62.29
N HIS G 673 -44.29 -29.76 62.95
CA HIS G 673 -43.34 -30.87 62.94
C HIS G 673 -43.23 -31.50 61.55
N TYR G 674 -44.37 -31.73 60.90
CA TYR G 674 -44.35 -32.25 59.54
C TYR G 674 -43.82 -31.21 58.56
N ARG G 675 -44.16 -29.94 58.78
CA ARG G 675 -43.61 -28.88 57.92
C ARG G 675 -42.10 -28.77 58.06
N ASN G 676 -41.58 -28.88 59.28
CA ASN G 676 -40.14 -28.85 59.49
C ASN G 676 -39.46 -30.11 58.97
N LEU G 677 -40.17 -31.23 58.94
CA LEU G 677 -39.61 -32.43 58.32
C LEU G 677 -39.43 -32.24 56.81
N VAL G 678 -40.44 -31.65 56.16
CA VAL G 678 -40.30 -31.34 54.74
C VAL G 678 -39.21 -30.29 54.51
N ALA G 679 -39.04 -29.36 55.46
CA ALA G 679 -37.97 -28.37 55.32
C ALA G 679 -36.58 -28.98 55.51
N VAL G 680 -36.46 -29.97 56.40
CA VAL G 680 -35.22 -30.75 56.53
C VAL G 680 -34.90 -31.44 55.21
N LEU G 681 -35.93 -32.04 54.58
CA LEU G 681 -35.72 -32.72 53.31
C LEU G 681 -35.31 -31.76 52.21
N ARG G 682 -35.90 -30.56 52.18
CA ARG G 682 -35.51 -29.55 51.20
C ARG G 682 -34.09 -29.07 51.42
N LEU G 683 -33.68 -28.91 52.68
CA LEU G 683 -32.33 -28.49 52.99
C LEU G 683 -31.30 -29.53 52.57
N VAL G 684 -31.59 -30.81 52.82
CA VAL G 684 -30.59 -31.83 52.55
C VAL G 684 -30.53 -32.13 51.05
N THR G 685 -31.64 -31.99 50.33
CA THR G 685 -31.51 -32.10 48.88
C THR G 685 -30.93 -30.84 48.25
N ARG G 686 -30.94 -29.71 48.96
CA ARG G 686 -30.20 -28.56 48.48
C ARG G 686 -28.71 -28.76 48.65
N ILE G 687 -28.29 -29.40 49.75
CA ILE G 687 -26.87 -29.64 49.96
C ILE G 687 -26.37 -30.84 49.17
N SER G 688 -27.28 -31.69 48.66
CA SER G 688 -26.86 -32.84 47.87
C SER G 688 -26.24 -32.42 46.54
N ALA G 689 -26.99 -31.69 45.73
CA ALA G 689 -26.44 -31.14 44.51
C ALA G 689 -25.57 -29.93 44.82
N LEU G 690 -24.95 -29.38 43.77
CA LEU G 690 -24.05 -28.23 43.91
C LEU G 690 -24.68 -27.07 43.15
N PRO G 691 -25.51 -26.26 43.83
CA PRO G 691 -26.33 -25.26 43.12
C PRO G 691 -25.56 -24.14 42.46
N GLY G 692 -24.32 -23.90 42.86
CA GLY G 692 -23.56 -22.87 42.19
C GLY G 692 -23.04 -23.26 40.83
N LEU G 693 -22.99 -24.55 40.51
CA LEU G 693 -22.27 -25.00 39.33
C LEU G 693 -23.10 -25.79 38.34
N ASN G 694 -24.22 -26.39 38.77
CA ASN G 694 -24.89 -27.36 37.92
C ASN G 694 -25.85 -26.68 36.94
N ASN G 695 -25.54 -26.84 35.65
CA ASN G 695 -26.44 -26.51 34.54
C ASN G 695 -25.86 -27.18 33.30
N GLY G 696 -26.67 -27.22 32.25
CA GLY G 696 -26.30 -28.00 31.09
C GLY G 696 -26.46 -29.49 31.39
N GLN G 697 -25.91 -30.29 30.49
CA GLN G 697 -25.99 -31.74 30.64
C GLN G 697 -24.91 -32.37 29.78
N LEU G 698 -24.70 -33.67 30.00
CA LEU G 698 -23.72 -34.43 29.23
C LEU G 698 -24.38 -35.49 28.37
N ALA G 699 -25.11 -36.40 28.99
CA ALA G 699 -26.15 -37.16 28.32
C ALA G 699 -27.44 -36.40 28.55
N GLU G 700 -28.60 -37.01 28.29
CA GLU G 700 -29.85 -36.30 28.56
C GLU G 700 -30.17 -36.27 30.05
N GLU G 701 -29.46 -37.04 30.85
CA GLU G 701 -29.46 -36.84 32.28
C GLU G 701 -28.79 -35.50 32.61
N PRO G 702 -29.25 -34.81 33.66
CA PRO G 702 -28.68 -33.49 33.97
C PRO G 702 -27.28 -33.56 34.53
N LEU G 703 -26.61 -32.41 34.66
CA LEU G 703 -25.25 -32.42 35.15
C LEU G 703 -25.22 -32.70 36.65
N SER G 704 -26.29 -32.37 37.35
CA SER G 704 -26.38 -32.70 38.77
C SER G 704 -26.60 -34.19 39.01
N ALA G 705 -26.95 -34.95 37.98
CA ALA G 705 -27.10 -36.39 38.13
C ALA G 705 -25.77 -37.12 38.19
N TYR G 706 -24.67 -36.47 37.84
CA TYR G 706 -23.36 -37.10 37.93
C TYR G 706 -22.65 -36.79 39.23
N VAL G 707 -22.81 -35.58 39.75
CA VAL G 707 -22.03 -35.15 40.91
C VAL G 707 -22.49 -35.86 42.18
N ASN G 708 -23.74 -36.30 42.23
CA ASN G 708 -24.27 -36.94 43.43
C ASN G 708 -25.06 -38.17 43.03
N ALA G 709 -25.31 -39.04 43.99
CA ALA G 709 -26.18 -40.18 43.75
C ALA G 709 -27.63 -39.86 44.05
N LEU G 710 -27.91 -38.73 44.70
CA LEU G 710 -29.26 -38.34 45.06
C LEU G 710 -29.94 -37.52 43.99
N HIS G 711 -29.44 -37.54 42.76
CA HIS G 711 -30.09 -36.77 41.71
C HIS G 711 -30.12 -37.54 40.39
N ASP G 712 -29.93 -38.86 40.45
CA ASP G 712 -30.03 -39.67 39.25
C ASP G 712 -30.97 -40.83 39.53
N HIS G 713 -31.66 -41.27 38.48
CA HIS G 713 -32.71 -42.26 38.63
C HIS G 713 -32.20 -43.70 38.59
N ARG G 714 -30.88 -43.90 38.61
CA ARG G 714 -30.38 -45.26 38.74
C ARG G 714 -30.55 -45.77 40.16
N LEU G 715 -30.48 -44.87 41.14
CA LEU G 715 -30.59 -45.26 42.54
C LEU G 715 -32.06 -45.17 42.94
N TRP G 716 -32.63 -46.30 43.27
CA TRP G 716 -34.03 -46.30 43.65
C TRP G 716 -34.17 -46.33 45.17
N PRO G 717 -35.15 -45.63 45.73
CA PRO G 717 -35.37 -45.68 47.17
C PRO G 717 -35.96 -47.02 47.56
N PRO G 718 -35.62 -47.54 48.75
CA PRO G 718 -36.01 -48.91 49.08
C PRO G 718 -37.48 -49.09 49.46
N PHE G 719 -38.32 -48.07 49.34
CA PHE G 719 -39.75 -48.19 49.58
C PHE G 719 -40.47 -47.37 48.51
N VAL G 720 -40.84 -48.02 47.42
CA VAL G 720 -41.38 -47.34 46.26
C VAL G 720 -42.90 -47.50 46.24
N THR G 721 -43.60 -46.39 46.01
CA THR G 721 -45.05 -46.38 45.92
C THR G 721 -45.56 -45.99 44.54
N HIS G 722 -44.88 -45.08 43.85
CA HIS G 722 -45.16 -44.76 42.46
C HIS G 722 -43.91 -45.04 41.66
N LEU G 723 -44.06 -45.66 40.51
CA LEU G 723 -42.92 -45.88 39.65
C LEU G 723 -42.47 -44.56 39.03
N PRO G 724 -41.16 -44.34 38.88
CA PRO G 724 -40.68 -43.01 38.48
C PRO G 724 -40.92 -42.70 37.02
N ARG G 725 -40.54 -41.50 36.60
CA ARG G 725 -40.83 -41.07 35.24
C ARG G 725 -39.87 -41.71 34.24
N ASN G 726 -38.58 -41.43 34.37
CA ASN G 726 -37.60 -41.80 33.35
C ASN G 726 -36.92 -43.12 33.69
N MET G 727 -37.12 -44.10 32.83
CA MET G 727 -36.49 -45.42 32.94
C MET G 727 -35.75 -45.76 31.66
N GLU G 728 -34.98 -44.80 31.13
CA GLU G 728 -34.26 -45.05 29.89
C GLU G 728 -33.01 -45.89 30.10
N GLY G 729 -32.48 -45.95 31.31
CA GLY G 729 -31.32 -46.77 31.57
C GLY G 729 -31.66 -47.98 32.42
N VAL G 730 -32.56 -47.78 33.36
CA VAL G 730 -32.93 -48.83 34.31
C VAL G 730 -34.01 -49.72 33.70
N GLN G 731 -33.76 -51.02 33.69
CA GLN G 731 -34.76 -52.01 33.37
C GLN G 731 -35.18 -52.72 34.65
N VAL G 732 -36.48 -52.83 34.87
CA VAL G 732 -36.99 -53.46 36.09
C VAL G 732 -37.15 -54.95 35.85
N VAL G 733 -37.04 -55.73 36.92
CA VAL G 733 -37.08 -57.20 36.87
C VAL G 733 -37.85 -57.69 38.08
N ALA G 734 -38.89 -58.50 37.83
CA ALA G 734 -39.56 -59.24 38.89
C ALA G 734 -39.58 -60.74 38.64
N ASP G 735 -39.25 -61.18 37.43
CA ASP G 735 -39.20 -62.58 37.06
C ASP G 735 -38.10 -62.73 36.01
N ARG G 736 -38.14 -63.83 35.25
CA ARG G 736 -37.08 -64.14 34.29
C ARG G 736 -36.98 -63.11 33.17
N GLN G 737 -38.09 -62.51 32.77
CA GLN G 737 -37.95 -61.47 31.77
C GLN G 737 -37.89 -60.10 32.44
N PRO G 738 -37.20 -59.13 31.85
CA PRO G 738 -37.31 -57.76 32.33
C PRO G 738 -38.68 -57.18 32.01
N LEU G 739 -39.21 -56.40 32.94
CA LEU G 739 -40.57 -55.86 32.82
C LEU G 739 -40.56 -54.44 32.28
N ASN G 740 -39.47 -54.05 31.62
CA ASN G 740 -39.46 -52.85 30.80
C ASN G 740 -40.51 -52.81 29.68
N PRO G 741 -40.96 -53.92 29.07
CA PRO G 741 -42.14 -53.83 28.19
C PRO G 741 -43.37 -53.33 28.94
N ALA G 742 -43.90 -52.22 28.44
CA ALA G 742 -45.06 -51.56 29.03
C ALA G 742 -46.36 -52.33 28.84
N ASN G 743 -46.35 -53.40 28.04
CA ASN G 743 -47.52 -54.27 27.91
C ASN G 743 -47.80 -55.07 29.16
N ILE G 744 -46.87 -55.17 30.09
CA ILE G 744 -47.05 -55.89 31.33
C ILE G 744 -47.80 -55.06 32.36
N GLU G 745 -47.40 -53.80 32.53
CA GLU G 745 -47.94 -52.98 33.61
C GLU G 745 -49.26 -52.34 33.20
N ALA G 746 -50.33 -52.69 33.94
CA ALA G 746 -51.65 -52.09 33.74
C ALA G 746 -52.45 -52.38 35.00
N ARG G 747 -53.37 -51.47 35.36
CA ARG G 747 -54.21 -51.64 36.53
C ARG G 747 -55.45 -50.77 36.41
N HIS G 748 -56.63 -51.39 36.60
CA HIS G 748 -57.90 -50.68 36.66
C HIS G 748 -58.18 -50.25 38.08
N HIS G 749 -59.02 -49.24 38.24
CA HIS G 749 -59.48 -48.82 39.56
C HIS G 749 -60.94 -48.42 39.50
N GLY G 750 -61.75 -48.99 40.39
CA GLY G 750 -63.18 -48.74 40.42
C GLY G 750 -63.99 -49.54 39.43
N VAL G 751 -63.33 -50.34 38.58
CA VAL G 751 -64.01 -51.05 37.49
C VAL G 751 -64.49 -52.42 37.95
N SER G 752 -64.31 -52.74 39.24
CA SER G 752 -64.62 -54.05 39.84
C SER G 752 -63.85 -55.16 39.13
N ASP G 753 -62.53 -55.11 39.27
CA ASP G 753 -61.60 -55.96 38.52
C ASP G 753 -61.24 -57.17 39.38
N VAL G 754 -62.01 -58.24 39.21
CA VAL G 754 -61.68 -59.57 39.71
C VAL G 754 -60.32 -60.09 39.22
N PRO G 755 -59.89 -59.91 37.95
CA PRO G 755 -58.51 -60.32 37.62
C PRO G 755 -57.42 -59.57 38.36
N ARG G 756 -57.64 -58.29 38.69
CA ARG G 756 -56.62 -57.55 39.43
C ARG G 756 -56.57 -57.99 40.89
N LEU G 757 -57.72 -58.38 41.46
CA LEU G 757 -57.77 -58.80 42.85
C LEU G 757 -57.56 -60.29 43.02
N GLY G 758 -57.48 -61.05 41.92
CA GLY G 758 -57.27 -62.48 42.00
C GLY G 758 -55.88 -62.87 41.59
N ALA G 759 -55.27 -62.08 40.72
CA ALA G 759 -53.88 -62.29 40.33
C ALA G 759 -52.93 -61.38 41.11
N MET G 760 -53.39 -60.79 42.21
CA MET G 760 -52.55 -59.92 43.01
C MET G 760 -51.48 -60.70 43.78
N ASP G 761 -51.72 -61.99 44.05
CA ASP G 761 -50.72 -62.83 44.69
C ASP G 761 -49.64 -63.28 43.72
N ALA G 762 -49.94 -63.36 42.43
CA ALA G 762 -48.95 -63.70 41.43
C ALA G 762 -47.97 -62.54 41.24
N ASP G 763 -46.81 -62.85 40.67
CA ASP G 763 -45.71 -61.92 40.64
C ASP G 763 -45.49 -61.28 39.28
N GLU G 764 -46.23 -61.69 38.26
CA GLU G 764 -45.97 -61.22 36.90
C GLU G 764 -46.41 -59.78 36.59
N PRO G 765 -47.69 -59.38 36.73
CA PRO G 765 -48.16 -58.23 35.93
C PRO G 765 -47.66 -56.86 36.41
N LEU G 766 -47.30 -56.72 37.70
CA LEU G 766 -46.79 -55.48 38.29
C LEU G 766 -47.81 -54.34 38.13
N PHE G 767 -48.91 -54.51 38.86
CA PHE G 767 -49.98 -53.51 38.86
C PHE G 767 -49.51 -52.21 39.51
N VAL G 768 -49.55 -51.13 38.73
CA VAL G 768 -49.16 -49.81 39.23
C VAL G 768 -50.31 -48.85 39.00
N ASP G 769 -50.39 -47.82 39.84
CA ASP G 769 -51.34 -46.75 39.59
C ASP G 769 -50.83 -45.82 38.49
N ASP G 770 -51.76 -45.20 37.77
CA ASP G 770 -51.41 -44.49 36.54
C ASP G 770 -50.93 -43.07 36.87
N TYR G 771 -49.77 -43.02 37.51
CA TYR G 771 -49.19 -41.76 37.94
C TYR G 771 -47.70 -41.97 38.19
N ARG G 772 -46.87 -41.33 37.37
CA ARG G 772 -45.43 -41.33 37.60
C ARG G 772 -45.09 -40.23 38.57
N ALA G 773 -44.19 -40.53 39.51
CA ALA G 773 -43.71 -39.51 40.41
C ALA G 773 -42.72 -38.61 39.70
N THR G 774 -42.78 -37.31 39.98
CA THR G 774 -41.84 -36.39 39.37
C THR G 774 -40.46 -36.55 39.97
N ASP G 775 -39.47 -36.01 39.26
CA ASP G 775 -38.07 -36.23 39.63
C ASP G 775 -37.71 -35.58 40.95
N ASP G 776 -38.37 -34.46 41.28
CA ASP G 776 -38.15 -33.85 42.58
C ASP G 776 -38.74 -34.70 43.70
N GLU G 777 -39.92 -35.27 43.47
CA GLU G 777 -40.49 -36.20 44.44
C GLU G 777 -39.68 -37.49 44.49
N TRP G 778 -39.07 -37.88 43.37
CA TRP G 778 -38.21 -39.05 43.33
C TRP G 778 -36.98 -38.85 44.19
N THR G 779 -36.29 -37.71 44.05
CA THR G 779 -35.09 -37.49 44.84
C THR G 779 -35.44 -37.18 46.30
N LEU G 780 -36.63 -36.62 46.56
CA LEU G 780 -37.06 -36.43 47.93
C LEU G 780 -37.33 -37.76 48.62
N GLN G 781 -37.98 -38.69 47.91
CA GLN G 781 -38.16 -40.05 48.40
C GLN G 781 -36.82 -40.73 48.68
N LYS G 782 -35.87 -40.56 47.75
CA LYS G 782 -34.53 -41.12 47.92
C LYS G 782 -33.84 -40.57 49.15
N VAL G 783 -33.88 -39.25 49.33
CA VAL G 783 -33.08 -38.65 50.39
C VAL G 783 -33.75 -38.88 51.74
N PHE G 784 -35.07 -39.00 51.76
CA PHE G 784 -35.78 -39.36 52.98
C PHE G 784 -35.41 -40.77 53.38
N TYR G 785 -35.73 -41.74 52.52
CA TYR G 785 -35.55 -43.15 52.83
C TYR G 785 -34.10 -43.58 52.92
N LEU G 786 -33.14 -42.75 52.52
CA LEU G 786 -31.74 -43.13 52.66
C LEU G 786 -30.93 -42.21 53.55
N CYS G 787 -31.49 -41.10 54.03
CA CYS G 787 -30.74 -40.31 55.00
C CYS G 787 -31.52 -40.02 56.26
N LEU G 788 -32.81 -39.69 56.16
CA LEU G 788 -33.50 -39.23 57.35
C LEU G 788 -33.95 -40.40 58.20
N MET G 789 -34.49 -41.44 57.59
CA MET G 789 -34.86 -42.64 58.31
C MET G 789 -33.65 -43.41 58.87
N PRO G 790 -32.63 -43.82 58.08
CA PRO G 790 -31.62 -44.70 58.69
C PRO G 790 -30.66 -44.00 59.63
N ALA G 791 -30.53 -42.68 59.57
CA ALA G 791 -29.72 -42.00 60.58
C ALA G 791 -30.48 -41.80 61.88
N MET G 792 -31.81 -41.72 61.81
CA MET G 792 -32.60 -41.55 63.03
C MET G 792 -32.93 -42.87 63.69
N THR G 793 -33.14 -43.94 62.92
CA THR G 793 -33.45 -45.25 63.48
C THR G 793 -32.29 -45.84 64.27
N ASN G 794 -31.06 -45.52 63.91
CA ASN G 794 -29.88 -46.35 64.16
C ASN G 794 -30.14 -47.78 63.70
N ASN G 795 -30.66 -47.90 62.48
CA ASN G 795 -30.97 -49.16 61.80
C ASN G 795 -31.98 -50.01 62.57
N ARG G 796 -32.86 -49.38 63.33
CA ARG G 796 -33.87 -50.12 64.07
C ARG G 796 -35.11 -50.41 63.23
N ALA G 797 -35.19 -49.86 62.02
CA ALA G 797 -36.34 -50.11 61.16
C ALA G 797 -36.26 -51.51 60.56
N CYS G 798 -37.35 -51.90 59.91
CA CYS G 798 -37.41 -53.18 59.23
C CYS G 798 -38.36 -53.04 58.04
N GLY G 799 -38.27 -54.00 57.14
CA GLY G 799 -39.19 -54.07 56.02
C GLY G 799 -40.10 -55.27 56.14
N LEU G 800 -41.40 -55.00 56.13
CA LEU G 800 -42.37 -56.07 56.12
C LEU G 800 -43.50 -55.71 55.17
N GLY G 801 -44.29 -56.73 54.82
CA GLY G 801 -45.44 -56.54 53.97
C GLY G 801 -46.65 -57.29 54.49
N LEU G 802 -47.82 -56.68 54.40
CA LEU G 802 -49.02 -57.31 54.90
C LEU G 802 -49.52 -58.35 53.91
N ASN G 803 -50.25 -59.34 54.42
CA ASN G 803 -50.95 -60.30 53.56
C ASN G 803 -52.40 -59.82 53.41
N LEU G 804 -52.65 -59.01 52.38
CA LEU G 804 -53.87 -58.20 52.36
C LEU G 804 -55.10 -59.02 52.00
N LYS G 805 -54.90 -60.18 51.36
CA LYS G 805 -56.02 -60.97 50.84
C LYS G 805 -56.87 -61.53 51.97
N THR G 806 -56.23 -62.10 53.00
CA THR G 806 -56.96 -62.50 54.19
C THR G 806 -57.26 -61.32 55.10
N LEU G 807 -56.51 -60.23 54.99
CA LEU G 807 -56.64 -59.14 55.94
C LEU G 807 -57.90 -58.32 55.67
N LEU G 808 -58.17 -58.02 54.40
CA LEU G 808 -59.34 -57.20 54.10
C LEU G 808 -60.65 -57.98 54.17
N VAL G 809 -60.61 -59.31 54.16
CA VAL G 809 -61.84 -60.08 54.39
C VAL G 809 -62.03 -60.38 55.87
N ASP G 810 -60.97 -60.61 56.63
CA ASP G 810 -61.12 -60.93 58.04
C ASP G 810 -61.28 -59.69 58.92
N LEU G 811 -61.25 -58.49 58.34
CA LEU G 811 -61.53 -57.28 59.09
C LEU G 811 -62.77 -56.56 58.61
N PHE G 812 -63.39 -56.99 57.52
CA PHE G 812 -64.45 -56.19 56.93
C PHE G 812 -65.64 -56.99 56.42
N TYR G 813 -65.71 -58.30 56.66
CA TYR G 813 -66.90 -59.07 56.31
C TYR G 813 -67.91 -59.11 57.45
N ARG G 814 -67.90 -58.11 58.33
CA ARG G 814 -68.90 -58.02 59.37
C ARG G 814 -70.22 -57.53 58.78
N PRO G 815 -71.36 -57.93 59.37
CA PRO G 815 -72.64 -57.41 58.89
C PRO G 815 -72.86 -55.93 59.17
N ALA G 816 -72.13 -55.35 60.12
CA ALA G 816 -72.24 -53.93 60.39
C ALA G 816 -71.52 -53.09 59.34
N PHE G 817 -70.65 -53.69 58.55
CA PHE G 817 -69.95 -52.99 57.48
C PHE G 817 -70.73 -53.03 56.16
N LEU G 818 -71.29 -54.18 55.82
CA LEU G 818 -71.87 -54.36 54.49
C LEU G 818 -73.22 -53.66 54.37
N LEU G 819 -73.93 -53.54 55.48
CA LEU G 819 -75.24 -52.87 55.48
C LEU G 819 -75.09 -51.39 55.82
N MET G 820 -74.20 -50.71 55.11
CA MET G 820 -73.86 -49.33 55.41
C MET G 820 -74.96 -48.40 54.90
N PRO G 821 -75.57 -47.62 55.78
CA PRO G 821 -76.72 -46.80 55.40
C PRO G 821 -76.29 -45.52 54.70
N ALA G 822 -77.29 -44.82 54.16
CA ALA G 822 -77.06 -43.52 53.53
C ALA G 822 -77.12 -42.43 54.59
N ALA G 823 -75.99 -41.78 54.83
CA ALA G 823 -75.89 -40.76 55.86
C ALA G 823 -76.00 -39.36 55.24
N THR G 824 -76.61 -38.46 56.00
CA THR G 824 -76.76 -37.07 55.58
C THR G 824 -76.23 -36.13 56.65
N SER G 845 -75.13 -47.91 70.29
CA SER G 845 -74.67 -48.45 71.56
C SER G 845 -73.27 -47.96 71.87
N ILE G 846 -72.64 -48.57 72.89
CA ILE G 846 -71.25 -48.29 73.24
C ILE G 846 -70.41 -49.56 73.30
N ALA G 847 -70.89 -50.60 73.98
CA ALA G 847 -70.12 -51.83 74.08
C ALA G 847 -70.57 -52.89 73.08
N ALA G 848 -71.77 -52.78 72.53
CA ALA G 848 -72.27 -53.78 71.60
C ALA G 848 -71.70 -53.59 70.21
N GLN G 849 -71.20 -52.40 69.90
CA GLN G 849 -70.54 -52.17 68.62
C GLN G 849 -69.17 -52.84 68.54
N ARG G 850 -68.56 -53.16 69.68
CA ARG G 850 -67.34 -53.95 69.66
C ARG G 850 -67.60 -55.38 69.24
N GLN G 851 -68.80 -55.88 69.48
CA GLN G 851 -69.24 -57.17 68.97
C GLN G 851 -69.67 -57.08 67.50
N ALA G 852 -69.79 -55.87 66.96
CA ALA G 852 -70.28 -55.67 65.60
C ALA G 852 -69.16 -55.60 64.59
N VAL G 853 -68.19 -54.69 64.78
CA VAL G 853 -67.13 -54.52 63.79
C VAL G 853 -66.01 -55.53 63.93
N GLY G 854 -66.10 -56.43 64.90
CA GLY G 854 -65.07 -57.44 65.10
C GLY G 854 -64.19 -57.11 66.29
N GLU G 855 -63.43 -58.12 66.69
CA GLU G 855 -62.56 -58.02 67.85
C GLU G 855 -61.20 -57.43 67.52
N MET G 856 -60.90 -57.23 66.24
CA MET G 856 -59.57 -56.79 65.85
C MET G 856 -59.48 -55.30 65.57
N LEU G 857 -60.51 -54.69 64.97
CA LEU G 857 -60.56 -53.23 64.93
C LEU G 857 -60.68 -52.63 66.33
N THR G 858 -61.33 -53.34 67.25
CA THR G 858 -61.32 -52.98 68.66
C THR G 858 -60.03 -53.37 69.37
N GLU G 859 -59.06 -53.90 68.63
CA GLU G 859 -57.66 -53.99 69.04
C GLU G 859 -56.79 -53.04 68.23
N LEU G 860 -57.38 -52.26 67.32
CA LEU G 860 -56.61 -51.45 66.40
C LEU G 860 -57.07 -50.00 66.32
N VAL G 861 -58.36 -49.73 66.52
CA VAL G 861 -58.91 -48.40 66.24
C VAL G 861 -59.48 -47.80 67.52
N GLU G 862 -59.76 -48.67 68.49
CA GLU G 862 -60.69 -48.43 69.60
C GLU G 862 -60.35 -47.23 70.48
N ASP G 863 -59.06 -46.88 70.58
CA ASP G 863 -58.65 -45.75 71.41
C ASP G 863 -57.71 -44.80 70.70
N VAL G 864 -57.27 -45.14 69.49
CA VAL G 864 -56.28 -44.30 68.81
C VAL G 864 -56.97 -43.22 67.98
N ALA G 865 -58.19 -43.50 67.52
CA ALA G 865 -58.95 -42.55 66.70
C ALA G 865 -60.40 -42.50 67.16
N THR G 866 -60.60 -42.39 68.47
CA THR G 866 -61.93 -42.26 69.05
C THR G 866 -62.17 -40.81 69.44
N ASP G 867 -63.44 -40.47 69.68
CA ASP G 867 -63.84 -39.14 70.10
C ASP G 867 -65.18 -39.25 70.81
N ALA G 868 -65.41 -38.34 71.77
CA ALA G 868 -66.71 -38.26 72.42
C ALA G 868 -67.82 -37.81 71.48
N HIS G 869 -67.47 -37.13 70.38
CA HIS G 869 -68.45 -36.76 69.38
C HIS G 869 -68.66 -37.88 68.37
N THR G 870 -67.57 -38.49 67.91
CA THR G 870 -67.63 -39.53 66.90
C THR G 870 -67.27 -40.87 67.52
N PRO G 871 -68.24 -41.75 67.78
CA PRO G 871 -67.93 -43.03 68.39
C PRO G 871 -67.43 -44.07 67.39
N LEU G 872 -67.11 -45.26 67.90
CA LEU G 872 -66.53 -46.34 67.11
C LEU G 872 -67.49 -46.92 66.07
N LEU G 873 -68.80 -46.73 66.23
CA LEU G 873 -69.78 -47.33 65.34
C LEU G 873 -69.67 -46.78 63.93
N GLN G 874 -69.33 -45.50 63.78
CA GLN G 874 -69.20 -44.90 62.47
C GLN G 874 -67.81 -44.38 62.17
N ALA G 875 -66.91 -44.32 63.16
CA ALA G 875 -65.53 -43.94 62.87
C ALA G 875 -64.80 -45.04 62.12
N CYS G 876 -65.23 -46.28 62.28
CA CYS G 876 -64.77 -47.39 61.45
C CYS G 876 -65.13 -47.21 59.99
N ARG G 877 -66.23 -46.53 59.69
CA ARG G 877 -66.68 -46.33 58.33
C ARG G 877 -65.81 -45.34 57.55
N GLU G 878 -64.98 -44.54 58.24
CA GLU G 878 -63.96 -43.78 57.56
C GLU G 878 -62.88 -44.67 56.98
N LEU G 879 -62.52 -45.76 57.65
CA LEU G 879 -61.62 -46.74 57.06
C LEU G 879 -62.34 -47.58 56.01
N PHE G 880 -63.67 -47.57 56.02
CA PHE G 880 -64.40 -48.19 54.92
C PHE G 880 -64.33 -47.37 53.65
N LEU G 881 -64.02 -46.08 53.78
CA LEU G 881 -63.81 -45.25 52.59
C LEU G 881 -62.48 -45.49 51.93
N ALA G 882 -61.58 -46.25 52.57
CA ALA G 882 -60.24 -46.48 52.05
C ALA G 882 -60.08 -47.83 51.37
N VAL G 883 -61.02 -48.76 51.57
CA VAL G 883 -60.79 -50.11 51.11
C VAL G 883 -61.03 -50.25 49.61
N GLN G 884 -61.61 -49.24 48.96
CA GLN G 884 -61.69 -49.22 47.51
C GLN G 884 -60.33 -49.01 46.85
N PHE G 885 -59.37 -48.47 47.58
CA PHE G 885 -58.01 -48.23 47.08
C PHE G 885 -57.08 -49.38 47.46
N VAL G 886 -57.59 -50.60 47.50
CA VAL G 886 -56.81 -51.75 47.92
C VAL G 886 -55.73 -52.05 46.89
N GLY G 887 -54.51 -52.27 47.36
CA GLY G 887 -53.39 -52.52 46.49
C GLY G 887 -53.28 -53.95 46.04
N GLU G 888 -52.06 -54.47 46.01
CA GLU G 888 -51.75 -55.84 45.62
C GLU G 888 -50.92 -56.49 46.72
N HIS G 889 -50.60 -57.76 46.53
CA HIS G 889 -49.69 -58.40 47.46
C HIS G 889 -48.26 -57.94 47.19
N VAL G 890 -47.44 -58.01 48.23
CA VAL G 890 -46.14 -57.36 48.20
C VAL G 890 -45.18 -58.17 47.34
N LYS G 891 -44.18 -57.49 46.80
CA LYS G 891 -43.19 -58.13 45.94
C LYS G 891 -41.93 -57.29 45.95
N VAL G 892 -40.81 -57.97 45.76
CA VAL G 892 -39.50 -57.33 45.68
C VAL G 892 -39.16 -57.12 44.22
N LEU G 893 -38.61 -55.95 43.90
CA LEU G 893 -38.28 -55.60 42.54
C LEU G 893 -36.76 -55.60 42.37
N GLU G 894 -36.29 -56.28 41.35
CA GLU G 894 -34.89 -56.15 40.96
C GLU G 894 -34.73 -54.95 40.04
N VAL G 895 -33.78 -54.11 40.38
CA VAL G 895 -33.44 -52.95 39.58
C VAL G 895 -32.06 -53.23 39.00
N ARG G 896 -32.03 -53.70 37.75
CA ARG G 896 -30.77 -54.00 37.07
C ARG G 896 -30.41 -52.78 36.24
N ALA G 897 -29.80 -51.80 36.92
CA ALA G 897 -29.48 -50.53 36.30
C ALA G 897 -28.02 -50.48 35.91
N PRO G 898 -27.70 -50.36 34.62
CA PRO G 898 -26.33 -50.01 34.24
C PRO G 898 -26.02 -48.58 34.63
N LEU G 899 -24.73 -48.27 34.64
CA LEU G 899 -24.27 -46.98 35.13
C LEU G 899 -24.47 -45.89 34.08
N ASP G 900 -24.04 -44.68 34.43
CA ASP G 900 -24.16 -43.55 33.53
C ASP G 900 -23.09 -43.63 32.44
N HIS G 901 -23.08 -42.62 31.58
CA HIS G 901 -22.15 -42.59 30.45
C HIS G 901 -20.75 -42.14 30.83
N ALA G 902 -20.52 -41.77 32.09
CA ALA G 902 -19.21 -41.29 32.49
C ALA G 902 -18.42 -42.34 33.25
N GLN G 903 -19.07 -43.14 34.08
CA GLN G 903 -18.42 -44.23 34.79
C GLN G 903 -18.40 -45.52 34.00
N ARG G 904 -18.92 -45.50 32.78
CA ARG G 904 -18.98 -46.68 31.93
C ARG G 904 -17.64 -46.97 31.25
N GLN G 905 -16.68 -46.04 31.33
CA GLN G 905 -15.40 -46.24 30.67
C GLN G 905 -14.63 -47.41 31.26
N GLY G 906 -14.68 -47.56 32.59
CA GLY G 906 -14.24 -48.77 33.23
C GLY G 906 -15.43 -49.69 33.43
N LEU G 907 -15.26 -50.95 33.01
CA LEU G 907 -16.27 -52.01 33.01
C LEU G 907 -17.53 -51.58 32.26
N PRO G 908 -17.51 -51.49 30.93
CA PRO G 908 -18.73 -51.13 30.21
C PRO G 908 -19.80 -52.19 30.23
N ASP G 909 -19.44 -53.44 30.51
CA ASP G 909 -20.41 -54.53 30.61
C ASP G 909 -20.92 -54.73 32.03
N PHE G 910 -20.62 -53.82 32.95
CA PHE G 910 -21.07 -53.97 34.31
C PHE G 910 -22.53 -53.53 34.46
N ILE G 911 -23.30 -54.28 35.22
CA ILE G 911 -24.66 -53.91 35.57
C ILE G 911 -24.82 -54.04 37.09
N SER G 912 -25.44 -53.04 37.70
CA SER G 912 -25.66 -53.09 39.13
C SER G 912 -26.95 -53.84 39.43
N ARG G 913 -27.17 -54.13 40.72
CA ARG G 913 -28.37 -54.82 41.15
C ARG G 913 -28.89 -54.17 42.42
N GLN G 914 -30.19 -53.90 42.43
CA GLN G 914 -30.85 -53.29 43.58
C GLN G 914 -32.10 -54.08 43.88
N HIS G 915 -32.51 -54.08 45.14
CA HIS G 915 -33.63 -54.92 45.54
C HIS G 915 -34.70 -54.12 46.28
N VAL G 916 -35.15 -53.00 45.71
CA VAL G 916 -36.15 -52.18 46.37
C VAL G 916 -37.50 -52.90 46.43
N LEU G 917 -38.33 -52.46 47.37
CA LEU G 917 -39.54 -53.18 47.76
C LEU G 917 -40.75 -52.42 47.25
N TYR G 918 -41.49 -53.05 46.34
CA TYR G 918 -42.72 -52.48 45.83
C TYR G 918 -43.88 -52.84 46.73
N ASN G 919 -44.76 -51.87 46.98
CA ASN G 919 -45.96 -52.00 47.79
C ASN G 919 -45.62 -52.46 49.21
N GLY G 920 -44.79 -51.67 49.87
CA GLY G 920 -44.32 -52.03 51.19
C GLY G 920 -44.46 -50.92 52.22
N CYS G 921 -43.85 -51.10 53.38
CA CYS G 921 -43.95 -50.13 54.46
C CYS G 921 -42.72 -50.26 55.36
N CYS G 922 -42.18 -49.12 55.76
CA CYS G 922 -40.97 -49.10 56.59
C CYS G 922 -41.38 -49.16 58.06
N VAL G 923 -41.52 -50.36 58.58
CA VAL G 923 -42.05 -50.61 59.92
C VAL G 923 -40.90 -50.70 60.89
N VAL G 924 -40.99 -49.95 61.99
CA VAL G 924 -39.87 -49.82 62.92
C VAL G 924 -40.16 -50.59 64.21
N THR G 925 -41.41 -50.97 64.42
CA THR G 925 -41.78 -51.75 65.59
C THR G 925 -42.27 -53.13 65.18
N ALA G 926 -42.60 -53.92 66.19
CA ALA G 926 -43.27 -55.19 65.96
C ALA G 926 -44.77 -54.97 66.06
N PRO G 927 -45.53 -55.22 64.99
CA PRO G 927 -46.99 -55.15 65.10
C PRO G 927 -47.52 -56.26 65.98
N LYS G 928 -48.03 -55.90 67.15
CA LYS G 928 -48.39 -56.87 68.19
C LYS G 928 -49.58 -57.73 67.82
N THR G 929 -50.60 -57.15 67.20
CA THR G 929 -51.83 -57.86 66.91
C THR G 929 -51.91 -58.41 65.50
N LEU G 930 -51.05 -57.95 64.60
CA LEU G 930 -51.10 -58.27 63.18
C LEU G 930 -50.02 -59.26 62.78
N ILE G 931 -49.71 -60.23 63.64
CA ILE G 931 -48.58 -61.11 63.40
C ILE G 931 -48.90 -62.15 62.33
N GLU G 932 -50.17 -62.55 62.21
CA GLU G 932 -50.53 -63.63 61.31
C GLU G 932 -50.89 -63.15 59.92
N TYR G 933 -51.02 -61.85 59.71
CA TYR G 933 -51.33 -61.30 58.39
C TYR G 933 -50.15 -60.52 57.83
N SER G 934 -48.97 -60.71 58.42
CA SER G 934 -47.79 -59.93 58.05
C SER G 934 -46.76 -60.87 57.43
N LEU G 935 -45.84 -60.30 56.67
CA LEU G 935 -44.72 -61.04 56.12
C LEU G 935 -43.48 -60.17 56.20
N PRO G 936 -42.47 -60.54 56.98
CA PRO G 936 -41.27 -59.71 57.07
C PRO G 936 -40.33 -59.94 55.89
N VAL G 937 -39.81 -58.84 55.36
CA VAL G 937 -38.87 -58.90 54.24
C VAL G 937 -37.61 -58.09 54.52
N PRO G 938 -36.57 -58.71 55.07
CA PRO G 938 -35.26 -58.05 55.16
C PRO G 938 -34.52 -58.15 53.84
N PHE G 939 -34.19 -56.99 53.26
CA PHE G 939 -33.63 -56.99 51.91
C PHE G 939 -32.38 -56.13 51.77
N HIS G 940 -32.28 -55.07 52.55
CA HIS G 940 -31.25 -54.06 52.34
C HIS G 940 -30.18 -54.15 53.41
N ARG G 941 -29.16 -53.29 53.29
CA ARG G 941 -28.22 -53.08 54.39
C ARG G 941 -28.94 -52.46 55.57
N PHE G 942 -29.79 -51.48 55.33
CA PHE G 942 -30.72 -50.99 56.32
C PHE G 942 -31.95 -51.92 56.35
N TYR G 943 -32.91 -51.58 57.20
CA TYR G 943 -34.27 -52.14 57.21
C TYR G 943 -34.28 -53.66 57.44
N SER G 944 -33.25 -54.18 58.09
CA SER G 944 -33.12 -55.61 58.29
C SER G 944 -32.72 -55.88 59.73
N ASN G 945 -33.35 -55.17 60.66
CA ASN G 945 -33.09 -55.39 62.07
C ASN G 945 -33.73 -56.69 62.49
N PRO G 946 -33.01 -57.61 63.13
CA PRO G 946 -33.55 -58.95 63.36
C PRO G 946 -34.51 -59.02 64.53
N THR G 947 -34.44 -58.08 65.48
CA THR G 947 -35.31 -58.15 66.64
C THR G 947 -36.76 -57.83 66.30
N ILE G 948 -37.02 -57.23 65.14
CA ILE G 948 -38.40 -57.09 64.67
C ILE G 948 -38.83 -58.39 64.00
N CYS G 949 -37.95 -58.98 63.18
CA CYS G 949 -38.25 -60.23 62.51
C CYS G 949 -38.29 -61.42 63.46
N ALA G 950 -37.64 -61.33 64.61
CA ALA G 950 -37.69 -62.42 65.58
C ALA G 950 -39.05 -62.50 66.25
N ALA G 951 -39.73 -61.36 66.42
CA ALA G 951 -41.07 -61.37 66.97
C ALA G 951 -42.11 -61.77 65.93
N LEU G 952 -41.84 -61.51 64.65
CA LEU G 952 -42.82 -61.81 63.61
C LEU G 952 -42.77 -63.27 63.19
N SER G 953 -41.63 -63.72 62.67
CA SER G 953 -41.48 -65.07 62.17
C SER G 953 -40.73 -65.90 63.19
N ASP G 954 -41.27 -67.08 63.50
CA ASP G 954 -40.68 -67.93 64.54
C ASP G 954 -39.39 -68.57 64.08
N ASP G 955 -39.27 -68.88 62.79
CA ASP G 955 -38.08 -69.57 62.30
C ASP G 955 -36.87 -68.64 62.22
N ILE G 956 -37.09 -67.36 61.91
CA ILE G 956 -36.02 -66.36 62.02
C ILE G 956 -35.58 -66.25 63.48
N LYS G 957 -36.54 -66.26 64.41
CA LYS G 957 -36.22 -66.35 65.82
C LYS G 957 -35.54 -67.68 66.14
N ARG G 958 -35.97 -68.77 65.47
CA ARG G 958 -35.28 -70.05 65.62
C ARG G 958 -33.93 -70.06 64.93
N TYR G 959 -33.68 -69.13 64.01
CA TYR G 959 -32.38 -69.01 63.36
C TYR G 959 -31.45 -68.12 64.17
N VAL G 960 -32.00 -67.10 64.83
CA VAL G 960 -31.16 -66.18 65.60
C VAL G 960 -30.84 -66.75 66.98
N THR G 961 -31.62 -67.70 67.49
CA THR G 961 -31.33 -68.23 68.81
C THR G 961 -30.17 -69.21 68.79
N GLU G 962 -29.80 -69.74 67.61
CA GLU G 962 -28.64 -70.59 67.51
C GLU G 962 -27.38 -69.79 67.19
N PHE G 963 -27.54 -68.67 66.50
CA PHE G 963 -26.42 -67.85 66.05
C PHE G 963 -26.60 -66.46 66.66
N PRO G 964 -26.23 -66.27 67.93
CA PRO G 964 -26.54 -65.00 68.60
C PRO G 964 -25.67 -63.85 68.14
N HIS G 965 -24.55 -64.10 67.48
CA HIS G 965 -23.73 -62.99 67.02
C HIS G 965 -24.31 -62.31 65.79
N TYR G 966 -25.32 -62.92 65.15
CA TYR G 966 -26.01 -62.29 64.04
C TYR G 966 -27.03 -61.25 64.48
N HIS G 967 -27.15 -61.00 65.79
CA HIS G 967 -28.12 -60.05 66.32
C HIS G 967 -27.58 -58.61 66.34
N ARG G 968 -26.60 -58.30 65.49
CA ARG G 968 -26.08 -56.94 65.43
C ARG G 968 -26.94 -56.09 64.51
N HIS G 969 -26.96 -54.79 64.80
CA HIS G 969 -27.90 -53.87 64.16
C HIS G 969 -27.38 -53.32 62.84
N ASP G 970 -26.07 -53.33 62.62
CA ASP G 970 -25.52 -52.81 61.38
C ASP G 970 -25.57 -53.88 60.30
N GLY G 971 -24.88 -53.64 59.19
CA GLY G 971 -24.77 -54.66 58.17
C GLY G 971 -23.90 -55.80 58.65
N GLY G 972 -24.27 -57.02 58.29
CA GLY G 972 -23.60 -58.18 58.83
C GLY G 972 -24.62 -59.22 59.20
N PHE G 973 -25.88 -58.82 59.22
CA PHE G 973 -26.95 -59.79 59.29
C PHE G 973 -27.03 -60.52 57.95
N PRO G 974 -27.07 -61.85 57.95
CA PRO G 974 -27.05 -62.57 56.67
C PRO G 974 -28.35 -62.46 55.91
N LEU G 975 -28.32 -61.67 54.85
CA LEU G 975 -29.44 -61.57 53.92
C LEU G 975 -29.56 -62.86 53.13
N PRO G 976 -30.73 -63.14 52.55
CA PRO G 976 -30.83 -64.26 51.62
C PRO G 976 -30.00 -64.05 50.36
N THR G 977 -29.72 -65.15 49.68
CA THR G 977 -28.88 -65.13 48.49
C THR G 977 -29.57 -64.40 47.33
N ALA G 978 -30.90 -64.30 47.37
CA ALA G 978 -31.63 -63.44 46.44
C ALA G 978 -31.40 -61.95 46.71
N PHE G 979 -30.85 -61.60 47.87
CA PHE G 979 -30.44 -60.22 48.12
C PHE G 979 -28.97 -60.08 48.49
N ALA G 980 -28.18 -61.15 48.38
CA ALA G 980 -26.76 -61.11 48.74
C ALA G 980 -25.93 -60.89 47.48
N HIS G 981 -25.84 -59.62 47.09
CA HIS G 981 -25.00 -59.18 45.98
C HIS G 981 -24.19 -57.97 46.41
N GLU G 982 -23.49 -58.15 47.55
CA GLU G 982 -22.79 -57.06 48.25
C GLU G 982 -21.78 -56.34 47.37
N TYR G 983 -21.08 -57.06 46.50
CA TYR G 983 -20.16 -56.40 45.58
C TYR G 983 -20.84 -55.91 44.32
N HIS G 984 -22.12 -56.21 44.14
CA HIS G 984 -22.88 -55.66 43.04
C HIS G 984 -23.93 -54.65 43.49
N ASN G 985 -24.10 -54.44 44.79
CA ASN G 985 -25.07 -53.49 45.30
C ASN G 985 -24.60 -52.06 45.02
N TRP G 986 -25.50 -51.12 45.26
CA TRP G 986 -25.21 -49.70 45.12
C TRP G 986 -24.74 -49.07 46.42
N LEU G 987 -25.21 -49.57 47.56
CA LEU G 987 -24.83 -49.04 48.86
C LEU G 987 -24.06 -50.12 49.60
N ARG G 988 -22.75 -49.95 49.68
CA ARG G 988 -21.88 -50.99 50.19
C ARG G 988 -21.93 -51.03 51.71
N SER G 989 -21.00 -51.79 52.30
CA SER G 989 -21.03 -52.06 53.74
C SER G 989 -20.91 -50.86 54.68
N PRO G 990 -20.00 -49.88 54.53
CA PRO G 990 -19.81 -48.92 55.64
C PRO G 990 -20.91 -47.87 55.74
N PHE G 991 -21.85 -47.81 54.80
CA PHE G 991 -23.03 -46.99 54.98
C PHE G 991 -23.86 -47.49 56.17
N SER G 992 -24.05 -48.80 56.25
CA SER G 992 -24.64 -49.40 57.43
C SER G 992 -23.75 -49.26 58.66
N ARG G 993 -22.44 -49.40 58.50
CA ARG G 993 -21.50 -49.31 59.62
C ARG G 993 -21.35 -47.90 60.14
N TYR G 994 -21.67 -46.88 59.35
CA TYR G 994 -21.69 -45.53 59.88
C TYR G 994 -22.97 -45.28 60.67
N SER G 995 -24.08 -45.88 60.26
CA SER G 995 -25.36 -45.60 60.89
C SER G 995 -25.48 -46.20 62.28
N ALA G 996 -24.71 -47.25 62.58
CA ALA G 996 -24.84 -47.91 63.87
C ALA G 996 -24.12 -47.16 64.98
N THR G 997 -23.26 -46.21 64.62
CA THR G 997 -22.38 -45.56 65.59
C THR G 997 -22.57 -44.05 65.59
N CYS G 998 -23.20 -43.50 64.55
CA CYS G 998 -23.35 -42.06 64.45
C CYS G 998 -24.37 -41.55 65.46
N PRO G 999 -24.27 -40.29 65.88
CA PRO G 999 -25.30 -39.70 66.72
C PRO G 999 -26.58 -39.45 65.92
N ASN G 1000 -27.58 -38.90 66.60
CA ASN G 1000 -28.88 -38.66 66.00
C ASN G 1000 -29.19 -37.18 66.11
N VAL G 1001 -28.65 -36.41 65.18
CA VAL G 1001 -28.83 -34.97 65.08
C VAL G 1001 -29.12 -34.67 63.62
N LEU G 1002 -29.29 -33.38 63.31
CA LEU G 1002 -29.50 -32.98 61.93
C LEU G 1002 -28.25 -33.19 61.09
N HIS G 1003 -27.08 -32.90 61.67
CA HIS G 1003 -25.83 -33.00 60.92
C HIS G 1003 -25.45 -34.44 60.61
N SER G 1004 -25.92 -35.38 61.43
CA SER G 1004 -25.69 -36.79 61.12
C SER G 1004 -26.51 -37.26 59.94
N VAL G 1005 -27.65 -36.63 59.66
CA VAL G 1005 -28.41 -36.94 58.47
C VAL G 1005 -27.69 -36.47 57.22
N MET G 1006 -27.05 -35.32 57.30
CA MET G 1006 -26.38 -34.73 56.16
C MET G 1006 -25.15 -35.52 55.74
N THR G 1007 -24.53 -36.24 56.67
CA THR G 1007 -23.36 -37.06 56.36
C THR G 1007 -23.70 -38.23 55.48
N LEU G 1008 -24.88 -38.80 55.60
CA LEU G 1008 -25.28 -39.86 54.68
C LEU G 1008 -25.62 -39.33 53.30
N ALA G 1009 -25.91 -38.03 53.18
CA ALA G 1009 -26.13 -37.45 51.88
C ALA G 1009 -24.81 -37.17 51.17
N ALA G 1010 -23.87 -36.55 51.87
CA ALA G 1010 -22.59 -36.23 51.24
C ALA G 1010 -21.58 -37.37 51.35
N MET G 1011 -22.01 -38.53 51.82
CA MET G 1011 -21.26 -39.75 51.53
C MET G 1011 -21.71 -40.39 50.24
N LEU G 1012 -22.69 -39.79 49.56
CA LEU G 1012 -23.19 -40.29 48.29
C LEU G 1012 -22.78 -39.41 47.14
N TYR G 1013 -21.58 -38.83 47.23
CA TYR G 1013 -20.99 -38.15 46.07
C TYR G 1013 -20.33 -39.18 45.17
N LYS G 1014 -20.68 -39.15 43.90
CA LYS G 1014 -20.13 -40.12 42.97
C LYS G 1014 -18.67 -39.80 42.64
N ILE G 1015 -17.96 -40.81 42.16
CA ILE G 1015 -16.55 -40.68 41.81
C ILE G 1015 -16.46 -40.87 40.31
N SER G 1016 -17.46 -40.37 39.60
CA SER G 1016 -17.35 -40.20 38.17
C SER G 1016 -16.23 -39.20 37.86
N PRO G 1017 -15.54 -39.36 36.73
CA PRO G 1017 -14.53 -38.37 36.33
C PRO G 1017 -15.10 -36.97 36.13
N VAL G 1018 -16.35 -36.84 35.71
CA VAL G 1018 -16.95 -35.51 35.68
C VAL G 1018 -17.48 -35.12 37.05
N SER G 1019 -17.66 -36.07 37.96
CA SER G 1019 -18.05 -35.71 39.32
C SER G 1019 -16.84 -35.25 40.12
N LEU G 1020 -15.66 -35.77 39.79
CA LEU G 1020 -14.42 -35.32 40.40
C LEU G 1020 -14.03 -33.93 39.96
N VAL G 1021 -14.44 -33.52 38.76
CA VAL G 1021 -14.13 -32.18 38.26
C VAL G 1021 -14.97 -31.13 38.97
N LEU G 1022 -16.24 -31.43 39.21
CA LEU G 1022 -17.13 -30.46 39.85
C LEU G 1022 -16.77 -30.24 41.31
N GLN G 1023 -16.42 -31.31 42.02
CA GLN G 1023 -16.05 -31.18 43.43
C GLN G 1023 -14.71 -30.45 43.56
N THR G 1024 -13.81 -30.68 42.61
CA THR G 1024 -12.57 -29.92 42.57
C THR G 1024 -12.85 -28.44 42.35
N LYS G 1025 -13.73 -28.13 41.41
CA LYS G 1025 -14.02 -26.73 41.11
C LYS G 1025 -14.91 -26.09 42.15
N ALA G 1026 -15.51 -26.87 43.05
CA ALA G 1026 -16.24 -26.34 44.18
C ALA G 1026 -15.38 -26.22 45.42
N HIS G 1027 -14.10 -26.61 45.31
CA HIS G 1027 -13.10 -26.57 46.39
C HIS G 1027 -13.51 -27.39 47.60
N ILE G 1028 -14.30 -28.44 47.40
CA ILE G 1028 -14.53 -29.44 48.43
C ILE G 1028 -13.55 -30.60 48.22
N HIS G 1029 -12.88 -30.98 49.29
CA HIS G 1029 -11.85 -32.00 49.22
C HIS G 1029 -12.47 -33.37 48.97
N PRO G 1030 -12.07 -34.08 47.93
CA PRO G 1030 -12.60 -35.42 47.69
C PRO G 1030 -11.98 -36.43 48.64
N GLY G 1031 -12.36 -37.69 48.45
CA GLY G 1031 -11.96 -38.74 49.38
C GLY G 1031 -10.64 -39.41 49.06
N PHE G 1032 -9.61 -38.61 48.78
CA PHE G 1032 -8.26 -39.09 48.56
C PHE G 1032 -7.32 -37.90 48.63
N ALA G 1033 -6.11 -38.15 49.13
CA ALA G 1033 -5.08 -37.13 49.20
C ALA G 1033 -3.91 -37.53 48.32
N LEU G 1034 -3.66 -36.74 47.29
CA LEU G 1034 -2.63 -37.03 46.32
C LEU G 1034 -1.29 -36.50 46.80
N THR G 1035 -0.24 -37.30 46.63
CA THR G 1035 1.11 -36.92 46.99
C THR G 1035 1.88 -36.54 45.74
N ALA G 1036 2.61 -35.43 45.84
CA ALA G 1036 3.17 -34.81 44.65
C ALA G 1036 4.68 -34.98 44.65
N VAL G 1037 5.15 -35.88 43.79
CA VAL G 1037 6.58 -36.08 43.57
C VAL G 1037 6.99 -35.26 42.36
N ARG G 1038 8.15 -34.61 42.46
CA ARG G 1038 8.67 -33.83 41.35
C ARG G 1038 10.18 -33.81 41.42
N THR G 1039 10.80 -33.76 40.25
CA THR G 1039 12.26 -33.79 40.14
C THR G 1039 12.80 -32.38 40.08
N ASP G 1040 14.12 -32.27 40.21
CA ASP G 1040 14.80 -30.99 40.19
C ASP G 1040 16.24 -31.19 39.73
N THR G 1041 16.66 -30.40 38.75
CA THR G 1041 18.01 -30.51 38.20
C THR G 1041 18.82 -29.29 38.63
N PHE G 1042 19.95 -29.54 39.28
CA PHE G 1042 20.82 -28.50 39.80
C PHE G 1042 22.17 -28.54 39.11
N GLU G 1043 22.72 -27.38 38.80
CA GLU G 1043 24.06 -27.30 38.22
C GLU G 1043 25.09 -27.22 39.35
N VAL G 1044 25.95 -28.24 39.43
CA VAL G 1044 26.91 -28.33 40.51
C VAL G 1044 28.31 -28.34 39.93
N ASP G 1045 29.29 -28.14 40.81
CA ASP G 1045 30.71 -28.16 40.46
C ASP G 1045 31.41 -29.18 41.33
N MET G 1046 31.52 -30.40 40.83
CA MET G 1046 32.15 -31.49 41.57
C MET G 1046 33.65 -31.27 41.61
N LEU G 1047 34.26 -31.49 42.78
CA LEU G 1047 35.70 -31.58 42.86
C LEU G 1047 36.09 -33.04 42.91
N LEU G 1048 37.20 -33.38 42.29
CA LEU G 1048 37.62 -34.77 42.12
C LEU G 1048 39.05 -34.91 42.58
N TYR G 1049 39.33 -35.97 43.32
CA TYR G 1049 40.67 -36.30 43.78
C TYR G 1049 41.04 -37.68 43.26
N SER G 1050 42.29 -37.83 42.83
CA SER G 1050 42.80 -39.12 42.38
C SER G 1050 44.22 -39.29 42.90
N GLY G 1051 44.62 -40.54 43.10
CA GLY G 1051 45.98 -40.82 43.51
C GLY G 1051 46.96 -40.62 42.38
N LYS G 1052 48.24 -40.53 42.73
CA LYS G 1052 49.29 -40.38 41.73
C LYS G 1052 49.45 -41.68 40.96
N SER G 1053 49.40 -41.57 39.63
CA SER G 1053 49.45 -42.71 38.71
C SER G 1053 48.35 -43.72 39.01
N CYS G 1054 47.12 -43.22 39.09
CA CYS G 1054 45.98 -44.11 39.36
C CYS G 1054 45.69 -45.01 38.19
N THR G 1055 46.01 -44.57 36.98
CA THR G 1055 45.97 -45.42 35.80
C THR G 1055 47.05 -44.95 34.85
N SER G 1056 47.50 -45.86 34.00
CA SER G 1056 48.57 -45.59 33.05
C SER G 1056 47.96 -45.61 31.66
N VAL G 1057 47.73 -44.44 31.09
CA VAL G 1057 47.12 -44.35 29.78
C VAL G 1057 48.20 -44.53 28.72
N ILE G 1058 47.92 -45.38 27.72
CA ILE G 1058 48.84 -45.61 26.61
C ILE G 1058 48.21 -45.07 25.34
N ILE G 1059 48.99 -44.27 24.61
CA ILE G 1059 48.55 -43.63 23.38
C ILE G 1059 49.49 -44.04 22.27
N ASN G 1060 49.19 -43.58 21.06
CA ASN G 1060 50.05 -43.82 19.91
C ASN G 1060 50.18 -42.53 19.10
N ASN G 1061 50.76 -42.66 17.91
CA ASN G 1061 50.86 -41.51 17.04
C ASN G 1061 49.51 -41.24 16.36
N PRO G 1062 49.19 -39.97 16.10
CA PRO G 1062 47.90 -39.66 15.46
C PRO G 1062 47.90 -40.10 14.01
N ILE G 1063 46.83 -40.79 13.61
CA ILE G 1063 46.72 -41.37 12.29
C ILE G 1063 46.01 -40.36 11.40
N VAL G 1064 46.76 -39.79 10.45
CA VAL G 1064 46.19 -38.85 9.49
C VAL G 1064 45.46 -39.64 8.41
N THR G 1065 44.22 -39.24 8.12
CA THR G 1065 43.46 -39.84 7.05
C THR G 1065 42.82 -38.76 6.19
N LYS G 1066 43.04 -38.86 4.88
CA LYS G 1066 42.52 -37.91 3.92
C LYS G 1066 41.12 -38.30 3.48
N GLU G 1067 40.45 -37.36 2.81
CA GLU G 1067 39.15 -37.60 2.18
C GLU G 1067 39.03 -36.55 1.09
N GLU G 1068 39.02 -37.01 -0.16
CA GLU G 1068 39.12 -36.14 -1.31
C GLU G 1068 37.74 -35.82 -1.87
N ARG G 1069 37.46 -34.53 -2.01
CA ARG G 1069 36.33 -34.04 -2.80
C ARG G 1069 36.85 -32.91 -3.70
N ASP G 1070 35.94 -32.32 -4.47
CA ASP G 1070 36.37 -31.31 -5.42
C ASP G 1070 36.51 -29.95 -4.76
N ILE G 1071 35.56 -29.57 -3.90
CA ILE G 1071 35.60 -28.24 -3.33
C ILE G 1071 36.46 -28.16 -2.07
N SER G 1072 36.67 -29.28 -1.38
CA SER G 1072 37.34 -29.27 -0.09
C SER G 1072 37.82 -30.68 0.21
N THR G 1073 38.99 -30.78 0.82
CA THR G 1073 39.62 -32.07 1.10
C THR G 1073 39.86 -32.14 2.59
N THR G 1074 38.90 -32.68 3.33
CA THR G 1074 39.01 -32.77 4.77
C THR G 1074 40.03 -33.83 5.18
N TYR G 1075 40.63 -33.62 6.34
CA TYR G 1075 41.65 -34.52 6.88
C TYR G 1075 41.21 -34.95 8.27
N HIS G 1076 40.86 -36.22 8.41
CA HIS G 1076 40.58 -36.78 9.72
C HIS G 1076 41.87 -37.17 10.40
N VAL G 1077 41.94 -36.93 11.70
CA VAL G 1077 43.06 -37.40 12.50
C VAL G 1077 42.54 -38.18 13.70
N THR G 1078 42.88 -39.45 13.77
CA THR G 1078 42.44 -40.30 14.87
C THR G 1078 43.62 -40.77 15.69
N GLN G 1079 43.40 -40.91 16.99
CA GLN G 1079 44.45 -41.34 17.91
C GLN G 1079 43.77 -42.12 19.01
N ASN G 1080 43.69 -43.43 18.85
CA ASN G 1080 43.04 -44.29 19.83
C ASN G 1080 43.93 -44.47 21.05
N ILE G 1081 43.36 -44.26 22.24
CA ILE G 1081 44.09 -44.39 23.48
C ILE G 1081 43.55 -45.61 24.22
N ASN G 1082 44.31 -46.07 25.20
CA ASN G 1082 43.89 -47.17 26.05
C ASN G 1082 44.33 -46.86 27.47
N THR G 1083 43.45 -47.15 28.42
CA THR G 1083 43.72 -46.90 29.84
C THR G 1083 43.59 -48.21 30.60
N VAL G 1084 44.69 -48.66 31.18
CA VAL G 1084 44.67 -49.79 32.09
C VAL G 1084 44.68 -49.25 33.52
N ASP G 1085 43.77 -49.76 34.34
CA ASP G 1085 43.70 -49.33 35.73
C ASP G 1085 44.90 -49.89 36.50
N MET G 1086 45.32 -49.15 37.52
CA MET G 1086 46.53 -49.45 38.26
C MET G 1086 46.27 -49.43 39.75
N GLY G 1087 45.09 -49.91 40.15
CA GLY G 1087 44.78 -49.96 41.56
C GLY G 1087 43.71 -50.99 41.85
N LEU G 1088 43.85 -51.65 42.99
CA LEU G 1088 42.95 -52.72 43.37
C LEU G 1088 41.65 -52.21 43.99
N GLY G 1089 41.69 -51.07 44.67
CA GLY G 1089 40.48 -50.51 45.25
C GLY G 1089 39.95 -49.36 44.43
N TYR G 1090 39.42 -48.34 45.11
CA TYR G 1090 38.94 -47.15 44.42
C TYR G 1090 40.02 -46.08 44.50
N THR G 1091 40.74 -45.88 43.40
CA THR G 1091 41.90 -45.01 43.38
C THR G 1091 41.53 -43.54 43.25
N SER G 1092 40.25 -43.21 43.14
CA SER G 1092 39.84 -41.83 42.99
C SER G 1092 38.45 -41.67 43.57
N ASN G 1093 38.14 -40.48 44.05
CA ASN G 1093 36.83 -40.19 44.62
C ASN G 1093 36.49 -38.72 44.45
N THR G 1094 35.24 -38.46 44.11
CA THR G 1094 34.75 -37.09 43.97
C THR G 1094 33.70 -36.80 45.04
N CYS G 1095 33.43 -35.52 45.23
CA CYS G 1095 32.29 -35.09 46.00
C CYS G 1095 31.53 -34.07 45.17
N VAL G 1096 30.32 -33.74 45.63
CA VAL G 1096 29.53 -32.68 45.01
C VAL G 1096 29.75 -31.46 45.88
N ALA G 1097 30.47 -30.48 45.36
CA ALA G 1097 30.99 -29.43 46.24
C ALA G 1097 30.08 -28.21 46.31
N TYR G 1098 29.84 -27.55 45.19
CA TYR G 1098 29.22 -26.23 45.18
C TYR G 1098 28.10 -26.23 44.16
N VAL G 1099 26.88 -26.06 44.63
CA VAL G 1099 25.74 -25.95 43.72
C VAL G 1099 25.59 -24.49 43.31
N ASN G 1100 25.46 -24.26 42.01
CA ASN G 1100 25.42 -22.90 41.48
C ASN G 1100 24.02 -22.35 41.40
N ARG G 1101 23.11 -23.03 40.70
CA ARG G 1101 21.78 -22.51 40.47
C ARG G 1101 20.83 -23.66 40.25
N VAL G 1102 19.55 -23.37 40.34
CA VAL G 1102 18.50 -24.36 40.22
C VAL G 1102 17.91 -24.26 38.83
N ARG G 1103 18.21 -25.22 37.96
CA ARG G 1103 17.81 -25.15 36.58
C ARG G 1103 16.31 -25.37 36.38
N THR G 1104 15.64 -26.04 37.30
CA THR G 1104 14.19 -26.12 37.30
C THR G 1104 13.64 -25.01 38.18
N ASP G 1105 12.31 -24.91 38.27
CA ASP G 1105 11.72 -23.82 39.03
C ASP G 1105 11.36 -24.20 40.45
N MET G 1106 11.33 -25.51 40.74
CA MET G 1106 10.65 -26.09 41.90
C MET G 1106 9.21 -25.60 41.96
N GLY G 1107 8.56 -25.58 40.79
CA GLY G 1107 7.19 -25.14 40.67
C GLY G 1107 6.20 -26.24 41.02
N VAL G 1108 4.94 -25.97 40.73
CA VAL G 1108 3.85 -26.88 41.06
C VAL G 1108 2.98 -27.19 39.84
N ARG G 1109 3.39 -26.78 38.64
CA ARG G 1109 2.61 -27.04 37.45
C ARG G 1109 2.65 -28.53 37.13
N VAL G 1110 1.49 -29.17 37.19
CA VAL G 1110 1.43 -30.63 37.19
C VAL G 1110 1.66 -31.16 35.79
N GLN G 1111 2.25 -32.36 35.71
CA GLN G 1111 2.41 -33.06 34.45
C GLN G 1111 1.04 -33.45 33.93
N ASP G 1112 0.61 -32.81 32.85
CA ASP G 1112 -0.70 -33.07 32.29
C ASP G 1112 -0.76 -34.45 31.65
N LEU G 1113 -1.69 -35.27 32.11
CA LEU G 1113 -1.72 -36.67 31.73
C LEU G 1113 -2.27 -36.90 30.33
N PHE G 1114 -2.82 -35.88 29.69
CA PHE G 1114 -3.35 -36.00 28.35
C PHE G 1114 -2.27 -36.05 27.28
N ARG G 1115 -1.11 -35.46 27.53
CA ARG G 1115 -0.03 -35.42 26.55
C ARG G 1115 0.85 -36.65 26.60
N VAL G 1116 1.08 -37.23 27.77
CA VAL G 1116 1.78 -38.50 27.87
C VAL G 1116 0.92 -39.66 27.40
N PHE G 1117 -0.39 -39.48 27.33
CA PHE G 1117 -1.31 -40.48 26.78
C PHE G 1117 -2.12 -39.80 25.68
N PRO G 1118 -1.55 -39.64 24.49
CA PRO G 1118 -2.25 -38.91 23.42
C PRO G 1118 -3.18 -39.78 22.59
N MET G 1119 -3.49 -40.99 23.03
CA MET G 1119 -4.36 -41.89 22.27
C MET G 1119 -5.61 -42.24 23.05
N ASN G 1120 -5.57 -42.13 24.37
CA ASN G 1120 -6.66 -42.60 25.22
C ASN G 1120 -7.78 -41.57 25.24
N VAL G 1121 -8.93 -41.96 24.71
CA VAL G 1121 -10.14 -41.14 24.80
C VAL G 1121 -11.14 -41.92 25.63
N TYR G 1122 -12.27 -41.30 25.92
CA TYR G 1122 -13.32 -42.00 26.66
C TYR G 1122 -14.08 -42.93 25.72
N ARG G 1123 -14.91 -43.79 26.33
CA ARG G 1123 -15.76 -44.69 25.57
C ARG G 1123 -16.84 -43.96 24.80
N HIS G 1124 -17.23 -42.77 25.24
CA HIS G 1124 -18.32 -42.03 24.66
C HIS G 1124 -17.83 -40.65 24.28
N ASP G 1125 -18.28 -40.14 23.13
CA ASP G 1125 -17.77 -38.86 22.65
C ASP G 1125 -18.31 -37.68 23.45
N GLU G 1126 -19.52 -37.80 23.97
CA GLU G 1126 -20.12 -36.66 24.66
C GLU G 1126 -19.87 -36.66 26.15
N VAL G 1127 -18.84 -37.36 26.62
CA VAL G 1127 -18.24 -37.04 27.90
C VAL G 1127 -16.82 -36.58 27.60
N ASP G 1128 -16.30 -36.97 26.45
CA ASP G 1128 -14.94 -36.58 26.09
C ASP G 1128 -14.88 -35.12 25.70
N ARG G 1129 -15.82 -34.65 24.90
CA ARG G 1129 -15.82 -33.27 24.44
C ARG G 1129 -16.14 -32.27 25.54
N TRP G 1130 -16.60 -32.75 26.70
CA TRP G 1130 -16.80 -31.90 27.86
C TRP G 1130 -15.63 -31.93 28.83
N ILE G 1131 -14.92 -33.05 28.93
CA ILE G 1131 -13.72 -33.12 29.75
C ILE G 1131 -12.63 -32.20 29.20
N ARG G 1132 -12.44 -32.21 27.88
CA ARG G 1132 -11.38 -31.40 27.28
C ARG G 1132 -11.68 -29.91 27.39
N HIS G 1133 -12.95 -29.53 27.40
CA HIS G 1133 -13.32 -28.16 27.66
C HIS G 1133 -13.37 -27.83 29.15
N ALA G 1134 -13.15 -28.83 29.99
CA ALA G 1134 -12.93 -28.60 31.42
C ALA G 1134 -11.47 -28.69 31.81
N ALA G 1135 -10.60 -29.15 30.91
CA ALA G 1135 -9.17 -29.18 31.15
C ALA G 1135 -8.40 -28.15 30.34
N GLY G 1136 -8.91 -27.77 29.18
CA GLY G 1136 -8.24 -26.81 28.32
C GLY G 1136 -7.37 -27.44 27.26
N VAL G 1137 -7.14 -28.74 27.32
CA VAL G 1137 -6.25 -29.44 26.40
C VAL G 1137 -6.93 -29.62 25.04
N GLU G 1138 -6.15 -30.03 24.04
CA GLU G 1138 -6.61 -30.14 22.67
C GLU G 1138 -7.13 -31.56 22.38
N ARG G 1139 -7.81 -31.68 21.24
CA ARG G 1139 -8.34 -32.96 20.78
C ARG G 1139 -7.21 -33.86 20.29
N PRO G 1140 -7.46 -35.18 20.18
CA PRO G 1140 -6.45 -36.05 19.56
C PRO G 1140 -6.30 -35.81 18.07
N GLN G 1141 -5.21 -35.17 17.67
CA GLN G 1141 -4.99 -34.83 16.28
C GLN G 1141 -4.15 -35.90 15.58
N PHE G 1153 6.73 -43.20 17.46
CA PHE G 1153 8.06 -43.15 18.05
C PHE G 1153 8.18 -42.03 19.07
N GLY G 1154 7.20 -41.13 19.07
CA GLY G 1154 7.20 -39.97 19.93
C GLY G 1154 7.27 -38.69 19.11
N SER G 1155 6.93 -37.60 19.79
CA SER G 1155 6.87 -36.29 19.15
C SER G 1155 6.99 -35.21 20.22
N MET G 1156 7.25 -33.98 19.77
CA MET G 1156 7.21 -32.81 20.64
C MET G 1156 5.75 -32.41 20.82
N SER G 1157 5.10 -33.01 21.82
CA SER G 1157 3.68 -32.73 22.02
C SER G 1157 3.48 -31.37 22.66
N GLU G 1158 3.99 -31.19 23.88
CA GLU G 1158 3.87 -29.92 24.59
C GLU G 1158 4.87 -28.96 23.97
N ARG G 1159 4.37 -28.09 23.09
CA ARG G 1159 5.21 -27.03 22.53
C ARG G 1159 5.54 -26.03 23.63
N ASN G 1160 6.73 -25.42 23.50
CA ASN G 1160 7.30 -24.55 24.52
C ASN G 1160 6.42 -23.31 24.77
N ALA G 1161 6.56 -22.76 25.97
CA ALA G 1161 5.74 -21.63 26.38
C ALA G 1161 6.19 -20.35 25.70
N ALA G 1162 5.42 -19.28 25.92
CA ALA G 1162 5.74 -18.01 25.29
C ALA G 1162 6.93 -17.33 25.94
N ALA G 1163 6.98 -17.30 27.26
CA ALA G 1163 8.10 -16.69 27.96
C ALA G 1163 8.31 -17.44 29.27
N THR G 1164 9.53 -17.35 29.78
CA THR G 1164 9.87 -18.05 31.01
C THR G 1164 10.91 -17.28 31.80
N VAL G 1165 10.61 -17.06 33.08
CA VAL G 1165 11.58 -16.51 34.02
C VAL G 1165 11.97 -17.49 35.10
N HIS G 1166 11.53 -18.75 35.00
CA HIS G 1166 11.74 -19.73 36.06
C HIS G 1166 12.37 -21.02 35.54
N GLY G 1167 12.73 -21.07 34.26
CA GLY G 1167 13.38 -22.25 33.72
C GLY G 1167 12.40 -23.32 33.28
N GLN G 1168 12.68 -24.58 33.61
CA GLN G 1168 11.80 -25.68 33.25
C GLN G 1168 11.09 -26.21 34.48
N LYS G 1169 10.17 -27.16 34.25
CA LYS G 1169 9.19 -27.53 35.26
C LYS G 1169 8.91 -29.02 35.23
N ALA G 1170 8.45 -29.56 36.36
CA ALA G 1170 7.96 -30.94 36.47
C ALA G 1170 7.17 -31.07 37.76
N ALA G 1171 6.06 -31.83 37.71
CA ALA G 1171 5.31 -32.21 38.91
C ALA G 1171 4.44 -33.41 38.56
N CYS G 1172 4.67 -34.53 39.22
CA CYS G 1172 3.95 -35.77 38.94
C CYS G 1172 2.88 -36.01 39.99
N GLU G 1173 2.24 -37.18 39.91
CA GLU G 1173 1.03 -37.44 40.66
C GLU G 1173 0.95 -38.87 41.16
N LEU G 1174 0.45 -39.01 42.40
CA LEU G 1174 0.21 -40.32 43.00
C LEU G 1174 -1.09 -40.23 43.78
N ILE G 1175 -2.17 -40.80 43.24
CA ILE G 1175 -3.47 -40.75 43.91
C ILE G 1175 -3.45 -41.71 45.08
N LEU G 1176 -3.34 -41.19 46.29
CA LEU G 1176 -3.09 -42.03 47.45
C LEU G 1176 -4.10 -41.78 48.55
N THR G 1177 -3.97 -42.48 49.66
CA THR G 1177 -5.03 -42.48 50.67
C THR G 1177 -5.01 -41.20 51.50
N PRO G 1178 -6.17 -40.72 51.95
CA PRO G 1178 -6.20 -39.47 52.72
C PRO G 1178 -5.93 -39.65 54.20
N VAL G 1179 -5.46 -40.82 54.60
CA VAL G 1179 -4.99 -41.05 55.95
C VAL G 1179 -3.65 -41.78 55.89
N THR G 1180 -2.56 -41.01 55.89
CA THR G 1180 -1.22 -41.57 55.95
C THR G 1180 -0.52 -40.86 57.09
N MET G 1181 0.03 -41.64 58.02
CA MET G 1181 0.68 -41.05 59.18
C MET G 1181 1.98 -40.39 58.75
N ASP G 1182 1.90 -39.08 58.51
CA ASP G 1182 3.01 -38.30 58.00
C ASP G 1182 4.16 -38.15 58.98
N VAL G 1183 3.92 -38.32 60.28
CA VAL G 1183 4.91 -37.99 61.29
C VAL G 1183 6.06 -38.99 61.27
N ASN G 1184 5.86 -40.18 60.69
CA ASN G 1184 6.95 -41.09 60.42
C ASN G 1184 7.18 -41.28 58.93
N TYR G 1185 6.32 -40.72 58.09
CA TYR G 1185 6.44 -40.93 56.65
C TYR G 1185 6.90 -39.69 55.90
N PHE G 1186 6.19 -38.58 56.02
CA PHE G 1186 6.41 -37.49 55.10
C PHE G 1186 7.52 -36.54 55.53
N LYS G 1187 7.97 -36.62 56.79
CA LYS G 1187 8.95 -35.66 57.28
C LYS G 1187 10.39 -36.14 57.11
N ILE G 1188 10.63 -37.44 57.12
CA ILE G 1188 11.96 -38.00 56.91
C ILE G 1188 12.09 -38.33 55.42
N PRO G 1189 13.29 -38.49 54.88
CA PRO G 1189 13.40 -38.93 53.47
C PRO G 1189 12.89 -40.34 53.33
N ASN G 1190 12.06 -40.57 52.31
CA ASN G 1190 11.40 -41.84 52.16
C ASN G 1190 11.07 -42.05 50.69
N ASN G 1191 10.55 -43.22 50.38
CA ASN G 1191 10.14 -43.73 49.09
C ASN G 1191 8.64 -43.59 48.93
N PRO G 1192 8.16 -42.94 47.86
CA PRO G 1192 6.72 -42.66 47.77
C PRO G 1192 5.87 -43.87 47.38
N ARG G 1193 6.45 -45.04 47.23
CA ARG G 1193 5.65 -46.25 47.06
C ARG G 1193 5.05 -46.74 48.37
N GLY G 1194 5.61 -46.33 49.49
CA GLY G 1194 5.26 -46.92 50.77
C GLY G 1194 6.19 -48.07 51.12
N ARG G 1195 6.22 -49.07 50.27
CA ARG G 1195 7.16 -50.17 50.43
C ARG G 1195 8.53 -49.72 49.96
N ALA G 1196 9.44 -49.47 50.91
CA ALA G 1196 10.76 -48.99 50.56
C ALA G 1196 11.58 -50.12 49.95
N SER G 1197 12.15 -49.86 48.78
CA SER G 1197 12.68 -50.91 47.92
C SER G 1197 14.15 -50.69 47.57
N CYS G 1198 14.98 -50.29 48.52
CA CYS G 1198 16.40 -50.22 48.24
C CYS G 1198 16.98 -51.63 48.15
N MET G 1199 17.67 -51.92 47.06
CA MET G 1199 18.10 -53.27 46.76
C MET G 1199 19.47 -53.61 47.32
N LEU G 1200 20.03 -52.75 48.17
CA LEU G 1200 21.24 -53.08 48.92
C LEU G 1200 20.89 -53.75 50.25
N ALA G 1201 19.62 -54.05 50.47
CA ALA G 1201 19.19 -54.71 51.69
C ALA G 1201 18.76 -56.14 51.45
N VAL G 1202 18.86 -56.64 50.22
CA VAL G 1202 18.48 -58.00 49.92
C VAL G 1202 19.75 -58.74 49.52
N ASP G 1203 19.80 -60.05 49.83
CA ASP G 1203 20.87 -60.92 49.39
C ASP G 1203 20.90 -60.98 47.86
N PRO G 1204 22.08 -60.79 47.26
CA PRO G 1204 22.16 -60.63 45.81
C PRO G 1204 21.86 -61.90 45.04
N TYR G 1205 21.43 -61.71 43.79
CA TYR G 1205 21.11 -62.78 42.83
C TYR G 1205 20.00 -63.70 43.34
N ASP G 1206 19.05 -63.17 44.10
CA ASP G 1206 17.87 -63.92 44.52
C ASP G 1206 16.63 -63.10 44.24
N THR G 1207 16.09 -63.23 43.04
CA THR G 1207 14.89 -62.50 42.66
C THR G 1207 13.64 -63.03 43.32
N GLU G 1208 13.55 -64.33 43.55
CA GLU G 1208 12.39 -64.93 44.20
C GLU G 1208 12.29 -64.56 45.67
N ALA G 1209 13.36 -64.06 46.29
CA ALA G 1209 13.31 -63.49 47.62
C ALA G 1209 13.29 -61.97 47.61
N ALA G 1210 13.83 -61.35 46.56
CA ALA G 1210 13.76 -59.89 46.46
C ALA G 1210 12.36 -59.40 46.13
N THR G 1211 11.59 -60.18 45.38
CA THR G 1211 10.23 -59.76 45.05
C THR G 1211 9.27 -59.89 46.23
N LYS G 1212 9.67 -60.59 47.28
CA LYS G 1212 8.85 -60.64 48.48
C LYS G 1212 8.97 -59.39 49.31
N ALA G 1213 10.04 -58.62 49.15
CA ALA G 1213 10.24 -57.39 49.90
C ALA G 1213 9.78 -56.17 49.12
N ILE G 1214 9.15 -56.37 47.97
CA ILE G 1214 8.68 -55.22 47.19
C ILE G 1214 7.22 -55.39 46.83
N TYR G 1215 6.73 -56.63 46.78
CA TYR G 1215 5.38 -56.93 46.30
C TYR G 1215 4.57 -57.79 47.24
N ASP G 1216 5.20 -58.73 47.96
CA ASP G 1216 4.46 -59.55 48.91
C ASP G 1216 4.01 -58.67 50.06
N HIS G 1217 2.90 -59.06 50.66
CA HIS G 1217 2.23 -58.19 51.62
C HIS G 1217 1.86 -59.00 52.84
N ARG G 1218 2.62 -60.07 53.07
CA ARG G 1218 2.57 -60.83 54.31
C ARG G 1218 3.88 -60.68 55.06
N GLU G 1219 4.64 -59.64 54.69
CA GLU G 1219 5.92 -59.34 55.30
C GLU G 1219 5.93 -57.88 55.72
N ALA G 1220 6.90 -57.51 56.53
CA ALA G 1220 7.05 -56.15 57.01
C ALA G 1220 7.65 -55.26 55.92
N ASP G 1221 7.90 -54.01 56.29
CA ASP G 1221 8.39 -53.01 55.36
C ASP G 1221 9.83 -52.65 55.71
N ALA G 1222 10.36 -51.70 54.97
CA ALA G 1222 11.58 -51.01 55.34
C ALA G 1222 11.22 -49.59 55.76
N GLN G 1223 12.14 -48.95 56.50
CA GLN G 1223 12.00 -47.62 57.10
C GLN G 1223 10.87 -47.52 58.13
N THR G 1224 10.26 -48.65 58.47
CA THR G 1224 9.19 -48.83 59.45
C THR G 1224 9.03 -50.33 59.60
N PHE G 1225 8.03 -50.73 60.38
CA PHE G 1225 7.65 -52.13 60.45
C PHE G 1225 6.17 -52.34 60.17
N ALA G 1226 5.54 -51.42 59.45
CA ALA G 1226 4.17 -51.60 58.99
C ALA G 1226 4.14 -52.55 57.81
N ALA G 1227 2.95 -52.89 57.36
CA ALA G 1227 2.82 -53.65 56.12
C ALA G 1227 3.13 -52.77 54.92
N THR G 1228 2.45 -51.63 54.84
CA THR G 1228 2.83 -50.60 53.89
C THR G 1228 2.50 -49.26 54.53
N HIS G 1229 2.52 -48.19 53.75
CA HIS G 1229 1.93 -46.96 54.21
C HIS G 1229 0.85 -46.46 53.27
N ASN G 1230 0.87 -46.85 52.00
CA ASN G 1230 -0.07 -46.40 50.99
C ASN G 1230 -0.47 -47.58 50.11
N PRO G 1231 -1.65 -48.17 50.34
CA PRO G 1231 -2.02 -49.40 49.63
C PRO G 1231 -2.42 -49.21 48.18
N TRP G 1232 -2.33 -48.01 47.62
CA TRP G 1232 -2.54 -47.82 46.20
C TRP G 1232 -1.23 -47.56 45.46
N ALA G 1233 -0.11 -47.88 46.07
CA ALA G 1233 1.19 -47.79 45.41
C ALA G 1233 2.02 -49.05 45.57
N SER G 1234 1.94 -49.71 46.71
CA SER G 1234 2.84 -50.80 47.04
C SER G 1234 2.36 -52.15 46.54
N GLN G 1235 1.22 -52.23 45.88
CA GLN G 1235 0.67 -53.51 45.43
C GLN G 1235 0.99 -53.72 43.96
N ALA G 1236 1.33 -54.97 43.63
CA ALA G 1236 1.71 -55.32 42.28
C ALA G 1236 0.49 -55.28 41.38
N GLY G 1237 0.50 -54.40 40.39
CA GLY G 1237 -0.66 -54.23 39.54
C GLY G 1237 -1.71 -53.31 40.11
N CYS G 1238 -1.30 -52.36 40.96
CA CYS G 1238 -2.23 -51.37 41.49
C CYS G 1238 -2.30 -50.17 40.56
N LEU G 1239 -2.87 -49.06 41.06
CA LEU G 1239 -3.10 -47.90 40.21
C LEU G 1239 -1.80 -47.24 39.80
N SER G 1240 -1.03 -46.73 40.78
CA SER G 1240 0.19 -46.03 40.44
C SER G 1240 1.31 -46.96 40.05
N ASP G 1241 1.15 -48.27 40.23
CA ASP G 1241 2.07 -49.21 39.63
C ASP G 1241 1.87 -49.28 38.12
N VAL G 1242 0.63 -49.57 37.69
CA VAL G 1242 0.36 -49.70 36.26
C VAL G 1242 0.32 -48.36 35.56
N LEU G 1243 0.24 -47.26 36.30
CA LEU G 1243 0.33 -45.95 35.68
C LEU G 1243 1.76 -45.58 35.31
N TYR G 1244 2.76 -46.21 35.93
CA TYR G 1244 4.12 -45.71 35.75
C TYR G 1244 5.17 -46.76 35.41
N ASN G 1245 4.85 -48.05 35.31
CA ASN G 1245 5.83 -49.00 34.81
C ASN G 1245 5.97 -48.85 33.31
N THR G 1246 7.22 -48.81 32.84
CA THR G 1246 7.46 -48.77 31.40
C THR G 1246 7.05 -50.07 30.71
N ARG G 1247 6.99 -51.18 31.46
CA ARG G 1247 6.46 -52.40 30.88
C ARG G 1247 4.95 -52.33 30.74
N HIS G 1248 4.29 -51.53 31.57
CA HIS G 1248 2.83 -51.44 31.51
C HIS G 1248 2.34 -50.16 30.87
N ARG G 1249 3.18 -49.13 30.73
CA ARG G 1249 2.77 -48.02 29.89
C ARG G 1249 2.96 -48.34 28.42
N GLU G 1250 3.87 -49.26 28.10
CA GLU G 1250 4.08 -49.67 26.71
C GLU G 1250 2.86 -50.41 26.15
N ARG G 1251 2.22 -51.24 26.96
CA ARG G 1251 1.08 -52.01 26.48
C ARG G 1251 -0.16 -51.13 26.34
N LEU G 1252 -0.15 -49.95 26.93
CA LEU G 1252 -1.19 -48.95 26.71
C LEU G 1252 -0.67 -47.93 25.72
N GLY G 1253 -1.44 -46.87 25.49
CA GLY G 1253 -0.93 -45.74 24.75
C GLY G 1253 0.17 -45.05 25.55
N TYR G 1254 1.12 -44.47 24.83
CA TYR G 1254 2.33 -44.00 25.48
C TYR G 1254 3.06 -43.01 24.59
N ASN G 1255 3.81 -42.12 25.22
CA ASN G 1255 4.83 -41.31 24.54
C ASN G 1255 6.15 -41.59 25.21
N SER G 1256 7.18 -41.87 24.41
CA SER G 1256 8.48 -42.17 24.98
C SER G 1256 9.31 -40.92 25.22
N LYS G 1257 8.93 -39.81 24.57
CA LYS G 1257 9.73 -38.60 24.66
C LYS G 1257 9.53 -37.87 25.97
N PHE G 1258 8.38 -38.03 26.61
CA PHE G 1258 8.11 -37.33 27.85
C PHE G 1258 8.78 -38.03 29.01
N TYR G 1259 9.59 -37.30 29.76
CA TYR G 1259 10.19 -37.83 30.96
C TYR G 1259 9.23 -37.72 32.13
N SER G 1260 9.04 -38.82 32.82
CA SER G 1260 8.22 -38.83 34.01
C SER G 1260 9.12 -38.95 35.24
N PRO G 1261 8.96 -38.09 36.23
CA PRO G 1261 9.85 -38.12 37.39
C PRO G 1261 9.47 -39.17 38.42
N CYS G 1262 8.60 -40.10 38.04
CA CYS G 1262 8.15 -41.15 38.95
C CYS G 1262 8.45 -42.54 38.41
N ALA G 1263 8.97 -42.66 37.18
CA ALA G 1263 9.28 -43.97 36.64
C ALA G 1263 10.50 -44.60 37.30
N GLN G 1264 11.36 -43.80 37.90
CA GLN G 1264 12.56 -44.30 38.55
C GLN G 1264 12.27 -45.00 39.86
N TYR G 1265 11.06 -44.85 40.41
CA TYR G 1265 10.69 -45.51 41.64
C TYR G 1265 9.83 -46.73 41.45
N PHE G 1266 9.37 -47.00 40.24
CA PHE G 1266 8.40 -48.06 40.00
C PHE G 1266 8.88 -49.12 39.01
N ASN G 1267 9.99 -48.86 38.32
CA ASN G 1267 10.46 -49.75 37.26
C ASN G 1267 11.00 -51.03 37.88
N THR G 1268 10.11 -52.01 38.03
CA THR G 1268 10.46 -53.28 38.67
C THR G 1268 11.36 -54.13 37.78
N GLU G 1269 11.37 -53.86 36.48
CA GLU G 1269 12.37 -54.42 35.59
C GLU G 1269 13.78 -54.02 35.98
N GLU G 1270 13.99 -52.77 36.39
CA GLU G 1270 15.31 -52.27 36.76
C GLU G 1270 15.50 -52.18 38.26
N ILE G 1271 14.76 -52.97 39.03
CA ILE G 1271 14.92 -53.01 40.47
C ILE G 1271 15.16 -54.45 40.89
N ILE G 1272 14.26 -55.35 40.45
CA ILE G 1272 14.41 -56.77 40.75
C ILE G 1272 15.64 -57.33 40.05
N ALA G 1273 15.89 -56.89 38.82
CA ALA G 1273 17.07 -57.33 38.09
C ALA G 1273 18.29 -56.44 38.35
N ALA G 1274 18.29 -55.69 39.45
CA ALA G 1274 19.40 -54.79 39.72
C ALA G 1274 19.83 -54.83 41.18
N ASN G 1275 19.90 -56.02 41.77
CA ASN G 1275 20.52 -56.22 43.07
C ASN G 1275 21.69 -57.19 42.92
N LYS G 1276 22.87 -56.74 43.33
CA LYS G 1276 24.09 -57.51 43.12
C LYS G 1276 25.02 -57.24 44.30
N THR G 1277 26.30 -57.59 44.13
CA THR G 1277 27.31 -57.26 45.12
C THR G 1277 27.47 -55.75 45.22
N LEU G 1278 27.90 -55.28 46.40
CA LEU G 1278 27.94 -53.85 46.70
C LEU G 1278 28.86 -53.08 45.77
N PHE G 1279 30.00 -53.66 45.42
CA PHE G 1279 30.87 -53.02 44.45
C PHE G 1279 30.33 -53.09 43.03
N LYS G 1280 29.41 -54.00 42.75
CA LYS G 1280 28.85 -54.13 41.41
C LYS G 1280 27.69 -53.19 41.15
N THR G 1281 26.85 -52.92 42.16
CA THR G 1281 25.74 -51.99 41.95
C THR G 1281 26.23 -50.56 41.77
N ILE G 1282 27.25 -50.16 42.52
CA ILE G 1282 27.78 -48.81 42.36
C ILE G 1282 28.66 -48.73 41.11
N ASP G 1283 29.09 -49.88 40.58
CA ASP G 1283 29.71 -49.86 39.26
C ASP G 1283 28.65 -49.88 38.17
N GLU G 1284 27.49 -50.47 38.44
CA GLU G 1284 26.34 -50.30 37.56
C GLU G 1284 25.79 -48.89 37.65
N TYR G 1285 25.88 -48.27 38.83
CA TYR G 1285 25.32 -46.94 39.05
C TYR G 1285 26.06 -45.87 38.24
N LEU G 1286 27.38 -45.96 38.17
CA LEU G 1286 28.15 -44.91 37.51
C LEU G 1286 28.09 -45.04 36.00
N LEU G 1287 27.96 -46.26 35.48
CA LEU G 1287 27.96 -46.43 34.04
C LEU G 1287 26.57 -46.22 33.44
N ARG G 1288 25.60 -47.07 33.80
CA ARG G 1288 24.37 -47.14 33.03
C ARG G 1288 23.10 -46.80 33.81
N ALA G 1289 23.21 -46.39 35.07
CA ALA G 1289 22.04 -46.02 35.85
C ALA G 1289 21.85 -44.51 35.93
N LYS G 1290 22.19 -43.78 34.86
CA LYS G 1290 22.09 -42.33 34.85
C LYS G 1290 21.13 -41.91 33.73
N ASP G 1291 20.34 -40.88 34.01
CA ASP G 1291 19.38 -40.32 33.06
C ASP G 1291 19.96 -39.07 32.42
N CYS G 1292 19.54 -38.78 31.19
CA CYS G 1292 19.84 -37.49 30.59
C CYS G 1292 18.52 -36.79 30.25
N ILE G 1293 18.54 -35.46 30.37
CA ILE G 1293 17.35 -34.62 30.25
C ILE G 1293 17.65 -33.53 29.24
N ARG G 1294 16.75 -33.36 28.27
CA ARG G 1294 16.89 -32.31 27.26
C ARG G 1294 16.84 -30.94 27.91
N GLY G 1295 17.87 -30.12 27.68
CA GLY G 1295 18.02 -28.89 28.41
C GLY G 1295 17.87 -27.62 27.58
N ASP G 1296 17.09 -27.67 26.51
CA ASP G 1296 16.82 -26.45 25.76
C ASP G 1296 15.34 -26.29 25.42
N THR G 1297 14.44 -26.97 26.11
CA THR G 1297 13.00 -26.83 25.91
C THR G 1297 12.34 -26.46 27.22
N ASP G 1298 11.14 -25.91 27.13
CA ASP G 1298 10.45 -25.38 28.31
C ASP G 1298 9.99 -26.50 29.25
N THR G 1299 9.51 -27.59 28.69
CA THR G 1299 9.16 -28.73 29.53
C THR G 1299 10.17 -29.85 29.36
N GLN G 1300 10.15 -30.79 30.30
CA GLN G 1300 11.18 -31.81 30.41
C GLN G 1300 10.90 -32.94 29.42
N TYR G 1301 11.72 -33.03 28.38
CA TYR G 1301 11.68 -34.16 27.46
C TYR G 1301 12.83 -35.12 27.76
N VAL G 1302 12.72 -36.32 27.22
CA VAL G 1302 13.82 -37.27 27.32
C VAL G 1302 14.86 -36.92 26.26
N CYS G 1303 16.06 -36.58 26.74
CA CYS G 1303 17.26 -36.41 25.95
C CYS G 1303 17.60 -37.65 25.13
N VAL G 1304 17.99 -37.39 23.89
CA VAL G 1304 18.52 -38.42 22.99
C VAL G 1304 19.97 -38.66 23.36
N GLU G 1305 20.34 -39.93 23.48
CA GLU G 1305 21.65 -40.32 24.02
C GLU G 1305 22.80 -39.83 23.16
N GLY G 1306 23.94 -39.58 23.80
CA GLY G 1306 25.14 -39.21 23.10
C GLY G 1306 25.40 -37.72 23.01
N THR G 1307 24.42 -36.97 22.48
CA THR G 1307 24.67 -35.56 22.18
C THR G 1307 24.67 -34.70 23.44
N GLU G 1308 24.09 -35.20 24.52
CA GLU G 1308 24.09 -34.51 25.80
C GLU G 1308 24.72 -35.39 26.86
N GLN G 1309 25.47 -34.77 27.77
CA GLN G 1309 26.03 -35.50 28.89
C GLN G 1309 24.90 -35.91 29.85
N LEU G 1310 25.18 -36.96 30.62
CA LEU G 1310 24.18 -37.54 31.49
C LEU G 1310 23.97 -36.64 32.71
N ILE G 1311 22.82 -36.80 33.35
CA ILE G 1311 22.46 -36.05 34.54
C ILE G 1311 22.56 -37.02 35.71
N GLU G 1312 23.35 -36.66 36.71
CA GLU G 1312 23.61 -37.56 37.82
C GLU G 1312 22.37 -37.72 38.69
N ASN G 1313 22.08 -38.96 39.05
CA ASN G 1313 20.86 -39.30 39.77
C ASN G 1313 21.25 -40.13 40.98
N PRO G 1314 21.55 -39.48 42.11
CA PRO G 1314 21.93 -40.24 43.31
C PRO G 1314 20.74 -40.93 43.97
N CYS G 1315 19.52 -40.55 43.62
CA CYS G 1315 18.35 -41.18 44.19
C CYS G 1315 18.08 -42.56 43.60
N ARG G 1316 18.74 -42.94 42.51
CA ARG G 1316 18.61 -44.29 42.00
C ARG G 1316 19.31 -45.32 42.89
N LEU G 1317 20.31 -44.90 43.66
CA LEU G 1317 20.98 -45.81 44.59
C LEU G 1317 20.09 -46.22 45.74
N THR G 1318 19.46 -45.24 46.38
CA THR G 1318 18.77 -45.50 47.63
C THR G 1318 17.26 -45.63 47.47
N GLN G 1319 16.73 -45.22 46.32
CA GLN G 1319 15.29 -45.25 46.00
C GLN G 1319 14.48 -44.50 47.05
N GLU G 1320 15.01 -43.35 47.45
CA GLU G 1320 14.34 -42.48 48.41
C GLU G 1320 13.98 -41.18 47.74
N ALA G 1321 13.31 -40.29 48.48
CA ALA G 1321 12.98 -38.97 47.98
C ALA G 1321 12.93 -38.03 49.17
N LEU G 1322 13.28 -36.76 48.93
CA LEU G 1322 13.49 -35.84 50.04
C LEU G 1322 12.27 -34.96 50.24
N PRO G 1323 11.85 -34.75 51.48
CA PRO G 1323 10.74 -33.85 51.75
C PRO G 1323 11.10 -32.39 51.55
N ILE G 1324 10.16 -31.65 51.00
CA ILE G 1324 10.34 -30.23 50.72
C ILE G 1324 9.34 -29.48 51.59
N LEU G 1325 9.60 -28.22 51.89
CA LEU G 1325 8.78 -27.44 52.81
C LEU G 1325 7.44 -27.13 52.15
N SER G 1326 6.45 -27.96 52.45
CA SER G 1326 5.09 -27.76 51.94
C SER G 1326 4.12 -27.62 53.10
N THR G 1327 3.89 -26.37 53.48
CA THR G 1327 2.91 -26.09 54.51
C THR G 1327 1.49 -26.24 53.96
N THR G 1328 0.52 -26.15 54.87
CA THR G 1328 -0.88 -26.22 54.46
C THR G 1328 -1.50 -24.84 54.38
N THR G 1329 -1.27 -24.01 55.39
CA THR G 1329 -1.89 -22.70 55.48
C THR G 1329 -0.81 -21.63 55.61
N LEU G 1330 -1.09 -20.48 54.99
CA LEU G 1330 -0.22 -19.32 55.04
C LEU G 1330 -0.02 -18.76 56.45
N ALA G 1331 -0.91 -19.12 57.39
CA ALA G 1331 -0.67 -18.83 58.79
C ALA G 1331 0.63 -19.48 59.27
N LEU G 1332 0.83 -20.74 58.94
CA LEU G 1332 2.04 -21.44 59.30
C LEU G 1332 3.19 -21.12 58.37
N MET G 1333 2.92 -20.58 57.19
CA MET G 1333 3.97 -20.20 56.25
C MET G 1333 4.61 -18.87 56.61
N GLU G 1334 3.82 -17.94 57.15
CA GLU G 1334 4.35 -16.63 57.50
C GLU G 1334 5.26 -16.70 58.71
N THR G 1335 5.14 -17.75 59.54
CA THR G 1335 6.06 -17.91 60.66
C THR G 1335 7.47 -18.19 60.19
N LYS G 1336 7.61 -18.98 59.11
CA LYS G 1336 8.93 -19.35 58.62
C LYS G 1336 9.64 -18.18 57.97
N LEU G 1337 8.89 -17.25 57.37
CA LEU G 1337 9.52 -16.08 56.78
C LEU G 1337 9.78 -15.00 57.82
N LYS G 1338 8.90 -14.90 58.82
CA LYS G 1338 9.12 -13.96 59.91
C LYS G 1338 10.23 -14.45 60.84
N GLY G 1339 10.31 -15.75 61.07
CA GLY G 1339 11.36 -16.29 61.92
C GLY G 1339 12.72 -16.20 61.27
N GLY G 1340 13.75 -16.21 62.10
CA GLY G 1340 15.11 -16.02 61.62
C GLY G 1340 15.75 -17.27 61.07
N ALA G 1341 17.03 -17.45 61.35
CA ALA G 1341 17.79 -18.58 60.82
C ALA G 1341 17.36 -19.88 61.48
N GLY G 1342 17.60 -20.98 60.77
CA GLY G 1342 17.24 -22.28 61.27
C GLY G 1342 15.75 -22.53 61.40
N ALA G 1343 14.91 -21.75 60.71
CA ALA G 1343 13.48 -21.88 60.86
C ALA G 1343 12.89 -22.97 59.97
N PHE G 1344 13.52 -23.26 58.84
CA PHE G 1344 12.95 -24.25 57.92
C PHE G 1344 13.18 -25.68 58.38
N ALA G 1345 14.15 -25.92 59.26
CA ALA G 1345 14.54 -27.27 59.63
C ALA G 1345 13.62 -27.91 60.66
N THR G 1346 12.55 -27.24 61.06
CA THR G 1346 11.61 -27.76 62.03
C THR G 1346 10.33 -28.17 61.34
N SER G 1347 9.48 -28.90 62.06
CA SER G 1347 8.22 -29.41 61.52
C SER G 1347 7.12 -29.20 62.54
N GLU G 1348 6.34 -28.14 62.35
CA GLU G 1348 5.24 -27.80 63.24
C GLU G 1348 3.93 -28.30 62.67
N THR G 1349 3.04 -28.75 63.56
CA THR G 1349 1.71 -29.19 63.18
C THR G 1349 0.69 -28.46 64.05
N HIS G 1350 -0.31 -27.89 63.43
CA HIS G 1350 -1.46 -27.32 64.13
C HIS G 1350 -2.50 -28.41 64.34
N PHE G 1351 -3.75 -28.03 64.63
CA PHE G 1351 -4.84 -28.98 64.82
C PHE G 1351 -5.05 -29.84 63.58
N GLY G 1352 -5.41 -29.22 62.48
CA GLY G 1352 -5.59 -29.96 61.24
C GLY G 1352 -4.48 -29.64 60.25
N ASN G 1353 -3.92 -28.44 60.36
CA ASN G 1353 -2.85 -28.04 59.47
C ASN G 1353 -1.53 -28.59 59.97
N TYR G 1354 -0.52 -28.50 59.11
CA TYR G 1354 0.78 -29.09 59.39
C TYR G 1354 1.81 -28.50 58.46
N VAL G 1355 3.06 -28.50 58.90
CA VAL G 1355 4.19 -28.11 58.07
C VAL G 1355 5.19 -29.26 58.06
N VAL G 1356 5.43 -29.81 56.89
CA VAL G 1356 6.49 -30.80 56.74
C VAL G 1356 7.82 -30.06 56.71
N GLY G 1357 8.75 -30.48 57.56
CA GLY G 1357 10.06 -29.87 57.61
C GLY G 1357 11.05 -30.58 56.70
N GLU G 1358 11.76 -29.78 55.91
CA GLU G 1358 12.82 -30.28 55.06
C GLU G 1358 13.94 -30.90 55.89
N ILE G 1359 14.61 -31.88 55.30
CA ILE G 1359 15.72 -32.56 55.93
C ILE G 1359 17.06 -31.99 55.48
N ILE G 1360 17.18 -31.61 54.21
CA ILE G 1360 18.40 -31.01 53.67
C ILE G 1360 18.13 -29.53 53.45
N PRO G 1361 18.91 -28.63 54.06
CA PRO G 1361 18.58 -27.20 53.99
C PRO G 1361 18.83 -26.60 52.62
N LEU G 1362 17.86 -26.75 51.73
CA LEU G 1362 18.03 -26.28 50.36
C LEU G 1362 17.31 -24.97 50.10
N GLN G 1363 16.31 -24.64 50.91
CA GLN G 1363 15.70 -23.32 50.78
C GLN G 1363 16.21 -22.34 51.83
N GLN G 1364 16.98 -22.81 52.80
CA GLN G 1364 17.47 -21.95 53.87
C GLN G 1364 18.71 -21.17 53.46
N SER G 1365 19.71 -21.85 52.89
CA SER G 1365 20.99 -21.21 52.64
C SER G 1365 21.63 -21.57 51.31
N MET G 1366 20.86 -22.03 50.32
CA MET G 1366 21.43 -22.29 49.01
C MET G 1366 21.58 -20.99 48.22
N LEU G 1367 20.47 -20.34 47.92
CA LEU G 1367 20.46 -19.20 47.01
C LEU G 1367 20.94 -17.91 47.65
N PHE G 1368 21.19 -17.90 48.95
CA PHE G 1368 21.54 -16.66 49.64
C PHE G 1368 22.98 -16.25 49.38
N ASN G 1369 23.86 -17.20 49.11
CA ASN G 1369 25.25 -16.86 48.80
C ASN G 1369 25.36 -16.21 47.43
N SER G 1370 24.41 -16.55 46.54
CA SER G 1370 24.21 -15.92 45.22
C SER G 1370 25.43 -15.97 44.30
N GLU H 5 23.33 30.60 21.20
CA GLU H 5 23.08 31.85 20.52
C GLU H 5 22.69 31.62 19.07
N ALA H 6 23.68 31.69 18.17
CA ALA H 6 23.46 31.41 16.75
C ALA H 6 23.99 30.04 16.36
N ASN H 7 25.18 29.71 16.82
CA ASN H 7 25.78 28.40 16.52
C ASN H 7 25.12 27.34 17.37
N ILE H 8 24.29 26.50 16.77
CA ILE H 8 23.69 25.37 17.47
C ILE H 8 24.27 24.08 16.89
N PHE H 9 24.27 23.04 17.71
CA PHE H 9 24.91 21.77 17.38
C PHE H 9 23.85 20.68 17.39
N CYS H 10 23.90 19.80 16.40
CA CYS H 10 23.01 18.64 16.35
C CYS H 10 23.83 17.36 16.32
N THR H 11 23.63 16.51 17.32
CA THR H 11 24.33 15.23 17.40
C THR H 11 23.47 14.14 16.77
N PHE H 12 24.10 12.99 16.55
CA PHE H 12 23.46 11.87 15.87
C PHE H 12 23.44 10.65 16.77
N ASP H 13 22.58 9.70 16.40
CA ASP H 13 22.45 8.44 17.11
C ASP H 13 23.22 7.31 16.44
N HIS H 14 23.05 7.15 15.14
CA HIS H 14 23.84 6.19 14.39
C HIS H 14 25.27 6.68 14.25
N LYS H 15 26.14 5.76 13.86
CA LYS H 15 27.53 6.13 13.57
C LYS H 15 27.63 6.78 12.20
N LEU H 16 28.82 7.29 11.90
CA LEU H 16 29.07 7.97 10.64
C LEU H 16 30.02 7.15 9.79
N SER H 17 29.55 6.71 8.63
CA SER H 17 30.46 6.19 7.64
C SER H 17 30.87 7.32 6.70
N ILE H 18 31.74 6.98 5.75
CA ILE H 18 32.37 7.99 4.91
C ILE H 18 31.37 8.57 3.92
N ALA H 19 30.44 7.74 3.44
CA ALA H 19 29.45 8.23 2.49
C ALA H 19 28.45 9.18 3.13
N ASP H 20 28.13 8.98 4.41
CA ASP H 20 27.17 9.86 5.07
C ASP H 20 27.77 11.24 5.33
N VAL H 21 29.02 11.29 5.79
CA VAL H 21 29.65 12.58 5.98
C VAL H 21 29.98 13.22 4.64
N GLY H 22 30.13 12.41 3.58
CA GLY H 22 30.26 12.97 2.24
C GLY H 22 28.99 13.63 1.76
N LYS H 23 27.85 12.99 1.99
CA LYS H 23 26.56 13.61 1.71
C LYS H 23 26.30 14.83 2.58
N LEU H 24 26.86 14.87 3.79
CA LEU H 24 26.76 16.07 4.62
C LEU H 24 27.59 17.21 4.05
N THR H 25 28.81 16.93 3.59
CA THR H 25 29.58 17.98 2.95
C THR H 25 29.04 18.35 1.58
N LYS H 26 28.19 17.52 0.99
CA LYS H 26 27.39 17.95 -0.15
C LYS H 26 26.29 18.93 0.25
N LEU H 27 25.95 19.02 1.53
CA LEU H 27 24.92 19.93 2.01
C LEU H 27 25.49 21.12 2.75
N VAL H 28 26.70 21.56 2.39
CA VAL H 28 27.21 22.82 2.91
C VAL H 28 26.39 23.95 2.31
N ALA H 29 25.97 24.89 3.17
CA ALA H 29 25.10 26.02 2.82
C ALA H 29 23.76 25.55 2.27
N ALA H 30 23.24 24.47 2.82
CA ALA H 30 21.87 24.05 2.61
C ALA H 30 20.98 24.78 3.61
N VAL H 31 19.73 24.34 3.72
CA VAL H 31 18.76 25.00 4.58
C VAL H 31 17.85 23.95 5.21
N VAL H 32 17.71 24.00 6.53
CA VAL H 32 16.99 22.98 7.28
C VAL H 32 16.15 23.69 8.34
N PRO H 33 14.86 23.39 8.45
CA PRO H 33 14.03 24.06 9.46
C PRO H 33 14.21 23.46 10.84
N ILE H 34 14.42 24.33 11.82
CA ILE H 34 14.63 23.93 13.22
C ILE H 34 13.52 24.53 14.06
N PRO H 35 12.97 23.78 14.99
CA PRO H 35 12.07 24.39 15.96
C PRO H 35 12.78 24.93 17.19
N GLN H 36 12.20 25.99 17.77
CA GLN H 36 12.45 26.58 19.08
C GLN H 36 13.79 27.29 19.24
N ARG H 37 14.69 27.27 18.24
CA ARG H 37 16.05 27.82 18.34
C ARG H 37 16.86 27.24 19.49
N LEU H 38 16.71 25.94 19.74
CA LEU H 38 17.45 25.28 20.81
C LEU H 38 18.93 25.25 20.52
N HIS H 39 19.72 25.25 21.61
CA HIS H 39 21.17 25.26 21.47
C HIS H 39 21.73 23.89 21.14
N LEU H 40 20.96 22.83 21.40
CA LEU H 40 21.40 21.48 21.11
C LEU H 40 20.17 20.64 20.82
N ILE H 41 20.17 19.98 19.67
CA ILE H 41 19.01 19.21 19.21
C ILE H 41 19.48 17.84 18.77
N LYS H 42 18.57 16.87 18.83
CA LYS H 42 18.86 15.58 18.22
C LYS H 42 18.55 15.61 16.73
N HIS H 43 18.93 14.56 16.03
CA HIS H 43 18.66 14.51 14.60
C HIS H 43 17.24 14.08 14.28
N TYR H 44 16.44 13.74 15.29
CA TYR H 44 15.03 13.45 15.05
C TYR H 44 14.20 14.72 14.86
N GLN H 45 14.57 15.80 15.55
CA GLN H 45 13.95 17.10 15.31
C GLN H 45 14.62 17.85 14.17
N LEU H 46 15.53 17.19 13.46
CA LEU H 46 16.25 17.79 12.36
C LEU H 46 15.46 17.60 11.08
N GLY H 47 15.44 18.62 10.24
CA GLY H 47 14.80 18.50 8.95
C GLY H 47 13.31 18.66 9.05
N LEU H 48 12.58 17.74 8.43
CA LEU H 48 11.13 17.84 8.38
C LEU H 48 10.41 16.51 8.61
N HIS H 49 11.15 15.40 8.73
CA HIS H 49 10.48 14.10 8.79
C HIS H 49 9.75 13.85 10.10
N GLN H 50 10.06 14.59 11.16
CA GLN H 50 9.28 14.47 12.39
C GLN H 50 7.88 15.02 12.24
N PHE H 51 7.64 15.86 11.24
CA PHE H 51 6.34 16.47 11.03
C PHE H 51 5.67 16.05 9.73
N VAL H 52 6.35 15.30 8.87
CA VAL H 52 5.73 14.93 7.60
C VAL H 52 4.70 13.84 7.89
N ASP H 53 3.60 13.87 7.16
CA ASP H 53 2.58 12.83 7.23
C ASP H 53 1.77 12.93 5.95
N HIS H 54 1.88 11.91 5.11
CA HIS H 54 1.02 11.86 3.95
C HIS H 54 -0.41 11.58 4.38
N THR H 55 -1.35 12.05 3.56
CA THR H 55 -2.80 12.06 3.84
C THR H 55 -3.10 12.71 5.20
N ARG H 56 -2.46 13.83 5.44
CA ARG H 56 -2.72 14.68 6.59
C ARG H 56 -2.96 16.12 6.19
N GLY H 57 -2.42 16.55 5.05
CA GLY H 57 -2.67 17.88 4.56
C GLY H 57 -1.43 18.60 4.11
N TYR H 58 -1.50 19.29 2.98
CA TYR H 58 -0.39 20.16 2.57
C TYR H 58 -0.45 21.49 3.29
N VAL H 59 -1.64 21.92 3.69
CA VAL H 59 -1.80 23.24 4.29
C VAL H 59 -1.23 23.28 5.70
N ARG H 60 -1.37 22.22 6.48
CA ARG H 60 -0.82 22.24 7.83
C ARG H 60 0.70 22.16 7.79
N LEU H 61 1.26 21.45 6.80
CA LEU H 61 2.69 21.48 6.60
C LEU H 61 3.18 22.85 6.18
N ARG H 62 2.44 23.51 5.28
CA ARG H 62 2.79 24.86 4.85
C ARG H 62 2.66 25.86 5.99
N GLY H 63 1.78 25.60 6.95
CA GLY H 63 1.70 26.43 8.12
C GLY H 63 2.86 26.22 9.05
N LEU H 64 3.02 24.98 9.55
CA LEU H 64 3.98 24.76 10.63
C LEU H 64 5.42 24.70 10.14
N LEU H 65 5.67 24.60 8.84
CA LEU H 65 7.02 24.81 8.35
C LEU H 65 7.43 26.27 8.51
N ARG H 66 6.49 27.18 8.30
CA ARG H 66 6.79 28.60 8.35
C ARG H 66 7.05 29.08 9.77
N ASN H 67 6.62 28.31 10.77
CA ASN H 67 6.83 28.69 12.15
C ASN H 67 8.15 28.21 12.72
N MET H 68 8.71 27.12 12.20
CA MET H 68 10.04 26.69 12.61
C MET H 68 11.06 27.68 12.10
N THR H 69 12.12 27.90 12.88
CA THR H 69 13.16 28.81 12.42
C THR H 69 14.06 28.11 11.42
N LEU H 70 14.80 28.90 10.67
CA LEU H 70 15.63 28.38 9.60
C LEU H 70 17.10 28.57 9.93
N THR H 71 17.93 27.73 9.35
CA THR H 71 19.37 27.79 9.58
C THR H 71 20.08 27.30 8.32
N LEU H 72 21.40 27.38 8.35
CA LEU H 72 22.24 26.84 7.30
C LEU H 72 23.11 25.73 7.89
N MET H 73 23.71 24.94 7.00
CA MET H 73 24.51 23.80 7.40
C MET H 73 25.95 24.00 6.96
N ARG H 74 26.88 23.91 7.91
CA ARG H 74 28.30 23.98 7.60
C ARG H 74 29.07 23.31 8.71
N ARG H 75 30.36 23.05 8.42
CA ARG H 75 31.38 22.68 9.41
C ARG H 75 31.03 21.38 10.16
N VAL H 76 30.94 20.30 9.40
CA VAL H 76 30.75 18.98 10.01
C VAL H 76 32.06 18.57 10.68
N GLU H 77 31.97 17.91 11.84
CA GLU H 77 33.15 17.56 12.61
C GLU H 77 33.20 16.10 13.02
N GLY H 78 32.07 15.38 12.97
CA GLY H 78 32.05 14.01 13.44
C GLY H 78 31.20 13.85 14.69
N ASN H 79 30.11 13.10 14.56
CA ASN H 79 29.05 12.89 15.55
C ASN H 79 28.39 14.19 15.99
N GLN H 80 28.51 15.23 15.16
CA GLN H 80 27.87 16.52 15.37
C GLN H 80 27.88 17.27 14.05
N ILE H 81 26.87 18.12 13.85
CA ILE H 81 26.81 18.99 12.69
C ILE H 81 26.45 20.39 13.17
N LEU H 82 27.18 21.38 12.67
CA LEU H 82 27.02 22.76 13.13
C LEU H 82 25.97 23.46 12.29
N LEU H 83 25.04 24.14 12.95
CA LEU H 83 24.05 24.95 12.28
C LEU H 83 24.19 26.39 12.73
N HIS H 84 24.33 27.29 11.76
CA HIS H 84 24.48 28.72 12.03
C HIS H 84 23.18 29.40 11.62
N VAL H 85 22.40 29.82 12.62
CA VAL H 85 21.15 30.51 12.38
C VAL H 85 21.47 31.90 11.84
N PRO H 86 20.91 32.28 10.69
CA PRO H 86 21.28 33.55 10.07
C PRO H 86 20.61 34.73 10.76
N THR H 87 21.23 35.89 10.63
CA THR H 87 20.70 37.13 11.17
C THR H 87 20.14 37.99 10.05
N HIS H 88 19.44 39.06 10.44
CA HIS H 88 18.70 39.86 9.47
C HIS H 88 19.64 40.72 8.64
N GLY H 89 19.45 40.68 7.32
CA GLY H 89 20.13 41.57 6.42
C GLY H 89 21.54 41.20 6.07
N LEU H 90 22.05 40.06 6.52
CA LEU H 90 23.41 39.64 6.22
C LEU H 90 23.43 38.72 5.01
N LEU H 91 24.56 38.74 4.30
CA LEU H 91 24.71 38.05 3.02
C LEU H 91 25.24 36.66 3.26
N TYR H 92 24.44 35.65 2.93
CA TYR H 92 24.84 34.26 3.06
C TYR H 92 24.74 33.56 1.71
N THR H 93 25.44 32.44 1.60
CA THR H 93 25.29 31.58 0.44
C THR H 93 24.28 30.48 0.75
N VAL H 94 23.44 30.17 -0.24
CA VAL H 94 22.41 29.15 -0.11
C VAL H 94 22.57 28.17 -1.26
N LEU H 95 22.60 26.88 -0.94
CA LEU H 95 22.60 25.82 -1.93
C LEU H 95 21.21 25.22 -2.00
N ASN H 96 20.53 25.39 -3.13
CA ASN H 96 19.20 24.82 -3.27
C ASN H 96 19.29 23.36 -3.66
N THR H 97 18.19 22.65 -3.42
CA THR H 97 18.04 21.27 -3.83
C THR H 97 16.74 21.04 -4.59
N GLY H 98 15.71 21.82 -4.29
CA GLY H 98 14.50 21.81 -5.07
C GLY H 98 14.76 22.37 -6.45
N PRO H 99 14.57 21.55 -7.48
CA PRO H 99 15.01 21.96 -8.81
C PRO H 99 14.07 22.94 -9.49
N VAL H 100 14.02 24.16 -8.97
CA VAL H 100 13.31 25.26 -9.61
C VAL H 100 14.34 26.27 -10.09
N THR H 101 14.03 26.96 -11.18
CA THR H 101 15.00 27.83 -11.81
C THR H 101 15.09 29.14 -11.06
N TRP H 102 16.32 29.61 -10.86
CA TRP H 102 16.57 30.85 -10.14
C TRP H 102 17.15 31.89 -11.08
N GLU H 103 16.85 33.15 -10.81
CA GLU H 103 17.39 34.28 -11.55
C GLU H 103 17.78 35.36 -10.57
N LYS H 104 18.61 36.30 -11.02
CA LYS H 104 19.12 37.31 -10.11
C LYS H 104 18.07 38.38 -9.85
N GLY H 105 18.24 39.09 -8.73
CA GLY H 105 17.29 40.10 -8.31
C GLY H 105 15.93 39.58 -7.93
N ASP H 106 15.82 38.31 -7.57
CA ASP H 106 14.54 37.65 -7.39
C ASP H 106 14.39 37.25 -5.92
N ALA H 107 13.17 37.31 -5.42
CA ALA H 107 12.86 37.01 -4.03
C ALA H 107 12.54 35.53 -3.87
N LEU H 108 12.76 35.01 -2.66
CA LEU H 108 12.66 33.60 -2.40
C LEU H 108 11.89 33.36 -1.11
N CYS H 109 11.09 32.31 -1.08
CA CYS H 109 10.49 31.88 0.18
C CYS H 109 10.37 30.37 0.18
N VAL H 110 9.85 29.83 1.27
CA VAL H 110 9.99 28.41 1.59
C VAL H 110 8.63 27.75 1.58
N LEU H 111 8.51 26.66 0.83
CA LEU H 111 7.33 25.81 0.76
C LEU H 111 7.70 24.40 1.16
N PRO H 112 6.77 23.64 1.74
CA PRO H 112 7.05 22.23 2.03
C PRO H 112 7.19 21.45 0.74
N PRO H 113 7.95 20.34 0.76
CA PRO H 113 8.27 19.67 -0.51
C PRO H 113 7.09 18.94 -1.12
N LEU H 114 6.51 19.60 -2.11
CA LEU H 114 5.56 19.01 -3.04
C LEU H 114 6.35 18.07 -3.94
N PHE H 115 5.83 16.86 -4.14
CA PHE H 115 6.59 15.87 -4.87
C PHE H 115 6.61 16.22 -6.36
N HIS H 116 7.75 15.91 -7.00
CA HIS H 116 8.08 16.55 -8.27
C HIS H 116 7.29 15.96 -9.44
N GLY H 117 6.84 14.73 -9.34
CA GLY H 117 6.09 14.13 -10.43
C GLY H 117 6.57 12.77 -10.91
N PRO H 118 7.89 12.56 -11.03
CA PRO H 118 8.40 11.18 -11.15
C PRO H 118 8.47 10.45 -9.82
N LEU H 119 8.17 11.13 -8.71
CA LEU H 119 8.40 10.68 -7.34
C LEU H 119 9.87 10.23 -7.19
N ALA H 120 10.73 11.25 -7.31
CA ALA H 120 12.17 11.02 -7.17
C ALA H 120 12.52 10.59 -5.75
N ARG H 121 11.90 11.23 -4.75
CA ARG H 121 11.94 10.83 -3.34
C ARG H 121 13.36 10.81 -2.80
N GLU H 122 14.19 11.72 -3.30
CA GLU H 122 15.62 11.74 -2.99
C GLU H 122 15.79 12.19 -1.56
N ASN H 123 15.89 11.20 -0.67
CA ASN H 123 16.14 11.47 0.75
C ASN H 123 17.50 12.08 0.98
N LEU H 124 18.51 11.67 0.19
CA LEU H 124 19.88 12.20 0.14
C LEU H 124 20.60 12.21 1.49
N LEU H 125 20.09 11.47 2.47
CA LEU H 125 20.80 11.07 3.68
C LEU H 125 20.08 9.86 4.23
N THR H 126 20.72 8.69 4.11
CA THR H 126 20.05 7.43 4.37
C THR H 126 20.24 7.02 5.82
N LEU H 127 19.16 6.59 6.45
CA LEU H 127 19.18 5.91 7.73
C LEU H 127 18.12 4.83 7.68
N GLY H 128 17.85 4.23 8.85
CA GLY H 128 16.85 3.18 8.90
C GLY H 128 15.44 3.74 8.87
N GLN H 129 15.08 4.55 9.86
CA GLN H 129 13.70 4.91 10.12
C GLN H 129 13.52 6.42 10.01
N TRP H 130 14.53 7.11 9.48
CA TRP H 130 14.46 8.56 9.37
C TRP H 130 15.23 9.02 8.15
N GLU H 131 14.66 10.00 7.45
CA GLU H 131 15.31 10.62 6.31
C GLU H 131 15.33 12.13 6.53
N LEU H 132 16.35 12.77 5.98
CA LEU H 132 16.46 14.22 6.03
C LEU H 132 15.78 14.74 4.76
N VAL H 133 14.51 14.99 4.86
CA VAL H 133 13.78 15.62 3.77
C VAL H 133 13.96 17.13 3.89
N LEU H 134 14.21 17.78 2.76
CA LEU H 134 14.63 19.16 2.72
C LEU H 134 13.48 20.09 2.35
N PRO H 135 13.44 21.29 2.90
CA PRO H 135 12.45 22.26 2.46
C PRO H 135 12.81 22.80 1.08
N TRP H 136 11.78 23.12 0.30
CA TRP H 136 12.00 23.68 -1.02
C TRP H 136 12.27 25.17 -0.89
N ILE H 137 13.19 25.68 -1.70
CA ILE H 137 13.40 27.12 -1.77
C ILE H 137 12.92 27.58 -3.14
N VAL H 138 11.79 28.27 -3.15
CA VAL H 138 11.01 28.52 -4.35
C VAL H 138 10.91 30.03 -4.52
N PRO H 139 11.11 30.57 -5.73
CA PRO H 139 10.97 32.01 -5.92
C PRO H 139 9.53 32.46 -5.75
N MET H 140 9.37 33.76 -5.49
CA MET H 140 8.07 34.30 -5.06
C MET H 140 6.94 34.22 -6.10
N PRO H 141 7.15 34.35 -7.42
CA PRO H 141 6.02 34.09 -8.33
C PRO H 141 5.46 32.67 -8.29
N LEU H 142 6.31 31.64 -8.29
CA LEU H 142 5.81 30.27 -8.24
C LEU H 142 5.13 29.98 -6.91
N ALA H 143 5.70 30.45 -5.81
CA ALA H 143 5.13 30.18 -4.50
C ALA H 143 3.82 30.93 -4.30
N LEU H 144 3.74 32.16 -4.81
CA LEU H 144 2.48 32.89 -4.75
C LEU H 144 1.41 32.23 -5.62
N GLU H 145 1.83 31.69 -6.76
CA GLU H 145 0.90 30.93 -7.59
C GLU H 145 0.42 29.67 -6.91
N ILE H 146 1.30 28.99 -6.17
CA ILE H 146 0.92 27.80 -5.43
C ILE H 146 -0.08 28.14 -4.34
N ASN H 147 0.15 29.24 -3.63
CA ASN H 147 -0.77 29.67 -2.58
C ASN H 147 -2.12 30.06 -3.14
N GLN H 148 -2.13 30.80 -4.26
CA GLN H 148 -3.38 31.23 -4.86
C GLN H 148 -4.17 30.07 -5.42
N ARG H 149 -3.49 29.10 -6.05
CA ARG H 149 -4.18 27.93 -6.58
C ARG H 149 -4.68 27.04 -5.46
N LEU H 150 -3.95 26.96 -4.34
CA LEU H 150 -4.42 26.17 -3.21
C LEU H 150 -5.67 26.80 -2.60
N LEU H 151 -5.70 28.12 -2.47
CA LEU H 151 -6.88 28.80 -1.96
C LEU H 151 -8.07 28.67 -2.90
N ILE H 152 -7.84 28.79 -4.22
CA ILE H 152 -8.94 28.67 -5.17
C ILE H 152 -9.48 27.25 -5.20
N MET H 153 -8.58 26.26 -5.18
CA MET H 153 -8.99 24.87 -5.19
C MET H 153 -9.65 24.47 -3.88
N GLY H 154 -9.32 25.14 -2.80
CA GLY H 154 -10.04 24.96 -1.56
C GLY H 154 -11.43 25.59 -1.61
N LEU H 155 -11.56 26.74 -2.26
CA LEU H 155 -12.84 27.43 -2.28
C LEU H 155 -13.83 26.76 -3.22
N PHE H 156 -13.37 26.26 -4.37
CA PHE H 156 -14.28 25.66 -5.33
C PHE H 156 -14.80 24.31 -4.87
N SER H 157 -14.02 23.59 -4.08
CA SER H 157 -14.34 22.23 -3.69
C SER H 157 -15.43 22.14 -2.62
N LEU H 158 -15.98 23.26 -2.17
CA LEU H 158 -17.07 23.22 -1.20
C LEU H 158 -18.41 22.99 -1.90
N ASP H 159 -19.19 22.06 -1.33
CA ASP H 159 -20.51 21.65 -1.83
C ASP H 159 -20.42 21.19 -3.29
N ARG H 160 -19.49 20.30 -3.57
CA ARG H 160 -19.32 19.76 -4.91
C ARG H 160 -19.09 18.26 -4.86
N SER H 161 -19.76 17.54 -5.75
CA SER H 161 -19.52 16.12 -5.91
C SER H 161 -18.16 15.90 -6.59
N TYR H 162 -17.73 14.64 -6.58
CA TYR H 162 -16.33 14.32 -6.89
C TYR H 162 -15.97 14.52 -8.36
N GLU H 163 -16.94 14.42 -9.26
CA GLU H 163 -16.62 14.35 -10.68
C GLU H 163 -16.21 15.71 -11.23
N GLU H 164 -16.98 16.75 -10.92
CA GLU H 164 -16.69 18.08 -11.46
C GLU H 164 -15.44 18.66 -10.84
N VAL H 165 -15.27 18.44 -9.52
CA VAL H 165 -14.07 18.93 -8.87
C VAL H 165 -12.86 18.13 -9.32
N LYS H 166 -13.04 16.86 -9.69
CA LYS H 166 -11.92 16.07 -10.18
C LYS H 166 -11.49 16.53 -11.58
N ALA H 167 -12.47 16.81 -12.44
CA ALA H 167 -12.20 17.37 -13.75
C ALA H 167 -11.55 18.75 -13.70
N ALA H 168 -11.87 19.57 -12.70
CA ALA H 168 -11.19 20.85 -12.56
C ALA H 168 -9.84 20.75 -11.88
N VAL H 169 -9.66 19.78 -10.98
CA VAL H 169 -8.41 19.62 -10.26
C VAL H 169 -7.31 19.04 -11.13
N GLN H 170 -7.63 18.04 -11.98
CA GLN H 170 -6.60 17.42 -12.83
C GLN H 170 -5.98 18.38 -13.82
N GLN H 171 -6.65 19.49 -14.14
CA GLN H 171 -6.01 20.61 -14.81
C GLN H 171 -5.39 21.59 -13.82
N LEU H 172 -6.10 21.90 -12.74
CA LEU H 172 -5.67 22.95 -11.82
C LEU H 172 -4.49 22.54 -10.95
N GLN H 173 -4.28 21.23 -10.74
CA GLN H 173 -3.17 20.81 -9.90
C GLN H 173 -1.83 20.95 -10.61
N THR H 174 -1.84 21.08 -11.93
CA THR H 174 -0.58 21.22 -12.67
C THR H 174 -0.24 22.69 -12.83
N ILE H 175 1.06 22.98 -12.93
CA ILE H 175 1.57 24.33 -13.00
C ILE H 175 2.96 24.29 -13.62
N THR H 176 3.23 25.24 -14.51
CA THR H 176 4.55 25.37 -15.12
C THR H 176 5.18 26.70 -14.78
N PHE H 177 6.51 26.71 -14.72
CA PHE H 177 7.29 27.93 -14.52
C PHE H 177 8.70 27.63 -15.02
N ARG H 178 9.04 28.21 -16.18
CA ARG H 178 10.33 28.05 -16.84
C ARG H 178 10.64 26.58 -17.12
N ASP H 179 9.70 25.95 -17.86
CA ASP H 179 9.78 24.56 -18.28
C ASP H 179 9.88 23.59 -17.11
N ALA H 180 8.83 23.53 -16.30
CA ALA H 180 8.76 22.58 -15.19
C ALA H 180 7.32 22.13 -15.03
N THR H 181 7.10 21.12 -14.18
CA THR H 181 5.77 20.61 -13.91
C THR H 181 5.69 20.18 -12.45
N PHE H 182 4.65 20.61 -11.76
CA PHE H 182 4.44 20.29 -10.36
C PHE H 182 2.98 19.87 -10.14
N THR H 183 2.77 19.08 -9.08
CA THR H 183 1.44 18.70 -8.62
C THR H 183 1.35 19.01 -7.13
N ILE H 184 0.19 18.81 -6.53
CA ILE H 184 0.02 19.06 -5.11
C ILE H 184 -0.57 17.82 -4.45
N PRO H 185 0.16 17.17 -3.55
CA PRO H 185 -0.25 15.83 -3.08
C PRO H 185 -1.43 15.78 -2.11
N ASP H 186 -1.44 16.63 -1.08
CA ASP H 186 -2.33 16.48 0.07
C ASP H 186 -3.16 17.75 0.26
N PRO H 187 -4.08 18.05 -0.66
CA PRO H 187 -4.69 19.39 -0.70
C PRO H 187 -5.92 19.57 0.19
N VAL H 188 -6.07 18.72 1.20
CA VAL H 188 -7.32 18.47 1.91
C VAL H 188 -7.90 19.69 2.62
N ILE H 189 -9.18 19.62 2.94
CA ILE H 189 -9.87 20.68 3.68
C ILE H 189 -9.46 20.58 5.14
N ASP H 190 -8.85 21.65 5.64
CA ASP H 190 -8.37 21.70 7.01
C ASP H 190 -9.04 22.85 7.75
N GLN H 191 -8.85 22.86 9.07
CA GLN H 191 -9.44 23.90 9.91
C GLN H 191 -8.76 25.24 9.66
N HIS H 192 -7.44 25.23 9.47
CA HIS H 192 -6.73 26.46 9.08
C HIS H 192 -7.18 26.93 7.71
N LEU H 193 -7.43 25.98 6.80
CA LEU H 193 -7.94 26.32 5.48
C LEU H 193 -9.34 26.93 5.58
N LEU H 194 -10.20 26.38 6.43
CA LEU H 194 -11.56 26.91 6.54
C LEU H 194 -11.59 28.25 7.24
N ILE H 195 -10.70 28.48 8.21
CA ILE H 195 -10.69 29.78 8.85
C ILE H 195 -10.07 30.83 7.91
N ASP H 196 -9.20 30.42 6.98
CA ASP H 196 -8.74 31.36 5.98
C ASP H 196 -9.81 31.65 4.92
N MET H 197 -10.63 30.64 4.60
CA MET H 197 -11.79 30.88 3.74
C MET H 197 -12.77 31.84 4.40
N LYS H 198 -12.96 31.71 5.71
CA LYS H 198 -13.83 32.63 6.45
C LYS H 198 -13.27 34.05 6.43
N THR H 199 -11.95 34.19 6.63
CA THR H 199 -11.31 35.50 6.59
C THR H 199 -11.42 36.12 5.21
N ALA H 200 -11.22 35.32 4.17
CA ALA H 200 -11.36 35.80 2.79
C ALA H 200 -12.78 36.25 2.47
N CYS H 201 -13.78 35.48 2.93
CA CYS H 201 -15.17 35.85 2.66
C CYS H 201 -15.55 37.14 3.37
N LEU H 202 -15.14 37.30 4.64
CA LEU H 202 -15.45 38.51 5.39
C LEU H 202 -14.76 39.73 4.78
N SER H 203 -13.46 39.60 4.45
CA SER H 203 -12.73 40.73 3.90
C SER H 203 -13.22 41.10 2.49
N MET H 204 -13.54 40.10 1.67
CA MET H 204 -13.97 40.40 0.30
C MET H 204 -15.37 40.97 0.29
N SER H 205 -16.23 40.55 1.22
CA SER H 205 -17.53 41.20 1.35
C SER H 205 -17.40 42.61 1.90
N MET H 206 -16.39 42.85 2.75
CA MET H 206 -16.17 44.21 3.21
C MET H 206 -15.67 45.12 2.10
N VAL H 207 -14.89 44.58 1.15
CA VAL H 207 -14.60 45.29 -0.09
C VAL H 207 -15.90 45.56 -0.86
N ALA H 208 -16.81 44.58 -0.87
CA ALA H 208 -18.06 44.74 -1.60
C ALA H 208 -18.95 45.83 -1.00
N ASN H 209 -18.84 46.06 0.31
CA ASN H 209 -19.58 47.16 0.91
C ASN H 209 -18.92 48.50 0.66
N LEU H 210 -17.59 48.53 0.57
CA LEU H 210 -16.85 49.79 0.53
C LEU H 210 -16.53 50.24 -0.87
N ALA H 211 -17.40 49.97 -1.84
CA ALA H 211 -17.22 50.44 -3.20
C ALA H 211 -18.11 51.65 -3.42
N SER H 212 -17.57 52.66 -4.10
CA SER H 212 -18.34 53.85 -4.43
C SER H 212 -19.21 53.56 -5.65
N GLU H 213 -20.07 54.52 -6.01
CA GLU H 213 -21.03 54.35 -7.09
C GLU H 213 -20.44 54.66 -8.46
N LEU H 214 -19.13 54.82 -8.56
CA LEU H 214 -18.49 55.11 -9.84
C LEU H 214 -17.43 54.05 -10.14
N THR H 215 -16.81 53.51 -9.09
CA THR H 215 -15.84 52.46 -9.29
C THR H 215 -16.50 51.10 -9.45
N MET H 216 -17.81 51.02 -9.26
CA MET H 216 -18.52 49.81 -9.65
C MET H 216 -18.92 49.83 -11.12
N THR H 217 -19.02 51.02 -11.70
CA THR H 217 -19.53 51.19 -13.06
C THR H 217 -18.50 51.81 -13.98
N TYR H 218 -17.23 51.77 -13.59
CA TYR H 218 -16.14 52.23 -14.44
C TYR H 218 -15.91 51.31 -15.63
N VAL H 219 -16.00 50.00 -15.38
CA VAL H 219 -15.72 49.02 -16.42
C VAL H 219 -16.84 48.99 -17.45
N ARG H 220 -18.08 49.29 -17.04
CA ARG H 220 -19.16 49.42 -18.01
C ARG H 220 -18.96 50.63 -18.89
N LYS H 221 -18.37 51.70 -18.34
CA LYS H 221 -18.09 52.88 -19.13
C LYS H 221 -16.96 52.63 -20.12
N LEU H 222 -15.95 51.85 -19.73
CA LEU H 222 -14.92 51.49 -20.70
C LEU H 222 -15.44 50.54 -21.77
N ALA H 223 -16.33 49.62 -21.40
CA ALA H 223 -16.94 48.74 -22.38
C ALA H 223 -17.87 49.50 -23.32
N LEU H 224 -18.43 50.61 -22.83
CA LEU H 224 -19.14 51.52 -23.72
C LEU H 224 -18.18 52.20 -24.68
N GLU H 225 -17.03 52.66 -24.19
CA GLU H 225 -16.14 53.47 -25.02
C GLU H 225 -15.25 52.61 -25.91
N ASP H 226 -14.39 51.78 -25.32
CA ASP H 226 -13.38 51.05 -26.07
C ASP H 226 -13.71 49.57 -26.14
N SER H 227 -12.94 48.86 -26.97
CA SER H 227 -13.08 47.41 -27.17
C SER H 227 -11.68 46.84 -27.37
N SER H 228 -11.08 46.37 -26.28
CA SER H 228 -9.77 45.75 -26.33
C SER H 228 -9.88 44.27 -25.96
N MET H 229 -8.75 43.57 -26.00
CA MET H 229 -8.76 42.12 -25.77
C MET H 229 -9.04 41.79 -24.32
N LEU H 230 -8.30 42.40 -23.40
CA LEU H 230 -8.58 42.20 -21.98
C LEU H 230 -9.90 42.83 -21.58
N LEU H 231 -10.33 43.88 -22.29
CA LEU H 231 -11.67 44.44 -22.10
C LEU H 231 -12.74 43.41 -22.41
N VAL H 232 -12.61 42.70 -23.54
CA VAL H 232 -13.59 41.71 -23.93
C VAL H 232 -13.52 40.50 -23.01
N LYS H 233 -12.30 40.09 -22.62
CA LYS H 233 -12.13 38.96 -21.71
C LYS H 233 -12.70 39.22 -20.33
N CYS H 234 -12.55 40.42 -19.79
CA CYS H 234 -13.21 40.78 -18.54
C CYS H 234 -14.71 40.96 -18.71
N GLN H 235 -15.14 41.60 -19.81
CA GLN H 235 -16.54 41.90 -20.02
C GLN H 235 -17.35 40.64 -20.30
N GLU H 236 -16.71 39.58 -20.78
CA GLU H 236 -17.43 38.34 -21.06
C GLU H 236 -17.94 37.69 -19.77
N LEU H 237 -17.04 37.48 -18.81
CA LEU H 237 -17.46 36.99 -17.51
C LEU H 237 -18.34 38.01 -16.80
N LEU H 238 -18.07 39.31 -17.00
CA LEU H 238 -18.87 40.34 -16.35
C LEU H 238 -20.31 40.36 -16.85
N MET H 239 -20.55 40.10 -18.13
CA MET H 239 -21.91 40.01 -18.63
C MET H 239 -22.52 38.67 -18.31
N ARG H 240 -21.68 37.65 -18.06
CA ARG H 240 -22.19 36.41 -17.47
C ARG H 240 -22.70 36.63 -16.05
N LEU H 241 -22.15 37.62 -15.33
CA LEU H 241 -22.73 37.97 -14.03
C LEU H 241 -24.10 38.62 -14.20
N ASP H 242 -24.20 39.56 -15.13
CA ASP H 242 -25.44 40.30 -15.33
C ASP H 242 -26.44 39.49 -16.14
N ARG H 255 -24.22 59.85 -15.86
CA ARG H 255 -23.77 61.09 -15.26
C ARG H 255 -23.74 60.96 -13.73
N PRO H 256 -22.63 61.35 -13.11
CA PRO H 256 -22.50 61.22 -11.65
C PRO H 256 -23.37 62.23 -10.92
N GLN H 257 -24.03 61.77 -9.86
CA GLN H 257 -24.94 62.64 -9.11
C GLN H 257 -24.17 63.56 -8.18
N HIS H 258 -23.47 62.99 -7.20
CA HIS H 258 -22.77 63.76 -6.18
C HIS H 258 -21.32 63.31 -6.11
N VAL H 259 -20.42 64.29 -6.15
CA VAL H 259 -18.99 64.01 -6.06
C VAL H 259 -18.40 64.77 -4.87
N SER H 260 -18.27 64.08 -3.74
CA SER H 260 -17.55 64.61 -2.60
C SER H 260 -16.23 63.85 -2.50
N PRO H 261 -15.13 64.41 -3.00
CA PRO H 261 -13.91 63.62 -3.23
C PRO H 261 -13.24 63.10 -1.97
N ASP H 262 -13.46 63.74 -0.83
CA ASP H 262 -12.89 63.25 0.41
C ASP H 262 -13.56 61.96 0.85
N ASP H 263 -14.84 61.80 0.53
CA ASP H 263 -15.52 60.55 0.83
C ASP H 263 -15.04 59.43 -0.07
N GLU H 264 -14.72 59.74 -1.33
CA GLU H 264 -14.09 58.75 -2.18
C GLU H 264 -12.69 58.42 -1.70
N ILE H 265 -11.98 59.39 -1.11
CA ILE H 265 -10.66 59.14 -0.55
C ILE H 265 -10.75 58.20 0.64
N ALA H 266 -11.72 58.43 1.53
CA ALA H 266 -11.90 57.56 2.68
C ALA H 266 -12.40 56.16 2.28
N ARG H 267 -13.27 56.09 1.27
CA ARG H 267 -13.74 54.81 0.77
C ARG H 267 -12.60 54.01 0.16
N LEU H 268 -11.72 54.69 -0.60
CA LEU H 268 -10.56 54.01 -1.15
C LEU H 268 -9.52 53.64 -0.10
N SER H 269 -9.44 54.39 1.00
CA SER H 269 -8.52 54.00 2.06
C SER H 269 -9.00 52.76 2.79
N ALA H 270 -10.30 52.69 3.07
CA ALA H 270 -10.88 51.47 3.63
C ALA H 270 -10.74 50.30 2.68
N LEU H 271 -10.93 50.54 1.38
CA LEU H 271 -10.79 49.48 0.40
C LEU H 271 -9.33 49.05 0.28
N PHE H 272 -8.39 49.96 0.54
CA PHE H 272 -6.97 49.61 0.50
C PHE H 272 -6.58 48.73 1.67
N VAL H 273 -7.06 49.04 2.88
CA VAL H 273 -6.73 48.17 4.02
C VAL H 273 -7.43 46.82 3.87
N MET H 274 -8.59 46.79 3.21
CA MET H 274 -9.26 45.52 3.00
C MET H 274 -8.58 44.69 1.92
N LEU H 275 -8.07 45.31 0.86
CA LEU H 275 -7.29 44.55 -0.12
C LEU H 275 -5.94 44.10 0.42
N ARG H 276 -5.34 44.84 1.35
CA ARG H 276 -4.13 44.31 1.99
C ARG H 276 -4.45 43.10 2.84
N GLN H 277 -5.58 43.15 3.57
CA GLN H 277 -5.94 41.99 4.39
C GLN H 277 -6.37 40.81 3.53
N LEU H 278 -6.88 41.07 2.32
CA LEU H 278 -7.20 39.97 1.42
C LEU H 278 -5.93 39.39 0.80
N ASP H 279 -4.99 40.25 0.41
CA ASP H 279 -3.78 39.81 -0.26
C ASP H 279 -2.83 39.10 0.69
N ASP H 280 -2.93 39.38 2.00
CA ASP H 280 -2.04 38.74 2.95
C ASP H 280 -2.36 37.26 3.12
N LEU H 281 -3.54 36.82 2.71
CA LEU H 281 -3.93 35.42 2.83
C LEU H 281 -3.20 34.49 1.86
N ILE H 282 -2.50 35.03 0.85
CA ILE H 282 -1.76 34.18 -0.05
C ILE H 282 -0.30 34.59 -0.12
N ARG H 283 -0.01 35.86 0.12
CA ARG H 283 1.35 36.36 -0.02
C ARG H 283 2.06 36.37 1.33
N GLU H 284 3.15 35.62 1.41
CA GLU H 284 3.91 35.45 2.63
C GLU H 284 4.91 36.58 2.79
N GLN H 285 5.78 36.43 3.79
CA GLN H 285 6.95 37.28 3.91
C GLN H 285 8.07 36.73 3.04
N VAL H 286 8.79 37.63 2.40
CA VAL H 286 9.96 37.28 1.59
C VAL H 286 11.08 36.95 2.58
N VAL H 287 11.63 35.74 2.49
CA VAL H 287 12.65 35.34 3.46
C VAL H 287 14.03 35.22 2.85
N PHE H 288 14.18 35.36 1.53
CA PHE H 288 15.49 35.40 0.91
C PHE H 288 15.42 36.22 -0.37
N THR H 289 16.38 37.12 -0.56
CA THR H 289 16.53 37.86 -1.81
C THR H 289 17.91 37.54 -2.36
N VAL H 290 17.96 37.07 -3.59
CA VAL H 290 19.23 36.62 -4.17
C VAL H 290 20.08 37.84 -4.54
N CYS H 291 21.37 37.61 -4.76
CA CYS H 291 22.26 38.62 -5.31
C CYS H 291 22.87 38.19 -6.63
N ASP H 292 23.49 37.00 -6.67
CA ASP H 292 23.98 36.45 -7.93
C ASP H 292 23.80 34.94 -7.92
N VAL H 293 23.60 34.37 -9.10
CA VAL H 293 23.33 32.95 -9.24
C VAL H 293 24.43 32.32 -10.07
N SER H 294 24.83 31.11 -9.70
CA SER H 294 25.72 30.35 -10.55
C SER H 294 24.91 29.75 -11.70
N PRO H 295 25.45 29.75 -12.92
CA PRO H 295 24.71 29.25 -14.09
C PRO H 295 24.30 27.79 -14.03
N ASP H 296 24.93 26.96 -13.20
CA ASP H 296 24.45 25.60 -13.02
C ASP H 296 23.34 25.51 -11.99
N ASN H 297 23.01 26.64 -11.35
CA ASN H 297 21.83 26.80 -10.50
C ASN H 297 21.85 25.87 -9.29
N LYS H 298 23.02 25.59 -8.75
CA LYS H 298 23.10 24.75 -7.58
C LYS H 298 23.38 25.54 -6.31
N SER H 299 23.85 26.77 -6.45
CA SER H 299 24.10 27.62 -5.29
C SER H 299 23.96 29.07 -5.72
N ALA H 300 23.54 29.90 -4.78
CA ALA H 300 23.40 31.32 -5.02
C ALA H 300 23.55 32.04 -3.68
N THR H 301 23.97 33.29 -3.75
CA THR H 301 24.14 34.11 -2.56
C THR H 301 22.85 34.88 -2.31
N CYS H 302 22.49 34.99 -1.04
CA CYS H 302 21.22 35.59 -0.66
C CYS H 302 21.43 36.51 0.53
N ILE H 303 20.71 37.62 0.54
CA ILE H 303 20.84 38.58 1.62
C ILE H 303 19.52 38.77 2.36
N PHE H 304 19.33 37.95 3.38
CA PHE H 304 18.23 38.00 4.35
C PHE H 304 18.53 36.98 5.43
N LYS H 305 17.69 36.96 6.46
CA LYS H 305 17.75 35.96 7.51
C LYS H 305 16.99 34.71 7.08
N GLY H 306 16.72 33.82 8.02
CA GLY H 306 15.86 32.69 7.77
C GLY H 306 14.51 32.91 8.45
N ALA I 6 29.16 45.92 -0.22
CA ALA I 6 29.13 45.92 -1.68
C ALA I 6 29.70 47.23 -2.23
N ASN I 7 29.91 47.26 -3.55
CA ASN I 7 30.45 48.42 -4.24
C ASN I 7 29.98 48.43 -5.69
N ILE I 8 29.55 49.58 -6.17
CA ILE I 8 29.11 49.74 -7.55
C ILE I 8 29.95 50.84 -8.19
N PHE I 9 30.56 50.52 -9.32
CA PHE I 9 31.34 51.46 -10.10
C PHE I 9 30.59 51.74 -11.40
N CYS I 10 30.25 53.00 -11.64
CA CYS I 10 29.72 53.44 -12.92
C CYS I 10 30.73 54.40 -13.53
N THR I 11 30.80 54.42 -14.85
CA THR I 11 31.74 55.27 -15.56
C THR I 11 31.03 56.07 -16.65
N PHE I 12 31.82 56.82 -17.41
CA PHE I 12 31.32 57.61 -18.52
C PHE I 12 32.25 57.49 -19.71
N ASP I 13 31.76 56.90 -20.80
CA ASP I 13 32.52 56.89 -22.03
C ASP I 13 32.56 58.25 -22.71
N HIS I 14 31.65 59.15 -22.35
CA HIS I 14 31.62 60.50 -22.89
C HIS I 14 32.63 61.37 -22.15
N LYS I 15 32.55 62.68 -22.38
CA LYS I 15 33.47 63.62 -21.76
C LYS I 15 32.71 64.51 -20.79
N LEU I 16 33.35 64.80 -19.65
CA LEU I 16 32.66 65.40 -18.52
C LEU I 16 33.25 66.78 -18.24
N SER I 17 32.42 67.81 -18.36
CA SER I 17 32.86 69.18 -18.11
C SER I 17 33.04 69.42 -16.61
N ILE I 18 33.97 70.32 -16.28
CA ILE I 18 34.30 70.58 -14.88
C ILE I 18 33.16 71.30 -14.16
N ALA I 19 32.38 72.09 -14.89
CA ALA I 19 31.15 72.66 -14.31
C ALA I 19 30.15 71.57 -14.02
N ASP I 20 30.06 70.57 -14.90
CA ASP I 20 29.23 69.42 -14.62
C ASP I 20 29.80 68.54 -13.51
N VAL I 21 31.12 68.54 -13.32
CA VAL I 21 31.72 67.87 -12.17
C VAL I 21 31.27 68.54 -10.88
N GLY I 22 31.30 69.87 -10.85
CA GLY I 22 30.80 70.60 -9.70
C GLY I 22 29.30 70.44 -9.48
N LYS I 23 28.55 70.28 -10.56
CA LYS I 23 27.13 69.96 -10.45
C LYS I 23 26.92 68.57 -9.87
N LEU I 24 27.76 67.62 -10.26
CA LEU I 24 27.63 66.23 -9.85
C LEU I 24 28.04 66.01 -8.41
N THR I 25 29.08 66.69 -7.92
CA THR I 25 29.48 66.51 -6.53
C THR I 25 28.50 67.17 -5.57
N LYS I 26 27.67 68.08 -6.06
CA LYS I 26 26.57 68.58 -5.24
C LYS I 26 25.53 67.49 -4.98
N LEU I 27 25.41 66.52 -5.87
CA LEU I 27 24.63 65.31 -5.60
C LEU I 27 25.55 64.25 -4.99
N VAL I 28 26.05 64.57 -3.80
CA VAL I 28 27.06 63.72 -3.18
C VAL I 28 26.45 62.44 -2.63
N ALA I 29 25.30 62.52 -1.96
CA ALA I 29 24.68 61.32 -1.42
C ALA I 29 23.19 61.40 -1.70
N ALA I 30 22.78 60.91 -2.86
CA ALA I 30 21.38 60.77 -3.22
C ALA I 30 21.16 59.36 -3.72
N VAL I 31 19.91 59.01 -3.97
CA VAL I 31 19.57 57.66 -4.39
C VAL I 31 19.53 57.59 -5.91
N VAL I 32 20.12 56.55 -6.46
CA VAL I 32 20.05 56.26 -7.89
C VAL I 32 19.53 54.84 -8.06
N PRO I 33 18.48 54.62 -8.84
CA PRO I 33 18.03 53.25 -9.08
C PRO I 33 18.96 52.50 -10.03
N ILE I 34 19.02 51.18 -9.90
CA ILE I 34 19.95 50.35 -10.66
C ILE I 34 19.21 49.09 -11.09
N PRO I 35 19.31 48.69 -12.36
CA PRO I 35 18.55 47.51 -12.82
C PRO I 35 19.13 46.19 -12.34
N GLN I 36 20.43 46.11 -12.08
CA GLN I 36 21.02 44.86 -11.60
C GLN I 36 22.30 45.16 -10.86
N ARG I 37 22.47 44.51 -9.71
CA ARG I 37 23.62 44.74 -8.83
C ARG I 37 24.86 44.13 -9.47
N LEU I 38 25.48 44.90 -10.37
CA LEU I 38 26.67 44.48 -11.09
C LEU I 38 27.82 45.40 -10.75
N HIS I 39 29.03 44.84 -10.67
CA HIS I 39 30.16 45.55 -10.09
C HIS I 39 30.64 46.69 -10.98
N LEU I 40 30.68 46.47 -12.29
CA LEU I 40 30.92 47.52 -13.27
C LEU I 40 29.66 47.72 -14.07
N ILE I 41 29.38 48.98 -14.41
CA ILE I 41 28.14 49.32 -15.08
C ILE I 41 28.35 50.61 -15.87
N LYS I 42 27.62 50.75 -16.96
CA LYS I 42 27.64 51.98 -17.73
C LYS I 42 26.68 52.99 -17.12
N HIS I 43 26.77 54.24 -17.56
CA HIS I 43 25.88 55.26 -17.06
C HIS I 43 24.58 55.34 -17.84
N TYR I 44 24.39 54.49 -18.85
CA TYR I 44 23.08 54.40 -19.48
C TYR I 44 22.11 53.57 -18.68
N GLN I 45 22.61 52.78 -17.73
CA GLN I 45 21.76 52.08 -16.78
C GLN I 45 21.52 52.92 -15.53
N LEU I 46 22.11 54.11 -15.47
CA LEU I 46 22.06 54.94 -14.28
C LEU I 46 20.85 55.86 -14.34
N GLY I 47 20.10 55.91 -13.25
CA GLY I 47 18.93 56.76 -13.19
C GLY I 47 17.72 56.17 -13.88
N LEU I 48 16.76 57.02 -14.25
CA LEU I 48 15.50 56.57 -14.84
C LEU I 48 15.35 56.99 -16.29
N HIS I 49 16.41 57.48 -16.93
CA HIS I 49 16.29 58.00 -18.29
C HIS I 49 16.11 56.90 -19.34
N GLN I 50 16.32 55.65 -18.96
CA GLN I 50 16.12 54.52 -19.85
C GLN I 50 14.68 54.06 -19.92
N PHE I 51 13.77 54.67 -19.15
CA PHE I 51 12.38 54.23 -19.11
C PHE I 51 11.39 55.36 -19.41
N VAL I 52 11.87 56.56 -19.70
CA VAL I 52 10.97 57.68 -19.97
C VAL I 52 10.53 57.62 -21.43
N ASP I 53 9.25 57.92 -21.65
CA ASP I 53 8.63 57.88 -22.95
C ASP I 53 7.37 58.74 -22.91
N HIS I 54 6.49 58.57 -23.88
CA HIS I 54 5.21 59.25 -23.89
C HIS I 54 4.13 58.47 -23.17
N THR I 55 4.23 57.14 -23.13
CA THR I 55 3.09 56.27 -22.91
C THR I 55 3.05 55.60 -21.55
N ARG I 56 4.18 55.45 -20.86
CA ARG I 56 4.18 54.67 -19.63
C ARG I 56 3.60 55.48 -18.46
N GLY I 57 4.13 56.68 -18.24
CA GLY I 57 3.55 57.53 -17.22
C GLY I 57 3.98 57.21 -15.81
N TYR I 58 3.08 56.66 -15.00
CA TYR I 58 3.33 56.52 -13.57
C TYR I 58 3.28 55.07 -13.09
N VAL I 59 2.25 54.31 -13.47
CA VAL I 59 2.06 52.98 -12.91
C VAL I 59 3.13 52.01 -13.42
N ARG I 60 3.58 52.19 -14.66
CA ARG I 60 4.72 51.42 -15.15
C ARG I 60 5.98 51.75 -14.35
N LEU I 61 6.17 53.02 -14.00
CA LEU I 61 7.35 53.40 -13.24
C LEU I 61 7.32 52.87 -11.82
N ARG I 62 6.14 52.94 -11.17
CA ARG I 62 6.06 52.40 -9.81
C ARG I 62 6.14 50.88 -9.82
N GLY I 63 5.61 50.23 -10.85
CA GLY I 63 5.75 48.79 -10.95
C GLY I 63 7.15 48.36 -11.35
N LEU I 64 7.92 49.28 -11.94
CA LEU I 64 9.27 48.92 -12.38
C LEU I 64 10.30 49.21 -11.30
N LEU I 65 10.05 50.20 -10.45
CA LEU I 65 10.99 50.49 -9.37
C LEU I 65 10.88 49.51 -8.20
N ARG I 66 9.92 48.59 -8.23
CA ARG I 66 9.87 47.56 -7.21
C ARG I 66 10.99 46.53 -7.42
N ASN I 67 11.10 45.99 -8.64
CA ASN I 67 12.10 44.97 -8.89
C ASN I 67 13.47 45.54 -9.23
N MET I 68 13.64 46.86 -9.18
CA MET I 68 14.97 47.42 -9.25
C MET I 68 15.51 47.67 -7.85
N THR I 69 16.83 47.75 -7.75
CA THR I 69 17.49 47.96 -6.47
C THR I 69 17.89 49.42 -6.32
N LEU I 70 18.22 49.80 -5.09
CA LEU I 70 18.53 51.18 -4.77
C LEU I 70 19.92 51.30 -4.18
N THR I 71 20.65 52.31 -4.66
CA THR I 71 22.00 52.56 -4.19
C THR I 71 22.06 53.97 -3.62
N LEU I 72 23.19 54.29 -3.02
CA LEU I 72 23.51 55.64 -2.59
C LEU I 72 24.90 56.01 -3.09
N MET I 73 25.04 57.22 -3.61
CA MET I 73 26.33 57.68 -4.10
C MET I 73 27.24 57.99 -2.93
N ARG I 74 28.47 57.50 -2.99
CA ARG I 74 29.41 57.74 -1.90
C ARG I 74 30.31 58.94 -2.20
N ARG I 75 31.11 58.83 -3.25
CA ARG I 75 32.02 59.91 -3.65
C ARG I 75 31.99 60.02 -5.16
N VAL I 76 32.56 61.10 -5.66
CA VAL I 76 32.59 61.39 -7.08
C VAL I 76 34.04 61.64 -7.46
N GLU I 77 34.56 60.80 -8.33
CA GLU I 77 35.82 61.08 -9.01
C GLU I 77 35.49 61.69 -10.37
N GLY I 78 36.52 62.26 -11.02
CA GLY I 78 36.39 62.87 -12.33
C GLY I 78 35.99 61.95 -13.46
N ASN I 79 36.04 60.63 -13.28
CA ASN I 79 35.57 59.74 -14.33
C ASN I 79 34.84 58.50 -13.84
N GLN I 80 34.61 58.35 -12.54
CA GLN I 80 33.83 57.21 -12.03
C GLN I 80 33.18 57.62 -10.72
N ILE I 81 31.94 57.21 -10.50
CA ILE I 81 31.21 57.54 -9.27
C ILE I 81 31.11 56.32 -8.38
N LEU I 82 31.51 56.48 -7.13
CA LEU I 82 31.41 55.40 -6.14
C LEU I 82 29.96 55.31 -5.67
N LEU I 83 29.27 54.28 -6.11
CA LEU I 83 27.93 54.01 -5.63
C LEU I 83 27.99 52.89 -4.61
N HIS I 84 27.41 53.14 -3.43
CA HIS I 84 27.48 52.22 -2.30
C HIS I 84 26.07 51.73 -2.01
N VAL I 85 25.83 50.44 -2.25
CA VAL I 85 24.55 49.82 -1.95
C VAL I 85 24.39 49.75 -0.44
N PRO I 86 23.29 50.25 0.11
CA PRO I 86 23.10 50.18 1.56
C PRO I 86 22.73 48.78 2.00
N THR I 87 22.97 48.51 3.28
CA THR I 87 22.57 47.25 3.87
C THR I 87 21.55 47.50 4.97
N HIS I 88 20.85 46.44 5.34
CA HIS I 88 19.83 46.53 6.36
C HIS I 88 20.45 46.76 7.73
N GLY I 89 19.81 47.59 8.54
CA GLY I 89 20.26 47.82 9.90
C GLY I 89 21.17 49.00 10.19
N LEU I 90 22.24 49.15 9.42
CA LEU I 90 23.16 50.27 9.66
C LEU I 90 22.57 51.55 9.08
N LEU I 91 22.90 52.68 9.68
CA LEU I 91 22.32 53.96 9.29
C LEU I 91 23.22 54.67 8.29
N TYR I 92 22.61 55.59 7.53
CA TYR I 92 23.27 56.24 6.42
C TYR I 92 22.92 57.73 6.40
N THR I 93 23.43 58.42 5.39
CA THR I 93 23.18 59.84 5.18
C THR I 93 22.62 60.04 3.78
N VAL I 94 21.42 60.61 3.71
CA VAL I 94 20.77 60.89 2.43
C VAL I 94 20.62 62.39 2.26
N LEU I 95 20.26 62.80 1.05
CA LEU I 95 19.98 64.18 0.73
C LEU I 95 18.54 64.31 0.27
N ASN I 96 17.89 65.38 0.67
CA ASN I 96 16.51 65.63 0.26
C ASN I 96 16.50 66.28 -1.12
N THR I 97 16.25 65.47 -2.14
CA THR I 97 16.09 66.00 -3.49
C THR I 97 14.62 66.22 -3.84
N GLY I 98 13.71 65.73 -2.99
CA GLY I 98 12.32 65.96 -3.19
C GLY I 98 11.90 67.33 -2.69
N PRO I 99 10.81 67.85 -3.26
CA PRO I 99 10.27 69.13 -2.78
C PRO I 99 9.65 69.06 -1.39
N VAL I 100 9.29 67.86 -0.92
CA VAL I 100 8.84 67.70 0.45
C VAL I 100 10.02 67.82 1.39
N THR I 101 9.79 68.41 2.56
CA THR I 101 10.78 68.52 3.61
C THR I 101 10.40 67.60 4.76
N TRP I 102 11.37 66.85 5.27
CA TRP I 102 11.07 65.76 6.19
C TRP I 102 11.14 66.23 7.64
N GLU I 103 10.50 65.45 8.51
CA GLU I 103 10.53 65.63 9.95
C GLU I 103 11.12 64.36 10.56
N LYS I 104 11.30 64.38 11.88
CA LYS I 104 11.85 63.23 12.58
C LYS I 104 10.83 62.10 12.65
N GLY I 105 11.30 60.87 12.47
CA GLY I 105 10.45 59.71 12.58
C GLY I 105 9.66 59.36 11.32
N ASP I 106 9.85 60.11 10.24
CA ASP I 106 9.15 59.84 8.99
C ASP I 106 9.71 58.59 8.32
N ALA I 107 8.82 57.65 8.03
CA ALA I 107 9.18 56.50 7.20
C ALA I 107 9.21 56.97 5.74
N LEU I 108 10.37 56.89 5.12
CA LEU I 108 10.55 57.48 3.79
C LEU I 108 10.26 56.46 2.69
N CYS I 109 9.55 56.91 1.67
CA CYS I 109 9.25 56.09 0.51
C CYS I 109 9.93 56.65 -0.72
N VAL I 110 10.01 55.83 -1.75
CA VAL I 110 10.73 56.15 -2.98
C VAL I 110 9.73 56.16 -4.13
N LEU I 111 9.81 57.19 -4.98
CA LEU I 111 8.77 57.43 -5.94
C LEU I 111 9.33 58.13 -7.16
N PRO I 112 8.88 57.80 -8.37
CA PRO I 112 9.40 58.46 -9.57
C PRO I 112 8.89 59.89 -9.67
N PRO I 113 9.72 60.81 -10.17
CA PRO I 113 9.32 62.21 -10.21
C PRO I 113 8.54 62.56 -11.48
N LEU I 114 7.35 63.14 -11.29
CA LEU I 114 6.47 63.45 -12.41
C LEU I 114 6.38 64.94 -12.71
N PHE I 115 6.58 65.78 -11.70
CA PHE I 115 6.40 67.21 -11.86
C PHE I 115 7.63 67.98 -11.37
N GLN I 129 22.23 64.08 -24.74
CA GLN I 129 21.16 63.18 -25.14
C GLN I 129 20.84 62.21 -24.00
N TRP I 130 21.16 62.62 -22.79
CA TRP I 130 20.92 61.80 -21.60
C TRP I 130 20.86 62.71 -20.39
N GLU I 131 20.03 62.36 -19.43
CA GLU I 131 19.84 63.12 -18.20
C GLU I 131 19.81 62.15 -17.03
N LEU I 132 20.10 62.66 -15.83
CA LEU I 132 19.98 61.89 -14.60
C LEU I 132 18.84 62.47 -13.79
N VAL I 133 17.87 61.65 -13.44
CA VAL I 133 16.74 62.10 -12.64
C VAL I 133 16.62 61.27 -11.38
N PRO I 135 15.07 60.55 -8.52
CA PRO I 135 13.75 60.15 -8.03
C PRO I 135 13.37 60.84 -6.72
N TRP I 136 12.08 61.10 -6.53
CA TRP I 136 11.61 61.79 -5.33
C TRP I 136 11.69 60.87 -4.13
N ILE I 137 12.06 61.42 -2.99
CA ILE I 137 12.04 60.70 -1.72
C ILE I 137 10.98 61.37 -0.84
N VAL I 138 9.80 60.79 -0.84
CA VAL I 138 8.64 61.34 -0.16
C VAL I 138 8.38 60.51 1.10
N PRO I 139 7.99 61.10 2.21
CA PRO I 139 7.51 60.31 3.35
C PRO I 139 6.26 59.50 2.99
N MET I 140 6.05 58.42 3.75
CA MET I 140 5.01 57.44 3.42
C MET I 140 3.57 57.96 3.33
N PRO I 141 3.04 58.79 4.26
CA PRO I 141 1.63 59.20 4.10
C PRO I 141 1.38 60.09 2.89
N LEU I 142 2.30 61.01 2.58
CA LEU I 142 2.12 61.86 1.41
C LEU I 142 2.19 61.05 0.12
N ALA I 143 3.08 60.05 0.08
CA ALA I 143 3.17 59.17 -1.07
C ALA I 143 1.89 58.37 -1.24
N LEU I 144 1.34 57.86 -0.13
CA LEU I 144 0.10 57.08 -0.19
C LEU I 144 -1.07 57.94 -0.66
N GLU I 145 -1.16 59.17 -0.17
CA GLU I 145 -2.32 59.98 -0.50
C GLU I 145 -2.22 60.51 -1.92
N ILE I 146 -1.01 60.80 -2.42
CA ILE I 146 -0.95 61.17 -3.83
C ILE I 146 -1.09 59.96 -4.75
N ASN I 147 -0.76 58.76 -4.26
CA ASN I 147 -1.03 57.55 -5.03
C ASN I 147 -2.53 57.36 -5.22
N GLN I 148 -3.30 57.41 -4.13
CA GLN I 148 -4.74 57.23 -4.27
C GLN I 148 -5.41 58.45 -4.92
N ARG I 149 -4.78 59.63 -4.83
CA ARG I 149 -5.32 60.80 -5.52
C ARG I 149 -5.17 60.65 -7.02
N LEU I 150 -4.00 60.20 -7.49
CA LEU I 150 -3.82 59.93 -8.90
C LEU I 150 -4.70 58.78 -9.36
N LEU I 151 -4.98 57.82 -8.47
CA LEU I 151 -5.85 56.71 -8.82
C LEU I 151 -7.29 57.18 -9.07
N ILE I 152 -7.86 57.96 -8.13
CA ILE I 152 -9.23 58.40 -8.36
C ILE I 152 -9.29 59.48 -9.44
N MET I 153 -8.19 60.19 -9.67
CA MET I 153 -8.13 61.13 -10.77
C MET I 153 -8.06 60.40 -12.10
N GLY I 154 -7.55 59.18 -12.11
CA GLY I 154 -7.69 58.32 -13.28
C GLY I 154 -9.05 57.66 -13.39
N LEU I 155 -9.72 57.44 -12.26
CA LEU I 155 -11.09 56.93 -12.29
C LEU I 155 -12.04 57.94 -12.92
N PHE I 156 -11.86 59.23 -12.62
CA PHE I 156 -12.71 60.25 -13.20
C PHE I 156 -12.39 60.54 -14.67
N SER I 157 -11.32 59.97 -15.21
CA SER I 157 -10.68 60.52 -16.41
C SER I 157 -11.48 60.29 -17.69
N LEU I 158 -12.52 59.46 -17.68
CA LEU I 158 -13.22 59.21 -18.93
C LEU I 158 -14.34 60.23 -19.15
N ASP I 159 -15.00 60.67 -18.08
CA ASP I 159 -16.10 61.63 -18.19
C ASP I 159 -15.63 62.94 -17.58
N ARG I 160 -14.96 63.74 -18.39
CA ARG I 160 -14.48 65.05 -17.97
C ARG I 160 -15.19 66.18 -18.70
N SER I 161 -16.25 65.86 -19.46
CA SER I 161 -16.99 66.89 -20.17
C SER I 161 -17.86 67.72 -19.24
N TYR I 162 -18.18 67.20 -18.06
CA TYR I 162 -19.01 67.90 -17.11
C TYR I 162 -18.19 68.94 -16.35
N GLU I 163 -18.88 69.72 -15.51
CA GLU I 163 -18.24 70.80 -14.78
C GLU I 163 -17.98 70.51 -13.31
N GLU I 164 -18.91 69.83 -12.62
CA GLU I 164 -18.68 69.53 -11.21
C GLU I 164 -17.61 68.46 -11.01
N VAL I 165 -17.47 67.52 -11.96
CA VAL I 165 -16.35 66.59 -11.88
C VAL I 165 -15.06 67.31 -12.28
N LYS I 166 -15.16 68.37 -13.08
CA LYS I 166 -13.97 69.16 -13.41
C LYS I 166 -13.54 69.99 -12.20
N ALA I 167 -14.50 70.48 -11.42
CA ALA I 167 -14.17 71.14 -10.16
C ALA I 167 -13.61 70.15 -9.15
N ALA I 168 -14.10 68.91 -9.16
CA ALA I 168 -13.52 67.89 -8.31
C ALA I 168 -12.09 67.55 -8.71
N VAL I 169 -11.81 67.54 -10.03
CA VAL I 169 -10.46 67.32 -10.53
C VAL I 169 -9.55 68.47 -10.12
N GLN I 170 -10.05 69.72 -10.24
CA GLN I 170 -9.25 70.87 -9.85
C GLN I 170 -8.99 70.92 -8.35
N GLN I 171 -9.94 70.45 -7.54
CA GLN I 171 -9.67 70.28 -6.12
C GLN I 171 -8.71 69.11 -5.88
N LEU I 172 -8.73 68.13 -6.78
CA LEU I 172 -7.91 66.92 -6.67
C LEU I 172 -6.46 67.15 -7.08
N GLN I 173 -6.17 68.22 -7.81
CA GLN I 173 -4.79 68.51 -8.23
C GLN I 173 -3.90 68.83 -7.03
N THR I 174 -4.26 69.85 -6.27
CA THR I 174 -3.39 70.45 -5.27
C THR I 174 -3.51 69.71 -3.95
N ILE I 175 -2.37 69.44 -3.31
CA ILE I 175 -2.33 68.83 -1.99
C ILE I 175 -1.80 69.86 -1.00
N THR I 176 -2.29 69.78 0.23
CA THR I 176 -1.88 70.70 1.30
C THR I 176 -0.88 69.99 2.21
N PHE I 177 0.30 70.57 2.36
CA PHE I 177 1.33 70.04 3.23
C PHE I 177 2.25 71.19 3.62
N ARG I 178 3.11 70.95 4.60
CA ARG I 178 4.04 71.95 5.10
C ARG I 178 5.04 72.34 4.02
N ASP I 179 4.89 73.58 3.51
CA ASP I 179 5.60 74.10 2.34
C ASP I 179 5.48 73.14 1.15
N ALA I 180 4.23 72.93 0.71
CA ALA I 180 3.97 72.07 -0.44
C ALA I 180 2.67 72.51 -1.09
N THR I 181 2.78 73.24 -2.18
CA THR I 181 1.65 73.55 -3.06
C THR I 181 2.01 72.93 -4.40
N PHE I 182 1.61 71.68 -4.59
CA PHE I 182 2.00 70.93 -5.76
C PHE I 182 0.88 70.91 -6.79
N THR I 183 1.25 70.91 -8.06
CA THR I 183 0.30 70.72 -9.14
C THR I 183 0.61 69.36 -9.78
N ILE I 184 -0.05 68.32 -9.28
CA ILE I 184 0.05 66.97 -9.85
C ILE I 184 -0.49 67.01 -11.27
N PRO I 185 0.23 66.46 -12.25
CA PRO I 185 -0.21 66.58 -13.65
C PRO I 185 -1.44 65.75 -13.95
N ASP I 186 -2.08 66.07 -15.06
CA ASP I 186 -3.28 65.39 -15.51
C ASP I 186 -2.90 64.01 -16.04
N PRO I 187 -3.46 62.93 -15.49
CA PRO I 187 -3.14 61.60 -16.05
C PRO I 187 -3.75 61.37 -17.41
N VAL I 188 -4.94 61.91 -17.66
CA VAL I 188 -5.54 61.82 -18.99
C VAL I 188 -5.04 62.98 -19.83
N ILE I 189 -4.69 62.70 -21.08
CA ILE I 189 -4.10 63.67 -22.00
C ILE I 189 -4.65 63.38 -23.38
N ASP I 190 -5.18 64.42 -24.04
CA ASP I 190 -5.83 64.34 -25.36
C ASP I 190 -6.99 63.36 -25.34
N GLN I 191 -7.85 63.50 -24.31
CA GLN I 191 -8.92 62.58 -23.88
C GLN I 191 -8.52 61.10 -23.95
N HIS I 192 -7.27 60.80 -23.59
CA HIS I 192 -6.73 59.45 -23.66
C HIS I 192 -5.95 59.16 -22.41
N LEU I 193 -6.33 58.10 -21.71
CA LEU I 193 -5.58 57.61 -20.57
C LEU I 193 -4.49 56.66 -21.05
N LEU I 194 -3.37 56.67 -20.36
CA LEU I 194 -2.30 55.73 -20.67
C LEU I 194 -2.74 54.32 -20.29
N ILE I 195 -2.17 53.33 -20.97
CA ILE I 195 -2.76 52.00 -20.94
C ILE I 195 -2.49 51.29 -19.61
N ASP I 196 -1.43 51.64 -18.88
CA ASP I 196 -1.17 50.96 -17.63
C ASP I 196 -2.06 51.49 -16.51
N MET I 197 -2.33 52.80 -16.50
CA MET I 197 -3.35 53.34 -15.61
C MET I 197 -4.73 52.81 -15.96
N LYS I 198 -4.98 52.59 -17.25
CA LYS I 198 -6.24 52.01 -17.69
C LYS I 198 -6.40 50.59 -17.14
N THR I 199 -5.33 49.78 -17.19
CA THR I 199 -5.40 48.45 -16.61
C THR I 199 -5.50 48.48 -15.09
N ALA I 200 -4.88 49.47 -14.44
CA ALA I 200 -4.95 49.56 -12.99
C ALA I 200 -6.37 49.90 -12.52
N CYS I 201 -6.96 50.93 -13.10
CA CYS I 201 -8.33 51.28 -12.74
C CYS I 201 -9.33 50.21 -13.19
N LEU I 202 -9.05 49.52 -14.30
CA LEU I 202 -9.90 48.42 -14.70
C LEU I 202 -9.82 47.27 -13.72
N SER I 203 -8.62 46.99 -13.20
CA SER I 203 -8.45 45.93 -12.22
C SER I 203 -9.18 46.27 -10.93
N MET I 204 -9.18 47.55 -10.55
CA MET I 204 -9.91 47.95 -9.35
C MET I 204 -11.42 47.84 -9.54
N SER I 205 -11.92 48.25 -10.71
CA SER I 205 -13.36 48.16 -10.97
C SER I 205 -13.80 46.70 -11.03
N MET I 206 -12.96 45.83 -11.62
CA MET I 206 -13.40 44.45 -11.74
C MET I 206 -13.26 43.70 -10.42
N VAL I 207 -12.28 44.04 -9.57
CA VAL I 207 -12.23 43.36 -8.27
C VAL I 207 -13.40 43.81 -7.40
N ALA I 208 -13.83 45.08 -7.55
CA ALA I 208 -15.01 45.54 -6.83
C ALA I 208 -16.27 44.83 -7.31
N ASN I 209 -16.46 44.72 -8.63
CA ASN I 209 -17.65 44.07 -9.17
C ASN I 209 -17.68 42.58 -8.83
N LEU I 210 -16.57 41.88 -9.10
CA LEU I 210 -16.45 40.46 -8.81
C LEU I 210 -16.65 40.14 -7.34
N ALA I 211 -16.13 40.99 -6.44
CA ALA I 211 -16.43 40.82 -5.02
C ALA I 211 -17.92 40.97 -4.76
N SER I 212 -18.52 42.03 -5.32
CA SER I 212 -19.90 42.38 -5.01
C SER I 212 -20.89 41.35 -5.50
N GLU I 213 -20.53 40.53 -6.49
CA GLU I 213 -21.45 39.50 -6.90
C GLU I 213 -21.02 38.08 -6.55
N LEU I 214 -19.77 37.86 -6.10
CA LEU I 214 -19.42 36.51 -5.66
C LEU I 214 -19.57 36.29 -4.18
N THR I 215 -19.58 37.34 -3.36
CA THR I 215 -19.75 37.09 -1.92
C THR I 215 -21.16 36.60 -1.59
N MET I 216 -22.16 36.95 -2.41
CA MET I 216 -23.52 36.48 -2.17
C MET I 216 -23.63 34.98 -2.37
N THR I 217 -22.96 34.45 -3.38
CA THR I 217 -22.96 33.01 -3.60
C THR I 217 -22.04 32.30 -2.60
N TYR I 218 -20.88 32.86 -2.31
CA TYR I 218 -19.93 32.12 -1.51
C TYR I 218 -20.22 32.20 -0.02
N VAL I 219 -21.04 33.16 0.43
CA VAL I 219 -21.43 33.12 1.83
C VAL I 219 -22.44 32.02 2.06
N ARG I 220 -23.18 31.61 1.02
CA ARG I 220 -23.97 30.40 1.12
C ARG I 220 -23.09 29.17 0.95
N LYS I 221 -22.14 29.23 0.00
CA LYS I 221 -21.26 28.10 -0.26
C LYS I 221 -20.21 27.89 0.82
N LEU I 222 -20.18 28.74 1.85
CA LEU I 222 -19.30 28.54 2.98
C LEU I 222 -20.05 28.26 4.28
N ALA I 223 -21.27 28.77 4.43
CA ALA I 223 -22.00 28.63 5.68
C ALA I 223 -22.81 27.34 5.77
N LEU I 224 -22.56 26.39 4.88
CA LEU I 224 -23.04 25.03 5.12
C LEU I 224 -22.15 24.28 6.10
N GLU I 225 -20.99 24.85 6.43
CA GLU I 225 -20.11 24.34 7.47
C GLU I 225 -20.49 25.00 8.79
N ASP I 226 -19.61 24.94 9.79
CA ASP I 226 -19.84 25.64 11.05
C ASP I 226 -19.93 27.14 10.82
N SER I 227 -21.08 27.71 11.17
CA SER I 227 -21.39 29.11 10.91
C SER I 227 -21.21 29.87 12.23
N SER I 228 -20.41 30.92 12.18
CA SER I 228 -20.31 31.87 13.28
C SER I 228 -21.19 33.09 13.00
N MET I 229 -21.24 34.00 13.97
CA MET I 229 -22.07 35.19 13.83
C MET I 229 -21.52 36.18 12.81
N LEU I 230 -20.23 36.08 12.49
CA LEU I 230 -19.64 36.93 11.47
C LEU I 230 -20.26 36.63 10.11
N LEU I 231 -20.60 35.37 9.86
CA LEU I 231 -21.31 35.01 8.64
C LEU I 231 -22.72 35.61 8.61
N VAL I 232 -23.37 35.67 9.76
CA VAL I 232 -24.72 36.24 9.84
C VAL I 232 -24.68 37.73 9.54
N LYS I 233 -23.76 38.45 10.17
CA LYS I 233 -23.66 39.89 9.95
C LYS I 233 -23.14 40.19 8.54
N CYS I 234 -22.33 39.28 7.99
CA CYS I 234 -21.90 39.38 6.60
C CYS I 234 -23.09 39.30 5.64
N GLN I 235 -23.99 38.33 5.86
CA GLN I 235 -25.15 38.20 4.98
C GLN I 235 -26.14 39.35 5.19
N GLU I 236 -26.18 39.90 6.39
CA GLU I 236 -27.03 41.06 6.65
C GLU I 236 -26.51 42.28 5.90
N LEU I 237 -25.20 42.52 5.94
CA LEU I 237 -24.57 43.58 5.17
C LEU I 237 -24.79 43.39 3.68
N LEU I 238 -24.71 42.15 3.20
CA LEU I 238 -24.94 41.91 1.78
C LEU I 238 -26.38 42.12 1.37
N MET I 239 -27.34 41.83 2.24
CA MET I 239 -28.72 42.10 1.85
C MET I 239 -29.04 43.58 1.92
N ARG I 240 -28.39 44.33 2.82
CA ARG I 240 -28.50 45.78 2.79
C ARG I 240 -27.93 46.34 1.48
N LEU I 241 -26.79 45.80 1.04
CA LEU I 241 -26.20 46.22 -0.24
C LEU I 241 -27.10 45.88 -1.42
N ASP I 242 -27.66 44.66 -1.43
CA ASP I 242 -28.42 44.21 -2.59
C ASP I 242 -29.77 44.91 -2.67
N ARG I 243 -30.32 45.33 -1.54
CA ARG I 243 -31.59 46.05 -1.60
C ARG I 243 -31.38 47.54 -1.82
N GLU I 244 -30.23 48.09 -1.39
CA GLU I 244 -29.95 49.48 -1.68
C GLU I 244 -29.29 49.68 -3.04
N ARG I 245 -28.98 48.60 -3.75
CA ARG I 245 -28.53 48.68 -5.13
C ARG I 245 -29.68 48.38 -6.11
N SER I 246 -30.30 47.21 -5.97
CA SER I 246 -31.39 46.81 -6.84
C SER I 246 -32.67 46.63 -6.04
N GLN I 257 -26.82 31.97 -9.58
CA GLN I 257 -26.35 31.22 -8.41
C GLN I 257 -25.93 29.82 -8.82
N HIS I 258 -26.78 29.15 -9.59
CA HIS I 258 -26.46 27.81 -10.11
C HIS I 258 -25.57 28.00 -11.34
N VAL I 259 -24.29 28.13 -11.08
CA VAL I 259 -23.30 28.52 -12.07
C VAL I 259 -22.64 27.28 -12.64
N SER I 260 -22.21 27.36 -13.90
CA SER I 260 -21.36 26.36 -14.49
C SER I 260 -20.02 26.34 -13.76
N PRO I 261 -19.40 25.17 -13.60
CA PRO I 261 -18.19 25.07 -12.77
C PRO I 261 -16.98 25.77 -13.36
N ASP I 262 -16.79 25.65 -14.68
CA ASP I 262 -15.62 26.24 -15.31
C ASP I 262 -15.72 27.76 -15.39
N ASP I 263 -16.93 28.29 -15.61
CA ASP I 263 -17.13 29.74 -15.55
C ASP I 263 -16.89 30.29 -14.15
N GLU I 264 -17.29 29.52 -13.13
CA GLU I 264 -17.03 29.89 -11.75
C GLU I 264 -15.54 29.90 -11.45
N ILE I 265 -14.83 28.89 -11.94
CA ILE I 265 -13.38 28.80 -11.78
C ILE I 265 -12.70 29.99 -12.46
N ALA I 266 -13.17 30.34 -13.65
CA ALA I 266 -12.65 31.49 -14.38
C ALA I 266 -12.90 32.78 -13.63
N ARG I 267 -14.09 32.91 -13.01
CA ARG I 267 -14.41 34.08 -12.21
C ARG I 267 -13.45 34.24 -11.04
N LEU I 268 -13.28 33.16 -10.27
CA LEU I 268 -12.43 33.22 -9.07
C LEU I 268 -10.97 33.43 -9.43
N SER I 269 -10.48 32.73 -10.44
CA SER I 269 -9.08 32.86 -10.84
C SER I 269 -8.80 34.23 -11.44
N ALA I 270 -9.74 34.79 -12.22
CA ALA I 270 -9.54 36.11 -12.78
C ALA I 270 -9.56 37.18 -11.71
N LEU I 271 -10.46 37.00 -10.71
CA LEU I 271 -10.47 37.85 -9.52
C LEU I 271 -9.11 37.89 -8.84
N PHE I 272 -8.54 36.71 -8.57
CA PHE I 272 -7.30 36.69 -7.81
C PHE I 272 -6.11 37.12 -8.65
N VAL I 273 -6.11 36.83 -9.96
CA VAL I 273 -4.93 37.22 -10.74
C VAL I 273 -4.94 38.72 -11.05
N MET I 274 -6.10 39.34 -11.25
CA MET I 274 -6.09 40.78 -11.42
C MET I 274 -5.99 41.51 -10.09
N LEU I 275 -6.27 40.82 -8.97
CA LEU I 275 -5.87 41.34 -7.68
C LEU I 275 -4.36 41.33 -7.53
N ARG I 276 -3.70 40.32 -8.10
CA ARG I 276 -2.27 40.11 -7.89
C ARG I 276 -1.42 41.22 -8.51
N GLN I 277 -1.95 41.93 -9.51
CA GLN I 277 -1.20 43.02 -10.13
C GLN I 277 -1.51 44.36 -9.47
N LEU I 278 -2.02 44.32 -8.24
CA LEU I 278 -2.32 45.53 -7.48
C LEU I 278 -1.53 45.60 -6.19
N ASP I 279 -0.61 44.64 -5.97
CA ASP I 279 0.22 44.63 -4.76
C ASP I 279 1.16 45.83 -4.72
N ASP I 280 1.57 46.33 -5.88
CA ASP I 280 2.39 47.53 -5.94
C ASP I 280 1.63 48.77 -5.48
N LEU I 281 0.31 48.78 -5.64
CA LEU I 281 -0.49 49.95 -5.28
C LEU I 281 -1.10 49.84 -3.89
N ILE I 282 -1.36 48.63 -3.38
CA ILE I 282 -2.02 48.52 -2.09
C ILE I 282 -1.07 48.61 -0.91
N ARG I 283 0.22 48.35 -1.11
CA ARG I 283 1.19 48.40 -0.04
C ARG I 283 2.07 49.64 -0.17
N GLU I 284 2.96 49.80 0.80
CA GLU I 284 3.98 50.83 0.75
C GLU I 284 5.28 50.22 1.25
N GLN I 285 6.26 50.09 0.37
CA GLN I 285 7.57 49.61 0.78
C GLN I 285 8.26 50.69 1.61
N VAL I 286 8.33 50.46 2.91
CA VAL I 286 9.12 51.29 3.81
C VAL I 286 10.58 51.11 3.42
N VAL I 287 11.27 52.21 3.16
CA VAL I 287 12.65 52.18 2.70
C VAL I 287 13.59 52.74 3.76
N PHE I 288 13.33 53.95 4.23
CA PHE I 288 14.17 54.58 5.23
C PHE I 288 13.36 54.93 6.46
N THR I 289 13.98 54.75 7.63
CA THR I 289 13.48 55.31 8.88
C THR I 289 14.46 56.39 9.30
N VAL I 290 13.96 57.60 9.49
CA VAL I 290 14.83 58.77 9.55
C VAL I 290 15.13 59.11 11.01
N CYS I 291 16.23 59.83 11.20
CA CYS I 291 16.70 60.30 12.49
C CYS I 291 16.86 61.81 12.42
N ASP I 292 17.63 62.38 13.36
CA ASP I 292 17.91 63.81 13.46
C ASP I 292 18.32 64.41 12.12
N VAL I 293 17.85 65.64 11.88
CA VAL I 293 17.90 66.26 10.57
C VAL I 293 18.85 67.45 10.63
N SER I 294 19.62 67.62 9.55
CA SER I 294 20.45 68.80 9.36
C SER I 294 19.58 70.05 9.24
N PRO I 295 20.12 71.21 9.62
CA PRO I 295 19.38 72.47 9.41
C PRO I 295 19.19 72.77 7.93
N ASP I 296 18.10 73.49 7.65
CA ASP I 296 17.53 73.85 6.34
C ASP I 296 17.00 72.63 5.59
N ASN I 297 17.01 71.44 6.20
CA ASN I 297 16.39 70.20 5.70
C ASN I 297 16.92 69.81 4.32
N LYS I 298 18.23 69.95 4.16
CA LYS I 298 18.88 69.54 2.93
C LYS I 298 19.50 68.15 3.02
N SER I 299 19.66 67.60 4.21
CA SER I 299 20.17 66.25 4.39
C SER I 299 19.63 65.71 5.70
N ALA I 300 19.62 64.40 5.82
CA ALA I 300 19.09 63.76 7.02
C ALA I 300 19.75 62.40 7.21
N THR I 301 20.10 62.11 8.46
CA THR I 301 20.64 60.81 8.83
C THR I 301 19.47 59.84 9.00
N CYS I 302 19.59 58.65 8.43
CA CYS I 302 18.49 57.70 8.41
C CYS I 302 19.01 56.28 8.36
N ILE I 303 18.19 55.36 8.85
CA ILE I 303 18.49 53.93 8.78
C ILE I 303 17.87 53.39 7.50
N PHE I 304 18.56 52.46 6.83
CA PHE I 304 18.00 51.82 5.64
C PHE I 304 17.27 50.57 6.07
N LYS I 305 15.97 50.70 6.27
CA LYS I 305 15.10 49.55 6.54
C LYS I 305 14.46 49.11 5.23
N GLY I 306 15.21 48.30 4.49
CA GLY I 306 14.77 47.82 3.20
C GLY I 306 15.19 46.40 2.87
N MET J 1 27.65 -28.21 7.14
CA MET J 1 28.49 -29.07 7.96
C MET J 1 29.54 -29.78 7.12
N ALA J 2 30.30 -30.65 7.77
CA ALA J 2 31.27 -31.46 7.05
C ALA J 2 30.54 -32.49 6.18
N ALA J 3 31.21 -32.90 5.11
CA ALA J 3 30.57 -33.78 4.14
C ALA J 3 30.49 -35.21 4.67
N MET J 4 29.87 -36.07 3.87
CA MET J 4 29.70 -37.48 4.24
C MET J 4 31.06 -38.17 4.22
N GLU J 5 31.57 -38.49 5.40
CA GLU J 5 32.86 -39.12 5.52
C GLU J 5 32.77 -40.56 5.03
N ALA J 6 33.54 -40.87 3.99
CA ALA J 6 33.51 -42.22 3.43
C ALA J 6 34.15 -43.23 4.39
N ASN J 7 35.28 -42.87 4.99
CA ASN J 7 35.95 -43.76 5.93
C ASN J 7 35.25 -43.64 7.29
N ILE J 8 34.56 -44.71 7.67
CA ILE J 8 33.78 -44.74 8.91
C ILE J 8 34.41 -45.78 9.83
N PHE J 9 35.09 -45.31 10.88
CA PHE J 9 35.64 -46.21 11.88
C PHE J 9 34.56 -46.61 12.87
N CYS J 10 34.73 -47.80 13.45
CA CYS J 10 33.78 -48.31 14.44
C CYS J 10 34.53 -49.09 15.49
N THR J 11 34.49 -48.62 16.72
CA THR J 11 35.19 -49.27 17.82
C THR J 11 34.27 -50.25 18.54
N PHE J 12 34.70 -50.69 19.71
CA PHE J 12 33.90 -51.54 20.58
C PHE J 12 34.14 -51.07 22.01
N ASP J 13 33.14 -51.26 22.88
CA ASP J 13 33.32 -50.96 24.29
C ASP J 13 33.61 -52.19 25.12
N HIS J 14 33.11 -53.35 24.72
CA HIS J 14 33.21 -54.55 25.53
C HIS J 14 34.56 -55.21 25.33
N LYS J 15 34.83 -56.21 26.16
CA LYS J 15 36.04 -57.00 26.04
C LYS J 15 35.90 -57.92 24.84
N LEU J 16 36.65 -57.64 23.79
CA LEU J 16 36.63 -58.48 22.59
C LEU J 16 37.46 -59.74 22.87
N SER J 17 36.78 -60.88 22.94
CA SER J 17 37.50 -62.13 23.06
C SER J 17 38.19 -62.45 21.73
N ILE J 18 39.16 -63.37 21.81
CA ILE J 18 39.99 -63.61 20.64
C ILE J 18 39.25 -64.48 19.61
N ALA J 19 38.36 -65.36 20.06
CA ALA J 19 37.54 -66.13 19.13
C ALA J 19 36.48 -65.25 18.50
N ASP J 20 35.98 -64.26 19.25
CA ASP J 20 34.99 -63.34 18.70
C ASP J 20 35.61 -62.44 17.64
N VAL J 21 36.82 -61.95 17.87
CA VAL J 21 37.45 -61.12 16.85
C VAL J 21 37.95 -61.99 15.70
N GLY J 22 38.14 -63.29 15.93
CA GLY J 22 38.40 -64.19 14.81
C GLY J 22 37.17 -64.36 13.92
N LYS J 23 36.01 -64.55 14.54
CA LYS J 23 34.74 -64.57 13.81
C LYS J 23 34.46 -63.25 13.12
N LEU J 24 34.97 -62.15 13.67
CA LEU J 24 34.85 -60.85 13.03
C LEU J 24 35.78 -60.69 11.84
N THR J 25 37.04 -61.12 11.94
CA THR J 25 37.96 -60.94 10.82
C THR J 25 37.77 -61.97 9.72
N LYS J 26 37.01 -63.04 9.98
CA LYS J 26 36.62 -63.91 8.88
C LYS J 26 35.63 -63.22 7.94
N LEU J 27 34.92 -62.20 8.41
CA LEU J 27 33.78 -61.62 7.70
C LEU J 27 34.13 -60.30 7.02
N VAL J 28 35.30 -60.19 6.40
CA VAL J 28 35.70 -58.95 5.75
C VAL J 28 34.93 -58.77 4.45
N ALA J 29 34.75 -57.52 4.03
CA ALA J 29 34.07 -57.10 2.79
C ALA J 29 32.63 -57.62 2.74
N ALA J 30 31.92 -57.39 3.84
CA ALA J 30 30.50 -57.73 3.94
C ALA J 30 29.72 -56.47 4.27
N VAL J 31 28.48 -56.43 3.81
CA VAL J 31 27.67 -55.24 3.99
C VAL J 31 27.17 -55.16 5.43
N VAL J 32 27.19 -53.96 5.97
CA VAL J 32 26.61 -53.66 7.27
C VAL J 32 25.82 -52.36 7.13
N PRO J 33 24.64 -52.26 7.65
CA PRO J 33 23.92 -50.99 7.57
C PRO J 33 24.08 -50.12 8.82
N ILE J 34 24.25 -48.82 8.64
CA ILE J 34 24.48 -47.89 9.76
C ILE J 34 23.65 -46.62 9.59
N PRO J 35 23.02 -46.09 10.65
CA PRO J 35 22.01 -45.06 10.45
C PRO J 35 22.53 -43.63 10.36
N GLN J 36 23.68 -43.34 10.95
CA GLN J 36 24.03 -41.95 11.19
C GLN J 36 24.99 -41.40 10.13
N ARG J 37 25.92 -42.23 9.69
CA ARG J 37 27.05 -41.86 8.83
C ARG J 37 27.85 -40.72 9.46
N LEU J 38 28.38 -40.98 10.64
CA LEU J 38 29.38 -40.15 11.27
C LEU J 38 30.75 -40.67 10.90
N HIS J 39 31.79 -40.18 11.59
CA HIS J 39 33.13 -40.67 11.35
C HIS J 39 33.61 -41.68 12.38
N LEU J 40 33.13 -41.59 13.61
CA LEU J 40 33.63 -42.41 14.72
C LEU J 40 32.46 -43.04 15.45
N ILE J 41 31.60 -43.73 14.70
CA ILE J 41 30.41 -44.33 15.28
C ILE J 41 30.77 -45.46 16.24
N LYS J 42 29.84 -45.79 17.11
CA LYS J 42 30.04 -46.82 18.11
C LYS J 42 29.60 -48.16 17.53
N HIS J 43 29.50 -49.18 18.38
CA HIS J 43 29.04 -50.48 17.94
C HIS J 43 27.55 -50.69 18.15
N TYR J 44 26.90 -49.82 18.93
CA TYR J 44 25.45 -49.94 19.10
C TYR J 44 24.72 -49.57 17.82
N GLN J 45 25.22 -48.55 17.12
CA GLN J 45 24.61 -48.15 15.86
C GLN J 45 24.90 -49.14 14.75
N LEU J 46 25.95 -49.94 14.89
CA LEU J 46 26.33 -50.88 13.84
C LEU J 46 25.31 -52.00 13.73
N GLY J 47 25.03 -52.42 12.50
CA GLY J 47 24.19 -53.57 12.27
C GLY J 47 22.71 -53.28 12.26
N LEU J 48 21.92 -54.24 12.75
CA LEU J 48 20.47 -54.14 12.69
C LEU J 48 19.80 -54.45 14.03
N HIS J 49 20.57 -54.67 15.10
CA HIS J 49 20.00 -55.11 16.36
C HIS J 49 19.21 -54.03 17.07
N GLN J 50 19.45 -52.76 16.78
CA GLN J 50 18.71 -51.71 17.47
C GLN J 50 17.30 -51.53 16.92
N PHE J 51 16.97 -52.18 15.81
CA PHE J 51 15.62 -52.12 15.28
C PHE J 51 14.91 -53.46 15.28
N VAL J 52 15.48 -54.49 15.88
CA VAL J 52 14.82 -55.79 16.00
C VAL J 52 13.68 -55.63 17.00
N ASP J 53 12.45 -55.84 16.54
CA ASP J 53 11.27 -55.65 17.37
C ASP J 53 10.80 -56.98 17.94
N HIS J 54 10.09 -56.87 19.07
CA HIS J 54 9.52 -58.05 19.71
C HIS J 54 8.44 -58.70 18.86
N THR J 55 7.75 -57.92 18.04
CA THR J 55 6.69 -58.45 17.18
C THR J 55 7.22 -59.27 16.03
N ARG J 56 8.54 -59.27 15.80
CA ARG J 56 9.20 -59.89 14.64
C ARG J 56 8.61 -59.37 13.33
N GLY J 57 8.34 -58.07 13.30
CA GLY J 57 7.66 -57.45 12.18
C GLY J 57 8.54 -57.38 10.95
N TYR J 58 8.21 -58.21 9.96
CA TYR J 58 9.06 -58.29 8.78
C TYR J 58 8.89 -57.08 7.87
N VAL J 59 7.66 -56.57 7.74
CA VAL J 59 7.44 -55.38 6.94
C VAL J 59 8.02 -54.16 7.66
N ARG J 60 8.03 -54.17 8.99
CA ARG J 60 8.63 -53.09 9.75
C ARG J 60 10.14 -53.01 9.52
N LEU J 61 10.83 -54.15 9.54
CA LEU J 61 12.26 -54.17 9.24
C LEU J 61 12.51 -53.85 7.78
N ARG J 62 11.63 -54.30 6.88
CA ARG J 62 11.81 -54.02 5.46
C ARG J 62 11.62 -52.55 5.15
N GLY J 63 10.77 -51.86 5.92
CA GLY J 63 10.63 -50.43 5.76
C GLY J 63 11.77 -49.66 6.40
N LEU J 64 12.23 -50.08 7.57
CA LEU J 64 13.32 -49.36 8.23
C LEU J 64 14.66 -49.59 7.58
N LEU J 65 14.83 -50.69 6.82
CA LEU J 65 16.13 -50.96 6.22
C LEU J 65 16.39 -50.06 5.02
N ARG J 66 15.34 -49.54 4.40
CA ARG J 66 15.51 -48.76 3.18
C ARG J 66 16.05 -47.36 3.44
N ASN J 67 16.05 -46.90 4.68
CA ASN J 67 16.59 -45.58 5.00
C ASN J 67 17.98 -45.64 5.60
N MET J 68 18.37 -46.79 6.13
CA MET J 68 19.69 -46.98 6.69
C MET J 68 20.68 -47.26 5.58
N THR J 69 21.75 -46.46 5.52
CA THR J 69 22.65 -46.46 4.37
C THR J 69 23.63 -47.62 4.46
N LEU J 70 23.77 -48.38 3.38
CA LEU J 70 24.63 -49.54 3.34
C LEU J 70 26.08 -49.12 3.16
N THR J 71 26.99 -49.97 3.61
CA THR J 71 28.42 -49.74 3.46
C THR J 71 29.17 -51.06 3.48
N LEU J 72 30.40 -51.03 2.97
CA LEU J 72 31.27 -52.18 2.96
C LEU J 72 32.28 -52.08 4.09
N MET J 73 32.71 -53.25 4.57
CA MET J 73 33.66 -53.31 5.67
C MET J 73 35.08 -53.44 5.12
N ARG J 74 36.04 -52.91 5.86
CA ARG J 74 37.40 -52.83 5.36
C ARG J 74 38.36 -52.74 6.53
N ARG J 75 39.50 -53.45 6.41
CA ARG J 75 40.66 -53.30 7.28
C ARG J 75 40.33 -53.61 8.74
N VAL J 76 39.78 -54.81 8.99
CA VAL J 76 39.45 -55.22 10.34
C VAL J 76 40.72 -55.46 11.14
N GLU J 77 40.71 -55.04 12.40
CA GLU J 77 41.85 -55.15 13.29
C GLU J 77 41.34 -55.07 14.72
N GLY J 78 42.25 -54.83 15.66
CA GLY J 78 41.85 -54.66 17.05
C GLY J 78 41.10 -53.36 17.25
N ASN J 79 39.81 -53.46 17.56
CA ASN J 79 38.92 -52.36 17.94
C ASN J 79 38.77 -51.29 16.85
N GLN J 80 39.05 -51.61 15.59
CA GLN J 80 38.79 -50.69 14.49
C GLN J 80 38.08 -51.44 13.38
N ILE J 81 36.86 -50.99 13.07
CA ILE J 81 36.06 -51.56 11.99
C ILE J 81 35.85 -50.43 11.00
N LEU J 82 36.70 -50.35 9.98
CA LEU J 82 36.72 -49.21 9.08
C LEU J 82 35.73 -49.45 7.95
N LEU J 83 34.60 -48.75 7.99
CA LEU J 83 33.58 -48.88 6.97
C LEU J 83 33.85 -47.87 5.85
N HIS J 84 33.43 -48.24 4.64
CA HIS J 84 33.74 -47.47 3.44
C HIS J 84 32.47 -47.37 2.63
N VAL J 85 31.69 -46.32 2.86
CA VAL J 85 30.39 -46.18 2.21
C VAL J 85 30.63 -45.86 0.73
N PRO J 86 30.13 -46.72 -0.16
CA PRO J 86 30.62 -46.70 -1.55
C PRO J 86 29.89 -45.65 -2.39
N THR J 87 30.61 -45.11 -3.37
CA THR J 87 30.05 -44.08 -4.23
C THR J 87 29.39 -44.70 -5.46
N HIS J 88 28.48 -43.94 -6.04
CA HIS J 88 27.60 -44.42 -7.09
C HIS J 88 28.36 -44.66 -8.38
N GLY J 89 28.49 -45.92 -8.77
CA GLY J 89 29.06 -46.24 -10.07
C GLY J 89 30.23 -47.20 -10.08
N LEU J 90 31.06 -47.17 -9.05
CA LEU J 90 32.31 -47.94 -9.04
C LEU J 90 32.01 -49.40 -8.66
N LEU J 91 33.06 -50.15 -8.35
CA LEU J 91 32.93 -51.58 -8.10
C LEU J 91 33.92 -52.06 -7.05
N TYR J 92 33.44 -52.92 -6.15
CA TYR J 92 34.27 -53.64 -5.21
C TYR J 92 33.49 -54.88 -4.77
N THR J 93 34.21 -55.82 -4.16
CA THR J 93 33.65 -57.13 -3.88
C THR J 93 32.66 -57.07 -2.72
N VAL J 94 31.76 -58.05 -2.70
CA VAL J 94 30.86 -58.26 -1.57
C VAL J 94 31.06 -59.68 -1.07
N LEU J 95 30.28 -60.08 -0.06
CA LEU J 95 30.38 -61.44 0.47
C LEU J 95 28.99 -61.92 0.78
N ASN J 96 28.64 -63.11 0.29
CA ASN J 96 27.31 -63.66 0.47
C ASN J 96 27.08 -64.06 1.92
N THR J 97 25.91 -63.75 2.41
CA THR J 97 25.59 -64.09 3.79
C THR J 97 24.40 -65.03 3.88
N GLY J 98 23.32 -64.74 3.17
CA GLY J 98 22.21 -65.66 3.08
C GLY J 98 22.62 -66.85 2.23
N PRO J 99 22.10 -68.03 2.54
CA PRO J 99 22.57 -69.26 1.87
C PRO J 99 22.02 -69.41 0.45
N VAL J 100 22.38 -68.48 -0.42
CA VAL J 100 21.94 -68.46 -1.81
C VAL J 100 23.19 -68.37 -2.66
N THR J 101 23.47 -69.40 -3.44
CA THR J 101 24.54 -69.33 -4.42
C THR J 101 24.13 -68.46 -5.60
N TRP J 102 24.99 -67.51 -5.93
CA TRP J 102 24.69 -66.53 -6.96
C TRP J 102 25.23 -66.99 -8.30
N GLU J 103 24.59 -66.53 -9.37
CA GLU J 103 25.06 -66.76 -10.73
C GLU J 103 25.52 -65.44 -11.34
N LYS J 104 25.87 -65.45 -12.61
CA LYS J 104 26.32 -64.26 -13.30
C LYS J 104 25.14 -63.45 -13.80
N GLY J 105 25.40 -62.16 -14.06
CA GLY J 105 24.47 -61.29 -14.75
C GLY J 105 23.38 -60.68 -13.89
N ASP J 106 22.86 -61.41 -12.92
CA ASP J 106 21.66 -61.00 -12.20
C ASP J 106 21.98 -59.91 -11.18
N ALA J 107 20.91 -59.36 -10.61
CA ALA J 107 20.99 -58.24 -9.69
C ALA J 107 21.04 -58.75 -8.25
N LEU J 108 21.08 -57.80 -7.30
CA LEU J 108 21.12 -58.12 -5.88
C LEU J 108 20.31 -57.07 -5.13
N CYS J 109 19.50 -57.52 -4.17
CA CYS J 109 18.75 -56.63 -3.31
C CYS J 109 19.09 -56.94 -1.86
N VAL J 110 19.16 -55.89 -1.05
CA VAL J 110 19.36 -56.05 0.38
C VAL J 110 18.05 -56.52 0.97
N LEU J 111 18.13 -57.27 2.07
CA LEU J 111 16.93 -57.86 2.64
C LEU J 111 17.19 -58.11 4.11
N PRO J 112 16.20 -57.91 4.98
CA PRO J 112 16.38 -58.29 6.38
C PRO J 112 16.46 -59.79 6.51
N PRO J 113 17.13 -60.30 7.55
CA PRO J 113 17.32 -61.75 7.67
C PRO J 113 16.03 -62.50 7.96
N LEU J 114 15.84 -63.58 7.24
CA LEU J 114 14.69 -64.44 7.43
C LEU J 114 14.99 -65.45 8.52
N PHE J 115 13.91 -65.97 9.13
CA PHE J 115 13.88 -66.92 10.26
C PHE J 115 14.94 -66.62 11.32
N HIS J 116 14.99 -65.34 11.70
CA HIS J 116 16.01 -64.86 12.62
C HIS J 116 15.66 -65.31 14.03
N GLY J 117 16.61 -65.99 14.69
CA GLY J 117 16.39 -66.51 16.01
C GLY J 117 17.42 -67.56 16.37
N PRO J 118 17.11 -68.41 17.36
CA PRO J 118 18.00 -69.51 17.71
C PRO J 118 17.78 -70.79 16.92
N LEU J 119 17.05 -70.76 15.81
CA LEU J 119 16.65 -71.99 15.15
C LEU J 119 17.77 -72.58 14.29
N ALA J 120 18.73 -71.77 13.87
CA ALA J 120 19.81 -72.22 13.00
C ALA J 120 21.20 -71.97 13.59
N ARG J 121 21.27 -71.52 14.84
CA ARG J 121 22.50 -71.16 15.55
C ARG J 121 23.30 -70.11 14.78
N GLU J 122 22.68 -68.93 14.66
CA GLU J 122 23.36 -67.76 14.09
C GLU J 122 24.30 -67.21 15.15
N ASN J 123 25.49 -67.79 15.23
CA ASN J 123 26.50 -67.41 16.22
C ASN J 123 27.38 -66.26 15.71
N LEU J 124 26.74 -65.15 15.34
CA LEU J 124 27.45 -64.05 14.69
C LEU J 124 27.65 -62.93 15.70
N LEU J 125 28.74 -63.05 16.48
CA LEU J 125 29.31 -61.98 17.31
C LEU J 125 28.32 -61.48 18.37
N THR J 126 27.99 -62.37 19.29
CA THR J 126 27.18 -61.98 20.44
C THR J 126 28.07 -61.45 21.57
N LEU J 127 27.62 -60.36 22.18
CA LEU J 127 28.33 -59.74 23.30
C LEU J 127 27.37 -58.86 24.09
N GLY J 128 27.19 -59.19 25.37
CA GLY J 128 26.52 -58.38 26.37
C GLY J 128 25.17 -57.76 26.03
N GLN J 129 24.19 -58.62 25.74
CA GLN J 129 22.86 -58.23 25.25
C GLN J 129 22.97 -57.35 23.99
N TRP J 130 23.84 -57.75 23.08
CA TRP J 130 23.92 -57.15 21.76
C TRP J 130 24.49 -58.19 20.81
N GLU J 131 23.79 -58.39 19.70
CA GLU J 131 24.18 -59.38 18.71
C GLU J 131 24.39 -58.66 17.39
N LEU J 132 25.51 -58.94 16.73
CA LEU J 132 25.78 -58.36 15.42
C LEU J 132 24.84 -58.98 14.40
N VAL J 133 23.84 -58.22 13.98
CA VAL J 133 22.88 -58.69 12.99
C VAL J 133 23.39 -58.29 11.61
N LEU J 134 23.54 -59.26 10.74
CA LEU J 134 24.10 -59.04 9.42
C LEU J 134 22.98 -59.15 8.39
N PRO J 135 22.84 -58.17 7.49
CA PRO J 135 21.74 -58.22 6.53
C PRO J 135 22.01 -59.24 5.43
N TRP J 136 20.94 -59.80 4.91
CA TRP J 136 21.07 -60.73 3.81
C TRP J 136 21.27 -59.99 2.50
N ILE J 137 21.98 -60.64 1.59
CA ILE J 137 22.07 -60.20 0.21
C ILE J 137 21.54 -61.34 -0.64
N VAL J 138 20.36 -61.17 -1.18
CA VAL J 138 19.74 -62.18 -2.04
C VAL J 138 19.67 -61.61 -3.46
N PRO J 139 19.64 -62.45 -4.49
CA PRO J 139 19.44 -61.93 -5.85
C PRO J 139 18.04 -61.40 -6.09
N MET J 140 17.81 -60.88 -7.30
CA MET J 140 16.54 -60.25 -7.61
C MET J 140 15.33 -61.18 -7.64
N PRO J 141 15.38 -62.43 -8.16
CA PRO J 141 14.17 -63.27 -8.09
C PRO J 141 13.74 -63.66 -6.68
N LEU J 142 14.68 -63.91 -5.77
CA LEU J 142 14.30 -64.26 -4.41
C LEU J 142 13.70 -63.06 -3.68
N ALA J 143 14.28 -61.88 -3.87
CA ALA J 143 13.73 -60.67 -3.28
C ALA J 143 12.40 -60.28 -3.91
N LEU J 144 12.18 -60.66 -5.16
CA LEU J 144 10.87 -60.48 -5.77
C LEU J 144 9.83 -61.41 -5.13
N GLU J 145 10.19 -62.69 -4.99
CA GLU J 145 9.24 -63.68 -4.50
C GLU J 145 8.90 -63.48 -3.03
N ILE J 146 9.88 -63.05 -2.21
CA ILE J 146 9.61 -62.79 -0.80
C ILE J 146 8.67 -61.62 -0.60
N ASN J 147 8.79 -60.56 -1.38
CA ASN J 147 7.82 -59.47 -1.33
C ASN J 147 6.47 -59.86 -1.93
N GLN J 148 6.49 -60.70 -2.96
CA GLN J 148 5.24 -61.10 -3.62
C GLN J 148 4.39 -61.96 -2.70
N ARG J 149 5.00 -62.94 -2.03
CA ARG J 149 4.25 -63.77 -1.10
C ARG J 149 3.80 -62.97 0.12
N LEU J 150 4.58 -61.96 0.51
CA LEU J 150 4.17 -61.07 1.59
C LEU J 150 2.91 -60.29 1.22
N LEU J 151 2.85 -59.81 -0.03
CA LEU J 151 1.66 -59.06 -0.45
C LEU J 151 0.44 -59.95 -0.63
N ILE J 152 0.64 -61.18 -1.12
CA ILE J 152 -0.50 -62.10 -1.24
C ILE J 152 -1.02 -62.48 0.14
N MET J 153 -0.11 -62.76 1.08
CA MET J 153 -0.52 -63.04 2.46
C MET J 153 -1.10 -61.82 3.16
N GLY J 154 -0.76 -60.61 2.70
CA GLY J 154 -1.43 -59.44 3.20
C GLY J 154 -2.87 -59.37 2.74
N LEU J 155 -3.09 -59.48 1.43
CA LEU J 155 -4.44 -59.34 0.90
C LEU J 155 -5.34 -60.51 1.25
N PHE J 156 -4.78 -61.66 1.62
CA PHE J 156 -5.63 -62.79 1.97
C PHE J 156 -6.21 -62.69 3.38
N SER J 157 -5.58 -61.93 4.27
CA SER J 157 -5.85 -62.02 5.70
C SER J 157 -6.90 -61.03 6.19
N LEU J 158 -7.83 -60.61 5.33
CA LEU J 158 -8.89 -59.69 5.73
C LEU J 158 -10.24 -60.31 5.45
N ASP J 159 -11.11 -60.32 6.47
CA ASP J 159 -12.46 -60.89 6.46
C ASP J 159 -12.51 -62.37 6.10
N ARG J 160 -11.40 -63.09 6.24
CA ARG J 160 -11.37 -64.53 6.07
C ARG J 160 -11.03 -65.17 7.41
N SER J 161 -11.50 -66.39 7.58
CA SER J 161 -11.40 -67.08 8.87
C SER J 161 -9.96 -67.41 9.18
N TYR J 162 -9.66 -67.50 10.49
CA TYR J 162 -8.29 -67.68 10.93
C TYR J 162 -7.79 -69.10 10.73
N GLU J 163 -8.71 -70.08 10.67
CA GLU J 163 -8.35 -71.40 10.15
C GLU J 163 -7.92 -71.31 8.70
N GLU J 164 -8.59 -70.49 7.89
CA GLU J 164 -8.23 -70.37 6.48
C GLU J 164 -6.88 -69.70 6.31
N VAL J 165 -6.57 -68.68 7.10
CA VAL J 165 -5.28 -68.01 6.95
C VAL J 165 -4.17 -68.87 7.57
N LYS J 166 -4.50 -69.71 8.56
CA LYS J 166 -3.46 -70.56 9.12
C LYS J 166 -3.23 -71.81 8.28
N ALA J 167 -4.19 -72.15 7.41
CA ALA J 167 -3.97 -73.22 6.45
C ALA J 167 -3.46 -72.70 5.11
N ALA J 168 -3.56 -71.40 4.85
CA ALA J 168 -2.98 -70.82 3.65
C ALA J 168 -1.61 -70.21 3.87
N VAL J 169 -1.21 -69.96 5.13
CA VAL J 169 0.10 -69.39 5.37
C VAL J 169 1.19 -70.44 5.11
N GLN J 170 0.90 -71.72 5.36
CA GLN J 170 1.87 -72.76 5.08
C GLN J 170 2.00 -73.03 3.59
N GLN J 171 1.02 -72.61 2.80
CA GLN J 171 1.11 -72.70 1.35
C GLN J 171 1.91 -71.58 0.74
N LEU J 172 2.25 -70.55 1.50
CA LEU J 172 3.02 -69.43 1.00
C LEU J 172 4.20 -69.13 1.90
N GLN J 173 4.47 -70.04 2.84
CA GLN J 173 5.71 -69.99 3.59
C GLN J 173 6.85 -70.69 2.91
N THR J 174 6.57 -71.70 2.09
CA THR J 174 7.62 -72.51 1.48
C THR J 174 8.13 -71.84 0.21
N ILE J 175 9.45 -71.68 0.16
CA ILE J 175 10.14 -71.18 -1.03
C ILE J 175 11.31 -72.12 -1.31
N THR J 176 11.32 -72.71 -2.50
CA THR J 176 12.32 -73.71 -2.87
C THR J 176 13.32 -73.17 -3.88
N PHE J 177 13.76 -71.93 -3.70
CA PHE J 177 14.53 -71.24 -4.72
C PHE J 177 15.98 -71.73 -4.71
N ARG J 178 16.39 -72.37 -5.82
CA ARG J 178 17.77 -72.73 -6.13
C ARG J 178 18.39 -73.65 -5.08
N ASP J 179 17.79 -74.85 -4.97
CA ASP J 179 18.28 -75.97 -4.15
C ASP J 179 18.40 -75.60 -2.67
N ALA J 180 17.45 -74.81 -2.18
CA ALA J 180 17.43 -74.42 -0.78
C ALA J 180 16.00 -74.11 -0.38
N THR J 181 15.71 -74.30 0.90
CA THR J 181 14.37 -74.12 1.45
C THR J 181 14.36 -72.89 2.33
N PHE J 182 13.43 -71.98 2.09
CA PHE J 182 13.30 -70.77 2.88
C PHE J 182 11.86 -70.61 3.37
N THR J 183 11.74 -70.18 4.62
CA THR J 183 10.44 -69.99 5.27
C THR J 183 10.22 -68.52 5.54
N ILE J 184 8.95 -68.12 5.59
CA ILE J 184 8.58 -66.75 5.93
C ILE J 184 7.99 -66.72 7.34
N PRO J 185 8.72 -66.20 8.32
CA PRO J 185 8.18 -66.20 9.68
C PRO J 185 7.23 -65.05 9.95
N ASP J 186 6.00 -65.39 10.35
CA ASP J 186 4.98 -64.52 10.92
C ASP J 186 4.60 -63.36 10.01
N PRO J 187 3.85 -63.58 8.90
CA PRO J 187 3.32 -62.43 8.17
C PRO J 187 2.17 -61.79 8.92
N VAL J 188 2.41 -60.64 9.54
CA VAL J 188 1.45 -60.02 10.44
C VAL J 188 0.89 -58.77 9.79
N ILE J 189 -0.34 -58.44 10.15
CA ILE J 189 -1.08 -57.32 9.57
C ILE J 189 -0.78 -56.06 10.39
N ASP J 190 -0.16 -55.09 9.74
CA ASP J 190 0.17 -53.79 10.31
C ASP J 190 -0.36 -52.69 9.40
N GLN J 191 0.02 -51.45 9.68
CA GLN J 191 -0.49 -50.34 8.88
C GLN J 191 0.28 -50.18 7.57
N HIS J 192 1.53 -50.63 7.53
CA HIS J 192 2.33 -50.56 6.30
C HIS J 192 1.75 -51.47 5.23
N LEU J 193 1.38 -52.70 5.64
CA LEU J 193 0.61 -53.57 4.76
C LEU J 193 -0.70 -52.94 4.35
N LEU J 194 -1.36 -52.19 5.25
CA LEU J 194 -2.67 -51.62 4.95
C LEU J 194 -2.57 -50.54 3.87
N ILE J 195 -1.58 -49.66 3.97
CA ILE J 195 -1.43 -48.64 2.92
C ILE J 195 -0.92 -49.28 1.63
N ASP J 196 -0.19 -50.41 1.74
CA ASP J 196 0.18 -51.16 0.53
C ASP J 196 -1.04 -51.73 -0.18
N MET J 197 -1.98 -52.32 0.57
CA MET J 197 -3.20 -52.85 -0.06
C MET J 197 -4.08 -51.72 -0.59
N LYS J 198 -4.05 -50.55 0.06
CA LYS J 198 -4.80 -49.41 -0.45
C LYS J 198 -4.29 -48.95 -1.80
N THR J 199 -2.97 -48.77 -1.92
CA THR J 199 -2.37 -48.43 -3.20
C THR J 199 -2.56 -49.54 -4.22
N ALA J 200 -2.51 -50.80 -3.77
CA ALA J 200 -2.62 -51.93 -4.68
C ALA J 200 -4.03 -52.05 -5.25
N CYS J 201 -5.04 -51.96 -4.39
CA CYS J 201 -6.42 -52.07 -4.86
C CYS J 201 -6.81 -50.86 -5.70
N LEU J 202 -6.28 -49.68 -5.38
CA LEU J 202 -6.55 -48.53 -6.23
C LEU J 202 -5.91 -48.70 -7.60
N SER J 203 -4.71 -49.28 -7.65
CA SER J 203 -4.06 -49.47 -8.94
C SER J 203 -4.74 -50.55 -9.78
N MET J 204 -5.19 -51.64 -9.15
CA MET J 204 -5.81 -52.69 -9.96
C MET J 204 -7.23 -52.31 -10.37
N SER J 205 -7.92 -51.50 -9.56
CA SER J 205 -9.20 -50.97 -10.03
C SER J 205 -8.98 -49.93 -11.12
N MET J 206 -7.88 -49.19 -11.06
CA MET J 206 -7.56 -48.23 -12.11
C MET J 206 -7.23 -48.91 -13.43
N VAL J 207 -6.47 -50.00 -13.41
CA VAL J 207 -6.21 -50.72 -14.65
C VAL J 207 -7.43 -51.48 -15.13
N ALA J 208 -8.32 -51.92 -14.23
CA ALA J 208 -9.59 -52.49 -14.68
C ALA J 208 -10.48 -51.43 -15.33
N ASN J 209 -10.35 -50.17 -14.89
CA ASN J 209 -11.02 -49.07 -15.55
C ASN J 209 -10.38 -48.71 -16.88
N LEU J 210 -9.06 -48.79 -16.98
CA LEU J 210 -8.34 -48.23 -18.11
C LEU J 210 -7.99 -49.25 -19.18
N ALA J 211 -8.35 -50.52 -18.99
CA ALA J 211 -8.07 -51.53 -20.00
C ALA J 211 -8.96 -51.32 -21.22
N SER J 212 -8.37 -51.45 -22.41
CA SER J 212 -9.07 -51.14 -23.65
C SER J 212 -10.04 -52.27 -24.00
N GLU J 213 -10.85 -52.04 -25.02
CA GLU J 213 -11.86 -53.00 -25.43
C GLU J 213 -11.29 -54.22 -26.14
N LEU J 214 -10.06 -54.15 -26.64
CA LEU J 214 -9.47 -55.25 -27.37
C LEU J 214 -8.45 -56.04 -26.57
N THR J 215 -7.74 -55.38 -25.65
CA THR J 215 -6.70 -56.08 -24.90
C THR J 215 -7.25 -57.00 -23.82
N MET J 216 -8.52 -56.87 -23.46
CA MET J 216 -9.13 -57.83 -22.54
C MET J 216 -9.70 -59.04 -23.26
N THR J 217 -10.07 -58.90 -24.53
CA THR J 217 -10.55 -60.02 -25.32
C THR J 217 -9.48 -60.60 -26.23
N TYR J 218 -8.22 -60.22 -26.01
CA TYR J 218 -7.13 -60.77 -26.80
C TYR J 218 -6.89 -62.23 -26.44
N VAL J 219 -6.89 -62.55 -25.14
CA VAL J 219 -6.74 -63.94 -24.72
C VAL J 219 -7.97 -64.76 -25.06
N ARG J 220 -9.16 -64.13 -25.03
CA ARG J 220 -10.37 -64.84 -25.42
C ARG J 220 -10.41 -65.11 -26.92
N LYS J 221 -9.79 -64.23 -27.71
CA LYS J 221 -9.62 -64.48 -29.14
C LYS J 221 -8.49 -65.46 -29.44
N LEU J 222 -7.53 -65.61 -28.53
CA LEU J 222 -6.51 -66.63 -28.74
C LEU J 222 -7.03 -68.01 -28.40
N ALA J 223 -7.84 -68.13 -27.36
CA ALA J 223 -8.19 -69.40 -26.75
C ALA J 223 -9.08 -70.29 -27.62
N LEU J 224 -9.57 -69.81 -28.76
CA LEU J 224 -10.41 -70.62 -29.62
C LEU J 224 -9.64 -71.41 -30.67
N GLU J 225 -8.39 -71.04 -30.96
CA GLU J 225 -7.63 -71.70 -32.00
C GLU J 225 -6.21 -72.10 -31.59
N ASP J 226 -5.67 -71.54 -30.52
CA ASP J 226 -4.30 -71.82 -30.12
C ASP J 226 -4.29 -72.89 -29.03
N SER J 227 -3.18 -73.63 -28.96
CA SER J 227 -2.94 -74.58 -27.89
C SER J 227 -1.49 -74.46 -27.47
N SER J 228 -1.23 -73.60 -26.49
CA SER J 228 0.08 -73.50 -25.87
C SER J 228 -0.10 -73.84 -24.40
N MET J 229 0.97 -74.36 -23.77
CA MET J 229 0.90 -74.79 -22.37
C MET J 229 0.64 -73.60 -21.44
N LEU J 230 1.13 -72.42 -21.80
CA LEU J 230 0.85 -71.22 -21.01
C LEU J 230 -0.62 -70.83 -21.09
N LEU J 231 -1.23 -70.98 -22.27
CA LEU J 231 -2.63 -70.63 -22.45
C LEU J 231 -3.56 -71.56 -21.67
N VAL J 232 -3.34 -72.87 -21.77
CA VAL J 232 -4.22 -73.80 -21.05
C VAL J 232 -3.86 -73.83 -19.57
N LYS J 233 -2.64 -73.40 -19.22
CA LYS J 233 -2.28 -73.27 -17.82
C LYS J 233 -2.99 -72.09 -17.17
N CYS J 234 -3.04 -70.95 -17.86
CA CYS J 234 -3.66 -69.76 -17.29
C CYS J 234 -5.14 -69.61 -17.64
N GLN J 235 -5.70 -70.52 -18.44
CA GLN J 235 -7.13 -70.48 -18.71
C GLN J 235 -7.95 -71.04 -17.56
N GLU J 236 -7.40 -72.00 -16.80
CA GLU J 236 -8.15 -72.68 -15.77
C GLU J 236 -8.46 -71.76 -14.58
N LEU J 237 -7.68 -70.69 -14.43
CA LEU J 237 -7.92 -69.67 -13.42
C LEU J 237 -8.79 -68.52 -13.95
N LEU J 238 -9.50 -68.74 -15.05
CA LEU J 238 -10.35 -67.74 -15.65
C LEU J 238 -11.75 -68.32 -15.87
N MET J 239 -12.75 -67.45 -15.90
CA MET J 239 -14.11 -67.90 -16.12
C MET J 239 -14.33 -68.20 -17.60
N ARG J 240 -15.28 -69.10 -17.85
CA ARG J 240 -15.56 -69.52 -19.22
C ARG J 240 -16.32 -68.46 -19.99
N LEU J 241 -17.26 -67.79 -19.33
CA LEU J 241 -18.12 -66.81 -19.98
C LEU J 241 -18.31 -65.58 -19.11
N PRO J 253 -16.81 -64.95 -37.78
CA PRO J 253 -16.07 -65.02 -36.52
C PRO J 253 -16.37 -63.84 -35.60
N ALA J 254 -15.33 -63.07 -35.25
CA ALA J 254 -15.46 -61.88 -34.44
C ALA J 254 -14.92 -60.67 -35.22
N ARG J 255 -15.16 -59.48 -34.68
CA ARG J 255 -14.80 -58.22 -35.29
C ARG J 255 -14.85 -57.13 -34.22
N PRO J 256 -13.85 -56.26 -34.16
CA PRO J 256 -13.90 -55.16 -33.20
C PRO J 256 -14.93 -54.13 -33.62
N GLN J 257 -15.33 -53.30 -32.64
CA GLN J 257 -16.35 -52.29 -32.89
C GLN J 257 -15.79 -51.12 -33.68
N HIS J 258 -14.75 -50.47 -33.14
CA HIS J 258 -14.13 -49.33 -33.80
C HIS J 258 -12.63 -49.39 -33.53
N VAL J 259 -11.83 -49.23 -34.58
CA VAL J 259 -10.38 -49.17 -34.42
C VAL J 259 -9.97 -47.70 -34.45
N SER J 260 -9.10 -47.31 -33.53
CA SER J 260 -8.59 -45.94 -33.41
C SER J 260 -7.23 -46.00 -32.73
N PRO J 261 -6.14 -45.78 -33.46
CA PRO J 261 -4.81 -45.80 -32.83
C PRO J 261 -4.55 -44.62 -31.90
N ASP J 262 -5.18 -43.47 -32.15
CA ASP J 262 -4.97 -42.29 -31.33
C ASP J 262 -5.50 -42.47 -29.91
N ASP J 263 -6.53 -43.31 -29.74
CA ASP J 263 -6.96 -43.68 -28.41
C ASP J 263 -6.05 -44.72 -27.80
N GLU J 264 -5.50 -45.62 -28.63
CA GLU J 264 -4.71 -46.71 -28.11
C GLU J 264 -3.34 -46.26 -27.62
N ILE J 265 -2.78 -45.19 -28.21
CA ILE J 265 -1.52 -44.63 -27.71
C ILE J 265 -1.70 -44.12 -26.28
N ALA J 266 -2.75 -43.34 -26.05
CA ALA J 266 -3.01 -42.80 -24.72
C ALA J 266 -3.36 -43.90 -23.73
N ARG J 267 -4.15 -44.88 -24.17
CA ARG J 267 -4.54 -45.98 -23.29
C ARG J 267 -3.34 -46.85 -22.93
N LEU J 268 -2.45 -47.11 -23.87
CA LEU J 268 -1.27 -47.92 -23.57
C LEU J 268 -0.25 -47.16 -22.72
N SER J 269 -0.12 -45.85 -22.90
CA SER J 269 0.81 -45.10 -22.08
C SER J 269 0.33 -44.99 -20.65
N ALA J 270 -0.96 -44.66 -20.46
CA ALA J 270 -1.51 -44.64 -19.10
C ALA J 270 -1.56 -46.03 -18.49
N LEU J 271 -1.75 -47.05 -19.34
CA LEU J 271 -1.68 -48.44 -18.93
C LEU J 271 -0.30 -48.80 -18.37
N PHE J 272 0.75 -48.36 -19.07
CA PHE J 272 2.11 -48.58 -18.59
C PHE J 272 2.37 -47.82 -17.31
N VAL J 273 1.73 -46.65 -17.15
CA VAL J 273 1.93 -45.86 -15.94
C VAL J 273 1.32 -46.55 -14.72
N MET J 274 0.07 -47.02 -14.84
CA MET J 274 -0.55 -47.74 -13.72
C MET J 274 0.13 -49.08 -13.46
N LEU J 275 0.61 -49.75 -14.51
CA LEU J 275 1.33 -51.01 -14.34
C LEU J 275 2.66 -50.80 -13.65
N ARG J 276 3.37 -49.73 -13.96
CA ARG J 276 4.61 -49.40 -13.27
C ARG J 276 4.35 -49.04 -11.82
N GLN J 277 3.28 -48.30 -11.55
CA GLN J 277 2.96 -47.92 -10.17
C GLN J 277 2.56 -49.14 -9.34
N LEU J 278 1.92 -50.11 -9.96
CA LEU J 278 1.65 -51.37 -9.26
C LEU J 278 2.94 -52.16 -9.05
N ASP J 279 3.81 -52.19 -10.07
CA ASP J 279 4.97 -53.07 -10.02
C ASP J 279 6.06 -52.54 -9.11
N ASP J 280 6.04 -51.25 -8.78
CA ASP J 280 7.07 -50.70 -7.91
C ASP J 280 6.80 -50.96 -6.43
N LEU J 281 5.83 -51.83 -6.11
CA LEU J 281 5.63 -52.27 -4.74
C LEU J 281 6.47 -53.48 -4.37
N ILE J 282 7.01 -54.20 -5.36
CA ILE J 282 7.76 -55.43 -5.13
C ILE J 282 9.10 -55.46 -5.85
N ARG J 283 9.58 -54.31 -6.33
CA ARG J 283 10.83 -54.18 -7.07
C ARG J 283 11.64 -53.01 -6.53
N GLU J 284 11.88 -53.04 -5.21
CA GLU J 284 12.13 -51.85 -4.39
C GLU J 284 13.30 -50.99 -4.89
N GLN J 285 14.53 -51.52 -4.87
CA GLN J 285 15.68 -50.77 -5.39
C GLN J 285 16.81 -51.75 -5.66
N VAL J 286 17.37 -51.69 -6.86
CA VAL J 286 18.50 -52.55 -7.19
C VAL J 286 19.78 -51.92 -6.66
N VAL J 287 20.49 -52.66 -5.82
CA VAL J 287 21.62 -52.12 -5.08
C VAL J 287 22.96 -52.70 -5.53
N PHE J 288 22.98 -53.84 -6.21
CA PHE J 288 24.23 -54.38 -6.73
C PHE J 288 23.95 -55.10 -8.03
N THR J 289 24.97 -55.24 -8.87
CA THR J 289 24.92 -56.03 -10.09
C THR J 289 26.22 -56.81 -10.19
N VAL J 290 26.12 -58.11 -10.34
CA VAL J 290 27.28 -58.99 -10.23
C VAL J 290 28.02 -59.01 -11.57
N CYS J 291 29.33 -59.23 -11.52
CA CYS J 291 30.13 -59.38 -12.73
C CYS J 291 30.91 -60.70 -12.74
N ASP J 292 31.59 -61.02 -11.65
CA ASP J 292 32.37 -62.24 -11.58
C ASP J 292 32.20 -62.83 -10.19
N VAL J 293 32.04 -64.15 -10.13
CA VAL J 293 31.85 -64.84 -8.89
C VAL J 293 33.04 -65.77 -8.63
N SER J 294 33.19 -66.18 -7.40
CA SER J 294 34.22 -67.14 -7.05
C SER J 294 33.66 -68.56 -7.18
N PRO J 295 34.51 -69.54 -7.52
CA PRO J 295 33.98 -70.90 -7.74
C PRO J 295 33.48 -71.60 -6.50
N ASP J 296 33.83 -71.11 -5.31
CA ASP J 296 33.25 -71.61 -4.07
C ASP J 296 32.04 -70.81 -3.60
N ASN J 297 31.68 -69.75 -4.35
CA ASN J 297 30.53 -68.89 -4.08
C ASN J 297 30.60 -68.22 -2.72
N LYS J 298 31.81 -67.89 -2.28
CA LYS J 298 31.99 -67.17 -1.03
C LYS J 298 32.01 -65.66 -1.22
N SER J 299 32.12 -65.18 -2.46
CA SER J 299 32.23 -63.75 -2.72
C SER J 299 31.85 -63.50 -4.16
N ALA J 300 31.74 -62.22 -4.49
CA ALA J 300 31.42 -61.78 -5.85
C ALA J 300 31.82 -60.33 -5.99
N THR J 301 32.63 -60.04 -6.99
CA THR J 301 32.97 -58.65 -7.32
C THR J 301 31.82 -58.07 -8.13
N CYS J 302 31.25 -56.98 -7.63
CA CYS J 302 30.03 -56.42 -8.19
C CYS J 302 30.16 -54.92 -8.35
N ILE J 303 29.25 -54.36 -9.14
CA ILE J 303 29.27 -52.94 -9.50
C ILE J 303 28.07 -52.28 -8.85
N PHE J 304 27.90 -50.98 -9.10
CA PHE J 304 26.79 -50.15 -8.61
C PHE J 304 26.78 -50.10 -7.09
N LYS J 305 27.97 -50.08 -6.49
CA LYS J 305 28.07 -50.20 -5.05
C LYS J 305 27.61 -48.92 -4.36
N GLY J 306 26.58 -49.06 -3.53
CA GLY J 306 25.93 -47.91 -2.93
C GLY J 306 24.60 -47.67 -3.61
N ALA K 3 50.23 -45.15 -17.25
CA ALA K 3 48.87 -44.66 -17.02
C ALA K 3 47.88 -45.36 -17.94
N MET K 4 47.92 -46.68 -17.94
CA MET K 4 47.01 -47.45 -18.80
C MET K 4 45.64 -47.56 -18.16
N GLU K 5 44.60 -47.42 -18.98
CA GLU K 5 43.23 -47.45 -18.50
C GLU K 5 42.66 -48.85 -18.61
N ALA K 6 41.54 -49.07 -17.93
CA ALA K 6 40.88 -50.38 -17.93
C ALA K 6 40.16 -50.64 -19.24
N ASN K 7 40.77 -51.43 -20.11
CA ASN K 7 40.23 -51.69 -21.43
C ASN K 7 39.84 -53.16 -21.59
N ILE K 8 39.31 -53.48 -22.76
CA ILE K 8 39.00 -54.85 -23.16
C ILE K 8 39.64 -55.09 -24.51
N PHE K 9 40.53 -56.07 -24.59
CA PHE K 9 41.17 -56.41 -25.85
C PHE K 9 40.29 -57.40 -26.61
N CYS K 10 40.18 -57.19 -27.91
CA CYS K 10 39.44 -58.08 -28.79
C CYS K 10 40.24 -58.31 -30.06
N THR K 11 40.45 -59.58 -30.38
CA THR K 11 41.23 -59.96 -31.55
C THR K 11 40.31 -60.24 -32.73
N PHE K 12 40.90 -60.79 -33.78
CA PHE K 12 40.15 -61.24 -34.95
C PHE K 12 40.66 -62.63 -35.33
N ASP K 13 39.77 -63.46 -35.86
CA ASP K 13 40.17 -64.76 -36.37
C ASP K 13 40.42 -64.75 -37.87
N HIS K 14 39.75 -63.88 -38.60
CA HIS K 14 39.90 -63.87 -40.04
C HIS K 14 40.95 -62.86 -40.48
N LYS K 15 41.62 -63.18 -41.59
CA LYS K 15 42.67 -62.35 -42.16
C LYS K 15 42.01 -61.14 -42.81
N LEU K 16 41.81 -60.10 -42.01
CA LEU K 16 41.19 -58.89 -42.52
C LEU K 16 42.22 -58.00 -43.20
N SER K 17 41.82 -57.42 -44.33
CA SER K 17 42.75 -56.65 -45.12
C SER K 17 42.84 -55.21 -44.62
N ILE K 18 43.74 -54.45 -45.24
CA ILE K 18 44.03 -53.09 -44.80
C ILE K 18 42.86 -52.15 -45.13
N ALA K 19 42.17 -52.39 -46.25
CA ALA K 19 40.97 -51.61 -46.56
C ALA K 19 39.85 -51.88 -45.57
N ASP K 20 39.79 -53.10 -45.03
CA ASP K 20 38.83 -53.38 -43.96
C ASP K 20 39.20 -52.67 -42.67
N VAL K 21 40.50 -52.48 -42.43
CA VAL K 21 40.93 -51.71 -41.26
C VAL K 21 40.56 -50.24 -41.43
N GLY K 22 40.72 -49.71 -42.65
CA GLY K 22 40.27 -48.36 -42.94
C GLY K 22 38.77 -48.22 -42.89
N LYS K 23 38.04 -49.28 -43.21
CA LYS K 23 36.59 -49.29 -43.07
C LYS K 23 36.18 -49.32 -41.60
N LEU K 24 36.97 -50.01 -40.77
CA LEU K 24 36.68 -50.13 -39.36
C LEU K 24 37.05 -48.88 -38.58
N THR K 25 38.06 -48.13 -39.01
CA THR K 25 38.49 -46.99 -38.20
C THR K 25 37.60 -45.77 -38.40
N LYS K 26 36.52 -45.89 -39.18
CA LYS K 26 35.46 -44.90 -39.13
C LYS K 26 34.51 -45.19 -37.98
N LEU K 27 34.52 -46.42 -37.45
CA LEU K 27 33.67 -46.82 -36.35
C LEU K 27 34.45 -46.73 -35.04
N VAL K 28 34.89 -45.52 -34.73
CA VAL K 28 35.61 -45.29 -33.48
C VAL K 28 34.64 -45.27 -32.33
N ALA K 29 33.85 -44.20 -32.24
CA ALA K 29 33.00 -44.00 -31.08
C ALA K 29 31.64 -44.68 -31.25
N ALA K 30 31.65 -45.97 -31.55
CA ALA K 30 30.43 -46.73 -31.80
C ALA K 30 30.15 -47.62 -30.60
N VAL K 31 28.86 -47.81 -30.29
CA VAL K 31 28.48 -48.65 -29.16
C VAL K 31 28.58 -50.11 -29.59
N VAL K 32 29.10 -50.95 -28.70
CA VAL K 32 29.24 -52.38 -28.96
C VAL K 32 28.72 -53.14 -27.74
N PRO K 33 27.80 -54.08 -27.90
CA PRO K 33 27.41 -54.93 -26.78
C PRO K 33 28.35 -56.12 -26.64
N ILE K 34 28.43 -56.61 -25.41
CA ILE K 34 29.22 -57.80 -25.06
C ILE K 34 28.36 -58.65 -24.15
N PRO K 35 28.27 -59.97 -24.37
CA PRO K 35 27.52 -60.83 -23.45
C PRO K 35 28.14 -60.93 -22.06
N GLN K 36 29.47 -61.04 -21.98
CA GLN K 36 30.11 -61.23 -20.69
C GLN K 36 31.42 -60.47 -20.65
N ARG K 37 31.58 -59.61 -19.63
CA ARG K 37 32.75 -58.74 -19.52
C ARG K 37 33.98 -59.57 -19.15
N LEU K 38 34.72 -59.95 -20.17
CA LEU K 38 36.01 -60.61 -19.99
C LEU K 38 37.13 -59.58 -20.04
N HIS K 39 38.37 -60.06 -20.13
CA HIS K 39 39.51 -59.20 -20.43
C HIS K 39 40.02 -59.43 -21.84
N LEU K 40 39.76 -60.59 -22.41
CA LEU K 40 40.05 -60.88 -23.80
C LEU K 40 38.88 -61.65 -24.40
N ILE K 41 38.58 -61.38 -25.67
CA ILE K 41 37.34 -61.85 -26.27
C ILE K 41 37.53 -61.98 -27.78
N LYS K 42 37.03 -63.09 -28.33
CA LYS K 42 37.07 -63.29 -29.76
C LYS K 42 36.04 -62.42 -30.46
N HIS K 43 36.08 -62.41 -31.79
CA HIS K 43 35.20 -61.58 -32.59
C HIS K 43 33.84 -62.21 -32.82
N TYR K 44 33.63 -63.43 -32.36
CA TYR K 44 32.32 -64.06 -32.42
C TYR K 44 31.36 -63.55 -31.36
N GLN K 45 31.82 -62.72 -30.43
CA GLN K 45 30.98 -62.17 -29.39
C GLN K 45 30.95 -60.65 -29.41
N LEU K 46 31.02 -60.05 -30.59
CA LEU K 46 31.12 -58.59 -30.73
C LEU K 46 29.90 -58.09 -31.50
N GLY K 47 28.80 -57.88 -30.79
CA GLY K 47 27.63 -57.35 -31.43
C GLY K 47 26.51 -58.36 -31.44
N LEU K 48 25.55 -58.14 -32.33
CA LEU K 48 24.27 -58.83 -32.29
C LEU K 48 24.20 -60.08 -33.16
N HIS K 49 25.22 -60.39 -33.95
CA HIS K 49 25.10 -61.50 -34.87
C HIS K 49 25.27 -62.86 -34.21
N GLN K 50 25.58 -62.91 -32.92
CA GLN K 50 25.50 -64.16 -32.19
C GLN K 50 24.14 -64.37 -31.54
N PHE K 51 23.26 -63.37 -31.59
CA PHE K 51 21.97 -63.42 -30.91
C PHE K 51 20.81 -63.45 -31.88
N VAL K 52 21.05 -63.16 -33.16
CA VAL K 52 19.96 -63.00 -34.12
C VAL K 52 19.31 -64.37 -34.39
N ASP K 53 17.99 -64.40 -34.36
CA ASP K 53 17.22 -65.64 -34.44
C ASP K 53 15.96 -65.41 -35.26
N HIS K 54 15.70 -66.31 -36.19
CA HIS K 54 14.51 -66.18 -37.04
C HIS K 54 13.27 -66.74 -36.34
N THR K 55 13.45 -67.75 -35.48
CA THR K 55 12.31 -68.41 -34.85
C THR K 55 11.64 -67.50 -33.82
N ARG K 56 12.40 -67.01 -32.84
CA ARG K 56 11.86 -66.14 -31.83
C ARG K 56 11.67 -64.72 -32.37
N GLY K 57 11.00 -63.88 -31.58
CA GLY K 57 10.62 -62.56 -32.02
C GLY K 57 11.70 -61.51 -31.96
N TYR K 58 11.31 -60.25 -32.02
CA TYR K 58 12.24 -59.12 -31.99
C TYR K 58 12.49 -58.61 -30.58
N VAL K 59 11.49 -58.63 -29.70
CA VAL K 59 11.67 -58.14 -28.33
C VAL K 59 12.55 -59.08 -27.51
N ARG K 60 12.73 -60.32 -27.96
CA ARG K 60 13.74 -61.18 -27.36
C ARG K 60 15.14 -60.62 -27.59
N LEU K 61 15.37 -59.92 -28.70
CA LEU K 61 16.65 -59.25 -28.90
C LEU K 61 16.80 -58.07 -27.95
N ARG K 62 15.69 -57.43 -27.56
CA ARG K 62 15.76 -56.40 -26.53
C ARG K 62 16.07 -57.00 -25.17
N GLY K 63 15.41 -58.12 -24.83
CA GLY K 63 15.67 -58.78 -23.56
C GLY K 63 17.07 -59.33 -23.46
N LEU K 64 17.60 -59.87 -24.55
CA LEU K 64 18.99 -60.28 -24.62
C LEU K 64 19.92 -59.13 -24.94
N LEU K 65 19.39 -57.92 -25.09
CA LEU K 65 20.15 -56.69 -25.05
C LEU K 65 19.96 -55.95 -23.74
N ARG K 66 19.00 -56.37 -22.93
CA ARG K 66 18.75 -55.72 -21.65
C ARG K 66 19.86 -56.00 -20.65
N ASN K 67 20.36 -57.24 -20.64
CA ASN K 67 21.34 -57.70 -19.66
C ASN K 67 22.75 -57.81 -20.22
N MET K 68 23.16 -56.86 -21.05
CA MET K 68 24.49 -56.88 -21.65
C MET K 68 25.41 -55.88 -20.98
N THR K 69 26.61 -55.75 -21.53
CA THR K 69 27.54 -54.69 -21.19
C THR K 69 27.89 -53.96 -22.47
N LEU K 70 27.72 -52.65 -22.47
CA LEU K 70 27.74 -51.88 -23.70
C LEU K 70 29.03 -51.06 -23.75
N THR K 71 30.08 -51.67 -24.28
CA THR K 71 31.38 -51.03 -24.35
C THR K 71 31.45 -50.06 -25.52
N LEU K 72 32.61 -49.45 -25.67
CA LEU K 72 32.90 -48.52 -26.76
C LEU K 72 34.23 -48.91 -27.37
N MET K 73 34.33 -48.83 -28.69
CA MET K 73 35.58 -49.12 -29.39
C MET K 73 36.56 -47.99 -29.12
N ARG K 74 37.67 -48.31 -28.45
CA ARG K 74 38.59 -47.25 -28.07
C ARG K 74 39.51 -46.87 -29.22
N ARG K 75 40.20 -47.86 -29.79
CA ARG K 75 41.18 -47.58 -30.83
C ARG K 75 41.37 -48.82 -31.69
N VAL K 76 41.35 -48.63 -33.00
CA VAL K 76 41.52 -49.70 -33.97
C VAL K 76 42.97 -49.74 -34.40
N GLU K 77 43.61 -50.88 -34.25
CA GLU K 77 45.00 -51.05 -34.66
C GLU K 77 45.16 -52.42 -35.29
N GLY K 78 46.40 -52.81 -35.54
CA GLY K 78 46.65 -54.13 -36.09
C GLY K 78 46.50 -55.21 -35.05
N ASN K 79 45.80 -56.28 -35.46
CA ASN K 79 45.72 -57.59 -34.78
C ASN K 79 44.91 -57.58 -33.49
N GLN K 80 44.46 -56.41 -33.03
CA GLN K 80 43.62 -56.36 -31.84
C GLN K 80 42.80 -55.07 -31.88
N ILE K 81 41.61 -55.14 -31.29
CA ILE K 81 40.67 -54.05 -31.27
C ILE K 81 40.42 -53.65 -29.82
N LEU K 82 40.71 -52.40 -29.49
CA LEU K 82 40.55 -51.92 -28.13
C LEU K 82 39.09 -51.62 -27.84
N LEU K 83 38.62 -52.05 -26.68
CA LEU K 83 37.27 -51.74 -26.21
C LEU K 83 37.37 -51.13 -24.83
N HIS K 84 36.65 -50.02 -24.61
CA HIS K 84 36.64 -49.33 -23.33
C HIS K 84 35.25 -49.46 -22.72
N VAL K 85 35.14 -50.27 -21.68
CA VAL K 85 33.88 -50.43 -20.97
C VAL K 85 33.62 -49.15 -20.18
N PRO K 86 32.42 -48.58 -20.28
CA PRO K 86 32.15 -47.33 -19.57
C PRO K 86 31.83 -47.57 -18.11
N THR K 87 31.90 -46.49 -17.34
CA THR K 87 31.46 -46.48 -15.96
C THR K 87 30.46 -45.35 -15.77
N HIS K 88 29.69 -45.45 -14.68
CA HIS K 88 28.62 -44.50 -14.42
C HIS K 88 29.22 -43.17 -13.95
N GLY K 89 28.93 -42.11 -14.68
CA GLY K 89 29.38 -40.79 -14.26
C GLY K 89 30.33 -40.11 -15.22
N LEU K 90 31.30 -40.83 -15.76
CA LEU K 90 32.23 -40.24 -16.70
C LEU K 90 31.56 -40.05 -18.06
N LEU K 91 32.03 -39.04 -18.79
CA LEU K 91 31.45 -38.74 -20.09
C LEU K 91 32.30 -39.34 -21.19
N TYR K 92 31.65 -39.66 -22.31
CA TYR K 92 32.27 -40.33 -23.43
C TYR K 92 31.78 -39.69 -24.73
N THR K 93 32.10 -40.31 -25.85
CA THR K 93 31.63 -39.88 -27.15
C THR K 93 30.99 -41.06 -27.86
N VAL K 94 29.80 -40.85 -28.40
CA VAL K 94 29.09 -41.86 -29.18
C VAL K 94 28.86 -41.30 -30.57
N LEU K 95 29.19 -42.07 -31.60
CA LEU K 95 28.84 -41.66 -32.94
C LEU K 95 27.38 -42.03 -33.22
N ASN K 96 26.71 -41.16 -33.99
CA ASN K 96 25.30 -41.35 -34.29
C ASN K 96 25.15 -42.44 -35.35
N THR K 97 25.20 -43.69 -34.86
CA THR K 97 25.01 -44.82 -35.76
C THR K 97 23.54 -45.07 -36.05
N GLY K 98 22.64 -44.38 -35.36
CA GLY K 98 21.22 -44.54 -35.59
C GLY K 98 20.76 -43.71 -36.77
N PRO K 99 19.51 -43.90 -37.18
CA PRO K 99 18.96 -43.15 -38.32
C PRO K 99 18.41 -41.78 -37.98
N VAL K 100 18.28 -41.44 -36.70
CA VAL K 100 17.54 -40.26 -36.27
C VAL K 100 18.52 -39.27 -35.65
N THR K 101 18.30 -37.99 -35.95
CA THR K 101 19.12 -36.89 -35.47
C THR K 101 19.01 -36.74 -33.96
N TRP K 102 20.07 -36.24 -33.33
CA TRP K 102 20.10 -35.97 -31.91
C TRP K 102 20.24 -34.47 -31.68
N GLU K 103 19.81 -34.04 -30.49
CA GLU K 103 19.89 -32.64 -30.09
C GLU K 103 20.50 -32.57 -28.70
N LYS K 104 20.34 -31.41 -28.08
CA LYS K 104 20.97 -31.16 -26.80
C LYS K 104 20.04 -31.64 -25.69
N GLY K 105 20.54 -32.54 -24.84
CA GLY K 105 19.82 -32.94 -23.65
C GLY K 105 18.84 -34.08 -23.78
N ASP K 106 18.83 -34.81 -24.90
CA ASP K 106 17.92 -35.94 -25.02
C ASP K 106 18.35 -37.10 -24.14
N ALA K 107 17.38 -37.84 -23.65
CA ALA K 107 17.63 -39.10 -22.95
C ALA K 107 17.70 -40.19 -24.01
N LEU K 108 18.76 -40.98 -23.99
CA LEU K 108 19.03 -41.92 -25.08
C LEU K 108 18.83 -43.36 -24.61
N CYS K 109 18.16 -44.15 -25.44
CA CYS K 109 17.94 -45.56 -25.16
C CYS K 109 18.54 -46.40 -26.28
N VAL K 110 18.82 -47.67 -25.96
CA VAL K 110 19.47 -48.59 -26.88
C VAL K 110 18.41 -49.55 -27.40
N LEU K 111 18.50 -49.90 -28.67
CA LEU K 111 17.46 -50.66 -29.32
C LEU K 111 18.09 -51.63 -30.33
N PRO K 112 17.55 -52.84 -30.47
CA PRO K 112 17.98 -53.70 -31.56
C PRO K 112 17.54 -53.12 -32.89
N PRO K 113 18.26 -53.40 -33.98
CA PRO K 113 17.95 -52.76 -35.26
C PRO K 113 16.68 -53.34 -35.86
N LEU K 114 15.89 -52.45 -36.47
CA LEU K 114 14.61 -52.82 -37.06
C LEU K 114 14.76 -53.31 -38.49
N PHE K 115 15.99 -53.46 -38.98
CA PHE K 115 16.23 -54.04 -40.29
C PHE K 115 17.39 -55.00 -40.17
N HIS K 116 17.29 -56.13 -40.85
CA HIS K 116 18.42 -57.03 -40.92
C HIS K 116 18.41 -57.73 -42.28
N GLY K 117 19.57 -57.76 -42.92
CA GLY K 117 19.68 -58.25 -44.27
C GLY K 117 20.01 -57.14 -45.23
N PRO K 118 19.06 -56.79 -46.11
CA PRO K 118 19.34 -55.76 -47.11
C PRO K 118 19.02 -54.35 -46.65
N LEU K 119 20.01 -53.47 -46.72
CA LEU K 119 19.79 -52.03 -46.52
C LEU K 119 20.82 -51.27 -47.34
N ALA K 120 20.53 -49.97 -47.55
CA ALA K 120 21.46 -49.08 -48.19
C ALA K 120 22.50 -48.52 -47.24
N ARG K 121 22.31 -48.68 -45.93
CA ARG K 121 23.25 -48.21 -44.93
C ARG K 121 23.82 -49.35 -44.09
N GLU K 122 23.56 -50.59 -44.46
CA GLU K 122 24.11 -51.76 -43.77
C GLU K 122 25.33 -52.30 -44.47
N ASN K 123 26.15 -51.41 -45.05
CA ASN K 123 27.46 -51.80 -45.59
C ASN K 123 28.49 -51.84 -44.45
N LEU K 124 28.25 -52.75 -43.51
CA LEU K 124 29.06 -52.92 -42.33
C LEU K 124 30.24 -53.83 -42.62
N LEU K 125 30.98 -54.16 -41.57
CA LEU K 125 32.11 -55.06 -41.72
C LEU K 125 31.59 -56.48 -41.91
N THR K 126 31.94 -57.09 -43.02
CA THR K 126 31.50 -58.44 -43.34
C THR K 126 32.68 -59.39 -43.25
N LEU K 127 32.35 -60.67 -43.09
CA LEU K 127 33.31 -61.76 -43.14
C LEU K 127 32.64 -62.91 -43.89
N GLY K 128 33.19 -64.12 -43.73
CA GLY K 128 32.62 -65.26 -44.39
C GLY K 128 31.21 -65.58 -43.93
N GLN K 129 31.02 -65.66 -42.61
CA GLN K 129 29.69 -65.90 -42.06
C GLN K 129 29.34 -64.80 -41.07
N TRP K 130 30.29 -63.91 -40.81
CA TRP K 130 30.16 -62.93 -39.75
C TRP K 130 29.83 -61.55 -40.32
N GLU K 131 28.88 -60.88 -39.68
CA GLU K 131 28.55 -59.50 -40.00
C GLU K 131 28.41 -58.73 -38.70
N LEU K 132 29.35 -57.83 -38.44
CA LEU K 132 29.26 -56.97 -37.27
C LEU K 132 28.09 -56.01 -37.42
N VAL K 133 27.13 -56.11 -36.52
CA VAL K 133 25.93 -55.29 -36.57
C VAL K 133 25.79 -54.55 -35.23
N LEU K 134 25.54 -53.25 -35.31
CA LEU K 134 25.48 -52.43 -34.12
C LEU K 134 24.04 -52.20 -33.70
N PRO K 135 23.76 -52.09 -32.41
CA PRO K 135 22.41 -51.71 -31.98
C PRO K 135 22.16 -50.25 -32.25
N TRP K 136 20.90 -49.87 -32.17
CA TRP K 136 20.51 -48.51 -32.50
C TRP K 136 20.45 -47.65 -31.25
N ILE K 137 20.88 -46.41 -31.40
CA ILE K 137 20.84 -45.43 -30.31
C ILE K 137 19.86 -44.35 -30.73
N VAL K 138 18.64 -44.45 -30.22
CA VAL K 138 17.58 -43.50 -30.53
C VAL K 138 17.17 -42.80 -29.23
N PRO K 139 16.58 -41.61 -29.30
CA PRO K 139 16.14 -40.94 -28.06
C PRO K 139 14.98 -41.66 -27.40
N MET K 140 14.72 -41.23 -26.16
CA MET K 140 13.77 -41.95 -25.30
C MET K 140 12.32 -41.89 -25.76
N PRO K 141 11.70 -40.74 -26.11
CA PRO K 141 10.29 -40.80 -26.52
C PRO K 141 10.08 -41.49 -27.84
N LEU K 142 11.06 -41.40 -28.74
CA LEU K 142 10.99 -42.16 -29.99
C LEU K 142 11.07 -43.66 -29.73
N ALA K 143 11.92 -44.09 -28.79
CA ALA K 143 12.04 -45.51 -28.48
C ALA K 143 10.76 -46.03 -27.82
N LEU K 144 10.18 -45.22 -26.93
CA LEU K 144 8.92 -45.60 -26.30
C LEU K 144 7.80 -45.65 -27.32
N GLU K 145 7.84 -44.74 -28.31
CA GLU K 145 6.85 -44.75 -29.38
C GLU K 145 6.98 -45.99 -30.25
N ILE K 146 8.22 -46.39 -30.55
CA ILE K 146 8.45 -47.58 -31.36
C ILE K 146 7.98 -48.83 -30.63
N ASN K 147 8.27 -48.91 -29.33
CA ASN K 147 7.84 -50.07 -28.54
C ASN K 147 6.33 -50.13 -28.42
N GLN K 148 5.67 -48.97 -28.24
CA GLN K 148 4.21 -48.95 -28.15
C GLN K 148 3.55 -49.29 -29.48
N ARG K 149 4.09 -48.76 -30.59
CA ARG K 149 3.57 -49.10 -31.92
C ARG K 149 3.70 -50.59 -32.19
N LEU K 150 4.84 -51.18 -31.81
CA LEU K 150 5.02 -52.62 -31.98
C LEU K 150 4.07 -53.41 -31.10
N LEU K 151 3.77 -52.93 -29.90
CA LEU K 151 2.86 -53.64 -29.02
C LEU K 151 1.44 -53.64 -29.57
N ILE K 152 0.97 -52.49 -30.05
CA ILE K 152 -0.41 -52.47 -30.56
C ILE K 152 -0.48 -53.11 -31.94
N MET K 153 0.64 -53.18 -32.66
CA MET K 153 0.63 -53.92 -33.92
C MET K 153 0.68 -55.43 -33.70
N GLY K 154 1.31 -55.88 -32.61
CA GLY K 154 1.21 -57.28 -32.24
C GLY K 154 -0.13 -57.61 -31.61
N LEU K 155 -0.85 -56.59 -31.15
CA LEU K 155 -2.19 -56.79 -30.63
C LEU K 155 -3.19 -57.09 -31.74
N PHE K 156 -2.90 -56.71 -32.98
CA PHE K 156 -3.81 -56.94 -34.10
C PHE K 156 -3.39 -58.11 -34.96
N SER K 157 -2.48 -58.96 -34.47
CA SER K 157 -1.97 -60.06 -35.29
C SER K 157 -2.99 -61.17 -35.49
N LEU K 158 -4.05 -61.22 -34.68
CA LEU K 158 -4.99 -62.33 -34.73
C LEU K 158 -6.04 -62.16 -35.82
N ASP K 159 -6.45 -60.93 -36.11
CA ASP K 159 -7.49 -60.65 -37.09
C ASP K 159 -6.98 -59.75 -38.21
N ARG K 160 -5.81 -60.07 -38.76
CA ARG K 160 -5.23 -59.32 -39.87
C ARG K 160 -6.02 -59.43 -41.16
N SER K 161 -6.94 -60.40 -41.27
CA SER K 161 -7.66 -60.67 -42.51
C SER K 161 -8.65 -59.57 -42.88
N TYR K 162 -9.06 -58.73 -41.94
CA TYR K 162 -10.04 -57.68 -42.21
C TYR K 162 -9.34 -56.50 -42.88
N GLU K 163 -10.10 -55.45 -43.21
CA GLU K 163 -9.57 -54.36 -44.02
C GLU K 163 -9.38 -53.06 -43.26
N GLU K 164 -10.26 -52.73 -42.31
CA GLU K 164 -10.05 -51.53 -41.51
C GLU K 164 -8.84 -51.69 -40.60
N VAL K 165 -8.59 -52.90 -40.13
CA VAL K 165 -7.40 -53.16 -39.34
C VAL K 165 -6.17 -53.13 -40.23
N LYS K 166 -6.33 -53.37 -41.53
CA LYS K 166 -5.19 -53.30 -42.44
C LYS K 166 -4.73 -51.86 -42.62
N ALA K 167 -5.67 -50.94 -42.90
CA ALA K 167 -5.32 -49.53 -43.01
C ALA K 167 -4.88 -48.97 -41.67
N ALA K 168 -5.42 -49.50 -40.57
CA ALA K 168 -4.91 -49.13 -39.25
C ALA K 168 -3.48 -49.59 -39.04
N VAL K 169 -3.12 -50.77 -39.56
CA VAL K 169 -1.75 -51.26 -39.41
C VAL K 169 -0.78 -50.44 -40.25
N GLN K 170 -1.14 -50.13 -41.51
CA GLN K 170 -0.22 -49.32 -42.31
C GLN K 170 -0.26 -47.86 -41.91
N GLN K 171 -1.25 -47.43 -41.12
CA GLN K 171 -1.12 -46.17 -40.40
C GLN K 171 -0.14 -46.32 -39.24
N LEU K 172 -0.22 -47.44 -38.54
CA LEU K 172 0.65 -47.72 -37.39
C LEU K 172 2.09 -48.00 -37.80
N GLN K 173 2.31 -48.62 -38.96
CA GLN K 173 3.66 -49.00 -39.35
C GLN K 173 4.52 -47.79 -39.71
N THR K 174 3.89 -46.70 -40.15
CA THR K 174 4.59 -45.47 -40.43
C THR K 174 4.65 -44.62 -39.16
N ILE K 175 5.75 -43.88 -39.04
CA ILE K 175 5.97 -42.99 -37.90
C ILE K 175 6.89 -41.87 -38.37
N THR K 176 6.56 -40.64 -38.00
CA THR K 176 7.36 -39.51 -38.40
C THR K 176 8.02 -38.91 -37.17
N PHE K 177 9.30 -38.57 -37.29
CA PHE K 177 10.05 -37.93 -36.23
C PHE K 177 10.78 -36.75 -36.84
N ARG K 178 11.73 -36.20 -36.11
CA ARG K 178 12.38 -34.95 -36.51
C ARG K 178 13.26 -35.18 -37.73
N ASP K 179 12.71 -34.82 -38.90
CA ASP K 179 13.32 -35.00 -40.22
C ASP K 179 13.70 -36.44 -40.48
N ALA K 180 12.85 -37.39 -40.10
CA ALA K 180 13.11 -38.79 -40.33
C ALA K 180 11.80 -39.51 -40.61
N THR K 181 11.46 -39.66 -41.89
CA THR K 181 10.32 -40.48 -42.30
C THR K 181 10.70 -41.93 -42.02
N PHE K 182 10.03 -42.51 -41.05
CA PHE K 182 10.48 -43.74 -40.44
C PHE K 182 9.44 -44.84 -40.61
N THR K 183 9.92 -46.03 -40.97
CA THR K 183 9.04 -47.18 -41.23
C THR K 183 9.59 -48.39 -40.50
N ILE K 184 8.76 -48.98 -39.64
CA ILE K 184 9.16 -50.17 -38.90
C ILE K 184 8.73 -51.38 -39.74
N PRO K 185 9.27 -52.58 -39.50
CA PRO K 185 8.77 -53.74 -40.21
C PRO K 185 7.55 -54.34 -39.53
N ASP K 186 6.91 -55.26 -40.23
CA ASP K 186 5.71 -55.88 -39.70
C ASP K 186 6.07 -57.12 -38.89
N PRO K 187 5.42 -57.32 -37.74
CA PRO K 187 5.73 -58.51 -36.93
C PRO K 187 5.09 -59.78 -37.44
N VAL K 188 4.16 -59.70 -38.39
CA VAL K 188 3.50 -60.87 -38.94
C VAL K 188 4.15 -61.23 -40.27
N ILE K 189 4.78 -62.39 -40.32
CA ILE K 189 5.40 -62.90 -41.53
C ILE K 189 4.86 -64.30 -41.79
N ASP K 190 4.44 -64.53 -43.05
CA ASP K 190 3.91 -65.81 -43.54
C ASP K 190 2.66 -66.24 -42.78
N GLN K 191 1.93 -65.25 -42.25
CA GLN K 191 0.67 -65.41 -41.51
C GLN K 191 0.80 -66.38 -40.33
N HIS K 192 1.88 -66.23 -39.57
CA HIS K 192 1.95 -66.79 -38.22
C HIS K 192 2.90 -65.93 -37.41
N LEU K 193 2.44 -65.47 -36.25
CA LEU K 193 3.22 -64.63 -35.37
C LEU K 193 4.25 -65.49 -34.64
N LEU K 194 5.36 -64.87 -34.28
CA LEU K 194 6.40 -65.56 -33.52
C LEU K 194 6.00 -65.61 -32.04
N ILE K 195 6.65 -66.51 -31.32
CA ILE K 195 6.19 -66.86 -29.97
C ILE K 195 6.51 -65.79 -28.94
N ASP K 196 7.49 -64.91 -29.21
CA ASP K 196 7.86 -63.91 -28.23
C ASP K 196 6.81 -62.80 -28.14
N MET K 197 6.36 -62.30 -29.28
CA MET K 197 5.27 -61.33 -29.31
C MET K 197 3.98 -61.94 -28.77
N LYS K 198 3.75 -63.23 -29.05
CA LYS K 198 2.59 -63.92 -28.52
C LYS K 198 2.62 -63.99 -27.01
N THR K 199 3.78 -64.30 -26.43
CA THR K 199 3.91 -64.32 -24.97
C THR K 199 3.75 -62.94 -24.36
N ALA K 200 4.28 -61.91 -25.03
CA ALA K 200 4.20 -60.55 -24.50
C ALA K 200 2.76 -60.05 -24.47
N CYS K 201 2.08 -60.12 -25.62
CA CYS K 201 0.69 -59.65 -25.65
C CYS K 201 -0.25 -60.59 -24.89
N LEU K 202 0.11 -61.87 -24.77
CA LEU K 202 -0.69 -62.80 -23.98
C LEU K 202 -0.58 -62.49 -22.49
N SER K 203 0.61 -62.13 -22.03
CA SER K 203 0.78 -61.72 -20.64
C SER K 203 0.09 -60.41 -20.35
N MET K 204 0.10 -59.49 -21.34
CA MET K 204 -0.65 -58.24 -21.22
C MET K 204 -2.15 -58.51 -21.09
N SER K 205 -2.70 -59.34 -21.97
CA SER K 205 -4.11 -59.67 -21.91
C SER K 205 -4.45 -60.47 -20.65
N MET K 206 -3.50 -61.26 -20.15
CA MET K 206 -3.72 -62.02 -18.93
C MET K 206 -3.84 -61.10 -17.72
N VAL K 207 -2.93 -60.12 -17.61
CA VAL K 207 -3.01 -59.25 -16.44
C VAL K 207 -4.20 -58.30 -16.56
N ALA K 208 -4.62 -57.95 -17.79
CA ALA K 208 -5.83 -57.15 -17.93
C ALA K 208 -7.08 -57.94 -17.57
N ASN K 209 -7.10 -59.23 -17.90
CA ASN K 209 -8.27 -60.05 -17.60
C ASN K 209 -8.37 -60.33 -16.11
N LEU K 210 -7.24 -60.60 -15.44
CA LEU K 210 -7.29 -60.73 -13.98
C LEU K 210 -7.59 -59.40 -13.30
N ALA K 211 -7.21 -58.28 -13.92
CA ALA K 211 -7.62 -56.98 -13.43
C ALA K 211 -9.13 -56.81 -13.50
N SER K 212 -9.74 -57.24 -14.60
CA SER K 212 -11.18 -57.18 -14.71
C SER K 212 -11.87 -58.23 -13.84
N GLU K 213 -11.16 -59.26 -13.39
CA GLU K 213 -11.85 -60.33 -12.69
C GLU K 213 -11.75 -60.23 -11.16
N LEU K 214 -10.62 -59.79 -10.61
CA LEU K 214 -10.39 -59.97 -9.16
C LEU K 214 -10.78 -58.78 -8.30
N THR K 215 -10.55 -57.56 -8.78
CA THR K 215 -10.56 -56.43 -7.87
C THR K 215 -11.94 -55.97 -7.47
N MET K 216 -12.99 -56.42 -8.17
CA MET K 216 -14.35 -56.15 -7.70
C MET K 216 -14.61 -56.86 -6.38
N THR K 217 -14.30 -58.16 -6.32
CA THR K 217 -14.38 -58.91 -5.08
C THR K 217 -13.39 -58.40 -4.04
N TYR K 218 -12.20 -57.99 -4.47
CA TYR K 218 -11.19 -57.57 -3.49
C TYR K 218 -11.53 -56.24 -2.83
N VAL K 219 -11.99 -55.26 -3.60
CA VAL K 219 -12.39 -54.01 -2.94
C VAL K 219 -13.78 -54.17 -2.30
N ARG K 220 -14.59 -55.15 -2.74
CA ARG K 220 -15.82 -55.44 -2.01
C ARG K 220 -15.54 -56.04 -0.64
N LYS K 221 -14.41 -56.74 -0.50
CA LYS K 221 -13.95 -57.18 0.81
C LYS K 221 -13.26 -56.08 1.59
N LEU K 222 -12.50 -55.22 0.91
CA LEU K 222 -11.82 -54.09 1.53
C LEU K 222 -12.76 -52.97 1.96
N ALA K 223 -14.00 -52.97 1.47
CA ALA K 223 -14.97 -51.97 1.87
C ALA K 223 -15.42 -52.14 3.31
N LEU K 224 -15.31 -53.36 3.85
CA LEU K 224 -15.62 -53.56 5.27
C LEU K 224 -14.50 -53.03 6.14
N GLU K 225 -13.27 -53.03 5.64
CA GLU K 225 -12.12 -52.47 6.33
C GLU K 225 -11.82 -51.05 5.88
N ASP K 226 -12.85 -50.28 5.57
CA ASP K 226 -12.66 -48.91 5.11
C ASP K 226 -12.24 -48.02 6.27
N SER K 227 -11.26 -47.15 6.02
CA SER K 227 -10.89 -46.13 7.00
C SER K 227 -10.58 -44.80 6.32
N SER K 228 -10.79 -44.70 5.02
CA SER K 228 -10.42 -43.51 4.25
C SER K 228 -11.43 -43.35 3.12
N MET K 229 -11.09 -42.52 2.14
CA MET K 229 -12.00 -42.21 1.05
C MET K 229 -11.43 -42.57 -0.31
N LEU K 230 -10.12 -42.80 -0.40
CA LEU K 230 -9.52 -43.04 -1.71
C LEU K 230 -9.73 -44.46 -2.21
N LEU K 231 -10.21 -45.36 -1.36
CA LEU K 231 -10.51 -46.72 -1.78
C LEU K 231 -12.00 -46.99 -1.85
N VAL K 232 -12.84 -46.09 -1.35
CA VAL K 232 -14.27 -46.34 -1.31
C VAL K 232 -14.99 -45.88 -2.56
N LYS K 233 -14.35 -45.11 -3.43
CA LYS K 233 -14.96 -44.74 -4.69
C LYS K 233 -14.31 -45.43 -5.89
N CYS K 234 -13.19 -46.12 -5.68
CA CYS K 234 -12.62 -46.94 -6.75
C CYS K 234 -13.50 -48.14 -7.08
N GLN K 235 -14.10 -48.77 -6.07
CA GLN K 235 -15.15 -49.74 -6.36
C GLN K 235 -16.39 -49.08 -6.94
N GLU K 236 -16.62 -47.79 -6.66
CA GLU K 236 -17.77 -47.12 -7.24
C GLU K 236 -17.55 -46.86 -8.72
N LEU K 237 -16.32 -46.46 -9.11
CA LEU K 237 -16.06 -46.33 -10.53
C LEU K 237 -15.95 -47.69 -11.22
N LEU K 238 -15.59 -48.74 -10.47
CA LEU K 238 -15.65 -50.09 -11.01
C LEU K 238 -17.08 -50.51 -11.33
N MET K 239 -18.01 -50.23 -10.41
CA MET K 239 -19.42 -50.50 -10.67
C MET K 239 -19.96 -49.55 -11.74
N ARG K 240 -19.34 -48.38 -11.90
CA ARG K 240 -19.74 -47.46 -12.96
C ARG K 240 -19.38 -48.01 -14.33
N LEU K 241 -18.16 -48.50 -14.51
CA LEU K 241 -17.78 -49.09 -15.79
C LEU K 241 -18.46 -50.43 -16.02
N ASP K 242 -18.73 -51.20 -14.96
CA ASP K 242 -19.25 -52.55 -15.14
C ASP K 242 -20.72 -52.54 -15.58
N ARG K 243 -21.43 -51.44 -15.35
CA ARG K 243 -22.80 -51.33 -15.82
C ARG K 243 -22.89 -50.45 -17.07
N VAL K 259 -16.03 -69.38 -5.37
CA VAL K 259 -14.86 -70.07 -5.92
C VAL K 259 -13.97 -70.55 -4.78
N SER K 260 -13.00 -71.39 -5.12
CA SER K 260 -12.06 -71.87 -4.13
C SER K 260 -11.04 -70.78 -3.81
N PRO K 261 -10.62 -70.64 -2.55
CA PRO K 261 -9.61 -69.63 -2.22
C PRO K 261 -8.22 -69.98 -2.74
N ASP K 262 -7.94 -71.26 -2.96
CA ASP K 262 -6.66 -71.63 -3.58
C ASP K 262 -6.63 -71.24 -5.05
N ASP K 263 -7.78 -71.25 -5.72
CA ASP K 263 -7.88 -70.68 -7.06
C ASP K 263 -7.66 -69.17 -7.03
N GLU K 264 -8.08 -68.50 -5.95
CA GLU K 264 -7.84 -67.06 -5.81
C GLU K 264 -6.36 -66.77 -5.56
N ILE K 265 -5.69 -67.64 -4.80
CA ILE K 265 -4.25 -67.54 -4.60
C ILE K 265 -3.52 -67.78 -5.92
N ALA K 266 -4.02 -68.73 -6.71
CA ALA K 266 -3.48 -68.98 -8.05
C ALA K 266 -3.67 -67.78 -8.95
N ARG K 267 -4.80 -67.08 -8.81
CA ARG K 267 -5.04 -65.87 -9.60
C ARG K 267 -4.09 -64.75 -9.22
N LEU K 268 -3.84 -64.57 -7.92
CA LEU K 268 -2.91 -63.53 -7.49
C LEU K 268 -1.48 -63.84 -7.90
N SER K 269 -1.06 -65.11 -7.76
CA SER K 269 0.29 -65.49 -8.15
C SER K 269 0.47 -65.42 -9.66
N ALA K 270 -0.58 -65.75 -10.42
CA ALA K 270 -0.53 -65.61 -11.87
C ALA K 270 -0.45 -64.15 -12.27
N LEU K 271 -1.18 -63.27 -11.56
CA LEU K 271 -1.11 -61.85 -11.83
C LEU K 271 0.30 -61.32 -11.57
N PHE K 272 0.94 -61.80 -10.50
CA PHE K 272 2.27 -61.28 -10.20
C PHE K 272 3.35 -61.86 -11.11
N VAL K 273 3.21 -63.10 -11.58
CA VAL K 273 4.21 -63.59 -12.53
C VAL K 273 3.98 -62.99 -13.91
N MET K 274 2.74 -62.61 -14.22
CA MET K 274 2.50 -61.86 -15.45
C MET K 274 2.99 -60.42 -15.33
N LEU K 275 3.06 -59.88 -14.11
CA LEU K 275 3.79 -58.63 -13.91
C LEU K 275 5.27 -58.83 -14.16
N ARG K 276 5.84 -59.90 -13.60
CA ARG K 276 7.29 -60.09 -13.68
C ARG K 276 7.74 -60.47 -15.09
N GLN K 277 6.84 -61.00 -15.91
CA GLN K 277 7.15 -61.25 -17.31
C GLN K 277 6.85 -60.04 -18.21
N LEU K 278 6.77 -58.85 -17.62
CA LEU K 278 6.53 -57.63 -18.37
C LEU K 278 7.64 -56.60 -18.27
N ASP K 279 8.72 -56.87 -17.54
CA ASP K 279 9.77 -55.88 -17.31
C ASP K 279 10.58 -55.59 -18.56
N ASP K 280 10.49 -56.43 -19.59
CA ASP K 280 11.14 -56.13 -20.85
C ASP K 280 10.47 -55.01 -21.62
N LEU K 281 9.21 -54.71 -21.32
CA LEU K 281 8.44 -53.78 -22.13
C LEU K 281 7.78 -52.65 -21.33
N ILE K 282 7.51 -52.84 -20.04
CA ILE K 282 6.83 -51.80 -19.28
C ILE K 282 7.72 -50.62 -18.97
N ARG K 283 9.04 -50.78 -19.05
CA ARG K 283 9.96 -49.72 -18.68
C ARG K 283 11.28 -49.96 -19.40
N GLU K 284 12.12 -48.93 -19.37
CA GLU K 284 13.51 -49.08 -19.80
C GLU K 284 14.35 -48.10 -19.02
N GLN K 285 15.64 -48.40 -18.94
CA GLN K 285 16.59 -47.52 -18.29
C GLN K 285 17.27 -46.66 -19.35
N VAL K 286 17.33 -45.35 -19.08
CA VAL K 286 18.11 -44.46 -19.92
C VAL K 286 19.59 -44.80 -19.74
N VAL K 287 20.32 -44.83 -20.84
CA VAL K 287 21.73 -45.22 -20.84
C VAL K 287 22.63 -44.00 -20.98
N PHE K 288 22.33 -43.12 -21.93
CA PHE K 288 23.12 -41.93 -22.17
C PHE K 288 22.23 -40.70 -22.13
N THR K 289 22.84 -39.55 -21.83
CA THR K 289 22.21 -38.27 -22.07
C THR K 289 23.25 -37.28 -22.56
N VAL K 290 22.85 -36.38 -23.43
CA VAL K 290 23.77 -35.64 -24.30
C VAL K 290 24.21 -34.34 -23.63
N CYS K 291 25.51 -34.09 -23.63
CA CYS K 291 26.00 -32.76 -23.24
C CYS K 291 26.17 -31.85 -24.45
N ASP K 292 26.97 -32.28 -25.43
CA ASP K 292 27.20 -31.50 -26.64
C ASP K 292 27.00 -32.38 -27.86
N VAL K 293 26.65 -31.76 -28.97
CA VAL K 293 26.49 -32.45 -30.25
C VAL K 293 27.36 -31.75 -31.29
N SER K 294 28.13 -32.55 -32.03
CA SER K 294 29.02 -32.00 -33.04
C SER K 294 28.21 -31.49 -34.24
N PRO K 295 28.73 -30.49 -34.96
CA PRO K 295 28.10 -30.08 -36.21
C PRO K 295 28.09 -31.20 -37.24
N ASP K 296 27.04 -31.18 -38.08
CA ASP K 296 26.62 -32.22 -39.03
C ASP K 296 26.18 -33.51 -38.34
N ASN K 297 26.12 -33.51 -37.00
CA ASN K 297 25.45 -34.50 -36.15
C ASN K 297 25.99 -35.92 -36.35
N LYS K 298 27.26 -36.06 -36.69
CA LYS K 298 27.83 -37.39 -36.84
C LYS K 298 28.16 -38.00 -35.49
N SER K 299 28.78 -37.23 -34.60
CA SER K 299 29.10 -37.67 -33.26
C SER K 299 28.52 -36.68 -32.26
N ALA K 300 28.46 -37.09 -31.00
CA ALA K 300 27.92 -36.25 -29.94
C ALA K 300 28.46 -36.74 -28.61
N THR K 301 29.20 -35.89 -27.91
CA THR K 301 29.77 -36.25 -26.62
C THR K 301 28.67 -36.22 -25.56
N CYS K 302 28.55 -37.33 -24.83
CA CYS K 302 27.46 -37.53 -23.89
C CYS K 302 27.99 -38.26 -22.68
N ILE K 303 27.31 -38.12 -21.55
CA ILE K 303 27.72 -38.86 -20.37
C ILE K 303 27.11 -40.25 -20.40
N PHE K 304 27.66 -41.12 -19.57
CA PHE K 304 27.08 -42.43 -19.34
C PHE K 304 26.19 -42.38 -18.11
N LYS K 305 25.14 -43.18 -18.14
CA LYS K 305 24.23 -43.25 -17.00
C LYS K 305 23.68 -44.68 -16.97
N GLY K 306 24.32 -45.54 -16.19
CA GLY K 306 23.86 -46.90 -16.04
C GLY K 306 23.82 -47.30 -14.58
N PRO L 168 3.07 46.97 33.17
CA PRO L 168 1.97 46.84 34.12
C PRO L 168 1.24 45.51 33.97
N LYS L 169 0.70 44.98 35.09
CA LYS L 169 0.09 43.66 35.07
C LYS L 169 -1.27 43.64 34.40
N ASP L 170 -2.00 44.75 34.40
CA ASP L 170 -3.33 44.77 33.82
C ASP L 170 -3.32 44.72 32.29
N MET L 171 -2.30 45.29 31.66
CA MET L 171 -2.19 45.25 30.20
C MET L 171 -1.60 43.93 29.70
N TYR L 172 -1.14 43.08 30.60
CA TYR L 172 -0.47 41.84 30.21
C TYR L 172 -1.47 40.71 30.03
N LEU L 173 -1.25 39.88 29.01
CA LEU L 173 -2.05 38.69 28.78
C LEU L 173 -1.28 37.76 27.87
N THR L 174 -1.72 36.49 27.86
CA THR L 174 -1.30 35.49 26.88
C THR L 174 -2.30 34.37 26.90
N TRP L 175 -2.21 33.49 25.89
CA TRP L 175 -2.89 32.20 25.91
C TRP L 175 -1.81 31.15 25.72
N GLU L 176 -1.09 30.86 26.81
CA GLU L 176 0.12 30.06 26.88
C GLU L 176 0.57 30.11 28.33
N GLU L 177 1.19 29.03 28.79
CA GLU L 177 1.63 28.92 30.19
C GLU L 177 2.98 29.55 30.43
N THR L 178 3.54 30.23 29.42
CA THR L 178 4.67 31.15 29.54
C THR L 178 5.92 30.45 30.06
N ARG L 179 6.36 29.43 29.33
CA ARG L 179 7.55 28.67 29.69
C ARG L 179 8.49 28.46 28.51
N GLY L 180 8.13 28.95 27.33
CA GLY L 180 8.95 28.71 26.16
C GLY L 180 10.21 29.57 26.18
N ARG L 181 11.18 29.18 25.35
CA ARG L 181 12.47 29.86 25.35
C ARG L 181 12.37 31.24 24.71
N LEU L 182 12.03 31.29 23.43
CA LEU L 182 12.05 32.54 22.67
C LEU L 182 10.68 33.17 22.76
N GLN L 183 10.38 33.75 23.92
CA GLN L 183 9.10 34.40 24.14
C GLN L 183 9.13 35.77 23.47
N TYR L 184 8.52 35.86 22.29
CA TYR L 184 8.40 37.14 21.60
C TYR L 184 7.35 38.00 22.28
N VAL L 185 7.41 39.31 22.02
CA VAL L 185 6.38 40.22 22.50
C VAL L 185 5.74 40.94 21.32
N TYR L 186 4.49 41.32 21.51
CA TYR L 186 3.71 41.94 20.44
C TYR L 186 2.71 42.90 21.06
N LEU L 187 2.92 44.19 20.83
CA LEU L 187 1.98 45.20 21.29
C LEU L 187 0.74 45.16 20.41
N ILE L 188 -0.41 44.92 21.02
CA ILE L 188 -1.67 44.92 20.29
C ILE L 188 -2.56 46.01 20.86
N ILE L 189 -3.45 46.54 20.01
CA ILE L 189 -4.47 47.48 20.42
C ILE L 189 -5.76 47.07 19.75
N VAL L 190 -6.87 47.17 20.47
CA VAL L 190 -8.17 46.87 19.89
C VAL L 190 -8.98 48.16 19.86
N TYR L 191 -10.11 48.12 19.15
CA TYR L 191 -11.03 49.26 19.09
C TYR L 191 -12.43 48.68 19.30
N ASP L 192 -12.90 48.73 20.53
CA ASP L 192 -14.20 48.17 20.89
C ASP L 192 -15.27 49.22 20.60
N TYR L 193 -16.30 48.83 19.85
CA TYR L 193 -17.41 49.71 19.54
C TYR L 193 -18.70 49.30 20.23
N ASP L 194 -18.60 48.68 21.41
CA ASP L 194 -19.79 48.24 22.13
C ASP L 194 -20.57 49.44 22.67
N GLY L 195 -19.86 50.43 23.19
CA GLY L 195 -20.45 51.72 23.44
C GLY L 195 -20.59 52.46 22.13
N PRO L 196 -21.43 53.51 22.11
CA PRO L 196 -21.54 54.31 20.87
C PRO L 196 -20.27 55.09 20.54
N GLU L 197 -19.40 55.33 21.51
CA GLU L 197 -18.09 55.91 21.25
C GLU L 197 -17.05 54.81 21.10
N THR L 198 -15.89 55.17 20.58
CA THR L 198 -14.79 54.22 20.45
C THR L 198 -14.19 53.90 21.82
N ARG L 199 -14.08 52.60 22.12
CA ARG L 199 -13.47 52.15 23.36
C ARG L 199 -12.12 51.51 23.04
N PRO L 200 -11.00 52.15 23.38
CA PRO L 200 -9.69 51.58 23.08
C PRO L 200 -9.21 50.66 24.20
N GLY L 201 -8.84 49.43 23.84
CA GLY L 201 -8.24 48.52 24.78
C GLY L 201 -6.81 48.15 24.39
N ILE L 202 -5.84 48.64 25.14
CA ILE L 202 -4.44 48.42 24.83
C ILE L 202 -3.94 47.23 25.64
N TYR L 203 -3.19 46.34 24.99
CA TYR L 203 -2.71 45.12 25.63
C TYR L 203 -1.29 44.86 25.16
N VAL L 204 -0.41 44.47 26.08
CA VAL L 204 0.88 43.93 25.67
C VAL L 204 0.76 42.40 25.66
N LEU L 205 1.11 41.79 24.54
CA LEU L 205 0.86 40.38 24.31
C LEU L 205 2.19 39.68 24.05
N THR L 206 2.62 38.85 24.99
CA THR L 206 3.76 38.00 24.76
C THR L 206 3.31 36.63 24.28
N SER L 207 4.20 35.96 23.56
CA SER L 207 3.89 34.68 22.95
C SER L 207 5.19 34.01 22.53
N SER L 208 5.17 32.68 22.55
CA SER L 208 6.26 31.92 21.97
C SER L 208 6.21 31.94 20.45
N ILE L 209 5.02 32.07 19.88
CA ILE L 209 4.87 31.98 18.43
C ILE L 209 5.33 33.27 17.78
N ALA L 210 6.20 33.15 16.77
CA ALA L 210 6.89 34.28 16.18
C ALA L 210 6.30 34.74 14.87
N HIS L 211 5.74 33.84 14.07
CA HIS L 211 5.25 34.22 12.75
C HIS L 211 3.95 34.99 12.87
N TRP L 212 3.83 36.03 12.05
CA TRP L 212 2.80 37.04 12.26
C TRP L 212 1.43 36.54 11.79
N GLN L 213 1.40 35.73 10.74
CA GLN L 213 0.13 35.31 10.16
C GLN L 213 -0.65 34.37 11.07
N THR L 214 0.00 33.34 11.59
CA THR L 214 -0.66 32.42 12.50
C THR L 214 -0.99 33.09 13.84
N LEU L 215 -0.20 34.08 14.25
CA LEU L 215 -0.56 34.89 15.40
C LEU L 215 -1.82 35.69 15.13
N VAL L 216 -1.99 36.16 13.89
CA VAL L 216 -3.22 36.87 13.53
C VAL L 216 -4.41 35.94 13.52
N ASP L 217 -4.22 34.68 13.08
CA ASP L 217 -5.31 33.70 13.19
C ASP L 217 -5.67 33.42 14.65
N VAL L 218 -4.66 33.39 15.53
CA VAL L 218 -4.92 33.25 16.96
C VAL L 218 -5.70 34.44 17.49
N ALA L 219 -5.35 35.65 17.04
CA ALA L 219 -6.04 36.85 17.49
C ALA L 219 -7.47 36.91 16.97
N ARG L 220 -7.71 36.37 15.77
CA ARG L 220 -9.07 36.27 15.27
C ARG L 220 -9.87 35.25 16.08
N GLY L 221 -9.23 34.14 16.44
CA GLY L 221 -9.92 33.14 17.25
C GLY L 221 -10.18 33.58 18.67
N LYS L 222 -9.43 34.58 19.15
CA LYS L 222 -9.60 35.02 20.53
C LYS L 222 -10.46 36.26 20.68
N PHE L 223 -10.56 37.10 19.66
CA PHE L 223 -11.15 38.43 19.79
C PHE L 223 -12.35 38.60 18.88
N ALA L 224 -13.23 37.59 18.81
CA ALA L 224 -14.36 37.62 17.90
C ALA L 224 -15.41 38.66 18.27
N ARG L 225 -15.51 39.02 19.56
CA ARG L 225 -16.47 40.03 19.99
C ARG L 225 -16.16 41.39 19.39
N GLU L 226 -14.88 41.73 19.31
CA GLU L 226 -14.49 42.99 18.68
C GLU L 226 -14.73 42.96 17.19
N ARG L 227 -14.64 41.79 16.55
CA ARG L 227 -14.92 41.69 15.13
C ARG L 227 -16.40 41.91 14.83
N CYS L 228 -17.27 41.26 15.61
CA CYS L 228 -18.69 41.47 15.34
C CYS L 228 -19.16 42.84 15.79
N SER L 229 -18.50 43.42 16.80
CA SER L 229 -18.77 44.81 17.16
C SER L 229 -18.32 45.77 16.08
N PHE L 230 -17.21 45.46 15.40
CA PHE L 230 -16.72 46.29 14.31
C PHE L 230 -17.65 46.26 13.11
N VAL L 231 -18.09 45.06 12.72
CA VAL L 231 -19.01 45.00 11.58
C VAL L 231 -20.40 45.50 11.97
N ASN L 232 -20.74 45.46 13.26
CA ASN L 232 -22.02 46.01 13.69
C ASN L 232 -21.97 47.54 13.69
N ARG L 233 -20.81 48.10 14.04
CA ARG L 233 -20.59 49.54 13.90
C ARG L 233 -20.62 49.94 12.43
N ARG L 234 -20.17 49.06 11.55
CA ARG L 234 -20.25 49.36 10.12
C ARG L 234 -21.68 49.34 9.61
N ILE L 235 -22.48 48.35 10.02
CA ILE L 235 -23.84 48.27 9.48
C ILE L 235 -24.80 49.22 10.21
N THR L 236 -24.43 49.72 11.38
CA THR L 236 -25.33 50.64 12.08
C THR L 236 -25.03 52.10 11.77
N ARG L 237 -23.83 52.42 11.33
CA ARG L 237 -23.50 53.80 10.99
C ARG L 237 -22.76 53.84 9.67
N PRO L 238 -23.46 53.75 8.53
CA PRO L 238 -22.76 53.73 7.24
C PRO L 238 -22.17 55.07 6.85
N ARG L 239 -22.62 56.16 7.47
CA ARG L 239 -22.01 57.46 7.20
C ARG L 239 -20.62 57.55 7.81
N GLN L 240 -20.43 56.99 8.99
CA GLN L 240 -19.13 57.01 9.63
C GLN L 240 -18.22 55.99 8.98
N ILE L 241 -16.95 56.36 8.78
CA ILE L 241 -15.95 55.44 8.25
C ILE L 241 -15.28 54.75 9.43
N PRO L 242 -15.08 53.43 9.39
CA PRO L 242 -14.34 52.77 10.47
C PRO L 242 -12.83 52.98 10.29
N LEU L 243 -12.14 53.27 11.39
CA LEU L 243 -10.72 53.54 11.32
C LEU L 243 -9.94 52.25 11.08
N CYS L 244 -9.97 51.35 12.07
CA CYS L 244 -9.32 50.06 11.98
C CYS L 244 -10.16 49.07 12.79
N THR L 245 -9.62 47.88 13.03
CA THR L 245 -10.13 46.98 14.04
C THR L 245 -9.09 46.62 15.08
N GLY L 246 -7.88 46.29 14.65
CA GLY L 246 -6.80 45.98 15.56
C GLY L 246 -5.47 46.15 14.86
N VAL L 247 -4.49 46.63 15.62
CA VAL L 247 -3.15 46.88 15.11
C VAL L 247 -2.17 46.10 15.97
N ILE L 248 -1.26 45.38 15.35
CA ILE L 248 -0.19 44.65 16.03
C ILE L 248 1.14 45.23 15.60
N GLN L 249 2.04 45.44 16.55
CA GLN L 249 3.40 45.87 16.23
C GLN L 249 4.34 45.09 17.14
N LYS L 250 5.35 44.46 16.54
CA LYS L 250 6.34 43.76 17.32
C LYS L 250 7.24 44.74 18.04
N LEU L 251 7.80 44.30 19.17
CA LEU L 251 8.82 45.05 19.87
C LEU L 251 10.08 44.25 20.11
N GLY L 252 10.00 42.94 20.15
CA GLY L 252 11.17 42.13 20.38
C GLY L 252 10.80 40.82 21.06
N TRP L 253 11.72 40.32 21.89
CA TRP L 253 11.56 39.02 22.51
C TRP L 253 12.29 38.98 23.84
N CYS L 254 11.98 37.96 24.63
CA CYS L 254 12.61 37.74 25.92
C CYS L 254 12.73 36.24 26.15
N LEU L 255 13.17 35.87 27.35
CA LEU L 255 13.34 34.49 27.75
C LEU L 255 12.24 34.08 28.70
N ALA L 256 12.25 32.81 29.09
CA ALA L 256 11.33 32.33 30.11
C ALA L 256 11.69 32.86 31.50
N ASP L 257 12.98 33.06 31.78
CA ASP L 257 13.43 33.56 33.07
C ASP L 257 13.45 35.07 33.14
N ASP L 258 13.25 35.77 32.03
CA ASP L 258 13.36 37.22 32.01
C ASP L 258 12.14 37.92 32.62
N ILE L 259 11.09 37.18 32.95
CA ILE L 259 9.92 37.76 33.60
C ILE L 259 10.10 37.73 35.12
N HIS L 260 9.60 38.77 35.78
CA HIS L 260 9.70 38.89 37.23
C HIS L 260 8.44 39.61 37.73
N THR L 261 7.52 38.85 38.31
CA THR L 261 6.26 39.40 38.77
C THR L 261 6.45 40.25 40.03
N VAL L 273 4.07 44.44 39.25
CA VAL L 273 4.31 44.76 37.85
C VAL L 273 5.43 43.88 37.30
N VAL L 274 5.12 43.16 36.20
CA VAL L 274 6.06 42.25 35.57
C VAL L 274 6.88 43.07 34.58
N ARG L 275 8.16 43.26 34.87
CA ARG L 275 9.07 43.95 33.98
C ARG L 275 10.21 43.03 33.57
N LEU L 276 10.76 43.31 32.39
CA LEU L 276 11.72 42.46 31.72
C LEU L 276 13.14 42.99 31.93
N ASP L 277 14.02 42.09 32.33
CA ASP L 277 15.41 42.45 32.60
C ASP L 277 16.23 42.64 31.34
N ASN L 278 16.39 41.59 30.55
CA ASN L 278 17.07 41.66 29.27
C ASN L 278 16.02 41.58 28.17
N PHE L 279 15.75 42.72 27.54
CA PHE L 279 14.76 42.77 26.47
C PHE L 279 15.44 43.39 25.26
N SER L 280 15.86 42.55 24.33
CA SER L 280 16.37 43.03 23.05
C SER L 280 15.21 43.61 22.25
N VAL L 281 15.32 44.88 21.89
CA VAL L 281 14.25 45.53 21.14
C VAL L 281 14.40 45.25 19.65
N GLU L 282 13.26 45.05 19.00
CA GLU L 282 13.16 44.97 17.53
C GLU L 282 11.89 45.72 17.15
N LEU L 283 12.03 47.01 16.85
CA LEU L 283 10.91 47.86 16.50
C LEU L 283 10.63 47.71 15.02
N GLY L 284 9.51 47.07 14.70
CA GLY L 284 9.16 46.84 13.30
C GLY L 284 8.21 47.87 12.74
N ASP L 285 6.97 47.46 12.47
CA ASP L 285 5.98 48.33 11.87
C ASP L 285 4.58 47.91 12.28
N PHE L 286 3.65 48.85 12.18
CA PHE L 286 2.27 48.66 12.61
C PHE L 286 1.55 47.77 11.60
N ARG L 287 1.49 46.48 11.87
CA ARG L 287 0.76 45.53 11.05
C ARG L 287 -0.66 45.40 11.57
N GLU L 288 -1.63 45.88 10.80
CA GLU L 288 -3.02 45.92 11.22
C GLU L 288 -3.75 44.66 10.76
N PHE L 289 -4.94 44.47 11.32
CA PHE L 289 -5.80 43.37 10.93
C PHE L 289 -7.25 43.73 11.21
N VAL L 290 -8.16 43.07 10.51
CA VAL L 290 -9.59 43.27 10.72
C VAL L 290 -10.28 41.93 10.87
N MET M 1 56.48 -55.68 -14.27
CA MET M 1 56.36 -57.08 -13.92
C MET M 1 57.29 -57.46 -12.78
N ASP M 2 58.22 -56.57 -12.44
CA ASP M 2 59.16 -56.80 -11.36
C ASP M 2 58.54 -56.37 -10.03
N ALA M 3 59.35 -56.35 -8.97
CA ALA M 3 58.86 -55.97 -7.65
C ALA M 3 59.00 -54.48 -7.38
N ARG M 4 59.04 -53.65 -8.41
CA ARG M 4 59.24 -52.22 -8.23
C ARG M 4 58.17 -51.37 -8.88
N ALA M 5 57.72 -51.76 -10.08
CA ALA M 5 56.69 -50.98 -10.77
C ALA M 5 55.33 -51.14 -10.10
N VAL M 6 55.05 -52.35 -9.59
CA VAL M 6 53.81 -52.56 -8.83
C VAL M 6 53.96 -52.00 -7.43
N ALA M 7 55.16 -52.09 -6.85
CA ALA M 7 55.44 -51.51 -5.54
C ALA M 7 55.74 -50.02 -5.61
N LYS M 8 55.71 -49.43 -6.80
CA LYS M 8 55.81 -47.98 -6.91
C LYS M 8 54.55 -47.33 -6.33
N ARG M 9 54.71 -46.11 -5.83
CA ARG M 9 53.58 -45.33 -5.35
C ARG M 9 52.64 -45.01 -6.51
N PRO M 10 51.34 -44.89 -6.25
CA PRO M 10 50.41 -44.47 -7.30
C PRO M 10 50.67 -43.03 -7.76
N ARG M 11 50.42 -42.79 -9.04
CA ARG M 11 50.78 -41.53 -9.67
C ARG M 11 49.80 -40.44 -9.25
N ASP M 12 50.36 -39.30 -8.83
CA ASP M 12 49.61 -38.10 -8.51
C ASP M 12 49.82 -37.06 -9.60
N PRO M 13 48.75 -36.42 -10.08
CA PRO M 13 48.91 -35.40 -11.13
C PRO M 13 49.49 -34.10 -10.62
N ALA M 14 49.51 -33.93 -9.29
CA ALA M 14 50.04 -32.71 -8.69
C ALA M 14 51.56 -32.68 -8.63
N ASP M 15 52.22 -33.80 -8.94
CA ASP M 15 53.68 -33.85 -8.84
C ASP M 15 54.33 -33.41 -10.15
N GLU M 16 54.01 -34.09 -11.25
CA GLU M 16 54.67 -33.81 -12.53
C GLU M 16 54.05 -32.60 -13.20
N ASP M 17 54.53 -32.31 -14.41
CA ASP M 17 54.13 -31.14 -15.16
C ASP M 17 52.99 -31.48 -16.12
N ASN M 18 52.66 -30.55 -17.01
CA ASN M 18 51.51 -30.67 -17.89
C ASN M 18 51.92 -31.44 -19.15
N GLU M 19 51.01 -31.55 -20.11
CA GLU M 19 51.36 -32.15 -21.39
C GLU M 19 52.15 -31.18 -22.25
N LEU M 20 51.75 -29.91 -22.25
CA LEU M 20 52.38 -28.92 -23.11
C LEU M 20 53.80 -28.60 -22.67
N VAL M 21 54.04 -28.58 -21.36
CA VAL M 21 55.37 -28.25 -20.85
C VAL M 21 56.35 -29.38 -21.16
N THR M 22 55.94 -30.63 -20.94
CA THR M 22 56.80 -31.74 -21.28
C THR M 22 56.86 -32.00 -22.79
N ALA M 23 55.99 -31.35 -23.57
CA ALA M 23 56.16 -31.38 -25.01
C ALA M 23 57.18 -30.35 -25.48
N LEU M 24 57.05 -29.10 -25.02
CA LEU M 24 57.91 -28.05 -25.55
C LEU M 24 59.28 -28.03 -24.88
N LYS M 25 59.42 -28.63 -23.70
CA LYS M 25 60.72 -28.66 -23.06
C LYS M 25 61.65 -29.68 -23.70
N ALA M 26 61.09 -30.66 -24.41
CA ALA M 26 61.93 -31.63 -25.10
C ALA M 26 62.57 -31.04 -26.34
N LYS M 27 61.84 -30.20 -27.07
CA LYS M 27 62.32 -29.62 -28.30
C LYS M 27 63.05 -28.29 -28.08
N ARG M 28 63.06 -27.80 -26.84
CA ARG M 28 63.77 -26.58 -26.42
C ARG M 28 63.29 -25.34 -27.17
N GLU M 29 62.03 -24.98 -26.95
CA GLU M 29 61.50 -23.72 -27.44
C GLU M 29 60.75 -23.01 -26.33
N VAL M 30 60.42 -21.75 -26.57
CA VAL M 30 59.67 -20.93 -25.63
C VAL M 30 58.80 -19.98 -26.44
N ASN M 31 57.52 -19.86 -26.06
CA ASN M 31 56.56 -19.00 -26.72
C ASN M 31 55.90 -18.08 -25.71
N THR M 32 55.03 -17.21 -26.22
CA THR M 32 54.38 -16.22 -25.37
C THR M 32 53.31 -16.81 -24.47
N ILE M 33 52.68 -17.90 -24.89
CA ILE M 33 51.58 -18.49 -24.13
C ILE M 33 52.15 -19.30 -22.97
N SER M 34 52.03 -18.77 -21.76
CA SER M 34 52.53 -19.45 -20.57
C SER M 34 51.63 -20.63 -20.24
N VAL M 35 52.20 -21.83 -20.26
CA VAL M 35 51.42 -23.05 -20.10
C VAL M 35 51.82 -23.87 -18.89
N ARG M 36 52.46 -23.28 -17.88
CA ARG M 36 52.95 -24.05 -16.75
C ARG M 36 51.84 -24.51 -15.82
N TYR M 37 50.63 -23.97 -15.94
CA TYR M 37 49.52 -24.42 -15.09
C TYR M 37 48.25 -24.34 -15.92
N LEU M 38 47.75 -25.49 -16.34
CA LEU M 38 46.48 -25.53 -17.08
C LEU M 38 45.32 -25.32 -16.12
N TYR M 39 44.46 -24.36 -16.44
CA TYR M 39 43.27 -24.17 -15.65
C TYR M 39 42.25 -25.25 -15.99
N HIS M 40 41.24 -25.38 -15.12
CA HIS M 40 40.12 -26.34 -15.26
C HIS M 40 40.57 -27.80 -15.29
N ALA M 41 41.82 -28.10 -14.94
CA ALA M 41 42.28 -29.48 -14.98
C ALA M 41 41.74 -30.27 -13.80
N ASP M 42 41.75 -29.67 -12.61
CA ASP M 42 41.19 -30.29 -11.42
C ASP M 42 39.74 -29.87 -11.23
N HIS M 43 38.97 -30.04 -12.30
CA HIS M 43 37.53 -29.75 -12.32
C HIS M 43 36.83 -31.09 -12.49
N GLN M 44 36.45 -31.71 -11.38
CA GLN M 44 35.77 -33.01 -11.46
C GLN M 44 34.34 -32.89 -11.93
N ALA M 45 33.73 -31.72 -11.79
CA ALA M 45 32.36 -31.53 -12.22
C ALA M 45 32.28 -31.44 -13.74
N LEU M 46 31.25 -32.05 -14.30
CA LEU M 46 31.05 -32.09 -15.74
C LEU M 46 30.31 -30.83 -16.17
N THR M 47 30.92 -30.06 -17.05
CA THR M 47 30.32 -28.84 -17.54
C THR M 47 29.51 -29.12 -18.80
N ALA M 48 28.89 -28.07 -19.31
CA ALA M 48 28.21 -28.07 -20.59
C ALA M 48 28.28 -26.65 -21.12
N ARG M 49 27.79 -26.43 -22.33
CA ARG M 49 27.78 -25.08 -22.89
C ARG M 49 26.65 -24.97 -23.89
N PHE M 50 25.63 -24.18 -23.55
CA PHE M 50 24.45 -24.04 -24.39
C PHE M 50 24.38 -22.62 -24.91
N PHE M 51 23.46 -22.40 -25.83
CA PHE M 51 23.10 -21.07 -26.28
C PHE M 51 21.64 -20.80 -25.96
N VAL M 52 21.35 -19.55 -25.61
CA VAL M 52 19.99 -19.18 -25.23
C VAL M 52 19.72 -17.74 -25.65
N PRO M 53 18.59 -17.46 -26.28
CA PRO M 53 18.28 -16.09 -26.68
C PRO M 53 17.99 -15.20 -25.48
N GLU M 54 18.07 -13.88 -25.72
CA GLU M 54 18.01 -12.89 -24.65
C GLU M 54 16.66 -12.80 -23.96
N GLY M 55 15.61 -13.39 -24.54
CA GLY M 55 14.32 -13.37 -23.89
C GLY M 55 14.23 -14.21 -22.62
N LEU M 56 15.22 -15.09 -22.38
CA LEU M 56 15.16 -16.04 -21.29
C LEU M 56 16.28 -15.88 -20.28
N VAL M 57 17.17 -14.92 -20.45
CA VAL M 57 18.36 -14.81 -19.61
C VAL M 57 18.11 -13.85 -18.42
N GLU M 58 16.86 -13.50 -18.17
CA GLU M 58 16.55 -12.74 -16.98
C GLU M 58 16.54 -13.66 -15.76
N PHE M 59 17.01 -13.11 -14.63
CA PHE M 59 17.35 -13.83 -13.38
C PHE M 59 18.42 -14.90 -13.62
N GLU M 60 19.25 -14.71 -14.64
CA GLU M 60 20.32 -15.64 -14.96
C GLU M 60 21.70 -14.99 -14.96
N ALA M 61 21.78 -13.67 -14.87
CA ALA M 61 23.07 -12.99 -14.77
C ALA M 61 23.80 -13.35 -13.49
N GLN M 62 23.09 -13.48 -12.39
CA GLN M 62 23.75 -14.09 -11.26
C GLN M 62 23.80 -15.60 -11.44
N PRO M 63 24.90 -16.24 -11.06
CA PRO M 63 25.04 -17.67 -11.30
C PRO M 63 24.20 -18.49 -10.33
N GLY M 64 23.68 -19.59 -10.86
CA GLY M 64 22.94 -20.54 -10.05
C GLY M 64 21.44 -20.43 -10.21
N ALA M 65 20.88 -21.30 -11.05
CA ALA M 65 19.46 -21.39 -11.32
C ALA M 65 19.21 -22.67 -12.11
N LEU M 66 18.15 -23.38 -11.73
CA LEU M 66 17.79 -24.60 -12.42
C LEU M 66 17.37 -24.30 -13.86
N LEU M 67 17.75 -25.19 -14.77
CA LEU M 67 17.64 -24.93 -16.20
C LEU M 67 16.99 -26.13 -16.85
N ILE M 68 15.76 -25.96 -17.32
CA ILE M 68 14.95 -27.05 -17.87
C ILE M 68 14.70 -26.76 -19.35
N ARG M 69 14.92 -27.75 -20.20
CA ARG M 69 14.49 -27.64 -21.58
C ARG M 69 13.11 -28.23 -21.73
N MET M 70 12.35 -27.70 -22.69
CA MET M 70 10.99 -28.16 -22.94
C MET M 70 10.85 -28.60 -24.39
N GLU M 71 9.95 -29.54 -24.61
CA GLU M 71 9.68 -30.04 -25.95
C GLU M 71 8.53 -29.28 -26.57
N THR M 72 8.62 -29.07 -27.88
CA THR M 72 7.58 -28.41 -28.65
C THR M 72 7.47 -29.15 -29.96
N GLY M 73 6.24 -29.41 -30.42
CA GLY M 73 6.01 -30.12 -31.67
C GLY M 73 6.41 -29.38 -32.94
N CYS M 74 7.06 -28.23 -32.82
CA CYS M 74 7.54 -27.45 -33.96
C CYS M 74 8.80 -28.10 -34.53
N ASP M 75 9.47 -27.42 -35.46
CA ASP M 75 10.70 -27.94 -36.02
C ASP M 75 11.93 -27.14 -35.63
N SER M 76 11.95 -25.84 -35.91
CA SER M 76 13.13 -25.07 -35.55
C SER M 76 13.20 -24.68 -34.06
N PRO M 77 12.13 -24.16 -33.38
CA PRO M 77 12.33 -23.80 -31.97
C PRO M 77 12.03 -24.94 -31.00
N ARG M 78 12.07 -26.18 -31.51
CA ARG M 78 11.64 -27.42 -30.86
C ARG M 78 12.08 -27.61 -29.40
N HIS M 79 13.23 -27.06 -29.03
CA HIS M 79 13.72 -27.14 -27.66
C HIS M 79 14.04 -25.76 -27.16
N LEU M 80 13.59 -25.45 -25.94
CA LEU M 80 13.82 -24.14 -25.37
C LEU M 80 14.25 -24.29 -23.91
N TYR M 81 15.45 -23.82 -23.62
CA TYR M 81 16.06 -23.95 -22.29
C TYR M 81 15.52 -22.83 -21.42
N ILE M 82 14.42 -23.08 -20.73
CA ILE M 82 13.80 -22.08 -19.87
C ILE M 82 14.29 -22.27 -18.44
N SER M 83 14.30 -21.18 -17.69
CA SER M 83 14.76 -21.23 -16.31
C SER M 83 13.68 -21.86 -15.42
N LEU M 84 14.04 -22.07 -14.16
CA LEU M 84 13.05 -22.54 -13.20
C LEU M 84 12.05 -21.45 -12.86
N TYR M 85 12.50 -20.19 -12.89
CA TYR M 85 11.61 -19.10 -12.56
C TYR M 85 10.61 -18.85 -13.68
N LEU M 86 10.96 -19.20 -14.91
CA LEU M 86 10.01 -19.14 -16.01
C LEU M 86 8.87 -20.14 -15.85
N LEU M 87 9.10 -21.22 -15.12
CA LEU M 87 8.01 -22.10 -14.72
C LEU M 87 7.15 -21.50 -13.62
N GLY M 88 7.66 -20.48 -12.92
CA GLY M 88 6.96 -19.91 -11.78
C GLY M 88 5.70 -19.13 -12.13
N ILE M 89 5.52 -18.75 -13.39
CA ILE M 89 4.30 -18.10 -13.81
C ILE M 89 3.22 -19.16 -13.92
N ARG M 90 3.63 -20.37 -14.30
CA ARG M 90 2.70 -21.43 -14.60
C ARG M 90 2.35 -22.31 -13.42
N ALA M 91 2.96 -22.07 -12.26
CA ALA M 91 2.65 -22.89 -11.09
C ALA M 91 1.45 -22.32 -10.36
N SER M 92 0.53 -23.20 -9.97
CA SER M 92 -0.54 -22.83 -9.06
C SER M 92 -0.07 -22.75 -7.61
N ASN M 93 1.14 -23.24 -7.33
CA ASN M 93 1.73 -23.12 -6.00
C ASN M 93 2.01 -21.67 -5.66
N VAL M 94 2.46 -20.88 -6.63
CA VAL M 94 3.04 -19.57 -6.35
C VAL M 94 1.95 -18.61 -5.90
N SER M 95 2.36 -17.58 -5.16
CA SER M 95 1.42 -16.61 -4.59
C SER M 95 1.05 -15.58 -5.65
N ALA M 96 0.45 -14.47 -5.24
CA ALA M 96 0.03 -13.47 -6.21
C ALA M 96 1.13 -12.46 -6.47
N SER M 97 1.81 -12.01 -5.41
CA SER M 97 2.69 -10.85 -5.49
C SER M 97 3.95 -11.17 -6.29
N THR M 98 4.59 -12.30 -6.00
CA THR M 98 5.77 -12.66 -6.77
C THR M 98 5.41 -13.12 -8.18
N ARG M 99 4.16 -13.56 -8.38
CA ARG M 99 3.72 -13.92 -9.72
C ARG M 99 3.59 -12.69 -10.60
N CYS M 100 2.98 -11.61 -10.09
CA CYS M 100 2.97 -10.40 -10.89
C CYS M 100 4.31 -9.69 -10.89
N LEU M 101 5.17 -9.98 -9.90
CA LEU M 101 6.49 -9.39 -9.86
C LEU M 101 7.40 -9.97 -10.95
N LEU M 102 7.64 -11.28 -10.89
CA LEU M 102 8.61 -11.87 -11.80
C LEU M 102 8.06 -12.05 -13.20
N GLU M 103 6.77 -11.83 -13.42
CA GLU M 103 6.28 -11.68 -14.78
C GLU M 103 6.63 -10.33 -15.36
N SER M 104 6.74 -9.29 -14.52
CA SER M 104 7.10 -7.96 -14.98
C SER M 104 8.56 -7.84 -15.36
N VAL M 105 9.37 -8.88 -15.12
CA VAL M 105 10.72 -8.94 -15.67
C VAL M 105 10.80 -9.93 -16.82
N TYR M 106 9.83 -10.82 -16.96
CA TYR M 106 9.73 -11.72 -18.10
C TYR M 106 8.73 -11.11 -19.08
N THR M 107 9.19 -10.10 -19.82
CA THR M 107 8.35 -9.35 -20.72
C THR M 107 8.60 -9.66 -22.19
N ALA M 108 9.71 -10.31 -22.51
CA ALA M 108 10.12 -10.48 -23.90
C ALA M 108 9.25 -11.53 -24.59
N SER M 109 9.47 -11.69 -25.89
CA SER M 109 8.58 -12.51 -26.71
C SER M 109 8.79 -13.99 -26.44
N ALA M 110 10.04 -14.41 -26.26
CA ALA M 110 10.34 -15.82 -26.04
C ALA M 110 9.82 -16.34 -24.70
N ALA M 111 9.77 -15.48 -23.68
CA ALA M 111 9.23 -15.90 -22.39
C ALA M 111 7.75 -16.20 -22.47
N ARG M 112 6.98 -15.29 -23.05
CA ARG M 112 5.56 -15.53 -23.21
C ARG M 112 5.27 -16.59 -24.26
N ALA M 113 6.20 -16.82 -25.20
CA ALA M 113 6.06 -17.94 -26.11
C ALA M 113 6.22 -19.27 -25.37
N ALA M 114 7.14 -19.31 -24.41
CA ALA M 114 7.26 -20.48 -23.56
C ALA M 114 6.03 -20.66 -22.68
N LEU M 115 5.46 -19.55 -22.21
CA LEU M 115 4.23 -19.61 -21.44
C LEU M 115 3.06 -20.11 -22.28
N GLN M 116 3.04 -19.75 -23.56
CA GLN M 116 2.01 -20.27 -24.45
C GLN M 116 2.21 -21.76 -24.71
N TRP M 117 3.44 -22.17 -24.99
CA TRP M 117 3.72 -23.58 -25.27
C TRP M 117 3.56 -24.45 -24.04
N LEU M 118 3.57 -23.87 -22.84
CA LEU M 118 3.29 -24.66 -21.66
C LEU M 118 1.80 -24.98 -21.49
N ASP M 119 0.92 -24.29 -22.20
CA ASP M 119 -0.52 -24.51 -22.08
C ASP M 119 -1.17 -24.86 -23.41
N LEU M 120 -0.43 -24.79 -24.50
CA LEU M 120 -1.01 -25.12 -25.81
C LEU M 120 -0.74 -26.55 -26.22
N GLY M 121 -0.60 -27.47 -25.27
CA GLY M 121 -0.46 -28.87 -25.60
C GLY M 121 -1.71 -29.65 -25.24
N PRO M 122 -2.01 -30.70 -26.01
CA PRO M 122 -3.03 -31.66 -25.57
C PRO M 122 -2.52 -32.58 -24.48
N HIS M 123 -1.20 -32.74 -24.35
CA HIS M 123 -0.61 -33.56 -23.32
C HIS M 123 -0.52 -32.80 -22.01
N LEU M 124 0.24 -33.35 -21.08
CA LEU M 124 0.56 -32.66 -19.85
C LEU M 124 2.00 -32.17 -19.92
N LEU M 125 2.50 -31.61 -18.81
CA LEU M 125 3.77 -30.89 -18.85
C LEU M 125 4.97 -31.84 -18.88
N HIS M 126 5.00 -32.81 -17.96
CA HIS M 126 6.20 -33.53 -17.58
C HIS M 126 6.80 -34.39 -18.68
N ARG M 127 6.00 -34.88 -19.63
CA ARG M 127 6.56 -35.68 -20.71
C ARG M 127 7.29 -34.84 -21.74
N ARG M 128 7.05 -33.53 -21.76
CA ARG M 128 7.77 -32.63 -22.62
C ARG M 128 8.95 -31.96 -21.91
N LEU M 129 9.15 -32.23 -20.63
CA LEU M 129 10.19 -31.57 -19.85
C LEU M 129 11.34 -32.52 -19.55
N GLU M 130 12.56 -32.06 -19.80
CA GLU M 130 13.76 -32.78 -19.38
C GLU M 130 14.68 -31.78 -18.71
N THR M 131 15.37 -32.22 -17.66
CA THR M 131 16.21 -31.33 -16.87
C THR M 131 17.63 -31.34 -17.43
N LEU M 132 18.33 -30.21 -17.25
CA LEU M 132 19.69 -30.09 -17.74
C LEU M 132 20.71 -29.74 -16.68
N GLY M 133 20.30 -29.12 -15.58
CA GLY M 133 21.24 -28.80 -14.52
C GLY M 133 21.18 -27.36 -14.08
N CYS M 134 22.32 -26.79 -13.72
CA CYS M 134 22.36 -25.44 -13.17
C CYS M 134 23.42 -24.63 -13.89
N VAL M 135 23.16 -23.34 -14.07
CA VAL M 135 24.09 -22.46 -14.75
C VAL M 135 25.09 -21.87 -13.76
N LYS M 136 26.35 -21.75 -14.18
CA LYS M 136 27.37 -21.24 -13.30
C LYS M 136 28.12 -20.02 -13.83
N THR M 137 28.01 -19.70 -15.11
CA THR M 137 28.67 -18.52 -15.67
C THR M 137 27.97 -18.15 -16.98
N VAL M 138 27.55 -16.89 -17.08
CA VAL M 138 26.98 -16.38 -18.31
C VAL M 138 27.91 -15.33 -18.91
N SER M 139 27.81 -15.15 -20.24
CA SER M 139 28.78 -14.37 -20.97
C SER M 139 28.27 -13.03 -21.48
N LEU M 140 26.95 -12.77 -21.39
CA LEU M 140 26.30 -11.52 -21.77
C LEU M 140 26.54 -11.16 -23.25
N GLY M 141 26.06 -12.06 -24.11
CA GLY M 141 25.97 -11.78 -25.53
C GLY M 141 24.61 -11.20 -25.88
N ILE M 142 24.21 -11.39 -27.13
CA ILE M 142 22.81 -11.21 -27.48
C ILE M 142 22.10 -12.56 -27.45
N THR M 143 22.77 -13.62 -27.87
CA THR M 143 22.42 -14.99 -27.53
C THR M 143 23.53 -15.40 -26.56
N SER M 144 23.22 -15.30 -25.27
CA SER M 144 24.26 -15.39 -24.25
C SER M 144 24.75 -16.82 -24.10
N LEU M 145 26.07 -16.97 -24.05
CA LEU M 145 26.72 -18.23 -23.78
C LEU M 145 26.64 -18.50 -22.29
N LEU M 146 26.38 -19.75 -21.93
CA LEU M 146 26.21 -20.09 -20.53
C LEU M 146 26.67 -21.51 -20.30
N THR M 147 27.30 -21.74 -19.16
CA THR M 147 27.99 -22.98 -18.85
C THR M 147 27.19 -23.75 -17.82
N CYS M 148 26.42 -24.74 -18.26
CA CYS M 148 25.65 -25.53 -17.33
C CYS M 148 26.47 -26.71 -16.82
N VAL M 149 26.09 -27.20 -15.65
CA VAL M 149 26.78 -28.30 -14.98
C VAL M 149 25.82 -29.47 -14.89
N MET M 150 26.22 -30.62 -15.42
CA MET M 150 25.35 -31.79 -15.41
C MET M 150 25.49 -32.58 -14.11
N ARG M 151 26.73 -32.82 -13.68
CA ARG M 151 26.98 -33.62 -12.49
C ARG M 151 28.23 -33.12 -11.80
N GLY M 152 28.11 -32.83 -10.52
CA GLY M 152 29.21 -32.31 -9.73
C GLY M 152 28.81 -31.04 -9.02
N TYR M 153 29.79 -30.42 -8.36
CA TYR M 153 29.56 -29.21 -7.59
C TYR M 153 29.41 -28.01 -8.53
N LEU M 154 29.21 -26.84 -7.93
CA LEU M 154 29.05 -25.59 -8.67
C LEU M 154 30.06 -24.58 -8.16
N TYR M 155 31.18 -24.46 -8.84
CA TYR M 155 32.24 -23.60 -8.36
C TYR M 155 32.71 -22.70 -9.47
N ASN M 156 33.26 -21.56 -9.06
CA ASN M 156 33.92 -20.61 -9.93
C ASN M 156 35.21 -21.21 -10.46
N THR M 157 35.77 -20.59 -11.52
CA THR M 157 37.09 -20.93 -11.99
C THR M 157 38.12 -20.67 -10.90
N LEU M 158 39.12 -21.55 -10.83
CA LEU M 158 40.19 -21.64 -9.82
C LEU M 158 39.65 -22.03 -8.44
N LYS M 159 38.35 -22.34 -8.34
CA LYS M 159 37.67 -22.84 -7.13
C LYS M 159 37.82 -21.90 -5.94
N THR M 160 37.93 -20.60 -6.24
CA THR M 160 37.97 -19.59 -5.21
C THR M 160 36.59 -19.19 -4.72
N GLU M 161 35.54 -19.70 -5.35
CA GLU M 161 34.17 -19.41 -4.91
C GLU M 161 33.26 -20.55 -5.30
N VAL M 162 32.44 -21.00 -4.36
CA VAL M 162 31.46 -22.05 -4.62
C VAL M 162 30.12 -21.37 -4.83
N PHE M 163 29.56 -21.51 -6.02
CA PHE M 163 28.27 -20.90 -6.29
C PHE M 163 27.15 -21.75 -5.72
N ALA M 164 25.95 -21.18 -5.71
CA ALA M 164 24.84 -21.73 -4.95
C ALA M 164 23.62 -21.91 -5.83
N LEU M 165 22.75 -22.83 -5.44
CA LEU M 165 21.46 -23.00 -6.09
C LEU M 165 20.45 -22.04 -5.48
N MET M 166 19.74 -21.29 -6.33
CA MET M 166 18.73 -20.35 -5.89
C MET M 166 17.35 -20.85 -6.29
N ILE M 167 16.51 -21.08 -5.29
CA ILE M 167 15.12 -21.45 -5.53
C ILE M 167 14.23 -20.49 -4.76
N PRO M 168 13.13 -20.03 -5.34
CA PRO M 168 12.29 -19.05 -4.64
C PRO M 168 11.47 -19.72 -3.55
N LYS M 169 10.98 -18.88 -2.63
CA LYS M 169 10.45 -19.37 -1.36
C LYS M 169 9.15 -20.14 -1.51
N ASP M 170 8.30 -19.76 -2.46
CA ASP M 170 6.99 -20.40 -2.56
C ASP M 170 7.11 -21.78 -3.18
N MET M 171 8.12 -21.99 -4.01
CA MET M 171 8.36 -23.33 -4.54
C MET M 171 9.10 -24.22 -3.55
N TYR M 172 9.68 -23.64 -2.50
CA TYR M 172 10.46 -24.39 -1.52
C TYR M 172 9.54 -25.13 -0.58
N LEU M 173 9.94 -26.34 -0.20
CA LEU M 173 9.07 -27.19 0.61
C LEU M 173 9.91 -28.18 1.41
N THR M 174 9.67 -28.22 2.71
CA THR M 174 10.20 -29.27 3.57
C THR M 174 9.04 -30.10 4.09
N TRP M 175 9.36 -31.33 4.51
CA TRP M 175 8.33 -32.25 5.01
C TRP M 175 8.65 -32.77 6.39
N GLU M 176 9.72 -32.28 7.01
CA GLU M 176 10.01 -32.63 8.39
C GLU M 176 10.75 -31.47 9.04
N GLU M 177 10.51 -31.30 10.33
CA GLU M 177 11.20 -30.27 11.10
C GLU M 177 12.55 -30.75 11.61
N THR M 178 12.72 -32.05 11.81
CA THR M 178 13.98 -32.63 12.23
C THR M 178 14.77 -33.01 10.97
N ARG M 179 15.33 -31.99 10.32
CA ARG M 179 16.11 -32.21 9.11
C ARG M 179 17.40 -32.94 9.45
N GLY M 180 17.63 -34.05 8.76
CA GLY M 180 18.73 -34.95 9.07
C GLY M 180 20.09 -34.40 8.66
N ARG M 181 21.08 -35.30 8.66
CA ARG M 181 22.44 -34.87 8.36
C ARG M 181 22.60 -34.50 6.90
N LEU M 182 22.08 -35.33 6.00
CA LEU M 182 21.99 -34.98 4.60
C LEU M 182 20.53 -34.99 4.19
N GLN M 183 20.15 -34.06 3.33
CA GLN M 183 18.85 -34.13 2.70
C GLN M 183 19.01 -33.94 1.20
N TYR M 184 18.55 -34.93 0.45
CA TYR M 184 18.52 -34.84 -1.00
C TYR M 184 17.42 -33.87 -1.43
N VAL M 185 17.57 -33.31 -2.63
CA VAL M 185 16.55 -32.44 -3.17
C VAL M 185 15.83 -33.16 -4.30
N TYR M 186 14.57 -32.82 -4.48
CA TYR M 186 13.73 -33.46 -5.48
C TYR M 186 12.91 -32.40 -6.18
N LEU M 187 12.73 -32.56 -7.48
CA LEU M 187 11.86 -31.71 -8.27
C LEU M 187 10.50 -32.39 -8.33
N ILE M 188 9.53 -31.83 -7.63
CA ILE M 188 8.18 -32.38 -7.60
C ILE M 188 7.28 -31.54 -8.48
N ILE M 189 6.67 -32.19 -9.47
CA ILE M 189 5.59 -31.61 -10.26
C ILE M 189 4.35 -32.42 -9.93
N VAL M 190 3.40 -31.80 -9.22
CA VAL M 190 2.14 -32.44 -8.91
C VAL M 190 1.04 -31.72 -9.67
N TYR M 191 0.16 -32.48 -10.29
CA TYR M 191 -0.95 -31.92 -11.03
C TYR M 191 -2.15 -31.76 -10.11
N ASP M 192 -3.01 -30.81 -10.47
CA ASP M 192 -4.28 -30.59 -9.79
C ASP M 192 -5.36 -30.72 -10.86
N TYR M 193 -5.94 -31.91 -10.96
CA TYR M 193 -6.85 -32.26 -12.05
C TYR M 193 -8.25 -31.70 -11.85
N ASP M 194 -8.35 -30.37 -11.78
CA ASP M 194 -9.64 -29.72 -11.63
C ASP M 194 -10.34 -29.61 -12.98
N GLY M 195 -11.56 -29.10 -12.97
CA GLY M 195 -12.31 -28.84 -14.18
C GLY M 195 -11.74 -27.74 -15.06
N PRO M 196 -11.79 -26.48 -14.61
CA PRO M 196 -11.36 -25.38 -15.48
C PRO M 196 -9.87 -25.26 -15.68
N GLU M 197 -9.05 -25.98 -14.93
CA GLU M 197 -7.61 -25.83 -15.07
C GLU M 197 -6.92 -27.16 -14.81
N THR M 198 -5.87 -27.42 -15.59
CA THR M 198 -4.92 -28.48 -15.31
C THR M 198 -3.57 -27.87 -14.94
N ARG M 199 -3.60 -26.74 -14.24
CA ARG M 199 -2.38 -26.03 -13.92
C ARG M 199 -1.69 -26.70 -12.74
N PRO M 200 -0.44 -27.10 -12.87
CA PRO M 200 0.19 -27.92 -11.84
C PRO M 200 0.74 -27.07 -10.71
N GLY M 201 1.24 -27.77 -9.70
CA GLY M 201 1.98 -27.15 -8.61
C GLY M 201 3.43 -27.62 -8.69
N ILE M 202 4.34 -26.68 -8.48
CA ILE M 202 5.76 -26.98 -8.57
C ILE M 202 6.37 -26.86 -7.18
N TYR M 203 7.09 -27.89 -6.78
CA TYR M 203 7.78 -27.90 -5.50
C TYR M 203 9.19 -28.44 -5.71
N VAL M 204 10.15 -27.80 -5.08
CA VAL M 204 11.50 -28.33 -4.98
C VAL M 204 11.69 -28.79 -3.54
N LEU M 205 11.32 -30.05 -3.30
CA LEU M 205 11.38 -30.63 -1.97
C LEU M 205 12.81 -30.84 -1.54
N THR M 206 13.11 -30.54 -0.28
CA THR M 206 14.33 -31.01 0.35
C THR M 206 13.91 -31.96 1.47
N SER M 207 14.47 -33.18 1.45
CA SER M 207 14.12 -34.20 2.41
C SER M 207 15.23 -35.22 2.52
N SER M 208 15.32 -35.85 3.68
CA SER M 208 16.39 -36.80 4.00
C SER M 208 16.08 -38.22 3.53
N ILE M 209 15.19 -38.39 2.57
CA ILE M 209 14.77 -39.71 2.10
C ILE M 209 15.58 -40.06 0.86
N ALA M 210 16.13 -41.27 0.84
CA ALA M 210 16.91 -41.77 -0.29
C ALA M 210 16.15 -42.81 -1.10
N HIS M 211 15.58 -43.81 -0.44
CA HIS M 211 14.87 -44.88 -1.12
C HIS M 211 13.55 -44.36 -1.68
N TRP M 212 13.10 -44.96 -2.79
CA TRP M 212 12.01 -44.38 -3.56
C TRP M 212 10.65 -44.65 -2.94
N GLN M 213 10.41 -45.89 -2.48
CA GLN M 213 9.09 -46.27 -2.03
C GLN M 213 8.72 -45.57 -0.73
N THR M 214 9.69 -45.44 0.18
CA THR M 214 9.47 -44.69 1.40
C THR M 214 9.41 -43.18 1.17
N LEU M 215 9.69 -42.71 -0.04
CA LEU M 215 9.34 -41.36 -0.43
C LEU M 215 7.93 -41.26 -1.00
N VAL M 216 7.52 -42.22 -1.83
CA VAL M 216 6.23 -42.07 -2.47
C VAL M 216 5.07 -42.39 -1.53
N ASP M 217 5.29 -43.18 -0.48
CA ASP M 217 4.17 -43.44 0.42
C ASP M 217 3.85 -42.23 1.30
N VAL M 218 4.84 -41.40 1.60
CA VAL M 218 4.60 -40.13 2.28
C VAL M 218 4.26 -39.03 1.27
N ALA M 219 4.61 -39.20 -0.01
CA ALA M 219 4.17 -38.26 -1.02
C ALA M 219 2.67 -38.38 -1.28
N ARG M 220 2.16 -39.61 -1.32
CA ARG M 220 0.72 -39.81 -1.37
C ARG M 220 0.04 -39.35 -0.09
N GLY M 221 0.69 -39.51 1.05
CA GLY M 221 0.15 -39.03 2.30
C GLY M 221 0.14 -37.53 2.46
N LYS M 222 0.98 -36.83 1.68
CA LYS M 222 1.01 -35.38 1.73
C LYS M 222 0.22 -34.72 0.60
N PHE M 223 -0.01 -35.41 -0.50
CA PHE M 223 -0.75 -34.82 -1.61
C PHE M 223 -2.02 -35.59 -1.91
N ALA M 224 -2.70 -36.07 -0.87
CA ALA M 224 -3.86 -36.94 -1.07
C ALA M 224 -5.05 -36.19 -1.64
N ARG M 225 -5.13 -34.88 -1.37
CA ARG M 225 -6.16 -34.04 -1.98
C ARG M 225 -5.99 -33.98 -3.49
N GLU M 226 -4.75 -34.01 -3.97
CA GLU M 226 -4.51 -34.03 -5.41
C GLU M 226 -4.90 -35.37 -6.00
N ARG M 227 -4.74 -36.46 -5.25
CA ARG M 227 -5.23 -37.75 -5.70
C ARG M 227 -6.74 -37.80 -5.74
N CYS M 228 -7.39 -37.09 -4.80
CA CYS M 228 -8.85 -37.00 -4.80
C CYS M 228 -9.33 -36.24 -6.02
N SER M 229 -8.65 -35.14 -6.37
CA SER M 229 -8.97 -34.42 -7.60
C SER M 229 -8.70 -35.28 -8.84
N PHE M 230 -7.66 -36.10 -8.80
CA PHE M 230 -7.34 -36.99 -9.92
C PHE M 230 -8.42 -38.03 -10.13
N VAL M 231 -8.85 -38.70 -9.06
CA VAL M 231 -9.88 -39.71 -9.22
C VAL M 231 -11.23 -39.06 -9.50
N ASN M 232 -11.42 -37.80 -9.09
CA ASN M 232 -12.61 -37.05 -9.52
C ASN M 232 -12.61 -36.82 -11.02
N ARG M 233 -11.49 -36.37 -11.58
CA ARG M 233 -11.44 -36.14 -13.01
C ARG M 233 -11.46 -37.43 -13.82
N ARG M 234 -11.00 -38.54 -13.25
CA ARG M 234 -11.16 -39.83 -13.92
C ARG M 234 -12.59 -40.33 -13.80
N ILE M 235 -13.32 -39.89 -12.77
CA ILE M 235 -14.64 -40.44 -12.50
C ILE M 235 -15.78 -39.61 -13.09
N THR M 236 -15.53 -38.35 -13.47
CA THR M 236 -16.62 -37.58 -14.05
C THR M 236 -16.56 -37.55 -15.56
N ARG M 237 -15.37 -37.73 -16.14
CA ARG M 237 -15.20 -37.66 -17.58
C ARG M 237 -14.56 -38.92 -18.11
N PRO M 238 -15.34 -39.92 -18.49
CA PRO M 238 -14.83 -40.99 -19.34
C PRO M 238 -14.59 -40.45 -20.74
N ARG M 239 -13.92 -41.28 -21.56
CA ARG M 239 -13.35 -40.89 -22.86
C ARG M 239 -12.42 -39.69 -22.72
N GLN M 240 -11.69 -39.66 -21.62
CA GLN M 240 -10.62 -38.70 -21.34
C GLN M 240 -9.54 -39.47 -20.61
N ILE M 241 -8.31 -39.38 -21.09
CA ILE M 241 -7.26 -40.27 -20.61
C ILE M 241 -6.26 -39.47 -19.77
N PRO M 242 -6.25 -39.65 -18.46
CA PRO M 242 -5.27 -38.97 -17.61
C PRO M 242 -4.05 -39.86 -17.36
N LEU M 243 -3.00 -39.23 -16.84
CA LEU M 243 -1.74 -39.90 -16.59
C LEU M 243 -0.89 -39.04 -15.66
N CYS M 244 -0.17 -39.70 -14.75
CA CYS M 244 0.91 -39.12 -13.96
C CYS M 244 0.42 -37.94 -13.11
N THR M 245 -0.36 -38.30 -12.08
CA THR M 245 -0.86 -37.35 -11.09
C THR M 245 0.27 -36.51 -10.50
N GLY M 246 1.30 -37.16 -9.99
CA GLY M 246 2.47 -36.47 -9.49
C GLY M 246 3.72 -37.03 -10.12
N VAL M 247 4.70 -36.16 -10.35
CA VAL M 247 5.96 -36.53 -10.98
C VAL M 247 7.11 -36.03 -10.12
N ILE M 248 8.02 -36.94 -9.77
CA ILE M 248 9.15 -36.65 -8.89
C ILE M 248 10.42 -37.11 -9.59
N GLN M 249 11.43 -36.23 -9.63
CA GLN M 249 12.74 -36.63 -10.09
C GLN M 249 13.81 -36.13 -9.13
N LYS M 250 14.93 -36.84 -9.12
CA LYS M 250 16.04 -36.52 -8.23
C LYS M 250 16.86 -35.39 -8.82
N LEU M 251 17.12 -34.37 -8.01
CA LEU M 251 17.87 -33.22 -8.50
C LEU M 251 19.30 -33.18 -7.99
N GLY M 252 19.54 -33.69 -6.78
CA GLY M 252 20.88 -33.68 -6.23
C GLY M 252 20.86 -33.84 -4.73
N TRP M 253 21.89 -33.29 -4.08
CA TRP M 253 22.00 -33.41 -2.64
C TRP M 253 22.79 -32.24 -2.08
N CYS M 254 22.45 -31.87 -0.86
CA CYS M 254 22.99 -30.70 -0.19
C CYS M 254 23.57 -31.12 1.15
N LEU M 255 23.90 -30.13 1.99
CA LEU M 255 24.55 -30.41 3.26
C LEU M 255 23.69 -30.12 4.47
N ALA M 256 22.44 -29.71 4.29
CA ALA M 256 21.36 -29.62 5.28
C ALA M 256 21.53 -28.55 6.36
N ASP M 257 22.65 -27.83 6.40
CA ASP M 257 22.77 -26.68 7.30
C ASP M 257 23.01 -25.38 6.57
N ASP M 258 23.47 -25.43 5.34
CA ASP M 258 23.70 -24.22 4.57
C ASP M 258 22.44 -23.66 3.94
N ILE M 259 21.28 -24.28 4.17
CA ILE M 259 20.01 -23.71 3.73
C ILE M 259 19.74 -22.45 4.54
N HIS M 260 19.84 -21.30 3.90
CA HIS M 260 19.50 -20.04 4.54
C HIS M 260 18.68 -19.24 3.56
N THR M 261 17.73 -18.47 4.08
CA THR M 261 16.94 -17.61 3.23
C THR M 261 17.79 -16.44 2.75
N SER M 262 17.50 -15.96 1.55
CA SER M 262 18.27 -14.90 0.93
C SER M 262 17.40 -14.26 -0.14
N PHE M 263 18.02 -13.42 -0.97
CA PHE M 263 17.31 -12.76 -2.05
C PHE M 263 18.29 -12.43 -3.15
N LEU M 264 17.83 -12.56 -4.38
CA LEU M 264 18.59 -12.16 -5.55
C LEU M 264 17.97 -10.90 -6.12
N VAL M 265 18.82 -9.93 -6.45
CA VAL M 265 18.38 -8.67 -7.01
C VAL M 265 18.81 -8.61 -8.47
N HIS M 266 17.87 -8.22 -9.33
CA HIS M 266 18.13 -8.08 -10.76
C HIS M 266 17.11 -7.09 -11.29
N LYS M 267 17.59 -5.95 -11.79
CA LYS M 267 16.78 -4.81 -12.22
C LYS M 267 15.88 -4.29 -11.08
N GLU M 268 16.46 -4.29 -9.87
CA GLU M 268 15.85 -3.92 -8.58
C GLU M 268 14.42 -4.43 -8.39
N LEU M 269 14.20 -5.69 -8.76
CA LEU M 269 13.03 -6.43 -8.31
C LEU M 269 13.54 -7.52 -7.39
N LYS M 270 13.68 -7.18 -6.10
CA LYS M 270 14.21 -8.11 -5.12
C LYS M 270 13.20 -9.22 -4.84
N LEU M 271 13.64 -10.46 -4.96
CA LEU M 271 12.78 -11.63 -4.84
C LEU M 271 13.33 -12.54 -3.75
N SER M 272 12.47 -12.90 -2.80
CA SER M 272 12.88 -13.76 -1.69
C SER M 272 13.11 -15.18 -2.18
N VAL M 273 14.32 -15.69 -1.99
CA VAL M 273 14.67 -17.04 -2.42
C VAL M 273 15.22 -17.85 -1.26
N VAL M 274 15.50 -19.13 -1.52
CA VAL M 274 16.12 -20.02 -0.56
C VAL M 274 17.45 -20.47 -1.15
N ARG M 275 18.52 -20.30 -0.39
CA ARG M 275 19.88 -20.48 -0.89
C ARG M 275 20.46 -21.79 -0.36
N LEU M 276 20.72 -22.72 -1.26
CA LEU M 276 21.48 -23.93 -0.95
C LEU M 276 22.92 -23.65 -1.37
N ASP M 277 23.81 -23.49 -0.39
CA ASP M 277 25.10 -22.84 -0.65
C ASP M 277 26.04 -23.73 -1.47
N ASN M 278 26.40 -24.89 -0.94
CA ASN M 278 27.28 -25.81 -1.66
C ASN M 278 26.47 -27.03 -2.07
N PHE M 279 25.79 -26.90 -3.19
CA PHE M 279 24.91 -27.94 -3.72
C PHE M 279 25.54 -28.53 -4.97
N SER M 280 25.56 -29.86 -5.04
CA SER M 280 26.10 -30.58 -6.19
C SER M 280 24.96 -31.18 -6.98
N VAL M 281 24.88 -30.85 -8.26
CA VAL M 281 23.84 -31.37 -9.12
C VAL M 281 24.10 -32.84 -9.39
N GLU M 282 23.02 -33.62 -9.49
CA GLU M 282 23.08 -35.03 -9.81
C GLU M 282 21.73 -35.38 -10.40
N LEU M 283 21.66 -35.46 -11.71
CA LEU M 283 20.37 -35.55 -12.38
C LEU M 283 19.86 -36.98 -12.39
N GLY M 284 18.54 -37.10 -12.55
CA GLY M 284 17.89 -38.39 -12.66
C GLY M 284 16.69 -38.29 -13.58
N ASP M 285 16.14 -39.46 -13.89
CA ASP M 285 15.01 -39.50 -14.81
C ASP M 285 13.73 -39.06 -14.10
N PHE M 286 12.79 -38.53 -14.89
CA PHE M 286 11.51 -38.09 -14.36
C PHE M 286 10.64 -39.29 -14.02
N ARG M 287 10.64 -39.69 -12.74
CA ARG M 287 9.82 -40.81 -12.32
C ARG M 287 8.39 -40.34 -12.06
N GLU M 288 7.44 -41.17 -12.46
CA GLU M 288 6.03 -40.82 -12.39
C GLU M 288 5.32 -41.76 -11.43
N PHE M 289 4.68 -41.20 -10.41
CA PHE M 289 3.89 -42.00 -9.48
C PHE M 289 2.42 -41.64 -9.65
N VAL M 290 1.56 -42.44 -9.02
CA VAL M 290 0.13 -42.22 -9.07
C VAL M 290 -0.39 -42.11 -7.64
N ILE N 32 -90.96 101.61 25.39
CA ILE N 32 -90.53 100.68 24.35
C ILE N 32 -91.57 99.60 24.13
N SER N 33 -92.36 99.75 23.06
CA SER N 33 -93.39 98.80 22.72
C SER N 33 -93.34 98.57 21.20
N GLU N 34 -94.12 97.60 20.73
CA GLU N 34 -94.20 97.34 19.30
C GLU N 34 -95.09 98.35 18.59
N ALA N 35 -96.04 98.95 19.33
CA ALA N 35 -96.97 99.90 18.72
C ALA N 35 -96.37 101.30 18.63
N THR N 36 -95.18 101.49 19.18
CA THR N 36 -94.54 102.80 19.19
C THR N 36 -93.32 102.88 18.26
N HIS N 37 -93.05 101.81 17.51
CA HIS N 37 -91.87 101.77 16.65
C HIS N 37 -92.08 100.77 15.51
N PRO N 38 -91.87 101.18 14.25
CA PRO N 38 -92.06 100.23 13.14
C PRO N 38 -90.92 99.22 13.02
N VAL N 39 -89.70 99.64 13.38
CA VAL N 39 -88.54 98.76 13.23
C VAL N 39 -88.54 97.65 14.27
N LEU N 40 -89.00 97.94 15.49
CA LEU N 40 -89.13 96.93 16.52
C LEU N 40 -90.17 95.88 16.15
N ALA N 41 -91.33 96.32 15.66
CA ALA N 41 -92.36 95.39 15.21
C ALA N 41 -91.96 94.65 13.94
N THR N 42 -91.07 95.23 13.13
CA THR N 42 -90.54 94.57 11.95
C THR N 42 -89.54 93.47 12.29
N MET N 43 -88.61 93.73 13.21
CA MET N 43 -87.57 92.77 13.55
C MET N 43 -87.96 91.81 14.67
N LEU N 44 -89.05 92.06 15.38
CA LEU N 44 -89.46 91.10 16.40
C LEU N 44 -90.07 89.83 15.80
N SER N 45 -90.58 89.91 14.57
CA SER N 45 -90.94 88.67 13.86
C SER N 45 -89.69 87.84 13.56
N LYS N 46 -88.58 88.50 13.20
CA LYS N 46 -87.32 87.82 13.01
C LYS N 46 -86.80 87.24 14.32
N TYR N 47 -86.97 87.98 15.42
CA TYR N 47 -86.47 87.52 16.71
C TYR N 47 -87.30 86.38 17.31
N THR N 48 -88.62 86.42 17.18
CA THR N 48 -89.46 85.30 17.58
C THR N 48 -89.51 84.19 16.53
N ARG N 49 -88.88 84.40 15.37
CA ARG N 49 -88.71 83.31 14.43
C ARG N 49 -87.62 82.33 14.90
N MET N 50 -86.48 82.85 15.33
CA MET N 50 -85.38 82.02 15.83
C MET N 50 -85.62 81.74 17.31
N SER N 51 -85.48 80.47 17.69
CA SER N 51 -85.81 80.04 19.04
C SER N 51 -84.60 79.89 19.95
N SER N 52 -83.40 79.84 19.39
CA SER N 52 -82.21 79.49 20.15
C SER N 52 -81.50 80.72 20.69
N LEU N 53 -80.62 80.48 21.67
CA LEU N 53 -79.62 81.44 22.16
C LEU N 53 -80.27 82.67 22.79
N PHE N 54 -81.34 82.44 23.55
CA PHE N 54 -82.06 83.52 24.22
C PHE N 54 -81.36 84.03 25.47
N ASN N 55 -80.35 83.31 25.97
CA ASN N 55 -79.72 83.67 27.24
C ASN N 55 -78.83 84.89 27.10
N ASP N 56 -78.23 85.09 25.93
CA ASP N 56 -77.43 86.29 25.67
C ASP N 56 -78.36 87.34 25.07
N LYS N 57 -79.12 87.99 25.96
CA LYS N 57 -80.06 89.03 25.53
C LYS N 57 -79.33 90.27 25.01
N CYS N 58 -78.12 90.52 25.52
CA CYS N 58 -77.35 91.69 25.08
C CYS N 58 -76.87 91.55 23.65
N ALA N 59 -76.64 90.31 23.18
CA ALA N 59 -76.27 90.09 21.79
C ALA N 59 -77.42 90.42 20.85
N PHE N 60 -78.63 89.99 21.19
CA PHE N 60 -79.79 90.33 20.39
C PHE N 60 -80.12 91.82 20.46
N LYS N 61 -79.90 92.45 21.61
CA LYS N 61 -80.15 93.88 21.73
C LYS N 61 -79.10 94.68 20.96
N LEU N 62 -77.86 94.19 20.92
CA LEU N 62 -76.83 94.81 20.11
C LEU N 62 -77.12 94.66 18.63
N ASP N 63 -77.67 93.51 18.22
CA ASP N 63 -78.07 93.34 16.83
C ASP N 63 -79.24 94.25 16.48
N LEU N 64 -80.16 94.45 17.42
CA LEU N 64 -81.22 95.45 17.23
C LEU N 64 -80.65 96.85 17.06
N LEU N 65 -79.65 97.19 17.88
CA LEU N 65 -78.97 98.48 17.77
C LEU N 65 -78.28 98.66 16.43
N ARG N 66 -77.64 97.60 15.92
CA ARG N 66 -76.92 97.73 14.66
C ARG N 66 -77.85 97.71 13.46
N MET N 67 -79.02 97.04 13.53
CA MET N 67 -79.98 97.15 12.44
C MET N 67 -80.67 98.51 12.45
N VAL N 68 -80.89 99.09 13.64
CA VAL N 68 -81.39 100.46 13.72
C VAL N 68 -80.36 101.43 13.16
N ALA N 69 -79.07 101.17 13.41
CA ALA N 69 -78.01 102.04 12.91
C ALA N 69 -77.85 101.94 11.39
N VAL N 70 -78.00 100.75 10.82
CA VAL N 70 -77.86 100.62 9.37
C VAL N 70 -79.14 101.09 8.68
N SER N 71 -80.27 101.08 9.39
CA SER N 71 -81.54 101.48 8.80
C SER N 71 -81.64 102.99 8.63
N ARG N 72 -80.84 103.76 9.37
CA ARG N 72 -80.97 105.21 9.39
C ARG N 72 -79.76 105.92 8.81
N THR N 73 -79.08 105.32 7.85
CA THR N 73 -77.98 105.99 7.16
C THR N 73 -78.54 106.97 6.14
N ARG N 74 -77.64 107.74 5.52
CA ARG N 74 -78.06 108.83 4.64
C ARG N 74 -77.63 108.63 3.19
N ARG N 75 -76.80 107.64 2.89
CA ARG N 75 -76.35 107.42 1.52
C ARG N 75 -76.83 106.06 1.01
N VAL O 21 -72.09 67.02 -58.79
CA VAL O 21 -70.68 66.73 -58.90
C VAL O 21 -70.40 66.28 -60.33
N VAL O 22 -71.49 66.03 -61.07
CA VAL O 22 -71.36 65.54 -62.43
C VAL O 22 -71.07 66.66 -63.43
N ASN O 23 -71.22 67.91 -63.02
CA ASN O 23 -71.05 69.04 -63.94
C ASN O 23 -69.80 69.86 -63.68
N VAL O 24 -69.26 69.83 -62.47
CA VAL O 24 -68.11 70.65 -62.09
C VAL O 24 -66.86 69.80 -61.88
N VAL O 25 -67.04 68.52 -61.53
CA VAL O 25 -65.89 67.68 -61.21
C VAL O 25 -65.74 66.58 -62.23
N LEU O 26 -66.83 65.93 -62.63
CA LEU O 26 -66.73 64.77 -63.50
C LEU O 26 -66.69 65.13 -64.97
N GLU O 27 -67.42 66.19 -65.38
CA GLU O 27 -67.57 66.63 -66.78
C GLU O 27 -68.08 65.50 -67.67
N LEU O 28 -69.10 64.80 -67.19
CA LEU O 28 -69.76 63.76 -67.95
C LEU O 28 -70.71 64.39 -68.96
N PRO O 29 -70.92 63.76 -70.13
CA PRO O 29 -71.96 64.25 -71.05
C PRO O 29 -73.37 64.03 -70.50
N THR O 30 -74.37 64.65 -71.11
CA THR O 30 -75.73 64.53 -70.60
C THR O 30 -76.36 63.20 -70.99
N GLU O 31 -75.78 62.49 -71.95
CA GLU O 31 -76.33 61.20 -72.35
C GLU O 31 -75.92 60.07 -71.41
N ILE O 32 -74.88 60.26 -70.60
CA ILE O 32 -74.50 59.32 -69.56
C ILE O 32 -74.87 59.96 -68.23
N SER O 33 -75.72 59.28 -67.47
CA SER O 33 -76.23 59.81 -66.22
C SER O 33 -76.31 58.68 -65.20
N GLU O 34 -76.85 59.00 -64.02
CA GLU O 34 -77.04 58.00 -62.98
C GLU O 34 -78.10 56.98 -63.33
N ALA O 35 -79.01 57.30 -64.26
CA ALA O 35 -80.09 56.40 -64.63
C ALA O 35 -79.70 55.42 -65.73
N THR O 36 -78.70 55.73 -66.55
CA THR O 36 -78.27 54.84 -67.63
C THR O 36 -76.88 54.28 -67.42
N HIS O 37 -76.24 54.54 -66.29
CA HIS O 37 -74.91 54.02 -65.98
C HIS O 37 -74.92 53.52 -64.55
N PRO O 38 -74.84 52.21 -64.32
CA PRO O 38 -74.96 51.70 -62.94
C PRO O 38 -73.75 51.97 -62.08
N VAL O 39 -72.57 52.20 -62.68
CA VAL O 39 -71.41 52.51 -61.87
C VAL O 39 -71.52 53.92 -61.29
N LEU O 40 -72.26 54.81 -61.96
CA LEU O 40 -72.57 56.10 -61.35
C LEU O 40 -73.55 55.95 -60.19
N ALA O 41 -74.52 55.04 -60.31
CA ALA O 41 -75.47 54.82 -59.23
C ALA O 41 -74.85 54.12 -58.04
N THR O 42 -73.77 53.36 -58.24
CA THR O 42 -73.05 52.78 -57.11
C THR O 42 -71.87 53.63 -56.66
N MET O 43 -71.50 54.66 -57.41
CA MET O 43 -70.42 55.55 -57.00
C MET O 43 -70.93 56.84 -56.37
N LEU O 44 -72.19 57.21 -56.62
CA LEU O 44 -72.81 58.29 -55.89
C LEU O 44 -73.04 57.90 -54.42
N SER O 45 -73.11 56.60 -54.14
CA SER O 45 -73.17 56.09 -52.78
C SER O 45 -71.92 56.42 -51.97
N LYS O 46 -70.77 56.55 -52.60
CA LYS O 46 -69.55 56.93 -51.92
C LYS O 46 -69.18 58.39 -52.13
N TYR O 47 -69.61 59.01 -53.23
CA TYR O 47 -69.05 60.28 -53.67
C TYR O 47 -69.75 61.49 -53.09
N THR O 48 -70.59 61.30 -52.07
CA THR O 48 -71.11 62.41 -51.29
C THR O 48 -70.44 62.52 -49.93
N ARG O 49 -69.49 61.64 -49.64
CA ARG O 49 -68.87 61.56 -48.32
C ARG O 49 -67.74 62.55 -48.11
N MET O 50 -67.22 63.17 -49.18
CA MET O 50 -66.06 64.05 -49.08
C MET O 50 -66.47 65.46 -49.44
N SER O 51 -65.77 66.44 -48.87
CA SER O 51 -66.07 67.85 -49.06
C SER O 51 -64.95 68.59 -49.78
N SER O 52 -63.71 68.26 -49.46
CA SER O 52 -62.56 68.90 -50.09
C SER O 52 -62.13 68.06 -51.31
N LEU O 53 -60.95 68.35 -51.86
CA LEU O 53 -60.29 67.61 -52.93
C LEU O 53 -61.09 67.60 -54.23
N PHE O 54 -62.02 68.51 -54.41
CA PHE O 54 -62.79 68.60 -55.64
C PHE O 54 -62.13 69.50 -56.67
N ASN O 55 -61.06 70.21 -56.29
CA ASN O 55 -60.26 70.91 -57.28
C ASN O 55 -59.44 69.94 -58.11
N ASP O 56 -59.01 68.83 -57.51
CA ASP O 56 -58.27 67.80 -58.22
C ASP O 56 -59.34 66.87 -58.80
N LYS O 57 -59.99 67.33 -59.86
CA LYS O 57 -61.02 66.56 -60.55
C LYS O 57 -60.46 65.33 -61.24
N CYS O 58 -59.18 65.36 -61.63
CA CYS O 58 -58.56 64.21 -62.29
C CYS O 58 -58.46 63.00 -61.37
N ALA O 59 -58.41 63.23 -60.05
CA ALA O 59 -58.46 62.13 -59.10
C ALA O 59 -59.79 61.38 -59.19
N PHE O 60 -60.90 62.12 -59.20
CA PHE O 60 -62.20 61.48 -59.31
C PHE O 60 -62.41 60.88 -60.70
N LYS O 61 -61.85 61.52 -61.72
CA LYS O 61 -61.91 60.99 -63.08
C LYS O 61 -61.18 59.65 -63.20
N LEU O 62 -59.95 59.57 -62.68
CA LEU O 62 -59.19 58.34 -62.76
C LEU O 62 -59.77 57.28 -61.82
N ASP O 63 -60.38 57.71 -60.72
CA ASP O 63 -61.04 56.77 -59.82
C ASP O 63 -62.26 56.13 -60.48
N LEU O 64 -63.07 56.93 -61.17
CA LEU O 64 -64.20 56.38 -61.91
C LEU O 64 -63.71 55.55 -63.09
N LEU O 65 -62.57 55.92 -63.67
CA LEU O 65 -61.96 55.16 -64.75
C LEU O 65 -61.58 53.76 -64.28
N ARG O 66 -60.86 53.65 -63.17
CA ARG O 66 -60.47 52.33 -62.69
C ARG O 66 -61.65 51.58 -62.10
N MET O 67 -62.69 52.28 -61.64
CA MET O 67 -63.85 51.58 -61.11
C MET O 67 -64.75 51.04 -62.22
N VAL O 68 -64.82 51.72 -63.36
CA VAL O 68 -65.54 51.12 -64.48
C VAL O 68 -64.65 50.09 -65.17
N ALA O 69 -63.33 50.17 -64.95
CA ALA O 69 -62.44 49.14 -65.47
C ALA O 69 -62.61 47.84 -64.70
N VAL O 70 -62.62 47.89 -63.36
CA VAL O 70 -62.68 46.67 -62.57
C VAL O 70 -64.05 46.01 -62.64
N SER O 71 -65.10 46.77 -62.94
CA SER O 71 -66.44 46.21 -63.12
C SER O 71 -66.64 45.68 -64.53
N ARG O 72 -65.66 45.85 -65.42
CA ARG O 72 -65.72 45.34 -66.78
C ARG O 72 -64.64 44.28 -66.96
N THR O 73 -64.43 43.48 -65.93
CA THR O 73 -63.54 42.34 -65.99
C THR O 73 -64.37 41.05 -66.03
N ARG O 74 -63.70 39.94 -66.34
CA ARG O 74 -64.35 38.65 -66.37
C ARG O 74 -63.86 37.68 -65.31
N ARG O 75 -62.94 38.09 -64.45
CA ARG O 75 -62.58 37.29 -63.30
C ARG O 75 -63.65 37.43 -62.23
N VAL P 21 -76.06 3.99 -48.71
CA VAL P 21 -74.68 3.87 -49.16
C VAL P 21 -74.46 4.76 -50.38
N VAL P 22 -75.50 4.89 -51.22
CA VAL P 22 -75.38 5.66 -52.46
C VAL P 22 -75.46 7.16 -52.22
N ASN P 23 -75.93 7.59 -51.05
CA ASN P 23 -75.99 9.01 -50.71
C ASN P 23 -75.33 9.35 -49.39
N VAL P 24 -74.77 8.36 -48.69
CA VAL P 24 -74.05 8.60 -47.46
C VAL P 24 -72.62 8.10 -47.51
N VAL P 25 -72.32 7.11 -48.35
CA VAL P 25 -70.98 6.55 -48.49
C VAL P 25 -70.40 6.87 -49.87
N LEU P 26 -71.22 6.72 -50.91
CA LEU P 26 -70.75 6.95 -52.28
C LEU P 26 -70.99 8.37 -52.76
N GLU P 27 -72.05 9.02 -52.26
CA GLU P 27 -72.44 10.40 -52.61
C GLU P 27 -72.66 10.57 -54.12
N LEU P 28 -73.35 9.61 -54.73
CA LEU P 28 -73.68 9.84 -56.13
C LEU P 28 -74.89 10.77 -56.24
N PRO P 29 -74.91 11.67 -57.23
CA PRO P 29 -76.06 12.57 -57.38
C PRO P 29 -77.32 11.85 -57.87
N THR P 30 -78.46 12.55 -57.82
CA THR P 30 -79.76 11.91 -57.95
C THR P 30 -80.19 11.63 -59.38
N GLU P 31 -79.33 11.82 -60.37
CA GLU P 31 -79.74 11.54 -61.74
C GLU P 31 -79.41 10.10 -62.13
N ILE P 32 -78.36 9.53 -61.56
CA ILE P 32 -77.95 8.16 -61.88
C ILE P 32 -78.55 7.23 -60.83
N SER P 33 -78.91 6.03 -61.25
CA SER P 33 -79.49 5.04 -60.36
C SER P 33 -78.98 3.66 -60.78
N GLU P 34 -79.62 2.60 -60.27
CA GLU P 34 -79.18 1.25 -60.57
C GLU P 34 -79.63 0.78 -61.94
N ALA P 35 -80.78 1.25 -62.42
CA ALA P 35 -81.29 0.81 -63.72
C ALA P 35 -80.55 1.50 -64.86
N THR P 36 -80.09 2.73 -64.64
CA THR P 36 -79.40 3.50 -65.66
C THR P 36 -77.90 3.20 -65.72
N HIS P 37 -77.39 2.31 -64.87
CA HIS P 37 -75.95 2.10 -64.84
C HIS P 37 -75.66 0.67 -64.38
N PRO P 38 -75.28 -0.24 -65.29
CA PRO P 38 -75.23 -1.67 -64.96
C PRO P 38 -74.06 -2.08 -64.07
N VAL P 39 -72.90 -1.46 -64.30
CA VAL P 39 -71.71 -1.88 -63.57
C VAL P 39 -71.81 -1.47 -62.10
N LEU P 40 -72.54 -0.40 -61.81
CA LEU P 40 -72.85 -0.07 -60.43
C LEU P 40 -73.78 -1.09 -59.80
N ALA P 41 -74.71 -1.65 -60.58
CA ALA P 41 -75.56 -2.72 -60.07
C ALA P 41 -74.76 -4.00 -59.84
N THR P 42 -73.65 -4.18 -60.55
CA THR P 42 -72.76 -5.28 -60.24
C THR P 42 -71.95 -5.02 -58.98
N MET P 43 -71.45 -3.80 -58.81
CA MET P 43 -70.47 -3.52 -57.75
C MET P 43 -71.09 -3.10 -56.43
N LEU P 44 -72.37 -2.76 -56.40
CA LEU P 44 -73.02 -2.45 -55.13
C LEU P 44 -73.12 -3.67 -54.23
N SER P 45 -73.20 -4.87 -54.83
CA SER P 45 -73.12 -6.12 -54.08
C SER P 45 -71.79 -6.26 -53.36
N LYS P 46 -70.71 -5.75 -53.93
CA LYS P 46 -69.42 -5.78 -53.23
C LYS P 46 -69.34 -4.65 -52.22
N TYR P 47 -69.99 -3.51 -52.51
CA TYR P 47 -69.89 -2.36 -51.62
C TYR P 47 -70.67 -2.55 -50.34
N THR P 48 -71.84 -3.20 -50.39
CA THR P 48 -72.60 -3.41 -49.15
C THR P 48 -72.00 -4.51 -48.29
N ARG P 49 -71.38 -5.51 -48.90
CA ARG P 49 -70.86 -6.65 -48.13
C ARG P 49 -69.54 -6.35 -47.43
N MET P 50 -68.96 -5.17 -47.62
CA MET P 50 -67.81 -4.73 -46.85
C MET P 50 -68.35 -3.76 -45.80
N SER P 51 -68.52 -4.27 -44.58
CA SER P 51 -69.22 -3.51 -43.56
C SER P 51 -68.40 -2.35 -43.01
N SER P 52 -67.07 -2.49 -43.00
CA SER P 52 -66.23 -1.44 -42.46
C SER P 52 -65.96 -0.38 -43.54
N LEU P 53 -65.03 0.53 -43.23
CA LEU P 53 -64.57 1.61 -44.12
C LEU P 53 -65.73 2.53 -44.53
N PHE P 54 -66.70 2.73 -43.65
CA PHE P 54 -67.85 3.58 -43.96
C PHE P 54 -67.65 5.02 -43.49
N ASN P 55 -66.42 5.39 -43.15
CA ASN P 55 -66.09 6.77 -42.78
C ASN P 55 -65.23 7.49 -43.81
N ASP P 56 -64.37 6.77 -44.52
CA ASP P 56 -63.57 7.35 -45.60
C ASP P 56 -64.33 7.21 -46.92
N LYS P 57 -64.87 8.33 -47.38
CA LYS P 57 -65.72 8.34 -48.55
C LYS P 57 -64.95 8.56 -49.86
N CYS P 58 -63.64 8.42 -49.84
CA CYS P 58 -62.85 8.69 -51.05
C CYS P 58 -62.41 7.41 -51.75
N ALA P 59 -62.12 6.37 -50.97
CA ALA P 59 -61.69 5.10 -51.56
C ALA P 59 -62.79 4.44 -52.37
N PHE P 60 -64.04 4.59 -51.93
CA PHE P 60 -65.15 4.05 -52.70
C PHE P 60 -65.37 4.84 -53.99
N LYS P 61 -65.10 6.15 -53.95
CA LYS P 61 -65.14 6.95 -55.17
C LYS P 61 -64.05 6.52 -56.14
N LEU P 62 -62.86 6.22 -55.64
CA LEU P 62 -61.78 5.73 -56.49
C LEU P 62 -62.11 4.36 -57.09
N ASP P 63 -62.75 3.49 -56.30
CA ASP P 63 -63.11 2.17 -56.83
C ASP P 63 -64.22 2.30 -57.87
N LEU P 64 -65.16 3.23 -57.67
CA LEU P 64 -66.17 3.50 -58.67
C LEU P 64 -65.55 4.04 -59.96
N LEU P 65 -64.56 4.93 -59.82
CA LEU P 65 -63.92 5.51 -60.99
C LEU P 65 -63.14 4.47 -61.78
N ARG P 66 -62.42 3.58 -61.08
CA ARG P 66 -61.73 2.52 -61.79
C ARG P 66 -62.68 1.48 -62.36
N MET P 67 -63.88 1.33 -61.79
CA MET P 67 -64.83 0.41 -62.41
C MET P 67 -65.46 1.00 -63.65
N VAL P 68 -65.72 2.31 -63.67
CA VAL P 68 -66.12 2.97 -64.91
C VAL P 68 -64.99 2.91 -65.93
N ALA P 69 -63.74 2.98 -65.48
CA ALA P 69 -62.61 2.90 -66.42
C ALA P 69 -62.50 1.51 -67.04
N VAL P 70 -62.65 0.46 -66.23
CA VAL P 70 -62.54 -0.89 -66.78
C VAL P 70 -63.80 -1.27 -67.55
N SER P 71 -64.92 -0.58 -67.31
CA SER P 71 -66.11 -0.84 -68.11
C SER P 71 -65.96 -0.31 -69.53
N ARG P 72 -65.11 0.71 -69.73
CA ARG P 72 -65.00 1.38 -71.01
C ARG P 72 -63.65 1.17 -71.68
N THR P 73 -62.83 0.25 -71.18
CA THR P 73 -61.61 -0.07 -71.91
C THR P 73 -61.93 -0.99 -73.08
N ARG P 74 -61.06 -0.94 -74.10
CA ARG P 74 -61.37 -1.53 -75.40
C ARG P 74 -60.51 -2.76 -75.71
N ARG P 75 -59.30 -2.80 -75.20
CA ARG P 75 -58.35 -3.86 -75.55
C ARG P 75 -58.75 -5.21 -74.95
N ALA Q 34 63.29 73.17 -17.52
CA ALA Q 34 62.03 73.75 -17.96
C ALA Q 34 61.90 73.66 -19.47
N LEU Q 35 63.03 73.76 -20.17
CA LEU Q 35 63.04 73.65 -21.62
C LEU Q 35 62.70 72.25 -22.09
N ARG Q 36 63.32 71.23 -21.50
CA ARG Q 36 62.95 69.86 -21.82
C ARG Q 36 61.63 69.46 -21.18
N ILE Q 37 61.21 70.17 -20.14
CA ILE Q 37 60.06 69.74 -19.34
C ILE Q 37 58.75 70.18 -19.98
N TYR Q 38 58.53 71.49 -20.12
CA TYR Q 38 57.25 71.96 -20.63
C TYR Q 38 57.17 71.93 -22.14
N TYR Q 39 58.25 72.26 -22.84
CA TYR Q 39 58.21 72.35 -24.30
C TYR Q 39 58.44 71.02 -24.98
N GLY Q 40 59.21 70.12 -24.37
CA GLY Q 40 59.34 68.77 -24.89
C GLY Q 40 60.74 68.25 -25.11
N ASP Q 41 60.82 66.99 -25.56
CA ASP Q 41 62.08 66.33 -25.87
C ASP Q 41 62.57 66.72 -27.26
N ASP Q 42 61.77 66.38 -28.28
CA ASP Q 42 62.15 66.60 -29.67
C ASP Q 42 61.39 67.80 -30.24
N PRO Q 43 62.10 68.79 -30.81
CA PRO Q 43 61.38 69.92 -31.40
C PRO Q 43 60.74 69.61 -32.75
N GLU Q 44 61.09 68.49 -33.38
CA GLU Q 44 60.55 68.18 -34.69
C GLU Q 44 59.31 67.30 -34.58
N ARG Q 45 58.39 67.49 -35.53
CA ARG Q 45 57.16 66.71 -35.75
C ARG Q 45 56.12 66.85 -34.64
N TYR Q 46 56.41 67.58 -33.56
CA TYR Q 46 55.46 67.94 -32.52
C TYR Q 46 56.06 69.06 -31.69
N ASN Q 47 55.19 69.90 -31.16
CA ASN Q 47 55.55 70.88 -30.15
C ASN Q 47 54.46 70.90 -29.09
N ILE Q 48 54.79 71.40 -27.91
CA ILE Q 48 53.82 71.55 -26.83
C ILE Q 48 53.51 73.04 -26.71
N HIS Q 49 52.30 73.42 -27.09
CA HIS Q 49 51.94 74.81 -27.25
C HIS Q 49 50.95 75.18 -26.16
N PHE Q 50 51.25 76.24 -25.41
CA PHE Q 50 50.37 76.68 -24.34
C PHE Q 50 49.10 77.29 -24.94
N GLU Q 51 47.97 76.65 -24.64
CA GLU Q 51 46.72 77.03 -25.28
C GLU Q 51 46.20 78.37 -24.73
N ALA Q 52 46.02 78.45 -23.41
CA ALA Q 52 45.56 79.62 -22.67
C ALA Q 52 45.74 79.33 -21.19
N ILE Q 53 46.35 80.25 -20.46
CA ILE Q 53 46.63 80.03 -19.05
C ILE Q 53 45.66 80.84 -18.21
N PHE Q 54 45.26 80.27 -17.08
CA PHE Q 54 44.49 81.01 -16.07
C PHE Q 54 45.22 80.88 -14.75
N GLY Q 55 44.61 81.42 -13.70
CA GLY Q 55 45.12 81.28 -12.35
C GLY Q 55 44.12 80.55 -11.48
N THR Q 56 44.62 79.58 -10.72
CA THR Q 56 43.80 78.84 -9.78
C THR Q 56 44.48 78.86 -8.43
N PHE Q 57 43.67 78.96 -7.38
CA PHE Q 57 44.21 79.11 -6.03
C PHE Q 57 43.28 78.42 -5.05
N CYS Q 58 43.86 77.64 -4.15
CA CYS Q 58 43.11 76.95 -3.11
C CYS Q 58 43.58 77.45 -1.76
N ASN Q 59 42.69 78.13 -1.05
CA ASN Q 59 43.01 78.76 0.22
C ASN Q 59 43.15 77.71 1.31
N ARG Q 60 43.92 78.04 2.33
CA ARG Q 60 43.96 77.24 3.54
C ARG Q 60 43.25 77.99 4.66
N LEU Q 61 42.38 77.27 5.35
CA LEU Q 61 41.40 77.87 6.23
C LEU Q 61 42.05 78.46 7.48
N GLU Q 62 41.31 79.34 8.14
CA GLU Q 62 41.81 80.00 9.34
C GLU Q 62 41.84 79.01 10.49
N TRP Q 63 43.03 78.71 10.97
CA TRP Q 63 43.18 77.72 12.02
C TRP Q 63 42.83 78.31 13.38
N VAL Q 64 42.36 77.44 14.28
CA VAL Q 64 41.98 77.85 15.63
C VAL Q 64 42.21 76.69 16.58
N TYR Q 65 42.89 76.96 17.69
CA TYR Q 65 43.07 76.01 18.77
C TYR Q 65 42.26 76.45 19.97
N PHE Q 66 41.90 75.49 20.82
CA PHE Q 66 40.99 75.78 21.92
C PHE Q 66 41.68 76.59 23.02
N LEU Q 67 42.94 76.30 23.30
CA LEU Q 67 43.66 76.98 24.36
C LEU Q 67 43.95 78.43 23.99
N THR Q 68 44.25 78.69 22.72
CA THR Q 68 44.56 80.04 22.27
C THR Q 68 43.31 80.92 22.17
N SER Q 69 42.13 80.33 22.24
CA SER Q 69 40.90 81.10 22.21
C SER Q 69 40.67 81.80 23.54
N GLY Q 70 39.86 82.85 23.50
CA GLY Q 70 39.51 83.56 24.72
C GLY Q 70 38.57 82.80 25.63
N LEU Q 71 37.86 81.81 25.09
CA LEU Q 71 36.94 81.00 25.88
C LEU Q 71 37.66 80.11 26.89
N ALA Q 72 38.93 79.78 26.66
CA ALA Q 72 39.66 78.88 27.53
C ALA Q 72 40.03 79.50 28.88
N ALA Q 73 39.67 80.74 29.14
CA ALA Q 73 39.79 81.35 30.45
C ALA Q 73 38.63 81.01 31.38
N ALA Q 74 37.81 80.03 31.01
CA ALA Q 74 36.81 79.45 31.90
C ALA Q 74 36.95 77.93 31.93
N ALA Q 75 38.17 77.44 31.74
CA ALA Q 75 38.41 76.01 31.63
C ALA Q 75 39.66 75.63 32.40
N HIS Q 76 39.76 74.34 32.70
CA HIS Q 76 40.93 73.77 33.37
C HIS Q 76 41.31 72.46 32.68
N ALA Q 77 41.43 72.51 31.35
CA ALA Q 77 41.51 71.31 30.53
C ALA Q 77 42.82 70.55 30.76
N ILE Q 78 42.70 69.23 30.91
CA ILE Q 78 43.81 68.34 31.22
C ILE Q 78 43.77 67.17 30.25
N LYS Q 79 44.89 66.93 29.56
CA LYS Q 79 45.01 65.80 28.63
C LYS Q 79 45.23 64.51 29.42
N PHE Q 80 44.18 63.70 29.51
CA PHE Q 80 44.30 62.35 30.05
C PHE Q 80 44.55 61.41 28.87
N HIS Q 81 44.53 60.11 29.10
CA HIS Q 81 44.70 59.16 28.01
C HIS Q 81 43.46 58.33 27.73
N ASP Q 82 42.96 57.60 28.72
CA ASP Q 82 41.84 56.68 28.50
C ASP Q 82 40.89 56.78 29.67
N LEU Q 83 39.60 56.69 29.40
CA LEU Q 83 38.56 56.88 30.40
C LEU Q 83 37.88 55.58 30.80
N ASN Q 84 38.54 54.44 30.58
CA ASN Q 84 38.01 53.18 31.09
C ASN Q 84 38.21 53.06 32.61
N LYS Q 85 39.38 53.46 33.10
CA LYS Q 85 39.64 53.43 34.54
C LYS Q 85 38.99 54.59 35.27
N LEU Q 86 38.44 55.57 34.55
CA LEU Q 86 37.69 56.65 35.18
C LEU Q 86 36.29 56.12 35.47
N THR Q 87 36.08 55.67 36.71
CA THR Q 87 34.85 54.98 37.07
C THR Q 87 33.67 55.93 37.25
N THR Q 88 33.77 56.81 38.25
CA THR Q 88 32.60 57.54 38.73
C THR Q 88 32.51 58.91 38.10
N GLY Q 89 31.34 59.52 38.20
CA GLY Q 89 31.17 60.89 37.77
C GLY Q 89 31.48 61.91 38.85
N LYS Q 90 31.51 61.48 40.11
CA LYS Q 90 31.79 62.40 41.19
C LYS Q 90 33.29 62.67 41.32
N MET Q 91 33.60 63.82 41.93
CA MET Q 91 34.98 64.15 42.30
C MET Q 91 34.92 65.01 43.55
N LEU Q 92 35.53 64.52 44.62
CA LEU Q 92 35.44 65.18 45.92
C LEU Q 92 36.31 66.44 45.92
N PHE Q 93 35.74 67.56 46.38
CA PHE Q 93 36.47 68.80 46.55
C PHE Q 93 36.51 69.16 48.03
N HIS Q 94 37.68 69.01 48.64
CA HIS Q 94 37.86 69.50 50.01
C HIS Q 94 38.13 70.99 49.95
N VAL Q 95 37.20 71.78 50.47
CA VAL Q 95 37.29 73.23 50.40
C VAL Q 95 37.18 73.81 51.80
N GLN Q 96 38.07 74.76 52.11
CA GLN Q 96 38.02 75.45 53.37
C GLN Q 96 36.94 76.52 53.36
N VAL Q 97 36.58 76.99 54.55
CA VAL Q 97 35.77 78.19 54.71
C VAL Q 97 36.45 79.08 55.75
N PRO Q 98 36.70 80.34 55.45
CA PRO Q 98 37.32 81.22 56.45
C PRO Q 98 36.32 81.61 57.52
N ARG Q 99 36.84 81.74 58.74
CA ARG Q 99 36.05 82.17 59.87
C ARG Q 99 36.74 83.34 60.53
N VAL Q 100 36.01 84.43 60.72
CA VAL Q 100 36.53 85.62 61.38
C VAL Q 100 36.22 85.49 62.87
N ALA Q 101 37.20 85.76 63.71
CA ALA Q 101 37.13 85.48 65.15
C ALA Q 101 36.84 86.73 65.98
N SER Q 102 35.99 87.63 65.49
CA SER Q 102 35.79 88.91 66.15
C SER Q 102 34.72 88.87 67.24
N GLY Q 103 34.42 87.70 67.80
CA GLY Q 103 33.49 87.63 68.90
C GLY Q 103 34.06 86.91 70.11
N ALA Q 104 34.21 87.62 71.23
CA ALA Q 104 34.69 86.98 72.45
C ALA Q 104 33.63 86.07 73.07
N GLY Q 105 32.36 86.41 72.92
CA GLY Q 105 31.30 85.59 73.47
C GLY Q 105 30.88 84.46 72.54
N LEU Q 106 31.21 84.59 71.25
CA LEU Q 106 30.83 83.57 70.28
C LEU Q 106 32.06 82.86 69.76
N PRO Q 107 32.31 81.62 70.17
CA PRO Q 107 33.22 80.76 69.41
C PRO Q 107 32.46 80.04 68.30
N THR Q 108 33.09 79.98 67.13
CA THR Q 108 32.46 79.39 65.96
C THR Q 108 32.39 77.87 66.09
N SER Q 109 33.51 77.26 66.52
CA SER Q 109 33.64 75.82 66.81
C SER Q 109 33.31 74.95 65.60
N ARG Q 110 33.83 75.30 64.44
CA ARG Q 110 33.58 74.55 63.22
C ARG Q 110 34.86 73.91 62.72
N GLN Q 111 34.69 72.75 62.06
CA GLN Q 111 35.83 72.05 61.48
C GLN Q 111 36.32 72.70 60.19
N THR Q 112 35.45 73.46 59.50
CA THR Q 112 35.75 74.28 58.32
C THR Q 112 36.39 73.55 57.16
N THR Q 113 36.24 72.23 57.07
CA THR Q 113 36.78 71.43 55.98
C THR Q 113 35.69 70.59 55.33
N ILE Q 114 34.58 71.24 54.96
CA ILE Q 114 33.49 70.54 54.30
C ILE Q 114 33.91 70.09 52.91
N MET Q 115 33.53 68.88 52.55
CA MET Q 115 33.78 68.36 51.21
C MET Q 115 32.51 68.46 50.39
N VAL Q 116 32.66 68.69 49.09
CA VAL Q 116 31.54 68.79 48.18
C VAL Q 116 31.65 67.67 47.15
N THR Q 117 30.50 67.24 46.63
CA THR Q 117 30.44 66.21 45.61
C THR Q 117 29.83 66.81 44.36
N LYS Q 118 30.58 66.80 43.26
CA LYS Q 118 30.11 67.32 41.98
C LYS Q 118 30.19 66.22 40.94
N TYR Q 119 29.07 65.94 40.28
CA TYR Q 119 28.99 64.85 39.31
C TYR Q 119 29.34 65.34 37.92
N SER Q 120 30.01 64.49 37.16
CA SER Q 120 30.42 64.86 35.81
C SER Q 120 29.36 64.45 34.79
N GLU Q 121 29.60 64.81 33.54
CA GLU Q 121 28.77 64.35 32.43
C GLU Q 121 29.67 64.17 31.22
N LYS Q 122 29.51 63.05 30.53
CA LYS Q 122 30.32 62.79 29.36
C LYS Q 122 29.63 63.27 28.10
N SER Q 123 30.43 63.62 27.11
CA SER Q 123 29.93 64.02 25.81
C SER Q 123 30.96 63.69 24.76
N PRO Q 124 30.73 62.68 23.92
CA PRO Q 124 31.69 62.37 22.87
C PRO Q 124 31.59 63.34 21.71
N ILE Q 125 32.73 63.58 21.06
CA ILE Q 125 32.81 64.47 19.91
C ILE Q 125 33.48 63.69 18.78
N THR Q 126 32.75 63.51 17.68
CA THR Q 126 33.19 62.69 16.57
C THR Q 126 33.19 63.49 15.28
N ILE Q 127 33.89 62.95 14.29
CA ILE Q 127 33.90 63.47 12.93
C ILE Q 127 34.28 62.36 11.95
N PRO Q 128 33.52 62.15 10.88
CA PRO Q 128 33.98 61.24 9.84
C PRO Q 128 35.09 61.87 9.01
N PHE Q 129 36.06 61.04 8.63
CA PHE Q 129 37.32 61.55 8.08
C PHE Q 129 37.70 60.63 6.92
N GLU Q 130 37.48 61.11 5.70
CA GLU Q 130 37.70 60.32 4.49
C GLU Q 130 39.09 60.56 3.93
N LEU Q 131 39.58 59.56 3.19
CA LEU Q 131 40.90 59.64 2.57
C LEU Q 131 40.94 58.65 1.41
N SER Q 132 41.41 59.11 0.25
CA SER Q 132 41.51 58.26 -0.92
C SER Q 132 42.70 57.32 -0.77
N ALA Q 133 42.45 56.01 -0.88
CA ALA Q 133 43.50 55.02 -0.66
C ALA Q 133 44.47 54.92 -1.83
N ALA Q 134 44.06 55.36 -3.03
CA ALA Q 134 44.96 55.35 -4.18
C ALA Q 134 46.12 56.33 -3.96
N CYS Q 135 45.87 57.42 -3.25
CA CYS Q 135 46.96 58.29 -2.82
C CYS Q 135 47.75 57.66 -1.69
N LEU Q 136 47.10 56.83 -0.87
CA LEU Q 136 47.75 56.22 0.28
C LEU Q 136 48.79 55.17 -0.16
N THR Q 137 48.54 54.49 -1.27
CA THR Q 137 49.54 53.58 -1.84
C THR Q 137 50.78 54.33 -2.33
N TYR Q 138 50.62 55.60 -2.70
CA TYR Q 138 51.79 56.38 -3.12
C TYR Q 138 52.69 56.75 -1.95
N LEU Q 139 52.18 56.73 -0.72
CA LEU Q 139 52.94 57.10 0.46
C LEU Q 139 53.46 55.92 1.27
N ARG Q 140 52.62 54.91 1.54
CA ARG Q 140 53.06 53.82 2.40
C ARG Q 140 53.96 52.81 1.69
N GLU Q 141 54.26 53.03 0.41
CA GLU Q 141 55.11 52.12 -0.36
C GLU Q 141 56.40 52.76 -0.86
N THR Q 142 56.54 54.09 -0.70
CA THR Q 142 57.79 54.85 -0.92
C THR Q 142 58.31 54.69 -2.35
N PHE Q 143 57.54 55.25 -3.29
CA PHE Q 143 57.88 55.16 -4.70
C PHE Q 143 59.09 56.04 -5.03
N GLU Q 144 60.03 55.46 -5.80
CA GLU Q 144 61.29 56.11 -6.16
C GLU Q 144 61.55 56.04 -7.66
N GLY Q 145 60.49 56.11 -8.47
CA GLY Q 145 60.61 55.92 -9.90
C GLY Q 145 61.29 57.02 -10.67
N THR Q 146 60.66 58.20 -10.74
CA THR Q 146 61.14 59.27 -11.60
C THR Q 146 60.75 60.60 -10.97
N ILE Q 147 60.86 61.68 -11.74
CA ILE Q 147 60.47 63.00 -11.24
C ILE Q 147 58.94 63.12 -11.21
N LEU Q 148 58.25 62.43 -12.12
CA LEU Q 148 56.79 62.45 -12.10
C LEU Q 148 56.26 61.62 -10.94
N ASP Q 149 56.96 60.54 -10.58
CA ASP Q 149 56.65 59.79 -9.37
C ASP Q 149 56.83 60.66 -8.14
N LYS Q 150 57.87 61.50 -8.13
CA LYS Q 150 58.09 62.40 -7.00
C LYS Q 150 57.01 63.48 -6.94
N ILE Q 151 56.54 63.94 -8.11
CA ILE Q 151 55.51 64.99 -8.12
C ILE Q 151 54.17 64.45 -7.67
N LEU Q 152 53.80 63.23 -8.11
CA LEU Q 152 52.58 62.63 -7.58
C LEU Q 152 52.72 62.25 -6.11
N ASN Q 153 53.95 61.92 -5.68
CA ASN Q 153 54.22 61.66 -4.28
C ASN Q 153 53.99 62.90 -3.41
N VAL Q 154 54.55 64.05 -3.81
CA VAL Q 154 54.41 65.25 -3.00
C VAL Q 154 52.99 65.80 -3.10
N GLU Q 155 52.29 65.52 -4.21
CA GLU Q 155 50.89 65.92 -4.30
C GLU Q 155 50.01 65.08 -3.38
N ALA Q 156 50.29 63.78 -3.28
CA ALA Q 156 49.57 62.95 -2.32
C ALA Q 156 49.91 63.33 -0.88
N MET Q 157 51.15 63.77 -0.65
CA MET Q 157 51.53 64.27 0.67
C MET Q 157 50.76 65.52 1.04
N HIS Q 158 50.61 66.46 0.09
CA HIS Q 158 49.83 67.65 0.35
C HIS Q 158 48.35 67.32 0.55
N THR Q 159 47.86 66.31 -0.17
CA THR Q 159 46.47 65.89 -0.02
C THR Q 159 46.19 65.33 1.37
N VAL Q 160 47.03 64.39 1.84
CA VAL Q 160 46.79 63.80 3.15
C VAL Q 160 47.11 64.80 4.27
N LEU Q 161 48.01 65.75 4.02
CA LEU Q 161 48.29 66.75 5.03
C LEU Q 161 47.14 67.75 5.16
N ARG Q 162 46.52 68.13 4.04
CA ARG Q 162 45.36 69.00 4.08
C ARG Q 162 44.17 68.30 4.73
N ALA Q 163 43.99 67.00 4.46
CA ALA Q 163 42.91 66.26 5.09
C ALA Q 163 43.13 66.13 6.59
N LEU Q 164 44.38 65.90 7.01
CA LEU Q 164 44.68 65.80 8.44
C LEU Q 164 44.48 67.13 9.14
N LYS Q 165 44.88 68.24 8.51
CA LYS Q 165 44.67 69.54 9.12
C LYS Q 165 43.20 69.89 9.18
N ASN Q 166 42.42 69.52 8.16
CA ASN Q 166 40.97 69.72 8.17
C ASN Q 166 40.31 68.97 9.31
N THR Q 167 40.63 67.69 9.49
CA THR Q 167 39.97 66.94 10.55
C THR Q 167 40.46 67.34 11.95
N ALA Q 168 41.74 67.67 12.12
CA ALA Q 168 42.26 68.08 13.41
C ALA Q 168 41.85 69.50 13.78
N ASP Q 169 41.45 70.32 12.81
CA ASP Q 169 40.92 71.63 13.10
C ASP Q 169 39.41 71.65 13.27
N ALA Q 170 38.67 70.81 12.55
CA ALA Q 170 37.25 70.68 12.82
C ALA Q 170 36.98 69.98 14.15
N MET Q 171 37.91 69.12 14.61
CA MET Q 171 37.78 68.55 15.94
C MET Q 171 37.83 69.62 17.03
N GLU Q 172 38.69 70.62 16.88
CA GLU Q 172 38.79 71.68 17.89
C GLU Q 172 37.55 72.56 17.88
N ARG Q 173 37.00 72.83 16.69
CA ARG Q 173 35.77 73.60 16.60
C ARG Q 173 34.60 72.84 17.20
N GLY Q 174 34.55 71.52 16.99
CA GLY Q 174 33.57 70.71 17.69
C GLY Q 174 33.76 70.70 19.19
N LEU Q 175 35.02 70.79 19.65
CA LEU Q 175 35.28 70.86 21.08
C LEU Q 175 34.78 72.16 21.68
N ILE Q 176 34.99 73.27 20.98
CA ILE Q 176 34.48 74.55 21.46
C ILE Q 176 32.96 74.56 21.41
N HIS Q 177 32.36 73.88 20.42
CA HIS Q 177 30.90 73.75 20.36
C HIS Q 177 30.36 72.97 21.55
N SER Q 178 31.01 71.86 21.89
CA SER Q 178 30.56 71.05 23.02
C SER Q 178 30.77 71.78 24.35
N PHE Q 179 31.87 72.53 24.47
CA PHE Q 179 32.11 73.28 25.69
C PHE Q 179 31.11 74.41 25.85
N LEU Q 180 30.77 75.09 24.75
CA LEU Q 180 29.74 76.13 24.80
C LEU Q 180 28.37 75.56 25.12
N GLN Q 181 28.06 74.37 24.59
CA GLN Q 181 26.78 73.75 24.88
C GLN Q 181 26.67 73.35 26.34
N THR Q 182 27.73 72.74 26.88
CA THR Q 182 27.79 72.38 28.29
C THR Q 182 27.75 73.60 29.20
N LEU Q 183 28.30 74.72 28.78
CA LEU Q 183 28.21 75.93 29.57
C LEU Q 183 26.86 76.63 29.45
N LEU Q 184 26.18 76.50 28.31
CA LEU Q 184 24.82 76.99 28.19
C LEU Q 184 23.81 76.15 28.98
N ARG Q 185 24.10 74.88 29.20
CA ARG Q 185 23.21 74.05 30.01
C ARG Q 185 23.46 74.20 31.51
N LYS Q 186 24.11 75.29 31.92
CA LYS Q 186 24.42 75.52 33.33
C LYS Q 186 24.01 76.91 33.78
N ALA Q 187 23.80 77.86 32.87
CA ALA Q 187 23.55 79.25 33.23
C ALA Q 187 22.06 79.51 33.31
N PRO Q 188 21.55 80.02 34.43
CA PRO Q 188 20.17 80.47 34.48
C PRO Q 188 20.06 81.86 33.87
N PRO Q 189 18.84 82.32 33.59
CA PRO Q 189 18.64 83.72 33.22
C PRO Q 189 19.00 84.65 34.38
N TYR Q 190 19.20 85.93 34.02
CA TYR Q 190 19.77 86.90 34.95
C TYR Q 190 18.83 87.20 36.10
N PHE Q 191 17.53 87.33 35.80
CA PHE Q 191 16.56 87.63 36.85
C PHE Q 191 16.39 86.46 37.81
N VAL Q 192 16.66 85.23 37.35
CA VAL Q 192 16.55 84.06 38.22
C VAL Q 192 17.64 84.09 39.28
N VAL Q 193 18.90 84.28 38.87
CA VAL Q 193 19.98 84.32 39.84
C VAL Q 193 19.92 85.61 40.66
N GLN Q 194 19.33 86.66 40.10
CA GLN Q 194 19.16 87.90 40.87
C GLN Q 194 18.11 87.73 41.95
N THR Q 195 17.00 87.04 41.65
CA THR Q 195 16.00 86.77 42.67
C THR Q 195 16.49 85.71 43.65
N LEU Q 196 17.44 84.87 43.24
CA LEU Q 196 18.04 83.94 44.18
C LEU Q 196 18.92 84.67 45.19
N VAL Q 197 19.73 85.63 44.73
CA VAL Q 197 20.63 86.29 45.66
C VAL Q 197 19.89 87.35 46.47
N GLU Q 198 18.80 87.91 45.93
CA GLU Q 198 18.01 88.85 46.71
C GLU Q 198 17.20 88.14 47.79
N ASN Q 199 16.71 86.94 47.51
CA ASN Q 199 15.96 86.16 48.48
C ASN Q 199 16.83 85.09 49.13
N ALA Q 200 18.12 85.38 49.34
CA ALA Q 200 18.99 84.43 50.01
C ALA Q 200 18.76 84.41 51.50
N THR Q 201 18.59 85.60 52.10
CA THR Q 201 18.44 85.71 53.55
C THR Q 201 17.07 85.25 54.05
N LEU Q 202 16.07 85.19 53.18
CA LEU Q 202 14.71 84.80 53.56
C LEU Q 202 14.29 83.53 52.81
N ALA Q 203 15.16 82.51 52.84
CA ALA Q 203 14.95 81.28 52.10
C ALA Q 203 13.86 80.43 52.77
N ARG Q 204 13.67 79.21 52.27
CA ARG Q 204 12.51 78.40 52.63
C ARG Q 204 12.69 77.79 54.03
N GLN Q 205 11.92 78.30 54.99
CA GLN Q 205 11.77 77.66 56.28
C GLN Q 205 10.40 77.02 56.46
N ALA Q 206 9.38 77.52 55.75
CA ALA Q 206 8.04 76.96 55.83
C ALA Q 206 7.40 77.08 54.45
N LEU Q 207 6.29 76.35 54.25
CA LEU Q 207 5.55 76.38 53.01
C LEU Q 207 4.71 77.64 52.95
N ASN Q 208 4.99 78.50 51.98
CA ASN Q 208 4.30 79.79 51.88
C ASN Q 208 4.10 80.09 50.40
N ARG Q 209 2.89 79.84 49.91
CA ARG Q 209 2.60 80.05 48.49
C ARG Q 209 2.48 81.53 48.14
N ILE Q 210 2.10 82.38 49.10
CA ILE Q 210 2.03 83.80 48.79
C ILE Q 210 3.44 84.40 48.69
N GLN Q 211 4.39 83.87 49.46
CA GLN Q 211 5.80 84.23 49.30
C GLN Q 211 6.30 83.85 47.92
N ARG Q 212 5.94 82.65 47.45
CA ARG Q 212 6.33 82.21 46.11
C ARG Q 212 5.64 83.05 45.04
N SER Q 213 4.44 83.56 45.33
CA SER Q 213 3.76 84.44 44.38
C SER Q 213 4.45 85.80 44.30
N ASN Q 214 4.86 86.35 45.44
CA ASN Q 214 5.64 87.60 45.41
C ASN Q 214 6.99 87.39 44.74
N ILE Q 215 7.58 86.20 44.91
CA ILE Q 215 8.80 85.85 44.18
C ILE Q 215 8.54 85.85 42.67
N LEU Q 216 7.41 85.27 42.27
CA LEU Q 216 7.04 85.19 40.86
C LEU Q 216 6.86 86.58 40.25
N GLN Q 217 6.15 87.45 40.96
CA GLN Q 217 5.95 88.79 40.43
C GLN Q 217 7.22 89.64 40.50
N SER Q 218 8.12 89.35 41.43
CA SER Q 218 9.37 90.12 41.49
C SER Q 218 10.30 89.74 40.35
N PHE Q 219 10.44 88.44 40.04
CA PHE Q 219 11.27 88.18 38.86
C PHE Q 219 10.50 88.44 37.57
N LYS Q 220 9.17 88.53 37.60
CA LYS Q 220 8.45 89.01 36.43
C LYS Q 220 8.78 90.47 36.15
N ALA Q 221 8.83 91.30 37.19
CA ALA Q 221 9.22 92.70 37.02
C ALA Q 221 10.68 92.82 36.62
N LYS Q 222 11.53 91.97 37.19
CA LYS Q 222 12.95 91.98 36.83
C LYS Q 222 13.15 91.51 35.39
N MET Q 223 12.32 90.59 34.92
CA MET Q 223 12.41 90.10 33.56
C MET Q 223 11.91 91.14 32.57
N LEU Q 224 10.79 91.77 32.88
CA LEU Q 224 10.25 92.81 32.02
C LEU Q 224 11.07 94.10 32.06
N ALA Q 225 11.96 94.23 33.05
CA ALA Q 225 12.89 95.35 33.04
C ALA Q 225 13.97 95.17 31.98
N THR Q 226 14.51 93.97 31.85
CA THR Q 226 15.65 93.69 30.97
C THR Q 226 15.37 92.55 30.01
N LEU Q 227 14.23 92.62 29.31
CA LEU Q 227 13.98 91.67 28.23
C LEU Q 227 14.98 91.86 27.10
N PHE Q 228 15.01 93.04 26.48
CA PHE Q 228 16.04 93.41 25.53
C PHE Q 228 16.59 94.76 25.96
N LEU Q 229 17.55 94.76 26.89
CA LEU Q 229 18.06 96.02 27.41
C LEU Q 229 19.01 96.69 26.43
N LEU Q 230 19.85 95.91 25.77
CA LEU Q 230 20.82 96.46 24.84
C LEU Q 230 20.17 97.05 23.59
N ASN Q 231 19.07 96.45 23.13
CA ASN Q 231 18.28 97.05 22.06
C ASN Q 231 17.60 98.33 22.48
N ARG Q 232 17.23 98.45 23.76
CA ARG Q 232 16.36 99.52 24.22
C ARG Q 232 17.11 100.85 24.33
N THR Q 233 18.13 100.92 25.18
CA THR Q 233 18.75 102.19 25.52
C THR Q 233 20.05 102.37 24.73
N ARG Q 234 20.53 103.61 24.68
CA ARG Q 234 21.76 103.92 23.98
C ARG Q 234 22.74 104.76 24.81
N ASP Q 235 22.52 104.89 26.12
CA ASP Q 235 23.45 105.60 26.97
C ASP Q 235 24.44 104.62 27.60
N ARG Q 236 25.68 105.08 27.74
CA ARG Q 236 26.77 104.20 28.17
C ARG Q 236 26.67 103.82 29.64
N ASP Q 237 26.20 104.74 30.48
CA ASP Q 237 26.26 104.52 31.93
C ASP Q 237 25.28 103.43 32.37
N TYR Q 238 24.10 103.37 31.74
CA TYR Q 238 23.12 102.38 32.14
C TYR Q 238 23.52 100.97 31.73
N VAL Q 239 24.07 100.81 30.53
CA VAL Q 239 24.51 99.49 30.12
C VAL Q 239 25.79 99.09 30.86
N LEU Q 240 26.61 100.07 31.25
CA LEU Q 240 27.77 99.75 32.08
C LEU Q 240 27.35 99.29 33.47
N LYS Q 241 26.33 99.94 34.05
CA LYS Q 241 25.82 99.55 35.36
C LYS Q 241 25.14 98.19 35.29
N PHE Q 242 24.40 97.93 34.21
CA PHE Q 242 23.75 96.64 34.06
C PHE Q 242 24.76 95.53 33.81
N LEU Q 243 25.84 95.83 33.09
CA LEU Q 243 26.88 94.83 32.89
C LEU Q 243 27.66 94.58 34.17
N THR Q 244 27.81 95.61 35.00
CA THR Q 244 28.46 95.41 36.29
C THR Q 244 27.58 94.56 37.20
N ARG Q 245 26.27 94.78 37.17
CA ARG Q 245 25.36 93.93 37.93
C ARG Q 245 25.26 92.53 37.34
N LEU Q 246 25.62 92.35 36.08
CA LEU Q 246 25.88 91.00 35.58
C LEU Q 246 27.14 90.40 36.17
N ALA Q 247 28.23 91.16 36.18
CA ALA Q 247 29.54 90.64 36.57
C ALA Q 247 29.64 90.36 38.06
N GLU Q 248 28.94 91.11 38.90
CA GLU Q 248 28.92 90.84 40.33
C GLU Q 248 27.83 89.87 40.73
N ALA Q 249 27.08 89.32 39.78
CA ALA Q 249 26.03 88.38 40.12
C ALA Q 249 26.55 86.96 40.31
N ALA Q 250 27.72 86.65 39.76
CA ALA Q 250 28.25 85.29 39.82
C ALA Q 250 28.95 85.06 41.16
N THR Q 251 29.51 83.87 41.32
CA THR Q 251 30.30 83.55 42.50
C THR Q 251 31.67 83.07 42.04
N ASP Q 252 32.57 82.92 43.00
CA ASP Q 252 33.91 82.44 42.71
C ASP Q 252 33.88 80.95 42.40
N SER Q 253 34.89 80.50 41.66
CA SER Q 253 35.08 79.08 41.43
C SER Q 253 35.98 78.52 42.53
N ILE Q 254 36.05 77.20 42.65
CA ILE Q 254 36.70 76.58 43.79
C ILE Q 254 38.22 76.62 43.65
N LEU Q 255 38.74 75.95 42.64
CA LEU Q 255 40.18 75.89 42.41
C LEU Q 255 40.52 76.73 41.19
N ASP Q 256 41.29 77.80 41.41
CA ASP Q 256 41.71 78.68 40.32
C ASP Q 256 43.10 79.22 40.62
N ASN Q 257 44.04 78.94 39.74
CA ASN Q 257 45.39 79.43 39.93
C ASN Q 257 45.42 80.91 39.57
N PRO Q 258 45.86 81.80 40.46
CA PRO Q 258 45.94 83.22 40.10
C PRO Q 258 47.07 83.54 39.14
N THR Q 259 48.09 82.68 39.03
CA THR Q 259 49.24 82.96 38.18
C THR Q 259 48.94 82.78 36.70
N THR Q 260 47.90 82.05 36.35
CA THR Q 260 47.49 81.91 34.95
C THR Q 260 46.37 82.89 34.65
N TYR Q 261 46.29 83.31 33.40
CA TYR Q 261 45.35 84.33 32.89
C TYR Q 261 45.51 85.64 33.66
N THR Q 262 46.70 86.22 33.50
CA THR Q 262 47.04 87.53 34.05
C THR Q 262 47.29 88.50 32.92
N THR Q 263 46.97 89.77 33.16
CA THR Q 263 47.21 90.80 32.15
C THR Q 263 48.66 91.26 32.25
N SER Q 264 49.02 92.27 31.44
CA SER Q 264 50.35 92.88 31.51
C SER Q 264 50.59 93.58 32.83
N SER Q 265 49.54 94.15 33.43
CA SER Q 265 49.60 94.71 34.77
C SER Q 265 49.23 93.64 35.78
N GLY Q 266 48.99 94.06 37.02
CA GLY Q 266 48.62 93.12 38.06
C GLY Q 266 47.13 92.99 38.26
N ALA Q 267 46.39 92.67 37.20
CA ALA Q 267 44.95 92.51 37.26
C ALA Q 267 44.59 91.11 36.79
N LYS Q 268 44.13 90.27 37.71
CA LYS Q 268 43.71 88.93 37.34
C LYS Q 268 42.38 88.98 36.60
N ILE Q 269 42.26 88.16 35.56
CA ILE Q 269 41.02 88.11 34.80
C ILE Q 269 39.95 87.39 35.61
N SER Q 270 38.80 88.02 35.77
CA SER Q 270 37.77 87.55 36.68
C SER Q 270 36.53 87.11 35.91
N GLY Q 271 36.74 86.44 34.80
CA GLY Q 271 35.63 85.86 34.06
C GLY Q 271 35.84 85.96 32.57
N VAL Q 272 34.77 85.68 31.84
CA VAL Q 272 34.79 85.70 30.38
C VAL Q 272 33.38 86.04 29.90
N MET Q 273 33.30 86.72 28.76
CA MET Q 273 32.02 87.06 28.16
C MET Q 273 32.08 86.67 26.69
N VAL Q 274 31.11 85.88 26.24
CA VAL Q 274 30.98 85.54 24.84
C VAL Q 274 29.68 86.12 24.30
N SER Q 275 29.67 86.38 23.00
CA SER Q 275 28.49 86.91 22.32
C SER Q 275 28.62 86.62 20.84
N THR Q 276 27.61 87.03 20.07
CA THR Q 276 27.63 86.89 18.63
C THR Q 276 28.31 88.11 18.02
N ALA Q 277 28.19 88.26 16.71
CA ALA Q 277 28.87 89.35 16.01
C ALA Q 277 28.20 90.70 16.25
N ASN Q 278 26.88 90.76 16.18
CA ASN Q 278 26.18 92.05 16.21
C ASN Q 278 26.28 92.71 17.58
N VAL Q 279 26.02 91.93 18.64
CA VAL Q 279 25.99 92.47 19.99
C VAL Q 279 27.39 92.89 20.43
N MET Q 280 28.38 92.07 20.14
CA MET Q 280 29.75 92.40 20.52
C MET Q 280 30.29 93.56 19.69
N GLN Q 281 29.86 93.70 18.44
CA GLN Q 281 30.27 94.86 17.64
C GLN Q 281 29.66 96.14 18.19
N ILE Q 282 28.40 96.08 18.64
CA ILE Q 282 27.76 97.25 19.25
C ILE Q 282 28.45 97.62 20.56
N ILE Q 283 28.81 96.62 21.36
CA ILE Q 283 29.46 96.88 22.64
C ILE Q 283 30.87 97.41 22.43
N MET Q 284 31.57 96.92 21.41
CA MET Q 284 32.89 97.43 21.06
C MET Q 284 32.82 98.88 20.58
N SER Q 285 31.78 99.22 19.81
CA SER Q 285 31.64 100.59 19.35
C SER Q 285 30.89 101.48 20.32
N LEU Q 286 30.49 100.97 21.48
CA LEU Q 286 29.74 101.76 22.44
C LEU Q 286 30.56 102.15 23.67
N LEU Q 287 31.49 101.32 24.10
CA LEU Q 287 32.25 101.52 25.33
C LEU Q 287 33.73 101.43 25.07
N SER Q 288 34.22 102.17 24.07
CA SER Q 288 35.63 102.15 23.71
C SER Q 288 36.53 102.83 24.74
N SER Q 289 35.96 103.54 25.71
CA SER Q 289 36.77 104.11 26.79
C SER Q 289 37.22 103.03 27.78
N HIS Q 290 36.59 101.86 27.75
CA HIS Q 290 36.97 100.75 28.62
C HIS Q 290 37.62 99.60 27.86
N ILE Q 291 37.29 99.42 26.58
CA ILE Q 291 37.87 98.38 25.75
C ILE Q 291 39.30 98.77 25.40
N THR Q 292 40.26 97.95 25.81
CA THR Q 292 41.64 98.09 25.36
C THR Q 292 42.16 96.69 25.07
N LYS Q 293 43.39 96.62 24.56
CA LYS Q 293 43.95 95.36 24.05
C LYS Q 293 45.23 95.05 24.81
N GLU Q 294 45.13 94.19 25.81
CA GLU Q 294 46.27 93.83 26.63
C GLU Q 294 46.87 92.51 26.17
N THR Q 295 47.88 92.05 26.90
CA THR Q 295 48.51 90.77 26.66
C THR Q 295 48.21 89.86 27.85
N VAL Q 296 47.30 88.93 27.65
CA VAL Q 296 46.88 88.03 28.70
C VAL Q 296 47.79 86.80 28.68
N SER Q 297 47.84 86.07 29.79
CA SER Q 297 48.81 84.99 29.97
C SER Q 297 48.09 83.66 30.08
N ALA Q 298 47.75 83.07 28.94
CA ALA Q 298 47.13 81.75 28.88
C ALA Q 298 48.17 80.68 29.12
N PRO Q 299 47.76 79.46 29.50
CA PRO Q 299 48.72 78.36 29.62
C PRO Q 299 49.38 78.02 28.30
N ALA Q 300 50.64 77.56 28.38
CA ALA Q 300 51.39 77.21 27.19
C ALA Q 300 50.79 76.00 26.48
N THR Q 301 50.68 74.89 27.19
CA THR Q 301 49.98 73.73 26.69
C THR Q 301 48.92 73.35 27.72
N TYR Q 302 48.29 72.21 27.50
CA TYR Q 302 47.31 71.71 28.45
C TYR Q 302 47.98 71.30 29.74
N GLY Q 303 47.22 71.31 30.82
CA GLY Q 303 47.72 70.75 32.06
C GLY Q 303 47.84 69.24 31.97
N ASN Q 304 48.82 68.71 32.70
CA ASN Q 304 49.02 67.28 32.79
C ASN Q 304 48.61 66.82 34.18
N PHE Q 305 47.88 65.71 34.24
CA PHE Q 305 47.30 65.27 35.49
C PHE Q 305 48.37 64.74 36.43
N VAL Q 306 48.10 64.88 37.73
CA VAL Q 306 48.97 64.37 38.77
C VAL Q 306 48.25 63.21 39.45
N LEU Q 307 49.02 62.37 40.11
CA LEU Q 307 48.48 61.28 40.91
C LEU Q 307 48.76 61.60 42.37
N SER Q 308 47.72 61.50 43.20
CA SER Q 308 47.81 61.92 44.59
C SER Q 308 48.72 60.98 45.38
N PRO Q 309 49.38 61.47 46.41
CA PRO Q 309 50.20 60.58 47.25
C PRO Q 309 49.43 59.85 48.34
N GLU Q 310 48.10 59.84 48.24
CA GLU Q 310 47.27 59.10 49.19
C GLU Q 310 46.93 57.69 48.75
N ASN Q 311 46.93 57.42 47.44
CA ASN Q 311 46.80 56.05 47.01
C ASN Q 311 48.07 55.25 47.28
N ALA Q 312 49.19 55.93 47.52
CA ALA Q 312 50.39 55.25 48.00
C ALA Q 312 50.16 54.60 49.35
N VAL Q 313 49.60 55.36 50.31
CA VAL Q 313 49.29 54.77 51.61
C VAL Q 313 48.03 53.92 51.57
N THR Q 314 47.25 54.00 50.50
CA THR Q 314 46.22 52.98 50.31
C THR Q 314 46.84 51.66 49.83
N ALA Q 315 47.77 51.74 48.87
CA ALA Q 315 48.39 50.55 48.31
C ALA Q 315 49.30 49.85 49.30
N ILE Q 316 49.99 50.61 50.17
CA ILE Q 316 50.83 49.99 51.17
C ILE Q 316 49.97 49.31 52.24
N SER Q 317 48.85 49.93 52.60
CA SER Q 317 47.92 49.32 53.55
C SER Q 317 47.26 48.08 52.95
N TYR Q 318 47.12 48.04 51.63
CA TYR Q 318 46.58 46.82 51.02
C TYR Q 318 47.65 45.77 50.82
N HIS Q 319 48.91 46.18 50.69
CA HIS Q 319 50.00 45.22 50.68
C HIS Q 319 50.21 44.61 52.06
N SER Q 320 49.85 45.34 53.12
CA SER Q 320 50.00 44.81 54.46
C SER Q 320 49.00 43.68 54.74
N ILE Q 321 47.87 43.69 54.05
CA ILE Q 321 46.91 42.59 54.19
C ILE Q 321 47.44 41.33 53.51
N LEU Q 322 48.17 41.50 52.41
CA LEU Q 322 48.73 40.38 51.66
C LEU Q 322 49.95 39.85 52.41
N ALA Q 323 50.54 38.77 51.89
CA ALA Q 323 51.55 37.94 52.56
C ALA Q 323 52.79 38.79 52.88
N ASP Q 324 53.42 39.43 51.91
CA ASP Q 324 54.63 40.19 52.16
C ASP Q 324 54.82 41.26 51.11
N PHE Q 325 55.47 42.35 51.53
CA PHE Q 325 55.87 43.38 50.58
C PHE Q 325 57.17 42.99 49.87
N ASN Q 326 58.03 42.26 50.56
CA ASN Q 326 59.28 41.79 49.98
C ASN Q 326 59.28 40.27 49.89
N GLY Q 348 55.58 71.81 33.44
CA GLY Q 348 54.60 71.93 32.36
C GLY Q 348 53.29 72.53 32.82
N ALA Q 349 52.84 72.11 34.00
CA ALA Q 349 51.60 72.61 34.57
C ALA Q 349 51.72 74.04 35.09
N HIS Q 350 52.93 74.56 35.22
CA HIS Q 350 53.15 75.91 35.70
C HIS Q 350 53.84 76.80 34.67
N SER Q 351 53.76 76.47 33.39
CA SER Q 351 54.33 77.29 32.32
C SER Q 351 53.23 78.05 31.59
N LEU Q 352 53.57 79.26 31.12
CA LEU Q 352 52.58 80.17 30.57
C LEU Q 352 53.04 80.70 29.22
N THR Q 353 52.11 81.29 28.48
CA THR Q 353 52.42 81.99 27.24
C THR Q 353 51.57 83.25 27.12
N PRO Q 354 52.06 84.29 26.46
CA PRO Q 354 51.22 85.45 26.19
C PRO Q 354 50.55 85.37 24.83
N LEU Q 355 49.50 86.16 24.68
CA LEU Q 355 48.80 86.35 23.41
C LEU Q 355 48.15 87.72 23.46
N SER Q 356 47.22 87.97 22.53
CA SER Q 356 46.53 89.24 22.45
C SER Q 356 45.03 89.03 22.63
N MET Q 357 44.43 89.79 23.55
CA MET Q 357 43.00 89.69 23.79
C MET Q 357 42.50 91.05 24.28
N ASP Q 358 41.21 91.31 24.09
CA ASP Q 358 40.60 92.58 24.44
C ASP Q 358 39.85 92.44 25.75
N VAL Q 359 40.25 93.21 26.76
CA VAL Q 359 39.72 93.12 28.11
C VAL Q 359 38.96 94.38 28.44
N ILE Q 360 37.77 94.22 29.04
CA ILE Q 360 37.01 95.35 29.57
C ILE Q 360 37.30 95.45 31.06
N ARG Q 361 37.26 96.67 31.58
CA ARG Q 361 37.34 96.91 33.02
C ARG Q 361 35.96 97.35 33.48
N LEU Q 362 35.34 96.53 34.32
CA LEU Q 362 33.93 96.67 34.65
C LEU Q 362 33.76 96.61 36.17
N GLY Q 363 33.89 97.78 36.81
CA GLY Q 363 33.72 97.91 38.25
C GLY Q 363 34.73 97.14 39.05
N GLU Q 364 36.01 97.43 38.84
CA GLU Q 364 37.18 96.72 39.37
C GLU Q 364 37.21 95.24 39.02
N LYS Q 365 36.52 94.81 37.97
CA LYS Q 365 36.59 93.47 37.45
C LYS Q 365 37.04 93.51 35.98
N THR Q 366 37.80 92.48 35.59
CA THR Q 366 38.32 92.39 34.24
C THR Q 366 37.72 91.18 33.56
N VAL Q 367 36.83 91.42 32.60
CA VAL Q 367 36.13 90.36 31.88
C VAL Q 367 36.62 90.36 30.44
N ILE Q 368 36.91 89.18 29.92
CA ILE Q 368 37.31 89.05 28.52
C ILE Q 368 36.07 88.96 27.65
N MET Q 369 35.94 89.91 26.73
CA MET Q 369 34.95 89.79 25.65
C MET Q 369 35.53 88.87 24.58
N GLU Q 370 34.67 88.06 23.98
CA GLU Q 370 35.10 87.10 22.97
C GLU Q 370 33.98 86.92 21.95
N ASN Q 371 34.33 86.97 20.67
CA ASN Q 371 33.37 86.82 19.58
C ASN Q 371 33.52 85.44 18.99
N LEU Q 372 32.43 84.69 18.93
CA LEU Q 372 32.41 83.35 18.38
C LEU Q 372 32.09 83.32 16.89
N ARG Q 373 32.35 84.42 16.18
CA ARG Q 373 32.07 84.43 14.75
C ARG Q 373 33.12 83.62 13.99
N ARG Q 374 34.39 83.74 14.37
CA ARG Q 374 35.49 83.14 13.64
C ARG Q 374 35.55 81.62 13.75
N VAL Q 375 34.75 81.02 14.64
CA VAL Q 375 34.66 79.58 14.75
C VAL Q 375 33.39 79.05 14.08
N TYR Q 376 32.31 79.82 14.09
CA TYR Q 376 31.06 79.38 13.47
C TYR Q 376 30.82 80.00 12.09
N LYS Q 377 31.81 80.65 11.49
CA LYS Q 377 31.61 81.18 10.16
C LYS Q 377 31.72 80.07 9.12
N ASN Q 378 30.87 80.17 8.09
CA ASN Q 378 30.82 79.32 6.91
C ASN Q 378 30.54 77.84 7.21
N THR Q 379 30.08 77.49 8.40
CA THR Q 379 29.67 76.12 8.69
C THR Q 379 28.17 76.08 8.86
N ASP Q 380 27.56 74.96 8.45
CA ASP Q 380 26.12 74.80 8.59
C ASP Q 380 25.80 74.08 9.91
N THR Q 381 26.40 74.61 10.97
CA THR Q 381 26.01 74.27 12.34
C THR Q 381 25.60 75.57 13.00
N LYS Q 382 24.31 75.67 13.34
CA LYS Q 382 23.76 76.89 13.91
C LYS Q 382 24.38 77.15 15.28
N ASP Q 383 24.77 78.40 15.50
CA ASP Q 383 25.32 78.82 16.78
C ASP Q 383 24.27 78.69 17.86
N PRO Q 384 24.60 78.03 18.99
CA PRO Q 384 23.61 77.90 20.07
C PRO Q 384 23.39 79.16 20.85
N LEU Q 385 24.17 80.22 20.61
CA LEU Q 385 24.01 81.48 21.30
C LEU Q 385 22.94 82.36 20.68
N GLU Q 386 22.40 81.99 19.52
CA GLU Q 386 21.30 82.72 18.91
C GLU Q 386 20.04 81.86 18.96
N ARG Q 387 19.22 82.10 19.98
CA ARG Q 387 17.98 81.34 20.18
C ARG Q 387 16.87 81.97 19.36
N ASN Q 388 15.63 81.56 19.63
CA ASN Q 388 14.46 82.16 18.96
C ASN Q 388 13.32 82.19 19.98
N VAL Q 389 13.18 83.33 20.65
CA VAL Q 389 12.12 83.49 21.63
C VAL Q 389 10.79 83.67 20.90
N ASP Q 390 9.69 83.42 21.62
CA ASP Q 390 8.34 83.55 21.05
C ASP Q 390 7.49 84.40 21.99
N LEU Q 391 7.55 85.71 21.82
CA LEU Q 391 6.70 86.64 22.54
C LEU Q 391 5.36 86.78 21.85
N THR Q 392 4.30 86.84 22.65
CA THR Q 392 2.95 87.00 22.14
C THR Q 392 2.44 88.37 22.55
N PHE Q 393 1.74 89.03 21.64
CA PHE Q 393 1.13 90.31 21.92
C PHE Q 393 -0.39 90.17 21.98
N PHE Q 394 -1.04 91.25 22.38
CA PHE Q 394 -2.49 91.32 22.30
C PHE Q 394 -2.89 92.79 22.15
N PHE Q 395 -4.04 93.00 21.50
CA PHE Q 395 -4.51 94.35 21.20
C PHE Q 395 -6.02 94.30 21.02
N PRO Q 396 -6.74 95.26 21.58
CA PRO Q 396 -8.19 95.29 21.38
C PRO Q 396 -8.60 96.19 20.23
N VAL Q 397 -9.86 96.03 19.81
CA VAL Q 397 -10.45 96.87 18.78
C VAL Q 397 -11.90 97.15 19.15
N GLY Q 398 -12.31 98.41 18.98
CA GLY Q 398 -13.70 98.79 19.17
C GLY Q 398 -14.17 98.81 20.61
N LEU Q 399 -13.52 99.61 21.45
CA LEU Q 399 -13.96 99.71 22.84
C LEU Q 399 -14.98 100.83 22.99
N TYR Q 400 -15.27 101.16 24.25
CA TYR Q 400 -16.14 102.27 24.59
C TYR Q 400 -15.54 103.00 25.76
N LEU Q 401 -15.67 104.33 25.76
CA LEU Q 401 -15.15 105.17 26.83
C LEU Q 401 -16.35 105.85 27.50
N PRO Q 402 -16.57 105.66 28.78
CA PRO Q 402 -17.74 106.25 29.44
C PRO Q 402 -17.56 107.75 29.65
N GLU Q 403 -18.64 108.39 30.05
CA GLU Q 403 -18.64 109.83 30.30
C GLU Q 403 -18.81 110.12 31.79
N THR Q 419 -22.19 121.56 20.67
CA THR Q 419 -22.07 120.33 21.47
C THR Q 419 -21.69 119.16 20.57
N VAL Q 420 -20.39 119.04 20.26
CA VAL Q 420 -19.93 117.96 19.41
C VAL Q 420 -19.72 116.70 20.25
N ARG Q 421 -20.33 115.61 19.82
CA ARG Q 421 -20.29 114.34 20.51
C ARG Q 421 -18.92 113.68 20.35
N ASN Q 422 -18.73 112.59 21.09
CA ASN Q 422 -17.56 111.74 20.89
C ASN Q 422 -17.83 110.75 19.76
N ALA Q 423 -16.79 110.01 19.38
CA ALA Q 423 -16.89 109.08 18.25
C ALA Q 423 -16.52 107.68 18.72
N LEU Q 424 -17.34 106.70 18.35
CA LEU Q 424 -17.06 105.33 18.74
C LEU Q 424 -16.20 104.63 17.68
N PRO Q 425 -15.09 104.01 18.10
CA PRO Q 425 -14.19 103.40 17.13
C PRO Q 425 -14.69 102.06 16.60
N THR Q 426 -14.23 101.73 15.40
CA THR Q 426 -14.51 100.45 14.79
C THR Q 426 -13.30 99.80 14.14
N THR Q 427 -12.21 100.52 13.95
CA THR Q 427 -10.98 99.97 13.39
C THR Q 427 -9.89 100.01 14.46
N ALA Q 428 -8.72 99.48 14.09
CA ALA Q 428 -7.53 99.59 14.93
C ALA Q 428 -6.32 99.60 14.02
N TYR Q 429 -5.43 100.56 14.24
CA TYR Q 429 -4.26 100.74 13.39
C TYR Q 429 -3.01 100.38 14.19
N LEU Q 430 -2.22 99.46 13.66
CA LEU Q 430 -1.04 98.99 14.38
C LEU Q 430 0.25 99.29 13.64
N LEU Q 431 1.37 98.83 14.18
CA LEU Q 431 2.67 99.00 13.55
C LEU Q 431 3.03 97.75 12.76
N ASN Q 432 4.23 97.75 12.18
CA ASN Q 432 4.63 96.68 11.28
C ASN Q 432 6.13 96.48 11.43
N ARG Q 433 6.60 95.32 10.98
CA ARG Q 433 8.04 95.09 10.88
C ARG Q 433 8.66 96.00 9.83
N ASP Q 434 7.94 96.24 8.73
CA ASP Q 434 8.34 97.23 7.73
C ASP Q 434 7.85 98.63 8.08
N ARG Q 435 7.39 98.83 9.32
CA ARG Q 435 7.08 100.12 9.93
C ARG Q 435 5.92 100.84 9.25
N ALA Q 436 5.13 100.14 8.45
CA ALA Q 436 3.94 100.76 7.86
C ALA Q 436 2.80 100.73 8.85
N VAL Q 437 1.79 101.55 8.61
CA VAL Q 437 0.59 101.55 9.42
C VAL Q 437 -0.29 100.38 9.00
N GLN Q 438 -0.65 99.55 9.97
CA GLN Q 438 -1.57 98.46 9.71
C GLN Q 438 -3.00 98.93 9.90
N LYS Q 439 -3.94 98.06 9.56
CA LYS Q 439 -5.35 98.36 9.75
C LYS Q 439 -6.07 97.04 9.99
N ILE Q 440 -6.60 96.86 11.19
CA ILE Q 440 -7.49 95.75 11.47
C ILE Q 440 -8.85 96.32 11.86
N ASP Q 441 -9.89 95.83 11.21
CA ASP Q 441 -11.25 96.21 11.51
C ASP Q 441 -12.12 94.97 11.28
N PHE Q 442 -13.43 95.15 11.37
CA PHE Q 442 -14.33 94.02 11.18
C PHE Q 442 -14.46 93.61 9.72
N VAL Q 443 -14.03 94.47 8.80
CA VAL Q 443 -13.99 94.12 7.38
C VAL Q 443 -12.95 93.02 7.16
N ASP Q 444 -11.82 93.10 7.85
CA ASP Q 444 -10.86 91.99 7.82
C ASP Q 444 -11.28 90.86 8.73
N ALA Q 445 -12.01 91.17 9.80
CA ALA Q 445 -12.30 90.19 10.84
C ALA Q 445 -13.49 89.30 10.53
N LEU Q 446 -14.00 89.29 9.29
CA LEU Q 446 -15.17 88.47 9.02
C LEU Q 446 -14.83 87.00 8.84
N LYS Q 447 -13.54 86.65 8.74
CA LYS Q 447 -13.12 85.26 8.55
C LYS Q 447 -13.39 84.36 9.75
N THR Q 448 -13.75 84.93 10.90
CA THR Q 448 -14.14 84.17 12.08
C THR Q 448 -15.58 84.43 12.48
N LEU Q 449 -16.14 85.58 12.14
CA LEU Q 449 -17.45 85.94 12.67
C LEU Q 449 -18.58 85.35 11.86
N CYS Q 450 -18.35 85.01 10.59
CA CYS Q 450 -19.35 84.32 9.81
C CYS Q 450 -19.40 82.82 10.10
N HIS Q 451 -18.45 82.31 10.88
CA HIS Q 451 -18.40 80.88 11.13
C HIS Q 451 -19.54 80.45 12.04
N PRO Q 452 -20.25 79.37 11.70
CA PRO Q 452 -21.29 78.83 12.58
C PRO Q 452 -20.77 78.09 13.80
N VAL Q 453 -19.46 78.07 14.06
CA VAL Q 453 -18.97 77.53 15.32
C VAL Q 453 -19.11 78.56 16.45
N LEU Q 454 -19.33 79.83 16.12
CA LEU Q 454 -19.56 80.84 17.14
C LEU Q 454 -21.01 80.92 17.58
N HIS Q 455 -21.95 80.42 16.78
CA HIS Q 455 -23.37 80.48 17.10
C HIS Q 455 -23.92 79.11 17.48
N GLU Q 456 -23.09 78.24 18.06
CA GLU Q 456 -23.57 76.96 18.59
C GLU Q 456 -23.19 76.81 20.06
N PRO Q 457 -24.15 76.96 20.96
CA PRO Q 457 -23.89 76.85 22.40
C PRO Q 457 -24.10 75.46 22.99
N ALA Q 458 -24.16 74.41 22.17
CA ALA Q 458 -24.60 73.11 22.68
C ALA Q 458 -23.62 72.44 23.65
N PRO Q 459 -22.29 72.46 23.48
CA PRO Q 459 -21.43 72.05 24.61
C PRO Q 459 -21.43 73.07 25.73
N CYS Q 460 -21.68 74.34 25.42
CA CYS Q 460 -21.81 75.35 26.46
C CYS Q 460 -23.11 75.17 27.23
N LEU Q 461 -24.13 74.61 26.57
CA LEU Q 461 -25.34 74.20 27.27
C LEU Q 461 -25.11 72.89 28.04
N GLN Q 462 -24.23 72.03 27.54
CA GLN Q 462 -23.93 70.77 28.21
C GLN Q 462 -23.20 70.99 29.52
N THR Q 463 -22.15 71.83 29.52
CA THR Q 463 -21.36 72.05 30.72
C THR Q 463 -22.10 72.95 31.71
N PHE Q 464 -23.15 73.63 31.27
CA PHE Q 464 -23.99 74.40 32.18
C PHE Q 464 -25.11 73.53 32.72
N ALA Q 491 -59.22 85.56 27.24
CA ALA Q 491 -58.43 85.11 28.37
C ALA Q 491 -58.02 86.30 29.24
N ALA Q 492 -58.82 87.36 29.17
CA ALA Q 492 -58.59 88.56 29.96
C ALA Q 492 -59.22 88.49 31.35
N ARG Q 493 -59.80 87.35 31.72
CA ARG Q 493 -60.57 87.24 32.95
C ARG Q 493 -59.81 86.54 34.06
N ARG Q 494 -58.59 86.09 33.80
CA ARG Q 494 -57.82 85.30 34.75
C ARG Q 494 -56.66 86.07 35.37
N ILE Q 495 -56.42 87.31 34.94
CA ILE Q 495 -55.35 88.15 35.44
C ILE Q 495 -55.68 88.80 36.80
N PRO Q 496 -56.91 89.30 37.06
CA PRO Q 496 -57.22 89.66 38.47
C PRO Q 496 -57.20 88.47 39.42
N HIS Q 497 -57.38 87.24 38.93
CA HIS Q 497 -57.11 86.08 39.77
C HIS Q 497 -55.63 85.94 40.10
N PHE Q 498 -54.74 86.22 39.14
CA PHE Q 498 -53.31 86.16 39.40
C PHE Q 498 -52.88 87.25 40.38
N TYR Q 499 -53.48 88.43 40.29
CA TYR Q 499 -53.17 89.47 41.25
C TYR Q 499 -53.94 89.34 42.55
N ARG Q 500 -54.95 88.46 42.61
CA ARG Q 500 -55.73 88.32 43.83
C ARG Q 500 -54.96 87.57 44.91
N VAL Q 501 -54.23 86.53 44.52
CA VAL Q 501 -53.32 85.88 45.45
C VAL Q 501 -52.14 86.81 45.71
N ARG Q 502 -51.66 86.83 46.95
CA ARG Q 502 -50.56 87.71 47.33
C ARG Q 502 -49.20 87.06 47.19
N ARG Q 503 -49.08 86.12 46.25
CA ARG Q 503 -47.79 85.57 45.86
C ARG Q 503 -46.96 86.66 45.19
N GLU Q 504 -45.72 86.81 45.66
CA GLU Q 504 -44.75 87.70 45.04
C GLU Q 504 -43.76 86.86 44.25
N VAL Q 505 -43.41 87.31 43.05
CA VAL Q 505 -42.45 86.56 42.25
C VAL Q 505 -41.04 86.96 42.69
N PRO Q 506 -40.12 86.01 42.85
CA PRO Q 506 -38.73 86.38 43.09
C PRO Q 506 -38.13 87.02 41.84
N ARG Q 507 -37.16 87.90 42.06
CA ARG Q 507 -36.54 88.62 40.96
C ARG Q 507 -35.71 87.67 40.12
N THR Q 508 -36.00 87.61 38.82
CA THR Q 508 -35.34 86.65 37.95
C THR Q 508 -33.98 87.21 37.53
N VAL Q 509 -33.24 86.43 36.74
CA VAL Q 509 -31.86 86.77 36.38
C VAL Q 509 -31.81 88.03 35.52
N ASN Q 510 -32.74 88.16 34.57
CA ASN Q 510 -32.70 89.30 33.65
C ASN Q 510 -33.22 90.58 34.32
N GLU Q 511 -33.78 90.47 35.53
CA GLU Q 511 -34.13 91.68 36.26
C GLU Q 511 -33.01 92.09 37.21
N MET Q 512 -32.28 91.13 37.78
CA MET Q 512 -31.14 91.45 38.62
C MET Q 512 -29.84 91.60 37.84
N LYS Q 513 -29.93 91.79 36.53
CA LYS Q 513 -28.76 92.02 35.69
C LYS Q 513 -28.74 93.46 35.19
N GLN Q 514 -29.80 94.22 35.46
CA GLN Q 514 -29.90 95.61 35.05
C GLN Q 514 -29.70 96.61 36.18
N ASP Q 515 -29.58 96.16 37.43
CA ASP Q 515 -29.53 97.06 38.57
C ASP Q 515 -28.11 97.42 38.98
N PHE Q 516 -27.18 97.46 38.03
CA PHE Q 516 -25.78 97.73 38.32
C PHE Q 516 -25.26 98.77 37.34
N VAL Q 517 -24.37 99.63 37.82
CA VAL Q 517 -23.67 100.57 36.94
C VAL Q 517 -22.48 99.85 36.31
N VAL Q 518 -21.90 100.46 35.27
CA VAL Q 518 -20.92 99.79 34.44
C VAL Q 518 -19.58 99.56 35.14
N THR Q 519 -19.28 100.30 36.22
CA THR Q 519 -18.03 100.08 36.93
C THR Q 519 -18.21 99.21 38.16
N ASP Q 520 -19.44 99.05 38.62
CA ASP Q 520 -19.74 98.08 39.67
C ASP Q 520 -20.04 96.70 39.12
N PHE Q 521 -20.15 96.57 37.79
CA PHE Q 521 -20.50 95.30 37.18
C PHE Q 521 -19.33 94.33 37.21
N TYR Q 522 -18.10 94.84 37.28
CA TYR Q 522 -16.91 94.00 37.26
C TYR Q 522 -16.44 93.63 38.66
N LYS Q 523 -17.26 93.87 39.68
CA LYS Q 523 -16.89 93.58 41.05
C LYS Q 523 -17.47 92.23 41.47
N VAL Q 524 -17.07 91.77 42.67
CA VAL Q 524 -17.62 90.54 43.21
C VAL Q 524 -19.01 90.79 43.79
N GLY Q 525 -19.38 92.06 44.03
CA GLY Q 525 -20.73 92.40 44.45
C GLY Q 525 -21.78 92.12 43.41
N ASN Q 526 -21.40 92.09 42.14
CA ASN Q 526 -22.30 91.64 41.08
C ASN Q 526 -22.45 90.13 41.13
N ILE Q 527 -23.59 89.64 41.66
CA ILE Q 527 -23.78 88.21 41.87
C ILE Q 527 -24.33 87.49 40.67
N THR Q 528 -24.65 88.20 39.59
CA THR Q 528 -25.19 87.59 38.37
C THR Q 528 -24.09 87.34 37.34
N LEU Q 529 -22.84 87.34 37.80
CA LEU Q 529 -21.71 87.09 36.91
C LEU Q 529 -21.55 85.61 36.55
N TYR Q 530 -22.08 84.70 37.37
CA TYR Q 530 -21.92 83.28 37.08
C TYR Q 530 -22.91 82.79 36.03
N THR Q 531 -23.84 83.64 35.59
CA THR Q 531 -24.81 83.24 34.59
C THR Q 531 -24.53 83.82 33.20
N GLU Q 532 -23.89 84.99 33.13
CA GLU Q 532 -23.56 85.61 31.85
C GLU Q 532 -22.38 84.84 31.25
N LEU Q 533 -22.68 83.99 30.28
CA LEU Q 533 -21.68 83.09 29.69
C LEU Q 533 -21.37 83.40 28.23
N HIS Q 534 -22.39 83.51 27.38
CA HIS Q 534 -22.17 83.67 25.94
C HIS Q 534 -22.63 85.05 25.52
N PRO Q 535 -21.93 85.71 24.58
CA PRO Q 535 -22.42 86.99 24.06
C PRO Q 535 -23.65 86.87 23.19
N PHE Q 536 -23.90 85.71 22.60
CA PHE Q 536 -25.09 85.49 21.78
C PHE Q 536 -26.26 84.89 22.55
N PHE Q 537 -25.99 84.06 23.55
CA PHE Q 537 -27.00 83.27 24.21
C PHE Q 537 -27.01 83.59 25.69
N ASP Q 538 -28.19 83.51 26.31
CA ASP Q 538 -28.34 83.76 27.73
C ASP Q 538 -28.60 82.44 28.45
N PHE Q 539 -28.24 82.42 29.73
CA PHE Q 539 -28.27 81.18 30.50
C PHE Q 539 -28.95 81.40 31.83
N THR Q 540 -29.89 80.50 32.15
CA THR Q 540 -30.64 80.54 33.40
C THR Q 540 -30.72 79.14 33.96
N HIS Q 541 -30.88 79.05 35.28
CA HIS Q 541 -31.00 77.78 35.99
C HIS Q 541 -32.47 77.49 36.22
N CYS Q 542 -33.11 76.82 35.25
CA CYS Q 542 -34.52 76.52 35.36
C CYS Q 542 -34.75 75.27 36.21
N VAL Q 549 -31.17 71.84 35.96
CA VAL Q 549 -31.43 71.75 34.53
C VAL Q 549 -31.01 73.06 33.86
N ALA Q 550 -30.15 72.94 32.85
CA ALA Q 550 -29.64 74.08 32.12
C ALA Q 550 -30.71 74.62 31.17
N LEU Q 551 -30.49 75.84 30.69
CA LEU Q 551 -31.41 76.45 29.74
C LEU Q 551 -30.64 77.42 28.87
N CYS Q 552 -30.87 77.37 27.57
CA CYS Q 552 -30.22 78.27 26.63
C CYS Q 552 -31.27 79.10 25.90
N THR Q 553 -31.21 80.41 26.12
CA THR Q 553 -32.13 81.32 25.44
C THR Q 553 -31.31 82.31 24.63
N PRO Q 554 -31.44 82.30 23.31
CA PRO Q 554 -30.71 83.27 22.49
C PRO Q 554 -31.25 84.68 22.62
N ARG Q 555 -30.33 85.61 22.84
CA ARG Q 555 -30.64 87.03 22.75
C ARG Q 555 -30.67 87.39 21.28
N ILE Q 556 -31.88 87.57 20.75
CA ILE Q 556 -32.04 87.71 19.30
C ILE Q 556 -31.54 89.07 18.83
N VAL Q 557 -32.07 90.13 19.42
CA VAL Q 557 -31.60 91.46 19.06
C VAL Q 557 -30.49 91.89 19.99
N ILE Q 558 -29.82 92.99 19.63
CA ILE Q 558 -28.68 93.49 20.40
C ILE Q 558 -29.14 94.08 21.73
N GLY Q 559 -30.40 94.45 21.86
CA GLY Q 559 -30.89 95.12 23.05
C GLY Q 559 -30.94 94.27 24.29
N ASN Q 560 -30.97 92.93 24.14
CA ASN Q 560 -31.03 92.09 25.33
C ASN Q 560 -29.71 92.01 26.09
N LEU Q 561 -28.64 92.56 25.54
CA LEU Q 561 -27.42 92.74 26.32
C LEU Q 561 -27.68 93.79 27.38
N PRO Q 562 -27.29 93.58 28.63
CA PRO Q 562 -27.71 94.46 29.71
C PRO Q 562 -26.82 95.68 29.82
N ASP Q 563 -27.13 96.51 30.81
CA ASP Q 563 -26.17 97.52 31.25
C ASP Q 563 -25.00 96.84 31.93
N GLY Q 564 -23.82 97.45 31.81
CA GLY Q 564 -22.58 96.79 32.15
C GLY Q 564 -22.00 95.94 31.05
N LEU Q 565 -22.73 95.74 29.96
CA LEU Q 565 -22.24 95.08 28.77
C LEU Q 565 -22.44 96.02 27.59
N ALA Q 566 -23.55 96.75 27.61
CA ALA Q 566 -23.90 97.73 26.58
C ALA Q 566 -24.81 98.79 27.18
N PRO Q 567 -24.30 99.94 27.56
CA PRO Q 567 -25.14 100.96 28.20
C PRO Q 567 -26.00 101.71 27.21
N GLY Q 568 -26.93 102.47 27.77
CA GLY Q 568 -27.83 103.34 27.04
C GLY Q 568 -27.16 104.42 26.18
N PRO Q 569 -26.25 105.21 26.76
CA PRO Q 569 -25.48 106.16 25.93
C PRO Q 569 -24.62 105.51 24.87
N PHE Q 570 -24.19 104.25 25.06
CA PHE Q 570 -23.48 103.54 23.99
C PHE Q 570 -24.39 103.28 22.79
N HIS Q 571 -25.63 102.85 23.05
CA HIS Q 571 -26.60 102.70 21.98
C HIS Q 571 -26.99 104.05 21.39
N GLU Q 572 -26.95 105.11 22.21
CA GLU Q 572 -27.25 106.44 21.72
C GLU Q 572 -26.17 106.93 20.75
N LEU Q 573 -24.91 106.64 21.08
CA LEU Q 573 -23.83 106.93 20.15
C LEU Q 573 -23.87 106.04 18.92
N ARG Q 574 -24.39 104.81 19.08
CA ARG Q 574 -24.64 103.96 17.92
C ARG Q 574 -25.67 104.58 16.98
N THR Q 575 -26.70 105.20 17.55
CA THR Q 575 -27.67 105.89 16.71
C THR Q 575 -27.09 107.16 16.10
N TRP Q 576 -26.16 107.81 16.81
CA TRP Q 576 -25.47 108.97 16.24
C TRP Q 576 -24.64 108.57 15.03
N GLU Q 577 -23.93 107.44 15.12
CA GLU Q 577 -23.05 107.06 14.02
C GLU Q 577 -23.85 106.45 12.86
N ILE Q 578 -25.00 105.84 13.14
CA ILE Q 578 -25.83 105.44 12.00
C ILE Q 578 -26.68 106.58 11.47
N MET Q 579 -26.84 107.66 12.25
CA MET Q 579 -27.37 108.90 11.71
C MET Q 579 -26.41 109.51 10.71
N GLU Q 580 -25.11 109.52 11.05
CA GLU Q 580 -24.11 110.02 10.12
C GLU Q 580 -23.94 109.08 8.93
N HIS Q 581 -24.09 107.77 9.17
CA HIS Q 581 -23.71 106.79 8.15
C HIS Q 581 -24.84 106.44 7.19
N MET Q 582 -26.09 106.72 7.52
CA MET Q 582 -27.19 106.44 6.61
C MET Q 582 -27.75 107.69 5.95
N ARG Q 583 -27.12 108.84 6.17
CA ARG Q 583 -27.44 110.13 5.52
C ARG Q 583 -28.88 110.54 5.77
N LEU Q 584 -29.37 110.28 6.98
CA LEU Q 584 -30.74 110.58 7.34
C LEU Q 584 -30.81 111.93 8.04
N ARG Q 585 -31.85 112.71 7.71
CA ARG Q 585 -32.05 114.04 8.26
C ARG Q 585 -33.50 114.19 8.69
N PRO Q 586 -33.75 114.84 9.83
CA PRO Q 586 -35.13 114.97 10.36
C PRO Q 586 -35.98 115.85 9.47
N PRO Q 587 -37.30 115.65 9.46
CA PRO Q 587 -38.16 116.40 8.52
C PRO Q 587 -38.32 117.84 8.99
N PRO Q 588 -38.63 118.77 8.07
CA PRO Q 588 -38.80 120.17 8.49
C PRO Q 588 -40.03 120.37 9.35
N ASP Q 589 -39.89 121.26 10.35
CA ASP Q 589 -40.95 121.68 11.28
C ASP Q 589 -41.49 120.48 12.06
N TYR Q 590 -40.58 119.74 12.67
CA TYR Q 590 -40.91 118.49 13.34
C TYR Q 590 -40.81 118.56 14.85
N GLU Q 591 -40.22 119.62 15.40
CA GLU Q 591 -40.07 119.70 16.85
C GLU Q 591 -41.38 120.05 17.53
N GLU Q 592 -42.21 120.87 16.86
CA GLU Q 592 -43.55 121.13 17.35
C GLU Q 592 -44.39 119.86 17.35
N THR Q 593 -44.17 118.99 16.35
CA THR Q 593 -44.94 117.75 16.24
C THR Q 593 -44.66 116.80 17.40
N LEU Q 594 -43.38 116.56 17.71
CA LEU Q 594 -43.03 115.72 18.85
C LEU Q 594 -43.38 116.38 20.17
N ARG Q 595 -43.34 117.72 20.22
CA ARG Q 595 -43.74 118.44 21.43
C ARG Q 595 -45.22 118.24 21.73
N LEU Q 596 -46.08 118.43 20.72
CA LEU Q 596 -47.51 118.18 20.90
C LEU Q 596 -47.79 116.72 21.17
N PHE Q 597 -47.04 115.80 20.55
CA PHE Q 597 -47.27 114.37 20.78
C PHE Q 597 -46.93 113.98 22.21
N LYS Q 598 -45.81 114.49 22.73
CA LYS Q 598 -45.44 114.19 24.11
C LYS Q 598 -46.42 114.80 25.10
N THR Q 599 -46.87 116.03 24.83
CA THR Q 599 -47.79 116.68 25.77
C THR Q 599 -49.19 116.06 25.70
N THR Q 600 -49.53 115.39 24.60
CA THR Q 600 -50.83 114.74 24.57
C THR Q 600 -50.77 113.28 25.02
N VAL Q 601 -49.60 112.63 25.02
CA VAL Q 601 -49.56 111.28 25.56
C VAL Q 601 -49.26 111.29 27.05
N THR Q 602 -48.62 112.35 27.54
CA THR Q 602 -48.39 112.45 28.98
C THR Q 602 -49.47 113.26 29.67
N SER Q 603 -50.55 113.58 28.99
CA SER Q 603 -51.59 114.44 29.54
C SER Q 603 -52.45 113.69 30.54
N PRO Q 604 -52.70 114.24 31.73
CA PRO Q 604 -53.69 113.63 32.62
C PRO Q 604 -55.12 113.84 32.15
N ASN Q 605 -55.42 114.95 31.48
CA ASN Q 605 -56.77 115.24 31.01
C ASN Q 605 -57.00 114.77 29.57
N TYR Q 606 -56.71 113.50 29.30
CA TYR Q 606 -57.09 112.93 28.02
C TYR Q 606 -58.56 112.60 28.03
N PRO Q 607 -59.30 112.88 26.95
CA PRO Q 607 -60.71 112.48 26.90
C PRO Q 607 -60.88 110.98 26.88
N GLU Q 608 -61.80 110.49 27.70
CA GLU Q 608 -61.99 109.05 27.89
C GLU Q 608 -62.97 108.45 26.90
N LEU Q 609 -63.32 109.16 25.83
CA LEU Q 609 -64.14 108.57 24.78
C LEU Q 609 -63.31 107.71 23.85
N CYS Q 610 -62.01 107.99 23.77
CA CYS Q 610 -61.19 107.50 22.66
C CYS Q 610 -61.02 105.99 22.67
N TYR Q 611 -61.06 105.37 23.86
CA TYR Q 611 -60.94 103.92 23.93
C TYR Q 611 -62.17 103.22 23.35
N LEU Q 612 -63.37 103.74 23.64
CA LEU Q 612 -64.59 103.11 23.14
C LEU Q 612 -64.70 103.24 21.63
N VAL Q 613 -64.40 104.43 21.09
CA VAL Q 613 -64.49 104.59 19.64
C VAL Q 613 -63.34 103.87 18.93
N ASP Q 614 -62.19 103.71 19.60
CA ASP Q 614 -61.09 102.96 18.99
C ASP Q 614 -61.42 101.46 18.90
N VAL Q 615 -62.02 100.90 19.95
CA VAL Q 615 -62.45 99.51 19.84
C VAL Q 615 -63.76 99.37 19.08
N LEU Q 616 -64.44 100.49 18.82
CA LEU Q 616 -65.67 100.48 18.04
C LEU Q 616 -65.41 100.49 16.54
N VAL Q 617 -64.35 101.19 16.11
CA VAL Q 617 -64.00 101.15 14.70
C VAL Q 617 -63.22 99.87 14.39
N HIS Q 618 -62.46 99.36 15.37
CA HIS Q 618 -61.70 98.10 15.31
C HIS Q 618 -60.74 98.06 14.12
N GLY Q 619 -60.16 99.22 13.78
CA GLY Q 619 -59.25 99.29 12.66
C GLY Q 619 -59.88 99.10 11.29
N ASN Q 620 -61.20 99.23 11.17
CA ASN Q 620 -61.85 99.12 9.88
C ASN Q 620 -61.86 100.47 9.18
N VAL Q 621 -61.84 100.43 7.85
CA VAL Q 621 -61.73 101.63 7.04
C VAL Q 621 -63.10 102.20 6.67
N ASP Q 622 -64.07 101.35 6.37
CA ASP Q 622 -65.40 101.84 6.00
C ASP Q 622 -66.20 102.27 7.22
N ALA Q 623 -65.83 101.81 8.41
CA ALA Q 623 -66.46 102.32 9.62
C ALA Q 623 -66.06 103.75 9.89
N PHE Q 624 -64.85 104.14 9.47
CA PHE Q 624 -64.36 105.49 9.70
C PHE Q 624 -65.00 106.53 8.80
N LEU Q 625 -65.50 106.13 7.63
CA LEU Q 625 -66.11 107.06 6.68
C LEU Q 625 -67.39 107.69 7.22
N LEU Q 626 -68.05 107.04 8.17
CA LEU Q 626 -69.20 107.66 8.82
C LEU Q 626 -68.76 108.56 9.97
N ILE Q 627 -67.56 108.34 10.50
CA ILE Q 627 -67.00 109.15 11.57
C ILE Q 627 -66.16 110.26 10.92
N ARG Q 628 -66.25 110.38 9.59
CA ARG Q 628 -65.51 111.41 8.87
C ARG Q 628 -66.00 112.82 9.20
N THR Q 629 -67.23 112.96 9.69
CA THR Q 629 -67.76 114.25 10.12
C THR Q 629 -67.89 114.36 11.63
N PHE Q 630 -67.79 113.24 12.37
CA PHE Q 630 -67.77 113.27 13.82
C PHE Q 630 -66.41 113.69 14.36
N VAL Q 631 -65.33 113.26 13.70
CA VAL Q 631 -64.00 113.59 14.18
C VAL Q 631 -63.64 115.03 13.82
N ALA Q 632 -64.26 115.58 12.76
CA ALA Q 632 -63.87 116.87 12.21
C ALA Q 632 -64.25 118.04 13.11
N ARG Q 633 -65.18 117.83 14.04
CA ARG Q 633 -65.46 118.86 15.03
C ARG Q 633 -64.76 118.60 16.35
N CYS Q 634 -64.57 117.32 16.70
CA CYS Q 634 -64.01 117.01 18.00
C CYS Q 634 -62.52 117.31 18.05
N ILE Q 635 -61.84 117.14 16.91
CA ILE Q 635 -60.42 117.48 16.82
C ILE Q 635 -60.22 118.98 17.05
N VAL Q 636 -61.04 119.81 16.40
CA VAL Q 636 -60.88 121.25 16.54
C VAL Q 636 -61.37 121.72 17.92
N ASN Q 637 -62.34 121.02 18.51
CA ASN Q 637 -62.83 121.40 19.83
C ASN Q 637 -61.81 121.05 20.91
N MET Q 638 -61.14 119.91 20.76
CA MET Q 638 -60.06 119.57 21.68
C MET Q 638 -58.78 120.32 21.37
N PHE Q 639 -58.69 120.97 20.21
CA PHE Q 639 -57.63 121.93 19.96
C PHE Q 639 -57.95 123.32 20.53
N HIS Q 640 -59.23 123.64 20.71
CA HIS Q 640 -59.57 124.93 21.29
C HIS Q 640 -59.28 124.98 22.78
N THR Q 641 -59.97 124.14 23.57
CA THR Q 641 -59.90 124.25 25.01
C THR Q 641 -58.64 123.63 25.60
N ARG Q 642 -57.98 122.74 24.87
CA ARG Q 642 -56.76 122.09 25.30
C ARG Q 642 -55.76 122.10 24.15
N GLN Q 643 -54.52 121.73 24.46
CA GLN Q 643 -53.50 121.53 23.45
C GLN Q 643 -53.18 120.05 23.23
N LEU Q 644 -54.19 119.19 23.35
CA LEU Q 644 -54.01 117.76 23.22
C LEU Q 644 -54.23 117.32 21.77
N LEU Q 645 -54.36 116.01 21.58
CA LEU Q 645 -54.61 115.46 20.25
C LEU Q 645 -55.38 114.14 20.41
N VAL Q 646 -56.66 114.16 20.01
CA VAL Q 646 -57.45 112.95 19.93
C VAL Q 646 -56.89 112.05 18.83
N PHE Q 647 -56.99 110.73 19.06
CA PHE Q 647 -56.58 109.67 18.12
C PHE Q 647 -55.07 109.71 17.86
N ALA Q 648 -54.32 110.14 18.87
CA ALA Q 648 -52.87 110.17 18.82
C ALA Q 648 -52.30 109.01 19.63
N HIS Q 649 -53.03 107.90 19.68
CA HIS Q 649 -52.63 106.75 20.46
C HIS Q 649 -52.89 105.41 19.78
N SER Q 650 -53.35 105.40 18.53
CA SER Q 650 -53.54 104.16 17.78
C SER Q 650 -53.22 104.43 16.32
N TYR Q 651 -52.33 103.61 15.76
CA TYR Q 651 -51.77 103.84 14.43
C TYR Q 651 -52.84 103.79 13.35
N ALA Q 652 -53.77 102.84 13.47
CA ALA Q 652 -54.79 102.60 12.44
C ALA Q 652 -55.76 103.75 12.28
N LEU Q 653 -55.85 104.66 13.25
CA LEU Q 653 -56.61 105.87 13.06
C LEU Q 653 -55.76 107.09 12.74
N VAL Q 654 -54.47 107.07 13.08
CA VAL Q 654 -53.55 108.10 12.58
C VAL Q 654 -53.47 108.06 11.06
N THR Q 655 -53.38 106.85 10.48
CA THR Q 655 -53.38 106.75 9.02
C THR Q 655 -54.71 107.13 8.41
N LEU Q 656 -55.82 106.82 9.07
CA LEU Q 656 -57.13 107.16 8.51
C LEU Q 656 -57.41 108.65 8.62
N ILE Q 657 -56.90 109.30 9.66
CA ILE Q 657 -56.99 110.75 9.77
C ILE Q 657 -56.13 111.42 8.70
N ALA Q 658 -54.90 110.90 8.50
CA ALA Q 658 -54.03 111.51 7.50
C ALA Q 658 -54.47 111.21 6.07
N GLU Q 659 -55.22 110.13 5.84
CA GLU Q 659 -55.63 109.78 4.49
C GLU Q 659 -57.01 110.31 4.15
N HIS Q 660 -58.03 109.91 4.91
CA HIS Q 660 -59.42 110.15 4.55
C HIS Q 660 -59.93 111.51 5.01
N LEU Q 661 -59.05 112.42 5.41
CA LEU Q 661 -59.43 113.79 5.68
C LEU Q 661 -58.71 114.76 4.74
N ALA Q 662 -58.21 114.25 3.61
CA ALA Q 662 -57.56 115.08 2.61
C ALA Q 662 -58.54 115.90 1.78
N ASP Q 663 -59.84 115.60 1.88
CA ASP Q 663 -60.86 116.38 1.19
C ASP Q 663 -60.95 117.80 1.76
N GLY Q 664 -60.73 117.93 3.06
CA GLY Q 664 -60.84 119.21 3.71
C GLY Q 664 -61.60 119.08 5.01
N ALA Q 665 -62.60 119.96 5.17
CA ALA Q 665 -63.53 120.00 6.30
C ALA Q 665 -62.80 120.14 7.64
N LEU Q 666 -61.65 120.83 7.62
CA LEU Q 666 -60.74 120.86 8.73
C LEU Q 666 -59.77 121.99 8.43
N PRO Q 667 -59.21 122.66 9.45
CA PRO Q 667 -58.07 123.53 9.21
C PRO Q 667 -56.87 122.70 8.76
N PRO Q 668 -55.98 123.28 7.93
CA PRO Q 668 -54.87 122.48 7.41
C PRO Q 668 -53.77 122.20 8.42
N GLN Q 669 -53.82 122.82 9.61
CA GLN Q 669 -52.74 122.67 10.58
C GLN Q 669 -52.73 121.29 11.20
N LEU Q 670 -53.90 120.72 11.50
CA LEU Q 670 -53.94 119.40 12.11
C LEU Q 670 -53.62 118.32 11.09
N LEU Q 671 -54.01 118.55 9.82
CA LEU Q 671 -53.58 117.66 8.75
C LEU Q 671 -52.08 117.74 8.54
N PHE Q 672 -51.50 118.94 8.70
CA PHE Q 672 -50.05 119.09 8.66
C PHE Q 672 -49.38 118.32 9.79
N HIS Q 673 -49.98 118.37 10.98
CA HIS Q 673 -49.44 117.64 12.12
C HIS Q 673 -49.48 116.13 11.90
N TYR Q 674 -50.59 115.61 11.41
CA TYR Q 674 -50.70 114.16 11.22
C TYR Q 674 -49.84 113.69 10.05
N ARG Q 675 -49.72 114.50 9.00
CA ARG Q 675 -48.81 114.19 7.91
C ARG Q 675 -47.35 114.20 8.37
N ASN Q 676 -46.99 115.13 9.27
CA ASN Q 676 -45.63 115.12 9.81
C ASN Q 676 -45.40 113.93 10.73
N LEU Q 677 -46.41 113.48 11.48
CA LEU Q 677 -46.21 112.30 12.33
C LEU Q 677 -46.04 111.04 11.50
N VAL Q 678 -46.81 110.89 10.42
CA VAL Q 678 -46.60 109.70 9.60
C VAL Q 678 -45.34 109.84 8.76
N ALA Q 679 -44.87 111.07 8.54
CA ALA Q 679 -43.56 111.26 7.91
C ALA Q 679 -42.41 110.89 8.85
N VAL Q 680 -42.56 111.17 10.15
CA VAL Q 680 -41.61 110.68 11.15
C VAL Q 680 -41.61 109.16 11.19
N LEU Q 681 -42.80 108.55 11.04
CA LEU Q 681 -42.87 107.08 10.95
C LEU Q 681 -42.14 106.54 9.73
N ARG Q 682 -42.38 107.16 8.56
CA ARG Q 682 -41.69 106.73 7.35
C ARG Q 682 -40.24 107.17 7.30
N LEU Q 683 -39.79 107.99 8.25
CA LEU Q 683 -38.38 108.30 8.41
C LEU Q 683 -37.69 107.31 9.34
N VAL Q 684 -38.36 106.93 10.43
CA VAL Q 684 -37.75 106.02 11.38
C VAL Q 684 -37.79 104.59 10.85
N THR Q 685 -38.60 104.32 9.81
CA THR Q 685 -38.47 103.02 9.18
C THR Q 685 -37.23 102.90 8.30
N ARG Q 686 -36.48 103.99 8.09
CA ARG Q 686 -35.24 103.98 7.32
C ARG Q 686 -34.02 103.64 8.16
N ILE Q 687 -34.21 103.05 9.34
CA ILE Q 687 -33.06 102.68 10.17
C ILE Q 687 -32.34 101.48 9.57
N SER Q 688 -33.10 100.47 9.15
CA SER Q 688 -32.53 99.27 8.53
C SER Q 688 -31.89 99.56 7.18
N GLN Q 697 -33.18 89.55 -1.88
CA GLN Q 697 -33.88 88.31 -1.56
C GLN Q 697 -32.90 87.21 -1.17
N LEU Q 698 -32.67 87.09 0.14
CA LEU Q 698 -31.72 86.09 0.66
C LEU Q 698 -32.34 84.70 0.60
N ALA Q 699 -33.40 84.47 1.37
CA ALA Q 699 -34.13 83.21 1.39
C ALA Q 699 -35.60 83.59 1.31
N GLU Q 700 -36.12 83.64 0.07
CA GLU Q 700 -37.45 84.07 -0.36
C GLU Q 700 -37.96 85.32 0.36
N GLU Q 701 -37.06 86.24 0.70
CA GLU Q 701 -37.35 87.41 1.52
C GLU Q 701 -36.18 88.38 1.44
N PRO Q 702 -36.43 89.69 1.30
CA PRO Q 702 -35.34 90.65 1.09
C PRO Q 702 -34.42 90.79 2.30
N LEU Q 703 -33.28 91.44 2.05
CA LEU Q 703 -32.22 91.52 3.05
C LEU Q 703 -32.53 92.47 4.19
N SER Q 704 -33.52 93.34 4.03
CA SER Q 704 -33.76 94.39 5.03
C SER Q 704 -34.40 93.86 6.30
N ALA Q 705 -35.20 92.81 6.21
CA ALA Q 705 -35.85 92.22 7.38
C ALA Q 705 -34.93 91.27 8.14
N TYR Q 706 -33.72 91.05 7.65
CA TYR Q 706 -32.78 90.13 8.26
C TYR Q 706 -31.75 90.82 9.13
N VAL Q 707 -31.34 92.02 8.76
CA VAL Q 707 -30.33 92.74 9.54
C VAL Q 707 -30.98 93.56 10.64
N ASN Q 708 -32.31 93.64 10.63
CA ASN Q 708 -33.06 94.37 11.63
C ASN Q 708 -34.41 93.70 11.81
N ALA Q 709 -34.91 93.73 13.05
CA ALA Q 709 -36.25 93.22 13.32
C ALA Q 709 -37.34 94.26 13.06
N LEU Q 710 -37.00 95.39 12.44
CA LEU Q 710 -38.00 96.42 12.18
C LEU Q 710 -38.85 96.05 10.97
N HIS Q 711 -38.23 95.51 9.93
CA HIS Q 711 -38.98 94.99 8.79
C HIS Q 711 -39.43 93.55 8.99
N ASP Q 712 -38.99 92.89 10.06
CA ASP Q 712 -39.22 91.46 10.21
C ASP Q 712 -40.67 91.16 10.59
N HIS Q 713 -41.28 90.24 9.85
CA HIS Q 713 -42.68 89.90 10.03
C HIS Q 713 -42.94 88.99 11.22
N ARG Q 714 -41.93 88.28 11.71
CA ARG Q 714 -42.10 87.40 12.85
C ARG Q 714 -42.17 88.14 14.18
N LEU Q 715 -41.94 89.45 14.18
CA LEU Q 715 -42.16 90.25 15.38
C LEU Q 715 -43.49 90.97 15.23
N TRP Q 716 -44.24 91.07 16.34
CA TRP Q 716 -45.58 91.60 16.28
C TRP Q 716 -45.73 92.79 17.22
N PRO Q 717 -46.45 93.84 16.80
CA PRO Q 717 -46.74 94.94 17.72
C PRO Q 717 -47.72 94.50 18.77
N PRO Q 718 -47.75 95.16 19.93
CA PRO Q 718 -48.62 94.73 21.03
C PRO Q 718 -50.12 94.90 20.78
N PHE Q 719 -50.52 95.75 19.83
CA PHE Q 719 -51.93 96.01 19.56
C PHE Q 719 -52.16 95.83 18.05
N VAL Q 720 -52.54 94.63 17.64
CA VAL Q 720 -52.81 94.39 16.23
C VAL Q 720 -54.30 94.61 15.97
N THR Q 721 -54.61 94.95 14.72
CA THR Q 721 -55.97 95.03 14.23
C THR Q 721 -56.28 94.02 13.13
N HIS Q 722 -55.35 93.79 12.20
CA HIS Q 722 -55.56 92.85 11.11
C HIS Q 722 -54.40 91.86 11.07
N LEU Q 723 -54.72 90.63 10.73
CA LEU Q 723 -53.71 89.61 10.51
C LEU Q 723 -52.90 89.95 9.26
N PRO Q 724 -51.57 89.87 9.33
CA PRO Q 724 -50.76 90.20 8.15
C PRO Q 724 -50.85 89.12 7.08
N ARG Q 725 -50.57 89.53 5.85
CA ARG Q 725 -50.69 88.64 4.70
C ARG Q 725 -49.56 87.63 4.64
N ASN Q 726 -48.46 87.87 5.37
CA ASN Q 726 -47.24 87.10 5.17
C ASN Q 726 -46.76 86.41 6.45
N MET Q 727 -47.64 85.68 7.13
CA MET Q 727 -47.24 84.93 8.33
C MET Q 727 -47.03 83.46 7.97
N GLU Q 728 -45.97 83.20 7.21
CA GLU Q 728 -45.65 81.83 6.81
C GLU Q 728 -44.94 81.09 7.93
N GLY Q 729 -44.27 81.81 8.82
CA GLY Q 729 -43.47 81.18 9.85
C GLY Q 729 -44.17 80.94 11.17
N VAL Q 730 -44.87 81.94 11.69
CA VAL Q 730 -45.38 81.91 13.06
C VAL Q 730 -46.56 80.98 13.16
N GLN Q 731 -46.87 80.59 14.39
CA GLN Q 731 -48.02 79.74 14.71
C GLN Q 731 -48.83 80.45 15.78
N VAL Q 732 -49.73 81.34 15.36
CA VAL Q 732 -50.53 82.11 16.30
C VAL Q 732 -51.61 81.22 16.92
N VAL Q 733 -51.65 81.19 18.25
CA VAL Q 733 -52.65 80.41 18.96
C VAL Q 733 -53.36 81.31 19.97
N ALA Q 734 -54.56 80.89 20.35
CA ALA Q 734 -55.26 81.45 21.49
C ALA Q 734 -55.46 80.42 22.60
N ASP Q 735 -55.16 79.17 22.31
CA ASP Q 735 -55.30 78.04 23.22
C ASP Q 735 -54.20 77.05 22.85
N ARG Q 736 -54.36 75.79 23.26
CA ARG Q 736 -53.40 74.76 22.90
C ARG Q 736 -53.41 74.42 21.41
N GLN Q 737 -54.49 74.74 20.70
CA GLN Q 737 -54.53 74.60 19.24
C GLN Q 737 -54.52 75.97 18.56
N PRO Q 738 -54.00 76.07 17.32
CA PRO Q 738 -54.17 77.25 16.50
C PRO Q 738 -55.62 77.44 16.04
N GLU Q 764 -62.00 80.08 21.44
CA GLU Q 764 -61.55 79.32 20.28
C GLU Q 764 -61.97 79.88 18.88
N PRO Q 765 -63.26 80.31 18.65
CA PRO Q 765 -63.56 80.89 17.34
C PRO Q 765 -62.94 82.27 17.15
N LEU Q 766 -61.86 82.30 16.38
CA LEU Q 766 -61.22 83.55 15.99
C LEU Q 766 -61.92 84.11 14.76
N PHE Q 767 -61.98 85.43 14.67
CA PHE Q 767 -62.62 86.10 13.55
C PHE Q 767 -61.76 87.29 13.14
N VAL Q 768 -61.36 87.30 11.87
CA VAL Q 768 -60.46 88.32 11.34
C VAL Q 768 -61.18 89.03 10.20
N ASP Q 769 -61.01 90.35 10.13
CA ASP Q 769 -61.51 91.09 8.98
C ASP Q 769 -60.75 90.69 7.72
N ASP Q 770 -61.42 90.80 6.57
CA ASP Q 770 -60.80 90.38 5.32
C ASP Q 770 -59.75 91.38 4.84
N TYR Q 771 -59.79 92.61 5.32
CA TYR Q 771 -58.75 93.60 5.00
C TYR Q 771 -57.50 93.23 5.78
N ARG Q 772 -56.56 92.56 5.12
CA ARG Q 772 -55.35 92.07 5.76
C ARG Q 772 -54.20 93.01 5.47
N ALA Q 773 -53.37 93.24 6.48
CA ALA Q 773 -52.33 94.25 6.39
C ALA Q 773 -51.15 93.78 5.56
N THR Q 774 -50.69 94.63 4.65
CA THR Q 774 -49.49 94.35 3.88
C THR Q 774 -48.25 94.65 4.72
N ASP Q 775 -47.08 94.35 4.17
CA ASP Q 775 -45.85 94.47 4.94
C ASP Q 775 -45.45 95.92 5.18
N ASP Q 776 -45.68 96.80 4.20
CA ASP Q 776 -45.42 98.22 4.41
C ASP Q 776 -46.41 98.83 5.40
N GLU Q 777 -47.58 98.23 5.53
CA GLU Q 777 -48.52 98.53 6.61
C GLU Q 777 -48.13 97.83 7.90
N TRP Q 778 -47.47 96.68 7.82
CA TRP Q 778 -47.02 95.93 8.98
C TRP Q 778 -45.82 96.58 9.66
N THR Q 779 -44.92 97.19 8.88
CA THR Q 779 -43.69 97.77 9.42
C THR Q 779 -43.96 99.01 10.27
N LEU Q 780 -44.79 99.93 9.76
CA LEU Q 780 -44.95 101.21 10.44
C LEU Q 780 -45.76 101.07 11.73
N GLN Q 781 -46.70 100.13 11.79
CA GLN Q 781 -47.40 99.90 13.05
C GLN Q 781 -46.49 99.24 14.07
N LYS Q 782 -45.55 98.41 13.60
CA LYS Q 782 -44.54 97.83 14.48
C LYS Q 782 -43.66 98.90 15.10
N VAL Q 783 -43.09 99.77 14.26
CA VAL Q 783 -42.23 100.82 14.78
C VAL Q 783 -43.02 101.85 15.57
N PHE Q 784 -44.31 102.03 15.26
CA PHE Q 784 -45.19 102.89 16.04
C PHE Q 784 -45.35 102.39 17.46
N TYR Q 785 -45.96 101.20 17.61
CA TYR Q 785 -46.23 100.65 18.92
C TYR Q 785 -44.99 100.18 19.66
N LEU Q 786 -43.83 100.11 19.00
CA LEU Q 786 -42.62 99.72 19.72
C LEU Q 786 -41.67 100.89 19.96
N CYS Q 787 -41.90 102.03 19.33
CA CYS Q 787 -40.95 103.12 19.47
C CYS Q 787 -41.57 104.44 19.87
N LEU Q 788 -42.72 104.81 19.31
CA LEU Q 788 -43.24 106.14 19.62
C LEU Q 788 -44.02 106.13 20.92
N MET Q 789 -44.47 104.95 21.35
CA MET Q 789 -45.08 104.85 22.68
C MET Q 789 -44.06 104.80 23.82
N PRO Q 790 -43.07 103.89 23.86
CA PRO Q 790 -42.23 103.85 25.06
C PRO Q 790 -41.21 104.97 25.17
N ALA Q 791 -40.74 105.54 24.06
CA ALA Q 791 -39.75 106.59 24.13
C ALA Q 791 -40.35 107.96 24.40
N MET Q 792 -41.67 108.10 24.30
CA MET Q 792 -42.35 109.35 24.62
C MET Q 792 -43.17 109.27 25.90
N THR Q 793 -43.85 108.15 26.14
CA THR Q 793 -44.64 108.02 27.36
C THR Q 793 -43.77 107.69 28.57
N ASN Q 794 -42.52 107.30 28.32
CA ASN Q 794 -41.59 106.76 29.32
C ASN Q 794 -42.19 105.55 30.05
N ASN Q 795 -42.89 104.73 29.24
CA ASN Q 795 -43.53 103.48 29.66
C ASN Q 795 -44.49 103.68 30.83
N ARG Q 796 -45.35 104.68 30.73
CA ARG Q 796 -46.42 104.90 31.71
C ARG Q 796 -47.78 104.45 31.19
N ALA Q 797 -47.82 103.62 30.15
CA ALA Q 797 -49.08 103.20 29.55
C ALA Q 797 -49.44 101.78 29.99
N CYS Q 798 -50.63 101.35 29.57
CA CYS Q 798 -51.12 100.02 29.88
C CYS Q 798 -51.91 99.47 28.71
N GLY Q 799 -52.64 98.40 28.97
CA GLY Q 799 -53.53 97.79 28.00
C GLY Q 799 -54.89 97.56 28.61
N LEU Q 800 -55.94 97.69 27.79
CA LEU Q 800 -57.31 97.61 28.27
C LEU Q 800 -58.14 96.77 27.31
N GLY Q 801 -59.08 96.03 27.88
CA GLY Q 801 -60.09 95.34 27.11
C GLY Q 801 -61.45 95.57 27.73
N LEU Q 802 -62.43 95.79 26.86
CA LEU Q 802 -63.74 96.27 27.27
C LEU Q 802 -64.80 95.20 27.03
N ASN Q 803 -65.83 95.18 27.89
CA ASN Q 803 -66.94 94.25 27.78
C ASN Q 803 -68.01 94.89 26.91
N LEU Q 804 -67.85 94.69 25.59
CA LEU Q 804 -68.53 95.51 24.59
C LEU Q 804 -70.03 95.27 24.56
N LYS Q 805 -70.46 94.01 24.66
CA LYS Q 805 -71.87 93.65 24.54
C LYS Q 805 -72.71 94.21 25.69
N THR Q 806 -72.08 94.50 26.82
CA THR Q 806 -72.76 95.14 27.93
C THR Q 806 -72.77 96.66 27.84
N LEU Q 807 -71.59 97.28 27.64
CA LEU Q 807 -71.48 98.72 27.70
C LEU Q 807 -72.13 99.39 26.49
N LEU Q 808 -72.04 98.75 25.32
CA LEU Q 808 -72.53 99.40 24.11
C LEU Q 808 -74.06 99.40 24.07
N VAL Q 809 -74.69 98.42 24.73
CA VAL Q 809 -76.14 98.47 24.83
C VAL Q 809 -76.59 99.24 26.06
N ASP Q 810 -75.75 99.34 27.10
CA ASP Q 810 -76.03 100.26 28.20
C ASP Q 810 -75.94 101.72 27.77
N LEU Q 811 -75.21 102.00 26.70
CA LEU Q 811 -75.04 103.33 26.17
C LEU Q 811 -76.13 103.69 25.16
N PHE Q 812 -76.79 102.69 24.56
CA PHE Q 812 -77.80 102.94 23.54
C PHE Q 812 -79.12 102.19 23.78
N TYR Q 813 -79.53 102.00 25.04
CA TYR Q 813 -80.86 101.45 25.30
C TYR Q 813 -81.88 102.53 25.61
N ARG Q 814 -81.68 103.73 25.09
CA ARG Q 814 -82.53 104.84 25.47
C ARG Q 814 -83.73 104.94 24.52
N PRO Q 815 -84.86 105.49 24.99
CA PRO Q 815 -85.94 105.85 24.07
C PRO Q 815 -85.55 106.93 23.09
N ALA Q 816 -84.59 107.78 23.43
CA ALA Q 816 -83.99 108.72 22.49
C ALA Q 816 -82.95 108.07 21.58
N PHE Q 817 -82.69 106.77 21.75
CA PHE Q 817 -81.85 106.03 20.81
C PHE Q 817 -82.64 105.00 20.00
N LEU Q 818 -83.96 105.12 19.98
CA LEU Q 818 -84.80 104.37 19.05
C LEU Q 818 -85.71 105.31 18.26
N LEU Q 819 -86.21 106.36 18.90
CA LEU Q 819 -87.03 107.36 18.22
C LEU Q 819 -86.10 108.41 17.63
N MET Q 820 -85.77 108.27 16.35
CA MET Q 820 -84.81 109.13 15.66
C MET Q 820 -85.49 109.76 14.45
N PRO Q 821 -85.30 111.06 14.24
CA PRO Q 821 -85.81 111.68 13.01
C PRO Q 821 -85.03 111.23 11.79
N ALA Q 822 -85.76 110.83 10.76
CA ALA Q 822 -85.14 110.33 9.53
C ALA Q 822 -85.05 111.42 8.48
N SER Q 845 -84.24 123.87 24.26
CA SER Q 845 -84.45 122.53 24.81
C SER Q 845 -83.12 121.85 25.10
N ILE Q 846 -82.20 122.58 25.74
CA ILE Q 846 -80.91 122.01 26.09
C ILE Q 846 -80.97 121.14 27.33
N ALA Q 847 -82.05 121.23 28.10
CA ALA Q 847 -82.22 120.37 29.26
C ALA Q 847 -83.01 119.10 28.95
N ALA Q 848 -83.75 119.08 27.83
CA ALA Q 848 -84.50 117.91 27.43
C ALA Q 848 -83.65 116.91 26.67
N GLN Q 849 -82.43 117.28 26.29
CA GLN Q 849 -81.53 116.34 25.63
C GLN Q 849 -80.74 115.54 26.65
N ARG Q 850 -80.57 116.06 27.87
CA ARG Q 850 -79.73 115.39 28.85
C ARG Q 850 -80.42 114.21 29.51
N GLN Q 851 -81.68 114.37 29.91
CA GLN Q 851 -82.42 113.32 30.60
C GLN Q 851 -83.02 112.29 29.66
N ALA Q 852 -82.78 112.43 28.35
CA ALA Q 852 -83.31 111.52 27.34
C ALA Q 852 -82.30 110.51 26.86
N VAL Q 853 -81.03 110.92 26.71
CA VAL Q 853 -80.00 109.98 26.24
C VAL Q 853 -79.18 109.41 27.38
N GLY Q 854 -79.54 109.66 28.62
CA GLY Q 854 -78.79 109.06 29.70
C GLY Q 854 -77.73 109.99 30.26
N GLU Q 855 -76.95 109.47 31.21
CA GLU Q 855 -75.95 110.29 31.87
C GLU Q 855 -74.53 110.00 31.40
N MET Q 856 -74.32 108.95 30.61
CA MET Q 856 -72.97 108.63 30.18
C MET Q 856 -72.51 109.51 29.03
N LEU Q 857 -73.35 109.64 27.99
CA LEU Q 857 -73.00 110.49 26.85
C LEU Q 857 -72.97 111.96 27.22
N THR Q 858 -73.88 112.40 28.09
CA THR Q 858 -73.89 113.80 28.49
C THR Q 858 -72.75 114.14 29.44
N GLU Q 859 -72.19 113.12 30.10
CA GLU Q 859 -70.91 113.32 30.80
C GLU Q 859 -69.74 113.25 29.82
N LEU Q 860 -69.92 112.54 28.71
CA LEU Q 860 -68.78 112.15 27.88
C LEU Q 860 -68.54 113.14 26.74
N VAL Q 861 -69.57 113.44 25.95
CA VAL Q 861 -69.39 114.16 24.68
C VAL Q 861 -69.79 115.62 24.79
N GLU Q 862 -70.04 116.14 26.00
CA GLU Q 862 -70.66 117.46 26.14
C GLU Q 862 -69.68 118.58 25.79
N ASP Q 863 -68.39 118.39 26.05
CA ASP Q 863 -67.41 119.43 25.77
C ASP Q 863 -66.74 119.24 24.42
N VAL Q 864 -66.75 118.03 23.88
CA VAL Q 864 -65.88 117.68 22.77
C VAL Q 864 -66.61 117.57 21.43
N ALA Q 865 -67.85 117.04 21.39
CA ALA Q 865 -68.54 116.81 20.12
C ALA Q 865 -69.65 117.81 19.82
N THR Q 866 -69.79 118.87 20.61
CA THR Q 866 -70.89 119.82 20.47
C THR Q 866 -70.37 121.17 19.97
N ASP Q 867 -71.16 121.82 19.12
CA ASP Q 867 -70.82 123.15 18.61
C ASP Q 867 -72.06 124.01 18.45
N ALA Q 868 -71.91 125.19 17.86
CA ALA Q 868 -73.04 126.07 17.65
C ALA Q 868 -73.84 125.69 16.41
N HIS Q 869 -73.33 124.77 15.60
CA HIS Q 869 -74.05 124.30 14.42
C HIS Q 869 -74.84 123.03 14.68
N THR Q 870 -74.45 122.25 15.68
CA THR Q 870 -74.99 120.93 15.91
C THR Q 870 -75.28 120.74 17.39
N PRO Q 871 -76.45 120.23 17.76
CA PRO Q 871 -76.74 119.96 19.17
C PRO Q 871 -76.03 118.68 19.65
N LEU Q 872 -76.28 118.35 20.91
CA LEU Q 872 -75.74 117.12 21.47
C LEU Q 872 -76.41 115.88 20.87
N LEU Q 873 -77.70 116.01 20.53
CA LEU Q 873 -78.50 114.88 20.05
C LEU Q 873 -77.99 114.34 18.72
N GLN Q 874 -77.73 115.23 17.75
CA GLN Q 874 -77.22 114.80 16.46
C GLN Q 874 -75.81 114.22 16.56
N ALA Q 875 -75.02 114.70 17.53
CA ALA Q 875 -73.73 114.08 17.81
C ALA Q 875 -73.89 112.66 18.35
N CYS Q 876 -74.89 112.45 19.24
CA CYS Q 876 -75.19 111.09 19.67
C CYS Q 876 -75.68 110.20 18.54
N ARG Q 877 -76.49 110.74 17.61
CA ARG Q 877 -76.89 109.96 16.44
C ARG Q 877 -75.68 109.60 15.58
N GLU Q 878 -74.74 110.54 15.41
CA GLU Q 878 -73.57 110.30 14.57
C GLU Q 878 -72.66 109.25 15.17
N LEU Q 879 -72.46 109.29 16.49
CA LEU Q 879 -71.64 108.24 17.11
C LEU Q 879 -72.43 106.94 17.25
N PHE Q 880 -73.76 107.01 17.23
CA PHE Q 880 -74.56 105.80 17.31
C PHE Q 880 -74.61 105.07 15.97
N LEU Q 881 -74.41 105.79 14.86
CA LEU Q 881 -74.58 105.19 13.54
C LEU Q 881 -73.45 104.26 13.11
N ALA Q 882 -72.57 103.82 14.01
CA ALA Q 882 -71.39 103.04 13.63
C ALA Q 882 -71.32 101.72 14.39
N VAL Q 883 -72.46 101.20 14.82
CA VAL Q 883 -72.48 99.97 15.59
C VAL Q 883 -72.33 98.75 14.68
N GLN Q 884 -72.53 98.95 13.37
CA GLN Q 884 -72.51 97.85 12.41
C GLN Q 884 -71.14 97.21 12.22
N PHE Q 885 -70.05 97.89 12.60
CA PHE Q 885 -68.71 97.34 12.44
C PHE Q 885 -67.95 97.21 13.76
N VAL Q 886 -68.60 96.69 14.79
CA VAL Q 886 -67.97 96.53 16.09
C VAL Q 886 -67.15 95.24 16.14
N GLY Q 887 -66.18 95.19 17.05
CA GLY Q 887 -65.38 94.00 17.26
C GLY Q 887 -66.09 93.00 18.15
N GLU Q 888 -65.48 91.82 18.25
CA GLU Q 888 -66.14 90.69 18.95
C GLU Q 888 -65.97 90.80 20.46
N HIS Q 889 -64.73 90.66 20.93
CA HIS Q 889 -64.41 90.67 22.36
C HIS Q 889 -62.89 90.79 22.50
N VAL Q 890 -62.47 91.09 23.72
CA VAL Q 890 -61.03 91.21 24.03
C VAL Q 890 -60.40 89.82 23.96
N LYS Q 891 -59.29 89.73 23.21
CA LYS Q 891 -58.61 88.46 23.00
C LYS Q 891 -57.11 88.69 23.07
N VAL Q 892 -56.47 88.07 24.06
CA VAL Q 892 -55.02 88.05 24.17
C VAL Q 892 -54.53 86.73 23.57
N LEU Q 893 -53.45 86.78 22.80
CA LEU Q 893 -52.99 85.64 22.03
C LEU Q 893 -51.53 85.32 22.36
N GLU Q 894 -51.07 84.22 21.77
CA GLU Q 894 -49.71 83.72 21.94
C GLU Q 894 -49.15 83.40 20.56
N VAL Q 895 -48.25 84.24 20.06
CA VAL Q 895 -47.66 84.03 18.74
C VAL Q 895 -46.41 83.18 18.96
N ARG Q 896 -46.58 81.87 18.81
CA ARG Q 896 -45.47 80.93 18.88
C ARG Q 896 -44.69 81.02 17.58
N ALA Q 897 -43.41 81.36 17.66
CA ALA Q 897 -42.65 81.78 16.50
C ALA Q 897 -41.33 81.03 16.40
N PRO Q 898 -41.07 80.33 15.30
CA PRO Q 898 -39.71 79.94 14.96
C PRO Q 898 -38.97 81.11 14.32
N LEU Q 899 -37.73 80.85 13.93
CA LEU Q 899 -36.91 81.89 13.33
C LEU Q 899 -36.42 81.46 11.95
N ASP Q 900 -35.65 82.34 11.31
CA ASP Q 900 -35.07 82.05 10.02
C ASP Q 900 -33.98 80.99 10.16
N HIS Q 901 -33.73 80.27 9.06
CA HIS Q 901 -32.70 79.23 9.01
C HIS Q 901 -31.29 79.78 9.14
N ALA Q 902 -31.10 81.10 9.04
CA ALA Q 902 -29.79 81.71 9.25
C ALA Q 902 -29.51 82.02 10.71
N GLN Q 903 -30.50 82.00 11.58
CA GLN Q 903 -30.31 82.35 12.98
C GLN Q 903 -30.65 81.23 13.95
N ARG Q 904 -31.33 80.17 13.50
CA ARG Q 904 -31.65 79.05 14.36
C ARG Q 904 -30.53 78.02 14.45
N GLN Q 905 -29.30 78.42 14.14
CA GLN Q 905 -28.15 77.53 14.33
C GLN Q 905 -27.93 77.26 15.81
N GLY Q 906 -28.24 78.23 16.66
CA GLY Q 906 -28.15 78.06 18.10
C GLY Q 906 -29.48 77.60 18.67
N LEU Q 907 -29.50 76.33 19.09
CA LEU Q 907 -30.63 75.59 19.65
C LEU Q 907 -31.84 75.67 18.72
N PRO Q 908 -31.84 74.90 17.62
CA PRO Q 908 -32.93 75.02 16.63
C PRO Q 908 -34.28 74.53 17.12
N ASP Q 909 -34.34 73.74 18.19
CA ASP Q 909 -35.59 73.26 18.76
C ASP Q 909 -36.18 74.21 19.79
N PHE Q 910 -35.71 75.46 19.82
CA PHE Q 910 -36.30 76.49 20.66
C PHE Q 910 -37.29 77.30 19.84
N ILE Q 911 -38.45 77.59 20.42
CA ILE Q 911 -39.46 78.43 19.79
C ILE Q 911 -39.79 79.58 20.73
N SER Q 912 -39.88 80.78 20.18
CA SER Q 912 -40.28 81.94 20.95
C SER Q 912 -41.79 82.10 20.88
N ARG Q 913 -42.39 82.55 21.98
CA ARG Q 913 -43.82 82.78 22.06
C ARG Q 913 -44.07 84.21 22.49
N GLN Q 914 -44.62 85.01 21.59
CA GLN Q 914 -44.94 86.41 21.82
C GLN Q 914 -46.33 86.50 22.44
N HIS Q 915 -46.77 87.72 22.72
CA HIS Q 915 -48.08 87.95 23.32
C HIS Q 915 -48.65 89.27 22.81
N VAL Q 916 -49.86 89.21 22.24
CA VAL Q 916 -50.47 90.31 21.51
C VAL Q 916 -51.87 90.53 22.10
N LEU Q 917 -52.45 91.71 21.82
CA LEU Q 917 -53.85 92.00 22.06
C LEU Q 917 -54.55 92.20 20.72
N TYR Q 918 -55.65 91.47 20.50
CA TYR Q 918 -56.41 91.63 19.26
C TYR Q 918 -57.41 92.76 19.36
N ASN Q 919 -58.08 92.89 20.50
CA ASN Q 919 -59.04 93.96 20.75
C ASN Q 919 -58.48 94.84 21.87
N GLY Q 920 -58.82 96.12 21.81
CA GLY Q 920 -58.25 97.09 22.71
C GLY Q 920 -57.27 97.98 21.98
N CYS Q 921 -56.69 98.91 22.74
CA CYS Q 921 -55.75 99.86 22.18
C CYS Q 921 -54.73 100.25 23.24
N CYS Q 922 -53.78 101.07 22.83
CA CYS Q 922 -52.82 101.64 23.75
C CYS Q 922 -53.52 102.67 24.63
N VAL Q 923 -53.63 102.39 25.92
CA VAL Q 923 -54.35 103.24 26.85
C VAL Q 923 -53.35 103.91 27.78
N VAL Q 924 -53.60 105.19 28.07
CA VAL Q 924 -52.67 106.03 28.82
C VAL Q 924 -53.32 106.64 30.05
N THR Q 925 -54.55 107.12 29.92
CA THR Q 925 -55.24 107.73 31.04
C THR Q 925 -56.31 106.78 31.56
N ALA Q 926 -56.38 106.68 32.90
CA ALA Q 926 -57.37 105.85 33.57
C ALA Q 926 -58.76 106.44 33.34
N PRO Q 927 -59.67 105.72 32.67
CA PRO Q 927 -61.00 106.28 32.43
C PRO Q 927 -61.84 106.30 33.69
N LYS Q 928 -62.19 107.51 34.15
CA LYS Q 928 -62.90 107.66 35.41
C LYS Q 928 -64.35 107.20 35.30
N THR Q 929 -64.92 107.21 34.11
CA THR Q 929 -66.33 106.87 33.92
C THR Q 929 -66.52 105.40 33.52
N LEU Q 930 -65.47 104.76 32.99
CA LEU Q 930 -65.58 103.42 32.45
C LEU Q 930 -64.93 102.40 33.38
N ILE Q 931 -64.96 102.66 34.69
CA ILE Q 931 -64.27 101.80 35.65
C ILE Q 931 -64.90 100.43 35.81
N GLU Q 932 -66.23 100.31 35.62
CA GLU Q 932 -66.90 99.03 35.81
C GLU Q 932 -66.67 98.05 34.67
N TYR Q 933 -66.60 98.53 33.43
CA TYR Q 933 -66.36 97.67 32.28
C TYR Q 933 -64.86 97.46 32.01
N SER Q 934 -64.00 97.99 32.88
CA SER Q 934 -62.56 98.01 32.65
C SER Q 934 -61.96 96.68 33.05
N LEU Q 935 -61.37 95.98 32.07
CA LEU Q 935 -60.57 94.79 32.34
C LEU Q 935 -59.12 95.12 32.01
N PRO Q 936 -58.31 95.55 32.97
CA PRO Q 936 -56.93 95.90 32.67
C PRO Q 936 -56.07 94.68 32.40
N VAL Q 937 -55.34 94.73 31.30
CA VAL Q 937 -54.46 93.63 30.90
C VAL Q 937 -53.01 94.09 30.82
N PRO Q 938 -52.28 94.16 31.94
CA PRO Q 938 -50.85 94.45 31.87
C PRO Q 938 -50.07 93.26 31.34
N PHE Q 939 -50.09 93.08 30.03
CA PHE Q 939 -49.55 91.89 29.38
C PHE Q 939 -48.14 92.06 28.83
N HIS Q 940 -47.71 93.30 28.58
CA HIS Q 940 -46.40 93.56 28.01
C HIS Q 940 -45.63 94.51 28.92
N ARG Q 941 -44.30 94.40 28.86
CA ARG Q 941 -43.44 95.21 29.71
C ARG Q 941 -43.48 96.69 29.35
N PHE Q 942 -43.78 97.03 28.09
CA PHE Q 942 -44.00 98.42 27.73
C PHE Q 942 -45.31 98.95 28.28
N TYR Q 943 -46.29 98.07 28.54
CA TYR Q 943 -47.62 98.52 28.91
C TYR Q 943 -48.12 97.81 30.18
N SER Q 944 -47.29 97.78 31.22
CA SER Q 944 -47.69 97.22 32.50
C SER Q 944 -47.41 98.20 33.63
N ASN Q 945 -47.73 99.46 33.41
CA ASN Q 945 -47.46 100.52 34.38
C ASN Q 945 -48.42 100.43 35.56
N PRO Q 946 -47.97 100.02 36.74
CA PRO Q 946 -48.89 99.82 37.87
C PRO Q 946 -49.40 101.10 38.52
N THR Q 947 -48.88 102.26 38.14
CA THR Q 947 -49.37 103.53 38.67
C THR Q 947 -50.79 103.84 38.22
N ILE Q 948 -51.18 103.40 37.03
CA ILE Q 948 -52.55 103.56 36.56
C ILE Q 948 -53.29 102.23 36.47
N CYS Q 949 -52.57 101.10 36.44
CA CYS Q 949 -53.21 99.79 36.35
C CYS Q 949 -53.82 99.35 37.66
N ALA Q 950 -53.47 100.01 38.77
CA ALA Q 950 -54.07 99.68 40.06
C ALA Q 950 -55.46 100.28 40.20
N ALA Q 951 -55.71 101.44 39.60
CA ALA Q 951 -56.99 102.12 39.72
C ALA Q 951 -58.07 101.53 38.83
N LEU Q 952 -57.80 100.42 38.15
CA LEU Q 952 -58.76 99.78 37.27
C LEU Q 952 -59.27 98.45 37.80
N SER Q 953 -58.60 97.86 38.79
CA SER Q 953 -59.08 96.66 39.47
C SER Q 953 -58.53 96.66 40.89
N ASP Q 954 -59.39 96.31 41.85
CA ASP Q 954 -59.03 96.42 43.25
C ASP Q 954 -58.02 95.38 43.70
N ASP Q 955 -57.93 94.25 42.99
CA ASP Q 955 -56.90 93.26 43.29
C ASP Q 955 -55.51 93.82 43.02
N ILE Q 956 -55.35 94.55 41.91
CA ILE Q 956 -54.08 95.18 41.61
C ILE Q 956 -53.81 96.34 42.57
N LYS Q 957 -54.86 97.02 43.04
CA LYS Q 957 -54.67 98.13 43.98
C LYS Q 957 -54.21 97.63 45.35
N ARG Q 958 -54.81 96.54 45.84
CA ARG Q 958 -54.31 95.96 47.09
C ARG Q 958 -52.97 95.28 46.89
N TYR Q 959 -52.70 94.82 45.66
CA TYR Q 959 -51.40 94.26 45.32
C TYR Q 959 -50.30 95.32 45.42
N VAL Q 960 -50.60 96.56 45.00
CA VAL Q 960 -49.54 97.57 45.00
C VAL Q 960 -49.47 98.30 46.35
N THR Q 961 -50.57 98.37 47.11
CA THR Q 961 -50.44 99.00 48.43
C THR Q 961 -49.95 98.00 49.47
N GLU Q 962 -50.01 96.70 49.16
CA GLU Q 962 -49.33 95.73 50.00
C GLU Q 962 -47.84 95.70 49.73
N PHE Q 963 -47.44 95.66 48.46
CA PHE Q 963 -46.05 95.49 48.05
C PHE Q 963 -45.46 96.84 47.66
N PRO Q 964 -44.48 97.34 48.42
CA PRO Q 964 -43.92 98.67 48.12
C PRO Q 964 -42.89 98.69 47.01
N HIS Q 965 -42.32 97.53 46.64
CA HIS Q 965 -41.21 97.51 45.70
C HIS Q 965 -41.66 97.61 44.24
N TYR Q 966 -42.96 97.66 43.97
CA TYR Q 966 -43.44 97.71 42.61
C TYR Q 966 -43.99 99.08 42.22
N HIS Q 967 -43.70 100.12 43.02
CA HIS Q 967 -44.08 101.47 42.63
C HIS Q 967 -43.26 101.98 41.47
N ARG Q 968 -42.00 101.55 41.37
CA ARG Q 968 -41.12 102.00 40.31
C ARG Q 968 -41.50 101.33 38.99
N HIS Q 969 -41.87 102.14 38.01
CA HIS Q 969 -42.43 101.66 36.75
C HIS Q 969 -41.37 101.10 35.80
N ASP Q 970 -40.09 101.12 36.17
CA ASP Q 970 -39.03 100.66 35.28
C ASP Q 970 -39.09 99.15 35.05
N GLY Q 971 -39.42 98.40 36.08
CA GLY Q 971 -39.40 96.96 36.01
C GLY Q 971 -39.51 96.37 37.39
N GLY Q 972 -39.72 95.06 37.43
CA GLY Q 972 -39.93 94.35 38.66
C GLY Q 972 -41.37 94.19 39.07
N PHE Q 973 -42.27 95.03 38.57
CA PHE Q 973 -43.69 94.80 38.76
C PHE Q 973 -44.07 93.54 37.99
N PRO Q 974 -44.71 92.56 38.64
CA PRO Q 974 -44.82 91.23 38.04
C PRO Q 974 -45.74 91.18 36.83
N LEU Q 975 -45.38 90.31 35.90
CA LEU Q 975 -46.18 90.03 34.72
C LEU Q 975 -47.03 88.78 35.02
N PRO Q 976 -48.18 88.64 34.38
CA PRO Q 976 -48.98 87.42 34.53
C PRO Q 976 -48.23 86.18 34.05
N THR Q 977 -48.21 85.15 34.90
CA THR Q 977 -47.35 83.98 34.70
C THR Q 977 -47.77 83.10 33.53
N ALA Q 978 -49.01 83.24 33.04
CA ALA Q 978 -49.36 82.63 31.77
C ALA Q 978 -48.69 83.34 30.60
N PHE Q 979 -48.28 84.59 30.80
CA PHE Q 979 -47.58 85.36 29.78
C PHE Q 979 -46.16 85.73 30.18
N ALA Q 980 -45.80 85.57 31.46
CA ALA Q 980 -44.49 85.99 31.95
C ALA Q 980 -43.40 85.04 31.51
N HIS Q 981 -43.00 85.14 30.26
CA HIS Q 981 -41.91 84.36 29.71
C HIS Q 981 -40.91 85.36 29.16
N GLU Q 982 -40.03 85.86 30.04
CA GLU Q 982 -38.98 86.78 29.63
C GLU Q 982 -37.83 86.04 28.96
N TYR Q 983 -37.82 84.72 29.06
CA TYR Q 983 -36.86 83.87 28.37
C TYR Q 983 -37.51 83.07 27.26
N HIS Q 984 -38.67 83.50 26.80
CA HIS Q 984 -39.30 82.94 25.61
C HIS Q 984 -39.90 84.00 24.71
N ASN Q 985 -39.61 85.28 24.94
CA ASN Q 985 -40.11 86.37 24.14
C ASN Q 985 -38.96 87.03 23.38
N TRP Q 986 -39.27 88.15 22.73
CA TRP Q 986 -38.26 88.87 21.96
C TRP Q 986 -37.75 90.11 22.68
N LEU Q 987 -38.65 90.88 23.29
CA LEU Q 987 -38.33 92.17 23.88
C LEU Q 987 -38.20 91.99 25.38
N ARG Q 988 -36.97 91.92 25.88
CA ARG Q 988 -36.72 91.59 27.27
C ARG Q 988 -36.52 92.86 28.11
N SER Q 989 -36.13 92.64 29.37
CA SER Q 989 -36.14 93.71 30.38
C SER Q 989 -35.21 94.91 30.15
N PRO Q 990 -34.05 94.83 29.46
CA PRO Q 990 -33.32 96.08 29.16
C PRO Q 990 -34.10 97.11 28.34
N PHE Q 991 -35.06 96.66 27.53
CA PHE Q 991 -35.90 97.56 26.75
C PHE Q 991 -36.74 98.47 27.64
N SER Q 992 -37.37 97.92 28.67
CA SER Q 992 -38.07 98.75 29.65
C SER Q 992 -37.11 99.51 30.54
N ARG Q 993 -35.98 98.91 30.89
CA ARG Q 993 -35.06 99.53 31.83
C ARG Q 993 -34.39 100.76 31.26
N TYR Q 994 -34.17 100.80 29.94
CA TYR Q 994 -33.67 102.03 29.33
C TYR Q 994 -34.80 103.03 29.11
N SER Q 995 -35.93 102.55 28.58
CA SER Q 995 -37.00 103.46 28.15
C SER Q 995 -37.75 104.08 29.31
N ALA Q 996 -37.55 103.60 30.54
CA ALA Q 996 -38.15 104.25 31.69
C ALA Q 996 -37.55 105.64 31.92
N THR Q 997 -36.26 105.80 31.65
CA THR Q 997 -35.56 107.05 31.92
C THR Q 997 -34.87 107.60 30.67
N CYS Q 998 -35.56 107.60 29.54
CA CYS Q 998 -34.96 108.19 28.35
C CYS Q 998 -35.47 109.61 28.14
N PRO Q 999 -34.65 110.49 27.57
CA PRO Q 999 -35.15 111.81 27.21
C PRO Q 999 -36.08 111.73 26.00
N ASN Q 1000 -37.00 112.68 25.93
CA ASN Q 1000 -38.12 112.59 24.99
C ASN Q 1000 -37.82 113.42 23.75
N VAL Q 1001 -36.96 112.86 22.88
CA VAL Q 1001 -36.63 113.44 21.59
C VAL Q 1001 -36.86 112.33 20.55
N LEU Q 1002 -36.75 112.69 19.27
CA LEU Q 1002 -36.81 111.70 18.20
C LEU Q 1002 -35.59 110.79 18.20
N HIS Q 1003 -34.47 111.26 18.76
CA HIS Q 1003 -33.27 110.45 18.83
C HIS Q 1003 -33.46 109.24 19.73
N SER Q 1004 -34.26 109.35 20.79
CA SER Q 1004 -34.53 108.18 21.63
C SER Q 1004 -35.44 107.19 20.94
N VAL Q 1005 -36.35 107.67 20.09
CA VAL Q 1005 -37.13 106.79 19.22
C VAL Q 1005 -36.20 106.03 18.29
N MET Q 1006 -35.16 106.71 17.78
CA MET Q 1006 -34.15 106.00 17.01
C MET Q 1006 -33.31 105.05 17.85
N THR Q 1007 -33.11 105.33 19.15
CA THR Q 1007 -32.42 104.37 20.01
C THR Q 1007 -33.22 103.10 20.17
N LEU Q 1008 -34.53 103.22 20.37
CA LEU Q 1008 -35.37 102.03 20.43
C LEU Q 1008 -35.50 101.37 19.06
N ALA Q 1009 -35.25 102.13 17.98
CA ALA Q 1009 -35.24 101.53 16.65
C ALA Q 1009 -33.97 100.70 16.42
N ALA Q 1010 -32.83 101.18 16.90
CA ALA Q 1010 -31.55 100.58 16.56
C ALA Q 1010 -31.12 99.46 17.51
N MET Q 1011 -31.63 99.42 18.74
CA MET Q 1011 -31.38 98.26 19.58
C MET Q 1011 -32.26 97.08 19.20
N LEU Q 1012 -33.17 97.28 18.25
CA LEU Q 1012 -33.97 96.22 17.63
C LEU Q 1012 -33.18 95.52 16.52
N TYR Q 1013 -31.93 95.94 16.27
CA TYR Q 1013 -31.03 95.21 15.38
C TYR Q 1013 -30.79 93.80 15.87
N LYS Q 1014 -31.12 92.82 15.03
CA LYS Q 1014 -30.96 91.42 15.40
C LYS Q 1014 -29.49 91.02 15.45
N ILE Q 1015 -29.21 89.93 16.15
CA ILE Q 1015 -27.88 89.33 16.12
C ILE Q 1015 -27.91 88.05 15.31
N SER Q 1016 -27.61 88.18 14.02
CA SER Q 1016 -27.46 87.04 13.14
C SER Q 1016 -26.14 87.22 12.40
N PRO Q 1017 -25.56 86.13 11.87
CA PRO Q 1017 -24.31 86.29 11.10
C PRO Q 1017 -24.43 87.20 9.89
N VAL Q 1018 -25.54 87.10 9.16
CA VAL Q 1018 -25.77 87.99 8.01
C VAL Q 1018 -25.91 89.43 8.48
N SER Q 1019 -26.53 89.63 9.66
CA SER Q 1019 -26.61 90.96 10.23
C SER Q 1019 -25.24 91.49 10.60
N LEU Q 1020 -24.33 90.62 11.05
CA LEU Q 1020 -22.98 91.05 11.38
C LEU Q 1020 -22.21 91.47 10.13
N VAL Q 1021 -22.34 90.69 9.04
CA VAL Q 1021 -21.68 91.05 7.79
C VAL Q 1021 -22.23 92.35 7.22
N LEU Q 1022 -23.54 92.54 7.28
CA LEU Q 1022 -24.10 93.75 6.67
C LEU Q 1022 -23.92 94.98 7.57
N GLN Q 1023 -23.84 94.80 8.88
CA GLN Q 1023 -23.48 95.91 9.76
C GLN Q 1023 -22.02 96.29 9.57
N THR Q 1024 -21.17 95.30 9.33
CA THR Q 1024 -19.77 95.58 9.02
C THR Q 1024 -19.63 96.32 7.70
N LYS Q 1025 -20.35 95.89 6.67
CA LYS Q 1025 -20.22 96.38 5.30
C LYS Q 1025 -20.56 97.87 5.15
N ALA Q 1026 -21.42 98.41 6.01
CA ALA Q 1026 -21.73 99.84 5.98
C ALA Q 1026 -21.30 100.54 7.26
N HIS Q 1027 -20.23 100.04 7.90
CA HIS Q 1027 -19.51 100.72 9.00
C HIS Q 1027 -20.39 100.94 10.22
N ILE Q 1028 -21.15 99.91 10.60
CA ILE Q 1028 -21.91 99.92 11.85
C ILE Q 1028 -21.20 99.01 12.83
N HIS Q 1029 -20.80 99.57 13.96
CA HIS Q 1029 -20.14 98.79 15.00
C HIS Q 1029 -21.15 97.86 15.67
N PRO Q 1030 -20.76 96.62 15.98
CA PRO Q 1030 -21.67 95.73 16.71
C PRO Q 1030 -21.67 96.03 18.19
N GLY Q 1031 -22.34 95.19 18.98
CA GLY Q 1031 -22.35 95.38 20.42
C GLY Q 1031 -21.26 94.61 21.13
N PHE Q 1032 -20.08 94.55 20.52
CA PHE Q 1032 -18.97 93.78 21.06
C PHE Q 1032 -17.68 94.57 20.92
N ALA Q 1033 -16.76 94.33 21.83
CA ALA Q 1033 -15.36 94.62 21.57
C ALA Q 1033 -14.64 93.30 21.26
N LEU Q 1034 -13.53 93.40 20.56
CA LEU Q 1034 -12.75 92.22 20.21
C LEU Q 1034 -11.32 92.43 20.68
N THR Q 1035 -10.83 91.51 21.52
CA THR Q 1035 -9.40 91.45 21.83
C THR Q 1035 -8.77 90.50 20.82
N ALA Q 1036 -7.48 90.65 20.58
CA ALA Q 1036 -6.81 89.94 19.50
C ALA Q 1036 -5.39 89.59 19.92
N VAL Q 1037 -5.19 88.35 20.36
CA VAL Q 1037 -3.85 87.88 20.66
C VAL Q 1037 -3.12 87.57 19.36
N ARG Q 1038 -1.81 87.85 19.35
CA ARG Q 1038 -0.98 87.55 18.19
C ARG Q 1038 0.35 87.02 18.69
N THR Q 1039 0.81 85.91 18.11
CA THR Q 1039 2.14 85.42 18.43
C THR Q 1039 3.16 85.96 17.43
N ASP Q 1040 4.39 86.10 17.91
CA ASP Q 1040 5.49 86.66 17.13
C ASP Q 1040 6.72 85.80 17.34
N THR Q 1041 7.61 85.78 16.35
CA THR Q 1041 8.83 85.00 16.38
C THR Q 1041 10.00 85.97 16.29
N PHE Q 1042 10.82 86.03 17.33
CA PHE Q 1042 11.97 86.93 17.38
C PHE Q 1042 13.26 86.14 17.45
N GLU Q 1043 14.07 86.21 16.40
CA GLU Q 1043 15.40 85.65 16.45
C GLU Q 1043 16.28 86.53 17.32
N VAL Q 1044 16.61 86.06 18.52
CA VAL Q 1044 17.37 86.84 19.49
C VAL Q 1044 18.67 86.11 19.81
N ASP Q 1045 19.56 86.81 20.51
CA ASP Q 1045 20.79 86.20 21.00
C ASP Q 1045 21.11 86.77 22.37
N MET Q 1046 21.93 86.05 23.12
CA MET Q 1046 22.13 86.28 24.55
C MET Q 1046 23.59 86.57 24.85
N LEU Q 1047 23.82 87.17 26.02
CA LEU Q 1047 25.16 87.22 26.58
C LEU Q 1047 25.43 85.96 27.38
N LEU Q 1048 26.68 85.81 27.82
CA LEU Q 1048 27.03 84.69 28.69
C LEU Q 1048 28.22 85.13 29.54
N TYR Q 1049 27.99 85.30 30.83
CA TYR Q 1049 29.09 85.49 31.77
C TYR Q 1049 29.50 84.14 32.34
N SER Q 1050 30.75 84.06 32.78
CA SER Q 1050 31.23 82.88 33.50
C SER Q 1050 32.31 83.31 34.48
N GLY Q 1051 32.84 82.34 35.22
CA GLY Q 1051 33.90 82.58 36.16
C GLY Q 1051 35.26 82.39 35.54
N LYS Q 1052 36.23 82.05 36.38
CA LYS Q 1052 37.59 81.82 35.93
C LYS Q 1052 37.88 80.35 35.69
N SER Q 1053 37.39 79.47 36.54
CA SER Q 1053 37.56 78.03 36.38
C SER Q 1053 36.24 77.32 36.67
N CYS Q 1054 35.17 77.82 36.04
CA CYS Q 1054 33.83 77.31 36.28
C CYS Q 1054 33.65 75.87 35.82
N THR Q 1055 34.34 75.45 34.77
CA THR Q 1055 34.18 74.10 34.26
C THR Q 1055 35.56 73.51 34.01
N SER Q 1056 35.81 72.35 34.59
CA SER Q 1056 37.06 71.64 34.37
C SER Q 1056 36.76 70.45 33.47
N VAL Q 1057 37.10 70.59 32.20
CA VAL Q 1057 36.92 69.50 31.25
C VAL Q 1057 38.15 68.61 31.26
N ILE Q 1058 37.95 67.34 30.95
CA ILE Q 1058 39.02 66.36 30.86
C ILE Q 1058 38.96 65.73 29.47
N ILE Q 1059 40.03 65.88 28.70
CA ILE Q 1059 40.08 65.44 27.32
C ILE Q 1059 41.05 64.27 27.22
N ASN Q 1060 40.60 63.20 26.59
CA ASN Q 1060 41.44 62.04 26.32
C ASN Q 1060 42.18 62.24 25.00
N ASN Q 1061 43.07 61.29 24.70
CA ASN Q 1061 43.76 61.30 23.43
C ASN Q 1061 42.79 60.92 22.31
N PRO Q 1062 43.01 61.45 21.09
CA PRO Q 1062 42.13 61.09 19.97
C PRO Q 1062 42.34 59.65 19.52
N ILE Q 1063 41.26 58.89 19.49
CA ILE Q 1063 41.29 57.50 19.05
C ILE Q 1063 40.67 57.42 17.67
N VAL Q 1064 41.42 56.86 16.73
CA VAL Q 1064 40.91 56.65 15.39
C VAL Q 1064 40.31 55.26 15.30
N THR Q 1065 39.33 55.08 14.42
CA THR Q 1065 38.75 53.78 14.15
C THR Q 1065 38.82 53.53 12.66
N LYS Q 1066 38.99 52.27 12.29
CA LYS Q 1066 39.14 51.89 10.90
C LYS Q 1066 37.95 51.04 10.48
N GLU Q 1067 37.14 51.59 9.59
CA GLU Q 1067 36.06 50.82 8.98
C GLU Q 1067 36.60 50.04 7.78
N GLU Q 1068 35.70 49.31 7.13
CA GLU Q 1068 36.10 48.45 6.03
C GLU Q 1068 36.53 49.29 4.83
N ARG Q 1069 37.51 48.79 4.08
CA ARG Q 1069 38.00 49.49 2.90
C ARG Q 1069 37.17 49.07 1.69
N ASP Q 1070 36.16 49.87 1.36
CA ASP Q 1070 35.40 49.61 0.14
C ASP Q 1070 36.26 49.88 -1.10
N ILE Q 1071 36.66 51.13 -1.30
CA ILE Q 1071 37.86 51.45 -2.08
C ILE Q 1071 38.77 52.43 -1.34
N SER Q 1072 38.22 53.26 -0.45
CA SER Q 1072 38.96 54.30 0.25
C SER Q 1072 38.53 54.25 1.71
N THR Q 1073 39.51 54.16 2.61
CA THR Q 1073 39.20 54.03 4.02
C THR Q 1073 38.70 55.34 4.61
N THR Q 1074 37.76 55.22 5.54
CA THR Q 1074 37.27 56.34 6.31
C THR Q 1074 37.56 56.11 7.79
N TYR Q 1075 37.65 57.20 8.53
CA TYR Q 1075 37.92 57.14 9.95
C TYR Q 1075 36.88 57.96 10.69
N HIS Q 1076 36.49 57.51 11.86
CA HIS Q 1076 35.61 58.25 12.75
C HIS Q 1076 36.45 58.64 13.96
N VAL Q 1077 37.17 59.76 13.83
CA VAL Q 1077 38.06 60.24 14.87
C VAL Q 1077 37.19 60.77 16.01
N THR Q 1078 37.40 60.24 17.21
CA THR Q 1078 36.58 60.60 18.35
C THR Q 1078 37.44 60.99 19.55
N GLN Q 1079 36.89 61.89 20.36
CA GLN Q 1079 37.46 62.28 21.63
C GLN Q 1079 36.36 62.33 22.66
N ASN Q 1080 36.54 61.58 23.74
CA ASN Q 1080 35.54 61.46 24.80
C ASN Q 1080 35.95 62.44 25.89
N ILE Q 1081 35.21 63.53 26.00
CA ILE Q 1081 35.46 64.51 27.04
C ILE Q 1081 34.43 64.34 28.15
N ASN Q 1082 34.77 64.85 29.32
CA ASN Q 1082 33.85 64.85 30.45
C ASN Q 1082 34.06 66.13 31.23
N THR Q 1083 32.96 66.80 31.57
CA THR Q 1083 32.99 68.12 32.18
C THR Q 1083 32.58 68.02 33.64
N VAL Q 1084 33.37 68.62 34.51
CA VAL Q 1084 33.09 68.68 35.94
C VAL Q 1084 32.75 70.11 36.30
N ASP Q 1085 31.56 70.31 36.84
CA ASP Q 1085 31.21 71.60 37.42
C ASP Q 1085 32.09 71.88 38.63
N MET Q 1086 32.50 73.14 38.77
CA MET Q 1086 33.45 73.48 39.83
C MET Q 1086 33.07 74.74 40.60
N GLY Q 1087 31.78 75.08 40.66
CA GLY Q 1087 31.33 76.23 41.40
C GLY Q 1087 30.41 75.82 42.54
N LEU Q 1088 30.37 76.66 43.58
CA LEU Q 1088 29.56 76.35 44.76
C LEU Q 1088 28.08 76.56 44.47
N GLY Q 1089 27.72 77.78 44.06
CA GLY Q 1089 26.35 78.07 43.70
C GLY Q 1089 26.18 78.16 42.20
N TYR Q 1090 26.08 79.37 41.67
CA TYR Q 1090 26.00 79.61 40.24
C TYR Q 1090 27.22 80.41 39.80
N THR Q 1091 28.00 79.84 38.90
CA THR Q 1091 29.26 80.41 38.45
C THR Q 1091 29.24 80.80 36.98
N SER Q 1092 28.04 80.98 36.42
CA SER Q 1092 27.90 81.33 35.01
C SER Q 1092 26.53 81.95 34.81
N ASN Q 1093 26.50 83.17 34.28
CA ASN Q 1093 25.27 83.91 34.07
C ASN Q 1093 25.02 84.10 32.58
N THR Q 1094 23.74 84.34 32.26
CA THR Q 1094 23.32 84.53 30.88
C THR Q 1094 22.10 85.43 30.85
N CYS Q 1095 22.20 86.52 30.10
CA CYS Q 1095 21.09 87.45 29.94
C CYS Q 1095 20.71 87.55 28.47
N VAL Q 1096 19.42 87.51 28.20
CA VAL Q 1096 18.90 87.78 26.86
C VAL Q 1096 19.11 89.27 26.60
N ALA Q 1097 19.96 89.59 25.64
CA ALA Q 1097 20.48 90.95 25.52
C ALA Q 1097 19.74 91.78 24.48
N TYR Q 1098 19.67 91.28 23.24
CA TYR Q 1098 19.26 92.11 22.12
C TYR Q 1098 18.49 91.27 21.13
N VAL Q 1099 17.27 91.69 20.81
CA VAL Q 1099 16.53 91.05 19.73
C VAL Q 1099 17.09 91.50 18.39
N ASN Q 1100 17.37 90.54 17.52
CA ASN Q 1100 18.06 90.82 16.27
C ASN Q 1100 17.11 91.08 15.12
N ARG Q 1101 16.29 90.10 14.75
CA ARG Q 1101 15.46 90.25 13.57
C ARG Q 1101 14.12 89.58 13.81
N VAL Q 1102 13.06 90.22 13.32
CA VAL Q 1102 11.71 89.71 13.47
C VAL Q 1102 11.44 88.67 12.39
N ARG Q 1103 11.32 87.42 12.80
CA ARG Q 1103 11.12 86.34 11.83
C ARG Q 1103 9.73 86.35 11.24
N THR Q 1104 8.72 86.76 12.01
CA THR Q 1104 7.38 86.91 11.47
C THR Q 1104 7.28 88.23 10.73
N ASP Q 1105 6.13 88.50 10.12
CA ASP Q 1105 5.95 89.74 9.37
C ASP Q 1105 5.50 90.90 10.23
N MET Q 1106 5.11 90.64 11.49
CA MET Q 1106 4.55 91.63 12.43
C MET Q 1106 3.31 92.29 11.83
N GLY Q 1107 2.56 91.50 11.06
CA GLY Q 1107 1.37 91.97 10.41
C GLY Q 1107 0.13 91.48 11.11
N VAL Q 1108 -1.03 91.84 10.56
CA VAL Q 1108 -2.30 91.45 11.13
C VAL Q 1108 -3.12 90.77 10.04
N ARG Q 1109 -3.29 89.46 10.18
CA ARG Q 1109 -4.26 88.74 9.36
C ARG Q 1109 -5.07 87.88 10.30
N VAL Q 1110 -6.38 87.84 10.06
CA VAL Q 1110 -7.23 87.06 10.93
C VAL Q 1110 -7.06 85.57 10.63
N GLN Q 1111 -7.04 84.77 11.71
CA GLN Q 1111 -6.93 83.32 11.58
C GLN Q 1111 -8.13 82.78 10.82
N ASP Q 1112 -7.85 82.13 9.69
CA ASP Q 1112 -8.91 81.65 8.81
C ASP Q 1112 -9.57 80.45 9.49
N LEU Q 1113 -10.65 80.72 10.22
CA LEU Q 1113 -11.37 79.68 10.93
C LEU Q 1113 -12.10 78.72 10.00
N PHE Q 1114 -12.48 79.20 8.80
CA PHE Q 1114 -13.01 78.32 7.75
C PHE Q 1114 -11.97 77.30 7.30
N ARG Q 1115 -10.69 77.69 7.33
CA ARG Q 1115 -9.60 76.76 7.08
C ARG Q 1115 -9.34 75.85 8.27
N VAL Q 1116 -9.60 76.33 9.48
CA VAL Q 1116 -9.35 75.53 10.68
C VAL Q 1116 -10.38 74.42 10.83
N PHE Q 1117 -11.66 74.79 10.91
CA PHE Q 1117 -12.74 73.83 11.02
C PHE Q 1117 -13.53 73.85 9.71
N PRO Q 1118 -13.24 72.96 8.77
CA PRO Q 1118 -13.85 73.08 7.45
C PRO Q 1118 -15.23 72.43 7.34
N MET Q 1119 -15.54 71.48 8.23
CA MET Q 1119 -16.75 70.70 8.08
C MET Q 1119 -17.95 71.29 8.84
N ASN Q 1120 -17.71 72.01 9.94
CA ASN Q 1120 -18.78 72.57 10.74
C ASN Q 1120 -19.42 73.72 9.97
N VAL Q 1121 -20.61 73.47 9.41
CA VAL Q 1121 -21.28 74.42 8.53
C VAL Q 1121 -22.70 74.66 9.01
N TYR Q 1122 -23.47 75.44 8.27
CA TYR Q 1122 -24.87 75.65 8.58
C TYR Q 1122 -25.71 74.45 8.13
N ARG Q 1123 -26.95 74.40 8.62
CA ARG Q 1123 -27.88 73.37 8.16
C ARG Q 1123 -28.45 73.69 6.78
N HIS Q 1124 -28.77 74.96 6.54
CA HIS Q 1124 -29.16 75.39 5.21
C HIS Q 1124 -27.93 75.48 4.30
N ASP Q 1125 -28.16 75.49 3.00
CA ASP Q 1125 -27.07 75.54 2.05
C ASP Q 1125 -27.02 76.81 1.23
N GLU Q 1126 -28.17 77.33 0.77
CA GLU Q 1126 -28.18 78.57 0.00
C GLU Q 1126 -27.82 79.76 0.88
N VAL Q 1127 -28.26 79.74 2.14
CA VAL Q 1127 -27.74 80.70 3.13
C VAL Q 1127 -26.25 80.48 3.33
N ASP Q 1128 -25.83 79.21 3.38
CA ASP Q 1128 -24.42 78.88 3.55
C ASP Q 1128 -23.61 79.25 2.31
N ARG Q 1129 -24.17 79.00 1.11
CA ARG Q 1129 -23.47 79.38 -0.12
C ARG Q 1129 -23.38 80.89 -0.25
N TRP Q 1130 -24.41 81.60 0.22
CA TRP Q 1130 -24.37 83.05 0.19
C TRP Q 1130 -23.38 83.60 1.20
N ILE Q 1131 -23.26 82.97 2.36
CA ILE Q 1131 -22.32 83.48 3.34
C ILE Q 1131 -20.88 83.09 2.99
N ARG Q 1132 -20.70 82.02 2.20
CA ARG Q 1132 -19.37 81.72 1.70
C ARG Q 1132 -19.00 82.63 0.53
N HIS Q 1133 -19.99 83.06 -0.25
CA HIS Q 1133 -19.75 84.05 -1.29
C HIS Q 1133 -19.48 85.42 -0.70
N ALA Q 1134 -20.15 85.76 0.40
CA ALA Q 1134 -19.98 87.05 1.05
C ALA Q 1134 -18.78 87.08 1.99
N ALA Q 1135 -18.28 85.92 2.42
CA ALA Q 1135 -17.06 85.89 3.21
C ALA Q 1135 -15.86 86.19 2.34
N GLY Q 1136 -15.71 85.47 1.23
CA GLY Q 1136 -14.58 85.64 0.34
C GLY Q 1136 -13.91 84.32 0.04
N VAL Q 1137 -14.13 83.34 0.91
CA VAL Q 1137 -13.56 82.01 0.76
C VAL Q 1137 -14.33 81.25 -0.31
N GLU Q 1138 -13.77 80.13 -0.76
CA GLU Q 1138 -14.40 79.34 -1.82
C GLU Q 1138 -14.67 77.92 -1.35
N GLN Q 1168 6.17 81.00 10.61
CA GLN Q 1168 5.11 80.02 10.43
C GLN Q 1168 3.77 80.71 10.17
N LYS Q 1169 2.99 80.90 11.23
CA LYS Q 1169 1.64 81.46 11.15
C LYS Q 1169 1.61 82.78 11.91
N ALA Q 1170 1.42 83.88 11.18
CA ALA Q 1170 1.31 85.21 11.76
C ALA Q 1170 -0.13 85.61 12.04
N ALA Q 1171 -0.99 84.64 12.31
CA ALA Q 1171 -2.42 84.90 12.41
C ALA Q 1171 -2.78 85.55 13.73
N CYS Q 1172 -3.77 86.42 13.70
CA CYS Q 1172 -4.36 86.98 14.91
C CYS Q 1172 -5.66 86.25 15.22
N GLU Q 1173 -5.94 86.11 16.50
CA GLU Q 1173 -7.12 85.39 16.94
C GLU Q 1173 -8.03 86.31 17.75
N LEU Q 1174 -9.26 86.45 17.29
CA LEU Q 1174 -10.20 87.41 17.83
C LEU Q 1174 -11.09 86.73 18.87
N ILE Q 1175 -11.22 87.37 20.04
CA ILE Q 1175 -12.04 86.86 21.13
C ILE Q 1175 -13.01 87.96 21.53
N LEU Q 1176 -14.28 87.60 21.71
CA LEU Q 1176 -15.36 88.54 22.01
C LEU Q 1176 -15.19 89.11 23.42
N THR Q 1177 -15.24 90.43 23.55
CA THR Q 1177 -15.12 91.09 24.85
C THR Q 1177 -16.20 92.17 24.99
N PRO Q 1178 -16.59 92.50 26.22
CA PRO Q 1178 -17.55 93.60 26.40
C PRO Q 1178 -16.96 94.96 26.07
N VAL Q 1179 -17.83 95.87 25.66
CA VAL Q 1179 -17.39 97.24 25.38
C VAL Q 1179 -17.24 98.06 26.64
N THR Q 1180 -17.76 97.58 27.78
CA THR Q 1180 -17.65 98.36 29.00
C THR Q 1180 -16.35 98.09 29.73
N MET Q 1181 -15.50 97.20 29.21
CA MET Q 1181 -14.24 96.91 29.87
C MET Q 1181 -13.30 98.09 29.76
N ASP Q 1182 -12.64 98.41 30.87
CA ASP Q 1182 -11.80 99.60 30.95
C ASP Q 1182 -10.53 99.45 30.12
N VAL Q 1183 -10.08 100.59 29.57
CA VAL Q 1183 -8.80 100.58 28.86
C VAL Q 1183 -7.64 100.55 29.84
N ASN Q 1184 -7.91 100.83 31.12
CA ASN Q 1184 -6.93 100.73 32.20
C ASN Q 1184 -6.41 99.31 32.32
N TYR Q 1185 -7.24 98.30 32.04
CA TYR Q 1185 -6.77 96.92 32.06
C TYR Q 1185 -5.78 96.65 30.94
N PHE Q 1186 -5.94 97.27 29.78
CA PHE Q 1186 -5.12 96.98 28.63
C PHE Q 1186 -3.79 97.72 28.62
N LYS Q 1187 -3.65 98.81 29.38
CA LYS Q 1187 -2.38 99.52 29.41
C LYS Q 1187 -1.30 98.71 30.12
N ILE Q 1188 -1.66 98.03 31.21
CA ILE Q 1188 -0.70 97.27 32.00
C ILE Q 1188 -0.73 95.82 31.53
N PRO Q 1189 0.37 95.08 31.58
CA PRO Q 1189 0.42 93.77 30.94
C PRO Q 1189 -0.32 92.72 31.76
N ASN Q 1190 -1.38 92.16 31.17
CA ASN Q 1190 -2.17 91.15 31.88
C ASN Q 1190 -2.72 90.14 30.90
N ASN Q 1191 -3.52 89.22 31.43
CA ASN Q 1191 -3.96 88.06 30.68
C ASN Q 1191 -5.08 88.44 29.71
N PRO Q 1192 -5.29 87.69 28.63
CA PRO Q 1192 -6.48 87.91 27.80
C PRO Q 1192 -7.75 87.33 28.37
N ARG Q 1193 -7.65 86.47 29.39
CA ARG Q 1193 -8.87 85.98 30.04
C ARG Q 1193 -9.55 87.06 30.86
N GLY Q 1194 -8.77 87.98 31.43
CA GLY Q 1194 -9.30 88.93 32.39
C GLY Q 1194 -9.01 88.49 33.80
N ARG Q 1195 -8.95 87.18 34.00
CA ARG Q 1195 -8.59 86.57 35.28
C ARG Q 1195 -7.12 86.19 35.23
N ALA Q 1196 -6.45 86.32 36.37
CA ALA Q 1196 -5.03 86.01 36.46
C ALA Q 1196 -4.79 84.49 36.37
N TYR Q 1215 -10.91 77.85 38.24
CA TYR Q 1215 -11.95 78.61 37.53
C TYR Q 1215 -12.75 79.48 38.49
N ASP Q 1216 -12.48 79.32 39.78
CA ASP Q 1216 -13.28 79.94 40.85
C ASP Q 1216 -13.04 81.45 40.87
N HIS Q 1217 -13.99 82.19 40.29
CA HIS Q 1217 -13.98 83.64 40.36
C HIS Q 1217 -14.74 84.17 41.56
N ARG Q 1218 -15.14 83.29 42.48
CA ARG Q 1218 -15.76 83.77 43.71
C ARG Q 1218 -14.76 84.46 44.61
N GLU Q 1219 -13.50 84.03 44.56
CA GLU Q 1219 -12.44 84.84 45.16
C GLU Q 1219 -12.16 86.03 44.25
N ALA Q 1220 -11.90 87.18 44.88
CA ALA Q 1220 -11.62 88.40 44.15
C ALA Q 1220 -10.15 88.41 43.73
N ASP Q 1221 -9.79 89.41 42.95
CA ASP Q 1221 -8.41 89.58 42.49
C ASP Q 1221 -7.67 90.52 43.42
N ALA Q 1222 -6.45 90.13 43.79
CA ALA Q 1222 -5.59 90.96 44.61
C ALA Q 1222 -4.57 91.76 43.80
N GLN Q 1223 -4.29 91.35 42.57
CA GLN Q 1223 -3.40 92.12 41.71
C GLN Q 1223 -4.09 93.39 41.22
N THR Q 1224 -5.17 93.23 40.47
CA THR Q 1224 -6.01 94.36 40.11
C THR Q 1224 -7.10 94.56 41.15
N PHE Q 1225 -7.61 95.78 41.24
CA PHE Q 1225 -8.58 96.09 42.29
C PHE Q 1225 -9.97 95.52 41.96
N ALA Q 1226 -10.25 95.27 40.69
CA ALA Q 1226 -11.55 94.71 40.31
C ALA Q 1226 -11.52 93.19 40.33
N ALA Q 1227 -12.71 92.59 40.26
CA ALA Q 1227 -12.84 91.15 40.47
C ALA Q 1227 -12.57 90.35 39.19
N THR Q 1228 -13.39 90.56 38.16
CA THR Q 1228 -13.30 89.79 36.92
C THR Q 1228 -13.61 90.72 35.76
N HIS Q 1229 -12.74 90.73 34.75
CA HIS Q 1229 -12.81 91.72 33.69
C HIS Q 1229 -13.46 91.22 32.42
N ASN Q 1230 -13.90 89.97 32.37
CA ASN Q 1230 -14.47 89.45 31.13
C ASN Q 1230 -15.44 88.32 31.43
N PRO Q 1231 -16.73 88.49 31.10
CA PRO Q 1231 -17.69 87.39 31.27
C PRO Q 1231 -17.66 86.38 30.14
N TRP Q 1232 -16.87 86.61 29.10
CA TRP Q 1232 -16.83 85.72 27.94
C TRP Q 1232 -15.48 85.05 27.75
N ALA Q 1233 -14.60 85.10 28.75
CA ALA Q 1233 -13.36 84.35 28.69
C ALA Q 1233 -13.01 83.66 29.99
N SER Q 1234 -13.61 84.09 31.10
CA SER Q 1234 -13.12 83.65 32.41
C SER Q 1234 -13.89 82.47 32.97
N GLN Q 1235 -15.19 82.37 32.73
CA GLN Q 1235 -16.01 81.43 33.47
C GLN Q 1235 -15.88 80.02 32.91
N ALA Q 1236 -16.41 79.05 33.65
CA ALA Q 1236 -16.33 77.65 33.24
C ALA Q 1236 -17.34 77.36 32.13
N GLY Q 1237 -16.83 77.10 30.93
CA GLY Q 1237 -17.70 76.84 29.80
C GLY Q 1237 -18.15 78.06 29.05
N CYS Q 1238 -17.25 79.01 28.80
CA CYS Q 1238 -17.57 80.22 28.06
C CYS Q 1238 -17.49 79.99 26.56
N LEU Q 1239 -17.53 81.09 25.80
CA LEU Q 1239 -17.33 81.02 24.35
C LEU Q 1239 -15.94 80.51 24.00
N SER Q 1240 -14.91 81.03 24.67
CA SER Q 1240 -13.55 80.62 24.38
C SER Q 1240 -13.22 79.24 24.96
N ASP Q 1241 -13.99 78.76 25.93
CA ASP Q 1241 -13.69 77.51 26.60
C ASP Q 1241 -14.15 76.28 25.82
N VAL Q 1242 -14.72 76.46 24.64
CA VAL Q 1242 -15.14 75.33 23.81
C VAL Q 1242 -14.48 75.35 22.44
N LEU Q 1243 -13.83 76.46 22.08
CA LEU Q 1243 -13.19 76.59 20.78
C LEU Q 1243 -11.72 76.21 20.82
N TYR Q 1244 -10.94 76.80 21.73
CA TYR Q 1244 -9.51 76.56 21.80
C TYR Q 1244 -9.12 75.62 22.92
N ASN Q 1245 -10.05 75.27 23.81
CA ASN Q 1245 -9.84 74.16 24.73
C ASN Q 1245 -9.92 72.85 23.95
N THR Q 1246 -8.85 72.07 23.98
CA THR Q 1246 -8.70 70.94 23.07
C THR Q 1246 -9.56 69.74 23.46
N ARG Q 1247 -10.13 69.71 24.66
CA ARG Q 1247 -11.01 68.62 25.06
C ARG Q 1247 -12.44 68.84 24.61
N HIS Q 1248 -12.73 69.96 23.96
CA HIS Q 1248 -14.06 70.20 23.40
C HIS Q 1248 -14.06 70.41 21.89
N ARG Q 1249 -12.99 70.95 21.31
CA ARG Q 1249 -12.90 71.09 19.87
C ARG Q 1249 -12.61 69.78 19.15
N GLU Q 1250 -12.23 68.74 19.90
CA GLU Q 1250 -11.96 67.43 19.33
C GLU Q 1250 -13.22 66.77 18.79
N SER Q 1260 -1.85 78.53 16.02
CA SER Q 1260 -2.79 79.22 16.91
C SER Q 1260 -2.06 79.99 17.99
N PRO Q 1261 -2.26 81.31 18.03
CA PRO Q 1261 -1.67 82.13 19.09
C PRO Q 1261 -2.50 82.24 20.36
N CYS Q 1262 -3.53 81.40 20.52
CA CYS Q 1262 -4.51 81.57 21.58
C CYS Q 1262 -4.60 80.37 22.51
N ALA Q 1263 -4.04 79.22 22.11
CA ALA Q 1263 -4.23 77.98 22.86
C ALA Q 1263 -3.51 77.97 24.20
N GLN Q 1264 -2.51 78.82 24.37
CA GLN Q 1264 -1.71 78.81 25.59
C GLN Q 1264 -2.37 79.52 26.76
N TYR Q 1265 -3.50 80.19 26.55
CA TYR Q 1265 -4.19 80.85 27.64
C TYR Q 1265 -5.54 80.25 27.96
N PHE Q 1266 -6.03 79.29 27.15
CA PHE Q 1266 -7.42 78.86 27.27
C PHE Q 1266 -7.61 77.35 27.28
N ASN Q 1267 -6.68 76.55 26.76
CA ASN Q 1267 -6.80 75.11 26.89
C ASN Q 1267 -6.50 74.70 28.32
N THR Q 1268 -7.41 73.91 28.91
CA THR Q 1268 -7.33 73.68 30.34
C THR Q 1268 -6.27 72.66 30.72
N GLU Q 1269 -5.77 71.88 29.76
CA GLU Q 1269 -4.75 70.88 30.05
C GLU Q 1269 -3.34 71.41 29.99
N GLU Q 1270 -3.12 72.55 29.33
CA GLU Q 1270 -1.80 73.17 29.36
C GLU Q 1270 -1.68 74.23 30.44
N ILE Q 1271 -2.80 74.71 30.99
CA ILE Q 1271 -2.71 75.80 31.98
C ILE Q 1271 -2.29 75.25 33.34
N ILE Q 1272 -2.78 74.07 33.72
CA ILE Q 1272 -2.40 73.51 35.00
C ILE Q 1272 -1.00 72.93 34.93
N ALA Q 1273 -0.63 72.35 33.79
CA ALA Q 1273 0.74 71.90 33.58
C ALA Q 1273 1.71 73.08 33.49
N ALA Q 1274 1.25 74.19 32.92
CA ALA Q 1274 2.05 75.41 32.84
C ALA Q 1274 2.24 76.07 34.19
N ASN Q 1275 1.26 75.96 35.09
CA ASN Q 1275 1.49 76.42 36.45
C ASN Q 1275 2.37 75.47 37.24
N LYS Q 1276 2.25 74.16 37.01
CA LYS Q 1276 3.05 73.23 37.80
C LYS Q 1276 4.50 73.18 37.33
N THR Q 1277 4.78 73.52 36.06
CA THR Q 1277 6.18 73.55 35.66
C THR Q 1277 6.91 74.77 36.22
N LEU Q 1278 6.24 75.93 36.31
CA LEU Q 1278 6.87 77.07 36.96
C LEU Q 1278 6.99 76.84 38.46
N PHE Q 1279 6.00 76.15 39.05
CA PHE Q 1279 6.07 75.75 40.45
C PHE Q 1279 7.26 74.85 40.73
N LYS Q 1280 7.47 73.81 39.91
CA LYS Q 1280 8.57 72.90 40.16
C LYS Q 1280 9.91 73.52 39.81
N THR Q 1281 9.97 74.45 38.87
CA THR Q 1281 11.24 75.14 38.63
C THR Q 1281 11.61 76.11 39.73
N ILE Q 1282 10.65 76.85 40.30
CA ILE Q 1282 11.03 77.76 41.39
C ILE Q 1282 11.37 76.97 42.65
N ASP Q 1283 10.70 75.82 42.85
CA ASP Q 1283 11.06 74.97 43.98
C ASP Q 1283 12.41 74.30 43.77
N GLU Q 1284 12.75 73.96 42.54
CA GLU Q 1284 14.07 73.44 42.23
C GLU Q 1284 15.16 74.49 42.36
N TYR Q 1285 14.82 75.75 42.08
CA TYR Q 1285 15.81 76.82 42.12
C TYR Q 1285 16.07 77.34 43.53
N LEU Q 1286 15.05 77.34 44.41
CA LEU Q 1286 15.28 77.88 45.74
C LEU Q 1286 16.04 76.91 46.64
N LEU Q 1287 16.13 75.63 46.25
CA LEU Q 1287 16.86 74.67 47.07
C LEU Q 1287 18.37 74.77 46.90
N ARG Q 1288 18.85 75.61 46.00
CA ARG Q 1288 20.29 75.79 45.84
C ARG Q 1288 20.67 77.26 45.95
N GLU Q 1305 13.49 72.54 31.18
CA GLU Q 1305 12.63 73.52 31.82
C GLU Q 1305 13.39 74.79 32.16
N GLY Q 1306 14.68 74.64 32.44
CA GLY Q 1306 15.54 75.76 32.78
C GLY Q 1306 15.73 76.73 31.62
N THR Q 1307 15.81 76.20 30.41
CA THR Q 1307 15.83 77.04 29.21
C THR Q 1307 14.48 77.10 28.51
N GLU Q 1308 13.54 76.23 28.89
CA GLU Q 1308 12.26 76.18 28.20
C GLU Q 1308 11.33 77.31 28.62
N GLN Q 1309 11.49 77.83 29.83
CA GLN Q 1309 10.74 79.01 30.23
C GLN Q 1309 11.33 80.29 29.67
N LEU Q 1310 12.54 80.22 29.11
CA LEU Q 1310 13.16 81.34 28.42
C LEU Q 1310 12.75 81.42 26.95
N ILE Q 1311 12.65 80.29 26.27
CA ILE Q 1311 12.30 80.30 24.86
C ILE Q 1311 10.80 80.38 24.63
N GLU Q 1312 9.98 80.11 25.65
CA GLU Q 1312 8.56 80.44 25.64
C GLU Q 1312 8.31 81.34 26.85
N ASN Q 1313 8.47 82.65 26.64
CA ASN Q 1313 8.38 83.57 27.77
C ASN Q 1313 6.95 83.80 28.23
N PRO Q 1314 5.97 84.15 27.39
CA PRO Q 1314 4.60 84.23 27.92
C PRO Q 1314 3.74 83.00 27.66
N CYS Q 1315 4.26 81.96 27.01
CA CYS Q 1315 3.55 80.72 26.84
C CYS Q 1315 3.62 79.85 28.09
N ARG Q 1316 4.80 79.70 28.66
CA ARG Q 1316 5.03 78.88 29.85
C ARG Q 1316 4.92 79.67 31.14
N LEU Q 1317 4.65 80.97 31.06
CA LEU Q 1317 4.42 81.77 32.26
C LEU Q 1317 3.03 82.38 32.29
N THR Q 1318 2.34 82.42 31.14
CA THR Q 1318 0.90 82.71 30.95
C THR Q 1318 0.42 83.98 31.67
N GLN Q 1319 1.29 85.00 31.69
CA GLN Q 1319 0.83 86.32 32.12
C GLN Q 1319 0.41 87.21 30.96
N GLU Q 1320 0.87 86.93 29.73
CA GLU Q 1320 0.63 87.75 28.54
C GLU Q 1320 1.11 89.18 28.77
N ALA Q 1321 2.43 89.30 28.81
CA ALA Q 1321 3.05 90.61 28.79
C ALA Q 1321 2.88 91.28 27.43
N LEU Q 1322 3.35 92.51 27.37
CA LEU Q 1322 3.51 93.33 26.17
C LEU Q 1322 2.26 93.55 25.35
N PRO Q 1323 1.33 94.41 25.79
CA PRO Q 1323 0.40 95.03 24.84
C PRO Q 1323 1.16 95.96 23.90
N ILE Q 1324 0.54 96.24 22.76
CA ILE Q 1324 1.23 96.99 21.72
C ILE Q 1324 0.56 98.33 21.43
N LEU Q 1325 1.13 99.09 20.51
CA LEU Q 1325 0.63 100.41 20.14
C LEU Q 1325 -0.66 100.22 19.34
N SER Q 1326 -1.80 100.48 19.96
CA SER Q 1326 -3.08 100.38 19.29
C SER Q 1326 -3.70 101.76 19.15
N THR Q 1327 -4.22 102.05 17.96
CA THR Q 1327 -4.72 103.36 17.60
C THR Q 1327 -5.93 103.20 16.68
N THR Q 1328 -6.93 104.05 16.87
CA THR Q 1328 -8.14 104.00 16.08
C THR Q 1328 -8.07 104.76 14.76
N THR Q 1329 -7.61 106.00 14.76
CA THR Q 1329 -7.56 106.81 13.55
C THR Q 1329 -6.11 107.09 13.18
N LEU Q 1330 -5.90 107.38 11.89
CA LEU Q 1330 -4.55 107.55 11.38
C LEU Q 1330 -3.92 108.86 11.82
N ALA Q 1331 -4.74 109.82 12.25
CA ALA Q 1331 -4.20 111.09 12.72
C ALA Q 1331 -3.40 110.91 14.00
N LEU Q 1332 -3.94 110.14 14.95
CA LEU Q 1332 -3.20 109.89 16.18
C LEU Q 1332 -2.00 108.99 15.93
N MET Q 1333 -2.11 108.08 14.95
CA MET Q 1333 -0.97 107.28 14.50
C MET Q 1333 0.18 108.15 14.01
N GLU Q 1334 -0.11 109.08 13.10
CA GLU Q 1334 0.97 109.85 12.50
C GLU Q 1334 1.31 111.08 13.31
N THR Q 1335 0.64 111.30 14.43
CA THR Q 1335 1.20 112.25 15.40
C THR Q 1335 2.00 111.53 16.47
N LYS Q 1336 1.75 110.23 16.68
CA LYS Q 1336 2.53 109.51 17.68
C LYS Q 1336 3.80 108.91 17.07
N LEU Q 1337 3.83 108.68 15.76
CA LEU Q 1337 4.99 108.06 15.13
C LEU Q 1337 5.95 109.09 14.53
N LYS Q 1338 5.41 110.18 13.98
CA LYS Q 1338 6.22 111.30 13.52
C LYS Q 1338 6.68 112.18 14.67
N GLY Q 1339 5.97 112.13 15.80
CA GLY Q 1339 6.07 113.10 16.88
C GLY Q 1339 7.44 113.33 17.50
N GLY Q 1340 8.04 112.29 18.03
CA GLY Q 1340 9.36 112.41 18.62
C GLY Q 1340 9.84 111.10 19.19
N ALA Q 1341 10.48 111.17 20.35
CA ALA Q 1341 10.99 110.01 21.06
C ALA Q 1341 10.36 109.97 22.45
N GLY Q 1342 10.20 108.76 22.98
CA GLY Q 1342 9.59 108.60 24.27
C GLY Q 1342 8.10 108.83 24.32
N ALA Q 1343 7.44 108.99 23.17
CA ALA Q 1343 5.99 109.10 23.13
C ALA Q 1343 5.30 107.75 23.13
N PHE Q 1344 6.06 106.67 22.98
CA PHE Q 1344 5.51 105.32 22.85
C PHE Q 1344 4.97 104.78 24.16
N ALA Q 1345 5.37 105.34 25.29
CA ALA Q 1345 4.88 104.90 26.59
C ALA Q 1345 3.70 105.72 27.10
N THR Q 1346 3.31 106.77 26.39
CA THR Q 1346 2.16 107.57 26.80
C THR Q 1346 0.90 107.02 26.14
N SER Q 1347 -0.20 107.02 26.89
CA SER Q 1347 -1.48 106.52 26.41
C SER Q 1347 -2.52 107.63 26.61
N GLU Q 1348 -2.79 108.39 25.56
CA GLU Q 1348 -3.72 109.51 25.63
C GLU Q 1348 -5.13 109.07 25.22
N THR Q 1349 -6.11 109.57 25.95
CA THR Q 1349 -7.52 109.30 25.67
C THR Q 1349 -8.21 110.60 25.28
N HIS Q 1350 -8.81 110.62 24.10
CA HIS Q 1350 -9.56 111.76 23.59
C HIS Q 1350 -11.01 111.66 24.06
N PHE Q 1351 -11.90 112.42 23.43
CA PHE Q 1351 -13.33 112.34 23.76
C PHE Q 1351 -13.89 110.95 23.45
N GLY Q 1352 -13.66 110.47 22.23
CA GLY Q 1352 -14.07 109.12 21.88
C GLY Q 1352 -12.93 108.29 21.36
N ASN Q 1353 -11.88 108.95 20.90
CA ASN Q 1353 -10.70 108.26 20.42
C ASN Q 1353 -9.78 107.91 21.59
N TYR Q 1354 -8.98 106.87 21.41
CA TYR Q 1354 -8.08 106.41 22.45
C TYR Q 1354 -6.91 105.69 21.82
N VAL Q 1355 -5.74 105.82 22.46
CA VAL Q 1355 -4.55 105.07 22.08
C VAL Q 1355 -4.06 104.35 23.33
N VAL Q 1356 -3.36 103.24 23.14
CA VAL Q 1356 -2.59 102.60 24.19
C VAL Q 1356 -1.18 102.36 23.67
N GLY Q 1357 -0.20 102.53 24.53
CA GLY Q 1357 1.17 102.37 24.12
C GLY Q 1357 1.77 101.07 24.61
N GLU Q 1358 2.88 100.65 24.02
CA GLU Q 1358 3.55 99.44 24.48
C GLU Q 1358 4.22 99.70 25.83
N ILE Q 1359 4.17 98.70 26.69
CA ILE Q 1359 4.71 98.86 28.04
C ILE Q 1359 6.23 98.89 28.07
N ILE Q 1360 6.90 98.11 27.23
CA ILE Q 1360 8.34 98.23 27.08
C ILE Q 1360 8.61 98.90 25.73
N PRO Q 1361 9.69 99.63 25.59
CA PRO Q 1361 10.05 100.17 24.27
C PRO Q 1361 10.56 99.09 23.34
N LEU Q 1362 9.65 98.39 22.67
CA LEU Q 1362 10.04 97.40 21.66
C LEU Q 1362 10.00 97.97 20.25
N GLN Q 1363 9.08 98.90 19.97
CA GLN Q 1363 8.96 99.43 18.61
C GLN Q 1363 10.06 100.44 18.32
N GLN Q 1364 10.19 101.46 19.18
CA GLN Q 1364 11.19 102.49 18.95
C GLN Q 1364 12.61 102.04 19.28
N SER Q 1365 12.79 100.86 19.87
CA SER Q 1365 14.12 100.30 19.96
C SER Q 1365 14.53 99.66 18.64
N MET Q 1366 13.56 99.30 17.80
CA MET Q 1366 13.83 98.70 16.51
C MET Q 1366 13.88 99.73 15.39
N LEU Q 1367 12.97 100.71 15.41
CA LEU Q 1367 12.91 101.66 14.31
C LEU Q 1367 13.97 102.75 14.41
N PHE Q 1368 14.40 103.09 15.63
CA PHE Q 1368 15.42 104.13 15.78
C PHE Q 1368 16.82 103.58 15.60
N ASN Q 1369 17.09 102.37 16.11
CA ASN Q 1369 18.41 101.75 16.01
C ASN Q 1369 18.68 101.18 14.62
N SER Q 1370 17.63 100.97 13.82
CA SER Q 1370 17.68 100.35 12.49
C SER Q 1370 18.38 98.99 12.48
N MET R 1 30.23 -4.45 3.51
CA MET R 1 30.27 -3.18 4.22
C MET R 1 31.57 -3.04 4.99
N GLU R 2 32.22 -4.17 5.29
CA GLU R 2 33.53 -4.20 5.92
C GLU R 2 34.43 -5.08 5.06
N ASN R 3 35.71 -4.74 5.00
CA ASN R 3 36.62 -5.55 4.21
C ASN R 3 37.16 -6.71 5.04
N TRP R 4 36.48 -7.85 4.98
CA TRP R 4 36.89 -9.00 5.77
C TRP R 4 38.04 -9.77 5.15
N SER R 5 38.36 -9.52 3.89
CA SER R 5 39.55 -10.12 3.31
C SER R 5 40.81 -9.53 3.91
N ALA R 6 40.79 -8.21 4.16
CA ALA R 6 41.96 -7.54 4.70
C ALA R 6 42.23 -7.90 6.15
N LEU R 7 41.22 -8.39 6.87
CA LEU R 7 41.47 -8.90 8.21
C LEU R 7 42.26 -10.20 8.15
N GLU R 8 42.02 -11.02 7.14
CA GLU R 8 42.73 -12.29 7.02
C GLU R 8 44.11 -12.12 6.41
N LEU R 9 44.25 -11.30 5.37
CA LEU R 9 45.50 -11.32 4.60
C LEU R 9 46.58 -10.45 5.19
N LEU R 10 46.23 -9.48 6.03
CA LEU R 10 47.23 -8.59 6.59
C LEU R 10 48.02 -9.30 7.68
N PRO R 11 49.26 -8.87 7.95
CA PRO R 11 49.99 -9.41 9.09
C PRO R 11 49.39 -8.93 10.40
N LYS R 12 48.92 -9.86 11.20
CA LYS R 12 48.27 -9.56 12.46
C LYS R 12 49.33 -9.26 13.52
N VAL R 13 48.88 -8.91 14.72
CA VAL R 13 49.73 -8.85 15.90
C VAL R 13 49.12 -9.79 16.94
N GLY R 14 49.99 -10.38 17.77
CA GLY R 14 49.56 -11.42 18.66
C GLY R 14 49.25 -10.96 20.06
N ILE R 15 48.08 -11.31 20.58
CA ILE R 15 47.70 -11.00 21.94
C ILE R 15 47.12 -12.26 22.58
N PRO R 16 47.21 -12.40 23.90
CA PRO R 16 46.38 -13.39 24.58
C PRO R 16 44.98 -12.85 24.84
N THR R 17 43.99 -13.34 24.09
CA THR R 17 42.63 -12.86 24.24
C THR R 17 41.99 -13.49 25.47
N ASP R 18 41.35 -12.67 26.29
CA ASP R 18 40.68 -13.13 27.51
C ASP R 18 39.27 -12.53 27.56
N PHE R 19 38.33 -13.20 26.89
CA PHE R 19 36.94 -12.81 26.96
C PHE R 19 36.37 -13.11 28.34
N LEU R 20 35.35 -12.33 28.72
CA LEU R 20 34.68 -12.58 29.99
C LEU R 20 33.82 -13.84 29.90
N THR R 21 33.10 -14.00 28.80
CA THR R 21 32.25 -15.15 28.58
C THR R 21 32.88 -16.02 27.49
N HIS R 22 32.16 -17.05 27.07
CA HIS R 22 32.60 -17.80 25.91
C HIS R 22 32.44 -16.96 24.65
N VAL R 23 33.32 -17.19 23.68
CA VAL R 23 33.39 -16.27 22.53
C VAL R 23 32.23 -16.50 21.57
N LYS R 24 31.78 -17.74 21.37
CA LYS R 24 30.65 -17.98 20.49
C LYS R 24 29.34 -17.53 21.13
N THR R 25 29.28 -17.50 22.45
CA THR R 25 28.10 -16.97 23.13
C THR R 25 28.02 -15.46 22.97
N SER R 26 29.17 -14.78 23.05
CA SER R 26 29.19 -13.34 22.80
C SER R 26 28.93 -13.02 21.33
N ALA R 27 29.31 -13.93 20.44
CA ALA R 27 29.01 -13.72 19.03
C ALA R 27 27.52 -13.90 18.74
N GLY R 28 26.93 -14.99 19.21
CA GLY R 28 25.52 -15.25 18.96
C GLY R 28 24.57 -14.33 19.69
N GLU R 29 25.05 -13.63 20.72
CA GLU R 29 24.28 -12.59 21.38
C GLU R 29 24.69 -11.20 20.89
N GLU R 30 25.52 -11.13 19.85
CA GLU R 30 25.96 -9.93 19.10
C GLU R 30 26.35 -8.77 20.01
N MET R 31 27.29 -9.04 20.93
CA MET R 31 27.87 -7.98 21.74
C MET R 31 28.70 -7.03 20.87
N PHE R 32 29.43 -7.58 19.91
CA PHE R 32 30.26 -6.74 19.06
C PHE R 32 29.41 -6.03 18.01
N GLU R 33 30.07 -5.18 17.23
CA GLU R 33 29.35 -4.41 16.21
C GLU R 33 29.26 -5.17 14.90
N ALA R 34 30.40 -5.53 14.32
CA ALA R 34 30.46 -6.24 13.06
C ALA R 34 31.01 -7.64 13.29
N LEU R 35 30.38 -8.63 12.68
CA LEU R 35 30.74 -10.03 12.87
C LEU R 35 30.90 -10.70 11.52
N ARG R 36 31.84 -11.63 11.46
CA ARG R 36 32.03 -12.45 10.28
C ARG R 36 32.24 -13.90 10.67
N ILE R 37 31.35 -14.42 11.52
CA ILE R 37 31.44 -15.82 11.91
C ILE R 37 31.11 -16.70 10.71
N TYR R 38 31.90 -17.73 10.50
CA TYR R 38 31.54 -18.80 9.59
C TYR R 38 32.09 -20.09 10.18
N TYR R 39 32.09 -21.13 9.37
CA TYR R 39 32.57 -22.43 9.79
C TYR R 39 33.40 -23.03 8.68
N GLY R 40 34.23 -24.01 9.04
CA GLY R 40 35.05 -24.68 8.06
C GLY R 40 36.14 -23.77 7.51
N ASP R 41 36.39 -23.91 6.22
CA ASP R 41 37.35 -23.06 5.52
C ASP R 41 36.62 -22.34 4.40
N ASP R 42 36.86 -21.04 4.28
CA ASP R 42 36.17 -20.24 3.28
C ASP R 42 37.16 -19.72 2.26
N PRO R 43 36.89 -19.86 0.97
CA PRO R 43 37.79 -19.30 -0.04
C PRO R 43 37.45 -17.87 -0.40
N GLU R 44 36.65 -17.21 0.45
CA GLU R 44 36.24 -15.85 0.17
C GLU R 44 37.39 -14.86 0.35
N ARG R 45 38.40 -15.22 1.11
CA ARG R 45 39.52 -14.32 1.38
C ARG R 45 40.59 -14.34 0.30
N TYR R 46 40.30 -14.83 -0.89
CA TYR R 46 41.32 -14.97 -1.91
C TYR R 46 41.09 -14.12 -3.16
N ASN R 47 39.85 -13.87 -3.55
CA ASN R 47 39.57 -13.19 -4.81
C ASN R 47 39.87 -11.69 -4.65
N ILE R 48 41.14 -11.37 -4.76
CA ILE R 48 41.59 -9.99 -4.68
C ILE R 48 41.17 -9.26 -5.93
N HIS R 49 40.34 -8.24 -5.78
CA HIS R 49 39.88 -7.42 -6.88
C HIS R 49 40.02 -5.95 -6.51
N PHE R 50 40.33 -5.13 -7.50
CA PHE R 50 40.51 -3.71 -7.25
C PHE R 50 40.09 -2.92 -8.48
N GLU R 51 40.06 -1.61 -8.30
CA GLU R 51 40.01 -0.68 -9.41
C GLU R 51 41.31 0.10 -9.43
N ALA R 52 41.79 0.40 -10.62
CA ALA R 52 43.11 0.99 -10.80
C ALA R 52 42.96 2.44 -11.22
N ILE R 53 42.98 3.34 -10.24
CA ILE R 53 43.00 4.77 -10.55
C ILE R 53 44.39 5.10 -11.07
N PHE R 54 44.50 5.35 -12.36
CA PHE R 54 45.79 5.64 -12.98
C PHE R 54 46.18 7.09 -12.72
N GLY R 55 47.15 7.59 -13.48
CA GLY R 55 47.69 8.91 -13.26
C GLY R 55 46.70 10.02 -13.55
N THR R 56 46.89 11.13 -12.85
CA THR R 56 46.02 12.28 -12.93
C THR R 56 46.70 13.39 -13.73
N PHE R 57 45.90 14.22 -14.39
CA PHE R 57 46.42 15.16 -15.37
C PHE R 57 45.80 16.53 -15.14
N CYS R 58 46.62 17.56 -15.04
CA CYS R 58 46.16 18.93 -15.10
C CYS R 58 46.17 19.37 -16.55
N ASN R 59 45.78 20.61 -16.82
CA ASN R 59 45.86 21.19 -18.13
C ASN R 59 46.70 22.44 -18.09
N ARG R 60 47.81 22.41 -18.82
CA ARG R 60 48.70 23.57 -18.90
C ARG R 60 48.10 24.52 -19.93
N LEU R 61 47.29 25.46 -19.43
CA LEU R 61 46.78 26.52 -20.27
C LEU R 61 47.91 27.42 -20.74
N GLU R 62 47.86 27.83 -21.99
CA GLU R 62 48.93 28.64 -22.55
C GLU R 62 48.70 30.10 -22.20
N TRP R 63 49.69 30.71 -21.55
CA TRP R 63 49.62 32.13 -21.27
C TRP R 63 49.79 32.92 -22.55
N VAL R 64 49.25 34.13 -22.54
CA VAL R 64 49.36 35.00 -23.70
C VAL R 64 49.49 36.44 -23.24
N TYR R 65 50.49 37.15 -23.76
CA TYR R 65 50.75 38.51 -23.35
C TYR R 65 50.38 39.48 -24.46
N PHE R 66 50.11 40.72 -24.06
CA PHE R 66 49.81 41.77 -25.03
C PHE R 66 51.01 42.08 -25.91
N LEU R 67 52.17 42.33 -25.33
CA LEU R 67 53.36 42.76 -26.06
C LEU R 67 53.95 41.66 -26.93
N THR R 68 53.65 40.40 -26.63
CA THR R 68 54.07 39.30 -27.47
C THR R 68 53.07 38.97 -28.55
N SER R 69 52.07 39.81 -28.78
CA SER R 69 51.03 39.55 -29.78
C SER R 69 51.18 40.52 -30.95
N GLY R 70 50.48 40.21 -32.03
CA GLY R 70 50.48 41.08 -33.19
C GLY R 70 49.63 42.32 -33.04
N LEU R 71 48.74 42.34 -32.05
CA LEU R 71 47.94 43.54 -31.81
C LEU R 71 48.77 44.64 -31.18
N ALA R 72 49.89 44.29 -30.56
CA ALA R 72 50.76 45.27 -29.92
C ALA R 72 51.43 46.20 -30.91
N ALA R 73 51.54 45.81 -32.18
CA ALA R 73 52.05 46.73 -33.19
C ALA R 73 51.00 47.75 -33.58
N ALA R 74 49.75 47.53 -33.22
CA ALA R 74 48.68 48.48 -33.50
C ALA R 74 48.47 49.47 -32.36
N ALA R 75 49.42 49.58 -31.45
CA ALA R 75 49.23 50.43 -30.28
C ALA R 75 50.56 50.98 -29.79
N HIS R 76 50.47 51.73 -28.71
CA HIS R 76 51.61 52.37 -28.06
C HIS R 76 51.49 52.18 -26.56
N ALA R 77 51.29 50.93 -26.12
CA ALA R 77 50.92 50.58 -24.75
C ALA R 77 51.92 51.05 -23.72
N ILE R 78 51.44 51.78 -22.72
CA ILE R 78 52.28 52.42 -21.72
C ILE R 78 51.60 52.24 -20.36
N LYS R 79 52.32 51.60 -19.43
CA LYS R 79 51.91 51.62 -18.03
C LYS R 79 52.13 53.01 -17.50
N PHE R 80 51.09 53.61 -16.95
CA PHE R 80 51.16 54.99 -16.52
C PHE R 80 50.32 55.16 -15.27
N HIS R 81 50.86 55.89 -14.30
CA HIS R 81 50.14 56.08 -13.05
C HIS R 81 48.99 57.04 -13.24
N ASP R 82 47.81 56.63 -12.80
CA ASP R 82 46.55 57.30 -13.06
C ASP R 82 46.50 58.67 -12.41
N LEU R 83 46.21 59.69 -13.22
CA LEU R 83 46.09 61.06 -12.76
C LEU R 83 44.70 61.57 -13.10
N ASN R 84 44.34 62.72 -12.54
CA ASN R 84 43.04 63.31 -12.85
C ASN R 84 43.16 64.27 -14.03
N LYS R 85 44.38 64.69 -14.38
CA LYS R 85 44.55 65.82 -15.29
C LYS R 85 44.25 65.43 -16.74
N LEU R 86 44.56 64.19 -17.12
CA LEU R 86 44.26 63.76 -18.48
C LEU R 86 42.77 63.47 -18.63
N THR R 87 42.09 63.18 -17.53
CA THR R 87 40.67 62.83 -17.59
C THR R 87 39.78 64.07 -17.53
N THR R 88 40.23 65.11 -16.81
CA THR R 88 39.41 66.30 -16.69
C THR R 88 39.46 67.15 -17.95
N GLY R 89 40.41 66.88 -18.83
CA GLY R 89 40.52 67.64 -20.06
C GLY R 89 40.78 66.79 -21.28
N LYS R 90 39.98 66.98 -22.33
CA LYS R 90 40.30 66.42 -23.62
C LYS R 90 41.49 67.16 -24.22
N MET R 91 42.27 66.46 -25.03
CA MET R 91 43.47 67.07 -25.60
C MET R 91 43.12 67.85 -26.86
N LEU R 92 44.01 68.76 -27.22
CA LEU R 92 43.89 69.53 -28.44
C LEU R 92 45.14 69.29 -29.28
N PHE R 93 44.96 69.24 -30.60
CA PHE R 93 46.08 68.99 -31.50
C PHE R 93 46.00 69.91 -32.69
N HIS R 94 47.05 70.71 -32.88
CA HIS R 94 47.19 71.59 -34.03
C HIS R 94 48.00 70.86 -35.08
N VAL R 95 47.32 70.15 -35.97
CA VAL R 95 47.99 69.42 -37.03
C VAL R 95 48.09 70.32 -38.25
N GLN R 96 49.27 70.38 -38.82
CA GLN R 96 49.54 71.19 -40.01
C GLN R 96 49.18 70.41 -41.25
N VAL R 97 48.46 71.05 -42.16
CA VAL R 97 47.99 70.42 -43.39
C VAL R 97 48.87 70.93 -44.54
N PRO R 98 49.35 70.06 -45.42
CA PRO R 98 50.12 70.53 -46.58
C PRO R 98 49.18 71.08 -47.64
N ARG R 99 49.53 72.24 -48.17
CA ARG R 99 48.74 72.87 -49.21
C ARG R 99 49.59 73.18 -50.43
N VAL R 100 48.95 73.24 -51.59
CA VAL R 100 49.61 73.49 -52.85
C VAL R 100 49.18 74.86 -53.36
N ALA R 101 50.16 75.64 -53.83
CA ALA R 101 49.90 76.99 -54.27
C ALA R 101 49.78 77.04 -55.79
N SER R 102 48.85 77.87 -56.25
CA SER R 102 48.56 78.03 -57.67
C SER R 102 48.26 79.50 -57.94
N GLY R 103 49.17 80.17 -58.64
CA GLY R 103 49.22 81.62 -58.66
C GLY R 103 48.20 82.34 -59.51
N ALA R 104 47.26 81.63 -60.13
CA ALA R 104 46.29 82.29 -61.00
C ALA R 104 45.15 82.87 -60.17
N GLY R 105 44.07 83.28 -60.85
CA GLY R 105 42.97 83.96 -60.19
C GLY R 105 42.08 83.06 -59.35
N LEU R 106 42.30 81.76 -59.38
CA LEU R 106 41.55 80.86 -58.53
C LEU R 106 41.97 81.06 -57.07
N PRO R 107 41.05 80.96 -56.12
CA PRO R 107 41.39 81.22 -54.72
C PRO R 107 42.17 80.05 -54.11
N THR R 108 42.87 80.36 -53.03
CA THR R 108 43.69 79.39 -52.32
C THR R 108 43.37 79.47 -50.83
N SER R 109 43.85 78.48 -50.10
CA SER R 109 43.61 78.42 -48.66
C SER R 109 44.50 79.43 -47.96
N ARG R 110 43.87 80.44 -47.35
CA ARG R 110 44.60 81.51 -46.69
C ARG R 110 45.30 81.03 -45.43
N GLN R 111 44.75 80.02 -44.75
CA GLN R 111 45.27 79.60 -43.46
C GLN R 111 45.53 78.10 -43.47
N THR R 112 46.61 77.72 -42.80
CA THR R 112 46.96 76.32 -42.61
C THR R 112 46.70 75.93 -41.16
N THR R 113 47.13 74.71 -40.77
CA THR R 113 47.10 74.18 -39.41
C THR R 113 45.67 74.16 -38.84
N ILE R 114 44.86 73.30 -39.45
CA ILE R 114 43.53 73.04 -38.89
C ILE R 114 43.65 72.36 -37.53
N MET R 115 42.66 72.61 -36.69
CA MET R 115 42.69 72.16 -35.30
C MET R 115 41.69 71.02 -35.13
N VAL R 116 42.15 69.92 -34.55
CA VAL R 116 41.30 68.79 -34.24
C VAL R 116 41.24 68.59 -32.73
N THR R 117 40.10 68.10 -32.27
CA THR R 117 39.88 67.83 -30.86
C THR R 117 39.67 66.34 -30.69
N LYS R 118 40.58 65.70 -29.96
CA LYS R 118 40.49 64.27 -29.72
C LYS R 118 40.05 64.02 -28.30
N TYR R 119 39.22 62.99 -28.13
CA TYR R 119 38.68 62.61 -26.83
C TYR R 119 39.38 61.35 -26.34
N SER R 120 39.87 61.40 -25.11
CA SER R 120 40.46 60.22 -24.48
C SER R 120 39.33 59.46 -23.79
N GLU R 121 38.62 58.63 -24.55
CA GLU R 121 37.53 57.84 -23.99
C GLU R 121 38.12 56.72 -23.14
N LYS R 122 37.34 56.25 -22.18
CA LYS R 122 37.80 55.29 -21.19
C LYS R 122 36.97 54.02 -21.30
N SER R 123 37.56 52.89 -20.91
CA SER R 123 36.88 51.61 -20.92
C SER R 123 37.57 50.71 -19.92
N PRO R 124 37.02 50.60 -18.70
CA PRO R 124 37.66 49.76 -17.68
C PRO R 124 37.39 48.29 -17.94
N ILE R 125 38.32 47.46 -17.45
CA ILE R 125 38.23 46.03 -17.63
C ILE R 125 38.31 45.38 -16.25
N THR R 126 37.40 44.44 -15.99
CA THR R 126 37.29 43.86 -14.67
C THR R 126 37.04 42.36 -14.78
N ILE R 127 37.39 41.65 -13.70
CA ILE R 127 37.13 40.23 -13.54
C ILE R 127 37.18 39.93 -12.05
N PRO R 128 36.27 39.14 -11.50
CA PRO R 128 36.41 38.68 -10.12
C PRO R 128 37.15 37.36 -10.04
N PHE R 129 37.85 37.19 -8.92
CA PHE R 129 38.36 35.88 -8.55
C PHE R 129 38.14 35.70 -7.06
N GLU R 130 37.76 34.48 -6.69
CA GLU R 130 37.23 34.21 -5.36
C GLU R 130 38.13 33.22 -4.63
N LEU R 131 38.15 33.33 -3.31
CA LEU R 131 38.88 32.43 -2.44
C LEU R 131 37.92 31.91 -1.39
N SER R 132 37.92 30.60 -1.17
CA SER R 132 37.08 30.03 -0.13
C SER R 132 37.65 30.38 1.25
N ALA R 133 36.75 30.45 2.23
CA ALA R 133 37.18 30.74 3.59
C ALA R 133 38.01 29.62 4.19
N ALA R 134 37.74 28.38 3.80
CA ALA R 134 38.56 27.25 4.22
C ALA R 134 39.96 27.31 3.62
N CYS R 135 40.11 27.96 2.47
CA CYS R 135 41.44 28.25 1.95
C CYS R 135 42.12 29.39 2.68
N LEU R 136 41.40 30.48 2.95
CA LEU R 136 42.01 31.66 3.56
C LEU R 136 42.36 31.43 5.03
N THR R 137 41.72 30.47 5.70
CA THR R 137 42.15 30.15 7.04
C THR R 137 43.37 29.24 7.06
N TYR R 138 43.71 28.63 5.92
CA TYR R 138 44.83 27.69 5.86
C TYR R 138 46.09 28.35 5.32
N LEU R 139 46.06 29.66 5.11
CA LEU R 139 47.26 30.42 4.81
C LEU R 139 47.92 30.99 6.04
N ARG R 140 47.21 31.02 7.17
CA ARG R 140 47.72 31.58 8.41
C ARG R 140 47.77 30.56 9.54
N GLU R 141 46.68 29.83 9.76
CA GLU R 141 46.53 28.96 10.92
C GLU R 141 47.23 27.62 10.66
N THR R 142 48.55 27.67 10.56
CA THR R 142 49.36 26.47 10.39
C THR R 142 49.50 25.80 11.74
N PHE R 143 48.83 24.66 11.91
CA PHE R 143 48.79 23.97 13.19
C PHE R 143 50.05 23.17 13.48
N GLU R 144 50.92 22.99 12.47
CA GLU R 144 52.21 22.30 12.57
C GLU R 144 52.05 20.87 13.08
N GLY R 145 50.92 20.25 12.74
CA GLY R 145 50.63 18.93 13.26
C GLY R 145 51.48 17.83 12.67
N THR R 146 51.22 17.52 11.40
CA THR R 146 51.83 16.40 10.70
C THR R 146 52.15 16.84 9.28
N ILE R 147 52.39 15.87 8.40
CA ILE R 147 52.56 16.15 6.99
C ILE R 147 51.25 16.61 6.35
N LEU R 148 50.10 16.30 6.98
CA LEU R 148 48.80 16.71 6.46
C LEU R 148 48.63 18.23 6.46
N ASP R 149 49.08 18.90 7.51
CA ASP R 149 48.97 20.35 7.57
C ASP R 149 49.87 21.01 6.53
N LYS R 150 51.05 20.43 6.28
CA LYS R 150 51.91 20.96 5.25
C LYS R 150 51.32 20.72 3.85
N ILE R 151 50.62 19.59 3.68
CA ILE R 151 49.96 19.30 2.41
C ILE R 151 48.86 20.32 2.14
N LEU R 152 48.02 20.58 3.16
CA LEU R 152 46.94 21.54 2.97
C LEU R 152 47.46 22.97 2.85
N ASN R 153 48.55 23.29 3.53
CA ASN R 153 49.14 24.62 3.41
C ASN R 153 49.72 24.84 2.02
N VAL R 154 50.44 23.86 1.49
CA VAL R 154 51.04 24.04 0.17
C VAL R 154 49.97 23.98 -0.91
N GLU R 155 48.86 23.28 -0.65
CA GLU R 155 47.78 23.32 -1.62
C GLU R 155 47.04 24.65 -1.60
N ALA R 156 46.87 25.25 -0.42
CA ALA R 156 46.26 26.57 -0.35
C ALA R 156 47.12 27.61 -1.04
N MET R 157 48.44 27.54 -0.82
CA MET R 157 49.35 28.44 -1.52
C MET R 157 49.34 28.22 -3.02
N HIS R 158 49.22 26.98 -3.46
CA HIS R 158 49.27 26.73 -4.90
C HIS R 158 47.95 27.07 -5.58
N THR R 159 46.81 26.94 -4.88
CA THR R 159 45.58 27.39 -5.52
C THR R 159 45.45 28.92 -5.47
N VAL R 160 46.09 29.58 -4.50
CA VAL R 160 46.18 31.03 -4.54
C VAL R 160 47.03 31.48 -5.71
N LEU R 161 48.14 30.79 -5.97
CA LEU R 161 48.97 31.12 -7.11
C LEU R 161 48.27 30.79 -8.42
N ARG R 162 47.46 29.74 -8.44
CA ARG R 162 46.71 29.41 -9.65
C ARG R 162 45.64 30.46 -9.94
N ALA R 163 44.95 30.94 -8.90
CA ALA R 163 43.96 31.99 -9.09
C ALA R 163 44.61 33.30 -9.51
N LEU R 164 45.80 33.60 -8.98
CA LEU R 164 46.50 34.82 -9.39
C LEU R 164 47.02 34.75 -10.81
N LYS R 165 47.57 33.61 -11.23
CA LYS R 165 48.01 33.45 -12.61
C LYS R 165 46.83 33.47 -13.57
N ASN R 166 45.70 32.89 -13.16
CA ASN R 166 44.51 32.92 -14.00
C ASN R 166 43.94 34.32 -14.09
N THR R 167 44.01 35.10 -13.00
CA THR R 167 43.53 36.48 -13.03
C THR R 167 44.44 37.35 -13.89
N ALA R 168 45.75 37.08 -13.86
CA ALA R 168 46.67 37.84 -14.71
C ALA R 168 46.45 37.54 -16.19
N ASP R 169 46.28 36.26 -16.54
CA ASP R 169 46.01 35.92 -17.93
C ASP R 169 44.63 36.41 -18.37
N ALA R 170 43.67 36.41 -17.45
CA ALA R 170 42.35 36.94 -17.76
C ALA R 170 42.39 38.44 -17.97
N MET R 171 43.21 39.14 -17.20
CA MET R 171 43.34 40.58 -17.38
C MET R 171 44.05 40.92 -18.69
N GLU R 172 45.03 40.11 -19.08
CA GLU R 172 45.70 40.34 -20.36
C GLU R 172 44.78 40.05 -21.53
N ARG R 173 44.00 38.96 -21.44
CA ARG R 173 43.03 38.67 -22.48
C ARG R 173 41.93 39.72 -22.53
N GLY R 174 41.54 40.27 -21.38
CA GLY R 174 40.60 41.37 -21.39
C GLY R 174 41.17 42.64 -21.97
N LEU R 175 42.48 42.85 -21.80
CA LEU R 175 43.12 43.99 -22.44
C LEU R 175 43.13 43.84 -23.96
N ILE R 176 43.45 42.63 -24.44
CA ILE R 176 43.39 42.36 -25.89
C ILE R 176 41.96 42.52 -26.41
N HIS R 177 40.99 42.05 -25.63
CA HIS R 177 39.59 42.12 -26.06
C HIS R 177 39.09 43.54 -26.12
N SER R 178 39.37 44.35 -25.10
CA SER R 178 38.95 45.74 -25.09
C SER R 178 39.68 46.56 -26.13
N PHE R 179 40.96 46.24 -26.39
CA PHE R 179 41.68 46.91 -27.46
C PHE R 179 41.07 46.57 -28.82
N LEU R 180 40.66 45.33 -29.01
CA LEU R 180 40.04 44.96 -30.29
C LEU R 180 38.65 45.55 -30.43
N GLN R 181 37.93 45.72 -29.32
CA GLN R 181 36.65 46.43 -29.36
C GLN R 181 36.83 47.89 -29.75
N THR R 182 37.83 48.55 -29.16
CA THR R 182 38.06 49.96 -29.48
C THR R 182 38.59 50.14 -30.89
N LEU R 183 39.33 49.15 -31.40
CA LEU R 183 39.74 49.23 -32.79
C LEU R 183 38.59 48.94 -33.73
N LEU R 184 37.67 48.06 -33.34
CA LEU R 184 36.51 47.79 -34.16
C LEU R 184 35.56 48.96 -34.23
N ARG R 185 35.43 49.73 -33.16
CA ARG R 185 34.45 50.81 -33.13
C ARG R 185 34.85 52.01 -33.99
N LYS R 186 36.11 52.11 -34.40
CA LYS R 186 36.53 53.17 -35.32
C LYS R 186 37.11 52.59 -36.60
N ALA R 187 36.60 51.44 -37.05
CA ALA R 187 37.09 50.78 -38.26
C ALA R 187 35.95 50.72 -39.26
N PRO R 188 35.87 51.68 -40.17
CA PRO R 188 34.85 51.62 -41.21
C PRO R 188 35.13 50.50 -42.19
N PRO R 189 34.11 49.96 -42.84
CA PRO R 189 34.32 48.81 -43.73
C PRO R 189 35.06 49.19 -45.01
N TYR R 190 35.32 48.17 -45.82
CA TYR R 190 36.13 48.36 -47.03
C TYR R 190 35.39 49.18 -48.07
N PHE R 191 34.07 48.99 -48.18
CA PHE R 191 33.32 49.62 -49.25
C PHE R 191 33.10 51.11 -49.02
N VAL R 192 33.45 51.63 -47.84
CA VAL R 192 33.45 53.07 -47.67
C VAL R 192 34.88 53.63 -47.68
N VAL R 193 35.87 52.84 -47.23
CA VAL R 193 37.21 53.40 -47.17
C VAL R 193 37.87 53.39 -48.54
N GLN R 194 37.52 52.43 -49.41
CA GLN R 194 38.01 52.50 -50.79
C GLN R 194 37.31 53.62 -51.53
N THR R 195 36.07 53.92 -51.17
CA THR R 195 35.39 55.08 -51.74
C THR R 195 36.07 56.37 -51.33
N LEU R 196 36.40 56.51 -50.04
CA LEU R 196 37.01 57.74 -49.56
C LEU R 196 38.47 57.87 -49.96
N VAL R 197 39.13 56.80 -50.37
CA VAL R 197 40.49 56.97 -50.88
C VAL R 197 40.48 57.07 -52.40
N GLU R 198 39.37 56.70 -53.04
CA GLU R 198 39.28 56.78 -54.49
C GLU R 198 39.26 58.22 -54.96
N ASN R 199 38.45 59.06 -54.33
CA ASN R 199 38.51 60.50 -54.53
C ASN R 199 38.89 61.17 -53.21
N ALA R 200 39.70 62.22 -53.29
CA ALA R 200 40.28 62.86 -52.11
C ALA R 200 39.20 63.68 -51.41
N THR R 201 38.49 63.06 -50.47
CA THR R 201 37.38 63.67 -49.76
C THR R 201 37.61 63.60 -48.26
N LEU R 202 38.78 64.06 -47.81
CA LEU R 202 39.20 63.91 -46.42
C LEU R 202 38.41 64.83 -45.49
N ALA R 203 38.77 64.81 -44.21
CA ALA R 203 37.94 65.32 -43.13
C ALA R 203 37.88 66.84 -43.03
N ARG R 204 38.62 67.57 -43.85
CA ARG R 204 38.59 69.02 -43.81
C ARG R 204 37.70 69.64 -44.88
N GLN R 205 36.90 68.84 -45.57
CA GLN R 205 36.24 69.30 -46.79
C GLN R 205 34.74 69.51 -46.58
N ALA R 206 34.17 70.41 -47.38
CA ALA R 206 32.74 70.48 -47.56
C ALA R 206 32.34 69.54 -48.70
N LEU R 207 31.04 69.48 -48.98
CA LEU R 207 30.51 68.54 -49.96
C LEU R 207 29.37 69.17 -50.77
N ASN R 208 29.57 69.27 -52.07
CA ASN R 208 28.48 69.55 -52.98
C ASN R 208 27.62 68.31 -53.16
N ARG R 209 26.39 68.51 -53.63
CA ARG R 209 25.46 67.39 -53.80
C ARG R 209 25.92 66.41 -54.88
N ILE R 210 26.63 66.89 -55.90
CA ILE R 210 27.18 66.01 -56.91
C ILE R 210 28.26 65.12 -56.32
N GLN R 211 29.06 65.66 -55.39
CA GLN R 211 30.08 64.88 -54.72
C GLN R 211 29.46 63.78 -53.87
N ARG R 212 28.40 64.11 -53.12
CA ARG R 212 27.73 63.10 -52.31
C ARG R 212 27.02 62.07 -53.17
N SER R 213 26.54 62.47 -54.34
CA SER R 213 25.90 61.50 -55.24
C SER R 213 26.94 60.51 -55.79
N ASN R 214 28.13 60.99 -56.12
CA ASN R 214 29.19 60.09 -56.55
C ASN R 214 29.65 59.17 -55.42
N ILE R 215 29.69 59.70 -54.19
CA ILE R 215 30.03 58.89 -53.02
C ILE R 215 28.98 57.81 -52.79
N LEU R 216 27.70 58.13 -52.97
CA LEU R 216 26.65 57.13 -52.79
C LEU R 216 26.67 56.08 -53.89
N GLN R 217 26.99 56.48 -55.12
CA GLN R 217 27.12 55.52 -56.21
C GLN R 217 28.24 54.52 -55.93
N SER R 218 29.38 55.02 -55.45
CA SER R 218 30.47 54.11 -55.11
C SER R 218 30.14 53.25 -53.90
N PHE R 219 29.39 53.80 -52.92
CA PHE R 219 28.95 53.02 -51.77
C PHE R 219 28.09 51.84 -52.18
N LYS R 220 27.08 52.09 -53.02
CA LYS R 220 26.18 51.01 -53.43
C LYS R 220 26.90 50.00 -54.30
N ALA R 221 27.78 50.46 -55.21
CA ALA R 221 28.48 49.55 -56.10
C ALA R 221 29.45 48.65 -55.35
N LYS R 222 30.14 49.20 -54.36
CA LYS R 222 31.11 48.36 -53.65
C LYS R 222 30.50 47.59 -52.49
N MET R 223 29.33 47.98 -51.98
CA MET R 223 28.65 47.10 -51.04
C MET R 223 27.96 45.97 -51.77
N LEU R 224 27.61 46.16 -53.04
CA LEU R 224 27.03 45.08 -53.82
C LEU R 224 28.11 44.13 -54.33
N ALA R 225 29.21 44.66 -54.85
CA ALA R 225 30.14 43.86 -55.62
C ALA R 225 31.08 43.03 -54.77
N THR R 226 31.63 43.60 -53.71
CA THR R 226 32.62 42.93 -52.88
C THR R 226 32.14 42.78 -51.44
N LEU R 227 30.90 42.35 -51.25
CA LEU R 227 30.41 42.12 -49.90
C LEU R 227 31.03 40.86 -49.29
N PHE R 228 30.78 39.72 -49.90
CA PHE R 228 31.35 38.45 -49.45
C PHE R 228 32.47 38.10 -50.42
N LEU R 229 33.71 38.28 -49.99
CA LEU R 229 34.80 38.19 -50.95
C LEU R 229 35.25 36.74 -51.18
N LEU R 230 35.71 36.08 -50.12
CA LEU R 230 36.41 34.81 -50.31
C LEU R 230 35.45 33.67 -50.66
N ASN R 231 34.15 33.85 -50.48
CA ASN R 231 33.21 32.84 -50.92
C ASN R 231 32.97 32.90 -52.42
N ARG R 232 33.36 33.97 -53.10
CA ARG R 232 33.17 34.09 -54.53
C ARG R 232 34.46 33.82 -55.31
N THR R 233 35.50 34.60 -55.04
CA THR R 233 36.70 34.61 -55.86
C THR R 233 37.81 33.86 -55.15
N ARG R 234 38.29 32.79 -55.78
CA ARG R 234 39.38 31.98 -55.24
C ARG R 234 40.66 32.10 -56.04
N ASP R 235 40.88 33.25 -56.67
CA ASP R 235 42.10 33.46 -57.44
C ASP R 235 43.04 34.43 -56.73
N ARG R 236 44.33 34.09 -56.71
CA ARG R 236 45.29 34.75 -55.83
C ARG R 236 45.59 36.18 -56.26
N ASP R 237 45.47 36.46 -57.55
CA ASP R 237 45.77 37.80 -58.06
C ASP R 237 44.78 38.84 -57.55
N TYR R 238 43.48 38.52 -57.58
CA TYR R 238 42.49 39.49 -57.13
C TYR R 238 42.52 39.67 -55.62
N VAL R 239 42.81 38.59 -54.88
CA VAL R 239 42.92 38.70 -53.43
C VAL R 239 44.16 39.52 -53.05
N LEU R 240 45.24 39.38 -53.81
CA LEU R 240 46.43 40.20 -53.56
C LEU R 240 46.16 41.67 -53.86
N LYS R 241 45.44 41.94 -54.96
CA LYS R 241 45.05 43.31 -55.28
C LYS R 241 44.12 43.90 -54.24
N PHE R 242 43.23 43.08 -53.68
CA PHE R 242 42.35 43.53 -52.62
C PHE R 242 43.13 43.87 -51.35
N LEU R 243 44.10 43.02 -50.99
CA LEU R 243 44.85 43.26 -49.77
C LEU R 243 45.76 44.47 -49.89
N THR R 244 46.35 44.70 -51.07
CA THR R 244 47.14 45.92 -51.23
C THR R 244 46.23 47.12 -51.43
N ARG R 245 44.97 46.89 -51.78
CA ARG R 245 43.99 47.97 -51.75
C ARG R 245 43.66 48.38 -50.33
N LEU R 246 43.58 47.41 -49.42
CA LEU R 246 43.33 47.73 -48.01
C LEU R 246 44.54 48.38 -47.36
N ALA R 247 45.74 47.89 -47.68
CA ALA R 247 46.93 48.40 -47.00
C ALA R 247 47.27 49.82 -47.42
N GLU R 248 46.92 50.20 -48.64
CA GLU R 248 47.18 51.55 -49.12
C GLU R 248 46.19 52.57 -48.57
N ALA R 249 44.96 52.16 -48.27
CA ALA R 249 43.90 53.11 -47.96
C ALA R 249 44.04 53.69 -46.56
N ALA R 250 44.81 53.04 -45.69
CA ALA R 250 45.02 53.58 -44.35
C ALA R 250 45.95 54.78 -44.40
N THR R 251 45.62 55.80 -43.60
CA THR R 251 46.42 57.00 -43.52
C THR R 251 47.37 56.93 -42.32
N ASP R 252 48.10 58.01 -42.08
CA ASP R 252 49.17 58.00 -41.10
C ASP R 252 48.61 58.44 -39.73
N SER R 253 49.49 58.66 -38.76
CA SER R 253 49.11 59.07 -37.41
C SER R 253 50.04 60.19 -36.96
N ILE R 254 49.71 60.78 -35.81
CA ILE R 254 50.48 61.91 -35.31
C ILE R 254 51.77 61.44 -34.66
N LEU R 255 51.67 60.65 -33.60
CA LEU R 255 52.84 60.22 -32.85
C LEU R 255 53.18 58.79 -33.28
N ASP R 256 53.93 58.67 -34.36
CA ASP R 256 54.39 57.39 -34.88
C ASP R 256 55.87 57.25 -34.52
N ASN R 257 56.23 56.13 -33.93
CA ASN R 257 57.61 55.88 -33.56
C ASN R 257 58.29 55.03 -34.63
N PRO R 258 59.30 55.55 -35.33
CA PRO R 258 59.96 54.76 -36.38
C PRO R 258 60.95 53.73 -35.88
N THR R 259 61.31 53.76 -34.60
CA THR R 259 62.25 52.78 -34.06
C THR R 259 61.57 51.56 -33.45
N THR R 260 60.25 51.46 -33.56
CA THR R 260 59.52 50.34 -33.00
C THR R 260 58.94 49.48 -34.11
N TYR R 261 58.90 48.16 -33.83
CA TYR R 261 58.36 47.13 -34.72
C TYR R 261 59.06 47.12 -36.07
N THR R 262 60.37 47.25 -36.06
CA THR R 262 61.18 47.00 -37.22
C THR R 262 61.64 45.55 -37.21
N THR R 263 61.60 44.93 -38.38
CA THR R 263 62.02 43.55 -38.51
C THR R 263 63.49 43.48 -38.91
N SER R 264 63.96 42.27 -39.17
CA SER R 264 65.30 42.10 -39.69
C SER R 264 65.37 42.57 -41.15
N SER R 265 66.60 42.75 -41.62
CA SER R 265 66.93 43.28 -42.96
C SER R 265 66.32 44.67 -43.19
N GLY R 266 66.22 45.44 -42.12
CA GLY R 266 65.90 46.86 -42.20
C GLY R 266 64.50 47.24 -42.61
N ALA R 267 63.63 46.28 -42.92
CA ALA R 267 62.28 46.63 -43.37
C ALA R 267 61.43 47.10 -42.20
N LYS R 268 60.35 47.80 -42.53
CA LYS R 268 59.49 48.43 -41.54
C LYS R 268 58.09 47.83 -41.62
N ILE R 269 57.54 47.46 -40.46
CA ILE R 269 56.15 47.02 -40.39
C ILE R 269 55.26 48.24 -40.41
N SER R 270 54.27 48.26 -41.31
CA SER R 270 53.38 49.39 -41.46
C SER R 270 51.93 49.01 -41.20
N GLY R 271 51.69 48.27 -40.13
CA GLY R 271 50.36 47.91 -39.73
C GLY R 271 50.25 46.42 -39.48
N VAL R 272 49.04 46.00 -39.12
CA VAL R 272 48.78 44.60 -38.81
C VAL R 272 47.34 44.28 -39.16
N MET R 273 47.12 43.16 -39.84
CA MET R 273 45.79 42.67 -40.12
C MET R 273 45.58 41.38 -39.34
N VAL R 274 44.33 41.13 -38.96
CA VAL R 274 43.99 40.03 -38.07
C VAL R 274 42.62 39.50 -38.46
N SER R 275 42.48 38.18 -38.52
CA SER R 275 41.23 37.54 -38.89
C SER R 275 41.04 36.30 -38.04
N THR R 276 40.03 35.52 -38.39
CA THR R 276 39.80 34.25 -37.73
C THR R 276 40.78 33.20 -38.26
N ALA R 277 40.76 32.03 -37.63
CA ALA R 277 41.70 30.98 -37.99
C ALA R 277 41.45 30.42 -39.38
N ASN R 278 40.18 30.33 -39.79
CA ASN R 278 39.88 29.71 -41.08
C ASN R 278 40.24 30.63 -42.24
N VAL R 279 39.94 31.91 -42.10
CA VAL R 279 40.31 32.88 -43.14
C VAL R 279 41.82 33.01 -43.23
N MET R 280 42.50 32.97 -42.08
CA MET R 280 43.96 33.00 -42.08
C MET R 280 44.53 31.77 -42.76
N GLN R 281 43.92 30.60 -42.55
CA GLN R 281 44.43 29.38 -43.19
C GLN R 281 44.18 29.40 -44.68
N ILE R 282 43.06 29.99 -45.11
CA ILE R 282 42.77 30.10 -46.53
C ILE R 282 43.74 31.07 -47.21
N ILE R 283 44.05 32.19 -46.53
CA ILE R 283 45.00 33.16 -47.08
C ILE R 283 46.40 32.57 -47.14
N MET R 284 46.81 31.81 -46.11
CA MET R 284 48.10 31.14 -46.11
C MET R 284 48.20 30.09 -47.21
N SER R 285 47.15 29.28 -47.39
CA SER R 285 47.17 28.25 -48.41
C SER R 285 46.99 28.80 -49.82
N LEU R 286 46.52 30.04 -49.95
CA LEU R 286 46.35 30.65 -51.27
C LEU R 286 47.50 31.56 -51.66
N LEU R 287 48.12 32.23 -50.71
CA LEU R 287 49.14 33.23 -50.98
C LEU R 287 50.47 32.85 -50.37
N SER R 288 50.88 31.59 -50.55
CA SER R 288 52.13 31.12 -49.95
C SER R 288 53.37 31.70 -50.64
N SER R 289 53.22 32.37 -51.78
CA SER R 289 54.33 32.99 -52.46
C SER R 289 54.62 34.39 -51.96
N HIS R 290 53.88 34.89 -50.97
CA HIS R 290 54.13 36.21 -50.42
C HIS R 290 54.34 36.20 -48.91
N ILE R 291 54.18 35.06 -48.26
CA ILE R 291 54.23 34.98 -46.80
C ILE R 291 55.54 34.33 -46.40
N THR R 292 56.35 35.08 -45.65
CA THR R 292 57.59 34.57 -45.09
C THR R 292 57.45 34.41 -43.58
N LYS R 293 58.55 34.08 -42.93
CA LYS R 293 58.61 33.95 -41.48
C LYS R 293 59.89 34.61 -41.00
N GLU R 294 59.77 35.83 -40.51
CA GLU R 294 60.92 36.57 -40.02
C GLU R 294 60.63 37.18 -38.66
N THR R 295 61.70 37.48 -37.94
CA THR R 295 61.60 38.03 -36.59
C THR R 295 61.49 39.55 -36.64
N VAL R 296 60.95 40.11 -35.56
CA VAL R 296 60.69 41.54 -35.47
C VAL R 296 61.04 42.01 -34.07
N SER R 297 61.67 43.17 -33.96
CA SER R 297 62.01 43.73 -32.66
C SER R 297 60.83 44.49 -32.07
N ALA R 298 60.37 44.05 -30.92
CA ALA R 298 59.16 44.56 -30.28
C ALA R 298 59.50 45.06 -28.89
N PRO R 299 58.75 46.04 -28.38
CA PRO R 299 58.97 46.50 -27.00
C PRO R 299 58.56 45.44 -25.99
N ALA R 300 59.51 45.08 -25.12
CA ALA R 300 59.29 44.05 -24.12
C ALA R 300 58.63 44.58 -22.85
N THR R 301 58.77 45.86 -22.57
CA THR R 301 58.25 46.41 -21.32
C THR R 301 57.67 47.78 -21.57
N TYR R 302 56.76 48.19 -20.71
CA TYR R 302 56.13 49.49 -20.84
C TYR R 302 57.09 50.58 -20.39
N GLY R 303 56.87 51.78 -20.91
CA GLY R 303 57.57 52.94 -20.38
C GLY R 303 57.03 53.30 -19.01
N ASN R 304 57.88 53.94 -18.20
CA ASN R 304 57.58 54.39 -16.84
C ASN R 304 57.09 53.28 -15.91
N ALA R 349 61.71 51.83 -20.28
CA ALA R 349 61.45 51.96 -21.70
C ALA R 349 62.69 51.65 -22.52
N HIS R 350 62.54 51.72 -23.84
CA HIS R 350 63.65 51.72 -24.80
C HIS R 350 64.46 50.43 -24.76
N SER R 351 63.78 49.29 -24.84
CA SER R 351 64.41 47.99 -24.83
C SER R 351 63.64 47.05 -25.74
N LEU R 352 64.37 46.36 -26.62
CA LEU R 352 63.77 45.55 -27.68
C LEU R 352 64.15 44.08 -27.49
N THR R 353 63.17 43.20 -27.68
CA THR R 353 63.40 41.75 -27.66
C THR R 353 62.71 41.14 -28.86
N PRO R 354 63.41 40.33 -29.65
CA PRO R 354 62.80 39.80 -30.88
C PRO R 354 61.81 38.67 -30.60
N LEU R 355 60.88 38.50 -31.52
CA LEU R 355 60.01 37.33 -31.58
C LEU R 355 59.60 37.13 -33.03
N SER R 356 59.09 35.94 -33.33
CA SER R 356 58.81 35.56 -34.71
C SER R 356 57.31 35.63 -34.99
N MET R 357 56.94 36.31 -36.07
CA MET R 357 55.58 36.41 -36.54
C MET R 357 55.54 36.06 -38.02
N ASP R 358 54.39 36.28 -38.64
CA ASP R 358 54.19 36.04 -40.07
C ASP R 358 53.91 37.38 -40.75
N VAL R 359 54.78 37.75 -41.68
CA VAL R 359 54.61 38.98 -42.43
C VAL R 359 54.32 38.62 -43.88
N ILE R 360 53.79 39.58 -44.63
CA ILE R 360 53.62 39.45 -46.07
C ILE R 360 54.28 40.64 -46.74
N ARG R 361 54.64 40.44 -48.01
CA ARG R 361 55.32 41.45 -48.80
C ARG R 361 54.36 41.92 -49.89
N LEU R 362 53.82 43.13 -49.74
CA LEU R 362 52.88 43.63 -50.73
C LEU R 362 52.98 45.15 -50.79
N GLY R 363 52.99 45.69 -52.01
CA GLY R 363 52.95 47.12 -52.23
C GLY R 363 54.10 47.90 -51.61
N GLU R 364 55.28 47.26 -51.52
CA GLU R 364 56.44 47.76 -50.77
C GLU R 364 56.08 48.09 -49.32
N LYS R 365 55.23 47.24 -48.73
CA LYS R 365 54.81 47.40 -47.35
C LYS R 365 54.73 46.03 -46.70
N THR R 366 54.88 46.00 -45.39
CA THR R 366 54.86 44.76 -44.62
C THR R 366 53.86 44.88 -43.49
N VAL R 367 52.98 43.89 -43.36
CA VAL R 367 52.01 43.82 -42.28
C VAL R 367 52.08 42.45 -41.64
N ILE R 368 51.73 42.38 -40.36
CA ILE R 368 51.79 41.14 -39.60
C ILE R 368 50.52 40.34 -39.86
N MET R 369 50.67 39.03 -40.07
CA MET R 369 49.53 38.13 -40.17
C MET R 369 49.33 37.48 -38.81
N GLU R 370 48.69 38.20 -37.89
CA GLU R 370 48.43 37.67 -36.57
C GLU R 370 47.04 37.04 -36.54
N ASN R 371 46.97 35.81 -36.03
CA ASN R 371 45.71 35.10 -35.87
C ASN R 371 45.36 35.03 -34.39
N LEU R 372 44.12 35.37 -34.07
CA LEU R 372 43.67 35.50 -32.69
C LEU R 372 42.79 34.33 -32.28
N ARG R 373 43.07 33.15 -32.81
CA ARG R 373 42.38 31.95 -32.35
C ARG R 373 42.83 31.52 -30.96
N ARG R 374 44.12 31.72 -30.65
CA ARG R 374 44.71 31.35 -29.38
C ARG R 374 44.09 32.08 -28.19
N VAL R 375 43.74 33.36 -28.37
CA VAL R 375 43.32 34.19 -27.25
C VAL R 375 41.84 34.03 -26.92
N TYR R 376 41.15 33.08 -27.57
CA TYR R 376 39.76 32.82 -27.21
C TYR R 376 39.42 31.33 -27.16
N LYS R 377 40.39 30.45 -27.33
CA LYS R 377 40.11 29.02 -27.31
C LYS R 377 39.82 28.57 -25.89
N ASN R 378 38.66 27.94 -25.69
CA ASN R 378 38.09 27.58 -24.40
C ASN R 378 37.99 28.81 -23.50
N THR R 379 37.20 29.77 -23.97
CA THR R 379 36.82 30.94 -23.21
C THR R 379 35.32 31.08 -23.27
N ASP R 380 34.74 31.67 -22.23
CA ASP R 380 33.30 31.90 -22.21
C ASP R 380 32.94 33.28 -22.74
N THR R 381 33.40 33.59 -23.94
CA THR R 381 33.15 34.87 -24.59
C THR R 381 33.33 34.68 -26.08
N LYS R 382 32.39 35.20 -26.87
CA LYS R 382 32.50 35.11 -28.32
C LYS R 382 33.70 35.90 -28.82
N ASP R 383 34.43 35.30 -29.75
CA ASP R 383 35.48 36.00 -30.48
C ASP R 383 34.86 37.15 -31.26
N PRO R 384 35.26 38.40 -30.99
CA PRO R 384 34.60 39.55 -31.64
C PRO R 384 34.87 39.67 -33.12
N LEU R 385 35.81 38.91 -33.68
CA LEU R 385 36.03 38.90 -35.11
C LEU R 385 35.08 37.97 -35.85
N GLU R 386 34.13 37.36 -35.16
CA GLU R 386 33.04 36.64 -35.82
C GLU R 386 31.76 37.40 -35.51
N ARG R 387 31.52 38.44 -36.28
CA ARG R 387 30.33 39.25 -36.12
C ARG R 387 29.19 38.60 -36.89
N ASN R 388 28.01 39.17 -36.76
CA ASN R 388 26.88 38.77 -37.57
C ASN R 388 26.36 39.97 -38.34
N VAL R 389 25.98 39.74 -39.58
CA VAL R 389 25.48 40.80 -40.45
C VAL R 389 24.02 40.54 -40.72
N ASP R 390 23.33 41.58 -41.18
CA ASP R 390 21.91 41.49 -41.48
C ASP R 390 21.68 41.95 -42.92
N LEU R 391 21.27 41.01 -43.77
CA LEU R 391 20.93 41.30 -45.15
C LEU R 391 19.41 41.33 -45.24
N THR R 392 18.85 42.51 -45.42
CA THR R 392 17.40 42.67 -45.50
C THR R 392 16.94 42.41 -46.93
N PHE R 393 16.25 41.31 -47.14
CA PHE R 393 15.76 40.95 -48.46
C PHE R 393 14.36 41.51 -48.68
N PHE R 394 13.92 41.44 -49.94
CA PHE R 394 12.55 41.78 -50.30
C PHE R 394 12.25 41.15 -51.65
N PHE R 395 10.97 40.84 -51.86
CA PHE R 395 10.51 40.24 -53.10
C PHE R 395 9.02 40.50 -53.24
N PRO R 396 8.53 40.73 -54.45
CA PRO R 396 7.08 40.89 -54.63
C PRO R 396 6.39 39.58 -54.98
N VAL R 397 5.15 39.46 -54.50
CA VAL R 397 4.28 38.37 -54.91
C VAL R 397 2.99 38.98 -55.46
N GLY R 398 2.28 38.17 -56.23
CA GLY R 398 0.97 38.53 -56.75
C GLY R 398 0.92 39.70 -57.70
N LEU R 399 2.02 40.02 -58.38
CA LEU R 399 2.04 41.21 -59.22
C LEU R 399 1.31 40.96 -60.53
N TYR R 400 1.35 41.94 -61.43
CA TYR R 400 0.60 41.88 -62.68
C TYR R 400 1.28 42.77 -63.70
N LEU R 401 1.90 42.16 -64.70
CA LEU R 401 2.47 42.94 -65.78
C LEU R 401 1.36 43.45 -66.69
N PRO R 402 1.56 44.57 -67.37
CA PRO R 402 0.54 45.06 -68.31
C PRO R 402 0.41 44.14 -69.51
N GLU R 403 -0.78 44.14 -70.11
CA GLU R 403 -1.08 43.20 -71.18
C GLU R 403 -0.91 43.78 -72.57
N ASP R 404 -0.70 45.10 -72.69
CA ASP R 404 -0.40 45.67 -73.98
C ASP R 404 0.99 45.28 -74.48
N ARG R 405 1.93 45.10 -73.57
CA ARG R 405 3.32 44.80 -73.92
C ARG R 405 3.73 43.43 -73.37
N GLY R 406 2.86 42.44 -73.54
CA GLY R 406 3.19 41.08 -73.15
C GLY R 406 4.25 40.47 -74.06
N TYR R 407 5.42 40.21 -73.49
CA TYR R 407 6.57 39.71 -74.23
C TYR R 407 7.19 38.57 -73.46
N THR R 408 7.77 37.62 -74.19
CA THR R 408 8.37 36.43 -73.60
C THR R 408 9.79 36.28 -74.14
N THR R 409 10.75 36.10 -73.24
CA THR R 409 12.12 35.81 -73.62
C THR R 409 12.50 34.36 -73.38
N VAL R 410 11.57 33.55 -72.87
CA VAL R 410 11.84 32.16 -72.55
C VAL R 410 10.85 31.25 -73.28
N GLU R 411 10.40 31.67 -74.46
CA GLU R 411 9.50 30.85 -75.25
C GLU R 411 10.18 29.59 -75.76
N SER R 412 11.50 29.61 -75.89
CA SER R 412 12.22 28.42 -76.32
C SER R 412 12.39 27.40 -75.20
N LYS R 413 12.68 27.86 -73.99
CA LYS R 413 12.97 26.94 -72.90
C LYS R 413 11.69 26.29 -72.38
N VAL R 414 10.76 27.09 -71.88
CA VAL R 414 9.56 26.57 -71.24
C VAL R 414 8.37 26.80 -72.15
N LYS R 415 7.26 26.16 -71.81
CA LYS R 415 5.99 26.33 -72.51
C LYS R 415 4.88 25.86 -71.59
N LEU R 416 3.98 26.77 -71.23
CA LEU R 416 2.87 26.45 -70.35
C LEU R 416 1.63 26.13 -71.18
N ASN R 417 0.60 25.68 -70.48
CA ASN R 417 -0.71 25.59 -71.10
C ASN R 417 -1.34 26.97 -71.17
N ASP R 418 -2.44 27.07 -71.92
CA ASP R 418 -3.20 28.33 -71.94
C ASP R 418 -4.26 28.35 -70.84
N THR R 419 -3.81 28.08 -69.62
CA THR R 419 -4.66 28.08 -68.45
C THR R 419 -4.57 29.43 -67.77
N VAL R 420 -5.72 29.95 -67.34
CA VAL R 420 -5.79 31.32 -66.88
C VAL R 420 -5.33 31.40 -65.42
N ARG R 421 -5.24 30.25 -64.76
CA ARG R 421 -4.57 30.21 -63.48
C ARG R 421 -3.05 30.29 -63.61
N ASN R 422 -2.52 30.08 -64.82
CA ASN R 422 -1.09 30.26 -65.09
C ASN R 422 -0.77 31.63 -65.67
N ALA R 423 -1.73 32.29 -66.31
CA ALA R 423 -1.53 33.66 -66.75
C ALA R 423 -1.83 34.67 -65.65
N LEU R 424 -2.34 34.23 -64.51
CA LEU R 424 -2.59 35.10 -63.37
C LEU R 424 -1.71 34.62 -62.21
N PRO R 425 -0.65 35.32 -61.88
CA PRO R 425 0.35 34.83 -60.91
C PRO R 425 -0.02 35.07 -59.45
N THR R 426 -0.78 34.13 -58.89
CA THR R 426 -1.17 34.24 -57.49
C THR R 426 -0.01 33.88 -56.55
N THR R 427 0.63 32.73 -56.75
CA THR R 427 1.63 32.26 -55.81
C THR R 427 3.01 32.85 -56.12
N ALA R 428 4.02 32.32 -55.43
CA ALA R 428 5.42 32.57 -55.72
C ALA R 428 6.22 31.41 -55.13
N TYR R 429 7.52 31.39 -55.39
CA TYR R 429 8.37 30.29 -54.96
C TYR R 429 9.73 30.82 -54.55
N LEU R 430 10.22 30.40 -53.39
CA LEU R 430 11.56 30.80 -52.98
C LEU R 430 12.38 29.60 -52.52
N LEU R 431 13.61 29.85 -52.08
CA LEU R 431 14.52 28.81 -51.63
C LEU R 431 14.91 29.04 -50.19
N ASN R 432 15.20 27.94 -49.48
CA ASN R 432 15.60 28.00 -48.09
C ASN R 432 17.12 27.91 -47.97
N ARG R 433 17.61 27.69 -46.75
CA ARG R 433 19.02 27.42 -46.56
C ARG R 433 19.44 26.13 -47.22
N ASP R 434 18.54 25.15 -47.27
CA ASP R 434 18.71 24.06 -48.22
C ASP R 434 18.14 24.53 -49.55
N ARG R 435 18.76 24.11 -50.64
CA ARG R 435 18.32 24.50 -51.97
C ARG R 435 17.04 23.72 -52.28
N ALA R 436 15.92 24.23 -51.77
CA ALA R 436 14.64 23.54 -51.84
C ALA R 436 13.56 24.51 -52.30
N VAL R 437 12.71 24.06 -53.21
CA VAL R 437 11.62 24.89 -53.71
C VAL R 437 10.57 25.00 -52.63
N GLN R 438 10.29 26.24 -52.20
CA GLN R 438 9.35 26.49 -51.13
C GLN R 438 8.33 27.52 -51.59
N LYS R 439 7.06 27.15 -51.54
CA LYS R 439 6.02 28.01 -52.09
C LYS R 439 5.52 29.00 -51.06
N ILE R 440 4.78 29.99 -51.54
CA ILE R 440 4.18 31.02 -50.70
C ILE R 440 2.94 31.53 -51.42
N ASP R 441 1.87 31.74 -50.65
CA ASP R 441 0.56 32.07 -51.19
C ASP R 441 0.07 33.34 -50.53
N PHE R 442 -1.21 33.64 -50.73
CA PHE R 442 -1.87 34.58 -49.84
C PHE R 442 -2.46 33.85 -48.63
N VAL R 443 -2.54 32.52 -48.70
CA VAL R 443 -3.24 31.74 -47.69
C VAL R 443 -2.46 31.70 -46.39
N ASP R 444 -1.14 31.66 -46.45
CA ASP R 444 -0.34 31.74 -45.23
C ASP R 444 -0.32 33.14 -44.65
N ALA R 445 -0.68 34.16 -45.44
CA ALA R 445 -0.71 35.53 -44.98
C ALA R 445 -1.99 35.89 -44.25
N LEU R 446 -2.82 34.89 -43.93
CA LEU R 446 -4.02 35.10 -43.13
C LEU R 446 -3.74 35.58 -41.72
N LYS R 447 -2.55 35.29 -41.20
CA LYS R 447 -2.17 35.74 -39.87
C LYS R 447 -1.72 37.20 -39.86
N THR R 448 -1.71 37.85 -41.02
CA THR R 448 -1.37 39.26 -41.12
C THR R 448 -2.22 40.05 -42.10
N LEU R 449 -3.19 39.45 -42.78
CA LEU R 449 -4.01 40.20 -43.72
C LEU R 449 -5.41 40.51 -43.20
N CYS R 450 -5.81 39.95 -42.06
CA CYS R 450 -7.09 40.28 -41.47
C CYS R 450 -6.92 40.60 -40.00
N HIS R 451 -5.90 41.35 -39.71
CA HIS R 451 -5.89 41.86 -38.35
C HIS R 451 -6.80 43.08 -38.23
N PRO R 452 -7.40 43.30 -37.06
CA PRO R 452 -8.23 44.50 -36.87
C PRO R 452 -7.49 45.82 -36.98
N VAL R 453 -6.15 45.83 -36.94
CA VAL R 453 -5.45 47.09 -37.19
C VAL R 453 -5.52 47.46 -38.67
N LEU R 454 -5.64 46.45 -39.55
CA LEU R 454 -5.46 46.68 -40.97
C LEU R 454 -6.69 47.32 -41.60
N HIS R 455 -7.80 47.39 -40.88
CA HIS R 455 -8.99 48.03 -41.40
C HIS R 455 -9.38 49.22 -40.52
N GLU R 456 -8.41 50.01 -40.10
CA GLU R 456 -8.66 51.12 -39.18
C GLU R 456 -7.90 52.35 -39.67
N PRO R 457 -8.58 53.31 -40.27
CA PRO R 457 -7.91 54.53 -40.75
C PRO R 457 -8.01 55.73 -39.83
N ALA R 458 -8.53 55.58 -38.62
CA ALA R 458 -8.58 56.68 -37.67
C ALA R 458 -7.20 57.13 -37.17
N PRO R 459 -6.18 56.26 -37.04
CA PRO R 459 -4.82 56.82 -36.92
C PRO R 459 -4.34 57.56 -38.15
N CYS R 460 -4.83 57.20 -39.35
CA CYS R 460 -4.44 57.93 -40.55
C CYS R 460 -5.09 59.31 -40.60
N LEU R 461 -6.28 59.45 -40.01
CA LEU R 461 -6.87 60.77 -39.86
C LEU R 461 -6.25 61.49 -38.67
N GLN R 462 -5.70 60.73 -37.72
CA GLN R 462 -5.11 61.31 -36.52
C GLN R 462 -3.78 62.01 -36.80
N THR R 463 -3.00 61.50 -37.75
CA THR R 463 -1.73 62.13 -38.09
C THR R 463 -1.80 62.79 -39.47
N PRO R 487 -32.55 67.32 -47.75
CA PRO R 487 -33.84 66.63 -47.68
C PRO R 487 -34.39 66.31 -49.06
N MET R 488 -35.04 65.15 -49.22
CA MET R 488 -35.61 64.76 -50.50
C MET R 488 -37.07 65.19 -50.61
N GLY R 489 -37.37 66.44 -50.29
CA GLY R 489 -38.74 66.90 -50.28
C GLY R 489 -39.22 67.36 -51.64
N GLY R 490 -39.95 66.51 -52.35
CA GLY R 490 -40.38 66.82 -53.69
C GLY R 490 -39.26 66.90 -54.70
N ALA R 491 -38.23 66.07 -54.52
CA ALA R 491 -37.03 66.17 -55.35
C ALA R 491 -37.23 65.60 -56.75
N ALA R 492 -38.30 64.86 -56.98
CA ALA R 492 -38.52 64.28 -58.31
C ALA R 492 -38.96 65.32 -59.32
N ARG R 493 -39.45 66.48 -58.87
CA ARG R 493 -40.01 67.49 -59.77
C ARG R 493 -39.25 68.80 -59.73
N ARG R 494 -38.24 68.94 -58.88
CA ARG R 494 -37.52 70.20 -58.73
C ARG R 494 -36.10 70.14 -59.29
N ILE R 495 -35.74 69.08 -60.02
CA ILE R 495 -34.47 69.10 -60.73
C ILE R 495 -34.42 70.10 -61.90
N PRO R 496 -35.53 70.57 -62.52
CA PRO R 496 -35.40 71.81 -63.31
C PRO R 496 -35.15 73.07 -62.48
N HIS R 497 -35.23 73.03 -61.16
CA HIS R 497 -34.74 74.15 -60.36
C HIS R 497 -33.26 74.01 -60.04
N PHE R 498 -32.60 72.98 -60.56
CA PHE R 498 -31.16 72.81 -60.35
C PHE R 498 -30.36 73.33 -61.54
N TYR R 499 -30.70 72.89 -62.75
CA TYR R 499 -29.93 73.23 -63.95
C TYR R 499 -30.13 74.66 -64.41
N ARG R 500 -30.99 75.44 -63.75
CA ARG R 500 -31.29 76.79 -64.20
C ARG R 500 -30.12 77.75 -64.07
N VAL R 501 -29.18 77.45 -63.18
CA VAL R 501 -27.96 78.24 -63.06
C VAL R 501 -26.94 77.72 -64.05
N ARG R 502 -25.99 78.57 -64.43
CA ARG R 502 -24.94 78.22 -65.38
C ARG R 502 -23.58 78.12 -64.70
N ARG R 503 -23.52 77.58 -63.50
CA ARG R 503 -22.25 77.39 -62.82
C ARG R 503 -21.59 76.11 -63.29
N GLU R 504 -20.29 76.17 -63.53
CA GLU R 504 -19.52 74.95 -63.79
C GLU R 504 -19.12 74.33 -62.46
N VAL R 505 -19.62 73.12 -62.21
CA VAL R 505 -19.34 72.44 -60.95
C VAL R 505 -17.92 71.91 -61.02
N PRO R 506 -17.15 71.94 -59.93
CA PRO R 506 -15.81 71.35 -59.95
C PRO R 506 -15.90 69.83 -59.93
N ARG R 507 -14.98 69.18 -60.63
CA ARG R 507 -14.92 67.73 -60.62
C ARG R 507 -14.40 67.24 -59.27
N THR R 508 -14.94 66.12 -58.80
CA THR R 508 -14.47 65.52 -57.57
C THR R 508 -13.08 64.92 -57.79
N VAL R 509 -12.37 64.73 -56.68
CA VAL R 509 -11.01 64.19 -56.74
C VAL R 509 -11.04 62.73 -57.15
N ASN R 510 -12.07 62.00 -56.71
CA ASN R 510 -12.21 60.60 -57.08
C ASN R 510 -12.51 60.44 -58.57
N GLU R 511 -13.20 61.41 -59.17
CA GLU R 511 -13.32 61.40 -60.61
C GLU R 511 -11.99 61.75 -61.28
N MET R 512 -11.22 62.64 -60.66
CA MET R 512 -9.94 63.05 -61.23
C MET R 512 -8.90 61.95 -61.17
N LYS R 513 -9.08 60.95 -60.30
CA LYS R 513 -8.14 59.84 -60.21
C LYS R 513 -8.28 58.82 -61.34
N GLN R 514 -9.24 58.96 -62.23
CA GLN R 514 -9.54 57.89 -63.16
C GLN R 514 -8.99 58.09 -64.56
N ASP R 515 -8.65 59.31 -64.96
CA ASP R 515 -8.28 59.52 -66.35
C ASP R 515 -6.83 59.15 -66.66
N PHE R 516 -6.04 58.75 -65.67
CA PHE R 516 -4.62 58.58 -65.89
C PHE R 516 -4.29 57.16 -66.37
N VAL R 517 -3.17 57.06 -67.06
CA VAL R 517 -2.68 55.80 -67.57
C VAL R 517 -2.05 55.06 -66.40
N VAL R 518 -1.98 53.72 -66.50
CA VAL R 518 -1.48 52.87 -65.42
C VAL R 518 -0.02 53.09 -65.08
N THR R 519 0.77 53.63 -66.00
CA THR R 519 2.13 54.02 -65.72
C THR R 519 2.30 55.50 -65.44
N ASP R 520 1.34 56.32 -65.90
CA ASP R 520 1.40 57.75 -65.69
C ASP R 520 0.96 58.13 -64.28
N PHE R 521 0.38 57.19 -63.54
CA PHE R 521 -0.17 57.48 -62.23
C PHE R 521 0.91 57.80 -61.21
N TYR R 522 2.11 57.26 -61.41
CA TYR R 522 3.20 57.47 -60.47
C TYR R 522 4.15 58.57 -60.92
N LYS R 523 3.74 59.41 -61.86
CA LYS R 523 4.56 60.55 -62.24
C LYS R 523 4.38 61.68 -61.23
N VAL R 524 5.28 62.66 -61.31
CA VAL R 524 5.20 63.80 -60.41
C VAL R 524 4.09 64.77 -60.85
N GLY R 525 3.59 64.62 -62.07
CA GLY R 525 2.49 65.44 -62.54
C GLY R 525 1.13 64.85 -62.24
N ASN R 526 1.06 64.01 -61.21
CA ASN R 526 -0.20 63.45 -60.73
C ASN R 526 -0.62 64.25 -59.51
N ILE R 527 -1.58 65.16 -59.70
CA ILE R 527 -1.93 66.12 -58.66
C ILE R 527 -2.82 65.54 -57.58
N THR R 528 -3.15 64.25 -57.63
CA THR R 528 -4.08 63.66 -56.68
C THR R 528 -3.41 62.57 -55.85
N LEU R 529 -2.09 62.54 -55.83
CA LEU R 529 -1.37 61.50 -55.08
C LEU R 529 -1.38 61.73 -53.58
N TYR R 530 -1.68 62.95 -53.12
CA TYR R 530 -1.74 63.20 -51.69
C TYR R 530 -3.02 62.68 -51.05
N THR R 531 -3.97 62.20 -51.84
CA THR R 531 -5.22 61.65 -51.32
C THR R 531 -5.25 60.13 -51.29
N GLU R 532 -4.66 59.48 -52.28
CA GLU R 532 -4.61 58.03 -52.30
C GLU R 532 -3.57 57.54 -51.30
N LEU R 533 -4.00 57.10 -50.12
CA LEU R 533 -3.04 56.61 -49.16
C LEU R 533 -3.54 55.41 -48.34
N HIS R 534 -4.57 54.70 -48.82
CA HIS R 534 -5.04 53.48 -48.18
C HIS R 534 -5.85 52.69 -49.17
N PRO R 535 -5.61 51.38 -49.31
CA PRO R 535 -6.43 50.58 -50.23
C PRO R 535 -7.88 50.46 -49.81
N PHE R 536 -8.13 50.38 -48.52
CA PHE R 536 -9.46 50.02 -48.06
C PHE R 536 -10.39 51.21 -47.89
N PHE R 537 -9.85 52.42 -47.90
CA PHE R 537 -10.63 53.61 -47.63
C PHE R 537 -10.28 54.69 -48.64
N ASP R 538 -11.09 55.73 -48.67
CA ASP R 538 -10.91 56.82 -49.61
C ASP R 538 -10.88 58.14 -48.85
N PHE R 539 -9.92 58.98 -49.19
CA PHE R 539 -9.68 60.23 -48.48
C PHE R 539 -9.91 61.40 -49.42
N THR R 540 -10.47 62.47 -48.87
CA THR R 540 -10.75 63.67 -49.64
C THR R 540 -10.76 64.86 -48.69
N HIS R 541 -10.85 66.06 -49.26
CA HIS R 541 -10.98 67.30 -48.49
C HIS R 541 -12.29 67.94 -48.94
N CYS R 542 -13.39 67.60 -48.25
CA CYS R 542 -14.70 68.13 -48.59
C CYS R 542 -14.77 69.60 -48.23
N GLN R 543 -15.01 70.43 -49.24
CA GLN R 543 -15.09 71.88 -49.07
C GLN R 543 -16.42 72.20 -48.39
N GLU R 544 -16.40 72.29 -47.07
CA GLU R 544 -17.59 72.54 -46.29
C GLU R 544 -17.72 74.03 -46.00
N VAL R 549 -13.09 70.09 -44.57
CA VAL R 549 -12.85 69.01 -43.62
C VAL R 549 -12.28 67.79 -44.35
N ALA R 550 -11.25 67.18 -43.75
CA ALA R 550 -10.65 65.99 -44.34
C ALA R 550 -11.57 64.79 -44.12
N LEU R 551 -12.32 64.43 -45.16
CA LEU R 551 -13.35 63.41 -45.06
C LEU R 551 -12.72 62.06 -45.34
N CYS R 552 -12.67 61.21 -44.33
CA CYS R 552 -12.33 59.82 -44.49
C CYS R 552 -13.61 59.01 -44.69
N THR R 553 -13.60 58.11 -45.66
CA THR R 553 -14.73 57.27 -45.97
C THR R 553 -14.25 55.95 -46.53
N PRO R 554 -14.89 54.84 -46.20
CA PRO R 554 -14.37 53.54 -46.63
C PRO R 554 -14.76 53.19 -48.05
N ARG R 555 -13.78 52.69 -48.80
CA ARG R 555 -14.13 51.86 -49.93
C ARG R 555 -14.83 50.61 -49.41
N ILE R 556 -15.86 50.20 -50.12
CA ILE R 556 -16.76 49.19 -49.60
C ILE R 556 -16.80 48.04 -50.58
N VAL R 557 -16.09 48.21 -51.70
CA VAL R 557 -16.15 47.26 -52.78
C VAL R 557 -14.84 47.35 -53.56
N ILE R 558 -14.47 46.30 -54.27
CA ILE R 558 -13.15 46.27 -54.89
C ILE R 558 -13.12 47.08 -56.19
N GLY R 559 -14.28 47.40 -56.76
CA GLY R 559 -14.31 48.18 -57.98
C GLY R 559 -13.93 49.63 -57.79
N ASN R 560 -13.99 50.13 -56.57
CA ASN R 560 -13.69 51.53 -56.31
C ASN R 560 -12.20 51.84 -56.35
N LEU R 561 -11.34 50.84 -56.44
CA LEU R 561 -9.93 51.12 -56.64
C LEU R 561 -9.73 51.67 -58.05
N PRO R 562 -8.98 52.76 -58.19
CA PRO R 562 -9.00 53.53 -59.44
C PRO R 562 -8.28 52.84 -60.59
N ASP R 563 -8.39 53.46 -61.76
CA ASP R 563 -7.76 52.98 -62.99
C ASP R 563 -6.24 52.96 -62.85
N GLY R 564 -5.67 53.91 -62.12
CA GLY R 564 -4.24 53.95 -61.93
C GLY R 564 -3.68 52.85 -61.05
N LEU R 565 -4.55 52.12 -60.35
CA LEU R 565 -4.11 51.01 -59.51
C LEU R 565 -4.68 49.68 -59.97
N ALA R 566 -6.00 49.58 -60.18
CA ALA R 566 -6.65 48.36 -60.64
C ALA R 566 -7.28 48.65 -61.99
N PRO R 567 -6.60 48.32 -63.08
CA PRO R 567 -7.12 48.61 -64.42
C PRO R 567 -8.18 47.59 -64.84
N GLY R 568 -8.93 47.99 -65.86
CA GLY R 568 -9.95 47.17 -66.48
C GLY R 568 -9.52 45.79 -66.97
N PRO R 569 -8.47 45.72 -67.79
CA PRO R 569 -7.95 44.39 -68.19
C PRO R 569 -7.52 43.51 -67.04
N PHE R 570 -7.05 44.10 -65.92
CA PHE R 570 -6.78 43.29 -64.74
C PHE R 570 -8.06 42.68 -64.17
N HIS R 571 -9.15 43.44 -64.18
CA HIS R 571 -10.41 42.90 -63.71
C HIS R 571 -10.94 41.81 -64.63
N GLU R 572 -10.78 41.97 -65.94
CA GLU R 572 -11.21 40.92 -66.86
C GLU R 572 -10.37 39.67 -66.71
N LEU R 573 -9.07 39.84 -66.47
CA LEU R 573 -8.19 38.70 -66.22
C LEU R 573 -8.52 38.00 -64.92
N ARG R 574 -8.97 38.74 -63.91
CA ARG R 574 -9.38 38.12 -62.66
C ARG R 574 -10.67 37.34 -62.81
N THR R 575 -11.67 37.94 -63.48
CA THR R 575 -12.94 37.25 -63.68
C THR R 575 -12.83 36.07 -64.63
N TRP R 576 -11.82 36.05 -65.49
CA TRP R 576 -11.52 34.84 -66.25
C TRP R 576 -11.13 33.70 -65.33
N GLU R 577 -10.32 34.00 -64.30
CA GLU R 577 -9.93 32.98 -63.34
C GLU R 577 -11.12 32.54 -62.48
N ILE R 578 -12.01 33.48 -62.15
CA ILE R 578 -13.18 33.12 -61.36
C ILE R 578 -14.14 32.28 -62.18
N MET R 579 -14.29 32.58 -63.46
CA MET R 579 -15.12 31.76 -64.33
C MET R 579 -14.51 30.39 -64.57
N GLU R 580 -13.17 30.28 -64.48
CA GLU R 580 -12.57 28.96 -64.53
C GLU R 580 -12.77 28.21 -63.22
N HIS R 581 -12.81 28.93 -62.10
CA HIS R 581 -12.95 28.29 -60.79
C HIS R 581 -14.30 27.61 -60.62
N MET R 582 -15.33 28.08 -61.31
CA MET R 582 -16.63 27.44 -61.31
C MET R 582 -16.85 26.58 -62.55
N ARG R 583 -15.75 26.16 -63.21
CA ARG R 583 -15.75 25.20 -64.31
C ARG R 583 -16.54 25.68 -65.52
N LEU R 584 -16.45 26.98 -65.81
CA LEU R 584 -17.07 27.56 -66.98
C LEU R 584 -16.05 28.29 -67.83
N ARG R 585 -14.88 27.67 -68.04
CA ARG R 585 -13.85 28.30 -68.85
C ARG R 585 -14.23 28.28 -70.34
N PRO R 586 -14.90 27.24 -70.86
CA PRO R 586 -15.75 27.47 -72.03
C PRO R 586 -17.11 28.00 -71.61
N PRO R 587 -17.41 29.25 -71.90
CA PRO R 587 -18.70 29.81 -71.50
C PRO R 587 -19.82 29.25 -72.37
N PRO R 588 -21.04 29.18 -71.85
CA PRO R 588 -22.15 28.70 -72.67
C PRO R 588 -22.53 29.70 -73.74
N ASP R 589 -23.09 29.18 -74.84
CA ASP R 589 -23.42 30.02 -75.99
C ASP R 589 -24.67 30.84 -75.68
N TYR R 590 -24.44 31.96 -74.99
CA TYR R 590 -25.48 32.91 -74.65
C TYR R 590 -25.22 34.27 -75.30
N GLU R 591 -24.71 34.28 -76.52
CA GLU R 591 -24.28 35.51 -77.17
C GLU R 591 -25.26 36.07 -78.16
N GLU R 592 -26.03 35.22 -78.86
CA GLU R 592 -26.95 35.72 -79.87
C GLU R 592 -28.14 36.42 -79.24
N THR R 593 -28.64 35.89 -78.12
CA THR R 593 -29.66 36.58 -77.35
C THR R 593 -29.12 37.88 -76.77
N LEU R 594 -27.84 37.90 -76.41
CA LEU R 594 -27.23 39.15 -76.00
C LEU R 594 -27.00 40.10 -77.15
N ARG R 595 -26.77 39.60 -78.37
CA ARG R 595 -26.77 40.46 -79.54
C ARG R 595 -28.13 41.11 -79.74
N LEU R 596 -29.20 40.33 -79.56
CA LEU R 596 -30.55 40.88 -79.72
C LEU R 596 -30.89 41.84 -78.59
N PHE R 597 -30.37 41.60 -77.40
CA PHE R 597 -30.56 42.52 -76.28
C PHE R 597 -29.78 43.81 -76.48
N LYS R 598 -28.63 43.73 -77.13
CA LYS R 598 -27.90 44.95 -77.48
C LYS R 598 -28.64 45.76 -78.53
N THR R 599 -29.07 45.12 -79.59
CA THR R 599 -29.69 45.83 -80.70
C THR R 599 -31.13 46.25 -80.42
N THR R 600 -31.70 45.87 -79.28
CA THR R 600 -33.02 46.35 -78.91
C THR R 600 -32.98 47.49 -77.91
N VAL R 601 -31.82 47.83 -77.37
CA VAL R 601 -31.68 48.89 -76.40
C VAL R 601 -31.09 50.15 -77.05
N THR R 602 -29.98 50.01 -77.75
CA THR R 602 -29.33 51.17 -78.35
C THR R 602 -30.09 51.69 -79.56
N SER R 603 -30.92 50.86 -80.17
CA SER R 603 -31.62 51.29 -81.37
C SER R 603 -32.76 52.24 -80.99
N PRO R 604 -32.77 53.46 -81.53
CA PRO R 604 -33.72 54.46 -81.04
C PRO R 604 -35.10 54.40 -81.69
N ASN R 605 -35.43 53.28 -82.34
CA ASN R 605 -36.77 53.06 -82.87
C ASN R 605 -37.60 52.19 -81.95
N TYR R 606 -37.39 52.34 -80.65
CA TYR R 606 -38.15 51.61 -79.64
C TYR R 606 -39.58 52.11 -79.60
N PRO R 607 -40.57 51.23 -79.45
CA PRO R 607 -41.94 51.69 -79.29
C PRO R 607 -42.19 52.23 -77.89
N GLU R 608 -42.99 53.29 -77.83
CA GLU R 608 -43.21 54.00 -76.57
C GLU R 608 -44.31 53.39 -75.73
N LEU R 609 -44.98 52.34 -76.23
CA LEU R 609 -45.98 51.64 -75.43
C LEU R 609 -45.36 50.85 -74.29
N CYS R 610 -44.09 50.49 -74.41
CA CYS R 610 -43.46 49.62 -73.42
C CYS R 610 -43.26 50.35 -72.09
N TYR R 611 -42.97 51.66 -72.14
CA TYR R 611 -42.82 52.41 -70.90
C TYR R 611 -44.15 52.55 -70.15
N LEU R 612 -45.24 52.81 -70.88
CA LEU R 612 -46.52 52.96 -70.20
C LEU R 612 -47.01 51.62 -69.68
N VAL R 613 -46.76 50.52 -70.42
CA VAL R 613 -47.17 49.23 -69.87
C VAL R 613 -46.25 48.82 -68.72
N ASP R 614 -45.02 49.34 -68.69
CA ASP R 614 -44.13 49.09 -67.55
C ASP R 614 -44.65 49.78 -66.30
N VAL R 615 -45.05 51.05 -66.43
CA VAL R 615 -45.49 51.78 -65.25
C VAL R 615 -46.92 51.38 -64.86
N LEU R 616 -47.72 50.83 -65.79
CA LEU R 616 -49.05 50.38 -65.41
C LEU R 616 -49.05 48.99 -64.79
N VAL R 617 -48.25 48.06 -65.33
CA VAL R 617 -48.37 46.68 -64.85
C VAL R 617 -47.73 46.52 -63.47
N HIS R 618 -46.84 47.44 -63.07
CA HIS R 618 -46.30 47.60 -61.71
C HIS R 618 -45.54 46.37 -61.20
N GLY R 619 -45.22 45.42 -62.08
CA GLY R 619 -44.61 44.18 -61.64
C GLY R 619 -45.54 43.18 -61.00
N ASN R 620 -46.82 43.49 -60.88
CA ASN R 620 -47.76 42.57 -60.26
C ASN R 620 -48.12 41.45 -61.25
N VAL R 621 -48.26 40.24 -60.72
CA VAL R 621 -48.40 39.07 -61.59
C VAL R 621 -49.84 38.90 -62.05
N ASP R 622 -50.80 39.36 -61.23
CA ASP R 622 -52.19 39.36 -61.67
C ASP R 622 -52.45 40.43 -62.72
N ALA R 623 -51.76 41.56 -62.60
CA ALA R 623 -51.84 42.60 -63.62
C ALA R 623 -51.23 42.14 -64.94
N PHE R 624 -50.28 41.20 -64.89
CA PHE R 624 -49.72 40.68 -66.13
C PHE R 624 -50.56 39.56 -66.72
N LEU R 625 -51.17 38.72 -65.88
CA LEU R 625 -52.10 37.72 -66.39
C LEU R 625 -53.37 38.37 -66.91
N LEU R 626 -53.66 39.61 -66.51
CA LEU R 626 -54.75 40.37 -67.12
C LEU R 626 -54.51 40.68 -68.59
N ILE R 627 -53.28 41.03 -68.97
CA ILE R 627 -53.02 41.52 -70.33
C ILE R 627 -51.99 40.67 -71.05
N ARG R 628 -51.87 39.41 -70.62
CA ARG R 628 -51.07 38.45 -71.39
C ARG R 628 -51.56 38.30 -72.82
N THR R 629 -52.88 38.38 -73.05
CA THR R 629 -53.42 38.29 -74.39
C THR R 629 -53.08 39.49 -75.25
N PHE R 630 -52.76 40.63 -74.65
CA PHE R 630 -52.26 41.76 -75.42
C PHE R 630 -50.77 41.66 -75.67
N VAL R 631 -49.99 41.36 -74.62
CA VAL R 631 -48.54 41.42 -74.78
C VAL R 631 -48.03 40.25 -75.60
N ALA R 632 -48.77 39.13 -75.65
CA ALA R 632 -48.38 38.04 -76.53
C ALA R 632 -48.57 38.41 -77.99
N ARG R 633 -49.54 39.28 -78.28
CA ARG R 633 -49.64 39.87 -79.59
C ARG R 633 -48.51 40.85 -79.85
N CYS R 634 -48.20 41.69 -78.86
CA CYS R 634 -47.25 42.79 -79.04
C CYS R 634 -45.84 42.28 -79.28
N ILE R 635 -45.45 41.18 -78.63
CA ILE R 635 -44.13 40.58 -78.84
C ILE R 635 -43.99 40.11 -80.28
N VAL R 636 -44.99 39.40 -80.79
CA VAL R 636 -44.95 38.85 -82.14
C VAL R 636 -44.95 39.97 -83.18
N ASN R 637 -45.73 41.03 -82.94
CA ASN R 637 -45.76 42.14 -83.90
C ASN R 637 -44.44 42.90 -83.91
N MET R 638 -43.86 43.15 -82.73
CA MET R 638 -42.63 43.93 -82.70
C MET R 638 -41.44 43.12 -83.22
N PHE R 639 -41.47 41.81 -83.06
CA PHE R 639 -40.43 40.99 -83.67
C PHE R 639 -40.61 40.85 -85.18
N HIS R 640 -41.85 40.75 -85.65
CA HIS R 640 -42.11 40.48 -87.04
C HIS R 640 -41.94 41.71 -87.93
N THR R 641 -42.33 42.89 -87.46
CA THR R 641 -42.28 44.07 -88.29
C THR R 641 -40.99 44.87 -88.16
N ARG R 642 -40.41 44.97 -86.97
CA ARG R 642 -39.26 45.83 -86.78
C ARG R 642 -38.01 45.06 -86.36
N GLN R 643 -38.04 43.72 -86.42
CA GLN R 643 -36.86 42.84 -86.37
C GLN R 643 -36.12 42.93 -85.04
N LEU R 644 -36.85 43.20 -83.96
CA LEU R 644 -36.23 43.28 -82.64
C LEU R 644 -37.27 42.89 -81.61
N LEU R 645 -36.79 42.49 -80.43
CA LEU R 645 -37.67 42.18 -79.31
C LEU R 645 -37.87 43.44 -78.48
N VAL R 646 -38.88 43.41 -77.61
CA VAL R 646 -39.20 44.55 -76.76
C VAL R 646 -39.36 44.07 -75.32
N PHE R 647 -39.76 44.99 -74.44
CA PHE R 647 -39.87 44.79 -72.99
C PHE R 647 -38.55 44.33 -72.39
N ALA R 648 -37.46 44.93 -72.86
CA ALA R 648 -36.13 44.56 -72.43
C ALA R 648 -35.47 45.59 -71.53
N HIS R 649 -36.11 46.73 -71.32
CA HIS R 649 -35.56 47.74 -70.43
C HIS R 649 -36.06 47.60 -69.00
N SER R 650 -36.61 46.45 -68.63
CA SER R 650 -37.09 46.23 -67.27
C SER R 650 -36.97 44.77 -66.90
N TYR R 651 -36.40 44.50 -65.72
CA TYR R 651 -36.35 43.13 -65.22
C TYR R 651 -37.74 42.64 -64.85
N ALA R 652 -38.57 43.54 -64.29
CA ALA R 652 -39.85 43.17 -63.71
C ALA R 652 -40.84 42.64 -64.74
N LEU R 653 -40.62 42.91 -66.02
CA LEU R 653 -41.43 42.28 -67.04
C LEU R 653 -40.78 41.05 -67.63
N VAL R 654 -39.45 40.98 -67.64
CA VAL R 654 -38.76 39.81 -68.19
C VAL R 654 -38.98 38.60 -67.30
N THR R 655 -38.90 38.80 -65.98
CA THR R 655 -39.12 37.70 -65.04
C THR R 655 -40.59 37.33 -64.90
N LEU R 656 -41.48 37.99 -65.65
CA LEU R 656 -42.87 37.58 -65.75
C LEU R 656 -43.18 37.01 -67.12
N ILE R 657 -42.52 37.52 -68.16
CA ILE R 657 -42.71 37.02 -69.52
C ILE R 657 -42.14 35.62 -69.65
N ALA R 658 -40.95 35.39 -69.06
CA ALA R 658 -40.32 34.09 -69.21
C ALA R 658 -40.99 32.99 -68.42
N GLU R 659 -41.90 33.32 -67.50
CA GLU R 659 -42.58 32.33 -66.68
C GLU R 659 -44.07 32.18 -67.00
N HIS R 660 -44.80 33.29 -67.10
CA HIS R 660 -46.25 33.23 -67.22
C HIS R 660 -46.73 33.45 -68.65
N LEU R 661 -45.92 33.08 -69.64
CA LEU R 661 -46.38 33.00 -71.03
C LEU R 661 -45.89 31.72 -71.68
N ALA R 662 -45.64 30.69 -70.88
CA ALA R 662 -45.02 29.46 -71.34
C ALA R 662 -46.02 28.47 -71.93
N ASP R 663 -47.30 28.82 -71.97
CA ASP R 663 -48.35 27.94 -72.45
C ASP R 663 -48.57 28.04 -73.95
N GLY R 664 -47.59 28.49 -74.72
CA GLY R 664 -47.77 28.81 -76.11
C GLY R 664 -48.03 30.30 -76.31
N ALA R 665 -48.91 30.61 -77.27
CA ALA R 665 -49.32 31.98 -77.63
C ALA R 665 -48.15 32.86 -78.02
N LEU R 666 -47.05 32.25 -78.46
CA LEU R 666 -45.77 32.91 -78.73
C LEU R 666 -44.98 31.97 -79.60
N PRO R 667 -44.06 32.49 -80.41
CA PRO R 667 -43.09 31.61 -81.04
C PRO R 667 -42.15 31.04 -79.99
N PRO R 668 -41.72 29.79 -80.13
CA PRO R 668 -40.81 29.22 -79.12
C PRO R 668 -39.43 29.84 -79.13
N GLN R 669 -39.04 30.48 -80.24
CA GLN R 669 -37.75 31.17 -80.28
C GLN R 669 -37.78 32.44 -79.44
N LEU R 670 -38.89 33.16 -79.47
CA LEU R 670 -39.00 34.40 -78.70
C LEU R 670 -39.03 34.12 -77.20
N LEU R 671 -39.83 33.12 -76.78
CA LEU R 671 -39.84 32.69 -75.39
C LEU R 671 -38.49 32.11 -74.98
N PHE R 672 -37.83 31.40 -75.91
CA PHE R 672 -36.52 30.84 -75.64
C PHE R 672 -35.47 31.93 -75.43
N HIS R 673 -35.65 33.08 -76.08
CA HIS R 673 -34.75 34.21 -75.86
C HIS R 673 -34.87 34.77 -74.44
N TYR R 674 -36.09 34.91 -73.94
CA TYR R 674 -36.25 35.40 -72.58
C TYR R 674 -35.82 34.35 -71.55
N ARG R 675 -35.98 33.06 -71.88
CA ARG R 675 -35.46 32.03 -71.00
C ARG R 675 -33.94 32.03 -71.00
N ASN R 676 -33.32 32.31 -72.14
CA ASN R 676 -31.87 32.49 -72.17
C ASN R 676 -31.44 33.72 -71.39
N LEU R 677 -32.27 34.75 -71.37
CA LEU R 677 -31.94 35.94 -70.58
C LEU R 677 -31.97 35.63 -69.09
N VAL R 678 -33.02 34.94 -68.63
CA VAL R 678 -33.09 34.63 -67.20
C VAL R 678 -32.04 33.58 -66.83
N ALA R 679 -31.62 32.75 -67.80
CA ALA R 679 -30.49 31.86 -67.56
C ALA R 679 -29.19 32.62 -67.47
N VAL R 680 -29.04 33.71 -68.24
CA VAL R 680 -27.86 34.58 -68.12
C VAL R 680 -27.80 35.21 -66.73
N LEU R 681 -28.94 35.70 -66.24
CA LEU R 681 -28.95 36.30 -64.91
C LEU R 681 -28.68 35.26 -63.82
N ARG R 682 -29.18 34.04 -64.00
CA ARG R 682 -28.90 32.99 -63.03
C ARG R 682 -27.44 32.56 -63.07
N LEU R 683 -26.84 32.54 -64.26
CA LEU R 683 -25.42 32.22 -64.38
C LEU R 683 -24.56 33.27 -63.72
N VAL R 684 -24.92 34.54 -63.87
CA VAL R 684 -24.11 35.60 -63.29
C VAL R 684 -24.28 35.65 -61.76
N THR R 685 -25.47 35.39 -61.24
CA THR R 685 -25.57 35.33 -59.78
C THR R 685 -24.99 34.04 -59.22
N ARG R 686 -24.79 33.01 -60.03
CA ARG R 686 -24.03 31.85 -59.58
C ARG R 686 -22.53 32.15 -59.56
N ILE R 687 -22.05 32.95 -60.51
CA ILE R 687 -20.64 33.31 -60.52
C ILE R 687 -20.27 34.30 -59.43
N SER R 688 -21.15 35.28 -59.14
CA SER R 688 -20.78 36.39 -58.26
C SER R 688 -20.59 35.94 -56.82
N ALA R 689 -21.42 35.00 -56.36
CA ALA R 689 -21.20 34.42 -55.05
C ALA R 689 -20.07 33.40 -55.12
N LEU R 690 -19.71 32.87 -53.95
CA LEU R 690 -18.73 31.80 -53.87
C LEU R 690 -19.43 30.55 -53.37
N PRO R 691 -20.17 29.83 -54.22
CA PRO R 691 -21.02 28.75 -53.72
C PRO R 691 -20.26 27.54 -53.21
N GLY R 692 -18.99 27.40 -53.59
CA GLY R 692 -18.22 26.27 -53.09
C GLY R 692 -17.79 26.46 -51.65
N LEU R 693 -17.75 27.70 -51.17
CA LEU R 693 -17.20 27.98 -49.85
C LEU R 693 -18.19 28.72 -48.94
N ASN R 694 -19.43 28.89 -49.37
CA ASN R 694 -20.37 29.70 -48.60
C ASN R 694 -21.23 28.89 -47.65
N ASN R 695 -20.77 27.71 -47.23
CA ASN R 695 -21.50 26.97 -46.21
C ASN R 695 -21.27 27.60 -44.85
N GLY R 696 -22.34 27.71 -44.07
CA GLY R 696 -22.28 28.39 -42.80
C GLY R 696 -22.62 29.86 -42.92
N GLN R 697 -22.61 30.54 -41.78
CA GLN R 697 -23.03 31.93 -41.72
C GLN R 697 -22.49 32.59 -40.46
N LEU R 698 -22.52 33.91 -40.46
CA LEU R 698 -22.29 34.70 -39.27
C LEU R 698 -23.60 34.88 -38.52
N ALA R 699 -23.66 35.88 -37.64
CA ALA R 699 -24.72 36.11 -36.65
C ALA R 699 -26.15 36.01 -37.19
N GLU R 700 -26.44 36.79 -38.22
CA GLU R 700 -27.70 36.62 -38.95
C GLU R 700 -27.52 36.63 -40.46
N GLU R 701 -26.49 37.26 -40.97
CA GLU R 701 -26.26 37.31 -42.40
C GLU R 701 -25.72 35.97 -42.89
N PRO R 702 -26.01 35.58 -44.11
CA PRO R 702 -25.32 34.42 -44.71
C PRO R 702 -23.87 34.78 -44.97
N LEU R 703 -23.05 33.73 -45.15
CA LEU R 703 -21.66 33.93 -45.49
C LEU R 703 -21.50 34.58 -46.86
N SER R 704 -22.44 34.30 -47.77
CA SER R 704 -22.52 35.04 -49.02
C SER R 704 -23.25 36.36 -48.83
N ALA R 705 -22.82 37.16 -47.88
CA ALA R 705 -23.29 38.53 -47.77
C ALA R 705 -22.17 39.47 -47.43
N TYR R 706 -21.03 38.97 -46.98
CA TYR R 706 -19.85 39.79 -46.78
C TYR R 706 -18.88 39.71 -47.93
N VAL R 707 -18.95 38.63 -48.72
CA VAL R 707 -17.95 38.42 -49.75
C VAL R 707 -18.24 39.27 -50.97
N ASN R 708 -19.50 39.50 -51.30
CA ASN R 708 -19.84 40.20 -52.52
C ASN R 708 -21.04 41.11 -52.26
N ALA R 709 -21.00 42.31 -52.84
CA ALA R 709 -22.07 43.26 -52.62
C ALA R 709 -23.34 42.92 -53.36
N LEU R 710 -23.27 42.01 -54.32
CA LEU R 710 -24.46 41.59 -55.06
C LEU R 710 -25.40 40.73 -54.25
N HIS R 711 -24.97 40.21 -53.11
CA HIS R 711 -25.74 39.23 -52.38
C HIS R 711 -26.01 39.68 -50.96
N ASP R 712 -26.35 40.95 -50.76
CA ASP R 712 -26.73 41.41 -49.43
C ASP R 712 -27.79 42.50 -49.54
N HIS R 713 -28.63 42.57 -48.51
CA HIS R 713 -29.84 43.39 -48.56
C HIS R 713 -29.54 44.88 -48.46
N ARG R 714 -28.32 45.27 -48.12
CA ARG R 714 -28.01 46.68 -47.94
C ARG R 714 -27.70 47.41 -49.24
N LEU R 715 -27.81 46.75 -50.38
CA LEU R 715 -27.63 47.38 -51.68
C LEU R 715 -28.92 47.28 -52.47
N TRP R 716 -29.40 48.40 -52.95
CA TRP R 716 -30.70 48.41 -53.60
C TRP R 716 -30.57 48.69 -55.09
N PRO R 717 -31.26 47.92 -55.92
CA PRO R 717 -31.17 48.11 -57.37
C PRO R 717 -31.90 49.39 -57.75
N PRO R 718 -31.30 50.22 -58.62
CA PRO R 718 -31.72 51.62 -58.74
C PRO R 718 -33.12 51.85 -59.29
N PHE R 719 -33.85 50.81 -59.70
CA PHE R 719 -35.25 50.92 -60.09
C PHE R 719 -36.00 49.85 -59.28
N VAL R 720 -36.65 50.26 -58.20
CA VAL R 720 -37.27 49.32 -57.29
C VAL R 720 -38.78 49.30 -57.54
N THR R 721 -39.34 48.10 -57.55
CA THR R 721 -40.78 47.95 -57.68
C THR R 721 -41.42 47.48 -56.40
N HIS R 722 -40.95 46.38 -55.82
CA HIS R 722 -41.46 45.86 -54.57
C HIS R 722 -40.37 45.94 -53.51
N LEU R 723 -40.76 46.20 -52.28
CA LEU R 723 -39.79 46.37 -51.21
C LEU R 723 -39.27 45.00 -50.75
N PRO R 724 -38.00 44.90 -50.34
CA PRO R 724 -37.45 43.60 -49.93
C PRO R 724 -38.00 43.18 -48.57
N ARG R 725 -37.76 41.91 -48.25
CA ARG R 725 -38.30 41.34 -47.03
C ARG R 725 -37.61 41.89 -45.80
N ASN R 726 -36.29 41.74 -45.73
CA ASN R 726 -35.52 42.20 -44.58
C ASN R 726 -35.08 43.64 -44.78
N MET R 727 -35.16 44.43 -43.71
CA MET R 727 -34.76 45.83 -43.78
C MET R 727 -34.02 46.27 -42.52
N GLU R 728 -33.27 45.36 -41.89
CA GLU R 728 -32.58 45.67 -40.65
C GLU R 728 -31.40 46.58 -40.94
N GLY R 729 -31.38 47.75 -40.30
CA GLY R 729 -30.37 48.73 -40.59
C GLY R 729 -30.50 49.39 -41.94
N VAL R 730 -31.68 49.36 -42.55
CA VAL R 730 -31.92 49.95 -43.85
C VAL R 730 -32.99 51.01 -43.65
N GLN R 731 -32.56 52.26 -43.53
CA GLN R 731 -33.48 53.37 -43.23
C GLN R 731 -33.80 54.10 -44.52
N VAL R 732 -34.84 53.66 -45.22
CA VAL R 732 -35.27 54.38 -46.42
C VAL R 732 -35.97 55.66 -46.01
N VAL R 733 -35.58 56.78 -46.65
CA VAL R 733 -36.10 58.09 -46.29
C VAL R 733 -36.51 58.81 -47.56
N ALA R 734 -37.60 59.57 -47.48
CA ALA R 734 -38.02 60.49 -48.52
C ALA R 734 -38.31 61.88 -47.99
N ASP R 735 -38.79 62.00 -46.76
CA ASP R 735 -39.00 63.27 -46.10
C ASP R 735 -37.73 63.65 -45.34
N ARG R 736 -37.83 64.59 -44.41
CA ARG R 736 -36.75 64.75 -43.44
C ARG R 736 -36.80 63.65 -42.38
N GLN R 737 -37.95 62.99 -42.24
CA GLN R 737 -38.14 61.91 -41.29
C GLN R 737 -38.07 60.55 -41.98
N PRO R 738 -37.45 59.57 -41.32
CA PRO R 738 -37.35 58.24 -41.93
C PRO R 738 -38.69 57.52 -41.98
N LEU R 739 -38.73 56.45 -42.76
CA LEU R 739 -39.96 55.76 -43.14
C LEU R 739 -39.94 54.28 -42.78
N ASN R 740 -39.31 53.94 -41.66
CA ASN R 740 -39.17 52.54 -41.25
C ASN R 740 -40.44 51.80 -40.81
N PRO R 741 -41.28 52.28 -39.87
CA PRO R 741 -42.35 51.41 -39.36
C PRO R 741 -43.47 51.23 -40.37
N ALA R 742 -44.22 50.13 -40.19
CA ALA R 742 -45.17 49.65 -41.18
C ALA R 742 -46.57 50.27 -41.01
N ASN R 743 -46.65 51.45 -40.44
CA ASN R 743 -47.91 52.15 -40.25
C ASN R 743 -48.22 53.13 -41.37
N ILE R 744 -47.21 53.48 -42.17
CA ILE R 744 -47.34 54.51 -43.21
C ILE R 744 -47.66 53.91 -44.58
N GLU R 745 -47.29 52.65 -44.82
CA GLU R 745 -47.29 52.07 -46.16
C GLU R 745 -48.43 51.09 -46.31
N ALA R 746 -49.29 51.31 -47.30
CA ALA R 746 -50.39 50.42 -47.63
C ALA R 746 -50.88 50.72 -49.04
N ARG R 747 -51.55 49.74 -49.65
CA ARG R 747 -52.22 49.94 -50.93
C ARG R 747 -53.28 48.85 -51.08
N HIS R 748 -54.35 49.16 -51.80
CA HIS R 748 -55.41 48.20 -52.08
C HIS R 748 -55.71 48.15 -53.57
N HIS R 749 -56.16 46.99 -54.03
CA HIS R 749 -56.44 46.74 -55.44
C HIS R 749 -57.82 46.12 -55.55
N GLY R 750 -58.65 46.68 -56.42
CA GLY R 750 -60.03 46.24 -56.58
C GLY R 750 -61.03 46.99 -55.74
N VAL R 751 -60.58 47.94 -54.92
CA VAL R 751 -61.44 48.73 -54.05
C VAL R 751 -61.22 50.20 -54.36
N SER R 752 -62.32 50.93 -54.53
CA SER R 752 -62.29 52.36 -54.81
C SER R 752 -61.62 53.13 -53.68
N ASP R 753 -60.45 53.69 -53.97
CA ASP R 753 -59.56 54.29 -52.97
C ASP R 753 -59.20 55.70 -53.43
N VAL R 754 -60.07 56.65 -53.11
CA VAL R 754 -59.81 58.06 -53.45
C VAL R 754 -58.70 58.74 -52.63
N PRO R 755 -58.40 58.44 -51.35
CA PRO R 755 -57.28 59.18 -50.72
C PRO R 755 -55.91 58.76 -51.20
N ARG R 756 -55.74 57.55 -51.76
CA ARG R 756 -54.42 57.14 -52.21
C ARG R 756 -54.04 57.74 -53.55
N LEU R 757 -55.01 58.19 -54.34
CA LEU R 757 -54.72 58.90 -55.58
C LEU R 757 -54.60 60.40 -55.37
N GLY R 758 -55.32 60.94 -54.40
CA GLY R 758 -55.13 62.33 -54.03
C GLY R 758 -53.80 62.59 -53.38
N ALA R 759 -53.29 61.61 -52.63
CA ALA R 759 -51.96 61.69 -52.04
C ALA R 759 -50.87 61.29 -53.01
N MET R 760 -51.22 60.97 -54.26
CA MET R 760 -50.22 60.89 -55.31
C MET R 760 -49.82 62.30 -55.72
N ASP R 761 -48.51 62.53 -55.80
CA ASP R 761 -47.63 63.71 -55.85
C ASP R 761 -47.31 64.23 -54.45
N ALA R 762 -47.88 63.66 -53.40
CA ALA R 762 -47.45 63.97 -52.05
C ALA R 762 -46.34 63.02 -51.62
N ASP R 763 -45.42 63.54 -50.81
CA ASP R 763 -44.15 62.87 -50.57
C ASP R 763 -44.19 61.85 -49.44
N GLU R 764 -45.06 62.03 -48.45
CA GLU R 764 -45.01 61.23 -47.23
C GLU R 764 -45.40 59.75 -47.35
N PRO R 765 -46.61 59.37 -47.82
CA PRO R 765 -47.14 58.05 -47.41
C PRO R 765 -46.45 56.85 -48.05
N LEU R 766 -46.01 56.95 -49.30
CA LEU R 766 -45.28 55.91 -50.04
C LEU R 766 -46.10 54.60 -50.10
N PHE R 767 -47.18 54.68 -50.88
CA PHE R 767 -48.09 53.55 -51.00
C PHE R 767 -47.42 52.40 -51.72
N VAL R 768 -47.11 51.35 -50.97
CA VAL R 768 -46.54 50.13 -51.52
C VAL R 768 -47.59 49.04 -51.38
N ASP R 769 -47.47 48.01 -52.22
CA ASP R 769 -48.49 46.97 -52.25
C ASP R 769 -48.17 45.83 -51.28
N ASP R 770 -47.03 45.18 -51.48
CA ASP R 770 -46.69 43.99 -50.70
C ASP R 770 -45.19 43.76 -50.78
N TYR R 771 -44.67 43.03 -49.78
CA TYR R 771 -43.24 42.66 -49.77
C TYR R 771 -43.07 41.33 -50.51
N ARG R 772 -43.28 41.39 -51.82
CA ARG R 772 -43.14 40.22 -52.68
C ARG R 772 -41.72 40.05 -53.19
N ALA R 773 -40.74 40.66 -52.53
CA ALA R 773 -39.34 40.60 -52.95
C ALA R 773 -38.57 39.81 -51.90
N THR R 774 -38.31 38.54 -52.20
CA THR R 774 -37.45 37.72 -51.36
C THR R 774 -35.99 38.02 -51.67
N ASP R 775 -35.09 37.25 -51.06
CA ASP R 775 -33.67 37.52 -51.18
C ASP R 775 -33.12 37.20 -52.56
N ASP R 776 -33.50 36.06 -53.15
CA ASP R 776 -32.99 35.70 -54.46
C ASP R 776 -33.52 36.62 -55.53
N GLU R 777 -34.78 37.04 -55.39
CA GLU R 777 -35.34 38.03 -56.31
C GLU R 777 -34.69 39.38 -56.14
N TRP R 778 -34.30 39.72 -54.91
CA TRP R 778 -33.54 40.94 -54.66
C TRP R 778 -32.19 40.90 -55.35
N THR R 779 -31.52 39.74 -55.31
CA THR R 779 -30.21 39.64 -55.94
C THR R 779 -30.32 39.66 -57.46
N LEU R 780 -31.38 39.08 -58.00
CA LEU R 780 -31.56 39.10 -59.45
C LEU R 780 -31.93 40.49 -59.96
N GLN R 781 -32.76 41.21 -59.19
CA GLN R 781 -33.06 42.61 -59.49
C GLN R 781 -31.80 43.45 -59.47
N LYS R 782 -30.95 43.23 -58.45
CA LYS R 782 -29.67 43.92 -58.33
C LYS R 782 -28.78 43.68 -59.53
N VAL R 783 -28.59 42.41 -59.90
CA VAL R 783 -27.65 42.10 -60.96
C VAL R 783 -28.17 42.54 -62.32
N PHE R 784 -29.48 42.47 -62.58
CA PHE R 784 -30.02 43.02 -63.82
C PHE R 784 -29.80 44.53 -63.88
N TYR R 785 -30.45 45.27 -62.99
CA TYR R 785 -30.43 46.74 -63.04
C TYR R 785 -29.10 47.35 -62.62
N LEU R 786 -28.10 46.56 -62.28
CA LEU R 786 -26.81 47.11 -61.90
C LEU R 786 -25.66 46.58 -62.73
N CYS R 787 -25.86 45.51 -63.51
CA CYS R 787 -24.75 44.99 -64.29
C CYS R 787 -25.13 44.73 -65.74
N LEU R 788 -26.38 44.33 -66.02
CA LEU R 788 -26.68 43.88 -67.36
C LEU R 788 -27.16 45.00 -68.25
N MET R 789 -28.09 45.80 -67.75
CA MET R 789 -28.45 47.04 -68.42
C MET R 789 -27.27 48.00 -68.56
N PRO R 790 -26.54 48.42 -67.51
CA PRO R 790 -25.53 49.46 -67.73
C PRO R 790 -24.26 49.00 -68.43
N ALA R 791 -24.14 47.73 -68.82
CA ALA R 791 -23.00 47.29 -69.60
C ALA R 791 -23.36 47.01 -71.05
N MET R 792 -24.55 46.47 -71.30
CA MET R 792 -24.95 46.19 -72.67
C MET R 792 -25.47 47.42 -73.40
N THR R 793 -25.59 48.55 -72.73
CA THR R 793 -25.93 49.80 -73.40
C THR R 793 -24.77 50.80 -73.44
N ASN R 794 -23.65 50.45 -72.81
CA ASN R 794 -22.47 51.33 -72.64
C ASN R 794 -22.85 52.64 -71.98
N ASN R 795 -23.67 52.55 -70.93
CA ASN R 795 -24.11 53.67 -70.10
C ASN R 795 -24.81 54.75 -70.94
N ARG R 796 -25.94 54.36 -71.54
CA ARG R 796 -26.73 55.25 -72.36
C ARG R 796 -28.18 55.35 -71.90
N ALA R 797 -28.58 54.60 -70.88
CA ALA R 797 -29.96 54.61 -70.44
C ALA R 797 -30.22 55.80 -69.53
N CYS R 798 -31.47 55.94 -69.09
CA CYS R 798 -31.87 56.93 -68.10
C CYS R 798 -33.16 56.47 -67.45
N GLY R 799 -33.60 57.24 -66.48
CA GLY R 799 -34.85 56.95 -65.78
C GLY R 799 -35.81 58.11 -65.87
N LEU R 800 -37.10 57.79 -65.97
CA LEU R 800 -38.14 58.81 -66.02
C LEU R 800 -39.35 58.36 -65.23
N GLY R 801 -40.15 59.34 -64.82
CA GLY R 801 -41.41 59.08 -64.16
C GLY R 801 -42.51 59.95 -64.73
N LEU R 802 -43.64 59.34 -65.07
CA LEU R 802 -44.71 60.04 -65.73
C LEU R 802 -45.65 60.68 -64.71
N ASN R 803 -46.45 61.63 -65.19
CA ASN R 803 -47.54 62.19 -64.40
C ASN R 803 -48.77 61.37 -64.75
N LEU R 804 -49.07 60.37 -63.91
CA LEU R 804 -50.04 59.33 -64.27
C LEU R 804 -51.46 59.86 -64.30
N LYS R 805 -51.77 60.87 -63.48
CA LYS R 805 -53.10 61.49 -63.48
C LYS R 805 -53.40 62.12 -64.83
N THR R 806 -52.58 63.10 -65.21
CA THR R 806 -52.86 63.89 -66.40
C THR R 806 -52.72 63.06 -67.67
N LEU R 807 -51.74 62.13 -67.69
CA LEU R 807 -51.60 61.23 -68.83
C LEU R 807 -52.79 60.28 -68.94
N LEU R 808 -53.18 59.66 -67.83
CA LEU R 808 -54.24 58.67 -67.89
C LEU R 808 -55.60 59.29 -68.16
N VAL R 809 -55.80 60.56 -67.84
CA VAL R 809 -57.04 61.21 -68.23
C VAL R 809 -56.98 61.69 -69.68
N ASP R 810 -55.84 62.24 -70.11
CA ASP R 810 -55.77 62.77 -71.47
C ASP R 810 -55.68 61.68 -72.52
N LEU R 811 -55.21 60.50 -72.15
CA LEU R 811 -55.23 59.38 -73.10
C LEU R 811 -56.61 58.73 -73.14
N PHE R 812 -57.12 58.35 -71.98
CA PHE R 812 -58.40 57.66 -71.83
C PHE R 812 -59.51 58.69 -71.67
N TYR R 813 -60.63 58.29 -71.08
CA TYR R 813 -61.73 59.17 -70.64
C TYR R 813 -62.49 59.72 -71.85
N ARG R 814 -62.49 58.97 -72.93
CA ARG R 814 -63.31 59.27 -74.09
C ARG R 814 -64.74 58.83 -73.83
N PRO R 815 -65.70 59.29 -74.63
CA PRO R 815 -67.05 58.70 -74.57
C PRO R 815 -67.09 57.25 -75.00
N ALA R 816 -66.16 56.80 -75.84
CA ALA R 816 -66.16 55.41 -76.28
C ALA R 816 -65.69 54.47 -75.17
N PHE R 817 -64.80 54.95 -74.29
CA PHE R 817 -64.21 54.09 -73.27
C PHE R 817 -65.16 53.77 -72.13
N LEU R 818 -66.07 54.68 -71.78
CA LEU R 818 -66.74 54.60 -70.50
C LEU R 818 -68.03 53.78 -70.54
N LEU R 819 -68.40 53.21 -71.68
CA LEU R 819 -69.53 52.28 -71.76
C LEU R 819 -69.12 51.11 -72.65
N MET R 820 -68.55 50.08 -72.02
CA MET R 820 -68.02 48.92 -72.72
C MET R 820 -69.05 47.80 -72.75
N PRO R 821 -69.45 47.30 -73.92
CA PRO R 821 -70.30 46.12 -73.95
C PRO R 821 -69.50 44.84 -73.76
N ALA R 822 -69.65 44.20 -72.60
CA ALA R 822 -68.89 42.99 -72.28
C ALA R 822 -69.81 42.04 -71.53
N ALA R 823 -70.35 41.06 -72.25
CA ALA R 823 -71.23 40.05 -71.69
C ALA R 823 -70.40 38.84 -71.25
N THR R 824 -71.11 37.74 -70.94
CA THR R 824 -70.62 36.43 -70.42
C THR R 824 -69.37 36.46 -69.53
N PRO R 842 -68.83 49.97 -81.27
CA PRO R 842 -68.34 50.73 -82.42
C PRO R 842 -67.11 50.10 -83.05
N GLU R 843 -67.31 49.09 -83.90
CA GLU R 843 -66.22 48.39 -84.56
C GLU R 843 -66.50 48.21 -86.04
N ASP R 844 -66.90 49.28 -86.74
CA ASP R 844 -67.33 49.19 -88.13
C ASP R 844 -66.18 49.45 -89.12
N SER R 845 -65.57 50.63 -89.05
CA SER R 845 -64.53 51.03 -89.99
C SER R 845 -63.29 51.44 -89.23
N ILE R 846 -62.17 51.50 -89.93
CA ILE R 846 -60.90 51.82 -89.28
C ILE R 846 -60.77 53.34 -89.09
N ALA R 847 -61.29 54.12 -90.02
CA ALA R 847 -61.21 55.58 -89.93
C ALA R 847 -62.06 56.14 -88.81
N ALA R 848 -63.17 55.52 -88.48
CA ALA R 848 -64.00 55.98 -87.36
C ALA R 848 -63.37 55.63 -86.03
N GLN R 849 -62.88 54.39 -85.88
CA GLN R 849 -62.28 53.99 -84.61
C GLN R 849 -60.91 54.60 -84.39
N ARG R 850 -60.24 55.06 -85.45
CA ARG R 850 -59.03 55.86 -85.26
C ARG R 850 -59.35 57.16 -84.55
N GLN R 851 -60.50 57.75 -84.85
CA GLN R 851 -60.98 58.95 -84.18
C GLN R 851 -61.61 58.64 -82.81
N ALA R 852 -62.17 57.44 -82.64
CA ALA R 852 -62.99 57.16 -81.48
C ALA R 852 -62.19 56.92 -80.21
N VAL R 853 -60.89 56.64 -80.34
CA VAL R 853 -60.08 56.35 -79.16
C VAL R 853 -59.27 57.56 -78.71
N GLY R 854 -59.10 58.56 -79.55
CA GLY R 854 -58.30 59.71 -79.19
C GLY R 854 -57.19 59.93 -80.20
N GLU R 855 -56.62 61.12 -80.18
CA GLU R 855 -55.58 61.51 -81.13
C GLU R 855 -54.23 60.89 -80.79
N MET R 856 -53.98 60.57 -79.52
CA MET R 856 -52.67 60.12 -79.09
C MET R 856 -52.53 58.61 -79.07
N LEU R 857 -53.63 57.86 -79.12
CA LEU R 857 -53.56 56.41 -79.01
C LEU R 857 -53.30 55.72 -80.36
N THR R 858 -53.49 56.42 -81.47
CA THR R 858 -53.31 55.77 -82.77
C THR R 858 -51.84 55.55 -83.11
N GLU R 859 -50.99 56.56 -82.89
CA GLU R 859 -49.56 56.39 -83.10
C GLU R 859 -48.90 55.60 -81.98
N LEU R 860 -49.61 55.38 -80.88
CA LEU R 860 -49.07 54.68 -79.73
C LEU R 860 -49.45 53.21 -79.70
N VAL R 861 -50.56 52.81 -80.32
CA VAL R 861 -50.99 51.42 -80.36
C VAL R 861 -51.12 50.90 -81.79
N GLU R 862 -51.66 51.73 -82.70
CA GLU R 862 -52.19 51.27 -83.99
C GLU R 862 -51.13 50.65 -84.89
N ASP R 863 -49.95 51.25 -84.96
CA ASP R 863 -48.88 50.62 -85.73
C ASP R 863 -48.18 49.54 -84.93
N VAL R 864 -48.37 49.52 -83.62
CA VAL R 864 -47.57 48.69 -82.74
C VAL R 864 -48.12 47.28 -82.62
N ALA R 865 -49.33 47.14 -82.09
CA ALA R 865 -49.85 45.84 -81.69
C ALA R 865 -51.28 45.63 -82.13
N THR R 866 -51.55 45.91 -83.41
CA THR R 866 -52.80 45.52 -84.04
C THR R 866 -52.47 44.62 -85.23
N ASP R 867 -53.39 43.73 -85.54
CA ASP R 867 -53.22 42.80 -86.65
C ASP R 867 -54.56 42.61 -87.34
N ALA R 868 -54.64 41.59 -88.20
CA ALA R 868 -55.83 41.40 -89.01
C ALA R 868 -57.01 40.86 -88.21
N HIS R 869 -56.76 40.21 -87.08
CA HIS R 869 -57.81 39.61 -86.29
C HIS R 869 -58.12 40.40 -85.03
N THR R 870 -57.50 41.57 -84.84
CA THR R 870 -57.79 42.43 -83.71
C THR R 870 -57.76 43.89 -84.15
N PRO R 871 -58.87 44.62 -84.03
CA PRO R 871 -58.85 46.04 -84.37
C PRO R 871 -58.30 46.89 -83.24
N LEU R 872 -58.33 48.21 -83.42
CA LEU R 872 -57.66 49.10 -82.48
C LEU R 872 -58.41 49.22 -81.16
N LEU R 873 -59.74 49.30 -81.21
CA LEU R 873 -60.50 49.60 -80.00
C LEU R 873 -60.56 48.42 -79.04
N GLN R 874 -60.59 47.19 -79.57
CA GLN R 874 -60.53 46.02 -78.71
C GLN R 874 -59.20 45.94 -77.96
N ALA R 875 -58.09 46.19 -78.66
CA ALA R 875 -56.79 46.16 -78.00
C ALA R 875 -56.61 47.32 -77.04
N CYS R 876 -57.20 48.48 -77.34
CA CYS R 876 -57.12 49.60 -76.41
C CYS R 876 -58.00 49.42 -75.18
N ARG R 877 -59.17 48.82 -75.32
CA ARG R 877 -59.97 48.51 -74.15
C ARG R 877 -59.33 47.39 -73.34
N GLU R 878 -58.57 46.50 -74.00
CA GLU R 878 -57.74 45.54 -73.28
C GLU R 878 -56.70 46.24 -72.41
N LEU R 879 -56.11 47.33 -72.92
CA LEU R 879 -55.21 48.13 -72.10
C LEU R 879 -55.97 48.85 -70.99
N PHE R 880 -57.22 49.21 -71.25
CA PHE R 880 -58.03 49.84 -70.22
C PHE R 880 -58.38 48.88 -69.09
N LEU R 881 -58.40 47.57 -69.37
CA LEU R 881 -58.63 46.59 -68.31
C LEU R 881 -57.56 46.60 -67.22
N ALA R 882 -56.33 46.99 -67.49
CA ALA R 882 -55.26 46.90 -66.50
C ALA R 882 -54.95 48.25 -65.90
N VAL R 883 -55.91 49.19 -65.98
CA VAL R 883 -55.73 50.50 -65.39
C VAL R 883 -55.92 50.47 -63.88
N GLN R 884 -56.62 49.46 -63.36
CA GLN R 884 -56.97 49.39 -61.95
C GLN R 884 -55.74 49.21 -61.06
N PHE R 885 -54.67 48.62 -61.60
CA PHE R 885 -53.44 48.46 -60.84
C PHE R 885 -52.51 49.66 -61.03
N VAL R 886 -53.04 50.86 -60.80
CA VAL R 886 -52.28 52.09 -60.92
C VAL R 886 -51.63 52.38 -59.57
N GLY R 887 -50.36 52.76 -59.60
CA GLY R 887 -49.64 53.02 -58.38
C GLY R 887 -49.65 54.48 -57.98
N GLU R 888 -48.47 55.02 -57.76
CA GLU R 888 -48.25 56.41 -57.39
C GLU R 888 -47.34 57.04 -58.43
N HIS R 889 -47.01 58.31 -58.23
CA HIS R 889 -46.04 59.02 -59.06
C HIS R 889 -44.63 58.51 -58.77
N VAL R 890 -43.64 59.12 -59.42
CA VAL R 890 -42.26 58.70 -59.20
C VAL R 890 -41.76 59.34 -57.91
N LYS R 891 -41.00 58.57 -57.14
CA LYS R 891 -40.38 59.05 -55.90
C LYS R 891 -38.94 58.55 -55.91
N VAL R 892 -38.00 59.48 -55.87
CA VAL R 892 -36.61 59.07 -55.77
C VAL R 892 -36.27 58.86 -54.28
N LEU R 893 -36.40 57.62 -53.83
CA LEU R 893 -36.20 57.27 -52.44
C LEU R 893 -34.72 57.28 -52.11
N GLU R 894 -34.37 57.95 -51.03
CA GLU R 894 -33.01 57.93 -50.53
C GLU R 894 -32.88 56.82 -49.49
N VAL R 895 -32.03 55.86 -49.79
CA VAL R 895 -31.81 54.73 -48.89
C VAL R 895 -30.47 54.98 -48.20
N ARG R 896 -30.52 55.28 -46.91
CA ARG R 896 -29.31 55.29 -46.12
C ARG R 896 -29.24 54.01 -45.30
N ALA R 897 -28.06 53.44 -45.20
CA ALA R 897 -27.85 52.20 -44.47
C ALA R 897 -26.39 52.10 -44.07
N PRO R 898 -26.10 51.93 -42.79
CA PRO R 898 -24.73 51.68 -42.38
C PRO R 898 -24.31 50.28 -42.79
N LEU R 899 -23.01 50.06 -42.80
CA LEU R 899 -22.50 48.78 -43.24
C LEU R 899 -22.68 47.74 -42.14
N ASP R 900 -22.42 46.50 -42.50
CA ASP R 900 -22.54 45.38 -41.57
C ASP R 900 -21.36 45.37 -40.60
N HIS R 901 -21.29 44.34 -39.76
CA HIS R 901 -20.30 44.32 -38.68
C HIS R 901 -18.89 43.97 -39.14
N ALA R 902 -18.66 43.86 -40.44
CA ALA R 902 -17.33 43.67 -40.98
C ALA R 902 -16.62 44.98 -41.27
N GLN R 903 -17.21 45.86 -42.06
CA GLN R 903 -16.62 47.18 -42.27
C GLN R 903 -16.87 48.15 -41.14
N ARG R 904 -17.63 47.75 -40.11
CA ARG R 904 -17.92 48.65 -39.01
C ARG R 904 -16.72 48.90 -38.10
N GLN R 905 -15.65 48.10 -38.22
CA GLN R 905 -14.52 48.22 -37.32
C GLN R 905 -13.79 49.54 -37.52
N GLY R 906 -13.61 49.96 -38.77
CA GLY R 906 -13.22 51.32 -39.02
C GLY R 906 -14.44 52.15 -39.30
N LEU R 907 -14.49 53.39 -38.76
CA LEU R 907 -15.55 54.36 -38.96
C LEU R 907 -16.94 53.82 -38.61
N PRO R 908 -17.26 53.69 -37.32
CA PRO R 908 -18.56 53.14 -36.93
C PRO R 908 -19.73 54.05 -37.24
N ASP R 909 -19.49 55.33 -37.51
CA ASP R 909 -20.54 56.29 -37.82
C ASP R 909 -20.58 56.68 -39.29
N PHE R 910 -20.32 55.75 -40.19
CA PHE R 910 -20.46 55.99 -41.62
C PHE R 910 -21.81 55.47 -42.10
N ILE R 911 -22.61 56.36 -42.69
CA ILE R 911 -23.92 56.01 -43.21
C ILE R 911 -23.91 56.23 -44.71
N SER R 912 -24.13 55.16 -45.47
CA SER R 912 -23.99 55.19 -46.92
C SER R 912 -25.30 55.62 -47.57
N ARG R 913 -25.27 56.75 -48.26
CA ARG R 913 -26.44 57.32 -48.91
C ARG R 913 -26.55 56.80 -50.34
N GLN R 914 -27.63 56.07 -50.61
CA GLN R 914 -27.82 55.48 -51.93
C GLN R 914 -29.22 55.82 -52.43
N HIS R 915 -29.28 56.57 -53.53
CA HIS R 915 -30.56 57.02 -54.08
C HIS R 915 -31.14 55.97 -55.00
N VAL R 916 -32.41 55.66 -54.81
CA VAL R 916 -33.10 54.64 -55.59
C VAL R 916 -34.40 55.24 -56.10
N LEU R 917 -34.84 54.77 -57.27
CA LEU R 917 -36.05 55.28 -57.91
C LEU R 917 -37.20 54.31 -57.66
N TYR R 918 -38.22 54.78 -56.95
CA TYR R 918 -39.42 54.00 -56.70
C TYR R 918 -40.48 54.38 -57.72
N ASN R 919 -41.09 53.36 -58.34
CA ASN R 919 -42.20 53.47 -59.28
C ASN R 919 -41.83 54.37 -60.47
N GLY R 920 -40.85 53.89 -61.23
CA GLY R 920 -40.38 54.62 -62.39
C GLY R 920 -39.93 53.66 -63.46
N CYS R 921 -39.77 54.18 -64.67
CA CYS R 921 -39.34 53.35 -65.79
C CYS R 921 -37.92 53.71 -66.21
N CYS R 922 -37.19 52.70 -66.66
CA CYS R 922 -35.82 52.85 -67.13
C CYS R 922 -35.87 53.07 -68.64
N VAL R 923 -35.66 54.32 -69.05
CA VAL R 923 -35.75 54.64 -70.47
C VAL R 923 -34.40 54.40 -71.13
N VAL R 924 -34.46 53.95 -72.39
CA VAL R 924 -33.27 53.80 -73.22
C VAL R 924 -33.35 54.59 -74.51
N THR R 925 -34.44 55.32 -74.74
CA THR R 925 -34.73 55.99 -75.99
C THR R 925 -35.17 57.43 -75.62
N ALA R 926 -35.47 58.23 -76.61
CA ALA R 926 -36.21 59.44 -76.32
C ALA R 926 -37.66 59.24 -76.73
N PRO R 927 -38.60 59.20 -75.79
CA PRO R 927 -40.01 59.06 -76.16
C PRO R 927 -40.54 60.29 -76.84
N LYS R 928 -41.46 60.06 -77.77
CA LYS R 928 -41.95 61.10 -78.67
C LYS R 928 -43.41 61.47 -78.45
N THR R 929 -44.22 60.55 -77.95
CA THR R 929 -45.63 60.84 -77.78
C THR R 929 -46.00 61.24 -76.36
N LEU R 930 -45.06 61.18 -75.43
CA LEU R 930 -45.33 61.55 -74.05
C LEU R 930 -44.40 62.65 -73.53
N ILE R 931 -43.98 63.56 -74.40
CA ILE R 931 -42.89 64.47 -74.06
C ILE R 931 -43.31 65.48 -72.99
N GLU R 932 -44.58 65.82 -72.93
CA GLU R 932 -45.06 66.79 -71.96
C GLU R 932 -45.49 66.16 -70.65
N TYR R 933 -45.71 64.84 -70.63
CA TYR R 933 -46.12 64.15 -69.41
C TYR R 933 -45.02 63.28 -68.84
N SER R 934 -43.81 63.35 -69.40
CA SER R 934 -42.67 62.57 -68.92
C SER R 934 -41.70 63.49 -68.21
N LEU R 935 -41.27 63.09 -67.02
CA LEU R 935 -40.29 63.85 -66.28
C LEU R 935 -39.08 62.97 -66.02
N PRO R 936 -37.95 63.19 -66.70
CA PRO R 936 -36.79 62.34 -66.49
C PRO R 936 -36.10 62.64 -65.17
N VAL R 937 -35.33 61.68 -64.68
CA VAL R 937 -34.58 61.84 -63.44
C VAL R 937 -33.15 61.33 -63.60
N PRO R 938 -32.19 62.21 -63.89
CA PRO R 938 -30.78 61.81 -63.87
C PRO R 938 -30.23 61.69 -62.46
N PHE R 939 -30.41 60.52 -61.85
CA PHE R 939 -30.27 60.33 -60.41
C PHE R 939 -29.05 59.54 -59.97
N HIS R 940 -28.51 58.67 -60.82
CA HIS R 940 -27.45 57.76 -60.39
C HIS R 940 -26.18 58.01 -61.19
N ARG R 941 -25.12 57.25 -60.87
CA ARG R 941 -23.93 57.19 -61.73
C ARG R 941 -24.30 56.60 -63.08
N PHE R 942 -24.95 55.44 -63.07
CA PHE R 942 -25.59 54.94 -64.28
C PHE R 942 -26.88 55.71 -64.54
N TYR R 943 -27.49 55.43 -65.68
CA TYR R 943 -28.83 55.91 -66.06
C TYR R 943 -28.92 57.42 -66.07
N SER R 944 -27.87 58.08 -66.55
CA SER R 944 -27.87 59.54 -66.71
C SER R 944 -27.28 59.84 -68.08
N ASN R 945 -28.16 59.84 -69.08
CA ASN R 945 -27.76 60.16 -70.44
C ASN R 945 -28.19 61.58 -70.75
N PRO R 946 -27.25 62.51 -70.97
CA PRO R 946 -27.64 63.87 -71.33
C PRO R 946 -28.27 63.99 -72.71
N THR R 947 -28.06 63.00 -73.59
CA THR R 947 -28.78 62.99 -74.86
C THR R 947 -30.27 62.76 -74.65
N ILE R 948 -30.62 61.85 -73.75
CA ILE R 948 -32.02 61.55 -73.50
C ILE R 948 -32.68 62.68 -72.70
N CYS R 949 -32.02 63.17 -71.65
CA CYS R 949 -32.60 64.25 -70.85
C CYS R 949 -32.55 65.59 -71.58
N ALA R 950 -31.74 65.72 -72.62
CA ALA R 950 -31.74 66.95 -73.40
C ALA R 950 -32.93 66.99 -74.35
N ALA R 951 -33.49 65.82 -74.68
CA ALA R 951 -34.64 65.74 -75.57
C ALA R 951 -35.97 65.91 -74.83
N LEU R 952 -35.98 65.74 -73.51
CA LEU R 952 -37.24 65.75 -72.78
C LEU R 952 -37.45 67.00 -71.96
N SER R 953 -36.49 67.39 -71.14
CA SER R 953 -36.60 68.60 -70.32
C SER R 953 -35.78 69.70 -70.95
N ASP R 954 -36.34 70.91 -70.95
CA ASP R 954 -35.67 72.02 -71.62
C ASP R 954 -34.47 72.55 -70.83
N ASP R 955 -34.49 72.41 -69.50
CA ASP R 955 -33.41 73.00 -68.71
C ASP R 955 -32.11 72.22 -68.88
N ILE R 956 -32.22 70.90 -68.99
CA ILE R 956 -31.04 70.08 -69.30
C ILE R 956 -30.54 70.39 -70.70
N LYS R 957 -31.44 70.67 -71.64
CA LYS R 957 -31.05 71.08 -72.99
C LYS R 957 -30.31 72.42 -72.95
N ARG R 958 -30.74 73.33 -72.08
CA ARG R 958 -30.03 74.60 -71.91
C ARG R 958 -28.66 74.39 -71.27
N TYR R 959 -28.56 73.46 -70.33
CA TYR R 959 -27.28 73.23 -69.67
C TYR R 959 -26.30 72.53 -70.60
N VAL R 960 -26.80 71.69 -71.50
CA VAL R 960 -25.92 71.00 -72.44
C VAL R 960 -25.50 71.93 -73.58
N THR R 961 -26.43 72.77 -74.07
CA THR R 961 -26.07 73.70 -75.14
C THR R 961 -25.20 74.84 -74.62
N GLU R 962 -25.33 75.19 -73.34
CA GLU R 962 -24.42 76.18 -72.77
C GLU R 962 -23.06 75.56 -72.47
N PHE R 963 -23.04 74.43 -71.76
CA PHE R 963 -21.81 73.72 -71.43
C PHE R 963 -21.71 72.48 -72.31
N PRO R 964 -20.94 72.55 -73.40
CA PRO R 964 -20.95 71.44 -74.36
C PRO R 964 -20.16 70.23 -73.89
N HIS R 965 -19.22 70.40 -72.97
CA HIS R 965 -18.37 69.30 -72.55
C HIS R 965 -18.99 68.45 -71.44
N TYR R 966 -20.25 68.69 -71.11
CA TYR R 966 -20.99 67.80 -70.20
C TYR R 966 -21.83 66.80 -70.98
N HIS R 967 -21.47 66.55 -72.23
CA HIS R 967 -22.13 65.55 -73.06
C HIS R 967 -21.47 64.18 -72.94
N ARG R 968 -20.78 63.92 -71.83
CA ARG R 968 -20.04 62.68 -71.65
C ARG R 968 -20.98 61.52 -71.37
N HIS R 969 -20.41 60.32 -71.33
CA HIS R 969 -21.13 59.13 -70.95
C HIS R 969 -20.47 58.39 -69.79
N ASP R 970 -19.32 58.87 -69.31
CA ASP R 970 -18.52 58.17 -68.31
C ASP R 970 -18.87 58.60 -66.89
N GLY R 971 -20.08 59.07 -66.65
CA GLY R 971 -20.45 59.52 -65.32
C GLY R 971 -19.91 60.87 -64.92
N GLY R 972 -19.22 61.56 -65.82
CA GLY R 972 -18.78 62.91 -65.57
C GLY R 972 -19.85 63.96 -65.68
N PHE R 973 -21.05 63.57 -66.07
CA PHE R 973 -22.19 64.48 -66.12
C PHE R 973 -22.59 64.86 -64.70
N PRO R 974 -22.75 66.15 -64.39
CA PRO R 974 -23.11 66.56 -63.03
C PRO R 974 -24.51 66.16 -62.63
N LEU R 975 -24.61 65.29 -61.63
CA LEU R 975 -25.88 65.03 -60.99
C LEU R 975 -26.27 66.23 -60.14
N PRO R 976 -27.55 66.38 -59.82
CA PRO R 976 -27.96 67.46 -58.90
C PRO R 976 -27.40 67.26 -57.50
N THR R 977 -27.30 68.39 -56.78
CA THR R 977 -26.59 68.42 -55.50
C THR R 977 -27.31 67.66 -54.40
N ALA R 978 -28.57 67.29 -54.60
CA ALA R 978 -29.22 66.33 -53.71
C ALA R 978 -28.88 64.89 -54.03
N PHE R 979 -27.93 64.66 -54.96
CA PHE R 979 -27.44 63.32 -55.26
C PHE R 979 -25.93 63.26 -55.29
N ALA R 980 -25.23 64.40 -55.38
CA ALA R 980 -23.78 64.42 -55.53
C ALA R 980 -23.12 64.05 -54.21
N HIS R 981 -23.13 62.75 -53.94
CA HIS R 981 -22.55 62.15 -52.75
C HIS R 981 -21.55 61.09 -53.16
N GLU R 982 -20.62 61.55 -54.00
CA GLU R 982 -19.63 60.69 -54.67
C GLU R 982 -18.80 59.90 -53.66
N TYR R 983 -18.47 60.51 -52.53
CA TYR R 983 -17.73 59.83 -51.49
C TYR R 983 -18.63 59.11 -50.51
N HIS R 984 -19.93 59.04 -50.78
CA HIS R 984 -20.86 58.32 -49.93
C HIS R 984 -21.68 57.28 -50.66
N ASN R 985 -21.51 57.12 -51.97
CA ASN R 985 -22.32 56.17 -52.72
C ASN R 985 -21.82 54.75 -52.54
N TRP R 986 -22.54 53.81 -53.14
CA TRP R 986 -22.19 52.40 -53.13
C TRP R 986 -21.38 51.96 -54.33
N LEU R 987 -21.17 52.85 -55.30
CA LEU R 987 -20.33 52.57 -56.45
C LEU R 987 -19.84 53.91 -56.99
N ARG R 988 -18.54 54.04 -57.12
CA ARG R 988 -17.93 55.32 -57.41
C ARG R 988 -17.47 55.37 -58.87
N SER R 989 -16.79 56.46 -59.21
CA SER R 989 -16.38 56.84 -60.57
C SER R 989 -15.65 55.80 -61.43
N PRO R 990 -14.86 54.85 -60.89
CA PRO R 990 -14.34 53.79 -61.77
C PRO R 990 -15.40 52.88 -62.36
N PHE R 991 -16.56 52.72 -61.70
CA PHE R 991 -17.65 51.96 -62.31
C PHE R 991 -18.19 52.69 -63.54
N SER R 992 -18.45 53.98 -63.41
CA SER R 992 -18.86 54.82 -64.52
C SER R 992 -17.79 54.96 -65.58
N ARG R 993 -16.51 54.80 -65.22
CA ARG R 993 -15.43 54.80 -66.19
C ARG R 993 -15.36 53.50 -66.98
N TYR R 994 -15.54 52.35 -66.32
CA TYR R 994 -15.46 51.09 -67.04
C TYR R 994 -16.71 50.85 -67.86
N SER R 995 -17.87 51.31 -67.40
CA SER R 995 -19.12 51.01 -68.08
C SER R 995 -19.34 51.80 -69.36
N ALA R 996 -18.51 52.80 -69.63
CA ALA R 996 -18.64 53.56 -70.86
C ALA R 996 -17.89 52.92 -72.03
N THR R 997 -16.76 52.28 -71.75
CA THR R 997 -15.93 51.67 -72.79
C THR R 997 -15.89 50.16 -72.69
N CYS R 998 -16.85 49.56 -72.03
CA CYS R 998 -16.85 48.10 -71.96
C CYS R 998 -17.36 47.51 -73.27
N PRO R 999 -16.83 46.37 -73.69
CA PRO R 999 -17.38 45.69 -74.86
C PRO R 999 -18.74 45.09 -74.53
N ASN R 1000 -19.53 44.84 -75.57
CA ASN R 1000 -20.91 44.38 -75.39
C ASN R 1000 -21.00 42.88 -75.54
N VAL R 1001 -20.22 42.16 -74.71
CA VAL R 1001 -20.17 40.71 -74.72
C VAL R 1001 -20.59 40.26 -73.32
N LEU R 1002 -20.72 38.95 -73.13
CA LEU R 1002 -21.10 38.38 -71.84
C LEU R 1002 -20.02 38.59 -70.79
N HIS R 1003 -18.76 38.69 -71.20
CA HIS R 1003 -17.68 38.86 -70.24
C HIS R 1003 -17.73 40.21 -69.54
N SER R 1004 -18.36 41.21 -70.13
CA SER R 1004 -18.50 42.50 -69.47
C SER R 1004 -19.47 42.43 -68.30
N VAL R 1005 -20.61 41.77 -68.48
CA VAL R 1005 -21.52 41.57 -67.35
C VAL R 1005 -20.96 40.56 -66.37
N MET R 1006 -20.02 39.72 -66.80
CA MET R 1006 -19.29 38.91 -65.84
C MET R 1006 -18.39 39.79 -64.96
N THR R 1007 -17.64 40.71 -65.58
CA THR R 1007 -16.64 41.43 -64.81
C THR R 1007 -17.21 42.60 -64.04
N LEU R 1008 -18.35 43.15 -64.44
CA LEU R 1008 -18.98 44.12 -63.56
C LEU R 1008 -19.60 43.44 -62.35
N ALA R 1009 -20.00 42.18 -62.47
CA ALA R 1009 -20.60 41.52 -61.33
C ALA R 1009 -19.55 41.00 -60.37
N ALA R 1010 -18.46 40.44 -60.87
CA ALA R 1010 -17.38 40.09 -59.98
C ALA R 1010 -16.47 41.28 -59.68
N MET R 1011 -16.80 42.45 -60.22
CA MET R 1011 -16.28 43.71 -59.71
C MET R 1011 -16.90 44.07 -58.38
N LEU R 1012 -18.03 43.47 -58.02
CA LEU R 1012 -18.70 43.75 -56.77
C LEU R 1012 -18.24 42.88 -55.61
N TYR R 1013 -17.03 42.33 -55.63
CA TYR R 1013 -16.51 41.66 -54.46
C TYR R 1013 -16.16 42.69 -53.40
N LYS R 1014 -16.59 42.45 -52.17
CA LYS R 1014 -16.37 43.43 -51.11
C LYS R 1014 -14.94 43.32 -50.59
N ILE R 1015 -14.59 44.26 -49.71
CA ILE R 1015 -13.20 44.47 -49.31
C ILE R 1015 -13.09 44.27 -47.80
N SER R 1016 -14.09 43.61 -47.22
CA SER R 1016 -14.10 43.29 -45.80
C SER R 1016 -13.03 42.25 -45.47
N PRO R 1017 -12.60 42.14 -44.21
CA PRO R 1017 -11.61 41.11 -43.86
C PRO R 1017 -12.09 39.69 -44.09
N VAL R 1018 -13.35 39.41 -43.76
CA VAL R 1018 -13.89 38.08 -44.04
C VAL R 1018 -14.06 37.87 -45.54
N SER R 1019 -14.28 38.93 -46.32
CA SER R 1019 -14.24 38.79 -47.76
C SER R 1019 -12.83 38.49 -48.25
N LEU R 1020 -11.81 39.04 -47.59
CA LEU R 1020 -10.43 38.67 -47.90
C LEU R 1020 -10.18 37.20 -47.57
N VAL R 1021 -10.74 36.71 -46.46
CA VAL R 1021 -10.61 35.32 -46.07
C VAL R 1021 -11.21 34.40 -47.13
N LEU R 1022 -12.42 34.74 -47.59
CA LEU R 1022 -13.11 33.85 -48.51
C LEU R 1022 -12.57 33.98 -49.93
N GLN R 1023 -12.05 35.15 -50.31
CA GLN R 1023 -11.39 35.25 -51.61
C GLN R 1023 -10.03 34.56 -51.58
N THR R 1024 -9.37 34.52 -50.43
CA THR R 1024 -8.09 33.86 -50.33
C THR R 1024 -8.25 32.35 -50.35
N LYS R 1025 -9.24 31.83 -49.62
CA LYS R 1025 -9.41 30.39 -49.52
C LYS R 1025 -9.95 29.78 -50.80
N ALA R 1026 -10.38 30.58 -51.77
CA ALA R 1026 -10.75 30.11 -53.09
C ALA R 1026 -9.66 30.36 -54.12
N HIS R 1027 -8.51 30.89 -53.69
CA HIS R 1027 -7.37 31.25 -54.55
C HIS R 1027 -7.76 32.23 -55.64
N ILE R 1028 -8.66 33.12 -55.31
CA ILE R 1028 -8.98 34.27 -56.15
C ILE R 1028 -7.91 35.32 -55.87
N HIS R 1029 -7.42 35.96 -56.92
CA HIS R 1029 -6.48 37.04 -56.68
C HIS R 1029 -7.23 38.27 -56.18
N PRO R 1030 -7.06 38.67 -54.93
CA PRO R 1030 -7.96 39.67 -54.36
C PRO R 1030 -7.53 41.10 -54.61
N GLY R 1031 -6.59 41.31 -55.53
CA GLY R 1031 -5.99 42.61 -55.70
C GLY R 1031 -5.05 42.96 -54.57
N PHE R 1032 -4.45 44.14 -54.70
CA PHE R 1032 -3.40 44.69 -53.82
C PHE R 1032 -2.34 43.64 -53.49
N ALA R 1033 -1.51 43.39 -54.51
CA ALA R 1033 -0.30 42.57 -54.38
C ALA R 1033 0.56 43.04 -53.21
N LEU R 1034 1.37 42.13 -52.69
CA LEU R 1034 2.08 42.43 -51.46
C LEU R 1034 3.55 42.06 -51.57
N THR R 1035 4.41 42.97 -51.11
CA THR R 1035 5.82 42.69 -50.92
C THR R 1035 6.03 42.06 -49.56
N ALA R 1036 7.07 41.24 -49.47
CA ALA R 1036 7.41 40.52 -48.25
C ALA R 1036 8.89 40.76 -47.99
N VAL R 1037 9.20 41.82 -47.26
CA VAL R 1037 10.57 42.03 -46.82
C VAL R 1037 10.89 41.04 -45.71
N ARG R 1038 12.18 40.73 -45.55
CA ARG R 1038 12.63 39.83 -44.50
C ARG R 1038 14.12 40.05 -44.28
N THR R 1039 14.60 39.62 -43.13
CA THR R 1039 16.00 39.72 -42.77
C THR R 1039 16.67 38.35 -42.85
N ASP R 1040 18.00 38.40 -42.83
CA ASP R 1040 18.86 37.24 -42.65
C ASP R 1040 19.88 37.55 -41.57
N THR R 1041 20.27 36.53 -40.82
CA THR R 1041 21.38 36.66 -39.88
C THR R 1041 22.45 35.67 -40.29
N PHE R 1042 23.60 36.18 -40.71
CA PHE R 1042 24.71 35.36 -41.16
C PHE R 1042 25.71 35.19 -40.02
N GLU R 1043 26.33 34.02 -39.96
CA GLU R 1043 27.49 33.83 -39.11
C GLU R 1043 28.72 33.96 -39.99
N VAL R 1044 29.42 35.08 -39.87
CA VAL R 1044 30.41 35.48 -40.85
C VAL R 1044 31.74 35.71 -40.14
N ASP R 1045 32.84 35.57 -40.87
CA ASP R 1045 34.16 35.83 -40.35
C ASP R 1045 34.67 37.15 -40.87
N MET R 1046 35.41 37.87 -40.03
CA MET R 1046 35.83 39.22 -40.35
C MET R 1046 37.35 39.31 -40.34
N LEU R 1047 37.88 40.25 -41.12
CA LEU R 1047 39.28 40.65 -41.03
C LEU R 1047 39.33 42.15 -40.91
N LEU R 1048 40.27 42.65 -40.11
CA LEU R 1048 40.49 44.08 -40.00
C LEU R 1048 41.99 44.36 -40.03
N TYR R 1049 42.38 45.36 -40.80
CA TYR R 1049 43.75 45.84 -40.82
C TYR R 1049 43.80 47.23 -40.22
N SER R 1050 44.68 47.42 -39.24
CA SER R 1050 44.83 48.71 -38.60
C SER R 1050 46.28 49.15 -38.74
N GLY R 1051 46.46 50.45 -38.96
CA GLY R 1051 47.78 51.00 -39.16
C GLY R 1051 48.60 51.01 -37.89
N LYS R 1052 49.90 51.24 -38.07
CA LYS R 1052 50.81 51.22 -36.94
C LYS R 1052 50.68 52.49 -36.12
N SER R 1053 50.58 52.32 -34.80
CA SER R 1053 50.57 53.40 -33.81
C SER R 1053 49.42 54.38 -34.05
N CYS R 1054 48.26 53.83 -34.41
CA CYS R 1054 47.08 54.66 -34.61
C CYS R 1054 46.57 55.20 -33.29
N THR R 1055 46.45 54.33 -32.29
CA THR R 1055 46.04 54.76 -30.96
C THR R 1055 47.28 54.94 -30.09
N SER R 1056 47.06 55.27 -28.82
CA SER R 1056 48.10 55.19 -27.80
C SER R 1056 47.38 54.83 -26.50
N VAL R 1057 47.30 53.57 -26.23
CA VAL R 1057 46.56 53.08 -25.07
C VAL R 1057 47.46 53.19 -23.85
N ILE R 1058 46.90 53.72 -22.76
CA ILE R 1058 47.62 53.81 -21.49
C ILE R 1058 46.83 53.06 -20.44
N ILE R 1059 47.39 51.96 -19.96
CA ILE R 1059 46.80 51.22 -18.86
C ILE R 1059 47.22 51.90 -17.56
N ASN R 1060 46.51 51.60 -16.49
CA ASN R 1060 46.85 52.11 -15.18
C ASN R 1060 47.18 50.95 -14.25
N ASN R 1061 47.46 51.26 -13.01
CA ASN R 1061 47.59 50.18 -12.05
C ASN R 1061 46.20 49.69 -11.66
N PRO R 1062 46.00 48.38 -11.58
CA PRO R 1062 44.66 47.85 -11.30
C PRO R 1062 44.20 48.08 -9.87
N ILE R 1063 43.05 48.74 -9.71
CA ILE R 1063 42.47 48.93 -8.39
C ILE R 1063 41.73 47.67 -8.00
N VAL R 1064 42.16 47.03 -6.91
CA VAL R 1064 41.54 45.80 -6.42
C VAL R 1064 40.68 46.16 -5.22
N THR R 1065 39.43 45.70 -5.23
CA THR R 1065 38.53 45.91 -4.11
C THR R 1065 38.03 44.56 -3.62
N LYS R 1066 37.76 44.47 -2.32
CA LYS R 1066 37.46 43.21 -1.66
C LYS R 1066 35.98 43.17 -1.30
N GLU R 1067 35.34 42.04 -1.57
CA GLU R 1067 33.98 41.78 -1.13
C GLU R 1067 34.00 40.55 -0.24
N GLU R 1068 33.13 40.51 0.76
CA GLU R 1068 33.14 39.47 1.77
C GLU R 1068 31.82 38.69 1.74
N ARG R 1069 31.92 37.38 1.87
CA ARG R 1069 30.76 36.50 1.98
C ARG R 1069 30.98 35.53 3.14
N ASP R 1070 30.11 34.51 3.21
CA ASP R 1070 30.19 33.54 4.30
C ASP R 1070 31.31 32.54 4.06
N ILE R 1071 31.19 31.73 3.01
CA ILE R 1071 32.11 30.63 2.81
C ILE R 1071 33.20 31.03 1.83
N SER R 1072 33.00 32.12 1.12
CA SER R 1072 33.94 32.60 0.13
C SER R 1072 34.27 34.06 0.39
N THR R 1073 35.22 34.58 -0.40
CA THR R 1073 35.65 35.97 -0.32
C THR R 1073 36.07 36.38 -1.73
N THR R 1074 35.16 37.00 -2.48
CA THR R 1074 35.46 37.38 -3.85
C THR R 1074 36.35 38.63 -3.85
N TYR R 1075 37.30 38.66 -4.77
CA TYR R 1075 38.23 39.78 -4.90
C TYR R 1075 38.04 40.38 -6.29
N HIS R 1076 37.39 41.53 -6.35
CA HIS R 1076 37.16 42.21 -7.62
C HIS R 1076 38.37 43.05 -7.98
N VAL R 1077 38.98 42.73 -9.12
CA VAL R 1077 40.07 43.52 -9.65
C VAL R 1077 39.54 44.29 -10.85
N THR R 1078 40.06 45.50 -11.02
CA THR R 1078 39.54 46.43 -12.02
C THR R 1078 40.68 47.30 -12.50
N GLN R 1079 40.92 47.27 -13.82
CA GLN R 1079 42.00 48.02 -14.44
C GLN R 1079 41.39 49.00 -15.42
N ASN R 1080 41.31 50.27 -15.03
CA ASN R 1080 40.64 51.29 -15.85
C ASN R 1080 41.63 51.83 -16.88
N ILE R 1081 41.61 51.25 -18.06
CA ILE R 1081 42.44 51.75 -19.15
C ILE R 1081 41.68 52.84 -19.91
N ASN R 1082 42.43 53.59 -20.70
CA ASN R 1082 41.84 54.53 -21.65
C ASN R 1082 42.82 54.72 -22.79
N THR R 1083 42.27 55.00 -23.97
CA THR R 1083 43.06 55.18 -25.18
C THR R 1083 42.60 56.43 -25.90
N VAL R 1084 43.43 56.90 -26.82
CA VAL R 1084 43.17 58.13 -27.55
C VAL R 1084 43.48 57.89 -29.02
N ASP R 1085 42.54 58.28 -29.90
CA ASP R 1085 42.78 58.20 -31.32
C ASP R 1085 43.78 59.29 -31.71
N MET R 1086 44.87 58.89 -32.37
CA MET R 1086 45.84 59.84 -32.89
C MET R 1086 45.81 59.93 -34.41
N GLY R 1087 44.94 59.18 -35.06
CA GLY R 1087 44.84 59.26 -36.49
C GLY R 1087 44.06 60.46 -36.95
N LEU R 1088 44.40 60.96 -38.13
CA LEU R 1088 43.65 62.05 -38.72
C LEU R 1088 42.45 61.53 -39.49
N GLY R 1089 42.69 60.63 -40.46
CA GLY R 1089 41.62 59.94 -41.14
C GLY R 1089 41.37 58.58 -40.51
N TYR R 1090 40.83 57.65 -41.28
CA TYR R 1090 40.51 56.32 -40.77
C TYR R 1090 41.71 55.42 -40.96
N THR R 1091 42.35 55.03 -39.87
CA THR R 1091 43.47 54.10 -39.94
C THR R 1091 42.97 52.67 -40.13
N SER R 1092 42.14 52.20 -39.21
CA SER R 1092 41.71 50.81 -39.22
C SER R 1092 40.62 50.58 -40.26
N ASN R 1093 40.79 49.52 -41.05
CA ASN R 1093 39.80 49.11 -42.03
C ASN R 1093 39.10 47.84 -41.54
N THR R 1094 38.23 47.32 -42.41
CA THR R 1094 37.44 46.12 -42.13
C THR R 1094 36.89 45.64 -43.46
N CYS R 1095 36.87 44.33 -43.69
CA CYS R 1095 36.04 43.78 -44.74
C CYS R 1095 35.42 42.47 -44.28
N VAL R 1096 34.13 42.35 -44.50
CA VAL R 1096 33.41 41.10 -44.31
C VAL R 1096 33.95 40.08 -45.29
N ALA R 1097 34.52 38.99 -44.78
CA ALA R 1097 35.34 38.12 -45.61
C ALA R 1097 34.68 36.81 -45.99
N TYR R 1098 34.28 36.00 -45.00
CA TYR R 1098 33.95 34.61 -45.28
C TYR R 1098 32.70 34.23 -44.53
N VAL R 1099 31.69 33.76 -45.25
CA VAL R 1099 30.40 33.37 -44.69
C VAL R 1099 30.43 31.88 -44.36
N ASN R 1100 30.27 31.56 -43.08
CA ASN R 1100 30.12 30.16 -42.70
C ASN R 1100 28.74 29.64 -43.08
N ARG R 1101 27.70 30.26 -42.54
CA ARG R 1101 26.35 29.72 -42.61
C ARG R 1101 25.37 30.84 -42.33
N VAL R 1102 24.10 30.57 -42.61
CA VAL R 1102 23.02 31.43 -42.19
C VAL R 1102 22.59 30.94 -40.82
N ARG R 1103 22.28 31.87 -39.92
CA ARG R 1103 21.66 31.48 -38.67
C ARG R 1103 20.14 31.45 -38.82
N THR R 1104 19.63 32.08 -39.87
CA THR R 1104 18.20 32.18 -40.08
C THR R 1104 17.71 31.03 -40.94
N ASP R 1105 16.48 31.15 -41.44
CA ASP R 1105 15.82 30.13 -42.23
C ASP R 1105 15.78 30.47 -43.71
N MET R 1106 15.59 31.76 -44.04
CA MET R 1106 15.23 32.23 -45.37
C MET R 1106 13.97 31.51 -45.87
N GLY R 1107 12.86 31.73 -45.16
CA GLY R 1107 11.62 31.04 -45.42
C GLY R 1107 10.46 31.96 -45.72
N VAL R 1108 9.27 31.36 -45.73
CA VAL R 1108 8.08 32.01 -46.25
C VAL R 1108 6.99 32.19 -45.20
N ARG R 1109 7.18 31.69 -43.98
CA ARG R 1109 6.16 31.84 -42.94
C ARG R 1109 6.11 33.29 -42.50
N VAL R 1110 4.97 33.94 -42.69
CA VAL R 1110 4.87 35.38 -42.57
C VAL R 1110 4.77 35.76 -41.09
N GLN R 1111 5.20 36.99 -40.78
CA GLN R 1111 5.02 37.57 -39.46
C GLN R 1111 3.55 37.66 -39.13
N ASP R 1112 3.16 37.18 -37.96
CA ASP R 1112 1.77 37.21 -37.55
C ASP R 1112 1.46 38.48 -36.77
N LEU R 1113 0.54 39.27 -37.30
CA LEU R 1113 0.12 40.49 -36.62
C LEU R 1113 -0.73 40.21 -35.39
N PHE R 1114 -1.27 39.00 -35.27
CA PHE R 1114 -2.13 38.66 -34.14
C PHE R 1114 -1.37 38.40 -32.86
N ARG R 1115 -0.04 38.49 -32.88
CA ARG R 1115 0.74 38.49 -31.66
C ARG R 1115 1.46 39.80 -31.39
N VAL R 1116 1.86 40.54 -32.43
CA VAL R 1116 2.50 41.82 -32.19
C VAL R 1116 1.49 42.91 -31.85
N PHE R 1117 0.20 42.64 -32.04
CA PHE R 1117 -0.87 43.52 -31.56
C PHE R 1117 -1.88 42.65 -30.82
N PRO R 1118 -1.57 42.23 -29.60
CA PRO R 1118 -2.46 41.29 -28.92
C PRO R 1118 -3.69 41.97 -28.33
N MET R 1119 -3.66 43.29 -28.18
CA MET R 1119 -4.76 43.96 -27.52
C MET R 1119 -5.82 44.44 -28.50
N ASN R 1120 -5.45 44.67 -29.76
CA ASN R 1120 -6.43 45.11 -30.75
C ASN R 1120 -7.27 43.94 -31.20
N VAL R 1121 -8.59 44.16 -31.28
CA VAL R 1121 -9.54 43.12 -31.65
C VAL R 1121 -10.70 43.81 -32.34
N TYR R 1122 -11.52 43.04 -33.04
CA TYR R 1122 -12.69 43.59 -33.70
C TYR R 1122 -13.71 44.07 -32.68
N ARG R 1123 -14.48 45.09 -33.08
CA ARG R 1123 -15.47 45.68 -32.19
C ARG R 1123 -16.60 44.72 -31.89
N HIS R 1124 -17.20 44.14 -32.93
CA HIS R 1124 -18.33 43.26 -32.73
C HIS R 1124 -17.86 41.90 -32.22
N ASP R 1125 -18.68 41.30 -31.37
CA ASP R 1125 -18.45 39.91 -30.99
C ASP R 1125 -18.85 38.99 -32.13
N GLU R 1126 -18.44 37.72 -32.01
CA GLU R 1126 -18.89 36.58 -32.81
C GLU R 1126 -18.39 36.62 -34.25
N VAL R 1127 -17.72 37.70 -34.65
CA VAL R 1127 -17.09 37.77 -35.95
C VAL R 1127 -15.58 37.69 -35.74
N ASP R 1128 -15.11 38.26 -34.62
CA ASP R 1128 -13.71 38.12 -34.25
C ASP R 1128 -13.38 36.70 -33.86
N ARG R 1129 -14.35 36.00 -33.25
CA ARG R 1129 -14.18 34.58 -33.00
C ARG R 1129 -14.15 33.80 -34.30
N TRP R 1130 -14.92 34.24 -35.29
CA TRP R 1130 -14.91 33.57 -36.58
C TRP R 1130 -13.61 33.84 -37.33
N ILE R 1131 -13.10 35.06 -37.23
CA ILE R 1131 -11.85 35.40 -37.90
C ILE R 1131 -10.70 34.66 -37.25
N ARG R 1132 -10.66 34.62 -35.92
CA ARG R 1132 -9.62 33.89 -35.23
C ARG R 1132 -9.77 32.38 -35.37
N HIS R 1133 -10.97 31.89 -35.67
CA HIS R 1133 -11.11 30.46 -35.92
C HIS R 1133 -10.66 30.11 -37.34
N ALA R 1134 -10.89 31.00 -38.29
CA ALA R 1134 -10.59 30.73 -39.70
C ALA R 1134 -9.20 31.23 -40.10
N ALA R 1135 -8.41 31.74 -39.15
CA ALA R 1135 -7.05 32.14 -39.46
C ALA R 1135 -6.01 31.38 -38.67
N GLY R 1136 -6.39 30.38 -37.87
CA GLY R 1136 -5.46 29.56 -37.15
C GLY R 1136 -5.01 30.10 -35.81
N VAL R 1137 -4.99 31.41 -35.63
CA VAL R 1137 -4.47 31.98 -34.40
C VAL R 1137 -5.52 31.91 -33.29
N GLU R 1138 -5.13 31.32 -32.16
CA GLU R 1138 -6.04 31.08 -31.06
C GLU R 1138 -6.03 32.23 -30.07
N ARG R 1139 -7.15 32.40 -29.39
CA ARG R 1139 -7.31 33.43 -28.38
C ARG R 1139 -6.67 32.96 -27.08
N PRO R 1140 -6.38 33.89 -26.16
CA PRO R 1140 -6.13 33.48 -24.77
C PRO R 1140 -7.37 32.84 -24.18
N GLN R 1141 -7.28 31.53 -23.91
CA GLN R 1141 -8.45 30.76 -23.52
C GLN R 1141 -8.84 31.06 -22.07
N LEU R 1142 -7.85 31.27 -21.20
CA LEU R 1142 -8.13 31.61 -19.81
C LEU R 1142 -7.17 32.70 -19.36
N LEU R 1143 -7.68 33.57 -18.48
CA LEU R 1143 -6.93 34.74 -18.03
C LEU R 1143 -5.90 34.32 -16.99
N ASP R 1144 -4.61 34.39 -17.36
CA ASP R 1144 -3.50 34.07 -16.48
C ASP R 1144 -2.66 35.33 -16.26
N THR R 1145 -1.70 35.23 -15.34
CA THR R 1145 -0.71 36.29 -15.19
C THR R 1145 0.22 36.34 -16.38
N GLU R 1146 0.43 35.19 -17.03
CA GLU R 1146 1.15 35.17 -18.30
C GLU R 1146 0.36 35.91 -19.37
N THR R 1147 -0.97 35.80 -19.33
CA THR R 1147 -1.81 36.50 -20.29
C THR R 1147 -1.79 38.00 -20.05
N ILE R 1148 -1.82 38.45 -18.79
CA ILE R 1148 -1.80 39.88 -18.54
C ILE R 1148 -0.40 40.44 -18.76
N SER R 1149 0.63 39.58 -18.72
CA SER R 1149 1.95 40.06 -19.09
C SER R 1149 2.15 40.14 -20.59
N MET R 1150 1.58 39.21 -21.37
CA MET R 1150 1.70 39.36 -22.82
C MET R 1150 0.78 40.46 -23.34
N LEU R 1151 -0.30 40.78 -22.61
CA LEU R 1151 -1.14 41.91 -23.01
C LEU R 1151 -0.52 43.24 -22.60
N THR R 1152 -0.17 43.39 -21.31
CA THR R 1152 0.31 44.68 -20.82
C THR R 1152 1.79 44.88 -21.11
N PHE R 1153 2.65 44.01 -20.56
CA PHE R 1153 4.07 44.10 -20.79
C PHE R 1153 4.42 43.63 -22.20
N GLY R 1154 5.69 43.79 -22.55
CA GLY R 1154 6.26 43.12 -23.70
C GLY R 1154 7.02 41.89 -23.26
N SER R 1155 6.51 40.71 -23.58
CA SER R 1155 7.07 39.45 -23.09
C SER R 1155 7.20 38.44 -24.23
N MET R 1156 7.54 37.21 -23.86
CA MET R 1156 7.66 36.12 -24.81
C MET R 1156 6.30 35.45 -24.98
N SER R 1157 5.81 35.37 -26.23
CA SER R 1157 4.47 34.86 -26.48
C SER R 1157 4.45 33.83 -27.59
N GLU R 1158 5.60 33.29 -27.97
CA GLU R 1158 5.64 32.45 -29.16
C GLU R 1158 5.22 31.02 -28.88
N ARG R 1159 5.51 30.52 -27.67
CA ARG R 1159 5.43 29.10 -27.30
C ARG R 1159 6.09 28.22 -28.36
N ASN R 1160 7.42 28.35 -28.41
CA ASN R 1160 8.33 27.87 -29.47
C ASN R 1160 8.07 26.47 -29.98
N ALA R 1161 8.27 26.28 -31.28
CA ALA R 1161 7.88 25.05 -31.97
C ALA R 1161 8.71 23.87 -31.50
N ALA R 1162 8.24 22.67 -31.83
CA ALA R 1162 8.84 21.47 -31.27
C ALA R 1162 10.17 21.14 -31.96
N ALA R 1163 10.14 20.87 -33.24
CA ALA R 1163 11.36 20.62 -34.00
C ALA R 1163 11.68 21.84 -34.86
N THR R 1164 12.96 22.20 -34.89
CA THR R 1164 13.41 23.45 -35.48
C THR R 1164 14.57 23.22 -36.43
N VAL R 1165 14.39 22.30 -37.38
CA VAL R 1165 15.50 21.85 -38.25
C VAL R 1165 15.98 22.95 -39.19
N HIS R 1166 15.24 24.04 -39.34
CA HIS R 1166 15.65 25.13 -40.23
C HIS R 1166 15.99 26.41 -39.48
N GLY R 1167 16.39 26.30 -38.21
CA GLY R 1167 16.84 27.48 -37.49
C GLY R 1167 15.68 28.36 -37.06
N GLN R 1168 15.85 29.67 -37.21
CA GLN R 1168 14.87 30.65 -36.79
C GLN R 1168 13.73 30.74 -37.81
N LYS R 1169 12.96 31.81 -37.73
CA LYS R 1169 11.96 32.11 -38.75
C LYS R 1169 11.79 33.62 -38.83
N ALA R 1170 11.67 34.14 -40.05
CA ALA R 1170 11.59 35.58 -40.24
C ALA R 1170 10.95 35.88 -41.59
N ALA R 1171 9.92 36.71 -41.58
CA ALA R 1171 9.35 37.34 -42.77
C ALA R 1171 8.57 38.56 -42.30
N CYS R 1172 8.00 39.31 -43.24
CA CYS R 1172 7.19 40.45 -42.87
C CYS R 1172 6.11 40.65 -43.93
N GLU R 1173 5.48 41.81 -43.91
CA GLU R 1173 4.30 42.02 -44.73
C GLU R 1173 4.16 43.49 -45.07
N LEU R 1174 3.81 43.76 -46.33
CA LEU R 1174 3.66 45.15 -46.79
C LEU R 1174 2.78 45.14 -48.02
N ILE R 1175 1.75 45.99 -48.04
CA ILE R 1175 0.79 46.04 -49.13
C ILE R 1175 1.25 47.07 -50.15
N LEU R 1176 1.09 46.75 -51.43
CA LEU R 1176 1.38 47.71 -52.47
C LEU R 1176 0.34 47.54 -53.57
N THR R 1177 0.46 48.29 -54.58
CA THR R 1177 -0.50 48.16 -55.65
C THR R 1177 -0.08 47.03 -56.59
N PRO R 1178 -1.03 46.30 -57.18
CA PRO R 1178 -0.67 45.22 -58.10
C PRO R 1178 -0.37 45.68 -59.51
N VAL R 1179 -0.11 46.97 -59.72
CA VAL R 1179 0.22 47.49 -61.04
C VAL R 1179 1.59 48.17 -61.07
N THR R 1180 2.35 48.07 -59.97
CA THR R 1180 3.60 48.79 -59.82
C THR R 1180 4.65 48.34 -60.82
N MET R 1181 5.67 49.18 -61.01
CA MET R 1181 6.64 48.98 -62.08
C MET R 1181 7.57 47.82 -61.70
N ASP R 1182 7.25 46.63 -62.18
CA ASP R 1182 8.04 45.46 -61.83
C ASP R 1182 9.41 45.49 -62.50
N VAL R 1183 9.49 45.98 -63.74
CA VAL R 1183 10.65 45.72 -64.59
C VAL R 1183 11.89 46.50 -64.17
N ASN R 1184 11.76 47.52 -63.32
CA ASN R 1184 12.92 48.30 -62.95
C ASN R 1184 12.96 48.64 -61.47
N TYR R 1185 11.91 48.35 -60.71
CA TYR R 1185 11.94 48.65 -59.28
C TYR R 1185 12.27 47.44 -58.44
N PHE R 1186 12.00 46.24 -58.93
CA PHE R 1186 12.20 45.04 -58.12
C PHE R 1186 13.47 44.28 -58.46
N LYS R 1187 14.01 44.44 -59.66
CA LYS R 1187 15.18 43.66 -60.03
C LYS R 1187 16.47 44.26 -59.50
N ILE R 1188 16.56 45.58 -59.41
CA ILE R 1188 17.74 46.21 -58.83
C ILE R 1188 17.53 46.38 -57.33
N PRO R 1189 18.58 46.62 -56.52
CA PRO R 1189 18.34 46.92 -55.10
C PRO R 1189 17.69 48.28 -54.90
N ASN R 1190 16.48 48.29 -54.35
CA ASN R 1190 15.76 49.53 -54.11
C ASN R 1190 15.17 49.50 -52.71
N ASN R 1191 14.77 50.68 -52.25
CA ASN R 1191 14.10 50.79 -50.98
C ASN R 1191 12.66 50.30 -51.13
N PRO R 1192 12.18 49.42 -50.25
CA PRO R 1192 10.86 48.81 -50.47
C PRO R 1192 9.71 49.75 -50.20
N ARG R 1193 9.95 50.89 -49.55
CA ARG R 1193 8.90 51.88 -49.40
C ARG R 1193 8.59 52.57 -50.73
N GLY R 1194 9.60 53.05 -51.43
CA GLY R 1194 9.36 53.61 -52.75
C GLY R 1194 10.14 54.87 -53.05
N ARG R 1195 10.38 55.70 -52.05
CA ARG R 1195 11.19 56.89 -52.27
C ARG R 1195 12.64 56.57 -51.95
N ALA R 1196 13.48 57.61 -51.92
CA ALA R 1196 14.90 57.40 -51.73
C ALA R 1196 15.23 57.09 -50.27
N SER R 1197 15.00 58.09 -49.40
CA SER R 1197 15.22 58.01 -47.94
C SER R 1197 16.64 57.57 -47.59
N CYS R 1198 17.63 58.03 -48.34
CA CYS R 1198 18.99 57.59 -48.07
C CYS R 1198 19.65 58.44 -47.00
N MET R 1199 19.14 59.66 -46.81
CA MET R 1199 19.60 60.65 -45.82
C MET R 1199 21.04 61.06 -46.01
N LEU R 1200 21.59 60.82 -47.20
CA LEU R 1200 22.99 61.04 -47.45
C LEU R 1200 23.23 61.67 -48.81
N ALA R 1201 22.19 61.78 -49.63
CA ALA R 1201 22.17 62.74 -50.73
C ALA R 1201 21.54 64.05 -50.30
N VAL R 1202 20.84 64.07 -49.17
CA VAL R 1202 20.20 65.26 -48.65
C VAL R 1202 21.25 66.04 -47.88
N ASP R 1203 21.10 67.37 -47.79
CA ASP R 1203 22.08 68.26 -47.16
C ASP R 1203 22.17 68.01 -45.66
N PRO R 1204 23.35 68.19 -45.07
CA PRO R 1204 23.49 67.94 -43.64
C PRO R 1204 22.84 69.02 -42.79
N TYR R 1205 22.24 68.57 -41.68
CA TYR R 1205 21.62 69.41 -40.64
C TYR R 1205 20.47 70.27 -41.19
N ASP R 1206 19.83 69.82 -42.26
CA ASP R 1206 18.73 70.55 -42.88
C ASP R 1206 17.49 69.66 -42.83
N THR R 1207 16.64 69.88 -41.83
CA THR R 1207 15.52 68.98 -41.59
C THR R 1207 14.34 69.28 -42.50
N GLU R 1208 14.10 70.56 -42.83
CA GLU R 1208 12.98 70.87 -43.71
C GLU R 1208 13.23 70.39 -45.14
N ALA R 1209 14.47 70.48 -45.62
CA ALA R 1209 14.82 69.88 -46.90
C ALA R 1209 14.76 68.36 -46.82
N ALA R 1210 15.02 67.80 -45.64
CA ALA R 1210 14.95 66.36 -45.46
C ALA R 1210 13.53 65.84 -45.58
N THR R 1211 12.59 66.47 -44.88
CA THR R 1211 11.21 66.02 -44.99
C THR R 1211 10.60 66.39 -46.33
N LYS R 1212 11.12 67.44 -47.00
CA LYS R 1212 10.66 67.74 -48.35
C LYS R 1212 11.15 66.68 -49.34
N ALA R 1213 12.36 66.17 -49.12
CA ALA R 1213 12.88 65.15 -50.03
C ALA R 1213 12.35 63.76 -49.69
N ILE R 1214 11.84 63.54 -48.50
CA ILE R 1214 11.38 62.21 -48.12
C ILE R 1214 9.86 62.05 -48.17
N TYR R 1215 9.09 63.15 -48.11
CA TYR R 1215 7.64 62.99 -48.02
C TYR R 1215 6.84 63.69 -49.10
N ASP R 1216 7.21 64.91 -49.49
CA ASP R 1216 6.33 65.73 -50.31
C ASP R 1216 6.36 65.25 -51.76
N HIS R 1217 5.19 64.86 -52.27
CA HIS R 1217 5.06 64.25 -53.58
C HIS R 1217 5.00 65.27 -54.70
N ARG R 1218 5.02 66.55 -54.37
CA ARG R 1218 5.23 67.56 -55.41
C ARG R 1218 6.66 67.52 -55.90
N GLU R 1219 7.59 67.05 -55.07
CA GLU R 1219 8.98 66.88 -55.45
C GLU R 1219 9.22 65.42 -55.83
N ALA R 1220 9.82 65.21 -57.00
CA ALA R 1220 9.98 63.87 -57.54
C ALA R 1220 11.03 63.08 -56.76
N ASP R 1221 11.00 61.77 -56.96
CA ASP R 1221 12.00 60.89 -56.37
C ASP R 1221 13.35 61.11 -57.03
N ALA R 1222 14.40 61.11 -56.21
CA ALA R 1222 15.76 61.26 -56.71
C ALA R 1222 16.36 59.95 -57.18
N GLN R 1223 15.82 58.81 -56.75
CA GLN R 1223 16.43 57.53 -57.08
C GLN R 1223 16.16 57.14 -58.52
N THR R 1224 14.88 57.10 -58.93
CA THR R 1224 14.54 56.67 -60.28
C THR R 1224 13.60 57.63 -61.00
N PHE R 1225 13.52 58.89 -60.56
CA PHE R 1225 12.94 60.01 -61.33
C PHE R 1225 11.46 59.83 -61.61
N ALA R 1226 10.73 59.36 -60.60
CA ALA R 1226 9.28 59.31 -60.61
C ALA R 1226 8.76 60.04 -59.36
N ALA R 1227 7.46 59.93 -59.11
CA ALA R 1227 6.96 60.43 -57.83
C ALA R 1227 7.15 59.41 -56.73
N THR R 1228 6.50 58.25 -56.87
CA THR R 1228 6.51 57.21 -55.86
C THR R 1228 6.07 55.89 -56.49
N HIS R 1229 6.88 54.86 -56.34
CA HIS R 1229 6.60 53.54 -56.91
C HIS R 1229 5.68 52.69 -56.03
N ASN R 1230 5.15 53.25 -54.96
CA ASN R 1230 4.23 52.57 -54.06
C ASN R 1230 3.45 53.62 -53.27
N PRO R 1231 2.31 54.08 -53.78
CA PRO R 1231 1.62 55.21 -53.16
C PRO R 1231 0.95 54.88 -51.83
N TRP R 1232 0.90 53.62 -51.44
CA TRP R 1232 0.45 53.22 -50.12
C TRP R 1232 1.61 53.08 -49.15
N ALA R 1233 2.77 53.67 -49.45
CA ALA R 1233 3.90 53.53 -48.54
C ALA R 1233 4.67 54.80 -48.25
N SER R 1234 4.68 55.79 -49.14
CA SER R 1234 5.61 56.90 -48.97
C SER R 1234 5.11 57.92 -47.95
N GLN R 1235 3.93 58.49 -48.20
CA GLN R 1235 3.47 59.65 -47.45
C GLN R 1235 3.07 59.27 -46.03
N ALA R 1236 3.25 60.23 -45.12
CA ALA R 1236 2.98 59.97 -43.71
C ALA R 1236 1.48 59.86 -43.49
N GLY R 1237 1.05 58.68 -43.02
CA GLY R 1237 -0.36 58.39 -42.86
C GLY R 1237 -0.85 57.23 -43.70
N CYS R 1238 0.02 56.56 -44.46
CA CYS R 1238 -0.37 55.39 -45.22
C CYS R 1238 -0.58 54.21 -44.26
N LEU R 1239 -1.13 53.11 -44.78
CA LEU R 1239 -1.41 51.96 -43.92
C LEU R 1239 -0.12 51.23 -43.55
N SER R 1240 0.93 51.42 -44.33
CA SER R 1240 2.21 50.81 -44.00
C SER R 1240 3.08 51.72 -43.14
N ASP R 1241 2.69 52.99 -42.97
CA ASP R 1241 3.38 53.81 -41.97
C ASP R 1241 2.88 53.48 -40.57
N VAL R 1242 1.56 53.59 -40.35
CA VAL R 1242 1.02 53.38 -39.01
C VAL R 1242 0.96 51.92 -38.61
N LEU R 1243 1.42 51.02 -39.46
CA LEU R 1243 1.66 49.65 -39.03
C LEU R 1243 3.12 49.39 -38.71
N TYR R 1244 4.02 50.28 -39.16
CA TYR R 1244 5.45 50.07 -38.95
C TYR R 1244 6.19 51.23 -38.33
N ASN R 1245 5.64 52.44 -38.31
CA ASN R 1245 6.31 53.54 -37.63
C ASN R 1245 6.10 53.38 -36.13
N THR R 1246 7.22 53.23 -35.39
CA THR R 1246 7.13 52.95 -33.96
C THR R 1246 6.59 54.13 -33.17
N ARG R 1247 6.74 55.35 -33.70
CA ARG R 1247 6.10 56.50 -33.07
C ARG R 1247 4.59 56.49 -33.26
N HIS R 1248 4.08 55.81 -34.30
CA HIS R 1248 2.66 55.59 -34.46
C HIS R 1248 2.22 54.21 -34.01
N ARG R 1249 3.16 53.28 -33.86
CA ARG R 1249 2.82 51.96 -33.35
C ARG R 1249 2.71 51.94 -31.83
N GLU R 1250 3.46 52.79 -31.13
CA GLU R 1250 3.40 52.81 -29.67
C GLU R 1250 2.06 53.32 -29.15
N ARG R 1251 1.35 54.11 -29.95
CA ARG R 1251 -0.03 54.50 -29.64
C ARG R 1251 -0.98 53.31 -29.62
N LEU R 1252 -0.60 52.19 -30.23
CA LEU R 1252 -1.52 51.10 -30.50
C LEU R 1252 -1.35 49.91 -29.57
N GLY R 1253 -0.39 49.96 -28.63
CA GLY R 1253 -0.19 48.87 -27.71
C GLY R 1253 0.40 47.64 -28.36
N TYR R 1254 1.64 47.74 -28.80
CA TYR R 1254 2.28 46.64 -29.50
C TYR R 1254 3.18 45.86 -28.56
N ASN R 1255 3.48 44.62 -28.96
CA ASN R 1255 4.42 43.78 -28.22
C ASN R 1255 5.84 44.21 -28.55
N SER R 1256 6.58 44.68 -27.55
CA SER R 1256 7.91 45.22 -27.78
C SER R 1256 8.94 44.14 -28.09
N LYS R 1257 8.73 42.91 -27.64
CA LYS R 1257 9.76 41.90 -27.79
C LYS R 1257 9.87 41.36 -29.20
N PHE R 1258 8.85 41.55 -30.04
CA PHE R 1258 8.95 41.08 -31.40
C PHE R 1258 9.70 42.09 -32.25
N TYR R 1259 10.54 41.56 -33.13
CA TYR R 1259 11.36 42.39 -34.02
C TYR R 1259 10.72 42.31 -35.40
N SER R 1260 10.05 43.38 -35.78
CA SER R 1260 9.55 43.46 -37.14
C SER R 1260 10.72 43.83 -38.04
N PRO R 1261 11.04 43.02 -39.06
CA PRO R 1261 12.23 43.31 -39.88
C PRO R 1261 12.06 44.50 -40.81
N CYS R 1262 10.84 44.99 -41.00
CA CYS R 1262 10.59 46.14 -41.85
C CYS R 1262 10.93 47.45 -41.16
N ALA R 1263 11.07 47.45 -39.83
CA ALA R 1263 11.08 48.62 -38.97
C ALA R 1263 12.21 49.61 -39.26
N GLN R 1264 13.28 49.20 -39.94
CA GLN R 1264 14.40 50.10 -40.16
C GLN R 1264 14.15 51.13 -41.25
N TYR R 1265 13.13 50.92 -42.08
CA TYR R 1265 12.86 51.84 -43.17
C TYR R 1265 11.83 52.90 -42.82
N PHE R 1266 10.95 52.62 -41.88
CA PHE R 1266 9.75 53.41 -41.72
C PHE R 1266 9.79 54.34 -40.51
N ASN R 1267 10.81 54.24 -39.67
CA ASN R 1267 11.00 55.28 -38.68
C ASN R 1267 11.55 56.53 -39.34
N THR R 1268 11.32 57.67 -38.71
CA THR R 1268 11.76 58.92 -39.30
C THR R 1268 12.54 59.79 -38.33
N GLU R 1269 12.18 59.76 -37.04
CA GLU R 1269 12.86 60.59 -36.04
C GLU R 1269 14.32 60.16 -35.83
N GLU R 1270 14.61 58.87 -35.90
CA GLU R 1270 15.99 58.44 -35.94
C GLU R 1270 16.60 58.72 -37.30
N ILE R 1271 15.77 58.80 -38.33
CA ILE R 1271 16.24 58.81 -39.72
C ILE R 1271 16.55 60.24 -40.18
N ILE R 1272 15.62 61.18 -39.99
CA ILE R 1272 15.88 62.53 -40.52
C ILE R 1272 16.66 63.40 -39.56
N ALA R 1273 16.97 62.92 -38.36
CA ALA R 1273 17.81 63.65 -37.44
C ALA R 1273 19.23 63.09 -37.40
N ALA R 1274 19.53 62.12 -38.27
CA ALA R 1274 20.86 61.55 -38.36
C ALA R 1274 21.64 62.03 -39.57
N ASN R 1275 21.10 62.94 -40.38
CA ASN R 1275 21.79 63.42 -41.57
C ASN R 1275 22.82 64.46 -41.15
N LYS R 1276 23.92 63.98 -40.59
CA LYS R 1276 25.06 64.83 -40.30
C LYS R 1276 26.01 64.82 -41.49
N THR R 1277 27.23 65.31 -41.28
CA THR R 1277 28.26 65.21 -42.30
C THR R 1277 28.65 63.74 -42.47
N LEU R 1278 29.24 63.42 -43.64
CA LEU R 1278 29.54 62.05 -44.04
C LEU R 1278 30.42 61.31 -43.03
N PHE R 1279 31.44 62.00 -42.51
CA PHE R 1279 32.34 61.39 -41.53
C PHE R 1279 31.60 61.10 -40.23
N LYS R 1280 30.85 62.07 -39.72
CA LYS R 1280 30.04 61.83 -38.54
C LYS R 1280 28.91 60.86 -38.81
N THR R 1281 28.45 60.78 -40.07
CA THR R 1281 27.44 59.78 -40.43
C THR R 1281 27.95 58.36 -40.28
N ILE R 1282 29.12 58.06 -40.84
CA ILE R 1282 29.63 56.70 -40.64
C ILE R 1282 30.14 56.48 -39.22
N ASP R 1283 30.59 57.53 -38.53
CA ASP R 1283 31.05 57.32 -37.16
C ASP R 1283 29.91 57.15 -36.17
N GLU R 1284 28.71 57.65 -36.53
CA GLU R 1284 27.53 57.28 -35.74
C GLU R 1284 26.95 55.95 -36.21
N TYR R 1285 27.18 55.58 -37.47
CA TYR R 1285 26.73 54.27 -37.94
C TYR R 1285 27.50 53.14 -37.26
N LEU R 1286 28.81 53.32 -37.06
CA LEU R 1286 29.68 52.22 -36.66
C LEU R 1286 29.43 51.72 -35.24
N LEU R 1287 28.77 52.48 -34.39
CA LEU R 1287 28.53 52.05 -33.02
C LEU R 1287 27.11 52.26 -32.53
N ARG R 1288 26.23 52.87 -33.31
CA ARG R 1288 24.85 53.08 -32.91
C ARG R 1288 23.83 52.52 -33.89
N ALA R 1289 24.19 52.29 -35.14
CA ALA R 1289 23.30 51.64 -36.10
C ALA R 1289 23.52 50.13 -36.11
N LYS R 1290 23.44 49.54 -34.93
CA LYS R 1290 23.65 48.11 -34.73
C LYS R 1290 22.55 47.57 -33.83
N ASP R 1291 21.51 47.01 -34.44
CA ASP R 1291 20.46 46.33 -33.70
C ASP R 1291 20.83 44.88 -33.44
N CYS R 1292 20.68 44.45 -32.19
CA CYS R 1292 21.00 43.08 -31.84
C CYS R 1292 19.73 42.25 -31.83
N ILE R 1293 19.88 40.99 -32.23
CA ILE R 1293 18.79 40.01 -32.23
C ILE R 1293 19.20 38.88 -31.30
N ARG R 1294 18.27 38.43 -30.47
CA ARG R 1294 18.56 37.32 -29.57
C ARG R 1294 18.73 36.04 -30.37
N GLY R 1295 19.76 35.27 -30.03
CA GLY R 1295 20.14 34.15 -30.87
C GLY R 1295 19.87 32.76 -30.31
N ASP R 1296 18.82 32.61 -29.50
CA ASP R 1296 18.47 31.31 -28.97
C ASP R 1296 16.98 31.04 -28.93
N THR R 1297 16.15 31.93 -29.45
CA THR R 1297 14.73 31.69 -29.55
C THR R 1297 14.36 31.44 -31.01
N ASP R 1298 13.21 30.80 -31.20
CA ASP R 1298 12.83 30.36 -32.54
C ASP R 1298 12.24 31.51 -33.35
N THR R 1299 11.53 32.42 -32.68
CA THR R 1299 11.13 33.65 -33.34
C THR R 1299 12.21 34.71 -33.15
N GLN R 1300 12.21 35.68 -34.05
CA GLN R 1300 13.21 36.75 -34.01
C GLN R 1300 12.79 37.75 -32.94
N TYR R 1301 13.17 37.45 -31.71
CA TYR R 1301 12.95 38.35 -30.59
C TYR R 1301 14.00 39.43 -30.59
N VAL R 1302 13.65 40.60 -30.05
CA VAL R 1302 14.65 41.66 -29.97
C VAL R 1302 15.52 41.46 -28.74
N CYS R 1303 16.82 41.45 -28.97
CA CYS R 1303 17.85 41.41 -27.96
C CYS R 1303 17.85 42.66 -27.09
N VAL R 1304 18.10 42.45 -25.80
CA VAL R 1304 18.39 43.52 -24.86
C VAL R 1304 19.91 43.66 -24.78
N GLU R 1305 20.38 44.91 -24.80
CA GLU R 1305 21.81 45.17 -24.96
C GLU R 1305 22.58 44.74 -23.73
N GLY R 1306 23.76 44.15 -23.96
CA GLY R 1306 24.63 43.65 -22.91
C GLY R 1306 24.90 42.16 -23.00
N THR R 1307 23.89 41.37 -23.36
CA THR R 1307 24.05 39.92 -23.37
C THR R 1307 24.86 39.46 -24.58
N GLU R 1308 24.37 39.72 -25.78
CA GLU R 1308 25.02 39.27 -27.00
C GLU R 1308 25.55 40.48 -27.75
N GLN R 1309 26.61 40.26 -28.52
CA GLN R 1309 27.27 41.35 -29.23
C GLN R 1309 26.38 41.88 -30.35
N LEU R 1310 26.69 43.08 -30.80
CA LEU R 1310 25.80 43.78 -31.72
C LEU R 1310 25.88 43.18 -33.12
N ILE R 1311 24.78 43.31 -33.85
CA ILE R 1311 24.60 42.70 -35.16
C ILE R 1311 24.47 43.82 -36.17
N GLU R 1312 25.55 44.16 -36.84
CA GLU R 1312 25.50 45.32 -37.73
C GLU R 1312 24.80 44.97 -39.02
N ASN R 1313 24.34 46.01 -39.73
CA ASN R 1313 23.63 45.83 -40.98
C ASN R 1313 23.98 46.94 -41.94
N PRO R 1314 24.61 46.62 -43.08
CA PRO R 1314 24.98 47.67 -44.03
C PRO R 1314 23.79 48.27 -44.75
N CYS R 1315 22.63 47.61 -44.73
CA CYS R 1315 21.44 48.16 -45.36
C CYS R 1315 20.72 49.16 -44.46
N ARG R 1316 21.20 49.42 -43.26
CA ARG R 1316 20.67 50.51 -42.43
C ARG R 1316 21.39 51.82 -42.70
N LEU R 1317 22.66 51.77 -43.08
CA LEU R 1317 23.41 52.95 -43.48
C LEU R 1317 22.84 53.57 -44.75
N THR R 1318 22.54 52.73 -45.74
CA THR R 1318 22.15 53.20 -47.06
C THR R 1318 20.66 53.09 -47.35
N GLN R 1319 19.90 52.36 -46.51
CA GLN R 1319 18.44 52.26 -46.57
C GLN R 1319 17.96 51.69 -47.90
N GLU R 1320 18.37 50.46 -48.17
CA GLU R 1320 17.83 49.69 -49.29
C GLU R 1320 17.58 48.26 -48.86
N ALA R 1321 17.25 47.42 -49.83
CA ALA R 1321 17.05 46.00 -49.59
C ALA R 1321 17.44 45.24 -50.84
N LEU R 1322 17.83 43.98 -50.66
CA LEU R 1322 18.28 43.25 -51.83
C LEU R 1322 17.18 42.36 -52.38
N PRO R 1323 17.07 42.23 -53.69
CA PRO R 1323 16.11 41.28 -54.26
C PRO R 1323 16.63 39.86 -54.19
N ILE R 1324 15.69 38.94 -54.01
CA ILE R 1324 16.02 37.53 -53.92
C ILE R 1324 15.15 36.80 -54.94
N LEU R 1325 15.68 35.69 -55.47
CA LEU R 1325 15.07 34.98 -56.58
C LEU R 1325 13.73 34.41 -56.18
N SER R 1326 12.65 35.01 -56.67
CA SER R 1326 11.31 34.46 -56.49
C SER R 1326 10.66 34.42 -57.86
N THR R 1327 10.33 33.23 -58.32
CA THR R 1327 9.52 33.07 -59.51
C THR R 1327 8.04 33.15 -59.15
N THR R 1328 7.20 32.88 -60.13
CA THR R 1328 5.76 32.76 -59.91
C THR R 1328 5.18 31.46 -60.44
N THR R 1329 5.82 30.84 -61.42
CA THR R 1329 5.44 29.49 -61.79
C THR R 1329 6.59 28.55 -61.47
N LEU R 1330 6.38 27.26 -61.75
CA LEU R 1330 7.39 26.26 -61.44
C LEU R 1330 8.33 25.98 -62.59
N ALA R 1331 7.91 26.26 -63.82
CA ALA R 1331 8.77 26.06 -64.99
C ALA R 1331 9.96 27.00 -64.95
N LEU R 1332 9.72 28.25 -64.58
CA LEU R 1332 10.81 29.23 -64.53
C LEU R 1332 11.75 28.93 -63.38
N MET R 1333 11.26 28.27 -62.33
CA MET R 1333 12.17 27.80 -61.29
C MET R 1333 13.01 26.63 -61.78
N GLU R 1334 12.40 25.71 -62.53
CA GLU R 1334 13.11 24.52 -62.97
C GLU R 1334 14.14 24.84 -64.04
N THR R 1335 13.95 25.94 -64.79
CA THR R 1335 14.96 26.36 -65.74
C THR R 1335 16.23 26.82 -65.03
N LYS R 1336 16.08 27.56 -63.93
CA LYS R 1336 17.24 28.06 -63.22
C LYS R 1336 17.87 27.02 -62.31
N LEU R 1337 17.25 25.85 -62.17
CA LEU R 1337 17.92 24.72 -61.54
C LEU R 1337 18.50 23.76 -62.56
N LYS R 1338 18.51 24.16 -63.84
CA LYS R 1338 19.20 23.43 -64.89
C LYS R 1338 20.20 24.30 -65.64
N GLY R 1339 20.37 25.55 -65.25
CA GLY R 1339 21.30 26.42 -65.92
C GLY R 1339 22.75 26.08 -65.61
N GLY R 1340 23.64 26.62 -66.43
CA GLY R 1340 25.05 26.26 -66.34
C GLY R 1340 25.79 26.90 -65.19
N ALA R 1341 25.89 28.23 -65.23
CA ALA R 1341 26.63 28.94 -64.20
C ALA R 1341 26.07 30.35 -64.09
N GLY R 1342 25.78 30.78 -62.88
CA GLY R 1342 25.19 32.08 -62.66
C GLY R 1342 23.78 32.22 -63.16
N ALA R 1343 23.04 31.11 -63.29
CA ALA R 1343 21.68 31.16 -63.83
C ALA R 1343 20.70 31.83 -62.88
N PHE R 1344 21.02 31.90 -61.59
CA PHE R 1344 20.21 32.68 -60.66
C PHE R 1344 20.33 34.16 -60.92
N ALA R 1345 21.49 34.63 -61.40
CA ALA R 1345 21.75 36.05 -61.56
C ALA R 1345 21.00 36.67 -62.73
N THR R 1346 20.40 35.87 -63.61
CA THR R 1346 19.61 36.41 -64.70
C THR R 1346 18.25 36.85 -64.19
N SER R 1347 17.46 37.43 -65.10
CA SER R 1347 16.09 37.84 -64.78
C SER R 1347 15.29 37.81 -66.06
N GLU R 1348 14.46 36.77 -66.24
CA GLU R 1348 13.75 36.57 -67.49
C GLU R 1348 12.26 36.51 -67.20
N THR R 1349 11.47 37.04 -68.13
CA THR R 1349 10.04 37.22 -67.93
C THR R 1349 9.23 36.55 -69.04
N HIS R 1350 8.17 35.88 -68.64
CA HIS R 1350 7.16 35.33 -69.55
C HIS R 1350 6.05 36.37 -69.69
N PHE R 1351 4.87 35.96 -70.18
CA PHE R 1351 3.76 36.87 -70.40
C PHE R 1351 3.30 37.55 -69.12
N GLY R 1352 2.75 36.77 -68.20
CA GLY R 1352 2.29 37.30 -66.94
C GLY R 1352 3.16 36.79 -65.81
N ASN R 1353 3.79 35.64 -66.03
CA ASN R 1353 4.72 35.13 -65.04
C ASN R 1353 6.09 35.76 -65.25
N TYR R 1354 6.83 35.89 -64.16
CA TYR R 1354 8.09 36.61 -64.18
C TYR R 1354 9.01 36.04 -63.11
N VAL R 1355 10.30 36.30 -63.27
CA VAL R 1355 11.32 35.93 -62.29
C VAL R 1355 12.08 37.19 -61.94
N VAL R 1356 11.97 37.62 -60.68
CA VAL R 1356 12.84 38.68 -60.20
C VAL R 1356 14.24 38.09 -60.06
N GLY R 1357 15.25 38.88 -60.42
CA GLY R 1357 16.60 38.35 -60.53
C GLY R 1357 17.31 38.12 -59.21
N GLU R 1358 18.63 38.21 -59.25
CA GLU R 1358 19.46 37.98 -58.08
C GLU R 1358 20.72 38.81 -58.24
N ILE R 1359 20.88 39.81 -57.38
CA ILE R 1359 21.91 40.82 -57.56
C ILE R 1359 23.23 40.38 -56.95
N ILE R 1360 23.21 39.36 -56.12
CA ILE R 1360 24.41 38.81 -55.50
C ILE R 1360 24.25 37.29 -55.43
N PRO R 1361 25.20 36.51 -55.95
CA PRO R 1361 24.99 35.05 -56.02
C PRO R 1361 25.06 34.38 -54.67
N LEU R 1362 23.99 34.52 -53.90
CA LEU R 1362 23.94 33.93 -52.56
C LEU R 1362 23.54 32.47 -52.61
N GLN R 1363 22.91 32.05 -53.71
CA GLN R 1363 22.51 30.67 -53.86
C GLN R 1363 23.48 29.86 -54.70
N GLN R 1364 24.68 30.40 -54.94
CA GLN R 1364 25.75 29.67 -55.62
C GLN R 1364 27.11 29.93 -54.97
N SER R 1365 27.15 30.60 -53.83
CA SER R 1365 28.39 30.82 -53.10
C SER R 1365 28.38 30.13 -51.74
N MET R 1366 27.39 30.44 -50.90
CA MET R 1366 27.30 29.83 -49.58
C MET R 1366 26.96 28.35 -49.70
N LEU R 1367 26.03 28.01 -50.58
CA LEU R 1367 25.61 26.62 -50.71
C LEU R 1367 26.57 25.77 -51.52
N PHE R 1368 27.22 26.37 -52.53
CA PHE R 1368 28.14 25.61 -53.36
C PHE R 1368 29.42 25.26 -52.61
N ASN R 1369 29.85 26.12 -51.68
CA ASN R 1369 31.00 25.78 -50.85
C ASN R 1369 30.63 24.73 -49.82
N SER R 1370 29.33 24.64 -49.51
CA SER R 1370 28.72 23.53 -48.75
C SER R 1370 29.27 23.34 -47.34
N MET S 1 43.64 -58.45 -54.27
CA MET S 1 44.49 -59.49 -54.84
C MET S 1 45.96 -59.19 -54.57
N GLU S 2 46.75 -60.24 -54.42
CA GLU S 2 48.16 -60.09 -54.15
C GLU S 2 48.90 -59.58 -55.38
N ASN S 3 50.09 -59.03 -55.14
CA ASN S 3 50.92 -58.49 -56.22
C ASN S 3 51.87 -59.59 -56.67
N TRP S 4 51.43 -60.40 -57.62
CA TRP S 4 52.18 -61.58 -58.04
C TRP S 4 53.42 -61.24 -58.84
N SER S 5 53.45 -60.07 -59.47
CA SER S 5 54.66 -59.62 -60.15
C SER S 5 55.78 -59.32 -59.15
N ALA S 6 55.43 -59.00 -57.91
CA ALA S 6 56.46 -58.89 -56.88
C ALA S 6 57.04 -60.24 -56.53
N LEU S 7 56.24 -61.30 -56.54
CA LEU S 7 56.78 -62.64 -56.30
C LEU S 7 57.54 -63.14 -57.52
N GLU S 8 57.27 -62.57 -58.69
CA GLU S 8 57.94 -63.07 -59.89
C GLU S 8 59.08 -62.17 -60.37
N LEU S 9 59.32 -61.04 -59.69
CA LEU S 9 60.43 -60.18 -60.05
C LEU S 9 61.49 -60.07 -58.97
N LEU S 10 61.09 -59.99 -57.70
CA LEU S 10 62.04 -59.86 -56.61
C LEU S 10 62.83 -61.15 -56.43
N PRO S 11 64.06 -61.06 -55.94
CA PRO S 11 64.85 -62.28 -55.68
C PRO S 11 64.24 -63.10 -54.56
N LYS S 12 63.95 -64.35 -54.87
CA LYS S 12 63.38 -65.29 -53.92
C LYS S 12 64.48 -66.17 -53.34
N VAL S 13 64.12 -67.04 -52.41
CA VAL S 13 65.06 -67.94 -51.76
C VAL S 13 64.63 -69.37 -52.07
N GLY S 14 65.39 -70.33 -51.56
CA GLY S 14 65.08 -71.73 -51.76
C GLY S 14 64.30 -72.35 -50.61
N GLU S 30 41.97 -76.29 -50.79
CA GLU S 30 41.78 -75.22 -49.82
C GLU S 30 43.03 -75.05 -48.95
N MET S 31 44.13 -75.67 -49.37
CA MET S 31 45.39 -75.56 -48.64
C MET S 31 45.96 -74.14 -48.72
N PHE S 32 45.86 -73.51 -49.89
CA PHE S 32 46.34 -72.15 -50.07
C PHE S 32 45.15 -71.19 -50.07
N GLU S 33 45.31 -70.07 -49.37
CA GLU S 33 44.21 -69.11 -49.26
C GLU S 33 43.94 -68.41 -50.59
N ALA S 34 44.98 -68.20 -51.40
CA ALA S 34 44.83 -67.55 -52.70
C ALA S 34 46.02 -67.97 -53.55
N LEU S 35 45.79 -68.89 -54.49
CA LEU S 35 46.81 -69.29 -55.44
C LEU S 35 46.36 -68.91 -56.85
N ARG S 36 47.28 -68.34 -57.61
CA ARG S 36 46.99 -67.84 -58.94
C ARG S 36 47.92 -68.49 -59.95
N ILE S 37 47.34 -69.22 -60.89
CA ILE S 37 48.11 -69.84 -61.95
C ILE S 37 48.50 -68.76 -62.96
N TYR S 38 49.50 -69.08 -63.78
CA TYR S 38 50.01 -68.14 -64.78
C TYR S 38 50.66 -68.87 -65.94
N ASP S 42 53.34 -66.06 -69.41
CA ASP S 42 52.67 -64.90 -68.87
C ASP S 42 53.52 -63.65 -69.04
N PRO S 43 53.08 -62.74 -69.90
CA PRO S 43 53.91 -61.58 -70.22
C PRO S 43 53.59 -60.37 -69.37
N GLU S 44 52.73 -60.52 -68.36
CA GLU S 44 52.31 -59.36 -67.58
C GLU S 44 53.41 -58.85 -66.66
N ARG S 45 54.36 -59.71 -66.30
CA ARG S 45 55.42 -59.33 -65.37
C ARG S 45 56.42 -58.38 -65.99
N TYR S 46 56.47 -58.27 -67.32
CA TYR S 46 57.35 -57.30 -67.94
C TYR S 46 56.80 -55.89 -67.81
N ASN S 47 55.49 -55.75 -67.78
CA ASN S 47 54.85 -54.44 -67.65
C ASN S 47 54.99 -53.97 -66.21
N ILE S 48 55.72 -52.87 -66.01
CA ILE S 48 55.88 -52.26 -64.70
C ILE S 48 55.50 -50.78 -64.80
N HIS S 49 54.63 -50.33 -63.90
CA HIS S 49 54.14 -48.97 -63.92
C HIS S 49 53.84 -48.53 -62.50
N PHE S 50 53.75 -47.21 -62.31
CA PHE S 50 53.62 -46.67 -60.96
C PHE S 50 52.99 -45.29 -60.99
N GLU S 51 52.85 -44.71 -59.81
CA GLU S 51 52.40 -43.33 -59.64
C GLU S 51 53.54 -42.57 -58.97
N ALA S 52 54.13 -41.64 -59.70
CA ALA S 52 55.29 -40.90 -59.20
C ALA S 52 54.82 -39.82 -58.24
N ILE S 53 54.84 -40.12 -56.95
CA ILE S 53 54.54 -39.11 -55.93
C ILE S 53 55.76 -38.22 -55.75
N PHE S 54 55.64 -36.97 -56.16
CA PHE S 54 56.73 -36.03 -56.02
C PHE S 54 56.73 -35.46 -54.60
N GLY S 55 57.54 -34.41 -54.39
CA GLY S 55 57.73 -33.91 -53.05
C GLY S 55 56.52 -33.19 -52.50
N THR S 56 56.28 -33.39 -51.20
CA THR S 56 55.14 -32.76 -50.54
C THR S 56 55.49 -31.34 -50.13
N PHE S 57 54.48 -30.60 -49.69
CA PHE S 57 54.68 -29.22 -49.29
C PHE S 57 53.76 -28.89 -48.11
N CYS S 58 54.36 -28.40 -47.02
CA CYS S 58 53.61 -27.87 -45.89
C CYS S 58 53.71 -26.36 -45.93
N ASN S 59 52.58 -25.67 -45.85
CA ASN S 59 52.56 -24.22 -45.98
C ASN S 59 53.13 -23.60 -44.72
N ARG S 60 54.27 -22.93 -44.85
CA ARG S 60 54.80 -22.14 -43.75
C ARG S 60 53.98 -20.86 -43.61
N LEU S 61 53.67 -20.51 -42.37
CA LEU S 61 52.83 -19.36 -42.11
C LEU S 61 53.63 -18.07 -42.20
N GLU S 62 52.92 -16.96 -42.10
CA GLU S 62 53.53 -15.64 -42.04
C GLU S 62 53.31 -15.08 -40.64
N TRP S 63 54.34 -15.14 -39.80
CA TRP S 63 54.22 -14.74 -38.40
C TRP S 63 54.10 -13.23 -38.33
N VAL S 64 52.92 -12.76 -37.99
CA VAL S 64 52.71 -11.34 -37.76
C VAL S 64 52.99 -11.02 -36.30
N TYR S 65 53.16 -9.73 -36.02
CA TYR S 65 53.35 -9.27 -34.67
C TYR S 65 52.57 -7.98 -34.48
N PHE S 66 52.33 -7.63 -33.22
CA PHE S 66 51.67 -6.37 -32.93
C PHE S 66 52.59 -5.20 -33.26
N LEU S 67 53.76 -5.15 -32.64
CA LEU S 67 54.62 -3.99 -32.72
C LEU S 67 55.31 -3.84 -34.07
N THR S 68 55.40 -4.91 -34.85
CA THR S 68 55.95 -4.77 -36.19
C THR S 68 54.94 -4.16 -37.15
N SER S 69 53.68 -4.05 -36.77
CA SER S 69 52.66 -3.42 -37.59
C SER S 69 52.61 -1.92 -37.35
N GLY S 70 52.11 -1.21 -38.35
CA GLY S 70 51.90 0.22 -38.19
C GLY S 70 50.67 0.57 -37.39
N LEU S 71 49.86 -0.42 -37.01
CA LEU S 71 48.70 -0.15 -36.16
C LEU S 71 49.13 0.23 -34.75
N ALA S 72 50.31 -0.22 -34.32
CA ALA S 72 50.79 0.05 -32.98
C ALA S 72 51.20 1.50 -32.77
N ALA S 73 51.19 2.34 -33.80
CA ALA S 73 51.38 3.77 -33.59
C ALA S 73 50.21 4.38 -32.85
N ALA S 74 49.02 3.82 -32.99
CA ALA S 74 47.87 4.32 -32.26
C ALA S 74 47.80 3.74 -30.85
N ALA S 75 48.64 2.78 -30.53
CA ALA S 75 48.57 2.09 -29.26
C ALA S 75 49.80 2.36 -28.43
N HIS S 76 49.64 2.21 -27.12
CA HIS S 76 50.76 2.20 -26.18
C HIS S 76 50.57 0.91 -25.38
N ALA S 77 51.07 -0.20 -25.94
CA ALA S 77 50.81 -1.51 -25.37
C ALA S 77 51.63 -1.72 -24.11
N ILE S 78 50.97 -2.13 -23.04
CA ILE S 78 51.62 -2.30 -21.75
C ILE S 78 51.27 -3.68 -21.21
N LYS S 79 52.28 -4.53 -21.06
CA LYS S 79 52.06 -5.82 -20.44
C LYS S 79 51.96 -5.64 -18.93
N PHE S 80 51.10 -6.40 -18.30
CA PHE S 80 50.87 -6.33 -16.86
C PHE S 80 50.30 -7.67 -16.45
N HIS S 81 51.10 -8.47 -15.75
CA HIS S 81 50.82 -9.88 -15.56
C HIS S 81 49.65 -10.14 -14.62
N ASP S 82 49.20 -9.15 -13.86
CA ASP S 82 48.16 -9.32 -12.85
C ASP S 82 46.87 -8.64 -13.29
N LEU S 83 46.54 -8.74 -14.58
CA LEU S 83 45.40 -8.01 -15.12
C LEU S 83 44.08 -8.68 -14.79
N ASN S 84 44.10 -9.97 -14.47
CA ASN S 84 42.89 -10.70 -14.16
C ASN S 84 42.24 -10.30 -12.84
N LYS S 85 42.89 -9.45 -12.05
CA LYS S 85 42.41 -9.09 -10.72
C LYS S 85 41.98 -7.63 -10.62
N LEU S 86 41.64 -6.97 -11.73
CA LEU S 86 41.19 -5.59 -11.68
C LEU S 86 39.79 -5.47 -12.24
N THR S 87 38.99 -4.57 -11.67
CA THR S 87 37.65 -4.34 -12.19
C THR S 87 37.65 -3.33 -13.34
N THR S 88 37.99 -2.08 -13.04
CA THR S 88 37.95 -0.99 -14.02
C THR S 88 39.10 -0.05 -13.73
N GLY S 89 39.94 0.20 -14.72
CA GLY S 89 40.91 1.27 -14.64
C GLY S 89 40.24 2.60 -14.96
N LYS S 90 40.85 3.68 -14.49
CA LYS S 90 40.33 5.01 -14.76
C LYS S 90 41.48 6.02 -14.74
N MET S 91 41.35 7.04 -15.58
CA MET S 91 42.28 8.16 -15.61
C MET S 91 41.50 9.42 -15.34
N LEU S 92 42.11 10.35 -14.60
CA LEU S 92 41.43 11.52 -14.10
C LEU S 92 42.01 12.77 -14.74
N PHE S 93 41.18 13.79 -14.92
CA PHE S 93 41.60 15.04 -15.54
C PHE S 93 41.09 16.22 -14.71
N HIS S 94 41.93 17.23 -14.55
CA HIS S 94 41.58 18.47 -13.87
C HIS S 94 41.92 19.61 -14.82
N VAL S 95 40.93 20.02 -15.60
CA VAL S 95 41.12 21.05 -16.62
C VAL S 95 40.44 22.32 -16.13
N GLN S 96 41.21 23.26 -15.62
CA GLN S 96 40.67 24.59 -15.37
C GLN S 96 40.71 25.36 -16.67
N VAL S 97 39.73 26.23 -16.86
CA VAL S 97 39.44 26.83 -18.16
C VAL S 97 39.68 28.33 -18.08
N PRO S 98 40.44 28.90 -19.01
CA PRO S 98 40.74 30.33 -18.93
C PRO S 98 39.54 31.18 -19.34
N ARG S 99 39.21 32.14 -18.49
CA ARG S 99 38.20 33.13 -18.79
C ARG S 99 38.87 34.41 -19.22
N VAL S 100 38.14 35.24 -19.94
CA VAL S 100 38.61 36.57 -20.27
C VAL S 100 37.88 37.55 -19.37
N ALA S 101 38.43 38.75 -19.26
CA ALA S 101 37.87 39.77 -18.41
C ALA S 101 36.98 40.66 -19.27
N SER S 102 35.72 40.77 -18.89
CA SER S 102 34.74 41.46 -19.70
C SER S 102 34.91 42.98 -19.60
N GLY S 103 34.15 43.69 -20.42
CA GLY S 103 34.21 45.14 -20.42
C GLY S 103 33.37 45.76 -19.34
N ALA S 104 32.58 46.77 -19.69
CA ALA S 104 31.78 47.50 -18.72
C ALA S 104 30.33 47.09 -18.84
N GLY S 105 29.71 46.80 -17.70
CA GLY S 105 28.30 46.49 -17.63
C GLY S 105 27.90 45.11 -18.12
N LEU S 106 28.82 44.34 -18.69
CA LEU S 106 28.52 43.01 -19.15
C LEU S 106 28.50 42.06 -17.95
N PRO S 107 27.76 40.96 -18.03
CA PRO S 107 27.76 39.97 -16.93
C PRO S 107 29.13 39.32 -16.79
N THR S 108 29.69 39.43 -15.58
CA THR S 108 31.07 39.01 -15.35
C THR S 108 31.17 37.49 -15.23
N SER S 109 32.23 36.94 -15.82
CA SER S 109 32.45 35.50 -15.78
C SER S 109 33.03 35.09 -14.43
N ARG S 110 32.91 33.80 -14.14
CA ARG S 110 33.39 33.26 -12.87
C ARG S 110 34.47 32.22 -13.12
N GLN S 111 35.14 31.83 -12.03
CA GLN S 111 36.33 30.99 -12.08
C GLN S 111 35.93 29.51 -12.11
N THR S 112 35.31 29.13 -13.21
CA THR S 112 34.80 27.77 -13.38
C THR S 112 35.92 26.76 -13.62
N THR S 113 35.69 25.54 -13.15
CA THR S 113 36.65 24.44 -13.23
C THR S 113 35.90 23.16 -13.45
N ILE S 114 36.29 22.37 -14.44
CA ILE S 114 35.69 21.07 -14.68
C ILE S 114 36.64 19.98 -14.20
N MET S 115 36.10 18.77 -14.04
CA MET S 115 36.88 17.60 -13.70
C MET S 115 36.31 16.39 -14.44
N VAL S 116 37.19 15.63 -15.08
CA VAL S 116 36.79 14.61 -16.04
C VAL S 116 37.51 13.32 -15.71
N THR S 117 36.77 12.22 -15.61
CA THR S 117 37.34 10.89 -15.51
C THR S 117 36.97 10.10 -16.75
N LYS S 118 37.83 9.16 -17.13
CA LYS S 118 37.61 8.31 -18.30
C LYS S 118 37.71 6.86 -17.86
N TYR S 119 36.73 6.06 -18.26
CA TYR S 119 36.66 4.68 -17.80
C TYR S 119 37.47 3.79 -18.76
N SER S 120 37.39 2.48 -18.58
CA SER S 120 38.23 1.57 -19.34
C SER S 120 37.43 0.34 -19.73
N GLU S 121 37.08 0.24 -21.01
CA GLU S 121 36.35 -0.93 -21.49
C GLU S 121 37.28 -2.13 -21.57
N LYS S 122 36.70 -3.31 -21.40
CA LYS S 122 37.44 -4.56 -21.48
C LYS S 122 36.88 -5.42 -22.60
N SER S 123 37.73 -6.28 -23.14
CA SER S 123 37.35 -7.13 -24.25
C SER S 123 38.26 -8.36 -24.35
N PRO S 124 37.99 -9.41 -23.58
CA PRO S 124 38.81 -10.62 -23.69
C PRO S 124 38.51 -11.38 -24.96
N ILE S 125 39.52 -12.10 -25.44
CA ILE S 125 39.41 -12.87 -26.67
C ILE S 125 39.87 -14.29 -26.40
N THR S 126 39.37 -15.24 -27.18
CA THR S 126 39.65 -16.65 -26.95
C THR S 126 39.83 -17.41 -28.26
N ILE S 127 40.61 -18.48 -28.18
CA ILE S 127 40.81 -19.42 -29.28
C ILE S 127 40.79 -20.83 -28.73
N PRO S 128 39.96 -21.72 -29.26
CA PRO S 128 40.11 -23.15 -28.95
C PRO S 128 41.04 -23.82 -29.94
N PHE S 129 41.73 -24.86 -29.48
CA PHE S 129 42.46 -25.76 -30.35
C PHE S 129 42.44 -27.17 -29.76
N GLU S 130 42.27 -28.15 -30.62
CA GLU S 130 42.02 -29.53 -30.21
C GLU S 130 43.30 -30.35 -30.27
N LEU S 131 43.35 -31.36 -29.42
CA LEU S 131 44.38 -32.40 -29.46
C LEU S 131 43.68 -33.75 -29.36
N SER S 132 44.04 -34.67 -30.25
CA SER S 132 43.42 -35.98 -30.20
C SER S 132 44.03 -36.82 -29.09
N ALA S 133 43.27 -37.83 -28.64
CA ALA S 133 43.74 -38.71 -27.59
C ALA S 133 44.86 -39.63 -28.07
N ALA S 134 44.89 -39.94 -29.36
CA ALA S 134 46.00 -40.72 -29.90
C ALA S 134 47.29 -39.93 -29.89
N CYS S 135 47.20 -38.61 -30.02
CA CYS S 135 48.39 -37.78 -29.90
C CYS S 135 48.67 -37.41 -28.45
N LEU S 136 47.80 -37.83 -27.52
CA LEU S 136 48.12 -37.68 -26.11
C LEU S 136 48.76 -38.93 -25.55
N THR S 137 48.29 -40.10 -25.98
CA THR S 137 48.89 -41.35 -25.50
C THR S 137 50.23 -41.64 -26.16
N TYR S 138 50.57 -40.97 -27.24
CA TYR S 138 51.88 -41.11 -27.86
C TYR S 138 52.83 -39.99 -27.44
N LEU S 139 52.45 -39.19 -26.46
CA LEU S 139 53.30 -38.10 -26.02
C LEU S 139 54.39 -38.59 -25.07
N ARG S 140 54.05 -39.53 -24.19
CA ARG S 140 54.99 -40.00 -23.18
C ARG S 140 55.11 -41.51 -23.10
N GLU S 141 54.14 -42.26 -23.62
CA GLU S 141 54.10 -43.71 -23.45
C GLU S 141 54.79 -44.37 -24.63
N THR S 142 56.08 -44.65 -24.47
CA THR S 142 56.88 -45.30 -25.50
C THR S 142 56.95 -46.80 -25.20
N PHE S 143 56.55 -47.61 -26.18
CA PHE S 143 56.50 -49.06 -26.03
C PHE S 143 57.62 -49.68 -26.85
N GLU S 144 58.58 -50.32 -26.15
CA GLU S 144 59.67 -51.14 -26.68
C GLU S 144 60.72 -50.34 -27.46
N GLY S 145 60.51 -49.04 -27.66
CA GLY S 145 61.48 -48.19 -28.31
C GLY S 145 61.76 -48.51 -29.76
N THR S 146 60.77 -49.06 -30.47
CA THR S 146 60.96 -49.40 -31.87
C THR S 146 60.86 -48.14 -32.73
N ILE S 147 61.15 -48.29 -34.03
CA ILE S 147 61.20 -47.14 -34.93
C ILE S 147 59.81 -46.58 -35.17
N LEU S 148 58.83 -47.47 -35.35
CA LEU S 148 57.47 -47.05 -35.63
C LEU S 148 56.81 -46.40 -34.41
N ASP S 149 57.32 -46.68 -33.22
CA ASP S 149 56.86 -45.96 -32.04
C ASP S 149 57.52 -44.59 -31.94
N LYS S 150 58.79 -44.49 -32.30
CA LYS S 150 59.50 -43.20 -32.24
C LYS S 150 58.97 -42.23 -33.29
N ILE S 151 58.48 -42.75 -34.42
CA ILE S 151 57.89 -41.89 -35.45
C ILE S 151 56.63 -41.20 -34.92
N LEU S 152 55.72 -41.98 -34.32
CA LEU S 152 54.53 -41.39 -33.71
C LEU S 152 54.88 -40.52 -32.50
N ASN S 153 55.94 -40.87 -31.77
CA ASN S 153 56.36 -40.10 -30.62
C ASN S 153 56.85 -38.70 -31.02
N VAL S 154 57.61 -38.60 -32.10
CA VAL S 154 58.00 -37.26 -32.54
C VAL S 154 56.86 -36.60 -33.29
N GLU S 155 55.92 -37.40 -33.82
CA GLU S 155 54.78 -36.85 -34.54
C GLU S 155 53.83 -36.12 -33.61
N ALA S 156 53.57 -36.68 -32.43
CA ALA S 156 52.71 -36.01 -31.47
C ALA S 156 53.34 -34.74 -30.94
N MET S 157 54.66 -34.75 -30.77
CA MET S 157 55.36 -33.55 -30.31
C MET S 157 55.30 -32.45 -31.34
N HIS S 158 55.49 -32.79 -32.62
CA HIS S 158 55.37 -31.77 -33.65
C HIS S 158 53.93 -31.32 -33.86
N THR S 159 52.95 -32.19 -33.59
CA THR S 159 51.56 -31.76 -33.64
C THR S 159 51.25 -30.74 -32.55
N VAL S 160 51.76 -30.99 -31.34
CA VAL S 160 51.56 -30.06 -30.23
C VAL S 160 52.26 -28.73 -30.50
N LEU S 161 53.49 -28.78 -31.02
CA LEU S 161 54.20 -27.54 -31.30
C LEU S 161 53.59 -26.78 -32.46
N ARG S 162 53.06 -27.48 -33.47
CA ARG S 162 52.41 -26.82 -34.58
C ARG S 162 51.11 -26.17 -34.14
N ALA S 163 50.38 -26.82 -33.23
CA ALA S 163 49.16 -26.24 -32.70
C ALA S 163 49.47 -25.02 -31.83
N LEU S 164 50.55 -25.08 -31.05
CA LEU S 164 50.90 -23.93 -30.21
C LEU S 164 51.36 -22.75 -31.04
N LYS S 165 52.14 -22.99 -32.11
CA LYS S 165 52.53 -21.92 -33.01
C LYS S 165 51.32 -21.33 -33.72
N ASN S 166 50.38 -22.19 -34.13
CA ASN S 166 49.17 -21.72 -34.80
C ASN S 166 48.30 -20.88 -33.88
N THR S 167 48.14 -21.29 -32.62
CA THR S 167 47.30 -20.50 -31.73
C THR S 167 48.02 -19.27 -31.20
N ALA S 168 49.36 -19.26 -31.24
CA ALA S 168 50.08 -18.04 -30.91
C ALA S 168 49.91 -16.99 -32.01
N ASP S 169 50.02 -17.43 -33.27
CA ASP S 169 49.72 -16.56 -34.41
C ASP S 169 48.26 -16.09 -34.36
N ALA S 170 47.35 -16.97 -33.98
CA ALA S 170 45.95 -16.59 -33.86
C ALA S 170 45.74 -15.60 -32.73
N MET S 171 46.50 -15.72 -31.64
CA MET S 171 46.38 -14.78 -30.55
C MET S 171 46.87 -13.40 -30.94
N GLU S 172 47.96 -13.34 -31.70
CA GLU S 172 48.46 -12.05 -32.17
C GLU S 172 47.51 -11.39 -33.16
N ARG S 173 47.00 -12.18 -34.11
CA ARG S 173 46.04 -11.67 -35.07
C ARG S 173 44.75 -11.22 -34.39
N GLY S 174 44.34 -11.93 -33.34
CA GLY S 174 43.15 -11.53 -32.62
C GLY S 174 43.35 -10.31 -31.75
N LEU S 175 44.57 -10.10 -31.25
CA LEU S 175 44.85 -8.85 -30.55
C LEU S 175 44.76 -7.68 -31.51
N ILE S 176 45.31 -7.82 -32.72
CA ILE S 176 45.16 -6.79 -33.74
C ILE S 176 43.69 -6.58 -34.11
N HIS S 177 42.94 -7.68 -34.18
CA HIS S 177 41.52 -7.60 -34.54
C HIS S 177 40.70 -6.88 -33.49
N SER S 178 40.91 -7.21 -32.22
CA SER S 178 40.13 -6.58 -31.17
C SER S 178 40.53 -5.14 -30.96
N PHE S 179 41.80 -4.81 -31.18
CA PHE S 179 42.20 -3.41 -31.14
C PHE S 179 41.56 -2.63 -32.28
N LEU S 180 41.42 -3.24 -33.45
CA LEU S 180 40.77 -2.55 -34.56
C LEU S 180 39.28 -2.38 -34.33
N GLN S 181 38.64 -3.36 -33.68
CA GLN S 181 37.23 -3.21 -33.34
C GLN S 181 37.02 -2.11 -32.31
N THR S 182 37.91 -2.02 -31.32
CA THR S 182 37.84 -0.94 -30.34
C THR S 182 38.08 0.41 -30.99
N LEU S 183 39.02 0.48 -31.92
CA LEU S 183 39.25 1.74 -32.61
C LEU S 183 38.14 2.09 -33.58
N LEU S 184 37.37 1.09 -34.03
CA LEU S 184 36.22 1.39 -34.87
C LEU S 184 35.01 1.83 -34.08
N ARG S 185 34.87 1.38 -32.83
CA ARG S 185 33.73 1.83 -32.04
C ARG S 185 33.85 3.28 -31.62
N LYS S 186 35.05 3.82 -31.51
CA LYS S 186 35.26 5.19 -31.07
C LYS S 186 35.69 6.05 -32.25
N ALA S 187 35.04 5.82 -33.40
CA ALA S 187 35.44 6.45 -34.66
C ALA S 187 34.23 7.07 -35.34
N PRO S 188 33.93 8.33 -35.05
CA PRO S 188 32.88 9.02 -35.79
C PRO S 188 33.28 9.25 -37.23
N PRO S 189 32.32 9.29 -38.16
CA PRO S 189 32.67 9.47 -39.57
C PRO S 189 33.21 10.85 -39.91
N TYR S 190 33.48 11.08 -41.19
CA TYR S 190 34.18 12.31 -41.59
C TYR S 190 33.31 13.54 -41.44
N PHE S 191 32.01 13.41 -41.73
CA PHE S 191 31.16 14.59 -41.79
C PHE S 191 30.91 15.18 -40.40
N VAL S 192 30.71 14.33 -39.39
CA VAL S 192 30.43 14.83 -38.05
C VAL S 192 31.67 15.50 -37.45
N VAL S 193 32.85 14.91 -37.67
CA VAL S 193 34.06 15.54 -37.14
C VAL S 193 34.41 16.78 -37.96
N GLN S 194 33.98 16.84 -39.23
CA GLN S 194 34.24 18.03 -40.03
C GLN S 194 33.39 19.20 -39.57
N THR S 195 32.11 18.96 -39.25
CA THR S 195 31.31 20.02 -38.64
C THR S 195 31.81 20.41 -37.27
N LEU S 196 32.25 19.44 -36.46
CA LEU S 196 32.66 19.76 -35.10
C LEU S 196 33.98 20.51 -35.06
N VAL S 197 34.83 20.32 -36.08
CA VAL S 197 36.00 21.19 -36.15
C VAL S 197 35.62 22.49 -36.86
N GLU S 198 34.54 22.49 -37.64
CA GLU S 198 34.09 23.71 -38.29
C GLU S 198 33.29 24.61 -37.35
N ASN S 199 32.43 24.03 -36.53
CA ASN S 199 31.56 24.80 -35.64
C ASN S 199 32.07 24.72 -34.21
N ALA S 200 33.39 24.78 -34.05
CA ALA S 200 34.00 24.82 -32.74
C ALA S 200 34.20 26.25 -32.25
N THR S 201 33.57 27.20 -32.91
CA THR S 201 33.74 28.62 -32.58
C THR S 201 32.50 29.26 -31.99
N LEU S 202 31.32 28.69 -32.23
CA LEU S 202 30.09 29.40 -31.88
C LEU S 202 29.53 29.00 -30.52
N ALA S 203 29.74 27.76 -30.08
CA ALA S 203 29.00 27.21 -28.93
C ALA S 203 29.85 27.37 -27.68
N ARG S 204 29.62 28.46 -26.96
CA ARG S 204 30.36 28.71 -25.73
C ARG S 204 29.75 28.01 -24.53
N GLN S 205 28.57 27.42 -24.68
CA GLN S 205 27.83 26.82 -23.58
C GLN S 205 27.20 25.54 -24.09
N ALA S 206 26.20 25.04 -23.37
CA ALA S 206 25.32 24.03 -23.92
C ALA S 206 24.59 24.57 -25.15
N LEU S 207 24.26 23.68 -26.08
CA LEU S 207 23.75 24.09 -27.37
C LEU S 207 22.31 24.60 -27.28
N ASN S 208 21.99 25.56 -28.15
CA ASN S 208 20.65 26.09 -28.28
C ASN S 208 19.84 25.19 -29.22
N ARG S 209 18.67 25.66 -29.63
CA ARG S 209 17.96 24.96 -30.70
C ARG S 209 18.54 25.32 -32.05
N ILE S 210 18.94 26.58 -32.22
CA ILE S 210 19.44 27.05 -33.51
C ILE S 210 20.81 26.47 -33.81
N GLN S 211 21.64 26.31 -32.79
CA GLN S 211 22.99 25.81 -33.01
C GLN S 211 22.95 24.33 -33.37
N ARG S 212 22.11 23.55 -32.70
CA ARG S 212 21.95 22.16 -33.09
C ARG S 212 21.24 22.03 -34.42
N SER S 213 20.43 23.03 -34.81
CA SER S 213 19.87 23.05 -36.16
C SER S 213 20.95 23.24 -37.20
N ASN S 214 21.90 24.13 -36.93
CA ASN S 214 23.00 24.34 -37.86
C ASN S 214 23.91 23.14 -37.95
N ILE S 215 24.12 22.45 -36.82
CA ILE S 215 24.85 21.19 -36.81
C ILE S 215 24.15 20.16 -37.69
N LEU S 216 22.82 20.07 -37.59
CA LEU S 216 22.09 19.07 -38.37
C LEU S 216 22.09 19.40 -39.86
N GLN S 217 21.96 20.69 -40.19
CA GLN S 217 22.01 21.09 -41.60
C GLN S 217 23.37 20.84 -42.19
N SER S 218 24.44 21.07 -41.42
CA SER S 218 25.75 20.85 -41.99
C SER S 218 26.11 19.37 -42.01
N PHE S 219 25.48 18.57 -41.14
CA PHE S 219 25.53 17.11 -41.25
C PHE S 219 24.96 16.65 -42.58
N LYS S 220 23.73 17.07 -42.89
CA LYS S 220 23.08 16.69 -44.13
C LYS S 220 23.81 17.25 -45.34
N ALA S 221 24.49 18.39 -45.20
CA ALA S 221 25.26 18.95 -46.30
C ALA S 221 26.54 18.15 -46.56
N LYS S 222 27.33 17.92 -45.51
CA LYS S 222 28.60 17.24 -45.68
C LYS S 222 28.46 15.74 -45.90
N MET S 223 27.29 15.16 -45.66
CA MET S 223 27.15 13.75 -46.00
C MET S 223 27.01 13.53 -47.50
N LEU S 224 26.27 14.42 -48.17
CA LEU S 224 25.97 14.22 -49.59
C LEU S 224 27.16 14.51 -50.50
N ALA S 225 27.95 15.53 -50.20
CA ALA S 225 29.04 15.90 -51.10
C ALA S 225 30.19 14.92 -50.99
N THR S 226 30.46 14.42 -49.78
CA THR S 226 31.61 13.55 -49.55
C THR S 226 31.17 12.18 -49.07
N LEU S 227 30.16 11.60 -49.72
CA LEU S 227 29.71 10.27 -49.30
C LEU S 227 30.71 9.20 -49.73
N PHE S 228 30.97 9.09 -51.01
CA PHE S 228 32.10 8.33 -51.52
C PHE S 228 32.99 9.30 -52.29
N LEU S 229 34.30 9.15 -52.14
CA LEU S 229 35.24 10.10 -52.71
C LEU S 229 36.04 9.52 -53.86
N LEU S 230 36.69 8.38 -53.65
CA LEU S 230 37.55 7.82 -54.68
C LEU S 230 36.78 7.23 -55.84
N ASN S 231 35.48 6.98 -55.67
CA ASN S 231 34.63 6.66 -56.81
C ASN S 231 34.14 7.88 -57.55
N ARG S 232 34.41 9.08 -57.03
CA ARG S 232 33.86 10.31 -57.57
C ARG S 232 34.91 11.15 -58.30
N THR S 233 36.03 11.43 -57.65
CA THR S 233 37.07 12.29 -58.20
C THR S 233 38.41 11.60 -58.18
N ARG S 234 39.27 11.96 -59.12
CA ARG S 234 40.67 11.52 -59.14
C ARG S 234 41.63 12.69 -59.10
N ASP S 235 41.15 13.88 -58.74
CA ASP S 235 41.97 15.08 -58.66
C ASP S 235 42.93 14.95 -57.48
N ARG S 236 44.23 15.07 -57.77
CA ARG S 236 45.23 14.84 -56.74
C ARG S 236 45.20 15.94 -55.68
N ASP S 237 44.88 17.17 -56.08
CA ASP S 237 44.78 18.25 -55.10
C ASP S 237 43.57 18.08 -54.20
N TYR S 238 42.46 17.57 -54.76
CA TYR S 238 41.26 17.42 -53.95
C TYR S 238 41.38 16.25 -52.98
N VAL S 239 41.97 15.15 -53.43
CA VAL S 239 42.22 14.01 -52.55
C VAL S 239 43.22 14.39 -51.47
N LEU S 240 44.26 15.15 -51.84
CA LEU S 240 45.23 15.63 -50.86
C LEU S 240 44.58 16.58 -49.87
N LYS S 241 43.63 17.41 -50.32
CA LYS S 241 42.97 18.35 -49.43
C LYS S 241 42.04 17.62 -48.47
N PHE S 242 41.32 16.60 -48.95
CA PHE S 242 40.50 15.79 -48.07
C PHE S 242 41.34 15.05 -47.04
N LEU S 243 42.46 14.48 -47.47
CA LEU S 243 43.31 13.75 -46.54
C LEU S 243 43.95 14.66 -45.51
N THR S 244 44.36 15.86 -45.90
CA THR S 244 44.96 16.74 -44.90
C THR S 244 43.89 17.35 -44.00
N ARG S 245 42.65 17.49 -44.47
CA ARG S 245 41.57 17.92 -43.60
C ARG S 245 41.22 16.84 -42.58
N LEU S 246 41.23 15.59 -43.02
CA LEU S 246 40.98 14.47 -42.11
C LEU S 246 42.10 14.32 -41.09
N ALA S 247 43.35 14.51 -41.53
CA ALA S 247 44.46 14.41 -40.60
C ALA S 247 44.50 15.58 -39.63
N GLU S 248 44.01 16.75 -40.06
CA GLU S 248 43.94 17.88 -39.15
C GLU S 248 42.75 17.76 -38.20
N ALA S 249 41.75 16.95 -38.56
CA ALA S 249 40.47 16.99 -37.86
C ALA S 249 40.55 16.42 -36.45
N ALA S 250 41.29 15.33 -36.26
CA ALA S 250 41.36 14.73 -34.93
C ALA S 250 42.38 15.44 -34.06
N THR S 251 42.08 15.53 -32.76
CA THR S 251 43.07 16.04 -31.84
C THR S 251 44.13 14.99 -31.55
N ASP S 252 45.18 15.43 -30.86
CA ASP S 252 46.24 14.54 -30.44
C ASP S 252 45.86 13.84 -29.14
N SER S 253 46.73 12.93 -28.71
CA SER S 253 46.55 12.28 -27.43
C SER S 253 47.03 13.19 -26.30
N ILE S 254 46.95 12.69 -25.08
CA ILE S 254 47.40 13.47 -23.94
C ILE S 254 48.90 13.25 -23.72
N LEU S 255 49.37 12.03 -23.92
CA LEU S 255 50.79 11.71 -23.79
C LEU S 255 51.38 11.53 -25.17
N ASP S 256 52.60 12.05 -25.35
CA ASP S 256 53.30 12.03 -26.63
C ASP S 256 54.76 11.73 -26.34
N ASN S 257 55.15 10.48 -26.46
CA ASN S 257 56.55 10.08 -26.26
C ASN S 257 57.37 10.64 -27.41
N PRO S 258 58.22 11.65 -27.17
CA PRO S 258 58.87 12.34 -28.29
C PRO S 258 60.04 11.59 -28.88
N THR S 259 60.46 10.47 -28.28
CA THR S 259 61.56 9.67 -28.82
C THR S 259 61.08 8.50 -29.64
N THR S 260 59.96 7.87 -29.27
CA THR S 260 59.48 6.70 -29.98
C THR S 260 58.73 7.11 -31.24
N TYR S 261 58.73 6.19 -32.22
CA TYR S 261 58.00 6.32 -33.48
C TYR S 261 58.43 7.55 -34.28
N THR S 262 59.70 7.90 -34.18
CA THR S 262 60.26 8.89 -35.08
C THR S 262 60.93 8.18 -36.26
N THR S 263 61.22 8.94 -37.30
CA THR S 263 61.91 8.40 -38.46
C THR S 263 63.35 8.90 -38.45
N SER S 264 64.08 8.55 -39.50
CA SER S 264 65.40 9.12 -39.70
C SER S 264 65.27 10.59 -40.08
N SER S 265 66.37 11.32 -39.89
CA SER S 265 66.47 12.78 -40.09
C SER S 265 65.42 13.57 -39.30
N GLY S 266 65.11 13.10 -38.08
CA GLY S 266 64.39 13.91 -37.11
C GLY S 266 62.93 14.17 -37.40
N ALA S 267 62.28 13.37 -38.23
CA ALA S 267 60.85 13.56 -38.45
C ALA S 267 60.04 12.78 -37.42
N LYS S 268 58.86 13.30 -37.11
CA LYS S 268 57.98 12.71 -36.11
C LYS S 268 56.64 12.36 -36.75
N ILE S 269 56.15 11.16 -36.42
CA ILE S 269 54.89 10.66 -36.93
C ILE S 269 53.75 11.24 -36.11
N SER S 270 52.79 11.86 -36.79
CA SER S 270 51.64 12.42 -36.09
C SER S 270 50.59 11.35 -35.82
N GLY S 271 50.17 10.64 -36.85
CA GLY S 271 49.15 9.62 -36.68
C GLY S 271 49.33 8.51 -37.67
N VAL S 272 48.39 7.57 -37.65
CA VAL S 272 48.38 6.45 -38.58
C VAL S 272 47.05 6.44 -39.32
N MET S 273 47.11 6.39 -40.64
CA MET S 273 45.93 6.12 -41.44
C MET S 273 46.08 4.74 -42.05
N VAL S 274 44.96 4.04 -42.17
CA VAL S 274 44.99 2.63 -42.53
C VAL S 274 43.75 2.33 -43.37
N SER S 275 43.93 1.50 -44.39
CA SER S 275 42.81 1.05 -45.21
C SER S 275 43.12 -0.35 -45.71
N THR S 276 42.31 -0.79 -46.67
CA THR S 276 42.43 -2.09 -47.28
C THR S 276 43.44 -2.06 -48.42
N ALA S 277 43.45 -3.10 -49.25
CA ALA S 277 44.47 -3.23 -50.28
C ALA S 277 44.23 -2.27 -51.45
N ASN S 278 43.05 -2.36 -52.09
CA ASN S 278 42.84 -1.65 -53.35
C ASN S 278 42.71 -0.14 -53.15
N VAL S 279 42.17 0.30 -52.02
CA VAL S 279 42.15 1.71 -51.69
C VAL S 279 43.57 2.23 -51.51
N MET S 280 44.41 1.45 -50.84
CA MET S 280 45.80 1.84 -50.67
C MET S 280 46.55 1.84 -52.00
N GLN S 281 46.19 0.95 -52.91
CA GLN S 281 46.81 0.97 -54.24
C GLN S 281 46.37 2.21 -55.02
N ILE S 282 45.10 2.60 -54.90
CA ILE S 282 44.61 3.80 -55.56
C ILE S 282 45.31 5.05 -55.02
N ILE S 283 45.49 5.13 -53.71
CA ILE S 283 46.18 6.28 -53.12
C ILE S 283 47.66 6.27 -53.48
N MET S 284 48.29 5.09 -53.48
CA MET S 284 49.73 5.03 -53.71
C MET S 284 50.08 5.26 -55.18
N SER S 285 49.20 4.89 -56.10
CA SER S 285 49.42 5.27 -57.49
C SER S 285 48.97 6.69 -57.77
N LEU S 286 48.08 7.24 -56.96
CA LEU S 286 47.59 8.59 -57.17
C LEU S 286 48.47 9.65 -56.51
N LEU S 287 49.18 9.30 -55.44
CA LEU S 287 49.90 10.29 -54.65
C LEU S 287 51.34 9.87 -54.45
N SER S 288 51.99 9.38 -55.51
CA SER S 288 53.36 8.92 -55.39
C SER S 288 54.37 10.06 -55.27
N SER S 289 53.93 11.31 -55.37
CA SER S 289 54.80 12.45 -55.13
C SER S 289 55.07 12.67 -53.64
N HIS S 290 54.12 12.30 -52.79
CA HIS S 290 54.21 12.58 -51.36
C HIS S 290 54.55 11.35 -50.53
N ILE S 291 54.84 10.22 -51.16
CA ILE S 291 55.12 8.98 -50.44
C ILE S 291 56.62 8.74 -50.44
N THR S 292 57.22 8.72 -49.25
CA THR S 292 58.62 8.41 -49.08
C THR S 292 58.72 7.15 -48.24
N LYS S 293 59.25 6.07 -48.83
CA LYS S 293 59.42 4.81 -48.12
C LYS S 293 60.59 4.97 -47.15
N GLU S 294 60.26 5.20 -45.89
CA GLU S 294 61.26 5.45 -44.85
C GLU S 294 61.18 4.38 -43.77
N THR S 295 62.11 4.48 -42.83
CA THR S 295 62.16 3.61 -41.68
C THR S 295 61.82 4.38 -40.41
N VAL S 296 61.17 3.68 -39.47
CA VAL S 296 60.67 4.29 -38.25
C VAL S 296 61.26 3.56 -37.06
N SER S 297 61.31 4.25 -35.91
CA SER S 297 61.92 3.72 -34.71
C SER S 297 60.82 3.21 -33.79
N ALA S 298 60.43 1.97 -33.98
CA ALA S 298 59.32 1.37 -33.27
C ALA S 298 59.75 0.83 -31.92
N PRO S 299 58.81 0.63 -30.99
CA PRO S 299 59.14 -0.09 -29.76
C PRO S 299 59.38 -1.57 -30.04
N ALA S 300 60.37 -2.15 -29.37
CA ALA S 300 60.70 -3.54 -29.60
C ALA S 300 59.77 -4.49 -28.85
N THR S 301 59.61 -4.29 -27.55
CA THR S 301 58.76 -5.14 -26.73
C THR S 301 57.72 -4.27 -26.03
N TYR S 302 56.73 -4.93 -25.45
CA TYR S 302 55.67 -4.23 -24.72
C TYR S 302 56.26 -3.64 -23.45
N GLY S 303 55.68 -2.52 -23.02
CA GLY S 303 56.13 -1.89 -21.79
C GLY S 303 55.69 -2.70 -20.58
N ASN S 304 56.65 -3.14 -19.78
CA ASN S 304 56.30 -3.88 -18.58
C ASN S 304 55.86 -2.90 -17.49
N PHE S 305 55.06 -3.40 -16.55
CA PHE S 305 54.56 -2.62 -15.44
C PHE S 305 54.19 -3.58 -14.32
N VAL S 306 54.90 -3.50 -13.20
CA VAL S 306 54.72 -4.41 -12.10
C VAL S 306 54.15 -3.61 -10.93
N LEU S 307 53.45 -4.29 -10.03
CA LEU S 307 52.79 -3.63 -8.91
C LEU S 307 53.79 -3.38 -7.79
N SER S 308 53.79 -2.15 -7.28
CA SER S 308 54.69 -1.76 -6.21
C SER S 308 54.25 -2.41 -4.90
N PRO S 309 55.20 -2.65 -3.98
CA PRO S 309 54.82 -3.12 -2.64
C PRO S 309 54.03 -2.12 -1.82
N GLU S 310 54.15 -0.81 -2.11
CA GLU S 310 53.26 0.15 -1.48
C GLU S 310 51.83 -0.05 -1.95
N ASN S 311 51.65 -0.30 -3.24
CA ASN S 311 50.33 -0.50 -3.81
C ASN S 311 49.72 -1.83 -3.41
N ALA S 312 50.52 -2.78 -2.95
CA ALA S 312 50.03 -4.11 -2.63
C ALA S 312 49.07 -4.10 -1.46
N VAL S 313 49.38 -3.33 -0.41
CA VAL S 313 48.53 -3.30 0.77
C VAL S 313 47.20 -2.62 0.46
N THR S 314 47.23 -1.53 -0.30
CA THR S 314 45.99 -0.87 -0.72
C THR S 314 45.20 -1.73 -1.70
N ALA S 315 45.87 -2.61 -2.44
CA ALA S 315 45.14 -3.61 -3.22
C ALA S 315 44.46 -4.62 -2.31
N ILE S 316 45.11 -4.98 -1.20
CA ILE S 316 44.49 -5.90 -0.26
C ILE S 316 43.41 -5.19 0.55
N SER S 317 43.73 -4.00 1.06
CA SER S 317 42.89 -3.40 2.10
C SER S 317 41.74 -2.58 1.53
N TYR S 318 42.01 -1.72 0.55
CA TYR S 318 41.01 -0.75 0.11
C TYR S 318 40.39 -1.06 -1.24
N HIS S 319 40.69 -2.24 -1.80
CA HIS S 319 40.23 -2.65 -3.14
C HIS S 319 40.62 -1.63 -4.21
N SER S 320 41.84 -1.11 -4.14
CA SER S 320 42.22 -0.05 -5.06
C SER S 320 43.71 -0.04 -5.32
N ILE S 321 44.09 0.63 -6.41
CA ILE S 321 45.47 0.76 -6.86
C ILE S 321 45.68 2.19 -7.30
N LEU S 322 46.69 2.85 -6.74
CA LEU S 322 47.10 4.17 -7.20
C LEU S 322 48.44 4.02 -7.91
N ALA S 323 48.45 4.29 -9.21
CA ALA S 323 49.63 4.10 -10.03
C ALA S 323 50.68 5.17 -9.71
N ASP S 324 51.93 4.72 -9.62
CA ASP S 324 53.09 5.52 -9.17
C ASP S 324 52.82 6.14 -7.79
N PHE S 325 52.70 5.27 -6.80
CA PHE S 325 52.45 5.72 -5.44
C PHE S 325 53.67 6.43 -4.86
N ASN S 326 54.86 6.01 -5.25
CA ASN S 326 56.07 6.55 -4.65
C ASN S 326 56.34 7.98 -5.12
N SER S 327 56.05 8.26 -6.39
CA SER S 327 56.20 9.64 -6.87
C SER S 327 55.16 10.55 -6.26
N TYR S 328 53.94 10.04 -6.04
CA TYR S 328 52.91 10.79 -5.35
C TYR S 328 53.35 11.15 -3.94
N LYS S 329 53.89 10.17 -3.22
CA LYS S 329 54.38 10.39 -1.85
C LYS S 329 55.53 11.39 -1.82
N ALA S 330 56.49 11.24 -2.75
CA ALA S 330 57.68 12.09 -2.75
C ALA S 330 57.32 13.53 -3.11
N HIS S 331 56.55 13.72 -4.18
CA HIS S 331 56.17 15.07 -4.58
C HIS S 331 55.11 15.67 -3.68
N LEU S 332 54.46 14.88 -2.82
CA LEU S 332 53.55 15.45 -1.85
C LEU S 332 54.25 15.87 -0.56
N THR S 333 55.34 15.19 -0.19
CA THR S 333 56.11 15.68 0.94
C THR S 333 56.83 16.98 0.61
N SER S 334 57.45 17.06 -0.57
CA SER S 334 58.24 18.23 -0.94
C SER S 334 57.39 19.43 -1.33
N GLY S 335 56.13 19.22 -1.72
CA GLY S 335 55.25 20.30 -2.08
C GLY S 335 55.18 20.62 -3.55
N GLN S 336 56.04 20.03 -4.37
CA GLN S 336 55.98 20.28 -5.80
C GLN S 336 54.80 19.53 -6.41
N PRO S 337 53.84 20.23 -7.00
CA PRO S 337 52.62 19.58 -7.45
C PRO S 337 52.64 19.09 -8.90
N HIS S 338 53.81 19.05 -9.52
CA HIS S 338 53.92 18.70 -10.93
C HIS S 338 54.84 17.49 -11.07
N LEU S 339 54.30 16.41 -11.64
CA LEU S 339 55.07 15.20 -11.80
C LEU S 339 55.98 15.31 -13.02
N PRO S 340 57.07 14.53 -13.04
CA PRO S 340 57.86 14.45 -14.29
C PRO S 340 57.09 13.82 -15.43
N ASN S 341 56.56 12.62 -15.23
CA ASN S 341 55.74 11.96 -16.23
C ASN S 341 54.82 10.98 -15.53
N ASP S 342 53.93 10.37 -16.32
CA ASP S 342 52.95 9.44 -15.79
C ASP S 342 53.57 8.05 -15.76
N SER S 343 53.08 7.24 -14.79
CA SER S 343 53.52 5.85 -14.68
C SER S 343 53.20 5.04 -15.91
N LEU S 344 52.11 5.37 -16.59
CA LEU S 344 51.74 4.71 -17.84
C LEU S 344 52.70 5.05 -18.97
N SER S 345 53.51 6.09 -18.83
CA SER S 345 54.46 6.50 -19.85
C SER S 345 55.91 6.22 -19.50
N GLN S 346 56.31 6.37 -18.23
CA GLN S 346 57.70 6.09 -17.89
C GLN S 346 57.99 4.60 -17.89
N ALA S 347 56.98 3.76 -17.64
CA ALA S 347 57.12 2.32 -17.74
C ALA S 347 56.85 1.80 -19.15
N GLY S 348 56.88 2.68 -20.15
CA GLY S 348 56.66 2.29 -21.52
C GLY S 348 57.89 1.65 -22.14
N ALA S 349 58.13 2.01 -23.40
CA ALA S 349 59.17 1.37 -24.18
C ALA S 349 60.56 1.82 -23.72
N HIS S 350 61.43 0.84 -23.55
CA HIS S 350 62.84 1.09 -23.30
C HIS S 350 63.75 0.40 -24.31
N SER S 351 63.18 -0.16 -25.37
CA SER S 351 63.94 -0.80 -26.42
C SER S 351 63.36 -0.42 -27.78
N LEU S 352 64.20 0.16 -28.64
CA LEU S 352 63.77 0.67 -29.93
C LEU S 352 64.46 -0.10 -31.03
N THR S 353 63.68 -0.50 -32.04
CA THR S 353 64.20 -1.18 -33.21
C THR S 353 63.71 -0.50 -34.48
N PRO S 354 64.52 -0.48 -35.54
CA PRO S 354 64.06 0.08 -36.81
C PRO S 354 63.31 -0.93 -37.67
N LEU S 355 62.28 -0.42 -38.35
CA LEU S 355 61.52 -1.17 -39.33
C LEU S 355 60.89 -0.18 -40.31
N SER S 356 60.45 -0.68 -41.45
CA SER S 356 60.07 0.16 -42.57
C SER S 356 58.57 0.14 -42.81
N MET S 357 57.98 1.34 -42.90
CA MET S 357 56.59 1.52 -43.27
C MET S 357 56.49 2.47 -44.45
N ASP S 358 55.28 2.89 -44.80
CA ASP S 358 55.03 3.86 -45.86
C ASP S 358 54.39 5.08 -45.22
N VAL S 359 55.04 6.23 -45.36
CA VAL S 359 54.61 7.45 -44.71
C VAL S 359 54.42 8.55 -45.75
N ILE S 360 53.33 9.30 -45.62
CA ILE S 360 53.03 10.44 -46.47
C ILE S 360 53.20 11.71 -45.64
N ARG S 361 53.21 12.85 -46.31
CA ARG S 361 53.33 14.14 -45.64
C ARG S 361 52.07 14.95 -45.90
N LEU S 362 51.29 15.19 -44.85
CA LEU S 362 50.00 15.88 -44.96
C LEU S 362 50.04 17.14 -44.10
N GLY S 363 50.47 18.25 -44.70
CA GLY S 363 50.52 19.53 -44.02
C GLY S 363 51.44 19.54 -42.82
N GLU S 364 52.72 19.19 -43.07
CA GLU S 364 53.77 18.89 -42.10
C GLU S 364 53.30 18.01 -40.93
N LYS S 365 52.45 17.04 -41.22
CA LYS S 365 52.07 16.01 -40.27
C LYS S 365 52.27 14.67 -40.97
N THR S 366 53.40 14.02 -40.70
CA THR S 366 53.72 12.78 -41.37
C THR S 366 52.87 11.65 -40.81
N VAL S 367 52.14 10.97 -41.69
CA VAL S 367 51.18 9.95 -41.29
C VAL S 367 51.58 8.63 -41.93
N ILE S 368 51.60 7.56 -41.13
CA ILE S 368 52.03 6.24 -41.59
C ILE S 368 50.85 5.53 -42.23
N MET S 369 50.98 5.20 -43.50
CA MET S 369 50.01 4.34 -44.17
C MET S 369 50.43 2.89 -44.05
N GLU S 370 49.45 2.00 -43.96
CA GLU S 370 49.74 0.57 -43.96
C GLU S 370 48.55 -0.16 -44.56
N ASN S 371 48.57 -1.49 -44.42
CA ASN S 371 47.60 -2.35 -45.07
C ASN S 371 47.44 -3.60 -44.23
N LEU S 372 46.20 -3.97 -43.94
CA LEU S 372 45.91 -5.10 -43.09
C LEU S 372 45.52 -6.35 -43.87
N ARG S 373 46.10 -6.54 -45.05
CA ARG S 373 45.81 -7.73 -45.83
C ARG S 373 46.64 -8.92 -45.37
N ARG S 374 47.87 -8.68 -44.92
CA ARG S 374 48.77 -9.75 -44.52
C ARG S 374 48.34 -10.42 -43.22
N VAL S 375 47.44 -9.82 -42.45
CA VAL S 375 47.04 -10.33 -41.16
C VAL S 375 45.69 -11.03 -41.23
N TYR S 376 44.86 -10.68 -42.21
CA TYR S 376 43.56 -11.32 -42.38
C TYR S 376 43.53 -12.30 -43.55
N LYS S 377 44.67 -12.67 -44.11
CA LYS S 377 44.69 -13.50 -45.31
C LYS S 377 44.41 -14.96 -44.97
N ASN S 378 43.48 -15.55 -45.74
CA ASN S 378 43.10 -16.97 -45.66
C ASN S 378 42.55 -17.36 -44.29
N THR S 379 41.93 -16.43 -43.57
CA THR S 379 41.30 -16.78 -42.31
C THR S 379 39.85 -17.14 -42.56
N ASP S 380 39.08 -17.27 -41.49
CA ASP S 380 37.64 -17.48 -41.61
C ASP S 380 36.86 -16.32 -41.00
N THR S 381 37.42 -15.13 -40.97
CA THR S 381 36.76 -13.97 -40.39
C THR S 381 36.79 -12.80 -41.37
N LYS S 382 35.70 -12.04 -41.36
CA LYS S 382 35.62 -10.86 -42.21
C LYS S 382 36.48 -9.75 -41.64
N ASP S 383 37.21 -9.07 -42.53
CA ASP S 383 37.95 -7.88 -42.17
C ASP S 383 36.98 -6.78 -41.74
N PRO S 384 37.09 -6.26 -40.51
CA PRO S 384 36.13 -5.25 -40.05
C PRO S 384 36.34 -3.90 -40.67
N LEU S 385 37.47 -3.68 -41.33
CA LEU S 385 37.75 -2.44 -42.02
C LEU S 385 36.95 -2.29 -43.30
N GLU S 386 36.43 -3.38 -43.85
CA GLU S 386 35.51 -3.29 -45.00
C GLU S 386 34.10 -3.55 -44.47
N ARG S 387 33.38 -2.47 -44.24
CA ARG S 387 31.99 -2.53 -43.81
C ARG S 387 31.10 -2.72 -45.03
N ASN S 388 29.80 -2.66 -44.82
CA ASN S 388 28.86 -2.49 -45.91
C ASN S 388 27.76 -1.55 -45.45
N VAL S 389 27.33 -0.68 -46.37
CA VAL S 389 26.45 0.43 -46.04
C VAL S 389 25.09 0.17 -46.67
N ASP S 390 24.05 0.60 -45.97
CA ASP S 390 22.68 0.59 -46.49
C ASP S 390 22.23 2.02 -46.71
N LEU S 391 21.68 2.29 -47.88
CA LEU S 391 21.16 3.60 -48.24
C LEU S 391 19.76 3.44 -48.79
N THR S 392 18.76 3.64 -47.92
CA THR S 392 17.38 3.38 -48.28
C THR S 392 16.90 4.42 -49.28
N PHE S 393 16.70 3.99 -50.51
CA PHE S 393 16.21 4.86 -51.57
C PHE S 393 14.70 4.81 -51.62
N PHE S 394 14.12 5.76 -52.34
CA PHE S 394 12.66 5.85 -52.45
C PHE S 394 12.31 6.68 -53.67
N PHE S 395 11.07 6.52 -54.13
CA PHE S 395 10.62 7.09 -55.38
C PHE S 395 9.12 6.96 -55.45
N PRO S 396 8.40 7.96 -55.96
CA PRO S 396 6.95 7.82 -56.10
C PRO S 396 6.56 7.31 -57.48
N VAL S 397 5.50 6.51 -57.51
CA VAL S 397 4.93 6.04 -58.77
C VAL S 397 3.49 6.54 -58.84
N GLY S 398 3.02 6.77 -60.06
CA GLY S 398 1.62 7.11 -60.30
C GLY S 398 1.12 8.39 -59.67
N LEU S 399 1.93 9.45 -59.70
CA LEU S 399 1.50 10.71 -59.12
C LEU S 399 0.60 11.46 -60.10
N TYR S 400 0.30 12.71 -59.79
CA TYR S 400 -0.56 13.52 -60.65
C TYR S 400 -0.20 14.98 -60.39
N LEU S 401 0.36 15.62 -61.39
CA LEU S 401 0.61 17.05 -61.24
C LEU S 401 -0.71 17.81 -61.37
N PRO S 402 -0.82 18.98 -60.74
CA PRO S 402 -1.99 19.82 -60.99
C PRO S 402 -1.98 20.33 -62.42
N GLU S 403 -3.04 20.01 -63.16
CA GLU S 403 -3.06 20.25 -64.59
C GLU S 403 -3.28 21.72 -64.94
N ASP S 404 -3.82 22.51 -64.01
CA ASP S 404 -3.95 23.94 -64.27
C ASP S 404 -2.60 24.64 -64.23
N ARG S 405 -1.70 24.22 -63.34
CA ARG S 405 -0.34 24.72 -63.31
C ARG S 405 0.61 23.79 -64.04
N GLY S 406 0.11 23.06 -65.03
CA GLY S 406 0.94 22.15 -65.78
C GLY S 406 1.85 22.89 -66.74
N TYR S 407 3.14 22.56 -66.68
CA TYR S 407 4.16 23.24 -67.45
C TYR S 407 4.96 22.21 -68.22
N THR S 408 5.88 22.69 -69.06
CA THR S 408 6.72 21.79 -69.84
C THR S 408 8.04 22.48 -70.13
N THR S 409 9.14 21.90 -69.65
CA THR S 409 10.47 22.46 -69.87
C THR S 409 11.24 21.73 -70.95
N VAL S 410 10.68 20.68 -71.53
CA VAL S 410 11.42 19.84 -72.47
C VAL S 410 10.74 19.81 -73.84
N GLU S 411 10.10 20.92 -74.22
CA GLU S 411 9.38 21.01 -75.49
C GLU S 411 10.28 20.76 -76.69
N SER S 412 11.52 21.23 -76.64
CA SER S 412 12.46 20.98 -77.71
C SER S 412 13.13 19.62 -77.64
N LYS S 413 13.17 19.00 -76.46
CA LYS S 413 13.90 17.73 -76.33
C LYS S 413 13.08 16.57 -76.85
N VAL S 414 11.90 16.33 -76.26
CA VAL S 414 11.07 15.19 -76.59
C VAL S 414 9.78 15.69 -77.23
N LYS S 415 8.97 14.73 -77.67
CA LYS S 415 7.62 15.03 -78.14
C LYS S 415 6.77 13.80 -77.85
N LEU S 416 5.93 13.90 -76.84
CA LEU S 416 5.02 12.82 -76.53
C LEU S 416 3.89 12.77 -77.53
N ASN S 417 3.25 11.61 -77.63
CA ASN S 417 2.10 11.50 -78.51
C ASN S 417 0.85 12.03 -77.80
N ASP S 418 -0.07 12.57 -78.58
CA ASP S 418 -1.31 13.13 -78.02
C ASP S 418 -2.28 12.01 -77.65
N THR S 419 -2.04 11.41 -76.49
CA THR S 419 -2.79 10.25 -76.02
C THR S 419 -2.96 10.40 -74.52
N VAL S 420 -4.20 10.27 -74.03
CA VAL S 420 -4.42 10.48 -72.60
C VAL S 420 -3.92 9.32 -71.75
N ARG S 421 -3.64 8.16 -72.37
CA ARG S 421 -2.83 7.17 -71.70
C ARG S 421 -1.40 7.67 -71.49
N ASN S 422 -0.84 8.32 -72.50
CA ASN S 422 0.50 8.89 -72.40
C ASN S 422 0.54 10.14 -71.54
N ALA S 423 -0.56 10.87 -71.43
CA ALA S 423 -0.61 12.09 -70.65
C ALA S 423 -1.04 11.84 -69.21
N LEU S 424 -1.17 10.59 -68.81
CA LEU S 424 -1.41 10.26 -67.41
C LEU S 424 -0.39 9.24 -66.94
N PRO S 425 0.37 9.52 -65.90
CA PRO S 425 1.40 8.58 -65.44
C PRO S 425 0.77 7.42 -64.68
N THR S 426 0.99 6.20 -65.19
CA THR S 426 0.53 5.00 -64.51
C THR S 426 1.65 4.05 -64.13
N THR S 427 2.84 4.17 -64.72
CA THR S 427 3.97 3.32 -64.41
C THR S 427 5.14 4.19 -63.94
N ALA S 428 6.30 3.57 -63.80
CA ALA S 428 7.54 4.27 -63.56
C ALA S 428 8.70 3.41 -64.03
N TYR S 429 9.72 4.06 -64.57
CA TYR S 429 10.90 3.37 -65.09
C TYR S 429 12.13 3.77 -64.30
N LEU S 430 12.90 2.78 -63.89
CA LEU S 430 14.08 3.00 -63.06
C LEU S 430 15.24 2.24 -63.69
N LEU S 431 16.33 2.10 -62.94
CA LEU S 431 17.51 1.41 -63.40
C LEU S 431 17.86 0.25 -62.47
N ASN S 432 18.50 -0.75 -63.05
CA ASN S 432 19.01 -1.89 -62.31
C ASN S 432 20.36 -1.53 -61.70
N ARG S 433 21.08 -2.55 -61.23
CA ARG S 433 22.49 -2.37 -60.93
C ARG S 433 23.27 -2.02 -62.18
N ASP S 434 22.95 -2.68 -63.29
CA ASP S 434 23.41 -2.21 -64.59
C ASP S 434 22.50 -1.08 -65.06
N ARG S 435 23.06 -0.21 -65.90
CA ARG S 435 22.29 0.90 -66.45
C ARG S 435 21.37 0.34 -67.53
N ALA S 436 20.22 -0.16 -67.09
CA ALA S 436 19.24 -0.78 -67.97
C ALA S 436 17.87 -0.46 -67.44
N VAL S 437 16.94 -0.10 -68.33
CA VAL S 437 15.63 0.35 -67.90
C VAL S 437 14.81 -0.82 -67.37
N GLN S 438 14.13 -0.60 -66.25
CA GLN S 438 13.34 -1.63 -65.59
C GLN S 438 12.12 -0.96 -64.99
N LYS S 439 10.94 -1.47 -65.34
CA LYS S 439 9.70 -0.73 -65.09
C LYS S 439 8.97 -1.27 -63.88
N ILE S 440 8.07 -0.44 -63.35
CA ILE S 440 7.15 -0.84 -62.30
C ILE S 440 5.79 -0.20 -62.56
N ASP S 441 4.79 -1.03 -62.80
CA ASP S 441 3.40 -0.62 -62.86
C ASP S 441 2.71 -1.02 -61.55
N PHE S 442 1.40 -0.84 -61.51
CA PHE S 442 0.67 -1.24 -60.31
C PHE S 442 0.45 -2.74 -60.22
N VAL S 443 0.69 -3.48 -61.32
CA VAL S 443 0.51 -4.91 -61.33
C VAL S 443 1.51 -5.65 -60.47
N ASP S 444 2.71 -5.10 -60.30
CA ASP S 444 3.66 -5.67 -59.36
C ASP S 444 3.21 -5.52 -57.91
N ALA S 445 2.44 -4.48 -57.60
CA ALA S 445 2.05 -4.17 -56.23
C ALA S 445 0.85 -5.00 -55.74
N LEU S 446 0.53 -6.11 -56.43
CA LEU S 446 -0.53 -6.99 -55.99
C LEU S 446 -0.22 -7.64 -54.66
N LYS S 447 1.06 -7.88 -54.37
CA LYS S 447 1.41 -8.62 -53.16
C LYS S 447 1.26 -7.79 -51.89
N THR S 448 0.98 -6.49 -52.00
CA THR S 448 0.57 -5.70 -50.85
C THR S 448 -0.81 -5.09 -50.98
N LEU S 449 -1.24 -4.70 -52.18
CA LEU S 449 -2.53 -4.06 -52.30
C LEU S 449 -3.70 -5.02 -52.19
N CYS S 450 -3.45 -6.33 -52.20
CA CYS S 450 -4.52 -7.31 -52.08
C CYS S 450 -4.51 -8.02 -50.73
N HIS S 451 -3.80 -7.49 -49.76
CA HIS S 451 -3.82 -8.18 -48.48
C HIS S 451 -5.03 -7.78 -47.65
N PRO S 452 -5.54 -8.68 -46.80
CA PRO S 452 -6.59 -8.30 -45.86
C PRO S 452 -6.20 -7.21 -44.88
N VAL S 453 -4.91 -7.05 -44.58
CA VAL S 453 -4.49 -6.06 -43.58
C VAL S 453 -4.67 -4.65 -44.12
N LEU S 454 -4.77 -4.49 -45.44
CA LEU S 454 -5.07 -3.20 -46.03
C LEU S 454 -6.53 -2.80 -45.86
N HIS S 455 -7.39 -3.69 -45.37
CA HIS S 455 -8.82 -3.41 -45.26
C HIS S 455 -9.40 -3.74 -43.90
N GLU S 456 -8.59 -3.84 -42.85
CA GLU S 456 -9.10 -4.10 -41.51
C GLU S 456 -8.79 -2.89 -40.62
N PRO S 457 -9.78 -2.08 -40.27
CA PRO S 457 -9.53 -0.85 -39.51
C PRO S 457 -9.71 -0.97 -38.00
N ALA S 458 -9.86 -2.19 -37.47
CA ALA S 458 -10.08 -2.34 -36.03
C ALA S 458 -8.87 -1.97 -35.17
N PRO S 459 -7.60 -2.20 -35.55
CA PRO S 459 -6.52 -1.54 -34.79
C PRO S 459 -6.51 -0.04 -34.96
N CYS S 460 -7.04 0.48 -36.07
CA CYS S 460 -7.15 1.93 -36.22
C CYS S 460 -8.33 2.48 -35.41
N LEU S 461 -9.29 1.62 -35.08
CA LEU S 461 -10.39 2.03 -34.22
C LEU S 461 -10.00 1.93 -32.75
N GLN S 462 -9.17 0.94 -32.41
CA GLN S 462 -8.76 0.77 -31.02
C GLN S 462 -7.76 1.82 -30.58
N THR S 463 -7.10 2.48 -31.53
CA THR S 463 -6.13 3.53 -31.22
C THR S 463 -6.28 4.70 -32.19
N PRO S 487 -37.61 5.98 -36.89
CA PRO S 487 -38.48 5.06 -37.62
C PRO S 487 -39.11 5.69 -38.86
N MET S 488 -39.40 4.85 -39.85
CA MET S 488 -39.92 5.29 -41.13
C MET S 488 -41.43 5.12 -41.24
N GLY S 489 -42.14 5.06 -40.12
CA GLY S 489 -43.59 4.86 -40.19
C GLY S 489 -44.32 6.08 -40.72
N GLY S 490 -44.28 7.17 -39.99
CA GLY S 490 -44.92 8.39 -40.43
C GLY S 490 -43.94 9.40 -40.98
N ALA S 491 -42.72 8.93 -41.29
CA ALA S 491 -41.63 9.80 -41.71
C ALA S 491 -41.88 10.48 -43.05
N ALA S 492 -42.67 9.87 -43.94
CA ALA S 492 -43.04 10.55 -45.17
C ALA S 492 -44.01 11.69 -44.91
N ARG S 493 -44.76 11.61 -43.82
CA ARG S 493 -45.75 12.62 -43.48
C ARG S 493 -45.17 13.77 -42.68
N ARG S 494 -44.22 13.50 -41.78
CA ARG S 494 -43.68 14.51 -40.89
C ARG S 494 -42.46 15.22 -41.46
N ILE S 495 -42.36 15.34 -42.77
CA ILE S 495 -41.28 16.05 -43.45
C ILE S 495 -41.23 17.53 -43.07
N PRO S 496 -42.31 18.31 -43.06
CA PRO S 496 -42.18 19.66 -42.51
C PRO S 496 -42.11 19.72 -41.00
N HIS S 497 -42.32 18.62 -40.29
CA HIS S 497 -42.25 18.63 -38.84
C HIS S 497 -40.82 18.77 -38.32
N PHE S 498 -39.82 18.45 -39.15
CA PHE S 498 -38.44 18.72 -38.74
C PHE S 498 -38.13 20.20 -38.89
N TYR S 499 -38.61 20.83 -39.96
CA TYR S 499 -38.40 22.26 -40.15
C TYR S 499 -39.34 23.11 -39.33
N ARG S 500 -40.33 22.50 -38.67
CA ARG S 500 -41.23 23.23 -37.78
C ARG S 500 -40.47 23.85 -36.62
N VAL S 501 -39.46 23.15 -36.11
CA VAL S 501 -38.44 23.78 -35.28
C VAL S 501 -37.35 24.29 -36.22
N ARG S 502 -36.83 25.48 -35.94
CA ARG S 502 -35.94 26.19 -36.86
C ARG S 502 -34.57 26.35 -36.20
N ARG S 503 -33.73 25.33 -36.36
CA ARG S 503 -32.37 25.36 -35.87
C ARG S 503 -31.43 25.07 -37.02
N GLU S 504 -30.33 25.81 -37.10
CA GLU S 504 -29.29 25.47 -38.05
C GLU S 504 -28.52 24.26 -37.55
N VAL S 505 -28.13 23.39 -38.47
CA VAL S 505 -27.45 22.16 -38.06
C VAL S 505 -25.95 22.34 -38.27
N PRO S 506 -25.12 21.90 -37.34
CA PRO S 506 -23.68 21.83 -37.62
C PRO S 506 -23.41 20.77 -38.66
N ARG S 507 -22.78 21.18 -39.75
CA ARG S 507 -22.47 20.31 -40.87
C ARG S 507 -21.40 19.31 -40.48
N THR S 508 -21.34 18.22 -41.22
CA THR S 508 -20.47 17.11 -40.87
C THR S 508 -19.01 17.46 -41.13
N VAL S 509 -18.12 16.68 -40.51
CA VAL S 509 -16.70 16.87 -40.74
C VAL S 509 -16.31 16.39 -42.13
N ASN S 510 -17.06 15.44 -42.71
CA ASN S 510 -16.81 15.04 -44.09
C ASN S 510 -17.16 16.15 -45.06
N GLU S 511 -18.18 16.93 -44.76
CA GLU S 511 -18.45 18.12 -45.56
C GLU S 511 -17.40 19.20 -45.32
N MET S 512 -16.79 19.20 -44.14
CA MET S 512 -15.74 20.19 -43.87
C MET S 512 -14.43 19.86 -44.57
N LYS S 513 -14.30 18.65 -45.12
CA LYS S 513 -13.08 18.25 -45.83
C LYS S 513 -13.21 18.40 -47.34
N GLN S 514 -14.27 19.04 -47.82
CA GLN S 514 -14.50 19.14 -49.25
C GLN S 514 -14.21 20.50 -49.82
N ASP S 515 -14.36 21.56 -49.05
CA ASP S 515 -14.20 22.92 -49.54
C ASP S 515 -12.74 23.31 -49.80
N PHE S 516 -11.78 22.58 -49.23
CA PHE S 516 -10.40 23.01 -49.29
C PHE S 516 -9.80 22.75 -50.66
N VAL S 517 -9.01 23.71 -51.14
CA VAL S 517 -8.25 23.54 -52.37
C VAL S 517 -7.11 22.54 -52.14
N VAL S 518 -6.54 22.02 -53.24
CA VAL S 518 -5.53 20.97 -53.18
C VAL S 518 -4.30 21.40 -52.40
N THR S 519 -3.76 22.59 -52.69
CA THR S 519 -2.54 23.01 -52.02
C THR S 519 -2.78 23.47 -50.59
N ASP S 520 -4.03 23.70 -50.21
CA ASP S 520 -4.37 24.07 -48.85
C ASP S 520 -4.53 22.87 -47.94
N PHE S 521 -4.79 21.69 -48.50
CA PHE S 521 -5.20 20.54 -47.70
C PHE S 521 -4.10 20.02 -46.80
N TYR S 522 -2.85 20.11 -47.23
CA TYR S 522 -1.73 19.68 -46.41
C TYR S 522 -1.23 20.78 -45.49
N LYS S 523 -1.93 21.92 -45.42
CA LYS S 523 -1.44 23.01 -44.61
C LYS S 523 -2.10 22.98 -43.23
N VAL S 524 -1.56 23.80 -42.32
CA VAL S 524 -1.97 23.77 -40.92
C VAL S 524 -3.36 24.34 -40.73
N GLY S 525 -3.86 25.14 -41.69
CA GLY S 525 -5.19 25.69 -41.60
C GLY S 525 -6.30 24.66 -41.70
N ASN S 526 -6.02 23.53 -42.33
CA ASN S 526 -6.90 22.36 -42.27
C ASN S 526 -6.96 21.91 -40.82
N ILE S 527 -8.17 21.93 -40.25
CA ILE S 527 -8.34 21.49 -38.87
C ILE S 527 -8.84 20.06 -38.90
N THR S 528 -9.05 19.53 -40.10
CA THR S 528 -9.64 18.21 -40.29
C THR S 528 -8.66 17.26 -40.95
N LEU S 529 -7.40 17.31 -40.55
CA LEU S 529 -6.45 16.28 -40.94
C LEU S 529 -6.47 15.10 -39.99
N TYR S 530 -6.76 15.34 -38.71
CA TYR S 530 -6.82 14.28 -37.72
C TYR S 530 -7.98 13.33 -37.94
N THR S 531 -8.98 13.72 -38.72
CA THR S 531 -10.01 12.78 -39.12
C THR S 531 -9.53 11.88 -40.23
N GLU S 532 -8.83 12.44 -41.21
CA GLU S 532 -8.37 11.68 -42.37
C GLU S 532 -7.17 10.84 -41.97
N LEU S 533 -7.41 9.55 -41.73
CA LEU S 533 -6.35 8.61 -41.43
C LEU S 533 -6.24 7.52 -42.49
N HIS S 534 -7.32 6.82 -42.76
CA HIS S 534 -7.25 5.68 -43.67
C HIS S 534 -7.83 6.04 -45.03
N PRO S 535 -7.19 5.65 -46.13
CA PRO S 535 -7.76 5.94 -47.45
C PRO S 535 -8.99 5.13 -47.80
N PHE S 536 -9.31 4.09 -47.04
CA PHE S 536 -10.47 3.25 -47.35
C PHE S 536 -11.56 3.37 -46.30
N PHE S 537 -11.35 4.15 -45.25
CA PHE S 537 -12.34 4.34 -44.21
C PHE S 537 -12.38 5.82 -43.88
N ASP S 538 -13.07 6.15 -42.78
CA ASP S 538 -12.95 7.44 -42.13
C ASP S 538 -13.37 7.28 -40.69
N PHE S 539 -12.88 8.15 -39.82
CA PHE S 539 -13.05 8.00 -38.39
C PHE S 539 -13.58 9.31 -37.82
N THR S 540 -14.89 9.40 -37.66
CA THR S 540 -15.55 10.64 -37.32
C THR S 540 -16.18 10.54 -35.94
N HIS S 541 -16.28 11.68 -35.25
CA HIS S 541 -16.85 11.71 -33.91
C HIS S 541 -18.30 12.17 -34.01
N CYS S 542 -19.24 11.25 -33.79
CA CYS S 542 -20.66 11.59 -33.88
C CYS S 542 -21.29 11.71 -32.49
N THR S 548 -20.54 11.31 -27.31
CA THR S 548 -19.71 11.40 -28.51
C THR S 548 -18.80 10.17 -28.59
N VAL S 549 -18.87 9.47 -29.72
CA VAL S 549 -18.13 8.24 -29.92
C VAL S 549 -17.59 8.23 -31.34
N ALA S 550 -16.50 7.49 -31.55
CA ALA S 550 -15.91 7.37 -32.87
C ALA S 550 -16.79 6.54 -33.78
N LEU S 551 -16.71 6.81 -35.08
CA LEU S 551 -17.57 6.16 -36.06
C LEU S 551 -16.68 5.64 -37.18
N CYS S 552 -16.17 4.43 -37.02
CA CYS S 552 -15.30 3.81 -38.00
C CYS S 552 -16.16 3.20 -39.10
N THR S 553 -16.17 3.84 -40.26
CA THR S 553 -17.12 3.61 -41.35
C THR S 553 -16.36 3.40 -42.66
N PRO S 554 -16.76 2.44 -43.50
CA PRO S 554 -16.01 2.23 -44.74
C PRO S 554 -16.48 3.09 -45.90
N ARG S 555 -15.54 3.77 -46.55
CA ARG S 555 -15.83 4.41 -47.82
C ARG S 555 -16.02 3.32 -48.85
N ILE S 556 -17.26 3.11 -49.27
CA ILE S 556 -17.53 1.98 -50.14
C ILE S 556 -17.10 2.30 -51.57
N VAL S 557 -17.05 3.56 -51.95
CA VAL S 557 -16.84 3.92 -53.33
C VAL S 557 -15.65 4.87 -53.42
N ILE S 558 -15.05 4.95 -54.61
CA ILE S 558 -13.83 5.75 -54.78
C ILE S 558 -14.14 7.23 -54.76
N GLY S 559 -15.39 7.62 -54.99
CA GLY S 559 -15.71 9.03 -54.95
C GLY S 559 -15.80 9.61 -53.56
N ASN S 560 -15.84 8.78 -52.54
CA ASN S 560 -15.94 9.25 -51.17
C ASN S 560 -14.63 9.78 -50.61
N LEU S 561 -13.56 9.77 -51.39
CA LEU S 561 -12.37 10.49 -51.01
C LEU S 561 -12.66 11.98 -51.06
N PRO S 562 -12.06 12.75 -50.16
CA PRO S 562 -12.20 14.21 -50.25
C PRO S 562 -11.51 14.75 -51.49
N ASP S 563 -12.05 15.86 -51.98
CA ASP S 563 -11.53 16.47 -53.20
C ASP S 563 -10.18 17.12 -53.01
N GLY S 564 -9.75 17.33 -51.76
CA GLY S 564 -8.38 17.71 -51.51
C GLY S 564 -7.41 16.55 -51.67
N LEU S 565 -7.94 15.33 -51.79
CA LEU S 565 -7.10 14.16 -51.98
C LEU S 565 -7.30 13.50 -53.34
N ALA S 566 -8.40 13.77 -54.02
CA ALA S 566 -8.67 13.20 -55.33
C ALA S 566 -9.60 14.17 -56.05
N PRO S 567 -9.06 15.21 -56.68
CA PRO S 567 -9.90 16.31 -57.16
C PRO S 567 -10.57 15.99 -58.49
N GLY S 568 -11.30 16.98 -58.99
CA GLY S 568 -12.07 16.90 -60.21
C GLY S 568 -11.32 16.54 -61.49
N PRO S 569 -10.31 17.34 -61.87
CA PRO S 569 -9.58 17.04 -63.12
C PRO S 569 -8.84 15.72 -63.11
N PHE S 570 -8.46 15.21 -61.94
CA PHE S 570 -7.93 13.86 -61.87
C PHE S 570 -8.98 12.84 -62.26
N HIS S 571 -10.23 13.05 -61.80
CA HIS S 571 -11.32 12.18 -62.22
C HIS S 571 -11.57 12.29 -63.71
N GLU S 572 -11.44 13.51 -64.26
CA GLU S 572 -11.63 13.71 -65.70
C GLU S 572 -10.58 12.95 -66.50
N LEU S 573 -9.32 13.02 -66.09
CA LEU S 573 -8.26 12.31 -66.80
C LEU S 573 -8.39 10.80 -66.64
N ARG S 574 -8.87 10.35 -65.47
CA ARG S 574 -9.06 8.93 -65.25
C ARG S 574 -10.16 8.36 -66.14
N THR S 575 -11.26 9.10 -66.30
CA THR S 575 -12.29 8.60 -67.20
C THR S 575 -11.93 8.80 -68.66
N TRP S 576 -11.04 9.74 -68.96
CA TRP S 576 -10.51 9.80 -70.32
C TRP S 576 -9.67 8.57 -70.63
N GLU S 577 -8.90 8.10 -69.65
CA GLU S 577 -8.17 6.84 -69.77
C GLU S 577 -9.13 5.67 -69.92
N ILE S 578 -10.24 5.70 -69.18
CA ILE S 578 -11.24 4.64 -69.26
C ILE S 578 -11.88 4.61 -70.65
N MET S 579 -12.23 5.78 -71.18
CA MET S 579 -12.78 5.86 -72.52
C MET S 579 -11.80 5.42 -73.59
N GLU S 580 -10.51 5.72 -73.39
CA GLU S 580 -9.50 5.26 -74.33
C GLU S 580 -9.24 3.78 -74.23
N HIS S 581 -9.56 3.16 -73.10
CA HIS S 581 -9.34 1.72 -72.96
C HIS S 581 -10.29 0.92 -73.84
N MET S 582 -11.51 1.42 -74.07
CA MET S 582 -12.48 0.71 -74.89
C MET S 582 -12.65 1.33 -76.27
N ARG S 583 -11.67 2.12 -76.70
CA ARG S 583 -11.59 2.71 -78.05
C ARG S 583 -12.78 3.61 -78.35
N LEU S 584 -13.03 4.57 -77.47
CA LEU S 584 -14.09 5.55 -77.63
C LEU S 584 -13.53 6.96 -77.52
N ARG S 585 -12.26 7.13 -77.88
CA ARG S 585 -11.56 8.41 -77.70
C ARG S 585 -12.05 9.46 -78.70
N PRO S 586 -12.42 9.12 -79.94
CA PRO S 586 -13.43 9.93 -80.64
C PRO S 586 -14.84 9.47 -80.30
N PRO S 587 -15.45 10.01 -79.25
CA PRO S 587 -16.76 9.49 -78.80
C PRO S 587 -17.86 9.83 -79.79
N PRO S 588 -18.93 9.04 -79.84
CA PRO S 588 -19.97 9.28 -80.85
C PRO S 588 -20.76 10.55 -80.54
N ASP S 589 -21.31 11.14 -81.60
CA ASP S 589 -21.95 12.44 -81.51
C ASP S 589 -23.30 12.26 -80.81
N TYR S 590 -23.39 12.74 -79.58
CA TYR S 590 -24.63 12.73 -78.82
C TYR S 590 -24.87 14.10 -78.17
N GLU S 591 -24.11 15.11 -78.60
CA GLU S 591 -24.23 16.43 -78.01
C GLU S 591 -25.53 17.11 -78.41
N GLU S 592 -26.03 16.81 -79.61
CA GLU S 592 -27.28 17.42 -80.08
C GLU S 592 -28.46 16.97 -79.22
N THR S 593 -28.49 15.69 -78.85
CA THR S 593 -29.56 15.20 -77.99
C THR S 593 -29.43 15.74 -76.57
N LEU S 594 -28.19 15.85 -76.08
CA LEU S 594 -28.00 16.33 -74.72
C LEU S 594 -28.26 17.82 -74.57
N ARG S 595 -28.12 18.60 -75.64
CA ARG S 595 -28.51 20.00 -75.57
C ARG S 595 -30.02 20.13 -75.42
N LEU S 596 -30.77 19.33 -76.19
CA LEU S 596 -32.21 19.25 -76.02
C LEU S 596 -32.59 18.72 -74.66
N PHE S 597 -31.81 17.78 -74.13
CA PHE S 597 -32.10 17.23 -72.81
C PHE S 597 -31.88 18.26 -71.72
N LYS S 598 -30.83 19.08 -71.84
CA LYS S 598 -30.59 20.12 -70.85
C LYS S 598 -31.66 21.21 -70.93
N THR S 599 -32.09 21.54 -72.15
CA THR S 599 -33.16 22.53 -72.26
C THR S 599 -34.53 21.97 -71.87
N THR S 600 -34.69 20.64 -71.80
CA THR S 600 -35.97 20.09 -71.35
C THR S 600 -35.93 19.59 -69.91
N VAL S 601 -34.77 19.58 -69.26
CA VAL S 601 -34.66 18.97 -67.95
C VAL S 601 -34.61 20.02 -66.84
N THR S 602 -34.48 21.30 -67.18
CA THR S 602 -34.40 22.33 -66.14
C THR S 602 -35.22 23.56 -66.47
N SER S 603 -35.94 23.59 -67.57
CA SER S 603 -36.68 24.78 -67.94
C SER S 603 -37.97 24.88 -67.11
N PRO S 604 -38.37 26.11 -66.73
CA PRO S 604 -39.67 26.31 -66.09
C PRO S 604 -40.84 26.20 -67.05
N ASN S 605 -40.58 26.05 -68.35
CA ASN S 605 -41.56 25.80 -69.38
C ASN S 605 -42.24 24.43 -69.23
N TYR S 606 -41.63 23.51 -68.47
CA TYR S 606 -42.01 22.11 -68.29
C TYR S 606 -43.44 21.99 -67.77
N PRO S 607 -44.28 21.19 -68.43
CA PRO S 607 -45.70 21.14 -68.06
C PRO S 607 -45.93 20.28 -66.82
N GLU S 608 -47.20 20.17 -66.45
CA GLU S 608 -47.60 19.44 -65.25
C GLU S 608 -48.27 18.11 -65.52
N LEU S 609 -48.77 17.89 -66.74
CA LEU S 609 -49.46 16.63 -67.07
C LEU S 609 -48.49 15.46 -67.10
N CYS S 610 -47.22 15.72 -67.41
CA CYS S 610 -46.21 14.68 -67.46
C CYS S 610 -46.02 13.99 -66.12
N TYR S 611 -46.10 14.76 -65.03
CA TYR S 611 -46.04 14.17 -63.70
C TYR S 611 -47.24 13.28 -63.43
N LEU S 612 -48.40 13.65 -63.97
CA LEU S 612 -49.60 12.83 -63.79
C LEU S 612 -49.49 11.52 -64.53
N VAL S 613 -48.99 11.56 -65.78
CA VAL S 613 -48.74 10.32 -66.51
C VAL S 613 -47.69 9.49 -65.81
N ASP S 614 -46.70 10.14 -65.20
CA ASP S 614 -45.64 9.45 -64.49
C ASP S 614 -46.16 8.69 -63.28
N VAL S 615 -47.04 9.31 -62.49
CA VAL S 615 -47.57 8.59 -61.34
C VAL S 615 -48.61 7.56 -61.76
N LEU S 616 -49.33 7.76 -62.87
CA LEU S 616 -50.38 6.80 -63.20
C LEU S 616 -49.85 5.53 -63.85
N VAL S 617 -48.93 5.64 -64.83
CA VAL S 617 -48.68 4.47 -65.66
C VAL S 617 -47.79 3.45 -64.95
N HIS S 618 -46.94 3.89 -64.01
CA HIS S 618 -46.01 3.03 -63.24
C HIS S 618 -45.07 2.23 -64.13
N GLY S 619 -44.82 2.69 -65.35
CA GLY S 619 -44.03 1.93 -66.29
C GLY S 619 -44.66 0.67 -66.82
N ASN S 620 -45.98 0.52 -66.70
CA ASN S 620 -46.65 -0.67 -67.20
C ASN S 620 -46.79 -0.58 -68.72
N VAL S 621 -46.55 -1.71 -69.40
CA VAL S 621 -46.68 -1.72 -70.85
C VAL S 621 -48.16 -1.70 -71.26
N ASP S 622 -49.05 -2.15 -70.37
CA ASP S 622 -50.48 -2.10 -70.66
C ASP S 622 -51.01 -0.67 -70.60
N ALA S 623 -50.49 0.13 -69.66
CA ALA S 623 -50.91 1.52 -69.57
C ALA S 623 -50.49 2.31 -70.80
N PHE S 624 -49.26 2.08 -71.27
CA PHE S 624 -48.82 2.71 -72.51
C PHE S 624 -49.57 2.16 -73.71
N LEU S 625 -49.95 0.89 -73.69
CA LEU S 625 -50.81 0.35 -74.74
C LEU S 625 -52.17 1.05 -74.77
N LEU S 626 -52.66 1.47 -73.60
CA LEU S 626 -53.91 2.22 -73.56
C LEU S 626 -53.74 3.65 -74.06
N ILE S 627 -52.75 4.37 -73.56
CA ILE S 627 -52.69 5.82 -73.82
C ILE S 627 -51.53 6.21 -74.72
N ARG S 628 -51.12 5.30 -75.62
CA ARG S 628 -49.99 5.57 -76.51
C ARG S 628 -50.32 6.68 -77.51
N THR S 629 -51.54 6.71 -78.04
CA THR S 629 -51.89 7.77 -78.97
C THR S 629 -51.99 9.12 -78.26
N PHE S 630 -52.41 9.11 -76.99
CA PHE S 630 -52.45 10.32 -76.18
C PHE S 630 -51.05 10.88 -75.96
N VAL S 631 -50.11 10.03 -75.53
CA VAL S 631 -48.77 10.54 -75.27
C VAL S 631 -48.02 10.84 -76.55
N ALA S 632 -48.39 10.21 -77.68
CA ALA S 632 -47.79 10.56 -78.96
C ALA S 632 -48.24 11.94 -79.41
N ARG S 633 -49.55 12.22 -79.27
CA ARG S 633 -50.06 13.57 -79.54
C ARG S 633 -49.41 14.59 -78.61
N CYS S 634 -49.18 14.18 -77.36
CA CYS S 634 -48.55 15.05 -76.38
C CYS S 634 -47.13 15.42 -76.78
N ILE S 635 -46.33 14.42 -77.17
CA ILE S 635 -44.92 14.71 -77.46
C ILE S 635 -44.77 15.49 -78.76
N VAL S 636 -45.63 15.19 -79.77
CA VAL S 636 -45.50 15.91 -81.04
C VAL S 636 -45.95 17.36 -80.88
N ASN S 637 -47.01 17.61 -80.09
CA ASN S 637 -47.45 18.99 -79.94
C ASN S 637 -46.53 19.76 -79.01
N MET S 638 -45.98 19.10 -77.99
CA MET S 638 -45.06 19.74 -77.06
C MET S 638 -43.78 20.17 -77.77
N PHE S 639 -43.21 19.31 -78.60
CA PHE S 639 -42.02 19.73 -79.31
C PHE S 639 -42.34 20.69 -80.44
N HIS S 640 -43.54 20.59 -81.03
CA HIS S 640 -43.87 21.49 -82.13
C HIS S 640 -44.13 22.92 -81.65
N THR S 641 -44.61 23.11 -80.42
CA THR S 641 -44.91 24.47 -79.99
C THR S 641 -44.00 25.00 -78.89
N ARG S 642 -43.17 24.17 -78.26
CA ARG S 642 -42.41 24.66 -77.12
C ARG S 642 -40.93 24.32 -77.17
N GLN S 643 -40.48 23.58 -78.20
CA GLN S 643 -39.08 23.25 -78.45
C GLN S 643 -38.41 22.52 -77.28
N LEU S 644 -39.15 21.67 -76.60
CA LEU S 644 -38.55 20.76 -75.62
C LEU S 644 -39.37 19.49 -75.62
N LEU S 645 -38.72 18.38 -75.32
CA LEU S 645 -39.40 17.09 -75.32
C LEU S 645 -39.86 16.73 -73.92
N VAL S 646 -41.00 16.05 -73.84
CA VAL S 646 -41.69 15.85 -72.60
C VAL S 646 -41.32 14.45 -72.09
N PHE S 647 -41.69 14.17 -70.83
CA PHE S 647 -41.53 12.87 -70.15
C PHE S 647 -40.08 12.51 -69.89
N ALA S 648 -39.16 13.47 -70.02
CA ALA S 648 -37.74 13.19 -69.87
C ALA S 648 -37.31 13.07 -68.43
N HIS S 649 -38.20 13.29 -67.47
CA HIS S 649 -37.85 13.30 -66.07
C HIS S 649 -37.98 11.96 -65.40
N SER S 650 -38.06 10.86 -66.16
CA SER S 650 -38.09 9.53 -65.55
C SER S 650 -37.57 8.49 -66.53
N TYR S 651 -36.85 7.50 -65.99
CA TYR S 651 -36.44 6.35 -66.79
C TYR S 651 -37.65 5.54 -67.23
N ALA S 652 -38.67 5.45 -66.37
CA ALA S 652 -39.80 4.56 -66.61
C ALA S 652 -40.68 5.01 -67.77
N LEU S 653 -40.51 6.23 -68.28
CA LEU S 653 -41.25 6.67 -69.45
C LEU S 653 -40.37 6.74 -70.69
N VAL S 654 -39.15 7.29 -70.57
CA VAL S 654 -38.21 7.35 -71.68
C VAL S 654 -37.82 5.96 -72.16
N THR S 655 -37.83 4.99 -71.25
CA THR S 655 -37.56 3.61 -71.62
C THR S 655 -38.67 3.05 -72.49
N LEU S 656 -39.91 3.17 -72.04
CA LEU S 656 -41.02 2.59 -72.79
C LEU S 656 -41.41 3.41 -74.01
N ILE S 657 -40.85 4.62 -74.18
CA ILE S 657 -41.06 5.34 -75.42
C ILE S 657 -40.32 4.66 -76.57
N ALA S 658 -39.07 4.25 -76.34
CA ALA S 658 -38.17 3.88 -77.41
C ALA S 658 -38.46 2.54 -78.05
N GLU S 659 -39.23 1.66 -77.41
CA GLU S 659 -39.55 0.38 -78.03
C GLU S 659 -41.04 0.14 -78.22
N HIS S 660 -41.89 0.99 -77.71
CA HIS S 660 -43.31 0.73 -77.86
C HIS S 660 -44.03 1.83 -78.64
N LEU S 661 -43.50 3.05 -78.62
CA LEU S 661 -44.03 4.11 -79.46
C LEU S 661 -43.29 4.20 -80.79
N ALA S 662 -42.16 3.51 -80.92
CA ALA S 662 -41.29 3.61 -82.08
C ALA S 662 -41.89 3.03 -83.36
N ASP S 663 -43.00 2.30 -83.27
CA ASP S 663 -43.58 1.67 -84.44
C ASP S 663 -44.18 2.68 -85.42
N GLY S 664 -44.54 3.86 -84.93
CA GLY S 664 -45.10 4.88 -85.81
C GLY S 664 -45.65 6.02 -85.01
N ALA S 665 -46.46 6.84 -85.70
CA ALA S 665 -47.15 8.01 -85.14
C ALA S 665 -46.16 9.01 -84.51
N LEU S 666 -45.00 9.16 -85.13
CA LEU S 666 -43.96 10.03 -84.63
C LEU S 666 -43.07 10.47 -85.78
N PRO S 667 -42.63 11.72 -85.79
CA PRO S 667 -41.53 12.11 -86.66
C PRO S 667 -40.26 11.40 -86.24
N PRO S 668 -39.33 11.16 -87.17
CA PRO S 668 -38.11 10.42 -86.79
C PRO S 668 -37.15 11.20 -85.93
N GLN S 669 -37.33 12.52 -85.82
CA GLN S 669 -36.41 13.34 -85.04
C GLN S 669 -36.55 13.05 -83.54
N LEU S 670 -37.78 13.09 -83.02
CA LEU S 670 -37.99 12.85 -81.60
C LEU S 670 -37.74 11.40 -81.24
N LEU S 671 -38.04 10.48 -82.16
CA LEU S 671 -37.69 9.08 -81.94
C LEU S 671 -36.19 8.88 -81.88
N PHE S 672 -35.44 9.61 -82.72
CA PHE S 672 -33.98 9.55 -82.64
C PHE S 672 -33.45 10.16 -81.36
N HIS S 673 -34.11 11.21 -80.85
CA HIS S 673 -33.67 11.80 -79.58
C HIS S 673 -33.89 10.84 -78.42
N TYR S 674 -35.07 10.21 -78.35
CA TYR S 674 -35.35 9.28 -77.27
C TYR S 674 -34.48 8.01 -77.38
N ARG S 675 -34.35 7.49 -78.59
CA ARG S 675 -33.50 6.32 -78.82
C ARG S 675 -32.04 6.63 -78.55
N ASN S 676 -31.59 7.86 -78.79
CA ASN S 676 -30.23 8.21 -78.47
C ASN S 676 -30.03 8.40 -76.97
N LEU S 677 -31.09 8.78 -76.24
CA LEU S 677 -30.99 8.77 -74.79
C LEU S 677 -30.83 7.36 -74.24
N VAL S 678 -31.58 6.40 -74.80
CA VAL S 678 -31.35 5.00 -74.44
C VAL S 678 -29.97 4.54 -74.89
N ALA S 679 -29.48 5.08 -76.00
CA ALA S 679 -28.16 4.70 -76.50
C ALA S 679 -27.04 5.20 -75.59
N VAL S 680 -27.16 6.42 -75.07
CA VAL S 680 -26.12 6.91 -74.17
C VAL S 680 -26.22 6.22 -72.82
N LEU S 681 -27.42 5.75 -72.45
CA LEU S 681 -27.51 4.95 -71.24
C LEU S 681 -26.83 3.60 -71.41
N ARG S 682 -27.00 2.97 -72.57
CA ARG S 682 -26.32 1.71 -72.86
C ARG S 682 -24.81 1.90 -72.95
N LEU S 683 -24.37 3.01 -73.53
CA LEU S 683 -22.94 3.28 -73.69
C LEU S 683 -22.28 3.57 -72.35
N VAL S 684 -22.95 4.33 -71.48
CA VAL S 684 -22.38 4.61 -70.18
C VAL S 684 -22.51 3.40 -69.26
N THR S 685 -23.40 2.45 -69.59
CA THR S 685 -23.37 1.17 -68.91
C THR S 685 -22.16 0.36 -69.34
N ARG S 686 -21.79 0.44 -70.62
CA ARG S 686 -20.60 -0.23 -71.11
C ARG S 686 -19.34 0.34 -70.46
N ILE S 687 -19.30 1.65 -70.26
CA ILE S 687 -18.05 2.30 -69.84
C ILE S 687 -17.75 2.02 -68.37
N SER S 688 -18.73 1.53 -67.61
CA SER S 688 -18.58 1.40 -66.18
C SER S 688 -18.46 -0.04 -65.71
N ALA S 689 -18.71 -1.02 -66.58
CA ALA S 689 -18.68 -2.41 -66.17
C ALA S 689 -17.30 -3.05 -66.24
N LEU S 690 -16.35 -2.38 -66.92
CA LEU S 690 -15.05 -2.91 -67.32
C LEU S 690 -15.27 -4.23 -68.05
N PRO S 691 -15.78 -4.18 -69.29
CA PRO S 691 -16.28 -5.40 -69.94
C PRO S 691 -15.19 -6.31 -70.47
N GLY S 692 -13.92 -5.94 -70.37
CA GLY S 692 -12.88 -6.81 -70.87
C GLY S 692 -12.62 -8.00 -69.96
N LEU S 693 -12.93 -7.86 -68.68
CA LEU S 693 -12.51 -8.85 -67.69
C LEU S 693 -13.64 -9.60 -67.01
N ASN S 694 -14.89 -9.16 -67.13
CA ASN S 694 -15.97 -9.80 -66.37
C ASN S 694 -16.38 -11.09 -67.07
N ASN S 695 -15.80 -12.19 -66.63
CA ASN S 695 -16.27 -13.50 -67.06
C ASN S 695 -16.33 -14.51 -65.93
N GLY S 696 -15.72 -14.24 -64.77
CA GLY S 696 -15.85 -15.10 -63.62
C GLY S 696 -16.94 -14.63 -62.68
N GLN S 697 -17.25 -15.49 -61.71
CA GLN S 697 -18.22 -15.16 -60.68
C GLN S 697 -17.74 -15.66 -59.34
N LEU S 698 -18.03 -14.89 -58.31
CA LEU S 698 -17.63 -15.19 -56.94
C LEU S 698 -18.84 -15.02 -56.05
N ALA S 699 -19.10 -16.02 -55.20
CA ALA S 699 -20.20 -16.03 -54.23
C ALA S 699 -21.55 -15.79 -54.90
N GLU S 700 -21.72 -16.43 -56.07
CA GLU S 700 -22.91 -16.33 -56.93
C GLU S 700 -23.20 -14.89 -57.33
N GLU S 701 -22.15 -14.12 -57.53
CA GLU S 701 -22.30 -12.74 -57.94
C GLU S 701 -21.48 -12.49 -59.20
N PRO S 702 -22.03 -11.76 -60.18
CA PRO S 702 -21.24 -11.41 -61.35
C PRO S 702 -20.14 -10.43 -61.00
N LEU S 703 -19.04 -10.52 -61.77
CA LEU S 703 -17.81 -9.84 -61.42
C LEU S 703 -17.90 -8.33 -61.60
N SER S 704 -18.74 -7.87 -62.52
CA SER S 704 -18.95 -6.44 -62.69
C SER S 704 -19.68 -5.85 -61.49
N ALA S 705 -20.47 -6.66 -60.78
CA ALA S 705 -21.07 -6.18 -59.54
C ALA S 705 -20.07 -6.09 -58.41
N TYR S 706 -18.92 -6.77 -58.52
CA TYR S 706 -17.88 -6.63 -57.51
C TYR S 706 -16.93 -5.50 -57.82
N VAL S 707 -16.62 -5.25 -59.09
CA VAL S 707 -15.66 -4.18 -59.36
C VAL S 707 -16.33 -2.81 -59.26
N ASN S 708 -17.60 -2.68 -59.66
CA ASN S 708 -18.22 -1.37 -59.76
C ASN S 708 -19.55 -1.40 -59.03
N ALA S 709 -19.88 -0.28 -58.39
CA ALA S 709 -21.12 -0.20 -57.63
C ALA S 709 -22.34 -0.07 -58.51
N LEU S 710 -22.17 0.42 -59.74
CA LEU S 710 -23.31 0.62 -60.62
C LEU S 710 -23.88 -0.68 -61.16
N HIS S 711 -23.24 -1.82 -60.93
CA HIS S 711 -23.78 -3.10 -61.33
C HIS S 711 -24.16 -3.97 -60.15
N ASP S 712 -23.91 -3.52 -58.94
CA ASP S 712 -24.29 -4.29 -57.76
C ASP S 712 -25.78 -4.13 -57.47
N HIS S 713 -26.41 -5.23 -57.08
CA HIS S 713 -27.81 -5.23 -56.72
C HIS S 713 -28.07 -4.59 -55.37
N ARG S 714 -27.03 -4.32 -54.59
CA ARG S 714 -27.17 -3.68 -53.30
C ARG S 714 -27.25 -2.17 -53.40
N LEU S 715 -27.06 -1.60 -54.58
CA LEU S 715 -27.27 -0.19 -54.80
C LEU S 715 -28.68 0.01 -55.35
N TRP S 716 -29.35 1.06 -54.88
CA TRP S 716 -30.73 1.28 -55.24
C TRP S 716 -30.92 2.69 -55.79
N PRO S 717 -31.59 2.85 -56.92
CA PRO S 717 -31.79 4.18 -57.48
C PRO S 717 -32.85 4.94 -56.71
N PRO S 718 -32.68 6.25 -56.54
CA PRO S 718 -33.59 7.02 -55.66
C PRO S 718 -35.03 7.16 -56.15
N PHE S 719 -35.40 6.61 -57.30
CA PHE S 719 -36.81 6.57 -57.71
C PHE S 719 -37.08 5.16 -58.23
N VAL S 720 -37.44 4.25 -57.33
CA VAL S 720 -37.75 2.89 -57.75
C VAL S 720 -39.22 2.81 -58.11
N THR S 721 -39.52 2.09 -59.19
CA THR S 721 -40.89 1.82 -59.56
C THR S 721 -41.25 0.35 -59.44
N HIS S 722 -40.35 -0.56 -59.84
CA HIS S 722 -40.58 -1.99 -59.71
C HIS S 722 -39.46 -2.58 -58.87
N LEU S 723 -39.84 -3.47 -57.97
CA LEU S 723 -38.92 -4.07 -57.03
C LEU S 723 -37.96 -5.01 -57.75
N PRO S 724 -36.67 -4.97 -57.41
CA PRO S 724 -35.69 -5.79 -58.15
C PRO S 724 -35.80 -7.25 -57.79
N ARG S 725 -35.36 -8.09 -58.73
CA ARG S 725 -35.41 -9.53 -58.52
C ARG S 725 -34.28 -10.00 -57.60
N ASN S 726 -33.25 -9.17 -57.42
CA ASN S 726 -32.00 -9.61 -56.83
C ASN S 726 -31.76 -9.06 -55.43
N MET S 727 -32.78 -9.02 -54.59
CA MET S 727 -32.60 -8.65 -53.18
C MET S 727 -32.31 -9.91 -52.39
N GLU S 728 -31.08 -10.04 -51.90
CA GLU S 728 -30.64 -11.26 -51.23
C GLU S 728 -30.43 -11.04 -49.73
N GLY S 729 -29.57 -10.12 -49.35
CA GLY S 729 -29.42 -9.74 -47.95
C GLY S 729 -29.95 -8.33 -47.78
N VAL S 730 -30.65 -7.87 -48.81
CA VAL S 730 -31.10 -6.50 -48.93
C VAL S 730 -32.41 -6.38 -48.17
N GLN S 731 -32.33 -6.04 -46.89
CA GLN S 731 -33.53 -5.81 -46.09
C GLN S 731 -34.21 -4.53 -46.53
N VAL S 732 -35.53 -4.59 -46.68
CA VAL S 732 -36.32 -3.44 -47.10
C VAL S 732 -37.16 -3.01 -45.90
N VAL S 733 -36.95 -1.77 -45.45
CA VAL S 733 -37.53 -1.28 -44.21
C VAL S 733 -38.48 -0.13 -44.55
N ALA S 734 -39.74 -0.28 -44.13
CA ALA S 734 -40.70 0.82 -44.09
C ALA S 734 -41.29 1.02 -42.71
N ASP S 735 -41.54 -0.06 -41.97
CA ASP S 735 -41.98 0.01 -40.59
C ASP S 735 -40.78 0.08 -39.65
N ARG S 736 -41.02 -0.15 -38.35
CA ARG S 736 -39.92 -0.35 -37.42
C ARG S 736 -39.28 -1.72 -37.56
N GLN S 737 -39.87 -2.61 -38.33
CA GLN S 737 -39.39 -3.96 -38.59
C GLN S 737 -39.15 -4.13 -40.08
N PRO S 738 -38.11 -4.87 -40.47
CA PRO S 738 -37.85 -5.07 -41.89
C PRO S 738 -38.89 -5.98 -42.52
N LEU S 739 -39.27 -5.66 -43.76
CA LEU S 739 -40.27 -6.43 -44.48
C LEU S 739 -39.64 -7.52 -45.33
N ASN S 740 -38.74 -8.27 -44.72
CA ASN S 740 -38.07 -9.43 -45.31
C ASN S 740 -38.98 -10.66 -45.45
N PRO S 741 -40.01 -10.88 -44.60
CA PRO S 741 -41.07 -11.80 -45.01
C PRO S 741 -41.72 -11.39 -46.32
N ALA S 742 -41.85 -12.36 -47.22
CA ALA S 742 -42.49 -12.17 -48.51
C ALA S 742 -44.02 -12.24 -48.42
N ASN S 743 -44.56 -12.49 -47.23
CA ASN S 743 -46.00 -12.51 -47.03
C ASN S 743 -46.59 -11.13 -46.84
N ILE S 744 -45.76 -10.09 -46.81
CA ILE S 744 -46.24 -8.72 -46.71
C ILE S 744 -46.64 -8.25 -48.11
N GLU S 745 -45.82 -8.60 -49.09
CA GLU S 745 -45.97 -8.10 -50.45
C GLU S 745 -47.07 -8.84 -51.21
N ALA S 746 -48.10 -8.10 -51.61
CA ALA S 746 -49.20 -8.58 -52.44
C ALA S 746 -49.98 -7.41 -52.98
N ARG S 747 -50.18 -7.38 -54.30
CA ARG S 747 -51.03 -6.38 -54.94
C ARG S 747 -51.47 -6.91 -56.30
N HIS S 748 -52.77 -6.84 -56.59
CA HIS S 748 -53.30 -7.17 -57.90
C HIS S 748 -53.59 -5.89 -58.66
N HIS S 749 -53.50 -5.95 -59.99
CA HIS S 749 -53.49 -4.77 -60.85
C HIS S 749 -54.61 -4.85 -61.88
N GLY S 750 -55.66 -4.05 -61.69
CA GLY S 750 -56.67 -3.87 -62.71
C GLY S 750 -58.07 -4.32 -62.36
N VAL S 751 -58.31 -4.83 -61.16
CA VAL S 751 -59.60 -5.38 -60.79
C VAL S 751 -60.11 -4.69 -59.52
N SER S 752 -61.25 -5.16 -59.03
CA SER S 752 -61.92 -4.57 -57.88
C SER S 752 -61.18 -4.94 -56.61
N ASP S 753 -60.37 -4.02 -56.09
CA ASP S 753 -59.66 -4.25 -54.84
C ASP S 753 -59.91 -3.06 -53.92
N VAL S 754 -60.72 -3.27 -52.88
CA VAL S 754 -61.06 -2.22 -51.92
C VAL S 754 -59.99 -1.97 -50.85
N PRO S 755 -59.44 -2.97 -50.12
CA PRO S 755 -58.57 -2.59 -48.99
C PRO S 755 -57.23 -2.01 -49.39
N ARG S 756 -56.67 -2.42 -50.53
CA ARG S 756 -55.39 -1.84 -50.95
C ARG S 756 -55.56 -0.41 -51.43
N LEU S 757 -56.77 0.01 -51.76
CA LEU S 757 -57.09 1.43 -51.88
C LEU S 757 -57.30 2.04 -50.51
N GLY S 758 -57.91 1.28 -49.59
CA GLY S 758 -58.11 1.77 -48.24
C GLY S 758 -56.85 1.81 -47.41
N ALA S 759 -55.83 1.03 -47.77
CA ALA S 759 -54.55 1.04 -47.07
C ALA S 759 -53.59 2.08 -47.64
N MET S 760 -54.11 3.12 -48.29
CA MET S 760 -53.29 4.25 -48.70
C MET S 760 -52.87 5.06 -47.47
N ASP S 761 -51.77 5.80 -47.63
CA ASP S 761 -51.12 6.58 -46.56
C ASP S 761 -50.67 5.72 -45.40
N ALA S 762 -50.47 4.43 -45.63
CA ALA S 762 -50.03 3.50 -44.59
C ALA S 762 -48.56 3.16 -44.82
N ASP S 763 -48.00 2.39 -43.90
CA ASP S 763 -46.60 2.03 -43.95
C ASP S 763 -46.35 0.53 -44.04
N GLU S 764 -47.28 -0.29 -43.55
CA GLU S 764 -47.02 -1.73 -43.46
C GLU S 764 -47.06 -2.49 -44.79
N PRO S 765 -48.14 -2.42 -45.61
CA PRO S 765 -48.40 -3.58 -46.48
C PRO S 765 -47.52 -3.68 -47.72
N LEU S 766 -46.96 -2.57 -48.22
CA LEU S 766 -45.96 -2.52 -49.30
C LEU S 766 -46.49 -3.17 -50.59
N PHE S 767 -47.51 -2.53 -51.14
CA PHE S 767 -48.13 -3.02 -52.36
C PHE S 767 -47.19 -2.86 -53.56
N VAL S 768 -46.66 -3.98 -54.05
CA VAL S 768 -45.72 -3.98 -55.16
C VAL S 768 -46.40 -4.60 -56.38
N ASP S 769 -45.95 -4.20 -57.56
CA ASP S 769 -46.53 -4.76 -58.78
C ASP S 769 -46.06 -6.21 -58.98
N ASP S 770 -44.77 -6.39 -59.21
CA ASP S 770 -44.07 -7.66 -59.31
C ASP S 770 -42.58 -7.37 -59.19
N TYR S 771 -41.78 -8.44 -59.26
CA TYR S 771 -40.34 -8.31 -59.34
C TYR S 771 -39.86 -8.30 -60.79
N ARG S 772 -40.43 -7.40 -61.58
CA ARG S 772 -40.19 -7.38 -63.01
C ARG S 772 -38.84 -6.79 -63.39
N ALA S 773 -38.12 -6.18 -62.45
CA ALA S 773 -36.85 -5.54 -62.77
C ALA S 773 -35.76 -6.57 -62.99
N THR S 774 -35.37 -6.80 -64.24
CA THR S 774 -34.19 -7.58 -64.54
C THR S 774 -32.96 -6.73 -64.24
N ASP S 775 -31.79 -7.36 -64.21
CA ASP S 775 -30.61 -6.69 -63.68
C ASP S 775 -30.06 -5.63 -64.63
N ASP S 776 -30.22 -5.81 -65.93
CA ASP S 776 -29.73 -4.83 -66.89
C ASP S 776 -30.53 -3.53 -66.81
N GLU S 777 -31.86 -3.64 -66.78
CA GLU S 777 -32.69 -2.45 -66.63
C GLU S 777 -32.64 -1.90 -65.22
N TRP S 778 -32.29 -2.72 -64.22
CA TRP S 778 -32.03 -2.20 -62.88
C TRP S 778 -30.80 -1.31 -62.87
N THR S 779 -29.72 -1.75 -63.53
CA THR S 779 -28.53 -0.93 -63.65
C THR S 779 -28.80 0.31 -64.48
N LEU S 780 -29.67 0.21 -65.48
CA LEU S 780 -30.02 1.37 -66.29
C LEU S 780 -30.83 2.38 -65.49
N GLN S 781 -31.75 1.90 -64.63
CA GLN S 781 -32.43 2.77 -63.68
C GLN S 781 -31.43 3.49 -62.77
N LYS S 782 -30.46 2.73 -62.26
CA LYS S 782 -29.48 3.29 -61.34
C LYS S 782 -28.64 4.36 -62.00
N VAL S 783 -28.19 4.11 -63.23
CA VAL S 783 -27.36 5.11 -63.88
C VAL S 783 -28.18 6.29 -64.36
N PHE S 784 -29.45 6.09 -64.71
CA PHE S 784 -30.29 7.23 -65.11
C PHE S 784 -30.58 8.13 -63.92
N TYR S 785 -30.86 7.55 -62.76
CA TYR S 785 -31.17 8.39 -61.62
C TYR S 785 -29.96 8.75 -60.78
N LEU S 786 -28.76 8.31 -61.16
CA LEU S 786 -27.58 8.70 -60.43
C LEU S 786 -26.52 9.44 -61.25
N CYS S 787 -26.56 9.38 -62.57
CA CYS S 787 -25.43 9.89 -63.32
C CYS S 787 -25.86 10.81 -64.46
N LEU S 788 -27.03 10.54 -65.05
CA LEU S 788 -27.49 11.35 -66.16
C LEU S 788 -28.39 12.48 -65.69
N MET S 789 -29.36 12.17 -64.84
CA MET S 789 -30.23 13.20 -64.28
C MET S 789 -29.49 14.27 -63.45
N PRO S 790 -28.62 13.93 -62.48
CA PRO S 790 -28.00 15.02 -61.72
C PRO S 790 -26.93 15.80 -62.47
N ALA S 791 -26.39 15.25 -63.56
CA ALA S 791 -25.37 15.97 -64.30
C ALA S 791 -25.94 17.05 -65.19
N MET S 792 -27.09 16.81 -65.82
CA MET S 792 -27.68 17.77 -66.72
C MET S 792 -28.45 18.87 -66.01
N THR S 793 -29.00 18.60 -64.82
CA THR S 793 -29.64 19.62 -64.01
C THR S 793 -28.66 20.35 -63.13
N ASN S 794 -27.42 19.84 -63.02
CA ASN S 794 -26.42 20.27 -62.04
C ASN S 794 -26.99 20.21 -60.62
N ASN S 795 -27.70 19.12 -60.33
CA ASN S 795 -28.38 18.86 -59.06
C ASN S 795 -29.35 19.99 -58.70
N ARG S 796 -30.37 20.14 -59.53
CA ARG S 796 -31.38 21.17 -59.29
C ARG S 796 -32.80 20.61 -59.36
N ALA S 797 -32.98 19.32 -59.12
CA ALA S 797 -34.29 18.71 -59.12
C ALA S 797 -34.67 18.33 -57.69
N CYS S 798 -35.82 17.67 -57.55
CA CYS S 798 -36.25 17.10 -56.28
C CYS S 798 -37.22 15.96 -56.55
N GLY S 799 -37.81 15.44 -55.48
CA GLY S 799 -38.85 14.45 -55.59
C GLY S 799 -39.99 14.80 -54.66
N LEU S 800 -41.22 14.62 -55.16
CA LEU S 800 -42.41 14.88 -54.37
C LEU S 800 -43.26 13.61 -54.29
N GLY S 801 -44.39 13.75 -53.62
CA GLY S 801 -45.40 12.71 -53.62
C GLY S 801 -46.78 13.31 -53.81
N LEU S 802 -47.46 12.90 -54.87
CA LEU S 802 -48.77 13.42 -55.16
C LEU S 802 -49.80 12.78 -54.24
N ASN S 803 -50.55 13.62 -53.53
CA ASN S 803 -51.66 13.15 -52.70
C ASN S 803 -52.80 12.75 -53.63
N LEU S 804 -52.68 11.52 -54.15
CA LEU S 804 -53.53 11.08 -55.25
C LEU S 804 -54.97 10.87 -54.81
N LYS S 805 -55.18 10.53 -53.54
CA LYS S 805 -56.52 10.24 -53.04
C LYS S 805 -57.42 11.47 -53.04
N THR S 806 -56.85 12.65 -52.89
CA THR S 806 -57.62 13.88 -52.96
C THR S 806 -57.73 14.43 -54.37
N LEU S 807 -56.65 14.42 -55.14
CA LEU S 807 -56.68 15.00 -56.48
C LEU S 807 -57.52 14.14 -57.42
N LEU S 808 -57.56 12.83 -57.18
CA LEU S 808 -58.28 11.95 -58.09
C LEU S 808 -59.79 12.09 -57.92
N VAL S 809 -60.25 12.43 -56.72
CA VAL S 809 -61.67 12.72 -56.54
C VAL S 809 -61.98 14.19 -56.79
N ASP S 810 -60.97 15.06 -56.78
CA ASP S 810 -61.21 16.47 -57.06
C ASP S 810 -61.25 16.73 -58.56
N LEU S 811 -60.48 15.99 -59.35
CA LEU S 811 -60.40 16.16 -60.79
C LEU S 811 -61.43 15.31 -61.52
N PHE S 812 -61.47 14.02 -61.22
CA PHE S 812 -62.45 13.11 -61.79
C PHE S 812 -63.68 13.10 -60.89
N TYR S 813 -64.54 12.07 -61.03
CA TYR S 813 -65.82 11.93 -60.32
C TYR S 813 -66.78 13.05 -60.72
N ARG S 814 -66.73 13.42 -62.00
CA ARG S 814 -67.57 14.42 -62.64
C ARG S 814 -68.60 13.73 -63.52
N PRO S 815 -69.71 14.40 -63.86
CA PRO S 815 -70.69 13.80 -64.77
C PRO S 815 -70.18 13.60 -66.19
N ALA S 816 -69.13 14.30 -66.60
CA ALA S 816 -68.61 14.18 -67.96
C ALA S 816 -67.76 12.93 -68.16
N PHE S 817 -67.55 12.12 -67.12
CA PHE S 817 -66.77 10.89 -67.23
C PHE S 817 -67.54 9.64 -66.84
N LEU S 818 -68.60 9.77 -66.04
CA LEU S 818 -69.28 8.60 -65.51
C LEU S 818 -70.32 8.02 -66.46
N LEU S 819 -70.54 8.64 -67.61
CA LEU S 819 -71.45 8.12 -68.64
C LEU S 819 -70.68 8.19 -69.96
N MET S 820 -70.11 7.07 -70.37
CA MET S 820 -69.24 7.04 -71.54
C MET S 820 -69.85 6.20 -72.65
N PRO S 821 -70.46 6.80 -73.66
CA PRO S 821 -70.88 6.03 -74.83
C PRO S 821 -69.67 5.68 -75.71
N ALA S 822 -69.92 4.79 -76.65
CA ALA S 822 -68.93 4.41 -77.65
C ALA S 822 -69.31 5.00 -79.00
N ALA S 823 -68.40 4.88 -79.97
CA ALA S 823 -68.64 5.39 -81.31
C ALA S 823 -67.89 4.59 -82.35
N SER S 845 -68.71 23.42 -79.49
CA SER S 845 -68.99 23.33 -78.06
C SER S 845 -67.69 23.32 -77.25
N ILE S 846 -67.03 24.47 -77.20
CA ILE S 846 -65.74 24.55 -76.50
C ILE S 846 -65.95 24.92 -75.03
N ALA S 847 -66.71 25.98 -74.78
CA ALA S 847 -66.93 26.43 -73.41
C ALA S 847 -67.84 25.46 -72.66
N ALA S 848 -68.72 24.75 -73.37
CA ALA S 848 -69.59 23.77 -72.73
C ALA S 848 -68.82 22.55 -72.25
N GLN S 849 -67.89 22.04 -73.05
CA GLN S 849 -67.03 20.96 -72.60
C GLN S 849 -65.92 21.46 -71.67
N ARG S 850 -65.68 22.77 -71.64
CA ARG S 850 -64.68 23.32 -70.75
C ARG S 850 -65.17 23.30 -69.30
N GLN S 851 -66.38 23.79 -69.07
CA GLN S 851 -66.98 23.80 -67.74
C GLN S 851 -67.33 22.41 -67.25
N ALA S 852 -67.61 21.47 -68.15
CA ALA S 852 -68.09 20.15 -67.77
C ALA S 852 -67.01 19.26 -67.17
N VAL S 853 -65.73 19.56 -67.39
CA VAL S 853 -64.66 18.69 -66.90
C VAL S 853 -64.02 19.31 -65.67
N GLY S 854 -64.17 20.62 -65.52
CA GLY S 854 -63.56 21.34 -64.42
C GLY S 854 -62.62 22.42 -64.92
N GLU S 855 -62.00 23.10 -63.95
CA GLU S 855 -61.05 24.15 -64.27
C GLU S 855 -59.59 23.71 -64.16
N MET S 856 -59.31 22.64 -63.40
CA MET S 856 -57.93 22.20 -63.27
C MET S 856 -57.53 21.24 -64.39
N LEU S 857 -58.44 20.35 -64.79
CA LEU S 857 -58.22 19.56 -66.00
C LEU S 857 -58.25 20.43 -67.24
N THR S 858 -58.94 21.57 -67.19
CA THR S 858 -58.89 22.55 -68.26
C THR S 858 -57.48 23.10 -68.43
N GLU S 859 -56.92 23.66 -67.37
CA GLU S 859 -55.58 24.26 -67.44
C GLU S 859 -54.48 23.22 -67.53
N LEU S 860 -54.79 21.96 -67.24
CA LEU S 860 -53.77 20.91 -67.33
C LEU S 860 -53.55 20.49 -68.78
N VAL S 861 -54.64 20.27 -69.53
CA VAL S 861 -54.57 19.63 -70.84
C VAL S 861 -55.03 20.65 -71.88
N GLU S 862 -54.69 21.92 -71.65
CA GLU S 862 -55.21 23.00 -72.51
C GLU S 862 -54.57 22.97 -73.89
N ASP S 863 -53.29 22.61 -74.00
CA ASP S 863 -52.64 22.54 -75.30
C ASP S 863 -51.71 21.35 -75.45
N VAL S 864 -51.69 20.42 -74.51
CA VAL S 864 -50.75 19.30 -74.58
C VAL S 864 -51.39 17.99 -75.00
N ALA S 865 -52.67 18.00 -75.40
CA ALA S 865 -53.25 16.87 -76.10
C ALA S 865 -54.24 17.32 -77.17
N THR S 866 -54.23 18.61 -77.49
CA THR S 866 -55.29 19.22 -78.28
C THR S 866 -54.82 19.43 -79.71
N ASP S 867 -55.74 19.21 -80.65
CA ASP S 867 -55.52 19.48 -82.06
C ASP S 867 -56.89 19.68 -82.71
N ALA S 868 -56.91 19.75 -84.03
CA ALA S 868 -58.16 19.86 -84.77
C ALA S 868 -58.98 18.59 -84.76
N HIS S 869 -58.33 17.42 -84.70
CA HIS S 869 -59.05 16.16 -84.83
C HIS S 869 -59.62 15.68 -83.50
N THR S 870 -59.22 16.30 -82.39
CA THR S 870 -59.72 15.89 -81.08
C THR S 870 -59.93 17.11 -80.19
N PRO S 871 -61.14 17.27 -79.65
CA PRO S 871 -61.38 18.38 -78.72
C PRO S 871 -60.95 18.02 -77.31
N LEU S 872 -61.24 18.90 -76.34
CA LEU S 872 -60.74 18.73 -74.98
C LEU S 872 -61.38 17.54 -74.27
N LEU S 873 -62.70 17.40 -74.38
CA LEU S 873 -63.40 16.33 -73.69
C LEU S 873 -63.02 14.96 -74.24
N GLN S 874 -62.85 14.87 -75.56
CA GLN S 874 -62.46 13.59 -76.15
C GLN S 874 -61.00 13.28 -75.89
N ALA S 875 -60.18 14.30 -75.60
CA ALA S 875 -58.81 14.04 -75.20
C ALA S 875 -58.73 13.60 -73.74
N CYS S 876 -59.55 14.20 -72.88
CA CYS S 876 -59.51 13.84 -71.47
C CYS S 876 -60.30 12.58 -71.17
N ARG S 877 -61.13 12.11 -72.11
CA ARG S 877 -61.87 10.89 -71.89
C ARG S 877 -60.96 9.65 -72.03
N GLU S 878 -60.02 9.67 -72.97
CA GLU S 878 -59.11 8.54 -73.09
C GLU S 878 -58.07 8.51 -71.98
N LEU S 879 -57.77 9.64 -71.35
CA LEU S 879 -56.90 9.68 -70.19
C LEU S 879 -57.53 9.03 -68.96
N PHE S 880 -58.84 8.87 -68.94
CA PHE S 880 -59.53 8.16 -67.87
C PHE S 880 -59.19 6.67 -67.86
N LEU S 881 -58.72 6.12 -68.97
CA LEU S 881 -58.31 4.73 -69.01
C LEU S 881 -57.04 4.47 -68.20
N ALA S 882 -56.22 5.49 -67.95
CA ALA S 882 -55.05 5.34 -67.12
C ALA S 882 -55.38 5.26 -65.64
N VAL S 883 -56.60 5.64 -65.24
CA VAL S 883 -56.99 5.56 -63.85
C VAL S 883 -57.40 4.13 -63.49
N GLN S 884 -57.53 3.27 -64.50
CA GLN S 884 -57.68 1.83 -64.26
C GLN S 884 -56.45 1.27 -63.56
N PHE S 885 -55.28 1.81 -63.85
CA PHE S 885 -54.03 1.38 -63.22
C PHE S 885 -53.60 2.46 -62.24
N VAL S 886 -53.85 2.23 -60.95
CA VAL S 886 -53.47 3.16 -59.90
C VAL S 886 -52.72 2.39 -58.83
N GLY S 887 -51.52 2.86 -58.50
CA GLY S 887 -50.73 2.33 -57.41
C GLY S 887 -51.10 2.95 -56.08
N GLU S 888 -50.09 3.32 -55.31
CA GLU S 888 -50.27 3.84 -53.97
C GLU S 888 -49.79 5.29 -53.90
N HIS S 889 -49.76 5.81 -52.69
CA HIS S 889 -49.11 7.09 -52.43
C HIS S 889 -47.60 6.92 -52.41
N VAL S 890 -46.90 8.01 -52.15
CA VAL S 890 -45.44 7.95 -52.07
C VAL S 890 -45.05 7.25 -50.78
N LYS S 891 -43.91 6.57 -50.81
CA LYS S 891 -43.48 5.80 -49.64
C LYS S 891 -41.97 5.74 -49.66
N VAL S 892 -41.33 6.53 -48.82
CA VAL S 892 -39.88 6.51 -48.67
C VAL S 892 -39.52 5.23 -47.92
N LEU S 893 -38.47 4.55 -48.38
CA LEU S 893 -38.07 3.28 -47.79
C LEU S 893 -36.63 3.38 -47.33
N GLU S 894 -36.38 2.96 -46.09
CA GLU S 894 -35.02 2.65 -45.68
C GLU S 894 -34.61 1.32 -46.28
N VAL S 895 -33.51 1.33 -47.02
CA VAL S 895 -32.94 0.07 -47.48
C VAL S 895 -31.71 -0.20 -46.63
N ARG S 896 -31.86 -1.08 -45.64
CA ARG S 896 -30.72 -1.55 -44.89
C ARG S 896 -29.99 -2.58 -45.74
N ALA S 897 -28.67 -2.49 -45.78
CA ALA S 897 -27.93 -3.41 -46.63
C ALA S 897 -26.54 -3.67 -46.07
N PRO S 898 -26.21 -4.92 -45.77
CA PRO S 898 -24.81 -5.25 -45.50
C PRO S 898 -24.02 -5.21 -46.79
N LEU S 899 -22.70 -5.05 -46.64
CA LEU S 899 -21.85 -4.91 -47.80
C LEU S 899 -21.61 -6.28 -48.44
N ASP S 900 -20.87 -6.29 -49.54
CA ASP S 900 -20.56 -7.54 -50.20
C ASP S 900 -19.45 -8.28 -49.46
N HIS S 901 -19.24 -9.53 -49.83
CA HIS S 901 -18.40 -10.42 -49.05
C HIS S 901 -16.91 -10.18 -49.24
N ALA S 902 -16.51 -9.22 -50.06
CA ALA S 902 -15.12 -8.81 -50.16
C ALA S 902 -14.80 -7.71 -49.14
N GLN S 903 -15.62 -6.67 -49.10
CA GLN S 903 -15.43 -5.53 -48.22
C GLN S 903 -16.08 -5.72 -46.86
N ARG S 904 -16.57 -6.92 -46.57
CA ARG S 904 -17.09 -7.25 -45.25
C ARG S 904 -16.00 -7.82 -44.34
N GLN S 905 -14.74 -7.77 -44.80
CA GLN S 905 -13.65 -8.25 -43.98
C GLN S 905 -13.41 -7.34 -42.79
N GLY S 906 -13.17 -6.06 -43.06
CA GLY S 906 -13.21 -5.06 -42.02
C GLY S 906 -14.63 -4.55 -41.82
N LEU S 907 -14.97 -4.35 -40.55
CA LEU S 907 -16.28 -3.93 -40.06
C LEU S 907 -17.39 -4.82 -40.60
N PRO S 908 -17.53 -6.05 -40.10
CA PRO S 908 -18.59 -6.93 -40.60
C PRO S 908 -19.96 -6.65 -39.99
N ASP S 909 -20.09 -5.57 -39.23
CA ASP S 909 -21.36 -5.13 -38.67
C ASP S 909 -21.91 -3.90 -39.39
N PHE S 910 -21.24 -3.45 -40.44
CA PHE S 910 -21.65 -2.24 -41.13
C PHE S 910 -22.86 -2.53 -42.00
N ILE S 911 -23.97 -1.87 -41.70
CA ILE S 911 -25.19 -1.97 -42.49
C ILE S 911 -25.46 -0.61 -43.08
N SER S 912 -25.24 -0.48 -44.39
CA SER S 912 -25.40 0.80 -45.06
C SER S 912 -26.87 1.18 -45.16
N ARG S 913 -27.17 2.42 -44.80
CA ARG S 913 -28.54 2.92 -44.79
C ARG S 913 -28.82 3.69 -46.06
N GLN S 914 -29.81 3.24 -46.82
CA GLN S 914 -30.12 3.85 -48.10
C GLN S 914 -31.58 4.23 -48.15
N HIS S 915 -31.85 5.52 -48.32
CA HIS S 915 -33.21 6.03 -48.45
C HIS S 915 -33.58 6.11 -49.93
N VAL S 916 -34.82 5.74 -50.24
CA VAL S 916 -35.26 5.64 -51.62
C VAL S 916 -36.75 5.98 -51.72
N LEU S 917 -37.07 6.87 -52.64
CA LEU S 917 -38.46 7.19 -52.93
C LEU S 917 -39.09 6.07 -53.75
N TYR S 918 -40.40 5.90 -53.59
CA TYR S 918 -41.12 4.82 -54.23
C TYR S 918 -42.57 5.24 -54.44
N ASN S 919 -43.07 4.99 -55.66
CA ASN S 919 -44.34 5.54 -56.19
C ASN S 919 -44.36 7.06 -56.14
N GLY S 920 -43.49 7.64 -56.96
CA GLY S 920 -43.48 9.08 -57.10
C GLY S 920 -42.73 9.53 -58.33
N CYS S 921 -42.22 10.76 -58.27
CA CYS S 921 -41.63 11.39 -59.43
C CYS S 921 -40.32 12.06 -59.07
N CYS S 922 -39.47 12.23 -60.09
CA CYS S 922 -38.33 13.12 -60.04
C CYS S 922 -38.80 14.45 -60.60
N VAL S 923 -39.21 15.35 -59.72
CA VAL S 923 -39.87 16.57 -60.17
C VAL S 923 -38.81 17.65 -60.43
N VAL S 924 -39.00 18.40 -61.51
CA VAL S 924 -38.08 19.46 -61.89
C VAL S 924 -38.57 20.79 -61.34
N THR S 925 -39.74 21.24 -61.79
CA THR S 925 -40.27 22.54 -61.42
C THR S 925 -41.54 22.33 -60.61
N ALA S 926 -41.89 23.32 -59.79
CA ALA S 926 -43.06 23.20 -58.94
C ALA S 926 -44.33 23.29 -59.78
N PRO S 927 -45.19 22.26 -59.75
CA PRO S 927 -46.45 22.35 -60.48
C PRO S 927 -47.39 23.36 -59.85
N LYS S 928 -47.71 24.42 -60.60
CA LYS S 928 -48.47 25.52 -60.03
C LYS S 928 -49.92 25.16 -59.76
N THR S 929 -50.49 24.26 -60.56
CA THR S 929 -51.88 23.85 -60.38
C THR S 929 -52.02 22.61 -59.52
N LEU S 930 -50.95 22.15 -58.88
CA LEU S 930 -51.01 21.00 -57.99
C LEU S 930 -50.28 21.24 -56.67
N ILE S 931 -50.32 22.47 -56.16
CA ILE S 931 -49.64 22.78 -54.91
C ILE S 931 -50.33 22.07 -53.74
N GLU S 932 -51.66 22.09 -53.71
CA GLU S 932 -52.41 21.61 -52.57
C GLU S 932 -52.47 20.09 -52.47
N TYR S 933 -52.18 19.38 -53.55
CA TYR S 933 -52.33 17.93 -53.60
C TYR S 933 -50.98 17.25 -53.80
N SER S 934 -49.94 17.82 -53.20
CA SER S 934 -48.60 17.31 -53.37
C SER S 934 -47.83 17.51 -52.07
N LEU S 935 -46.75 16.75 -51.93
CA LEU S 935 -45.97 16.78 -50.70
C LEU S 935 -44.49 16.66 -51.05
N PRO S 936 -43.68 17.66 -50.76
CA PRO S 936 -42.25 17.58 -51.05
C PRO S 936 -41.52 16.64 -50.11
N VAL S 937 -40.63 15.85 -50.69
CA VAL S 937 -39.74 14.97 -49.92
C VAL S 937 -38.31 15.08 -50.44
N PRO S 938 -37.50 15.98 -49.90
CA PRO S 938 -36.05 15.91 -50.15
C PRO S 938 -35.45 14.83 -49.27
N PHE S 939 -34.86 13.82 -49.90
CA PHE S 939 -34.48 12.61 -49.16
C PHE S 939 -33.04 12.20 -49.44
N HIS S 940 -32.56 12.46 -50.65
CA HIS S 940 -31.27 11.96 -51.07
C HIS S 940 -30.25 13.10 -51.07
N ARG S 941 -28.98 12.73 -51.30
CA ARG S 941 -27.95 13.74 -51.54
C ARG S 941 -28.24 14.53 -52.81
N PHE S 942 -28.64 13.85 -53.87
CA PHE S 942 -29.26 14.53 -55.00
C PHE S 942 -30.74 14.77 -54.70
N TYR S 943 -31.39 15.51 -55.61
CA TYR S 943 -32.84 15.76 -55.61
C TYR S 943 -33.31 16.41 -54.32
N SER S 944 -32.54 17.37 -53.83
CA SER S 944 -32.84 18.06 -52.59
C SER S 944 -32.64 19.55 -52.75
N ASN S 945 -33.03 20.06 -53.91
CA ASN S 945 -32.90 21.48 -54.23
C ASN S 945 -33.90 22.28 -53.43
N PRO S 946 -33.46 23.16 -52.51
CA PRO S 946 -34.42 23.86 -51.66
C PRO S 946 -35.16 24.99 -52.35
N THR S 947 -34.70 25.46 -53.51
CA THR S 947 -35.43 26.54 -54.17
C THR S 947 -36.61 26.01 -54.97
N ILE S 948 -36.82 24.70 -55.03
CA ILE S 948 -38.03 24.14 -55.59
C ILE S 948 -38.96 23.58 -54.53
N CYS S 949 -38.46 23.30 -53.32
CA CYS S 949 -39.32 22.88 -52.23
C CYS S 949 -39.91 24.04 -51.46
N ALA S 950 -39.35 25.24 -51.60
CA ALA S 950 -39.88 26.41 -50.91
C ALA S 950 -41.19 26.86 -51.53
N ALA S 951 -41.38 26.57 -52.81
CA ALA S 951 -42.64 26.84 -53.46
C ALA S 951 -43.69 25.77 -53.20
N LEU S 952 -43.32 24.66 -52.57
CA LEU S 952 -44.24 23.54 -52.49
C LEU S 952 -44.83 23.39 -51.09
N SER S 953 -44.00 23.52 -50.06
CA SER S 953 -44.45 23.58 -48.67
C SER S 953 -43.96 24.88 -48.05
N ASP S 954 -44.88 25.60 -47.41
CA ASP S 954 -44.56 26.93 -46.89
C ASP S 954 -43.62 26.90 -45.69
N ASP S 955 -43.59 25.79 -44.95
CA ASP S 955 -42.67 25.68 -43.83
C ASP S 955 -41.21 25.62 -44.28
N ILE S 956 -40.94 25.02 -45.44
CA ILE S 956 -39.59 25.05 -46.00
C ILE S 956 -39.24 26.45 -46.45
N LYS S 957 -40.23 27.21 -46.93
CA LYS S 957 -39.97 28.60 -47.29
C LYS S 957 -39.67 29.44 -46.07
N ARG S 958 -40.34 29.16 -44.95
CA ARG S 958 -39.99 29.79 -43.69
C ARG S 958 -38.56 29.44 -43.27
N TYR S 959 -38.16 28.19 -43.48
CA TYR S 959 -36.84 27.75 -43.06
C TYR S 959 -35.74 28.35 -43.91
N VAL S 960 -35.98 28.53 -45.21
CA VAL S 960 -34.94 29.11 -46.05
C VAL S 960 -34.92 30.63 -45.88
N THR S 961 -36.06 31.24 -45.56
CA THR S 961 -36.03 32.68 -45.29
C THR S 961 -35.47 32.99 -43.91
N GLU S 962 -35.44 32.04 -43.00
CA GLU S 962 -34.75 32.26 -41.75
C GLU S 962 -33.25 32.01 -41.85
N PHE S 963 -32.82 31.17 -42.78
CA PHE S 963 -31.41 30.85 -42.96
C PHE S 963 -31.14 30.80 -44.46
N PRO S 964 -30.75 31.92 -45.06
CA PRO S 964 -30.65 31.98 -46.52
C PRO S 964 -29.44 31.27 -47.08
N HIS S 965 -28.47 30.90 -46.25
CA HIS S 965 -27.28 30.24 -46.77
C HIS S 965 -27.50 28.77 -47.05
N TYR S 966 -28.64 28.20 -46.65
CA TYR S 966 -29.01 26.84 -47.01
C TYR S 966 -29.74 26.77 -48.35
N HIS S 967 -29.63 27.81 -49.17
CA HIS S 967 -30.29 27.89 -50.46
C HIS S 967 -29.45 27.28 -51.58
N ARG S 968 -28.32 26.67 -51.24
CA ARG S 968 -27.39 26.20 -52.26
C ARG S 968 -27.91 24.93 -52.93
N HIS S 969 -27.31 24.63 -54.07
CA HIS S 969 -27.64 23.43 -54.82
C HIS S 969 -26.66 22.30 -54.55
N ASP S 970 -25.86 22.43 -53.49
CA ASP S 970 -24.91 21.40 -53.10
C ASP S 970 -25.61 20.40 -52.19
N GLY S 971 -24.83 19.54 -51.54
CA GLY S 971 -25.39 18.75 -50.48
C GLY S 971 -25.53 19.46 -49.16
N GLY S 972 -25.17 20.74 -49.10
CA GLY S 972 -25.19 21.52 -47.88
C GLY S 972 -26.57 21.87 -47.36
N PHE S 973 -27.62 21.60 -48.13
CA PHE S 973 -28.97 21.73 -47.61
C PHE S 973 -29.20 20.68 -46.53
N PRO S 974 -29.69 21.05 -45.35
CA PRO S 974 -29.92 20.06 -44.30
C PRO S 974 -31.10 19.18 -44.66
N LEU S 975 -30.86 17.90 -44.69
CA LEU S 975 -31.92 16.94 -44.87
C LEU S 975 -32.64 16.75 -43.54
N PRO S 976 -33.83 16.16 -43.53
CA PRO S 976 -34.43 15.75 -42.25
C PRO S 976 -33.57 14.71 -41.56
N THR S 977 -33.61 14.72 -40.22
CA THR S 977 -32.70 13.89 -39.44
C THR S 977 -33.03 12.40 -39.53
N ALA S 978 -34.20 12.04 -40.05
CA ALA S 978 -34.43 10.65 -40.41
C ALA S 978 -33.72 10.28 -41.71
N PHE S 979 -33.40 11.27 -42.54
CA PHE S 979 -32.72 11.04 -43.80
C PHE S 979 -31.32 11.64 -43.83
N ALA S 980 -30.79 12.05 -42.68
CA ALA S 980 -29.49 12.69 -42.61
C ALA S 980 -28.38 11.72 -42.24
N HIS S 981 -28.62 10.42 -42.34
CA HIS S 981 -27.57 9.43 -42.09
C HIS S 981 -26.61 9.45 -43.28
N GLU S 982 -25.65 10.37 -43.20
CA GLU S 982 -24.73 10.59 -44.31
C GLU S 982 -23.68 9.49 -44.41
N TYR S 983 -23.07 9.12 -43.30
CA TYR S 983 -21.95 8.18 -43.33
C TYR S 983 -22.38 6.78 -43.68
N HIS S 984 -23.62 6.42 -43.42
CA HIS S 984 -24.11 5.10 -43.77
C HIS S 984 -24.79 5.07 -45.13
N ASN S 985 -24.60 6.12 -45.94
CA ASN S 985 -25.16 6.13 -47.28
C ASN S 985 -24.19 5.47 -48.26
N TRP S 986 -24.46 5.63 -49.54
CA TRP S 986 -23.57 5.17 -50.59
C TRP S 986 -22.98 6.29 -51.43
N LEU S 987 -23.58 7.49 -51.37
CA LEU S 987 -23.09 8.62 -52.16
C LEU S 987 -22.95 9.82 -51.24
N ARG S 988 -21.73 10.13 -50.85
CA ARG S 988 -21.46 11.16 -49.86
C ARG S 988 -21.37 12.51 -50.55
N SER S 989 -21.18 13.57 -49.76
CA SER S 989 -21.10 14.98 -50.18
C SER S 989 -20.10 15.36 -51.28
N PRO S 990 -18.94 14.68 -51.45
CA PRO S 990 -18.14 14.96 -52.64
C PRO S 990 -18.85 14.71 -53.96
N PHE S 991 -19.80 13.79 -54.01
CA PHE S 991 -20.51 13.53 -55.27
C PHE S 991 -21.38 14.70 -55.69
N SER S 992 -22.22 15.20 -54.77
CA SER S 992 -23.02 16.37 -55.08
C SER S 992 -22.16 17.60 -55.27
N ARG S 993 -21.06 17.71 -54.51
CA ARG S 993 -20.21 18.88 -54.66
C ARG S 993 -19.46 18.87 -55.97
N TYR S 994 -19.22 17.69 -56.54
CA TYR S 994 -18.70 17.66 -57.90
C TYR S 994 -19.79 17.93 -58.93
N SER S 995 -20.93 17.27 -58.79
CA SER S 995 -21.96 17.34 -59.81
C SER S 995 -22.68 18.69 -59.84
N ALA S 996 -22.50 19.53 -58.83
CA ALA S 996 -23.08 20.86 -58.86
C ALA S 996 -22.45 21.76 -59.90
N THR S 997 -21.14 21.67 -60.11
CA THR S 997 -20.42 22.57 -61.00
C THR S 997 -19.82 21.82 -62.18
N CYS S 998 -20.57 20.97 -62.80
CA CYS S 998 -19.97 20.26 -63.91
C CYS S 998 -20.50 20.79 -65.24
N PRO S 999 -19.70 20.77 -66.31
CA PRO S 999 -20.23 21.12 -67.62
C PRO S 999 -21.07 19.97 -68.16
N ASN S 1000 -22.19 20.32 -68.80
CA ASN S 1000 -23.25 19.36 -69.09
C ASN S 1000 -23.01 18.55 -70.36
N VAL S 1001 -21.76 18.43 -70.80
CA VAL S 1001 -21.42 17.61 -71.96
C VAL S 1001 -21.37 16.17 -71.43
N LEU S 1002 -21.42 15.18 -72.33
CA LEU S 1002 -21.52 13.76 -71.97
C LEU S 1002 -20.40 13.26 -71.07
N HIS S 1003 -19.26 13.95 -71.05
CA HIS S 1003 -18.15 13.52 -70.21
C HIS S 1003 -18.46 13.69 -68.73
N SER S 1004 -19.42 14.55 -68.38
CA SER S 1004 -19.84 14.64 -66.98
C SER S 1004 -20.60 13.40 -66.55
N VAL S 1005 -21.48 12.89 -67.40
CA VAL S 1005 -22.15 11.62 -67.12
C VAL S 1005 -21.14 10.49 -67.08
N MET S 1006 -20.12 10.57 -67.95
CA MET S 1006 -19.03 9.61 -67.96
C MET S 1006 -18.29 9.58 -66.63
N THR S 1007 -17.92 10.75 -66.12
CA THR S 1007 -17.13 10.76 -64.90
C THR S 1007 -17.99 10.50 -63.68
N LEU S 1008 -19.27 10.85 -63.70
CA LEU S 1008 -20.14 10.47 -62.60
C LEU S 1008 -20.41 8.98 -62.59
N ALA S 1009 -20.34 8.31 -63.74
CA ALA S 1009 -20.48 6.87 -63.73
C ALA S 1009 -19.19 6.17 -63.31
N ALA S 1010 -18.05 6.65 -63.78
CA ALA S 1010 -16.80 5.97 -63.45
C ALA S 1010 -16.24 6.40 -62.10
N MET S 1011 -16.87 7.35 -61.42
CA MET S 1011 -16.58 7.54 -60.00
C MET S 1011 -17.26 6.52 -59.12
N LEU S 1012 -18.06 5.61 -59.70
CA LEU S 1012 -18.72 4.57 -58.93
C LEU S 1012 -17.94 3.25 -58.92
N TYR S 1013 -16.64 3.30 -59.13
CA TYR S 1013 -15.83 2.10 -58.94
C TYR S 1013 -15.66 1.83 -57.46
N LYS S 1014 -15.77 0.57 -57.07
CA LYS S 1014 -15.51 0.19 -55.69
C LYS S 1014 -14.01 0.21 -55.41
N ILE S 1015 -13.66 0.19 -54.13
CA ILE S 1015 -12.26 0.14 -53.74
C ILE S 1015 -12.01 -1.09 -52.87
N SER S 1016 -12.76 -2.14 -53.14
CA SER S 1016 -12.53 -3.42 -52.49
C SER S 1016 -11.29 -4.06 -53.10
N PRO S 1017 -10.67 -5.04 -52.42
CA PRO S 1017 -9.50 -5.70 -53.01
C PRO S 1017 -9.79 -6.44 -54.30
N VAL S 1018 -10.97 -7.05 -54.41
CA VAL S 1018 -11.32 -7.71 -55.67
C VAL S 1018 -11.62 -6.67 -56.74
N SER S 1019 -12.02 -5.46 -56.34
CA SER S 1019 -12.17 -4.38 -57.31
C SER S 1019 -10.83 -3.76 -57.64
N LEU S 1020 -9.93 -3.71 -56.66
CA LEU S 1020 -8.63 -3.09 -56.86
C LEU S 1020 -7.76 -3.90 -57.79
N VAL S 1021 -7.77 -5.23 -57.62
CA VAL S 1021 -6.98 -6.08 -58.51
C VAL S 1021 -7.58 -6.10 -59.91
N LEU S 1022 -8.89 -5.87 -60.03
CA LEU S 1022 -9.49 -5.80 -61.35
C LEU S 1022 -9.19 -4.48 -62.03
N GLN S 1023 -9.06 -3.41 -61.25
CA GLN S 1023 -8.65 -2.13 -61.82
C GLN S 1023 -7.22 -2.20 -62.32
N THR S 1024 -6.28 -2.66 -61.49
CA THR S 1024 -4.90 -2.72 -61.93
C THR S 1024 -4.63 -3.85 -62.91
N LYS S 1025 -5.55 -4.81 -63.07
CA LYS S 1025 -5.35 -5.85 -64.08
C LYS S 1025 -5.56 -5.29 -65.47
N ALA S 1026 -6.33 -4.22 -65.60
CA ALA S 1026 -6.66 -3.65 -66.90
C ALA S 1026 -5.84 -2.41 -67.20
N HIS S 1027 -4.85 -2.10 -66.36
CA HIS S 1027 -3.92 -0.98 -66.52
C HIS S 1027 -4.65 0.37 -66.59
N ILE S 1028 -5.55 0.55 -65.64
CA ILE S 1028 -6.16 1.85 -65.39
C ILE S 1028 -5.56 2.38 -64.10
N HIS S 1029 -5.69 3.67 -63.88
CA HIS S 1029 -5.07 4.27 -62.70
C HIS S 1029 -6.07 4.36 -61.57
N PRO S 1030 -5.85 3.67 -60.45
CA PRO S 1030 -6.74 3.80 -59.30
C PRO S 1030 -6.47 5.10 -58.56
N GLY S 1031 -7.21 5.31 -57.49
CA GLY S 1031 -7.28 6.62 -56.88
C GLY S 1031 -6.26 6.94 -55.82
N PHE S 1032 -5.06 6.39 -55.90
CA PHE S 1032 -4.02 6.70 -54.93
C PHE S 1032 -2.66 6.41 -55.56
N ALA S 1033 -1.63 7.06 -55.03
CA ALA S 1033 -0.27 6.87 -55.46
C ALA S 1033 0.43 5.93 -54.48
N LEU S 1034 1.59 5.45 -54.88
CA LEU S 1034 2.39 4.55 -54.06
C LEU S 1034 3.80 5.12 -53.98
N THR S 1035 4.22 5.53 -52.79
CA THR S 1035 5.58 6.02 -52.58
C THR S 1035 6.43 4.88 -52.02
N ALA S 1036 7.01 4.11 -52.93
CA ALA S 1036 7.76 2.92 -52.55
C ALA S 1036 9.12 3.30 -52.00
N VAL S 1037 9.56 2.60 -50.96
CA VAL S 1037 10.86 2.77 -50.35
C VAL S 1037 11.62 1.45 -50.48
N ARG S 1038 12.93 1.53 -50.65
CA ARG S 1038 13.73 0.33 -50.84
C ARG S 1038 15.14 0.58 -50.33
N THR S 1039 15.66 -0.33 -49.51
CA THR S 1039 17.03 -0.24 -49.05
C THR S 1039 17.97 -0.86 -50.07
N ASP S 1040 19.22 -0.40 -50.05
CA ASP S 1040 20.23 -0.83 -51.01
C ASP S 1040 21.54 -1.03 -50.26
N THR S 1041 22.09 -2.23 -50.34
CA THR S 1041 23.32 -2.56 -49.63
C THR S 1041 24.53 -2.47 -50.55
N PHE S 1042 25.55 -1.73 -50.10
CA PHE S 1042 26.78 -1.53 -50.85
C PHE S 1042 27.95 -1.99 -50.02
N GLU S 1043 28.66 -3.01 -50.50
CA GLU S 1043 29.95 -3.38 -49.93
C GLU S 1043 30.92 -2.22 -50.13
N VAL S 1044 31.75 -1.94 -49.13
CA VAL S 1044 32.54 -0.72 -49.13
C VAL S 1044 33.84 -0.96 -48.38
N ASP S 1045 34.77 -0.02 -48.52
CA ASP S 1045 36.13 -0.16 -48.03
C ASP S 1045 36.48 1.12 -47.29
N MET S 1046 36.45 1.09 -45.96
CA MET S 1046 36.70 2.28 -45.15
C MET S 1046 38.17 2.65 -45.14
N LEU S 1047 38.46 3.86 -44.65
CA LEU S 1047 39.81 4.22 -44.24
C LEU S 1047 39.74 4.94 -42.91
N LEU S 1048 40.61 4.53 -41.98
CA LEU S 1048 40.61 5.02 -40.61
C LEU S 1048 41.90 5.77 -40.36
N TYR S 1049 41.80 7.01 -39.92
CA TYR S 1049 42.95 7.76 -39.42
C TYR S 1049 42.81 7.92 -37.93
N SER S 1050 43.92 7.81 -37.21
CA SER S 1050 43.91 8.07 -35.78
C SER S 1050 45.30 8.54 -35.36
N GLY S 1051 45.32 9.44 -34.37
CA GLY S 1051 46.57 10.02 -33.91
C GLY S 1051 47.39 9.04 -33.11
N LYS S 1052 48.61 9.48 -32.77
CA LYS S 1052 49.56 8.61 -32.09
C LYS S 1052 49.15 8.40 -30.64
N SER S 1053 49.14 7.12 -30.22
CA SER S 1053 48.83 6.69 -28.86
C SER S 1053 47.43 7.13 -28.43
N CYS S 1054 46.45 6.82 -29.29
CA CYS S 1054 45.06 7.17 -29.03
C CYS S 1054 44.55 6.47 -27.78
N THR S 1055 44.48 5.15 -27.81
CA THR S 1055 44.18 4.37 -26.63
C THR S 1055 45.40 3.53 -26.29
N SER S 1056 45.58 3.27 -24.99
CA SER S 1056 46.73 2.51 -24.52
C SER S 1056 46.20 1.21 -23.96
N VAL S 1057 46.30 0.14 -24.77
CA VAL S 1057 45.82 -1.16 -24.33
C VAL S 1057 46.76 -1.74 -23.28
N ILE S 1058 46.20 -2.47 -22.33
CA ILE S 1058 46.98 -3.26 -21.40
C ILE S 1058 46.57 -4.72 -21.56
N ILE S 1059 47.55 -5.58 -21.79
CA ILE S 1059 47.33 -7.00 -22.01
C ILE S 1059 48.12 -7.78 -20.98
N ASN S 1060 47.79 -9.06 -20.85
CA ASN S 1060 48.59 -9.95 -20.02
C ASN S 1060 48.97 -11.19 -20.81
N ASN S 1061 49.73 -12.07 -20.21
CA ASN S 1061 50.06 -13.34 -20.85
C ASN S 1061 48.80 -14.19 -20.95
N PRO S 1062 48.62 -14.95 -22.03
CA PRO S 1062 47.41 -15.75 -22.16
C PRO S 1062 47.40 -16.95 -21.24
N ILE S 1063 46.30 -17.17 -20.54
CA ILE S 1063 46.15 -18.33 -19.69
C ILE S 1063 45.52 -19.44 -20.50
N VAL S 1064 45.71 -20.68 -20.06
CA VAL S 1064 45.20 -21.84 -20.76
C VAL S 1064 44.22 -22.57 -19.87
N THR S 1065 43.03 -22.85 -20.39
CA THR S 1065 42.08 -23.70 -19.71
C THR S 1065 41.96 -25.01 -20.46
N LYS S 1066 41.76 -26.09 -19.72
CA LYS S 1066 41.56 -27.40 -20.29
C LYS S 1066 40.06 -27.66 -20.44
N GLU S 1067 39.72 -28.66 -21.24
CA GLU S 1067 38.34 -29.09 -21.38
C GLU S 1067 38.37 -30.55 -21.79
N GLU S 1068 38.06 -31.43 -20.85
CA GLU S 1068 38.26 -32.85 -21.05
C GLU S 1068 37.12 -33.47 -21.84
N ARG S 1069 37.47 -34.29 -22.82
CA ARG S 1069 36.55 -35.22 -23.45
C ARG S 1069 37.18 -36.59 -23.33
N ASP S 1070 36.65 -37.59 -24.02
CA ASP S 1070 37.37 -38.86 -24.05
C ASP S 1070 38.42 -38.89 -25.14
N ILE S 1071 38.16 -38.23 -26.27
CA ILE S 1071 39.04 -38.34 -27.42
C ILE S 1071 39.70 -37.01 -27.80
N SER S 1072 39.05 -35.88 -27.55
CA SER S 1072 39.51 -34.59 -28.05
C SER S 1072 39.56 -33.59 -26.91
N THR S 1073 40.69 -33.55 -26.20
CA THR S 1073 40.87 -32.64 -25.09
C THR S 1073 41.20 -31.26 -25.63
N THR S 1074 40.17 -30.45 -25.87
CA THR S 1074 40.37 -29.11 -26.40
C THR S 1074 40.98 -28.20 -25.34
N TYR S 1075 41.77 -27.24 -25.78
CA TYR S 1075 42.33 -26.22 -24.91
C TYR S 1075 41.87 -24.86 -25.40
N HIS S 1076 41.24 -24.10 -24.52
CA HIS S 1076 41.00 -22.69 -24.79
C HIS S 1076 42.14 -21.86 -24.22
N VAL S 1077 42.68 -20.97 -25.04
CA VAL S 1077 43.57 -19.92 -24.57
C VAL S 1077 42.78 -18.64 -24.53
N THR S 1078 43.13 -17.74 -23.62
CA THR S 1078 42.37 -16.51 -23.41
C THR S 1078 43.33 -15.43 -22.93
N GLN S 1079 43.32 -14.29 -23.62
CA GLN S 1079 44.15 -13.15 -23.26
C GLN S 1079 43.23 -12.04 -22.78
N ASN S 1080 43.11 -11.91 -21.47
CA ASN S 1080 42.29 -10.84 -20.91
C ASN S 1080 42.95 -9.50 -21.14
N ILE S 1081 42.37 -8.69 -22.03
CA ILE S 1081 42.88 -7.36 -22.30
C ILE S 1081 41.81 -6.35 -21.91
N ASN S 1082 42.25 -5.11 -21.72
CA ASN S 1082 41.33 -4.00 -21.59
C ASN S 1082 42.01 -2.75 -22.11
N THR S 1083 41.19 -1.82 -22.60
CA THR S 1083 41.68 -0.62 -23.25
C THR S 1083 41.29 0.59 -22.41
N VAL S 1084 42.17 1.58 -22.40
CA VAL S 1084 41.91 2.86 -21.74
C VAL S 1084 41.98 3.93 -22.80
N ASP S 1085 40.85 4.59 -23.07
CA ASP S 1085 40.84 5.70 -24.01
C ASP S 1085 41.51 6.89 -23.34
N MET S 1086 42.43 7.55 -24.05
CA MET S 1086 43.16 8.68 -23.49
C MET S 1086 42.94 9.95 -24.28
N GLY S 1087 41.90 10.01 -25.10
CA GLY S 1087 41.60 11.19 -25.88
C GLY S 1087 40.32 11.85 -25.40
N LEU S 1088 40.41 13.16 -25.15
CA LEU S 1088 39.22 13.90 -24.71
C LEU S 1088 38.24 14.05 -25.87
N GLY S 1089 38.70 14.61 -26.98
CA GLY S 1089 37.91 14.62 -28.20
C GLY S 1089 38.08 13.33 -28.97
N TYR S 1090 37.53 13.34 -30.17
CA TYR S 1090 37.62 12.17 -31.04
C TYR S 1090 38.99 12.16 -31.71
N THR S 1091 39.85 11.23 -31.31
CA THR S 1091 41.18 11.10 -31.89
C THR S 1091 41.22 10.01 -32.96
N SER S 1092 40.08 9.73 -33.61
CA SER S 1092 40.03 8.68 -34.63
C SER S 1092 38.82 8.95 -35.51
N ASN S 1093 39.07 9.30 -36.77
CA ASN S 1093 38.01 9.60 -37.72
C ASN S 1093 38.07 8.60 -38.86
N THR S 1094 36.91 8.25 -39.40
CA THR S 1094 36.83 7.43 -40.60
C THR S 1094 36.07 8.17 -41.68
N CYS S 1095 36.17 7.65 -42.89
CA CYS S 1095 35.36 8.13 -44.00
C CYS S 1095 35.04 6.96 -44.90
N VAL S 1096 33.78 6.89 -45.34
CA VAL S 1096 33.36 5.88 -46.30
C VAL S 1096 34.02 6.22 -47.63
N ALA S 1097 34.95 5.39 -48.07
CA ALA S 1097 35.89 5.79 -49.11
C ALA S 1097 35.53 5.28 -50.50
N TYR S 1098 35.50 3.97 -50.68
CA TYR S 1098 35.46 3.39 -52.01
C TYR S 1098 34.41 2.30 -52.11
N VAL S 1099 33.45 2.50 -53.00
CA VAL S 1099 32.41 1.52 -53.30
C VAL S 1099 32.91 0.67 -54.45
N ASN S 1100 32.91 -0.64 -54.27
CA ASN S 1100 33.31 -1.54 -55.33
C ASN S 1100 32.15 -2.25 -56.00
N ARG S 1101 31.23 -2.85 -55.22
CA ARG S 1101 30.10 -3.57 -55.79
C ARG S 1101 28.83 -3.15 -55.09
N VAL S 1102 27.70 -3.59 -55.62
CA VAL S 1102 26.39 -3.44 -54.99
C VAL S 1102 25.87 -4.83 -54.69
N ARG S 1103 25.61 -5.11 -53.41
CA ARG S 1103 25.22 -6.46 -53.04
C ARG S 1103 23.77 -6.75 -53.39
N THR S 1104 22.89 -5.76 -53.27
CA THR S 1104 21.52 -6.01 -53.71
C THR S 1104 21.41 -5.82 -55.22
N ASP S 1105 20.24 -6.18 -55.74
CA ASP S 1105 20.00 -6.06 -57.18
C ASP S 1105 19.74 -4.63 -57.62
N MET S 1106 19.29 -3.77 -56.70
CA MET S 1106 18.70 -2.45 -57.00
C MET S 1106 17.55 -2.56 -58.00
N GLY S 1107 16.82 -3.66 -57.96
CA GLY S 1107 15.69 -3.89 -58.84
C GLY S 1107 14.40 -3.62 -58.08
N VAL S 1108 13.30 -3.52 -58.81
CA VAL S 1108 12.01 -3.20 -58.22
C VAL S 1108 11.05 -4.37 -58.43
N ARG S 1109 11.07 -5.27 -57.46
CA ARG S 1109 9.94 -6.16 -57.21
C ARG S 1109 9.04 -5.45 -56.21
N VAL S 1110 8.13 -6.20 -55.56
CA VAL S 1110 7.32 -5.67 -54.48
C VAL S 1110 7.41 -6.66 -53.31
N GLN S 1111 7.56 -6.13 -52.09
CA GLN S 1111 7.65 -6.94 -50.88
C GLN S 1111 6.40 -7.78 -50.70
N ASP S 1112 6.60 -9.07 -50.45
CA ASP S 1112 5.50 -10.02 -50.41
C ASP S 1112 4.83 -9.92 -49.04
N LEU S 1113 3.78 -9.10 -48.95
CA LEU S 1113 3.08 -8.96 -47.68
C LEU S 1113 2.20 -10.16 -47.35
N PHE S 1114 1.91 -11.01 -48.34
CA PHE S 1114 1.25 -12.27 -48.04
C PHE S 1114 2.16 -13.20 -47.25
N ARG S 1115 3.47 -13.08 -47.42
CA ARG S 1115 4.38 -13.91 -46.65
C ARG S 1115 4.65 -13.34 -45.28
N VAL S 1116 4.64 -12.01 -45.12
CA VAL S 1116 4.98 -11.45 -43.82
C VAL S 1116 3.78 -11.48 -42.88
N PHE S 1117 2.58 -11.57 -43.43
CA PHE S 1117 1.40 -11.70 -42.58
C PHE S 1117 0.63 -12.95 -42.94
N PRO S 1118 1.22 -14.13 -42.81
CA PRO S 1118 0.65 -15.33 -43.44
C PRO S 1118 -0.52 -15.95 -42.70
N MET S 1119 -0.97 -15.36 -41.60
CA MET S 1119 -2.09 -15.89 -40.83
C MET S 1119 -3.29 -14.97 -40.90
N ASN S 1120 -3.47 -14.28 -42.02
CA ASN S 1120 -4.61 -13.40 -42.23
C ASN S 1120 -5.44 -13.92 -43.39
N VAL S 1121 -6.39 -14.78 -43.09
CA VAL S 1121 -7.27 -15.38 -44.06
C VAL S 1121 -8.56 -14.56 -44.09
N TYR S 1122 -9.13 -14.39 -45.28
CA TYR S 1122 -10.39 -13.69 -45.40
C TYR S 1122 -11.52 -14.48 -44.74
N ARG S 1123 -12.58 -13.76 -44.36
CA ARG S 1123 -13.71 -14.36 -43.67
C ARG S 1123 -14.45 -15.31 -44.59
N HIS S 1124 -14.84 -14.84 -45.76
CA HIS S 1124 -15.38 -15.72 -46.78
C HIS S 1124 -14.26 -16.58 -47.34
N ASP S 1125 -14.46 -17.89 -47.35
CA ASP S 1125 -13.42 -18.81 -47.78
C ASP S 1125 -13.20 -18.80 -49.28
N GLU S 1126 -14.14 -18.31 -50.07
CA GLU S 1126 -14.06 -18.39 -51.52
C GLU S 1126 -13.33 -17.22 -52.15
N VAL S 1127 -13.59 -16.00 -51.67
CA VAL S 1127 -12.90 -14.82 -52.21
C VAL S 1127 -11.42 -14.85 -51.86
N ASP S 1128 -11.04 -15.55 -50.78
CA ASP S 1128 -9.63 -15.73 -50.46
C ASP S 1128 -8.95 -16.64 -51.48
N ARG S 1129 -9.65 -17.68 -51.91
CA ARG S 1129 -9.10 -18.58 -52.92
C ARG S 1129 -8.89 -17.85 -54.24
N TRP S 1130 -9.85 -17.00 -54.62
CA TRP S 1130 -9.73 -16.24 -55.85
C TRP S 1130 -8.62 -15.20 -55.74
N ILE S 1131 -8.46 -14.58 -54.58
CA ILE S 1131 -7.41 -13.56 -54.48
C ILE S 1131 -6.04 -14.20 -54.37
N ARG S 1132 -5.95 -15.44 -53.86
CA ARG S 1132 -4.67 -16.15 -53.91
C ARG S 1132 -4.34 -16.57 -55.33
N HIS S 1133 -5.37 -16.93 -56.11
CA HIS S 1133 -5.14 -17.25 -57.51
C HIS S 1133 -4.70 -16.01 -58.29
N ALA S 1134 -5.29 -14.86 -57.99
CA ALA S 1134 -4.95 -13.64 -58.69
C ALA S 1134 -3.65 -13.00 -58.20
N ALA S 1135 -3.17 -13.36 -57.01
CA ALA S 1135 -1.96 -12.76 -56.49
C ALA S 1135 -0.71 -13.57 -56.75
N GLY S 1136 -0.85 -14.89 -56.96
CA GLY S 1136 0.27 -15.78 -57.20
C GLY S 1136 0.72 -16.53 -55.97
N VAL S 1137 0.54 -15.94 -54.78
CA VAL S 1137 0.88 -16.60 -53.53
C VAL S 1137 -0.18 -17.65 -53.24
N GLU S 1138 0.24 -18.87 -52.92
CA GLU S 1138 -0.65 -19.98 -52.67
C GLU S 1138 -1.22 -19.90 -51.26
N ARG S 1139 -1.86 -21.00 -50.84
CA ARG S 1139 -2.60 -21.04 -49.60
C ARG S 1139 -1.66 -21.00 -48.39
N PRO S 1140 -2.20 -20.73 -47.18
CA PRO S 1140 -1.38 -20.89 -45.97
C PRO S 1140 -1.29 -22.32 -45.47
N GLN S 1141 -1.69 -23.28 -46.32
CA GLN S 1141 -1.39 -24.73 -46.24
C GLN S 1141 -1.86 -25.39 -44.94
N LEU S 1142 -2.82 -24.74 -44.26
CA LEU S 1142 -3.43 -25.19 -43.00
C LEU S 1142 -2.35 -25.50 -41.95
N LEU S 1143 -1.69 -24.43 -41.54
CA LEU S 1143 -0.53 -24.54 -40.67
C LEU S 1143 -0.90 -25.06 -39.29
N ASP S 1144 0.06 -25.72 -38.65
CA ASP S 1144 -0.12 -26.31 -37.33
C ASP S 1144 -0.37 -25.21 -36.30
N THR S 1145 -1.20 -25.54 -35.30
CA THR S 1145 -1.56 -24.52 -34.30
C THR S 1145 -0.38 -24.18 -33.39
N GLU S 1146 0.62 -25.06 -33.28
CA GLU S 1146 1.81 -24.73 -32.50
C GLU S 1146 2.86 -23.98 -33.31
N THR S 1147 2.90 -24.14 -34.64
CA THR S 1147 3.91 -23.43 -35.41
C THR S 1147 3.52 -21.98 -35.66
N ILE S 1148 2.33 -21.55 -35.24
CA ILE S 1148 2.02 -20.12 -35.24
C ILE S 1148 2.84 -19.41 -34.18
N SER S 1149 3.03 -20.05 -33.02
CA SER S 1149 3.93 -19.49 -32.01
C SER S 1149 5.36 -19.50 -32.49
N MET S 1150 5.76 -20.52 -33.25
CA MET S 1150 7.04 -20.52 -33.96
C MET S 1150 7.17 -19.33 -34.90
N LEU S 1151 6.13 -19.07 -35.68
CA LEU S 1151 6.21 -18.04 -36.70
C LEU S 1151 6.14 -16.64 -36.09
N THR S 1152 5.57 -16.51 -34.91
CA THR S 1152 5.59 -15.22 -34.23
C THR S 1152 6.85 -15.06 -33.39
N PHE S 1153 7.47 -16.17 -32.98
CA PHE S 1153 8.79 -16.13 -32.38
C PHE S 1153 9.86 -15.77 -33.40
N GLY S 1154 9.65 -16.13 -34.66
CA GLY S 1154 10.60 -15.79 -35.70
C GLY S 1154 11.05 -17.01 -36.46
N SER S 1155 10.82 -17.03 -37.77
CA SER S 1155 11.14 -18.17 -38.62
C SER S 1155 11.27 -17.70 -40.05
N MET S 1156 12.30 -18.19 -40.75
CA MET S 1156 12.44 -17.94 -42.17
C MET S 1156 11.53 -18.88 -42.96
N SER S 1157 10.72 -18.30 -43.85
CA SER S 1157 9.69 -19.05 -44.53
C SER S 1157 9.94 -19.13 -46.03
N GLU S 1158 10.11 -18.00 -46.69
CA GLU S 1158 10.21 -17.95 -48.13
C GLU S 1158 11.59 -18.42 -48.58
N ARG S 1159 11.62 -19.51 -49.35
CA ARG S 1159 12.86 -20.10 -49.79
C ARG S 1159 13.45 -19.31 -50.96
N ASN S 1160 14.64 -19.72 -51.39
CA ASN S 1160 15.33 -19.09 -52.50
C ASN S 1160 14.62 -19.35 -53.82
N ALA S 1161 15.05 -18.62 -54.85
CA ALA S 1161 14.61 -18.89 -56.20
C ALA S 1161 15.51 -19.95 -56.82
N ALA S 1162 15.30 -20.23 -58.11
CA ALA S 1162 16.13 -21.22 -58.78
C ALA S 1162 17.47 -20.62 -59.20
N ALA S 1163 17.45 -19.39 -59.72
CA ALA S 1163 18.68 -18.72 -60.11
C ALA S 1163 18.56 -17.23 -59.84
N THR S 1164 19.72 -16.58 -59.70
CA THR S 1164 19.78 -15.14 -59.49
C THR S 1164 21.02 -14.57 -60.17
N VAL S 1165 20.81 -13.81 -61.24
CA VAL S 1165 21.93 -13.18 -61.91
C VAL S 1165 22.12 -11.73 -61.45
N HIS S 1166 21.32 -11.26 -60.50
CA HIS S 1166 21.49 -9.91 -59.99
C HIS S 1166 21.91 -9.90 -58.52
N GLY S 1167 21.14 -10.56 -57.68
CA GLY S 1167 21.41 -10.53 -56.26
C GLY S 1167 20.12 -10.63 -55.49
N GLN S 1168 20.19 -10.24 -54.23
CA GLN S 1168 19.02 -10.33 -53.35
C GLN S 1168 18.03 -9.23 -53.68
N LYS S 1169 16.74 -9.54 -53.54
CA LYS S 1169 15.69 -8.58 -53.85
C LYS S 1169 15.38 -7.71 -52.63
N ALA S 1170 14.77 -6.55 -52.90
CA ALA S 1170 14.44 -5.60 -51.85
C ALA S 1170 13.36 -4.67 -52.37
N ALA S 1171 12.27 -4.51 -51.60
CA ALA S 1171 11.22 -3.54 -51.90
C ALA S 1171 10.38 -3.33 -50.66
N CYS S 1172 9.54 -2.29 -50.72
CA CYS S 1172 8.48 -2.04 -49.73
C CYS S 1172 7.47 -1.11 -50.37
N GLU S 1173 6.44 -0.76 -49.60
CA GLU S 1173 5.32 0.01 -50.14
C GLU S 1173 4.77 0.96 -49.10
N LEU S 1174 4.26 2.09 -49.58
CA LEU S 1174 3.53 3.06 -48.76
C LEU S 1174 2.35 3.57 -49.58
N ILE S 1175 1.28 3.93 -48.91
CA ILE S 1175 0.07 4.40 -49.59
C ILE S 1175 0.08 5.92 -49.57
N LEU S 1176 -0.04 6.52 -50.75
CA LEU S 1176 0.11 7.95 -50.93
C LEU S 1176 -1.15 8.55 -51.53
N THR S 1177 -1.51 9.73 -51.06
CA THR S 1177 -2.53 10.53 -51.74
C THR S 1177 -1.98 10.94 -53.09
N PRO S 1178 -2.76 10.79 -54.16
CA PRO S 1178 -2.19 10.97 -55.51
C PRO S 1178 -2.08 12.43 -55.95
N VAL S 1179 -2.10 13.37 -55.01
CA VAL S 1179 -2.17 14.76 -55.39
C VAL S 1179 -1.14 15.54 -54.58
N THR S 1180 -0.22 14.82 -53.94
CA THR S 1180 0.81 15.46 -53.11
C THR S 1180 1.80 16.23 -53.96
N MET S 1181 2.47 17.19 -53.34
CA MET S 1181 3.41 18.06 -54.01
C MET S 1181 4.76 17.39 -54.09
N ASP S 1182 5.20 17.05 -55.30
CA ASP S 1182 6.45 16.31 -55.45
C ASP S 1182 7.66 17.23 -55.38
N VAL S 1183 7.55 18.42 -55.99
CA VAL S 1183 8.69 19.33 -56.11
C VAL S 1183 9.19 19.83 -54.77
N ASN S 1184 8.32 19.93 -53.77
CA ASN S 1184 8.74 20.22 -52.41
C ASN S 1184 9.35 18.99 -51.76
N TYR S 1185 8.97 17.80 -52.20
CA TYR S 1185 9.15 16.58 -51.41
C TYR S 1185 10.06 15.56 -52.08
N PHE S 1186 9.81 15.20 -53.32
CA PHE S 1186 10.48 14.02 -53.87
C PHE S 1186 11.79 14.36 -54.55
N LYS S 1187 11.96 15.58 -55.03
CA LYS S 1187 13.20 15.93 -55.71
C LYS S 1187 14.35 16.22 -54.75
N ILE S 1188 14.07 16.43 -53.47
CA ILE S 1188 15.10 16.62 -52.46
C ILE S 1188 15.05 15.40 -51.55
N PRO S 1189 16.10 15.09 -50.79
CA PRO S 1189 15.99 14.00 -49.82
C PRO S 1189 15.05 14.37 -48.68
N ASN S 1190 14.23 13.41 -48.27
CA ASN S 1190 13.25 13.66 -47.22
C ASN S 1190 12.97 12.36 -46.47
N ASN S 1191 12.09 12.46 -45.48
CA ASN S 1191 11.54 11.34 -44.75
C ASN S 1191 10.31 10.87 -45.51
N PRO S 1192 10.17 9.59 -45.86
CA PRO S 1192 8.95 9.15 -46.54
C PRO S 1192 7.72 9.08 -45.65
N ARG S 1193 7.88 9.25 -44.34
CA ARG S 1193 6.73 9.33 -43.45
C ARG S 1193 5.89 10.58 -43.75
N GLY S 1194 6.55 11.69 -44.07
CA GLY S 1194 5.86 12.92 -44.35
C GLY S 1194 6.33 14.03 -43.44
N ARG S 1195 6.55 13.71 -42.18
CA ARG S 1195 7.01 14.68 -41.19
C ARG S 1195 8.51 14.52 -40.99
N ALA S 1196 9.10 15.48 -40.29
CA ALA S 1196 10.54 15.44 -40.03
C ALA S 1196 10.82 14.62 -38.78
N SER S 1197 11.53 13.51 -38.96
CA SER S 1197 11.76 12.57 -37.87
C SER S 1197 13.14 12.68 -37.25
N CYS S 1198 13.99 13.59 -37.73
CA CYS S 1198 15.33 13.70 -37.17
C CYS S 1198 15.26 14.31 -35.78
N MET S 1199 15.36 13.46 -34.76
CA MET S 1199 15.17 13.93 -33.40
C MET S 1199 16.41 14.57 -32.80
N LEU S 1200 17.46 14.75 -33.59
CA LEU S 1200 18.60 15.52 -33.13
C LEU S 1200 18.23 16.98 -32.95
N ALA S 1201 17.25 17.46 -33.73
CA ALA S 1201 16.90 18.87 -33.71
C ALA S 1201 16.07 19.26 -32.50
N VAL S 1202 15.36 18.31 -31.88
CA VAL S 1202 14.54 18.65 -30.73
C VAL S 1202 15.43 18.81 -29.50
N ASP S 1203 14.87 19.41 -28.45
CA ASP S 1203 15.57 19.52 -27.19
C ASP S 1203 15.75 18.13 -26.58
N PRO S 1204 16.92 17.84 -26.00
CA PRO S 1204 17.17 16.51 -25.45
C PRO S 1204 16.36 16.24 -24.19
N TYR S 1205 16.07 14.95 -23.99
CA TYR S 1205 15.39 14.41 -22.81
C TYR S 1205 14.00 15.02 -22.61
N ASP S 1206 13.35 15.36 -23.71
CA ASP S 1206 12.08 16.09 -23.69
C ASP S 1206 11.13 15.30 -24.58
N THR S 1207 10.48 14.28 -24.01
CA THR S 1207 9.69 13.37 -24.81
C THR S 1207 8.35 13.95 -25.25
N GLU S 1208 7.80 14.89 -24.49
CA GLU S 1208 6.50 15.45 -24.83
C GLU S 1208 6.59 16.32 -26.09
N ALA S 1209 7.59 17.21 -26.15
CA ALA S 1209 7.80 18.01 -27.35
C ALA S 1209 8.26 17.14 -28.52
N ALA S 1210 8.96 16.04 -28.22
CA ALA S 1210 9.41 15.13 -29.26
C ALA S 1210 8.23 14.43 -29.93
N THR S 1211 7.33 13.86 -29.12
CA THR S 1211 6.16 13.22 -29.72
C THR S 1211 5.17 14.23 -30.27
N LYS S 1212 5.21 15.48 -29.80
CA LYS S 1212 4.41 16.52 -30.43
C LYS S 1212 4.97 16.88 -31.79
N ALA S 1213 6.28 16.77 -31.96
CA ALA S 1213 6.87 16.94 -33.28
C ALA S 1213 6.56 15.76 -34.18
N ILE S 1214 6.54 14.55 -33.62
CA ILE S 1214 6.44 13.36 -34.45
C ILE S 1214 5.00 12.97 -34.77
N TYR S 1215 4.02 13.44 -34.01
CA TYR S 1215 2.66 12.94 -34.16
C TYR S 1215 1.61 14.03 -34.30
N ASP S 1216 1.75 15.15 -33.59
CA ASP S 1216 0.72 16.17 -33.57
C ASP S 1216 0.72 16.92 -34.89
N HIS S 1217 -0.45 17.00 -35.52
CA HIS S 1217 -0.57 17.66 -36.80
C HIS S 1217 -1.12 19.07 -36.69
N ARG S 1218 -1.57 19.48 -35.50
CA ARG S 1218 -1.94 20.87 -35.30
C ARG S 1218 -0.70 21.75 -35.24
N GLU S 1219 0.43 21.17 -34.87
CA GLU S 1219 1.70 21.88 -34.95
C GLU S 1219 2.29 21.72 -36.34
N ALA S 1220 3.12 22.69 -36.74
CA ALA S 1220 3.65 22.70 -38.08
C ALA S 1220 4.79 21.69 -38.23
N ASP S 1221 4.98 21.23 -39.46
CA ASP S 1221 6.14 20.42 -39.80
C ASP S 1221 7.41 21.25 -39.69
N ALA S 1222 8.51 20.59 -39.34
CA ALA S 1222 9.79 21.30 -39.27
C ALA S 1222 10.48 21.37 -40.61
N GLN S 1223 10.44 20.28 -41.40
CA GLN S 1223 11.24 20.20 -42.62
C GLN S 1223 10.73 21.16 -43.68
N THR S 1224 9.48 21.03 -44.07
CA THR S 1224 8.80 22.07 -44.82
C THR S 1224 7.89 22.80 -43.84
N PHE S 1225 7.09 23.74 -44.32
CA PHE S 1225 6.22 24.48 -43.41
C PHE S 1225 4.75 24.27 -43.72
N ALA S 1226 4.41 23.13 -44.30
CA ALA S 1226 3.04 22.66 -44.35
C ALA S 1226 2.76 21.85 -43.08
N ALA S 1227 1.65 21.13 -43.03
CA ALA S 1227 1.42 20.27 -41.89
C ALA S 1227 2.03 18.89 -42.10
N THR S 1228 1.62 18.19 -43.15
CA THR S 1228 2.12 16.84 -43.44
C THR S 1228 1.88 16.56 -44.91
N HIS S 1229 2.92 16.14 -45.62
CA HIS S 1229 2.84 15.89 -47.05
C HIS S 1229 2.39 14.48 -47.40
N ASN S 1230 1.89 13.74 -46.42
CA ASN S 1230 1.39 12.39 -46.63
C ASN S 1230 0.48 12.03 -45.45
N PRO S 1231 -0.74 12.55 -45.41
CA PRO S 1231 -1.59 12.37 -44.23
C PRO S 1231 -2.20 10.98 -44.10
N TRP S 1232 -1.93 10.07 -45.03
CA TRP S 1232 -2.29 8.68 -44.85
C TRP S 1232 -1.18 7.88 -44.22
N ALA S 1233 -0.03 8.50 -43.95
CA ALA S 1233 1.17 7.76 -43.55
C ALA S 1233 1.93 8.45 -42.44
N SER S 1234 1.29 9.28 -41.63
CA SER S 1234 1.99 9.97 -40.57
C SER S 1234 1.29 9.95 -39.22
N GLN S 1235 -0.03 9.82 -39.17
CA GLN S 1235 -0.73 9.95 -37.91
C GLN S 1235 -0.58 8.69 -37.07
N ALA S 1236 -0.74 8.85 -35.76
CA ALA S 1236 -0.76 7.72 -34.84
C ALA S 1236 -2.09 6.99 -35.04
N GLY S 1237 -2.04 5.90 -35.78
CA GLY S 1237 -3.21 5.14 -36.11
C GLY S 1237 -3.64 5.17 -37.55
N CYS S 1238 -2.75 5.54 -38.47
CA CYS S 1238 -3.04 5.56 -39.89
C CYS S 1238 -2.85 4.18 -40.48
N LEU S 1239 -2.83 4.09 -41.80
CA LEU S 1239 -2.55 2.83 -42.46
C LEU S 1239 -1.08 2.46 -42.32
N SER S 1240 -0.19 3.40 -42.60
CA SER S 1240 1.22 3.06 -42.59
C SER S 1240 1.77 2.91 -41.18
N ASP S 1241 1.21 3.61 -40.19
CA ASP S 1241 1.68 3.45 -38.83
C ASP S 1241 1.23 2.12 -38.26
N VAL S 1242 0.08 1.61 -38.71
CA VAL S 1242 -0.35 0.31 -38.23
C VAL S 1242 0.28 -0.80 -39.05
N LEU S 1243 0.94 -0.46 -40.16
CA LEU S 1243 1.59 -1.46 -40.97
C LEU S 1243 3.08 -1.58 -40.72
N TYR S 1244 3.73 -0.53 -40.20
CA TYR S 1244 5.18 -0.52 -40.16
C TYR S 1244 5.79 -0.20 -38.81
N ASN S 1245 5.10 0.49 -37.92
CA ASN S 1245 5.55 0.56 -36.53
C ASN S 1245 5.47 -0.83 -35.93
N THR S 1246 6.58 -1.28 -35.34
CA THR S 1246 6.75 -2.70 -35.02
C THR S 1246 5.82 -3.16 -33.93
N ARG S 1247 5.27 -2.25 -33.13
CA ARG S 1247 4.35 -2.65 -32.06
C ARG S 1247 3.05 -3.17 -32.64
N HIS S 1248 2.46 -2.46 -33.60
CA HIS S 1248 1.24 -2.95 -34.21
C HIS S 1248 1.49 -4.13 -35.14
N ARG S 1249 2.69 -4.22 -35.72
CA ARG S 1249 3.04 -5.41 -36.49
C ARG S 1249 3.14 -6.63 -35.58
N GLU S 1250 3.63 -6.47 -34.36
CA GLU S 1250 3.54 -7.55 -33.39
C GLU S 1250 2.10 -7.81 -32.98
N ARG S 1251 1.27 -6.77 -32.94
CA ARG S 1251 -0.13 -6.97 -32.60
C ARG S 1251 -0.92 -7.66 -33.71
N LEU S 1252 -0.41 -7.68 -34.94
CA LEU S 1252 -1.05 -8.43 -36.01
C LEU S 1252 -0.40 -9.78 -36.26
N GLY S 1253 0.84 -9.98 -35.82
CA GLY S 1253 1.54 -11.22 -36.10
C GLY S 1253 2.32 -11.13 -37.39
N TYR S 1254 3.63 -11.31 -37.32
CA TYR S 1254 4.50 -11.13 -38.47
C TYR S 1254 5.80 -11.89 -38.28
N ASN S 1255 6.40 -12.30 -39.40
CA ASN S 1255 7.74 -12.88 -39.39
C ASN S 1255 8.75 -11.83 -38.95
N SER S 1256 9.39 -12.06 -37.81
CA SER S 1256 10.47 -11.17 -37.39
C SER S 1256 11.71 -11.32 -38.26
N LYS S 1257 11.83 -12.42 -39.00
CA LYS S 1257 12.98 -12.60 -39.87
C LYS S 1257 12.90 -11.71 -41.11
N PHE S 1258 11.71 -11.35 -41.55
CA PHE S 1258 11.58 -10.48 -42.71
C PHE S 1258 12.00 -9.06 -42.39
N TYR S 1259 13.02 -8.59 -43.09
CA TYR S 1259 13.47 -7.21 -42.97
C TYR S 1259 12.55 -6.32 -43.78
N SER S 1260 11.88 -5.40 -43.10
CA SER S 1260 11.10 -4.43 -43.82
C SER S 1260 11.81 -3.09 -43.76
N PRO S 1261 12.14 -2.48 -44.90
CA PRO S 1261 13.00 -1.29 -44.89
C PRO S 1261 12.32 -0.04 -44.40
N CYS S 1262 11.00 -0.04 -44.22
CA CYS S 1262 10.31 1.11 -43.65
C CYS S 1262 10.21 1.00 -42.15
N ALA S 1263 10.67 -0.10 -41.56
CA ALA S 1263 10.62 -0.25 -40.11
C ALA S 1263 11.53 0.75 -39.40
N GLN S 1264 12.61 1.15 -40.06
CA GLN S 1264 13.50 2.16 -39.53
C GLN S 1264 12.91 3.57 -39.60
N TYR S 1265 11.81 3.75 -40.32
CA TYR S 1265 11.20 5.06 -40.48
C TYR S 1265 9.92 5.23 -39.68
N PHE S 1266 9.38 4.16 -39.11
CA PHE S 1266 8.13 4.23 -38.37
C PHE S 1266 8.27 3.68 -36.96
N ASN S 1267 9.49 3.37 -36.52
CA ASN S 1267 9.71 2.86 -35.17
C ASN S 1267 9.72 4.01 -34.16
N THR S 1268 8.54 4.60 -33.99
CA THR S 1268 8.41 5.82 -33.21
C THR S 1268 8.38 5.59 -31.71
N GLU S 1269 8.44 4.34 -31.25
CA GLU S 1269 8.63 4.13 -29.82
C GLU S 1269 10.09 3.84 -29.51
N GLU S 1270 10.95 3.88 -30.52
CA GLU S 1270 12.39 3.74 -30.35
C GLU S 1270 13.16 5.02 -30.61
N ILE S 1271 12.77 5.78 -31.63
CA ILE S 1271 13.39 7.09 -31.84
C ILE S 1271 12.91 8.09 -30.80
N ILE S 1272 11.78 7.80 -30.13
CA ILE S 1272 11.32 8.64 -29.04
C ILE S 1272 12.16 8.42 -27.79
N ALA S 1273 12.92 7.32 -27.76
CA ALA S 1273 13.81 7.07 -26.64
C ALA S 1273 15.26 7.29 -27.02
N ALA S 1274 15.55 7.39 -28.32
CA ALA S 1274 16.91 7.54 -28.80
C ALA S 1274 17.28 9.00 -29.07
N ASN S 1275 16.44 9.95 -28.68
CA ASN S 1275 16.83 11.34 -28.71
C ASN S 1275 17.53 11.68 -27.40
N LYS S 1276 18.76 12.13 -27.51
CA LYS S 1276 19.55 12.46 -26.34
C LYS S 1276 20.27 13.77 -26.65
N THR S 1277 21.25 14.10 -25.85
CA THR S 1277 22.15 15.16 -26.20
C THR S 1277 23.03 14.72 -27.37
N LEU S 1278 23.73 15.69 -27.96
CA LEU S 1278 24.27 15.52 -29.32
C LEU S 1278 25.43 14.53 -29.35
N PHE S 1279 26.34 14.63 -28.40
CA PHE S 1279 27.45 13.69 -28.35
C PHE S 1279 26.99 12.29 -27.94
N LYS S 1280 26.03 12.19 -27.03
CA LYS S 1280 25.47 10.89 -26.72
C LYS S 1280 24.69 10.33 -27.90
N THR S 1281 24.10 11.20 -28.72
CA THR S 1281 23.47 10.73 -29.95
C THR S 1281 24.51 10.20 -30.92
N ILE S 1282 25.67 10.83 -30.97
CA ILE S 1282 26.77 10.35 -31.81
C ILE S 1282 27.25 8.99 -31.34
N ASP S 1283 27.48 8.83 -30.04
CA ASP S 1283 27.89 7.51 -29.53
C ASP S 1283 26.79 6.48 -29.65
N GLU S 1284 25.53 6.88 -29.61
CA GLU S 1284 24.45 5.93 -29.83
C GLU S 1284 24.35 5.54 -31.29
N TYR S 1285 24.84 6.41 -32.18
CA TYR S 1285 24.89 6.07 -33.60
C TYR S 1285 26.11 5.20 -33.93
N LEU S 1286 27.20 5.36 -33.18
CA LEU S 1286 28.41 4.61 -33.47
C LEU S 1286 28.26 3.13 -33.17
N LEU S 1287 27.60 2.78 -32.08
CA LEU S 1287 27.36 1.39 -31.73
C LEU S 1287 25.93 1.27 -31.26
N ARG S 1288 25.36 0.07 -31.44
CA ARG S 1288 23.95 -0.23 -31.19
C ARG S 1288 23.03 0.67 -32.02
N ALA S 1289 23.42 0.90 -33.28
CA ALA S 1289 22.54 1.56 -34.23
C ALA S 1289 22.60 0.92 -35.62
N LYS S 1290 23.04 -0.32 -35.72
CA LYS S 1290 23.15 -1.00 -37.00
C LYS S 1290 22.21 -2.20 -37.03
N ASP S 1291 22.07 -2.80 -38.20
CA ASP S 1291 21.14 -3.91 -38.39
C ASP S 1291 21.83 -5.00 -39.20
N CYS S 1292 21.21 -6.17 -39.21
CA CYS S 1292 21.63 -7.26 -40.10
C CYS S 1292 20.77 -7.30 -41.34
N ILE S 1293 21.44 -7.28 -42.49
CA ILE S 1293 20.90 -7.78 -43.75
C ILE S 1293 21.71 -9.03 -44.07
N ARG S 1294 21.02 -10.16 -44.18
CA ARG S 1294 21.73 -11.40 -44.43
C ARG S 1294 22.24 -11.43 -45.88
N GLY S 1295 23.25 -12.24 -46.12
CA GLY S 1295 23.86 -12.27 -47.44
C GLY S 1295 23.84 -13.65 -48.06
N ASP S 1296 22.87 -14.47 -47.68
CA ASP S 1296 22.77 -15.83 -48.17
C ASP S 1296 21.41 -16.17 -48.77
N THR S 1297 20.51 -15.19 -48.93
CA THR S 1297 19.14 -15.46 -49.33
C THR S 1297 18.69 -14.36 -50.27
N ASP S 1298 17.88 -14.73 -51.27
CA ASP S 1298 17.33 -13.76 -52.21
C ASP S 1298 16.43 -12.75 -51.52
N THR S 1299 15.69 -13.17 -50.50
CA THR S 1299 14.94 -12.20 -49.72
C THR S 1299 15.74 -11.78 -48.49
N GLN S 1300 15.59 -10.52 -48.10
CA GLN S 1300 16.46 -9.92 -47.09
C GLN S 1300 16.02 -10.36 -45.70
N TYR S 1301 16.90 -11.05 -44.99
CA TYR S 1301 16.59 -11.56 -43.66
C TYR S 1301 17.28 -10.75 -42.56
N VAL S 1302 16.84 -10.98 -41.33
CA VAL S 1302 17.36 -10.32 -40.15
C VAL S 1302 18.07 -11.38 -39.32
N CYS S 1303 19.29 -11.07 -38.90
CA CYS S 1303 20.15 -12.00 -38.18
C CYS S 1303 19.69 -12.20 -36.75
N VAL S 1304 20.47 -12.97 -36.03
CA VAL S 1304 20.84 -12.67 -34.66
C VAL S 1304 22.32 -12.31 -34.70
N GLU S 1305 22.73 -11.38 -33.84
CA GLU S 1305 24.05 -10.77 -33.97
C GLU S 1305 25.15 -11.77 -33.60
N GLY S 1306 26.15 -11.90 -34.47
CA GLY S 1306 27.23 -12.84 -34.24
C GLY S 1306 27.55 -13.64 -35.49
N THR S 1307 26.55 -13.90 -36.32
CA THR S 1307 26.76 -14.69 -37.53
C THR S 1307 27.50 -13.86 -38.57
N GLU S 1308 26.90 -12.76 -39.01
CA GLU S 1308 27.55 -11.79 -39.85
C GLU S 1308 27.84 -10.55 -39.01
N GLN S 1309 28.76 -9.70 -39.49
CA GLN S 1309 29.00 -8.45 -38.80
C GLN S 1309 27.82 -7.51 -39.00
N LEU S 1310 27.83 -6.41 -38.26
CA LEU S 1310 26.78 -5.41 -38.39
C LEU S 1310 26.93 -4.67 -39.71
N ILE S 1311 25.83 -4.05 -40.15
CA ILE S 1311 25.77 -3.36 -41.43
C ILE S 1311 25.41 -1.91 -41.18
N GLU S 1312 26.26 -1.00 -41.64
CA GLU S 1312 26.14 0.40 -41.28
C GLU S 1312 25.00 1.08 -42.01
N ASN S 1313 24.13 1.74 -41.25
CA ASN S 1313 23.06 2.52 -41.86
C ASN S 1313 23.17 3.96 -41.38
N PRO S 1314 23.65 4.87 -42.23
CA PRO S 1314 23.73 6.28 -41.82
C PRO S 1314 22.40 6.99 -41.83
N CYS S 1315 21.37 6.41 -42.46
CA CYS S 1315 20.07 7.06 -42.51
C CYS S 1315 19.33 6.96 -41.18
N ARG S 1316 19.79 6.11 -40.26
CA ARG S 1316 19.19 6.06 -38.94
C ARG S 1316 19.44 7.34 -38.15
N LEU S 1317 20.56 8.02 -38.42
CA LEU S 1317 20.85 9.26 -37.73
C LEU S 1317 20.06 10.42 -38.31
N THR S 1318 19.99 10.53 -39.63
CA THR S 1318 19.36 11.67 -40.26
C THR S 1318 17.88 11.48 -40.56
N GLN S 1319 17.37 10.25 -40.42
CA GLN S 1319 15.94 9.92 -40.49
C GLN S 1319 15.31 10.34 -41.82
N GLU S 1320 16.05 10.14 -42.89
CA GLU S 1320 15.52 10.52 -44.20
C GLU S 1320 15.96 9.54 -45.27
N ALA S 1321 15.40 9.67 -46.46
CA ALA S 1321 15.74 8.78 -47.57
C ALA S 1321 16.15 9.62 -48.76
N LEU S 1322 16.78 8.96 -49.73
CA LEU S 1322 17.34 9.65 -50.88
C LEU S 1322 16.58 9.24 -52.14
N PRO S 1323 16.26 10.19 -53.00
CA PRO S 1323 15.53 9.85 -54.22
C PRO S 1323 16.41 9.19 -55.26
N ILE S 1324 15.77 8.35 -56.07
CA ILE S 1324 16.44 7.66 -57.16
C ILE S 1324 15.85 8.17 -58.47
N LEU S 1325 16.57 7.91 -59.57
CA LEU S 1325 16.18 8.33 -60.91
C LEU S 1325 14.89 7.62 -61.31
N SER S 1326 13.81 8.39 -61.44
CA SER S 1326 12.54 7.86 -61.92
C SER S 1326 12.07 8.62 -63.14
N THR S 1327 11.54 7.87 -64.11
CA THR S 1327 11.02 8.46 -65.33
C THR S 1327 9.66 7.85 -65.59
N THR S 1328 8.64 8.70 -65.68
CA THR S 1328 7.29 8.23 -65.91
C THR S 1328 6.97 8.04 -67.38
N THR S 1329 7.98 8.08 -68.24
CA THR S 1329 7.85 7.65 -69.62
C THR S 1329 9.23 7.18 -70.07
N LEU S 1330 9.30 6.72 -71.30
CA LEU S 1330 10.59 6.34 -71.85
C LEU S 1330 11.24 7.46 -72.63
N ALA S 1331 10.52 8.54 -72.89
CA ALA S 1331 11.09 9.68 -73.60
C ALA S 1331 12.16 10.37 -72.76
N LEU S 1332 11.81 10.73 -71.53
CA LEU S 1332 12.77 11.36 -70.64
C LEU S 1332 13.85 10.38 -70.21
N MET S 1333 13.55 9.09 -70.16
CA MET S 1333 14.57 8.09 -69.83
C MET S 1333 15.60 7.97 -70.95
N GLU S 1334 15.16 8.01 -72.21
CA GLU S 1334 16.12 8.00 -73.31
C GLU S 1334 16.86 9.33 -73.40
N THR S 1335 16.23 10.41 -72.95
CA THR S 1335 16.94 11.69 -72.86
C THR S 1335 18.07 11.63 -71.84
N LYS S 1336 17.81 11.02 -70.69
CA LYS S 1336 18.84 10.91 -69.65
C LYS S 1336 19.91 9.90 -70.06
N LEU S 1337 19.53 8.83 -70.75
CA LEU S 1337 20.51 7.86 -71.24
C LEU S 1337 21.32 8.39 -72.41
N LYS S 1338 20.81 9.35 -73.17
CA LYS S 1338 21.48 9.83 -74.37
C LYS S 1338 22.50 10.92 -74.08
N GLY S 1339 22.22 11.83 -73.17
CA GLY S 1339 23.10 12.94 -72.88
C GLY S 1339 24.36 12.50 -72.16
N GLY S 1340 25.25 13.47 -71.98
CA GLY S 1340 26.57 13.22 -71.43
C GLY S 1340 26.57 13.07 -69.91
N ALA S 1341 27.62 13.60 -69.29
CA ALA S 1341 27.76 13.52 -67.86
C ALA S 1341 27.07 14.70 -67.19
N GLY S 1342 26.71 14.50 -65.93
CA GLY S 1342 26.02 15.54 -65.18
C GLY S 1342 24.55 15.70 -65.51
N ALA S 1343 24.02 14.89 -66.41
CA ALA S 1343 22.63 14.96 -66.83
C ALA S 1343 21.73 14.05 -66.01
N PHE S 1344 22.12 13.73 -64.78
CA PHE S 1344 21.30 12.90 -63.92
C PHE S 1344 20.76 13.64 -62.71
N ALA S 1345 21.39 14.74 -62.33
CA ALA S 1345 20.95 15.53 -61.19
C ALA S 1345 19.88 16.56 -61.56
N THR S 1346 19.54 16.65 -62.84
CA THR S 1346 18.47 17.53 -63.28
C THR S 1346 17.14 16.79 -63.21
N SER S 1347 16.11 17.52 -62.82
CA SER S 1347 14.78 16.96 -62.61
C SER S 1347 13.81 17.71 -63.51
N GLU S 1348 13.75 17.31 -64.77
CA GLU S 1348 12.87 17.92 -65.74
C GLU S 1348 11.45 17.39 -65.59
N THR S 1349 10.48 18.14 -66.12
CA THR S 1349 9.08 17.82 -65.91
C THR S 1349 8.30 18.16 -67.18
N HIS S 1350 7.47 17.22 -67.62
CA HIS S 1350 6.51 17.47 -68.69
C HIS S 1350 5.19 17.89 -68.06
N PHE S 1351 4.08 17.83 -68.82
CA PHE S 1351 2.77 18.20 -68.32
C PHE S 1351 2.35 17.31 -67.15
N GLY S 1352 2.14 16.03 -67.42
CA GLY S 1352 1.74 15.11 -66.37
C GLY S 1352 2.86 14.15 -66.03
N ASN S 1353 3.86 14.10 -66.88
CA ASN S 1353 4.99 13.19 -66.71
C ASN S 1353 6.13 13.95 -66.07
N TYR S 1354 6.77 13.33 -65.08
CA TYR S 1354 7.81 13.99 -64.31
C TYR S 1354 9.04 13.11 -64.26
N VAL S 1355 10.14 13.70 -63.79
CA VAL S 1355 11.37 12.99 -63.49
C VAL S 1355 11.90 13.56 -62.19
N VAL S 1356 12.09 12.71 -61.18
CA VAL S 1356 12.82 13.17 -60.01
C VAL S 1356 14.31 13.00 -60.26
N GLY S 1357 15.08 13.98 -59.82
CA GLY S 1357 16.49 14.05 -60.11
C GLY S 1357 17.29 13.23 -59.11
N GLU S 1358 18.40 12.68 -59.57
CA GLU S 1358 19.30 11.94 -58.70
C GLU S 1358 20.06 12.91 -57.82
N ILE S 1359 20.12 12.63 -56.51
CA ILE S 1359 20.71 13.59 -55.59
C ILE S 1359 22.23 13.46 -55.55
N ILE S 1360 22.76 12.24 -55.59
CA ILE S 1360 24.19 11.99 -55.62
C ILE S 1360 24.48 11.09 -56.81
N PRO S 1361 25.46 11.41 -57.65
CA PRO S 1361 25.63 10.67 -58.90
C PRO S 1361 26.25 9.30 -58.70
N LEU S 1362 25.44 8.30 -58.38
CA LEU S 1362 25.92 6.93 -58.29
C LEU S 1362 25.41 6.06 -59.41
N GLN S 1363 24.88 6.66 -60.49
CA GLN S 1363 24.61 5.92 -61.70
C GLN S 1363 25.50 6.35 -62.85
N GLN S 1364 26.44 7.27 -62.62
CA GLN S 1364 27.49 7.58 -63.57
C GLN S 1364 28.89 7.37 -63.01
N SER S 1365 29.05 7.32 -61.70
CA SER S 1365 30.35 7.20 -61.07
C SER S 1365 30.64 5.77 -60.64
N MET S 1366 29.59 5.02 -60.32
CA MET S 1366 29.74 3.71 -59.70
C MET S 1366 30.29 2.67 -60.65
N LEU S 1367 30.14 2.86 -61.96
CA LEU S 1367 30.59 1.88 -62.93
C LEU S 1367 31.92 2.29 -63.54
N MET T 1 -29.60 29.27 17.51
CA MET T 1 -29.53 30.71 17.26
C MET T 1 -28.66 30.99 16.05
N GLU T 2 -27.61 30.18 15.90
CA GLU T 2 -26.57 30.48 14.91
C GLU T 2 -27.05 30.26 13.48
N THR T 3 -27.85 29.22 13.25
CA THR T 3 -28.31 28.93 11.90
C THR T 3 -29.67 29.52 11.61
N HIS T 4 -30.50 29.70 12.64
CA HIS T 4 -31.88 30.17 12.47
C HIS T 4 -31.90 31.55 11.84
N LEU T 5 -31.15 32.50 12.42
CA LEU T 5 -31.16 33.87 11.95
C LEU T 5 -30.54 33.98 10.57
N TYR T 6 -29.42 33.28 10.35
CA TYR T 6 -28.73 33.36 9.07
C TYR T 6 -29.58 32.80 7.94
N SER T 7 -30.19 31.63 8.15
CA SER T 7 -30.99 31.03 7.10
C SER T 7 -32.32 31.76 6.94
N ASP T 8 -32.76 32.47 7.98
CA ASP T 8 -33.91 33.35 7.83
C ASP T 8 -33.61 34.49 6.87
N LEU T 9 -32.47 35.16 7.07
CA LEU T 9 -32.07 36.21 6.13
C LEU T 9 -31.73 35.64 4.75
N ALA T 10 -31.26 34.40 4.71
CA ALA T 10 -30.91 33.79 3.42
C ALA T 10 -32.15 33.41 2.64
N PHE T 11 -33.21 32.97 3.32
CA PHE T 11 -34.45 32.70 2.62
C PHE T 11 -35.16 33.99 2.25
N GLU T 12 -34.92 35.05 3.03
CA GLU T 12 -35.36 36.38 2.60
C GLU T 12 -34.61 36.82 1.35
N ALA T 13 -33.34 36.44 1.24
CA ALA T 13 -32.55 36.76 0.05
C ALA T 13 -33.04 35.99 -1.16
N ARG T 14 -33.27 34.70 -1.00
CA ARG T 14 -33.59 33.80 -2.09
C ARG T 14 -35.09 33.56 -2.22
N PHE T 15 -35.91 34.40 -1.59
CA PHE T 15 -37.35 34.20 -1.62
C PHE T 15 -37.95 34.49 -3.00
N ALA T 16 -37.24 35.25 -3.83
CA ALA T 16 -37.82 35.72 -5.08
C ALA T 16 -37.99 34.59 -6.09
N ASP T 17 -36.97 33.73 -6.20
CA ASP T 17 -37.05 32.65 -7.19
C ASP T 17 -37.96 31.53 -6.71
N ASP T 18 -37.60 30.88 -5.61
CA ASP T 18 -38.41 29.83 -5.01
C ASP T 18 -38.93 30.34 -3.67
N GLU T 19 -40.24 30.53 -3.58
CA GLU T 19 -40.85 31.12 -2.39
C GLU T 19 -40.84 30.09 -1.28
N GLN T 20 -39.69 29.97 -0.62
CA GLN T 20 -39.51 29.04 0.48
C GLN T 20 -39.61 29.80 1.79
N LEU T 21 -40.54 29.40 2.65
CA LEU T 21 -40.63 30.01 3.95
C LEU T 21 -39.90 29.17 4.98
N PRO T 22 -39.15 29.77 5.88
CA PRO T 22 -38.34 28.96 6.81
C PRO T 22 -39.17 28.27 7.87
N LEU T 23 -38.69 27.11 8.30
CA LEU T 23 -39.20 26.37 9.45
C LEU T 23 -38.01 26.14 10.37
N HIS T 24 -37.96 26.86 11.48
CA HIS T 24 -36.81 26.75 12.36
C HIS T 24 -37.02 25.63 13.36
N LEU T 25 -36.15 24.62 13.31
CA LEU T 25 -36.36 23.36 14.00
C LEU T 25 -35.20 23.07 14.96
N VAL T 26 -35.48 22.23 15.95
CA VAL T 26 -34.48 21.62 16.82
C VAL T 26 -34.88 20.18 17.04
N LEU T 27 -33.90 19.30 17.20
CA LEU T 27 -34.14 17.89 17.41
C LEU T 27 -33.59 17.45 18.76
N ASP T 28 -33.78 16.18 19.07
CA ASP T 28 -33.44 15.68 20.40
C ASP T 28 -32.99 14.22 20.32
N GLN T 29 -33.01 13.54 21.46
CA GLN T 29 -32.59 12.15 21.51
C GLN T 29 -33.65 11.21 20.95
N GLU T 30 -34.88 11.70 20.77
CA GLU T 30 -35.91 10.87 20.16
C GLU T 30 -35.66 10.70 18.67
N VAL T 31 -35.01 11.67 18.04
CA VAL T 31 -34.77 11.61 16.61
C VAL T 31 -33.63 10.66 16.30
N LEU T 32 -32.58 10.72 17.09
CA LEU T 32 -31.35 9.99 16.81
C LEU T 32 -30.56 9.87 18.11
N SER T 33 -29.54 9.02 18.08
CA SER T 33 -28.75 8.81 19.29
C SER T 33 -27.76 9.94 19.47
N ASN T 34 -27.00 9.85 20.57
CA ASN T 34 -25.97 10.86 20.81
C ASN T 34 -24.79 10.66 19.87
N GLU T 35 -24.39 9.40 19.67
CA GLU T 35 -23.30 9.10 18.75
C GLU T 35 -23.65 9.49 17.32
N GLU T 36 -24.91 9.30 16.93
CA GLU T 36 -25.34 9.71 15.60
C GLU T 36 -25.37 11.21 15.48
N ALA T 37 -25.59 11.92 16.58
CA ALA T 37 -25.66 13.37 16.54
C ALA T 37 -24.27 13.99 16.55
N GLU T 38 -23.30 13.28 17.11
CA GLU T 38 -21.95 13.82 17.17
C GLU T 38 -21.25 13.83 15.82
N THR T 39 -21.62 12.93 14.92
CA THR T 39 -20.95 12.83 13.63
C THR T 39 -21.88 13.03 12.45
N LEU T 40 -23.00 13.71 12.63
CA LEU T 40 -23.92 13.99 11.53
C LEU T 40 -23.28 14.98 10.55
N ARG T 41 -23.06 14.52 9.32
CA ARG T 41 -22.31 15.31 8.35
C ARG T 41 -23.13 16.48 7.83
N TYR T 42 -24.22 16.21 7.13
CA TYR T 42 -25.05 17.26 6.58
C TYR T 42 -26.47 16.71 6.41
N VAL T 43 -27.40 17.62 6.22
CA VAL T 43 -28.82 17.30 6.19
C VAL T 43 -29.38 17.63 4.80
N TYR T 44 -30.21 16.74 4.28
CA TYR T 44 -30.93 16.97 3.05
C TYR T 44 -32.43 17.03 3.33
N TYR T 45 -33.12 17.87 2.58
CA TYR T 45 -34.56 18.00 2.75
C TYR T 45 -35.18 18.27 1.39
N ARG T 46 -36.43 17.85 1.23
CA ARG T 46 -37.08 17.84 -0.06
C ARG T 46 -38.50 18.39 0.06
N ASN T 47 -38.85 19.30 -0.85
CA ASN T 47 -40.20 19.78 -0.97
C ASN T 47 -40.92 18.94 -2.02
N VAL T 48 -42.02 18.32 -1.63
CA VAL T 48 -42.84 17.52 -2.55
C VAL T 48 -44.30 17.91 -2.36
N ASP T 49 -44.98 18.16 -3.48
CA ASP T 49 -46.28 18.80 -3.50
C ASP T 49 -47.40 17.83 -3.14
N SER T 50 -48.64 18.32 -3.26
CA SER T 50 -49.80 17.51 -2.95
C SER T 50 -50.04 16.44 -4.02
N ALA T 51 -49.71 16.75 -5.27
CA ALA T 51 -49.73 15.75 -6.32
C ALA T 51 -48.68 14.67 -6.09
N GLY T 52 -47.60 15.01 -5.39
CA GLY T 52 -46.68 14.02 -4.87
C GLY T 52 -45.46 13.74 -5.72
N ARG T 53 -45.15 14.57 -6.71
CA ARG T 53 -44.00 14.26 -7.53
C ARG T 53 -42.70 14.77 -6.91
N SER T 54 -42.50 16.09 -6.90
CA SER T 54 -41.22 16.72 -6.58
C SER T 54 -41.32 18.23 -6.65
N THR T 55 -40.24 18.93 -6.30
CA THR T 55 -40.08 20.32 -6.70
C THR T 55 -38.89 20.53 -7.61
N GLY T 56 -38.16 19.46 -7.95
CA GLY T 56 -37.00 19.59 -8.81
C GLY T 56 -37.28 19.22 -10.25
N ARG T 57 -38.10 18.20 -10.46
CA ARG T 57 -38.35 17.67 -11.79
C ARG T 57 -39.32 18.56 -12.57
N ALA T 58 -39.74 18.05 -13.73
CA ALA T 58 -40.59 18.80 -14.65
C ALA T 58 -41.99 18.98 -14.07
N PRO T 59 -42.69 20.05 -14.46
CA PRO T 59 -44.08 20.22 -13.98
C PRO T 59 -45.05 19.18 -14.51
N GLY T 60 -45.07 18.94 -15.81
CA GLY T 60 -45.98 17.97 -16.39
C GLY T 60 -45.24 16.81 -17.01
N GLY T 61 -45.38 15.65 -16.37
CA GLY T 61 -44.70 14.45 -16.86
C GLY T 61 -43.22 14.48 -16.54
N ASP T 62 -42.55 13.37 -16.86
CA ASP T 62 -41.11 13.23 -16.66
C ASP T 62 -40.60 12.08 -17.53
N GLU T 63 -39.28 11.95 -17.65
CA GLU T 63 -38.69 10.79 -18.32
C GLU T 63 -38.31 9.76 -17.26
N ASP T 64 -39.30 9.44 -16.43
CA ASP T 64 -39.08 8.60 -15.26
C ASP T 64 -40.21 7.59 -15.11
N ASP T 65 -41.03 7.43 -16.15
CA ASP T 65 -42.08 6.43 -16.30
C ASP T 65 -41.45 5.21 -16.98
N ALA T 66 -42.27 4.37 -17.61
CA ALA T 66 -41.85 3.14 -18.27
C ALA T 66 -41.21 2.19 -17.25
N PRO T 67 -42.04 1.51 -16.44
CA PRO T 67 -41.77 1.25 -15.01
C PRO T 67 -40.37 0.85 -14.55
N ALA T 68 -39.81 -0.25 -15.07
CA ALA T 68 -38.48 -0.64 -14.62
C ALA T 68 -37.55 -1.08 -15.74
N SER T 69 -38.07 -1.73 -16.78
CA SER T 69 -37.41 -2.24 -17.99
C SER T 69 -36.49 -3.43 -17.73
N ASP T 70 -36.27 -3.78 -16.44
CA ASP T 70 -35.56 -4.96 -15.95
C ASP T 70 -34.18 -5.16 -16.57
N ASP T 71 -33.40 -4.09 -16.70
CA ASP T 71 -32.17 -4.16 -17.48
C ASP T 71 -30.98 -4.14 -16.53
N ALA T 72 -29.80 -4.39 -17.13
CA ALA T 72 -28.55 -4.31 -16.37
C ALA T 72 -27.71 -3.14 -16.85
N GLU T 73 -27.79 -2.81 -18.14
CA GLU T 73 -26.95 -1.76 -18.70
C GLU T 73 -27.42 -0.38 -18.26
N ASP T 74 -28.71 -0.10 -18.39
CA ASP T 74 -29.25 1.14 -17.82
C ASP T 74 -29.59 0.96 -16.35
N ALA T 75 -30.41 -0.06 -16.06
CA ALA T 75 -30.66 -0.69 -14.78
C ALA T 75 -31.49 0.14 -13.80
N VAL T 76 -31.63 1.44 -14.05
CA VAL T 76 -32.81 2.18 -13.64
C VAL T 76 -33.35 2.95 -14.84
N GLY T 77 -32.59 3.93 -15.32
CA GLY T 77 -32.82 4.59 -16.58
C GLY T 77 -31.50 5.11 -17.11
N GLY T 78 -30.41 4.72 -16.46
CA GLY T 78 -29.15 5.40 -16.64
C GLY T 78 -28.95 6.43 -15.54
N ASP T 79 -27.95 7.29 -15.69
CA ASP T 79 -27.59 8.21 -14.61
C ASP T 79 -28.21 9.58 -14.76
N ARG T 80 -28.98 9.83 -15.82
CA ARG T 80 -29.68 11.10 -15.94
C ARG T 80 -30.76 11.24 -14.87
N ALA T 81 -31.46 10.14 -14.57
CA ALA T 81 -32.42 10.16 -13.48
C ALA T 81 -31.72 10.29 -12.13
N PHE T 82 -30.49 9.79 -12.04
CA PHE T 82 -29.71 9.99 -10.83
C PHE T 82 -29.34 11.46 -10.64
N ASP T 83 -29.01 12.14 -11.73
CA ASP T 83 -28.78 13.58 -11.69
C ASP T 83 -30.05 14.32 -11.30
N ARG T 84 -31.21 13.86 -11.80
CA ARG T 84 -32.49 14.43 -11.40
C ARG T 84 -32.72 14.30 -9.90
N GLU T 85 -32.49 13.10 -9.38
CA GLU T 85 -32.74 12.84 -7.96
C GLU T 85 -31.74 13.58 -7.08
N ARG T 86 -30.55 13.84 -7.59
CA ARG T 86 -29.64 14.73 -6.87
C ARG T 86 -30.15 16.16 -6.89
N ARG T 87 -30.80 16.56 -7.99
CA ARG T 87 -31.32 17.91 -8.07
C ARG T 87 -32.61 18.10 -7.28
N THR T 88 -33.28 17.04 -6.83
CA THR T 88 -34.48 17.22 -6.01
C THR T 88 -34.14 17.80 -4.64
N TRP T 89 -33.24 17.16 -3.91
CA TRP T 89 -32.93 17.58 -2.56
C TRP T 89 -32.17 18.90 -2.53
N GLN T 90 -32.18 19.54 -1.36
CA GLN T 90 -31.38 20.72 -1.11
C GLN T 90 -30.63 20.53 0.20
N ARG T 91 -29.48 21.18 0.30
CA ARG T 91 -28.62 21.06 1.47
C ARG T 91 -28.84 22.25 2.37
N ALA T 92 -29.65 22.07 3.41
CA ALA T 92 -29.99 23.15 4.31
C ALA T 92 -28.92 23.32 5.38
N CYS T 93 -28.98 24.45 6.09
CA CYS T 93 -27.99 24.78 7.11
C CYS T 93 -28.13 23.84 8.31
N PHE T 94 -27.11 23.87 9.18
CA PHE T 94 -26.93 22.75 10.08
C PHE T 94 -25.98 23.15 11.20
N ARG T 95 -26.34 22.80 12.44
CA ARG T 95 -25.54 23.15 13.61
C ARG T 95 -25.87 22.24 14.79
N VAL T 96 -24.84 21.70 15.44
CA VAL T 96 -25.00 20.75 16.53
C VAL T 96 -24.46 21.38 17.81
N LEU T 97 -25.24 21.28 18.88
CA LEU T 97 -24.78 21.64 20.22
C LEU T 97 -24.87 20.40 21.09
N PRO T 98 -23.84 19.55 21.09
CA PRO T 98 -23.89 18.25 21.79
C PRO T 98 -23.59 18.35 23.29
N ARG T 99 -24.54 18.91 24.02
CA ARG T 99 -24.40 19.11 25.46
C ARG T 99 -25.79 19.20 26.04
N PRO T 100 -26.06 18.59 27.20
CA PRO T 100 -27.40 18.69 27.80
C PRO T 100 -27.72 20.12 28.20
N LEU T 101 -28.99 20.48 28.05
CA LEU T 101 -29.39 21.87 28.17
C LEU T 101 -30.90 21.95 28.31
N GLU T 102 -31.36 23.10 28.79
CA GLU T 102 -32.76 23.50 28.73
C GLU T 102 -32.89 24.60 27.68
N LEU T 103 -33.87 24.46 26.79
CA LEU T 103 -33.90 25.26 25.56
C LEU T 103 -34.21 26.73 25.87
N LEU T 104 -35.25 26.98 26.65
CA LEU T 104 -35.62 28.35 27.01
C LEU T 104 -34.52 28.99 27.85
N ASP T 105 -33.83 28.19 28.66
CA ASP T 105 -32.64 28.67 29.38
C ASP T 105 -31.57 29.08 28.39
N TYR T 106 -31.39 28.30 27.31
CA TYR T 106 -30.32 28.59 26.36
C TYR T 106 -30.64 29.84 25.55
N LEU T 107 -31.91 30.05 25.21
CA LEU T 107 -32.27 31.29 24.52
C LEU T 107 -32.23 32.48 25.47
N ARG T 108 -32.36 32.22 26.78
CA ARG T 108 -32.15 33.30 27.74
C ARG T 108 -30.66 33.63 27.87
N GLN T 109 -29.79 32.63 27.69
CA GLN T 109 -28.35 32.90 27.73
C GLN T 109 -27.90 33.64 26.48
N SER T 110 -28.61 33.42 25.37
CA SER T 110 -28.42 34.27 24.21
C SER T 110 -29.31 35.50 24.32
N GLY T 111 -29.33 36.30 23.26
CA GLY T 111 -30.04 37.57 23.33
C GLY T 111 -31.52 37.45 23.05
N LEU T 112 -31.99 36.23 22.80
CA LEU T 112 -33.38 36.05 22.40
C LEU T 112 -34.31 36.23 23.59
N THR T 113 -35.46 36.84 23.34
CA THR T 113 -36.45 37.11 24.38
C THR T 113 -37.62 36.15 24.24
N VAL T 114 -37.79 35.28 25.23
CA VAL T 114 -38.74 34.18 25.17
C VAL T 114 -39.99 34.54 25.97
N THR T 115 -41.16 34.26 25.39
CA THR T 115 -42.45 34.36 26.07
C THR T 115 -43.40 33.35 25.42
N LEU T 116 -43.79 32.34 26.17
CA LEU T 116 -44.77 31.36 25.73
C LEU T 116 -46.09 31.63 26.44
N GLU T 117 -47.11 30.83 26.11
CA GLU T 117 -48.40 30.98 26.78
C GLU T 117 -48.35 30.44 28.20
N LYS T 118 -47.60 29.36 28.42
CA LYS T 118 -47.45 28.72 29.71
C LYS T 118 -46.08 28.06 29.73
N GLU T 119 -45.43 28.06 30.88
CA GLU T 119 -44.05 27.60 30.95
C GLU T 119 -43.96 26.08 30.79
N GLN T 120 -43.33 25.66 29.69
CA GLN T 120 -43.10 24.26 29.38
C GLN T 120 -41.62 23.97 29.62
N ARG T 121 -41.32 23.27 30.71
CA ARG T 121 -39.95 22.91 31.01
C ARG T 121 -39.47 21.81 30.07
N VAL T 122 -38.74 22.18 29.02
CA VAL T 122 -38.18 21.23 28.07
C VAL T 122 -36.72 20.99 28.43
N ARG T 123 -36.35 19.71 28.53
CA ARG T 123 -35.01 19.32 28.93
C ARG T 123 -34.63 18.10 28.09
N MET T 124 -33.61 18.25 27.25
CA MET T 124 -33.16 17.17 26.38
C MET T 124 -31.66 16.98 26.54
N PHE T 125 -31.15 15.97 25.83
CA PHE T 125 -29.79 15.48 26.10
C PHE T 125 -28.75 16.20 25.25
N TYR T 126 -29.15 16.70 24.08
CA TYR T 126 -28.30 17.56 23.27
C TYR T 126 -29.15 18.49 22.44
N ALA T 127 -28.54 19.11 21.43
CA ALA T 127 -29.28 20.00 20.55
C ALA T 127 -28.65 19.99 19.18
N VAL T 128 -29.47 19.84 18.14
CA VAL T 128 -29.04 20.05 16.76
C VAL T 128 -30.05 20.98 16.07
N PHE T 129 -29.54 22.02 15.44
CA PHE T 129 -30.35 23.10 14.89
C PHE T 129 -30.41 22.97 13.37
N THR T 130 -31.61 23.09 12.83
CA THR T 130 -31.84 22.86 11.41
C THR T 130 -33.01 23.74 10.98
N THR T 131 -32.89 24.36 9.81
CA THR T 131 -34.00 25.11 9.22
C THR T 131 -34.39 24.51 7.89
N LEU T 132 -35.69 24.49 7.63
CA LEU T 132 -36.23 23.94 6.40
C LEU T 132 -37.10 24.98 5.71
N GLY T 133 -36.98 25.05 4.39
CA GLY T 133 -37.83 25.93 3.62
C GLY T 133 -38.78 25.17 2.73
N LEU T 134 -40.07 25.15 3.07
CA LEU T 134 -41.08 24.55 2.21
C LEU T 134 -41.50 25.56 1.18
N ARG T 135 -41.60 25.12 -0.08
CA ARG T 135 -41.78 26.02 -1.20
C ARG T 135 -43.25 26.12 -1.57
N CYS T 136 -43.84 27.29 -1.33
CA CYS T 136 -45.18 27.56 -1.84
C CYS T 136 -45.04 27.97 -3.30
N PRO T 137 -45.74 27.30 -4.23
CA PRO T 137 -45.55 27.59 -5.66
C PRO T 137 -46.04 28.97 -6.05
N ASP T 138 -47.29 29.25 -5.74
CA ASP T 138 -47.83 30.59 -5.80
C ASP T 138 -47.58 31.26 -4.46
N ASN T 139 -48.24 32.41 -4.25
CA ASN T 139 -48.29 32.95 -2.91
C ASN T 139 -49.11 32.04 -1.98
N ARG T 140 -50.10 31.32 -2.52
CA ARG T 140 -50.93 30.44 -1.73
C ARG T 140 -50.19 29.17 -1.35
N LEU T 141 -50.71 28.46 -0.36
CA LEU T 141 -50.07 27.28 0.19
C LEU T 141 -51.09 26.17 0.37
N SER T 142 -50.68 24.95 0.01
CA SER T 142 -51.55 23.78 0.11
C SER T 142 -51.26 23.03 1.40
N GLY T 143 -52.34 22.65 2.11
CA GLY T 143 -52.17 22.01 3.40
C GLY T 143 -51.64 20.60 3.31
N ALA T 144 -51.97 19.90 2.24
CA ALA T 144 -51.55 18.52 2.06
C ALA T 144 -50.15 18.40 1.44
N GLN T 145 -49.37 19.47 1.45
CA GLN T 145 -47.97 19.38 1.09
C GLN T 145 -47.23 18.57 2.15
N THR T 146 -46.20 17.85 1.73
CA THR T 146 -45.42 17.04 2.65
C THR T 146 -43.93 17.29 2.45
N LEU T 147 -43.16 16.93 3.48
CA LEU T 147 -41.73 17.18 3.51
C LEU T 147 -40.96 15.87 3.62
N HIS T 148 -39.64 16.00 3.53
CA HIS T 148 -38.73 14.89 3.72
C HIS T 148 -37.50 15.39 4.46
N LEU T 149 -36.92 14.53 5.28
CA LEU T 149 -35.65 14.80 5.94
C LEU T 149 -34.68 13.68 5.60
N ARG T 150 -33.41 14.02 5.46
CA ARG T 150 -32.38 13.02 5.28
C ARG T 150 -31.21 13.40 6.19
N LEU T 151 -30.77 12.46 7.01
CA LEU T 151 -29.65 12.67 7.89
C LEU T 151 -28.49 11.79 7.44
N VAL T 152 -27.36 12.42 7.14
CA VAL T 152 -26.26 11.75 6.49
C VAL T 152 -25.07 11.69 7.44
N TRP T 153 -24.58 10.49 7.67
CA TRP T 153 -23.35 10.26 8.42
C TRP T 153 -22.26 9.97 7.40
N PRO T 154 -20.96 10.13 7.72
CA PRO T 154 -19.94 10.02 6.66
C PRO T 154 -19.70 8.60 6.17
N ASP T 155 -20.33 7.59 6.77
CA ASP T 155 -20.22 6.24 6.23
C ASP T 155 -21.01 6.09 4.94
N GLY T 156 -22.00 6.95 4.72
CA GLY T 156 -22.89 6.85 3.59
C GLY T 156 -24.30 6.46 3.94
N SER T 157 -24.61 6.30 5.22
CA SER T 157 -25.95 5.92 5.64
C SER T 157 -26.90 7.11 5.54
N TYR T 158 -28.19 6.82 5.60
CA TYR T 158 -29.23 7.84 5.55
C TYR T 158 -30.44 7.37 6.33
N ARG T 159 -31.16 8.32 6.92
CA ARG T 159 -32.44 8.06 7.56
C ARG T 159 -33.46 9.04 7.00
N ASP T 160 -34.63 8.53 6.62
CA ASP T 160 -35.66 9.36 6.02
C ASP T 160 -36.84 9.55 6.98
N TRP T 161 -37.06 10.80 7.39
CA TRP T 161 -38.28 11.16 8.10
C TRP T 161 -39.14 11.99 7.16
N GLU T 162 -40.42 11.63 7.08
CA GLU T 162 -41.36 12.28 6.18
C GLU T 162 -42.58 12.68 6.99
N PHE T 163 -43.17 13.83 6.68
CA PHE T 163 -44.42 14.26 7.29
C PHE T 163 -45.09 15.34 6.45
N LEU T 164 -46.38 15.51 6.69
CA LEU T 164 -47.15 16.53 5.98
C LEU T 164 -46.85 17.90 6.53
N ALA T 165 -47.17 18.93 5.76
CA ALA T 165 -47.08 20.29 6.27
C ALA T 165 -48.34 20.72 6.96
N ARG T 166 -49.34 19.84 6.98
CA ARG T 166 -50.60 20.16 7.63
C ARG T 166 -50.43 20.25 9.13
N ASP T 167 -49.64 19.35 9.71
CA ASP T 167 -49.42 19.38 11.15
C ASP T 167 -48.41 20.46 11.53
N LEU T 168 -47.63 20.93 10.56
CA LEU T 168 -46.68 22.00 10.87
C LEU T 168 -47.37 23.35 10.96
N LEU T 169 -48.36 23.58 10.10
CA LEU T 169 -49.06 24.86 10.05
C LEU T 169 -50.51 24.75 10.49
N ARG T 170 -50.83 23.82 11.39
CA ARG T 170 -52.21 23.64 11.82
C ARG T 170 -52.65 24.78 12.74
N GLU T 171 -52.01 24.90 13.89
CA GLU T 171 -52.37 25.92 14.87
C GLU T 171 -51.79 27.29 14.54
N GLU T 172 -50.73 27.33 13.74
CA GLU T 172 -50.01 28.59 13.55
C GLU T 172 -50.75 29.53 12.62
N MET T 173 -51.23 29.03 11.48
CA MET T 173 -51.92 29.90 10.54
C MET T 173 -53.33 30.20 11.02
N GLU T 174 -53.88 29.35 11.90
CA GLU T 174 -55.20 29.61 12.45
C GLU T 174 -55.16 30.76 13.45
N ALA T 175 -54.06 30.91 14.19
CA ALA T 175 -53.92 32.03 15.09
C ALA T 175 -53.42 33.28 14.35
N ASN T 176 -52.64 33.08 13.30
CA ASN T 176 -52.14 34.20 12.50
C ASN T 176 -53.17 34.63 11.46
N ALA T 301 -30.04 47.54 12.72
CA ALA T 301 -29.64 46.21 12.30
C ALA T 301 -30.76 45.21 12.50
N ARG T 302 -30.89 44.25 11.58
CA ARG T 302 -31.94 43.26 11.69
C ARG T 302 -31.61 42.21 12.74
N THR T 303 -30.33 42.04 13.07
CA THR T 303 -29.96 41.05 14.07
C THR T 303 -30.27 41.54 15.48
N ASP T 304 -30.43 42.86 15.65
CA ASP T 304 -30.76 43.38 16.97
C ASP T 304 -32.26 43.33 17.20
N GLU T 305 -33.05 43.66 16.17
CA GLU T 305 -34.50 43.59 16.28
C GLU T 305 -34.99 42.16 16.37
N TRP T 306 -34.24 41.21 15.81
CA TRP T 306 -34.64 39.81 15.85
C TRP T 306 -34.54 39.22 17.25
N LYS T 307 -33.52 39.63 18.01
CA LYS T 307 -33.39 39.17 19.38
C LYS T 307 -34.42 39.85 20.29
N GLY T 308 -34.73 41.12 20.01
CA GLY T 308 -35.66 41.85 20.84
C GLY T 308 -37.09 41.37 20.69
N ALA T 309 -37.48 41.03 19.47
CA ALA T 309 -38.80 40.44 19.26
C ALA T 309 -38.82 38.99 19.72
N GLY T 310 -37.99 38.14 19.12
CA GLY T 310 -37.82 36.80 19.62
C GLY T 310 -38.95 35.85 19.22
N VAL T 311 -39.10 34.82 20.05
CA VAL T 311 -40.00 33.71 19.78
C VAL T 311 -41.38 34.05 20.31
N SER T 312 -42.42 33.45 19.71
CA SER T 312 -43.78 33.56 20.21
C SER T 312 -44.27 32.28 20.87
N ARG T 313 -43.98 31.12 20.27
CA ARG T 313 -44.42 29.85 20.84
C ARG T 313 -43.49 28.74 20.40
N LEU T 314 -43.57 27.62 21.12
CA LEU T 314 -42.83 26.40 20.85
C LEU T 314 -43.84 25.29 20.63
N ARG T 315 -43.64 24.49 19.59
CA ARG T 315 -44.59 23.45 19.24
C ARG T 315 -43.87 22.19 18.81
N GLU T 316 -44.25 21.07 19.41
CA GLU T 316 -43.76 19.76 19.00
C GLU T 316 -44.70 19.21 17.93
N VAL T 317 -44.15 18.42 17.02
CA VAL T 317 -44.91 17.84 15.93
C VAL T 317 -44.34 16.48 15.58
N TRP T 318 -45.20 15.46 15.55
CA TRP T 318 -44.80 14.13 15.15
C TRP T 318 -44.70 14.05 13.64
N ASP T 319 -44.21 12.90 13.15
CA ASP T 319 -44.24 12.76 11.71
C ASP T 319 -45.55 12.11 11.24
N VAL T 320 -45.53 11.64 9.99
CA VAL T 320 -46.70 10.97 9.44
C VAL T 320 -46.82 9.55 10.00
N GLN T 321 -45.73 9.04 10.57
CA GLN T 321 -45.74 7.65 11.03
C GLN T 321 -45.76 7.56 12.55
N HIS T 322 -45.72 8.69 13.24
CA HIS T 322 -45.74 8.86 14.70
C HIS T 322 -44.56 8.15 15.34
N ARG T 323 -43.44 8.00 14.62
CA ARG T 323 -42.28 7.32 15.18
C ARG T 323 -41.32 8.32 15.83
N VAL T 324 -41.39 9.58 15.44
CA VAL T 324 -40.52 10.62 15.99
C VAL T 324 -41.24 11.96 15.99
N ARG T 325 -41.14 12.66 17.11
CA ARG T 325 -41.60 14.03 17.24
C ARG T 325 -40.38 14.95 17.29
N LEU T 326 -40.60 16.23 17.01
CA LEU T 326 -39.54 17.24 16.99
C LEU T 326 -40.18 18.60 17.19
N ARG T 327 -39.40 19.55 17.69
CA ARG T 327 -39.94 20.85 18.08
C ARG T 327 -39.58 21.91 17.06
N VAL T 328 -40.50 22.83 16.83
CA VAL T 328 -40.31 23.93 15.89
C VAL T 328 -40.37 25.24 16.67
N LEU T 329 -39.68 26.27 16.17
CA LEU T 329 -39.81 27.59 16.76
C LEU T 329 -40.57 28.51 15.82
N TRP T 330 -41.02 29.64 16.38
CA TRP T 330 -41.79 30.62 15.61
C TRP T 330 -41.37 32.01 16.07
N TYR T 331 -40.64 32.72 15.23
CA TYR T 331 -40.28 34.09 15.54
C TYR T 331 -41.29 35.06 14.94
N VAL T 332 -41.54 36.14 15.66
CA VAL T 332 -42.52 37.13 15.22
C VAL T 332 -41.84 38.11 14.27
N ASN T 333 -40.53 38.26 14.38
CA ASN T 333 -39.83 39.17 13.49
C ASN T 333 -39.37 38.49 12.20
N SER T 334 -39.81 37.28 11.93
CA SER T 334 -39.52 36.65 10.65
C SER T 334 -40.28 37.35 9.54
N PHE T 335 -39.79 37.20 8.31
CA PHE T 335 -40.44 37.80 7.16
C PHE T 335 -41.59 36.93 6.67
N TRP T 336 -41.78 35.77 7.31
CA TRP T 336 -42.95 34.96 7.06
C TRP T 336 -44.22 35.65 7.52
N ARG T 337 -44.12 36.46 8.58
CA ARG T 337 -45.28 37.08 9.18
C ARG T 337 -45.88 38.20 8.35
N SER T 338 -45.15 38.72 7.37
CA SER T 338 -45.64 39.82 6.55
C SER T 338 -45.93 39.43 5.11
N ARG T 339 -45.83 38.15 4.75
CA ARG T 339 -46.03 37.75 3.37
C ARG T 339 -47.51 37.68 3.01
N GLU T 340 -48.36 37.32 3.99
CA GLU T 340 -49.81 37.18 3.85
C GLU T 340 -50.17 36.15 2.78
N LEU T 341 -49.76 34.92 3.03
CA LEU T 341 -50.14 33.79 2.21
C LEU T 341 -51.54 33.33 2.60
N SER T 342 -52.12 32.45 1.79
CA SER T 342 -53.42 31.87 2.08
C SER T 342 -53.26 30.36 2.24
N TYR T 343 -54.05 29.80 3.16
CA TYR T 343 -53.91 28.41 3.57
C TYR T 343 -55.26 27.71 3.43
N ASP T 344 -55.26 26.58 2.73
CA ASP T 344 -56.46 25.78 2.56
C ASP T 344 -56.07 24.31 2.56
N ASP T 345 -56.93 23.48 3.16
CA ASP T 345 -56.67 22.04 3.30
C ASP T 345 -57.90 21.27 2.80
N HIS T 346 -57.94 21.01 1.49
CA HIS T 346 -59.08 20.31 0.92
C HIS T 346 -58.91 18.81 1.11
N GLU T 347 -60.02 18.13 1.38
CA GLU T 347 -59.97 16.73 1.78
C GLU T 347 -59.63 15.79 0.62
N VAL T 348 -60.01 16.14 -0.61
CA VAL T 348 -59.65 15.30 -1.75
C VAL T 348 -58.18 15.49 -2.10
N GLU T 349 -57.59 16.61 -1.69
CA GLU T 349 -56.15 16.79 -1.86
C GLU T 349 -55.39 16.03 -0.78
N LEU T 350 -55.97 15.92 0.41
CA LEU T 350 -55.41 15.05 1.43
C LEU T 350 -55.58 13.59 1.06
N TYR T 351 -56.66 13.28 0.35
CA TYR T 351 -56.95 11.91 -0.06
C TYR T 351 -55.92 11.42 -1.10
N ARG T 352 -55.49 12.32 -1.99
CA ARG T 352 -54.52 11.91 -3.00
C ARG T 352 -53.09 12.01 -2.48
N ALA T 353 -52.84 12.85 -1.48
CA ALA T 353 -51.49 12.98 -0.95
C ALA T 353 -51.10 11.76 -0.13
N LEU T 354 -52.06 11.13 0.53
CA LEU T 354 -51.78 9.85 1.17
C LEU T 354 -51.65 8.74 0.15
N ASP T 355 -52.34 8.88 -0.98
CA ASP T 355 -52.23 7.89 -2.06
C ASP T 355 -50.86 7.97 -2.72
N ALA T 356 -50.33 9.19 -2.87
CA ALA T 356 -48.96 9.33 -3.37
C ALA T 356 -47.97 8.85 -2.31
N TYR T 357 -48.30 9.04 -1.03
CA TYR T 357 -47.44 8.51 0.02
C TYR T 357 -47.62 7.01 0.17
N ARG T 358 -48.76 6.48 -0.29
CA ARG T 358 -48.95 5.03 -0.29
C ARG T 358 -47.96 4.35 -1.23
N ALA T 359 -47.83 4.86 -2.46
CA ALA T 359 -46.94 4.25 -3.44
C ALA T 359 -45.48 4.46 -3.06
N ARG T 360 -45.19 5.53 -2.33
CA ARG T 360 -43.81 5.76 -1.87
C ARG T 360 -43.39 4.73 -0.84
N ILE T 361 -44.31 4.35 0.06
CA ILE T 361 -44.00 3.31 1.04
C ILE T 361 -44.03 1.94 0.38
N ALA T 362 -44.96 1.74 -0.55
CA ALA T 362 -45.20 0.42 -1.14
C ALA T 362 -44.08 -0.06 -2.04
N VAL T 363 -43.09 0.79 -2.35
CA VAL T 363 -42.01 0.39 -3.25
C VAL T 363 -41.11 -0.65 -2.58
N GLU T 364 -41.14 -0.72 -1.24
CA GLU T 364 -40.28 -1.67 -0.56
C GLU T 364 -40.98 -3.03 -0.39
N TYR T 365 -42.31 -3.03 -0.22
CA TYR T 365 -42.98 -4.25 0.23
C TYR T 365 -43.53 -5.05 -0.94
N VAL T 366 -43.93 -4.39 -2.01
CA VAL T 366 -44.45 -5.15 -3.15
C VAL T 366 -43.29 -5.73 -3.95
N LEU T 367 -42.08 -5.26 -3.69
CA LEU T 367 -40.90 -5.97 -4.18
C LEU T 367 -40.75 -7.31 -3.46
N ILE T 368 -41.02 -7.35 -2.16
CA ILE T 368 -41.02 -8.61 -1.42
C ILE T 368 -42.14 -9.52 -1.91
N ARG T 369 -43.27 -8.91 -2.28
CA ARG T 369 -44.33 -9.63 -2.96
C ARG T 369 -43.86 -10.21 -4.28
N ALA T 370 -42.97 -9.49 -4.99
CA ALA T 370 -42.49 -9.96 -6.27
C ALA T 370 -41.49 -11.09 -6.12
N VAL T 371 -40.85 -11.20 -4.96
CA VAL T 371 -39.98 -12.35 -4.72
C VAL T 371 -40.81 -13.59 -4.46
N ARG T 372 -41.89 -13.45 -3.70
CA ARG T 372 -42.64 -14.62 -3.24
C ARG T 372 -43.43 -15.27 -4.37
N ASP T 373 -44.01 -14.47 -5.26
CA ASP T 373 -44.74 -15.04 -6.38
C ASP T 373 -43.80 -15.68 -7.39
N GLU T 374 -42.53 -15.24 -7.40
CA GLU T 374 -41.54 -15.87 -8.26
C GLU T 374 -41.21 -17.27 -7.78
N ILE T 375 -41.17 -17.47 -6.46
CA ILE T 375 -40.89 -18.79 -5.90
C ILE T 375 -42.03 -19.75 -6.21
N TYR T 376 -43.28 -19.29 -6.03
CA TYR T 376 -44.44 -20.14 -6.28
C TYR T 376 -44.59 -20.43 -7.76
N ALA T 377 -44.08 -19.55 -8.62
CA ALA T 377 -44.14 -19.80 -10.05
C ALA T 377 -43.14 -20.86 -10.47
N VAL T 378 -41.90 -20.75 -10.01
CA VAL T 378 -40.83 -21.63 -10.50
C VAL T 378 -40.99 -23.02 -9.89
N LEU T 379 -41.59 -23.10 -8.71
CA LEU T 379 -41.79 -24.41 -8.07
C LEU T 379 -42.90 -25.16 -8.76
N ARG T 380 -43.93 -24.44 -9.22
CA ARG T 380 -44.94 -25.04 -10.09
C ARG T 380 -44.37 -25.30 -11.48
N ARG T 381 -43.39 -24.48 -11.89
CA ARG T 381 -42.75 -24.68 -13.18
C ARG T 381 -41.84 -25.90 -13.15
N ASP T 382 -41.08 -26.07 -12.07
CA ASP T 382 -40.19 -27.23 -11.96
C ASP T 382 -40.98 -28.50 -11.68
N GLY T 383 -41.90 -28.45 -10.72
CA GLY T 383 -42.67 -29.60 -10.34
C GLY T 383 -42.32 -30.22 -9.00
N GLY T 384 -41.49 -29.56 -8.20
CA GLY T 384 -41.18 -30.04 -6.87
C GLY T 384 -39.86 -30.77 -6.73
N ALA T 385 -39.17 -31.03 -7.83
CA ALA T 385 -37.85 -31.68 -7.78
C ALA T 385 -36.76 -30.63 -8.02
N LEU T 386 -36.39 -29.95 -6.94
CA LEU T 386 -35.47 -28.83 -7.04
C LEU T 386 -34.03 -29.32 -6.86
N PRO T 387 -33.06 -28.73 -7.56
CA PRO T 387 -31.71 -29.25 -7.52
C PRO T 387 -30.89 -28.64 -6.39
N GLN T 388 -29.62 -29.04 -6.34
CA GLN T 388 -28.67 -28.47 -5.39
C GLN T 388 -27.74 -27.51 -6.10
N ARG T 389 -27.49 -26.35 -5.48
CA ARG T 389 -26.49 -25.41 -5.98
C ARG T 389 -25.54 -24.94 -4.89
N PHE T 390 -25.48 -25.64 -3.76
CA PHE T 390 -24.63 -25.23 -2.65
C PHE T 390 -23.97 -26.44 -2.02
N ALA T 391 -22.73 -26.26 -1.58
CA ALA T 391 -21.94 -27.37 -1.05
C ALA T 391 -22.31 -27.71 0.38
N CYS T 392 -22.98 -28.84 0.54
CA CYS T 392 -23.31 -29.40 1.84
C CYS T 392 -23.18 -30.91 1.80
N HIS T 393 -22.54 -31.48 2.81
CA HIS T 393 -22.68 -32.91 3.02
C HIS T 393 -24.11 -33.18 3.48
N VAL T 394 -24.64 -34.33 3.08
CA VAL T 394 -26.01 -34.70 3.40
C VAL T 394 -26.03 -36.09 4.02
N SER T 395 -27.22 -36.55 4.36
CA SER T 395 -27.43 -37.87 4.94
C SER T 395 -28.74 -38.44 4.42
N ARG T 396 -28.66 -39.62 3.79
CA ARG T 396 -29.82 -40.16 3.10
C ARG T 396 -30.85 -40.71 4.08
N ASN T 397 -30.40 -41.27 5.21
CA ASN T 397 -31.33 -41.90 6.15
C ASN T 397 -32.13 -40.87 6.95
N MET T 398 -31.74 -39.61 6.88
CA MET T 398 -32.53 -38.55 7.49
C MET T 398 -33.80 -38.31 6.67
N SER T 399 -34.92 -38.14 7.37
CA SER T 399 -36.20 -37.94 6.71
C SER T 399 -36.25 -36.56 6.05
N TRP T 400 -37.00 -36.45 4.96
CA TRP T 400 -37.12 -35.21 4.22
C TRP T 400 -38.54 -34.67 4.19
N ARG T 401 -39.53 -35.47 4.65
CA ARG T 401 -40.87 -34.94 4.82
C ARG T 401 -40.92 -33.89 5.92
N VAL T 402 -40.06 -34.04 6.93
CA VAL T 402 -39.96 -33.03 7.99
C VAL T 402 -39.30 -31.77 7.45
N VAL T 403 -38.43 -31.91 6.44
CA VAL T 403 -37.70 -30.76 5.93
C VAL T 403 -38.58 -29.93 5.00
N TRP T 404 -39.41 -30.60 4.21
CA TRP T 404 -40.31 -29.90 3.30
C TRP T 404 -41.40 -29.15 4.06
N GLU T 405 -41.84 -29.70 5.19
CA GLU T 405 -42.88 -29.06 5.98
C GLU T 405 -42.37 -27.79 6.66
N LEU T 406 -41.07 -27.76 6.98
CA LEU T 406 -40.51 -26.57 7.61
C LEU T 406 -40.14 -25.53 6.57
N CYS T 407 -40.25 -25.86 5.29
CA CYS T 407 -40.12 -24.84 4.25
C CYS T 407 -41.33 -23.92 4.23
N ARG T 408 -42.53 -24.50 4.29
CA ARG T 408 -43.75 -23.72 4.17
C ARG T 408 -44.01 -22.89 5.42
N HIS T 409 -43.72 -23.45 6.59
CA HIS T 409 -44.00 -22.77 7.85
C HIS T 409 -43.07 -21.58 8.04
N ALA T 410 -41.87 -21.62 7.45
CA ALA T 410 -40.92 -20.55 7.67
C ALA T 410 -40.97 -19.50 6.57
N LEU T 411 -41.47 -19.89 5.39
CA LEU T 411 -41.50 -18.96 4.25
C LEU T 411 -42.49 -17.83 4.49
N ALA T 412 -43.61 -18.13 5.13
CA ALA T 412 -44.56 -17.07 5.48
C ALA T 412 -44.03 -16.20 6.60
N LEU T 413 -43.20 -16.77 7.49
CA LEU T 413 -42.65 -16.00 8.60
C LEU T 413 -41.65 -14.97 8.13
N TRP T 414 -41.07 -15.17 6.96
CA TRP T 414 -40.23 -14.13 6.37
C TRP T 414 -41.07 -12.96 5.89
N MET T 415 -42.25 -13.23 5.34
CA MET T 415 -43.12 -12.15 4.90
C MET T 415 -43.73 -11.41 6.08
N ASP T 416 -43.88 -12.09 7.21
CA ASP T 416 -44.40 -11.43 8.41
C ASP T 416 -43.38 -10.44 8.96
N TRP T 417 -42.11 -10.65 8.70
CA TRP T 417 -41.05 -9.81 9.23
C TRP T 417 -40.33 -9.00 8.16
N ALA T 418 -40.99 -8.68 7.05
CA ALA T 418 -40.32 -7.96 5.97
C ALA T 418 -40.11 -6.50 6.36
N ASP T 419 -39.01 -5.93 5.87
CA ASP T 419 -38.61 -4.58 6.25
C ASP T 419 -37.76 -4.02 5.11
N VAL T 420 -37.59 -2.69 5.11
CA VAL T 420 -36.68 -2.03 4.18
C VAL T 420 -35.24 -2.50 4.41
N ARG T 421 -34.86 -2.67 5.67
CA ARG T 421 -33.54 -3.21 5.98
C ARG T 421 -33.57 -4.71 5.71
N SER T 422 -33.29 -5.09 4.47
CA SER T 422 -33.33 -6.49 4.05
C SER T 422 -32.24 -6.68 3.01
N CYS T 423 -32.03 -7.94 2.63
CA CYS T 423 -30.94 -8.25 1.71
C CYS T 423 -31.27 -7.78 0.29
N ILE T 424 -32.53 -7.93 -0.12
CA ILE T 424 -32.91 -7.64 -1.51
C ILE T 424 -32.92 -6.14 -1.76
N ILE T 425 -33.09 -5.35 -0.69
CA ILE T 425 -32.94 -3.91 -0.84
C ILE T 425 -31.46 -3.54 -0.89
N LYS T 426 -30.62 -4.27 -0.13
CA LYS T 426 -29.19 -4.00 -0.16
C LYS T 426 -28.55 -4.51 -1.45
N ALA T 427 -29.23 -5.42 -2.14
CA ALA T 427 -28.74 -5.87 -3.44
C ALA T 427 -28.90 -4.78 -4.49
N LEU T 428 -29.95 -3.97 -4.36
CA LEU T 428 -30.22 -2.95 -5.35
C LEU T 428 -29.35 -1.72 -5.16
N THR T 429 -28.99 -1.41 -3.91
CA THR T 429 -28.35 -0.14 -3.57
C THR T 429 -27.02 0.14 -4.27
N PRO T 430 -26.13 -0.81 -4.54
CA PRO T 430 -25.01 -0.49 -5.43
C PRO T 430 -25.40 -0.28 -6.88
N ARG T 431 -26.54 -0.81 -7.33
CA ARG T 431 -26.91 -0.64 -8.73
C ARG T 431 -27.46 0.74 -9.01
N LEU T 432 -28.10 1.36 -8.03
CA LEU T 432 -28.59 2.75 -8.15
C LEU T 432 -27.52 3.75 -7.73
N SER T 433 -26.31 3.61 -8.26
CA SER T 433 -25.21 4.50 -7.94
C SER T 433 -24.85 5.31 -9.18
N ARG T 434 -23.80 6.12 -9.05
CA ARG T 434 -23.38 6.95 -10.18
C ARG T 434 -22.67 6.11 -11.22
N GLY T 435 -21.53 5.52 -10.86
CA GLY T 435 -20.74 4.78 -11.82
C GLY T 435 -21.09 3.31 -11.89
N ALA T 436 -22.34 2.98 -11.60
CA ALA T 436 -22.76 1.58 -11.61
C ALA T 436 -23.12 1.13 -13.02
N ALA T 437 -23.80 1.99 -13.78
CA ALA T 437 -24.37 1.56 -15.05
C ALA T 437 -23.29 1.39 -16.11
N ALA T 438 -22.32 2.30 -16.15
CA ALA T 438 -21.25 2.19 -17.14
C ALA T 438 -20.31 1.05 -16.81
N ALA T 439 -20.11 0.76 -15.52
CA ALA T 439 -19.28 -0.36 -15.13
C ALA T 439 -19.98 -1.68 -15.39
N ALA T 440 -21.31 -1.68 -15.31
CA ALA T 440 -22.07 -2.89 -15.62
C ALA T 440 -22.01 -3.20 -17.11
N GLN T 441 -21.99 -2.16 -17.94
CA GLN T 441 -21.79 -2.36 -19.37
C GLN T 441 -20.36 -2.83 -19.65
N ARG T 442 -19.41 -2.40 -18.83
CA ARG T 442 -18.02 -2.83 -19.00
C ARG T 442 -17.84 -4.28 -18.60
N ALA T 443 -18.75 -4.80 -17.78
CA ALA T 443 -18.64 -6.19 -17.34
C ALA T 443 -18.98 -7.16 -18.46
N ARG T 444 -20.07 -6.89 -19.19
CA ARG T 444 -20.46 -7.77 -20.27
C ARG T 444 -19.57 -7.59 -21.50
N ARG T 445 -19.02 -6.39 -21.68
CA ARG T 445 -18.13 -6.15 -22.81
C ARG T 445 -16.81 -6.88 -22.64
N GLN T 446 -16.39 -7.09 -21.39
CA GLN T 446 -15.20 -7.89 -21.13
C GLN T 446 -15.49 -9.38 -21.35
N ARG T 447 -16.69 -9.83 -20.99
CA ARG T 447 -17.07 -11.21 -21.26
C ARG T 447 -17.27 -11.43 -22.76
N GLU T 448 -18.18 -10.66 -23.36
CA GLU T 448 -18.59 -10.87 -24.75
C GLU T 448 -17.51 -10.30 -25.68
N ARG T 449 -16.43 -11.05 -25.79
CA ARG T 449 -15.32 -10.72 -26.67
C ARG T 449 -14.78 -12.02 -27.25
N SER T 450 -13.88 -11.89 -28.21
CA SER T 450 -13.26 -13.07 -28.80
C SER T 450 -12.21 -13.64 -27.85
N ALA T 451 -11.83 -14.89 -28.09
CA ALA T 451 -10.71 -15.47 -27.39
C ALA T 451 -9.43 -14.74 -27.80
N PRO T 452 -8.44 -14.63 -26.91
CA PRO T 452 -7.21 -13.91 -27.26
C PRO T 452 -6.44 -14.63 -28.35
N LYS T 453 -6.16 -13.90 -29.42
CA LYS T 453 -5.50 -14.42 -30.60
C LYS T 453 -4.04 -14.76 -30.29
N PRO T 454 -3.41 -15.64 -31.10
CA PRO T 454 -1.99 -15.96 -30.85
C PRO T 454 -1.06 -14.76 -31.02
N GLN T 455 -1.45 -13.78 -31.85
CA GLN T 455 -0.66 -12.57 -31.93
C GLN T 455 -0.87 -11.69 -30.71
N GLU T 456 -1.99 -11.86 -30.01
CA GLU T 456 -2.30 -10.99 -28.89
C GLU T 456 -1.48 -11.35 -27.66
N LEU T 457 -1.36 -12.64 -27.36
CA LEU T 457 -0.85 -13.07 -26.06
C LEU T 457 0.66 -12.87 -25.94
N LEU T 458 1.35 -12.73 -27.06
CA LEU T 458 2.81 -12.61 -27.00
C LEU T 458 3.23 -11.17 -26.82
N PHE T 459 2.41 -10.21 -27.23
CA PHE T 459 2.82 -8.82 -27.24
C PHE T 459 1.81 -7.85 -26.66
N GLY T 460 0.56 -8.26 -26.47
CA GLY T 460 -0.39 -7.44 -25.78
C GLY T 460 -0.10 -7.40 -24.30
N PRO T 461 -0.70 -6.45 -23.58
CA PRO T 461 -0.51 -6.41 -22.13
C PRO T 461 -1.28 -7.53 -21.44
N ARG T 462 -1.03 -7.68 -20.15
CA ARG T 462 -1.63 -8.78 -19.40
C ARG T 462 -3.10 -8.48 -19.12
N ASN T 463 -3.93 -9.50 -19.26
CA ASN T 463 -5.38 -9.34 -19.32
C ASN T 463 -6.00 -9.93 -18.05
N GLU T 464 -6.89 -9.15 -17.43
CA GLU T 464 -7.55 -9.55 -16.20
C GLU T 464 -8.54 -10.68 -16.44
N PRO T 468 -13.41 -11.38 -10.51
CA PRO T 468 -14.50 -12.31 -10.26
C PRO T 468 -14.09 -13.47 -9.37
N ALA T 469 -13.25 -13.20 -8.37
CA ALA T 469 -12.82 -14.25 -7.46
C ALA T 469 -13.91 -14.56 -6.43
N GLU T 470 -14.26 -13.58 -5.61
CA GLU T 470 -15.36 -13.72 -4.68
C GLU T 470 -16.23 -12.48 -4.73
N GLN T 471 -17.51 -12.67 -4.42
CA GLN T 471 -18.51 -11.62 -4.53
C GLN T 471 -19.20 -11.43 -3.19
N THR T 472 -19.65 -10.20 -2.92
CA THR T 472 -20.38 -9.89 -1.70
C THR T 472 -21.85 -10.18 -1.93
N TRP T 473 -22.37 -11.21 -1.28
CA TRP T 473 -23.79 -11.52 -1.31
C TRP T 473 -24.44 -11.08 -0.03
N TYR T 474 -25.74 -10.79 -0.10
CA TYR T 474 -26.52 -10.41 1.04
C TYR T 474 -27.54 -11.51 1.30
N ALA T 475 -27.88 -11.74 2.56
CA ALA T 475 -28.58 -12.95 2.93
C ALA T 475 -29.74 -12.67 3.88
N ASP T 476 -30.84 -13.38 3.66
CA ASP T 476 -31.95 -13.44 4.59
C ASP T 476 -31.93 -14.78 5.30
N VAL T 477 -31.62 -14.76 6.59
CA VAL T 477 -31.59 -15.96 7.42
C VAL T 477 -32.88 -15.98 8.24
N VAL T 478 -33.71 -16.99 8.02
CA VAL T 478 -34.90 -17.20 8.82
C VAL T 478 -34.68 -18.48 9.63
N ARG T 479 -35.30 -18.55 10.82
CA ARG T 479 -35.15 -19.68 11.72
C ARG T 479 -36.50 -19.98 12.34
N CYS T 480 -36.95 -21.23 12.22
CA CYS T 480 -38.31 -21.56 12.62
C CYS T 480 -38.38 -22.08 14.04
N VAL T 481 -37.24 -22.37 14.67
CA VAL T 481 -37.28 -22.95 16.00
C VAL T 481 -37.50 -21.86 17.04
N ARG T 482 -37.12 -20.63 16.72
CA ARG T 482 -37.19 -19.53 17.68
C ARG T 482 -37.81 -18.27 17.09
N ALA T 483 -38.15 -18.30 15.79
CA ALA T 483 -38.82 -17.21 15.07
C ALA T 483 -38.03 -15.91 15.10
N GLN T 484 -36.70 -16.02 15.22
CA GLN T 484 -35.82 -14.87 15.14
C GLN T 484 -35.15 -14.90 13.77
N VAL T 485 -35.46 -13.89 12.96
CA VAL T 485 -35.05 -13.82 11.57
C VAL T 485 -34.07 -12.66 11.41
N ASP T 486 -32.93 -12.93 10.79
CA ASP T 486 -31.89 -11.94 10.59
C ASP T 486 -31.97 -11.46 9.15
N LEU T 487 -31.98 -10.14 8.97
CA LEU T 487 -32.39 -9.59 7.68
C LEU T 487 -31.19 -9.21 6.82
N GLY T 488 -30.25 -8.44 7.37
CA GLY T 488 -29.11 -7.95 6.61
C GLY T 488 -27.84 -8.65 7.06
N VAL T 489 -27.30 -9.47 6.16
CA VAL T 489 -26.10 -10.26 6.47
C VAL T 489 -25.12 -10.14 5.31
N GLU T 490 -23.88 -9.74 5.62
CA GLU T 490 -22.82 -9.76 4.62
C GLU T 490 -22.32 -11.18 4.43
N VAL T 491 -22.24 -11.63 3.19
CA VAL T 491 -21.72 -12.94 2.84
C VAL T 491 -20.78 -12.78 1.66
N ARG T 492 -19.54 -13.25 1.82
CA ARG T 492 -18.61 -13.35 0.70
C ARG T 492 -18.57 -14.78 0.24
N ALA T 493 -19.06 -15.04 -0.97
CA ALA T 493 -19.19 -16.39 -1.50
C ALA T 493 -18.38 -16.51 -2.77
N ALA T 494 -17.90 -17.73 -3.04
CA ALA T 494 -17.04 -17.97 -4.19
C ALA T 494 -17.16 -19.40 -4.64
N ARG T 495 -16.78 -19.65 -5.89
CA ARG T 495 -16.70 -21.02 -6.39
C ARG T 495 -15.50 -21.73 -5.76
N CYS T 496 -15.76 -22.80 -5.03
CA CYS T 496 -14.68 -23.64 -4.56
C CYS T 496 -14.28 -24.61 -5.67
N PRO T 497 -13.08 -25.18 -5.62
CA PRO T 497 -12.65 -26.08 -6.70
C PRO T 497 -13.40 -27.41 -6.73
N ARG T 498 -13.00 -28.24 -7.70
CA ARG T 498 -13.46 -29.62 -7.94
C ARG T 498 -14.99 -29.71 -8.00
N THR T 499 -15.53 -29.15 -9.10
CA THR T 499 -16.93 -28.86 -9.41
C THR T 499 -17.67 -28.28 -8.21
N GLY T 500 -17.05 -27.27 -7.59
CA GLY T 500 -17.68 -26.61 -6.46
C GLY T 500 -18.83 -25.73 -6.88
N LEU T 501 -20.02 -26.05 -6.39
CA LEU T 501 -21.27 -25.38 -6.71
C LEU T 501 -21.19 -23.96 -6.15
N TRP T 502 -21.17 -23.78 -4.82
CA TRP T 502 -21.13 -22.49 -4.15
C TRP T 502 -20.81 -22.74 -2.68
N ILE T 503 -20.03 -21.87 -2.05
CA ILE T 503 -19.75 -21.97 -0.63
C ILE T 503 -19.75 -20.54 -0.06
N VAL T 504 -20.39 -20.38 1.10
CA VAL T 504 -20.72 -19.06 1.61
C VAL T 504 -19.93 -18.76 2.89
N ARG T 505 -18.89 -17.95 2.76
CA ARG T 505 -18.05 -17.58 3.88
C ARG T 505 -18.48 -16.23 4.42
N ASP T 506 -17.91 -15.87 5.57
CA ASP T 506 -18.16 -14.57 6.18
C ASP T 506 -17.10 -13.57 5.70
N ARG T 507 -17.02 -12.42 6.36
CA ARG T 507 -15.98 -11.44 6.05
C ARG T 507 -14.63 -11.91 6.55
N ARG T 508 -14.61 -12.82 7.52
CA ARG T 508 -13.38 -13.28 8.13
C ARG T 508 -13.07 -14.74 7.82
N GLY T 509 -13.62 -15.27 6.73
CA GLY T 509 -13.38 -16.66 6.35
C GLY T 509 -13.97 -17.66 7.31
N ARG T 510 -15.07 -17.29 7.97
CA ARG T 510 -15.56 -18.10 9.08
C ARG T 510 -16.30 -19.33 8.60
N LEU T 511 -16.83 -19.29 7.36
CA LEU T 511 -17.61 -20.36 6.73
C LEU T 511 -18.82 -20.66 7.61
N ARG T 512 -19.79 -19.72 7.59
CA ARG T 512 -20.63 -19.39 8.74
C ARG T 512 -21.39 -20.58 9.29
N ARG T 513 -21.76 -21.53 8.42
CA ARG T 513 -22.34 -22.82 8.80
C ARG T 513 -23.66 -22.65 9.56
N TRP T 514 -24.58 -21.89 8.98
CA TRP T 514 -25.95 -21.96 9.46
C TRP T 514 -26.76 -22.99 8.69
N LEU T 515 -26.37 -23.27 7.44
CA LEU T 515 -27.17 -24.09 6.56
C LEU T 515 -26.93 -25.58 6.79
N SER T 516 -26.12 -25.92 7.79
CA SER T 516 -26.09 -27.29 8.28
C SER T 516 -27.38 -27.63 9.00
N GLN T 517 -27.84 -26.71 9.85
CA GLN T 517 -28.84 -26.99 10.88
C GLN T 517 -30.22 -27.22 10.26
N PRO T 518 -31.14 -27.94 10.93
CA PRO T 518 -32.48 -28.10 10.36
C PRO T 518 -33.37 -26.90 10.63
N GLU T 519 -32.93 -26.01 11.51
CA GLU T 519 -33.82 -24.99 12.02
C GLU T 519 -33.86 -23.77 11.11
N VAL T 520 -32.95 -23.69 10.15
CA VAL T 520 -32.85 -22.49 9.32
C VAL T 520 -33.42 -22.74 7.94
N CYS T 521 -33.76 -21.65 7.26
CA CYS T 521 -33.84 -21.57 5.81
C CYS T 521 -33.20 -20.23 5.45
N VAL T 522 -32.58 -20.16 4.28
CA VAL T 522 -31.82 -18.97 3.91
C VAL T 522 -32.12 -18.58 2.47
N LEU T 523 -32.11 -17.28 2.23
CA LEU T 523 -32.32 -16.70 0.91
C LEU T 523 -31.07 -15.93 0.56
N TYR T 524 -30.59 -16.11 -0.67
CA TYR T 524 -29.39 -15.42 -1.12
C TYR T 524 -29.71 -14.57 -2.33
N VAL T 525 -29.14 -13.36 -2.34
CA VAL T 525 -29.23 -12.46 -3.49
C VAL T 525 -27.81 -12.12 -3.93
N THR T 526 -27.70 -11.67 -5.17
CA THR T 526 -26.44 -11.30 -5.79
C THR T 526 -26.37 -9.79 -5.87
N PRO T 527 -25.21 -9.23 -6.25
CA PRO T 527 -25.22 -7.81 -6.66
C PRO T 527 -26.04 -7.55 -7.90
N ASP T 528 -26.25 -8.55 -8.75
CA ASP T 528 -27.23 -8.48 -9.83
C ASP T 528 -28.60 -8.87 -9.28
N LEU T 529 -29.54 -9.14 -10.17
CA LEU T 529 -30.88 -9.56 -9.75
C LEU T 529 -31.05 -11.07 -9.71
N ASP T 530 -29.94 -11.81 -9.65
CA ASP T 530 -30.05 -13.25 -9.49
C ASP T 530 -30.37 -13.58 -8.04
N PHE T 531 -31.06 -14.70 -7.83
CA PHE T 531 -31.77 -14.96 -6.60
C PHE T 531 -31.72 -16.45 -6.28
N TYR T 532 -31.40 -16.78 -5.04
CA TYR T 532 -31.36 -18.15 -4.55
C TYR T 532 -32.17 -18.28 -3.27
N TRP T 533 -33.10 -19.24 -3.26
CA TRP T 533 -33.79 -19.64 -2.04
C TRP T 533 -33.27 -21.02 -1.67
N VAL T 534 -32.58 -21.11 -0.56
CA VAL T 534 -31.84 -22.32 -0.22
C VAL T 534 -32.48 -23.00 0.98
N LEU T 535 -32.78 -24.28 0.82
CA LEU T 535 -33.27 -25.15 1.87
C LEU T 535 -32.09 -25.64 2.70
N PRO T 536 -32.33 -26.10 3.94
CA PRO T 536 -31.25 -26.73 4.70
C PRO T 536 -30.79 -28.02 4.01
N GLY T 537 -29.50 -28.31 4.16
CA GLY T 537 -28.87 -29.28 3.30
C GLY T 537 -28.37 -28.69 2.01
N GLY T 538 -28.48 -27.38 1.83
CA GLY T 538 -27.90 -26.70 0.68
C GLY T 538 -28.62 -26.85 -0.64
N PHE T 539 -29.83 -27.38 -0.61
CA PHE T 539 -30.63 -27.49 -1.82
C PHE T 539 -31.31 -26.16 -2.09
N ALA T 540 -31.22 -25.72 -3.35
CA ALA T 540 -31.50 -24.33 -3.66
C ALA T 540 -32.47 -24.23 -4.82
N VAL T 541 -33.09 -23.07 -4.93
CA VAL T 541 -33.98 -22.74 -6.03
C VAL T 541 -33.40 -21.52 -6.74
N SER T 542 -32.99 -21.71 -7.99
CA SER T 542 -32.30 -20.66 -8.75
C SER T 542 -33.30 -19.93 -9.63
N SER T 543 -33.51 -18.65 -9.34
CA SER T 543 -34.42 -17.83 -10.14
C SER T 543 -33.87 -16.42 -10.19
N ARG T 544 -34.69 -15.49 -10.70
CA ARG T 544 -34.31 -14.10 -10.88
C ARG T 544 -35.10 -13.23 -9.94
N VAL T 545 -34.88 -11.93 -10.01
CA VAL T 545 -35.69 -10.94 -9.31
C VAL T 545 -36.39 -10.08 -10.35
N THR T 546 -37.71 -10.08 -10.33
CA THR T 546 -38.50 -9.27 -11.26
C THR T 546 -38.97 -8.03 -10.52
N LEU T 547 -38.66 -6.86 -11.09
CA LEU T 547 -39.10 -5.58 -10.54
C LEU T 547 -39.90 -4.78 -11.55
N HIS T 548 -40.34 -5.43 -12.63
CA HIS T 548 -40.99 -4.74 -13.75
C HIS T 548 -42.32 -4.13 -13.35
N GLY T 549 -42.97 -4.69 -12.33
CA GLY T 549 -44.19 -4.09 -11.82
C GLY T 549 -43.95 -2.80 -11.06
N LEU T 550 -42.71 -2.57 -10.63
CA LEU T 550 -42.39 -1.35 -9.92
C LEU T 550 -42.05 -0.23 -10.88
N ALA T 551 -42.61 0.95 -10.61
CA ALA T 551 -42.25 2.15 -11.35
C ALA T 551 -40.88 2.63 -10.92
N GLN T 552 -40.40 3.67 -11.59
CA GLN T 552 -38.99 4.05 -11.50
C GLN T 552 -38.76 5.19 -10.51
N ARG T 553 -39.63 6.20 -10.50
CA ARG T 553 -39.40 7.39 -9.70
C ARG T 553 -39.58 7.11 -8.21
N ALA T 554 -40.33 6.07 -7.86
CA ALA T 554 -40.41 5.66 -6.46
C ALA T 554 -39.31 4.67 -6.12
N LEU T 555 -38.72 4.04 -7.14
CA LEU T 555 -37.61 3.13 -6.92
C LEU T 555 -36.33 3.90 -6.57
N ARG T 556 -36.15 5.09 -7.13
CA ARG T 556 -34.98 5.88 -6.81
C ARG T 556 -35.09 6.48 -5.41
N ASP T 557 -36.15 7.26 -5.17
CA ASP T 557 -36.23 8.13 -4.00
C ASP T 557 -36.26 7.38 -2.67
N ARG T 558 -36.61 6.11 -2.68
CA ARG T 558 -36.48 5.32 -1.46
C ARG T 558 -35.03 5.00 -1.18
N PHE T 559 -34.32 4.37 -2.13
CA PHE T 559 -32.98 3.91 -1.83
C PHE T 559 -31.95 4.09 -2.94
N GLN T 560 -31.92 5.25 -3.61
CA GLN T 560 -30.83 5.48 -4.55
C GLN T 560 -29.55 5.80 -3.79
N ASN T 561 -28.43 5.25 -4.26
CA ASN T 561 -27.16 5.51 -3.62
C ASN T 561 -26.72 6.94 -3.95
N PHE T 562 -26.71 7.78 -2.94
CA PHE T 562 -26.36 9.19 -3.10
C PHE T 562 -24.85 9.32 -3.03
N GLU T 563 -24.32 10.38 -3.63
CA GLU T 563 -22.88 10.56 -3.77
C GLU T 563 -22.35 11.35 -2.59
N ALA T 564 -21.04 11.26 -2.38
CA ALA T 564 -20.41 12.00 -1.29
C ALA T 564 -20.13 13.44 -1.72
N VAL T 565 -20.55 14.38 -0.88
CA VAL T 565 -20.26 15.78 -1.14
C VAL T 565 -19.19 16.27 -0.16
N LEU T 566 -18.24 17.05 -0.67
CA LEU T 566 -17.06 17.43 0.11
C LEU T 566 -17.41 18.40 1.23
N ALA T 567 -16.84 18.14 2.39
CA ALA T 567 -17.04 18.96 3.59
C ALA T 567 -15.71 19.05 4.33
N ARG T 568 -15.79 19.47 5.60
CA ARG T 568 -14.60 19.66 6.42
C ARG T 568 -13.93 18.34 6.72
N GLY T 569 -12.62 18.28 6.51
CA GLY T 569 -11.85 17.08 6.74
C GLY T 569 -11.92 16.04 5.65
N MET T 570 -12.45 16.39 4.48
CA MET T 570 -12.55 15.48 3.35
C MET T 570 -11.39 15.71 2.40
N HIS T 571 -10.87 14.63 1.83
CA HIS T 571 -9.83 14.75 0.82
C HIS T 571 -10.41 15.30 -0.47
N VAL T 572 -9.60 16.04 -1.22
CA VAL T 572 -10.07 16.67 -2.44
C VAL T 572 -10.22 15.63 -3.55
N GLU T 573 -9.17 14.85 -3.79
CA GLU T 573 -9.21 13.82 -4.82
C GLU T 573 -10.09 12.66 -4.33
N ALA T 574 -10.67 11.94 -5.29
CA ALA T 574 -11.66 10.92 -4.99
C ALA T 574 -11.03 9.71 -4.31
N GLY T 575 -11.01 9.76 -2.99
CA GLY T 575 -10.66 8.60 -2.18
C GLY T 575 -9.16 8.45 -2.02
N ARG T 576 -8.74 8.37 -0.76
CA ARG T 576 -7.35 8.25 -0.31
C ARG T 576 -7.42 7.74 1.12
N GLN T 577 -6.32 7.76 1.87
CA GLN T 577 -6.37 7.43 3.28
C GLN T 577 -7.09 8.57 3.99
N GLU T 578 -8.33 8.33 4.39
CA GLU T 578 -9.15 9.37 4.99
C GLU T 578 -8.71 9.61 6.43
N PRO T 579 -8.69 10.86 6.88
CA PRO T 579 -8.30 11.14 8.27
C PRO T 579 -9.43 10.82 9.24
N GLU T 580 -9.21 11.18 10.50
CA GLU T 580 -10.23 10.95 11.52
C GLU T 580 -11.46 11.83 11.27
N THR T 581 -12.57 11.42 11.88
CA THR T 581 -13.83 12.14 11.73
C THR T 581 -13.73 13.52 12.38
N PRO T 582 -14.56 14.48 11.93
CA PRO T 582 -14.63 15.76 12.64
C PRO T 582 -15.02 15.64 14.10
N ARG T 583 -16.19 15.05 14.38
CA ARG T 583 -16.68 14.77 15.73
C ARG T 583 -16.74 16.03 16.60
N VAL T 584 -17.63 16.95 16.24
CA VAL T 584 -17.92 18.07 17.12
C VAL T 584 -18.72 17.49 18.28
N SER T 585 -18.04 17.20 19.38
CA SER T 585 -18.65 16.47 20.49
C SER T 585 -18.60 17.31 21.75
N GLY T 586 -19.25 16.81 22.79
CA GLY T 586 -19.30 17.45 24.07
C GLY T 586 -18.35 16.90 25.09
N ARG T 587 -17.62 15.83 24.76
CA ARG T 587 -16.65 15.30 25.71
C ARG T 587 -15.44 16.21 25.81
N ARG T 588 -15.12 16.91 24.73
CA ARG T 588 -13.99 17.82 24.68
C ARG T 588 -14.51 19.26 24.76
N LEU T 589 -13.68 20.27 24.61
CA LEU T 589 -14.09 21.64 24.31
C LEU T 589 -14.24 21.73 22.81
N PRO T 590 -14.93 22.75 22.29
CA PRO T 590 -15.03 22.89 20.82
C PRO T 590 -13.71 23.15 20.12
N PHE T 591 -12.96 24.17 20.54
CA PHE T 591 -11.74 24.71 19.91
C PHE T 591 -11.71 24.73 18.36
N ALA U 13 -18.65 -40.53 9.65
CA ALA U 13 -19.61 -41.63 9.62
C ALA U 13 -20.17 -41.84 8.22
N VAL U 14 -21.45 -41.52 8.05
CA VAL U 14 -22.17 -41.77 6.80
C VAL U 14 -22.64 -40.43 6.25
N PHE U 15 -21.94 -39.92 5.23
CA PHE U 15 -22.32 -38.67 4.59
C PHE U 15 -22.00 -38.77 3.11
N PHE U 16 -22.92 -38.26 2.28
CA PHE U 16 -22.69 -38.14 0.85
C PHE U 16 -21.97 -36.82 0.57
N GLU U 17 -21.42 -36.73 -0.63
CA GLU U 17 -20.67 -35.54 -0.95
C GLU U 17 -21.48 -34.61 -1.85
N PRO U 18 -21.27 -33.30 -1.75
CA PRO U 18 -22.07 -32.36 -2.56
C PRO U 18 -21.69 -32.32 -4.02
N HIS U 19 -22.29 -33.20 -4.83
CA HIS U 19 -22.14 -33.11 -6.28
C HIS U 19 -23.10 -32.05 -6.83
N GLU U 20 -23.16 -31.96 -8.16
CA GLU U 20 -24.13 -31.10 -8.83
C GLU U 20 -25.42 -31.84 -9.14
N GLU U 21 -25.33 -33.12 -9.51
CA GLU U 21 -26.48 -33.82 -10.06
C GLU U 21 -27.44 -34.28 -8.98
N ASN U 22 -26.99 -34.34 -7.72
CA ASN U 22 -27.85 -34.82 -6.65
C ASN U 22 -28.92 -33.79 -6.31
N VAL U 23 -30.16 -34.24 -6.29
CA VAL U 23 -31.32 -33.38 -6.21
C VAL U 23 -32.18 -33.82 -5.03
N LEU U 24 -33.33 -33.15 -4.88
CA LEU U 24 -34.32 -33.52 -3.89
C LEU U 24 -35.66 -33.62 -4.59
N ARG U 25 -36.22 -34.83 -4.65
CA ARG U 25 -37.45 -35.05 -5.39
C ARG U 25 -38.64 -34.49 -4.61
N CYS U 26 -39.81 -34.54 -5.25
CA CYS U 26 -41.02 -33.99 -4.65
C CYS U 26 -41.46 -34.84 -3.45
N PRO U 27 -41.96 -34.18 -2.40
CA PRO U 27 -42.41 -34.92 -1.21
C PRO U 27 -43.82 -35.48 -1.38
N GLU U 28 -43.93 -36.56 -2.17
CA GLU U 28 -45.14 -37.31 -2.56
C GLU U 28 -46.25 -36.41 -3.12
N ARG U 29 -45.90 -35.22 -3.63
CA ARG U 29 -46.63 -34.20 -4.39
C ARG U 29 -47.84 -33.61 -3.66
N VAL U 30 -48.21 -34.12 -2.48
CA VAL U 30 -49.37 -33.57 -1.79
C VAL U 30 -48.97 -32.36 -0.96
N LEU U 31 -47.71 -32.31 -0.53
CA LEU U 31 -47.23 -31.14 0.19
C LEU U 31 -47.02 -29.97 -0.75
N ARG U 32 -46.67 -30.26 -2.01
CA ARG U 32 -46.58 -29.19 -3.00
C ARG U 32 -47.97 -28.67 -3.38
N ARG U 33 -48.96 -29.58 -3.41
CA ARG U 33 -50.36 -29.15 -3.49
C ARG U 33 -50.73 -28.28 -2.30
N LEU U 34 -50.19 -28.57 -1.13
CA LEU U 34 -50.45 -27.74 0.04
C LEU U 34 -49.76 -26.39 -0.07
N LEU U 35 -48.60 -26.34 -0.74
CA LEU U 35 -47.98 -25.04 -1.02
C LEU U 35 -48.83 -24.20 -1.97
N GLU U 36 -49.40 -24.84 -2.99
CA GLU U 36 -50.28 -24.10 -3.91
C GLU U 36 -51.56 -23.64 -3.22
N ASP U 37 -52.12 -24.49 -2.36
CA ASP U 37 -53.32 -24.09 -1.62
C ASP U 37 -52.99 -23.08 -0.53
N ALA U 38 -51.73 -23.02 -0.11
CA ALA U 38 -51.30 -21.94 0.79
C ALA U 38 -51.15 -20.64 0.02
N ALA U 39 -50.73 -20.73 -1.25
CA ALA U 39 -50.62 -19.53 -2.08
C ALA U 39 -51.99 -18.92 -2.38
N VAL U 40 -52.99 -19.77 -2.67
CA VAL U 40 -54.30 -19.23 -3.07
C VAL U 40 -55.05 -18.67 -1.86
N THR U 41 -54.68 -19.08 -0.64
CA THR U 41 -55.28 -18.45 0.54
C THR U 41 -54.39 -17.35 1.09
N MET U 42 -53.15 -17.27 0.60
CA MET U 42 -52.29 -16.13 0.89
C MET U 42 -52.66 -14.94 0.00
N ARG U 43 -53.22 -15.22 -1.19
CA ARG U 43 -53.43 -14.17 -2.19
C ARG U 43 -54.48 -13.16 -1.73
N GLY U 44 -55.50 -13.62 -1.02
CA GLY U 44 -56.52 -12.73 -0.48
C GLY U 44 -56.12 -12.21 0.89
N GLY U 45 -55.73 -10.94 0.93
CA GLY U 45 -55.34 -10.30 2.17
C GLY U 45 -53.85 -10.40 2.47
N GLY U 46 -53.40 -9.65 3.47
CA GLY U 46 -51.99 -9.68 3.84
C GLY U 46 -51.08 -8.88 2.95
N TRP U 47 -51.48 -7.66 2.59
CA TRP U 47 -50.64 -6.82 1.74
C TRP U 47 -49.53 -6.15 2.52
N ARG U 48 -49.79 -5.81 3.78
CA ARG U 48 -49.02 -5.00 4.73
C ARG U 48 -48.95 -3.53 4.35
N GLU U 49 -49.50 -3.12 3.20
CA GLU U 49 -49.71 -1.70 2.95
C GLU U 49 -50.92 -1.18 3.71
N ASP U 50 -51.98 -1.99 3.78
CA ASP U 50 -53.27 -1.51 4.25
C ASP U 50 -53.28 -1.27 5.76
N VAL U 51 -52.44 -2.00 6.50
CA VAL U 51 -52.33 -1.77 7.94
C VAL U 51 -51.67 -0.42 8.21
N LEU U 52 -50.64 -0.09 7.43
CA LEU U 52 -50.00 1.21 7.57
C LEU U 52 -50.93 2.32 7.10
N MET U 53 -51.73 2.04 6.07
CA MET U 53 -52.59 3.05 5.50
C MET U 53 -53.79 3.35 6.40
N ASP U 54 -54.40 2.33 7.00
CA ASP U 54 -55.51 2.62 7.88
C ASP U 54 -55.02 3.11 9.24
N ARG U 55 -53.77 2.79 9.60
CA ARG U 55 -53.16 3.42 10.77
C ARG U 55 -53.00 4.93 10.57
N VAL U 56 -52.42 5.35 9.45
CA VAL U 56 -52.20 6.77 9.24
C VAL U 56 -53.53 7.48 8.95
N ARG U 57 -54.49 6.77 8.36
CA ARG U 57 -55.76 7.41 8.06
C ARG U 57 -56.62 7.53 9.31
N LYS U 58 -56.48 6.61 10.27
CA LYS U 58 -57.16 6.79 11.54
C LYS U 58 -56.45 7.83 12.40
N ARG U 59 -55.14 8.00 12.18
CA ARG U 59 -54.42 9.08 12.85
C ARG U 59 -54.89 10.44 12.37
N TYR U 60 -55.09 10.57 11.05
CA TYR U 60 -55.56 11.85 10.51
C TYR U 60 -57.07 11.97 10.64
N LEU U 61 -57.75 10.88 10.98
CA LEU U 61 -59.16 10.98 11.34
C LEU U 61 -59.31 11.40 12.79
N ARG U 62 -58.31 11.12 13.63
CA ARG U 62 -58.41 11.46 15.04
C ARG U 62 -57.91 12.87 15.31
N GLN U 63 -57.05 13.40 14.45
CA GLN U 63 -56.59 14.78 14.60
C GLN U 63 -57.57 15.75 13.96
N SER V 2 -39.86 -38.20 -1.65
CA SER V 2 -39.30 -37.56 -0.46
C SER V 2 -37.80 -37.78 -0.37
N LEU V 3 -37.38 -39.03 -0.56
CA LEU V 3 -35.96 -39.39 -0.48
C LEU V 3 -35.21 -38.77 -1.64
N LEU V 4 -33.99 -38.31 -1.37
CA LEU V 4 -33.22 -37.62 -2.41
C LEU V 4 -32.75 -38.62 -3.46
N HIS V 5 -32.37 -38.09 -4.61
CA HIS V 5 -31.70 -38.86 -5.66
C HIS V 5 -30.25 -38.38 -5.69
N THR V 6 -29.33 -39.22 -5.23
CA THR V 6 -27.94 -38.83 -5.13
C THR V 6 -27.21 -39.00 -6.46
N PHE V 7 -25.90 -38.73 -6.45
CA PHE V 7 -25.04 -39.04 -7.59
C PHE V 7 -24.07 -40.17 -7.25
N TRP V 8 -23.33 -40.05 -6.16
CA TRP V 8 -22.47 -41.14 -5.72
C TRP V 8 -23.30 -42.26 -5.11
N ARG V 9 -22.89 -43.50 -5.40
CA ARG V 9 -23.58 -44.64 -4.83
C ARG V 9 -23.23 -44.83 -3.37
N LEU V 10 -22.02 -44.43 -2.96
CA LEU V 10 -21.56 -44.73 -1.63
C LEU V 10 -21.28 -43.45 -0.85
N PRO V 11 -21.79 -43.34 0.37
CA PRO V 11 -21.47 -42.19 1.22
C PRO V 11 -20.12 -42.41 1.89
N VAL V 12 -19.56 -41.31 2.42
CA VAL V 12 -18.23 -41.32 3.00
C VAL V 12 -18.28 -40.74 4.41
N ALA V 13 -17.11 -40.58 5.01
CA ALA V 13 -16.99 -40.00 6.34
C ALA V 13 -16.35 -38.63 6.27
N VAL V 14 -16.39 -37.93 7.41
CA VAL V 14 -15.81 -36.58 7.55
C VAL V 14 -14.94 -36.56 8.80
N PHE V 15 -14.43 -35.37 9.12
CA PHE V 15 -13.56 -35.22 10.28
C PHE V 15 -13.97 -34.11 11.24
N PHE V 16 -15.13 -33.48 11.04
CA PHE V 16 -15.65 -32.37 11.85
C PHE V 16 -14.67 -31.20 11.92
N GLU V 17 -14.44 -30.60 10.77
CA GLU V 17 -13.76 -29.33 10.72
C GLU V 17 -14.78 -28.20 10.78
N PRO V 18 -14.34 -26.96 11.01
CA PRO V 18 -15.21 -25.82 10.72
C PRO V 18 -15.16 -25.40 9.25
N HIS V 19 -14.59 -26.24 8.40
CA HIS V 19 -14.46 -25.95 6.97
C HIS V 19 -15.36 -26.85 6.13
N GLU V 20 -15.39 -28.15 6.42
CA GLU V 20 -16.30 -29.03 5.71
C GLU V 20 -17.73 -28.82 6.19
N GLU V 21 -18.65 -28.65 5.24
CA GLU V 21 -20.02 -28.29 5.58
C GLU V 21 -20.82 -29.55 5.88
N ASN V 22 -20.92 -29.88 7.16
CA ASN V 22 -21.60 -31.09 7.60
C ASN V 22 -23.11 -30.91 7.52
N VAL V 23 -23.84 -32.04 7.58
CA VAL V 23 -25.28 -32.02 7.70
C VAL V 23 -25.61 -31.98 9.19
N LEU V 24 -26.86 -31.69 9.52
CA LEU V 24 -27.35 -31.53 10.89
C LEU V 24 -27.26 -32.82 11.69
N ARG V 25 -26.96 -32.66 12.98
CA ARG V 25 -26.97 -33.77 13.93
C ARG V 25 -28.19 -33.67 14.84
N CYS V 26 -29.33 -34.16 14.35
CA CYS V 26 -30.57 -34.22 15.12
C CYS V 26 -31.23 -35.56 14.87
N PRO V 27 -30.83 -36.63 15.61
CA PRO V 27 -31.06 -38.01 15.14
C PRO V 27 -32.51 -38.46 15.00
N GLU V 28 -33.27 -38.56 16.10
CA GLU V 28 -34.64 -39.03 15.96
C GLU V 28 -35.62 -38.27 16.84
N ARG V 29 -35.12 -37.67 17.92
CA ARG V 29 -36.02 -37.02 18.88
C ARG V 29 -36.18 -35.55 18.55
N VAL V 30 -35.11 -34.91 18.07
CA VAL V 30 -35.12 -33.47 17.91
C VAL V 30 -35.97 -33.06 16.71
N LEU V 31 -35.97 -33.89 15.67
CA LEU V 31 -36.80 -33.60 14.49
C LEU V 31 -38.27 -33.77 14.80
N ARG V 32 -38.61 -34.76 15.64
CA ARG V 32 -39.98 -34.91 16.12
C ARG V 32 -40.37 -33.72 16.98
N ARG V 33 -39.43 -33.24 17.79
CA ARG V 33 -39.64 -32.03 18.57
C ARG V 33 -39.92 -30.82 17.68
N LEU V 34 -39.16 -30.69 16.58
CA LEU V 34 -39.38 -29.56 15.68
C LEU V 34 -40.68 -29.68 14.90
N LEU V 35 -41.12 -30.89 14.57
CA LEU V 35 -42.38 -31.02 13.85
C LEU V 35 -43.56 -30.75 14.80
N GLU V 36 -43.44 -31.18 16.06
CA GLU V 36 -44.44 -30.80 17.07
C GLU V 36 -44.44 -29.29 17.30
N ASP V 37 -43.25 -28.68 17.24
CA ASP V 37 -43.10 -27.23 17.37
C ASP V 37 -43.81 -26.49 16.25
N ALA V 38 -43.57 -26.91 15.01
CA ALA V 38 -44.19 -26.26 13.85
C ALA V 38 -45.70 -26.55 13.81
N ALA V 39 -46.12 -27.65 14.44
CA ALA V 39 -47.56 -27.88 14.58
C ALA V 39 -48.17 -26.94 15.60
N VAL V 40 -47.46 -26.62 16.69
CA VAL V 40 -48.09 -25.84 17.75
C VAL V 40 -47.71 -24.36 17.67
N THR V 41 -46.96 -23.95 16.65
CA THR V 41 -46.55 -22.55 16.56
C THR V 41 -47.71 -21.65 16.15
N MET V 42 -48.50 -22.10 15.19
CA MET V 42 -49.62 -21.30 14.69
C MET V 42 -50.79 -21.28 15.68
#